data_9NO1
#
_entry.id   9NO1
#
_cell.length_a   1.00
_cell.length_b   1.00
_cell.length_c   1.00
_cell.angle_alpha   90.00
_cell.angle_beta   90.00
_cell.angle_gamma   90.00
#
_symmetry.space_group_name_H-M   'P 1'
#
loop_
_entity.id
_entity.type
_entity.pdbx_description
1 polymer ORF40
2 polymer 'Small capsomere-interacting protein'
3 polymer ORF20
4 polymer ORF41
5 polymer ORF43
6 polymer ORF34
7 polymer 'Large tegument protein deneddylase'
#
loop_
_entity_poly.entity_id
_entity_poly.type
_entity_poly.pdbx_seq_one_letter_code
_entity_poly.pdbx_strand_id
1 'polypeptide(L)'
;MTTVSCPANVITTTESDRIAGLFNIPAGIIPTGNVLSTIEVCAHRCIFDFFKQIRSDDNSLYSAQFDILLGTYCNTLNFV
RFLELGLSVACICTKFPELAYVRDGVIQFEVQQPMIARDGPHPVDQPVHNYMVKRIHKRSLSAAFAIASEALSLLSNTYV
DGTEIDSSLRIRAIQQMARNLRTVLDSFERGTADQLLGVLLEKAPPLSLLSPINKFQPEGHLNRVARAALLSDLKRRVCA
DMFFMTRHAREPRLISAYLSDMVSCTQPSVMVSRITHTNTRGRQVDGVLVTTATLKRQLLQGILQIDDTAADVPVTYGEM
VLQGTNLVTALVMGKAVRGMDDVARHLLDITDPNTLNIPSIPPQSNSDSTTAGLPVNARVPADLVIVGDKLVFLEALERR
VYQATRVAYPLIGNIDITFIMPMGVFQANSMDRYTRHAGDFSTVSEQDPRQFPPQGIFFYNKDGILTQLTLRDAMGTICH
SSLLDVEATLVALRQQHLDRQCYFGVYVAEGTEDTLDVQMGRFMETWADMMPHHPHWVNEHLTILQFIAPSNPRLRFELN
PAFDFFVAPGDVDLPGPQRPPEAMPTVNATLRIINGNIPVPLCPISFRDCRGTQLGLGRHTMTPATIKAVKDTFEDRAYP
TIFYMLEAVIHGNERNFCALLRLLTQCIRGYWEQSHRVAFVNNFHMLMYITTYLGNGELPEVCINIYRDLLQHVRALRQT
ITDFTIQGEGHNGETSEALNNILTDDTFIAPILWDCDALIYRDEAARDRLPAIRVSGRNGYQALHFVDMAGHNFQRRDNV
LIHGRPVRGDTGQGIPITPHHDREWGILSKIYYYIVIPAFSRGSCCTMGVRYDRLYPALQAVIVPEIPADEEAPTTPEDP
RHPLHAHQLVPNSLNVYFHNAHLTVDGDALLTLQELMGDMAERTTAILVSSAPDAGAATATTRNMRIYDGALYHGLIMMA
YQAYDETIATGTFFYPVPVNPLFACPEHLASLRGMTNARRVLAKMVPPIPPFLGANHHATIRQPVAYHVTHSKSDFNTLT
YSLLGGYFKFTPISLTHQLRTGFHPGIAFTVVRQDRFATEQLLYAERASESYFVGQIQVHHHDAIGGVNFTLTQPRAHVD
LGVGYTAVCATAALRCPLTDMGNTAQNLFFSRGGVPMLHDNVTESLRRITASGGRLNPTEPLPIFGGLRPATSAGIARGQ
ASVCEFVAMPVSTDLQYFRTACNPRGRASGMLYMGDRDADIEAIMFDHTQSDVAYTDRATLNPWASQKHSYGDRLYNGTY
NLTGASPIYSPCFKFFTPAEVNTNCNTLDRLLMEAKAVASQSSTDTEYQFKRPPGSTEMTQDPCGLFQEAYPPLCSSDAA
MLRTAHAGETGADEVHLAQYLIRDASPLRGCLPLPR
;
A,B,D,F,H,J,L
2 'polypeptide(L)'
;MTQPASSRVVFDPSNPTTFSVEAIAAYTPVALIRLLNASGPLQPGHRVDIADARSIYTVGAAASAARARANHNANTIRRT
AMFAETDPMTWLRPTVGLKRTFNPRIIRPQPPNPSMSLGISGPTILPQKTQSADQSALQQPAALAFSGSSPQHPPPQTTS
ASVGQQQHVVSGSSGQQPQQGAQSSTVQPTTGSPPAAQGVPQSTPPPTQNTPQGGKGQTLSHTGQSGNASRSRRV
;
C,E,G,I,K,M
3 'polypeptide(L)'
;MGSQPTNSHFTLNEQTLCGTNISLLGNNRFIQIGNGLHMTYAPGFFGNWSRDLTIGPRFGGLNKQPIHVPPKRTETASIQ
VTPRSIVINRMNNIQINPTSIGNPQVTIRLPLNNFKSTTQLIQQVSLTDFFRPDIEHAGSIVLILRHPSDMIGEANTLTQ
AGRDPDVLLEGLRNLFNACTAPWTVGEGGGLRAYVTSLSFIAACRAEEYTDKQAADANRTAIVSAYGCSRMETRLIRFSE
CLRAMVQCHVFPHRFISFFGSLLEYTIQDNLCNITAVAKGPQEAARTDKTSTRRVTANIPACVFWDVDKDLHLSADGLKH
VFLVFVYTQRRQREGVRLHLALSQLNEQCFGRGIGFLLGRIRAENAAWGTEGVANTHQPYNTRALPLVQLSNDPTSPRCS
IGEITGVNWNLARQRLYQWTGDFRGLPTQLSCMYAAYTLIGTIPSESVRYTRRMERFGGYNVPTIWLEGVVWGGTNTWNE
CYY
;
N,Q
4 'polypeptide(L)'
;MAMPFEIEVLLPGELSPAETSALQKCEGKIITFSTLRHRASLVDIALSSYYINGAPPDTLSLLEAYRMRFAAVITRVIPG
KLLAHAIGVGTPTPGLFIQNTSPVDLCNGDYICLLPPVFGSADSIRLDSVGLEIVFPLTIPQTLMREIIAKVVARAVERT
AAGAQILPHEVLRGADVICYNGRRYELETNLQHRDGSDAAIRTLVLNLMFSINEGCLLLLALIPTLLVQGAHDGYVNLLI
QTANCVRETGQLINIPPMPRIQDGHRRFPIYETISSWISTSSRLGDTLGTRAILRVCVFDGPSTVHPGDRTAVIQV
;
O,P,R,S
5 'polypeptide(L)'
;MEAHLANETKHALWHNDHTKGLLHVVIPNAGLIAAGIDPALLILKKPGQRFKVEVQTRYHATGQCEPWCQVFAAYIPDNA
LTNLLIPKTEPFVSHVFSATHNSGGLILSLPVYLSPGLFFDAFNVVAIRINTGNRKHRDICIMYAELIPNGTRYFADGQR
VLLLCKQLIAYIRCTPRLASSIKIYAEHMVAAMGESHTSNGDNIGPVSSIIDLDRQLTSGGIDDSPAETRIQENNRDVLE
LIKRAVNIVNSRHPVRPSSSRVASGLLQSAKGHGAQTSNTDPINNGSFDGVLEPPGQGRFTGKKNNSSASIPPLQDVLLF
TPASTEPQSLMEWFDICYAQLVSGDTPADFWKRRPLSIVPRHYAESPSPLIVVSYNGSSAWGGRITGSPILYHSAQAIID
AACINARVDNPQSLHVTARQELVARLPFLANVLNNQTPLPAFKPGAEMFLNQVFKQACVTSLTQGLITELQTNPTLQQLM
EYDIADSSQTVIDEIVARTPDLIQTIVSVLTEMSMDAFYNSSLMYAVLAYLSSVYTRPQGGGYIPYLHASFPCWLGNRSI
YLFDYYNSGGEILKLSKVPVPVALEKVGIGNSTQLRGKFIRSADIVDIGICSKYLPGQCYAYICLGFNQQLQSILVLPGG
FAACFCITDTLQAALPASLIGPILDRFCFSIPNPHK
;
T
6 'polypeptide(L)'
;MTARYGFGSISFPNKCGIFLSTTKNFIAPNFPIHYWTAPAFELRGRMNPDLEKNTLTLKNAAAVAALDNLRGETITLPTE
IDRRLKPLEEQLTRMAKVLDSLETAAAEAEEADAQSEECTRTEIIRNESIHPEVQIAKNDAPLQYDTNFQVDFITLVYLG
RARGNNSPGIVFGPWYRTLQERLVLDRPVAARGVDCKDGRISRTFMNTTVTCLQSAGRMYVGDRAYSAFECAVLCLYLMY
RTSNSVHEPQVSSFGNLIEHLPEYTETFVNYMTTHENKNSYQFCYDRLPRDQFHARGGRYDQGALTSHSVMDALIRLQVL
PPAPGQFNPGVNDIIDRNHTAYVDKIQQAAAAYLERAQNVFLMEDQTLLRLTIDTITALLLLRRLLWNGNVYGDKLKNNF
QLGLIVSEATGTPTNNVILRGATGFDGKFKSGNNNFQFLCERYIAPLYTLNRTTELTEMFPGLVALCLDAHTQLSRGSLG
RTVIDISSGQYQDRLISLIALELEHRRQNVTSLPIAAVVSIHDSVMLQYERGLGMLMHQPRVRAALEESRRLAQFNVNSD
YDLLYFVCLGVIPQFASTP
;
U,V
7 'polypeptide(L)'
;MDIIPPIAVTVAGVGSRNQFDGALGPASGLSCLRTSLSFLHMTYAHGINATLSSDMIDGCLQEGAAWTTDLSNMGRGVPD
MCALVDLPNRISYIKLGDTTSTCCVLSRIYGDSHFFTVPDEGFMCTQIPARAFFDDVWMGREESYTIITVDSTGMAIYRQ
GNISFIFDPHGHGTIGQAVVVRVNTTDVYSYIASEYTHRPDNVESQWAAALVFFVTANDGPVSEEALSSAVTLIYGSCDT
YFTDEQYCEKLVTAQHPLLLSPPNSTTIVLNKSSIVPLHQNVGESVSLEATLHSTLTNTVALDPRCSYSEVDPWHAVLET
TSTGSGVLDCRRRRRPSWTPPSSEENLACIDDGLVNNTHSTDNLHKPAKKVLKFKPTVDVPDKTQVAHVLPRLREVANTP
DVVLNVSNVDTPESSPTFSRNMNVGSSLKDRKPFLFEQSGDVNMVVEKLLQHGHEISNGYVQNAVGTLDTVITGHTNVPI
WVTRPLVMPDEKDPLELFINLTILRLTGFVVENGTRTHHGATSVVSDFIGPLGEILTGFPSAAELIRVTSLILTNMPGAE
YAIKTVLRKKCTIGMLIIAKFGLVAMRVQDTTGALHAELDVLEADLGGSSPIDLYSRLSTGLISILNSPIISHPGLFAEL
IPTRTGSLSERIRLLCELVSARETRYMREHTALVSSVKALENALRSTRNKIDAIQIPEVPQEPPEETDIPPEELIRRVYE
IRSEVTMLLTSAVTEYFTRGVLYSTRALIAEQSPRRFRVATASTAPIQRLLDSLPEFDAKLTAIISSLSIHPPPETIQNL
PVVSLLKELIKEGEDLNTDTALVSWLSVVGEAQTAGYLSRREFDELSRTIKTINTRATQRASAEAELSCFNTLSAAVDQA
VKDYETYNNGEVKYPEITRDDLLATIVRATDDLVRQIKILSDPMIQSGLQPSIKRRLETRLKEVQTYANEARTTQDTIKS
RKQAAYNKLGGLLRPVTGFVGLRAAVDLLPELASELDVQGALVNLRTKVLEAPVEIRSQLTGDFWALFNQYRDILEHPGN
ARTSVLGGLGACFTAIIEIVPIPTEYRPSLLAFFGDVADVLASDIATVSTNPESESAINAVVATLSKATLVSSTVPALSF
VLSLYKKYQALQQEITNTHKLTELQKQLGDDFSTLAVSSGHLKFISSSNVDDYEINDAILSIQTNVHALMDTVKLVEVEL
QKLPPHCIAGTSTLSRVVKDLHKLVTMAHEKKEQAKVLITDCERAHKQQTTRVLYERWTRDIIACLEAMETRHVFNGTEL
ARLRDMAAAGGFDIHAVYPQARQVVAACETTAVTALDTVFRHNPHTPENTNIPPPLALLRGLTWFDDFSITAPVFTVMFP
GVSIEGLLLLMRIRAVVLLSADTSINGIPNYRDMILRTSGDLLQIPALAGYVDFYTRSYDQFITESVTLSELRADIRQAA
GAKLTEANKALEEVTHVRAHETAKLALKEGVFITLPSEGLLIRAIEYFTTFDHKRFIGTAYERVLQTMVDRDLKEANAEL
AQFRMVCQATKNRAIQILQNIVDTANATEQQEDVDFTNLKTLLKLTPPPKTIALAIDRSTSVQDIVTQFALLLGRLEEET
GTLDIQAVDWMYQARNIIDSHPLSVRIDGTGPLHTYKDRVDKLYALRTKLDLLRRRIETGEVTWDDAWTTFKRETGDMLA
SGDTYATSVDSIKALQASASVVDMLCSEPEFFLLPVETKNRLQKKQQERKTALDVVLQKQRQFEETASRLRALIERIPTE
SDHDVLRMLLHDFDQFTHLPIWIKTQYMTFRNLLMVRLGLYASYAEIFPPASPNGVFAPIPAMSGVCLEDQSRCIRARVA
AFMGEASVVQTFREARSSIDALFGKNLTFYLDTDGVPLRYRVCYKSVGVKLGTMLCSQGGLSLRPALPDEGIVEETTLSA
LRVANEVNELRIEYESAIKSGFSAFSTFVRHRHAEWGKTNARRAIAEIYAGLITTTLTRQYGVHWDKLIYSFEKHHLTSV
MGNGLTKPIQRRGDVRVLELTLSDIVTILVATTPVHLLNFARLDLIKQHEYMARTLRPVIEAAFRGRLLVRSLDGDPKGN
ARAFFNAAPSKHKLPLALGSNQDPTGGRIFAFRMADWKLVKMPQKITDPFAPWQLSPPPGVKANVDAVTRIMATDRLATI
TVLGRMCLPPISLVSMWNTLQPEEFAYRTQDDVDIIVDARLDLSSTLNARFDTAPSNTTLEWNTDRKVITDAYIQTGATT
VFTVTGAAPTHVSNVTAFDIATTAILFGAPLVIAMELTSVFSQNSGLTLGLKLFDSRHMATDSGISSAVSPDIVSWGLRL
LHMDPHPIENACLIVQLEKLSALIANKPLTNNPPCLLLLDEHMNPSYVLWERKDSIPAPDYVVFWGPESLIDLPYIDSDE
DSFPSCPDDPFYSQIIAGYAPQGPPNLDTTDFYPTEPLFKSPVQVVRSSKCKKMPVQPVQPAQPVQPAQPAQPVQPAQPI
EPGTQIVVQNFKKPQSVKTTLSQKDIPLYVETESETAVLIPKQLTTSIKTTVCKSITPPNNQLSDWKNNPQQNQTLNQAF
NKPILEITSIPTDDSISYRTWIEKSNQTQKRHQNDPRMYNSKTVFHPVNNQLPSWVDTAADAPQTDLLTNYKTRQPSPNF
PRDVHTWGVSSNPFNSPNRDLYESDFSEPSDGYSSESENSIVLSLDEHRSCRVPRHVRVVNADVVTGRRYVRGTALGALA
LLSQACRRMIDNVRYTRKLLMDHTEDIFQGLGYVKLLLDGTYI
;
W,X
#
# COMPACT_ATOMS: atom_id res chain seq x y z
N THR A 76 95.16 6.89 -13.22
CA THR A 76 94.78 6.85 -14.63
C THR A 76 93.38 7.43 -14.83
N LEU A 77 92.92 8.20 -13.86
CA LEU A 77 91.61 8.82 -13.91
C LEU A 77 91.71 10.21 -14.52
N ASN A 78 90.86 10.49 -15.51
CA ASN A 78 90.87 11.79 -16.15
C ASN A 78 90.30 12.86 -15.23
N PHE A 79 90.98 14.00 -15.14
CA PHE A 79 90.57 15.10 -14.29
C PHE A 79 90.48 16.37 -15.14
N VAL A 80 89.28 16.89 -15.31
CA VAL A 80 89.09 18.10 -16.10
C VAL A 80 89.53 19.32 -15.30
N ARG A 81 89.79 20.41 -16.01
CA ARG A 81 90.22 21.66 -15.40
C ARG A 81 89.60 22.82 -16.17
N PHE A 82 90.08 24.02 -15.90
CA PHE A 82 89.58 25.24 -16.54
C PHE A 82 90.38 25.60 -17.79
N LEU A 83 91.32 24.76 -18.20
CA LEU A 83 92.16 25.04 -19.36
C LEU A 83 91.53 24.58 -20.66
N GLU A 84 90.30 24.08 -20.63
CA GLU A 84 89.63 23.64 -21.85
C GLU A 84 89.36 24.82 -22.77
N LEU A 85 89.35 24.54 -24.08
CA LEU A 85 89.14 25.59 -25.06
C LEU A 85 87.67 25.99 -25.15
N GLY A 86 86.80 25.03 -25.45
CA GLY A 86 85.39 25.36 -25.60
C GLY A 86 84.75 25.83 -24.31
N LEU A 87 85.13 25.22 -23.18
CA LEU A 87 84.57 25.64 -21.90
C LEU A 87 84.94 27.08 -21.57
N SER A 88 86.21 27.45 -21.78
CA SER A 88 86.62 28.82 -21.53
C SER A 88 85.99 29.79 -22.51
N VAL A 89 85.82 29.36 -23.77
CA VAL A 89 85.21 30.22 -24.77
C VAL A 89 83.75 30.51 -24.43
N ALA A 90 83.00 29.48 -24.03
CA ALA A 90 81.58 29.62 -23.77
C ALA A 90 81.25 29.95 -22.31
N CYS A 91 82.27 30.09 -21.45
CA CYS A 91 82.01 30.43 -20.06
C CYS A 91 81.34 31.79 -19.94
N ILE A 92 82.05 32.85 -20.33
CA ILE A 92 81.60 34.24 -20.35
C ILE A 92 80.85 34.61 -19.07
N CYS A 93 81.23 33.99 -17.96
CA CYS A 93 80.54 34.22 -16.69
C CYS A 93 80.80 35.64 -16.19
N THR A 94 79.74 36.25 -15.65
CA THR A 94 79.83 37.60 -15.09
C THR A 94 79.14 37.61 -13.73
N LYS A 95 79.63 38.48 -12.85
CA LYS A 95 79.08 38.61 -11.50
C LYS A 95 77.93 39.61 -11.50
N PHE A 96 76.83 39.20 -12.11
CA PHE A 96 75.61 40.00 -12.19
C PHE A 96 74.43 39.14 -11.75
N PRO A 97 74.28 38.92 -10.44
CA PRO A 97 73.18 38.07 -9.94
C PRO A 97 71.89 38.86 -9.74
N GLU A 98 71.36 39.41 -10.84
CA GLU A 98 70.13 40.20 -10.82
C GLU A 98 69.21 39.64 -11.90
N LEU A 99 68.42 38.62 -11.56
CA LEU A 99 67.48 38.03 -12.49
C LEU A 99 66.15 37.67 -11.86
N ALA A 100 65.92 37.99 -10.58
CA ALA A 100 64.66 37.65 -9.93
C ALA A 100 63.49 38.38 -10.56
N TYR A 101 63.67 39.66 -10.87
CA TYR A 101 62.60 40.48 -11.45
C TYR A 101 63.22 41.44 -12.47
N VAL A 102 63.04 41.14 -13.75
CA VAL A 102 63.54 42.00 -14.81
C VAL A 102 62.44 42.52 -15.73
N ARG A 103 61.27 41.88 -15.77
CA ARG A 103 60.13 42.32 -16.58
C ARG A 103 60.52 42.46 -18.05
N ASP A 104 61.34 41.53 -18.53
CA ASP A 104 61.79 41.51 -19.92
C ASP A 104 62.43 42.83 -20.32
N GLY A 105 63.54 43.14 -19.65
CA GLY A 105 64.24 44.39 -19.92
C GLY A 105 64.84 44.42 -21.30
N VAL A 106 64.99 45.64 -21.83
CA VAL A 106 65.54 45.86 -23.16
C VAL A 106 66.61 46.94 -23.07
N ILE A 107 67.50 46.94 -24.07
CA ILE A 107 68.59 47.91 -24.14
C ILE A 107 68.60 48.52 -25.54
N GLN A 108 69.22 49.70 -25.64
CA GLN A 108 69.32 50.42 -26.90
C GLN A 108 70.77 50.79 -27.16
N PHE A 109 71.19 50.65 -28.42
CA PHE A 109 72.55 50.96 -28.84
C PHE A 109 72.51 51.86 -30.07
N GLU A 110 73.40 52.85 -30.09
CA GLU A 110 73.51 53.79 -31.20
C GLU A 110 74.84 53.59 -31.90
N VAL A 111 74.80 53.49 -33.23
CA VAL A 111 75.99 53.28 -34.05
C VAL A 111 75.99 54.29 -35.18
N GLN A 112 77.15 54.88 -35.44
CA GLN A 112 77.32 55.85 -36.52
C GLN A 112 77.86 55.16 -37.77
N GLN A 113 77.80 55.88 -38.88
CA GLN A 113 78.25 55.38 -40.18
C GLN A 113 79.19 56.40 -40.82
N PRO A 114 80.43 56.49 -40.34
CA PRO A 114 81.38 57.41 -40.96
C PRO A 114 82.01 56.81 -42.21
N MET A 115 82.20 57.64 -43.22
CA MET A 115 82.78 57.21 -44.49
C MET A 115 84.14 57.84 -44.75
N ILE A 116 84.23 59.18 -44.73
CA ILE A 116 85.48 59.87 -45.00
C ILE A 116 85.34 61.29 -44.48
N ALA A 117 86.48 61.94 -44.24
CA ALA A 117 86.47 63.32 -43.78
C ALA A 117 86.04 64.26 -44.90
N ARG A 118 85.54 65.43 -44.51
CA ARG A 118 85.08 66.40 -45.48
C ARG A 118 86.25 66.95 -46.30
N ASP A 119 86.01 67.15 -47.59
CA ASP A 119 87.02 67.70 -48.48
C ASP A 119 86.48 68.72 -49.47
N GLY A 120 85.21 69.08 -49.39
CA GLY A 120 84.61 70.04 -50.30
C GLY A 120 83.10 70.08 -50.18
N PRO A 121 82.46 70.88 -51.02
CA PRO A 121 80.99 70.97 -50.98
C PRO A 121 80.32 69.72 -51.53
N HIS A 122 79.76 68.90 -50.65
CA HIS A 122 79.08 67.68 -51.05
C HIS A 122 77.68 67.94 -51.59
N PRO A 123 76.82 68.73 -50.91
CA PRO A 123 76.95 69.41 -49.61
C PRO A 123 76.66 68.50 -48.43
N VAL A 124 77.09 68.89 -47.23
CA VAL A 124 76.85 68.07 -46.05
C VAL A 124 75.37 68.10 -45.67
N ASP A 125 74.92 67.03 -45.02
CA ASP A 125 73.53 66.90 -44.60
C ASP A 125 73.51 66.23 -43.23
N GLN A 126 72.31 65.91 -42.76
CA GLN A 126 72.15 65.28 -41.46
C GLN A 126 72.54 63.81 -41.55
N PRO A 127 73.49 63.34 -40.74
CA PRO A 127 73.86 61.92 -40.79
C PRO A 127 72.74 61.04 -40.29
N VAL A 128 72.72 59.81 -40.79
CA VAL A 128 71.70 58.83 -40.41
C VAL A 128 72.11 58.20 -39.09
N HIS A 129 71.23 58.28 -38.09
CA HIS A 129 71.50 57.73 -36.76
C HIS A 129 70.84 56.35 -36.67
N ASN A 130 71.50 55.37 -37.29
CA ASN A 130 71.00 54.00 -37.27
C ASN A 130 71.12 53.41 -35.88
N TYR A 131 70.16 52.55 -35.53
CA TYR A 131 70.14 51.91 -34.23
C TYR A 131 69.46 50.55 -34.34
N MET A 132 69.75 49.69 -33.39
CA MET A 132 69.18 48.34 -33.35
C MET A 132 68.67 48.04 -31.94
N VAL A 133 67.58 47.28 -31.88
CA VAL A 133 66.95 46.90 -30.62
C VAL A 133 66.78 45.39 -30.60
N LYS A 134 67.21 44.75 -29.52
CA LYS A 134 67.10 43.31 -29.36
C LYS A 134 66.63 42.98 -27.96
N ARG A 135 65.90 41.88 -27.83
CA ARG A 135 65.36 41.43 -26.56
C ARG A 135 66.25 40.34 -25.96
N ILE A 136 65.96 39.99 -24.72
CA ILE A 136 66.72 38.98 -23.99
C ILE A 136 65.95 37.66 -24.04
N HIS A 137 66.65 36.58 -23.75
CA HIS A 137 66.07 35.24 -23.73
C HIS A 137 66.52 34.50 -22.49
N LYS A 138 65.61 33.72 -21.91
CA LYS A 138 65.87 32.95 -20.70
C LYS A 138 65.94 31.47 -21.04
N ARG A 139 66.99 30.80 -20.58
CA ARG A 139 67.19 29.39 -20.83
C ARG A 139 67.64 28.72 -19.54
N SER A 140 67.14 27.50 -19.30
CA SER A 140 67.50 26.75 -18.10
C SER A 140 67.53 25.27 -18.44
N LEU A 141 68.31 24.53 -17.65
CA LEU A 141 68.45 23.08 -17.81
C LEU A 141 67.99 22.39 -16.53
N SER A 142 67.18 21.36 -16.68
CA SER A 142 66.66 20.60 -15.55
C SER A 142 66.80 19.12 -15.82
N ALA A 143 67.04 18.36 -14.75
CA ALA A 143 67.20 16.91 -14.84
C ALA A 143 66.71 16.27 -13.56
N ALA A 144 66.87 14.96 -13.45
CA ALA A 144 66.45 14.20 -12.28
C ALA A 144 67.62 13.39 -11.77
N PHE A 145 67.86 13.46 -10.45
CA PHE A 145 68.94 12.72 -9.83
C PHE A 145 68.63 12.54 -8.36
N ALA A 146 68.85 11.33 -7.86
CA ALA A 146 68.59 11.00 -6.46
C ALA A 146 69.47 9.85 -6.04
N ILE A 147 70.19 10.04 -4.94
CA ILE A 147 71.07 9.02 -4.37
C ILE A 147 70.94 9.06 -2.86
N ALA A 148 71.66 8.15 -2.19
CA ALA A 148 71.68 8.05 -0.73
C ALA A 148 70.27 7.86 -0.17
N SER A 149 69.64 6.77 -0.58
CA SER A 149 68.30 6.43 -0.12
C SER A 149 68.35 5.92 1.30
N GLU A 150 67.64 6.59 2.22
CA GLU A 150 67.59 6.23 3.63
C GLU A 150 69.00 6.16 4.23
N ALA A 151 69.85 7.12 3.85
CA ALA A 151 71.21 7.19 4.33
C ALA A 151 71.51 8.58 4.88
N LEU A 152 70.54 9.18 5.57
CA LEU A 152 70.74 10.51 6.13
C LEU A 152 71.67 10.49 7.33
N SER A 153 71.72 9.36 8.06
CA SER A 153 72.60 9.28 9.22
C SER A 153 74.06 9.37 8.81
N LEU A 154 74.43 8.70 7.71
CA LEU A 154 75.81 8.78 7.24
C LEU A 154 76.18 10.20 6.80
N LEU A 155 75.26 10.87 6.11
CA LEU A 155 75.51 12.24 5.67
C LEU A 155 75.64 13.19 6.86
N SER A 156 74.80 13.01 7.88
CA SER A 156 74.86 13.87 9.05
C SER A 156 76.10 13.63 9.90
N ASN A 157 76.72 12.47 9.77
CA ASN A 157 77.92 12.15 10.55
C ASN A 157 79.08 11.79 9.63
N SER A 168 86.53 2.79 8.29
CA SER A 168 86.70 3.79 7.26
C SER A 168 85.50 3.81 6.31
N LEU A 169 84.36 3.30 6.79
CA LEU A 169 83.17 3.28 5.97
C LEU A 169 82.68 4.68 5.66
N ARG A 170 82.72 5.58 6.66
CA ARG A 170 82.26 6.95 6.44
C ARG A 170 83.15 7.67 5.43
N ILE A 171 84.47 7.45 5.51
CA ILE A 171 85.39 8.13 4.59
C ILE A 171 85.13 7.69 3.16
N ARG A 172 85.00 6.38 2.93
CA ARG A 172 84.73 5.90 1.58
C ARG A 172 83.35 6.33 1.10
N ALA A 173 82.37 6.39 2.01
CA ALA A 173 81.03 6.83 1.62
C ALA A 173 81.04 8.29 1.17
N ILE A 174 81.69 9.16 1.94
CA ILE A 174 81.73 10.57 1.56
C ILE A 174 82.57 10.77 0.30
N GLN A 175 83.63 9.98 0.13
CA GLN A 175 84.41 10.07 -1.11
C GLN A 175 83.58 9.66 -2.32
N GLN A 176 82.80 8.58 -2.19
CA GLN A 176 81.93 8.16 -3.28
C GLN A 176 80.86 9.21 -3.57
N MET A 177 80.29 9.81 -2.52
CA MET A 177 79.30 10.86 -2.73
C MET A 177 79.91 12.07 -3.44
N ALA A 178 81.13 12.45 -3.04
CA ALA A 178 81.79 13.57 -3.70
C ALA A 178 82.07 13.27 -5.16
N ARG A 179 82.54 12.05 -5.46
CA ARG A 179 82.79 11.66 -6.84
C ARG A 179 81.50 11.66 -7.65
N ASN A 180 80.42 11.15 -7.07
CA ASN A 180 79.14 11.13 -7.78
C ASN A 180 78.63 12.54 -8.06
N LEU A 181 78.72 13.43 -7.08
CA LEU A 181 78.25 14.80 -7.31
C LEU A 181 79.13 15.52 -8.33
N ARG A 182 80.44 15.26 -8.31
CA ARG A 182 81.32 15.89 -9.30
C ARG A 182 81.00 15.38 -10.71
N THR A 183 80.79 14.07 -10.86
CA THR A 183 80.46 13.54 -12.17
C THR A 183 79.11 14.06 -12.65
N VAL A 184 78.13 14.16 -11.75
CA VAL A 184 76.83 14.71 -12.12
C VAL A 184 76.98 16.16 -12.57
N LEU A 185 77.78 16.94 -11.84
CA LEU A 185 77.96 18.35 -12.20
C LEU A 185 78.64 18.50 -13.55
N ASP A 186 79.69 17.72 -13.82
CA ASP A 186 80.37 17.87 -15.10
C ASP A 186 79.50 17.37 -16.25
N SER A 187 78.72 16.32 -16.03
CA SER A 187 77.77 15.88 -17.05
C SER A 187 76.71 16.94 -17.30
N PHE A 188 76.25 17.60 -16.24
CA PHE A 188 75.26 18.65 -16.39
C PHE A 188 75.79 19.82 -17.19
N GLU A 189 77.02 20.26 -16.90
CA GLU A 189 77.56 21.39 -17.67
C GLU A 189 77.88 20.98 -19.11
N ARG A 190 78.30 19.73 -19.33
CA ARG A 190 78.51 19.26 -20.70
C ARG A 190 77.19 19.25 -21.47
N GLY A 191 76.12 18.78 -20.84
CA GLY A 191 74.82 18.80 -21.49
C GLY A 191 74.32 20.20 -21.78
N THR A 192 74.55 21.12 -20.83
CA THR A 192 74.16 22.52 -21.06
C THR A 192 74.95 23.12 -22.22
N ALA A 193 76.25 22.85 -22.28
CA ALA A 193 77.07 23.36 -23.38
C ALA A 193 76.61 22.79 -24.72
N ASP A 194 76.27 21.50 -24.74
CA ASP A 194 75.75 20.90 -25.97
C ASP A 194 74.41 21.51 -26.36
N GLN A 195 73.55 21.79 -25.38
CA GLN A 195 72.21 22.28 -25.68
C GLN A 195 72.22 23.75 -26.12
N LEU A 196 73.15 24.55 -25.61
CA LEU A 196 73.16 25.97 -25.96
C LEU A 196 73.71 26.23 -27.35
N LEU A 197 74.03 25.18 -28.12
CA LEU A 197 74.51 25.36 -29.49
C LEU A 197 73.38 25.46 -30.51
N GLY A 198 72.13 25.25 -30.09
CA GLY A 198 71.03 25.34 -31.03
C GLY A 198 70.83 26.74 -31.57
N VAL A 199 71.00 27.76 -30.73
CA VAL A 199 70.89 29.14 -31.17
C VAL A 199 71.97 29.46 -32.21
N LEU A 200 73.20 28.99 -31.97
CA LEU A 200 74.26 29.20 -32.95
C LEU A 200 73.98 28.46 -34.25
N LEU A 201 73.43 27.24 -34.14
CA LEU A 201 73.12 26.47 -35.35
C LEU A 201 72.03 27.16 -36.18
N GLU A 202 71.01 27.70 -35.52
CA GLU A 202 69.91 28.34 -36.23
C GLU A 202 70.19 29.79 -36.57
N LYS A 203 71.28 30.36 -36.07
CA LYS A 203 71.57 31.76 -36.36
C LYS A 203 72.03 31.96 -37.80
N ALA A 204 72.76 31.00 -38.34
CA ALA A 204 73.32 31.14 -39.68
C ALA A 204 72.23 31.03 -40.73
N PRO A 205 72.03 32.03 -41.57
CA PRO A 205 71.03 31.92 -42.64
C PRO A 205 71.68 31.43 -43.93
N PRO A 206 70.89 30.94 -44.89
CA PRO A 206 71.46 30.53 -46.19
C PRO A 206 71.79 31.73 -47.08
N LEU A 207 72.94 32.34 -46.81
CA LEU A 207 73.38 33.52 -47.55
C LEU A 207 74.49 33.22 -48.56
N SER A 208 75.11 32.03 -48.49
CA SER A 208 76.18 31.70 -49.42
C SER A 208 75.68 31.68 -50.87
N LEU A 209 74.40 31.40 -51.08
CA LEU A 209 73.82 31.42 -52.42
C LEU A 209 73.12 32.74 -52.74
N LEU A 210 72.69 33.49 -51.73
CA LEU A 210 72.01 34.77 -51.96
C LEU A 210 72.96 35.95 -52.02
N SER A 211 74.24 35.76 -51.69
CA SER A 211 75.19 36.87 -51.80
C SER A 211 75.32 37.45 -53.20
N PRO A 212 75.41 36.67 -54.29
CA PRO A 212 75.44 37.29 -55.62
C PRO A 212 74.19 38.11 -55.93
N ILE A 213 73.03 37.68 -55.45
CA ILE A 213 71.79 38.42 -55.69
C ILE A 213 71.87 39.80 -55.02
N ASN A 214 72.34 39.84 -53.78
CA ASN A 214 72.50 41.12 -53.09
C ASN A 214 73.57 41.98 -53.75
N LYS A 215 74.64 41.34 -54.25
CA LYS A 215 75.70 42.08 -54.92
C LYS A 215 75.21 42.70 -56.23
N PHE A 216 74.30 42.01 -56.92
CA PHE A 216 73.76 42.48 -58.20
C PHE A 216 72.40 43.14 -58.03
N GLN A 217 72.18 43.83 -56.92
CA GLN A 217 70.92 44.51 -56.63
C GLN A 217 71.21 45.96 -56.26
N PRO A 218 71.61 46.79 -57.23
CA PRO A 218 71.93 48.19 -56.92
C PRO A 218 70.73 48.99 -56.44
N GLU A 219 69.68 49.06 -57.26
CA GLU A 219 68.50 49.85 -56.93
C GLU A 219 67.20 49.09 -57.07
N GLY A 220 67.09 48.20 -58.06
CA GLY A 220 65.83 47.53 -58.31
C GLY A 220 65.47 46.56 -57.20
N HIS A 221 64.18 46.48 -56.90
CA HIS A 221 63.67 45.60 -55.85
C HIS A 221 62.62 44.62 -56.33
N LEU A 222 61.72 45.06 -57.22
CA LEU A 222 60.66 44.20 -57.73
C LEU A 222 60.63 44.28 -59.25
N ASN A 223 60.62 43.12 -59.90
CA ASN A 223 60.57 43.03 -61.35
C ASN A 223 60.00 41.67 -61.73
N ARG A 224 59.83 41.45 -63.03
CA ARG A 224 59.35 40.18 -63.55
C ARG A 224 60.42 39.46 -64.37
N VAL A 225 60.93 40.10 -65.42
CA VAL A 225 61.97 39.48 -66.23
C VAL A 225 63.27 39.35 -65.44
N ALA A 226 63.65 40.40 -64.72
CA ALA A 226 64.85 40.33 -63.89
C ALA A 226 64.68 39.31 -62.77
N ARG A 227 63.48 39.25 -62.18
CA ARG A 227 63.23 38.26 -61.13
C ARG A 227 63.35 36.84 -61.67
N ALA A 228 62.78 36.58 -62.85
CA ALA A 228 62.90 35.26 -63.45
C ALA A 228 64.34 34.93 -63.78
N ALA A 229 65.09 35.90 -64.31
CA ALA A 229 66.49 35.66 -64.64
C ALA A 229 67.32 35.33 -63.40
N LEU A 230 67.12 36.09 -62.32
CA LEU A 230 67.89 35.83 -61.10
C LEU A 230 67.47 34.51 -60.46
N LEU A 231 66.18 34.17 -60.54
CA LEU A 231 65.74 32.87 -60.02
C LEU A 231 66.37 31.72 -60.80
N SER A 232 66.40 31.83 -62.13
CA SER A 232 67.03 30.79 -62.95
C SER A 232 68.52 30.69 -62.66
N ASP A 233 69.19 31.85 -62.51
CA ASP A 233 70.61 31.83 -62.18
C ASP A 233 70.87 31.18 -60.83
N LEU A 234 70.05 31.49 -59.83
CA LEU A 234 70.21 30.88 -58.52
C LEU A 234 69.95 29.37 -58.57
N LYS A 235 68.94 28.95 -59.33
CA LYS A 235 68.67 27.52 -59.47
C LYS A 235 69.84 26.81 -60.13
N ARG A 236 70.39 27.40 -61.19
CA ARG A 236 71.55 26.80 -61.85
C ARG A 236 72.74 26.73 -60.90
N ARG A 237 72.98 27.80 -60.13
CA ARG A 237 74.10 27.81 -59.20
C ARG A 237 73.95 26.73 -58.12
N VAL A 238 72.75 26.60 -57.56
CA VAL A 238 72.57 25.61 -56.50
C VAL A 238 72.55 24.20 -57.06
N CYS A 239 72.20 24.04 -58.33
CA CYS A 239 72.29 22.73 -58.96
C CYS A 239 73.73 22.35 -59.31
N ALA A 240 74.56 23.34 -59.62
CA ALA A 240 75.93 23.08 -60.01
C ALA A 240 76.90 22.97 -58.83
N ASP A 241 76.65 23.70 -57.74
CA ASP A 241 77.56 23.71 -56.60
C ASP A 241 77.12 22.77 -55.48
N MET A 242 76.10 21.94 -55.72
CA MET A 242 75.62 21.05 -54.67
C MET A 242 76.69 20.05 -54.26
N PHE A 243 77.39 19.47 -55.22
CA PHE A 243 78.45 18.51 -54.94
C PHE A 243 79.65 18.76 -55.83
N PHE A 244 79.94 20.04 -56.11
CA PHE A 244 81.08 20.37 -56.96
C PHE A 244 82.39 20.02 -56.28
N MET A 245 82.48 20.19 -54.96
CA MET A 245 83.71 19.85 -54.24
C MET A 245 83.99 18.35 -54.30
N THR A 246 82.94 17.52 -54.21
CA THR A 246 83.13 16.08 -54.31
C THR A 246 83.41 15.66 -55.75
N ARG A 247 82.78 16.33 -56.71
CA ARG A 247 83.02 16.00 -58.12
C ARG A 247 84.46 16.32 -58.52
N HIS A 248 84.97 17.46 -58.10
CA HIS A 248 86.34 17.87 -58.42
C HIS A 248 87.32 17.43 -57.35
N ALA A 249 87.31 16.13 -57.04
CA ALA A 249 88.20 15.58 -56.04
C ALA A 249 89.60 15.25 -56.56
N ARG A 250 89.81 15.36 -57.89
CA ARG A 250 91.12 15.07 -58.44
C ARG A 250 92.17 16.07 -57.95
N GLU A 251 91.82 17.35 -57.89
CA GLU A 251 92.72 18.37 -57.43
C GLU A 251 92.03 19.28 -56.42
N PRO A 252 92.72 19.68 -55.35
CA PRO A 252 92.12 20.58 -54.35
C PRO A 252 92.27 22.05 -54.67
N ARG A 253 92.85 22.41 -55.82
CA ARG A 253 93.03 23.82 -56.16
C ARG A 253 91.69 24.53 -56.31
N LEU A 254 90.73 23.88 -56.98
CA LEU A 254 89.41 24.48 -57.15
C LEU A 254 88.70 24.65 -55.81
N ILE A 255 88.82 23.65 -54.92
CA ILE A 255 88.20 23.75 -53.61
C ILE A 255 88.82 24.89 -52.80
N SER A 256 90.14 25.01 -52.85
CA SER A 256 90.82 26.09 -52.12
C SER A 256 90.42 27.46 -52.69
N ALA A 257 90.34 27.57 -54.02
CA ALA A 257 89.93 28.83 -54.61
C ALA A 257 88.50 29.20 -54.22
N TYR A 258 87.59 28.22 -54.23
CA TYR A 258 86.22 28.49 -53.82
C TYR A 258 86.14 28.90 -52.36
N LEU A 259 86.92 28.23 -51.50
CA LEU A 259 86.93 28.58 -50.08
C LEU A 259 87.46 30.00 -49.88
N SER A 260 88.53 30.36 -50.58
CA SER A 260 89.07 31.71 -50.46
C SER A 260 88.07 32.74 -50.97
N ASP A 261 87.40 32.45 -52.08
CA ASP A 261 86.41 33.39 -52.62
C ASP A 261 85.25 33.59 -51.65
N MET A 262 84.75 32.49 -51.07
CA MET A 262 83.61 32.62 -50.16
C MET A 262 84.01 33.30 -48.86
N VAL A 263 85.23 33.05 -48.37
CA VAL A 263 85.67 33.71 -47.15
C VAL A 263 86.03 35.17 -47.39
N SER A 264 86.33 35.55 -48.63
CA SER A 264 86.55 36.96 -48.93
C SER A 264 85.24 37.70 -49.21
N CYS A 265 84.23 37.00 -49.74
CA CYS A 265 82.94 37.61 -50.02
C CYS A 265 81.96 37.47 -48.87
N THR A 266 82.32 36.79 -47.79
CA THR A 266 81.43 36.67 -46.64
C THR A 266 81.26 37.98 -45.89
N GLN A 267 82.09 38.99 -46.16
CA GLN A 267 82.03 40.30 -45.53
C GLN A 267 82.05 40.18 -44.00
N PRO A 268 83.18 39.81 -43.41
CA PRO A 268 83.24 39.70 -41.95
C PRO A 268 83.08 41.05 -41.27
N SER A 269 82.51 41.02 -40.06
CA SER A 269 82.28 42.22 -39.28
C SER A 269 83.32 42.35 -38.18
N VAL A 270 83.52 43.59 -37.74
CA VAL A 270 84.49 43.91 -36.68
C VAL A 270 83.74 44.64 -35.56
N MET A 271 83.97 44.18 -34.33
CA MET A 271 83.34 44.78 -33.16
C MET A 271 84.38 44.91 -32.05
N VAL A 272 84.14 45.87 -31.15
CA VAL A 272 85.05 46.11 -30.04
C VAL A 272 84.85 45.01 -28.99
N SER A 273 85.94 44.40 -28.56
CA SER A 273 85.90 43.34 -27.57
C SER A 273 87.28 43.26 -26.89
N ARG A 274 87.49 42.19 -26.12
CA ARG A 274 88.75 41.98 -25.43
C ARG A 274 89.67 41.09 -26.28
N ILE A 275 90.86 40.84 -25.77
CA ILE A 275 91.82 40.01 -26.50
C ILE A 275 91.43 38.53 -26.36
N THR A 276 91.92 37.73 -27.31
CA THR A 276 91.65 36.31 -27.35
C THR A 276 92.97 35.55 -27.40
N HIS A 277 92.89 34.22 -27.41
CA HIS A 277 94.08 33.38 -27.48
C HIS A 277 94.75 33.55 -28.83
N THR A 278 95.90 34.21 -28.85
CA THR A 278 96.63 34.48 -30.08
C THR A 278 97.73 33.44 -30.28
N ASN A 279 98.28 33.42 -31.50
CA ASN A 279 99.33 32.49 -31.87
C ASN A 279 100.69 33.09 -31.51
N THR A 280 101.77 32.44 -31.97
CA THR A 280 103.11 32.94 -31.69
C THR A 280 103.35 34.29 -32.35
N ARG A 281 102.86 34.48 -33.58
CA ARG A 281 103.05 35.74 -34.28
C ARG A 281 102.36 36.89 -33.54
N GLY A 282 101.14 36.66 -33.05
CA GLY A 282 100.42 37.69 -32.33
C GLY A 282 99.31 38.32 -33.14
N ARG A 283 98.62 37.51 -33.94
CA ARG A 283 97.53 37.97 -34.78
C ARG A 283 96.22 37.38 -34.28
N GLN A 284 95.20 38.23 -34.15
CA GLN A 284 93.89 37.77 -33.69
C GLN A 284 93.26 36.84 -34.71
N VAL A 285 92.59 35.80 -34.20
CA VAL A 285 91.95 34.82 -35.07
C VAL A 285 90.59 35.34 -35.50
N ASP A 286 90.25 35.11 -36.77
CA ASP A 286 88.99 35.59 -37.34
C ASP A 286 87.94 34.48 -37.29
N GLY A 287 87.45 34.22 -36.08
CA GLY A 287 86.41 33.23 -35.88
C GLY A 287 86.95 31.82 -35.85
N VAL A 288 86.02 30.87 -35.77
CA VAL A 288 86.34 29.45 -35.70
C VAL A 288 85.54 28.73 -36.78
N LEU A 289 86.22 27.87 -37.55
CA LEU A 289 85.58 27.06 -38.59
C LEU A 289 86.15 25.64 -38.45
N VAL A 290 85.48 24.81 -37.65
CA VAL A 290 85.96 23.47 -37.36
C VAL A 290 84.99 22.44 -37.91
N THR A 291 85.47 21.22 -38.04
CA THR A 291 84.69 20.09 -38.53
C THR A 291 84.98 18.87 -37.68
N THR A 292 84.02 17.95 -37.64
CA THR A 292 84.16 16.77 -36.80
C THR A 292 85.34 15.90 -37.24
N ALA A 293 85.23 15.27 -38.41
CA ALA A 293 86.33 14.46 -38.93
C ALA A 293 86.60 14.60 -40.42
N THR A 294 85.62 14.99 -41.24
CA THR A 294 85.74 14.84 -42.68
C THR A 294 86.81 15.75 -43.27
N LEU A 295 86.60 17.07 -43.17
CA LEU A 295 87.60 17.99 -43.68
C LEU A 295 88.89 17.93 -42.87
N LYS A 296 88.79 17.58 -41.58
CA LYS A 296 89.98 17.43 -40.76
C LYS A 296 90.92 16.39 -41.35
N ARG A 297 90.40 15.20 -41.65
CA ARG A 297 91.25 14.17 -42.26
C ARG A 297 91.61 14.51 -43.70
N GLN A 298 90.67 15.10 -44.44
CA GLN A 298 90.94 15.45 -45.83
C GLN A 298 92.02 16.51 -45.96
N LEU A 299 92.31 17.24 -44.89
CA LEU A 299 93.43 18.18 -44.87
C LEU A 299 94.68 17.58 -44.24
N LEU A 300 94.55 16.86 -43.12
CA LEU A 300 95.71 16.30 -42.43
C LEU A 300 96.30 15.09 -43.14
N GLN A 301 95.65 14.58 -44.20
CA GLN A 301 96.26 13.52 -44.98
C GLN A 301 97.54 13.97 -45.67
N GLY A 302 97.86 15.26 -45.65
CA GLY A 302 99.08 15.77 -46.23
C GLY A 302 98.97 17.14 -46.86
N ILE A 303 97.76 17.69 -46.95
CA ILE A 303 97.60 19.00 -47.56
C ILE A 303 98.08 20.10 -46.60
N LEU A 304 97.67 20.02 -45.34
CA LEU A 304 98.04 21.01 -44.34
C LEU A 304 99.21 20.51 -43.51
N GLN A 305 99.75 21.42 -42.69
CA GLN A 305 100.87 21.13 -41.80
C GLN A 305 100.48 21.50 -40.38
N ILE A 306 100.73 20.58 -39.44
CA ILE A 306 100.40 20.80 -38.04
C ILE A 306 101.46 21.67 -37.40
N ASP A 307 101.04 22.79 -36.81
CA ASP A 307 101.96 23.71 -36.16
C ASP A 307 102.14 23.32 -34.70
N ASP A 308 102.81 24.18 -33.93
CA ASP A 308 103.03 23.90 -32.52
C ASP A 308 101.75 24.07 -31.73
N THR A 309 101.65 23.32 -30.63
CA THR A 309 100.48 23.36 -29.75
C THR A 309 100.71 24.20 -28.51
N ALA A 310 101.88 24.79 -28.34
CA ALA A 310 102.20 25.60 -27.17
C ALA A 310 101.79 27.05 -27.44
N ALA A 311 100.91 27.58 -26.58
CA ALA A 311 100.45 28.95 -26.69
C ALA A 311 100.35 29.54 -25.29
N ASP A 312 99.81 30.75 -25.20
CA ASP A 312 99.64 31.45 -23.93
C ASP A 312 98.16 31.75 -23.72
N VAL A 313 97.68 31.46 -22.52
CA VAL A 313 96.27 31.69 -22.15
C VAL A 313 96.21 32.92 -21.26
N PRO A 314 95.38 33.91 -21.57
CA PRO A 314 95.27 35.09 -20.72
C PRO A 314 94.70 34.74 -19.35
N VAL A 315 95.15 35.50 -18.34
CA VAL A 315 94.68 35.26 -16.99
C VAL A 315 93.27 35.77 -16.76
N THR A 316 92.75 36.60 -17.66
CA THR A 316 91.41 37.15 -17.55
C THR A 316 90.62 36.83 -18.81
N TYR A 317 89.41 36.31 -18.64
CA TYR A 317 88.56 35.95 -19.76
C TYR A 317 87.81 37.19 -20.27
N GLY A 318 87.02 37.00 -21.31
CA GLY A 318 86.26 38.10 -21.87
C GLY A 318 85.15 38.54 -20.92
N GLU A 319 85.03 39.85 -20.72
CA GLU A 319 84.02 40.39 -19.83
C GLU A 319 83.59 41.78 -20.28
N ARG A 379 99.70 28.44 -21.32
CA ARG A 379 99.49 27.00 -21.36
C ARG A 379 98.11 26.65 -21.89
N VAL A 380 97.98 26.61 -23.21
CA VAL A 380 96.71 26.29 -23.86
C VAL A 380 97.00 25.63 -25.20
N PRO A 381 96.36 24.51 -25.52
CA PRO A 381 96.59 23.87 -26.82
C PRO A 381 96.14 24.77 -27.96
N ALA A 382 96.89 24.71 -29.06
CA ALA A 382 96.61 25.51 -30.24
C ALA A 382 96.83 24.66 -31.49
N ASP A 383 96.11 25.00 -32.56
CA ASP A 383 96.24 24.32 -33.85
C ASP A 383 96.24 25.38 -34.94
N LEU A 384 97.43 25.82 -35.32
CA LEU A 384 97.61 26.86 -36.33
C LEU A 384 98.15 26.24 -37.61
N VAL A 385 98.28 27.08 -38.65
CA VAL A 385 98.78 26.64 -39.94
C VAL A 385 99.31 27.87 -40.67
N ILE A 386 100.15 27.64 -41.68
CA ILE A 386 100.69 28.74 -42.48
C ILE A 386 99.57 29.26 -43.38
N VAL A 387 99.31 30.57 -43.30
CA VAL A 387 98.22 31.19 -44.04
C VAL A 387 98.54 32.66 -44.21
N GLY A 388 97.84 33.31 -45.14
CA GLY A 388 98.04 34.72 -45.38
C GLY A 388 97.35 35.61 -44.36
N ASP A 389 96.01 35.56 -44.32
CA ASP A 389 95.26 36.40 -43.40
C ASP A 389 94.07 35.70 -42.76
N LYS A 390 93.87 34.41 -43.01
CA LYS A 390 92.75 33.65 -42.44
C LYS A 390 93.32 32.56 -41.54
N LEU A 391 93.58 32.92 -40.28
CA LEU A 391 94.20 31.97 -39.36
C LEU A 391 93.29 30.77 -39.08
N VAL A 392 91.99 31.04 -38.88
CA VAL A 392 90.95 30.05 -38.58
C VAL A 392 91.36 29.09 -37.47
N PHE A 393 90.56 28.06 -37.23
CA PHE A 393 90.85 27.07 -36.19
C PHE A 393 90.43 25.70 -36.68
N LEU A 394 91.02 24.67 -36.06
CA LEU A 394 90.70 23.28 -36.41
C LEU A 394 90.87 22.45 -35.14
N GLU A 395 89.76 22.09 -34.51
CA GLU A 395 89.78 21.31 -33.28
C GLU A 395 88.60 20.33 -33.29
N ALA A 396 88.75 19.26 -32.52
CA ALA A 396 87.73 18.23 -32.39
C ALA A 396 87.32 18.09 -30.93
N LEU A 397 86.03 17.94 -30.69
CA LEU A 397 85.46 17.80 -29.35
C LEU A 397 84.59 16.56 -29.28
N GLU A 398 85.09 15.44 -29.81
CA GLU A 398 84.37 14.17 -29.80
C GLU A 398 85.06 13.12 -28.95
N ARG A 399 86.12 13.47 -28.22
CA ARG A 399 86.81 12.49 -27.40
C ARG A 399 86.15 12.32 -26.05
N ARG A 400 85.86 13.43 -25.37
CA ARG A 400 85.22 13.39 -24.06
C ARG A 400 83.78 13.89 -24.06
N VAL A 401 83.37 14.61 -25.10
CA VAL A 401 82.00 15.12 -25.22
C VAL A 401 81.17 14.13 -26.03
N TYR A 402 79.86 14.15 -25.78
CA TYR A 402 78.90 13.29 -26.48
C TYR A 402 79.16 11.80 -26.24
N GLN A 403 79.81 11.47 -25.13
CA GLN A 403 80.11 10.08 -24.80
C GLN A 403 78.96 9.48 -24.00
N ALA A 404 78.52 8.28 -24.41
CA ALA A 404 77.46 7.55 -23.72
C ALA A 404 76.18 8.38 -23.62
N THR A 405 75.86 9.12 -24.68
CA THR A 405 74.66 9.94 -24.74
C THR A 405 73.86 9.54 -25.96
N ARG A 406 72.63 9.08 -25.75
CA ARG A 406 71.75 8.68 -26.84
C ARG A 406 70.73 9.78 -27.09
N VAL A 407 71.14 10.77 -27.89
CA VAL A 407 70.30 11.89 -28.26
C VAL A 407 70.48 12.15 -29.75
N ALA A 408 69.79 13.18 -30.24
CA ALA A 408 69.87 13.53 -31.66
C ALA A 408 71.24 14.12 -31.98
N TYR A 409 71.85 13.64 -33.06
CA TYR A 409 73.15 14.14 -33.45
C TYR A 409 73.04 15.58 -33.98
N PRO A 410 73.93 16.47 -33.56
CA PRO A 410 73.87 17.85 -34.05
C PRO A 410 74.21 17.94 -35.53
N LEU A 411 73.67 18.99 -36.16
CA LEU A 411 73.90 19.26 -37.59
C LEU A 411 73.47 18.07 -38.45
N ILE A 412 72.36 17.44 -38.08
CA ILE A 412 71.80 16.31 -38.81
C ILE A 412 70.38 16.65 -39.20
N GLY A 413 70.08 16.54 -40.49
CA GLY A 413 68.75 16.83 -40.98
C GLY A 413 68.32 15.79 -42.00
N ASN A 414 67.01 15.51 -42.00
CA ASN A 414 66.45 14.54 -42.92
C ASN A 414 66.52 15.05 -44.36
N ILE A 415 66.90 14.16 -45.27
CA ILE A 415 67.00 14.48 -46.69
C ILE A 415 66.10 13.52 -47.46
N ASP A 416 65.23 14.06 -48.29
CA ASP A 416 64.29 13.28 -49.09
C ASP A 416 64.67 13.44 -50.56
N ILE A 417 65.56 12.57 -51.02
CA ILE A 417 66.03 12.60 -52.40
C ILE A 417 65.04 11.83 -53.27
N THR A 418 64.56 12.48 -54.33
CA THR A 418 63.61 11.88 -55.25
C THR A 418 64.26 11.71 -56.62
N PHE A 419 63.94 10.59 -57.28
CA PHE A 419 64.49 10.28 -58.59
C PHE A 419 63.35 9.87 -59.53
N ILE A 420 63.52 10.19 -60.81
CA ILE A 420 62.54 9.86 -61.84
C ILE A 420 63.29 9.34 -63.06
N MET A 421 62.68 8.39 -63.76
CA MET A 421 63.25 7.78 -64.96
C MET A 421 62.24 7.83 -66.08
N PRO A 422 62.01 9.01 -66.66
CA PRO A 422 61.06 9.10 -67.78
C PRO A 422 61.61 8.43 -69.03
N MET A 423 60.69 7.97 -69.88
CA MET A 423 61.06 7.28 -71.10
C MET A 423 59.90 7.41 -72.08
N GLY A 424 60.11 8.20 -73.14
CA GLY A 424 59.08 8.40 -74.15
C GLY A 424 59.29 7.56 -75.39
N VAL A 425 60.53 7.54 -75.90
CA VAL A 425 60.99 6.76 -77.05
C VAL A 425 60.34 7.23 -78.35
N PHE A 426 59.35 8.12 -78.24
CA PHE A 426 58.65 8.61 -79.42
C PHE A 426 59.58 9.48 -80.27
N GLN A 427 59.51 9.30 -81.58
CA GLN A 427 60.32 10.06 -82.53
C GLN A 427 59.39 10.81 -83.49
N ALA A 428 59.70 12.08 -83.71
CA ALA A 428 58.89 12.92 -84.59
C ALA A 428 59.29 12.66 -86.04
N ASN A 429 58.37 12.12 -86.82
CA ASN A 429 58.63 11.83 -88.22
C ASN A 429 58.47 13.08 -89.07
N SER A 430 58.99 13.02 -90.29
CA SER A 430 58.92 14.14 -91.22
C SER A 430 57.91 13.85 -92.34
N GLU A 446 70.17 -9.62 -94.73
CA GLU A 446 70.32 -8.18 -94.55
C GLU A 446 69.66 -7.73 -93.24
N GLN A 447 69.28 -8.70 -92.41
CA GLN A 447 68.65 -8.38 -91.14
C GLN A 447 69.68 -7.82 -90.16
N ASP A 448 69.32 -6.73 -89.50
CA ASP A 448 70.21 -6.08 -88.53
C ASP A 448 69.40 -5.35 -87.48
N PRO A 449 69.54 -5.72 -86.20
CA PRO A 449 68.78 -5.03 -85.14
C PRO A 449 69.16 -3.57 -84.99
N ARG A 450 70.35 -3.16 -85.44
CA ARG A 450 70.75 -1.76 -85.34
C ARG A 450 69.85 -0.87 -86.18
N GLN A 451 69.51 -1.30 -87.39
CA GLN A 451 68.64 -0.51 -88.25
C GLN A 451 67.18 -0.54 -87.80
N PHE A 452 66.81 -1.50 -86.97
CA PHE A 452 65.44 -1.58 -86.48
C PHE A 452 65.16 -0.45 -85.51
N PRO A 453 63.91 0.04 -85.46
CA PRO A 453 63.58 1.10 -84.52
C PRO A 453 63.71 0.60 -83.09
N PRO A 454 64.08 1.48 -82.15
CA PRO A 454 64.25 1.04 -80.75
C PRO A 454 62.91 0.72 -80.11
N GLN A 455 62.81 -0.48 -79.55
CA GLN A 455 61.61 -0.93 -78.87
C GLN A 455 61.84 -1.35 -77.43
N GLY A 456 62.97 -2.01 -77.15
CA GLY A 456 63.29 -2.42 -75.80
C GLY A 456 63.88 -1.30 -74.97
N ILE A 457 64.10 -1.60 -73.69
CA ILE A 457 64.67 -0.65 -72.75
C ILE A 457 65.75 -1.34 -71.94
N PHE A 458 66.64 -0.53 -71.36
CA PHE A 458 67.73 -1.05 -70.54
C PHE A 458 68.07 -0.01 -69.47
N PHE A 459 68.24 -0.47 -68.24
CA PHE A 459 68.56 0.39 -67.11
C PHE A 459 69.86 -0.08 -66.47
N TYR A 460 70.73 0.87 -66.14
CA TYR A 460 72.02 0.58 -65.53
C TYR A 460 71.97 0.94 -64.05
N ASN A 461 72.29 -0.03 -63.20
CA ASN A 461 72.29 0.21 -61.77
C ASN A 461 73.49 1.06 -61.36
N LYS A 462 73.35 1.73 -60.21
CA LYS A 462 74.44 2.56 -59.71
C LYS A 462 75.62 1.73 -59.24
N ASP A 463 75.36 0.50 -58.78
CA ASP A 463 76.46 -0.37 -58.33
C ASP A 463 77.39 -0.73 -59.48
N GLY A 464 76.83 -1.02 -60.64
CA GLY A 464 77.64 -1.38 -61.80
C GLY A 464 77.27 -2.72 -62.39
N ILE A 465 76.07 -3.20 -62.08
CA ILE A 465 75.56 -4.48 -62.58
C ILE A 465 74.33 -4.20 -63.42
N LEU A 466 74.31 -4.75 -64.64
CA LEU A 466 73.19 -4.55 -65.54
C LEU A 466 71.92 -5.20 -64.97
N THR A 467 70.79 -4.53 -65.17
CA THR A 467 69.50 -5.01 -64.68
C THR A 467 68.46 -4.86 -65.79
N GLN A 468 67.60 -5.86 -65.91
CA GLN A 468 66.54 -5.88 -66.91
C GLN A 468 65.19 -5.75 -66.23
N LEU A 469 64.39 -4.79 -66.68
CA LEU A 469 63.07 -4.57 -66.10
C LEU A 469 62.12 -5.69 -66.48
N THR A 470 61.11 -5.89 -65.64
CA THR A 470 60.12 -6.92 -65.90
C THR A 470 59.29 -6.58 -67.14
N LEU A 471 58.96 -7.61 -67.91
CA LEU A 471 58.19 -7.40 -69.13
C LEU A 471 56.79 -6.85 -68.82
N ARG A 472 56.14 -7.40 -67.80
CA ARG A 472 54.79 -6.95 -67.45
C ARG A 472 54.77 -5.53 -66.91
N ASP A 473 55.90 -5.03 -66.41
CA ASP A 473 56.01 -3.67 -65.89
C ASP A 473 54.97 -3.42 -64.80
N ALA A 474 54.04 -2.49 -65.07
CA ALA A 474 53.00 -2.17 -64.10
C ALA A 474 51.64 -1.98 -64.74
N MET A 475 51.45 -2.39 -66.00
CA MET A 475 50.15 -2.22 -66.65
C MET A 475 49.07 -3.01 -65.94
N GLY A 476 49.36 -4.26 -65.58
CA GLY A 476 48.40 -5.08 -64.86
C GLY A 476 48.21 -4.70 -63.41
N THR A 477 49.08 -3.85 -62.87
CA THR A 477 48.95 -3.37 -61.50
C THR A 477 48.29 -2.00 -61.41
N ILE A 478 48.32 -1.21 -62.47
CA ILE A 478 47.70 0.11 -62.46
C ILE A 478 46.47 0.19 -63.35
N CYS A 479 46.15 -0.85 -64.11
CA CYS A 479 44.97 -0.86 -64.96
C CYS A 479 43.76 -1.51 -64.29
N HIS A 480 43.89 -1.90 -63.03
CA HIS A 480 42.78 -2.55 -62.34
C HIS A 480 41.61 -1.58 -62.14
N SER A 481 41.91 -0.32 -61.82
CA SER A 481 40.87 0.67 -61.55
C SER A 481 41.01 1.92 -62.40
N SER A 482 41.92 1.94 -63.38
CA SER A 482 42.11 3.10 -64.23
C SER A 482 41.26 3.04 -65.50
N LEU A 483 40.46 1.99 -65.68
CA LEU A 483 39.60 1.85 -66.84
C LEU A 483 38.18 2.34 -66.60
N LEU A 484 37.64 2.12 -65.40
CA LEU A 484 36.28 2.52 -65.07
C LEU A 484 36.22 3.82 -64.29
N ASP A 485 37.33 4.55 -64.19
CA ASP A 485 37.37 5.81 -63.47
C ASP A 485 36.85 6.98 -64.31
N VAL A 486 36.54 6.76 -65.59
CA VAL A 486 36.04 7.84 -66.43
C VAL A 486 34.63 8.25 -66.02
N GLU A 487 33.89 7.39 -65.33
CA GLU A 487 32.54 7.73 -64.91
C GLU A 487 32.54 8.90 -63.93
N ALA A 488 33.50 8.91 -62.99
CA ALA A 488 33.59 10.02 -62.05
C ALA A 488 33.87 11.33 -62.75
N THR A 489 34.81 11.31 -63.72
CA THR A 489 35.09 12.52 -64.49
C THR A 489 33.88 12.97 -65.28
N LEU A 490 33.15 12.04 -65.87
CA LEU A 490 31.97 12.39 -66.66
C LEU A 490 30.90 13.02 -65.78
N VAL A 491 30.63 12.44 -64.61
CA VAL A 491 29.60 12.99 -63.73
C VAL A 491 30.06 14.29 -63.08
N ALA A 492 31.37 14.51 -62.95
CA ALA A 492 31.85 15.79 -62.46
C ALA A 492 31.75 16.88 -63.51
N LEU A 493 32.02 16.54 -64.78
CA LEU A 493 31.97 17.53 -65.84
C LEU A 493 30.55 17.75 -66.36
N ARG A 494 29.60 16.87 -66.04
CA ARG A 494 28.22 17.06 -66.48
C ARG A 494 27.55 18.23 -65.78
N GLN A 495 28.11 18.71 -64.67
CA GLN A 495 27.51 19.83 -63.96
C GLN A 495 27.52 21.10 -64.80
N GLN A 496 28.62 21.37 -65.49
CA GLN A 496 28.76 22.56 -66.33
C GLN A 496 28.82 22.15 -67.79
N HIS A 497 27.98 22.78 -68.60
CA HIS A 497 27.90 22.52 -70.04
C HIS A 497 28.15 23.81 -70.81
N LEU A 498 28.09 23.70 -72.13
CA LEU A 498 28.29 24.83 -73.04
C LEU A 498 27.05 25.01 -73.91
N ASP A 499 27.13 25.97 -74.82
CA ASP A 499 26.05 26.28 -75.75
C ASP A 499 26.55 26.20 -77.18
N ARG A 500 25.74 25.62 -78.06
CA ARG A 500 26.10 25.48 -79.46
C ARG A 500 24.83 25.47 -80.30
N GLN A 501 25.00 25.78 -81.58
CA GLN A 501 23.91 25.82 -82.55
C GLN A 501 24.17 24.81 -83.65
N CYS A 502 23.22 24.71 -84.58
CA CYS A 502 23.28 23.79 -85.72
C CYS A 502 23.46 22.35 -85.25
N TYR A 503 22.45 21.87 -84.52
CA TYR A 503 22.49 20.50 -84.00
C TYR A 503 22.41 19.49 -85.14
N PHE A 504 22.99 18.32 -84.90
CA PHE A 504 23.03 17.26 -85.90
C PHE A 504 21.73 16.45 -85.84
N GLY A 505 21.71 15.31 -86.52
CA GLY A 505 20.53 14.46 -86.58
C GLY A 505 20.40 13.51 -85.40
N VAL A 506 20.94 13.92 -84.25
CA VAL A 506 20.97 13.16 -83.00
C VAL A 506 21.06 11.65 -83.25
N TYR A 507 20.20 10.89 -82.58
CA TYR A 507 20.20 9.44 -82.69
C TYR A 507 19.38 9.01 -83.90
N VAL A 508 19.13 7.70 -84.01
CA VAL A 508 18.38 7.17 -85.15
C VAL A 508 16.91 7.57 -85.02
N ALA A 509 16.34 8.08 -86.11
CA ALA A 509 14.95 8.47 -86.14
C ALA A 509 14.09 7.29 -86.60
N GLU A 510 12.82 7.55 -86.90
CA GLU A 510 11.89 6.52 -87.35
C GLU A 510 11.82 6.53 -88.86
N GLY A 511 12.01 5.36 -89.47
CA GLY A 511 11.96 5.26 -90.91
C GLY A 511 10.55 5.35 -91.45
N THR A 512 10.46 5.76 -92.72
CA THR A 512 9.16 5.90 -93.37
C THR A 512 8.59 4.55 -93.81
N GLU A 513 9.41 3.50 -93.87
CA GLU A 513 8.99 2.16 -94.28
C GLU A 513 8.36 2.19 -95.67
N ASP A 514 9.15 2.62 -96.65
CA ASP A 514 8.72 2.73 -98.03
C ASP A 514 9.87 2.29 -98.93
N THR A 515 9.76 2.58 -100.22
CA THR A 515 10.80 2.23 -101.17
C THR A 515 12.07 3.03 -100.90
N LEU A 516 13.21 2.44 -101.24
CA LEU A 516 14.50 3.08 -100.95
C LEU A 516 14.73 4.31 -101.82
N ASP A 517 14.11 4.38 -103.00
CA ASP A 517 14.36 5.49 -103.91
C ASP A 517 13.86 6.81 -103.32
N VAL A 518 12.62 6.84 -102.86
CA VAL A 518 12.06 8.08 -102.32
C VAL A 518 12.77 8.46 -101.02
N GLN A 519 13.12 7.46 -100.20
CA GLN A 519 13.83 7.75 -98.96
C GLN A 519 15.20 8.36 -99.23
N MET A 520 15.94 7.79 -100.19
CA MET A 520 17.26 8.32 -100.49
C MET A 520 17.17 9.69 -101.15
N GLY A 521 16.13 9.92 -101.97
CA GLY A 521 15.94 11.24 -102.55
C GLY A 521 15.64 12.29 -101.50
N ARG A 522 14.76 11.95 -100.55
CA ARG A 522 14.46 12.88 -99.47
C ARG A 522 15.70 13.15 -98.61
N PHE A 523 16.47 12.10 -98.32
CA PHE A 523 17.70 12.29 -97.53
C PHE A 523 18.69 13.19 -98.26
N MET A 524 18.89 12.97 -99.55
CA MET A 524 19.85 13.78 -100.28
C MET A 524 19.38 15.22 -100.42
N GLU A 525 18.07 15.44 -100.62
CA GLU A 525 17.59 16.81 -100.73
C GLU A 525 17.66 17.54 -99.39
N THR A 526 17.38 16.84 -98.28
CA THR A 526 17.51 17.47 -96.97
C THR A 526 18.96 17.78 -96.66
N TRP A 527 19.88 16.87 -97.00
CA TRP A 527 21.30 17.14 -96.79
C TRP A 527 21.78 18.30 -97.65
N ALA A 528 21.22 18.44 -98.87
CA ALA A 528 21.65 19.52 -99.75
C ALA A 528 21.13 20.87 -99.26
N ASP A 529 19.86 20.94 -98.86
CA ASP A 529 19.26 22.23 -98.51
C ASP A 529 19.32 22.54 -97.02
N MET A 530 19.91 21.67 -96.20
CA MET A 530 20.00 21.87 -94.76
C MET A 530 21.40 21.60 -94.25
N MET A 531 22.40 22.16 -94.93
CA MET A 531 23.80 22.01 -94.56
C MET A 531 24.44 23.40 -94.48
N PRO A 532 24.17 24.14 -93.41
CA PRO A 532 24.77 25.48 -93.26
C PRO A 532 26.11 25.49 -92.54
N HIS A 533 26.54 24.37 -91.97
CA HIS A 533 27.80 24.30 -91.25
C HIS A 533 28.55 23.05 -91.66
N HIS A 534 29.88 23.09 -91.46
CA HIS A 534 30.74 21.96 -91.80
C HIS A 534 31.29 21.31 -90.54
N PRO A 535 31.41 19.98 -90.54
CA PRO A 535 31.96 19.31 -89.36
C PRO A 535 33.43 19.66 -89.13
N HIS A 536 33.82 19.67 -87.86
CA HIS A 536 35.18 19.99 -87.46
C HIS A 536 36.00 18.76 -87.10
N TRP A 537 35.44 17.56 -87.27
CA TRP A 537 36.13 16.33 -86.93
C TRP A 537 36.52 15.50 -88.15
N VAL A 538 35.96 15.78 -89.33
CA VAL A 538 36.29 15.00 -90.51
C VAL A 538 37.68 15.33 -91.05
N ASN A 539 38.27 16.44 -90.62
CA ASN A 539 39.59 16.86 -91.08
C ASN A 539 40.63 16.42 -90.05
N GLU A 540 41.37 15.37 -90.38
CA GLU A 540 42.42 14.84 -89.52
C GLU A 540 43.82 15.20 -90.01
N HIS A 541 43.93 16.08 -91.01
CA HIS A 541 45.21 16.48 -91.57
C HIS A 541 45.77 17.73 -90.92
N LEU A 542 45.11 18.26 -89.88
CA LEU A 542 45.55 19.48 -89.21
C LEU A 542 46.52 19.19 -88.06
N THR A 543 47.25 18.08 -88.11
CA THR A 543 48.23 17.78 -87.08
C THR A 543 49.36 18.81 -87.07
N ILE A 544 49.79 19.25 -88.26
CA ILE A 544 50.82 20.28 -88.34
C ILE A 544 50.30 21.59 -87.76
N LEU A 545 49.04 21.93 -88.05
CA LEU A 545 48.46 23.15 -87.50
C LEU A 545 48.39 23.08 -85.97
N GLN A 546 48.02 21.92 -85.43
CA GLN A 546 47.99 21.76 -83.98
C GLN A 546 49.39 21.87 -83.38
N PHE A 547 50.39 21.31 -84.07
CA PHE A 547 51.76 21.37 -83.58
C PHE A 547 52.28 22.81 -83.58
N ILE A 548 51.97 23.58 -84.61
CA ILE A 548 52.49 24.94 -84.72
C ILE A 548 51.66 25.97 -83.96
N ALA A 549 50.41 25.64 -83.60
CA ALA A 549 49.55 26.56 -82.88
C ALA A 549 48.59 25.77 -82.02
N PRO A 550 48.35 26.19 -80.78
CA PRO A 550 47.45 25.43 -79.90
C PRO A 550 46.04 25.35 -80.45
N SER A 551 45.41 24.20 -80.25
CA SER A 551 44.04 23.96 -80.68
C SER A 551 43.26 23.22 -79.59
N ASN A 552 43.46 23.65 -78.34
CA ASN A 552 42.79 22.99 -77.22
C ASN A 552 41.27 23.07 -77.29
N PRO A 553 40.64 24.23 -77.57
CA PRO A 553 39.17 24.24 -77.61
C PRO A 553 38.56 23.30 -78.64
N ARG A 554 39.24 23.10 -79.77
CA ARG A 554 38.70 22.26 -80.84
C ARG A 554 39.06 20.79 -80.69
N LEU A 555 39.94 20.43 -79.75
CA LEU A 555 40.36 19.04 -79.63
C LEU A 555 40.42 18.57 -78.17
N ARG A 556 39.77 19.28 -77.25
CA ARG A 556 39.74 18.89 -75.85
C ARG A 556 38.50 18.09 -75.47
N PHE A 557 37.65 17.76 -76.44
CA PHE A 557 36.42 17.02 -76.13
C PHE A 557 36.72 15.62 -75.63
N GLU A 558 37.62 14.91 -76.32
CA GLU A 558 37.96 13.55 -75.91
C GLU A 558 38.66 13.55 -74.54
N LEU A 559 39.84 14.15 -74.47
CA LEU A 559 40.65 14.27 -73.26
C LEU A 559 41.06 12.93 -72.67
N ASN A 560 40.79 11.83 -73.37
CA ASN A 560 41.12 10.49 -72.88
C ASN A 560 41.19 9.52 -74.05
N PRO A 561 42.31 8.81 -74.23
CA PRO A 561 42.44 7.83 -75.31
C PRO A 561 41.86 6.45 -74.95
N ALA A 562 40.66 6.45 -74.38
CA ALA A 562 39.98 5.23 -73.99
C ALA A 562 38.67 5.03 -74.73
N PHE A 563 37.78 6.02 -74.72
CA PHE A 563 36.48 5.94 -75.36
C PHE A 563 36.26 7.19 -76.21
N ASP A 564 35.12 7.23 -76.89
CA ASP A 564 34.76 8.36 -77.73
C ASP A 564 33.95 9.37 -76.93
N PHE A 565 34.34 10.64 -77.02
CA PHE A 565 33.67 11.73 -76.32
C PHE A 565 33.28 12.80 -77.32
N PHE A 566 32.01 13.21 -77.28
CA PHE A 566 31.52 14.26 -78.15
C PHE A 566 30.31 14.92 -77.49
N VAL A 567 30.16 16.22 -77.74
CA VAL A 567 29.05 16.99 -77.16
C VAL A 567 27.90 16.89 -78.16
N ALA A 568 27.13 15.80 -78.05
CA ALA A 568 25.98 15.58 -78.90
C ALA A 568 25.03 14.58 -78.25
N PRO A 569 24.32 14.99 -77.20
CA PRO A 569 23.38 14.05 -76.56
C PRO A 569 22.19 13.75 -77.47
N GLY A 570 21.64 12.56 -77.28
CA GLY A 570 20.46 12.15 -78.05
C GLY A 570 19.17 12.59 -77.41
N ASP A 571 18.96 12.19 -76.15
CA ASP A 571 17.76 12.55 -75.39
C ASP A 571 16.47 12.15 -76.11
N VAL A 572 16.51 11.03 -76.83
CA VAL A 572 15.36 10.54 -77.58
C VAL A 572 15.25 9.03 -77.36
N ASP A 573 14.05 8.51 -77.62
CA ASP A 573 13.79 7.09 -77.50
C ASP A 573 14.24 6.36 -78.76
N LEU A 574 14.08 5.04 -78.76
CA LEU A 574 14.46 4.20 -79.91
C LEU A 574 13.23 3.54 -80.50
N PRO A 575 12.80 3.93 -81.71
CA PRO A 575 13.35 4.98 -82.56
C PRO A 575 12.88 6.37 -82.15
N GLY A 576 13.66 7.40 -82.44
CA GLY A 576 13.29 8.75 -82.08
C GLY A 576 12.44 9.42 -83.14
N PRO A 577 12.02 10.66 -82.88
CA PRO A 577 11.22 11.39 -83.87
C PRO A 577 12.04 11.75 -85.09
N GLN A 578 11.35 11.91 -86.22
CA GLN A 578 12.03 12.27 -87.46
C GLN A 578 12.68 13.65 -87.36
N ARG A 579 11.99 14.61 -86.76
CA ARG A 579 12.55 15.94 -86.59
C ARG A 579 13.52 15.95 -85.42
N PRO A 580 14.78 16.36 -85.61
CA PRO A 580 15.74 16.37 -84.51
C PRO A 580 15.40 17.46 -83.51
N PRO A 581 15.16 17.09 -82.25
CA PRO A 581 14.86 18.12 -81.23
C PRO A 581 16.08 18.96 -80.91
N GLU A 582 15.83 20.19 -80.48
CA GLU A 582 16.89 21.12 -80.11
C GLU A 582 17.23 20.92 -78.63
N ALA A 583 17.81 19.76 -78.34
CA ALA A 583 18.18 19.42 -76.98
C ALA A 583 19.41 20.22 -76.54
N MET A 584 19.53 20.39 -75.22
CA MET A 584 20.67 21.11 -74.67
C MET A 584 21.94 20.26 -74.83
N PRO A 585 23.02 20.81 -75.38
CA PRO A 585 24.24 20.02 -75.57
C PRO A 585 24.88 19.68 -74.22
N THR A 586 25.07 18.38 -73.98
CA THR A 586 25.67 17.89 -72.74
C THR A 586 26.76 16.89 -73.09
N VAL A 587 27.85 16.93 -72.32
CA VAL A 587 28.97 16.01 -72.54
C VAL A 587 28.56 14.60 -72.17
N ASN A 588 28.91 13.64 -73.02
CA ASN A 588 28.60 12.24 -72.79
C ASN A 588 29.75 11.40 -73.32
N ALA A 589 29.57 10.08 -73.30
CA ALA A 589 30.60 9.16 -73.77
C ALA A 589 29.93 7.95 -74.42
N THR A 590 30.65 7.33 -75.35
CA THR A 590 30.19 6.14 -76.03
C THR A 590 31.29 5.09 -76.06
N LEU A 591 30.89 3.82 -76.05
CA LEU A 591 31.85 2.74 -76.09
C LEU A 591 32.52 2.66 -77.46
N ARG A 592 33.74 2.13 -77.48
CA ARG A 592 34.54 2.03 -78.69
C ARG A 592 34.94 0.57 -78.87
N ILE A 593 34.11 -0.18 -79.60
CA ILE A 593 34.42 -1.58 -79.88
C ILE A 593 35.66 -1.69 -80.75
N ILE A 594 35.75 -0.87 -81.79
CA ILE A 594 36.89 -0.87 -82.70
C ILE A 594 37.76 0.35 -82.38
N ASN A 595 39.05 0.11 -82.18
CA ASN A 595 39.99 1.17 -81.82
C ASN A 595 40.51 1.87 -83.09
N GLY A 596 39.57 2.51 -83.79
CA GLY A 596 39.92 3.25 -84.99
C GLY A 596 39.90 4.74 -84.78
N ASN A 597 39.46 5.18 -83.60
CA ASN A 597 39.38 6.59 -83.26
C ASN A 597 40.63 7.10 -82.55
N ILE A 598 41.64 6.25 -82.37
CA ILE A 598 42.88 6.65 -81.72
C ILE A 598 43.61 7.66 -82.61
N PRO A 599 44.40 8.58 -82.04
CA PRO A 599 45.08 9.57 -82.88
C PRO A 599 46.17 8.95 -83.75
N VAL A 600 45.91 8.89 -85.05
CA VAL A 600 46.83 8.29 -86.02
C VAL A 600 47.99 9.23 -86.37
N PRO A 601 47.80 10.53 -86.63
CA PRO A 601 48.91 11.33 -87.18
C PRO A 601 50.01 11.65 -86.17
N LEU A 602 49.90 11.19 -84.92
CA LEU A 602 50.97 11.43 -83.96
C LEU A 602 52.27 10.76 -84.40
N CYS A 603 52.18 9.51 -84.88
CA CYS A 603 53.33 8.80 -85.41
C CYS A 603 52.86 7.66 -86.32
N PRO A 604 52.20 7.98 -87.44
CA PRO A 604 51.66 6.89 -88.30
C PRO A 604 52.73 6.18 -89.10
N ILE A 605 53.67 6.95 -89.67
CA ILE A 605 54.65 6.37 -90.58
C ILE A 605 55.57 5.40 -89.84
N SER A 606 56.10 5.82 -88.69
CA SER A 606 57.01 4.96 -87.94
C SER A 606 56.30 3.71 -87.44
N PHE A 607 55.08 3.87 -86.92
CA PHE A 607 54.34 2.71 -86.44
C PHE A 607 54.03 1.73 -87.55
N ARG A 608 53.60 2.25 -88.72
CA ARG A 608 53.33 1.38 -89.86
C ARG A 608 54.59 0.66 -90.32
N ASP A 609 55.72 1.37 -90.37
CA ASP A 609 56.96 0.75 -90.82
C ASP A 609 57.41 -0.34 -89.85
N CYS A 610 57.34 -0.07 -88.54
CA CYS A 610 57.77 -1.08 -87.57
C CYS A 610 56.83 -2.28 -87.58
N ARG A 611 55.52 -2.06 -87.73
CA ARG A 611 54.60 -3.17 -87.83
C ARG A 611 54.88 -4.01 -89.07
N GLY A 612 55.12 -3.35 -90.21
CA GLY A 612 55.43 -4.09 -91.43
C GLY A 612 56.72 -4.89 -91.30
N THR A 613 57.75 -4.31 -90.71
CA THR A 613 59.01 -5.02 -90.55
C THR A 613 58.87 -6.19 -89.58
N GLN A 614 58.09 -6.02 -88.51
CA GLN A 614 57.94 -7.08 -87.53
C GLN A 614 56.94 -8.15 -87.95
N LEU A 615 56.09 -7.88 -88.93
CA LEU A 615 55.11 -8.87 -89.38
C LEU A 615 55.43 -9.52 -90.71
N GLY A 616 56.24 -8.88 -91.56
CA GLY A 616 56.55 -9.47 -92.84
C GLY A 616 57.37 -10.76 -92.72
N LEU A 617 58.38 -10.74 -91.85
CA LEU A 617 59.28 -11.89 -91.63
C LEU A 617 59.93 -12.24 -92.96
N GLY A 618 60.09 -13.53 -93.27
CA GLY A 618 60.68 -13.93 -94.53
C GLY A 618 60.03 -15.18 -95.11
N ARG A 619 58.87 -15.56 -94.56
CA ARG A 619 58.17 -16.74 -95.04
C ARG A 619 57.70 -16.58 -96.48
N HIS A 620 57.17 -15.41 -96.82
CA HIS A 620 56.68 -15.15 -98.16
C HIS A 620 56.69 -13.65 -98.43
N THR A 621 56.61 -13.30 -99.71
CA THR A 621 56.62 -11.91 -100.13
C THR A 621 55.89 -11.79 -101.45
N MET A 622 55.57 -10.55 -101.82
CA MET A 622 54.88 -10.29 -103.08
C MET A 622 55.77 -10.67 -104.26
N THR A 623 55.14 -11.15 -105.33
CA THR A 623 55.87 -11.60 -106.51
C THR A 623 55.65 -10.65 -107.68
N PRO A 624 56.63 -10.50 -108.57
CA PRO A 624 56.44 -9.64 -109.74
C PRO A 624 55.29 -10.09 -110.63
N ALA A 625 55.06 -11.40 -110.74
CA ALA A 625 53.93 -11.88 -111.54
C ALA A 625 52.60 -11.41 -110.96
N THR A 626 52.44 -11.52 -109.63
CA THR A 626 51.22 -11.04 -108.99
C THR A 626 51.10 -9.53 -109.11
N ILE A 627 52.22 -8.81 -109.00
CA ILE A 627 52.19 -7.35 -109.14
C ILE A 627 51.70 -6.97 -110.53
N LYS A 628 52.24 -7.61 -111.56
CA LYS A 628 51.82 -7.33 -112.93
C LYS A 628 50.36 -7.71 -113.14
N ALA A 629 49.93 -8.84 -112.56
CA ALA A 629 48.54 -9.26 -112.71
C ALA A 629 47.58 -8.26 -112.09
N VAL A 630 47.89 -7.78 -110.88
CA VAL A 630 47.01 -6.80 -110.26
C VAL A 630 47.06 -5.47 -111.01
N LYS A 631 48.24 -5.09 -111.51
CA LYS A 631 48.36 -3.83 -112.23
C LYS A 631 47.54 -3.85 -113.53
N ASP A 632 47.57 -4.96 -114.26
CA ASP A 632 46.83 -5.05 -115.51
C ASP A 632 45.39 -5.53 -115.32
N THR A 633 45.00 -5.90 -114.11
CA THR A 633 43.61 -6.19 -113.81
C THR A 633 42.87 -5.03 -113.16
N PHE A 634 43.60 -4.03 -112.62
CA PHE A 634 42.93 -2.83 -112.12
C PHE A 634 42.17 -2.11 -113.22
N GLU A 635 42.63 -2.20 -114.46
CA GLU A 635 41.98 -1.54 -115.60
C GLU A 635 41.76 -2.58 -116.69
N ASP A 636 40.56 -3.11 -116.77
CA ASP A 636 40.21 -4.13 -117.77
C ASP A 636 38.98 -3.76 -118.59
N ARG A 637 37.99 -3.10 -117.97
CA ARG A 637 36.75 -2.71 -118.65
C ARG A 637 36.05 -3.91 -119.28
N ALA A 638 36.08 -5.04 -118.57
CA ALA A 638 35.45 -6.27 -119.04
C ALA A 638 34.70 -6.95 -117.90
N TYR A 639 33.97 -6.17 -117.12
CA TYR A 639 33.22 -6.69 -115.98
C TYR A 639 31.73 -6.54 -116.24
N PRO A 640 31.03 -7.60 -116.64
CA PRO A 640 29.60 -7.46 -116.95
C PRO A 640 28.74 -7.50 -115.70
N THR A 641 27.79 -6.58 -115.61
CA THR A 641 26.86 -6.57 -114.49
C THR A 641 25.99 -7.82 -114.47
N ILE A 642 25.56 -8.27 -115.65
CA ILE A 642 24.78 -9.50 -115.74
C ILE A 642 25.59 -10.69 -115.26
N PHE A 643 26.87 -10.74 -115.65
CA PHE A 643 27.73 -11.83 -115.19
C PHE A 643 27.93 -11.78 -113.68
N TYR A 644 28.09 -10.57 -113.12
CA TYR A 644 28.21 -10.45 -111.67
C TYR A 644 26.95 -10.91 -110.96
N MET A 645 25.78 -10.55 -111.48
CA MET A 645 24.52 -10.98 -110.88
C MET A 645 24.37 -12.50 -110.97
N LEU A 646 24.74 -13.09 -112.11
CA LEU A 646 24.66 -14.54 -112.25
C LEU A 646 25.60 -15.23 -111.28
N GLU A 647 26.81 -14.70 -111.10
CA GLU A 647 27.74 -15.27 -110.14
C GLU A 647 27.20 -15.16 -108.73
N ALA A 648 26.61 -14.01 -108.38
CA ALA A 648 26.07 -13.82 -107.04
C ALA A 648 24.87 -14.73 -106.78
N VAL A 649 24.12 -15.07 -107.82
CA VAL A 649 22.94 -15.91 -107.63
C VAL A 649 23.23 -17.40 -107.76
N ILE A 650 24.35 -17.79 -108.39
CA ILE A 650 24.75 -19.18 -108.44
C ILE A 650 26.11 -19.35 -107.75
N HIS A 651 26.35 -18.56 -106.71
CA HIS A 651 27.62 -18.66 -105.98
C HIS A 651 27.85 -20.08 -105.47
N GLY A 652 26.85 -20.70 -104.87
CA GLY A 652 26.98 -22.06 -104.44
C GLY A 652 25.93 -22.99 -105.02
N ASN A 653 26.36 -23.88 -105.93
CA ASN A 653 25.45 -24.87 -106.51
C ASN A 653 26.32 -26.01 -107.04
N GLU A 654 26.37 -27.12 -106.28
CA GLU A 654 27.18 -28.26 -106.71
C GLU A 654 26.64 -28.88 -108.00
N ARG A 655 25.32 -29.04 -108.10
CA ARG A 655 24.75 -29.63 -109.30
C ARG A 655 24.98 -28.76 -110.52
N ASN A 656 24.82 -27.43 -110.38
CA ASN A 656 25.07 -26.53 -111.49
C ASN A 656 26.54 -26.51 -111.87
N PHE A 657 27.44 -26.55 -110.88
CA PHE A 657 28.86 -26.56 -111.18
C PHE A 657 29.28 -27.85 -111.87
N CYS A 658 28.64 -28.98 -111.54
CA CYS A 658 28.98 -30.24 -112.19
C CYS A 658 28.75 -30.17 -113.69
N ALA A 659 27.80 -29.35 -114.15
CA ALA A 659 27.57 -29.16 -115.57
C ALA A 659 28.37 -27.99 -116.14
N LEU A 660 28.60 -26.94 -115.35
CA LEU A 660 29.34 -25.78 -115.81
C LEU A 660 30.84 -26.03 -115.89
N LEU A 661 31.34 -27.12 -115.28
CA LEU A 661 32.77 -27.38 -115.30
C LEU A 661 33.28 -27.60 -116.72
N ARG A 662 32.52 -28.32 -117.55
CA ARG A 662 32.96 -28.60 -118.91
C ARG A 662 33.10 -27.31 -119.72
N LEU A 663 32.09 -26.43 -119.66
CA LEU A 663 32.17 -25.19 -120.41
C LEU A 663 33.24 -24.27 -119.85
N LEU A 664 33.43 -24.26 -118.52
CA LEU A 664 34.47 -23.44 -117.94
C LEU A 664 35.86 -23.90 -118.40
N THR A 665 36.10 -25.21 -118.42
CA THR A 665 37.39 -25.72 -118.87
C THR A 665 37.57 -25.54 -120.36
N GLN A 666 36.49 -25.54 -121.13
CA GLN A 666 36.60 -25.27 -122.56
C GLN A 666 36.83 -23.80 -122.86
N CYS A 667 36.36 -22.91 -121.98
CA CYS A 667 36.40 -21.47 -122.25
C CYS A 667 37.55 -20.74 -121.56
N ILE A 668 38.22 -21.36 -120.58
CA ILE A 668 39.29 -20.66 -119.87
C ILE A 668 40.41 -20.30 -120.84
N ARG A 669 40.81 -21.24 -121.69
CA ARG A 669 41.90 -20.98 -122.63
C ARG A 669 41.52 -19.89 -123.63
N GLY A 670 40.29 -19.95 -124.15
CA GLY A 670 39.85 -18.92 -125.08
C GLY A 670 39.80 -17.55 -124.44
N TYR A 671 39.29 -17.46 -123.21
CA TYR A 671 39.24 -16.19 -122.51
C TYR A 671 40.65 -15.66 -122.24
N TRP A 672 41.57 -16.54 -121.84
CA TRP A 672 42.94 -16.10 -121.57
C TRP A 672 43.61 -15.59 -122.84
N GLU A 673 43.45 -16.30 -123.95
CA GLU A 673 44.05 -15.85 -125.21
C GLU A 673 43.43 -14.55 -125.70
N GLN A 674 42.12 -14.38 -125.55
CA GLN A 674 41.49 -13.14 -126.01
C GLN A 674 41.86 -11.97 -125.11
N SER A 675 42.01 -12.22 -123.80
CA SER A 675 42.45 -11.18 -122.87
C SER A 675 43.02 -11.89 -121.65
N HIS A 676 44.36 -11.91 -121.55
CA HIS A 676 45.02 -12.55 -120.40
C HIS A 676 44.56 -11.94 -119.08
N ARG A 677 44.10 -10.69 -119.09
CA ARG A 677 43.55 -10.09 -117.89
C ARG A 677 42.31 -10.85 -117.44
N VAL A 678 42.24 -11.15 -116.14
CA VAL A 678 41.15 -11.93 -115.57
C VAL A 678 40.15 -10.98 -114.92
N ALA A 679 38.87 -11.16 -115.22
CA ALA A 679 37.82 -10.32 -114.67
C ALA A 679 36.73 -11.09 -113.93
N PHE A 680 36.68 -12.41 -114.05
CA PHE A 680 35.65 -13.21 -113.37
C PHE A 680 36.12 -13.57 -111.97
N VAL A 681 36.23 -12.53 -111.13
CA VAL A 681 36.63 -12.67 -109.73
C VAL A 681 35.66 -11.84 -108.91
N ASN A 682 34.66 -12.49 -108.33
CA ASN A 682 33.65 -11.82 -107.52
C ASN A 682 33.67 -12.24 -106.06
N ASN A 683 33.61 -13.55 -105.79
CA ASN A 683 33.60 -14.06 -104.43
C ASN A 683 34.58 -15.23 -104.32
N PHE A 684 34.80 -15.66 -103.08
CA PHE A 684 35.71 -16.77 -102.81
C PHE A 684 35.04 -18.13 -102.93
N HIS A 685 33.73 -18.17 -103.18
CA HIS A 685 33.04 -19.45 -103.34
C HIS A 685 33.55 -20.21 -104.55
N MET A 686 33.81 -19.49 -105.66
CA MET A 686 34.29 -20.15 -106.86
C MET A 686 35.76 -20.57 -106.72
N LEU A 687 36.52 -19.89 -105.86
CA LEU A 687 37.95 -20.19 -105.73
C LEU A 687 38.16 -21.59 -105.18
N MET A 688 37.42 -21.95 -104.12
CA MET A 688 37.58 -23.28 -103.53
C MET A 688 37.17 -24.38 -104.51
N TYR A 689 36.06 -24.16 -105.23
CA TYR A 689 35.62 -25.14 -106.21
C TYR A 689 36.65 -25.30 -107.33
N ILE A 690 37.21 -24.19 -107.80
CA ILE A 690 38.21 -24.26 -108.86
C ILE A 690 39.45 -25.01 -108.37
N THR A 691 39.91 -24.70 -107.16
CA THR A 691 41.11 -25.36 -106.64
C THR A 691 40.87 -26.85 -106.41
N THR A 692 39.67 -27.23 -105.97
CA THR A 692 39.38 -28.63 -105.68
C THR A 692 38.97 -29.41 -106.91
N TYR A 693 38.66 -28.76 -108.03
CA TYR A 693 38.26 -29.45 -109.24
C TYR A 693 39.34 -29.46 -110.31
N LEU A 694 39.88 -28.29 -110.67
CA LEU A 694 40.87 -28.20 -111.74
C LEU A 694 42.21 -28.73 -111.22
N GLY A 695 42.59 -29.93 -111.67
CA GLY A 695 43.84 -30.53 -111.27
C GLY A 695 44.65 -31.02 -112.44
N ASN A 696 44.09 -30.93 -113.65
CA ASN A 696 44.75 -31.39 -114.86
C ASN A 696 44.29 -30.52 -116.02
N GLY A 697 44.56 -30.96 -117.23
CA GLY A 697 44.18 -30.23 -118.42
C GLY A 697 45.21 -29.20 -118.82
N GLU A 698 44.76 -28.27 -119.68
CA GLU A 698 45.59 -27.21 -120.19
C GLU A 698 45.38 -25.95 -119.36
N LEU A 699 46.49 -25.31 -118.97
CA LEU A 699 46.45 -24.10 -118.16
C LEU A 699 47.71 -23.30 -118.43
N PRO A 700 47.62 -21.97 -118.38
CA PRO A 700 48.82 -21.13 -118.61
C PRO A 700 49.72 -21.01 -117.40
N GLU A 701 49.36 -21.62 -116.27
CA GLU A 701 50.15 -21.56 -115.03
C GLU A 701 50.36 -20.12 -114.59
N VAL A 702 49.33 -19.29 -114.75
CA VAL A 702 49.38 -17.90 -114.33
C VAL A 702 48.25 -17.64 -113.33
N CYS A 703 47.01 -17.83 -113.78
CA CYS A 703 45.87 -17.65 -112.89
C CYS A 703 45.92 -18.63 -111.72
N ILE A 704 46.29 -19.87 -111.99
CA ILE A 704 46.43 -20.87 -110.92
C ILE A 704 47.54 -20.46 -109.97
N ASN A 705 48.63 -19.90 -110.50
CA ASN A 705 49.73 -19.45 -109.65
C ASN A 705 49.28 -18.32 -108.73
N ILE A 706 48.54 -17.34 -109.27
CA ILE A 706 48.05 -16.24 -108.44
C ILE A 706 47.05 -16.75 -107.40
N TYR A 707 46.20 -17.71 -107.79
CA TYR A 707 45.25 -18.27 -106.84
C TYR A 707 45.97 -18.99 -105.70
N ARG A 708 47.00 -19.77 -106.02
CA ARG A 708 47.76 -20.46 -104.99
C ARG A 708 48.49 -19.47 -104.10
N ASP A 709 49.04 -18.41 -104.68
CA ASP A 709 49.73 -17.39 -103.88
C ASP A 709 48.77 -16.71 -102.91
N LEU A 710 47.58 -16.35 -103.37
CA LEU A 710 46.62 -15.70 -102.49
C LEU A 710 46.12 -16.66 -101.42
N LEU A 711 45.93 -17.94 -101.77
CA LEU A 711 45.54 -18.93 -100.77
C LEU A 711 46.62 -19.09 -99.70
N GLN A 712 47.89 -19.14 -100.13
CA GLN A 712 48.98 -19.24 -99.16
C GLN A 712 49.05 -18.01 -98.27
N HIS A 713 48.85 -16.82 -98.86
CA HIS A 713 48.85 -15.60 -98.06
C HIS A 713 47.72 -15.61 -97.03
N VAL A 714 46.53 -16.04 -97.45
CA VAL A 714 45.40 -16.11 -96.53
C VAL A 714 45.68 -17.11 -95.40
N ARG A 715 46.25 -18.27 -95.76
CA ARG A 715 46.57 -19.27 -94.74
C ARG A 715 47.62 -18.74 -93.75
N ALA A 716 48.64 -18.03 -94.26
CA ALA A 716 49.64 -17.46 -93.39
C ALA A 716 49.05 -16.40 -92.46
N LEU A 717 48.16 -15.56 -93.00
CA LEU A 717 47.51 -14.56 -92.16
C LEU A 717 46.66 -15.21 -91.08
N ARG A 718 45.93 -16.27 -91.44
CA ARG A 718 45.12 -16.97 -90.44
C ARG A 718 46.00 -17.60 -89.37
N GLN A 719 47.10 -18.24 -89.78
CA GLN A 719 47.97 -18.90 -88.81
C GLN A 719 48.64 -17.89 -87.89
N THR A 720 49.02 -16.72 -88.42
CA THR A 720 49.60 -15.68 -87.57
C THR A 720 48.57 -15.13 -86.59
N ILE A 721 47.35 -14.85 -87.08
CA ILE A 721 46.31 -14.33 -86.21
C ILE A 721 45.89 -15.35 -85.16
N THR A 722 46.08 -16.65 -85.42
CA THR A 722 45.73 -17.65 -84.43
C THR A 722 46.84 -17.92 -83.43
N ASP A 723 48.10 -17.94 -83.87
CA ASP A 723 49.20 -18.24 -82.95
C ASP A 723 49.77 -17.00 -82.26
N PHE A 724 49.33 -15.80 -82.64
CA PHE A 724 49.77 -14.59 -81.96
C PHE A 724 49.05 -14.37 -80.63
N THR A 725 48.03 -15.17 -80.32
CA THR A 725 47.28 -15.06 -79.08
C THR A 725 47.12 -16.43 -78.46
N ILE A 726 46.92 -16.44 -77.14
CA ILE A 726 46.76 -17.67 -76.38
C ILE A 726 45.32 -17.78 -75.90
N GLN A 727 44.92 -19.00 -75.57
CA GLN A 727 43.57 -19.29 -75.13
C GLN A 727 43.61 -20.03 -73.80
N GLY A 728 42.56 -19.86 -73.00
CA GLY A 728 42.46 -20.53 -71.72
C GLY A 728 42.21 -19.57 -70.57
N GLU A 729 41.78 -18.35 -70.88
CA GLU A 729 41.48 -17.34 -69.88
C GLU A 729 40.06 -16.83 -70.08
N GLY A 730 39.34 -16.66 -68.97
CA GLY A 730 37.98 -16.17 -69.02
C GLY A 730 36.97 -17.14 -68.45
N HIS A 731 35.96 -16.63 -67.75
CA HIS A 731 34.93 -17.46 -67.16
C HIS A 731 33.52 -16.93 -67.35
N ASN A 732 33.35 -15.77 -68.00
CA ASN A 732 32.04 -15.17 -68.18
C ASN A 732 31.32 -15.65 -69.44
N GLY A 733 31.97 -16.50 -70.25
CA GLY A 733 31.36 -17.00 -71.47
C GLY A 733 32.37 -17.46 -72.49
N GLU A 734 32.23 -16.99 -73.72
CA GLU A 734 33.18 -17.35 -74.77
C GLU A 734 34.57 -16.81 -74.44
N THR A 735 35.58 -17.64 -74.61
CA THR A 735 36.95 -17.29 -74.25
C THR A 735 37.89 -17.26 -75.44
N SER A 736 37.91 -18.33 -76.25
CA SER A 736 38.87 -18.40 -77.36
C SER A 736 38.63 -17.29 -78.38
N GLU A 737 37.40 -17.19 -78.87
CA GLU A 737 37.09 -16.18 -79.89
C GLU A 737 37.23 -14.76 -79.33
N ALA A 738 36.80 -14.56 -78.08
CA ALA A 738 36.90 -13.23 -77.47
C ALA A 738 38.36 -12.81 -77.32
N LEU A 739 39.22 -13.73 -76.89
CA LEU A 739 40.64 -13.39 -76.74
C LEU A 739 41.34 -13.29 -78.09
N ASN A 740 40.84 -13.97 -79.11
CA ASN A 740 41.49 -13.94 -80.41
C ASN A 740 41.11 -12.70 -81.22
N ASN A 741 39.84 -12.58 -81.59
CA ASN A 741 39.47 -11.50 -82.48
C ASN A 741 38.28 -10.67 -82.00
N ILE A 742 37.29 -11.30 -81.36
CA ILE A 742 36.01 -10.70 -80.97
C ILE A 742 35.15 -10.45 -82.21
N LEU A 743 35.73 -9.83 -83.24
CA LEU A 743 34.99 -9.55 -84.46
C LEU A 743 34.62 -10.81 -85.22
N THR A 744 35.33 -11.93 -84.99
CA THR A 744 35.05 -13.17 -85.70
C THR A 744 33.70 -13.77 -85.32
N ASP A 745 33.06 -13.28 -84.26
CA ASP A 745 31.77 -13.81 -83.86
C ASP A 745 30.70 -13.43 -84.89
N ASP A 746 29.62 -14.23 -84.92
CA ASP A 746 28.55 -14.03 -85.88
C ASP A 746 27.71 -12.79 -85.58
N THR A 747 27.90 -12.16 -84.41
CA THR A 747 27.11 -10.97 -84.09
C THR A 747 27.40 -9.82 -85.04
N PHE A 748 28.59 -9.81 -85.65
CA PHE A 748 28.93 -8.77 -86.61
C PHE A 748 28.10 -8.92 -87.88
N ILE A 749 27.78 -7.78 -88.49
CA ILE A 749 26.96 -7.76 -89.69
C ILE A 749 27.88 -7.75 -90.91
N ALA A 750 27.63 -8.67 -91.84
CA ALA A 750 28.43 -8.74 -93.05
C ALA A 750 28.18 -7.51 -93.93
N PRO A 751 29.21 -7.04 -94.64
CA PRO A 751 29.02 -5.88 -95.52
C PRO A 751 27.97 -6.10 -96.60
N ILE A 752 27.85 -7.31 -97.12
CA ILE A 752 26.87 -7.64 -98.15
C ILE A 752 26.04 -8.83 -97.66
N LEU A 753 24.72 -8.67 -97.64
CA LEU A 753 23.80 -9.73 -97.22
C LEU A 753 23.52 -10.61 -98.41
N TRP A 754 24.39 -11.61 -98.63
CA TRP A 754 24.20 -12.52 -99.75
C TRP A 754 22.94 -13.35 -99.59
N ASP A 755 22.68 -13.85 -98.39
CA ASP A 755 21.51 -14.67 -98.12
C ASP A 755 21.19 -14.59 -96.63
N CYS A 756 20.32 -15.47 -96.17
CA CYS A 756 19.91 -15.52 -94.76
C CYS A 756 20.84 -16.38 -93.91
N ASP A 757 21.89 -16.95 -94.50
CA ASP A 757 22.82 -17.78 -93.74
C ASP A 757 23.51 -16.98 -92.64
N ALA A 758 23.91 -15.75 -92.95
CA ALA A 758 24.54 -14.91 -91.94
C ALA A 758 23.60 -14.59 -90.80
N LEU A 759 22.32 -14.30 -91.11
CA LEU A 759 21.33 -14.05 -90.08
C LEU A 759 21.10 -15.27 -89.22
N ILE A 760 21.03 -16.45 -89.84
CA ILE A 760 20.84 -17.69 -89.09
C ILE A 760 22.03 -17.94 -88.16
N TYR A 761 23.25 -17.73 -88.66
CA TYR A 761 24.43 -17.90 -87.83
C TYR A 761 24.44 -16.91 -86.67
N ARG A 762 24.07 -15.66 -86.92
CA ARG A 762 24.01 -14.68 -85.85
C ARG A 762 22.98 -15.07 -84.80
N ASP A 763 21.82 -15.55 -85.24
CA ASP A 763 20.79 -15.97 -84.29
C ASP A 763 21.24 -17.16 -83.46
N GLU A 764 21.91 -18.12 -84.11
CA GLU A 764 22.36 -19.32 -83.39
C GLU A 764 23.57 -19.06 -82.52
N ALA A 765 24.32 -17.99 -82.77
CA ALA A 765 25.49 -17.67 -81.95
C ALA A 765 25.13 -16.74 -80.79
N ALA A 766 24.56 -15.58 -81.09
CA ALA A 766 24.22 -14.63 -80.04
C ALA A 766 23.03 -15.14 -79.22
N ARG A 767 21.89 -15.35 -79.86
CA ARG A 767 20.67 -15.83 -79.22
C ARG A 767 20.26 -14.93 -78.06
N ASP A 768 20.46 -15.42 -76.83
CA ASP A 768 20.10 -14.62 -75.66
C ASP A 768 20.97 -13.36 -75.55
N ARG A 769 22.26 -13.48 -75.87
CA ARG A 769 23.14 -12.33 -75.79
C ARG A 769 22.78 -11.30 -76.84
N LEU A 770 22.76 -10.03 -76.44
CA LEU A 770 22.42 -8.89 -77.29
C LEU A 770 21.09 -9.12 -77.99
N PRO A 771 19.96 -9.12 -77.27
CA PRO A 771 18.66 -9.36 -77.90
C PRO A 771 18.14 -8.11 -78.58
N ALA A 772 18.18 -8.11 -79.91
CA ALA A 772 17.69 -6.98 -80.69
C ALA A 772 17.41 -7.47 -82.11
N ILE A 773 16.14 -7.45 -82.51
CA ILE A 773 15.73 -7.85 -83.85
C ILE A 773 14.72 -6.84 -84.37
N ARG A 774 14.93 -6.38 -85.61
CA ARG A 774 14.04 -5.41 -86.24
C ARG A 774 13.96 -5.75 -87.73
N VAL A 775 12.81 -6.25 -88.16
CA VAL A 775 12.59 -6.60 -89.56
C VAL A 775 11.81 -5.46 -90.19
N SER A 776 12.54 -4.49 -90.74
CA SER A 776 11.96 -3.30 -91.40
C SER A 776 10.94 -2.61 -90.50
N GLY A 777 11.27 -2.48 -89.23
CA GLY A 777 10.41 -1.86 -88.23
C GLY A 777 9.50 -2.83 -87.51
N ARG A 778 8.90 -3.77 -88.24
CA ARG A 778 8.01 -4.76 -87.65
C ARG A 778 8.83 -5.94 -87.14
N ASN A 779 8.14 -7.01 -86.75
CA ASN A 779 8.79 -8.21 -86.24
C ASN A 779 7.99 -9.43 -86.67
N GLY A 780 8.41 -10.59 -86.19
CA GLY A 780 7.74 -11.84 -86.52
C GLY A 780 8.05 -12.34 -87.91
N TYR A 781 9.33 -12.44 -88.24
CA TYR A 781 9.75 -12.92 -89.55
C TYR A 781 9.79 -14.44 -89.58
N GLN A 782 9.35 -15.01 -90.71
CA GLN A 782 9.32 -16.45 -90.89
C GLN A 782 10.09 -16.81 -92.16
N ALA A 783 10.95 -17.82 -92.06
CA ALA A 783 11.75 -18.27 -93.19
C ALA A 783 10.86 -19.06 -94.14
N LEU A 784 10.41 -18.41 -95.20
CA LEU A 784 9.52 -19.04 -96.16
C LEU A 784 10.32 -19.95 -97.09
N HIS A 785 9.58 -20.82 -97.80
CA HIS A 785 10.18 -21.75 -98.73
C HIS A 785 10.30 -21.08 -100.11
N PHE A 786 10.60 -21.88 -101.13
CA PHE A 786 10.74 -21.34 -102.48
C PHE A 786 9.40 -20.84 -103.00
N VAL A 787 9.46 -19.80 -103.83
CA VAL A 787 8.28 -19.16 -104.39
C VAL A 787 8.19 -19.51 -105.87
N ASP A 788 6.97 -19.84 -106.32
CA ASP A 788 6.73 -20.21 -107.71
C ASP A 788 6.66 -18.95 -108.57
N MET A 789 6.20 -19.12 -109.81
CA MET A 789 6.12 -18.01 -110.76
C MET A 789 5.00 -17.02 -110.44
N ALA A 790 4.15 -17.33 -109.46
CA ALA A 790 3.04 -16.44 -109.11
C ALA A 790 3.46 -15.30 -108.19
N GLY A 791 4.72 -15.26 -107.77
CA GLY A 791 5.19 -14.20 -106.89
C GLY A 791 5.99 -13.14 -107.63
N HIS A 792 5.52 -12.77 -108.82
CA HIS A 792 6.19 -11.79 -109.65
C HIS A 792 5.78 -10.35 -109.34
N ASN A 793 4.91 -10.14 -108.36
CA ASN A 793 4.48 -8.80 -108.00
C ASN A 793 5.63 -8.00 -107.42
N PHE A 794 5.62 -6.69 -107.69
CA PHE A 794 6.65 -5.77 -107.22
C PHE A 794 6.03 -4.59 -106.52
N GLN A 795 5.04 -4.84 -105.66
CA GLN A 795 4.36 -3.79 -104.91
C GLN A 795 4.53 -3.93 -103.41
N ARG A 796 4.43 -5.13 -102.87
CA ARG A 796 4.60 -5.35 -101.44
C ARG A 796 6.07 -5.40 -101.07
N ARG A 797 6.35 -5.30 -99.78
CA ARG A 797 7.71 -5.33 -99.25
C ARG A 797 7.73 -6.21 -98.02
N ASP A 798 8.86 -6.21 -97.31
CA ASP A 798 9.06 -6.99 -96.10
C ASP A 798 8.82 -8.48 -96.36
N ASN A 799 9.63 -9.03 -97.26
CA ASN A 799 9.55 -10.43 -97.65
C ASN A 799 10.91 -11.08 -97.44
N VAL A 800 10.92 -12.23 -96.78
CA VAL A 800 12.13 -13.00 -96.52
C VAL A 800 11.91 -14.43 -97.00
N LEU A 801 12.87 -14.96 -97.75
CA LEU A 801 12.76 -16.32 -98.27
C LEU A 801 14.15 -16.92 -98.42
N ILE A 802 14.20 -18.24 -98.49
CA ILE A 802 15.45 -18.98 -98.65
C ILE A 802 15.55 -19.68 -99.98
N HIS A 803 14.46 -19.78 -100.74
CA HIS A 803 14.44 -20.44 -102.05
C HIS A 803 14.91 -21.89 -101.96
N GLY A 804 14.50 -22.57 -100.88
CA GLY A 804 14.88 -23.96 -100.70
C GLY A 804 16.36 -24.12 -100.36
N ARG A 805 16.82 -25.36 -100.50
CA ARG A 805 18.19 -25.72 -100.24
C ARG A 805 18.76 -26.54 -101.39
N PRO A 806 20.06 -26.44 -101.66
CA PRO A 806 20.65 -27.24 -102.74
C PRO A 806 20.59 -28.73 -102.51
N VAL A 807 20.45 -29.18 -101.25
CA VAL A 807 20.39 -30.60 -100.94
C VAL A 807 18.94 -31.09 -101.04
N ILE A 817 14.88 -23.64 -88.55
CA ILE A 817 15.51 -23.80 -89.86
C ILE A 817 16.66 -24.77 -89.77
N THR A 818 17.08 -25.32 -90.91
CA THR A 818 18.18 -26.27 -90.97
C THR A 818 19.41 -25.57 -91.51
N PRO A 819 20.47 -25.42 -90.71
CA PRO A 819 21.69 -24.77 -91.22
C PRO A 819 22.33 -25.60 -92.32
N HIS A 820 22.98 -24.91 -93.26
CA HIS A 820 23.64 -25.59 -94.38
C HIS A 820 24.97 -26.20 -93.95
N HIS A 821 25.88 -25.37 -93.45
CA HIS A 821 27.19 -25.85 -93.01
C HIS A 821 27.54 -25.28 -91.65
N ASP A 822 28.78 -25.51 -91.20
CA ASP A 822 29.25 -25.01 -89.92
C ASP A 822 29.68 -23.56 -90.06
N ARG A 823 30.30 -23.01 -89.01
CA ARG A 823 30.70 -21.61 -88.99
C ARG A 823 32.09 -21.37 -89.56
N GLU A 824 32.84 -22.43 -89.88
CA GLU A 824 34.19 -22.25 -90.39
C GLU A 824 34.18 -21.54 -91.75
N TRP A 825 33.34 -22.01 -92.67
CA TRP A 825 33.25 -21.36 -93.97
C TRP A 825 32.71 -19.94 -93.84
N GLY A 826 31.77 -19.73 -92.92
CA GLY A 826 31.23 -18.39 -92.72
C GLY A 826 32.28 -17.40 -92.24
N ILE A 827 33.07 -17.80 -91.24
CA ILE A 827 34.11 -16.91 -90.74
C ILE A 827 35.21 -16.73 -91.77
N LEU A 828 35.51 -17.77 -92.55
CA LEU A 828 36.50 -17.63 -93.62
C LEU A 828 36.03 -16.62 -94.65
N SER A 829 34.76 -16.70 -95.06
CA SER A 829 34.23 -15.73 -96.01
C SER A 829 34.23 -14.32 -95.41
N LYS A 830 33.89 -14.21 -94.12
CA LYS A 830 33.87 -12.89 -93.49
C LYS A 830 35.25 -12.26 -93.46
N ILE A 831 36.28 -13.05 -93.09
CA ILE A 831 37.63 -12.50 -93.03
C ILE A 831 38.17 -12.23 -94.42
N TYR A 832 37.76 -13.03 -95.42
CA TYR A 832 38.16 -12.75 -96.80
C TYR A 832 37.55 -11.45 -97.29
N TYR A 833 36.28 -11.20 -96.96
CA TYR A 833 35.62 -9.97 -97.40
C TYR A 833 36.12 -8.76 -96.64
N TYR A 834 36.55 -8.94 -95.39
CA TYR A 834 36.97 -7.83 -94.55
C TYR A 834 38.46 -7.51 -94.66
N ILE A 835 39.20 -8.24 -95.49
CA ILE A 835 40.63 -7.99 -95.63
C ILE A 835 40.98 -7.77 -97.10
N VAL A 836 40.67 -8.76 -97.94
CA VAL A 836 41.11 -8.74 -99.33
C VAL A 836 40.45 -7.60 -100.10
N ILE A 837 39.14 -7.45 -99.96
CA ILE A 837 38.43 -6.38 -100.68
C ILE A 837 38.87 -4.99 -100.22
N PRO A 838 38.93 -4.68 -98.92
CA PRO A 838 39.45 -3.36 -98.53
C PRO A 838 40.90 -3.15 -98.92
N ALA A 839 41.72 -4.20 -98.92
CA ALA A 839 43.11 -4.07 -99.34
C ALA A 839 43.20 -3.74 -100.83
N PHE A 840 42.37 -4.38 -101.66
CA PHE A 840 42.40 -4.14 -103.09
C PHE A 840 41.64 -2.88 -103.50
N SER A 841 40.82 -2.32 -102.62
CA SER A 841 40.08 -1.09 -102.91
C SER A 841 40.95 0.14 -102.65
N ARG A 842 42.09 0.18 -103.34
CA ARG A 842 43.02 1.30 -103.23
C ARG A 842 42.69 2.44 -104.19
N GLY A 843 41.73 2.24 -105.10
CA GLY A 843 41.37 3.28 -106.05
C GLY A 843 40.12 4.03 -105.64
N SER A 844 39.04 3.88 -106.41
CA SER A 844 37.78 4.55 -106.11
C SER A 844 36.58 3.62 -106.23
N CYS A 845 36.80 2.31 -106.21
CA CYS A 845 35.69 1.37 -106.31
C CYS A 845 34.87 1.36 -105.01
N CYS A 846 33.58 1.11 -105.16
CA CYS A 846 32.67 1.10 -104.01
C CYS A 846 31.47 0.22 -104.34
N THR A 847 30.74 -0.14 -103.29
CA THR A 847 29.56 -0.98 -103.45
C THR A 847 28.45 -0.23 -104.16
N MET A 848 27.67 -0.97 -104.96
CA MET A 848 26.56 -0.38 -105.69
C MET A 848 25.30 -1.24 -105.54
N GLY A 849 24.26 -0.92 -106.29
CA GLY A 849 23.01 -1.66 -106.20
C GLY A 849 22.67 -2.42 -107.46
N VAL A 850 21.84 -3.45 -107.32
CA VAL A 850 21.44 -4.28 -108.44
C VAL A 850 20.03 -3.88 -108.88
N ARG A 851 19.63 -4.36 -110.05
CA ARG A 851 18.30 -4.11 -110.61
C ARG A 851 17.63 -5.42 -110.98
N TYR A 852 17.67 -6.37 -110.04
CA TYR A 852 17.11 -7.69 -110.30
C TYR A 852 15.61 -7.65 -110.54
N ASP A 853 14.91 -6.69 -109.93
CA ASP A 853 13.47 -6.57 -110.13
C ASP A 853 13.14 -6.28 -111.59
N ARG A 854 13.90 -5.38 -112.22
CA ARG A 854 13.71 -5.09 -113.63
C ARG A 854 14.38 -6.13 -114.53
N LEU A 855 15.36 -6.86 -114.01
CA LEU A 855 16.10 -7.84 -114.80
C LEU A 855 15.53 -9.25 -114.71
N TYR A 856 14.44 -9.43 -113.97
CA TYR A 856 13.80 -10.75 -113.92
C TYR A 856 13.37 -11.24 -115.30
N PRO A 857 12.64 -10.45 -116.14
CA PRO A 857 12.33 -10.88 -117.51
C PRO A 857 13.43 -10.53 -118.51
N ALA A 858 14.68 -10.79 -118.13
CA ALA A 858 15.81 -10.47 -119.00
C ALA A 858 16.78 -11.63 -119.13
N LEU A 859 16.92 -12.43 -118.07
CA LEU A 859 17.87 -13.52 -118.06
C LEU A 859 17.28 -14.84 -118.54
N GLN A 860 15.99 -14.89 -118.85
CA GLN A 860 15.36 -16.11 -119.35
C GLN A 860 15.39 -16.12 -120.88
N ALA A 861 16.60 -15.98 -121.43
CA ALA A 861 16.82 -15.94 -122.86
C ALA A 861 17.60 -17.18 -123.28
N VAL A 862 17.05 -17.93 -124.23
CA VAL A 862 17.66 -19.14 -124.75
C VAL A 862 17.64 -19.08 -126.28
N ILE A 863 18.80 -19.26 -126.90
CA ILE A 863 18.92 -19.25 -128.35
C ILE A 863 19.36 -20.65 -128.80
N VAL A 864 18.49 -21.32 -129.53
CA VAL A 864 18.76 -22.66 -130.05
C VAL A 864 19.18 -22.53 -131.51
N PRO A 865 20.42 -22.89 -131.87
CA PRO A 865 20.83 -22.79 -133.27
C PRO A 865 20.04 -23.74 -134.15
N GLU A 866 19.83 -23.32 -135.41
CA GLU A 866 19.09 -24.11 -136.38
C GLU A 866 20.04 -25.15 -136.97
N ILE A 867 20.02 -26.34 -136.39
CA ILE A 867 20.86 -27.45 -136.82
C ILE A 867 19.96 -28.64 -137.11
N PRO A 868 20.03 -29.25 -138.29
CA PRO A 868 19.20 -30.43 -138.57
C PRO A 868 19.58 -31.60 -137.67
N ALA A 869 18.58 -32.44 -137.39
CA ALA A 869 18.80 -33.62 -136.56
C ALA A 869 19.71 -34.61 -137.26
N ASP A 870 20.62 -35.22 -136.50
CA ASP A 870 21.58 -36.19 -137.03
C ASP A 870 22.40 -35.60 -138.17
N GLU A 871 22.86 -34.36 -137.98
CA GLU A 871 23.66 -33.67 -138.99
C GLU A 871 24.91 -33.09 -138.34
N GLU A 872 25.99 -33.01 -139.12
CA GLU A 872 27.27 -32.52 -138.63
C GLU A 872 27.34 -31.01 -138.82
N ALA A 873 27.84 -30.32 -137.79
CA ALA A 873 27.99 -28.88 -137.84
C ALA A 873 29.35 -28.53 -138.43
N PRO A 874 29.40 -27.78 -139.53
CA PRO A 874 30.70 -27.43 -140.13
C PRO A 874 31.53 -26.55 -139.20
N THR A 875 32.84 -26.72 -139.29
CA THR A 875 33.79 -25.94 -138.49
C THR A 875 34.31 -24.71 -139.22
N THR A 876 33.84 -24.46 -140.45
CA THR A 876 34.30 -23.31 -141.20
C THR A 876 33.86 -22.02 -140.51
N PRO A 877 34.69 -20.97 -140.53
CA PRO A 877 34.33 -19.70 -139.89
C PRO A 877 33.32 -18.86 -140.67
N GLU A 878 32.78 -19.37 -141.76
CA GLU A 878 31.79 -18.65 -142.58
C GLU A 878 30.55 -19.53 -142.69
N ASP A 879 29.66 -19.43 -141.70
CA ASP A 879 28.42 -20.19 -141.65
C ASP A 879 27.53 -19.64 -140.55
N PRO A 880 26.20 -19.66 -140.73
CA PRO A 880 25.27 -19.15 -139.71
C PRO A 880 24.95 -20.17 -138.61
N ARG A 881 26.00 -20.84 -138.11
CA ARG A 881 25.84 -21.81 -137.04
C ARG A 881 26.99 -21.71 -136.04
N HIS A 882 27.56 -20.52 -135.88
CA HIS A 882 28.71 -20.31 -135.00
C HIS A 882 28.34 -19.32 -133.90
N PRO A 883 27.95 -19.80 -132.70
CA PRO A 883 27.65 -18.86 -131.61
C PRO A 883 28.84 -18.01 -131.21
N LEU A 884 30.07 -18.52 -131.33
CA LEU A 884 31.24 -17.75 -130.97
C LEU A 884 31.41 -16.54 -131.88
N HIS A 885 31.16 -16.70 -133.18
CA HIS A 885 31.31 -15.62 -134.13
C HIS A 885 30.06 -14.74 -134.12
N ALA A 886 30.04 -13.74 -135.00
CA ALA A 886 28.93 -12.80 -135.10
C ALA A 886 27.86 -13.25 -136.10
N HIS A 887 27.84 -14.54 -136.45
CA HIS A 887 26.86 -15.06 -137.39
C HIS A 887 25.52 -15.35 -136.74
N GLN A 888 25.42 -15.28 -135.42
CA GLN A 888 24.17 -15.49 -134.70
C GLN A 888 24.00 -14.44 -133.61
N LEU A 889 24.29 -13.19 -133.95
CA LEU A 889 24.33 -12.11 -132.96
C LEU A 889 22.96 -11.44 -132.86
N VAL A 890 22.10 -12.04 -132.05
CA VAL A 890 20.85 -11.39 -131.65
C VAL A 890 21.16 -10.38 -130.53
N PRO A 891 20.80 -9.11 -130.68
CA PRO A 891 21.36 -8.07 -129.81
C PRO A 891 21.12 -8.29 -128.31
N ASN A 892 19.84 -8.34 -127.90
CA ASN A 892 19.48 -8.48 -126.49
C ASN A 892 20.34 -7.58 -125.60
N SER A 893 21.01 -8.19 -124.62
CA SER A 893 21.99 -7.48 -123.81
C SER A 893 23.29 -8.26 -123.76
N LEU A 894 23.19 -9.59 -123.82
CA LEU A 894 24.38 -10.44 -123.76
C LEU A 894 25.28 -10.22 -124.97
N ASN A 895 24.69 -10.23 -126.17
CA ASN A 895 25.49 -10.06 -127.37
C ASN A 895 25.93 -8.61 -127.59
N VAL A 896 25.27 -7.65 -126.94
CA VAL A 896 25.73 -6.26 -127.02
C VAL A 896 26.81 -5.96 -125.99
N TYR A 897 26.88 -6.73 -124.90
CA TYR A 897 28.02 -6.66 -123.99
C TYR A 897 29.13 -7.62 -124.38
N PHE A 898 28.88 -8.50 -125.35
CA PHE A 898 29.92 -9.41 -125.82
C PHE A 898 31.13 -8.66 -126.37
N HIS A 899 30.93 -7.45 -126.90
CA HIS A 899 32.05 -6.68 -127.45
C HIS A 899 33.11 -6.40 -126.39
N ASN A 900 32.71 -6.31 -125.12
CA ASN A 900 33.66 -6.15 -124.03
C ASN A 900 33.89 -7.42 -123.24
N ALA A 901 32.97 -8.38 -123.31
CA ALA A 901 33.10 -9.62 -122.56
C ALA A 901 33.12 -10.84 -123.47
N HIS A 902 33.91 -10.78 -124.53
CA HIS A 902 34.07 -11.91 -125.44
C HIS A 902 34.45 -13.18 -124.69
N LEU A 903 33.58 -14.18 -124.78
CA LEU A 903 33.79 -15.46 -124.12
C LEU A 903 33.23 -16.58 -124.99
N THR A 904 34.06 -17.56 -125.31
CA THR A 904 33.64 -18.70 -126.13
C THR A 904 32.76 -19.61 -125.29
N VAL A 905 31.45 -19.59 -125.55
CA VAL A 905 30.49 -20.35 -124.77
C VAL A 905 29.62 -21.18 -125.73
N ASP A 906 28.98 -22.20 -125.17
CA ASP A 906 28.12 -23.09 -125.95
C ASP A 906 26.74 -23.19 -125.33
N GLY A 907 25.93 -24.12 -125.82
CA GLY A 907 24.56 -24.26 -125.34
C GLY A 907 24.42 -24.85 -123.95
N ASP A 908 25.50 -25.38 -123.38
CA ASP A 908 25.45 -25.91 -122.02
C ASP A 908 25.12 -24.82 -121.02
N ALA A 909 25.75 -23.65 -121.16
CA ALA A 909 25.45 -22.53 -120.28
C ALA A 909 24.01 -22.06 -120.46
N LEU A 910 23.55 -22.02 -121.71
CA LEU A 910 22.17 -21.60 -121.98
C LEU A 910 21.17 -22.55 -121.33
N LEU A 911 21.38 -23.86 -121.45
CA LEU A 911 20.45 -24.81 -120.84
C LEU A 911 20.55 -24.79 -119.32
N THR A 912 21.74 -24.56 -118.76
CA THR A 912 21.86 -24.41 -117.32
C THR A 912 21.09 -23.19 -116.83
N LEU A 913 21.20 -22.07 -117.56
CA LEU A 913 20.45 -20.87 -117.19
C LEU A 913 18.95 -21.11 -117.30
N GLN A 914 18.53 -21.83 -118.34
CA GLN A 914 17.11 -22.14 -118.49
C GLN A 914 16.60 -23.00 -117.35
N GLU A 915 17.39 -24.01 -116.94
CA GLU A 915 16.98 -24.86 -115.82
C GLU A 915 17.10 -24.14 -114.48
N LEU A 916 17.87 -23.06 -114.40
CA LEU A 916 17.97 -22.29 -113.17
C LEU A 916 16.65 -21.61 -112.80
N MET A 917 15.71 -21.51 -113.73
CA MET A 917 14.44 -20.84 -113.47
C MET A 917 13.54 -21.62 -112.51
N GLY A 918 13.88 -22.86 -112.19
CA GLY A 918 13.06 -23.65 -111.26
C GLY A 918 13.05 -23.10 -109.85
N ASP A 919 14.08 -22.35 -109.46
CA ASP A 919 14.17 -21.74 -108.13
C ASP A 919 14.54 -20.28 -108.28
N MET A 920 13.59 -19.40 -107.96
CA MET A 920 13.81 -17.96 -108.07
C MET A 920 13.23 -17.27 -106.85
N ALA A 921 13.76 -16.07 -106.58
CA ALA A 921 13.30 -15.27 -105.45
C ALA A 921 12.17 -14.35 -105.89
N GLU A 922 11.77 -13.43 -105.03
CA GLU A 922 10.69 -12.49 -105.31
C GLU A 922 11.20 -11.06 -105.46
N ARG A 923 11.90 -10.55 -104.44
CA ARG A 923 12.41 -9.19 -104.47
C ARG A 923 13.49 -9.06 -103.40
N THR A 924 14.00 -7.83 -103.23
CA THR A 924 15.02 -7.53 -102.24
C THR A 924 14.44 -6.59 -101.19
N THR A 925 14.89 -6.76 -99.95
CA THR A 925 14.41 -5.94 -98.84
C THR A 925 15.57 -5.38 -98.03
N ALA A 926 15.26 -4.75 -96.91
CA ALA A 926 16.27 -4.16 -96.03
C ALA A 926 16.01 -4.61 -94.60
N ILE A 927 17.07 -4.66 -93.80
CA ILE A 927 16.99 -5.08 -92.41
C ILE A 927 17.73 -4.07 -91.55
N LEU A 928 17.39 -4.07 -90.25
CA LEU A 928 17.99 -3.19 -89.27
C LEU A 928 18.37 -4.03 -88.05
N VAL A 929 19.67 -4.07 -87.75
CA VAL A 929 20.19 -4.87 -86.65
C VAL A 929 20.88 -3.94 -85.67
N SER A 930 20.57 -4.10 -84.39
CA SER A 930 21.17 -3.30 -83.32
C SER A 930 21.95 -4.22 -82.38
N SER A 931 23.03 -3.69 -81.81
CA SER A 931 23.89 -4.42 -80.90
C SER A 931 23.99 -3.67 -79.58
N ALA A 932 23.79 -4.39 -78.48
CA ALA A 932 23.90 -3.78 -77.16
C ALA A 932 25.36 -3.51 -76.83
N PRO A 933 25.63 -2.46 -76.05
CA PRO A 933 27.01 -2.17 -75.67
C PRO A 933 27.60 -3.27 -74.81
N ASP A 934 28.91 -3.47 -74.93
CA ASP A 934 29.61 -4.52 -74.18
C ASP A 934 30.86 -3.96 -73.54
N ALA A 935 31.69 -4.86 -72.98
CA ALA A 935 32.95 -4.52 -72.33
C ALA A 935 32.65 -3.59 -71.15
N GLY A 936 33.17 -2.37 -71.10
CA GLY A 936 32.94 -1.47 -69.99
C GLY A 936 31.64 -0.72 -70.02
N ALA A 937 30.81 -0.93 -71.04
CA ALA A 937 29.52 -0.25 -71.16
C ALA A 937 28.36 -1.23 -70.97
N ALA A 938 28.55 -2.20 -70.08
CA ALA A 938 27.53 -3.20 -69.78
C ALA A 938 26.76 -2.89 -68.50
N THR A 939 26.97 -1.72 -67.91
CA THR A 939 26.29 -1.35 -66.68
C THR A 939 24.85 -0.92 -66.96
N ALA A 940 24.07 -0.78 -65.88
CA ALA A 940 22.67 -0.40 -66.03
C ALA A 940 22.52 1.01 -66.58
N THR A 941 23.40 1.93 -66.17
CA THR A 941 23.29 3.32 -66.61
C THR A 941 23.61 3.49 -68.09
N THR A 942 24.24 2.52 -68.73
CA THR A 942 24.57 2.58 -70.14
C THR A 942 23.61 1.77 -71.00
N ARG A 943 22.48 1.34 -70.44
CA ARG A 943 21.49 0.56 -71.19
C ARG A 943 20.63 1.42 -72.09
N ASN A 944 20.68 2.74 -71.96
CA ASN A 944 19.87 3.64 -72.77
C ASN A 944 20.48 3.95 -74.13
N MET A 945 21.70 3.48 -74.39
CA MET A 945 22.38 3.74 -75.66
C MET A 945 22.55 2.43 -76.43
N ARG A 946 22.61 2.55 -77.75
CA ARG A 946 22.77 1.39 -78.62
C ARG A 946 23.42 1.82 -79.92
N ILE A 947 23.95 0.84 -80.65
CA ILE A 947 24.62 1.07 -81.93
C ILE A 947 23.82 0.36 -83.01
N TYR A 948 23.49 1.09 -84.07
CA TYR A 948 22.72 0.58 -85.19
C TYR A 948 23.62 0.46 -86.41
N ASP A 949 23.60 -0.72 -87.04
CA ASP A 949 24.39 -0.95 -88.25
C ASP A 949 23.73 -2.06 -89.05
N GLY A 950 23.77 -1.92 -90.37
CA GLY A 950 23.15 -2.89 -91.24
C GLY A 950 23.78 -2.84 -92.63
N ALA A 951 23.29 -3.73 -93.50
CA ALA A 951 23.77 -3.81 -94.86
C ALA A 951 22.63 -3.73 -95.86
N LEU A 952 22.93 -3.94 -97.14
CA LEU A 952 21.94 -3.90 -98.21
C LEU A 952 21.89 -5.24 -98.90
N TYR A 953 20.70 -5.81 -99.00
CA TYR A 953 20.53 -7.12 -99.63
C TYR A 953 20.80 -7.04 -101.12
N HIS A 954 21.39 -8.11 -101.66
CA HIS A 954 21.74 -8.21 -103.08
C HIS A 954 22.67 -7.06 -103.49
N GLY A 955 23.85 -7.06 -102.88
CA GLY A 955 24.83 -6.03 -103.15
C GLY A 955 25.53 -6.21 -104.49
N LEU A 956 26.34 -5.21 -104.84
CA LEU A 956 27.06 -5.22 -106.10
C LEU A 956 28.39 -4.51 -105.91
N ILE A 957 29.32 -4.77 -106.83
CA ILE A 957 30.64 -4.16 -106.82
C ILE A 957 30.89 -3.54 -108.18
N MET A 958 31.33 -2.28 -108.19
CA MET A 958 31.66 -1.55 -109.41
C MET A 958 33.05 -0.94 -109.27
N MET A 959 33.82 -1.01 -110.35
CA MET A 959 35.20 -0.52 -110.31
C MET A 959 35.25 1.00 -110.45
N ALA A 960 34.78 1.53 -111.57
CA ALA A 960 34.82 2.97 -111.85
C ALA A 960 33.98 3.23 -113.09
N TYR A 961 33.98 4.49 -113.54
CA TYR A 961 33.27 4.88 -114.75
C TYR A 961 34.08 6.01 -115.40
N GLN A 962 34.92 5.67 -116.36
CA GLN A 962 35.74 6.66 -117.04
C GLN A 962 34.91 7.47 -118.03
N ALA A 963 35.47 8.60 -118.45
CA ALA A 963 34.80 9.48 -119.39
C ALA A 963 34.82 8.95 -120.82
N TYR A 964 35.63 7.93 -121.10
CA TYR A 964 35.71 7.35 -122.44
C TYR A 964 34.66 6.28 -122.69
N ASP A 965 33.86 5.93 -121.69
CA ASP A 965 32.81 4.92 -121.84
C ASP A 965 31.52 5.58 -122.35
N GLU A 966 31.58 6.00 -123.62
CA GLU A 966 30.44 6.65 -124.26
C GLU A 966 29.39 5.66 -124.75
N THR A 967 29.70 4.37 -124.76
CA THR A 967 28.76 3.35 -125.21
C THR A 967 27.92 2.78 -124.07
N ILE A 968 28.17 3.19 -122.84
CA ILE A 968 27.44 2.71 -121.67
C ILE A 968 26.68 3.89 -121.08
N ALA A 969 25.36 3.75 -120.96
CA ALA A 969 24.54 4.80 -120.40
C ALA A 969 24.75 4.91 -118.89
N THR A 970 24.69 6.13 -118.37
CA THR A 970 24.85 6.38 -116.94
C THR A 970 23.48 6.28 -116.28
N GLY A 971 23.25 5.20 -115.55
CA GLY A 971 21.97 4.99 -114.90
C GLY A 971 21.35 3.65 -115.22
N THR A 972 22.15 2.74 -115.77
CA THR A 972 21.65 1.42 -116.13
C THR A 972 21.34 0.59 -114.89
N PHE A 973 22.36 0.34 -114.08
CA PHE A 973 22.21 -0.41 -112.83
C PHE A 973 22.90 0.33 -111.69
N PHE A 974 22.83 1.66 -111.70
CA PHE A 974 23.50 2.50 -110.71
C PHE A 974 22.49 3.43 -110.06
N TYR A 975 22.50 3.48 -108.73
CA TYR A 975 21.68 4.42 -107.97
C TYR A 975 22.34 4.64 -106.62
N PRO A 976 22.29 5.85 -106.07
CA PRO A 976 23.02 6.13 -104.83
C PRO A 976 22.41 5.47 -103.60
N VAL A 977 23.07 4.45 -103.08
CA VAL A 977 22.64 3.78 -101.85
C VAL A 977 23.84 3.62 -100.92
N PRO A 978 24.34 4.70 -100.32
CA PRO A 978 25.52 4.57 -99.45
C PRO A 978 25.18 3.88 -98.14
N VAL A 979 25.64 2.64 -97.98
CA VAL A 979 25.39 1.89 -96.76
C VAL A 979 26.68 1.42 -96.07
N ASN A 980 27.79 1.29 -96.80
CA ASN A 980 29.04 0.84 -96.22
C ASN A 980 30.03 2.01 -96.15
N PRO A 981 30.36 2.51 -94.96
CA PRO A 981 31.34 3.60 -94.88
C PRO A 981 32.74 3.20 -95.33
N LEU A 982 33.05 1.90 -95.38
CA LEU A 982 34.37 1.45 -95.78
C LEU A 982 34.67 1.73 -97.25
N PHE A 983 33.64 1.97 -98.07
CA PHE A 983 33.80 2.22 -99.49
C PHE A 983 33.41 3.65 -99.81
N ALA A 984 34.29 4.35 -100.53
CA ALA A 984 34.06 5.72 -100.94
C ALA A 984 34.24 5.83 -102.45
N CYS A 985 33.27 6.44 -103.12
CA CYS A 985 33.30 6.61 -104.58
C CYS A 985 32.74 7.97 -104.94
N PRO A 986 33.56 9.02 -104.87
CA PRO A 986 33.06 10.37 -105.19
C PRO A 986 33.10 10.66 -106.69
N GLU A 987 32.65 9.70 -107.50
CA GLU A 987 32.54 9.89 -108.93
C GLU A 987 31.16 9.51 -109.47
N HIS A 988 30.55 8.45 -108.93
CA HIS A 988 29.23 8.04 -109.40
C HIS A 988 28.17 9.09 -109.04
N LEU A 989 28.28 9.68 -107.85
CA LEU A 989 27.33 10.72 -107.45
C LEU A 989 27.43 11.94 -108.36
N ALA A 990 28.65 12.32 -108.73
CA ALA A 990 28.85 13.48 -109.59
C ALA A 990 28.62 13.19 -111.06
N SER A 991 28.58 11.91 -111.45
CA SER A 991 28.36 11.54 -112.84
C SER A 991 26.93 11.17 -113.15
N LEU A 992 26.17 10.66 -112.17
CA LEU A 992 24.80 10.24 -112.40
C LEU A 992 23.80 11.37 -112.19
N ARG A 993 23.80 11.95 -110.99
CA ARG A 993 22.84 13.00 -110.66
C ARG A 993 23.24 14.38 -111.20
N GLY A 994 24.48 14.55 -111.64
CA GLY A 994 24.93 15.82 -112.16
C GLY A 994 24.90 16.94 -111.13
N MET A 995 25.43 16.65 -109.94
CA MET A 995 25.42 17.64 -108.87
C MET A 995 26.31 18.83 -109.22
N THR A 996 25.94 20.00 -108.68
CA THR A 996 26.65 21.23 -108.99
C THR A 996 28.01 21.26 -108.27
N ASN A 997 28.78 22.31 -108.55
CA ASN A 997 30.10 22.46 -107.94
C ASN A 997 29.99 22.60 -106.43
N ALA A 998 28.99 23.34 -105.95
CA ALA A 998 28.81 23.49 -104.51
C ALA A 998 28.51 22.16 -103.85
N ARG A 999 27.63 21.35 -104.47
CA ARG A 999 27.33 20.03 -103.93
C ARG A 999 28.57 19.13 -103.95
N ARG A 1000 29.36 19.20 -105.03
CA ARG A 1000 30.57 18.39 -105.11
C ARG A 1000 31.56 18.78 -104.02
N VAL A 1001 31.76 20.08 -103.80
CA VAL A 1001 32.70 20.52 -102.77
C VAL A 1001 32.19 20.18 -101.38
N LEU A 1002 30.87 20.24 -101.17
CA LEU A 1002 30.30 19.83 -99.88
C LEU A 1002 30.52 18.34 -99.63
N ALA A 1003 30.31 17.52 -100.66
CA ALA A 1003 30.55 16.08 -100.52
C ALA A 1003 32.02 15.79 -100.26
N LYS A 1004 32.91 16.52 -100.94
CA LYS A 1004 34.34 16.35 -100.69
C LYS A 1004 34.71 16.74 -99.26
N MET A 1005 34.14 17.84 -98.77
CA MET A 1005 34.45 18.29 -97.41
C MET A 1005 33.94 17.30 -96.37
N VAL A 1006 32.69 16.83 -96.52
CA VAL A 1006 32.09 15.89 -95.60
C VAL A 1006 31.42 14.79 -96.40
N PRO A 1007 31.76 13.51 -96.18
CA PRO A 1007 31.09 12.44 -96.90
C PRO A 1007 29.63 12.35 -96.52
N PRO A 1008 28.75 11.93 -97.44
CA PRO A 1008 27.33 11.83 -97.12
C PRO A 1008 27.03 10.73 -96.11
N ILE A 1009 26.64 11.12 -94.90
CA ILE A 1009 26.29 10.19 -93.82
C ILE A 1009 24.79 10.27 -93.60
N PRO A 1010 24.05 9.18 -93.82
CA PRO A 1010 22.60 9.22 -93.65
C PRO A 1010 22.22 9.35 -92.18
N PRO A 1011 21.56 10.45 -91.79
CA PRO A 1011 21.16 10.59 -90.39
C PRO A 1011 20.20 9.52 -89.92
N PHE A 1012 19.34 9.01 -90.81
CA PHE A 1012 18.35 8.01 -90.43
C PHE A 1012 18.90 6.59 -90.38
N LEU A 1013 20.11 6.36 -90.91
CA LEU A 1013 20.70 5.04 -90.92
C LEU A 1013 21.94 4.96 -90.04
N GLY A 1014 22.93 5.81 -90.26
CA GLY A 1014 24.14 5.83 -89.49
C GLY A 1014 24.13 6.72 -88.27
N ALA A 1015 22.99 7.36 -87.97
CA ALA A 1015 22.84 8.27 -86.84
C ALA A 1015 23.87 9.39 -86.97
N ASN A 1016 24.39 9.88 -85.84
CA ASN A 1016 25.39 10.93 -85.84
C ASN A 1016 26.81 10.38 -85.67
N HIS A 1017 27.01 9.48 -84.72
CA HIS A 1017 28.34 8.91 -84.50
C HIS A 1017 28.31 7.39 -84.33
N HIS A 1018 27.27 6.72 -84.82
CA HIS A 1018 27.22 5.26 -84.73
C HIS A 1018 28.35 4.62 -85.53
N ALA A 1019 28.62 5.15 -86.72
CA ALA A 1019 29.72 4.64 -87.55
C ALA A 1019 31.00 5.38 -87.15
N THR A 1020 31.88 4.70 -86.42
CA THR A 1020 33.06 5.33 -85.86
C THR A 1020 34.32 5.03 -86.66
N ILE A 1021 34.20 4.41 -87.83
CA ILE A 1021 35.35 4.07 -88.66
C ILE A 1021 35.16 4.79 -90.00
N ARG A 1022 35.65 6.02 -90.08
CA ARG A 1022 35.73 6.74 -91.36
C ARG A 1022 37.02 7.52 -91.55
N GLN A 1023 37.79 7.79 -90.50
CA GLN A 1023 39.00 8.60 -90.57
C GLN A 1023 40.23 7.82 -91.05
N PRO A 1024 40.52 6.64 -90.50
CA PRO A 1024 41.79 5.98 -90.87
C PRO A 1024 41.87 5.58 -92.34
N VAL A 1025 40.78 5.06 -92.91
CA VAL A 1025 40.80 4.65 -94.32
C VAL A 1025 41.05 5.84 -95.22
N ALA A 1026 40.36 6.96 -94.95
CA ALA A 1026 40.56 8.17 -95.75
C ALA A 1026 41.98 8.69 -95.59
N TYR A 1027 42.49 8.70 -94.35
CA TYR A 1027 43.85 9.19 -94.13
C TYR A 1027 44.88 8.34 -94.87
N HIS A 1028 44.71 7.02 -94.83
CA HIS A 1028 45.63 6.13 -95.54
C HIS A 1028 45.54 6.37 -97.06
N VAL A 1029 44.32 6.42 -97.59
CA VAL A 1029 44.15 6.58 -99.03
C VAL A 1029 44.60 7.95 -99.51
N THR A 1030 44.70 8.94 -98.62
CA THR A 1030 45.18 10.25 -99.01
C THR A 1030 46.67 10.46 -98.76
N HIS A 1031 47.28 9.72 -97.84
CA HIS A 1031 48.67 9.97 -97.45
C HIS A 1031 49.65 8.89 -97.88
N SER A 1032 49.25 7.62 -97.88
CA SER A 1032 50.21 6.54 -98.17
C SER A 1032 50.08 6.03 -99.61
N LYS A 1033 48.90 5.53 -99.99
CA LYS A 1033 48.69 4.94 -101.30
C LYS A 1033 49.75 3.87 -101.60
N SER A 1034 50.02 3.04 -100.60
CA SER A 1034 51.08 2.04 -100.69
C SER A 1034 50.53 0.73 -101.23
N ASP A 1035 51.37 -0.30 -101.25
CA ASP A 1035 50.97 -1.60 -101.76
C ASP A 1035 50.03 -2.30 -100.78
N PHE A 1036 49.41 -3.38 -101.27
CA PHE A 1036 48.46 -4.14 -100.45
C PHE A 1036 49.14 -4.85 -99.28
N ASN A 1037 50.45 -5.08 -99.35
CA ASN A 1037 51.14 -5.75 -98.26
C ASN A 1037 51.07 -4.93 -96.98
N THR A 1038 51.30 -3.62 -97.08
CA THR A 1038 51.13 -2.75 -95.93
C THR A 1038 49.67 -2.46 -95.63
N LEU A 1039 48.82 -2.47 -96.66
CA LEU A 1039 47.40 -2.22 -96.46
C LEU A 1039 46.76 -3.29 -95.58
N THR A 1040 47.11 -4.55 -95.82
CA THR A 1040 46.56 -5.64 -95.00
C THR A 1040 47.00 -5.51 -93.56
N TYR A 1041 48.28 -5.17 -93.33
CA TYR A 1041 48.77 -4.99 -91.97
C TYR A 1041 48.07 -3.83 -91.27
N SER A 1042 47.87 -2.72 -91.99
CA SER A 1042 47.18 -1.58 -91.40
C SER A 1042 45.73 -1.92 -91.07
N LEU A 1043 45.06 -2.65 -91.96
CA LEU A 1043 43.69 -3.05 -91.69
C LEU A 1043 43.61 -3.98 -90.49
N LEU A 1044 44.55 -4.92 -90.38
CA LEU A 1044 44.57 -5.82 -89.23
C LEU A 1044 44.82 -5.05 -87.93
N GLY A 1045 45.74 -4.07 -87.96
CA GLY A 1045 46.02 -3.29 -86.78
C GLY A 1045 44.92 -2.31 -86.40
N GLY A 1046 44.11 -1.89 -87.37
CA GLY A 1046 43.04 -0.95 -87.09
C GLY A 1046 41.71 -1.58 -86.71
N TYR A 1047 41.23 -2.51 -87.54
CA TYR A 1047 39.92 -3.10 -87.29
C TYR A 1047 39.96 -4.09 -86.13
N PHE A 1048 40.82 -5.10 -86.22
CA PHE A 1048 40.95 -6.07 -85.14
C PHE A 1048 41.55 -5.41 -83.91
N LYS A 1049 41.00 -5.75 -82.74
CA LYS A 1049 41.43 -5.14 -81.48
C LYS A 1049 42.91 -5.37 -81.26
N PHE A 1050 43.70 -4.30 -81.32
CA PHE A 1050 45.15 -4.42 -81.31
C PHE A 1050 45.82 -3.83 -80.07
N THR A 1051 45.25 -2.78 -79.47
CA THR A 1051 45.94 -2.13 -78.35
C THR A 1051 46.04 -3.03 -77.12
N PRO A 1052 44.94 -3.46 -76.45
CA PRO A 1052 45.04 -4.15 -75.12
C PRO A 1052 45.21 -5.67 -75.17
N ILE A 1053 44.81 -6.36 -76.24
CA ILE A 1053 44.87 -7.82 -76.19
C ILE A 1053 46.12 -8.35 -76.85
N SER A 1054 46.38 -7.97 -78.10
CA SER A 1054 47.55 -8.47 -78.80
C SER A 1054 48.83 -8.02 -78.11
N LEU A 1055 48.85 -6.77 -77.63
CA LEU A 1055 50.05 -6.27 -76.94
C LEU A 1055 50.31 -7.03 -75.66
N THR A 1056 49.27 -7.28 -74.85
CA THR A 1056 49.50 -8.01 -73.60
C THR A 1056 49.86 -9.47 -73.87
N HIS A 1057 49.28 -10.08 -74.91
CA HIS A 1057 49.63 -11.45 -75.25
C HIS A 1057 51.09 -11.54 -75.70
N GLN A 1058 51.52 -10.61 -76.55
CA GLN A 1058 52.92 -10.59 -76.98
C GLN A 1058 53.85 -10.35 -75.81
N LEU A 1059 53.49 -9.42 -74.93
CA LEU A 1059 54.32 -9.13 -73.76
C LEU A 1059 54.46 -10.36 -72.88
N ARG A 1060 53.36 -11.10 -72.68
CA ARG A 1060 53.42 -12.33 -71.91
C ARG A 1060 54.29 -13.38 -72.59
N THR A 1061 54.15 -13.55 -73.91
CA THR A 1061 54.81 -14.67 -74.57
C THR A 1061 56.26 -14.37 -74.92
N GLY A 1062 56.49 -13.45 -75.86
CA GLY A 1062 57.83 -13.26 -76.37
C GLY A 1062 58.34 -11.86 -76.63
N PHE A 1063 57.46 -10.86 -76.61
CA PHE A 1063 57.78 -9.54 -77.10
C PHE A 1063 57.78 -8.52 -75.97
N HIS A 1064 58.20 -7.30 -76.32
CA HIS A 1064 58.22 -6.16 -75.41
C HIS A 1064 58.14 -4.87 -76.22
N PRO A 1065 57.07 -4.11 -76.09
CA PRO A 1065 56.89 -2.90 -76.90
C PRO A 1065 57.65 -1.72 -76.30
N GLY A 1066 57.48 -0.56 -76.94
CA GLY A 1066 58.13 0.66 -76.50
C GLY A 1066 57.17 1.63 -75.83
N ILE A 1067 56.27 1.10 -75.00
CA ILE A 1067 55.31 1.96 -74.30
C ILE A 1067 56.05 2.86 -73.31
N ALA A 1068 55.38 3.93 -72.92
CA ALA A 1068 55.97 4.93 -72.02
C ALA A 1068 55.60 4.63 -70.58
N PHE A 1069 56.61 4.56 -69.71
CA PHE A 1069 56.40 4.30 -68.30
C PHE A 1069 57.53 4.92 -67.50
N THR A 1070 57.28 5.11 -66.21
CA THR A 1070 58.27 5.70 -65.32
C THR A 1070 58.05 5.18 -63.91
N VAL A 1071 59.07 5.35 -63.08
CA VAL A 1071 59.04 4.91 -61.68
C VAL A 1071 59.41 6.08 -60.78
N VAL A 1072 58.94 6.02 -59.54
CA VAL A 1072 59.19 7.05 -58.54
C VAL A 1072 59.77 6.40 -57.30
N ARG A 1073 60.91 6.91 -56.83
CA ARG A 1073 61.57 6.38 -55.65
C ARG A 1073 61.90 7.52 -54.70
N GLN A 1074 61.94 7.20 -53.41
CA GLN A 1074 62.22 8.18 -52.37
C GLN A 1074 63.36 7.68 -51.49
N ASP A 1075 64.03 8.63 -50.84
CA ASP A 1075 65.16 8.34 -49.98
C ASP A 1075 64.96 9.01 -48.63
N ARG A 1076 65.59 8.45 -47.60
CA ARG A 1076 65.50 8.99 -46.24
C ARG A 1076 66.84 8.73 -45.55
N PHE A 1077 67.70 9.75 -45.56
CA PHE A 1077 69.02 9.65 -44.96
C PHE A 1077 69.33 10.97 -44.25
N ALA A 1078 70.59 11.14 -43.87
CA ALA A 1078 71.05 12.34 -43.17
C ALA A 1078 72.24 12.93 -43.91
N THR A 1079 72.64 14.13 -43.49
CA THR A 1079 73.75 14.83 -44.11
C THR A 1079 74.42 15.71 -43.07
N GLU A 1080 75.65 16.12 -43.38
CA GLU A 1080 76.44 16.98 -42.51
C GLU A 1080 76.63 18.34 -43.16
N GLN A 1081 76.57 19.39 -42.34
CA GLN A 1081 76.71 20.76 -42.80
C GLN A 1081 77.71 21.50 -41.93
N LEU A 1082 78.33 22.53 -42.51
CA LEU A 1082 79.30 23.36 -41.82
C LEU A 1082 78.88 24.82 -41.90
N LEU A 1083 79.04 25.54 -40.79
CA LEU A 1083 78.66 26.93 -40.69
C LEU A 1083 79.77 27.73 -40.02
N TYR A 1084 79.58 29.05 -39.98
CA TYR A 1084 80.53 29.96 -39.37
C TYR A 1084 80.05 30.32 -37.97
N ALA A 1085 80.88 30.03 -36.97
CA ALA A 1085 80.53 30.29 -35.57
C ALA A 1085 81.02 31.65 -35.09
N GLU A 1086 81.69 32.42 -35.94
CA GLU A 1086 82.20 33.75 -35.60
C GLU A 1086 83.16 33.65 -34.41
N ARG A 1087 83.40 34.76 -33.71
CA ARG A 1087 84.29 34.79 -32.56
C ARG A 1087 83.56 35.02 -31.26
N ALA A 1088 82.76 36.09 -31.17
CA ALA A 1088 82.02 36.37 -29.95
C ALA A 1088 80.84 35.41 -29.82
N SER A 1089 80.70 34.80 -28.65
CA SER A 1089 79.63 33.86 -28.37
C SER A 1089 78.52 34.53 -27.57
N GLU A 1090 77.48 33.76 -27.25
CA GLU A 1090 76.37 34.28 -26.48
C GLU A 1090 76.80 34.57 -25.05
N SER A 1091 76.28 35.67 -24.50
CA SER A 1091 76.61 36.07 -23.12
C SER A 1091 75.69 35.32 -22.14
N TYR A 1092 76.00 34.03 -21.97
CA TYR A 1092 75.23 33.16 -21.09
C TYR A 1092 75.88 33.19 -19.71
N PHE A 1093 75.39 34.09 -18.86
CA PHE A 1093 75.91 34.22 -17.51
C PHE A 1093 75.21 33.24 -16.58
N VAL A 1094 75.69 33.20 -15.33
CA VAL A 1094 75.16 32.32 -14.30
C VAL A 1094 74.64 33.19 -13.15
N GLY A 1095 73.41 32.91 -12.72
CA GLY A 1095 72.81 33.66 -11.63
C GLY A 1095 72.15 32.79 -10.59
N GLN A 1096 72.65 32.87 -9.34
CA GLN A 1096 72.12 32.19 -8.17
C GLN A 1096 72.00 30.68 -8.35
N ILE A 1097 71.41 29.99 -7.39
CA ILE A 1097 71.20 28.55 -7.43
C ILE A 1097 69.76 28.25 -7.05
N GLN A 1098 69.09 27.44 -7.86
CA GLN A 1098 67.72 27.03 -7.60
C GLN A 1098 67.68 25.53 -7.36
N VAL A 1099 67.02 25.12 -6.27
CA VAL A 1099 66.90 23.72 -5.91
C VAL A 1099 65.44 23.43 -5.55
N HIS A 1100 65.08 22.15 -5.64
CA HIS A 1100 63.72 21.71 -5.30
C HIS A 1100 63.81 20.25 -4.88
N HIS A 1101 63.66 19.99 -3.58
CA HIS A 1101 63.73 18.64 -3.05
C HIS A 1101 62.47 18.34 -2.24
N HIS A 1102 62.02 17.09 -2.32
CA HIS A 1102 60.84 16.64 -1.60
C HIS A 1102 60.98 15.17 -1.27
N ASP A 1103 60.61 14.80 -0.05
CA ASP A 1103 60.68 13.42 0.42
C ASP A 1103 59.25 12.93 0.70
N ALA A 1104 58.89 11.79 0.11
CA ALA A 1104 57.57 11.20 0.29
C ALA A 1104 57.64 9.87 1.02
N ILE A 1105 58.42 8.91 0.50
CA ILE A 1105 58.53 7.60 1.12
C ILE A 1105 59.82 6.96 0.63
N GLY A 1106 60.55 6.33 1.55
CA GLY A 1106 61.77 5.63 1.20
C GLY A 1106 62.98 6.54 1.08
N GLY A 1107 63.06 7.31 0.00
CA GLY A 1107 64.17 8.20 -0.24
C GLY A 1107 63.68 9.60 -0.58
N VAL A 1108 64.66 10.47 -0.82
CA VAL A 1108 64.41 11.87 -1.16
C VAL A 1108 65.04 12.16 -2.52
N ASN A 1109 64.27 12.80 -3.40
CA ASN A 1109 64.73 13.15 -4.73
C ASN A 1109 64.72 14.66 -4.90
N PHE A 1110 65.67 15.15 -5.70
CA PHE A 1110 65.80 16.58 -5.95
C PHE A 1110 66.12 16.80 -7.43
N THR A 1111 65.77 17.99 -7.91
CA THR A 1111 66.01 18.37 -9.30
C THR A 1111 66.93 19.59 -9.33
N LEU A 1112 68.00 19.51 -10.12
CA LEU A 1112 68.96 20.59 -10.25
C LEU A 1112 68.54 21.51 -11.38
N THR A 1113 68.21 22.76 -11.05
CA THR A 1113 67.79 23.76 -12.02
C THR A 1113 68.70 24.97 -11.94
N GLN A 1114 69.07 25.51 -13.10
CA GLN A 1114 69.94 26.67 -13.20
C GLN A 1114 69.27 27.70 -14.10
N PRO A 1115 68.36 28.50 -13.56
CA PRO A 1115 67.69 29.52 -14.38
C PRO A 1115 68.62 30.67 -14.76
N ARG A 1116 69.02 30.73 -16.01
CA ARG A 1116 69.94 31.76 -16.48
C ARG A 1116 69.36 32.50 -17.68
N ALA A 1117 70.17 33.36 -18.30
CA ALA A 1117 69.73 34.12 -19.46
C ALA A 1117 70.92 34.42 -20.34
N HIS A 1118 70.65 34.71 -21.61
CA HIS A 1118 71.69 35.03 -22.58
C HIS A 1118 71.17 36.09 -23.54
N VAL A 1119 72.11 36.86 -24.10
CA VAL A 1119 71.80 37.92 -25.05
C VAL A 1119 72.69 37.77 -26.27
N ASP A 1120 72.22 38.30 -27.40
CA ASP A 1120 72.97 38.23 -28.63
C ASP A 1120 74.03 39.33 -28.67
N LEU A 1121 74.98 39.17 -29.59
CA LEU A 1121 76.07 40.11 -29.78
C LEU A 1121 76.03 40.81 -31.12
N GLY A 1122 75.92 40.06 -32.21
CA GLY A 1122 75.86 40.61 -33.55
C GLY A 1122 74.58 40.24 -34.26
N VAL A 1123 74.46 40.74 -35.49
CA VAL A 1123 73.28 40.46 -36.30
C VAL A 1123 73.34 39.01 -36.80
N GLY A 1124 72.16 38.43 -37.01
CA GLY A 1124 72.03 37.06 -37.46
C GLY A 1124 71.97 36.87 -38.96
N TYR A 1125 72.21 37.93 -39.74
CA TYR A 1125 72.14 37.86 -41.19
C TYR A 1125 73.52 37.93 -41.85
N THR A 1126 74.58 37.63 -41.10
CA THR A 1126 75.95 37.65 -41.61
C THR A 1126 76.61 36.32 -41.25
N ALA A 1127 76.45 35.32 -42.12
CA ALA A 1127 77.04 34.01 -41.90
C ALA A 1127 77.13 33.29 -43.24
N VAL A 1128 77.99 32.27 -43.27
CA VAL A 1128 78.22 31.46 -44.46
C VAL A 1128 78.06 29.99 -44.09
N CYS A 1129 77.30 29.26 -44.90
CA CYS A 1129 77.05 27.85 -44.68
C CYS A 1129 77.26 27.08 -45.97
N ALA A 1130 77.71 25.84 -45.85
CA ALA A 1130 77.95 24.99 -47.00
C ALA A 1130 77.90 23.53 -46.57
N THR A 1131 77.74 22.65 -47.56
CA THR A 1131 77.68 21.22 -47.30
C THR A 1131 79.08 20.63 -47.28
N ALA A 1132 79.25 19.58 -46.47
CA ALA A 1132 80.53 18.91 -46.30
C ALA A 1132 80.51 17.49 -46.83
N ALA A 1133 79.57 16.66 -46.36
CA ALA A 1133 79.50 15.27 -46.80
C ALA A 1133 78.08 14.77 -46.61
N LEU A 1134 77.77 13.66 -47.27
CA LEU A 1134 76.45 13.04 -47.19
C LEU A 1134 76.61 11.54 -47.09
N ARG A 1135 75.59 10.89 -46.53
CA ARG A 1135 75.61 9.44 -46.38
C ARG A 1135 75.40 8.76 -47.73
N CYS A 1136 75.94 7.55 -47.85
CA CYS A 1136 75.80 6.80 -49.09
C CYS A 1136 74.37 6.31 -49.23
N PRO A 1137 73.69 6.61 -50.33
CA PRO A 1137 72.31 6.14 -50.50
C PRO A 1137 72.25 4.63 -50.71
N LEU A 1138 71.27 4.00 -50.07
CA LEU A 1138 71.07 2.56 -50.19
C LEU A 1138 69.59 2.28 -49.94
N THR A 1139 68.84 2.10 -51.03
CA THR A 1139 67.41 1.83 -50.94
C THR A 1139 67.04 0.74 -51.95
N ASP A 1140 65.91 0.09 -51.68
CA ASP A 1140 65.43 -0.95 -52.58
C ASP A 1140 64.98 -0.36 -53.90
N MET A 1141 65.37 -1.01 -54.99
CA MET A 1141 65.04 -0.54 -56.33
C MET A 1141 65.10 -1.71 -57.30
N GLY A 1142 64.53 -1.51 -58.48
CA GLY A 1142 64.52 -2.53 -59.50
C GLY A 1142 63.16 -3.19 -59.69
N ASN A 1143 63.01 -4.43 -59.23
CA ASN A 1143 61.77 -5.17 -59.38
C ASN A 1143 60.83 -4.85 -58.22
N THR A 1144 60.34 -3.60 -58.23
CA THR A 1144 59.42 -3.12 -57.21
C THR A 1144 57.97 -3.26 -57.70
N ALA A 1145 57.04 -3.13 -56.77
CA ALA A 1145 55.62 -3.23 -57.06
C ALA A 1145 54.85 -2.22 -56.23
N GLN A 1146 53.69 -1.83 -56.73
CA GLN A 1146 52.84 -0.87 -56.05
C GLN A 1146 51.83 -1.59 -55.15
N ASN A 1147 51.16 -0.81 -54.30
CA ASN A 1147 50.15 -1.32 -53.38
C ASN A 1147 48.74 -0.99 -53.84
N LEU A 1148 48.50 -1.00 -55.16
CA LEU A 1148 47.18 -0.67 -55.68
C LEU A 1148 46.13 -1.68 -55.24
N PHE A 1149 46.50 -2.96 -55.21
CA PHE A 1149 45.56 -4.00 -54.78
C PHE A 1149 45.16 -3.82 -53.32
N PHE A 1150 46.13 -3.49 -52.46
CA PHE A 1150 45.86 -3.31 -51.04
C PHE A 1150 45.26 -1.94 -50.71
N SER A 1151 45.33 -0.98 -51.63
CA SER A 1151 44.76 0.35 -51.40
C SER A 1151 43.33 0.42 -51.95
N ARG A 1152 42.45 -0.36 -51.32
CA ARG A 1152 41.03 -0.43 -51.67
C ARG A 1152 40.91 -0.90 -53.12
N GLY A 1153 39.86 -0.49 -53.83
CA GLY A 1153 39.65 -0.89 -55.20
C GLY A 1153 39.15 0.24 -56.08
N GLY A 1154 38.10 -0.02 -56.84
CA GLY A 1154 37.52 0.98 -57.71
C GLY A 1154 36.09 0.65 -58.06
N VAL A 1155 35.68 1.05 -59.25
CA VAL A 1155 34.31 0.81 -59.70
C VAL A 1155 34.16 -0.67 -60.06
N PRO A 1156 33.18 -1.37 -59.52
CA PRO A 1156 32.98 -2.78 -59.86
C PRO A 1156 32.38 -2.93 -61.25
N MET A 1157 32.41 -4.16 -61.74
CA MET A 1157 31.87 -4.48 -63.06
C MET A 1157 31.47 -5.95 -63.09
N LEU A 1158 30.87 -6.37 -64.20
CA LEU A 1158 30.45 -7.75 -64.37
C LEU A 1158 31.63 -8.71 -64.49
N HIS A 1159 32.85 -8.20 -64.70
CA HIS A 1159 34.04 -9.03 -64.82
C HIS A 1159 34.75 -9.23 -63.48
N ASP A 1160 34.01 -9.11 -62.36
CA ASP A 1160 34.64 -9.22 -61.04
C ASP A 1160 35.21 -10.61 -60.81
N ASN A 1161 34.48 -11.65 -61.20
CA ASN A 1161 34.95 -13.01 -60.95
C ASN A 1161 36.23 -13.31 -61.74
N VAL A 1162 36.24 -12.97 -63.02
CA VAL A 1162 37.41 -13.25 -63.85
C VAL A 1162 38.59 -12.39 -63.42
N THR A 1163 38.34 -11.13 -63.07
CA THR A 1163 39.44 -10.28 -62.63
C THR A 1163 40.01 -10.73 -61.29
N GLU A 1164 39.16 -11.25 -60.38
CA GLU A 1164 39.69 -11.75 -59.12
C GLU A 1164 40.42 -13.07 -59.31
N SER A 1165 39.97 -13.91 -60.26
CA SER A 1165 40.73 -15.12 -60.58
C SER A 1165 42.09 -14.77 -61.16
N LEU A 1166 42.14 -13.76 -62.04
CA LEU A 1166 43.41 -13.32 -62.60
C LEU A 1166 44.33 -12.78 -61.50
N ARG A 1167 43.78 -11.98 -60.58
CA ARG A 1167 44.58 -11.47 -59.48
C ARG A 1167 45.11 -12.60 -58.61
N ARG A 1168 44.28 -13.60 -58.33
CA ARG A 1168 44.72 -14.73 -57.52
C ARG A 1168 45.82 -15.53 -58.21
N ILE A 1169 45.67 -15.78 -59.50
CA ILE A 1169 46.68 -16.59 -60.19
C ILE A 1169 47.97 -15.80 -60.39
N THR A 1170 47.88 -14.47 -60.48
CA THR A 1170 49.11 -13.68 -60.56
C THR A 1170 49.80 -13.56 -59.21
N ALA A 1171 49.03 -13.48 -58.12
CA ALA A 1171 49.64 -13.43 -56.80
C ALA A 1171 50.26 -14.77 -56.42
N SER A 1172 49.62 -15.87 -56.80
CA SER A 1172 50.11 -17.22 -56.51
C SER A 1172 50.34 -17.44 -55.02
N ALA A 1201 62.28 -2.35 -46.99
CA ALA A 1201 60.86 -2.15 -47.21
C ALA A 1201 60.58 -0.83 -47.91
N SER A 1202 60.80 -0.81 -49.23
CA SER A 1202 60.58 0.38 -50.04
C SER A 1202 59.68 0.03 -51.22
N VAL A 1203 58.75 0.94 -51.53
CA VAL A 1203 57.82 0.76 -52.64
C VAL A 1203 58.06 1.87 -53.66
N CYS A 1204 57.50 1.67 -54.85
CA CYS A 1204 57.64 2.63 -55.94
C CYS A 1204 56.28 2.87 -56.59
N GLU A 1205 56.12 4.06 -57.17
CA GLU A 1205 54.89 4.45 -57.84
C GLU A 1205 55.13 4.56 -59.34
N PHE A 1206 54.02 4.60 -60.09
CA PHE A 1206 54.06 4.70 -61.54
C PHE A 1206 53.15 5.82 -62.00
N VAL A 1207 53.65 6.63 -62.94
CA VAL A 1207 52.91 7.75 -63.49
C VAL A 1207 52.85 7.60 -65.00
N ALA A 1208 51.64 7.71 -65.56
CA ALA A 1208 51.43 7.61 -66.99
C ALA A 1208 51.59 8.97 -67.65
N MET A 1209 52.25 8.98 -68.80
CA MET A 1209 52.50 10.19 -69.55
C MET A 1209 52.10 10.01 -71.01
N PRO A 1210 51.72 11.09 -71.69
CA PRO A 1210 51.38 10.96 -73.11
C PRO A 1210 52.58 10.55 -73.94
N VAL A 1211 52.30 9.82 -75.03
CA VAL A 1211 53.36 9.35 -75.91
C VAL A 1211 54.01 10.53 -76.63
N SER A 1212 53.21 11.50 -77.06
CA SER A 1212 53.72 12.65 -77.81
C SER A 1212 54.50 13.56 -76.86
N THR A 1213 55.82 13.61 -77.05
CA THR A 1213 56.69 14.43 -76.23
C THR A 1213 57.67 15.17 -77.14
N ASP A 1214 58.17 16.30 -76.64
CA ASP A 1214 59.14 17.12 -77.37
C ASP A 1214 60.52 16.91 -76.78
N LEU A 1215 61.48 16.54 -77.63
CA LEU A 1215 62.84 16.29 -77.16
C LEU A 1215 63.48 17.58 -76.65
N GLN A 1216 63.30 18.69 -77.37
CA GLN A 1216 63.91 19.95 -76.96
C GLN A 1216 63.34 20.43 -75.63
N TYR A 1217 62.02 20.36 -75.48
CA TYR A 1217 61.38 20.78 -74.23
C TYR A 1217 61.82 19.88 -73.07
N PHE A 1218 61.93 18.58 -73.31
CA PHE A 1218 62.39 17.67 -72.29
C PHE A 1218 63.82 17.97 -71.87
N ARG A 1219 64.68 18.29 -72.84
CA ARG A 1219 66.08 18.58 -72.52
C ARG A 1219 66.22 19.91 -71.79
N THR A 1220 65.42 20.91 -72.16
CA THR A 1220 65.56 22.25 -71.60
C THR A 1220 64.65 22.45 -70.38
N ALA A 1221 64.88 21.62 -69.37
CA ALA A 1221 64.23 21.74 -68.06
C ALA A 1221 62.70 21.71 -68.20
N CYS A 1222 62.22 20.54 -68.64
CA CYS A 1222 60.79 20.35 -68.87
C CYS A 1222 60.00 20.55 -67.58
N ASN A 1223 59.18 21.60 -67.54
CA ASN A 1223 58.38 21.87 -66.37
C ASN A 1223 57.23 20.87 -66.29
N PRO A 1224 56.94 20.32 -65.10
CA PRO A 1224 55.80 19.42 -64.97
C PRO A 1224 54.49 20.13 -65.27
N ARG A 1225 53.52 19.37 -65.80
CA ARG A 1225 52.19 19.80 -66.19
C ARG A 1225 52.21 20.76 -67.39
N GLY A 1226 53.38 21.03 -67.97
CA GLY A 1226 53.45 21.88 -69.15
C GLY A 1226 53.45 23.36 -68.84
N ARG A 1227 52.28 23.90 -68.47
CA ARG A 1227 52.17 25.32 -68.19
C ARG A 1227 52.79 25.64 -66.83
N ALA A 1228 53.60 26.69 -66.80
CA ALA A 1228 54.25 27.11 -65.56
C ALA A 1228 53.27 27.88 -64.68
N SER A 1229 53.62 27.99 -63.40
CA SER A 1229 52.79 28.70 -62.43
C SER A 1229 52.94 30.20 -62.60
N ALA A 1239 40.36 36.02 -57.44
CA ALA A 1239 40.70 34.60 -57.54
C ALA A 1239 41.26 34.26 -58.92
N ASP A 1240 42.20 35.08 -59.39
CA ASP A 1240 42.81 34.87 -60.69
C ASP A 1240 43.88 33.79 -60.68
N ILE A 1241 44.31 33.33 -59.49
CA ILE A 1241 45.33 32.30 -59.42
C ILE A 1241 44.83 31.00 -60.06
N GLU A 1242 43.58 30.63 -59.78
CA GLU A 1242 42.99 29.43 -60.36
C GLU A 1242 42.43 29.67 -61.76
N ALA A 1243 42.47 30.90 -62.26
CA ALA A 1243 41.94 31.21 -63.58
C ALA A 1243 43.03 31.38 -64.63
N ILE A 1244 44.21 31.89 -64.26
CA ILE A 1244 45.30 32.07 -65.20
C ILE A 1244 46.12 30.81 -65.40
N MET A 1245 45.77 29.71 -64.75
CA MET A 1245 46.48 28.45 -64.89
C MET A 1245 45.88 27.54 -65.94
N PHE A 1246 44.80 27.95 -66.61
CA PHE A 1246 44.13 27.13 -67.61
C PHE A 1246 43.89 27.90 -68.90
N ASP A 1247 44.76 28.85 -69.22
CA ASP A 1247 44.63 29.63 -70.45
C ASP A 1247 45.49 29.00 -71.55
N HIS A 1248 45.07 27.81 -71.95
CA HIS A 1248 45.78 27.04 -72.97
C HIS A 1248 45.36 27.42 -74.39
N THR A 1249 44.39 28.34 -74.54
CA THR A 1249 43.96 28.75 -75.88
C THR A 1249 45.05 29.52 -76.61
N GLN A 1250 45.96 30.16 -75.88
CA GLN A 1250 47.04 30.94 -76.46
C GLN A 1250 48.37 30.26 -76.17
N SER A 1251 49.45 30.91 -76.61
CA SER A 1251 50.79 30.37 -76.40
C SER A 1251 51.18 30.45 -74.93
N ASP A 1252 52.11 29.59 -74.54
CA ASP A 1252 52.59 29.55 -73.17
C ASP A 1252 53.37 30.81 -72.83
N VAL A 1253 53.26 31.23 -71.56
CA VAL A 1253 53.96 32.44 -71.11
C VAL A 1253 55.46 32.23 -71.16
N ALA A 1254 55.94 31.07 -70.74
CA ALA A 1254 57.37 30.82 -70.70
C ALA A 1254 57.93 30.64 -72.11
N TYR A 1255 57.42 29.65 -72.84
CA TYR A 1255 57.87 29.37 -74.20
C TYR A 1255 56.82 29.83 -75.18
N THR A 1256 57.22 30.69 -76.12
CA THR A 1256 56.32 31.22 -77.14
C THR A 1256 56.31 30.40 -78.42
N ASP A 1257 57.13 29.35 -78.50
CA ASP A 1257 57.16 28.53 -79.71
C ASP A 1257 55.84 27.79 -79.92
N ARG A 1258 55.32 27.18 -78.86
CA ARG A 1258 54.06 26.44 -78.93
C ARG A 1258 53.50 26.29 -77.53
N ALA A 1259 52.41 25.56 -77.42
CA ALA A 1259 51.75 25.31 -76.14
C ALA A 1259 52.32 24.04 -75.51
N THR A 1260 51.67 23.55 -74.45
CA THR A 1260 52.13 22.34 -73.79
C THR A 1260 51.99 21.14 -74.71
N LEU A 1261 52.92 20.19 -74.57
CA LEU A 1261 52.96 19.00 -75.42
C LEU A 1261 52.25 17.80 -74.79
N ASN A 1262 51.62 17.98 -73.63
CA ASN A 1262 50.92 16.90 -72.94
C ASN A 1262 49.51 17.37 -72.58
N PRO A 1263 48.61 17.42 -73.57
CA PRO A 1263 47.23 17.84 -73.28
C PRO A 1263 46.49 16.89 -72.37
N TRP A 1264 46.92 15.63 -72.28
CA TRP A 1264 46.24 14.65 -71.43
C TRP A 1264 46.51 14.88 -69.94
N ALA A 1265 47.47 15.72 -69.59
CA ALA A 1265 47.79 16.00 -68.19
C ALA A 1265 47.98 17.51 -67.99
N SER A 1266 47.16 18.31 -68.68
CA SER A 1266 47.25 19.76 -68.57
C SER A 1266 45.93 20.43 -68.22
N GLN A 1267 44.80 19.75 -68.32
CA GLN A 1267 43.50 20.33 -67.98
C GLN A 1267 43.28 20.24 -66.46
N LYS A 1268 42.09 20.64 -66.01
CA LYS A 1268 41.80 20.60 -64.58
C LYS A 1268 41.55 19.17 -64.11
N HIS A 1269 40.50 18.54 -64.63
CA HIS A 1269 40.20 17.14 -64.32
C HIS A 1269 40.67 16.23 -65.46
N SER A 1270 41.98 16.28 -65.72
CA SER A 1270 42.54 15.43 -66.76
C SER A 1270 42.87 14.04 -66.24
N TYR A 1271 43.81 13.96 -65.29
CA TYR A 1271 44.15 12.69 -64.64
C TYR A 1271 44.24 12.77 -63.13
N GLY A 1272 44.55 13.94 -62.55
CA GLY A 1272 44.73 14.07 -61.12
C GLY A 1272 43.50 13.74 -60.31
N ASP A 1273 42.43 14.52 -60.49
CA ASP A 1273 41.20 14.28 -59.77
C ASP A 1273 40.55 12.95 -60.14
N ARG A 1274 40.97 12.33 -61.24
CA ARG A 1274 40.40 11.04 -61.63
C ARG A 1274 41.09 9.88 -60.93
N LEU A 1275 42.43 9.88 -60.91
CA LEU A 1275 43.18 8.78 -60.33
C LEU A 1275 43.71 9.10 -58.94
N TYR A 1276 44.50 10.16 -58.80
CA TYR A 1276 45.13 10.51 -57.53
C TYR A 1276 44.33 11.63 -56.88
N ASN A 1277 43.21 11.25 -56.26
CA ASN A 1277 42.35 12.20 -55.58
C ASN A 1277 42.25 11.96 -54.07
N GLY A 1278 42.67 10.80 -53.58
CA GLY A 1278 42.60 10.51 -52.16
C GLY A 1278 41.25 9.97 -51.74
N THR A 1279 40.22 10.82 -51.79
CA THR A 1279 38.88 10.38 -51.43
C THR A 1279 38.34 9.36 -52.42
N TYR A 1280 38.64 9.54 -53.71
CA TYR A 1280 38.17 8.64 -54.76
C TYR A 1280 39.18 7.53 -55.07
N ASN A 1281 40.30 7.49 -54.35
CA ASN A 1281 41.35 6.48 -54.57
C ASN A 1281 41.83 6.46 -56.00
N TYR A 1289 56.22 8.19 -54.23
CA TYR A 1289 54.77 8.33 -54.14
C TYR A 1289 54.38 9.74 -53.68
N SER A 1290 55.31 10.41 -53.02
CA SER A 1290 55.05 11.77 -52.54
C SER A 1290 54.77 12.75 -53.68
N PRO A 1291 55.57 12.83 -54.76
CA PRO A 1291 55.20 13.73 -55.85
C PRO A 1291 53.89 13.37 -56.52
N CYS A 1292 53.51 12.09 -56.53
CA CYS A 1292 52.27 11.67 -57.17
C CYS A 1292 51.06 12.31 -56.52
N PHE A 1293 51.15 12.68 -55.24
CA PHE A 1293 50.10 13.43 -54.58
C PHE A 1293 50.43 14.91 -54.44
N LYS A 1294 51.70 15.28 -54.54
CA LYS A 1294 52.09 16.68 -54.42
C LYS A 1294 51.79 17.49 -55.68
N PHE A 1295 51.90 16.87 -56.85
CA PHE A 1295 51.72 17.56 -58.12
C PHE A 1295 50.57 16.97 -58.93
N PHE A 1296 49.48 16.61 -58.25
CA PHE A 1296 48.32 16.05 -58.96
C PHE A 1296 46.99 16.55 -58.43
N THR A 1297 46.98 17.49 -57.47
CA THR A 1297 45.73 18.03 -56.95
C THR A 1297 45.83 19.55 -56.97
N PRO A 1298 44.93 20.23 -57.69
CA PRO A 1298 45.07 21.69 -57.86
C PRO A 1298 45.03 22.47 -56.56
N ALA A 1299 44.23 22.05 -55.57
CA ALA A 1299 44.10 22.82 -54.34
C ALA A 1299 45.44 22.86 -53.59
N GLU A 1300 46.04 21.70 -53.35
CA GLU A 1300 47.31 21.67 -52.65
C GLU A 1300 48.43 22.23 -53.50
N VAL A 1301 48.36 22.07 -54.83
CA VAL A 1301 49.37 22.68 -55.69
C VAL A 1301 49.33 24.21 -55.55
N ASN A 1302 48.12 24.78 -55.56
CA ASN A 1302 47.98 26.23 -55.42
C ASN A 1302 48.43 26.70 -54.04
N THR A 1303 48.08 25.96 -52.98
CA THR A 1303 48.49 26.38 -51.65
C THR A 1303 50.00 26.26 -51.47
N ASN A 1304 50.63 25.26 -52.08
CA ASN A 1304 52.08 25.14 -52.01
C ASN A 1304 52.76 26.27 -52.78
N CYS A 1305 52.24 26.61 -53.95
CA CYS A 1305 52.81 27.72 -54.70
C CYS A 1305 52.63 29.04 -53.95
N ASN A 1306 51.48 29.23 -53.29
CA ASN A 1306 51.25 30.43 -52.51
C ASN A 1306 52.21 30.52 -51.33
N THR A 1307 52.41 29.40 -50.61
CA THR A 1307 53.33 29.42 -49.48
C THR A 1307 54.77 29.66 -49.96
N LEU A 1308 55.15 29.06 -51.09
CA LEU A 1308 56.49 29.30 -51.62
C LEU A 1308 56.68 30.76 -52.01
N ASP A 1309 55.68 31.36 -52.65
CA ASP A 1309 55.77 32.77 -53.01
C ASP A 1309 55.85 33.65 -51.77
N ARG A 1310 55.06 33.34 -50.75
CA ARG A 1310 55.11 34.11 -49.51
C ARG A 1310 56.49 34.01 -48.85
N LEU A 1311 57.06 32.80 -48.81
CA LEU A 1311 58.38 32.62 -48.23
C LEU A 1311 59.44 33.38 -49.03
N LEU A 1312 59.34 33.33 -50.36
CA LEU A 1312 60.29 34.06 -51.20
C LEU A 1312 60.19 35.57 -50.97
N MET A 1313 58.96 36.09 -50.87
CA MET A 1313 58.80 37.52 -50.63
C MET A 1313 59.29 37.91 -49.24
N GLU A 1314 59.09 37.04 -48.25
CA GLU A 1314 59.60 37.31 -46.91
C GLU A 1314 61.12 37.33 -46.90
N ALA A 1315 61.76 36.39 -47.61
CA ALA A 1315 63.21 36.38 -47.71
C ALA A 1315 63.73 37.62 -48.43
N LYS A 1316 63.04 38.04 -49.49
CA LYS A 1316 63.45 39.24 -50.22
C LYS A 1316 63.32 40.49 -49.36
N ALA A 1317 62.25 40.58 -48.56
CA ALA A 1317 62.05 41.75 -47.72
C ALA A 1317 63.03 41.77 -46.56
N VAL A 1318 63.02 40.74 -45.73
CA VAL A 1318 63.92 40.66 -44.59
C VAL A 1318 65.00 39.62 -44.82
N PRO A 1333 66.46 32.36 -38.56
CA PRO A 1333 65.52 32.86 -39.58
C PRO A 1333 65.82 32.32 -40.97
N PRO A 1334 64.77 32.00 -41.74
CA PRO A 1334 63.34 32.09 -41.41
C PRO A 1334 62.81 30.79 -40.82
N GLY A 1335 63.55 30.16 -39.90
CA GLY A 1335 63.13 28.91 -39.30
C GLY A 1335 63.65 27.66 -39.98
N SER A 1336 64.44 27.80 -41.04
CA SER A 1336 65.01 26.67 -41.77
C SER A 1336 63.91 25.74 -42.30
N THR A 1337 63.05 26.31 -43.14
CA THR A 1337 61.93 25.58 -43.73
C THR A 1337 61.85 25.90 -45.21
N GLU A 1338 61.26 24.95 -45.96
CA GLU A 1338 61.01 25.07 -47.39
C GLU A 1338 62.29 25.05 -48.21
N MET A 1339 63.03 26.15 -48.22
CA MET A 1339 64.26 26.23 -49.01
C MET A 1339 65.37 25.35 -48.43
N THR A 1340 65.25 24.93 -47.18
CA THR A 1340 66.23 24.08 -46.52
C THR A 1340 65.56 22.79 -46.06
N GLN A 1341 66.32 21.99 -45.30
CA GLN A 1341 65.85 20.71 -44.76
C GLN A 1341 65.44 19.76 -45.88
N ASP A 1342 64.15 19.69 -46.17
CA ASP A 1342 63.66 18.81 -47.22
C ASP A 1342 64.01 19.39 -48.59
N PRO A 1343 64.70 18.65 -49.45
CA PRO A 1343 65.04 19.17 -50.79
C PRO A 1343 63.87 19.01 -51.74
N CYS A 1344 64.06 19.49 -52.97
CA CYS A 1344 63.05 19.43 -54.02
C CYS A 1344 61.73 20.07 -53.57
N GLY A 1345 61.84 21.26 -52.99
CA GLY A 1345 60.68 21.98 -52.53
C GLY A 1345 60.23 23.06 -53.49
N LEU A 1346 60.52 24.32 -53.16
CA LEU A 1346 60.15 25.42 -54.05
C LEU A 1346 60.96 25.38 -55.35
N PHE A 1347 62.19 24.90 -55.29
CA PHE A 1347 63.04 24.79 -56.48
C PHE A 1347 62.89 23.43 -57.16
N GLN A 1348 61.65 23.09 -57.50
CA GLN A 1348 61.38 21.81 -58.13
C GLN A 1348 61.88 21.82 -59.58
N GLU A 1349 62.56 20.75 -59.98
CA GLU A 1349 63.10 20.63 -61.32
C GLU A 1349 63.19 19.16 -61.69
N ALA A 1350 62.75 18.81 -62.90
CA ALA A 1350 62.76 17.44 -63.37
C ALA A 1350 64.13 17.14 -63.95
N TYR A 1351 64.91 16.32 -63.24
CA TYR A 1351 66.25 15.98 -63.69
C TYR A 1351 66.19 14.99 -64.85
N PRO A 1352 66.77 15.31 -66.00
CA PRO A 1352 66.74 14.38 -67.13
C PRO A 1352 67.83 13.32 -67.00
N PRO A 1353 67.46 12.06 -66.83
CA PRO A 1353 68.47 11.01 -66.69
C PRO A 1353 69.07 10.61 -68.03
N LEU A 1354 70.22 9.95 -67.95
CA LEU A 1354 70.91 9.44 -69.13
C LEU A 1354 70.40 8.02 -69.40
N CYS A 1355 69.28 7.95 -70.11
CA CYS A 1355 68.64 6.68 -70.44
C CYS A 1355 68.84 6.38 -71.93
N SER A 1356 69.27 5.16 -72.23
CA SER A 1356 69.49 4.72 -73.59
C SER A 1356 68.65 3.47 -73.87
N SER A 1357 68.03 3.45 -75.05
CA SER A 1357 67.21 2.29 -75.42
C SER A 1357 68.06 1.05 -75.61
N ASP A 1358 69.24 1.19 -76.20
CA ASP A 1358 70.15 0.09 -76.45
C ASP A 1358 71.31 0.13 -75.46
N ALA A 1359 71.61 -1.02 -74.85
CA ALA A 1359 72.69 -1.08 -73.87
C ALA A 1359 74.07 -0.98 -74.51
N ALA A 1360 74.17 -1.27 -75.81
CA ALA A 1360 75.47 -1.18 -76.49
C ALA A 1360 75.98 0.25 -76.51
N MET A 1361 75.10 1.21 -76.77
CA MET A 1361 75.48 2.63 -76.80
C MET A 1361 75.24 3.33 -75.47
N LEU A 1362 74.74 2.61 -74.46
CA LEU A 1362 74.51 3.23 -73.15
C LEU A 1362 75.81 3.67 -72.51
N ARG A 1363 76.86 2.86 -72.61
CA ARG A 1363 78.14 3.17 -72.01
C ARG A 1363 79.26 2.65 -72.90
N THR A 1364 80.45 3.20 -72.70
CA THR A 1364 81.62 2.81 -73.47
C THR A 1364 82.21 1.51 -72.91
N ALA A 1365 83.38 1.13 -73.40
CA ALA A 1365 84.04 -0.10 -72.99
C ALA A 1365 85.08 0.13 -71.90
N HIS A 1366 85.19 1.35 -71.38
CA HIS A 1366 86.17 1.68 -70.35
C HIS A 1366 85.40 2.19 -69.12
N ALA A 1367 84.96 1.26 -68.28
CA ALA A 1367 84.26 1.55 -67.03
C ALA A 1367 83.00 2.40 -67.21
N GLY A 1368 82.50 2.51 -68.44
CA GLY A 1368 81.33 3.32 -68.69
C GLY A 1368 81.48 4.78 -68.34
N GLU A 1369 82.65 5.36 -68.63
CA GLU A 1369 82.89 6.75 -68.28
C GLU A 1369 81.98 7.70 -69.05
N THR A 1370 81.78 7.43 -70.34
CA THR A 1370 80.94 8.27 -71.19
C THR A 1370 80.05 7.38 -72.05
N GLY A 1371 79.02 8.00 -72.63
CA GLY A 1371 78.08 7.29 -73.46
C GLY A 1371 78.46 7.32 -74.93
N ALA A 1372 77.47 7.55 -75.79
CA ALA A 1372 77.71 7.58 -77.23
C ALA A 1372 77.21 8.90 -77.84
N ASP A 1373 77.21 8.98 -79.16
CA ASP A 1373 76.75 10.19 -79.83
C ASP A 1373 75.26 10.42 -79.58
N GLU A 1374 74.90 11.68 -79.38
CA GLU A 1374 73.51 12.05 -79.11
C GLU A 1374 72.63 12.02 -80.34
N VAL A 1375 73.21 11.90 -81.54
CA VAL A 1375 72.45 11.87 -82.79
C VAL A 1375 72.72 10.55 -83.49
N HIS A 1376 71.64 9.88 -83.91
CA HIS A 1376 71.73 8.62 -84.62
C HIS A 1376 70.66 8.59 -85.70
N LEU A 1377 70.63 7.49 -86.46
CA LEU A 1377 69.65 7.37 -87.54
C LEU A 1377 68.23 7.33 -87.01
N ALA A 1378 68.01 6.62 -85.88
CA ALA A 1378 66.68 6.54 -85.29
C ALA A 1378 66.69 6.62 -83.77
N GLN A 1379 67.82 6.97 -83.16
CA GLN A 1379 67.94 7.03 -81.70
C GLN A 1379 68.57 8.35 -81.29
N TYR A 1380 68.32 8.74 -80.04
CA TYR A 1380 68.87 9.96 -79.48
C TYR A 1380 69.34 9.69 -78.06
N LEU A 1381 70.32 10.47 -77.61
CA LEU A 1381 70.88 10.35 -76.27
C LEU A 1381 70.80 11.69 -75.57
N ILE A 1382 70.40 11.65 -74.29
CA ILE A 1382 70.24 12.83 -73.47
C ILE A 1382 71.21 12.74 -72.29
N ARG A 1383 71.99 13.79 -72.08
CA ARG A 1383 72.96 13.81 -70.99
C ARG A 1383 72.25 14.07 -69.66
N ASP A 1384 73.00 13.87 -68.57
CA ASP A 1384 72.50 14.05 -67.22
C ASP A 1384 73.04 15.35 -66.65
N ALA A 1385 72.15 16.19 -66.13
CA ALA A 1385 72.55 17.46 -65.54
C ALA A 1385 72.63 17.43 -64.03
N SER A 1386 72.00 16.46 -63.38
CA SER A 1386 72.06 16.37 -61.93
C SER A 1386 73.47 15.99 -61.47
N PRO A 1387 73.90 16.49 -60.30
CA PRO A 1387 75.26 16.19 -59.81
C PRO A 1387 75.34 14.84 -59.12
N LEU A 1388 75.26 13.76 -59.91
CA LEU A 1388 75.39 12.41 -59.39
C LEU A 1388 76.25 11.52 -60.27
N ARG A 1389 76.99 12.08 -61.22
CA ARG A 1389 77.84 11.26 -62.09
C ARG A 1389 78.95 10.59 -61.29
N GLY A 1390 79.55 11.31 -60.35
CA GLY A 1390 80.62 10.76 -59.54
C GLY A 1390 80.12 10.07 -58.29
N CYS A 1391 80.11 8.73 -58.31
CA CYS A 1391 79.66 7.94 -57.18
C CYS A 1391 80.62 6.79 -56.95
N LEU A 1392 80.67 6.32 -55.71
CA LEU A 1392 81.55 5.22 -55.30
C LEU A 1392 83.00 5.50 -55.63
N ILE B 19 109.50 -118.16 88.52
CA ILE B 19 109.40 -118.48 87.11
C ILE B 19 109.94 -117.33 86.27
N ALA B 20 110.28 -117.61 85.02
CA ALA B 20 110.79 -116.60 84.12
C ALA B 20 109.70 -115.63 83.70
N GLY B 21 110.10 -114.41 83.35
CA GLY B 21 109.16 -113.39 82.94
C GLY B 21 108.90 -112.35 84.00
N LEU B 22 108.86 -112.79 85.26
CA LEU B 22 108.61 -111.85 86.35
C LEU B 22 109.82 -110.98 86.66
N PHE B 23 111.01 -111.38 86.24
CA PHE B 23 112.22 -110.62 86.47
C PHE B 23 113.06 -110.60 85.21
N ASN B 24 113.87 -109.56 85.06
CA ASN B 24 114.72 -109.43 83.89
C ASN B 24 115.85 -110.46 83.94
N ILE B 25 116.04 -111.16 82.82
CA ILE B 25 117.12 -112.16 82.75
C ILE B 25 118.51 -111.56 82.93
N PRO B 26 118.87 -110.43 82.30
CA PRO B 26 120.24 -109.90 82.53
C PRO B 26 120.48 -109.44 83.95
N ALA B 27 119.43 -109.17 84.73
CA ALA B 27 119.59 -108.71 86.10
C ALA B 27 119.68 -109.92 87.03
N GLY B 28 119.63 -109.66 88.33
CA GLY B 28 119.72 -110.71 89.33
C GLY B 28 120.42 -110.21 90.58
N ILE B 29 121.15 -111.12 91.22
CA ILE B 29 121.88 -110.78 92.43
C ILE B 29 123.21 -110.13 92.06
N ILE B 30 123.76 -109.36 93.01
CA ILE B 30 125.03 -108.67 92.82
C ILE B 30 126.15 -109.63 93.22
N PRO B 31 127.13 -109.87 92.36
CA PRO B 31 128.27 -110.77 92.72
C PRO B 31 129.29 -110.08 93.63
N THR B 32 128.97 -110.05 94.92
CA THR B 32 129.84 -109.40 95.89
C THR B 32 131.03 -110.27 96.30
N GLY B 33 131.05 -111.54 95.92
CA GLY B 33 132.14 -112.42 96.27
C GLY B 33 131.73 -113.87 96.40
N ASN B 34 132.09 -114.49 97.51
CA ASN B 34 131.79 -115.89 97.77
C ASN B 34 130.71 -116.00 98.84
N VAL B 35 130.22 -117.22 99.04
CA VAL B 35 129.19 -117.50 100.01
C VAL B 35 129.80 -118.24 101.19
N LEU B 36 129.01 -118.42 102.25
CA LEU B 36 129.48 -119.08 103.45
C LEU B 36 129.70 -120.57 103.19
N SER B 37 130.43 -121.20 104.10
CA SER B 37 130.79 -122.62 104.11
C SER B 37 131.69 -123.02 102.94
N THR B 38 132.14 -122.06 102.13
CA THR B 38 133.06 -122.29 101.02
C THR B 38 132.52 -123.36 100.06
N ILE B 39 131.39 -123.02 99.45
CA ILE B 39 130.73 -123.87 98.47
C ILE B 39 130.65 -123.11 97.16
N GLU B 40 131.14 -123.74 96.08
CA GLU B 40 131.13 -123.14 94.75
C GLU B 40 130.66 -124.19 93.75
N VAL B 41 129.54 -123.90 93.08
CA VAL B 41 128.98 -124.79 92.08
C VAL B 41 128.71 -123.98 90.82
N CYS B 42 129.14 -124.52 89.67
CA CYS B 42 128.94 -123.84 88.40
C CYS B 42 128.47 -124.77 87.28
N ALA B 43 128.32 -126.07 87.53
CA ALA B 43 127.87 -127.00 86.50
C ALA B 43 126.37 -126.90 86.24
N HIS B 44 125.60 -126.34 87.18
CA HIS B 44 124.17 -126.23 86.98
C HIS B 44 123.81 -125.14 85.98
N ARG B 45 124.69 -124.13 85.83
CA ARG B 45 124.54 -123.01 84.92
C ARG B 45 123.13 -122.44 84.88
N CYS B 46 122.47 -122.39 86.04
CA CYS B 46 121.11 -121.86 86.16
C CYS B 46 121.03 -120.90 87.34
N ILE B 47 122.00 -119.98 87.43
CA ILE B 47 122.02 -119.01 88.50
C ILE B 47 120.91 -117.99 88.29
N PHE B 48 119.96 -117.94 89.23
CA PHE B 48 118.82 -117.04 89.17
C PHE B 48 118.05 -117.22 87.87
N ASP B 49 118.08 -116.20 87.00
CA ASP B 49 117.41 -116.25 85.71
C ASP B 49 118.37 -116.58 84.58
N PHE B 50 119.42 -115.78 84.42
CA PHE B 50 120.40 -116.02 83.37
C PHE B 50 121.70 -115.32 83.75
N PHE B 51 122.82 -115.85 83.25
CA PHE B 51 124.12 -115.28 83.51
C PHE B 51 125.08 -115.70 82.41
N LYS B 52 126.19 -114.98 82.30
CA LYS B 52 127.21 -115.25 81.30
C LYS B 52 128.59 -115.21 81.95
N GLN B 53 129.53 -115.94 81.37
CA GLN B 53 130.88 -116.00 81.89
C GLN B 53 131.95 -115.93 80.81
N ILE B 54 131.58 -115.69 79.55
CA ILE B 54 132.55 -115.63 78.45
C ILE B 54 133.01 -114.18 78.38
N ARG B 55 134.00 -113.86 79.22
CA ARG B 55 134.64 -112.54 79.33
C ARG B 55 133.64 -111.39 79.21
N SER B 56 134.01 -110.34 78.50
CA SER B 56 133.15 -109.18 78.29
C SER B 56 132.51 -109.16 76.90
N ASP B 57 132.66 -110.23 76.14
CA ASP B 57 132.11 -110.30 74.77
C ASP B 57 130.65 -110.74 74.86
N ASP B 58 129.79 -109.78 75.15
CA ASP B 58 128.35 -110.01 75.27
C ASP B 58 127.63 -109.25 74.16
N ASN B 59 126.69 -109.92 73.50
CA ASN B 59 125.93 -109.33 72.42
C ASN B 59 124.57 -108.86 72.94
N SER B 60 123.73 -108.38 72.01
CA SER B 60 122.38 -107.91 72.30
C SER B 60 122.40 -106.83 73.39
N LEU B 61 123.43 -105.97 73.35
CA LEU B 61 123.54 -104.91 74.34
C LEU B 61 122.55 -103.79 74.08
N TYR B 62 122.11 -103.61 72.83
CA TYR B 62 121.16 -102.56 72.48
C TYR B 62 119.74 -103.06 72.69
N SER B 63 119.37 -103.22 73.97
CA SER B 63 118.04 -103.67 74.32
C SER B 63 117.47 -102.90 75.52
N ALA B 64 118.02 -101.74 75.84
CA ALA B 64 117.54 -100.96 76.97
C ALA B 64 116.34 -100.11 76.57
N GLN B 65 115.33 -100.11 77.43
CA GLN B 65 114.11 -99.33 77.19
C GLN B 65 113.72 -98.62 78.48
N PHE B 66 113.32 -97.36 78.36
CA PHE B 66 112.92 -96.53 79.49
C PHE B 66 111.45 -96.18 79.36
N ASP B 67 110.75 -96.18 80.49
CA ASP B 67 109.34 -95.85 80.56
C ASP B 67 109.13 -94.70 81.54
N ILE B 68 108.32 -93.72 81.14
CA ILE B 68 108.02 -92.55 81.96
C ILE B 68 106.52 -92.47 82.17
N LEU B 69 106.10 -92.35 83.43
CA LEU B 69 104.68 -92.25 83.79
C LEU B 69 104.51 -91.06 84.73
N LEU B 70 103.94 -89.98 84.21
CA LEU B 70 103.72 -88.76 84.97
C LEU B 70 102.25 -88.39 84.94
N GLY B 71 101.90 -87.37 85.73
CA GLY B 71 100.54 -86.90 85.80
C GLY B 71 100.15 -86.43 87.19
N THR B 72 99.54 -85.24 87.27
CA THR B 72 99.12 -84.66 88.54
C THR B 72 97.70 -84.11 88.41
N TYR B 73 96.81 -84.90 87.83
CA TYR B 73 95.42 -84.51 87.63
C TYR B 73 94.50 -85.50 88.35
N CYS B 74 93.47 -84.97 88.99
CA CYS B 74 92.52 -85.79 89.73
C CYS B 74 91.09 -85.51 89.29
N ASN B 75 90.12 -86.08 90.00
CA ASN B 75 88.71 -85.91 89.69
C ASN B 75 88.05 -84.86 90.58
N THR B 76 88.79 -83.83 90.98
CA THR B 76 88.24 -82.79 91.84
C THR B 76 87.24 -81.93 91.08
N LEU B 77 86.39 -81.24 91.83
CA LEU B 77 85.37 -80.38 91.26
C LEU B 77 85.26 -79.11 92.08
N ASN B 78 84.69 -78.07 91.46
CA ASN B 78 84.53 -76.78 92.11
C ASN B 78 83.44 -76.87 93.17
N PHE B 79 83.83 -76.89 94.44
CA PHE B 79 82.85 -76.96 95.52
C PHE B 79 82.11 -75.64 95.66
N VAL B 80 80.89 -75.72 96.21
CA VAL B 80 80.06 -74.55 96.41
C VAL B 80 79.85 -74.32 97.90
N ARG B 81 79.17 -73.23 98.25
CA ARG B 81 78.90 -72.89 99.64
C ARG B 81 77.40 -72.73 99.86
N PHE B 82 76.95 -73.11 101.06
CA PHE B 82 75.53 -73.02 101.37
C PHE B 82 75.11 -71.56 101.59
N LEU B 83 75.93 -70.78 102.29
CA LEU B 83 75.56 -69.40 102.60
C LEU B 83 75.72 -68.49 101.39
N GLU B 84 76.95 -68.39 100.87
CA GLU B 84 77.26 -67.52 99.74
C GLU B 84 76.81 -66.10 99.99
N LEU B 85 76.00 -65.56 99.07
CA LEU B 85 75.50 -64.19 99.20
C LEU B 85 74.01 -64.05 98.95
N GLY B 86 73.37 -64.98 98.23
CA GLY B 86 71.97 -64.87 97.91
C GLY B 86 71.05 -65.60 98.88
N LEU B 87 71.52 -66.74 99.40
CA LEU B 87 70.71 -67.50 100.34
C LEU B 87 70.56 -66.79 101.68
N SER B 88 71.55 -66.00 102.07
CA SER B 88 71.51 -65.24 103.31
C SER B 88 70.83 -63.89 103.16
N VAL B 89 70.43 -63.51 101.95
CA VAL B 89 69.78 -62.23 101.71
C VAL B 89 68.37 -62.38 101.17
N ALA B 90 68.00 -63.54 100.60
CA ALA B 90 66.64 -63.70 100.09
C ALA B 90 65.63 -63.81 101.22
N CYS B 91 66.05 -64.27 102.39
CA CYS B 91 65.15 -64.43 103.53
C CYS B 91 65.93 -64.26 104.81
N ILE B 92 65.21 -63.97 105.89
CA ILE B 92 65.83 -63.77 107.19
C ILE B 92 66.32 -65.10 107.73
N CYS B 93 67.58 -65.13 108.18
CA CYS B 93 68.20 -66.35 108.72
C CYS B 93 68.80 -65.99 110.08
N THR B 94 68.09 -66.33 111.15
CA THR B 94 68.54 -66.06 112.51
C THR B 94 68.82 -67.36 113.23
N LYS B 95 69.85 -67.36 114.08
CA LYS B 95 70.25 -68.53 114.84
C LYS B 95 69.72 -68.38 116.26
N PHE B 96 68.74 -69.21 116.62
CA PHE B 96 68.12 -69.21 117.94
C PHE B 96 68.13 -70.62 118.50
N PRO B 97 69.25 -71.05 119.09
CA PRO B 97 69.32 -72.41 119.64
C PRO B 97 68.32 -72.67 120.75
N GLU B 98 67.83 -71.63 121.43
CA GLU B 98 66.87 -71.79 122.51
C GLU B 98 65.44 -71.91 122.03
N LEU B 99 65.20 -71.78 120.72
CA LEU B 99 63.84 -71.90 120.19
C LEU B 99 63.33 -73.32 120.20
N ALA B 100 64.22 -74.31 120.33
CA ALA B 100 63.79 -75.71 120.36
C ALA B 100 62.96 -76.00 121.59
N TYR B 101 63.34 -75.44 122.74
CA TYR B 101 62.61 -75.65 123.98
C TYR B 101 61.37 -74.78 124.11
N VAL B 102 61.17 -73.83 123.19
CA VAL B 102 60.01 -72.95 123.21
C VAL B 102 59.00 -73.44 122.18
N ARG B 103 57.77 -73.65 122.63
CA ARG B 103 56.71 -74.13 121.74
C ARG B 103 56.15 -72.97 120.93
N ASP B 104 55.04 -73.22 120.23
CA ASP B 104 54.42 -72.18 119.42
C ASP B 104 53.81 -71.10 120.30
N GLY B 105 53.96 -69.85 119.88
CA GLY B 105 53.44 -68.72 120.63
C GLY B 105 52.05 -68.30 120.18
N VAL B 106 51.81 -66.99 120.18
CA VAL B 106 50.52 -66.44 119.79
C VAL B 106 50.75 -65.28 118.81
N ILE B 107 49.72 -64.96 118.06
CA ILE B 107 49.77 -63.87 117.09
C ILE B 107 48.87 -62.74 117.57
N GLN B 108 49.13 -61.55 117.03
CA GLN B 108 48.40 -60.34 117.40
C GLN B 108 47.45 -59.97 116.26
N PHE B 109 46.16 -60.15 116.49
CA PHE B 109 45.13 -59.80 115.53
C PHE B 109 44.09 -58.91 116.20
N GLU B 110 43.66 -57.88 115.48
CA GLU B 110 42.69 -56.93 116.02
C GLU B 110 41.65 -56.61 114.95
N VAL B 111 40.46 -56.23 115.41
CA VAL B 111 39.36 -55.86 114.52
C VAL B 111 38.76 -54.56 115.04
N GLN B 112 38.10 -53.83 114.14
CA GLN B 112 37.50 -52.55 114.47
C GLN B 112 36.04 -52.52 113.98
N GLN B 113 35.17 -51.95 114.80
CA GLN B 113 33.75 -51.80 114.49
C GLN B 113 33.33 -50.37 114.75
N PRO B 114 33.76 -49.43 113.89
CA PRO B 114 33.43 -48.02 114.12
C PRO B 114 32.07 -47.64 113.56
N MET B 115 31.74 -46.36 113.63
CA MET B 115 30.50 -45.85 113.06
C MET B 115 30.66 -45.75 111.54
N ILE B 116 29.65 -45.20 110.86
CA ILE B 116 29.64 -45.12 109.41
C ILE B 116 28.97 -43.80 109.02
N ALA B 117 29.75 -42.88 108.44
CA ALA B 117 29.21 -41.55 108.19
C ALA B 117 29.55 -40.88 106.86
N ARG B 118 30.38 -41.45 105.98
CA ARG B 118 30.56 -40.86 104.64
C ARG B 118 31.11 -41.89 103.66
N ASP B 119 30.23 -42.51 102.88
CA ASP B 119 30.63 -43.40 101.79
C ASP B 119 29.40 -43.69 100.94
N GLY B 120 29.51 -44.69 100.05
CA GLY B 120 28.40 -45.13 99.25
C GLY B 120 27.30 -45.75 100.09
N PRO B 121 26.14 -45.99 99.48
CA PRO B 121 24.98 -46.52 100.23
C PRO B 121 25.07 -48.03 100.44
N HIS B 122 25.97 -48.44 101.32
CA HIS B 122 26.10 -49.85 101.65
C HIS B 122 24.92 -50.30 102.52
N PRO B 123 24.52 -51.57 102.40
CA PRO B 123 23.42 -52.06 103.23
C PRO B 123 23.79 -52.10 104.70
N VAL B 124 22.77 -51.93 105.55
CA VAL B 124 23.00 -51.92 106.99
C VAL B 124 23.33 -53.34 107.46
N ASP B 125 24.42 -53.47 108.21
CA ASP B 125 24.88 -54.75 108.73
C ASP B 125 24.99 -54.67 110.25
N GLN B 126 25.52 -55.74 110.85
CA GLN B 126 25.71 -55.83 112.28
C GLN B 126 27.15 -56.21 112.59
N PRO B 127 27.68 -55.77 113.73
CA PRO B 127 29.06 -56.12 114.08
C PRO B 127 29.21 -57.61 114.32
N VAL B 128 30.28 -58.19 113.79
CA VAL B 128 30.57 -59.60 113.92
C VAL B 128 32.04 -59.78 114.26
N HIS B 129 32.37 -60.95 114.82
CA HIS B 129 33.74 -61.30 115.17
C HIS B 129 34.15 -62.57 114.45
N ASN B 130 35.45 -62.70 114.24
CA ASN B 130 36.03 -63.85 113.54
C ASN B 130 36.96 -64.62 114.47
N TYR B 131 36.96 -65.94 114.32
CA TYR B 131 37.79 -66.83 115.13
C TYR B 131 38.85 -67.47 114.23
N MET B 132 40.09 -67.49 114.71
CA MET B 132 41.19 -68.08 113.96
C MET B 132 42.04 -68.93 114.89
N VAL B 133 42.73 -69.90 114.30
CA VAL B 133 43.60 -70.81 115.05
C VAL B 133 44.93 -70.91 114.32
N LYS B 134 45.96 -71.31 115.08
CA LYS B 134 47.31 -71.46 114.55
C LYS B 134 47.70 -72.93 114.67
N ARG B 135 47.84 -73.59 113.52
CA ARG B 135 48.23 -75.00 113.47
C ARG B 135 49.45 -75.11 112.56
N ILE B 136 50.63 -75.27 113.16
CA ILE B 136 51.89 -75.37 112.43
C ILE B 136 52.50 -76.73 112.74
N HIS B 137 52.79 -77.50 111.69
CA HIS B 137 53.40 -78.81 111.84
C HIS B 137 54.92 -78.70 111.78
N LYS B 138 55.59 -79.84 111.80
CA LYS B 138 57.04 -79.90 111.75
C LYS B 138 57.47 -80.78 110.58
N ARG B 139 58.39 -80.27 109.76
CA ARG B 139 58.91 -80.99 108.61
C ARG B 139 60.43 -81.02 108.69
N SER B 140 61.01 -82.21 108.51
CA SER B 140 62.45 -82.37 108.55
C SER B 140 62.85 -83.55 107.68
N LEU B 141 64.01 -83.43 107.04
CA LEU B 141 64.54 -84.49 106.20
C LEU B 141 65.42 -85.43 107.02
N SER B 142 66.11 -86.34 106.34
CA SER B 142 66.98 -87.29 107.01
C SER B 142 68.26 -87.46 106.20
N ALA B 143 69.35 -87.79 106.90
CA ALA B 143 70.64 -88.00 106.26
C ALA B 143 71.43 -89.01 107.08
N ALA B 144 72.38 -89.67 106.41
CA ALA B 144 73.21 -90.68 107.07
C ALA B 144 74.49 -90.85 106.28
N PHE B 145 75.47 -91.48 106.92
CA PHE B 145 76.76 -91.77 106.31
C PHE B 145 77.04 -93.26 106.44
N ALA B 146 78.15 -93.69 105.83
CA ALA B 146 78.55 -95.09 105.87
C ALA B 146 80.05 -95.18 105.64
N ILE B 147 80.76 -95.83 106.55
CA ILE B 147 82.20 -96.03 106.43
C ILE B 147 82.57 -97.26 107.24
N ALA B 148 83.57 -97.98 106.75
CA ALA B 148 84.03 -99.20 107.42
C ALA B 148 85.53 -99.22 107.68
N SER B 149 86.33 -98.64 106.78
CA SER B 149 87.78 -98.67 106.96
C SER B 149 88.20 -97.89 108.20
N GLU B 150 87.61 -96.71 108.42
CA GLU B 150 87.95 -95.92 109.59
C GLU B 150 87.55 -96.63 110.88
N ALA B 151 86.36 -97.24 110.88
CA ALA B 151 85.93 -97.99 112.06
C ALA B 151 86.84 -99.17 112.35
N LEU B 152 87.24 -99.89 111.30
CA LEU B 152 88.16 -101.02 111.48
C LEU B 152 89.51 -100.55 112.01
N SER B 153 90.01 -99.44 111.48
CA SER B 153 91.29 -98.90 111.96
C SER B 153 91.20 -98.47 113.42
N LEU B 154 90.09 -97.83 113.79
CA LEU B 154 89.91 -97.43 115.18
C LEU B 154 89.81 -98.63 116.11
N LEU B 155 89.09 -99.67 115.68
CA LEU B 155 88.96 -100.87 116.50
C LEU B 155 90.30 -101.59 116.65
N SER B 156 91.09 -101.65 115.57
CA SER B 156 92.38 -102.32 115.64
C SER B 156 93.41 -101.53 116.43
N ASN B 157 93.24 -100.22 116.56
CA ASN B 157 94.17 -99.40 117.31
C ASN B 157 93.62 -99.04 118.68
N THR B 163 108.69 -99.20 113.57
CA THR B 163 109.20 -99.78 112.33
C THR B 163 109.17 -98.76 111.20
N GLU B 164 109.80 -99.11 110.07
CA GLU B 164 109.84 -98.20 108.93
C GLU B 164 108.45 -97.96 108.36
N ILE B 165 107.63 -99.01 108.28
CA ILE B 165 106.28 -98.87 107.72
C ILE B 165 105.34 -98.12 108.64
N ASP B 166 105.73 -97.91 109.91
CA ASP B 166 104.86 -97.22 110.85
C ASP B 166 104.58 -95.79 110.41
N SER B 167 105.63 -95.08 109.99
CA SER B 167 105.46 -93.69 109.54
C SER B 167 104.60 -93.62 108.29
N SER B 168 104.82 -94.52 107.34
CA SER B 168 104.04 -94.51 106.10
C SER B 168 102.57 -94.80 106.38
N LEU B 169 102.30 -95.78 107.25
CA LEU B 169 100.91 -96.10 107.56
C LEU B 169 100.25 -94.96 108.34
N ARG B 170 101.00 -94.30 109.22
CA ARG B 170 100.45 -93.15 109.93
C ARG B 170 100.11 -92.01 108.97
N ILE B 171 100.99 -91.76 108.00
CA ILE B 171 100.73 -90.71 107.01
C ILE B 171 99.51 -91.06 106.17
N ARG B 172 99.41 -92.32 105.76
CA ARG B 172 98.26 -92.76 104.96
C ARG B 172 96.96 -92.63 105.77
N ALA B 173 97.00 -93.00 107.05
CA ALA B 173 95.81 -92.87 107.89
C ALA B 173 95.41 -91.40 108.07
N ILE B 174 96.40 -90.53 108.26
CA ILE B 174 96.12 -89.10 108.40
C ILE B 174 95.48 -88.55 107.13
N GLN B 175 96.04 -88.92 105.97
CA GLN B 175 95.48 -88.47 104.70
C GLN B 175 94.06 -88.98 104.51
N GLN B 176 93.82 -90.25 104.84
CA GLN B 176 92.47 -90.81 104.71
C GLN B 176 91.49 -90.12 105.64
N MET B 177 91.92 -89.82 106.88
CA MET B 177 91.05 -89.11 107.80
C MET B 177 90.74 -87.71 107.31
N ALA B 178 91.73 -87.02 106.76
CA ALA B 178 91.50 -85.68 106.21
C ALA B 178 90.52 -85.73 105.05
N ARG B 179 90.70 -86.70 104.15
CA ARG B 179 89.78 -86.84 103.02
C ARG B 179 88.36 -87.15 103.49
N ASN B 180 88.23 -88.03 104.49
CA ASN B 180 86.92 -88.37 105.03
C ASN B 180 86.26 -87.15 105.67
N LEU B 181 87.04 -86.36 106.42
CA LEU B 181 86.50 -85.14 107.01
C LEU B 181 86.05 -84.16 105.95
N ARG B 182 86.84 -84.00 104.89
CA ARG B 182 86.46 -83.09 103.80
C ARG B 182 85.18 -83.56 103.11
N THR B 183 85.07 -84.86 102.85
CA THR B 183 83.86 -85.38 102.20
C THR B 183 82.65 -85.24 103.11
N VAL B 184 82.83 -85.47 104.41
CA VAL B 184 81.73 -85.30 105.36
C VAL B 184 81.26 -83.85 105.40
N LEU B 185 82.21 -82.91 105.42
CA LEU B 185 81.86 -81.49 105.41
C LEU B 185 81.14 -81.12 104.13
N ASP B 186 81.60 -81.64 102.99
CA ASP B 186 80.93 -81.36 101.72
C ASP B 186 79.51 -81.91 101.70
N SER B 187 79.33 -83.14 102.21
CA SER B 187 77.99 -83.72 102.27
C SER B 187 77.08 -82.92 103.19
N PHE B 188 77.61 -82.48 104.34
CA PHE B 188 76.81 -81.69 105.26
C PHE B 188 76.41 -80.35 104.64
N GLU B 189 77.33 -79.69 103.95
CA GLU B 189 76.99 -78.42 103.31
C GLU B 189 75.99 -78.61 102.18
N ARG B 190 76.10 -79.72 101.43
CA ARG B 190 75.12 -80.00 100.40
C ARG B 190 73.75 -80.27 101.00
N GLY B 191 73.70 -80.99 102.12
CA GLY B 191 72.43 -81.22 102.80
C GLY B 191 71.81 -79.94 103.31
N THR B 192 72.63 -79.07 103.90
CA THR B 192 72.11 -77.78 104.37
C THR B 192 71.62 -76.93 103.20
N ALA B 193 72.31 -77.00 102.06
CA ALA B 193 71.90 -76.22 100.90
C ALA B 193 70.58 -76.72 100.31
N ASP B 194 70.42 -78.03 100.18
CA ASP B 194 69.24 -78.58 99.50
C ASP B 194 68.09 -78.91 100.45
N GLN B 195 68.26 -78.71 101.75
CA GLN B 195 67.16 -78.90 102.69
C GLN B 195 66.33 -77.64 102.90
N LEU B 196 66.72 -76.53 102.27
CA LEU B 196 66.01 -75.27 102.42
C LEU B 196 64.87 -75.09 101.43
N LEU B 197 64.65 -76.06 100.55
CA LEU B 197 63.57 -75.98 99.56
C LEU B 197 62.26 -76.54 100.10
N GLY B 198 61.82 -76.02 101.25
CA GLY B 198 60.59 -76.47 101.86
C GLY B 198 59.33 -75.82 101.32
N VAL B 199 59.46 -74.83 100.44
CA VAL B 199 58.30 -74.15 99.88
C VAL B 199 57.70 -75.02 98.77
N LEU B 200 56.38 -75.22 98.84
CA LEU B 200 55.67 -76.01 97.85
C LEU B 200 55.00 -75.11 96.83
N LEU B 201 54.73 -75.68 95.65
CA LEU B 201 54.09 -74.96 94.55
C LEU B 201 52.64 -75.36 94.36
N GLU B 202 52.06 -76.10 95.31
CA GLU B 202 50.68 -76.56 95.21
C GLU B 202 49.79 -75.93 96.28
N LYS B 203 50.12 -74.72 96.71
CA LYS B 203 49.31 -74.06 97.73
C LYS B 203 48.02 -73.49 97.13
N ALA B 204 48.15 -72.55 96.20
CA ALA B 204 47.00 -71.93 95.54
C ALA B 204 47.46 -71.12 94.34
N PRO B 205 46.73 -71.16 93.23
CA PRO B 205 47.07 -70.32 92.08
C PRO B 205 46.66 -68.88 92.31
N PRO B 206 47.63 -67.96 92.44
CA PRO B 206 47.28 -66.58 92.78
C PRO B 206 46.47 -65.87 91.71
N LEU B 207 46.88 -66.01 90.44
CA LEU B 207 46.18 -65.33 89.35
C LEU B 207 44.76 -65.86 89.22
N SER B 208 44.57 -67.17 89.37
CA SER B 208 43.24 -67.76 89.19
C SER B 208 42.24 -67.22 90.19
N LEU B 209 42.70 -66.82 91.39
CA LEU B 209 41.80 -66.26 92.38
C LEU B 209 41.72 -64.74 92.34
N LEU B 210 42.80 -64.08 91.92
CA LEU B 210 42.77 -62.62 91.85
C LEU B 210 42.12 -62.09 90.58
N SER B 211 41.94 -62.94 89.57
CA SER B 211 41.27 -62.48 88.35
C SER B 211 39.82 -62.07 88.60
N PRO B 212 38.97 -62.85 89.27
CA PRO B 212 37.59 -62.41 89.50
C PRO B 212 37.37 -61.65 90.80
N ILE B 213 38.32 -61.69 91.74
CA ILE B 213 38.14 -61.03 93.03
C ILE B 213 38.62 -59.58 93.02
N ASN B 214 39.29 -59.14 91.96
CA ASN B 214 39.81 -57.78 91.86
C ASN B 214 39.13 -56.99 90.73
N LYS B 215 37.86 -57.28 90.47
CA LYS B 215 37.11 -56.61 89.42
C LYS B 215 35.92 -55.83 89.97
N PHE B 216 35.10 -56.45 90.82
CA PHE B 216 33.94 -55.78 91.40
C PHE B 216 33.71 -56.32 92.80
N GLN B 217 34.05 -55.52 93.80
CA GLN B 217 33.91 -55.89 95.21
C GLN B 217 33.15 -54.78 95.94
N PRO B 218 31.84 -54.69 95.74
CA PRO B 218 31.06 -53.62 96.39
C PRO B 218 31.15 -53.65 97.91
N GLU B 219 30.74 -54.76 98.52
CA GLU B 219 30.77 -54.89 99.97
C GLU B 219 31.41 -56.21 100.39
N GLY B 220 31.36 -57.21 99.51
CA GLY B 220 31.84 -58.54 99.83
C GLY B 220 30.76 -59.55 100.15
N HIS B 221 29.49 -59.20 100.00
CA HIS B 221 28.36 -60.07 100.29
C HIS B 221 27.46 -60.19 99.07
N LEU B 222 28.06 -60.47 97.92
CA LEU B 222 27.32 -60.57 96.67
C LEU B 222 26.31 -61.71 96.73
N ASN B 223 25.17 -61.50 96.07
CA ASN B 223 24.07 -62.46 96.11
C ASN B 223 24.32 -63.58 95.10
N ARG B 224 23.32 -64.46 94.95
CA ARG B 224 23.46 -65.61 94.06
C ARG B 224 23.62 -65.18 92.60
N VAL B 225 22.87 -64.16 92.18
CA VAL B 225 22.95 -63.69 90.80
C VAL B 225 24.35 -63.14 90.52
N ALA B 226 24.88 -62.34 91.44
CA ALA B 226 26.22 -61.79 91.26
C ALA B 226 27.27 -62.88 91.28
N ARG B 227 27.10 -63.89 92.15
CA ARG B 227 28.05 -65.00 92.19
C ARG B 227 28.04 -65.78 90.88
N ALA B 228 26.84 -66.03 90.33
CA ALA B 228 26.74 -66.73 89.05
C ALA B 228 27.36 -65.92 87.93
N ALA B 229 27.13 -64.60 87.94
CA ALA B 229 27.73 -63.75 86.91
C ALA B 229 29.26 -63.76 87.00
N LEU B 230 29.79 -63.70 88.21
CA LEU B 230 31.25 -63.75 88.37
C LEU B 230 31.80 -65.10 87.94
N LEU B 231 31.09 -66.18 88.27
CA LEU B 231 31.53 -67.51 87.85
C LEU B 231 31.55 -67.63 86.33
N SER B 232 30.49 -67.14 85.67
CA SER B 232 30.45 -67.17 84.21
C SER B 232 31.57 -66.32 83.61
N ASP B 233 31.82 -65.14 84.19
CA ASP B 233 32.88 -64.28 83.68
C ASP B 233 34.25 -64.95 83.80
N LEU B 234 34.52 -65.56 84.96
CA LEU B 234 35.82 -66.22 85.14
C LEU B 234 35.95 -67.44 84.24
N LYS B 235 34.85 -68.18 84.03
CA LYS B 235 34.89 -69.31 83.11
C LYS B 235 35.18 -68.84 81.69
N ARG B 236 34.53 -67.77 81.25
CA ARG B 236 34.80 -67.23 79.91
C ARG B 236 36.23 -66.75 79.80
N ARG B 237 36.76 -66.09 80.83
CA ARG B 237 38.13 -65.62 80.80
C ARG B 237 39.12 -66.78 80.71
N VAL B 238 38.89 -67.84 81.49
CA VAL B 238 39.81 -68.97 81.47
C VAL B 238 39.67 -69.76 80.18
N CYS B 239 38.50 -69.71 79.53
CA CYS B 239 38.33 -70.39 78.26
C CYS B 239 38.98 -69.62 77.12
N ALA B 240 38.92 -68.28 77.16
CA ALA B 240 39.46 -67.46 76.08
C ALA B 240 40.91 -67.05 76.32
N ASP B 241 41.48 -67.36 77.47
CA ASP B 241 42.89 -67.02 77.73
C ASP B 241 43.82 -67.74 76.76
N MET B 242 43.85 -69.08 76.85
CA MET B 242 44.65 -69.94 75.98
C MET B 242 46.15 -69.72 76.14
N PHE B 243 46.94 -70.72 75.81
CA PHE B 243 48.40 -70.61 75.84
C PHE B 243 48.94 -70.26 74.45
N PHE B 244 48.44 -69.15 73.92
CA PHE B 244 48.83 -68.69 72.58
C PHE B 244 50.00 -67.72 72.60
N MET B 245 50.48 -67.32 73.78
CA MET B 245 51.56 -66.33 73.86
C MET B 245 52.83 -66.86 73.21
N THR B 246 53.10 -68.16 73.34
CA THR B 246 54.21 -68.78 72.66
C THR B 246 53.82 -69.34 71.30
N ARG B 247 52.55 -69.68 71.11
CA ARG B 247 52.11 -70.25 69.85
C ARG B 247 52.19 -69.22 68.72
N HIS B 248 51.69 -68.00 68.95
CA HIS B 248 51.69 -67.01 67.89
C HIS B 248 53.09 -66.48 67.62
N ALA B 249 53.85 -66.17 68.67
CA ALA B 249 55.24 -65.73 68.56
C ALA B 249 55.39 -64.57 67.58
N ARG B 250 54.41 -63.66 67.57
CA ARG B 250 54.41 -62.54 66.66
C ARG B 250 54.53 -61.20 67.39
N GLU B 251 53.64 -60.91 68.33
CA GLU B 251 53.66 -59.65 69.07
C GLU B 251 53.86 -59.92 70.56
N PRO B 252 55.07 -59.71 71.09
CA PRO B 252 55.32 -59.88 72.53
C PRO B 252 54.94 -58.65 73.36
N ARG B 253 53.74 -58.15 73.16
CA ARG B 253 53.25 -56.96 73.85
C ARG B 253 52.49 -57.29 75.13
N LEU B 254 52.37 -58.56 75.49
CA LEU B 254 51.67 -58.94 76.71
C LEU B 254 52.47 -58.63 77.96
N ILE B 255 53.74 -58.28 77.83
CA ILE B 255 54.56 -57.97 79.01
C ILE B 255 54.04 -56.72 79.70
N SER B 256 53.59 -55.73 78.93
CA SER B 256 53.05 -54.52 79.53
C SER B 256 51.79 -54.83 80.34
N ALA B 257 50.90 -55.64 79.80
CA ALA B 257 49.69 -56.03 80.55
C ALA B 257 50.06 -56.84 81.79
N TYR B 258 51.04 -57.74 81.66
CA TYR B 258 51.45 -58.54 82.81
C TYR B 258 52.01 -57.67 83.92
N LEU B 259 52.88 -56.71 83.59
CA LEU B 259 53.44 -55.84 84.62
C LEU B 259 52.39 -54.92 85.20
N SER B 260 51.44 -54.46 84.38
CA SER B 260 50.37 -53.61 84.90
C SER B 260 49.48 -54.39 85.87
N ASP B 261 49.22 -55.67 85.58
CA ASP B 261 48.46 -56.49 86.51
C ASP B 261 49.26 -56.80 87.77
N MET B 262 50.58 -56.98 87.63
CA MET B 262 51.41 -57.31 88.78
C MET B 262 51.53 -56.15 89.75
N VAL B 263 51.75 -54.93 89.22
CA VAL B 263 51.93 -53.77 90.09
C VAL B 263 50.63 -53.41 90.81
N SER B 264 49.49 -53.85 90.31
CA SER B 264 48.21 -53.56 90.95
C SER B 264 47.95 -54.41 92.18
N CYS B 265 48.75 -55.47 92.40
CA CYS B 265 48.57 -56.35 93.54
C CYS B 265 49.80 -56.48 94.43
N THR B 266 50.98 -56.14 93.92
CA THR B 266 52.19 -56.25 94.73
C THR B 266 52.20 -55.20 95.83
N GLN B 267 52.64 -55.61 97.02
CA GLN B 267 52.72 -54.73 98.17
C GLN B 267 53.82 -55.23 99.10
N PRO B 268 54.57 -54.33 99.73
CA PRO B 268 55.62 -54.74 100.65
C PRO B 268 55.05 -55.19 101.99
N SER B 269 55.95 -55.58 102.89
CA SER B 269 55.56 -56.02 104.22
C SER B 269 55.30 -54.82 105.11
N VAL B 270 55.13 -55.06 106.41
CA VAL B 270 54.88 -53.98 107.36
C VAL B 270 56.14 -53.14 107.52
N MET B 271 55.99 -51.82 107.45
CA MET B 271 57.12 -50.90 107.56
C MET B 271 57.36 -50.54 109.03
N VAL B 272 57.55 -51.58 109.85
CA VAL B 272 57.80 -51.36 111.27
C VAL B 272 59.20 -50.78 111.47
N SER B 273 59.41 -50.15 112.62
CA SER B 273 60.68 -49.52 112.94
C SER B 273 61.70 -50.62 113.23
N ARG B 274 62.55 -50.91 112.25
CA ARG B 274 63.58 -51.94 112.39
C ARG B 274 64.70 -51.65 111.40
N ILE B 275 65.84 -52.31 111.63
CA ILE B 275 66.98 -52.12 110.75
C ILE B 275 66.72 -52.81 109.41
N THR B 276 67.41 -52.32 108.38
CA THR B 276 67.27 -52.86 107.03
C THR B 276 68.54 -52.62 106.26
N HIS B 277 68.70 -53.35 105.16
CA HIS B 277 69.86 -53.25 104.29
C HIS B 277 69.41 -52.75 102.92
N THR B 278 70.10 -51.74 102.40
CA THR B 278 69.79 -51.16 101.10
C THR B 278 71.07 -50.97 100.31
N ASN B 279 70.92 -50.91 98.99
CA ASN B 279 72.06 -50.74 98.09
C ASN B 279 72.41 -49.26 98.01
N THR B 280 73.36 -48.92 97.12
CA THR B 280 73.77 -47.53 96.97
C THR B 280 72.65 -46.66 96.42
N ARG B 281 71.88 -47.20 95.46
CA ARG B 281 70.79 -46.44 94.85
C ARG B 281 69.60 -46.26 95.79
N GLY B 282 69.54 -47.00 96.89
CA GLY B 282 68.45 -46.89 97.84
C GLY B 282 67.21 -47.69 97.49
N ARG B 283 67.20 -48.41 96.38
CA ARG B 283 66.06 -49.20 95.98
C ARG B 283 66.15 -50.60 96.60
N GLN B 284 65.08 -51.01 97.28
CA GLN B 284 65.03 -52.31 97.93
C GLN B 284 64.53 -53.36 96.94
N VAL B 285 65.28 -54.44 96.79
CA VAL B 285 64.92 -55.53 95.88
C VAL B 285 64.15 -56.58 96.66
N ASP B 286 62.94 -56.90 96.19
CA ASP B 286 62.07 -57.90 96.83
C ASP B 286 61.43 -58.73 95.73
N GLY B 287 62.08 -59.85 95.39
CA GLY B 287 61.56 -60.74 94.37
C GLY B 287 62.52 -61.84 93.99
N VAL B 288 62.00 -63.06 93.79
CA VAL B 288 62.78 -64.21 93.38
C VAL B 288 62.04 -64.90 92.25
N LEU B 289 62.77 -65.25 91.18
CA LEU B 289 62.19 -65.91 90.03
C LEU B 289 63.11 -67.03 89.56
N VAL B 290 62.52 -68.06 88.97
CA VAL B 290 63.24 -69.19 88.41
C VAL B 290 62.71 -69.41 86.99
N THR B 291 63.55 -69.11 85.99
CA THR B 291 63.16 -69.21 84.60
C THR B 291 64.17 -70.09 83.86
N THR B 292 63.77 -70.53 82.66
CA THR B 292 64.65 -71.33 81.82
C THR B 292 65.81 -70.47 81.31
N ALA B 293 66.97 -71.10 81.16
CA ALA B 293 68.16 -70.39 80.70
C ALA B 293 67.95 -69.79 79.32
N THR B 294 67.43 -70.59 78.39
CA THR B 294 67.21 -70.10 77.03
C THR B 294 66.18 -68.98 77.01
N LEU B 295 65.09 -69.13 77.77
CA LEU B 295 64.06 -68.09 77.80
C LEU B 295 64.60 -66.80 78.38
N LYS B 296 65.36 -66.87 79.47
CA LYS B 296 65.89 -65.66 80.08
C LYS B 296 66.95 -65.02 79.19
N ARG B 297 67.75 -65.83 78.48
CA ARG B 297 68.71 -65.26 77.55
C ARG B 297 68.01 -64.54 76.40
N GLN B 298 66.95 -65.15 75.86
CA GLN B 298 66.19 -64.50 74.80
C GLN B 298 65.55 -63.21 75.28
N LEU B 299 64.99 -63.23 76.50
CA LEU B 299 64.39 -62.02 77.04
C LEU B 299 65.43 -60.91 77.23
N LEU B 300 66.59 -61.24 77.79
CA LEU B 300 67.64 -60.26 78.01
C LEU B 300 68.24 -59.76 76.71
N GLN B 301 68.18 -60.57 75.64
CA GLN B 301 68.69 -60.13 74.35
C GLN B 301 67.68 -59.31 73.56
N GLY B 302 66.39 -59.54 73.78
CA GLY B 302 65.37 -58.85 73.00
C GLY B 302 64.74 -57.64 73.66
N ILE B 303 64.31 -57.76 74.91
CA ILE B 303 63.56 -56.70 75.57
C ILE B 303 64.27 -56.23 76.83
N LEU B 304 64.45 -57.15 77.79
CA LEU B 304 65.02 -56.78 79.07
C LEU B 304 66.48 -56.37 78.94
N GLN B 305 66.91 -55.49 79.82
CA GLN B 305 68.29 -54.99 79.85
C GLN B 305 68.87 -55.17 81.24
N ILE B 306 70.16 -55.47 81.30
CA ILE B 306 70.88 -55.70 82.55
C ILE B 306 71.77 -54.50 82.82
N ASP B 307 71.60 -53.89 83.99
CA ASP B 307 72.39 -52.74 84.42
C ASP B 307 72.83 -52.89 85.86
N ASP B 308 73.28 -54.09 86.23
CA ASP B 308 73.71 -54.39 87.59
C ASP B 308 75.15 -54.88 87.57
N THR B 309 75.94 -54.42 88.55
CA THR B 309 77.34 -54.82 88.67
C THR B 309 77.73 -55.21 90.08
N ALA B 310 76.91 -54.94 91.10
CA ALA B 310 77.24 -55.31 92.47
C ALA B 310 76.11 -56.09 93.10
N ALA B 311 76.23 -56.38 94.40
CA ALA B 311 75.22 -57.12 95.13
C ALA B 311 75.21 -56.65 96.57
N ASP B 312 74.30 -57.23 97.36
CA ASP B 312 74.15 -56.89 98.78
C ASP B 312 74.42 -58.14 99.62
N VAL B 313 75.32 -58.01 100.58
CA VAL B 313 75.70 -59.11 101.47
C VAL B 313 75.39 -58.68 102.90
N PRO B 314 74.56 -59.40 103.63
CA PRO B 314 74.28 -59.02 105.02
C PRO B 314 75.51 -59.17 105.90
N VAL B 315 75.57 -58.33 106.94
CA VAL B 315 76.69 -58.33 107.87
C VAL B 315 76.23 -58.65 109.29
N THR B 316 75.08 -59.29 109.43
CA THR B 316 74.54 -59.68 110.73
C THR B 316 74.26 -61.17 110.72
N TYR B 317 74.85 -61.88 111.69
CA TYR B 317 74.65 -63.32 111.79
C TYR B 317 73.33 -63.69 112.46
N GLY B 318 72.76 -62.79 113.25
CA GLY B 318 71.51 -63.09 113.93
C GLY B 318 71.62 -64.07 115.08
N GLU B 319 72.82 -64.24 115.63
CA GLU B 319 73.02 -65.16 116.74
C GLU B 319 72.66 -64.50 118.06
N MET B 320 71.82 -65.17 118.85
CA MET B 320 71.40 -64.64 120.14
C MET B 320 71.14 -65.81 121.09
N VAL B 321 71.14 -65.49 122.38
CA VAL B 321 70.93 -66.48 123.43
C VAL B 321 69.84 -65.97 124.37
N LEU B 322 69.21 -66.90 125.07
CA LEU B 322 68.14 -66.59 126.02
C LEU B 322 68.41 -67.30 127.34
N GLN B 323 68.06 -66.62 128.44
CA GLN B 323 68.27 -67.16 129.77
C GLN B 323 66.96 -67.77 130.28
N GLY B 324 67.06 -68.98 130.84
CA GLY B 324 65.88 -69.67 131.33
C GLY B 324 65.36 -69.17 132.67
N THR B 325 66.10 -68.29 133.35
CA THR B 325 65.63 -67.75 134.62
C THR B 325 64.35 -66.94 134.44
N ASN B 326 64.28 -66.15 133.37
CA ASN B 326 63.07 -65.37 133.12
C ASN B 326 61.88 -66.29 132.87
N LEU B 327 62.08 -67.35 132.08
CA LEU B 327 60.99 -68.30 131.83
C LEU B 327 60.56 -68.99 133.12
N VAL B 328 61.52 -69.37 133.96
CA VAL B 328 61.19 -70.03 135.22
C VAL B 328 60.39 -69.10 136.11
N THR B 329 60.81 -67.83 136.22
CA THR B 329 60.10 -66.87 137.07
C THR B 329 58.71 -66.59 136.52
N ALA B 330 58.57 -66.50 135.19
CA ALA B 330 57.26 -66.30 134.60
C ALA B 330 56.34 -67.48 134.86
N LEU B 331 56.86 -68.70 134.75
CA LEU B 331 56.04 -69.89 134.97
C LEU B 331 55.64 -70.01 136.44
N VAL B 332 56.55 -69.70 137.36
CA VAL B 332 56.25 -69.84 138.78
C VAL B 332 55.32 -68.74 139.26
N MET B 333 55.18 -67.65 138.50
CA MET B 333 54.30 -66.55 138.90
C MET B 333 52.94 -66.61 138.24
N GLY B 334 52.84 -67.15 137.03
CA GLY B 334 51.57 -67.22 136.33
C GLY B 334 51.27 -65.97 135.53
N LYS B 335 50.97 -64.87 136.23
CA LYS B 335 50.67 -63.59 135.61
C LYS B 335 51.84 -62.65 135.83
N ALA B 336 52.33 -62.04 134.75
CA ALA B 336 53.45 -61.12 134.83
C ALA B 336 53.35 -60.10 133.71
N VAL B 337 54.05 -58.98 133.89
CA VAL B 337 54.05 -57.90 132.92
C VAL B 337 55.44 -57.83 132.28
N ARG B 338 55.47 -57.28 131.07
CA ARG B 338 56.70 -57.18 130.28
C ARG B 338 57.49 -55.96 130.72
N GLY B 339 58.32 -56.13 131.75
CA GLY B 339 59.15 -55.04 132.22
C GLY B 339 58.31 -53.88 132.76
N MET B 340 58.64 -52.67 132.30
CA MET B 340 57.92 -51.47 132.74
C MET B 340 57.92 -50.50 131.57
N ASP B 341 56.83 -50.49 130.80
CA ASP B 341 56.69 -49.61 129.65
C ASP B 341 55.37 -48.84 129.61
N ASP B 342 54.33 -49.31 130.28
CA ASP B 342 53.02 -48.65 130.30
C ASP B 342 52.47 -48.47 128.88
N VAL B 343 52.68 -49.48 128.04
CA VAL B 343 52.22 -49.47 126.65
C VAL B 343 51.30 -50.65 126.35
N ALA B 344 51.76 -51.86 126.66
CA ALA B 344 50.96 -53.06 126.41
C ALA B 344 51.22 -54.11 127.49
N ASN B 377 77.37 -55.69 101.39
CA ASN B 377 77.45 -54.89 100.17
C ASN B 377 78.79 -55.11 99.46
N ALA B 378 78.97 -56.30 98.92
CA ALA B 378 80.19 -56.64 98.21
C ALA B 378 80.05 -56.31 96.72
N ARG B 379 81.11 -56.59 95.96
CA ARG B 379 81.14 -56.33 94.53
C ARG B 379 81.07 -57.67 93.80
N VAL B 380 79.86 -58.14 93.55
CA VAL B 380 79.63 -59.40 92.84
C VAL B 380 78.70 -59.14 91.68
N PRO B 381 79.07 -59.49 90.45
CA PRO B 381 78.19 -59.27 89.30
C PRO B 381 76.90 -60.06 89.44
N ALA B 382 75.80 -59.44 89.01
CA ALA B 382 74.48 -60.06 89.05
C ALA B 382 73.64 -59.49 87.92
N ASP B 383 72.32 -59.73 87.99
CA ASP B 383 71.39 -59.23 87.00
C ASP B 383 70.22 -58.55 87.70
N LEU B 384 69.64 -57.57 87.02
CA LEU B 384 68.51 -56.81 87.56
C LEU B 384 67.55 -56.49 86.43
N VAL B 385 66.34 -57.03 86.51
CA VAL B 385 65.31 -56.80 85.52
C VAL B 385 64.43 -55.64 85.98
N ILE B 386 64.02 -54.81 85.02
CA ILE B 386 63.19 -53.65 85.30
C ILE B 386 61.76 -53.99 84.89
N VAL B 387 60.86 -54.03 85.87
CA VAL B 387 59.45 -54.32 85.63
C VAL B 387 58.62 -53.22 86.30
N GLY B 388 57.69 -52.64 85.54
CA GLY B 388 56.86 -51.57 86.05
C GLY B 388 57.65 -50.34 86.48
N ASP B 389 57.68 -50.09 87.79
CA ASP B 389 58.42 -48.96 88.33
C ASP B 389 59.40 -49.35 89.42
N LYS B 390 59.43 -50.62 89.83
CA LYS B 390 60.33 -51.09 90.86
C LYS B 390 61.52 -51.82 90.23
N LEU B 391 62.37 -52.39 91.08
CA LEU B 391 63.56 -53.12 90.64
C LEU B 391 63.64 -54.42 91.44
N VAL B 392 63.68 -55.55 90.72
CA VAL B 392 63.77 -56.86 91.35
C VAL B 392 64.83 -57.67 90.62
N PHE B 393 65.32 -58.71 91.29
CA PHE B 393 66.32 -59.61 90.75
C PHE B 393 65.76 -61.03 90.68
N LEU B 394 66.54 -61.91 90.06
CA LEU B 394 66.13 -63.30 89.91
C LEU B 394 67.36 -64.19 89.94
N GLU B 395 67.13 -65.47 90.24
CA GLU B 395 68.18 -66.48 90.27
C GLU B 395 67.88 -67.55 89.23
N ALA B 396 68.70 -68.60 89.23
CA ALA B 396 68.54 -69.68 88.27
C ALA B 396 69.19 -70.94 88.84
N LEU B 397 68.83 -72.08 88.26
CA LEU B 397 69.38 -73.37 88.64
C LEU B 397 70.56 -73.80 87.76
N GLU B 398 71.00 -72.94 86.84
CA GLU B 398 72.11 -73.24 85.95
C GLU B 398 73.33 -72.38 86.23
N ARG B 399 73.40 -71.80 87.43
CA ARG B 399 74.54 -70.97 87.82
C ARG B 399 75.68 -71.87 88.30
N ARG B 400 76.67 -71.27 88.95
CA ARG B 400 77.81 -72.04 89.45
C ARG B 400 77.38 -73.10 90.44
N VAL B 401 76.45 -72.77 91.33
CA VAL B 401 75.90 -73.75 92.25
C VAL B 401 74.94 -74.68 91.50
N TYR B 402 74.70 -75.86 92.09
CA TYR B 402 73.82 -76.87 91.51
C TYR B 402 74.28 -77.25 90.09
N GLN B 403 75.59 -77.35 89.91
CA GLN B 403 76.19 -77.67 88.63
C GLN B 403 76.78 -79.08 88.68
N ALA B 404 76.47 -79.88 87.66
CA ALA B 404 76.97 -81.26 87.55
C ALA B 404 76.63 -82.07 88.80
N THR B 405 75.41 -81.92 89.29
CA THR B 405 74.93 -82.62 90.47
C THR B 405 73.94 -83.70 90.05
N ARG B 406 74.17 -84.93 90.53
CA ARG B 406 73.30 -86.06 90.19
C ARG B 406 72.13 -86.11 91.19
N VAL B 407 71.23 -85.14 91.04
CA VAL B 407 70.06 -85.03 91.89
C VAL B 407 68.83 -84.84 91.00
N ALA B 408 67.66 -85.12 91.58
CA ALA B 408 66.42 -84.97 90.85
C ALA B 408 66.12 -83.50 90.57
N TYR B 409 65.66 -83.22 89.36
CA TYR B 409 65.36 -81.84 88.96
C TYR B 409 64.09 -81.37 89.65
N PRO B 410 64.12 -80.26 90.37
CA PRO B 410 62.92 -79.76 91.05
C PRO B 410 62.00 -79.05 90.06
N LEU B 411 60.87 -78.57 90.58
CA LEU B 411 59.87 -77.86 89.80
C LEU B 411 59.36 -78.72 88.64
N ILE B 412 58.76 -79.86 89.00
CA ILE B 412 58.20 -80.80 88.05
C ILE B 412 56.74 -81.03 88.39
N GLY B 413 55.87 -80.85 87.41
CA GLY B 413 54.45 -81.04 87.61
C GLY B 413 53.83 -81.78 86.45
N ASN B 414 52.76 -82.51 86.75
CA ASN B 414 52.03 -83.29 85.75
C ASN B 414 50.62 -82.72 85.61
N ILE B 415 50.21 -82.44 84.37
CA ILE B 415 48.90 -81.90 84.08
C ILE B 415 48.17 -82.88 83.17
N ASP B 416 46.97 -83.29 83.58
CA ASP B 416 46.15 -84.21 82.82
C ASP B 416 44.79 -83.59 82.58
N ILE B 417 44.33 -83.64 81.33
CA ILE B 417 43.04 -83.08 80.93
C ILE B 417 42.23 -84.18 80.25
N THR B 418 40.98 -84.32 80.65
CA THR B 418 40.11 -85.32 80.05
C THR B 418 39.82 -84.99 78.59
N PHE B 419 39.87 -86.00 77.73
CA PHE B 419 39.63 -85.84 76.31
C PHE B 419 38.60 -86.86 75.84
N ILE B 420 37.70 -86.41 74.96
CA ILE B 420 36.70 -87.28 74.39
C ILE B 420 37.17 -87.69 72.99
N MET B 421 36.63 -88.82 72.51
CA MET B 421 37.03 -89.34 71.21
C MET B 421 35.86 -90.07 70.56
N PRO B 422 35.23 -89.48 69.55
CA PRO B 422 34.13 -90.15 68.86
C PRO B 422 34.65 -91.11 67.80
N MET B 423 33.72 -91.74 67.08
CA MET B 423 34.06 -92.68 66.02
C MET B 423 33.26 -92.45 64.75
N GLY B 424 32.45 -91.40 64.69
CA GLY B 424 31.65 -91.12 63.52
C GLY B 424 30.16 -91.21 63.80
N VAL B 425 29.47 -90.07 63.77
CA VAL B 425 28.04 -89.99 64.04
C VAL B 425 27.33 -89.56 62.76
N PHE B 426 26.35 -90.34 62.35
CA PHE B 426 25.59 -90.03 61.15
C PHE B 426 24.71 -88.80 61.38
N GLN B 427 24.53 -88.01 60.31
CA GLN B 427 23.70 -86.82 60.40
C GLN B 427 22.24 -87.19 60.58
N ALA B 428 21.53 -86.37 61.36
CA ALA B 428 20.11 -86.59 61.63
C ALA B 428 19.20 -85.73 60.77
N ASN B 429 19.68 -84.56 60.34
CA ASN B 429 18.89 -83.66 59.51
C ASN B 429 19.32 -83.78 58.05
N SER B 430 18.37 -83.49 57.15
CA SER B 430 18.62 -83.56 55.72
C SER B 430 19.25 -82.29 55.16
N MET B 431 19.43 -81.25 55.98
CA MET B 431 20.01 -80.00 55.51
C MET B 431 21.53 -80.04 55.45
N ASP B 432 22.17 -81.10 55.96
CA ASP B 432 23.61 -81.23 55.96
C ASP B 432 24.14 -82.02 54.77
N ARG B 433 23.28 -82.43 53.84
CA ARG B 433 23.68 -83.21 52.68
C ARG B 433 23.31 -82.50 51.38
N TYR B 434 23.21 -81.17 51.41
CA TYR B 434 22.86 -80.41 50.21
C TYR B 434 23.39 -78.99 50.39
N THR B 435 24.22 -78.54 49.46
CA THR B 435 24.76 -77.18 49.52
C THR B 435 24.53 -76.39 48.24
N ARG B 436 24.63 -77.03 47.08
CA ARG B 436 24.42 -76.33 45.82
C ARG B 436 23.96 -77.29 44.72
N HIS B 437 24.88 -77.63 43.81
CA HIS B 437 24.56 -78.54 42.71
C HIS B 437 25.55 -79.69 42.66
N ALA B 438 25.49 -80.50 41.61
CA ALA B 438 26.37 -81.65 41.41
C ALA B 438 27.12 -81.54 40.09
N GLY B 439 27.45 -80.32 39.69
CA GLY B 439 28.15 -80.07 38.44
C GLY B 439 29.66 -80.06 38.54
N ASP B 440 30.23 -80.44 39.68
CA ASP B 440 31.67 -80.45 39.86
C ASP B 440 32.25 -81.77 40.32
N PHE B 441 31.45 -82.66 40.88
CA PHE B 441 31.92 -83.96 41.39
C PHE B 441 31.01 -85.08 40.89
N SER B 442 30.69 -85.06 39.60
CA SER B 442 29.85 -86.10 39.03
C SER B 442 30.63 -87.40 38.93
N THR B 443 30.01 -88.48 39.40
CA THR B 443 30.62 -89.81 39.38
C THR B 443 29.65 -90.81 38.78
N VAL B 444 30.12 -91.60 37.83
CA VAL B 444 29.27 -92.61 37.20
C VAL B 444 29.13 -93.86 38.06
N SER B 445 30.00 -94.06 39.03
CA SER B 445 29.93 -95.23 39.89
C SER B 445 28.79 -95.07 40.90
N GLU B 446 27.97 -96.13 41.02
CA GLU B 446 26.85 -96.08 41.97
C GLU B 446 27.33 -96.22 43.41
N GLN B 447 28.46 -96.88 43.63
CA GLN B 447 29.01 -97.08 44.96
C GLN B 447 30.24 -96.19 45.14
N ASP B 448 30.28 -95.46 46.25
CA ASP B 448 31.39 -94.57 46.56
C ASP B 448 31.81 -94.78 48.01
N PRO B 449 33.02 -95.28 48.27
CA PRO B 449 33.45 -95.49 49.66
C PRO B 449 33.82 -94.20 50.38
N ARG B 450 33.86 -93.06 49.69
CA ARG B 450 34.21 -91.80 50.34
C ARG B 450 33.19 -91.42 51.40
N GLN B 451 31.91 -91.58 51.10
CA GLN B 451 30.84 -91.25 52.03
C GLN B 451 30.45 -92.40 52.94
N PHE B 452 31.05 -93.57 52.76
CA PHE B 452 30.74 -94.71 53.61
C PHE B 452 31.27 -94.46 55.02
N PRO B 453 30.53 -94.86 56.06
CA PRO B 453 31.00 -94.66 57.43
C PRO B 453 32.16 -95.58 57.76
N PRO B 454 33.31 -95.03 58.12
CA PRO B 454 34.45 -95.87 58.47
C PRO B 454 34.21 -96.67 59.74
N GLN B 455 34.83 -97.84 59.81
CA GLN B 455 34.71 -98.72 60.97
C GLN B 455 35.76 -98.33 62.02
N GLY B 456 35.53 -97.17 62.62
CA GLY B 456 36.42 -96.64 63.64
C GLY B 456 36.66 -95.16 63.40
N ILE B 457 37.71 -94.65 64.02
CA ILE B 457 38.09 -93.24 63.90
C ILE B 457 39.50 -93.19 63.32
N PHE B 458 39.67 -92.37 62.28
CA PHE B 458 40.96 -92.22 61.59
C PHE B 458 41.57 -90.89 62.02
N PHE B 459 42.37 -90.94 63.07
CA PHE B 459 43.05 -89.78 63.61
C PHE B 459 44.52 -89.79 63.22
N TYR B 460 45.16 -88.63 63.37
CA TYR B 460 46.58 -88.48 63.04
C TYR B 460 47.42 -89.00 64.20
N ASN B 461 48.03 -90.17 64.02
CA ASN B 461 48.86 -90.76 65.05
C ASN B 461 50.23 -90.08 65.11
N LYS B 462 50.89 -90.23 66.25
CA LYS B 462 52.22 -89.64 66.43
C LYS B 462 53.29 -90.40 65.66
N ASP B 463 53.02 -91.64 65.27
CA ASP B 463 53.99 -92.46 64.55
C ASP B 463 53.85 -92.35 63.03
N GLY B 464 52.94 -91.51 62.55
CA GLY B 464 52.74 -91.38 61.12
C GLY B 464 52.20 -92.62 60.44
N ILE B 465 51.24 -93.29 61.07
CA ILE B 465 50.63 -94.50 60.52
C ILE B 465 49.12 -94.36 60.56
N LEU B 466 48.45 -95.17 59.74
CA LEU B 466 46.99 -95.15 59.65
C LEU B 466 46.42 -96.04 60.75
N THR B 467 45.87 -95.42 61.78
CA THR B 467 45.28 -96.17 62.88
C THR B 467 43.94 -96.79 62.46
N GLN B 468 43.58 -97.87 63.14
CA GLN B 468 42.32 -98.56 62.87
C GLN B 468 41.76 -99.09 64.18
N LEU B 469 40.50 -98.77 64.45
CA LEU B 469 39.82 -99.21 65.67
C LEU B 469 38.64 -100.09 65.25
N THR B 470 38.90 -101.39 65.11
CA THR B 470 37.87 -102.32 64.71
C THR B 470 37.01 -102.73 65.91
N LEU B 471 35.85 -103.32 65.61
CA LEU B 471 34.95 -103.77 66.66
C LEU B 471 35.56 -104.92 67.45
N ARG B 472 36.28 -105.81 66.78
CA ARG B 472 36.90 -106.94 67.46
C ARG B 472 37.93 -106.49 68.50
N ASP B 473 38.54 -105.33 68.28
CA ASP B 473 39.51 -104.79 69.23
C ASP B 473 38.90 -103.81 70.22
N ALA B 474 37.79 -103.16 69.87
CA ALA B 474 37.14 -102.19 70.75
C ALA B 474 35.92 -102.75 71.46
N MET B 475 35.71 -104.07 71.39
CA MET B 475 34.56 -104.66 72.07
C MET B 475 34.66 -104.48 73.58
N GLY B 476 35.85 -104.69 74.15
CA GLY B 476 36.01 -104.57 75.59
C GLY B 476 35.17 -105.59 76.33
N THR B 477 34.43 -105.12 77.32
CA THR B 477 33.54 -105.96 78.13
C THR B 477 32.14 -105.37 78.06
N ILE B 478 31.33 -105.86 77.13
CA ILE B 478 29.97 -105.39 76.96
C ILE B 478 28.99 -106.52 77.23
N CYS B 479 29.38 -107.44 78.12
CA CYS B 479 28.54 -108.58 78.46
C CYS B 479 27.40 -108.14 79.37
N HIS B 480 26.47 -109.07 79.59
CA HIS B 480 25.30 -108.82 80.43
C HIS B 480 25.51 -109.23 81.88
N SER B 481 26.71 -109.69 82.24
CA SER B 481 26.96 -110.10 83.62
C SER B 481 26.82 -108.92 84.57
N SER B 482 27.37 -107.76 84.20
CA SER B 482 27.20 -106.56 85.00
C SER B 482 25.84 -105.91 84.78
N LEU B 483 25.16 -106.24 83.67
CA LEU B 483 23.84 -105.67 83.41
C LEU B 483 22.76 -106.34 84.25
N LEU B 484 22.91 -107.64 84.55
CA LEU B 484 21.92 -108.37 85.33
C LEU B 484 22.16 -108.18 86.83
N ASP B 485 22.12 -106.92 87.25
CA ASP B 485 22.32 -106.54 88.65
C ASP B 485 21.32 -105.47 89.05
N VAL B 486 20.06 -105.63 88.65
CA VAL B 486 19.03 -104.64 88.90
C VAL B 486 18.09 -105.07 90.02
N GLU B 487 18.47 -106.09 90.80
CA GLU B 487 17.62 -106.52 91.91
C GLU B 487 17.49 -105.43 92.97
N ALA B 488 18.59 -104.74 93.28
CA ALA B 488 18.54 -103.66 94.26
C ALA B 488 17.65 -102.52 93.76
N THR B 489 17.77 -102.18 92.47
CA THR B 489 16.91 -101.14 91.91
C THR B 489 15.45 -101.55 91.96
N LEU B 490 15.16 -102.82 91.66
CA LEU B 490 13.79 -103.29 91.70
C LEU B 490 13.21 -103.24 93.10
N VAL B 491 13.98 -103.69 94.10
CA VAL B 491 13.47 -103.69 95.47
C VAL B 491 13.39 -102.27 96.02
N ALA B 492 14.20 -101.34 95.51
CA ALA B 492 14.09 -99.95 95.92
C ALA B 492 12.86 -99.30 95.30
N LEU B 493 12.58 -99.59 94.04
CA LEU B 493 11.39 -99.02 93.39
C LEU B 493 10.11 -99.65 93.93
N ARG B 494 10.19 -100.88 94.45
CA ARG B 494 9.01 -101.49 95.03
C ARG B 494 8.53 -100.75 96.27
N GLN B 495 9.45 -100.11 96.99
CA GLN B 495 9.07 -99.34 98.17
C GLN B 495 8.18 -98.16 97.81
N GLN B 496 8.51 -97.45 96.72
CA GLN B 496 7.70 -96.34 96.28
C GLN B 496 6.31 -96.80 95.83
N HIS B 497 6.26 -97.93 95.12
CA HIS B 497 5.03 -98.57 94.65
C HIS B 497 4.23 -97.69 93.68
N LEU B 498 3.34 -98.30 92.92
CA LEU B 498 2.49 -97.58 91.99
C LEU B 498 1.29 -98.45 91.66
N ASP B 499 0.10 -97.83 91.58
CA ASP B 499 -1.14 -98.52 91.28
C ASP B 499 -1.80 -97.87 90.07
N ARG B 500 -2.34 -98.70 89.18
CA ARG B 500 -2.99 -98.21 87.98
C ARG B 500 -4.13 -99.14 87.61
N GLN B 501 -5.07 -98.61 86.83
CA GLN B 501 -6.24 -99.36 86.38
C GLN B 501 -5.91 -100.08 85.07
N CYS B 502 -6.95 -100.57 84.39
CA CYS B 502 -6.83 -101.24 83.10
C CYS B 502 -5.96 -102.50 83.22
N TYR B 503 -6.47 -103.46 83.99
CA TYR B 503 -5.84 -104.76 84.15
C TYR B 503 -6.27 -105.76 83.08
N PHE B 504 -7.05 -105.31 82.09
CA PHE B 504 -7.52 -106.21 81.04
C PHE B 504 -6.36 -106.76 80.22
N GLY B 505 -5.35 -105.93 79.95
CA GLY B 505 -4.23 -106.37 79.15
C GLY B 505 -3.38 -107.44 79.81
N VAL B 506 -3.37 -107.45 81.14
CA VAL B 506 -2.61 -108.44 81.90
C VAL B 506 -3.48 -109.52 82.51
N TYR B 507 -4.80 -109.46 82.28
CA TYR B 507 -5.69 -110.49 82.83
C TYR B 507 -5.36 -111.87 82.27
N VAL B 508 -5.16 -111.96 80.95
CA VAL B 508 -4.84 -113.21 80.26
C VAL B 508 -5.91 -114.25 80.55
N ALA B 509 -7.01 -114.19 79.81
CA ALA B 509 -8.12 -115.12 80.03
C ALA B 509 -7.76 -116.50 79.48
N GLU B 510 -8.68 -117.44 79.66
CA GLU B 510 -8.50 -118.81 79.23
C GLU B 510 -9.81 -119.37 78.70
N GLY B 511 -9.75 -120.11 77.61
CA GLY B 511 -10.95 -120.68 77.03
C GLY B 511 -11.53 -121.81 77.86
N THR B 512 -12.77 -122.16 77.55
CA THR B 512 -13.51 -123.19 78.26
C THR B 512 -13.93 -124.30 77.29
N GLU B 513 -13.07 -124.59 76.32
CA GLU B 513 -13.25 -125.61 75.28
C GLU B 513 -14.68 -125.64 74.73
N ASP B 514 -15.25 -124.45 74.49
CA ASP B 514 -16.60 -124.35 73.95
C ASP B 514 -16.60 -123.46 72.70
N THR B 515 -17.79 -123.12 72.20
CA THR B 515 -17.89 -122.24 71.05
C THR B 515 -17.24 -120.88 71.36
N LEU B 516 -16.41 -120.41 70.43
CA LEU B 516 -15.61 -119.22 70.69
C LEU B 516 -16.42 -117.93 70.62
N ASP B 517 -17.50 -117.92 69.84
CA ASP B 517 -18.21 -116.67 69.59
C ASP B 517 -18.82 -116.10 70.86
N VAL B 518 -19.53 -116.94 71.64
CA VAL B 518 -20.22 -116.44 72.82
C VAL B 518 -19.23 -115.97 73.88
N GLN B 519 -18.17 -116.77 74.11
CA GLN B 519 -17.19 -116.38 75.13
C GLN B 519 -16.42 -115.14 74.72
N MET B 520 -16.07 -115.01 73.43
CA MET B 520 -15.36 -113.82 72.98
C MET B 520 -16.25 -112.59 73.06
N GLY B 521 -17.55 -112.74 72.76
CA GLY B 521 -18.46 -111.61 72.91
C GLY B 521 -18.63 -111.19 74.36
N ARG B 522 -18.75 -112.17 75.26
CA ARG B 522 -18.85 -111.85 76.68
C ARG B 522 -17.59 -111.16 77.19
N PHE B 523 -16.42 -111.64 76.75
CA PHE B 523 -15.17 -111.02 77.15
C PHE B 523 -15.06 -109.60 76.63
N MET B 524 -15.46 -109.38 75.37
CA MET B 524 -15.44 -108.03 74.81
C MET B 524 -16.38 -107.10 75.56
N GLU B 525 -17.58 -107.58 75.89
CA GLU B 525 -18.53 -106.76 76.65
C GLU B 525 -17.99 -106.44 78.03
N THR B 526 -17.39 -107.43 78.70
CA THR B 526 -16.83 -107.18 80.03
C THR B 526 -15.69 -106.18 79.97
N TRP B 527 -14.83 -106.28 78.96
CA TRP B 527 -13.76 -105.30 78.79
C TRP B 527 -14.33 -103.92 78.52
N ALA B 528 -15.38 -103.83 77.72
CA ALA B 528 -15.99 -102.54 77.41
C ALA B 528 -16.59 -101.88 78.65
N ASP B 529 -17.30 -102.66 79.48
CA ASP B 529 -17.97 -102.09 80.64
C ASP B 529 -17.09 -102.06 81.89
N MET B 530 -15.87 -102.61 81.83
CA MET B 530 -15.00 -102.64 82.99
C MET B 530 -14.01 -101.49 83.04
N MET B 531 -13.82 -100.76 81.94
CA MET B 531 -12.86 -99.66 81.91
C MET B 531 -13.61 -98.34 81.94
N PRO B 532 -13.61 -97.60 83.06
CA PRO B 532 -14.27 -96.29 83.08
C PRO B 532 -13.54 -95.28 82.21
N HIS B 533 -12.22 -95.17 82.38
CA HIS B 533 -11.40 -94.25 81.63
C HIS B 533 -10.63 -95.02 80.55
N HIS B 534 -9.74 -94.31 79.85
CA HIS B 534 -8.94 -94.92 78.80
C HIS B 534 -7.47 -95.00 79.22
N PRO B 535 -6.76 -96.06 78.84
CA PRO B 535 -5.35 -96.16 79.20
C PRO B 535 -4.53 -95.05 78.56
N HIS B 536 -3.51 -94.60 79.28
CA HIS B 536 -2.63 -93.53 78.82
C HIS B 536 -1.33 -94.06 78.22
N TRP B 537 -1.17 -95.38 78.13
CA TRP B 537 0.05 -95.97 77.58
C TRP B 537 -0.12 -96.53 76.17
N VAL B 538 -1.33 -96.96 75.81
CA VAL B 538 -1.56 -97.50 74.47
C VAL B 538 -1.42 -96.41 73.43
N ASN B 539 -1.89 -95.20 73.74
CA ASN B 539 -1.81 -94.07 72.81
C ASN B 539 -0.44 -93.39 72.99
N GLU B 540 0.58 -94.01 72.41
CA GLU B 540 1.94 -93.51 72.49
C GLU B 540 2.27 -92.52 71.37
N HIS B 541 1.26 -91.94 70.74
CA HIS B 541 1.50 -90.96 69.68
C HIS B 541 2.10 -89.67 70.23
N LEU B 542 1.94 -89.39 71.52
CA LEU B 542 2.51 -88.20 72.15
C LEU B 542 3.92 -88.51 72.67
N THR B 543 4.79 -88.89 71.74
CA THR B 543 6.16 -89.28 72.08
C THR B 543 7.19 -88.21 71.76
N ILE B 544 6.91 -87.34 70.77
CA ILE B 544 7.88 -86.34 70.35
C ILE B 544 8.19 -85.35 71.46
N LEU B 545 7.32 -85.24 72.46
CA LEU B 545 7.57 -84.38 73.61
C LEU B 545 7.94 -85.14 74.87
N GLN B 546 7.44 -86.37 75.04
CA GLN B 546 7.79 -87.15 76.22
C GLN B 546 9.20 -87.70 76.13
N PHE B 547 9.73 -87.86 74.91
CA PHE B 547 11.09 -88.33 74.75
C PHE B 547 12.12 -87.23 75.01
N ILE B 548 11.69 -85.98 75.06
CA ILE B 548 12.56 -84.87 75.44
C ILE B 548 12.35 -84.48 76.90
N ALA B 549 11.09 -84.31 77.31
CA ALA B 549 10.77 -83.97 78.69
C ALA B 549 10.25 -85.22 79.39
N PRO B 550 10.96 -85.76 80.37
CA PRO B 550 10.47 -86.96 81.06
C PRO B 550 9.15 -86.70 81.76
N SER B 551 8.29 -87.71 81.78
CA SER B 551 6.98 -87.62 82.41
C SER B 551 6.73 -88.88 83.23
N ASN B 552 5.87 -88.74 84.24
CA ASN B 552 5.54 -89.87 85.10
C ASN B 552 4.89 -91.03 84.34
N PRO B 553 3.89 -90.81 83.47
CA PRO B 553 3.32 -91.96 82.75
C PRO B 553 4.32 -92.68 81.85
N ARG B 554 5.30 -91.96 81.30
CA ARG B 554 6.28 -92.55 80.40
C ARG B 554 7.53 -93.03 81.11
N LEU B 555 7.58 -92.92 82.43
CA LEU B 555 8.74 -93.36 83.20
C LEU B 555 8.40 -94.38 84.27
N ARG B 556 7.17 -94.38 84.80
CA ARG B 556 6.80 -95.34 85.84
C ARG B 556 6.70 -96.76 85.29
N PHE B 557 6.62 -96.93 83.98
CA PHE B 557 6.52 -98.25 83.36
C PHE B 557 7.83 -98.73 82.77
N GLU B 558 8.59 -97.85 82.14
CA GLU B 558 9.86 -98.19 81.52
C GLU B 558 11.00 -97.53 82.30
N LEU B 559 11.96 -98.34 82.73
CA LEU B 559 13.12 -97.86 83.46
C LEU B 559 14.43 -98.12 82.74
N ASN B 560 14.62 -99.32 82.21
CA ASN B 560 15.84 -99.69 81.49
C ASN B 560 15.48 -100.29 80.14
N PRO B 561 16.35 -100.14 79.14
CA PRO B 561 16.05 -100.72 77.82
C PRO B 561 16.26 -102.22 77.74
N ALA B 562 16.77 -102.86 78.80
CA ALA B 562 17.02 -104.30 78.78
C ALA B 562 15.90 -105.10 79.41
N PHE B 563 15.05 -104.48 80.23
CA PHE B 563 13.96 -105.18 80.90
C PHE B 563 12.69 -104.36 80.78
N ASP B 564 11.55 -105.05 80.82
CA ASP B 564 10.23 -104.43 80.73
C ASP B 564 9.46 -104.71 82.01
N PHE B 565 8.90 -103.66 82.60
CA PHE B 565 8.14 -103.76 83.83
C PHE B 565 6.67 -103.50 83.54
N PHE B 566 5.80 -104.34 84.09
CA PHE B 566 4.36 -104.23 83.89
C PHE B 566 3.65 -104.33 85.22
N VAL B 567 2.44 -103.75 85.28
CA VAL B 567 1.66 -103.77 86.51
C VAL B 567 1.12 -105.17 86.75
N ALA B 568 1.13 -105.59 88.02
CA ALA B 568 0.63 -106.91 88.37
C ALA B 568 -0.88 -106.97 88.18
N PRO B 569 -1.42 -108.15 87.84
CA PRO B 569 -2.87 -108.28 87.67
C PRO B 569 -3.60 -108.15 89.00
N GLY B 570 -4.93 -108.11 88.89
CA GLY B 570 -5.76 -107.93 90.06
C GLY B 570 -6.02 -109.20 90.84
N ASP B 571 -4.96 -109.74 91.45
CA ASP B 571 -5.05 -110.94 92.29
C ASP B 571 -5.66 -112.11 91.52
N VAL B 572 -5.30 -112.24 90.25
CA VAL B 572 -5.78 -113.33 89.40
C VAL B 572 -4.57 -114.03 88.79
N ASP B 573 -4.55 -115.35 88.88
CA ASP B 573 -3.46 -116.14 88.32
C ASP B 573 -3.83 -116.57 86.89
N LEU B 574 -3.03 -117.47 86.33
CA LEU B 574 -3.27 -117.96 84.96
C LEU B 574 -3.55 -119.46 85.00
N PRO B 575 -4.80 -119.88 84.81
CA PRO B 575 -6.01 -119.09 84.59
C PRO B 575 -6.59 -118.54 85.90
N GLY B 576 -7.40 -117.48 85.83
CA GLY B 576 -7.98 -116.89 87.00
C GLY B 576 -9.47 -116.72 86.89
N PRO B 577 -10.12 -116.30 87.98
CA PRO B 577 -11.57 -116.11 87.97
C PRO B 577 -11.96 -114.86 87.19
N GLN B 578 -13.27 -114.72 86.96
CA GLN B 578 -13.79 -113.57 86.24
C GLN B 578 -13.80 -112.30 87.09
N ARG B 579 -13.91 -112.44 88.41
CA ARG B 579 -13.92 -111.29 89.30
C ARG B 579 -12.54 -111.10 89.90
N PRO B 580 -11.84 -110.01 89.59
CA PRO B 580 -10.50 -109.80 90.12
C PRO B 580 -10.55 -109.16 91.49
N PRO B 581 -10.04 -109.83 92.53
CA PRO B 581 -10.00 -109.22 93.85
C PRO B 581 -8.92 -108.15 93.95
N GLU B 582 -8.98 -107.39 95.03
CA GLU B 582 -8.00 -106.33 95.26
C GLU B 582 -6.63 -106.94 95.54
N ALA B 583 -5.62 -106.43 94.86
CA ALA B 583 -4.25 -106.91 94.99
C ALA B 583 -3.34 -105.79 95.49
N MET B 584 -2.05 -106.12 95.65
CA MET B 584 -1.06 -105.17 96.12
C MET B 584 -0.07 -104.84 95.00
N PRO B 585 0.41 -103.61 94.92
CA PRO B 585 1.35 -103.24 93.86
C PRO B 585 2.69 -103.96 94.03
N THR B 586 3.31 -104.25 92.89
CA THR B 586 4.61 -104.90 92.86
C THR B 586 5.28 -104.61 91.53
N VAL B 587 6.59 -104.86 91.48
CA VAL B 587 7.39 -104.64 90.28
C VAL B 587 7.98 -105.98 89.85
N ASN B 588 7.74 -106.35 88.61
CA ASN B 588 8.23 -107.60 88.04
C ASN B 588 9.13 -107.30 86.85
N ALA B 589 10.29 -107.95 86.80
CA ALA B 589 11.25 -107.77 85.71
C ALA B 589 11.25 -109.01 84.84
N THR B 590 11.00 -108.83 83.55
CA THR B 590 10.99 -109.92 82.58
C THR B 590 11.92 -109.57 81.44
N LEU B 591 12.78 -110.52 81.07
CA LEU B 591 13.72 -110.30 79.97
C LEU B 591 12.97 -110.26 78.65
N ARG B 592 13.42 -109.39 77.75
CA ARG B 592 12.80 -109.24 76.44
C ARG B 592 13.36 -110.29 75.50
N ILE B 593 12.51 -111.20 75.05
CA ILE B 593 12.94 -112.21 74.08
C ILE B 593 13.30 -111.56 72.76
N ILE B 594 12.49 -110.61 72.30
CA ILE B 594 12.73 -109.88 71.06
C ILE B 594 12.84 -108.40 71.42
N ASN B 595 13.89 -107.75 70.91
CA ASN B 595 14.15 -106.34 71.21
C ASN B 595 13.34 -105.42 70.30
N GLY B 596 12.03 -105.64 70.22
CA GLY B 596 11.16 -104.80 69.44
C GLY B 596 10.60 -103.61 70.15
N ASN B 597 10.96 -103.40 71.42
CA ASN B 597 10.46 -102.30 72.22
C ASN B 597 11.39 -101.10 72.21
N ILE B 598 12.41 -101.10 71.36
CA ILE B 598 13.34 -99.96 71.28
C ILE B 598 12.57 -98.74 70.77
N PRO B 599 12.74 -97.57 71.39
CA PRO B 599 12.02 -96.38 70.91
C PRO B 599 12.51 -95.95 69.53
N VAL B 600 11.61 -95.98 68.57
CA VAL B 600 11.91 -95.59 67.19
C VAL B 600 11.91 -94.07 66.98
N PRO B 601 10.94 -93.29 67.49
CA PRO B 601 10.77 -91.93 66.97
C PRO B 601 11.80 -90.92 67.47
N LEU B 602 12.75 -91.33 68.32
CA LEU B 602 13.77 -90.39 68.78
C LEU B 602 14.64 -89.91 67.63
N CYS B 603 15.02 -90.82 66.73
CA CYS B 603 15.82 -90.47 65.56
C CYS B 603 15.68 -91.54 64.49
N PRO B 604 14.53 -91.64 63.83
CA PRO B 604 14.35 -92.69 62.83
C PRO B 604 14.91 -92.35 61.45
N ILE B 605 15.08 -91.06 61.13
CA ILE B 605 15.55 -90.68 59.80
C ILE B 605 16.98 -91.16 59.59
N SER B 606 17.85 -90.96 60.58
CA SER B 606 19.23 -91.38 60.44
C SER B 606 19.34 -92.90 60.34
N PHE B 607 18.57 -93.63 61.16
CA PHE B 607 18.60 -95.08 61.09
C PHE B 607 18.10 -95.58 59.74
N ARG B 608 17.03 -94.98 59.22
CA ARG B 608 16.52 -95.37 57.92
C ARG B 608 17.53 -95.10 56.82
N ASP B 609 18.18 -93.92 56.87
CA ASP B 609 19.19 -93.60 55.87
C ASP B 609 20.36 -94.57 55.92
N CYS B 610 20.83 -94.89 57.14
CA CYS B 610 21.97 -95.80 57.25
C CYS B 610 21.61 -97.21 56.80
N ARG B 611 20.41 -97.70 57.14
CA ARG B 611 20.02 -99.03 56.70
C ARG B 611 19.83 -99.07 55.19
N GLY B 612 19.30 -97.99 54.60
CA GLY B 612 19.18 -97.94 53.16
C GLY B 612 20.54 -97.95 52.47
N THR B 613 21.46 -97.12 52.96
CA THR B 613 22.78 -97.07 52.34
C THR B 613 23.62 -98.31 52.63
N GLN B 614 23.23 -99.12 53.61
CA GLN B 614 23.95 -100.36 53.91
C GLN B 614 23.32 -101.60 53.28
N LEU B 615 22.04 -101.55 52.89
CA LEU B 615 21.37 -102.71 52.33
C LEU B 615 20.98 -102.54 50.88
N GLY B 616 20.39 -101.39 50.51
CA GLY B 616 19.91 -101.19 49.16
C GLY B 616 20.97 -100.73 48.19
N LEU B 617 22.09 -101.45 48.13
CA LEU B 617 23.18 -101.16 47.20
C LEU B 617 23.46 -102.42 46.40
N GLY B 618 22.90 -102.50 45.20
CA GLY B 618 23.06 -103.67 44.35
C GLY B 618 22.21 -104.84 44.80
N ARG B 619 20.89 -104.66 44.78
CA ARG B 619 19.97 -105.70 45.21
C ARG B 619 18.93 -105.99 44.14
N HIS B 620 17.95 -106.82 44.47
CA HIS B 620 16.90 -107.18 43.52
C HIS B 620 15.86 -106.07 43.42
N THR B 621 15.29 -105.92 42.22
CA THR B 621 14.29 -104.91 41.96
C THR B 621 13.05 -105.57 41.37
N MET B 622 11.88 -104.99 41.64
CA MET B 622 10.63 -105.52 41.15
C MET B 622 10.51 -105.30 39.65
N THR B 623 9.46 -105.86 39.05
CA THR B 623 9.23 -105.78 37.62
C THR B 623 7.81 -105.31 37.36
N PRO B 624 7.58 -104.68 36.21
CA PRO B 624 6.21 -104.23 35.89
C PRO B 624 5.18 -105.35 35.88
N ALA B 625 5.58 -106.57 35.50
CA ALA B 625 4.64 -107.68 35.52
C ALA B 625 4.14 -107.97 36.93
N THR B 626 5.07 -108.06 37.90
CA THR B 626 4.66 -108.29 39.28
C THR B 626 3.91 -107.09 39.85
N ILE B 627 4.29 -105.88 39.45
CA ILE B 627 3.57 -104.70 39.92
C ILE B 627 2.12 -104.73 39.44
N LYS B 628 1.91 -105.08 38.17
CA LYS B 628 0.56 -105.18 37.62
C LYS B 628 -0.22 -106.31 38.29
N ALA B 629 0.45 -107.43 38.57
CA ALA B 629 -0.22 -108.54 39.25
C ALA B 629 -0.66 -108.14 40.65
N VAL B 630 0.21 -107.42 41.38
CA VAL B 630 -0.15 -106.96 42.72
C VAL B 630 -1.31 -105.98 42.65
N LYS B 631 -1.27 -105.06 41.69
CA LYS B 631 -2.36 -104.10 41.55
C LYS B 631 -3.67 -104.79 41.22
N ASP B 632 -3.63 -105.80 40.35
CA ASP B 632 -4.84 -106.53 39.99
C ASP B 632 -5.39 -107.32 41.17
N THR B 633 -4.51 -107.97 41.94
CA THR B 633 -4.98 -108.71 43.11
C THR B 633 -5.57 -107.78 44.16
N PHE B 634 -4.97 -106.59 44.33
CA PHE B 634 -5.56 -105.60 45.24
C PHE B 634 -6.91 -105.13 44.74
N GLU B 635 -7.04 -104.93 43.43
CA GLU B 635 -8.29 -104.40 42.87
C GLU B 635 -9.42 -105.43 42.94
N ASP B 636 -9.09 -106.71 42.77
CA ASP B 636 -10.14 -107.72 42.74
C ASP B 636 -10.74 -107.95 44.13
N ARG B 637 -9.93 -108.46 45.05
CA ARG B 637 -10.31 -108.65 46.45
C ARG B 637 -11.69 -109.28 46.58
N ALA B 638 -11.81 -110.52 46.08
CA ALA B 638 -13.08 -111.21 46.03
C ALA B 638 -13.17 -112.37 47.02
N TYR B 639 -12.25 -113.34 46.94
CA TYR B 639 -12.25 -114.53 47.78
C TYR B 639 -13.63 -115.18 47.80
N PRO B 640 -14.06 -115.78 46.69
CA PRO B 640 -15.46 -116.26 46.62
C PRO B 640 -15.66 -117.65 47.22
N THR B 641 -16.90 -118.12 47.16
CA THR B 641 -17.23 -119.44 47.71
C THR B 641 -16.53 -120.55 46.96
N ILE B 642 -16.28 -120.38 45.66
CA ILE B 642 -15.54 -121.39 44.91
C ILE B 642 -14.13 -121.53 45.47
N PHE B 643 -13.47 -120.41 45.73
CA PHE B 643 -12.12 -120.46 46.32
C PHE B 643 -12.17 -121.01 47.73
N TYR B 644 -13.21 -120.67 48.50
CA TYR B 644 -13.33 -121.23 49.85
C TYR B 644 -13.47 -122.74 49.82
N MET B 645 -14.30 -123.26 48.91
CA MET B 645 -14.46 -124.71 48.78
C MET B 645 -13.17 -125.36 48.28
N LEU B 646 -12.46 -124.69 47.37
CA LEU B 646 -11.18 -125.21 46.90
C LEU B 646 -10.18 -125.32 48.04
N GLU B 647 -10.10 -124.29 48.88
CA GLU B 647 -9.22 -124.37 50.05
C GLU B 647 -9.66 -125.48 51.00
N ALA B 648 -10.96 -125.62 51.21
CA ALA B 648 -11.47 -126.65 52.11
C ALA B 648 -11.12 -128.05 51.61
N VAL B 649 -11.24 -128.29 50.30
CA VAL B 649 -10.89 -129.59 49.77
C VAL B 649 -9.38 -129.77 49.60
N ILE B 650 -8.61 -128.68 49.64
CA ILE B 650 -7.16 -128.78 49.54
C ILE B 650 -6.50 -129.03 50.89
N HIS B 651 -7.09 -128.53 51.98
CA HIS B 651 -6.42 -128.65 53.28
C HIS B 651 -6.15 -130.10 53.64
N GLY B 652 -7.14 -130.97 53.43
CA GLY B 652 -6.88 -132.40 53.37
C GLY B 652 -8.07 -133.24 52.95
N ASN B 653 -7.88 -134.04 51.92
CA ASN B 653 -8.86 -135.05 51.50
C ASN B 653 -8.24 -135.93 50.41
N GLU B 654 -8.29 -137.25 50.58
CA GLU B 654 -7.68 -138.15 49.60
C GLU B 654 -8.43 -138.09 48.27
N ARG B 655 -9.76 -138.26 48.31
CA ARG B 655 -10.54 -138.27 47.07
C ARG B 655 -10.53 -136.90 46.41
N ASN B 656 -10.66 -135.83 47.20
CA ASN B 656 -10.63 -134.49 46.63
C ASN B 656 -9.27 -134.18 46.01
N PHE B 657 -8.19 -134.60 46.66
CA PHE B 657 -6.86 -134.39 46.10
C PHE B 657 -6.67 -135.18 44.81
N CYS B 658 -7.14 -136.43 44.77
CA CYS B 658 -6.99 -137.23 43.56
C CYS B 658 -7.84 -136.68 42.42
N ALA B 659 -9.00 -136.11 42.72
CA ALA B 659 -9.82 -135.48 41.68
C ALA B 659 -9.18 -134.18 41.20
N LEU B 660 -8.61 -133.40 42.13
CA LEU B 660 -7.95 -132.16 41.75
C LEU B 660 -6.73 -132.41 40.88
N LEU B 661 -5.99 -133.49 41.17
CA LEU B 661 -4.80 -133.81 40.38
C LEU B 661 -5.14 -134.02 38.91
N ARG B 662 -6.40 -134.34 38.58
CA ARG B 662 -6.86 -134.47 37.22
C ARG B 662 -7.57 -133.22 36.70
N LEU B 663 -8.35 -132.54 37.53
CA LEU B 663 -9.14 -131.41 37.09
C LEU B 663 -8.39 -130.08 37.15
N LEU B 664 -7.15 -130.07 37.66
CA LEU B 664 -6.42 -128.81 37.79
C LEU B 664 -6.13 -128.17 36.44
N THR B 665 -5.78 -128.99 35.45
CA THR B 665 -5.49 -128.45 34.12
C THR B 665 -6.72 -127.76 33.53
N GLN B 666 -7.87 -128.42 33.61
CA GLN B 666 -9.10 -127.82 33.11
C GLN B 666 -9.46 -126.56 33.89
N CYS B 667 -9.28 -126.59 35.22
CA CYS B 667 -9.61 -125.44 36.04
C CYS B 667 -8.75 -124.23 35.68
N ILE B 668 -7.44 -124.44 35.55
CA ILE B 668 -6.54 -123.32 35.24
C ILE B 668 -6.77 -122.83 33.82
N ARG B 669 -7.06 -123.74 32.88
CA ARG B 669 -7.36 -123.31 31.51
C ARG B 669 -8.61 -122.46 31.47
N GLY B 670 -9.66 -122.88 32.17
CA GLY B 670 -10.88 -122.08 32.22
C GLY B 670 -10.68 -120.75 32.89
N TYR B 671 -9.92 -120.73 33.99
CA TYR B 671 -9.64 -119.47 34.67
C TYR B 671 -8.86 -118.52 33.77
N TRP B 672 -7.85 -119.02 33.07
CA TRP B 672 -7.08 -118.17 32.17
C TRP B 672 -7.94 -117.64 31.02
N GLU B 673 -8.76 -118.52 30.43
CA GLU B 673 -9.60 -118.08 29.31
C GLU B 673 -10.67 -117.09 29.75
N GLN B 674 -11.14 -117.20 31.00
CA GLN B 674 -12.09 -116.21 31.50
C GLN B 674 -11.38 -114.89 31.79
N SER B 675 -10.21 -114.94 32.44
CA SER B 675 -9.45 -113.74 32.75
C SER B 675 -7.99 -114.17 32.91
N HIS B 676 -7.18 -113.90 31.88
CA HIS B 676 -5.74 -114.18 31.94
C HIS B 676 -5.02 -113.44 33.07
N ARG B 677 -5.71 -112.59 33.82
CA ARG B 677 -5.09 -111.90 34.93
C ARG B 677 -4.61 -112.88 35.99
N VAL B 678 -3.48 -112.57 36.61
CA VAL B 678 -2.90 -113.45 37.63
C VAL B 678 -3.60 -113.20 38.96
N ALA B 679 -4.05 -114.29 39.59
CA ALA B 679 -4.73 -114.20 40.88
C ALA B 679 -4.52 -115.50 41.64
N PHE B 680 -4.77 -115.41 42.96
CA PHE B 680 -4.67 -116.56 43.87
C PHE B 680 -3.27 -117.17 43.82
N VAL B 681 -2.29 -116.37 44.23
CA VAL B 681 -0.90 -116.82 44.27
C VAL B 681 -0.47 -117.26 45.67
N ASN B 682 -1.20 -116.87 46.71
CA ASN B 682 -0.82 -117.20 48.08
C ASN B 682 -1.00 -118.67 48.42
N ASN B 683 -1.65 -119.46 47.55
CA ASN B 683 -1.88 -120.88 47.81
C ASN B 683 -0.61 -121.66 47.44
N PHE B 684 0.35 -121.64 48.36
CA PHE B 684 1.63 -122.30 48.12
C PHE B 684 1.46 -123.82 47.99
N HIS B 685 0.53 -124.41 48.74
CA HIS B 685 0.31 -125.84 48.65
C HIS B 685 -0.15 -126.25 47.25
N MET B 686 -1.16 -125.55 46.72
CA MET B 686 -1.62 -125.88 45.38
C MET B 686 -0.58 -125.50 44.33
N LEU B 687 0.20 -124.45 44.56
CA LEU B 687 1.27 -124.09 43.62
C LEU B 687 2.31 -125.20 43.53
N MET B 688 2.75 -125.72 44.69
CA MET B 688 3.74 -126.79 44.68
C MET B 688 3.15 -128.08 44.13
N TYR B 689 1.86 -128.35 44.40
CA TYR B 689 1.22 -129.52 43.81
C TYR B 689 1.20 -129.43 42.29
N ILE B 690 0.86 -128.25 41.76
CA ILE B 690 0.85 -128.05 40.31
C ILE B 690 2.25 -128.23 39.74
N THR B 691 3.24 -127.63 40.38
CA THR B 691 4.61 -127.71 39.85
C THR B 691 5.15 -129.13 39.93
N THR B 692 4.68 -129.94 40.89
CA THR B 692 5.16 -131.31 40.98
C THR B 692 4.40 -132.25 40.06
N TYR B 693 3.14 -131.96 39.77
CA TYR B 693 2.33 -132.86 38.93
C TYR B 693 2.40 -132.49 37.46
N LEU B 694 2.00 -131.27 37.11
CA LEU B 694 1.93 -130.83 35.72
C LEU B 694 3.28 -130.24 35.33
N GLY B 695 4.10 -131.04 34.64
CA GLY B 695 5.39 -130.59 34.19
C GLY B 695 5.64 -130.88 32.72
N ASN B 696 4.59 -130.80 31.91
CA ASN B 696 4.68 -131.09 30.49
C ASN B 696 4.47 -129.84 29.63
N GLY B 697 4.68 -128.66 30.19
CA GLY B 697 4.52 -127.43 29.45
C GLY B 697 3.07 -127.11 29.10
N GLU B 698 2.25 -126.90 30.12
CA GLU B 698 0.84 -126.59 29.94
C GLU B 698 0.47 -125.20 30.46
N LEU B 699 1.07 -124.76 31.55
CA LEU B 699 0.78 -123.44 32.08
C LEU B 699 1.33 -122.37 31.14
N PRO B 700 0.74 -121.17 31.16
CA PRO B 700 1.25 -120.08 30.32
C PRO B 700 2.70 -119.73 30.68
N GLU B 701 3.45 -119.32 29.66
CA GLU B 701 4.87 -119.02 29.86
C GLU B 701 5.08 -117.83 30.77
N VAL B 702 4.16 -116.86 30.75
CA VAL B 702 4.30 -115.68 31.60
C VAL B 702 4.18 -116.06 33.07
N CYS B 703 3.16 -116.87 33.39
CA CYS B 703 2.98 -117.29 34.78
C CYS B 703 4.13 -118.16 35.26
N ILE B 704 4.60 -119.07 34.40
CA ILE B 704 5.72 -119.93 34.77
C ILE B 704 6.97 -119.09 35.03
N ASN B 705 7.24 -118.12 34.15
CA ASN B 705 8.41 -117.27 34.33
C ASN B 705 8.29 -116.43 35.60
N ILE B 706 7.10 -115.91 35.88
CA ILE B 706 6.89 -115.11 37.08
C ILE B 706 7.13 -115.96 38.33
N TYR B 707 6.57 -117.17 38.35
CA TYR B 707 6.79 -118.06 39.49
C TYR B 707 8.27 -118.40 39.64
N ARG B 708 8.95 -118.68 38.54
CA ARG B 708 10.36 -119.02 38.61
C ARG B 708 11.20 -117.87 39.15
N ASP B 709 10.94 -116.65 38.68
CA ASP B 709 11.75 -115.53 39.16
C ASP B 709 11.43 -115.18 40.61
N LEU B 710 10.17 -115.32 41.03
CA LEU B 710 9.87 -115.06 42.44
C LEU B 710 10.48 -116.12 43.34
N LEU B 711 10.47 -117.38 42.91
CA LEU B 711 11.14 -118.44 43.67
C LEU B 711 12.63 -118.19 43.75
N GLN B 712 13.25 -117.78 42.64
CA GLN B 712 14.68 -117.47 42.66
C GLN B 712 14.97 -116.30 43.59
N HIS B 713 14.14 -115.27 43.57
CA HIS B 713 14.36 -114.12 44.45
C HIS B 713 14.23 -114.52 45.91
N VAL B 714 13.21 -115.31 46.26
CA VAL B 714 13.04 -115.69 47.66
C VAL B 714 14.16 -116.64 48.10
N ARG B 715 14.62 -117.50 47.19
CA ARG B 715 15.76 -118.37 47.53
C ARG B 715 17.02 -117.56 47.75
N ALA B 716 17.27 -116.56 46.90
CA ALA B 716 18.43 -115.69 47.10
C ALA B 716 18.34 -114.92 48.40
N LEU B 717 17.15 -114.43 48.74
CA LEU B 717 16.97 -113.72 50.00
C LEU B 717 17.23 -114.63 51.19
N ARG B 718 16.73 -115.86 51.13
CA ARG B 718 16.97 -116.81 52.22
C ARG B 718 18.45 -117.15 52.34
N GLN B 719 19.12 -117.35 51.20
CA GLN B 719 20.55 -117.64 51.24
C GLN B 719 21.33 -116.48 51.83
N THR B 720 20.98 -115.25 51.46
CA THR B 720 21.67 -114.09 52.01
C THR B 720 21.43 -113.96 53.51
N ILE B 721 20.18 -114.15 53.96
CA ILE B 721 19.88 -114.02 55.37
C ILE B 721 20.51 -115.15 56.17
N THR B 722 20.79 -116.30 55.55
CA THR B 722 21.48 -117.36 56.26
C THR B 722 23.00 -117.20 56.24
N ASP B 723 23.57 -116.56 55.22
CA ASP B 723 25.00 -116.33 55.17
C ASP B 723 25.40 -114.99 55.77
N PHE B 724 24.45 -114.20 56.26
CA PHE B 724 24.80 -112.96 56.95
C PHE B 724 25.68 -113.23 58.17
N THR B 725 25.47 -114.37 58.84
CA THR B 725 26.26 -114.76 60.00
C THR B 725 27.31 -115.78 59.58
N ILE B 726 28.36 -115.87 60.38
CA ILE B 726 29.47 -116.78 60.11
C ILE B 726 29.04 -118.20 60.47
N GLN B 727 29.21 -119.12 59.53
CA GLN B 727 28.82 -120.51 59.73
C GLN B 727 30.02 -121.30 60.27
N GLY B 728 29.90 -122.63 60.30
CA GLY B 728 30.95 -123.48 60.80
C GLY B 728 30.91 -123.77 62.28
N GLU B 729 29.93 -123.23 62.99
CA GLU B 729 29.80 -123.45 64.43
C GLU B 729 28.85 -124.63 64.69
N GLY B 730 28.58 -124.88 65.97
CA GLY B 730 27.69 -125.97 66.34
C GLY B 730 27.33 -125.95 67.81
N HIS B 731 26.04 -126.14 68.11
CA HIS B 731 25.54 -126.18 69.47
C HIS B 731 24.63 -127.39 69.64
N ASN B 732 24.02 -127.51 70.82
CA ASN B 732 23.12 -128.62 71.10
C ASN B 732 21.74 -128.43 70.48
N GLY B 733 21.40 -127.21 70.06
CA GLY B 733 20.12 -126.95 69.45
C GLY B 733 20.24 -126.44 68.03
N GLU B 734 19.83 -125.20 67.81
CA GLU B 734 19.92 -124.56 66.50
C GLU B 734 21.04 -123.54 66.52
N THR B 735 21.92 -123.60 65.52
CA THR B 735 23.08 -122.72 65.47
C THR B 735 22.67 -121.26 65.34
N SER B 736 22.04 -120.90 64.23
CA SER B 736 21.60 -119.52 64.03
C SER B 736 20.20 -119.37 63.45
N GLU B 737 19.60 -120.42 62.90
CA GLU B 737 18.30 -120.28 62.24
C GLU B 737 17.23 -119.84 63.22
N ALA B 738 16.99 -120.65 64.26
CA ALA B 738 15.96 -120.30 65.25
C ALA B 738 16.39 -119.12 66.11
N LEU B 739 17.67 -118.77 66.12
CA LEU B 739 18.15 -117.65 66.94
C LEU B 739 17.97 -116.32 66.24
N ASN B 740 18.05 -116.28 64.91
CA ASN B 740 17.93 -115.04 64.16
C ASN B 740 16.64 -114.96 63.35
N ASN B 741 15.81 -116.00 63.35
CA ASN B 741 14.55 -115.98 62.61
C ASN B 741 13.34 -116.21 63.49
N ILE B 742 13.43 -117.13 64.45
CA ILE B 742 12.36 -117.49 65.40
C ILE B 742 11.27 -118.29 64.69
N LEU B 743 10.76 -117.77 63.57
CA LEU B 743 9.71 -118.45 62.84
C LEU B 743 10.17 -119.77 62.22
N THR B 744 11.48 -119.95 62.05
CA THR B 744 12.00 -121.19 61.48
C THR B 744 11.73 -122.38 62.41
N ASP B 745 11.71 -122.15 63.72
CA ASP B 745 11.45 -123.23 64.66
C ASP B 745 10.01 -123.71 64.54
N ASP B 746 9.83 -125.02 64.61
CA ASP B 746 8.50 -125.62 64.50
C ASP B 746 7.69 -125.50 65.77
N THR B 747 8.30 -125.11 66.89
CA THR B 747 7.56 -124.98 68.14
C THR B 747 6.55 -123.84 68.06
N PHE B 748 6.89 -122.76 67.35
CA PHE B 748 5.99 -121.63 67.22
C PHE B 748 4.79 -122.02 66.36
N ILE B 749 3.60 -121.92 66.95
CA ILE B 749 2.36 -122.28 66.24
C ILE B 749 1.99 -121.17 65.27
N ALA B 750 1.06 -121.46 64.37
CA ALA B 750 0.60 -120.50 63.38
C ALA B 750 -0.90 -120.24 63.54
N PRO B 751 -1.37 -119.04 63.17
CA PRO B 751 -2.81 -118.78 63.28
C PRO B 751 -3.67 -119.70 62.45
N ILE B 752 -3.18 -120.14 61.29
CA ILE B 752 -3.91 -121.06 60.41
C ILE B 752 -3.11 -122.35 60.33
N LEU B 753 -3.74 -123.46 60.71
CA LEU B 753 -3.11 -124.77 60.69
C LEU B 753 -4.06 -125.77 60.05
N TRP B 754 -3.51 -126.62 59.19
CA TRP B 754 -4.29 -127.66 58.52
C TRP B 754 -3.71 -129.05 58.71
N ASP B 755 -2.39 -129.19 58.75
CA ASP B 755 -1.76 -130.49 58.93
C ASP B 755 -1.77 -130.90 60.40
N CYS B 756 -1.69 -132.21 60.62
CA CYS B 756 -1.68 -132.77 61.97
C CYS B 756 -0.49 -133.68 62.24
N ASP B 757 0.42 -133.85 61.28
CA ASP B 757 1.57 -134.72 61.44
C ASP B 757 2.82 -133.96 61.84
N ALA B 758 2.71 -132.66 62.12
CA ALA B 758 3.86 -131.84 62.51
C ALA B 758 4.17 -131.93 63.99
N LEU B 759 3.36 -132.63 64.78
CA LEU B 759 3.61 -132.75 66.21
C LEU B 759 4.91 -133.50 66.48
N ILE B 760 5.16 -134.57 65.73
CA ILE B 760 6.40 -135.33 65.89
C ILE B 760 7.61 -134.48 65.54
N TYR B 761 7.51 -133.72 64.44
CA TYR B 761 8.61 -132.84 64.05
C TYR B 761 8.86 -131.78 65.11
N ARG B 762 7.80 -131.18 65.66
CA ARG B 762 7.96 -130.19 66.70
C ARG B 762 8.60 -130.79 67.96
N ASP B 763 8.18 -132.00 68.33
CA ASP B 763 8.77 -132.65 69.50
C ASP B 763 10.24 -132.96 69.28
N GLU B 764 10.59 -133.41 68.08
CA GLU B 764 11.98 -133.77 67.80
C GLU B 764 12.86 -132.53 67.66
N ALA B 765 12.29 -131.40 67.24
CA ALA B 765 13.05 -130.17 67.11
C ALA B 765 13.04 -129.31 68.37
N ALA B 766 12.22 -129.67 69.36
CA ALA B 766 12.19 -128.89 70.60
C ALA B 766 13.49 -129.01 71.38
N ARG B 767 14.20 -130.13 71.23
CA ARG B 767 15.47 -130.39 71.92
C ARG B 767 15.21 -130.35 73.44
N ASP B 768 16.09 -129.72 74.22
CA ASP B 768 15.94 -129.66 75.67
C ASP B 768 15.22 -128.40 76.14
N ARG B 769 14.39 -127.79 75.28
CA ARG B 769 13.66 -126.58 75.63
C ARG B 769 12.39 -126.87 76.44
N LEU B 770 12.22 -128.09 76.94
CA LEU B 770 11.07 -128.50 77.73
C LEU B 770 9.77 -128.21 77.00
N PRO B 771 9.46 -128.95 75.93
CA PRO B 771 8.21 -128.71 75.20
C PRO B 771 6.99 -129.04 76.04
N ALA B 772 5.91 -128.31 75.78
CA ALA B 772 4.65 -128.51 76.50
C ALA B 772 3.51 -128.31 75.50
N ILE B 773 2.98 -129.42 74.97
CA ILE B 773 1.90 -129.37 74.00
C ILE B 773 0.58 -129.13 74.74
N ARG B 774 -0.18 -128.14 74.27
CA ARG B 774 -1.46 -127.75 74.89
C ARG B 774 -2.53 -127.60 73.82
N VAL B 775 -2.63 -128.58 72.92
CA VAL B 775 -3.62 -128.53 71.86
C VAL B 775 -5.00 -128.74 72.45
N SER B 776 -5.94 -127.84 72.09
CA SER B 776 -7.33 -127.92 72.54
C SER B 776 -7.44 -127.88 74.06
N GLY B 777 -6.49 -127.23 74.72
CA GLY B 777 -6.53 -127.13 76.17
C GLY B 777 -6.24 -128.42 76.91
N ARG B 778 -5.65 -129.41 76.23
CA ARG B 778 -5.35 -130.69 76.85
C ARG B 778 -3.96 -131.13 76.41
N ASN B 779 -3.54 -132.30 76.89
CA ASN B 779 -2.23 -132.87 76.58
C ASN B 779 -2.40 -134.03 75.62
N GLY B 780 -1.61 -134.04 74.55
CA GLY B 780 -1.68 -135.10 73.56
C GLY B 780 -2.78 -134.90 72.55
N TYR B 781 -2.82 -135.79 71.57
CA TYR B 781 -3.81 -135.73 70.51
C TYR B 781 -4.16 -137.14 70.08
N GLN B 782 -5.35 -137.30 69.52
CA GLN B 782 -5.87 -138.57 69.04
C GLN B 782 -6.10 -138.50 67.54
N ALA B 783 -6.58 -139.61 66.98
CA ALA B 783 -6.87 -139.71 65.55
C ALA B 783 -8.23 -140.36 65.35
N LEU B 784 -8.86 -140.05 64.22
CA LEU B 784 -10.17 -140.58 63.89
C LEU B 784 -10.17 -141.09 62.46
N HIS B 785 -11.00 -142.11 62.21
CA HIS B 785 -11.13 -142.69 60.88
C HIS B 785 -12.24 -141.97 60.12
N PHE B 786 -12.67 -142.55 59.00
CA PHE B 786 -13.72 -141.96 58.19
C PHE B 786 -15.03 -142.00 58.97
N VAL B 787 -15.50 -140.83 59.42
CA VAL B 787 -16.71 -140.73 60.22
C VAL B 787 -17.93 -140.81 59.30
N ASP B 788 -19.09 -141.02 59.90
CA ASP B 788 -20.35 -141.10 59.15
C ASP B 788 -21.42 -140.37 59.96
N MET B 789 -22.68 -140.56 59.55
CA MET B 789 -23.80 -139.88 60.20
C MET B 789 -24.31 -140.62 61.43
N ALA B 790 -23.74 -141.78 61.75
CA ALA B 790 -24.12 -142.54 62.93
C ALA B 790 -23.21 -142.28 64.12
N GLY B 791 -22.22 -141.40 63.97
CA GLY B 791 -21.31 -141.09 65.05
C GLY B 791 -21.00 -139.61 65.16
N HIS B 792 -21.97 -138.78 64.80
CA HIS B 792 -21.78 -137.34 64.85
C HIS B 792 -21.60 -136.87 66.30
N ASN B 793 -20.69 -135.91 66.48
CA ASN B 793 -20.41 -135.37 67.81
C ASN B 793 -20.00 -133.90 67.63
N PHE B 794 -20.95 -132.99 67.84
CA PHE B 794 -20.70 -131.57 67.68
C PHE B 794 -19.97 -130.95 68.87
N GLN B 795 -19.85 -131.67 69.98
CA GLN B 795 -19.19 -131.18 71.19
C GLN B 795 -17.95 -132.00 71.51
N ARG B 796 -17.21 -132.39 70.47
CA ARG B 796 -15.99 -133.16 70.69
C ARG B 796 -14.88 -132.27 71.26
N ARG B 797 -14.12 -132.83 72.19
CA ARG B 797 -13.03 -132.11 72.85
C ARG B 797 -11.74 -132.88 72.65
N ASP B 798 -10.67 -132.15 72.31
CA ASP B 798 -9.34 -132.72 72.11
C ASP B 798 -9.37 -133.82 71.05
N ASN B 799 -9.74 -133.43 69.83
CA ASN B 799 -9.82 -134.37 68.71
C ASN B 799 -9.54 -133.59 67.43
N VAL B 800 -8.42 -133.89 66.79
CA VAL B 800 -8.04 -133.26 65.53
C VAL B 800 -8.53 -134.12 64.38
N LEU B 801 -8.82 -133.47 63.25
CA LEU B 801 -9.33 -134.14 62.07
C LEU B 801 -8.22 -134.27 61.03
N ILE B 802 -8.00 -135.49 60.55
CA ILE B 802 -6.98 -135.76 59.54
C ILE B 802 -7.61 -136.55 58.40
N HIS B 803 -8.87 -136.96 58.59
CA HIS B 803 -9.63 -137.74 57.60
C HIS B 803 -8.90 -139.03 57.23
N GLY B 804 -8.24 -139.64 58.21
CA GLY B 804 -7.54 -140.89 58.00
C GLY B 804 -6.24 -140.71 57.25
N ARG B 805 -5.60 -141.85 56.97
CA ARG B 805 -4.35 -141.88 56.23
C ARG B 805 -4.23 -143.24 55.55
N PRO B 806 -4.61 -143.33 54.28
CA PRO B 806 -4.48 -144.63 53.57
C PRO B 806 -3.05 -145.12 53.48
N VAL B 807 -2.08 -144.23 53.37
CA VAL B 807 -0.68 -144.63 53.28
C VAL B 807 0.09 -144.14 54.50
N ILE B 815 -5.68 -146.35 64.20
CA ILE B 815 -5.01 -146.05 62.93
C ILE B 815 -3.58 -145.58 63.19
N PRO B 816 -2.61 -146.25 62.57
CA PRO B 816 -1.20 -145.84 62.75
C PRO B 816 -0.95 -144.45 62.17
N ILE B 817 -0.01 -143.76 62.79
CA ILE B 817 0.39 -142.41 62.38
C ILE B 817 1.87 -142.43 62.05
N THR B 818 2.23 -141.89 60.89
CA THR B 818 3.61 -141.81 60.44
C THR B 818 3.81 -140.52 59.68
N PRO B 819 4.99 -139.90 59.78
CA PRO B 819 5.24 -138.67 59.02
C PRO B 819 5.44 -138.94 57.53
N HIS B 820 4.45 -138.57 56.72
CA HIS B 820 4.54 -138.78 55.28
C HIS B 820 5.07 -137.56 54.54
N HIS B 821 4.83 -136.35 55.05
CA HIS B 821 5.26 -135.12 54.43
C HIS B 821 6.27 -134.42 55.33
N ASP B 822 7.33 -133.90 54.72
CA ASP B 822 8.36 -133.19 55.47
C ASP B 822 7.81 -131.87 56.03
N ARG B 823 8.32 -131.50 57.20
CA ARG B 823 7.90 -130.26 57.86
C ARG B 823 8.58 -129.03 57.29
N GLU B 824 9.54 -129.19 56.38
CA GLU B 824 10.20 -128.03 55.77
C GLU B 824 9.20 -127.19 54.97
N TRP B 825 8.30 -127.86 54.24
CA TRP B 825 7.29 -127.13 53.48
C TRP B 825 6.36 -126.35 54.41
N GLY B 826 5.97 -126.96 55.54
CA GLY B 826 5.13 -126.25 56.50
C GLY B 826 5.85 -125.06 57.12
N ILE B 827 7.13 -125.23 57.44
CA ILE B 827 7.91 -124.12 58.00
C ILE B 827 8.02 -122.99 56.99
N LEU B 828 8.27 -123.32 55.72
CA LEU B 828 8.34 -122.30 54.68
C LEU B 828 7.00 -121.58 54.51
N SER B 829 5.90 -122.34 54.55
CA SER B 829 4.58 -121.73 54.44
C SER B 829 4.29 -120.80 55.61
N LYS B 830 4.68 -121.21 56.82
CA LYS B 830 4.49 -120.35 57.99
C LYS B 830 5.33 -119.07 57.88
N ILE B 831 6.58 -119.21 57.40
CA ILE B 831 7.44 -118.05 57.22
C ILE B 831 6.83 -117.09 56.20
N TYR B 832 6.31 -117.64 55.09
CA TYR B 832 5.67 -116.80 54.09
C TYR B 832 4.44 -116.10 54.65
N TYR B 833 3.63 -116.83 55.44
CA TYR B 833 2.46 -116.22 56.06
C TYR B 833 2.84 -115.19 57.11
N TYR B 834 4.07 -115.23 57.63
CA TYR B 834 4.48 -114.36 58.72
C TYR B 834 5.23 -113.12 58.27
N ILE B 835 5.82 -113.11 57.08
CA ILE B 835 6.63 -111.96 56.66
C ILE B 835 6.13 -111.35 55.35
N VAL B 836 6.22 -112.13 54.26
CA VAL B 836 5.99 -111.54 52.94
C VAL B 836 4.52 -111.20 52.75
N ILE B 837 3.61 -112.06 53.19
CA ILE B 837 2.19 -111.78 53.04
C ILE B 837 1.76 -110.57 53.86
N PRO B 838 2.09 -110.44 55.14
CA PRO B 838 1.78 -109.18 55.85
C PRO B 838 2.48 -107.97 55.27
N ALA B 839 3.71 -108.12 54.77
CA ALA B 839 4.38 -106.98 54.16
C ALA B 839 3.65 -106.52 52.90
N PHE B 840 3.11 -107.47 52.14
CA PHE B 840 2.39 -107.13 50.91
C PHE B 840 1.00 -106.57 51.19
N SER B 841 0.32 -107.10 52.21
CA SER B 841 -1.07 -106.73 52.48
C SER B 841 -1.23 -106.23 53.91
N ARG B 842 -0.34 -105.33 54.33
CA ARG B 842 -0.48 -104.71 55.65
C ARG B 842 -1.77 -103.91 55.76
N GLY B 843 -2.12 -103.17 54.70
CA GLY B 843 -3.33 -102.38 54.72
C GLY B 843 -4.56 -103.20 54.37
N SER B 844 -5.65 -102.91 55.08
CA SER B 844 -6.96 -103.54 54.86
C SER B 844 -6.85 -105.07 54.80
N CYS B 845 -6.41 -105.64 55.93
CA CYS B 845 -6.28 -107.09 56.07
C CYS B 845 -7.09 -107.54 57.29
N CYS B 846 -7.89 -108.58 57.10
CA CYS B 846 -8.70 -109.12 58.17
C CYS B 846 -9.01 -110.58 57.88
N THR B 847 -9.43 -111.30 58.92
CA THR B 847 -9.76 -112.71 58.80
C THR B 847 -10.99 -113.00 59.66
N MET B 848 -11.79 -113.96 59.20
CA MET B 848 -13.00 -114.37 59.92
C MET B 848 -13.33 -115.80 59.55
N GLY B 849 -14.17 -116.44 60.38
CA GLY B 849 -14.58 -117.80 60.18
C GLY B 849 -16.08 -117.91 59.94
N VAL B 850 -16.50 -119.13 59.62
CA VAL B 850 -17.91 -119.43 59.35
C VAL B 850 -18.26 -120.71 60.09
N ARG B 851 -19.57 -120.91 60.29
CA ARG B 851 -20.07 -122.10 60.99
C ARG B 851 -19.99 -123.29 60.04
N TYR B 852 -18.86 -124.00 60.10
CA TYR B 852 -18.68 -125.18 59.25
C TYR B 852 -19.67 -126.28 59.61
N ASP B 853 -19.91 -126.49 60.90
CA ASP B 853 -20.84 -127.54 61.33
C ASP B 853 -22.27 -127.22 60.95
N ARG B 854 -22.59 -125.95 60.67
CA ARG B 854 -23.93 -125.56 60.25
C ARG B 854 -24.07 -125.36 58.75
N LEU B 855 -22.94 -125.22 58.03
CA LEU B 855 -22.98 -125.02 56.59
C LEU B 855 -22.56 -126.23 55.79
N TYR B 856 -21.99 -127.26 56.43
CA TYR B 856 -21.57 -128.45 55.68
C TYR B 856 -22.74 -129.31 55.26
N PRO B 857 -23.66 -129.76 56.19
CA PRO B 857 -24.78 -130.64 55.78
C PRO B 857 -25.99 -129.88 55.25
N ALA B 858 -25.75 -128.97 54.29
CA ALA B 858 -26.82 -128.19 53.69
C ALA B 858 -26.72 -128.09 52.18
N LEU B 859 -25.70 -128.66 51.55
CA LEU B 859 -25.51 -128.60 50.11
C LEU B 859 -25.75 -129.95 49.43
N GLN B 860 -26.63 -130.77 50.01
CA GLN B 860 -26.93 -132.10 49.48
C GLN B 860 -27.84 -131.94 48.27
N ALA B 861 -27.23 -131.83 47.10
CA ALA B 861 -27.97 -131.72 45.85
C ALA B 861 -27.11 -132.28 44.72
N VAL B 862 -27.79 -132.69 43.65
CA VAL B 862 -27.11 -133.25 42.48
C VAL B 862 -27.95 -132.98 41.25
N ILE B 863 -27.32 -132.44 40.22
CA ILE B 863 -27.97 -132.18 38.92
C ILE B 863 -27.07 -132.74 37.83
N VAL B 864 -27.59 -133.68 37.05
CA VAL B 864 -26.83 -134.31 35.98
C VAL B 864 -27.79 -134.92 34.96
N PRO B 865 -27.62 -134.63 33.67
CA PRO B 865 -28.47 -135.24 32.65
C PRO B 865 -28.02 -136.66 32.34
N GLU B 866 -28.67 -137.26 31.35
CA GLU B 866 -28.37 -138.61 30.90
C GLU B 866 -27.50 -138.53 29.66
N ILE B 867 -26.31 -139.13 29.74
CA ILE B 867 -25.34 -139.13 28.65
C ILE B 867 -25.24 -140.55 28.10
N PRO B 868 -25.51 -140.77 26.82
CA PRO B 868 -25.36 -142.11 26.24
C PRO B 868 -23.90 -142.46 26.03
N ALA B 869 -23.66 -143.74 25.75
CA ALA B 869 -22.32 -144.22 25.51
C ALA B 869 -21.76 -143.65 24.21
N ASP B 870 -20.46 -143.32 24.23
CA ASP B 870 -19.77 -142.76 23.07
C ASP B 870 -20.46 -141.49 22.55
N GLU B 871 -20.90 -140.64 23.49
CA GLU B 871 -21.57 -139.39 23.16
C GLU B 871 -20.96 -138.27 23.98
N GLU B 872 -20.89 -137.08 23.38
CA GLU B 872 -20.29 -135.92 24.02
C GLU B 872 -21.32 -135.17 24.85
N ALA B 873 -20.82 -134.42 25.83
CA ALA B 873 -21.66 -133.64 26.75
C ALA B 873 -21.14 -132.21 26.78
N PRO B 874 -21.49 -131.41 25.78
CA PRO B 874 -21.04 -130.01 25.77
C PRO B 874 -21.65 -129.21 26.92
N THR B 875 -20.89 -128.23 27.39
CA THR B 875 -21.31 -127.37 28.50
C THR B 875 -21.59 -125.95 28.06
N THR B 876 -21.70 -125.69 26.75
CA THR B 876 -21.98 -124.35 26.28
C THR B 876 -23.41 -123.95 26.66
N PRO B 877 -23.63 -122.67 27.04
CA PRO B 877 -24.96 -122.19 27.40
C PRO B 877 -25.80 -121.76 26.19
N GLU B 878 -25.82 -122.60 25.16
CA GLU B 878 -26.59 -122.31 23.96
C GLU B 878 -27.53 -123.45 23.57
N ASP B 879 -27.12 -124.69 23.78
CA ASP B 879 -27.97 -125.82 23.42
C ASP B 879 -29.14 -125.93 24.39
N PRO B 880 -30.30 -126.38 23.91
CA PRO B 880 -31.46 -126.56 24.80
C PRO B 880 -31.26 -127.65 25.84
N ARG B 881 -30.31 -128.56 25.64
CA ARG B 881 -30.05 -129.67 26.55
C ARG B 881 -29.06 -129.31 27.65
N HIS B 882 -28.93 -128.03 28.00
CA HIS B 882 -28.01 -127.63 29.04
C HIS B 882 -28.45 -128.22 30.38
N PRO B 883 -27.51 -128.76 31.16
CA PRO B 883 -27.89 -129.34 32.46
C PRO B 883 -28.51 -128.34 33.42
N LEU B 884 -28.15 -127.06 33.31
CA LEU B 884 -28.65 -126.01 34.20
C LEU B 884 -29.43 -124.96 33.43
N HIS B 885 -30.30 -125.40 32.53
CA HIS B 885 -31.12 -124.49 31.75
C HIS B 885 -32.24 -123.91 32.63
N ALA B 886 -32.84 -122.83 32.13
CA ALA B 886 -33.91 -122.14 32.85
C ALA B 886 -35.24 -122.82 32.55
N HIS B 887 -35.46 -123.94 33.26
CA HIS B 887 -36.69 -124.72 33.13
C HIS B 887 -37.51 -124.67 34.42
N GLN B 888 -36.91 -125.05 35.54
CA GLN B 888 -37.60 -125.03 36.84
C GLN B 888 -36.55 -124.97 37.92
N LEU B 889 -36.50 -123.85 38.66
CA LEU B 889 -35.46 -123.65 39.66
C LEU B 889 -36.04 -122.79 40.77
N VAL B 890 -35.16 -122.23 41.60
CA VAL B 890 -35.57 -121.47 42.78
C VAL B 890 -34.90 -120.10 42.72
N PRO B 891 -35.44 -119.10 43.45
CA PRO B 891 -34.89 -117.74 43.35
C PRO B 891 -33.51 -117.61 43.97
N ASN B 892 -33.02 -116.36 44.06
CA ASN B 892 -31.67 -115.98 44.48
C ASN B 892 -30.67 -116.24 43.36
N SER B 893 -29.38 -116.22 43.66
CA SER B 893 -28.36 -116.14 42.61
C SER B 893 -27.26 -117.19 42.71
N LEU B 894 -27.45 -118.26 43.50
CA LEU B 894 -26.43 -119.29 43.59
C LEU B 894 -26.21 -119.98 42.25
N ASN B 895 -27.30 -120.32 41.55
CA ASN B 895 -27.16 -121.01 40.27
C ASN B 895 -26.57 -120.10 39.21
N VAL B 896 -26.92 -118.81 39.22
CA VAL B 896 -26.32 -117.88 38.27
C VAL B 896 -24.84 -117.69 38.57
N TYR B 897 -24.46 -117.69 39.85
CA TYR B 897 -23.04 -117.62 40.20
C TYR B 897 -22.30 -118.87 39.71
N PHE B 898 -22.92 -120.04 39.86
CA PHE B 898 -22.32 -121.27 39.36
C PHE B 898 -22.18 -121.24 37.85
N HIS B 899 -23.19 -120.71 37.15
CA HIS B 899 -23.11 -120.57 35.69
C HIS B 899 -21.99 -119.62 35.30
N ASN B 900 -21.82 -118.52 36.04
CA ASN B 900 -20.72 -117.61 35.77
C ASN B 900 -19.36 -118.28 36.00
N ALA B 901 -19.26 -119.08 37.06
CA ALA B 901 -18.02 -119.79 37.39
C ALA B 901 -18.04 -121.24 36.92
N HIS B 902 -18.70 -121.51 35.78
CA HIS B 902 -18.82 -122.85 35.23
C HIS B 902 -17.59 -123.28 34.43
N LEU B 903 -16.43 -122.67 34.67
CA LEU B 903 -15.21 -122.99 33.93
C LEU B 903 -14.67 -124.38 34.23
N THR B 904 -15.35 -125.17 35.07
CA THR B 904 -14.95 -126.52 35.39
C THR B 904 -16.01 -127.51 34.88
N VAL B 905 -15.82 -128.78 35.22
CA VAL B 905 -16.73 -129.83 34.79
C VAL B 905 -17.75 -130.09 35.89
N ASP B 906 -18.87 -130.72 35.51
CA ASP B 906 -19.96 -130.97 36.44
C ASP B 906 -19.84 -132.32 37.14
N GLY B 907 -19.42 -133.36 36.42
CA GLY B 907 -19.32 -134.67 37.03
C GLY B 907 -18.25 -134.74 38.12
N ASP B 908 -17.09 -134.12 37.87
CA ASP B 908 -16.04 -134.10 38.87
C ASP B 908 -16.47 -133.34 40.12
N ALA B 909 -17.14 -132.20 39.94
CA ALA B 909 -17.64 -131.45 41.09
C ALA B 909 -18.68 -132.25 41.85
N LEU B 910 -19.57 -132.95 41.13
CA LEU B 910 -20.59 -133.75 41.78
C LEU B 910 -19.96 -134.88 42.61
N LEU B 911 -18.98 -135.58 42.04
CA LEU B 911 -18.35 -136.66 42.78
C LEU B 911 -17.53 -136.13 43.96
N THR B 912 -16.89 -134.96 43.81
CA THR B 912 -16.19 -134.36 44.93
C THR B 912 -17.15 -134.00 46.05
N LEU B 913 -18.32 -133.43 45.71
CA LEU B 913 -19.31 -133.12 46.72
C LEU B 913 -19.84 -134.37 47.40
N GLN B 914 -20.07 -135.43 46.63
CA GLN B 914 -20.53 -136.69 47.21
C GLN B 914 -19.49 -137.26 48.17
N GLU B 915 -18.21 -137.20 47.80
CA GLU B 915 -17.16 -137.69 48.68
C GLU B 915 -17.06 -136.84 49.94
N LEU B 916 -17.17 -135.51 49.80
CA LEU B 916 -17.12 -134.63 50.95
C LEU B 916 -18.34 -134.76 51.84
N MET B 917 -19.44 -135.30 51.32
CA MET B 917 -20.64 -135.48 52.14
C MET B 917 -20.37 -136.43 53.31
N GLY B 918 -19.62 -137.49 53.05
CA GLY B 918 -19.28 -138.45 54.08
C GLY B 918 -18.09 -138.10 54.93
N ASP B 919 -17.50 -136.92 54.73
CA ASP B 919 -16.33 -136.49 55.50
C ASP B 919 -16.45 -134.98 55.72
N MET B 920 -16.90 -134.59 56.91
CA MET B 920 -17.09 -133.20 57.28
C MET B 920 -16.54 -132.94 58.66
N ALA B 921 -16.21 -131.68 58.93
CA ALA B 921 -15.73 -131.24 60.23
C ALA B 921 -16.87 -130.55 60.97
N GLU B 922 -17.18 -131.04 62.17
CA GLU B 922 -18.29 -130.53 62.97
C GLU B 922 -17.80 -130.00 64.32
N ARG B 923 -16.55 -129.60 64.41
CA ARG B 923 -15.99 -129.10 65.66
C ARG B 923 -14.90 -128.08 65.37
N THR B 924 -14.64 -127.23 66.36
CA THR B 924 -13.59 -126.22 66.25
C THR B 924 -13.12 -125.86 67.65
N THR B 925 -11.84 -125.52 67.75
CA THR B 925 -11.25 -125.19 69.04
C THR B 925 -10.03 -124.31 68.82
N ALA B 926 -9.58 -123.68 69.89
CA ALA B 926 -8.39 -122.83 69.88
C ALA B 926 -7.27 -123.51 70.66
N ILE B 927 -6.03 -123.21 70.25
CA ILE B 927 -4.84 -123.79 70.85
C ILE B 927 -4.03 -122.67 71.48
N LEU B 928 -3.74 -122.80 72.77
CA LEU B 928 -2.94 -121.83 73.52
C LEU B 928 -1.75 -122.57 74.12
N VAL B 929 -0.60 -122.47 73.45
CA VAL B 929 0.61 -123.14 73.90
C VAL B 929 1.32 -122.29 74.94
N SER B 930 2.16 -122.93 75.75
CA SER B 930 2.93 -122.23 76.77
C SER B 930 4.14 -123.08 77.11
N SER B 931 5.34 -122.52 76.91
CA SER B 931 6.57 -123.24 77.18
C SER B 931 7.68 -122.23 77.47
N ALA B 932 8.65 -122.67 78.28
CA ALA B 932 9.81 -121.84 78.63
C ALA B 932 11.06 -122.41 77.99
N PRO B 933 11.59 -121.79 76.93
CA PRO B 933 12.80 -122.35 76.29
C PRO B 933 14.01 -122.35 77.20
N ASP B 934 14.38 -121.19 77.74
CA ASP B 934 15.55 -121.09 78.62
C ASP B 934 15.43 -119.82 79.45
N ALA B 935 16.24 -119.76 80.50
CA ALA B 935 16.27 -118.60 81.38
C ALA B 935 17.21 -117.55 80.81
N GLY B 936 16.66 -116.40 80.42
CA GLY B 936 17.47 -115.33 79.86
C GLY B 936 18.36 -114.63 80.86
N ALA B 937 18.03 -114.70 82.14
CA ALA B 937 18.80 -114.05 83.18
C ALA B 937 18.99 -115.00 84.35
N ALA B 938 20.06 -114.78 85.11
CA ALA B 938 20.36 -115.62 86.26
C ALA B 938 19.33 -115.48 87.38
N THR B 939 18.60 -114.36 87.41
CA THR B 939 17.60 -114.17 88.44
C THR B 939 16.41 -115.11 88.23
N ALA B 940 15.76 -115.48 89.34
CA ALA B 940 14.62 -116.39 89.28
C ALA B 940 13.38 -115.75 88.69
N THR B 941 13.36 -114.43 88.52
CA THR B 941 12.19 -113.77 87.95
C THR B 941 11.99 -114.18 86.49
N THR B 942 13.09 -114.32 85.74
CA THR B 942 13.03 -114.70 84.33
C THR B 942 12.94 -116.21 84.12
N ARG B 943 12.99 -117.00 85.20
CA ARG B 943 12.90 -118.45 85.09
C ARG B 943 11.45 -118.94 85.09
N ASN B 944 10.59 -118.30 85.88
CA ASN B 944 9.19 -118.71 85.97
C ASN B 944 8.32 -118.13 84.87
N MET B 945 8.87 -117.25 84.03
CA MET B 945 8.08 -116.67 82.96
C MET B 945 7.79 -117.70 81.87
N ARG B 946 6.68 -117.50 81.17
CA ARG B 946 6.27 -118.41 80.11
C ARG B 946 5.56 -117.61 79.02
N ILE B 947 5.96 -117.83 77.78
CA ILE B 947 5.34 -117.15 76.64
C ILE B 947 4.02 -117.83 76.30
N TYR B 948 3.11 -117.07 75.69
CA TYR B 948 1.80 -117.58 75.30
C TYR B 948 1.51 -117.15 73.87
N ASP B 949 1.04 -118.10 73.05
CA ASP B 949 0.69 -117.84 71.67
C ASP B 949 -0.75 -118.28 71.42
N GLY B 950 -1.50 -117.45 70.70
CA GLY B 950 -2.89 -117.73 70.40
C GLY B 950 -3.06 -118.15 68.95
N ALA B 951 -3.95 -119.10 68.71
CA ALA B 951 -4.23 -119.60 67.37
C ALA B 951 -5.63 -120.16 67.33
N LEU B 952 -6.17 -120.27 66.11
CA LEU B 952 -7.51 -120.79 65.89
C LEU B 952 -7.42 -121.92 64.87
N TYR B 953 -7.79 -123.12 65.28
CA TYR B 953 -7.75 -124.27 64.39
C TYR B 953 -8.90 -124.21 63.38
N HIS B 954 -8.64 -124.74 62.18
CA HIS B 954 -9.62 -124.78 61.10
C HIS B 954 -10.15 -123.37 60.78
N GLY B 955 -9.26 -122.40 60.77
CA GLY B 955 -9.64 -121.03 60.48
C GLY B 955 -9.55 -120.67 59.02
N LEU B 956 -10.71 -120.53 58.37
CA LEU B 956 -10.73 -120.15 56.96
C LEU B 956 -10.26 -118.71 56.79
N ILE B 957 -9.54 -118.46 55.70
CA ILE B 957 -9.00 -117.14 55.40
C ILE B 957 -10.03 -116.37 54.58
N MET B 958 -10.55 -115.29 55.15
CA MET B 958 -11.51 -114.41 54.47
C MET B 958 -10.99 -112.99 54.54
N MET B 959 -10.34 -112.53 53.46
CA MET B 959 -9.75 -111.20 53.46
C MET B 959 -10.81 -110.12 53.25
N ALA B 960 -11.62 -110.26 52.20
CA ALA B 960 -12.63 -109.27 51.86
C ALA B 960 -13.99 -109.71 52.40
N TYR B 961 -14.73 -108.75 52.96
CA TYR B 961 -16.07 -109.02 53.49
C TYR B 961 -16.88 -107.75 53.37
N GLN B 962 -17.86 -107.74 52.46
CA GLN B 962 -18.72 -106.59 52.23
C GLN B 962 -20.15 -106.93 52.65
N ALA B 963 -20.77 -105.98 53.36
CA ALA B 963 -22.13 -106.16 53.86
C ALA B 963 -23.14 -105.60 52.86
N TYR B 964 -23.09 -106.15 51.64
CA TYR B 964 -23.99 -105.77 50.56
C TYR B 964 -24.62 -106.99 49.89
N ASP B 965 -24.73 -108.09 50.64
CA ASP B 965 -25.33 -109.32 50.12
C ASP B 965 -26.82 -109.29 50.41
N GLU B 966 -27.60 -108.86 49.43
CA GLU B 966 -29.05 -108.79 49.58
C GLU B 966 -29.74 -110.12 49.36
N THR B 967 -29.01 -111.15 48.90
CA THR B 967 -29.58 -112.45 48.64
C THR B 967 -29.61 -113.34 49.88
N ILE B 968 -28.99 -112.92 50.98
CA ILE B 968 -28.96 -113.70 52.21
C ILE B 968 -28.82 -112.74 53.39
N ALA B 969 -29.12 -113.24 54.58
CA ALA B 969 -29.02 -112.41 55.79
C ALA B 969 -27.55 -112.08 56.06
N THR B 970 -27.32 -110.86 56.55
CA THR B 970 -25.98 -110.38 56.84
C THR B 970 -25.57 -110.80 58.25
N GLY B 971 -24.42 -111.46 58.36
CA GLY B 971 -23.92 -111.87 59.65
C GLY B 971 -24.62 -113.04 60.28
N THR B 972 -25.44 -113.77 59.52
CA THR B 972 -26.14 -114.92 60.08
C THR B 972 -25.22 -116.12 60.27
N PHE B 973 -24.15 -116.22 59.48
CA PHE B 973 -23.22 -117.34 59.57
C PHE B 973 -21.78 -116.90 59.80
N PHE B 974 -21.39 -115.71 59.36
CA PHE B 974 -20.03 -115.23 59.53
C PHE B 974 -19.89 -114.46 60.83
N TYR B 975 -18.68 -114.47 61.37
CA TYR B 975 -18.38 -113.77 62.61
C TYR B 975 -16.89 -113.41 62.61
N PRO B 976 -16.55 -112.14 62.81
CA PRO B 976 -15.13 -111.76 62.83
C PRO B 976 -14.50 -111.96 64.19
N VAL B 977 -13.21 -112.30 64.18
CA VAL B 977 -12.44 -112.50 65.40
C VAL B 977 -10.97 -112.26 65.10
N PRO B 978 -10.32 -111.31 65.78
CA PRO B 978 -8.89 -111.09 65.54
C PRO B 978 -8.05 -112.26 66.01
N VAL B 979 -6.96 -112.51 65.29
CA VAL B 979 -6.03 -113.58 65.64
C VAL B 979 -4.61 -113.04 65.64
N ASN B 980 -4.43 -111.85 65.06
CA ASN B 980 -3.13 -111.21 64.97
C ASN B 980 -3.30 -109.73 65.29
N PRO B 981 -2.33 -109.12 65.98
CA PRO B 981 -2.40 -107.66 66.23
C PRO B 981 -2.43 -106.85 64.95
N LEU B 982 -1.76 -107.30 63.90
CA LEU B 982 -1.72 -106.58 62.62
C LEU B 982 -2.91 -106.91 61.72
N PHE B 983 -3.77 -107.84 62.12
CA PHE B 983 -4.92 -108.24 61.33
C PHE B 983 -6.22 -107.60 61.83
N ALA B 984 -6.14 -106.38 62.36
CA ALA B 984 -7.31 -105.67 62.87
C ALA B 984 -7.69 -104.57 61.89
N CYS B 985 -8.94 -104.57 61.45
CA CYS B 985 -9.46 -103.58 60.52
C CYS B 985 -10.81 -103.09 61.00
N PRO B 986 -11.15 -101.83 60.74
CA PRO B 986 -12.47 -101.32 61.16
C PRO B 986 -13.63 -101.94 60.40
N GLU B 987 -13.39 -102.51 59.22
CA GLU B 987 -14.48 -103.07 58.44
C GLU B 987 -15.08 -104.30 59.12
N HIS B 988 -14.22 -105.20 59.62
CA HIS B 988 -14.70 -106.41 60.28
C HIS B 988 -15.45 -106.07 61.56
N LEU B 989 -14.95 -105.12 62.33
CA LEU B 989 -15.62 -104.73 63.57
C LEU B 989 -16.99 -104.14 63.29
N ALA B 990 -17.10 -103.30 62.27
CA ALA B 990 -18.37 -102.67 61.91
C ALA B 990 -19.31 -103.59 61.15
N SER B 991 -18.81 -104.71 60.63
CA SER B 991 -19.66 -105.64 59.89
C SER B 991 -20.47 -106.56 60.79
N LEU B 992 -20.24 -106.54 62.10
CA LEU B 992 -21.00 -107.39 63.01
C LEU B 992 -22.43 -106.91 63.20
N ARG B 993 -22.69 -105.62 62.94
CA ARG B 993 -24.03 -105.04 63.07
C ARG B 993 -24.58 -105.18 64.49
N GLY B 994 -23.69 -105.18 65.48
CA GLY B 994 -24.10 -105.29 66.87
C GLY B 994 -23.26 -104.44 67.79
N MET B 995 -22.57 -103.45 67.23
CA MET B 995 -21.70 -102.56 68.00
C MET B 995 -22.23 -101.15 67.91
N THR B 996 -22.33 -100.48 69.06
CA THR B 996 -22.80 -99.11 69.11
C THR B 996 -21.71 -98.14 68.68
N ASN B 997 -22.11 -96.89 68.46
CA ASN B 997 -21.14 -95.87 68.05
C ASN B 997 -20.09 -95.62 69.13
N ALA B 998 -20.53 -95.56 70.39
CA ALA B 998 -19.58 -95.36 71.48
C ALA B 998 -18.60 -96.52 71.59
N ARG B 999 -19.09 -97.75 71.47
CA ARG B 999 -18.21 -98.91 71.52
C ARG B 999 -17.23 -98.90 70.35
N ARG B 1000 -17.70 -98.53 69.16
CA ARG B 1000 -16.82 -98.48 67.99
C ARG B 1000 -15.74 -97.42 68.16
N VAL B 1001 -16.11 -96.24 68.64
CA VAL B 1001 -15.12 -95.18 68.80
C VAL B 1001 -14.15 -95.50 69.94
N LEU B 1002 -14.60 -96.27 70.94
CA LEU B 1002 -13.69 -96.70 72.00
C LEU B 1002 -12.71 -97.75 71.48
N ALA B 1003 -13.20 -98.71 70.69
CA ALA B 1003 -12.33 -99.74 70.14
C ALA B 1003 -11.40 -99.21 69.06
N LYS B 1004 -11.75 -98.10 68.43
CA LYS B 1004 -10.90 -97.53 67.39
C LYS B 1004 -9.65 -96.87 67.95
N MET B 1005 -9.57 -96.67 69.27
CA MET B 1005 -8.41 -96.03 69.90
C MET B 1005 -7.51 -97.02 70.62
N VAL B 1006 -8.08 -98.00 71.32
CA VAL B 1006 -7.30 -98.99 72.07
C VAL B 1006 -7.28 -100.29 71.28
N PRO B 1007 -6.22 -101.09 71.38
CA PRO B 1007 -6.18 -102.36 70.64
C PRO B 1007 -7.16 -103.36 71.24
N PRO B 1008 -8.09 -103.88 70.43
CA PRO B 1008 -9.07 -104.86 70.92
C PRO B 1008 -8.65 -106.31 70.81
N ILE B 1009 -7.38 -106.58 70.51
CA ILE B 1009 -6.92 -107.97 70.38
C ILE B 1009 -6.94 -108.65 71.74
N PRO B 1010 -7.60 -109.79 71.89
CA PRO B 1010 -7.65 -110.48 73.19
C PRO B 1010 -6.26 -110.89 73.66
N PRO B 1011 -5.98 -110.80 74.95
CA PRO B 1011 -4.67 -111.26 75.45
C PRO B 1011 -4.40 -112.73 75.20
N PHE B 1012 -5.43 -113.57 75.24
CA PHE B 1012 -5.28 -115.00 75.03
C PHE B 1012 -5.32 -115.39 73.55
N LEU B 1013 -5.59 -114.45 72.66
CA LEU B 1013 -5.65 -114.72 71.23
C LEU B 1013 -4.53 -114.06 70.43
N GLY B 1014 -4.02 -112.92 70.88
CA GLY B 1014 -2.95 -112.23 70.17
C GLY B 1014 -1.71 -112.00 71.00
N ALA B 1015 -1.87 -112.07 72.33
CA ALA B 1015 -0.77 -111.86 73.27
C ALA B 1015 -0.09 -110.50 73.02
N ASN B 1016 -0.92 -109.47 72.84
CA ASN B 1016 -0.39 -108.13 72.61
C ASN B 1016 0.26 -107.56 73.86
N HIS B 1017 -0.53 -107.42 74.93
CA HIS B 1017 0.00 -106.90 76.19
C HIS B 1017 0.73 -107.97 77.00
N HIS B 1018 0.53 -109.25 76.67
CA HIS B 1018 1.25 -110.31 77.37
C HIS B 1018 2.75 -110.26 77.10
N ALA B 1019 3.13 -109.98 75.85
CA ALA B 1019 4.52 -109.91 75.47
C ALA B 1019 5.07 -108.51 75.76
N THR B 1020 6.35 -108.30 75.44
CA THR B 1020 7.00 -107.02 75.70
C THR B 1020 6.78 -106.02 74.57
N ILE B 1021 6.64 -106.49 73.33
CA ILE B 1021 6.48 -105.61 72.18
C ILE B 1021 4.97 -105.52 71.92
N ARG B 1022 4.32 -104.57 72.58
CA ARG B 1022 2.88 -104.36 72.43
C ARG B 1022 2.57 -103.25 71.42
N GLN B 1023 3.02 -102.04 71.69
CA GLN B 1023 2.76 -100.88 70.85
C GLN B 1023 3.68 -100.79 69.63
N PRO B 1024 5.01 -100.88 69.78
CA PRO B 1024 5.88 -100.60 68.62
C PRO B 1024 5.66 -101.52 67.44
N VAL B 1025 5.29 -102.79 67.67
CA VAL B 1025 5.14 -103.73 66.57
C VAL B 1025 4.08 -103.26 65.57
N ALA B 1026 3.06 -102.55 66.05
CA ALA B 1026 2.08 -101.96 65.16
C ALA B 1026 2.39 -100.51 64.81
N TYR B 1027 3.02 -99.78 65.74
CA TYR B 1027 3.33 -98.37 65.50
C TYR B 1027 4.28 -98.21 64.31
N HIS B 1028 5.35 -99.02 64.27
CA HIS B 1028 6.31 -98.91 63.18
C HIS B 1028 5.70 -99.35 61.86
N VAL B 1029 4.88 -100.41 61.89
CA VAL B 1029 4.27 -100.91 60.65
C VAL B 1029 3.20 -99.97 60.13
N THR B 1030 2.61 -99.14 60.99
CA THR B 1030 1.64 -98.15 60.52
C THR B 1030 2.30 -96.84 60.10
N HIS B 1031 3.37 -96.43 60.76
CA HIS B 1031 4.02 -95.16 60.42
C HIS B 1031 5.15 -95.30 59.41
N SER B 1032 5.49 -96.53 59.00
CA SER B 1032 6.51 -96.68 57.96
C SER B 1032 5.96 -96.29 56.59
N LYS B 1033 4.96 -97.04 56.12
CA LYS B 1033 4.24 -96.79 54.86
C LYS B 1033 5.15 -96.27 53.75
N SER B 1034 6.28 -96.95 53.57
CA SER B 1034 7.26 -96.56 52.57
C SER B 1034 7.40 -97.60 51.47
N ASP B 1035 7.72 -98.85 51.81
CA ASP B 1035 7.90 -99.91 50.83
C ASP B 1035 8.01 -101.23 51.59
N PHE B 1036 7.92 -102.33 50.82
CA PHE B 1036 8.10 -103.65 51.43
C PHE B 1036 9.58 -103.92 51.70
N ASN B 1037 10.47 -103.45 50.81
CA ASN B 1037 11.90 -103.63 51.03
C ASN B 1037 12.37 -102.91 52.29
N THR B 1038 11.90 -101.68 52.48
CA THR B 1038 12.27 -100.94 53.69
C THR B 1038 11.75 -101.62 54.94
N LEU B 1039 10.52 -102.13 54.89
CA LEU B 1039 9.97 -102.84 56.05
C LEU B 1039 10.75 -104.10 56.37
N THR B 1040 11.13 -104.87 55.33
CA THR B 1040 11.91 -106.08 55.57
C THR B 1040 13.29 -105.75 56.11
N TYR B 1041 13.92 -104.69 55.58
CA TYR B 1041 15.21 -104.26 56.10
C TYR B 1041 15.13 -103.84 57.55
N SER B 1042 14.08 -103.10 57.91
CA SER B 1042 13.90 -102.68 59.30
C SER B 1042 13.67 -103.89 60.20
N LEU B 1043 12.88 -104.87 59.75
CA LEU B 1043 12.66 -106.07 60.53
C LEU B 1043 13.95 -106.86 60.72
N LEU B 1044 14.76 -106.97 59.67
CA LEU B 1044 16.03 -107.67 59.78
C LEU B 1044 16.97 -106.94 60.74
N GLY B 1045 17.00 -105.61 60.69
CA GLY B 1045 17.82 -104.86 61.62
C GLY B 1045 17.37 -105.00 63.06
N GLY B 1046 16.06 -104.99 63.29
CA GLY B 1046 15.53 -105.13 64.63
C GLY B 1046 15.42 -106.54 65.15
N TYR B 1047 15.71 -107.54 64.32
CA TYR B 1047 15.65 -108.93 64.73
C TYR B 1047 16.90 -109.39 65.47
N PHE B 1048 17.74 -108.47 65.93
CA PHE B 1048 18.95 -108.82 66.68
C PHE B 1048 18.58 -108.86 68.16
N LYS B 1049 18.12 -110.02 68.63
CA LYS B 1049 17.65 -110.17 69.99
C LYS B 1049 18.82 -110.07 70.98
N PHE B 1050 18.47 -110.03 72.26
CA PHE B 1050 19.45 -109.92 73.34
C PHE B 1050 19.98 -111.31 73.70
N THR B 1051 20.71 -111.89 72.75
CA THR B 1051 21.31 -113.19 72.90
C THR B 1051 22.84 -113.08 72.83
N PRO B 1052 23.57 -113.76 73.71
CA PRO B 1052 25.04 -113.73 73.61
C PRO B 1052 25.57 -114.24 72.28
N ILE B 1053 24.94 -115.26 71.72
CA ILE B 1053 25.38 -115.77 70.41
C ILE B 1053 25.15 -114.72 69.33
N SER B 1054 24.01 -114.04 69.36
CA SER B 1054 23.74 -112.99 68.39
C SER B 1054 24.72 -111.83 68.56
N LEU B 1055 25.05 -111.49 69.81
CA LEU B 1055 26.02 -110.42 70.05
C LEU B 1055 27.39 -110.79 69.52
N THR B 1056 27.81 -112.05 69.72
CA THR B 1056 29.09 -112.50 69.19
C THR B 1056 29.10 -112.47 67.67
N HIS B 1057 27.99 -112.90 67.05
CA HIS B 1057 27.90 -112.85 65.59
C HIS B 1057 27.96 -111.42 65.08
N GLN B 1058 27.27 -110.50 65.76
CA GLN B 1058 27.31 -109.10 65.37
C GLN B 1058 28.72 -108.53 65.50
N LEU B 1059 29.42 -108.89 66.58
CA LEU B 1059 30.80 -108.43 66.75
C LEU B 1059 31.69 -108.98 65.66
N ARG B 1060 31.50 -110.24 65.28
CA ARG B 1060 32.30 -110.83 64.22
C ARG B 1060 32.03 -110.13 62.88
N THR B 1061 30.76 -109.87 62.58
CA THR B 1061 30.35 -109.21 61.33
C THR B 1061 30.06 -107.73 61.54
N GLY B 1062 30.84 -107.07 62.39
CA GLY B 1062 30.66 -105.68 62.76
C GLY B 1062 30.31 -104.71 61.65
N PHE B 1063 29.18 -104.05 61.79
CA PHE B 1063 28.73 -103.02 60.85
C PHE B 1063 27.99 -101.95 61.64
N HIS B 1064 27.87 -100.77 61.03
CA HIS B 1064 27.22 -99.65 61.70
C HIS B 1064 25.73 -99.91 61.84
N PRO B 1065 25.19 -99.96 63.06
CA PRO B 1065 23.74 -100.17 63.21
C PRO B 1065 22.95 -98.90 63.00
N GLY B 1066 23.52 -97.76 63.38
CA GLY B 1066 22.84 -96.49 63.28
C GLY B 1066 23.06 -95.61 64.48
N ILE B 1067 23.52 -96.20 65.58
CA ILE B 1067 23.80 -95.49 66.82
C ILE B 1067 25.31 -95.44 67.02
N ALA B 1068 25.84 -94.25 67.21
CA ALA B 1068 27.27 -94.06 67.39
C ALA B 1068 27.66 -94.22 68.86
N PHE B 1069 28.95 -94.40 69.09
CA PHE B 1069 29.49 -94.56 70.43
C PHE B 1069 30.73 -93.71 70.58
N THR B 1070 31.03 -93.34 71.83
CA THR B 1070 32.17 -92.52 72.16
C THR B 1070 32.97 -93.17 73.28
N VAL B 1071 34.27 -92.82 73.34
CA VAL B 1071 35.16 -93.37 74.34
C VAL B 1071 35.86 -92.21 75.05
N VAL B 1072 36.41 -92.50 76.23
CA VAL B 1072 37.06 -91.53 77.08
C VAL B 1072 38.54 -91.88 77.16
N ARG B 1073 39.40 -90.90 76.92
CA ARG B 1073 40.84 -91.08 76.98
C ARG B 1073 41.47 -89.90 77.73
N GLN B 1074 42.63 -90.15 78.32
CA GLN B 1074 43.35 -89.13 79.07
C GLN B 1074 44.78 -89.03 78.55
N ASP B 1075 45.39 -87.87 78.77
CA ASP B 1075 46.74 -87.59 78.34
C ASP B 1075 47.52 -86.92 79.47
N ARG B 1076 48.83 -87.10 79.45
CA ARG B 1076 49.71 -86.53 80.46
C ARG B 1076 50.64 -85.51 79.82
N PHE B 1077 51.12 -84.57 80.64
CA PHE B 1077 52.01 -83.52 80.15
C PHE B 1077 52.98 -83.16 81.28
N ALA B 1078 54.11 -82.56 80.88
CA ALA B 1078 55.14 -82.14 81.82
C ALA B 1078 55.62 -80.75 81.38
N THR B 1079 55.07 -79.72 81.99
CA THR B 1079 55.40 -78.33 81.68
C THR B 1079 56.23 -77.73 82.81
N GLU B 1080 56.60 -76.47 82.65
CA GLU B 1080 57.38 -75.73 83.62
C GLU B 1080 56.64 -74.46 84.01
N GLN B 1081 56.53 -74.21 85.31
CA GLN B 1081 55.84 -73.05 85.85
C GLN B 1081 56.85 -72.06 86.40
N LEU B 1082 56.34 -70.97 86.96
CA LEU B 1082 57.16 -69.92 87.55
C LEU B 1082 56.72 -69.65 88.98
N LEU B 1083 57.68 -69.29 89.82
CA LEU B 1083 57.44 -69.01 91.23
C LEU B 1083 57.97 -67.63 91.57
N TYR B 1084 57.15 -66.82 92.22
CA TYR B 1084 57.53 -65.49 92.66
C TYR B 1084 57.19 -65.34 94.14
N ALA B 1085 58.15 -64.87 94.93
CA ALA B 1085 57.97 -64.70 96.36
C ALA B 1085 58.66 -63.43 96.81
N GLU B 1086 58.18 -62.88 97.92
CA GLU B 1086 58.75 -61.67 98.50
C GLU B 1086 59.88 -62.01 99.45
N ARG B 1087 60.67 -60.99 99.81
CA ARG B 1087 61.78 -61.19 100.73
C ARG B 1087 61.28 -61.64 102.10
N ALA B 1088 60.20 -61.04 102.59
CA ALA B 1088 59.61 -61.38 103.88
C ALA B 1088 58.33 -62.19 103.75
N SER B 1089 58.11 -62.82 102.59
CA SER B 1089 56.91 -63.62 102.40
C SER B 1089 56.89 -64.82 103.33
N GLU B 1090 58.04 -65.48 103.51
CA GLU B 1090 58.15 -66.64 104.38
C GLU B 1090 59.27 -66.41 105.39
N SER B 1091 59.02 -66.78 106.64
CA SER B 1091 59.99 -66.63 107.71
C SER B 1091 60.64 -67.98 107.99
N TYR B 1092 61.98 -68.02 107.94
CA TYR B 1092 62.74 -69.23 108.17
C TYR B 1092 63.59 -69.06 109.43
N PHE B 1093 63.53 -70.04 110.32
CA PHE B 1093 64.29 -70.01 111.56
C PHE B 1093 64.86 -71.38 111.85
N VAL B 1094 65.96 -71.41 112.59
CA VAL B 1094 66.64 -72.64 112.95
C VAL B 1094 66.90 -72.64 114.45
N GLY B 1095 67.10 -73.84 114.99
CA GLY B 1095 67.36 -73.99 116.41
C GLY B 1095 68.58 -74.85 116.70
N GLN B 1096 68.67 -75.36 117.92
CA GLN B 1096 69.80 -76.21 118.29
C GLN B 1096 69.68 -77.58 117.63
N ILE B 1097 70.82 -78.24 117.49
CA ILE B 1097 70.88 -79.55 116.86
C ILE B 1097 71.06 -80.60 117.94
N GLN B 1098 70.70 -81.85 117.61
CA GLN B 1098 70.80 -82.97 118.52
C GLN B 1098 71.77 -84.00 117.95
N VAL B 1099 72.57 -84.58 118.84
CA VAL B 1099 73.56 -85.60 118.47
C VAL B 1099 73.20 -86.90 119.17
N HIS B 1100 73.13 -87.98 118.40
CA HIS B 1100 72.79 -89.30 118.93
C HIS B 1100 73.66 -90.35 118.26
N HIS B 1101 74.12 -91.31 119.04
CA HIS B 1101 74.95 -92.38 118.52
C HIS B 1101 74.12 -93.34 117.67
N HIS B 1102 74.77 -93.90 116.65
CA HIS B 1102 74.10 -94.84 115.75
C HIS B 1102 74.87 -96.15 115.66
N ASP B 1103 74.44 -97.04 114.78
CA ASP B 1103 75.10 -98.32 114.60
C ASP B 1103 75.01 -98.75 113.15
N ALA B 1104 75.94 -99.59 112.73
CA ALA B 1104 75.99 -100.08 111.37
C ALA B 1104 76.79 -101.37 111.33
N ILE B 1105 76.64 -102.10 110.23
CA ILE B 1105 77.37 -103.36 110.06
C ILE B 1105 78.87 -103.09 109.96
N GLY B 1106 79.26 -102.06 109.18
CA GLY B 1106 80.66 -101.75 109.02
C GLY B 1106 81.30 -101.05 110.20
N GLY B 1107 80.50 -100.46 111.08
CA GLY B 1107 81.04 -99.77 112.23
C GLY B 1107 80.01 -98.89 112.94
N VAL B 1108 80.43 -97.71 113.37
CA VAL B 1108 79.57 -96.77 114.07
C VAL B 1108 79.50 -95.49 113.24
N ASN B 1109 78.28 -95.07 112.91
CA ASN B 1109 78.03 -93.87 112.12
C ASN B 1109 77.40 -92.79 113.00
N PHE B 1110 77.15 -91.64 112.40
CA PHE B 1110 76.55 -90.51 113.08
C PHE B 1110 75.38 -89.98 112.26
N THR B 1111 74.28 -89.66 112.95
CA THR B 1111 73.07 -89.14 112.31
C THR B 1111 72.78 -87.75 112.86
N LEU B 1112 72.54 -86.80 111.95
CA LEU B 1112 72.22 -85.43 112.32
C LEU B 1112 70.82 -85.10 111.83
N THR B 1113 70.01 -84.52 112.73
CA THR B 1113 68.64 -84.13 112.42
C THR B 1113 68.45 -82.65 112.73
N GLN B 1114 67.95 -81.91 111.76
CA GLN B 1114 67.71 -80.47 111.91
C GLN B 1114 66.22 -80.20 111.73
N PRO B 1115 65.46 -79.99 112.81
CA PRO B 1115 64.04 -79.69 112.67
C PRO B 1115 63.81 -78.35 112.00
N ARG B 1116 62.71 -78.28 111.24
CA ARG B 1116 62.33 -77.07 110.53
C ARG B 1116 60.83 -76.87 110.64
N ALA B 1117 60.42 -75.61 110.51
CA ALA B 1117 59.01 -75.25 110.58
C ALA B 1117 58.75 -74.03 109.73
N HIS B 1118 57.49 -73.85 109.35
CA HIS B 1118 57.05 -72.74 108.52
C HIS B 1118 55.96 -71.96 109.25
N VAL B 1119 56.07 -70.63 109.22
CA VAL B 1119 55.11 -69.74 109.86
C VAL B 1119 54.47 -68.88 108.79
N ASP B 1120 53.14 -68.89 108.74
CA ASP B 1120 52.41 -68.10 107.76
C ASP B 1120 52.33 -66.63 108.21
N LEU B 1121 51.94 -65.78 107.27
CA LEU B 1121 51.81 -64.36 107.53
C LEU B 1121 50.37 -64.01 107.92
N GLY B 1122 50.16 -62.75 108.27
CA GLY B 1122 48.83 -62.29 108.67
C GLY B 1122 48.12 -61.53 107.58
N VAL B 1123 48.08 -60.21 107.70
CA VAL B 1123 47.42 -59.36 106.72
C VAL B 1123 48.42 -58.98 105.64
N GLY B 1124 48.10 -59.30 104.39
CA GLY B 1124 48.98 -58.98 103.28
C GLY B 1124 49.19 -60.16 102.35
N TYR B 1125 48.99 -59.93 101.05
CA TYR B 1125 49.16 -60.96 100.03
C TYR B 1125 50.57 -60.81 99.44
N THR B 1126 51.52 -61.54 100.02
CA THR B 1126 52.90 -61.49 99.56
C THR B 1126 53.19 -62.49 98.45
N ALA B 1127 52.43 -63.57 98.37
CA ALA B 1127 52.64 -64.60 97.34
C ALA B 1127 51.78 -64.24 96.13
N VAL B 1128 52.39 -63.59 95.15
CA VAL B 1128 51.73 -63.20 93.92
C VAL B 1128 52.55 -63.70 92.73
N CYS B 1129 51.88 -64.32 91.77
CA CYS B 1129 52.54 -64.85 90.58
C CYS B 1129 51.59 -64.74 89.41
N ALA B 1130 51.93 -65.41 88.31
CA ALA B 1130 51.11 -65.38 87.09
C ALA B 1130 51.12 -66.78 86.49
N THR B 1131 50.64 -66.90 85.25
CA THR B 1131 50.57 -68.16 84.54
C THR B 1131 51.77 -68.30 83.60
N ALA B 1132 52.32 -69.50 83.54
CA ALA B 1132 53.47 -69.77 82.70
C ALA B 1132 53.04 -69.88 81.23
N ALA B 1133 53.98 -70.22 80.36
CA ALA B 1133 53.73 -70.34 78.93
C ALA B 1133 53.71 -71.80 78.52
N LEU B 1134 53.47 -72.03 77.23
CA LEU B 1134 53.43 -73.39 76.69
C LEU B 1134 54.82 -74.02 76.67
N ARG B 1135 54.85 -75.33 76.82
CA ARG B 1135 56.09 -76.10 76.82
C ARG B 1135 55.99 -77.20 75.76
N CYS B 1136 56.98 -78.08 75.76
CA CYS B 1136 57.01 -79.16 74.78
C CYS B 1136 55.93 -80.19 75.09
N PRO B 1137 55.04 -80.50 74.14
CA PRO B 1137 53.99 -81.49 74.42
C PRO B 1137 54.56 -82.89 74.55
N LEU B 1138 53.87 -83.71 75.32
CA LEU B 1138 54.22 -85.11 75.54
C LEU B 1138 53.00 -86.01 75.34
N THR B 1139 52.24 -85.75 74.29
CA THR B 1139 51.03 -86.52 74.01
C THR B 1139 51.36 -87.76 73.19
N ASP B 1140 50.57 -88.81 73.41
CA ASP B 1140 50.75 -90.07 72.67
C ASP B 1140 49.39 -90.76 72.61
N MET B 1141 48.77 -90.71 71.43
CA MET B 1141 47.46 -91.32 71.27
C MET B 1141 47.57 -92.85 71.23
N GLY B 1142 46.50 -93.50 71.64
CA GLY B 1142 46.46 -94.95 71.66
C GLY B 1142 45.45 -95.45 72.67
N ASN B 1143 45.02 -96.70 72.46
CA ASN B 1143 44.05 -97.33 73.35
C ASN B 1143 44.36 -98.82 73.44
N THR B 1144 43.91 -99.42 74.55
CA THR B 1144 44.11 -100.84 74.78
C THR B 1144 42.82 -101.49 75.27
N ALA B 1145 42.90 -102.75 75.69
CA ALA B 1145 41.75 -103.49 76.17
C ALA B 1145 41.76 -103.54 77.69
N GLN B 1146 40.65 -103.13 78.30
CA GLN B 1146 40.54 -103.14 79.75
C GLN B 1146 40.40 -104.56 80.26
N ASN B 1147 41.14 -104.88 81.32
CA ASN B 1147 41.10 -106.21 81.93
C ASN B 1147 40.00 -106.27 82.98
N LEU B 1148 38.76 -106.12 82.51
CA LEU B 1148 37.59 -106.14 83.38
C LEU B 1148 37.16 -107.56 83.75
N PHE B 1149 37.68 -108.58 83.06
CA PHE B 1149 37.31 -109.98 83.31
C PHE B 1149 37.88 -110.54 84.61
N PHE B 1150 38.54 -109.74 85.45
CA PHE B 1150 39.08 -110.25 86.70
C PHE B 1150 37.97 -110.75 87.62
N SER B 1151 36.88 -109.98 87.72
CA SER B 1151 35.76 -110.37 88.56
C SER B 1151 34.76 -111.28 87.85
N ARG B 1152 34.85 -111.39 86.52
CA ARG B 1152 33.95 -112.23 85.72
C ARG B 1152 32.49 -111.85 85.93
N GLY B 1153 32.22 -110.57 86.12
CA GLY B 1153 30.85 -110.13 86.33
C GLY B 1153 30.27 -110.73 87.60
N GLY B 1154 29.09 -111.34 87.46
CA GLY B 1154 28.42 -111.96 88.58
C GLY B 1154 28.25 -113.45 88.44
N VAL B 1155 27.13 -113.98 88.89
CA VAL B 1155 26.88 -115.43 88.79
C VAL B 1155 26.68 -115.80 87.32
N PRO B 1156 27.13 -116.97 86.88
CA PRO B 1156 26.96 -117.37 85.49
C PRO B 1156 25.54 -117.87 85.22
N MET B 1157 25.33 -118.32 84.00
CA MET B 1157 24.03 -118.82 83.59
C MET B 1157 23.80 -120.23 84.13
N LEU B 1158 22.61 -120.77 83.86
CA LEU B 1158 22.29 -122.11 84.33
C LEU B 1158 23.19 -123.16 83.68
N HIS B 1159 23.48 -123.00 82.39
CA HIS B 1159 24.34 -123.93 81.67
C HIS B 1159 25.80 -123.57 81.94
N ASP B 1160 26.30 -124.06 83.07
CA ASP B 1160 27.67 -123.76 83.48
C ASP B 1160 28.68 -124.32 82.48
N ASN B 1161 28.45 -125.55 81.99
CA ASN B 1161 29.36 -126.13 81.01
C ASN B 1161 29.37 -125.34 79.72
N VAL B 1162 28.19 -124.90 79.25
CA VAL B 1162 28.11 -124.12 78.02
C VAL B 1162 28.81 -122.78 78.19
N THR B 1163 28.57 -122.11 79.32
CA THR B 1163 29.21 -120.82 79.56
C THR B 1163 30.73 -120.97 79.64
N GLU B 1164 31.22 -122.01 80.32
CA GLU B 1164 32.66 -122.23 80.39
C GLU B 1164 33.24 -122.53 79.02
N SER B 1165 32.54 -123.33 78.21
CA SER B 1165 33.02 -123.65 76.87
C SER B 1165 33.09 -122.40 76.00
N LEU B 1166 32.07 -121.56 76.04
CA LEU B 1166 32.09 -120.35 75.21
C LEU B 1166 33.14 -119.36 75.71
N ARG B 1167 33.33 -119.27 77.03
CA ARG B 1167 34.39 -118.42 77.56
C ARG B 1167 35.76 -118.90 77.11
N ARG B 1168 35.99 -120.21 77.15
CA ARG B 1168 37.27 -120.75 76.67
C ARG B 1168 37.46 -120.49 75.19
N ILE B 1169 36.39 -120.64 74.40
CA ILE B 1169 36.47 -120.40 72.96
C ILE B 1169 36.83 -118.94 72.69
N THR B 1170 36.16 -118.02 73.38
CA THR B 1170 36.41 -116.60 73.15
C THR B 1170 37.72 -116.13 73.76
N ALA B 1171 38.30 -116.88 74.70
CA ALA B 1171 39.59 -116.53 75.27
C ALA B 1171 40.75 -117.12 74.48
N SER B 1172 40.57 -118.27 73.84
CA SER B 1172 41.64 -118.85 73.04
C SER B 1172 42.00 -117.98 71.86
N GLY B 1173 41.00 -117.41 71.19
CA GLY B 1173 41.23 -116.52 70.07
C GLY B 1173 41.10 -115.06 70.43
N GLY B 1174 41.15 -114.76 71.73
CA GLY B 1174 40.99 -113.40 72.19
C GLY B 1174 42.31 -112.72 72.52
N ARG B 1175 42.63 -112.61 73.81
CA ARG B 1175 43.85 -111.95 74.26
C ARG B 1175 44.32 -112.65 75.53
N LEU B 1176 45.25 -112.01 76.24
CA LEU B 1176 45.79 -112.58 77.47
C LEU B 1176 44.70 -112.70 78.53
N ASN B 1177 44.78 -113.77 79.32
CA ASN B 1177 43.83 -114.01 80.39
C ASN B 1177 44.48 -114.93 81.41
N PRO B 1178 44.18 -114.76 82.70
CA PRO B 1178 44.75 -115.66 83.71
C PRO B 1178 44.26 -117.08 83.54
N THR B 1179 45.11 -118.03 83.90
CA THR B 1179 44.79 -119.46 83.79
C THR B 1179 43.96 -119.86 85.00
N GLU B 1180 42.68 -120.15 84.77
CA GLU B 1180 41.77 -120.55 85.84
C GLU B 1180 41.96 -122.01 86.23
N PRO B 1181 41.99 -122.97 85.30
CA PRO B 1181 42.18 -124.37 85.70
C PRO B 1181 43.61 -124.63 86.16
N LEU B 1182 43.74 -125.20 87.35
CA LEU B 1182 45.02 -125.53 87.97
C LEU B 1182 45.96 -124.33 88.01
N PRO B 1183 45.68 -123.33 88.85
CA PRO B 1183 46.57 -122.16 88.93
C PRO B 1183 47.95 -122.55 89.44
N ILE B 1184 48.96 -121.82 88.97
CA ILE B 1184 50.34 -122.07 89.35
C ILE B 1184 50.82 -121.09 90.42
N PHE B 1185 49.91 -120.26 90.94
CA PHE B 1185 50.23 -119.26 91.98
C PHE B 1185 51.30 -118.33 91.41
N GLY B 1186 52.43 -118.14 92.09
CA GLY B 1186 53.47 -117.27 91.58
C GLY B 1186 53.14 -115.79 91.63
N GLY B 1187 52.23 -115.39 92.51
CA GLY B 1187 51.83 -114.00 92.63
C GLY B 1187 50.56 -113.62 91.92
N LEU B 1188 49.84 -114.60 91.36
CA LEU B 1188 48.59 -114.35 90.63
C LEU B 1188 48.79 -113.34 89.49
N ARG B 1189 49.91 -113.47 88.79
CA ARG B 1189 50.19 -112.57 87.68
C ARG B 1189 49.27 -112.90 86.50
N PRO B 1190 48.53 -111.93 85.98
CA PRO B 1190 47.62 -112.20 84.84
C PRO B 1190 48.35 -112.12 83.50
N ALA B 1191 49.41 -112.92 83.37
CA ALA B 1191 50.21 -112.97 82.14
C ALA B 1191 50.73 -111.59 81.76
N THR B 1192 51.18 -110.84 82.76
CA THR B 1192 51.68 -109.49 82.52
C THR B 1192 53.01 -109.53 81.78
N SER B 1193 53.31 -108.43 81.09
CA SER B 1193 54.55 -108.30 80.32
C SER B 1193 55.38 -107.14 80.86
N ALA B 1194 56.66 -107.14 80.50
CA ALA B 1194 57.57 -106.10 80.96
C ALA B 1194 58.27 -105.44 79.78
N GLY B 1195 59.25 -104.59 80.07
CA GLY B 1195 59.99 -103.89 79.04
C GLY B 1195 59.42 -102.51 78.76
N ILE B 1196 60.11 -101.78 77.88
CA ILE B 1196 59.75 -100.42 77.49
C ILE B 1196 59.31 -100.46 76.04
N ALA B 1197 58.09 -99.99 75.78
CA ALA B 1197 57.55 -99.96 74.43
C ALA B 1197 57.88 -98.62 73.78
N ARG B 1198 57.29 -98.36 72.61
CA ARG B 1198 57.53 -97.11 71.89
C ARG B 1198 56.73 -95.94 72.45
N GLY B 1199 55.81 -96.18 73.39
CA GLY B 1199 55.02 -95.11 73.95
C GLY B 1199 54.09 -95.64 75.01
N GLN B 1200 53.35 -94.72 75.62
CA GLN B 1200 52.39 -95.04 76.67
C GLN B 1200 50.98 -94.91 76.11
N ALA B 1201 50.17 -95.94 76.32
CA ALA B 1201 48.79 -95.98 75.85
C ALA B 1201 47.86 -96.21 77.04
N SER B 1202 46.80 -95.42 77.12
CA SER B 1202 45.82 -95.53 78.19
C SER B 1202 44.60 -96.31 77.72
N VAL B 1203 43.95 -96.99 78.66
CA VAL B 1203 42.77 -97.79 78.37
C VAL B 1203 41.57 -96.85 78.17
N CYS B 1204 40.50 -97.39 77.60
CA CYS B 1204 39.29 -96.61 77.33
C CYS B 1204 38.07 -97.39 77.83
N GLU B 1205 36.96 -96.68 77.97
CA GLU B 1205 35.70 -97.26 78.43
C GLU B 1205 34.68 -97.21 77.30
N PHE B 1206 33.47 -97.65 77.61
CA PHE B 1206 32.36 -97.70 76.65
C PHE B 1206 31.29 -96.72 77.10
N VAL B 1207 31.08 -95.67 76.32
CA VAL B 1207 30.07 -94.65 76.60
C VAL B 1207 29.11 -94.59 75.42
N ALA B 1208 27.82 -94.67 75.70
CA ALA B 1208 26.77 -94.64 74.69
C ALA B 1208 26.09 -93.28 74.70
N MET B 1209 25.94 -92.67 73.52
CA MET B 1209 25.32 -91.37 73.38
C MET B 1209 24.24 -91.42 72.31
N PRO B 1210 23.19 -90.62 72.44
CA PRO B 1210 22.13 -90.62 71.43
C PRO B 1210 22.58 -89.92 70.17
N VAL B 1211 21.83 -90.15 69.08
CA VAL B 1211 22.12 -89.55 67.79
C VAL B 1211 21.22 -88.34 67.60
N SER B 1212 20.06 -88.33 68.26
CA SER B 1212 19.13 -87.21 68.16
C SER B 1212 19.67 -85.95 68.81
N THR B 1213 20.61 -86.08 69.75
CA THR B 1213 21.19 -84.90 70.39
C THR B 1213 22.04 -84.12 69.41
N ASP B 1214 22.03 -82.79 69.57
CA ASP B 1214 22.80 -81.92 68.69
C ASP B 1214 24.29 -82.21 68.82
N LEU B 1215 24.96 -82.31 67.67
CA LEU B 1215 26.40 -82.58 67.68
C LEU B 1215 27.18 -81.41 68.26
N GLN B 1216 26.76 -80.17 67.96
CA GLN B 1216 27.46 -79.00 68.46
C GLN B 1216 27.43 -78.94 69.99
N TYR B 1217 26.29 -79.29 70.60
CA TYR B 1217 26.17 -79.25 72.04
C TYR B 1217 27.13 -80.24 72.70
N PHE B 1218 27.25 -81.44 72.14
CA PHE B 1218 28.21 -82.41 72.65
C PHE B 1218 29.65 -82.05 72.31
N ARG B 1219 29.86 -81.20 71.31
CA ARG B 1219 31.22 -80.85 70.89
C ARG B 1219 31.79 -79.69 71.70
N THR B 1220 30.95 -78.72 72.08
CA THR B 1220 31.45 -77.53 72.76
C THR B 1220 31.94 -77.85 74.18
N ALA B 1221 31.14 -78.59 74.94
CA ALA B 1221 31.47 -78.88 76.32
C ALA B 1221 31.39 -80.36 76.66
N CYS B 1222 30.43 -81.09 76.08
CA CYS B 1222 30.17 -82.51 76.34
C CYS B 1222 29.78 -82.76 77.80
N ASN B 1223 29.25 -83.95 78.07
CA ASN B 1223 28.84 -84.30 79.43
C ASN B 1223 28.90 -85.81 79.62
N PRO B 1224 29.86 -86.32 80.39
CA PRO B 1224 29.96 -87.77 80.62
C PRO B 1224 29.13 -88.28 81.78
N ARG B 1225 28.38 -87.41 82.47
CA ARG B 1225 27.56 -87.82 83.62
C ARG B 1225 26.10 -88.02 83.25
N GLY B 1226 25.52 -87.12 82.44
CA GLY B 1226 24.14 -87.26 82.03
C GLY B 1226 23.21 -86.26 82.67
N ARG B 1227 22.83 -85.23 81.91
CA ARG B 1227 21.89 -84.20 82.38
C ARG B 1227 22.39 -83.50 83.64
N ALA B 1228 23.70 -83.31 83.73
CA ALA B 1228 24.35 -82.63 84.85
C ALA B 1228 23.97 -83.27 86.18
N SER B 1229 24.35 -84.54 86.32
CA SER B 1229 24.08 -85.32 87.52
C SER B 1229 25.39 -85.57 88.27
N GLY B 1230 25.40 -85.24 89.55
CA GLY B 1230 26.58 -85.42 90.36
C GLY B 1230 26.62 -84.40 91.47
N MET B 1231 27.74 -84.42 92.21
CA MET B 1231 27.94 -83.49 93.33
C MET B 1231 28.65 -82.22 92.85
N LEU B 1232 28.05 -81.58 91.85
CA LEU B 1232 28.59 -80.36 91.28
C LEU B 1232 27.87 -79.11 91.73
N TYR B 1233 26.59 -79.22 92.11
CA TYR B 1233 25.82 -78.08 92.57
C TYR B 1233 25.94 -77.92 94.09
N MET B 1234 27.18 -77.69 94.53
CA MET B 1234 27.50 -77.54 95.95
C MET B 1234 27.58 -76.06 96.29
N GLY B 1235 26.90 -75.69 97.37
CA GLY B 1235 26.90 -74.30 97.82
C GLY B 1235 26.23 -73.34 96.85
N ASP B 1236 25.16 -73.76 96.21
CA ASP B 1236 24.43 -72.92 95.27
C ASP B 1236 22.94 -72.83 95.59
N ARG B 1237 22.33 -73.93 96.04
CA ARG B 1237 20.92 -73.96 96.37
C ARG B 1237 20.67 -75.12 97.33
N ASP B 1238 19.41 -75.26 97.75
CA ASP B 1238 19.01 -76.32 98.65
C ASP B 1238 18.56 -77.57 97.91
N ALA B 1239 18.53 -77.55 96.57
CA ALA B 1239 18.11 -78.71 95.78
C ALA B 1239 19.34 -79.51 95.36
N ASP B 1240 19.93 -80.19 96.34
CA ASP B 1240 21.12 -81.00 96.11
C ASP B 1240 21.04 -82.39 96.73
N ILE B 1241 20.06 -82.67 97.57
CA ILE B 1241 19.98 -83.99 98.21
C ILE B 1241 19.32 -84.99 97.28
N GLU B 1242 18.07 -84.73 96.87
CA GLU B 1242 17.33 -85.62 96.00
C GLU B 1242 17.06 -85.04 94.62
N ALA B 1243 17.39 -83.77 94.38
CA ALA B 1243 17.14 -83.16 93.08
C ALA B 1243 17.95 -83.84 91.98
N ILE B 1244 19.22 -84.16 92.27
CA ILE B 1244 20.06 -84.82 91.27
C ILE B 1244 19.52 -86.20 90.93
N MET B 1245 19.05 -86.94 91.94
CA MET B 1245 18.52 -88.28 91.71
C MET B 1245 17.18 -88.22 90.98
N PHE B 1246 16.37 -87.21 91.25
CA PHE B 1246 15.04 -87.09 90.66
C PHE B 1246 15.05 -86.30 89.36
N ASP B 1247 16.20 -85.78 88.92
CA ASP B 1247 16.25 -85.02 87.68
C ASP B 1247 15.96 -85.88 86.45
N HIS B 1248 16.09 -87.21 86.57
CA HIS B 1248 15.78 -88.09 85.44
C HIS B 1248 14.29 -88.17 85.16
N THR B 1249 13.44 -87.76 86.11
CA THR B 1249 11.99 -87.79 85.96
C THR B 1249 11.37 -86.41 85.81
N GLN B 1250 11.87 -85.43 86.53
CA GLN B 1250 11.34 -84.08 86.48
C GLN B 1250 12.21 -83.21 85.58
N SER B 1251 11.91 -81.92 85.52
CA SER B 1251 12.66 -81.00 84.69
C SER B 1251 14.07 -80.78 85.25
N ASP B 1252 14.94 -80.24 84.42
CA ASP B 1252 16.32 -79.96 84.77
C ASP B 1252 16.51 -78.46 84.98
N VAL B 1253 17.74 -78.07 85.27
CA VAL B 1253 18.09 -76.67 85.51
C VAL B 1253 18.85 -76.07 84.33
N ALA B 1254 19.93 -76.72 83.91
CA ALA B 1254 20.74 -76.22 82.81
C ALA B 1254 20.33 -76.79 81.46
N TYR B 1255 19.86 -78.03 81.43
CA TYR B 1255 19.46 -78.70 80.20
C TYR B 1255 17.99 -79.11 80.24
N THR B 1256 17.14 -78.20 80.70
CA THR B 1256 15.70 -78.49 80.77
C THR B 1256 15.03 -78.50 79.41
N ASP B 1257 15.70 -78.00 78.36
CA ASP B 1257 15.14 -77.96 77.03
C ASP B 1257 15.62 -79.12 76.15
N ARG B 1258 16.36 -80.06 76.72
CA ARG B 1258 16.90 -81.21 76.00
C ARG B 1258 16.40 -82.50 76.65
N ALA B 1259 16.90 -83.62 76.14
CA ALA B 1259 16.55 -84.94 76.63
C ALA B 1259 17.71 -85.54 77.42
N THR B 1260 17.52 -86.76 77.89
CA THR B 1260 18.56 -87.44 78.65
C THR B 1260 19.73 -87.78 77.73
N LEU B 1261 20.94 -87.49 78.22
CA LEU B 1261 22.14 -87.75 77.43
C LEU B 1261 22.64 -89.19 77.52
N ASN B 1262 22.07 -89.99 78.42
CA ASN B 1262 22.47 -91.39 78.56
C ASN B 1262 21.33 -92.19 79.18
N PRO B 1263 20.29 -92.53 78.42
CA PRO B 1263 19.17 -93.28 78.97
C PRO B 1263 19.37 -94.79 79.01
N TRP B 1264 20.60 -95.28 78.82
CA TRP B 1264 20.87 -96.71 78.79
C TRP B 1264 21.79 -97.18 79.92
N ALA B 1265 22.73 -96.34 80.37
CA ALA B 1265 23.66 -96.75 81.41
C ALA B 1265 23.86 -95.65 82.45
N SER B 1266 22.87 -94.78 82.62
CA SER B 1266 22.96 -93.70 83.61
C SER B 1266 21.65 -93.52 84.35
N GLN B 1267 20.87 -94.58 84.49
CA GLN B 1267 19.59 -94.52 85.20
C GLN B 1267 19.87 -94.63 86.69
N LYS B 1268 19.91 -93.48 87.37
CA LYS B 1268 20.22 -93.39 88.79
C LYS B 1268 21.47 -94.19 89.15
N HIS B 1269 21.33 -95.18 90.01
CA HIS B 1269 22.45 -96.03 90.40
C HIS B 1269 22.49 -97.31 89.56
N SER B 1270 22.63 -97.10 88.25
CA SER B 1270 22.67 -98.22 87.32
C SER B 1270 23.94 -99.06 87.51
N TYR B 1271 25.09 -98.38 87.66
CA TYR B 1271 26.36 -99.07 87.84
C TYR B 1271 27.20 -98.53 89.00
N GLY B 1272 26.81 -97.40 89.59
CA GLY B 1272 27.59 -96.80 90.67
C GLY B 1272 27.80 -97.72 91.85
N ASP B 1273 26.72 -98.04 92.57
CA ASP B 1273 26.82 -98.93 93.73
C ASP B 1273 27.21 -100.35 93.35
N ARG B 1274 27.18 -100.70 92.07
CA ARG B 1274 27.51 -102.05 91.63
C ARG B 1274 29.01 -102.22 91.38
N LEU B 1275 29.65 -101.25 90.73
CA LEU B 1275 31.06 -101.39 90.40
C LEU B 1275 31.93 -100.25 90.90
N TYR B 1276 31.42 -99.02 90.92
CA TYR B 1276 32.22 -97.85 91.26
C TYR B 1276 32.20 -97.53 92.75
N ASN B 1277 31.51 -98.35 93.56
CA ASN B 1277 31.47 -98.09 95.00
C ASN B 1277 32.73 -98.60 95.70
N GLY B 1278 32.99 -99.90 95.61
CA GLY B 1278 34.18 -100.48 96.21
C GLY B 1278 34.22 -100.39 97.72
N THR B 1279 33.28 -101.05 98.39
CA THR B 1279 33.22 -101.05 99.85
C THR B 1279 33.54 -102.42 100.45
N TYR B 1280 34.10 -103.33 99.66
CA TYR B 1280 34.45 -104.66 100.15
C TYR B 1280 35.94 -104.83 100.40
N ASN B 1281 36.78 -103.92 99.89
CA ASN B 1281 38.23 -103.97 100.08
C ASN B 1281 38.84 -105.25 99.52
N LEU B 1282 38.17 -105.84 98.54
CA LEU B 1282 38.66 -107.06 97.90
C LEU B 1282 38.73 -106.95 96.39
N THR B 1283 37.81 -106.23 95.76
CA THR B 1283 37.78 -106.06 94.31
C THR B 1283 38.46 -104.77 93.85
N GLY B 1284 39.10 -104.05 94.78
CA GLY B 1284 39.75 -102.79 94.45
C GLY B 1284 41.10 -102.90 93.81
N ALA B 1285 41.63 -104.12 93.64
CA ALA B 1285 42.93 -104.31 93.00
C ALA B 1285 42.86 -104.24 91.48
N SER B 1286 41.66 -104.23 90.90
CA SER B 1286 41.53 -104.15 89.46
C SER B 1286 41.91 -102.75 88.97
N PRO B 1287 42.37 -102.63 87.72
CA PRO B 1287 42.69 -101.29 87.17
C PRO B 1287 41.45 -100.55 86.68
N ILE B 1288 40.63 -100.12 87.63
CA ILE B 1288 39.40 -99.41 87.30
C ILE B 1288 39.73 -97.98 86.86
N TYR B 1289 38.92 -97.46 85.93
CA TYR B 1289 39.16 -96.13 85.40
C TYR B 1289 38.97 -95.08 86.50
N SER B 1290 39.77 -94.01 86.42
CA SER B 1290 39.79 -92.98 87.45
C SER B 1290 38.63 -91.99 87.37
N PRO B 1291 38.25 -91.45 86.20
CA PRO B 1291 37.14 -90.48 86.19
C PRO B 1291 35.83 -91.06 86.66
N CYS B 1292 35.56 -92.34 86.38
CA CYS B 1292 34.32 -92.94 86.86
C CYS B 1292 34.34 -93.09 88.38
N PHE B 1293 35.51 -93.31 88.96
CA PHE B 1293 35.62 -93.34 90.42
C PHE B 1293 35.43 -91.94 91.01
N LYS B 1294 36.02 -90.92 90.38
CA LYS B 1294 35.93 -89.56 90.90
C LYS B 1294 34.55 -88.94 90.70
N PHE B 1295 33.77 -89.44 89.73
CA PHE B 1295 32.44 -88.89 89.52
C PHE B 1295 31.50 -89.22 90.68
N PHE B 1296 31.59 -90.43 91.22
CA PHE B 1296 30.73 -90.88 92.31
C PHE B 1296 31.56 -90.93 93.59
N THR B 1297 31.36 -89.94 94.45
CA THR B 1297 32.05 -89.89 95.73
C THR B 1297 31.24 -89.01 96.68
N PRO B 1298 31.11 -89.39 97.96
CA PRO B 1298 30.38 -88.53 98.91
C PRO B 1298 31.01 -87.16 99.08
N ALA B 1299 32.33 -87.07 99.00
CA ALA B 1299 33.06 -85.80 99.14
C ALA B 1299 32.75 -85.10 100.45
N GLU B 1300 33.05 -83.81 100.52
CA GLU B 1300 32.78 -83.02 101.72
C GLU B 1300 32.72 -81.56 101.34
N VAL B 1301 32.16 -80.76 102.24
CA VAL B 1301 32.05 -79.31 102.06
C VAL B 1301 32.63 -78.63 103.30
N ASN B 1302 33.56 -77.69 103.07
CA ASN B 1302 34.19 -76.97 104.17
C ASN B 1302 34.65 -75.62 103.61
N THR B 1303 33.87 -74.57 103.86
CA THR B 1303 34.23 -73.23 103.43
C THR B 1303 35.15 -72.57 104.44
N ASN B 1304 36.09 -71.76 103.95
CA ASN B 1304 37.05 -71.07 104.79
C ASN B 1304 36.84 -69.56 104.78
N CYS B 1305 36.89 -68.93 103.62
CA CYS B 1305 36.69 -67.49 103.49
C CYS B 1305 35.48 -67.13 102.63
N ASN B 1306 35.40 -67.68 101.42
CA ASN B 1306 34.31 -67.36 100.51
C ASN B 1306 34.14 -68.50 99.52
N THR B 1307 33.32 -68.27 98.49
CA THR B 1307 33.03 -69.32 97.52
C THR B 1307 34.27 -69.69 96.71
N LEU B 1308 35.10 -68.70 96.36
CA LEU B 1308 36.31 -68.99 95.59
C LEU B 1308 37.24 -69.90 96.37
N ASP B 1309 37.46 -69.60 97.65
CA ASP B 1309 38.34 -70.43 98.47
C ASP B 1309 37.71 -71.81 98.73
N ARG B 1310 36.38 -71.86 98.93
CA ARG B 1310 35.74 -73.14 99.16
C ARG B 1310 35.79 -74.02 97.91
N LEU B 1311 35.82 -73.42 96.72
CA LEU B 1311 36.00 -74.19 95.50
C LEU B 1311 37.46 -74.60 95.30
N LEU B 1312 38.39 -73.71 95.66
CA LEU B 1312 39.81 -74.01 95.48
C LEU B 1312 40.29 -75.07 96.46
N MET B 1313 39.62 -75.21 97.61
CA MET B 1313 40.02 -76.23 98.56
C MET B 1313 39.81 -77.64 98.00
N GLU B 1314 38.88 -77.79 97.06
CA GLU B 1314 38.68 -79.07 96.37
C GLU B 1314 39.36 -79.11 95.01
N ALA B 1315 39.52 -77.96 94.35
CA ALA B 1315 40.21 -77.89 93.06
C ALA B 1315 41.71 -77.79 93.33
N LYS B 1316 42.30 -78.93 93.67
CA LYS B 1316 43.71 -79.02 94.00
C LYS B 1316 44.28 -80.30 93.39
N ALA B 1317 45.48 -80.67 93.82
CA ALA B 1317 46.17 -81.85 93.33
C ALA B 1317 45.90 -83.03 94.26
N VAL B 1318 45.51 -84.17 93.68
CA VAL B 1318 45.23 -85.38 94.45
C VAL B 1318 46.26 -86.44 94.10
N ALA B 1319 46.18 -87.59 94.77
CA ALA B 1319 47.11 -88.67 94.51
C ALA B 1319 46.91 -89.23 93.11
N SER B 1320 48.01 -89.63 92.49
CA SER B 1320 47.95 -90.17 91.13
C SER B 1320 47.23 -91.51 91.12
N GLN B 1321 46.36 -91.69 90.12
CA GLN B 1321 45.59 -92.92 89.97
C GLN B 1321 46.25 -93.91 89.03
N SER B 1322 47.42 -93.60 88.49
CA SER B 1322 48.12 -94.48 87.57
C SER B 1322 49.54 -94.75 88.08
N SER B 1323 50.03 -95.94 87.78
CA SER B 1323 51.37 -96.33 88.21
C SER B 1323 52.43 -95.60 87.39
N THR B 1324 53.66 -95.64 87.90
CA THR B 1324 54.79 -94.99 87.25
C THR B 1324 55.46 -95.96 86.28
N ASP B 1325 55.71 -95.49 85.05
CA ASP B 1325 56.35 -96.27 84.01
C ASP B 1325 55.58 -97.56 83.73
N THR B 1326 54.30 -97.38 83.39
CA THR B 1326 53.42 -98.50 83.08
C THR B 1326 52.61 -98.16 81.84
N GLU B 1327 52.19 -99.21 81.13
CA GLU B 1327 51.38 -99.05 79.93
C GLU B 1327 49.99 -99.64 80.03
N TYR B 1328 49.67 -100.36 81.11
CA TYR B 1328 48.36 -100.94 81.30
C TYR B 1328 47.42 -100.06 82.12
N GLN B 1329 47.89 -98.89 82.56
CA GLN B 1329 47.10 -97.95 83.36
C GLN B 1329 46.58 -98.62 84.63
N PHE B 1330 47.52 -99.03 85.48
CA PHE B 1330 47.19 -99.70 86.73
C PHE B 1330 46.70 -98.67 87.75
N LYS B 1331 46.46 -99.12 88.98
CA LYS B 1331 45.96 -98.26 90.04
C LYS B 1331 47.15 -97.63 90.77
N ARG B 1332 46.87 -96.99 91.91
CA ARG B 1332 47.92 -96.35 92.69
C ARG B 1332 48.85 -97.40 93.29
N PRO B 1333 50.16 -97.32 93.06
CA PRO B 1333 51.06 -98.32 93.63
C PRO B 1333 51.09 -98.22 95.14
N PRO B 1334 51.30 -99.32 95.84
CA PRO B 1334 51.39 -99.27 97.31
C PRO B 1334 52.68 -98.60 97.75
N GLY B 1335 52.54 -97.56 98.57
CA GLY B 1335 53.69 -96.84 99.07
C GLY B 1335 54.33 -95.95 98.02
N SER B 1336 53.57 -94.97 97.52
CA SER B 1336 54.06 -94.05 96.50
C SER B 1336 53.85 -92.61 96.98
N THR B 1337 54.83 -91.76 96.72
CA THR B 1337 54.79 -90.35 97.13
C THR B 1337 54.89 -89.49 95.87
N GLU B 1338 53.73 -89.14 95.32
CA GLU B 1338 53.68 -88.29 94.14
C GLU B 1338 52.33 -87.58 94.11
N MET B 1339 52.32 -86.39 93.52
CA MET B 1339 51.11 -85.59 93.41
C MET B 1339 50.99 -85.04 91.99
N THR B 1340 49.75 -85.03 91.47
CA THR B 1340 49.46 -84.51 90.15
C THR B 1340 48.23 -83.62 90.22
N GLN B 1341 48.26 -82.51 89.48
CA GLN B 1341 47.17 -81.55 89.48
C GLN B 1341 46.20 -81.86 88.34
N ASP B 1342 44.95 -81.45 88.54
CA ASP B 1342 43.88 -81.64 87.54
C ASP B 1342 43.19 -80.31 87.32
N PRO B 1343 43.83 -79.40 86.58
CA PRO B 1343 43.22 -78.09 86.33
C PRO B 1343 41.96 -78.21 85.48
N CYS B 1344 41.01 -77.31 85.76
CA CYS B 1344 39.74 -77.21 85.02
C CYS B 1344 39.00 -78.54 84.96
N GLY B 1345 39.27 -79.43 85.92
CA GLY B 1345 38.62 -80.72 85.96
C GLY B 1345 37.24 -80.74 86.59
N LEU B 1346 36.86 -79.67 87.28
CA LEU B 1346 35.55 -79.59 87.91
C LEU B 1346 34.48 -79.00 87.01
N PHE B 1347 34.85 -78.40 85.89
CA PHE B 1347 33.90 -77.81 84.96
C PHE B 1347 33.49 -78.76 83.85
N GLN B 1348 34.03 -79.97 83.81
CA GLN B 1348 33.73 -80.97 82.78
C GLN B 1348 33.96 -80.40 81.38
N GLU B 1349 35.05 -79.65 81.22
CA GLU B 1349 35.39 -79.04 79.93
C GLU B 1349 36.35 -79.96 79.20
N ALA B 1350 35.81 -81.06 78.68
CA ALA B 1350 36.59 -82.05 77.93
C ALA B 1350 36.44 -81.75 76.44
N TYR B 1351 37.19 -80.76 75.97
CA TYR B 1351 37.14 -80.40 74.57
C TYR B 1351 37.73 -81.51 73.71
N PRO B 1352 37.18 -81.76 72.53
CA PRO B 1352 37.70 -82.85 71.69
C PRO B 1352 38.84 -82.35 70.81
N PRO B 1353 39.83 -83.19 70.55
CA PRO B 1353 40.94 -82.81 69.69
C PRO B 1353 40.54 -82.93 68.21
N LEU B 1354 41.50 -82.67 67.34
CA LEU B 1354 41.25 -82.76 65.91
C LEU B 1354 41.03 -84.21 65.50
N CYS B 1355 40.00 -84.46 64.71
CA CYS B 1355 39.68 -85.79 64.24
C CYS B 1355 38.80 -85.69 63.01
N SER B 1356 38.80 -86.75 62.22
CA SER B 1356 37.98 -86.80 61.01
C SER B 1356 37.70 -88.26 60.66
N SER B 1357 36.60 -88.48 59.94
CA SER B 1357 36.25 -89.83 59.51
C SER B 1357 37.20 -90.30 58.41
N ASP B 1358 37.62 -89.40 57.53
CA ASP B 1358 38.52 -89.74 56.45
C ASP B 1358 39.43 -88.55 56.15
N ALA B 1359 40.74 -88.78 56.18
CA ALA B 1359 41.72 -87.73 55.94
C ALA B 1359 41.94 -87.46 54.45
N ALA B 1360 41.45 -88.34 53.57
CA ALA B 1360 41.65 -88.13 52.14
C ALA B 1360 40.83 -86.96 51.62
N MET B 1361 39.65 -86.71 52.20
CA MET B 1361 38.81 -85.62 51.75
C MET B 1361 39.34 -84.26 52.17
N LEU B 1362 40.28 -84.21 53.12
CA LEU B 1362 40.86 -82.96 53.58
C LEU B 1362 42.32 -82.79 53.19
N ARG B 1363 43.02 -83.88 52.85
CA ARG B 1363 44.43 -83.76 52.46
C ARG B 1363 44.60 -83.04 51.13
N THR B 1364 43.58 -83.05 50.28
CA THR B 1364 43.58 -82.40 48.96
C THR B 1364 44.80 -82.89 48.17
N ALA B 1365 45.35 -82.03 47.31
CA ALA B 1365 46.52 -82.35 46.50
C ALA B 1365 47.57 -81.26 46.61
N HIS B 1366 47.79 -80.75 47.82
CA HIS B 1366 48.77 -79.71 48.07
C HIS B 1366 50.09 -80.32 48.52
N ALA B 1367 51.11 -79.47 48.61
CA ALA B 1367 52.43 -79.93 49.02
C ALA B 1367 52.54 -80.06 50.53
N GLY B 1368 52.38 -78.96 51.24
CA GLY B 1368 52.47 -78.97 52.69
C GLY B 1368 51.24 -78.44 53.40
N GLU B 1369 50.49 -77.57 52.72
CA GLU B 1369 49.30 -76.98 53.30
C GLU B 1369 48.11 -77.93 53.19
N THR B 1370 47.10 -77.67 54.02
CA THR B 1370 45.88 -78.47 54.04
C THR B 1370 44.67 -77.55 54.04
N GLY B 1371 43.59 -78.01 53.44
CA GLY B 1371 42.37 -77.23 53.38
C GLY B 1371 41.67 -77.15 54.73
N ALA B 1372 40.78 -76.17 54.84
CA ALA B 1372 40.03 -75.93 56.07
C ALA B 1372 38.60 -75.56 55.70
N ASP B 1373 37.67 -76.47 55.95
CA ASP B 1373 36.26 -76.22 55.68
C ASP B 1373 35.42 -76.95 56.73
N GLU B 1374 34.24 -76.40 57.00
CA GLU B 1374 33.36 -76.99 58.00
C GLU B 1374 32.72 -78.27 57.49
N VAL B 1375 31.93 -78.17 56.42
CA VAL B 1375 31.32 -79.33 55.79
C VAL B 1375 31.12 -79.07 54.30
N HIS B 1376 31.64 -79.98 53.47
CA HIS B 1376 31.43 -79.88 52.03
C HIS B 1376 30.99 -81.23 51.47
N LEU B 1377 31.41 -82.31 52.12
CA LEU B 1377 31.02 -83.65 51.74
C LEU B 1377 29.79 -84.08 52.52
N ALA B 1378 29.46 -85.36 52.45
CA ALA B 1378 28.31 -85.91 53.19
C ALA B 1378 28.64 -86.23 54.64
N GLN B 1379 29.89 -86.07 55.06
CA GLN B 1379 30.31 -86.36 56.42
C GLN B 1379 30.80 -85.07 57.09
N TYR B 1380 30.45 -84.92 58.36
CA TYR B 1380 30.84 -83.73 59.11
C TYR B 1380 32.34 -83.70 59.35
N LEU B 1381 32.90 -82.49 59.36
CA LEU B 1381 34.33 -82.28 59.57
C LEU B 1381 34.51 -81.24 60.67
N ILE B 1382 35.49 -81.48 61.54
CA ILE B 1382 35.81 -80.59 62.66
C ILE B 1382 37.10 -79.87 62.34
N ARG B 1383 37.07 -78.54 62.41
CA ARG B 1383 38.23 -77.71 62.11
C ARG B 1383 39.07 -77.43 63.36
N ASP B 1384 39.47 -78.50 64.05
CA ASP B 1384 40.31 -78.41 65.25
C ASP B 1384 39.64 -77.54 66.31
N ALA B 1385 38.50 -78.02 66.80
CA ALA B 1385 37.73 -77.27 67.80
C ALA B 1385 38.48 -77.13 69.12
N SER B 1386 39.50 -77.95 69.36
CA SER B 1386 40.27 -77.83 70.59
C SER B 1386 41.06 -76.53 70.57
N PRO B 1387 41.21 -75.87 71.73
CA PRO B 1387 41.98 -74.61 71.77
C PRO B 1387 43.43 -74.79 71.33
N LEU B 1388 44.03 -75.94 71.62
CA LEU B 1388 45.42 -76.20 71.24
C LEU B 1388 45.44 -76.79 69.84
N ARG B 1389 45.94 -76.01 68.87
CA ARG B 1389 46.01 -76.49 67.50
C ARG B 1389 47.00 -77.63 67.35
N GLY B 1390 48.13 -77.54 68.03
CA GLY B 1390 49.16 -78.57 67.96
C GLY B 1390 50.36 -78.09 67.16
N CYS B 1391 51.55 -78.43 67.64
CA CYS B 1391 52.78 -78.03 66.98
C CYS B 1391 53.73 -79.22 66.84
N LEU B 1392 54.96 -78.97 66.38
CA LEU B 1392 55.98 -79.98 66.17
C LEU B 1392 55.46 -81.11 65.27
N PRO B 1393 55.25 -80.86 63.99
CA PRO B 1393 54.75 -81.92 63.10
C PRO B 1393 55.74 -83.06 62.97
N LEU B 1394 55.20 -84.26 62.81
CA LEU B 1394 56.02 -85.46 62.66
C LEU B 1394 55.80 -86.13 61.31
N SER C 7 -45.69 -145.52 51.23
CA SER C 7 -45.79 -144.14 51.66
C SER C 7 -45.48 -143.18 50.51
N ARG C 8 -46.11 -142.01 50.54
CA ARG C 8 -45.90 -141.00 49.52
C ARG C 8 -45.60 -139.60 50.06
N VAL C 9 -45.95 -139.31 51.31
CA VAL C 9 -45.67 -137.98 51.87
C VAL C 9 -44.18 -137.86 52.16
N VAL C 10 -43.57 -136.77 51.67
CA VAL C 10 -42.14 -136.54 51.88
C VAL C 10 -41.87 -135.66 53.08
N PHE C 11 -42.90 -135.24 53.81
CA PHE C 11 -42.68 -134.41 55.00
C PHE C 11 -41.90 -135.17 56.07
N ASP C 12 -42.23 -136.46 56.26
CA ASP C 12 -41.56 -137.31 57.25
C ASP C 12 -41.10 -138.58 56.56
N PRO C 13 -39.95 -138.53 55.88
CA PRO C 13 -39.45 -139.72 55.18
C PRO C 13 -39.05 -140.81 56.17
N SER C 14 -39.76 -141.94 56.12
CA SER C 14 -39.49 -143.06 56.99
C SER C 14 -39.38 -144.40 56.27
N ASN C 15 -39.78 -144.47 55.00
CA ASN C 15 -39.69 -145.72 54.24
C ASN C 15 -39.28 -145.46 52.79
N PRO C 16 -39.95 -144.55 52.05
CA PRO C 16 -39.50 -144.32 50.66
C PRO C 16 -38.37 -143.29 50.59
N THR C 17 -37.18 -143.72 51.01
CA THR C 17 -36.01 -142.84 51.02
C THR C 17 -35.02 -143.13 49.91
N THR C 18 -34.95 -144.37 49.44
CA THR C 18 -34.03 -144.71 48.35
C THR C 18 -34.71 -145.43 47.20
N PHE C 19 -35.69 -146.29 47.47
CA PHE C 19 -36.33 -147.03 46.40
C PHE C 19 -37.24 -146.14 45.56
N SER C 20 -37.79 -145.09 46.15
CA SER C 20 -38.62 -144.14 45.43
C SER C 20 -37.84 -143.00 44.80
N VAL C 21 -36.53 -142.94 45.04
CA VAL C 21 -35.70 -141.88 44.51
C VAL C 21 -34.69 -142.40 43.48
N GLU C 22 -34.28 -143.66 43.58
CA GLU C 22 -33.31 -144.20 42.62
C GLU C 22 -33.94 -144.38 41.24
N ALA C 23 -35.22 -144.76 41.20
CA ALA C 23 -35.87 -145.01 39.91
C ALA C 23 -36.17 -143.72 39.16
N ILE C 24 -36.32 -142.60 39.87
CA ILE C 24 -36.65 -141.33 39.25
C ILE C 24 -35.49 -140.36 39.40
N ALA C 25 -35.65 -139.16 38.86
CA ALA C 25 -34.61 -138.14 38.98
C ALA C 25 -34.43 -137.73 40.44
N ALA C 26 -33.19 -137.45 40.82
CA ALA C 26 -32.89 -137.08 42.20
C ALA C 26 -33.42 -135.69 42.56
N TYR C 27 -33.74 -134.86 41.58
CA TYR C 27 -34.26 -133.52 41.83
C TYR C 27 -35.77 -133.49 42.01
N THR C 28 -36.47 -134.61 41.75
CA THR C 28 -37.91 -134.64 41.95
C THR C 28 -38.32 -134.42 43.40
N PRO C 29 -37.72 -135.09 44.40
CA PRO C 29 -38.10 -134.76 45.80
C PRO C 29 -37.80 -133.32 46.18
N VAL C 30 -36.70 -132.76 45.67
CA VAL C 30 -36.38 -131.37 45.98
C VAL C 30 -37.43 -130.44 45.38
N ALA C 31 -37.83 -130.71 44.12
CA ALA C 31 -38.87 -129.90 43.49
C ALA C 31 -40.19 -130.02 44.23
N LEU C 32 -40.54 -131.23 44.67
CA LEU C 32 -41.77 -131.42 45.43
C LEU C 32 -41.74 -130.67 46.75
N ILE C 33 -40.60 -130.71 47.44
CA ILE C 33 -40.46 -129.98 48.70
C ILE C 33 -40.58 -128.48 48.47
N ARG C 34 -39.94 -127.97 47.41
CA ARG C 34 -40.02 -126.54 47.10
C ARG C 34 -41.44 -126.13 46.77
N LEU C 35 -42.17 -126.95 46.00
CA LEU C 35 -43.53 -126.63 45.62
C LEU C 35 -44.53 -126.83 46.76
N LEU C 36 -44.17 -127.61 47.78
CA LEU C 36 -45.06 -127.86 48.91
C LEU C 36 -45.14 -126.61 49.77
N ASN C 37 -46.23 -125.85 49.60
CA ASN C 37 -46.53 -124.61 50.33
C ASN C 37 -45.30 -123.71 50.49
N ALA C 38 -45.19 -123.06 51.64
CA ALA C 38 -44.07 -122.18 51.92
C ALA C 38 -43.37 -122.50 53.23
N SER C 39 -44.12 -122.91 54.26
CA SER C 39 -43.53 -123.23 55.54
C SER C 39 -44.43 -124.22 56.27
N GLY C 40 -43.84 -124.93 57.24
CA GLY C 40 -44.56 -125.90 58.02
C GLY C 40 -44.79 -125.45 59.45
N PRO C 41 -45.83 -125.95 60.08
CA PRO C 41 -46.12 -125.58 61.47
C PRO C 41 -45.02 -126.07 62.41
N LEU C 42 -44.79 -125.28 63.45
CA LEU C 42 -43.79 -125.60 64.47
C LEU C 42 -44.36 -126.34 65.66
N GLN C 43 -45.67 -126.60 65.67
CA GLN C 43 -46.27 -127.31 66.79
C GLN C 43 -45.72 -128.73 66.97
N PRO C 44 -45.59 -129.57 65.92
CA PRO C 44 -45.02 -130.91 66.17
C PRO C 44 -43.49 -130.90 66.13
N GLY C 45 -42.89 -130.25 67.12
CA GLY C 45 -41.45 -130.20 67.19
C GLY C 45 -40.84 -131.52 67.57
N HIS C 46 -39.59 -131.73 67.18
CA HIS C 46 -38.86 -132.95 67.45
C HIS C 46 -37.69 -132.66 68.38
N ARG C 47 -37.58 -133.45 69.45
CA ARG C 47 -36.51 -133.30 70.42
C ARG C 47 -35.42 -134.34 70.25
N VAL C 48 -35.41 -135.06 69.13
CA VAL C 48 -34.41 -136.11 68.88
C VAL C 48 -33.43 -135.61 67.83
N ASP C 49 -33.28 -134.30 67.73
CA ASP C 49 -32.34 -133.65 66.79
C ASP C 49 -32.76 -134.03 65.38
N ILE C 50 -31.84 -134.44 64.50
CA ILE C 50 -32.17 -134.76 63.12
C ILE C 50 -31.96 -136.23 62.79
N ALA C 51 -31.37 -137.02 63.71
CA ALA C 51 -31.08 -138.42 63.43
C ALA C 51 -32.33 -139.27 63.29
N ASP C 52 -33.50 -138.75 63.65
CA ASP C 52 -34.74 -139.51 63.52
C ASP C 52 -35.04 -139.82 62.06
N ALA C 53 -35.17 -138.79 61.23
CA ALA C 53 -35.44 -138.97 59.81
C ALA C 53 -34.58 -138.13 58.87
N ARG C 54 -34.03 -137.00 59.33
CA ARG C 54 -33.25 -136.15 58.43
C ARG C 54 -31.95 -136.82 58.03
N SER C 55 -31.28 -137.49 58.98
CA SER C 55 -30.06 -138.21 58.65
C SER C 55 -30.33 -139.34 57.67
N ILE C 56 -31.44 -140.06 57.86
CA ILE C 56 -31.80 -141.14 56.95
C ILE C 56 -32.07 -140.58 55.56
N TYR C 57 -32.81 -139.47 55.47
CA TYR C 57 -33.09 -138.87 54.18
C TYR C 57 -31.81 -138.42 53.49
N THR C 58 -30.89 -137.79 54.24
CA THR C 58 -29.66 -137.31 53.63
C THR C 58 -28.78 -138.46 53.14
N VAL C 59 -28.65 -139.52 53.94
CA VAL C 59 -27.82 -140.64 53.52
C VAL C 59 -28.46 -141.36 52.33
N GLY C 60 -29.79 -141.44 52.30
CA GLY C 60 -30.46 -142.03 51.15
C GLY C 60 -30.25 -141.21 49.89
N ALA C 61 -30.34 -139.88 50.00
CA ALA C 61 -30.09 -139.02 48.85
C ALA C 61 -28.65 -139.15 48.37
N ALA C 62 -27.69 -139.22 49.32
CA ALA C 62 -26.30 -139.39 48.94
C ALA C 62 -26.07 -140.72 48.23
N ALA C 63 -26.70 -141.80 48.73
CA ALA C 63 -26.56 -143.10 48.09
C ALA C 63 -27.17 -143.09 46.69
N SER C 64 -28.33 -142.45 46.54
CA SER C 64 -28.96 -142.35 45.22
C SER C 64 -28.09 -141.56 44.26
N ALA C 65 -27.49 -140.46 44.73
CA ALA C 65 -26.60 -139.67 43.87
C ALA C 65 -25.37 -140.47 43.48
N ALA C 66 -24.79 -141.21 44.42
CA ALA C 66 -23.63 -142.04 44.10
C ALA C 66 -23.98 -143.13 43.09
N ARG C 67 -25.14 -143.76 43.25
CA ARG C 67 -25.57 -144.78 42.29
C ARG C 67 -25.80 -144.18 40.91
N ALA C 68 -26.41 -142.99 40.85
CA ALA C 68 -26.62 -142.33 39.56
C ALA C 68 -25.29 -141.98 38.91
N ARG C 69 -24.33 -141.48 39.69
CA ARG C 69 -23.02 -141.16 39.14
C ARG C 69 -22.31 -142.41 38.63
N ALA C 70 -22.40 -143.51 39.38
CA ALA C 70 -21.78 -144.75 38.94
C ALA C 70 -22.42 -145.26 37.66
N ASN C 71 -23.75 -145.17 37.55
CA ASN C 71 -24.43 -145.59 36.34
C ASN C 71 -24.04 -144.72 35.15
N HIS C 72 -23.92 -143.40 35.37
CA HIS C 72 -23.54 -142.51 34.28
C HIS C 72 -22.10 -142.76 33.83
N ASN C 73 -21.21 -143.03 34.78
CA ASN C 73 -19.81 -143.28 34.45
C ASN C 73 -19.54 -144.71 34.00
N ALA C 74 -20.54 -145.59 34.07
CA ALA C 74 -20.35 -146.96 33.63
C ALA C 74 -20.06 -147.04 32.13
N ASN C 75 -20.77 -146.24 31.33
CA ASN C 75 -20.55 -146.24 29.89
C ASN C 75 -19.24 -145.57 29.49
N THR C 76 -18.68 -144.73 30.36
CA THR C 76 -17.43 -144.04 30.08
C THR C 76 -16.27 -144.85 30.67
N ILE C 77 -15.06 -144.27 30.63
CA ILE C 77 -13.86 -144.91 31.16
C ILE C 77 -13.63 -144.42 32.57
N ARG C 78 -13.46 -145.36 33.50
CA ARG C 78 -13.25 -145.02 34.90
C ARG C 78 -11.81 -144.53 35.11
N ARG C 79 -11.60 -143.92 36.27
CA ARG C 79 -10.28 -143.39 36.63
C ARG C 79 -9.48 -144.43 37.41
N THR C 80 -8.19 -144.14 37.59
CA THR C 80 -7.30 -145.05 38.31
C THR C 80 -6.60 -144.31 39.44
N ALA C 81 -5.63 -144.97 40.07
CA ALA C 81 -4.90 -144.37 41.18
C ALA C 81 -3.77 -143.49 40.64
N MET C 82 -2.97 -142.96 41.56
CA MET C 82 -1.85 -142.09 41.21
C MET C 82 -0.49 -142.78 41.29
N PHE C 83 -0.35 -143.77 42.15
CA PHE C 83 0.92 -144.47 42.29
C PHE C 83 1.18 -145.34 41.06
N ALA C 84 2.39 -145.26 40.53
CA ALA C 84 2.78 -146.02 39.35
C ALA C 84 4.18 -146.59 39.58
N GLU C 85 4.74 -147.18 38.53
CA GLU C 85 6.08 -147.78 38.57
C GLU C 85 6.18 -148.84 39.67
N THR C 86 5.11 -149.62 39.84
CA THR C 86 5.06 -150.67 40.83
C THR C 86 4.52 -151.94 40.17
N ASP C 87 5.32 -153.00 40.17
CA ASP C 87 4.92 -154.27 39.58
C ASP C 87 5.72 -155.38 40.24
N PRO C 88 5.12 -156.55 40.45
CA PRO C 88 5.87 -157.66 41.07
C PRO C 88 7.03 -158.17 40.22
N MET C 89 7.02 -157.91 38.91
CA MET C 89 8.07 -158.41 38.01
C MET C 89 9.20 -157.39 37.88
N THR C 90 9.82 -157.08 39.00
CA THR C 90 10.96 -156.17 39.05
C THR C 90 12.29 -156.90 39.05
N TRP C 91 12.29 -158.23 38.94
CA TRP C 91 13.54 -158.98 38.96
C TRP C 91 14.41 -158.67 37.75
N LEU C 92 13.80 -158.57 36.57
CA LEU C 92 14.54 -158.30 35.34
C LEU C 92 14.60 -156.81 35.02
N ARG C 93 13.45 -156.19 34.83
CA ARG C 93 13.37 -154.77 34.51
C ARG C 93 12.14 -154.17 35.18
N PRO C 94 12.16 -152.88 35.47
CA PRO C 94 10.98 -152.22 36.05
C PRO C 94 9.96 -151.90 34.96
N THR C 95 8.79 -151.45 35.42
CA THR C 95 7.69 -151.09 34.54
C THR C 95 7.59 -149.57 34.47
N VAL C 96 7.63 -149.02 33.25
CA VAL C 96 7.56 -147.59 33.04
C VAL C 96 6.10 -147.16 33.00
N GLY C 97 5.87 -145.86 33.16
CA GLY C 97 4.54 -145.32 33.14
C GLY C 97 4.04 -145.06 31.72
N LEU C 98 2.82 -144.54 31.64
CA LEU C 98 2.18 -144.23 30.38
C LEU C 98 1.88 -142.75 30.29
N LYS C 99 1.97 -142.21 29.08
CA LYS C 99 1.70 -140.79 28.86
C LYS C 99 0.21 -140.49 29.02
N ARG C 100 -0.08 -139.24 29.36
CA ARG C 100 -1.45 -138.79 29.55
C ARG C 100 -2.04 -138.43 28.20
N THR C 101 -2.72 -139.41 27.59
CA THR C 101 -3.34 -139.24 26.28
C THR C 101 -4.80 -139.69 26.33
N PHE C 102 -5.51 -139.31 27.39
CA PHE C 102 -6.91 -139.67 27.53
C PHE C 102 -7.75 -138.90 26.53
N ASN C 103 -8.80 -139.57 26.04
CA ASN C 103 -9.72 -138.96 25.07
C ASN C 103 -11.15 -139.12 25.55
N PRO C 104 -12.02 -138.13 25.28
CA PRO C 104 -13.42 -138.27 25.69
C PRO C 104 -14.14 -139.45 25.07
N ARG C 105 -13.78 -139.81 23.83
CA ARG C 105 -14.42 -140.91 23.12
C ARG C 105 -13.40 -142.02 22.87
N ILE C 106 -13.83 -143.26 23.06
CA ILE C 106 -12.95 -144.40 22.82
C ILE C 106 -12.57 -144.49 21.35
N ILE C 107 -13.55 -144.32 20.46
CA ILE C 107 -13.31 -144.38 19.03
C ILE C 107 -12.70 -143.07 18.55
N ILE D 19 43.07 -84.12 136.12
CA ILE D 19 44.20 -84.00 137.03
C ILE D 19 45.44 -83.55 136.26
N ALA D 20 45.77 -84.28 135.20
CA ALA D 20 46.92 -83.97 134.36
C ALA D 20 46.48 -83.35 133.04
N GLY D 21 47.41 -82.67 132.39
CA GLY D 21 47.14 -82.04 131.11
C GLY D 21 47.51 -80.57 131.10
N LEU D 22 48.23 -80.11 132.11
CA LEU D 22 48.68 -78.73 132.23
C LEU D 22 50.20 -78.68 132.23
N PHE D 23 50.73 -77.46 132.26
CA PHE D 23 52.18 -77.28 132.28
C PHE D 23 52.78 -77.83 133.57
N ASN D 24 52.09 -77.62 134.69
CA ASN D 24 52.55 -78.11 135.99
C ASN D 24 51.41 -78.85 136.68
N ILE D 25 51.78 -79.79 137.55
CA ILE D 25 50.80 -80.59 138.28
C ILE D 25 51.01 -80.39 139.77
N PRO D 26 50.34 -79.43 140.39
CA PRO D 26 50.48 -79.25 141.84
C PRO D 26 50.02 -80.45 142.66
N ALA D 27 49.10 -81.25 142.13
CA ALA D 27 48.57 -82.43 142.82
C ALA D 27 48.01 -82.06 144.19
N GLY D 28 47.28 -80.95 144.24
CA GLY D 28 46.70 -80.48 145.48
C GLY D 28 47.62 -79.57 146.27
N ILE D 29 48.28 -80.13 147.29
CA ILE D 29 49.20 -79.39 148.13
C ILE D 29 50.52 -80.13 148.19
N ILE D 30 51.58 -79.40 148.52
CA ILE D 30 52.92 -79.97 148.61
C ILE D 30 53.01 -80.85 149.86
N PRO D 31 53.35 -82.13 149.73
CA PRO D 31 53.45 -82.98 150.91
C PRO D 31 54.61 -82.57 151.81
N THR D 32 54.43 -82.80 153.11
CA THR D 32 55.44 -82.47 154.11
C THR D 32 56.30 -83.70 154.39
N GLY D 33 57.11 -84.06 153.39
CA GLY D 33 57.98 -85.21 153.49
C GLY D 33 57.31 -86.49 153.03
N ASN D 34 56.85 -87.30 153.97
CA ASN D 34 56.19 -88.56 153.69
C ASN D 34 54.80 -88.57 154.32
N VAL D 35 54.02 -89.59 153.97
CA VAL D 35 52.66 -89.72 154.50
C VAL D 35 52.74 -90.15 155.96
N LEU D 36 52.02 -89.45 156.82
CA LEU D 36 52.01 -89.73 158.24
C LEU D 36 50.97 -90.81 158.55
N SER D 37 50.73 -91.05 159.84
CA SER D 37 49.74 -92.01 160.34
C SER D 37 50.07 -93.44 159.96
N THR D 38 51.24 -93.70 159.39
CA THR D 38 51.68 -95.03 158.98
C THR D 38 50.64 -95.70 158.08
N ILE D 39 50.40 -95.08 156.93
CA ILE D 39 49.43 -95.56 155.95
C ILE D 39 50.09 -95.58 154.58
N GLU D 40 49.52 -96.38 153.69
CA GLU D 40 50.04 -96.50 152.34
C GLU D 40 49.74 -95.24 151.53
N VAL D 41 50.60 -94.97 150.54
CA VAL D 41 50.42 -93.79 149.71
C VAL D 41 49.27 -93.96 148.72
N CYS D 42 48.83 -95.20 148.48
CA CYS D 42 47.74 -95.46 147.56
C CYS D 42 46.38 -95.51 148.28
N ALA D 43 46.25 -96.42 149.25
CA ALA D 43 45.02 -96.60 150.03
C ALA D 43 43.88 -96.88 149.05
N HIS D 44 42.80 -96.11 149.06
CA HIS D 44 41.69 -96.29 148.14
C HIS D 44 41.72 -95.19 147.09
N ARG D 45 41.68 -95.60 145.82
CA ARG D 45 41.74 -94.66 144.71
C ARG D 45 40.35 -94.07 144.47
N CYS D 46 40.18 -92.79 144.79
CA CYS D 46 38.91 -92.10 144.60
C CYS D 46 39.02 -90.95 143.60
N ILE D 47 39.99 -90.05 143.78
CA ILE D 47 40.18 -88.93 142.87
C ILE D 47 41.65 -88.86 142.46
N PHE D 48 42.49 -89.60 143.18
CA PHE D 48 43.92 -89.64 142.91
C PHE D 48 44.31 -91.02 142.42
N ASP D 49 44.96 -91.07 141.25
CA ASP D 49 45.37 -92.34 140.67
C ASP D 49 46.79 -92.32 140.11
N PHE D 50 47.52 -91.21 140.20
CA PHE D 50 48.87 -91.09 139.68
C PHE D 50 49.86 -91.08 140.83
N PHE D 51 50.87 -91.94 140.75
CA PHE D 51 51.90 -92.01 141.76
C PHE D 51 53.26 -92.17 141.09
N LYS D 52 54.26 -91.46 141.61
CA LYS D 52 55.62 -91.52 141.06
C LYS D 52 56.61 -91.21 142.17
N GLN D 53 57.52 -92.14 142.43
CA GLN D 53 58.54 -91.97 143.47
C GLN D 53 59.91 -91.95 142.80
N ILE D 54 60.75 -91.01 143.21
CA ILE D 54 62.09 -90.86 142.68
C ILE D 54 63.10 -91.13 143.79
N ARG D 55 64.33 -91.43 143.38
CA ARG D 55 65.41 -91.72 144.31
C ARG D 55 66.32 -90.51 144.53
N SER D 56 66.86 -89.94 143.46
CA SER D 56 67.76 -88.79 143.57
C SER D 56 67.57 -87.93 142.32
N ASP D 57 66.97 -86.75 142.49
CA ASP D 57 66.73 -85.80 141.41
C ASP D 57 65.91 -86.44 140.29
N ASP D 58 65.99 -85.88 139.09
CA ASP D 58 65.25 -86.38 137.94
C ASP D 58 65.96 -85.91 136.68
N ASN D 59 65.47 -86.39 135.53
CA ASN D 59 66.03 -86.02 134.24
C ASN D 59 65.19 -84.91 133.61
N SER D 60 65.52 -84.55 132.37
CA SER D 60 64.82 -83.50 131.62
C SER D 60 64.73 -82.20 132.42
N LEU D 61 65.86 -81.83 133.03
CA LEU D 61 65.90 -80.62 133.84
C LEU D 61 65.72 -79.35 133.02
N TYR D 62 65.94 -79.41 131.72
CA TYR D 62 65.77 -78.26 130.83
C TYR D 62 64.48 -78.46 130.04
N SER D 63 63.37 -78.00 130.61
CA SER D 63 62.07 -78.14 129.98
C SER D 63 61.13 -77.09 130.58
N ALA D 64 60.49 -76.30 129.71
CA ALA D 64 59.57 -75.26 130.16
C ALA D 64 58.56 -75.01 129.05
N GLN D 65 57.59 -74.15 129.34
CA GLN D 65 56.54 -73.81 128.37
C GLN D 65 56.09 -72.38 128.65
N PHE D 66 56.27 -71.50 127.66
CA PHE D 66 55.89 -70.11 127.80
C PHE D 66 55.63 -69.53 126.42
N ASP D 67 54.64 -68.63 126.33
CA ASP D 67 54.28 -67.97 125.07
C ASP D 67 55.10 -66.70 124.95
N ILE D 68 56.26 -66.81 124.31
CA ILE D 68 57.13 -65.65 124.15
C ILE D 68 56.63 -64.78 122.99
N LEU D 69 57.05 -63.52 123.00
CA LEU D 69 56.64 -62.57 121.97
C LEU D 69 57.65 -61.45 121.93
N LEU D 70 58.25 -61.21 120.76
CA LEU D 70 59.24 -60.16 120.57
C LEU D 70 58.66 -59.13 119.61
N GLY D 71 58.27 -57.99 120.14
CA GLY D 71 57.71 -56.93 119.30
C GLY D 71 56.22 -57.10 119.08
N THR D 72 55.53 -55.97 119.02
CA THR D 72 54.07 -55.94 118.79
C THR D 72 53.82 -55.55 117.34
N TYR D 73 53.48 -56.53 116.51
CA TYR D 73 53.22 -56.27 115.10
C TYR D 73 51.81 -55.70 114.92
N CYS D 74 51.70 -54.69 114.08
CA CYS D 74 50.43 -54.05 113.81
C CYS D 74 50.44 -53.48 112.40
N ASN D 75 49.24 -53.26 111.85
CA ASN D 75 49.11 -52.72 110.52
C ASN D 75 49.30 -51.21 110.52
N THR D 76 49.56 -50.66 109.34
CA THR D 76 49.77 -49.23 109.16
C THR D 76 48.67 -48.68 108.25
N LEU D 77 48.07 -47.56 108.67
CA LEU D 77 47.01 -46.91 107.92
C LEU D 77 47.40 -45.46 107.66
N ASN D 78 47.25 -45.02 106.42
CA ASN D 78 47.58 -43.65 106.07
C ASN D 78 46.59 -42.67 106.71
N PHE D 79 47.12 -41.56 107.20
CA PHE D 79 46.30 -40.54 107.86
C PHE D 79 45.71 -39.63 106.79
N VAL D 80 44.44 -39.85 106.46
CA VAL D 80 43.73 -39.06 105.45
C VAL D 80 42.51 -38.43 106.11
N ARG D 81 42.35 -37.13 105.92
CA ARG D 81 41.24 -36.37 106.48
C ARG D 81 40.48 -35.67 105.35
N PHE D 82 39.39 -35.00 105.72
CA PHE D 82 38.57 -34.27 104.76
C PHE D 82 39.13 -32.90 104.43
N LEU D 83 40.11 -32.42 105.18
CA LEU D 83 40.71 -31.09 104.93
C LEU D 83 41.81 -31.25 103.89
N GLU D 84 41.39 -31.36 102.63
CA GLU D 84 42.30 -31.52 101.51
C GLU D 84 42.03 -30.44 100.47
N LEU D 85 43.07 -30.10 99.71
CA LEU D 85 42.94 -29.06 98.70
C LEU D 85 42.15 -29.53 97.48
N GLY D 86 41.97 -30.85 97.32
CA GLY D 86 41.23 -31.33 96.17
C GLY D 86 39.79 -30.88 96.17
N LEU D 87 39.11 -30.99 97.31
CA LEU D 87 37.73 -30.53 97.41
C LEU D 87 37.63 -29.03 97.21
N SER D 88 38.57 -28.28 97.79
CA SER D 88 38.54 -26.82 97.65
C SER D 88 38.78 -26.38 96.22
N VAL D 89 39.60 -27.12 95.47
CA VAL D 89 39.86 -26.76 94.08
C VAL D 89 38.82 -27.32 93.12
N ALA D 90 38.06 -28.34 93.53
CA ALA D 90 37.01 -28.89 92.69
C ALA D 90 35.68 -28.17 92.85
N CYS D 91 35.27 -27.90 94.09
CA CYS D 91 34.01 -27.23 94.38
C CYS D 91 34.28 -25.93 95.13
N ILE D 92 33.21 -25.20 95.42
CA ILE D 92 33.31 -23.94 96.14
C ILE D 92 33.39 -24.23 97.64
N CYS D 93 34.42 -23.69 98.29
CA CYS D 93 34.63 -23.90 99.72
C CYS D 93 34.20 -22.66 100.49
N THR D 94 33.31 -22.85 101.46
CA THR D 94 32.84 -21.76 102.30
C THR D 94 32.50 -22.30 103.68
N LYS D 95 32.50 -21.41 104.66
CA LYS D 95 32.23 -21.75 106.04
C LYS D 95 31.09 -20.89 106.57
N PHE D 96 30.11 -21.53 107.21
CA PHE D 96 28.96 -20.85 107.79
C PHE D 96 28.76 -21.35 109.22
N PRO D 97 29.65 -20.95 110.14
CA PRO D 97 29.51 -21.42 111.53
C PRO D 97 28.25 -20.92 112.21
N GLU D 98 27.76 -19.74 111.85
CA GLU D 98 26.59 -19.16 112.50
C GLU D 98 25.33 -19.62 111.76
N LEU D 99 24.86 -20.81 112.15
CA LEU D 99 23.62 -21.36 111.59
C LEU D 99 22.95 -22.19 112.69
N ALA D 100 22.04 -21.55 113.41
CA ALA D 100 21.31 -22.23 114.47
C ALA D 100 19.82 -21.91 114.52
N TYR D 101 19.35 -20.86 113.84
CA TYR D 101 17.94 -20.49 113.89
C TYR D 101 17.34 -20.21 112.52
N VAL D 102 18.14 -20.08 111.46
CA VAL D 102 17.65 -19.78 110.13
C VAL D 102 17.67 -21.06 109.30
N ARG D 103 16.55 -21.36 108.64
CA ARG D 103 16.44 -22.56 107.83
C ARG D 103 15.45 -22.32 106.72
N ASP D 104 15.48 -23.20 105.71
CA ASP D 104 14.59 -23.14 104.55
C ASP D 104 14.73 -21.81 103.82
N GLY D 105 15.94 -21.54 103.35
CA GLY D 105 16.23 -20.32 102.61
C GLY D 105 15.88 -20.44 101.14
N VAL D 106 16.13 -19.36 100.42
CA VAL D 106 15.86 -19.28 99.00
C VAL D 106 17.01 -18.55 98.31
N ILE D 107 17.31 -18.96 97.09
CA ILE D 107 18.37 -18.35 96.29
C ILE D 107 17.80 -17.99 94.92
N GLN D 108 18.04 -16.76 94.49
CA GLN D 108 17.54 -16.28 93.21
C GLN D 108 18.56 -15.33 92.61
N PHE D 109 18.91 -15.56 91.34
CA PHE D 109 19.87 -14.74 90.62
C PHE D 109 19.16 -14.04 89.46
N GLU D 110 19.35 -12.72 89.36
CA GLU D 110 18.74 -11.93 88.31
C GLU D 110 19.66 -11.89 87.10
N VAL D 111 19.22 -12.46 85.99
CA VAL D 111 19.98 -12.50 84.75
C VAL D 111 19.14 -11.88 83.65
N GLN D 112 19.75 -10.98 82.88
CA GLN D 112 19.10 -10.28 81.78
C GLN D 112 19.69 -10.73 80.46
N GLN D 113 18.84 -11.20 79.56
CA GLN D 113 19.31 -11.66 78.26
C GLN D 113 19.77 -10.47 77.41
N PRO D 114 20.83 -10.64 76.62
CA PRO D 114 21.29 -9.55 75.77
C PRO D 114 20.27 -9.20 74.69
N MET D 115 20.28 -7.93 74.30
CA MET D 115 19.37 -7.42 73.28
C MET D 115 20.15 -7.01 72.04
N ILE D 116 19.63 -7.40 70.88
CA ILE D 116 20.25 -7.11 69.59
C ILE D 116 19.28 -6.28 68.76
N ALA D 117 19.77 -5.18 68.20
CA ALA D 117 18.97 -4.27 67.39
C ALA D 117 19.35 -4.42 65.93
N ARG D 118 18.36 -4.59 65.07
CA ARG D 118 18.56 -4.74 63.64
C ARG D 118 17.57 -3.85 62.90
N ASP D 119 17.79 -3.73 61.58
CA ASP D 119 16.95 -2.92 60.72
C ASP D 119 16.33 -3.80 59.64
N GLY D 120 15.04 -3.59 59.38
CA GLY D 120 14.32 -4.36 58.39
C GLY D 120 12.83 -4.41 58.66
N PRO D 121 12.14 -5.34 58.02
CA PRO D 121 10.68 -5.47 58.21
C PRO D 121 10.33 -6.34 59.41
N HIS D 122 10.83 -5.95 60.58
CA HIS D 122 10.59 -6.66 61.83
C HIS D 122 10.32 -5.65 62.94
N PRO D 123 9.56 -6.03 63.95
CA PRO D 123 9.30 -5.11 65.06
C PRO D 123 10.57 -4.78 65.83
N VAL D 124 10.58 -3.59 66.43
CA VAL D 124 11.73 -3.13 67.19
C VAL D 124 11.93 -4.03 68.41
N ASP D 125 13.17 -4.43 68.64
CA ASP D 125 13.47 -5.32 69.76
C ASP D 125 13.32 -4.59 71.09
N GLN D 126 12.98 -5.35 72.12
CA GLN D 126 12.80 -4.83 73.47
C GLN D 126 13.53 -5.72 74.46
N PRO D 127 14.00 -5.17 75.58
CA PRO D 127 14.68 -5.98 76.58
C PRO D 127 13.74 -7.05 77.15
N VAL D 128 14.29 -8.22 77.43
CA VAL D 128 13.55 -9.36 77.95
C VAL D 128 14.13 -9.72 79.31
N HIS D 129 13.26 -9.83 80.31
CA HIS D 129 13.65 -10.21 81.66
C HIS D 129 12.96 -11.50 82.04
N ASN D 130 13.74 -12.48 82.49
CA ASN D 130 13.21 -13.78 82.88
C ASN D 130 13.80 -14.18 84.24
N TYR D 131 13.02 -14.96 84.99
CA TYR D 131 13.43 -15.44 86.30
C TYR D 131 13.25 -16.94 86.37
N MET D 132 14.21 -17.62 86.98
CA MET D 132 14.18 -19.06 87.14
C MET D 132 13.77 -19.42 88.57
N VAL D 133 13.67 -20.73 88.83
CA VAL D 133 13.28 -21.25 90.13
C VAL D 133 14.43 -22.10 90.67
N LYS D 134 14.84 -21.85 91.91
CA LYS D 134 15.90 -22.59 92.56
C LYS D 134 15.42 -23.01 93.94
N ARG D 135 15.35 -24.31 94.17
CA ARG D 135 14.89 -24.88 95.43
C ARG D 135 16.01 -25.69 96.07
N ILE D 136 15.78 -26.07 97.33
CA ILE D 136 16.76 -26.87 98.07
C ILE D 136 16.15 -28.24 98.37
N HIS D 137 16.95 -29.13 98.96
CA HIS D 137 16.52 -30.47 99.29
C HIS D 137 16.17 -30.56 100.77
N LYS D 138 15.07 -31.26 101.07
CA LYS D 138 14.60 -31.44 102.43
C LYS D 138 14.69 -32.91 102.81
N ARG D 139 15.32 -33.19 103.94
CA ARG D 139 15.51 -34.55 104.44
C ARG D 139 15.06 -34.61 105.89
N SER D 140 15.24 -35.78 106.50
CA SER D 140 14.87 -36.03 107.89
C SER D 140 16.13 -36.37 108.69
N LEU D 141 15.92 -36.72 109.96
CA LEU D 141 17.00 -37.08 110.86
C LEU D 141 16.67 -38.38 111.58
N SER D 142 17.72 -39.14 111.91
CA SER D 142 17.56 -40.41 112.60
C SER D 142 18.83 -40.72 113.37
N ALA D 143 18.66 -41.38 114.51
CA ALA D 143 19.79 -41.75 115.36
C ALA D 143 19.43 -43.03 116.11
N ALA D 144 20.35 -43.99 116.10
CA ALA D 144 20.14 -45.27 116.78
C ALA D 144 21.49 -45.86 117.13
N PHE D 145 21.71 -46.12 118.41
CA PHE D 145 22.96 -46.73 118.89
C PHE D 145 22.61 -47.59 120.10
N ALA D 146 22.37 -48.88 119.85
CA ALA D 146 21.98 -49.81 120.91
C ALA D 146 23.20 -50.56 121.44
N ILE D 147 24.19 -49.79 121.90
CA ILE D 147 25.39 -50.33 122.53
C ILE D 147 25.56 -49.61 123.86
N ALA D 148 25.00 -50.19 124.93
CA ALA D 148 25.10 -49.61 126.25
C ALA D 148 25.46 -50.60 127.35
N SER D 149 25.23 -51.91 127.15
CA SER D 149 25.50 -52.88 128.21
C SER D 149 26.99 -52.94 128.53
N GLU D 150 27.84 -52.97 127.50
CA GLU D 150 29.28 -53.00 127.73
C GLU D 150 29.76 -51.74 128.44
N ALA D 151 29.27 -50.57 128.00
CA ALA D 151 29.68 -49.33 128.63
C ALA D 151 29.25 -49.27 130.09
N LEU D 152 28.02 -49.73 130.39
CA LEU D 152 27.55 -49.78 131.77
C LEU D 152 28.40 -50.72 132.61
N SER D 153 28.68 -51.92 132.08
CA SER D 153 29.47 -52.88 132.82
C SER D 153 30.91 -52.39 133.03
N LEU D 154 31.40 -51.53 132.14
CA LEU D 154 32.76 -51.05 132.27
C LEU D 154 32.87 -49.86 133.22
N LEU D 155 31.94 -48.90 133.13
CA LEU D 155 32.02 -47.65 133.88
C LEU D 155 30.71 -47.38 134.61
N SER D 156 30.19 -48.40 135.30
CA SER D 156 28.94 -48.24 136.03
C SER D 156 29.05 -47.22 137.16
N ASN D 157 29.84 -47.53 138.19
CA ASN D 157 30.03 -46.62 139.32
C ASN D 157 31.48 -46.17 139.46
N THR D 158 32.41 -47.11 139.60
CA THR D 158 33.84 -46.84 139.76
C THR D 158 34.13 -45.81 140.84
N TYR D 159 35.33 -45.24 140.83
CA TYR D 159 35.77 -44.17 141.72
C TYR D 159 35.78 -44.59 143.19
N VAL D 160 35.61 -45.88 143.48
CA VAL D 160 35.61 -46.37 144.86
C VAL D 160 36.52 -47.57 144.98
N ASP D 161 36.95 -48.11 143.83
CA ASP D 161 37.79 -49.29 143.83
C ASP D 161 39.21 -48.97 144.29
N GLY D 162 39.84 -49.95 144.93
CA GLY D 162 41.21 -49.77 145.41
C GLY D 162 42.10 -50.94 145.05
N THR D 163 41.53 -51.98 144.43
CA THR D 163 42.30 -53.15 144.04
C THR D 163 43.04 -52.89 142.73
N GLU D 164 43.94 -53.82 142.39
CA GLU D 164 44.77 -53.67 141.19
C GLU D 164 44.19 -54.35 139.96
N ILE D 165 43.37 -55.38 140.13
CA ILE D 165 42.77 -56.05 138.98
C ILE D 165 41.75 -55.14 138.30
N ASP D 166 40.89 -54.50 139.10
CA ASP D 166 39.92 -53.57 138.54
C ASP D 166 40.60 -52.36 137.93
N SER D 167 41.75 -51.94 138.48
CA SER D 167 42.50 -50.85 137.85
C SER D 167 42.99 -51.26 136.46
N SER D 168 43.49 -52.48 136.33
CA SER D 168 43.91 -52.98 135.01
C SER D 168 42.72 -53.08 134.07
N LEU D 169 41.56 -53.51 134.58
CA LEU D 169 40.36 -53.57 133.75
C LEU D 169 39.95 -52.18 133.27
N ARG D 170 40.03 -51.18 134.16
CA ARG D 170 39.71 -49.82 133.78
C ARG D 170 40.70 -49.28 132.75
N ILE D 171 41.98 -49.61 132.90
CA ILE D 171 42.98 -49.18 131.92
C ILE D 171 42.68 -49.81 130.56
N ARG D 172 42.34 -51.10 130.55
CA ARG D 172 42.00 -51.77 129.31
C ARG D 172 40.76 -51.15 128.67
N ALA D 173 39.76 -50.82 129.48
CA ALA D 173 38.55 -50.18 128.97
C ALA D 173 38.86 -48.81 128.38
N ILE D 174 39.74 -48.06 129.04
CA ILE D 174 40.14 -46.75 128.52
C ILE D 174 40.85 -46.90 127.18
N GLN D 175 41.75 -47.87 127.08
CA GLN D 175 42.43 -48.11 125.81
C GLN D 175 41.44 -48.51 124.72
N GLN D 176 40.48 -49.37 125.07
CA GLN D 176 39.48 -49.81 124.09
C GLN D 176 38.62 -48.66 123.61
N MET D 177 38.19 -47.79 124.54
CA MET D 177 37.36 -46.65 124.13
C MET D 177 38.16 -45.63 123.34
N ALA D 178 39.45 -45.47 123.65
CA ALA D 178 40.29 -44.59 122.84
C ALA D 178 40.44 -45.14 121.42
N ARG D 179 40.64 -46.46 121.29
CA ARG D 179 40.71 -47.08 119.97
C ARG D 179 39.39 -46.92 119.22
N ASN D 180 38.26 -47.08 119.93
CA ASN D 180 36.96 -46.90 119.31
C ASN D 180 36.77 -45.47 118.83
N LEU D 181 37.19 -44.48 119.64
CA LEU D 181 37.10 -43.10 119.22
C LEU D 181 37.97 -42.83 117.99
N ARG D 182 39.19 -43.40 117.96
CA ARG D 182 40.05 -43.23 116.80
C ARG D 182 39.44 -43.83 115.56
N THR D 183 38.86 -45.04 115.67
CA THR D 183 38.23 -45.66 114.52
C THR D 183 36.99 -44.90 114.07
N VAL D 184 36.24 -44.32 115.00
CA VAL D 184 35.09 -43.50 114.63
C VAL D 184 35.56 -42.26 113.89
N LEU D 185 36.62 -41.61 114.36
CA LEU D 185 37.17 -40.45 113.67
C LEU D 185 37.71 -40.82 112.30
N ASP D 186 38.19 -42.06 112.13
CA ASP D 186 38.65 -42.51 110.82
C ASP D 186 37.50 -42.81 109.88
N SER D 187 36.42 -43.40 110.40
CA SER D 187 35.31 -43.87 109.57
C SER D 187 34.20 -42.84 109.38
N PHE D 188 34.26 -41.69 110.05
CA PHE D 188 33.25 -40.66 109.80
C PHE D 188 33.33 -40.14 108.38
N GLU D 189 34.48 -40.27 107.72
CA GLU D 189 34.65 -39.92 106.32
C GLU D 189 34.65 -41.15 105.42
N ARG D 190 34.29 -42.32 105.95
CA ARG D 190 34.34 -43.56 105.19
C ARG D 190 33.07 -44.39 105.27
N GLY D 191 32.08 -44.00 106.08
CA GLY D 191 30.91 -44.86 106.25
C GLY D 191 29.72 -44.86 105.30
N THR D 192 28.86 -43.82 105.32
CA THR D 192 27.59 -43.91 104.59
C THR D 192 27.13 -42.66 103.85
N ALA D 193 27.46 -41.45 104.31
CA ALA D 193 26.74 -40.26 103.86
C ALA D 193 27.39 -39.54 102.70
N ASP D 194 28.50 -40.05 102.15
CA ASP D 194 29.02 -39.47 100.92
C ASP D 194 28.04 -39.68 99.76
N GLN D 195 27.37 -40.83 99.74
CA GLN D 195 26.36 -41.13 98.73
C GLN D 195 25.02 -41.53 99.32
N LEU D 196 24.89 -41.59 100.65
CA LEU D 196 23.57 -41.83 101.24
C LEU D 196 22.60 -40.72 100.88
N LEU D 197 23.05 -39.47 100.95
CA LEU D 197 22.26 -38.32 100.51
C LEU D 197 22.67 -37.93 99.10
N GLY D 198 22.23 -38.77 98.15
CA GLY D 198 22.61 -38.60 96.76
C GLY D 198 21.72 -37.64 96.00
N VAL D 199 21.34 -36.53 96.63
CA VAL D 199 20.53 -35.52 95.95
C VAL D 199 21.42 -34.61 95.10
N LEU D 200 22.53 -34.16 95.67
CA LEU D 200 23.43 -33.29 94.93
C LEU D 200 24.42 -34.06 94.06
N LEU D 201 24.77 -35.28 94.48
CA LEU D 201 25.74 -36.09 93.76
C LEU D 201 25.06 -37.00 92.74
N GLU D 202 24.24 -36.41 91.87
CA GLU D 202 23.55 -37.16 90.82
C GLU D 202 23.38 -36.22 89.62
N LYS D 203 24.33 -36.28 88.69
CA LYS D 203 24.28 -35.44 87.49
C LYS D 203 25.08 -36.15 86.40
N ALA D 204 24.39 -36.78 85.47
CA ALA D 204 24.99 -37.47 84.33
C ALA D 204 24.28 -37.06 83.06
N PRO D 205 24.48 -35.83 82.60
CA PRO D 205 23.80 -35.38 81.39
C PRO D 205 24.60 -35.72 80.14
N PRO D 206 24.01 -36.45 79.20
CA PRO D 206 24.73 -36.76 77.95
C PRO D 206 24.81 -35.55 77.03
N LEU D 207 26.00 -34.96 76.92
CA LEU D 207 26.17 -33.76 76.10
C LEU D 207 27.40 -33.81 75.21
N SER D 208 28.27 -34.82 75.33
CA SER D 208 29.48 -34.87 74.53
C SER D 208 29.16 -34.95 73.04
N LEU D 209 28.17 -35.76 72.67
CA LEU D 209 27.76 -35.90 71.28
C LEU D 209 26.69 -34.90 70.87
N LEU D 210 26.19 -34.08 71.80
CA LEU D 210 25.14 -33.12 71.52
C LEU D 210 25.63 -31.67 71.48
N SER D 211 26.80 -31.38 72.06
CA SER D 211 27.29 -30.00 72.07
C SER D 211 27.44 -29.40 70.67
N PRO D 212 28.08 -30.07 69.70
CA PRO D 212 28.15 -29.46 68.36
C PRO D 212 26.79 -29.22 67.72
N ILE D 213 25.82 -30.09 67.96
CA ILE D 213 24.52 -29.95 67.31
C ILE D 213 23.75 -28.73 67.82
N ASN D 214 24.07 -28.25 69.02
CA ASN D 214 23.49 -27.00 69.51
C ASN D 214 24.39 -25.80 69.30
N LYS D 215 25.69 -26.00 69.16
CA LYS D 215 26.59 -24.90 68.87
C LYS D 215 26.49 -24.46 67.42
N PHE D 216 26.25 -25.40 66.49
CA PHE D 216 26.14 -25.04 65.08
C PHE D 216 24.92 -24.17 64.81
N GLN D 217 23.79 -24.50 65.42
CA GLN D 217 22.56 -23.75 65.18
C GLN D 217 22.58 -22.44 65.95
N PRO D 218 22.37 -21.30 65.29
CA PRO D 218 22.31 -20.04 66.05
C PRO D 218 21.02 -19.89 66.85
N GLU D 219 19.89 -20.28 66.28
CA GLU D 219 18.59 -20.19 66.95
C GLU D 219 17.91 -21.54 67.12
N GLY D 220 18.02 -22.44 66.15
CA GLY D 220 17.41 -23.74 66.26
C GLY D 220 15.95 -23.81 65.84
N HIS D 221 15.38 -22.72 65.33
CA HIS D 221 13.98 -22.69 64.91
C HIS D 221 13.91 -23.25 63.49
N LEU D 222 13.91 -24.57 63.41
CA LEU D 222 13.82 -25.28 62.14
C LEU D 222 12.42 -25.87 61.96
N ASN D 223 12.19 -26.48 60.80
CA ASN D 223 10.90 -27.06 60.49
C ASN D 223 10.83 -28.50 61.02
N ARG D 224 9.65 -29.11 60.86
CA ARG D 224 9.45 -30.46 61.37
C ARG D 224 10.33 -31.47 60.65
N VAL D 225 10.48 -31.32 59.33
CA VAL D 225 11.32 -32.24 58.58
C VAL D 225 12.78 -32.13 59.02
N ALA D 226 13.26 -30.90 59.20
CA ALA D 226 14.63 -30.70 59.66
C ALA D 226 14.84 -31.26 61.06
N ARG D 227 13.86 -31.05 61.94
CA ARG D 227 13.98 -31.58 63.30
C ARG D 227 14.01 -33.10 63.29
N ALA D 228 13.15 -33.73 62.48
CA ALA D 228 13.14 -35.18 62.40
C ALA D 228 14.45 -35.71 61.82
N ALA D 229 14.99 -35.05 60.79
CA ALA D 229 16.25 -35.47 60.22
C ALA D 229 17.39 -35.34 61.24
N LEU D 230 17.40 -34.24 62.00
CA LEU D 230 18.43 -34.08 63.03
C LEU D 230 18.30 -35.14 64.11
N LEU D 231 17.08 -35.46 64.53
CA LEU D 231 16.89 -36.50 65.53
C LEU D 231 17.34 -37.86 65.01
N SER D 232 17.03 -38.18 63.76
CA SER D 232 17.47 -39.45 63.18
C SER D 232 19.00 -39.50 63.07
N ASP D 233 19.62 -38.40 62.67
CA ASP D 233 21.07 -38.36 62.60
C ASP D 233 21.70 -38.54 63.97
N LEU D 234 21.14 -37.90 65.00
CA LEU D 234 21.65 -38.06 66.35
C LEU D 234 21.50 -39.49 66.83
N LYS D 235 20.35 -40.12 66.55
CA LYS D 235 20.14 -41.51 66.94
C LYS D 235 21.14 -42.43 66.24
N ARG D 236 21.38 -42.20 64.94
CA ARG D 236 22.35 -43.01 64.21
C ARG D 236 23.75 -42.83 64.77
N ARG D 237 24.12 -41.59 65.10
CA ARG D 237 25.45 -41.34 65.67
C ARG D 237 25.59 -42.01 67.03
N VAL D 238 24.54 -41.96 67.86
CA VAL D 238 24.59 -42.62 69.16
C VAL D 238 24.74 -44.14 68.97
N CYS D 239 23.99 -44.71 68.03
CA CYS D 239 24.06 -46.14 67.78
C CYS D 239 25.44 -46.56 67.28
N ALA D 240 26.04 -45.75 66.41
CA ALA D 240 27.32 -46.08 65.80
C ALA D 240 28.51 -45.52 66.56
N ASP D 241 28.29 -44.92 67.73
CA ASP D 241 29.39 -44.38 68.53
C ASP D 241 30.40 -45.47 68.88
N MET D 242 29.96 -46.46 69.66
CA MET D 242 30.79 -47.60 70.07
C MET D 242 31.99 -47.15 70.90
N PHE D 243 32.81 -48.10 71.33
CA PHE D 243 34.01 -47.82 72.12
C PHE D 243 35.28 -48.12 71.31
N PHE D 244 35.24 -47.83 70.01
CA PHE D 244 36.40 -48.09 69.16
C PHE D 244 37.56 -47.19 69.54
N MET D 245 37.28 -45.94 69.91
CA MET D 245 38.34 -45.01 70.29
C MET D 245 39.08 -45.45 71.54
N THR D 246 38.48 -46.30 72.36
CA THR D 246 39.13 -46.81 73.57
C THR D 246 39.61 -48.24 73.42
N ARG D 247 39.09 -48.99 72.45
CA ARG D 247 39.49 -50.37 72.24
C ARG D 247 40.54 -50.54 71.14
N HIS D 248 40.76 -49.52 70.31
CA HIS D 248 41.73 -49.60 69.24
C HIS D 248 42.85 -48.58 69.38
N ALA D 249 42.50 -47.31 69.64
CA ALA D 249 43.48 -46.22 69.78
C ALA D 249 44.37 -46.12 68.55
N ARG D 250 43.74 -45.88 67.40
CA ARG D 250 44.47 -45.80 66.15
C ARG D 250 45.11 -44.42 65.97
N GLU D 251 44.31 -43.37 65.97
CA GLU D 251 44.79 -42.00 65.81
C GLU D 251 44.27 -41.15 66.95
N PRO D 252 45.11 -40.32 67.56
CA PRO D 252 44.64 -39.46 68.66
C PRO D 252 43.99 -38.16 68.20
N ARG D 253 43.86 -37.94 66.90
CA ARG D 253 43.25 -36.70 66.42
C ARG D 253 41.80 -36.59 66.85
N LEU D 254 41.04 -37.68 66.72
CA LEU D 254 39.63 -37.66 67.14
C LEU D 254 39.51 -37.48 68.65
N ILE D 255 40.40 -38.10 69.42
CA ILE D 255 40.38 -37.94 70.87
C ILE D 255 40.65 -36.49 71.25
N SER D 256 41.65 -35.88 70.60
CA SER D 256 41.96 -34.48 70.90
C SER D 256 40.81 -33.56 70.49
N ALA D 257 40.16 -33.84 69.35
CA ALA D 257 39.03 -33.04 68.93
C ALA D 257 37.88 -33.16 69.92
N TYR D 258 37.60 -34.37 70.40
CA TYR D 258 36.54 -34.56 71.39
C TYR D 258 36.87 -33.85 72.69
N LEU D 259 38.13 -33.92 73.12
CA LEU D 259 38.54 -33.23 74.34
C LEU D 259 38.39 -31.72 74.20
N SER D 260 38.78 -31.17 73.05
CA SER D 260 38.62 -29.73 72.83
C SER D 260 37.15 -29.35 72.80
N ASP D 261 36.30 -30.17 72.17
CA ASP D 261 34.87 -29.89 72.12
C ASP D 261 34.26 -29.91 73.52
N MET D 262 34.65 -30.88 74.35
CA MET D 262 34.10 -30.95 75.70
C MET D 262 34.65 -29.85 76.59
N VAL D 263 35.88 -29.37 76.31
CA VAL D 263 36.42 -28.25 77.07
C VAL D 263 35.69 -26.97 76.71
N SER D 264 35.43 -26.75 75.42
CA SER D 264 34.75 -25.54 74.95
C SER D 264 33.24 -25.62 75.08
N CYS D 265 32.71 -26.58 75.85
CA CYS D 265 31.28 -26.73 76.02
C CYS D 265 30.76 -26.02 77.26
N THR D 266 31.55 -25.98 78.33
CA THR D 266 31.12 -25.32 79.56
C THR D 266 31.05 -23.81 79.36
N GLN D 267 30.10 -23.19 80.06
CA GLN D 267 29.93 -21.75 79.96
C GLN D 267 31.11 -21.03 80.61
N PRO D 268 31.51 -19.88 80.07
CA PRO D 268 32.62 -19.14 80.66
C PRO D 268 32.27 -18.59 82.03
N SER D 269 33.29 -18.42 82.86
CA SER D 269 33.09 -17.91 84.21
C SER D 269 32.73 -16.42 84.17
N VAL D 270 32.07 -15.97 85.23
CA VAL D 270 31.65 -14.58 85.31
C VAL D 270 32.87 -13.68 85.51
N MET D 271 32.69 -12.40 85.15
CA MET D 271 33.78 -11.43 85.29
C MET D 271 34.15 -11.23 86.75
N VAL D 272 33.15 -11.15 87.64
CA VAL D 272 33.41 -10.94 89.05
C VAL D 272 33.90 -12.24 89.67
N SER D 273 35.01 -12.15 90.40
CA SER D 273 35.61 -13.32 91.04
C SER D 273 36.45 -12.83 92.22
N ARG D 274 37.26 -13.72 92.77
CA ARG D 274 38.13 -13.41 93.91
C ARG D 274 39.41 -14.21 93.76
N ILE D 275 40.24 -14.18 94.82
CA ILE D 275 41.51 -14.91 94.82
C ILE D 275 41.19 -16.38 95.06
N THR D 276 41.18 -17.17 93.99
CA THR D 276 40.90 -18.59 94.08
C THR D 276 42.20 -19.38 94.25
N HIS D 277 42.05 -20.67 94.54
CA HIS D 277 43.20 -21.55 94.71
C HIS D 277 43.86 -21.80 93.36
N THR D 278 45.09 -21.36 93.21
CA THR D 278 45.84 -21.51 91.97
C THR D 278 47.22 -22.10 92.28
N ASN D 279 47.91 -22.52 91.23
CA ASN D 279 49.23 -23.13 91.36
C ASN D 279 50.28 -22.03 91.53
N THR D 280 51.56 -22.42 91.49
CA THR D 280 52.64 -21.45 91.63
C THR D 280 52.72 -20.51 90.44
N ARG D 281 52.34 -20.98 89.25
CA ARG D 281 52.41 -20.15 88.05
C ARG D 281 51.24 -19.18 87.94
N GLY D 282 50.22 -19.31 88.78
CA GLY D 282 49.08 -18.42 88.74
C GLY D 282 48.00 -18.79 87.74
N ARG D 283 48.17 -19.87 86.99
CA ARG D 283 47.19 -20.28 86.01
C ARG D 283 46.08 -21.08 86.68
N GLN D 284 44.83 -20.72 86.40
CA GLN D 284 43.70 -21.40 86.98
C GLN D 284 43.55 -22.80 86.38
N VAL D 285 42.97 -23.71 87.16
CA VAL D 285 42.75 -25.09 86.74
C VAL D 285 41.25 -25.36 86.73
N ASP D 286 40.88 -26.46 86.07
CA ASP D 286 39.48 -26.85 85.94
C ASP D 286 39.02 -27.80 87.05
N GLY D 287 39.88 -28.11 88.01
CA GLY D 287 39.53 -28.99 89.11
C GLY D 287 40.33 -30.28 89.07
N VAL D 288 39.71 -31.34 89.58
CA VAL D 288 40.32 -32.67 89.65
C VAL D 288 39.48 -33.63 88.83
N LEU D 289 40.13 -34.35 87.91
CA LEU D 289 39.44 -35.31 87.05
C LEU D 289 39.38 -36.67 87.72
N VAL D 290 38.24 -37.34 87.59
CA VAL D 290 38.02 -38.67 88.13
C VAL D 290 37.80 -39.64 86.99
N THR D 291 38.54 -40.75 87.00
CA THR D 291 38.45 -41.75 85.94
C THR D 291 38.89 -43.09 86.49
N THR D 292 38.58 -44.14 85.75
CA THR D 292 38.99 -45.49 86.14
C THR D 292 40.50 -45.62 86.13
N ALA D 293 41.01 -46.45 87.05
CA ALA D 293 42.46 -46.63 87.16
C ALA D 293 43.05 -47.23 85.89
N THR D 294 42.37 -48.23 85.31
CA THR D 294 42.87 -48.85 84.09
C THR D 294 42.86 -47.85 82.93
N LEU D 295 41.79 -47.05 82.83
CA LEU D 295 41.73 -46.04 81.77
C LEU D 295 42.83 -45.00 81.93
N LYS D 296 43.07 -44.56 83.17
CA LYS D 296 44.14 -43.59 83.41
C LYS D 296 45.50 -44.19 83.07
N ARG D 297 45.73 -45.45 83.43
CA ARG D 297 47.00 -46.10 83.13
C ARG D 297 47.20 -46.22 81.62
N GLN D 298 46.16 -46.62 80.89
CA GLN D 298 46.29 -46.76 79.44
C GLN D 298 46.49 -45.40 78.77
N LEU D 299 45.82 -44.36 79.28
CA LEU D 299 46.02 -43.02 78.74
C LEU D 299 47.46 -42.55 78.98
N LEU D 300 47.99 -42.79 80.18
CA LEU D 300 49.36 -42.42 80.48
C LEU D 300 50.34 -43.18 79.60
N GLN D 301 50.07 -44.46 79.36
CA GLN D 301 50.94 -45.26 78.50
C GLN D 301 50.88 -44.81 77.05
N GLY D 302 49.72 -44.36 76.58
CA GLY D 302 49.57 -44.03 75.18
C GLY D 302 49.86 -42.60 74.79
N ILE D 303 49.19 -41.64 75.43
CA ILE D 303 49.28 -40.25 75.00
C ILE D 303 49.72 -39.35 76.15
N LEU D 304 48.97 -39.38 77.25
CA LEU D 304 49.22 -38.46 78.36
C LEU D 304 50.58 -38.73 78.99
N GLN D 305 51.28 -37.65 79.33
CA GLN D 305 52.58 -37.73 79.99
C GLN D 305 52.64 -36.71 81.10
N ILE D 306 53.48 -36.99 82.10
CA ILE D 306 53.68 -36.10 83.24
C ILE D 306 55.17 -35.83 83.39
N ASP D 307 55.54 -34.56 83.41
CA ASP D 307 56.94 -34.18 83.57
C ASP D 307 57.14 -32.99 84.50
N ASP D 308 56.11 -32.57 85.23
CA ASP D 308 56.24 -31.42 86.13
C ASP D 308 55.16 -31.52 87.20
N THR D 309 55.38 -30.78 88.28
CA THR D 309 54.43 -30.74 89.39
C THR D 309 54.60 -29.44 90.16
N ALA D 310 53.49 -28.86 90.59
CA ALA D 310 53.51 -27.62 91.34
C ALA D 310 52.19 -27.45 92.06
N ALA D 311 52.25 -27.01 93.31
CA ALA D 311 51.05 -26.80 94.11
C ALA D 311 51.37 -25.83 95.24
N ASP D 312 50.52 -24.82 95.42
CA ASP D 312 50.70 -23.83 96.48
C ASP D 312 49.33 -23.25 96.80
N VAL D 313 48.75 -23.68 97.92
CA VAL D 313 47.41 -23.23 98.33
C VAL D 313 47.47 -22.76 99.77
N PRO D 314 46.65 -21.79 100.17
CA PRO D 314 46.65 -21.32 101.55
C PRO D 314 45.82 -22.24 102.44
N VAL D 315 45.69 -21.86 103.71
CA VAL D 315 44.94 -22.64 104.68
C VAL D 315 43.57 -22.03 104.99
N THR D 316 43.34 -20.77 104.62
CA THR D 316 42.05 -20.14 104.88
C THR D 316 40.98 -20.71 103.95
N TYR D 317 39.73 -20.60 104.39
CA TYR D 317 38.58 -21.08 103.64
C TYR D 317 37.71 -19.96 103.09
N GLY D 318 37.27 -19.05 103.95
CA GLY D 318 36.44 -17.94 103.51
C GLY D 318 35.22 -17.73 104.37
N GLU D 319 34.96 -16.48 104.76
CA GLU D 319 33.81 -16.13 105.58
C GLU D 319 33.00 -15.04 104.86
N MET D 320 31.70 -15.25 104.77
CA MET D 320 30.83 -14.28 104.13
C MET D 320 30.51 -13.12 105.07
N VAL D 321 30.04 -12.02 104.48
CA VAL D 321 29.70 -10.84 105.25
C VAL D 321 28.30 -11.00 105.84
N LEU D 322 28.18 -10.76 107.14
CA LEU D 322 26.90 -10.87 107.83
C LEU D 322 26.89 -9.92 109.01
N GLN D 323 25.68 -9.59 109.47
CA GLN D 323 25.49 -8.70 110.59
C GLN D 323 24.28 -9.15 111.40
N GLY D 324 24.37 -9.02 112.73
CA GLY D 324 23.26 -9.43 113.58
C GLY D 324 22.08 -8.47 113.51
N THR D 325 22.33 -7.21 113.18
CA THR D 325 21.24 -6.25 113.07
C THR D 325 20.28 -6.63 111.95
N ASN D 326 20.81 -7.02 110.80
CA ASN D 326 19.96 -7.45 109.69
C ASN D 326 19.20 -8.72 110.05
N LEU D 327 19.86 -9.65 110.75
CA LEU D 327 19.20 -10.89 111.15
C LEU D 327 18.05 -10.60 112.12
N VAL D 328 18.24 -9.67 113.05
CA VAL D 328 17.20 -9.37 114.02
C VAL D 328 16.10 -8.49 113.43
N THR D 329 16.39 -7.71 112.39
CA THR D 329 15.38 -6.88 111.74
C THR D 329 14.69 -7.58 110.58
N ALA D 330 15.16 -8.76 110.17
CA ALA D 330 14.57 -9.49 109.06
C ALA D 330 13.43 -10.40 109.49
N LEU D 331 13.09 -10.43 110.79
CA LEU D 331 12.00 -11.28 111.24
C LEU D 331 10.66 -10.81 110.71
N VAL D 332 10.50 -9.52 110.46
CA VAL D 332 9.25 -8.96 109.94
C VAL D 332 9.40 -8.34 108.57
N MET D 333 10.62 -8.10 108.10
CA MET D 333 10.86 -7.51 106.79
C MET D 333 11.53 -8.48 105.84
N GLY D 334 12.69 -9.03 106.22
CA GLY D 334 13.39 -9.98 105.37
C GLY D 334 13.86 -9.39 104.05
N LYS D 335 14.41 -8.19 104.08
CA LYS D 335 14.89 -7.50 102.88
C LYS D 335 16.41 -7.41 102.94
N ALA D 336 17.08 -8.17 102.09
CA ALA D 336 18.55 -8.16 102.03
C ALA D 336 18.98 -8.75 100.70
N VAL D 337 19.96 -8.11 100.06
CA VAL D 337 20.50 -8.55 98.78
C VAL D 337 21.91 -9.11 98.92
N ARG D 338 22.85 -8.27 99.34
CA ARG D 338 24.24 -8.69 99.51
C ARG D 338 25.00 -7.58 100.23
N GLY D 339 25.81 -7.97 101.21
CA GLY D 339 26.67 -7.02 101.91
C GLY D 339 25.98 -6.27 103.02
N MET D 340 24.68 -6.00 102.86
CA MET D 340 23.84 -5.25 103.80
C MET D 340 24.56 -4.03 104.37
N ASP D 341 25.35 -3.35 103.53
CA ASP D 341 26.09 -2.14 103.93
C ASP D 341 26.07 -1.16 102.76
N ASP D 342 25.11 -0.25 102.77
CA ASP D 342 24.97 0.72 101.70
C ASP D 342 26.07 1.77 101.82
N VAL D 343 26.90 1.88 100.78
CA VAL D 343 27.98 2.87 100.79
C VAL D 343 27.41 4.28 100.78
N ALA D 344 26.40 4.53 99.93
CA ALA D 344 25.79 5.84 99.84
C ALA D 344 24.47 5.89 100.61
N ASN D 377 50.69 -20.06 100.93
CA ASN D 377 51.18 -20.19 102.29
C ASN D 377 51.77 -21.58 102.53
N ALA D 378 50.95 -22.49 103.04
CA ALA D 378 51.40 -23.85 103.30
C ALA D 378 51.67 -24.58 101.99
N ARG D 379 52.70 -25.40 101.99
CA ARG D 379 53.11 -26.18 100.82
C ARG D 379 52.53 -27.58 100.94
N VAL D 380 51.53 -27.89 100.11
CA VAL D 380 50.89 -29.19 100.07
C VAL D 380 51.27 -29.87 98.77
N PRO D 381 52.02 -30.97 98.81
CA PRO D 381 52.41 -31.65 97.56
C PRO D 381 51.20 -32.21 96.84
N ALA D 382 51.28 -32.19 95.50
CA ALA D 382 50.20 -32.71 94.67
C ALA D 382 50.82 -33.22 93.37
N ASP D 383 49.98 -33.48 92.38
CA ASP D 383 50.41 -33.96 91.07
C ASP D 383 49.76 -33.12 89.98
N LEU D 384 50.55 -32.78 88.96
CA LEU D 384 50.08 -31.97 87.85
C LEU D 384 50.49 -32.63 86.53
N VAL D 385 49.66 -32.42 85.51
CA VAL D 385 49.90 -32.95 84.17
C VAL D 385 49.73 -31.82 83.17
N ILE D 386 50.68 -31.71 82.24
CA ILE D 386 50.66 -30.68 81.21
C ILE D 386 50.73 -31.36 79.85
N VAL D 387 49.82 -31.00 78.96
CA VAL D 387 49.79 -31.57 77.61
C VAL D 387 49.08 -30.58 76.70
N GLY D 388 49.67 -30.34 75.53
CA GLY D 388 49.10 -29.43 74.56
C GLY D 388 48.98 -28.01 75.08
N ASP D 389 47.75 -27.54 75.25
CA ASP D 389 47.48 -26.19 75.76
C ASP D 389 46.56 -26.21 76.97
N LYS D 390 46.45 -27.34 77.65
CA LYS D 390 45.58 -27.49 78.80
C LYS D 390 46.40 -27.86 80.04
N LEU D 391 45.94 -27.40 81.19
CA LEU D 391 46.60 -27.67 82.47
C LEU D 391 45.51 -27.89 83.52
N VAL D 392 45.19 -29.15 83.79
CA VAL D 392 44.16 -29.53 84.75
C VAL D 392 44.81 -30.43 85.80
N PHE D 393 44.50 -30.15 87.07
CA PHE D 393 45.04 -30.96 88.15
C PHE D 393 44.50 -32.39 88.07
N LEU D 394 45.40 -33.35 88.27
CA LEU D 394 45.04 -34.76 88.23
C LEU D 394 45.85 -35.51 89.29
N GLU D 395 45.15 -36.17 90.20
CA GLU D 395 45.78 -36.94 91.27
C GLU D 395 45.14 -38.32 91.33
N ALA D 396 45.92 -39.29 91.84
CA ALA D 396 45.45 -40.67 91.96
C ALA D 396 44.60 -40.80 93.21
N LEU D 397 43.32 -40.47 93.06
CA LEU D 397 42.37 -40.55 94.16
C LEU D 397 41.85 -41.96 94.40
N GLU D 398 42.12 -42.89 93.47
CA GLU D 398 41.62 -44.26 93.63
C GLU D 398 42.31 -44.97 94.79
N ARG D 399 43.60 -44.70 94.99
CA ARG D 399 44.38 -45.34 96.04
C ARG D 399 44.25 -44.65 97.39
N ARG D 400 43.52 -43.52 97.46
CA ARG D 400 43.35 -42.79 98.70
C ARG D 400 41.91 -42.69 99.17
N VAL D 401 40.93 -42.82 98.29
CA VAL D 401 39.52 -42.72 98.63
C VAL D 401 38.88 -44.08 98.42
N TYR D 402 38.10 -44.53 99.42
CA TYR D 402 37.35 -45.77 99.41
C TYR D 402 38.26 -46.99 99.54
N GLN D 403 39.58 -46.76 99.52
CA GLN D 403 40.61 -47.79 99.66
C GLN D 403 40.50 -48.90 98.61
N ALA D 404 39.70 -48.68 97.56
CA ALA D 404 39.50 -49.61 96.45
C ALA D 404 38.89 -50.95 96.88
N THR D 405 38.54 -51.10 98.16
CA THR D 405 37.97 -52.34 98.64
C THR D 405 36.83 -52.17 99.63
N ARG D 406 36.39 -50.94 99.91
CA ARG D 406 35.33 -50.69 100.87
C ARG D 406 33.95 -50.58 100.23
N VAL D 407 33.80 -49.73 99.22
CA VAL D 407 32.53 -49.52 98.55
C VAL D 407 32.73 -49.68 97.05
N ALA D 408 31.61 -49.91 96.35
CA ALA D 408 31.65 -50.07 94.91
C ALA D 408 32.04 -48.77 94.23
N TYR D 409 32.66 -48.91 93.07
CA TYR D 409 33.09 -47.74 92.30
C TYR D 409 31.87 -47.00 91.77
N PRO D 410 31.74 -45.69 92.03
CA PRO D 410 30.57 -44.95 91.53
C PRO D 410 30.65 -44.68 90.04
N LEU D 411 29.63 -43.98 89.51
CA LEU D 411 29.56 -43.63 88.10
C LEU D 411 29.60 -44.88 87.21
N ILE D 412 28.58 -45.73 87.38
CA ILE D 412 28.44 -46.96 86.63
C ILE D 412 27.15 -46.88 85.83
N GLY D 413 27.26 -47.03 84.51
CA GLY D 413 26.09 -46.96 83.65
C GLY D 413 25.44 -48.31 83.40
N ASN D 414 24.29 -48.26 82.73
CA ASN D 414 23.55 -49.46 82.41
C ASN D 414 22.79 -49.23 81.11
N ILE D 415 22.72 -50.26 80.28
CA ILE D 415 22.02 -50.22 79.00
C ILE D 415 20.98 -51.33 78.99
N ASP D 416 19.73 -50.97 78.74
CA ASP D 416 18.62 -51.92 78.68
C ASP D 416 18.11 -51.96 77.25
N ILE D 417 18.70 -52.85 76.45
CA ILE D 417 18.33 -53.00 75.05
C ILE D 417 17.48 -54.26 74.89
N THR D 418 16.74 -54.33 73.78
CA THR D 418 15.89 -55.46 73.50
C THR D 418 16.11 -55.91 72.06
N PHE D 419 15.87 -57.19 71.80
CA PHE D 419 16.07 -57.80 70.50
C PHE D 419 14.75 -58.36 69.98
N ILE D 420 14.55 -58.24 68.67
CA ILE D 420 13.35 -58.75 68.00
C ILE D 420 13.80 -59.63 66.84
N MET D 421 13.15 -60.78 66.67
CA MET D 421 13.48 -61.75 65.63
C MET D 421 12.26 -61.99 64.75
N PRO D 422 12.11 -61.25 63.66
CA PRO D 422 10.97 -61.47 62.77
C PRO D 422 11.07 -62.80 62.05
N MET D 423 9.90 -63.32 61.67
CA MET D 423 9.85 -64.60 60.96
C MET D 423 10.55 -64.52 59.62
N GLY D 424 10.34 -63.44 58.87
CA GLY D 424 10.97 -63.24 57.58
C GLY D 424 9.95 -63.28 56.45
N VAL D 425 10.48 -63.17 55.24
CA VAL D 425 9.69 -63.17 54.02
C VAL D 425 10.32 -64.16 53.03
N PHE D 426 9.51 -64.62 52.09
CA PHE D 426 9.94 -65.58 51.09
C PHE D 426 10.24 -64.88 49.76
N GLN D 427 10.78 -65.64 48.82
CA GLN D 427 11.11 -65.11 47.51
C GLN D 427 9.85 -64.72 46.76
N ALA D 428 9.94 -63.64 45.97
CA ALA D 428 8.81 -63.21 45.17
C ALA D 428 8.43 -64.26 44.14
N ASN D 429 9.30 -64.49 43.15
CA ASN D 429 9.06 -65.58 42.22
C ASN D 429 10.27 -66.48 42.02
N SER D 430 11.48 -65.92 41.95
CA SER D 430 12.67 -66.73 41.68
C SER D 430 13.89 -66.38 42.51
N MET D 431 13.99 -65.17 43.07
CA MET D 431 15.23 -64.69 43.68
C MET D 431 15.34 -65.23 45.11
N ASP D 432 15.85 -66.46 45.23
CA ASP D 432 16.12 -67.04 46.53
C ASP D 432 17.44 -67.81 46.60
N ARG D 433 18.16 -67.96 45.50
CA ARG D 433 19.38 -68.75 45.51
C ARG D 433 20.24 -68.37 44.32
N TYR D 434 21.50 -68.78 44.37
CA TYR D 434 22.44 -68.57 43.27
C TYR D 434 23.52 -69.62 43.37
N THR D 435 23.64 -70.48 42.35
CA THR D 435 24.60 -71.58 42.36
C THR D 435 25.96 -71.06 41.91
N ARG D 436 26.83 -70.78 42.88
CA ARG D 436 28.18 -70.33 42.57
C ARG D 436 29.10 -71.50 42.28
N HIS D 437 29.27 -72.39 43.25
CA HIS D 437 30.13 -73.57 43.10
C HIS D 437 29.36 -74.79 43.58
N ALA D 438 29.42 -75.86 42.80
CA ALA D 438 28.73 -77.09 43.15
C ALA D 438 29.42 -77.80 44.31
N GLY D 439 28.65 -78.60 45.04
CA GLY D 439 29.17 -79.32 46.18
C GLY D 439 28.69 -80.75 46.27
N ASP D 440 28.31 -81.33 45.12
CA ASP D 440 27.89 -82.72 44.99
C ASP D 440 26.53 -82.97 45.64
N PHE D 441 25.63 -83.62 44.91
CA PHE D 441 24.31 -83.96 45.41
C PHE D 441 24.30 -85.28 46.19
N SER D 442 25.43 -85.97 46.29
CA SER D 442 25.55 -87.27 46.95
C SER D 442 24.44 -88.22 46.53
N THR D 443 23.46 -88.44 47.42
CA THR D 443 22.33 -89.31 47.12
C THR D 443 21.42 -88.62 46.11
N VAL D 444 21.52 -89.03 44.85
CA VAL D 444 20.73 -88.42 43.80
C VAL D 444 19.29 -88.91 43.89
N SER D 445 18.34 -87.98 43.74
CA SER D 445 16.92 -88.31 43.78
C SER D 445 16.16 -87.31 42.94
N GLU D 446 15.42 -87.80 41.94
CA GLU D 446 14.65 -86.90 41.08
C GLU D 446 13.57 -86.17 41.86
N GLN D 447 12.87 -86.88 42.73
CA GLN D 447 11.81 -86.29 43.57
C GLN D 447 12.26 -86.33 45.03
N ASP D 448 12.32 -85.17 45.66
CA ASP D 448 12.74 -85.07 47.05
C ASP D 448 12.15 -83.81 47.68
N PRO D 449 11.33 -83.93 48.73
CA PRO D 449 10.76 -82.77 49.42
C PRO D 449 11.71 -82.16 50.45
N ARG D 450 12.97 -81.96 50.06
CA ARG D 450 13.96 -81.40 50.96
C ARG D 450 13.79 -79.89 51.12
N GLN D 451 13.35 -79.19 50.08
CA GLN D 451 13.18 -77.75 50.14
C GLN D 451 12.05 -77.41 51.09
N PHE D 452 12.39 -76.84 52.26
CA PHE D 452 11.42 -76.47 53.26
C PHE D 452 11.53 -74.98 53.56
N PRO D 453 10.43 -74.22 53.47
CA PRO D 453 10.49 -72.80 53.81
C PRO D 453 10.78 -72.62 55.28
N PRO D 454 11.43 -71.52 55.66
CA PRO D 454 11.76 -71.29 57.08
C PRO D 454 10.50 -71.20 57.94
N GLN D 455 10.60 -71.73 59.15
CA GLN D 455 9.49 -71.73 60.11
C GLN D 455 9.79 -70.94 61.36
N GLY D 456 11.00 -71.05 61.90
CA GLY D 456 11.36 -70.34 63.11
C GLY D 456 12.71 -69.63 63.03
N ILE D 457 13.24 -69.22 64.18
CA ILE D 457 14.52 -68.53 64.26
C ILE D 457 15.44 -69.35 65.16
N PHE D 458 16.63 -69.66 64.64
CA PHE D 458 17.63 -70.44 65.37
C PHE D 458 18.67 -69.46 65.92
N PHE D 459 18.39 -68.91 67.10
CA PHE D 459 19.30 -67.97 67.72
C PHE D 459 20.58 -68.68 68.17
N TYR D 460 21.71 -68.00 68.00
CA TYR D 460 23.01 -68.53 68.36
C TYR D 460 23.54 -67.81 69.59
N ASN D 461 24.00 -68.58 70.58
CA ASN D 461 24.54 -68.03 71.81
C ASN D 461 26.04 -67.80 71.68
N LYS D 462 26.59 -67.06 72.64
CA LYS D 462 28.03 -66.80 72.65
C LYS D 462 28.82 -68.09 72.86
N ASP D 463 28.35 -68.96 73.75
CA ASP D 463 29.04 -70.22 73.98
C ASP D 463 28.88 -71.16 72.79
N GLY D 464 27.74 -71.12 72.11
CA GLY D 464 27.51 -71.98 70.98
C GLY D 464 26.42 -73.03 71.23
N ILE D 465 25.22 -72.79 70.72
CA ILE D 465 24.11 -73.70 70.88
C ILE D 465 23.12 -73.46 69.75
N LEU D 466 22.26 -74.44 69.49
CA LEU D 466 21.25 -74.36 68.44
C LEU D 466 19.98 -75.03 68.96
N THR D 467 19.09 -74.22 69.55
CA THR D 467 17.84 -74.72 70.08
C THR D 467 16.71 -73.78 69.66
N GLN D 468 15.50 -74.33 69.56
CA GLN D 468 14.32 -73.57 69.19
C GLN D 468 13.22 -73.80 70.22
N LEU D 469 12.69 -72.71 70.76
CA LEU D 469 11.60 -72.75 71.74
C LEU D 469 10.52 -71.78 71.27
N THR D 470 9.62 -72.27 70.40
CA THR D 470 8.55 -71.45 69.89
C THR D 470 7.20 -72.15 70.04
N LEU D 471 7.22 -73.49 70.02
CA LEU D 471 5.98 -74.25 70.13
C LEU D 471 5.29 -74.02 71.46
N ARG D 472 6.05 -73.99 72.55
CA ARG D 472 5.46 -73.77 73.87
C ARG D 472 4.82 -72.39 73.97
N ASP D 473 5.48 -71.37 73.42
CA ASP D 473 4.95 -70.02 73.49
C ASP D 473 3.75 -69.83 72.57
N ALA D 474 3.75 -70.50 71.42
CA ALA D 474 2.69 -70.35 70.43
C ALA D 474 1.57 -71.37 70.59
N MET D 475 1.64 -72.26 71.59
CA MET D 475 0.58 -73.23 71.79
C MET D 475 -0.75 -72.56 72.10
N GLY D 476 -0.74 -71.56 72.98
CA GLY D 476 -1.95 -70.84 73.32
C GLY D 476 -2.79 -71.53 74.35
N THR D 477 -3.23 -70.79 75.36
CA THR D 477 -4.07 -71.31 76.44
C THR D 477 -5.29 -70.43 76.65
N ILE D 478 -5.84 -69.88 75.56
CA ILE D 478 -7.01 -69.02 75.66
C ILE D 478 -8.25 -69.85 75.99
N CYS D 479 -9.25 -69.18 76.55
CA CYS D 479 -10.50 -69.80 76.93
C CYS D 479 -11.66 -69.03 76.31
N HIS D 480 -12.88 -69.44 76.65
CA HIS D 480 -14.09 -68.80 76.15
C HIS D 480 -14.60 -67.69 77.06
N SER D 481 -13.88 -67.39 78.15
CA SER D 481 -14.32 -66.34 79.07
C SER D 481 -14.17 -64.94 78.49
N SER D 482 -13.44 -64.78 77.38
CA SER D 482 -13.27 -63.48 76.77
C SER D 482 -14.53 -62.95 76.10
N LEU D 483 -15.53 -63.80 75.90
CA LEU D 483 -16.77 -63.36 75.26
C LEU D 483 -17.62 -62.48 76.16
N LEU D 484 -17.35 -62.48 77.47
CA LEU D 484 -18.11 -61.65 78.40
C LEU D 484 -17.63 -60.21 78.45
N ASP D 485 -16.47 -59.90 77.88
CA ASP D 485 -15.92 -58.56 77.89
C ASP D 485 -16.24 -57.77 76.62
N VAL D 486 -17.02 -58.35 75.70
CA VAL D 486 -17.36 -57.67 74.45
C VAL D 486 -18.67 -56.89 74.54
N GLU D 487 -19.37 -56.95 75.68
CA GLU D 487 -20.63 -56.23 75.81
C GLU D 487 -20.42 -54.72 75.72
N ALA D 488 -19.36 -54.21 76.37
CA ALA D 488 -19.08 -52.79 76.31
C ALA D 488 -18.73 -52.36 74.89
N THR D 489 -17.93 -53.16 74.19
CA THR D 489 -17.60 -52.84 72.80
C THR D 489 -18.85 -52.84 71.92
N LEU D 490 -19.73 -53.82 72.12
CA LEU D 490 -20.96 -53.88 71.34
C LEU D 490 -21.85 -52.68 71.61
N VAL D 491 -21.98 -52.27 72.88
CA VAL D 491 -22.83 -51.13 73.19
C VAL D 491 -22.21 -49.84 72.65
N ALA D 492 -20.88 -49.72 72.68
CA ALA D 492 -20.24 -48.55 72.10
C ALA D 492 -20.45 -48.50 70.60
N LEU D 493 -20.33 -49.64 69.92
CA LEU D 493 -20.58 -49.69 68.48
C LEU D 493 -22.03 -49.33 68.17
N ARG D 494 -22.96 -49.80 69.00
CA ARG D 494 -24.36 -49.42 68.81
C ARG D 494 -24.57 -47.93 68.99
N GLN D 495 -23.92 -47.33 69.99
CA GLN D 495 -24.07 -45.90 70.23
C GLN D 495 -23.51 -45.08 69.08
N GLN D 496 -22.32 -45.42 68.59
CA GLN D 496 -21.74 -44.63 67.49
C GLN D 496 -22.52 -44.81 66.20
N HIS D 497 -22.87 -46.07 65.87
CA HIS D 497 -23.77 -46.41 64.77
C HIS D 497 -23.16 -46.18 63.39
N LEU D 498 -23.45 -47.07 62.46
CA LEU D 498 -23.02 -46.93 61.07
C LEU D 498 -24.19 -47.27 60.15
N ASP D 499 -24.13 -46.72 58.93
CA ASP D 499 -25.17 -46.97 57.95
C ASP D 499 -25.16 -48.42 57.49
N ARG D 500 -26.32 -48.91 57.09
CA ARG D 500 -26.49 -50.29 56.63
C ARG D 500 -27.31 -50.30 55.35
N GLN D 501 -27.13 -51.36 54.57
CA GLN D 501 -27.83 -51.51 53.30
C GLN D 501 -28.16 -52.98 53.08
N CYS D 502 -29.14 -53.22 52.22
CA CYS D 502 -29.58 -54.57 51.84
C CYS D 502 -30.01 -55.37 53.07
N TYR D 503 -31.04 -54.84 53.76
CA TYR D 503 -31.58 -55.55 54.92
C TYR D 503 -32.36 -56.79 54.50
N PHE D 504 -33.04 -56.72 53.36
CA PHE D 504 -33.86 -57.84 52.91
C PHE D 504 -33.02 -59.07 52.56
N GLY D 505 -31.81 -58.85 52.04
CA GLY D 505 -30.97 -59.96 51.62
C GLY D 505 -30.38 -60.75 52.77
N VAL D 506 -30.38 -60.20 53.98
CA VAL D 506 -29.82 -60.89 55.14
C VAL D 506 -30.85 -60.94 56.26
N TYR D 507 -32.10 -60.60 55.95
CA TYR D 507 -33.15 -60.65 56.96
C TYR D 507 -33.48 -62.09 57.34
N VAL D 508 -33.43 -63.02 56.37
CA VAL D 508 -33.74 -64.43 56.56
C VAL D 508 -35.20 -64.59 56.97
N ALA D 509 -36.05 -64.94 56.01
CA ALA D 509 -37.46 -65.14 56.23
C ALA D 509 -37.83 -66.59 55.93
N GLU D 510 -39.13 -66.89 55.95
CA GLU D 510 -39.63 -68.23 55.68
C GLU D 510 -40.92 -68.14 54.89
N GLY D 511 -41.25 -69.24 54.21
CA GLY D 511 -42.46 -69.31 53.42
C GLY D 511 -43.70 -69.54 54.25
N THR D 512 -44.85 -69.53 53.58
CA THR D 512 -46.16 -69.71 54.20
C THR D 512 -46.93 -70.81 53.48
N GLU D 513 -46.26 -71.92 53.20
CA GLU D 513 -46.85 -73.07 52.53
C GLU D 513 -47.44 -72.68 51.18
N ASP D 514 -46.56 -72.20 50.30
CA ASP D 514 -46.93 -71.77 48.96
C ASP D 514 -46.36 -72.73 47.93
N THR D 515 -46.53 -72.38 46.66
CA THR D 515 -46.04 -73.21 45.56
C THR D 515 -44.55 -72.96 45.36
N LEU D 516 -43.99 -73.45 44.26
CA LEU D 516 -42.57 -73.33 43.98
C LEU D 516 -42.29 -72.36 42.84
N ASP D 517 -42.89 -72.57 41.66
CA ASP D 517 -42.63 -71.71 40.52
C ASP D 517 -43.15 -70.31 40.75
N VAL D 518 -44.38 -70.19 41.25
CA VAL D 518 -44.97 -68.87 41.50
C VAL D 518 -44.19 -68.15 42.60
N GLN D 519 -43.81 -68.87 43.66
CA GLN D 519 -43.04 -68.25 44.73
C GLN D 519 -41.68 -67.78 44.23
N MET D 520 -41.01 -68.58 43.40
CA MET D 520 -39.72 -68.17 42.85
C MET D 520 -39.87 -66.95 41.95
N GLY D 521 -40.91 -66.92 41.12
CA GLY D 521 -41.14 -65.76 40.28
C GLY D 521 -41.42 -64.51 41.08
N ARG D 522 -42.24 -64.62 42.13
CA ARG D 522 -42.52 -63.48 42.98
C ARG D 522 -41.26 -62.99 43.69
N PHE D 523 -40.44 -63.92 44.17
CA PHE D 523 -39.19 -63.54 44.83
C PHE D 523 -38.25 -62.83 43.85
N MET D 524 -38.15 -63.34 42.62
CA MET D 524 -37.32 -62.69 41.62
C MET D 524 -37.83 -61.29 41.30
N GLU D 525 -39.15 -61.14 41.15
CA GLU D 525 -39.72 -59.83 40.86
C GLU D 525 -39.48 -58.84 41.99
N THR D 526 -39.67 -59.30 43.24
CA THR D 526 -39.44 -58.42 44.38
C THR D 526 -37.98 -58.02 44.49
N TRP D 527 -37.06 -58.97 44.26
CA TRP D 527 -35.64 -58.64 44.29
C TRP D 527 -35.28 -57.65 43.19
N ALA D 528 -35.86 -57.82 42.00
CA ALA D 528 -35.54 -56.93 40.89
C ALA D 528 -36.08 -55.52 41.13
N ASP D 529 -37.31 -55.40 41.62
CA ASP D 529 -37.95 -54.09 41.75
C ASP D 529 -37.79 -53.47 43.13
N MET D 530 -37.07 -54.13 44.05
CA MET D 530 -36.87 -53.62 45.41
C MET D 530 -35.39 -53.58 45.75
N MET D 531 -34.59 -53.05 44.84
CA MET D 531 -33.15 -52.92 45.09
C MET D 531 -32.90 -51.77 46.05
N PRO D 532 -32.28 -52.01 47.21
CA PRO D 532 -32.03 -50.92 48.16
C PRO D 532 -31.07 -49.87 47.62
N HIS D 533 -29.90 -50.32 47.17
CA HIS D 533 -28.86 -49.43 46.65
C HIS D 533 -27.92 -50.27 45.79
N HIS D 534 -26.79 -49.66 45.41
CA HIS D 534 -25.81 -50.36 44.60
C HIS D 534 -25.18 -51.50 45.42
N PRO D 535 -25.02 -52.68 44.82
CA PRO D 535 -24.42 -53.80 45.55
C PRO D 535 -22.95 -53.54 45.87
N HIS D 536 -22.63 -53.48 47.15
CA HIS D 536 -21.27 -53.22 47.60
C HIS D 536 -20.49 -54.49 47.93
N TRP D 537 -21.18 -55.60 48.17
CA TRP D 537 -20.49 -56.85 48.50
C TRP D 537 -19.83 -57.48 47.29
N VAL D 538 -20.26 -57.13 46.07
CA VAL D 538 -19.66 -57.69 44.86
C VAL D 538 -18.35 -57.02 44.49
N ASN D 539 -18.01 -55.91 45.15
CA ASN D 539 -16.76 -55.19 44.87
C ASN D 539 -15.62 -55.62 45.79
N GLU D 540 -15.84 -56.62 46.62
CA GLU D 540 -14.82 -57.08 47.58
C GLU D 540 -13.84 -58.07 46.93
N HIS D 541 -13.22 -57.64 45.84
CA HIS D 541 -12.20 -58.44 45.16
C HIS D 541 -10.81 -58.04 45.65
N LEU D 542 -10.56 -58.31 46.93
CA LEU D 542 -9.33 -57.89 47.59
C LEU D 542 -8.26 -58.95 47.33
N THR D 543 -7.34 -58.65 46.42
CA THR D 543 -6.25 -59.56 46.11
C THR D 543 -4.89 -59.01 46.49
N ILE D 544 -4.45 -57.91 45.87
CA ILE D 544 -3.19 -57.28 46.24
C ILE D 544 -3.39 -55.80 46.50
N LEU D 545 -3.86 -55.07 45.48
CA LEU D 545 -4.02 -53.62 45.62
C LEU D 545 -5.22 -53.28 46.50
N GLN D 546 -6.34 -54.00 46.29
CA GLN D 546 -7.55 -53.77 47.08
C GLN D 546 -7.40 -54.21 48.51
N PHE D 547 -6.31 -54.89 48.86
CA PHE D 547 -5.98 -55.23 50.24
C PHE D 547 -4.93 -54.30 50.83
N ILE D 548 -3.92 -53.91 50.05
CA ILE D 548 -2.89 -53.01 50.56
C ILE D 548 -3.45 -51.60 50.76
N ALA D 549 -4.23 -51.11 49.80
CA ALA D 549 -4.72 -49.74 49.84
C ALA D 549 -5.65 -49.46 51.03
N PRO D 550 -6.86 -50.11 51.10
CA PRO D 550 -7.94 -49.63 51.96
C PRO D 550 -7.72 -48.35 52.74
N SER D 551 -7.82 -47.20 52.06
CA SER D 551 -7.71 -45.92 52.73
C SER D 551 -8.99 -45.55 53.48
N ASN D 552 -10.13 -46.04 53.02
CA ASN D 552 -11.39 -45.72 53.68
C ASN D 552 -11.47 -46.42 55.03
N PRO D 553 -11.82 -45.70 56.10
CA PRO D 553 -11.92 -46.31 57.44
C PRO D 553 -13.25 -47.01 57.69
N ARG D 554 -13.66 -47.87 56.76
CA ARG D 554 -14.91 -48.61 56.88
C ARG D 554 -14.70 -50.00 57.47
N LEU D 555 -13.51 -50.58 57.31
CA LEU D 555 -13.19 -51.91 57.81
C LEU D 555 -12.37 -51.86 59.09
N ARG D 556 -12.57 -50.83 59.91
CA ARG D 556 -11.83 -50.67 61.15
C ARG D 556 -12.42 -51.48 62.31
N PHE D 557 -13.33 -52.41 62.03
CA PHE D 557 -13.94 -53.24 63.05
C PHE D 557 -13.20 -54.55 63.27
N GLU D 558 -12.06 -54.76 62.60
CA GLU D 558 -11.29 -55.99 62.73
C GLU D 558 -10.40 -55.89 63.97
N LEU D 559 -11.03 -56.06 65.13
CA LEU D 559 -10.32 -56.04 66.40
C LEU D 559 -9.73 -57.40 66.78
N ASN D 560 -10.08 -58.46 66.05
CA ASN D 560 -9.56 -59.79 66.31
C ASN D 560 -9.73 -60.62 65.06
N PRO D 561 -8.84 -61.58 64.80
CA PRO D 561 -9.01 -62.43 63.61
C PRO D 561 -10.30 -63.23 63.63
N ALA D 562 -10.76 -63.67 64.80
CA ALA D 562 -11.96 -64.47 64.90
C ALA D 562 -13.21 -63.64 65.20
N PHE D 563 -13.05 -62.41 65.64
CA PHE D 563 -14.18 -61.54 65.97
C PHE D 563 -14.36 -60.50 64.88
N ASP D 564 -15.57 -60.44 64.33
CA ASP D 564 -15.89 -59.49 63.28
C ASP D 564 -17.24 -58.85 63.57
N PHE D 565 -17.45 -57.66 63.02
CA PHE D 565 -18.68 -56.91 63.20
C PHE D 565 -19.27 -56.55 61.84
N PHE D 566 -20.60 -56.44 61.82
CA PHE D 566 -21.31 -56.10 60.59
C PHE D 566 -22.56 -55.30 60.95
N VAL D 567 -23.07 -54.57 59.97
CA VAL D 567 -24.25 -53.75 60.15
C VAL D 567 -25.49 -54.55 59.74
N ALA D 568 -26.47 -54.60 60.64
CA ALA D 568 -27.69 -55.35 60.42
C ALA D 568 -28.88 -54.53 60.92
N PRO D 569 -30.06 -54.75 60.34
CA PRO D 569 -31.25 -54.03 60.84
C PRO D 569 -31.60 -54.45 62.26
N GLY D 570 -32.24 -53.52 62.99
CA GLY D 570 -32.61 -53.74 64.36
C GLY D 570 -34.06 -54.17 64.51
N ASP D 571 -34.34 -54.86 65.62
CA ASP D 571 -35.69 -55.32 65.96
C ASP D 571 -36.27 -56.20 64.85
N VAL D 572 -35.49 -57.21 64.45
CA VAL D 572 -35.89 -58.15 63.41
C VAL D 572 -35.70 -59.56 63.95
N ASP D 573 -36.70 -60.42 63.72
CA ASP D 573 -36.67 -61.81 64.15
C ASP D 573 -36.62 -62.71 62.92
N LEU D 574 -35.64 -63.60 62.88
CA LEU D 574 -35.48 -64.52 61.77
C LEU D 574 -35.80 -65.95 62.20
N PRO D 575 -36.68 -66.66 61.49
CA PRO D 575 -37.43 -66.22 60.30
C PRO D 575 -38.63 -65.35 60.68
N GLY D 576 -39.09 -64.51 59.76
CA GLY D 576 -40.22 -63.64 60.02
C GLY D 576 -41.17 -63.55 58.86
N PRO D 577 -41.94 -62.47 58.79
CA PRO D 577 -42.89 -62.30 57.68
C PRO D 577 -42.18 -62.03 56.36
N GLN D 578 -42.93 -62.19 55.27
CA GLN D 578 -42.38 -62.01 53.94
C GLN D 578 -41.94 -60.56 53.72
N ARG D 579 -42.73 -59.60 54.21
CA ARG D 579 -42.44 -58.17 54.03
C ARG D 579 -42.48 -57.50 55.40
N PRO D 580 -41.44 -57.66 56.21
CA PRO D 580 -41.42 -57.02 57.52
C PRO D 580 -41.29 -55.51 57.38
N PRO D 581 -41.81 -54.76 58.34
CA PRO D 581 -41.65 -53.29 58.28
C PRO D 581 -40.20 -52.87 58.43
N GLU D 582 -39.86 -51.76 57.80
CA GLU D 582 -38.50 -51.23 57.86
C GLU D 582 -38.21 -50.69 59.25
N ALA D 583 -36.93 -50.78 59.63
CA ALA D 583 -36.47 -50.30 60.93
C ALA D 583 -35.15 -49.58 60.77
N MET D 584 -34.78 -48.82 61.79
CA MET D 584 -33.53 -48.07 61.75
C MET D 584 -32.35 -49.04 61.78
N PRO D 585 -31.29 -48.77 61.00
CA PRO D 585 -30.14 -49.66 61.00
C PRO D 585 -29.41 -49.67 62.33
N THR D 586 -28.87 -50.84 62.67
CA THR D 586 -28.10 -51.00 63.90
C THR D 586 -26.82 -51.80 63.63
N VAL D 587 -26.13 -52.20 64.69
CA VAL D 587 -24.91 -52.99 64.58
C VAL D 587 -24.99 -54.16 65.56
N ASN D 588 -24.23 -55.20 65.28
CA ASN D 588 -24.18 -56.38 66.11
C ASN D 588 -22.82 -57.06 65.94
N ALA D 589 -22.68 -58.26 66.49
CA ALA D 589 -21.43 -59.00 66.43
C ALA D 589 -21.71 -60.45 66.08
N THR D 590 -20.71 -61.10 65.49
CA THR D 590 -20.82 -62.51 65.12
C THR D 590 -19.45 -63.15 65.20
N LEU D 591 -19.43 -64.48 65.28
CA LEU D 591 -18.21 -65.26 65.38
C LEU D 591 -18.05 -66.14 64.15
N ARG D 592 -16.88 -66.08 63.54
CA ARG D 592 -16.58 -66.89 62.36
C ARG D 592 -16.03 -68.25 62.80
N ILE D 593 -16.61 -69.32 62.27
CA ILE D 593 -16.21 -70.67 62.63
C ILE D 593 -15.62 -71.39 61.43
N ILE D 594 -15.04 -70.63 60.50
CA ILE D 594 -14.42 -71.16 59.30
C ILE D 594 -12.99 -70.67 59.26
N ASN D 595 -12.04 -71.55 59.57
CA ASN D 595 -10.63 -71.17 59.58
C ASN D 595 -10.09 -70.90 58.18
N GLY D 596 -10.73 -71.45 57.15
CA GLY D 596 -10.32 -71.17 55.78
C GLY D 596 -10.80 -69.83 55.26
N ASN D 597 -11.76 -69.21 55.95
CA ASN D 597 -12.33 -67.92 55.47
C ASN D 597 -12.00 -66.80 56.45
N ILE D 598 -11.56 -67.14 57.66
CA ILE D 598 -11.15 -66.10 58.65
C ILE D 598 -10.09 -65.20 58.01
N PRO D 599 -9.00 -65.72 57.38
CA PRO D 599 -8.01 -64.87 56.66
C PRO D 599 -8.53 -64.53 55.27
N VAL D 600 -9.17 -63.36 55.17
CA VAL D 600 -9.91 -62.94 53.94
C VAL D 600 -8.95 -62.69 52.77
N PRO D 601 -7.80 -61.98 52.94
CA PRO D 601 -6.90 -61.62 51.78
C PRO D 601 -6.09 -62.81 51.29
N LEU D 602 -4.97 -62.54 50.61
CA LEU D 602 -4.14 -63.63 50.02
C LEU D 602 -3.33 -64.35 51.10
N CYS D 603 -3.39 -63.86 52.35
CA CYS D 603 -2.59 -64.47 53.45
C CYS D 603 -2.61 -66.01 53.33
N PRO D 604 -3.78 -66.70 53.38
CA PRO D 604 -3.81 -68.18 53.36
C PRO D 604 -3.43 -68.79 52.01
N ILE D 605 -3.35 -68.00 50.94
CA ILE D 605 -3.00 -68.56 49.64
C ILE D 605 -1.57 -69.10 49.65
N SER D 606 -0.65 -68.38 50.27
CA SER D 606 0.73 -68.86 50.36
C SER D 606 0.81 -70.13 51.20
N PHE D 607 0.06 -70.20 52.29
CA PHE D 607 0.04 -71.40 53.12
C PHE D 607 -0.52 -72.59 52.34
N ARG D 608 -1.59 -72.37 51.58
CA ARG D 608 -2.16 -73.45 50.76
C ARG D 608 -1.18 -73.91 49.70
N ASP D 609 -0.48 -72.97 49.06
CA ASP D 609 0.51 -73.33 48.05
C ASP D 609 1.65 -74.14 48.67
N CYS D 610 2.14 -73.72 49.84
CA CYS D 610 3.22 -74.46 50.49
C CYS D 610 2.76 -75.84 50.92
N ARG D 611 1.52 -75.97 51.41
CA ARG D 611 0.99 -77.27 51.77
C ARG D 611 0.89 -78.17 50.55
N GLY D 612 0.41 -77.63 49.42
CA GLY D 612 0.31 -78.42 48.21
C GLY D 612 1.67 -78.87 47.70
N THR D 613 2.66 -77.97 47.73
CA THR D 613 4.00 -78.35 47.28
C THR D 613 4.63 -79.36 48.22
N GLN D 614 4.34 -79.29 49.52
CA GLN D 614 4.90 -80.25 50.46
C GLN D 614 4.25 -81.61 50.32
N LEU D 615 2.94 -81.66 50.09
CA LEU D 615 2.21 -82.91 50.02
C LEU D 615 2.07 -83.46 48.61
N GLY D 616 2.63 -82.78 47.62
CA GLY D 616 2.55 -83.26 46.25
C GLY D 616 3.79 -83.99 45.79
N LEU D 617 4.83 -83.98 46.62
CA LEU D 617 6.10 -84.63 46.29
C LEU D 617 6.23 -86.02 46.90
N GLY D 618 6.05 -86.13 48.22
CA GLY D 618 6.18 -87.41 48.89
C GLY D 618 4.87 -88.18 49.01
N ARG D 619 4.01 -88.05 48.00
CA ARG D 619 2.73 -88.74 48.00
C ARG D 619 2.53 -89.51 46.71
N HIS D 620 1.33 -90.07 46.52
CA HIS D 620 1.02 -90.83 45.33
C HIS D 620 0.83 -89.89 44.13
N THR D 621 0.83 -90.49 42.94
CA THR D 621 0.66 -89.75 41.69
C THR D 621 -0.73 -89.96 41.14
N MET D 622 -1.30 -88.87 40.59
CA MET D 622 -2.64 -88.91 40.02
C MET D 622 -2.56 -89.42 38.58
N THR D 623 -3.68 -89.30 37.85
CA THR D 623 -3.77 -89.77 36.46
C THR D 623 -4.24 -88.61 35.60
N PRO D 624 -3.31 -87.74 35.18
CA PRO D 624 -3.71 -86.55 34.40
C PRO D 624 -4.39 -86.88 33.10
N ALA D 625 -4.04 -87.99 32.45
CA ALA D 625 -4.67 -88.33 31.18
C ALA D 625 -6.17 -88.56 31.34
N THR D 626 -6.55 -89.43 32.27
CA THR D 626 -7.98 -89.66 32.50
C THR D 626 -8.65 -88.45 33.14
N ILE D 627 -7.91 -87.66 33.93
CA ILE D 627 -8.47 -86.45 34.49
C ILE D 627 -8.89 -85.49 33.37
N LYS D 628 -8.00 -85.28 32.40
CA LYS D 628 -8.32 -84.40 31.27
C LYS D 628 -9.38 -85.02 30.38
N ALA D 629 -9.40 -86.36 30.26
CA ALA D 629 -10.45 -87.01 29.47
C ALA D 629 -11.82 -86.76 30.07
N VAL D 630 -11.94 -86.94 31.39
CA VAL D 630 -13.23 -86.72 32.04
C VAL D 630 -13.59 -85.23 32.06
N LYS D 631 -12.59 -84.34 32.12
CA LYS D 631 -12.86 -82.92 32.03
C LYS D 631 -13.42 -82.56 30.65
N ASP D 632 -12.83 -83.12 29.59
CA ASP D 632 -13.34 -82.88 28.24
C ASP D 632 -14.74 -83.47 28.07
N THR D 633 -14.98 -84.65 28.64
CA THR D 633 -16.30 -85.25 28.57
C THR D 633 -17.35 -84.38 29.26
N PHE D 634 -17.01 -83.85 30.45
CA PHE D 634 -17.92 -82.97 31.16
C PHE D 634 -18.16 -81.67 30.38
N GLU D 635 -17.10 -81.10 29.80
CA GLU D 635 -17.23 -79.85 29.06
C GLU D 635 -17.89 -80.02 27.71
N ASP D 636 -18.01 -81.26 27.21
CA ASP D 636 -18.64 -81.47 25.91
C ASP D 636 -20.12 -81.09 25.92
N ARG D 637 -20.77 -81.19 27.08
CA ARG D 637 -22.18 -80.83 27.23
C ARG D 637 -23.06 -81.61 26.26
N ALA D 638 -22.82 -82.93 26.17
CA ALA D 638 -23.60 -83.79 25.28
C ALA D 638 -24.20 -84.97 26.03
N TYR D 639 -24.31 -84.89 27.36
CA TYR D 639 -24.85 -85.99 28.15
C TYR D 639 -26.34 -85.77 28.37
N PRO D 640 -27.21 -86.65 27.86
CA PRO D 640 -28.65 -86.49 28.10
C PRO D 640 -29.00 -86.68 29.56
N THR D 641 -30.06 -86.00 29.99
CA THR D 641 -30.55 -86.07 31.36
C THR D 641 -31.59 -87.17 31.56
N ILE D 642 -31.97 -87.88 30.50
CA ILE D 642 -32.95 -88.95 30.64
C ILE D 642 -32.40 -90.08 31.51
N PHE D 643 -31.12 -90.43 31.31
CA PHE D 643 -30.51 -91.47 32.13
C PHE D 643 -30.43 -91.04 33.59
N TYR D 644 -30.09 -89.77 33.85
CA TYR D 644 -30.05 -89.28 35.21
C TYR D 644 -31.43 -89.32 35.86
N MET D 645 -32.46 -88.92 35.12
CA MET D 645 -33.82 -88.96 35.65
C MET D 645 -34.25 -90.40 35.95
N LEU D 646 -33.93 -91.33 35.05
CA LEU D 646 -34.26 -92.74 35.28
C LEU D 646 -33.54 -93.28 36.50
N GLU D 647 -32.26 -92.93 36.67
CA GLU D 647 -31.52 -93.38 37.85
C GLU D 647 -32.12 -92.80 39.13
N ALA D 648 -32.50 -91.52 39.10
CA ALA D 648 -33.12 -90.91 40.27
C ALA D 648 -34.45 -91.57 40.60
N VAL D 649 -35.23 -91.92 39.58
CA VAL D 649 -36.50 -92.60 39.82
C VAL D 649 -36.28 -93.99 40.40
N ILE D 650 -35.30 -94.73 39.86
CA ILE D 650 -35.08 -96.11 40.27
C ILE D 650 -34.23 -96.24 41.53
N HIS D 651 -33.68 -95.13 42.04
CA HIS D 651 -32.84 -95.21 43.23
C HIS D 651 -33.62 -95.67 44.45
N GLY D 652 -34.93 -95.44 44.47
CA GLY D 652 -35.75 -95.77 45.61
C GLY D 652 -36.39 -97.15 45.56
N ASN D 653 -35.97 -98.01 44.63
CA ASN D 653 -36.54 -99.36 44.51
C ASN D 653 -35.39 -100.32 44.23
N GLU D 654 -34.94 -101.02 45.26
CA GLU D 654 -33.84 -101.97 45.10
C GLU D 654 -34.22 -103.11 44.18
N ARG D 655 -35.45 -103.63 44.32
CA ARG D 655 -35.89 -104.72 43.45
C ARG D 655 -35.96 -104.27 41.99
N ASN D 656 -36.48 -103.07 41.75
CA ASN D 656 -36.54 -102.54 40.39
C ASN D 656 -35.15 -102.33 39.82
N PHE D 657 -34.22 -101.83 40.64
CA PHE D 657 -32.85 -101.64 40.18
C PHE D 657 -32.21 -102.98 39.83
N CYS D 658 -32.43 -104.00 40.66
CA CYS D 658 -31.88 -105.33 40.37
C CYS D 658 -32.47 -105.90 39.08
N ALA D 659 -33.78 -105.70 38.88
CA ALA D 659 -34.42 -106.19 37.66
C ALA D 659 -33.88 -105.46 36.43
N LEU D 660 -33.68 -104.14 36.53
CA LEU D 660 -33.23 -103.35 35.39
C LEU D 660 -31.72 -103.40 35.19
N LEU D 661 -30.97 -104.01 36.11
CA LEU D 661 -29.53 -104.13 35.92
C LEU D 661 -29.18 -104.90 34.65
N ARG D 662 -30.04 -105.83 34.23
CA ARG D 662 -29.79 -106.57 33.00
C ARG D 662 -29.72 -105.65 31.79
N LEU D 663 -30.64 -104.69 31.70
CA LEU D 663 -30.58 -103.69 30.63
C LEU D 663 -29.51 -102.64 30.89
N LEU D 664 -29.25 -102.34 32.17
CA LEU D 664 -28.25 -101.32 32.50
C LEU D 664 -26.85 -101.75 32.07
N THR D 665 -26.52 -103.03 32.25
CA THR D 665 -25.22 -103.52 31.83
C THR D 665 -25.04 -103.39 30.32
N GLN D 666 -26.07 -103.76 29.55
CA GLN D 666 -26.00 -103.61 28.11
C GLN D 666 -25.88 -102.14 27.71
N CYS D 667 -26.62 -101.27 28.38
CA CYS D 667 -26.59 -99.85 28.03
C CYS D 667 -25.22 -99.25 28.33
N ILE D 668 -24.61 -99.61 29.47
CA ILE D 668 -23.30 -99.06 29.79
C ILE D 668 -22.23 -99.66 28.88
N ARG D 669 -22.38 -100.93 28.48
CA ARG D 669 -21.45 -101.50 27.51
C ARG D 669 -21.54 -100.77 26.17
N GLY D 670 -22.76 -100.47 25.72
CA GLY D 670 -22.91 -99.72 24.48
C GLY D 670 -22.37 -98.31 24.59
N TYR D 671 -22.57 -97.67 25.74
CA TYR D 671 -22.02 -96.33 25.95
C TYR D 671 -20.50 -96.35 25.94
N TRP D 672 -19.89 -97.36 26.56
CA TRP D 672 -18.44 -97.47 26.53
C TRP D 672 -17.93 -97.71 25.12
N GLU D 673 -18.63 -98.57 24.36
CA GLU D 673 -18.23 -98.82 22.98
C GLU D 673 -18.32 -97.55 22.15
N GLN D 674 -19.38 -96.76 22.35
CA GLN D 674 -19.50 -95.49 21.63
C GLN D 674 -18.40 -94.52 22.02
N SER D 675 -18.10 -94.43 23.32
CA SER D 675 -17.06 -93.54 23.82
C SER D 675 -16.55 -94.12 25.14
N HIS D 676 -15.36 -94.72 25.09
CA HIS D 676 -14.74 -95.34 26.27
C HIS D 676 -14.54 -94.37 27.43
N ARG D 677 -14.73 -93.06 27.22
CA ARG D 677 -14.59 -92.11 28.31
C ARG D 677 -15.61 -92.42 29.41
N VAL D 678 -15.16 -92.33 30.66
CA VAL D 678 -15.99 -92.70 31.80
C VAL D 678 -17.03 -91.62 32.05
N ALA D 679 -18.14 -92.02 32.66
CA ALA D 679 -19.22 -91.11 33.02
C ALA D 679 -19.94 -91.68 34.24
N PHE D 680 -21.13 -91.13 34.52
CA PHE D 680 -21.98 -91.58 35.63
C PHE D 680 -21.22 -91.49 36.96
N VAL D 681 -20.84 -90.26 37.33
CA VAL D 681 -20.12 -90.01 38.57
C VAL D 681 -21.01 -89.40 39.64
N ASN D 682 -22.30 -89.21 39.36
CA ASN D 682 -23.23 -88.62 40.31
C ASN D 682 -23.95 -89.66 41.16
N ASN D 683 -23.66 -90.95 40.98
CA ASN D 683 -24.30 -92.03 41.72
C ASN D 683 -23.22 -92.92 42.31
N PHE D 684 -22.74 -92.57 43.50
CA PHE D 684 -21.70 -93.36 44.15
C PHE D 684 -22.20 -94.76 44.50
N HIS D 685 -23.43 -94.85 45.01
CA HIS D 685 -23.99 -96.16 45.37
C HIS D 685 -24.17 -97.03 44.13
N MET D 686 -24.67 -96.47 43.04
CA MET D 686 -24.83 -97.24 41.81
C MET D 686 -23.47 -97.67 41.26
N LEU D 687 -22.48 -96.78 41.32
CA LEU D 687 -21.15 -97.12 40.83
C LEU D 687 -20.55 -98.27 41.63
N MET D 688 -20.64 -98.20 42.96
CA MET D 688 -20.08 -99.27 43.78
C MET D 688 -20.85 -100.58 43.57
N TYR D 689 -22.17 -100.49 43.39
CA TYR D 689 -22.97 -101.69 43.15
C TYR D 689 -22.57 -102.35 41.83
N ILE D 690 -22.43 -101.56 40.77
CA ILE D 690 -22.09 -102.15 39.47
C ILE D 690 -20.66 -102.68 39.48
N THR D 691 -19.75 -102.00 40.19
CA THR D 691 -18.38 -102.51 40.25
C THR D 691 -18.30 -103.81 41.04
N THR D 692 -19.06 -103.92 42.12
CA THR D 692 -19.06 -105.17 42.88
C THR D 692 -19.76 -106.29 42.12
N TYR D 693 -20.79 -105.96 41.34
CA TYR D 693 -21.49 -106.99 40.57
C TYR D 693 -20.66 -107.45 39.36
N LEU D 694 -19.84 -106.56 38.80
CA LEU D 694 -19.04 -106.89 37.62
C LEU D 694 -17.71 -107.52 38.03
N GLY D 695 -17.81 -108.62 38.77
CA GLY D 695 -16.65 -109.37 39.21
C GLY D 695 -16.17 -110.43 38.27
N ASN D 696 -16.80 -110.58 37.09
CA ASN D 696 -16.41 -111.60 36.13
C ASN D 696 -15.28 -111.13 35.23
N GLY D 697 -15.40 -109.92 34.68
CA GLY D 697 -14.38 -109.40 33.79
C GLY D 697 -14.86 -109.20 32.38
N GLU D 698 -16.15 -108.91 32.22
CA GLU D 698 -16.75 -108.72 30.91
C GLU D 698 -16.41 -107.38 30.27
N LEU D 699 -15.78 -106.48 31.01
CA LEU D 699 -15.43 -105.15 30.50
C LEU D 699 -13.95 -104.90 30.70
N PRO D 700 -13.34 -104.09 29.83
CA PRO D 700 -11.91 -103.78 30.00
C PRO D 700 -11.66 -103.01 31.29
N GLU D 701 -10.45 -103.19 31.83
CA GLU D 701 -10.08 -102.58 33.11
C GLU D 701 -9.53 -101.18 32.88
N VAL D 702 -10.42 -100.29 32.45
CA VAL D 702 -10.09 -98.88 32.27
C VAL D 702 -10.95 -98.05 33.22
N CYS D 703 -12.27 -98.10 33.04
CA CYS D 703 -13.16 -97.44 33.99
C CYS D 703 -13.07 -98.08 35.37
N ILE D 704 -12.99 -99.41 35.41
CA ILE D 704 -12.82 -100.11 36.68
C ILE D 704 -11.49 -99.73 37.32
N ASN D 705 -10.43 -99.60 36.52
CA ASN D 705 -9.14 -99.19 37.06
C ASN D 705 -9.20 -97.77 37.63
N ILE D 706 -9.88 -96.87 36.92
CA ILE D 706 -10.02 -95.50 37.41
C ILE D 706 -10.80 -95.47 38.71
N TYR D 707 -11.90 -96.24 38.79
CA TYR D 707 -12.69 -96.30 40.00
C TYR D 707 -11.87 -96.87 41.16
N ARG D 708 -11.09 -97.91 40.90
CA ARG D 708 -10.25 -98.50 41.94
C ARG D 708 -9.19 -97.51 42.42
N ASP D 709 -8.58 -96.76 41.49
CA ASP D 709 -7.61 -95.75 41.88
C ASP D 709 -8.25 -94.65 42.73
N LEU D 710 -9.45 -94.21 42.35
CA LEU D 710 -10.15 -93.21 43.14
C LEU D 710 -10.49 -93.73 44.53
N LEU D 711 -10.94 -94.99 44.62
CA LEU D 711 -11.25 -95.57 45.92
C LEU D 711 -9.99 -95.70 46.78
N GLN D 712 -8.86 -96.07 46.17
CA GLN D 712 -7.61 -96.16 46.92
C GLN D 712 -7.18 -94.79 47.41
N HIS D 713 -7.32 -93.76 46.58
CA HIS D 713 -6.98 -92.40 47.02
C HIS D 713 -7.88 -91.95 48.16
N VAL D 714 -9.18 -92.25 48.09
CA VAL D 714 -10.10 -91.90 49.16
C VAL D 714 -9.73 -92.62 50.45
N ARG D 715 -9.38 -93.90 50.35
CA ARG D 715 -8.98 -94.67 51.52
C ARG D 715 -7.70 -94.12 52.13
N ALA D 716 -6.74 -93.73 51.29
CA ALA D 716 -5.50 -93.15 51.79
C ALA D 716 -5.76 -91.82 52.49
N LEU D 717 -6.63 -90.98 51.92
CA LEU D 717 -6.98 -89.72 52.57
C LEU D 717 -7.67 -89.97 53.91
N ARG D 718 -8.58 -90.94 53.97
CA ARG D 718 -9.24 -91.26 55.22
C ARG D 718 -8.24 -91.76 56.27
N GLN D 719 -7.29 -92.60 55.84
CA GLN D 719 -6.28 -93.11 56.77
C GLN D 719 -5.39 -92.00 57.29
N THR D 720 -4.97 -91.08 56.41
CA THR D 720 -4.15 -89.97 56.86
C THR D 720 -4.92 -89.05 57.82
N ILE D 721 -6.20 -88.81 57.53
CA ILE D 721 -7.01 -88.01 58.43
C ILE D 721 -7.14 -88.68 59.79
N THR D 722 -7.37 -89.99 59.81
CA THR D 722 -7.59 -90.69 61.07
C THR D 722 -6.30 -90.76 61.90
N ASP D 723 -5.16 -91.05 61.26
CA ASP D 723 -3.93 -91.20 62.03
C ASP D 723 -3.19 -89.88 62.24
N PHE D 724 -3.65 -88.79 61.64
CA PHE D 724 -3.07 -87.47 61.89
C PHE D 724 -3.75 -86.75 63.04
N THR D 725 -4.70 -87.38 63.72
CA THR D 725 -5.38 -86.78 64.85
C THR D 725 -5.75 -87.88 65.83
N ILE D 726 -6.09 -87.47 67.05
CA ILE D 726 -6.44 -88.39 68.12
C ILE D 726 -7.80 -88.00 68.69
N GLN D 727 -8.47 -88.98 69.31
CA GLN D 727 -9.78 -88.77 69.89
C GLN D 727 -9.86 -89.38 71.29
N GLY D 728 -11.05 -89.40 71.87
CA GLY D 728 -11.23 -89.96 73.19
C GLY D 728 -11.93 -89.02 74.15
N GLU D 729 -11.67 -87.72 74.02
CA GLU D 729 -12.29 -86.73 74.88
C GLU D 729 -13.71 -86.43 74.41
N GLY D 730 -14.65 -86.39 75.35
CA GLY D 730 -16.03 -86.12 75.02
C GLY D 730 -16.89 -85.87 76.24
N HIS D 731 -17.69 -84.80 76.22
CA HIS D 731 -18.55 -84.48 77.35
C HIS D 731 -19.84 -85.28 77.32
N ASN D 732 -20.61 -85.13 76.24
CA ASN D 732 -21.87 -85.86 76.11
C ASN D 732 -22.09 -86.39 74.70
N GLY D 733 -21.06 -86.41 73.87
CA GLY D 733 -21.21 -86.90 72.51
C GLY D 733 -19.90 -86.80 71.76
N GLU D 734 -19.94 -87.20 70.50
CA GLU D 734 -18.77 -87.18 69.63
C GLU D 734 -18.53 -85.76 69.15
N THR D 735 -17.36 -85.20 69.48
CA THR D 735 -17.01 -83.84 69.10
C THR D 735 -15.62 -83.68 68.49
N SER D 736 -14.70 -84.62 68.74
CA SER D 736 -13.34 -84.47 68.22
C SER D 736 -13.33 -84.46 66.69
N GLU D 737 -13.95 -85.47 66.08
CA GLU D 737 -14.00 -85.52 64.61
C GLU D 737 -14.85 -84.39 64.05
N ALA D 738 -15.90 -83.99 64.77
CA ALA D 738 -16.73 -82.87 64.31
C ALA D 738 -15.93 -81.58 64.25
N LEU D 739 -15.10 -81.32 65.25
CA LEU D 739 -14.23 -80.14 65.23
C LEU D 739 -13.04 -80.31 64.29
N ASN D 740 -12.66 -81.55 63.98
CA ASN D 740 -11.51 -81.78 63.11
C ASN D 740 -11.88 -81.59 61.64
N ASN D 741 -12.82 -82.40 61.13
CA ASN D 741 -13.15 -82.39 59.72
C ASN D 741 -14.60 -82.02 59.41
N ILE D 742 -15.50 -82.07 60.39
CA ILE D 742 -16.89 -81.64 60.28
C ILE D 742 -17.74 -82.65 59.49
N LEU D 743 -17.19 -83.15 58.37
CA LEU D 743 -17.97 -84.01 57.49
C LEU D 743 -18.38 -85.31 58.17
N THR D 744 -17.61 -85.77 59.17
CA THR D 744 -17.98 -86.98 59.89
C THR D 744 -19.27 -86.80 60.68
N ASP D 745 -19.44 -85.63 61.30
CA ASP D 745 -20.65 -85.35 62.05
C ASP D 745 -21.84 -85.14 61.11
N ASP D 746 -23.03 -85.36 61.64
CA ASP D 746 -24.26 -85.19 60.87
C ASP D 746 -24.74 -83.74 60.83
N THR D 747 -24.06 -82.83 61.53
CA THR D 747 -24.46 -81.42 61.51
C THR D 747 -24.24 -80.79 60.14
N PHE D 748 -23.23 -81.25 59.40
CA PHE D 748 -22.96 -80.70 58.09
C PHE D 748 -24.10 -81.01 57.12
N ILE D 749 -24.33 -80.07 56.20
CA ILE D 749 -25.42 -80.19 55.23
C ILE D 749 -25.05 -81.21 54.17
N ALA D 750 -26.03 -81.62 53.38
CA ALA D 750 -25.85 -82.55 52.28
C ALA D 750 -26.42 -81.97 51.00
N PRO D 751 -25.84 -82.32 49.84
CA PRO D 751 -26.35 -81.78 48.57
C PRO D 751 -27.80 -82.14 48.31
N ILE D 752 -28.11 -83.42 48.29
CA ILE D 752 -29.47 -83.91 48.05
C ILE D 752 -29.77 -85.02 49.04
N LEU D 753 -30.88 -84.89 49.75
CA LEU D 753 -31.32 -85.92 50.69
C LEU D 753 -32.21 -86.93 49.97
N TRP D 754 -32.00 -88.20 50.27
CA TRP D 754 -32.75 -89.29 49.65
C TRP D 754 -33.72 -89.97 50.59
N ASP D 755 -33.25 -90.41 51.76
CA ASP D 755 -34.09 -91.09 52.74
C ASP D 755 -34.06 -90.34 54.07
N CYS D 756 -34.99 -90.71 54.94
CA CYS D 756 -35.09 -90.09 56.26
C CYS D 756 -34.14 -90.67 57.28
N ASP D 757 -33.36 -91.70 56.92
CA ASP D 757 -32.41 -92.29 57.86
C ASP D 757 -31.34 -91.28 58.26
N ALA D 758 -30.89 -90.45 57.32
CA ALA D 758 -29.91 -89.42 57.65
C ALA D 758 -30.48 -88.42 58.64
N LEU D 759 -31.73 -88.00 58.44
CA LEU D 759 -32.36 -87.07 59.37
C LEU D 759 -32.54 -87.70 60.75
N ILE D 760 -32.91 -88.98 60.78
CA ILE D 760 -33.07 -89.67 62.06
C ILE D 760 -31.74 -89.75 62.79
N TYR D 761 -30.67 -90.09 62.06
CA TYR D 761 -29.34 -90.16 62.68
C TYR D 761 -28.89 -88.79 63.18
N ARG D 762 -29.15 -87.73 62.40
CA ARG D 762 -28.80 -86.39 62.83
C ARG D 762 -29.56 -85.99 64.10
N ASP D 763 -30.85 -86.31 64.16
CA ASP D 763 -31.64 -86.00 65.34
C ASP D 763 -31.14 -86.79 66.55
N GLU D 764 -30.79 -88.05 66.35
CA GLU D 764 -30.28 -88.87 67.46
C GLU D 764 -28.94 -88.33 67.96
N ALA D 765 -28.06 -87.93 67.05
CA ALA D 765 -26.74 -87.44 67.44
C ALA D 765 -26.77 -86.00 67.94
N ALA D 766 -27.85 -85.27 67.69
CA ALA D 766 -27.97 -83.88 68.14
C ALA D 766 -28.52 -83.82 69.56
N ARG D 767 -27.76 -84.39 70.50
CA ARG D 767 -28.15 -84.39 71.90
C ARG D 767 -27.82 -83.05 72.56
N ASP D 768 -26.63 -82.52 72.30
CA ASP D 768 -26.22 -81.24 72.85
C ASP D 768 -26.76 -80.05 72.07
N ARG D 769 -27.31 -80.27 70.88
CA ARG D 769 -27.85 -79.21 70.05
C ARG D 769 -29.38 -79.33 70.01
N LEU D 770 -30.06 -78.24 70.32
CA LEU D 770 -31.51 -78.23 70.32
C LEU D 770 -32.03 -78.22 68.90
N PRO D 771 -32.88 -79.18 68.51
CA PRO D 771 -33.40 -79.19 67.13
C PRO D 771 -34.42 -78.09 66.89
N ALA D 772 -34.02 -77.07 66.13
CA ALA D 772 -34.90 -75.94 65.81
C ALA D 772 -35.57 -76.18 64.45
N ILE D 773 -36.47 -77.17 64.44
CA ILE D 773 -37.20 -77.53 63.23
C ILE D 773 -38.27 -76.49 62.98
N ARG D 774 -38.18 -75.80 61.85
CA ARG D 774 -39.11 -74.75 61.47
C ARG D 774 -39.54 -74.91 60.02
N VAL D 775 -39.93 -76.14 59.65
CA VAL D 775 -40.35 -76.43 58.29
C VAL D 775 -41.69 -75.73 58.05
N SER D 776 -41.68 -74.72 57.18
CA SER D 776 -42.86 -73.95 56.81
C SER D 776 -43.56 -73.35 58.03
N GLY D 777 -42.80 -73.05 59.09
CA GLY D 777 -43.33 -72.48 60.29
C GLY D 777 -43.84 -73.47 61.31
N ARG D 778 -43.87 -74.76 60.99
CA ARG D 778 -44.34 -75.79 61.90
C ARG D 778 -43.20 -76.27 62.78
N ASN D 779 -43.51 -76.50 64.07
CA ASN D 779 -42.50 -76.98 65.00
C ASN D 779 -42.03 -78.38 64.62
N GLY D 780 -42.95 -79.25 64.20
CA GLY D 780 -42.61 -80.61 63.83
C GLY D 780 -42.84 -80.89 62.36
N TYR D 781 -42.11 -81.86 61.82
CA TYR D 781 -42.22 -82.25 60.42
C TYR D 781 -43.08 -83.50 60.28
N GLN D 782 -43.89 -83.54 59.22
CA GLN D 782 -44.77 -84.67 59.00
C GLN D 782 -43.96 -85.91 58.62
N ALA D 783 -44.37 -87.06 59.17
CA ALA D 783 -43.73 -88.34 58.90
C ALA D 783 -44.78 -89.32 58.43
N LEU D 784 -44.56 -89.91 57.26
CA LEU D 784 -45.49 -90.88 56.70
C LEU D 784 -44.73 -91.85 55.82
N HIS D 785 -45.33 -93.02 55.59
CA HIS D 785 -44.74 -94.05 54.76
C HIS D 785 -45.10 -93.78 53.29
N PHE D 786 -44.79 -94.75 52.43
CA PHE D 786 -45.11 -94.60 51.01
C PHE D 786 -46.61 -94.65 50.78
N VAL D 787 -47.06 -93.92 49.76
CA VAL D 787 -48.47 -93.84 49.42
C VAL D 787 -48.77 -94.88 48.34
N ASP D 788 -50.03 -95.27 48.25
CA ASP D 788 -50.47 -96.25 47.27
C ASP D 788 -50.74 -95.56 45.93
N MET D 789 -51.30 -96.31 44.97
CA MET D 789 -51.60 -95.75 43.67
C MET D 789 -52.79 -94.80 43.69
N ALA D 790 -53.66 -94.92 44.70
CA ALA D 790 -54.82 -94.06 44.82
C ALA D 790 -54.53 -92.75 45.54
N GLY D 791 -53.31 -92.55 46.03
CA GLY D 791 -52.97 -91.33 46.72
C GLY D 791 -52.00 -90.46 45.95
N HIS D 792 -52.17 -90.41 44.63
CA HIS D 792 -51.30 -89.62 43.76
C HIS D 792 -51.88 -88.24 43.45
N ASN D 793 -52.74 -87.71 44.33
CA ASN D 793 -53.32 -86.40 44.11
C ASN D 793 -52.27 -85.32 44.18
N PHE D 794 -52.32 -84.38 43.22
CA PHE D 794 -51.38 -83.28 43.14
C PHE D 794 -51.88 -82.01 43.81
N GLN D 795 -53.04 -82.06 44.46
CA GLN D 795 -53.61 -80.90 45.13
C GLN D 795 -53.21 -80.81 46.60
N ARG D 796 -52.06 -81.38 46.96
CA ARG D 796 -51.58 -81.35 48.34
C ARG D 796 -50.44 -80.35 48.47
N ARG D 797 -50.31 -79.77 49.67
CA ARG D 797 -49.28 -78.79 49.97
C ARG D 797 -48.53 -79.19 51.22
N ASP D 798 -47.21 -78.99 51.20
CA ASP D 798 -46.34 -79.31 52.33
C ASP D 798 -46.46 -80.78 52.72
N ASN D 799 -46.10 -81.66 51.78
CA ASN D 799 -46.13 -83.10 51.98
C ASN D 799 -44.81 -83.68 51.49
N VAL D 800 -44.06 -84.28 52.40
CA VAL D 800 -42.77 -84.88 52.06
C VAL D 800 -42.97 -86.33 51.67
N LEU D 801 -41.99 -86.88 50.96
CA LEU D 801 -42.01 -88.27 50.51
C LEU D 801 -40.74 -88.95 51.01
N ILE D 802 -40.86 -89.72 52.09
CA ILE D 802 -39.74 -90.43 52.68
C ILE D 802 -40.02 -91.93 52.65
N HIS D 803 -39.00 -92.70 52.97
CA HIS D 803 -39.06 -94.18 53.00
C HIS D 803 -39.45 -94.66 51.59
N GLY D 804 -40.27 -95.68 51.48
CA GLY D 804 -40.68 -96.19 50.18
C GLY D 804 -41.00 -97.66 50.27
N ARG D 805 -41.27 -98.24 49.09
CA ARG D 805 -41.61 -99.65 48.95
C ARG D 805 -40.72 -100.26 47.88
N PRO D 806 -39.46 -100.57 48.21
CA PRO D 806 -38.57 -101.17 47.21
C PRO D 806 -39.08 -102.51 46.68
N VAL D 807 -39.75 -103.30 47.51
CA VAL D 807 -40.26 -104.60 47.08
C VAL D 807 -41.79 -104.57 47.03
N ILE D 815 -45.06 -102.58 56.31
CA ILE D 815 -43.72 -102.33 56.84
C ILE D 815 -43.68 -100.95 57.52
N PRO D 816 -43.23 -100.92 58.76
CA PRO D 816 -43.15 -99.66 59.51
C PRO D 816 -41.94 -98.85 59.06
N ILE D 817 -41.78 -97.68 59.67
CA ILE D 817 -40.67 -96.78 59.36
C ILE D 817 -39.43 -97.27 60.10
N THR D 818 -38.36 -97.53 59.35
CA THR D 818 -37.10 -98.00 59.92
C THR D 818 -35.96 -97.58 59.01
N PRO D 819 -34.83 -97.16 59.55
CA PRO D 819 -33.69 -96.79 58.71
C PRO D 819 -33.14 -97.99 57.95
N HIS D 820 -32.62 -97.72 56.75
CA HIS D 820 -32.05 -98.75 55.90
C HIS D 820 -30.55 -98.58 55.70
N HIS D 821 -30.11 -97.41 55.25
CA HIS D 821 -28.69 -97.17 55.04
C HIS D 821 -27.98 -96.97 56.38
N ASP D 822 -26.73 -97.44 56.43
CA ASP D 822 -25.93 -97.30 57.63
C ASP D 822 -25.44 -95.87 57.79
N ARG D 823 -25.16 -95.50 59.04
CA ARG D 823 -24.67 -94.14 59.32
C ARG D 823 -23.26 -93.94 58.78
N GLU D 824 -22.37 -94.91 59.03
CA GLU D 824 -21.00 -94.80 58.55
C GLU D 824 -20.95 -94.79 57.03
N TRP D 825 -21.74 -95.66 56.38
CA TRP D 825 -21.78 -95.70 54.93
C TRP D 825 -22.33 -94.40 54.35
N GLY D 826 -23.37 -93.84 55.00
CA GLY D 826 -23.90 -92.56 54.54
C GLY D 826 -22.89 -91.43 54.69
N ILE D 827 -22.15 -91.42 55.80
CA ILE D 827 -21.13 -90.40 56.00
C ILE D 827 -20.03 -90.53 54.95
N LEU D 828 -19.61 -91.77 54.66
CA LEU D 828 -18.59 -91.99 53.64
C LEU D 828 -19.08 -91.55 52.27
N SER D 829 -20.35 -91.85 51.95
CA SER D 829 -20.91 -91.43 50.67
C SER D 829 -20.98 -89.91 50.56
N LYS D 830 -21.35 -89.23 51.65
CA LYS D 830 -21.38 -87.77 51.65
C LYS D 830 -19.97 -87.21 51.46
N ILE D 831 -18.98 -87.79 52.14
CA ILE D 831 -17.60 -87.34 52.00
C ILE D 831 -17.13 -87.52 50.56
N TYR D 832 -17.45 -88.66 49.96
CA TYR D 832 -17.09 -88.88 48.55
C TYR D 832 -17.77 -87.88 47.64
N TYR D 833 -19.06 -87.61 47.89
CA TYR D 833 -19.78 -86.63 47.08
C TYR D 833 -19.20 -85.23 47.24
N TYR D 834 -18.61 -84.93 48.39
CA TYR D 834 -18.06 -83.61 48.66
C TYR D 834 -16.59 -83.49 48.25
N ILE D 835 -16.04 -84.47 47.56
CA ILE D 835 -14.64 -84.43 47.15
C ILE D 835 -14.52 -84.53 45.63
N VAL D 836 -15.02 -85.63 45.07
CA VAL D 836 -14.84 -85.87 43.64
C VAL D 836 -15.65 -84.87 42.81
N ILE D 837 -16.84 -84.52 43.26
CA ILE D 837 -17.64 -83.52 42.55
C ILE D 837 -16.97 -82.15 42.55
N PRO D 838 -16.50 -81.62 43.69
CA PRO D 838 -15.72 -80.37 43.62
C PRO D 838 -14.45 -80.49 42.80
N ALA D 839 -13.77 -81.64 42.86
CA ALA D 839 -12.55 -81.82 42.07
C ALA D 839 -12.85 -81.77 40.58
N PHE D 840 -13.98 -82.34 40.16
CA PHE D 840 -14.36 -82.30 38.75
C PHE D 840 -14.81 -80.90 38.35
N SER D 841 -15.86 -80.39 39.00
CA SER D 841 -16.40 -79.06 38.70
C SER D 841 -16.57 -78.30 40.00
N ARG D 842 -15.52 -77.62 40.45
CA ARG D 842 -15.61 -76.79 41.64
C ARG D 842 -16.56 -75.61 41.41
N GLY D 843 -16.52 -75.00 40.23
CA GLY D 843 -17.37 -73.88 39.91
C GLY D 843 -18.56 -74.19 39.04
N SER D 844 -18.86 -75.47 38.79
CA SER D 844 -19.98 -75.86 37.94
C SER D 844 -20.76 -76.99 38.61
N CYS D 845 -21.04 -76.84 39.90
CA CYS D 845 -21.79 -77.81 40.68
C CYS D 845 -23.04 -77.12 41.23
N CYS D 846 -24.18 -77.35 40.57
CA CYS D 846 -25.44 -76.75 40.97
C CYS D 846 -26.56 -77.75 40.77
N THR D 847 -27.66 -77.55 41.49
CA THR D 847 -28.81 -78.43 41.42
C THR D 847 -29.89 -77.83 40.53
N MET D 848 -30.65 -78.71 39.88
CA MET D 848 -31.72 -78.31 38.97
C MET D 848 -33.01 -79.03 39.36
N GLY D 849 -34.13 -78.42 39.02
CA GLY D 849 -35.44 -78.98 39.31
C GLY D 849 -36.02 -79.69 38.11
N VAL D 850 -36.66 -80.84 38.37
CA VAL D 850 -37.26 -81.66 37.33
C VAL D 850 -38.76 -81.73 37.58
N ARG D 851 -39.54 -81.45 36.54
CA ARG D 851 -41.01 -81.49 36.63
C ARG D 851 -41.47 -82.92 36.42
N TYR D 852 -41.42 -83.70 37.52
CA TYR D 852 -41.84 -85.09 37.45
C TYR D 852 -43.32 -85.22 37.14
N ASP D 853 -44.15 -84.36 37.75
CA ASP D 853 -45.59 -84.44 37.53
C ASP D 853 -45.98 -84.12 36.09
N ARG D 854 -45.14 -83.38 35.36
CA ARG D 854 -45.40 -83.06 33.96
C ARG D 854 -44.61 -83.93 32.99
N LEU D 855 -43.64 -84.70 33.49
CA LEU D 855 -42.85 -85.57 32.63
C LEU D 855 -43.23 -87.04 32.73
N TYR D 856 -43.92 -87.45 33.79
CA TYR D 856 -44.32 -88.84 33.92
C TYR D 856 -45.26 -89.29 32.81
N PRO D 857 -46.33 -88.56 32.46
CA PRO D 857 -47.18 -89.01 31.35
C PRO D 857 -46.46 -89.04 30.01
N ALA D 858 -45.39 -88.26 29.84
CA ALA D 858 -44.66 -88.27 28.57
C ALA D 858 -44.02 -89.62 28.30
N LEU D 859 -43.41 -90.23 29.33
CA LEU D 859 -42.76 -91.52 29.17
C LEU D 859 -43.73 -92.70 29.28
N GLN D 860 -44.96 -92.46 29.71
CA GLN D 860 -45.94 -93.53 29.84
C GLN D 860 -46.62 -93.89 28.52
N ALA D 861 -46.37 -93.13 27.46
CA ALA D 861 -46.96 -93.38 26.16
C ALA D 861 -46.10 -94.29 25.28
N VAL D 862 -45.18 -95.05 25.87
CA VAL D 862 -44.32 -95.93 25.09
C VAL D 862 -45.11 -97.13 24.61
N ILE D 863 -44.63 -97.75 23.54
CA ILE D 863 -45.26 -98.92 22.93
C ILE D 863 -44.46 -100.15 23.33
N VAL D 864 -45.10 -101.08 24.01
CA VAL D 864 -44.49 -102.33 24.46
C VAL D 864 -45.05 -103.46 23.62
N PRO D 865 -44.23 -104.18 22.86
CA PRO D 865 -44.73 -105.29 22.06
C PRO D 865 -44.88 -106.56 22.91
N GLU D 866 -45.27 -107.64 22.26
CA GLU D 866 -45.45 -108.93 22.91
C GLU D 866 -44.40 -109.91 22.40
N ILE D 867 -43.70 -110.55 23.33
CA ILE D 867 -42.66 -111.51 22.95
C ILE D 867 -43.32 -112.78 22.44
N PRO D 868 -42.96 -113.25 21.24
CA PRO D 868 -43.56 -114.50 20.74
C PRO D 868 -43.16 -115.69 21.59
N ALA D 869 -44.06 -116.67 21.67
CA ALA D 869 -43.81 -117.87 22.46
C ALA D 869 -42.84 -118.79 21.73
N ASP D 870 -41.80 -119.23 22.45
CA ASP D 870 -40.78 -120.12 21.91
C ASP D 870 -40.14 -119.54 20.65
N GLU D 871 -39.92 -118.24 20.64
CA GLU D 871 -39.32 -117.56 19.50
C GLU D 871 -38.53 -116.36 19.99
N GLU D 872 -37.62 -115.90 19.14
CA GLU D 872 -36.77 -114.75 19.47
C GLU D 872 -36.46 -113.99 18.19
N ALA D 873 -36.11 -112.71 18.36
CA ALA D 873 -35.78 -111.84 17.25
C ALA D 873 -34.49 -111.09 17.55
N PRO D 874 -33.71 -110.75 16.51
CA PRO D 874 -32.48 -110.00 16.74
C PRO D 874 -32.77 -108.61 17.29
N THR D 875 -31.85 -108.12 18.13
CA THR D 875 -32.01 -106.80 18.72
C THR D 875 -31.91 -105.70 17.66
N THR D 876 -31.02 -105.86 16.69
CA THR D 876 -30.87 -104.85 15.65
C THR D 876 -32.10 -104.82 14.77
N PRO D 877 -32.51 -103.63 14.30
CA PRO D 877 -33.69 -103.53 13.41
C PRO D 877 -33.34 -103.83 11.95
N GLU D 878 -33.16 -105.13 11.67
CA GLU D 878 -32.84 -105.57 10.32
C GLU D 878 -33.62 -106.81 9.90
N ASP D 879 -34.69 -107.16 10.62
CA ASP D 879 -35.50 -108.33 10.29
C ASP D 879 -36.97 -107.94 10.35
N PRO D 880 -37.76 -108.25 9.32
CA PRO D 880 -39.19 -107.91 9.36
C PRO D 880 -39.96 -108.66 10.43
N ARG D 881 -39.43 -109.78 10.94
CA ARG D 881 -40.12 -110.56 11.96
C ARG D 881 -40.11 -109.88 13.33
N HIS D 882 -39.34 -108.82 13.51
CA HIS D 882 -39.31 -108.14 14.79
C HIS D 882 -40.63 -107.42 15.04
N PRO D 883 -41.29 -107.66 16.17
CA PRO D 883 -42.57 -106.99 16.43
C PRO D 883 -42.47 -105.47 16.50
N LEU D 884 -41.32 -104.95 16.93
CA LEU D 884 -41.11 -103.51 17.10
C LEU D 884 -40.14 -102.95 16.08
N HIS D 885 -40.22 -103.44 14.84
CA HIS D 885 -39.34 -102.97 13.78
C HIS D 885 -39.98 -101.85 12.97
N ALA D 886 -41.12 -102.13 12.35
CA ALA D 886 -41.82 -101.14 11.54
C ALA D 886 -43.31 -101.07 11.78
N HIS D 887 -43.95 -102.12 12.33
CA HIS D 887 -45.39 -102.11 12.52
C HIS D 887 -45.79 -101.41 13.82
N GLN D 888 -45.20 -101.82 14.93
CA GLN D 888 -45.52 -101.27 16.24
C GLN D 888 -44.60 -100.12 16.64
N LEU D 889 -43.70 -99.70 15.76
CA LEU D 889 -42.82 -98.58 16.09
C LEU D 889 -43.61 -97.29 16.25
N VAL D 890 -44.59 -97.06 15.39
CA VAL D 890 -45.50 -95.90 15.33
C VAL D 890 -44.72 -94.61 15.07
N PRO D 891 -45.31 -93.64 14.38
CA PRO D 891 -44.58 -92.39 14.09
C PRO D 891 -44.76 -91.33 15.16
N ASN D 892 -44.20 -90.15 14.90
CA ASN D 892 -44.39 -88.96 15.72
C ASN D 892 -43.81 -89.10 17.13
N SER D 893 -44.66 -89.45 18.10
CA SER D 893 -44.27 -89.39 19.50
C SER D 893 -43.12 -90.34 19.82
N LEU D 894 -43.18 -91.56 19.28
CA LEU D 894 -42.17 -92.56 19.61
C LEU D 894 -40.88 -92.41 18.81
N ASN D 895 -40.90 -91.63 17.72
CA ASN D 895 -39.72 -91.51 16.88
C ASN D 895 -38.57 -90.85 17.62
N VAL D 896 -38.85 -89.75 18.33
CA VAL D 896 -37.81 -89.04 19.06
C VAL D 896 -37.25 -89.92 20.19
N TYR D 897 -38.13 -90.62 20.90
CA TYR D 897 -37.68 -91.50 21.98
C TYR D 897 -36.81 -92.63 21.44
N PHE D 898 -37.21 -93.23 20.31
CA PHE D 898 -36.40 -94.29 19.72
C PHE D 898 -35.06 -93.77 19.25
N HIS D 899 -35.03 -92.58 18.64
CA HIS D 899 -33.76 -92.00 18.20
C HIS D 899 -32.86 -91.68 19.38
N ASN D 900 -33.45 -91.28 20.51
CA ASN D 900 -32.65 -90.94 21.68
C ASN D 900 -32.12 -92.17 22.40
N ALA D 901 -32.92 -93.23 22.50
CA ALA D 901 -32.59 -94.39 23.32
C ALA D 901 -32.84 -95.69 22.56
N HIS D 902 -32.31 -95.77 21.33
CA HIS D 902 -32.42 -96.97 20.52
C HIS D 902 -31.37 -98.00 20.92
N LEU D 903 -31.38 -98.37 22.20
CA LEU D 903 -30.48 -99.37 22.72
C LEU D 903 -31.02 -100.77 22.47
N THR D 904 -30.20 -101.77 22.76
CA THR D 904 -30.60 -103.16 22.57
C THR D 904 -31.55 -103.58 23.68
N VAL D 905 -32.79 -103.93 23.31
CA VAL D 905 -33.81 -104.33 24.26
C VAL D 905 -34.42 -105.64 23.81
N ASP D 906 -35.06 -106.32 24.75
CA ASP D 906 -35.70 -107.61 24.47
C ASP D 906 -36.94 -107.74 25.37
N GLY D 907 -37.51 -108.95 25.39
CA GLY D 907 -38.70 -109.16 26.19
C GLY D 907 -38.46 -108.99 27.68
N ASP D 908 -37.33 -109.48 28.17
CA ASP D 908 -37.00 -109.31 29.58
C ASP D 908 -36.84 -107.84 29.94
N ALA D 909 -36.16 -107.07 29.08
CA ALA D 909 -36.01 -105.64 29.32
C ALA D 909 -37.35 -104.93 29.32
N LEU D 910 -38.23 -105.28 28.37
CA LEU D 910 -39.54 -104.67 28.32
C LEU D 910 -40.35 -105.00 29.58
N LEU D 911 -40.29 -106.25 30.04
CA LEU D 911 -41.01 -106.65 31.24
C LEU D 911 -40.48 -105.91 32.47
N THR D 912 -39.16 -105.80 32.60
CA THR D 912 -38.59 -105.09 33.73
C THR D 912 -38.94 -103.61 33.70
N LEU D 913 -38.93 -103.00 32.51
CA LEU D 913 -39.33 -101.60 32.39
C LEU D 913 -40.80 -101.41 32.77
N GLN D 914 -41.66 -102.33 32.33
CA GLN D 914 -43.07 -102.24 32.69
C GLN D 914 -43.28 -102.40 34.20
N GLU D 915 -42.53 -103.31 34.82
CA GLU D 915 -42.63 -103.49 36.26
C GLU D 915 -42.15 -102.25 37.00
N LEU D 916 -41.06 -101.64 36.53
CA LEU D 916 -40.55 -100.42 37.15
C LEU D 916 -41.50 -99.25 36.98
N MET D 917 -42.21 -99.20 35.84
CA MET D 917 -43.13 -98.10 35.58
C MET D 917 -44.35 -98.08 36.50
N GLY D 918 -44.57 -99.15 37.26
CA GLY D 918 -45.71 -99.20 38.16
C GLY D 918 -45.57 -98.39 39.43
N ASP D 919 -44.39 -97.86 39.70
CA ASP D 919 -44.14 -97.04 40.89
C ASP D 919 -44.04 -95.58 40.45
N MET D 920 -44.99 -94.76 40.92
CA MET D 920 -45.07 -93.35 40.57
C MET D 920 -45.03 -92.49 41.82
N ALA D 921 -44.26 -91.40 41.76
CA ALA D 921 -44.18 -90.45 42.86
C ALA D 921 -45.32 -89.43 42.74
N GLU D 922 -45.26 -88.38 43.56
CA GLU D 922 -46.30 -87.35 43.55
C GLU D 922 -45.76 -86.01 43.05
N ARG D 923 -44.72 -85.48 43.67
CA ARG D 923 -44.14 -84.19 43.31
C ARG D 923 -42.81 -84.05 44.04
N THR D 924 -42.20 -82.88 43.93
CA THR D 924 -40.94 -82.56 44.60
C THR D 924 -41.15 -81.41 45.57
N THR D 925 -40.40 -81.43 46.66
CA THR D 925 -40.51 -80.41 47.70
C THR D 925 -39.15 -80.17 48.33
N ALA D 926 -39.03 -79.04 49.00
CA ALA D 926 -37.80 -78.64 49.68
C ALA D 926 -38.05 -78.56 51.18
N ILE D 927 -37.03 -78.90 51.96
CA ILE D 927 -37.10 -78.91 53.41
C ILE D 927 -36.05 -77.95 53.95
N LEU D 928 -36.49 -77.02 54.80
CA LEU D 928 -35.61 -76.05 55.44
C LEU D 928 -35.67 -76.25 56.94
N VAL D 929 -34.51 -76.52 57.55
CA VAL D 929 -34.42 -76.76 58.99
C VAL D 929 -33.26 -75.95 59.55
N SER D 930 -33.22 -75.87 60.88
CA SER D 930 -32.16 -75.14 61.58
C SER D 930 -31.82 -75.88 62.87
N SER D 931 -30.60 -75.65 63.34
CA SER D 931 -30.11 -76.27 64.57
C SER D 931 -29.59 -75.19 65.51
N ALA D 932 -29.94 -75.34 66.79
CA ALA D 932 -29.51 -74.37 67.80
C ALA D 932 -28.21 -74.84 68.44
N PRO D 933 -27.13 -74.05 68.38
CA PRO D 933 -25.87 -74.46 69.00
C PRO D 933 -25.92 -74.40 70.52
N ASP D 934 -24.79 -74.69 71.16
CA ASP D 934 -24.72 -74.68 72.61
C ASP D 934 -24.87 -73.25 73.13
N ALA D 935 -25.95 -73.00 73.88
CA ALA D 935 -26.23 -71.68 74.42
C ALA D 935 -25.72 -71.59 75.86
N GLY D 936 -24.40 -71.66 75.98
CA GLY D 936 -23.76 -71.55 77.28
C GLY D 936 -22.43 -70.81 77.25
N ALA D 937 -22.19 -70.03 76.19
CA ALA D 937 -20.90 -69.39 76.04
C ALA D 937 -20.77 -68.16 76.94
N ALA D 938 -21.59 -67.14 76.71
CA ALA D 938 -21.49 -65.93 77.52
C ALA D 938 -22.32 -66.05 78.80
N THR D 939 -23.63 -66.16 78.67
CA THR D 939 -24.55 -66.29 79.79
C THR D 939 -25.95 -66.56 79.26
N ALA D 940 -26.68 -67.42 79.97
CA ALA D 940 -28.07 -67.75 79.65
C ALA D 940 -28.23 -68.14 78.19
N THR D 941 -29.05 -67.39 77.45
CA THR D 941 -29.30 -67.63 76.03
C THR D 941 -29.21 -66.31 75.26
N THR D 942 -28.18 -65.53 75.56
CA THR D 942 -27.98 -64.23 74.92
C THR D 942 -27.04 -64.30 73.73
N ARG D 943 -26.56 -65.48 73.35
CA ARG D 943 -25.65 -65.60 72.23
C ARG D 943 -26.39 -65.39 70.90
N ASN D 944 -25.64 -64.96 69.90
CA ASN D 944 -26.18 -64.71 68.57
C ASN D 944 -25.63 -65.68 67.52
N MET D 945 -24.98 -66.77 67.96
CA MET D 945 -24.40 -67.74 67.04
C MET D 945 -25.43 -68.80 66.70
N ARG D 946 -25.71 -68.95 65.41
CA ARG D 946 -26.67 -69.93 64.92
C ARG D 946 -26.10 -70.62 63.68
N ILE D 947 -26.58 -71.83 63.43
CA ILE D 947 -26.18 -72.61 62.26
C ILE D 947 -27.43 -73.11 61.56
N TYR D 948 -27.47 -72.98 60.24
CA TYR D 948 -28.61 -73.39 59.43
C TYR D 948 -28.19 -74.49 58.47
N ASP D 949 -29.11 -75.43 58.22
CA ASP D 949 -28.87 -76.55 57.34
C ASP D 949 -29.91 -76.57 56.23
N GLY D 950 -29.50 -77.03 55.05
CA GLY D 950 -30.37 -77.11 53.90
C GLY D 950 -30.54 -78.55 53.45
N ALA D 951 -31.70 -78.83 52.87
CA ALA D 951 -32.01 -80.17 52.38
C ALA D 951 -32.96 -80.07 51.19
N LEU D 952 -32.78 -80.96 50.22
CA LEU D 952 -33.61 -80.99 49.03
C LEU D 952 -34.04 -82.43 48.75
N TYR D 953 -35.26 -82.57 48.24
CA TYR D 953 -35.83 -83.86 47.91
C TYR D 953 -36.04 -83.97 46.40
N HIS D 954 -35.68 -85.14 45.85
CA HIS D 954 -35.83 -85.41 44.42
C HIS D 954 -35.05 -84.39 43.59
N GLY D 955 -33.73 -84.37 43.79
CA GLY D 955 -32.88 -83.46 43.07
C GLY D 955 -31.74 -84.21 42.40
N LEU D 956 -31.15 -83.54 41.40
CA LEU D 956 -30.06 -84.12 40.63
C LEU D 956 -28.97 -83.06 40.45
N ILE D 957 -27.75 -83.55 40.24
CA ILE D 957 -26.59 -82.69 40.02
C ILE D 957 -26.25 -82.70 38.54
N MET D 958 -26.30 -81.54 37.91
CA MET D 958 -26.03 -81.38 36.49
C MET D 958 -24.79 -80.52 36.30
N MET D 959 -23.85 -81.00 35.49
CA MET D 959 -22.61 -80.27 35.21
C MET D 959 -22.46 -79.92 33.74
N ALA D 960 -23.41 -80.32 32.88
CA ALA D 960 -23.36 -80.03 31.45
C ALA D 960 -24.49 -79.04 31.13
N TYR D 961 -24.11 -77.81 30.78
CA TYR D 961 -25.07 -76.75 30.48
C TYR D 961 -25.02 -76.45 28.99
N GLN D 962 -26.16 -76.53 28.33
CA GLN D 962 -26.24 -76.21 26.91
C GLN D 962 -26.11 -74.70 26.69
N ALA D 963 -25.55 -74.32 25.54
CA ALA D 963 -25.33 -72.91 25.25
C ALA D 963 -26.61 -72.24 24.74
N TYR D 964 -27.12 -72.70 23.59
CA TYR D 964 -28.32 -72.13 22.99
C TYR D 964 -29.22 -73.22 22.45
N ASP D 965 -29.27 -74.36 23.14
CA ASP D 965 -30.11 -75.46 22.70
C ASP D 965 -31.58 -75.14 22.90
N GLU D 966 -32.41 -75.58 21.95
CA GLU D 966 -33.84 -75.37 22.00
C GLU D 966 -34.60 -76.60 22.50
N THR D 967 -33.88 -77.61 23.01
CA THR D 967 -34.55 -78.81 23.51
C THR D 967 -35.44 -78.49 24.71
N ILE D 968 -34.97 -77.63 25.61
CA ILE D 968 -35.71 -77.24 26.81
C ILE D 968 -36.15 -75.80 26.64
N ALA D 969 -37.45 -75.56 26.82
CA ALA D 969 -38.02 -74.23 26.68
C ALA D 969 -37.84 -73.46 28.00
N THR D 970 -38.48 -72.30 28.10
CA THR D 970 -38.34 -71.44 29.28
C THR D 970 -39.40 -71.84 30.30
N GLY D 971 -38.96 -72.40 31.42
CA GLY D 971 -39.88 -72.76 32.49
C GLY D 971 -40.87 -73.85 32.12
N THR D 972 -40.41 -74.88 31.41
CA THR D 972 -41.27 -75.99 31.01
C THR D 972 -40.81 -77.31 31.61
N PHE D 973 -39.52 -77.64 31.50
CA PHE D 973 -38.99 -78.89 32.02
C PHE D 973 -38.01 -78.68 33.17
N PHE D 974 -37.00 -77.84 32.99
CA PHE D 974 -35.99 -77.58 34.01
C PHE D 974 -36.09 -76.13 34.46
N TYR D 975 -36.12 -75.92 35.77
CA TYR D 975 -36.20 -74.59 36.36
C TYR D 975 -35.17 -74.45 37.45
N PRO D 976 -34.65 -73.24 37.67
CA PRO D 976 -33.67 -73.04 38.74
C PRO D 976 -34.30 -73.23 40.11
N VAL D 977 -33.46 -73.69 41.05
CA VAL D 977 -33.89 -73.92 42.42
C VAL D 977 -32.87 -73.28 43.36
N PRO D 978 -33.28 -72.85 44.56
CA PRO D 978 -32.32 -72.27 45.50
C PRO D 978 -31.26 -73.28 45.91
N VAL D 979 -30.04 -72.78 46.13
CA VAL D 979 -28.91 -73.59 46.52
C VAL D 979 -28.18 -72.91 47.67
N ASN D 980 -27.44 -73.71 48.44
CA ASN D 980 -26.67 -73.17 49.54
C ASN D 980 -25.55 -72.27 49.03
N PRO D 981 -25.21 -71.22 49.80
CA PRO D 981 -24.13 -70.30 49.37
C PRO D 981 -22.74 -70.84 49.70
N LEU D 982 -22.43 -72.02 49.16
CA LEU D 982 -21.12 -72.64 49.33
C LEU D 982 -20.39 -72.83 48.00
N PHE D 983 -21.10 -73.30 46.97
CA PHE D 983 -20.51 -73.46 45.64
C PHE D 983 -21.62 -73.21 44.62
N ALA D 984 -21.69 -71.96 44.14
CA ALA D 984 -22.72 -71.54 43.20
C ALA D 984 -22.14 -71.48 41.78
N CYS D 985 -23.04 -71.24 40.82
CA CYS D 985 -22.67 -71.14 39.42
C CYS D 985 -23.66 -70.23 38.72
N PRO D 986 -23.19 -69.34 37.83
CA PRO D 986 -24.12 -68.45 37.13
C PRO D 986 -24.67 -69.04 35.84
N GLU D 987 -23.99 -70.09 35.34
CA GLU D 987 -24.41 -70.70 34.08
C GLU D 987 -25.79 -71.36 34.22
N HIS D 988 -26.03 -72.05 35.33
CA HIS D 988 -27.31 -72.72 35.53
C HIS D 988 -28.40 -71.77 36.00
N LEU D 989 -28.04 -70.67 36.64
CA LEU D 989 -29.05 -69.72 37.12
C LEU D 989 -29.68 -68.92 35.99
N ALA D 990 -29.05 -68.90 34.81
CA ALA D 990 -29.57 -68.17 33.66
C ALA D 990 -30.32 -69.06 32.69
N SER D 991 -30.58 -70.32 33.05
CA SER D 991 -31.29 -71.23 32.17
C SER D 991 -32.75 -70.84 31.98
N LEU D 992 -33.31 -70.05 32.90
CA LEU D 992 -34.70 -69.64 32.77
C LEU D 992 -34.91 -68.64 31.63
N ARG D 993 -33.87 -67.91 31.26
CA ARG D 993 -33.92 -66.91 30.17
C ARG D 993 -34.97 -65.86 30.53
N GLY D 994 -35.70 -65.32 29.57
CA GLY D 994 -36.70 -64.30 29.83
C GLY D 994 -36.16 -62.90 29.98
N MET D 995 -34.86 -62.70 29.84
CA MET D 995 -34.23 -61.39 29.98
C MET D 995 -33.33 -61.13 28.78
N THR D 996 -33.32 -59.90 28.30
CA THR D 996 -32.49 -59.52 27.16
C THR D 996 -31.41 -58.52 27.56
N ASN D 997 -31.78 -57.35 28.10
CA ASN D 997 -30.79 -56.35 28.50
C ASN D 997 -30.84 -56.05 29.99
N ALA D 998 -31.99 -55.61 30.51
CA ALA D 998 -32.02 -55.05 31.86
C ALA D 998 -31.83 -56.13 32.91
N ARG D 999 -32.74 -57.10 32.98
CA ARG D 999 -32.60 -58.18 33.94
C ARG D 999 -31.36 -59.02 33.66
N ARG D 1000 -30.94 -59.10 32.40
CA ARG D 1000 -29.73 -59.83 32.06
C ARG D 1000 -28.50 -59.21 32.73
N VAL D 1001 -28.32 -57.90 32.55
CA VAL D 1001 -27.18 -57.23 33.16
C VAL D 1001 -27.35 -57.12 34.67
N LEU D 1002 -28.59 -57.18 35.17
CA LEU D 1002 -28.79 -57.19 36.62
C LEU D 1002 -28.34 -58.51 37.22
N ALA D 1003 -28.72 -59.62 36.59
CA ALA D 1003 -28.33 -60.95 37.12
C ALA D 1003 -26.86 -61.22 36.80
N LYS D 1004 -26.31 -60.53 35.80
CA LYS D 1004 -24.90 -60.78 35.38
C LYS D 1004 -23.92 -60.39 36.49
N MET D 1005 -24.12 -59.23 37.12
CA MET D 1005 -23.13 -58.75 38.13
C MET D 1005 -23.47 -59.31 39.52
N VAL D 1006 -24.72 -59.18 39.97
CA VAL D 1006 -25.05 -59.62 41.36
C VAL D 1006 -25.90 -60.90 41.32
N PRO D 1007 -25.41 -62.05 41.84
CA PRO D 1007 -26.19 -63.32 41.93
C PRO D 1007 -26.85 -63.41 43.30
N PRO D 1008 -28.18 -63.17 43.41
CA PRO D 1008 -28.88 -63.15 44.73
C PRO D 1008 -28.83 -64.52 45.42
N ILE D 1009 -28.41 -64.55 46.69
CA ILE D 1009 -28.41 -65.82 47.47
C ILE D 1009 -29.68 -65.83 48.31
N PRO D 1010 -30.51 -66.91 48.33
CA PRO D 1010 -31.79 -66.88 49.04
C PRO D 1010 -31.58 -66.69 50.53
N PRO D 1011 -32.42 -65.88 51.18
CA PRO D 1011 -32.27 -65.69 52.63
C PRO D 1011 -32.55 -66.93 53.45
N PHE D 1012 -33.26 -67.91 52.89
CA PHE D 1012 -33.54 -69.15 53.61
C PHE D 1012 -32.25 -69.90 53.92
N LEU D 1013 -31.32 -69.95 52.97
CA LEU D 1013 -30.05 -70.63 53.14
C LEU D 1013 -28.88 -69.68 53.36
N GLY D 1014 -29.13 -68.36 53.35
CA GLY D 1014 -28.06 -67.41 53.57
C GLY D 1014 -27.48 -67.43 54.97
N ALA D 1015 -28.26 -67.91 55.94
CA ALA D 1015 -27.81 -68.01 57.34
C ALA D 1015 -27.35 -66.67 57.89
N ASN D 1016 -28.07 -65.61 57.51
CA ASN D 1016 -27.81 -64.23 57.96
C ASN D 1016 -26.36 -63.88 57.59
N HIS D 1017 -25.55 -63.38 58.51
CA HIS D 1017 -24.17 -62.99 58.22
C HIS D 1017 -23.16 -63.90 58.91
N HIS D 1018 -23.54 -65.14 59.22
CA HIS D 1018 -22.62 -66.05 59.89
C HIS D 1018 -21.43 -66.37 59.00
N ALA D 1019 -21.69 -66.81 57.76
CA ALA D 1019 -20.65 -67.07 56.77
C ALA D 1019 -21.05 -66.41 55.46
N THR D 1020 -20.74 -65.13 55.33
CA THR D 1020 -21.03 -64.38 54.10
C THR D 1020 -19.77 -64.27 53.24
N ILE D 1021 -19.31 -65.42 52.77
CA ILE D 1021 -18.15 -65.49 51.88
C ILE D 1021 -18.62 -66.16 50.60
N ARG D 1022 -19.07 -65.35 49.65
CA ARG D 1022 -19.45 -65.83 48.32
C ARG D 1022 -18.64 -65.17 47.22
N GLN D 1023 -18.59 -63.84 47.20
CA GLN D 1023 -17.79 -63.14 46.19
C GLN D 1023 -16.31 -63.43 46.30
N PRO D 1024 -15.66 -63.40 47.48
CA PRO D 1024 -14.24 -63.82 47.54
C PRO D 1024 -14.03 -65.24 47.07
N VAL D 1025 -14.93 -66.16 47.40
CA VAL D 1025 -14.78 -67.55 46.97
C VAL D 1025 -14.85 -67.64 45.45
N ALA D 1026 -15.82 -66.94 44.85
CA ALA D 1026 -15.95 -66.95 43.39
C ALA D 1026 -14.72 -66.33 42.73
N TYR D 1027 -14.22 -65.22 43.28
CA TYR D 1027 -13.04 -64.58 42.71
C TYR D 1027 -11.82 -65.50 42.79
N HIS D 1028 -11.64 -66.16 43.94
CA HIS D 1028 -10.52 -67.08 44.09
C HIS D 1028 -10.63 -68.25 43.13
N VAL D 1029 -11.84 -68.82 42.99
CA VAL D 1029 -12.01 -69.98 42.11
C VAL D 1029 -11.90 -69.59 40.64
N THR D 1030 -12.13 -68.33 40.29
CA THR D 1030 -11.99 -67.90 38.91
C THR D 1030 -10.59 -67.43 38.55
N HIS D 1031 -9.84 -66.90 39.53
CA HIS D 1031 -8.52 -66.36 39.24
C HIS D 1031 -7.37 -67.26 39.69
N SER D 1032 -7.65 -68.34 40.43
CA SER D 1032 -6.58 -69.21 40.90
C SER D 1032 -6.04 -70.08 39.76
N LYS D 1033 -6.94 -70.63 38.95
CA LYS D 1033 -6.63 -71.55 37.85
C LYS D 1033 -5.50 -72.52 38.23
N SER D 1034 -5.63 -73.10 39.42
CA SER D 1034 -4.64 -74.04 39.94
C SER D 1034 -5.04 -75.47 39.58
N ASP D 1035 -4.35 -76.44 40.16
CA ASP D 1035 -4.62 -77.85 39.93
C ASP D 1035 -5.50 -78.40 41.04
N PHE D 1036 -6.16 -79.52 40.74
CA PHE D 1036 -7.04 -80.15 41.72
C PHE D 1036 -6.26 -80.72 42.89
N ASN D 1037 -4.99 -81.10 42.68
CA ASN D 1037 -4.19 -81.65 43.76
C ASN D 1037 -3.99 -80.64 44.87
N THR D 1038 -3.71 -79.38 44.51
CA THR D 1038 -3.57 -78.34 45.52
C THR D 1038 -4.92 -77.93 46.08
N LEU D 1039 -5.97 -77.96 45.25
CA LEU D 1039 -7.30 -77.56 45.73
C LEU D 1039 -7.82 -78.52 46.80
N THR D 1040 -7.60 -79.83 46.61
CA THR D 1040 -8.03 -80.79 47.62
C THR D 1040 -7.30 -80.59 48.94
N TYR D 1041 -5.99 -80.34 48.88
CA TYR D 1041 -5.22 -80.09 50.09
C TYR D 1041 -5.68 -78.82 50.78
N SER D 1042 -5.96 -77.77 50.00
CA SER D 1042 -6.45 -76.52 50.58
C SER D 1042 -7.81 -76.72 51.26
N LEU D 1043 -8.69 -77.48 50.61
CA LEU D 1043 -10.00 -77.76 51.21
C LEU D 1043 -9.85 -78.58 52.49
N LEU D 1044 -8.96 -79.56 52.49
CA LEU D 1044 -8.74 -80.36 53.70
C LEU D 1044 -8.19 -79.49 54.83
N GLY D 1045 -7.27 -78.58 54.50
CA GLY D 1045 -6.73 -77.69 55.52
C GLY D 1045 -7.77 -76.73 56.06
N GLY D 1046 -8.61 -76.19 55.19
CA GLY D 1046 -9.64 -75.24 55.59
C GLY D 1046 -10.92 -75.83 56.13
N TYR D 1047 -11.06 -77.16 56.11
CA TYR D 1047 -12.25 -77.82 56.63
C TYR D 1047 -12.12 -78.00 58.14
N PHE D 1048 -12.23 -76.89 58.85
CA PHE D 1048 -12.17 -76.88 60.31
C PHE D 1048 -13.27 -75.98 60.85
N LYS D 1049 -13.70 -76.26 62.08
CA LYS D 1049 -14.79 -75.53 62.71
C LYS D 1049 -14.31 -74.67 63.88
N PHE D 1050 -13.63 -75.27 64.84
CA PHE D 1050 -13.15 -74.56 66.02
C PHE D 1050 -11.69 -74.19 65.85
N THR D 1051 -11.36 -72.94 66.19
CA THR D 1051 -10.01 -72.39 66.01
C THR D 1051 -9.02 -72.87 67.07
N PRO D 1052 -9.35 -72.85 68.37
CA PRO D 1052 -8.34 -73.26 69.36
C PRO D 1052 -7.85 -74.69 69.19
N ILE D 1053 -8.75 -75.63 68.88
CA ILE D 1053 -8.33 -77.02 68.72
C ILE D 1053 -7.47 -77.18 67.48
N SER D 1054 -7.81 -76.47 66.39
CA SER D 1054 -6.98 -76.51 65.19
C SER D 1054 -5.60 -75.94 65.47
N LEU D 1055 -5.53 -74.83 66.21
CA LEU D 1055 -4.24 -74.24 66.55
C LEU D 1055 -3.41 -75.19 67.41
N THR D 1056 -4.05 -75.84 68.39
CA THR D 1056 -3.33 -76.81 69.22
C THR D 1056 -2.81 -77.98 68.40
N HIS D 1057 -3.64 -78.49 67.48
CA HIS D 1057 -3.22 -79.60 66.64
C HIS D 1057 -2.06 -79.20 65.73
N GLN D 1058 -2.12 -77.98 65.18
CA GLN D 1058 -1.03 -77.49 64.34
C GLN D 1058 0.26 -77.34 65.15
N LEU D 1059 0.16 -76.78 66.36
CA LEU D 1059 1.35 -76.64 67.19
C LEU D 1059 1.92 -77.98 67.60
N ARG D 1060 1.07 -79.00 67.76
CA ARG D 1060 1.55 -80.34 68.06
C ARG D 1060 2.24 -80.96 66.85
N THR D 1061 1.48 -81.17 65.77
CA THR D 1061 2.03 -81.70 64.53
C THR D 1061 2.19 -80.53 63.55
N GLY D 1062 3.22 -79.73 63.79
CA GLY D 1062 3.50 -78.58 62.95
C GLY D 1062 4.00 -78.89 61.55
N PHE D 1063 5.21 -79.43 61.45
CA PHE D 1063 5.94 -79.61 60.19
C PHE D 1063 5.73 -78.40 59.28
N HIS D 1064 6.18 -77.24 59.77
CA HIS D 1064 5.98 -75.94 59.14
C HIS D 1064 4.49 -75.64 59.00
N PRO D 1065 3.79 -75.36 60.10
CA PRO D 1065 2.36 -75.02 59.99
C PRO D 1065 2.13 -73.64 59.39
N GLY D 1066 0.87 -73.24 59.27
CA GLY D 1066 0.53 -71.96 58.69
C GLY D 1066 0.31 -70.86 59.71
N ILE D 1067 1.12 -70.86 60.77
CA ILE D 1067 1.03 -69.86 61.83
C ILE D 1067 2.40 -69.23 61.99
N ALA D 1068 2.44 -67.89 62.01
CA ALA D 1068 3.67 -67.14 62.17
C ALA D 1068 3.74 -66.57 63.58
N PHE D 1069 4.84 -66.81 64.27
CA PHE D 1069 5.04 -66.37 65.64
C PHE D 1069 6.40 -65.72 65.79
N THR D 1070 6.46 -64.73 66.67
CA THR D 1070 7.69 -64.00 66.96
C THR D 1070 7.86 -63.87 68.47
N VAL D 1071 9.12 -63.69 68.89
CA VAL D 1071 9.45 -63.57 70.30
C VAL D 1071 10.31 -62.33 70.49
N VAL D 1072 10.27 -61.78 71.71
CA VAL D 1072 11.04 -60.61 72.07
C VAL D 1072 11.69 -60.86 73.43
N ARG D 1073 12.99 -60.55 73.53
CA ARG D 1073 13.73 -60.71 74.77
C ARG D 1073 14.60 -59.48 75.01
N GLN D 1074 14.66 -59.04 76.26
CA GLN D 1074 15.46 -57.88 76.64
C GLN D 1074 16.51 -58.28 77.66
N ASP D 1075 17.66 -57.61 77.62
CA ASP D 1075 18.75 -57.89 78.53
C ASP D 1075 19.33 -56.60 79.10
N ARG D 1076 20.43 -56.72 79.84
CA ARG D 1076 21.08 -55.57 80.44
C ARG D 1076 22.58 -55.66 80.23
N PHE D 1077 23.23 -54.51 80.26
CA PHE D 1077 24.68 -54.42 80.07
C PHE D 1077 25.28 -53.49 81.11
N ALA D 1078 26.50 -53.80 81.51
CA ALA D 1078 27.22 -53.02 82.51
C ALA D 1078 28.33 -52.22 81.84
N THR D 1079 28.36 -50.91 82.10
CA THR D 1079 29.35 -50.02 81.52
C THR D 1079 29.87 -49.09 82.62
N GLU D 1080 30.84 -48.26 82.27
CA GLU D 1080 31.43 -47.30 83.18
C GLU D 1080 31.29 -45.89 82.62
N GLN D 1081 30.96 -44.95 83.51
CA GLN D 1081 30.77 -43.56 83.14
C GLN D 1081 31.94 -42.71 83.65
N LEU D 1082 32.16 -41.58 82.98
CA LEU D 1082 33.19 -40.64 83.34
C LEU D 1082 32.56 -39.27 83.57
N LEU D 1083 32.72 -38.75 84.77
CA LEU D 1083 32.13 -37.46 85.15
C LEU D 1083 33.21 -36.39 85.17
N TYR D 1084 32.94 -35.27 84.53
CA TYR D 1084 33.86 -34.14 84.47
C TYR D 1084 33.25 -32.95 85.20
N ALA D 1085 34.04 -32.34 86.09
CA ALA D 1085 33.59 -31.21 86.89
C ALA D 1085 34.42 -29.97 86.55
N GLU D 1086 33.79 -28.81 86.65
CA GLU D 1086 34.43 -27.53 86.38
C GLU D 1086 34.88 -26.89 87.68
N ARG D 1087 35.36 -25.65 87.59
CA ARG D 1087 35.82 -24.94 88.78
C ARG D 1087 34.64 -24.50 89.64
N ALA D 1088 33.74 -23.71 89.07
CA ALA D 1088 32.55 -23.21 89.76
C ALA D 1088 31.35 -23.98 89.24
N SER D 1089 31.05 -25.11 89.88
CA SER D 1089 29.92 -25.95 89.48
C SER D 1089 29.03 -26.36 90.64
N GLU D 1090 29.51 -26.35 91.87
CA GLU D 1090 28.70 -26.74 93.02
C GLU D 1090 29.21 -26.02 94.26
N SER D 1091 28.29 -25.66 95.15
CA SER D 1091 28.61 -24.97 96.38
C SER D 1091 28.43 -25.92 97.56
N TYR D 1092 29.46 -26.01 98.41
CA TYR D 1092 29.43 -26.88 99.58
C TYR D 1092 29.97 -26.10 100.78
N PHE D 1093 29.40 -26.39 101.95
CA PHE D 1093 29.81 -25.75 103.19
C PHE D 1093 29.93 -26.80 104.29
N VAL D 1094 30.77 -26.49 105.29
CA VAL D 1094 31.01 -27.37 106.42
C VAL D 1094 30.54 -26.65 107.68
N GLY D 1095 29.71 -27.33 108.47
CA GLY D 1095 29.21 -26.72 109.69
C GLY D 1095 30.26 -26.63 110.77
N GLN D 1096 29.96 -25.82 111.78
CA GLN D 1096 30.86 -25.63 112.90
C GLN D 1096 30.83 -26.84 113.83
N ILE D 1097 31.84 -26.91 114.70
CA ILE D 1097 31.96 -27.99 115.67
C ILE D 1097 31.68 -27.42 117.05
N GLN D 1098 30.71 -28.02 117.75
CA GLN D 1098 30.33 -27.58 119.08
C GLN D 1098 30.88 -28.54 120.12
N VAL D 1099 31.61 -27.99 121.09
CA VAL D 1099 32.22 -28.76 122.16
C VAL D 1099 31.44 -28.45 123.43
N HIS D 1100 30.47 -29.31 123.76
CA HIS D 1100 29.65 -29.13 124.95
C HIS D 1100 29.17 -30.49 125.43
N HIS D 1101 28.98 -30.61 126.74
CA HIS D 1101 28.52 -31.84 127.36
C HIS D 1101 27.07 -31.66 127.82
N HIS D 1102 26.21 -32.60 127.45
CA HIS D 1102 24.81 -32.55 127.82
C HIS D 1102 24.26 -33.97 127.82
N ASP D 1103 23.99 -34.51 129.00
CA ASP D 1103 23.46 -35.85 129.11
C ASP D 1103 21.99 -35.90 128.69
N ALA D 1104 21.55 -37.07 128.25
CA ALA D 1104 20.19 -37.30 127.81
C ALA D 1104 19.52 -38.33 128.71
N ILE D 1105 18.21 -38.17 128.88
CA ILE D 1105 17.42 -39.06 129.73
C ILE D 1105 16.79 -40.19 128.93
N GLY D 1106 16.28 -39.88 127.74
CA GLY D 1106 15.63 -40.90 126.92
C GLY D 1106 16.58 -41.89 126.29
N GLY D 1107 17.86 -41.54 126.17
CA GLY D 1107 18.84 -42.43 125.58
C GLY D 1107 20.24 -42.02 125.95
N VAL D 1108 21.21 -42.78 125.44
CA VAL D 1108 22.62 -42.51 125.70
C VAL D 1108 23.25 -41.63 124.62
N ASN D 1109 22.47 -41.17 123.65
CA ASN D 1109 23.00 -40.34 122.57
C ASN D 1109 23.17 -38.89 123.07
N PHE D 1110 23.74 -38.06 122.20
CA PHE D 1110 23.97 -36.65 122.51
C PHE D 1110 23.14 -35.78 121.58
N THR D 1111 22.73 -34.62 122.10
CA THR D 1111 21.90 -33.68 121.34
C THR D 1111 22.81 -32.76 120.52
N LEU D 1112 23.50 -33.36 119.56
CA LEU D 1112 24.39 -32.64 118.66
C LEU D 1112 23.89 -32.85 117.23
N THR D 1113 23.35 -31.78 116.64
CA THR D 1113 22.83 -31.83 115.29
C THR D 1113 23.46 -30.72 114.46
N GLN D 1114 23.94 -31.07 113.28
CA GLN D 1114 24.58 -30.11 112.36
C GLN D 1114 23.75 -30.02 111.08
N PRO D 1115 22.89 -29.04 110.94
CA PRO D 1115 22.10 -28.91 109.71
C PRO D 1115 22.98 -28.60 108.51
N ARG D 1116 22.54 -29.09 107.34
CA ARG D 1116 23.25 -28.85 106.09
C ARG D 1116 22.25 -28.57 104.99
N ALA D 1117 22.59 -27.60 104.13
CA ALA D 1117 21.70 -27.21 103.03
C ALA D 1117 22.56 -26.67 101.90
N HIS D 1118 22.64 -27.42 100.81
CA HIS D 1118 23.42 -27.03 99.64
C HIS D 1118 22.51 -27.00 98.41
N VAL D 1119 22.81 -26.06 97.51
CA VAL D 1119 22.05 -25.91 96.27
C VAL D 1119 23.04 -25.93 95.10
N ASP D 1120 22.73 -26.75 94.10
CA ASP D 1120 23.59 -26.85 92.93
C ASP D 1120 23.43 -25.63 92.04
N LEU D 1121 24.56 -25.11 91.55
CA LEU D 1121 24.57 -23.95 90.66
C LEU D 1121 24.39 -24.40 89.22
N GLY D 1122 23.18 -24.89 88.93
CA GLY D 1122 22.86 -25.37 87.60
C GLY D 1122 22.25 -24.30 86.72
N VAL D 1123 22.98 -23.20 86.51
CA VAL D 1123 22.48 -22.12 85.67
C VAL D 1123 22.68 -22.42 84.18
N GLY D 1124 23.55 -23.35 83.84
CA GLY D 1124 23.80 -23.70 82.45
C GLY D 1124 24.21 -25.15 82.32
N TYR D 1125 25.22 -25.41 81.50
CA TYR D 1125 25.74 -26.75 81.26
C TYR D 1125 27.25 -26.70 81.47
N THR D 1126 27.70 -26.90 82.70
CA THR D 1126 29.11 -26.88 83.06
C THR D 1126 29.69 -28.28 83.21
N ALA D 1127 29.00 -29.17 83.93
CA ALA D 1127 29.45 -30.54 84.15
C ALA D 1127 28.74 -31.47 83.19
N VAL D 1128 29.53 -32.33 82.52
CA VAL D 1128 29.00 -33.30 81.57
C VAL D 1128 29.54 -34.67 81.92
N CYS D 1129 28.80 -35.70 81.50
CA CYS D 1129 29.18 -37.07 81.78
C CYS D 1129 28.80 -37.95 80.59
N ALA D 1130 29.71 -38.84 80.20
CA ALA D 1130 29.48 -39.78 79.12
C ALA D 1130 30.03 -41.14 79.50
N THR D 1131 29.42 -42.19 78.95
CA THR D 1131 29.81 -43.56 79.23
C THR D 1131 30.52 -44.15 78.02
N ALA D 1132 31.70 -44.73 78.25
CA ALA D 1132 32.46 -45.38 77.19
C ALA D 1132 33.34 -46.44 77.84
N ALA D 1133 32.89 -47.69 77.80
CA ALA D 1133 33.64 -48.78 78.40
C ALA D 1133 33.19 -50.10 77.78
N LEU D 1134 34.15 -50.99 77.52
CA LEU D 1134 33.88 -52.31 76.96
C LEU D 1134 33.97 -53.34 78.08
N ARG D 1135 32.84 -53.92 78.45
CA ARG D 1135 32.79 -54.90 79.53
C ARG D 1135 32.09 -56.18 79.08
N CYS D 1136 31.85 -57.09 80.02
CA CYS D 1136 31.18 -58.35 79.75
C CYS D 1136 29.73 -58.30 80.20
N PRO D 1137 28.81 -58.81 79.39
CA PRO D 1137 27.40 -58.81 79.78
C PRO D 1137 27.17 -59.63 81.05
N LEU D 1138 26.23 -59.17 81.87
CA LEU D 1138 25.91 -59.81 83.14
C LEU D 1138 24.73 -60.76 83.03
N THR D 1139 23.69 -60.39 82.30
CA THR D 1139 22.51 -61.24 82.17
C THR D 1139 22.81 -62.42 81.25
N ASP D 1140 22.54 -63.63 81.72
CA ASP D 1140 22.76 -64.85 80.96
C ASP D 1140 21.52 -65.18 80.13
N MET D 1141 21.76 -65.82 78.98
CA MET D 1141 20.66 -66.20 78.10
C MET D 1141 19.88 -67.37 78.70
N GLY D 1142 18.55 -67.26 78.64
CA GLY D 1142 17.70 -68.30 79.18
C GLY D 1142 16.29 -68.13 78.68
N ASN D 1143 15.49 -69.18 78.87
CA ASN D 1143 14.10 -69.21 78.46
C ASN D 1143 13.20 -69.32 79.68
N THR D 1144 12.06 -68.62 79.63
CA THR D 1144 11.10 -68.64 80.73
C THR D 1144 9.72 -68.32 80.17
N ALA D 1145 8.70 -68.64 80.96
CA ALA D 1145 7.31 -68.41 80.60
C ALA D 1145 6.63 -67.62 81.70
N GLN D 1146 5.80 -66.66 81.29
CA GLN D 1146 5.07 -65.82 82.23
C GLN D 1146 3.68 -66.43 82.50
N ASN D 1147 2.90 -65.75 83.33
CA ASN D 1147 1.56 -66.19 83.69
C ASN D 1147 0.60 -65.01 83.58
N LEU D 1148 -0.15 -64.96 82.48
CA LEU D 1148 -1.13 -63.91 82.26
C LEU D 1148 -2.53 -64.44 81.99
N PHE D 1149 -2.74 -65.75 82.08
CA PHE D 1149 -4.03 -66.36 81.81
C PHE D 1149 -4.83 -66.64 83.08
N PHE D 1150 -4.58 -65.89 84.15
CA PHE D 1150 -5.26 -66.06 85.42
C PHE D 1150 -6.38 -65.05 85.62
N SER D 1151 -7.07 -64.66 84.55
CA SER D 1151 -8.15 -63.70 84.65
C SER D 1151 -9.37 -64.27 85.36
N ARG D 1152 -9.48 -65.59 85.45
CA ARG D 1152 -10.60 -66.28 86.12
C ARG D 1152 -11.88 -65.87 85.40
N GLY D 1153 -12.94 -65.47 86.09
CA GLY D 1153 -14.18 -65.09 85.45
C GLY D 1153 -15.24 -64.62 86.42
N GLY D 1154 -16.47 -65.06 86.22
CA GLY D 1154 -17.57 -64.67 87.08
C GLY D 1154 -18.34 -65.84 87.65
N VAL D 1155 -19.67 -65.77 87.60
CA VAL D 1155 -20.52 -66.83 88.13
C VAL D 1155 -20.52 -67.99 87.15
N PRO D 1156 -20.17 -69.20 87.59
CA PRO D 1156 -20.19 -70.35 86.69
C PRO D 1156 -21.61 -70.71 86.27
N MET D 1157 -21.73 -71.27 85.07
CA MET D 1157 -23.01 -71.67 84.52
C MET D 1157 -23.29 -73.14 84.83
N LEU D 1158 -24.51 -73.57 84.49
CA LEU D 1158 -24.89 -74.96 84.73
C LEU D 1158 -24.06 -75.92 83.89
N HIS D 1159 -23.81 -75.57 82.63
CA HIS D 1159 -23.00 -76.40 81.74
C HIS D 1159 -21.54 -76.02 81.88
N ASP D 1160 -20.99 -76.34 83.04
CA ASP D 1160 -19.59 -76.04 83.37
C ASP D 1160 -18.65 -77.20 83.09
N ASN D 1161 -19.16 -78.30 82.52
CA ASN D 1161 -18.29 -79.43 82.22
C ASN D 1161 -17.25 -79.07 81.17
N VAL D 1162 -17.65 -78.33 80.14
CA VAL D 1162 -16.70 -77.91 79.11
C VAL D 1162 -15.65 -76.99 79.69
N THR D 1163 -16.08 -76.05 80.54
CA THR D 1163 -15.14 -75.12 81.16
C THR D 1163 -14.15 -75.84 82.06
N GLU D 1164 -14.62 -76.79 82.87
CA GLU D 1164 -13.71 -77.50 83.76
C GLU D 1164 -12.77 -78.42 82.98
N SER D 1165 -13.25 -79.02 81.88
CA SER D 1165 -12.38 -79.82 81.04
C SER D 1165 -11.29 -78.95 80.39
N LEU D 1166 -11.67 -77.76 79.92
CA LEU D 1166 -10.69 -76.85 79.35
C LEU D 1166 -9.66 -76.42 80.40
N ARG D 1167 -10.13 -76.12 81.61
CA ARG D 1167 -9.20 -75.75 82.68
C ARG D 1167 -8.25 -76.90 83.01
N ARG D 1168 -8.77 -78.13 83.06
CA ARG D 1168 -7.93 -79.28 83.36
C ARG D 1168 -6.88 -79.51 82.28
N ILE D 1169 -7.28 -79.44 81.01
CA ILE D 1169 -6.32 -79.66 79.94
C ILE D 1169 -5.33 -78.50 79.82
N THR D 1170 -5.72 -77.29 80.27
CA THR D 1170 -4.76 -76.19 80.29
C THR D 1170 -3.76 -76.35 81.42
N ALA D 1171 -4.22 -76.78 82.60
CA ALA D 1171 -3.36 -76.94 83.77
C ALA D 1171 -2.54 -78.23 83.73
N SER D 1172 -2.87 -79.17 82.83
CA SER D 1172 -2.10 -80.40 82.75
C SER D 1172 -0.66 -80.13 82.35
N GLY D 1173 -0.45 -79.22 81.40
CA GLY D 1173 0.88 -78.85 80.95
C GLY D 1173 1.43 -77.59 81.56
N GLY D 1174 0.70 -76.95 82.47
CA GLY D 1174 1.16 -75.73 83.11
C GLY D 1174 1.46 -75.89 84.57
N ARG D 1175 0.55 -75.43 85.43
CA ARG D 1175 0.71 -75.50 86.87
C ARG D 1175 -0.54 -76.14 87.49
N LEU D 1176 -0.37 -76.70 88.67
CA LEU D 1176 -1.46 -77.35 89.37
C LEU D 1176 -2.53 -76.34 89.76
N ASN D 1177 -3.80 -76.78 89.71
CA ASN D 1177 -4.90 -75.90 90.06
C ASN D 1177 -4.89 -75.59 91.55
N PRO D 1178 -5.31 -74.39 91.94
CA PRO D 1178 -5.33 -74.04 93.37
C PRO D 1178 -6.33 -74.88 94.16
N THR D 1179 -7.58 -74.94 93.69
CA THR D 1179 -8.63 -75.71 94.34
C THR D 1179 -9.32 -76.58 93.30
N GLU D 1180 -9.42 -77.88 93.60
CA GLU D 1180 -10.06 -78.82 92.69
C GLU D 1180 -11.59 -78.75 92.78
N PRO D 1181 -12.20 -78.80 93.97
CA PRO D 1181 -13.68 -78.77 94.02
C PRO D 1181 -14.18 -77.34 93.95
N LEU D 1182 -14.94 -77.04 92.89
CA LEU D 1182 -15.55 -75.73 92.66
C LEU D 1182 -14.54 -74.61 92.73
N PRO D 1183 -13.63 -74.50 91.77
CA PRO D 1183 -12.66 -73.39 91.79
C PRO D 1183 -13.35 -72.05 91.63
N ILE D 1184 -12.79 -71.04 92.31
CA ILE D 1184 -13.34 -69.69 92.27
C ILE D 1184 -12.23 -68.72 92.64
N PHE D 1185 -12.29 -67.52 92.07
CA PHE D 1185 -11.33 -66.43 92.35
C PHE D 1185 -9.94 -66.92 91.94
N GLY D 1186 -8.93 -66.80 92.80
CA GLY D 1186 -7.59 -67.24 92.46
C GLY D 1186 -6.78 -67.67 93.65
N GLY D 1187 -5.50 -67.95 93.46
CA GLY D 1187 -4.64 -68.39 94.53
C GLY D 1187 -3.24 -68.75 94.07
N LEU D 1188 -2.75 -69.91 94.55
CA LEU D 1188 -1.42 -70.41 94.20
C LEU D 1188 -0.34 -69.41 94.62
N ARG D 1189 -0.32 -69.10 95.91
CA ARG D 1189 0.68 -68.19 96.45
C ARG D 1189 1.99 -68.92 96.64
N PRO D 1190 3.10 -68.44 96.07
CA PRO D 1190 4.38 -69.14 96.24
C PRO D 1190 4.82 -69.12 97.71
N ALA D 1191 5.46 -70.22 98.11
CA ALA D 1191 5.95 -70.37 99.48
C ALA D 1191 7.46 -70.49 99.55
N THR D 1192 8.05 -71.40 98.77
CA THR D 1192 9.49 -71.62 98.76
C THR D 1192 10.06 -71.14 97.44
N SER D 1193 11.11 -70.32 97.49
CA SER D 1193 11.77 -69.80 96.32
C SER D 1193 13.27 -70.05 96.42
N ALA D 1194 13.87 -70.40 95.28
CA ALA D 1194 15.30 -70.68 95.22
C ALA D 1194 15.83 -70.29 93.85
N GLY D 1195 17.13 -70.45 93.66
CA GLY D 1195 17.74 -70.11 92.38
C GLY D 1195 17.25 -71.04 91.28
N ILE D 1196 16.78 -70.44 90.19
CA ILE D 1196 16.26 -71.18 89.04
C ILE D 1196 17.09 -70.79 87.82
N ALA D 1197 17.62 -71.80 87.12
CA ALA D 1197 18.43 -71.60 85.92
C ALA D 1197 19.65 -70.75 86.28
N ARG D 1198 20.18 -70.00 85.32
CA ARG D 1198 21.34 -69.14 85.53
C ARG D 1198 20.99 -67.72 85.13
N GLY D 1199 21.31 -66.77 86.00
CA GLY D 1199 21.02 -65.37 85.71
C GLY D 1199 19.54 -65.07 85.79
N GLN D 1200 19.16 -63.97 85.14
CA GLN D 1200 17.77 -63.51 85.10
C GLN D 1200 17.20 -63.76 83.72
N ALA D 1201 16.02 -64.37 83.68
CA ALA D 1201 15.33 -64.69 82.43
C ALA D 1201 14.13 -63.76 82.30
N SER D 1202 14.21 -62.79 81.38
CA SER D 1202 13.12 -61.86 81.18
C SER D 1202 11.95 -62.53 80.47
N VAL D 1203 10.75 -62.01 80.71
CA VAL D 1203 9.55 -62.56 80.10
C VAL D 1203 9.44 -62.08 78.66
N CYS D 1204 8.63 -62.77 77.88
CA CYS D 1204 8.41 -62.47 76.47
C CYS D 1204 6.96 -62.05 76.26
N GLU D 1205 6.63 -61.75 75.00
CA GLU D 1205 5.28 -61.34 74.63
C GLU D 1205 4.89 -62.04 73.34
N PHE D 1206 3.58 -62.16 73.14
CA PHE D 1206 3.02 -62.79 71.94
C PHE D 1206 2.30 -61.74 71.11
N VAL D 1207 2.69 -61.64 69.84
CA VAL D 1207 2.12 -60.68 68.89
C VAL D 1207 1.59 -61.45 67.70
N ALA D 1208 0.33 -61.20 67.34
CA ALA D 1208 -0.31 -61.85 66.21
C ALA D 1208 -0.29 -60.90 65.01
N MET D 1209 0.31 -61.35 63.91
CA MET D 1209 0.43 -60.56 62.70
C MET D 1209 0.21 -61.46 61.50
N PRO D 1210 -0.20 -60.90 60.36
CA PRO D 1210 -0.36 -61.71 59.15
C PRO D 1210 0.98 -62.24 58.66
N VAL D 1211 0.90 -63.34 57.90
CA VAL D 1211 2.10 -63.99 57.40
C VAL D 1211 2.84 -63.11 56.40
N SER D 1212 2.19 -62.09 55.83
CA SER D 1212 2.83 -61.18 54.89
C SER D 1212 3.54 -60.08 55.67
N THR D 1213 4.67 -60.45 56.27
CA THR D 1213 5.46 -59.52 57.06
C THR D 1213 6.17 -58.52 56.16
N ASP D 1214 6.50 -57.37 56.74
CA ASP D 1214 7.20 -56.29 56.04
C ASP D 1214 8.61 -56.18 56.60
N LEU D 1215 9.60 -56.49 55.77
CA LEU D 1215 10.99 -56.39 56.20
C LEU D 1215 11.43 -54.95 56.34
N GLN D 1216 10.86 -54.03 55.56
CA GLN D 1216 11.22 -52.63 55.67
C GLN D 1216 10.85 -52.05 57.03
N TYR D 1217 9.69 -52.44 57.56
CA TYR D 1217 9.28 -51.97 58.87
C TYR D 1217 10.24 -52.47 59.95
N PHE D 1218 10.66 -53.72 59.86
CA PHE D 1218 11.62 -54.26 60.83
C PHE D 1218 12.98 -53.56 60.70
N ARG D 1219 13.42 -53.30 59.47
CA ARG D 1219 14.71 -52.64 59.27
C ARG D 1219 14.69 -51.22 59.81
N THR D 1220 13.61 -50.48 59.58
CA THR D 1220 13.51 -49.11 60.07
C THR D 1220 13.46 -49.08 61.60
N ALA D 1221 12.73 -50.04 62.20
CA ALA D 1221 12.60 -50.15 63.65
C ALA D 1221 12.02 -48.87 64.25
N CYS D 1222 10.81 -48.54 63.82
CA CYS D 1222 10.11 -47.35 64.30
C CYS D 1222 9.35 -47.69 65.57
N ASN D 1223 8.49 -46.78 66.02
CA ASN D 1223 7.71 -47.00 67.23
C ASN D 1223 6.65 -48.06 66.98
N PRO D 1224 6.60 -49.14 67.75
CA PRO D 1224 5.59 -50.19 67.54
C PRO D 1224 4.25 -49.94 68.23
N ARG D 1225 4.00 -48.74 68.73
CA ARG D 1225 2.74 -48.41 69.40
C ARG D 1225 1.68 -48.03 68.37
N GLY D 1226 1.28 -49.01 67.58
CA GLY D 1226 0.28 -48.77 66.54
C GLY D 1226 0.81 -47.80 65.50
N ARG D 1227 0.02 -46.75 65.25
CA ARG D 1227 0.41 -45.73 64.30
C ARG D 1227 1.52 -44.84 64.85
N ALA D 1228 2.29 -44.24 63.95
CA ALA D 1228 3.38 -43.37 64.36
C ALA D 1228 2.83 -42.12 65.04
N SER D 1229 3.46 -41.74 66.15
CA SER D 1229 3.04 -40.58 66.91
C SER D 1229 4.27 -39.97 67.59
N GLY D 1230 4.03 -39.09 68.55
CA GLY D 1230 5.10 -38.43 69.27
C GLY D 1230 5.51 -37.11 68.62
N MET D 1231 6.30 -36.34 69.38
CA MET D 1231 6.76 -35.03 68.93
C MET D 1231 8.05 -35.21 68.12
N LEU D 1232 7.89 -35.76 66.92
CA LEU D 1232 9.01 -36.00 66.02
C LEU D 1232 8.74 -35.45 64.63
N TYR D 1233 7.46 -35.36 64.26
CA TYR D 1233 7.05 -34.86 62.96
C TYR D 1233 6.38 -33.49 63.02
N MET D 1234 6.56 -32.78 64.13
CA MET D 1234 5.95 -31.47 64.32
C MET D 1234 6.75 -30.72 65.37
N GLY D 1235 6.21 -29.59 65.85
CA GLY D 1235 6.88 -28.78 66.84
C GLY D 1235 6.65 -27.29 66.63
N ASP D 1236 6.10 -26.93 65.48
CA ASP D 1236 5.80 -25.54 65.18
C ASP D 1236 4.43 -25.10 65.65
N ARG D 1237 3.65 -26.00 66.26
CA ARG D 1237 2.33 -25.69 66.77
C ARG D 1237 2.21 -26.14 68.22
N ASP D 1238 1.32 -25.48 68.96
CA ASP D 1238 1.15 -25.80 70.37
C ASP D 1238 0.42 -27.13 70.54
N ALA D 1239 -0.75 -27.26 69.92
CA ALA D 1239 -1.54 -28.48 69.99
C ALA D 1239 -2.00 -28.88 68.59
N ASP D 1240 -2.12 -30.19 68.39
CA ASP D 1240 -2.54 -30.73 67.10
C ASP D 1240 -3.65 -31.77 67.22
N ILE D 1241 -4.23 -31.92 68.42
CA ILE D 1241 -5.37 -32.79 68.72
C ILE D 1241 -5.05 -34.25 68.41
N GLU D 1242 -5.98 -35.15 68.75
CA GLU D 1242 -5.77 -36.59 68.61
C GLU D 1242 -5.70 -37.06 67.16
N ALA D 1243 -5.99 -36.18 66.20
CA ALA D 1243 -5.91 -36.58 64.79
C ALA D 1243 -4.50 -36.99 64.41
N ILE D 1244 -3.49 -36.43 65.06
CA ILE D 1244 -2.11 -36.85 64.81
C ILE D 1244 -1.69 -38.04 65.67
N MET D 1245 -2.39 -38.30 66.77
CA MET D 1245 -2.04 -39.43 67.63
C MET D 1245 -2.62 -40.73 67.09
N PHE D 1246 -3.93 -40.75 66.82
CA PHE D 1246 -4.59 -41.94 66.31
C PHE D 1246 -5.82 -41.52 65.54
N ASP D 1247 -5.77 -41.62 64.21
CA ASP D 1247 -6.89 -41.28 63.36
C ASP D 1247 -7.39 -42.46 62.54
N HIS D 1248 -6.49 -43.19 61.89
CA HIS D 1248 -6.84 -44.37 61.09
C HIS D 1248 -7.89 -44.03 60.03
N THR D 1249 -7.75 -42.86 59.42
CA THR D 1249 -8.66 -42.40 58.39
C THR D 1249 -7.97 -42.10 57.06
N GLN D 1250 -6.64 -42.14 57.00
CA GLN D 1250 -5.91 -41.85 55.77
C GLN D 1250 -4.74 -42.83 55.68
N SER D 1251 -3.83 -42.58 54.76
CA SER D 1251 -2.67 -43.44 54.59
C SER D 1251 -1.73 -43.32 55.79
N ASP D 1252 -0.95 -44.38 56.00
CA ASP D 1252 -0.03 -44.42 57.12
C ASP D 1252 1.07 -43.38 56.95
N VAL D 1253 1.53 -42.84 58.08
CA VAL D 1253 2.56 -41.81 58.05
C VAL D 1253 3.87 -42.39 57.53
N ALA D 1254 4.24 -43.59 57.97
CA ALA D 1254 5.50 -44.19 57.55
C ALA D 1254 5.44 -44.64 56.09
N TYR D 1255 4.52 -45.55 55.78
CA TYR D 1255 4.36 -46.07 54.42
C TYR D 1255 2.95 -45.74 53.94
N THR D 1256 2.84 -44.77 53.04
CA THR D 1256 1.54 -44.35 52.53
C THR D 1256 0.92 -45.40 51.61
N ASP D 1257 1.71 -46.37 51.14
CA ASP D 1257 1.16 -47.40 50.25
C ASP D 1257 0.12 -48.26 50.98
N ARG D 1258 0.40 -48.63 52.23
CA ARG D 1258 -0.50 -49.45 53.02
C ARG D 1258 -1.33 -48.58 53.97
N ALA D 1259 -2.34 -49.20 54.56
CA ALA D 1259 -3.23 -48.48 55.47
C ALA D 1259 -2.63 -48.36 56.86
N THR D 1260 -2.37 -49.49 57.52
CA THR D 1260 -1.82 -49.48 58.86
C THR D 1260 -1.17 -50.83 59.13
N LEU D 1261 -0.37 -50.88 60.19
CA LEU D 1261 0.31 -52.10 60.62
C LEU D 1261 -0.40 -52.69 61.82
N ASN D 1262 -0.61 -54.01 61.79
CA ASN D 1262 -1.31 -54.75 62.82
C ASN D 1262 -2.69 -54.15 63.08
N PRO D 1263 -3.63 -54.29 62.14
CA PRO D 1263 -4.97 -53.69 62.35
C PRO D 1263 -5.74 -54.30 63.51
N TRP D 1264 -5.37 -55.50 63.96
CA TRP D 1264 -6.11 -56.15 65.04
C TRP D 1264 -5.94 -55.44 66.38
N ALA D 1265 -4.88 -54.65 66.55
CA ALA D 1265 -4.61 -53.98 67.81
C ALA D 1265 -4.21 -52.53 67.58
N SER D 1266 -4.97 -51.85 66.71
CA SER D 1266 -4.70 -50.46 66.36
C SER D 1266 -5.98 -49.62 66.40
N GLN D 1267 -6.80 -49.82 67.43
CA GLN D 1267 -8.03 -49.06 67.57
C GLN D 1267 -8.27 -48.58 69.00
N LYS D 1268 -7.31 -48.80 69.91
CA LYS D 1268 -7.40 -48.40 71.32
C LYS D 1268 -8.55 -49.08 72.06
N HIS D 1269 -9.21 -50.05 71.44
CA HIS D 1269 -10.31 -50.76 72.08
C HIS D 1269 -10.31 -52.24 71.70
N SER D 1270 -9.12 -52.79 71.46
CA SER D 1270 -8.98 -54.16 70.98
C SER D 1270 -8.93 -55.13 72.17
N TYR D 1271 -8.64 -56.40 71.89
CA TYR D 1271 -8.56 -57.40 72.93
C TYR D 1271 -7.44 -57.09 73.92
N GLY D 1272 -6.30 -56.63 73.42
CA GLY D 1272 -5.21 -56.25 74.31
C GLY D 1272 -5.57 -55.08 75.21
N ASP D 1273 -6.26 -54.09 74.64
CA ASP D 1273 -6.73 -52.96 75.45
C ASP D 1273 -7.73 -53.40 76.51
N ARG D 1274 -8.63 -54.32 76.15
CA ARG D 1274 -9.58 -54.83 77.12
C ARG D 1274 -8.90 -55.63 78.22
N LEU D 1275 -7.83 -56.36 77.86
CA LEU D 1275 -7.15 -57.21 78.83
C LEU D 1275 -6.26 -56.41 79.76
N TYR D 1276 -5.23 -55.76 79.22
CA TYR D 1276 -4.27 -55.04 80.04
C TYR D 1276 -4.30 -53.54 79.83
N ASN D 1277 -4.13 -53.07 78.58
CA ASN D 1277 -3.99 -51.64 78.26
C ASN D 1277 -2.89 -51.07 79.15
N GLY D 1278 -3.13 -49.98 79.88
CA GLY D 1278 -2.15 -49.48 80.82
C GLY D 1278 -2.75 -49.11 82.16
N THR D 1279 -4.08 -49.07 82.23
CA THR D 1279 -4.75 -48.67 83.46
C THR D 1279 -6.01 -49.49 83.75
N TYR D 1280 -6.30 -50.53 82.97
CA TYR D 1280 -7.53 -51.29 83.18
C TYR D 1280 -7.40 -52.23 84.38
N ASN D 1281 -6.47 -53.19 84.30
CA ASN D 1281 -6.20 -54.14 85.36
C ASN D 1281 -7.48 -54.80 85.86
N LEU D 1282 -8.18 -55.46 84.93
CA LEU D 1282 -9.44 -56.12 85.28
C LEU D 1282 -9.23 -57.45 85.98
N THR D 1283 -8.01 -58.01 85.96
CA THR D 1283 -7.76 -59.28 86.61
C THR D 1283 -7.79 -59.13 88.13
N GLY D 1284 -8.09 -60.23 88.81
CA GLY D 1284 -8.19 -60.22 90.26
C GLY D 1284 -6.88 -60.48 90.96
N ALA D 1285 -6.17 -61.54 90.57
CA ALA D 1285 -4.91 -61.89 91.21
C ALA D 1285 -3.84 -62.31 90.22
N SER D 1286 -3.94 -61.88 88.97
CA SER D 1286 -2.93 -62.23 87.98
C SER D 1286 -1.61 -61.53 88.31
N PRO D 1287 -0.47 -62.20 88.13
CA PRO D 1287 0.84 -61.57 88.42
C PRO D 1287 1.31 -60.64 87.30
N ILE D 1288 0.80 -59.40 87.34
CA ILE D 1288 1.17 -58.41 86.34
C ILE D 1288 2.55 -57.84 86.65
N TYR D 1289 3.14 -57.17 85.66
CA TYR D 1289 4.45 -56.57 85.80
C TYR D 1289 4.47 -55.24 85.06
N SER D 1290 5.61 -54.56 85.09
CA SER D 1290 5.74 -53.27 84.42
C SER D 1290 5.56 -53.34 82.91
N PRO D 1291 6.19 -54.28 82.17
CA PRO D 1291 6.07 -54.22 80.70
C PRO D 1291 4.65 -54.42 80.19
N CYS D 1292 3.78 -55.09 80.95
CA CYS D 1292 2.42 -55.30 80.49
C CYS D 1292 1.61 -54.01 80.43
N PHE D 1293 2.05 -52.96 81.15
CA PHE D 1293 1.38 -51.67 81.12
C PHE D 1293 2.21 -50.57 80.49
N LYS D 1294 3.54 -50.70 80.49
CA LYS D 1294 4.40 -49.67 79.91
C LYS D 1294 4.40 -49.69 78.39
N PHE D 1295 3.95 -50.78 77.77
CA PHE D 1295 3.93 -50.90 76.32
C PHE D 1295 2.74 -50.21 75.68
N PHE D 1296 1.78 -49.71 76.47
CA PHE D 1296 0.59 -49.06 75.95
C PHE D 1296 0.42 -47.63 76.42
N THR D 1297 0.90 -47.28 77.61
CA THR D 1297 0.77 -45.93 78.16
C THR D 1297 2.17 -45.38 78.46
N PRO D 1298 2.77 -44.65 77.54
CA PRO D 1298 4.11 -44.09 77.77
C PRO D 1298 4.05 -42.71 78.44
N ALA D 1299 3.38 -42.67 79.60
CA ALA D 1299 3.24 -41.45 80.39
C ALA D 1299 2.62 -40.32 79.59
N GLU D 1300 2.88 -39.07 79.99
CA GLU D 1300 2.34 -37.92 79.31
C GLU D 1300 3.37 -36.79 79.34
N VAL D 1301 3.36 -35.97 78.29
CA VAL D 1301 4.27 -34.85 78.15
C VAL D 1301 3.45 -33.56 78.05
N ASN D 1302 3.79 -32.58 78.87
CA ASN D 1302 3.09 -31.31 78.86
C ASN D 1302 3.56 -30.44 77.69
N THR D 1303 2.99 -29.24 77.57
CA THR D 1303 3.30 -28.33 76.48
C THR D 1303 4.50 -27.48 76.89
N ASN D 1304 5.70 -27.92 76.50
CA ASN D 1304 6.93 -27.21 76.78
C ASN D 1304 8.02 -27.74 75.85
N CYS D 1305 9.26 -27.38 76.13
CA CYS D 1305 10.38 -27.90 75.35
C CYS D 1305 10.45 -29.42 75.48
N ASN D 1306 10.63 -30.09 74.34
CA ASN D 1306 10.59 -31.55 74.32
C ASN D 1306 11.92 -32.16 74.75
N THR D 1307 13.00 -31.85 74.03
CA THR D 1307 14.29 -32.47 74.32
C THR D 1307 14.83 -32.07 75.69
N LEU D 1308 14.62 -30.80 76.08
CA LEU D 1308 15.24 -30.28 77.29
C LEU D 1308 14.82 -31.04 78.53
N ASP D 1309 13.52 -31.33 78.66
CA ASP D 1309 13.07 -32.14 79.80
C ASP D 1309 13.05 -33.63 79.49
N ARG D 1310 13.00 -34.02 78.21
CA ARG D 1310 13.05 -35.43 77.87
C ARG D 1310 14.38 -36.05 78.26
N LEU D 1311 15.49 -35.34 78.01
CA LEU D 1311 16.79 -35.85 78.40
C LEU D 1311 16.89 -36.02 79.91
N LEU D 1312 16.39 -35.04 80.67
CA LEU D 1312 16.42 -35.14 82.13
C LEU D 1312 15.56 -36.29 82.63
N MET D 1313 14.39 -36.47 82.02
CA MET D 1313 13.52 -37.58 82.42
C MET D 1313 14.16 -38.93 82.11
N GLU D 1314 14.81 -39.04 80.95
CA GLU D 1314 15.48 -40.29 80.60
C GLU D 1314 16.66 -40.56 81.53
N ALA D 1315 17.41 -39.53 81.90
CA ALA D 1315 18.57 -39.67 82.76
C ALA D 1315 18.16 -39.48 84.22
N LYS D 1316 19.15 -39.31 85.09
CA LYS D 1316 18.95 -38.98 86.51
C LYS D 1316 18.27 -40.12 87.27
N ALA D 1317 18.81 -41.33 87.12
CA ALA D 1317 18.47 -42.48 87.96
C ALA D 1317 16.97 -42.79 87.93
N VAL D 1318 16.52 -43.20 86.73
CA VAL D 1318 15.11 -43.59 86.59
C VAL D 1318 14.83 -44.85 87.41
N ALA D 1319 13.54 -45.12 87.60
CA ALA D 1319 13.12 -46.27 88.38
C ALA D 1319 13.54 -47.57 87.71
N SER D 1320 13.90 -48.55 88.53
CA SER D 1320 14.36 -49.84 88.08
C SER D 1320 13.27 -50.89 88.30
N GLN D 1321 13.61 -52.14 88.00
CA GLN D 1321 12.69 -53.26 88.17
C GLN D 1321 12.80 -53.80 89.60
N SER D 1322 12.20 -54.96 89.85
CA SER D 1322 12.23 -55.56 91.17
C SER D 1322 13.59 -56.19 91.44
N SER D 1323 13.70 -56.92 92.53
CA SER D 1323 14.97 -57.54 92.91
C SER D 1323 15.34 -58.63 91.90
N THR D 1324 16.62 -58.65 91.51
CA THR D 1324 17.11 -59.65 90.57
C THR D 1324 17.32 -61.02 91.21
N ASP D 1325 17.39 -61.09 92.54
CA ASP D 1325 17.62 -62.36 93.20
C ASP D 1325 16.46 -63.33 92.96
N THR D 1326 15.23 -62.84 93.03
CA THR D 1326 14.07 -63.69 92.79
C THR D 1326 13.94 -64.01 91.30
N GLU D 1327 13.27 -65.12 91.01
CA GLU D 1327 13.05 -65.55 89.64
C GLU D 1327 11.63 -65.34 89.14
N TYR D 1328 10.67 -65.10 90.03
CA TYR D 1328 9.30 -64.86 89.60
C TYR D 1328 9.19 -63.58 88.78
N GLN D 1329 9.86 -62.52 89.22
CA GLN D 1329 9.83 -61.23 88.54
C GLN D 1329 8.39 -60.72 88.37
N PHE D 1330 7.59 -60.89 89.42
CA PHE D 1330 6.19 -60.49 89.40
C PHE D 1330 5.87 -59.71 90.67
N LYS D 1331 4.84 -58.87 90.58
CA LYS D 1331 4.35 -58.06 91.70
C LYS D 1331 5.48 -57.16 92.25
N ARG D 1332 5.94 -56.26 91.40
CA ARG D 1332 7.00 -55.33 91.80
C ARG D 1332 6.44 -54.35 92.82
N PRO D 1333 7.08 -54.19 93.98
CA PRO D 1333 6.59 -53.25 94.98
C PRO D 1333 6.95 -51.83 94.62
N PRO D 1334 6.09 -50.86 94.93
CA PRO D 1334 6.41 -49.45 94.62
C PRO D 1334 7.46 -48.85 95.56
N GLY D 1335 7.79 -49.53 96.66
CA GLY D 1335 8.74 -49.03 97.63
C GLY D 1335 10.19 -49.36 97.34
N SER D 1336 10.50 -49.94 96.19
CA SER D 1336 11.87 -50.29 95.86
C SER D 1336 12.72 -49.03 95.68
N THR D 1337 13.98 -49.14 96.07
CA THR D 1337 14.92 -48.03 96.01
C THR D 1337 16.02 -48.24 94.97
N GLU D 1338 16.08 -49.40 94.33
CA GLU D 1338 17.11 -49.65 93.34
C GLU D 1338 16.91 -48.78 92.11
N MET D 1339 18.01 -48.32 91.54
CA MET D 1339 17.98 -47.45 90.37
C MET D 1339 18.82 -48.04 89.26
N THR D 1340 18.49 -47.68 88.02
CA THR D 1340 19.20 -48.17 86.84
C THR D 1340 19.07 -47.14 85.74
N GLN D 1341 19.91 -47.29 84.72
CA GLN D 1341 19.92 -46.40 83.56
C GLN D 1341 19.30 -47.11 82.37
N ASP D 1342 18.35 -46.44 81.71
CA ASP D 1342 17.66 -46.97 80.53
C ASP D 1342 17.72 -45.93 79.43
N PRO D 1343 18.86 -45.80 78.76
CA PRO D 1343 18.97 -44.82 77.67
C PRO D 1343 18.10 -45.20 76.48
N CYS D 1344 17.62 -44.17 75.79
CA CYS D 1344 16.82 -44.30 74.56
C CYS D 1344 15.69 -45.33 74.73
N GLY D 1345 15.09 -45.36 75.92
CA GLY D 1345 14.02 -46.29 76.21
C GLY D 1345 12.62 -45.75 76.01
N LEU D 1346 12.48 -44.43 75.83
CA LEU D 1346 11.16 -43.84 75.63
C LEU D 1346 10.62 -44.10 74.23
N PHE D 1347 11.48 -44.37 73.25
CA PHE D 1347 11.04 -44.61 71.88
C PHE D 1347 10.66 -46.05 71.61
N GLN D 1348 10.93 -46.96 72.55
CA GLN D 1348 10.61 -48.38 72.40
C GLN D 1348 11.21 -48.95 71.12
N GLU D 1349 12.44 -48.55 70.84
CA GLU D 1349 13.14 -49.01 69.64
C GLU D 1349 13.99 -50.24 69.95
N ALA D 1350 14.37 -50.95 68.89
CA ALA D 1350 15.18 -52.15 69.01
C ALA D 1350 16.03 -52.31 67.76
N TYR D 1351 17.34 -52.33 67.94
CA TYR D 1351 18.24 -52.50 66.81
C TYR D 1351 18.11 -53.91 66.25
N PRO D 1352 18.24 -54.09 64.94
CA PRO D 1352 18.14 -55.43 64.35
C PRO D 1352 19.33 -56.28 64.74
N PRO D 1353 19.11 -57.41 65.42
CA PRO D 1353 20.23 -58.27 65.80
C PRO D 1353 20.63 -59.23 64.71
N LEU D 1354 21.60 -60.10 64.99
CA LEU D 1354 22.06 -61.11 64.04
C LEU D 1354 21.53 -62.47 64.45
N CYS D 1355 20.96 -63.20 63.50
CA CYS D 1355 20.41 -64.52 63.76
C CYS D 1355 20.36 -65.31 62.47
N SER D 1356 20.24 -66.62 62.60
CA SER D 1356 20.17 -67.54 61.47
C SER D 1356 18.79 -68.19 61.44
N SER D 1357 18.12 -68.09 60.29
CA SER D 1357 16.79 -68.68 60.15
C SER D 1357 16.83 -70.20 60.12
N ASP D 1358 17.98 -70.80 59.83
CA ASP D 1358 18.12 -72.24 59.76
C ASP D 1358 19.55 -72.60 60.13
N ALA D 1359 19.89 -73.88 59.98
CA ALA D 1359 21.20 -74.40 60.33
C ALA D 1359 21.86 -75.08 59.13
N ALA D 1360 21.64 -74.54 57.94
CA ALA D 1360 22.25 -75.06 56.72
C ALA D 1360 23.11 -74.05 55.98
N MET D 1361 23.29 -72.85 56.53
CA MET D 1361 24.12 -71.83 55.89
C MET D 1361 25.60 -72.03 56.15
N LEU D 1362 25.97 -72.97 57.00
CA LEU D 1362 27.38 -73.24 57.31
C LEU D 1362 27.99 -74.25 56.33
N ARG D 1363 27.85 -73.97 55.04
CA ARG D 1363 28.38 -74.85 53.99
C ARG D 1363 29.76 -74.40 53.53
N THR D 1364 29.86 -73.16 53.04
CA THR D 1364 31.12 -72.62 52.56
C THR D 1364 31.69 -71.65 53.58
N ALA D 1365 33.01 -71.73 53.79
CA ALA D 1365 33.69 -70.89 54.76
C ALA D 1365 35.17 -70.82 54.38
N HIS D 1366 35.92 -70.06 55.17
CA HIS D 1366 37.36 -69.93 54.96
C HIS D 1366 38.04 -69.78 56.31
N ALA D 1367 39.34 -70.09 56.32
CA ALA D 1367 40.15 -70.04 57.53
C ALA D 1367 39.54 -70.89 58.64
N GLY D 1368 38.98 -70.24 59.67
CA GLY D 1368 38.37 -70.95 60.77
C GLY D 1368 37.05 -70.35 61.21
N GLU D 1369 36.47 -69.49 60.38
CA GLU D 1369 35.20 -68.83 60.67
C GLU D 1369 34.23 -69.05 59.54
N THR D 1370 32.95 -69.20 59.88
CA THR D 1370 31.92 -69.39 58.87
C THR D 1370 31.63 -68.06 58.16
N GLY D 1371 31.33 -68.14 56.87
CA GLY D 1371 31.04 -66.95 56.10
C GLY D 1371 29.67 -66.95 55.45
N ALA D 1372 28.79 -66.07 55.92
CA ALA D 1372 27.47 -65.89 55.33
C ALA D 1372 26.97 -64.51 55.72
N ASP D 1373 26.99 -63.56 54.78
CA ASP D 1373 26.64 -62.19 55.11
C ASP D 1373 25.14 -61.97 55.12
N GLU D 1374 24.50 -62.12 53.95
CA GLU D 1374 23.06 -61.86 53.86
C GLU D 1374 22.31 -62.81 52.93
N VAL D 1375 22.97 -63.82 52.37
CA VAL D 1375 22.35 -64.68 51.36
C VAL D 1375 22.49 -66.14 51.75
N HIS D 1376 21.57 -66.95 51.24
CA HIS D 1376 21.58 -68.39 51.47
C HIS D 1376 20.76 -69.04 50.36
N LEU D 1377 20.93 -70.37 50.24
CA LEU D 1377 20.22 -71.11 49.20
C LEU D 1377 18.71 -71.05 49.41
N ALA D 1378 18.26 -71.08 50.66
CA ALA D 1378 16.83 -71.01 50.95
C ALA D 1378 16.48 -70.08 52.10
N GLN D 1379 17.45 -69.40 52.70
CA GLN D 1379 17.16 -68.52 53.83
C GLN D 1379 17.85 -67.18 53.67
N TYR D 1380 17.83 -66.35 54.72
CA TYR D 1380 18.48 -65.06 54.70
C TYR D 1380 18.92 -64.70 56.11
N LEU D 1381 19.99 -63.92 56.20
CA LEU D 1381 20.56 -63.51 57.47
C LEU D 1381 20.40 -62.00 57.63
N ILE D 1382 19.94 -61.58 58.80
CA ILE D 1382 19.75 -60.16 59.09
C ILE D 1382 21.08 -59.59 59.59
N ARG D 1383 21.61 -58.61 58.87
CA ARG D 1383 22.86 -57.98 59.27
C ARG D 1383 22.65 -57.16 60.54
N ASP D 1384 23.65 -57.18 61.42
CA ASP D 1384 23.59 -56.47 62.68
C ASP D 1384 23.96 -55.01 62.45
N ALA D 1385 22.98 -54.12 62.60
CA ALA D 1385 23.24 -52.69 62.45
C ALA D 1385 24.11 -52.16 63.57
N SER D 1386 23.97 -52.69 64.78
CA SER D 1386 24.78 -52.26 65.89
C SER D 1386 26.23 -52.68 65.70
N PRO D 1387 27.19 -51.89 66.19
CA PRO D 1387 28.61 -52.24 66.05
C PRO D 1387 29.10 -53.32 66.99
N LEU D 1388 28.19 -54.07 67.64
CA LEU D 1388 28.59 -55.13 68.57
C LEU D 1388 28.91 -56.40 67.78
N ARG D 1389 30.03 -56.35 67.07
CA ARG D 1389 30.51 -57.46 66.27
C ARG D 1389 31.52 -58.34 67.00
N GLY D 1390 31.79 -58.06 68.28
CA GLY D 1390 32.74 -58.84 69.04
C GLY D 1390 32.15 -60.08 69.66
N CYS D 1391 31.33 -60.80 68.91
CA CYS D 1391 30.69 -62.02 69.37
C CYS D 1391 31.12 -63.19 68.49
N LEU D 1392 30.52 -64.36 68.73
CA LEU D 1392 30.81 -65.59 68.02
C LEU D 1392 32.30 -65.91 68.04
N PRO D 1393 32.84 -66.30 69.19
CA PRO D 1393 34.28 -66.61 69.26
C PRO D 1393 34.63 -67.82 68.41
N LEU D 1394 35.85 -67.82 67.92
CA LEU D 1394 36.35 -68.92 67.08
C LEU D 1394 36.56 -70.18 67.91
N SER E 7 -69.62 -97.37 26.88
CA SER E 7 -69.84 -95.95 26.64
C SER E 7 -68.50 -95.22 26.51
N ARG E 8 -68.02 -95.12 25.27
CA ARG E 8 -66.75 -94.44 24.97
C ARG E 8 -67.07 -93.06 24.40
N VAL E 9 -67.07 -92.05 25.27
CA VAL E 9 -67.34 -90.67 24.87
C VAL E 9 -66.11 -89.84 25.16
N VAL E 10 -65.59 -89.16 24.13
CA VAL E 10 -64.41 -88.34 24.31
C VAL E 10 -64.75 -87.04 25.02
N PHE E 11 -66.00 -86.58 24.92
CA PHE E 11 -66.40 -85.34 25.58
C PHE E 11 -66.35 -85.49 27.10
N ASP E 12 -66.77 -86.64 27.62
CA ASP E 12 -66.78 -86.90 29.06
C ASP E 12 -66.04 -88.20 29.32
N PRO E 13 -64.70 -88.16 29.37
CA PRO E 13 -63.92 -89.38 29.61
C PRO E 13 -63.83 -89.78 31.07
N SER E 14 -64.63 -89.18 31.96
CA SER E 14 -64.58 -89.54 33.37
C SER E 14 -65.00 -90.99 33.60
N ASN E 15 -66.07 -91.43 32.92
CA ASN E 15 -66.56 -92.79 33.09
C ASN E 15 -65.71 -93.79 32.30
N PRO E 16 -65.40 -93.54 31.00
CA PRO E 16 -64.52 -94.51 30.31
C PRO E 16 -63.03 -94.25 30.58
N THR E 17 -62.57 -94.70 31.74
CA THR E 17 -61.20 -94.46 32.17
C THR E 17 -60.34 -95.72 32.23
N THR E 18 -60.94 -96.90 32.23
CA THR E 18 -60.18 -98.15 32.28
C THR E 18 -60.39 -99.00 31.03
N PHE E 19 -61.64 -99.32 30.67
CA PHE E 19 -61.87 -100.20 29.52
C PHE E 19 -61.49 -99.53 28.21
N SER E 20 -61.78 -98.23 28.09
CA SER E 20 -61.41 -97.51 26.88
C SER E 20 -59.91 -97.47 26.70
N VAL E 21 -59.17 -97.23 27.78
CA VAL E 21 -57.71 -97.21 27.69
C VAL E 21 -57.16 -98.60 27.40
N GLU E 22 -57.79 -99.64 27.98
CA GLU E 22 -57.35 -101.00 27.69
C GLU E 22 -57.56 -101.34 26.22
N ALA E 23 -58.69 -100.94 25.65
CA ALA E 23 -58.96 -101.17 24.24
C ALA E 23 -58.16 -100.26 23.32
N ILE E 24 -57.61 -99.17 23.87
CA ILE E 24 -56.81 -98.26 23.04
C ILE E 24 -55.57 -98.96 22.51
N ALA E 25 -54.90 -99.73 23.37
CA ALA E 25 -53.67 -100.44 23.02
C ALA E 25 -52.60 -99.48 22.52
N ALA E 26 -52.26 -99.57 21.23
CA ALA E 26 -51.22 -98.73 20.65
C ALA E 26 -51.59 -98.06 19.34
N TYR E 27 -52.55 -98.60 18.58
CA TYR E 27 -52.92 -98.04 17.28
C TYR E 27 -54.01 -96.99 17.37
N THR E 28 -54.62 -96.80 18.53
CA THR E 28 -55.69 -95.82 18.71
C THR E 28 -55.17 -94.39 18.86
N PRO E 29 -54.17 -94.11 19.71
CA PRO E 29 -53.78 -92.71 19.93
C PRO E 29 -53.31 -92.00 18.67
N VAL E 30 -52.75 -92.72 17.71
CA VAL E 30 -52.26 -92.08 16.48
C VAL E 30 -53.40 -91.36 15.77
N ALA E 31 -54.56 -92.02 15.65
CA ALA E 31 -55.72 -91.36 15.07
C ALA E 31 -56.46 -90.48 16.06
N LEU E 32 -56.37 -90.80 17.36
CA LEU E 32 -57.07 -90.02 18.37
C LEU E 32 -56.51 -88.60 18.48
N ILE E 33 -55.20 -88.46 18.30
CA ILE E 33 -54.58 -87.14 18.36
C ILE E 33 -55.13 -86.25 17.25
N ARG E 34 -55.23 -86.78 16.04
CA ARG E 34 -55.79 -86.02 14.92
C ARG E 34 -57.27 -85.76 15.12
N LEU E 35 -58.01 -86.74 15.63
CA LEU E 35 -59.45 -86.58 15.82
C LEU E 35 -59.76 -85.50 16.86
N LEU E 36 -59.01 -85.48 17.96
CA LEU E 36 -59.28 -84.52 19.03
C LEU E 36 -58.83 -83.11 18.67
N ASN E 37 -57.99 -82.97 17.65
CA ASN E 37 -57.45 -81.69 17.17
C ASN E 37 -57.05 -80.77 18.32
N ALA E 38 -57.28 -79.47 18.17
CA ALA E 38 -56.94 -78.49 19.19
C ALA E 38 -58.16 -77.77 19.74
N SER E 39 -59.10 -77.35 18.89
CA SER E 39 -60.30 -76.65 19.35
C SER E 39 -61.37 -77.68 19.71
N GLY E 40 -61.26 -78.17 20.94
CA GLY E 40 -62.20 -79.15 21.45
C GLY E 40 -62.68 -78.83 22.85
N PRO E 41 -64.00 -78.73 23.03
CA PRO E 41 -64.57 -78.42 24.35
C PRO E 41 -64.74 -79.67 25.22
N LEU E 42 -63.63 -80.34 25.50
CA LEU E 42 -63.63 -81.54 26.31
C LEU E 42 -63.38 -81.27 27.79
N GLN E 43 -63.17 -80.00 28.16
CA GLN E 43 -62.95 -79.67 29.57
C GLN E 43 -64.14 -80.03 30.46
N PRO E 44 -65.39 -79.67 30.13
CA PRO E 44 -66.50 -80.06 30.99
C PRO E 44 -66.71 -81.57 30.99
N GLY E 45 -67.19 -82.08 32.12
CA GLY E 45 -67.44 -83.50 32.28
C GLY E 45 -66.21 -84.28 32.70
N ILE E 50 -57.25 -78.34 36.94
CA ILE E 50 -56.85 -78.97 35.68
C ILE E 50 -56.11 -80.27 35.94
N ALA E 51 -55.99 -80.63 37.23
CA ALA E 51 -55.32 -81.85 37.61
C ALA E 51 -56.16 -83.10 37.41
N ASP E 52 -57.47 -82.95 37.21
CA ASP E 52 -58.33 -84.11 37.01
C ASP E 52 -57.96 -84.84 35.71
N ALA E 53 -57.68 -84.09 34.65
CA ALA E 53 -57.28 -84.73 33.40
C ALA E 53 -55.96 -85.46 33.54
N ARG E 54 -55.00 -84.86 34.26
CA ARG E 54 -53.72 -85.53 34.48
C ARG E 54 -53.89 -86.80 35.30
N SER E 55 -54.73 -86.74 36.34
CA SER E 55 -54.98 -87.93 37.14
C SER E 55 -55.65 -89.03 36.33
N ILE E 56 -56.61 -88.66 35.48
CA ILE E 56 -57.27 -89.63 34.63
C ILE E 56 -56.27 -90.27 33.67
N TYR E 57 -55.41 -89.46 33.07
CA TYR E 57 -54.40 -89.98 32.15
C TYR E 57 -53.44 -90.92 32.86
N THR E 58 -53.00 -90.55 34.07
CA THR E 58 -52.06 -91.40 34.80
C THR E 58 -52.69 -92.72 35.21
N VAL E 59 -53.94 -92.69 35.70
CA VAL E 59 -54.58 -93.93 36.11
C VAL E 59 -54.86 -94.81 34.90
N GLY E 60 -55.22 -94.20 33.76
CA GLY E 60 -55.41 -94.98 32.55
C GLY E 60 -54.12 -95.63 32.07
N ALA E 61 -53.02 -94.88 32.11
CA ALA E 61 -51.73 -95.46 31.73
C ALA E 61 -51.33 -96.59 32.67
N ALA E 62 -51.56 -96.41 33.97
CA ALA E 62 -51.25 -97.47 34.92
C ALA E 62 -52.10 -98.72 34.67
N ALA E 63 -53.39 -98.53 34.39
CA ALA E 63 -54.24 -99.68 34.09
C ALA E 63 -53.81 -100.38 32.81
N SER E 64 -53.44 -99.61 31.78
CA SER E 64 -52.97 -100.20 30.54
C SER E 64 -51.67 -100.98 30.75
N ALA E 65 -50.76 -100.43 31.54
CA ALA E 65 -49.51 -101.13 31.83
C ALA E 65 -49.76 -102.41 32.61
N ALA E 66 -50.69 -102.37 33.58
CA ALA E 66 -51.03 -103.57 34.34
C ALA E 66 -51.65 -104.63 33.44
N ARG E 67 -52.54 -104.22 32.54
CA ARG E 67 -53.15 -105.17 31.62
C ARG E 67 -52.12 -105.78 30.69
N ALA E 68 -51.18 -104.97 30.19
CA ALA E 68 -50.13 -105.49 29.32
C ALA E 68 -49.23 -106.47 30.08
N ARG E 69 -48.89 -106.15 31.32
CA ARG E 69 -48.08 -107.06 32.12
C ARG E 69 -48.81 -108.38 32.39
N ALA E 70 -50.10 -108.30 32.69
CA ALA E 70 -50.88 -109.51 32.91
C ALA E 70 -50.96 -110.36 31.64
N ASN E 71 -51.16 -109.71 30.49
CA ASN E 71 -51.20 -110.45 29.23
C ASN E 71 -49.87 -111.11 28.91
N HIS E 72 -48.77 -110.40 29.17
CA HIS E 72 -47.44 -110.96 28.89
C HIS E 72 -47.12 -112.10 29.84
N ASN E 73 -47.56 -112.00 31.10
CA ASN E 73 -47.27 -113.04 32.08
C ASN E 73 -48.09 -114.30 31.84
N ALA E 74 -49.15 -114.22 31.03
CA ALA E 74 -49.95 -115.41 30.75
C ALA E 74 -49.16 -116.44 29.95
N ASN E 75 -48.39 -115.99 28.96
CA ASN E 75 -47.61 -116.91 28.15
C ASN E 75 -46.41 -117.43 28.92
N THR E 76 -45.75 -116.58 29.70
CA THR E 76 -44.57 -116.95 30.46
C THR E 76 -44.98 -117.44 31.83
N ILE E 77 -44.01 -117.60 32.73
CA ILE E 77 -44.23 -118.06 34.09
C ILE E 77 -43.94 -116.89 35.04
N ARG E 78 -44.90 -116.60 35.92
CA ARG E 78 -44.75 -115.49 36.86
C ARG E 78 -43.68 -115.83 37.88
N ARG E 79 -42.59 -115.07 37.88
CA ARG E 79 -41.50 -115.31 38.82
C ARG E 79 -41.94 -114.95 40.25
N THR E 80 -41.47 -115.73 41.21
CA THR E 80 -41.80 -115.50 42.61
C THR E 80 -40.87 -114.46 43.21
N ALA E 81 -41.02 -114.24 44.51
CA ALA E 81 -40.20 -113.25 45.20
C ALA E 81 -38.77 -113.77 45.37
N MET E 82 -37.86 -112.85 45.65
CA MET E 82 -36.45 -113.16 45.85
C MET E 82 -36.11 -113.50 47.30
N PHE E 83 -37.10 -113.52 48.19
CA PHE E 83 -36.85 -113.83 49.59
C PHE E 83 -36.46 -115.29 49.74
N ALA E 84 -35.69 -115.57 50.79
CA ALA E 84 -35.22 -116.91 51.09
C ALA E 84 -36.27 -117.67 51.91
N GLU E 85 -35.88 -118.82 52.45
CA GLU E 85 -36.72 -119.71 53.25
C GLU E 85 -38.13 -119.82 52.67
N THR E 86 -38.19 -120.31 51.43
CA THR E 86 -39.45 -120.51 50.73
C THR E 86 -39.98 -121.93 50.86
N ASP E 87 -39.32 -122.78 51.64
CA ASP E 87 -39.73 -124.16 51.84
C ASP E 87 -39.79 -124.49 53.32
N PRO E 88 -40.65 -125.42 53.71
CA PRO E 88 -40.77 -125.74 55.15
C PRO E 88 -39.50 -126.26 55.78
N MET E 89 -38.68 -126.99 55.02
CA MET E 89 -37.44 -127.58 55.56
C MET E 89 -36.32 -126.53 55.49
N THR E 90 -36.38 -125.57 56.42
CA THR E 90 -35.41 -124.49 56.50
C THR E 90 -34.96 -124.35 57.95
N TRP E 91 -33.88 -125.06 58.30
CA TRP E 91 -33.27 -124.95 59.62
C TRP E 91 -31.77 -124.72 59.60
N LEU E 92 -31.09 -125.02 58.50
CA LEU E 92 -29.66 -124.73 58.35
C LEU E 92 -29.38 -123.75 57.22
N ARG E 93 -29.91 -124.01 56.03
CA ARG E 93 -29.73 -123.12 54.88
C ARG E 93 -30.94 -123.28 53.97
N PRO E 94 -31.42 -122.20 53.38
CA PRO E 94 -32.58 -122.27 52.48
C PRO E 94 -32.17 -122.77 51.11
N THR E 95 -33.15 -122.80 50.20
CA THR E 95 -32.92 -123.23 48.82
C THR E 95 -32.46 -122.02 48.00
N VAL E 96 -31.30 -122.15 47.38
CA VAL E 96 -30.67 -121.06 46.63
C VAL E 96 -30.50 -121.51 45.18
N GLY E 97 -30.99 -120.70 44.24
CA GLY E 97 -30.96 -121.07 42.84
C GLY E 97 -30.68 -119.92 41.88
N LEU E 98 -31.32 -119.96 40.72
CA LEU E 98 -31.07 -118.99 39.66
C LEU E 98 -32.04 -117.82 39.74
N LYS E 99 -31.56 -116.65 39.31
CA LYS E 99 -32.34 -115.43 39.37
C LYS E 99 -33.31 -115.37 38.18
N ARG E 100 -33.94 -114.21 37.99
CA ARG E 100 -34.90 -114.01 36.91
C ARG E 100 -34.28 -113.29 35.71
N THR E 101 -32.96 -113.12 35.69
CA THR E 101 -32.29 -112.42 34.60
C THR E 101 -32.00 -113.31 33.40
N PHE E 102 -32.32 -114.60 33.49
CA PHE E 102 -32.08 -115.53 32.39
C PHE E 102 -33.26 -115.46 31.41
N ASN E 103 -33.26 -116.35 30.43
CA ASN E 103 -34.32 -116.36 29.43
C ASN E 103 -35.59 -116.95 30.04
N PRO E 104 -36.72 -116.24 30.02
CA PRO E 104 -37.95 -116.80 30.60
C PRO E 104 -38.55 -117.90 29.74
N ARG E 105 -38.51 -119.13 30.24
CA ARG E 105 -39.06 -120.28 29.53
C ARG E 105 -39.88 -121.13 30.49
N ILE E 106 -40.86 -121.85 29.94
CA ILE E 106 -41.73 -122.70 30.74
C ILE E 106 -41.06 -124.05 30.98
N ILE E 107 -40.75 -124.77 29.90
CA ILE E 107 -40.12 -126.08 30.01
C ILE E 107 -39.32 -126.38 28.75
N ILE F 19 2.61 -4.80 107.25
CA ILE F 19 3.95 -4.38 107.61
C ILE F 19 4.08 -2.87 107.53
N ALA F 20 3.80 -2.33 106.35
CA ALA F 20 3.87 -0.87 106.09
C ALA F 20 5.29 -0.40 106.39
N GLY F 21 5.47 0.74 107.04
CA GLY F 21 6.80 1.23 107.36
C GLY F 21 7.17 1.06 108.81
N LEU F 22 7.31 2.18 109.53
CA LEU F 22 7.65 2.14 110.94
C LEU F 22 6.44 2.00 111.86
N PHE F 23 5.23 2.10 111.32
CA PHE F 23 4.04 1.93 112.13
C PHE F 23 3.87 0.48 112.57
N ASN F 24 3.35 0.30 113.78
CA ASN F 24 3.14 -1.03 114.33
C ASN F 24 1.77 -1.55 113.90
N ILE F 25 1.76 -2.68 113.21
CA ILE F 25 0.53 -3.30 112.72
C ILE F 25 -0.23 -3.98 113.87
N PRO F 26 0.39 -4.82 114.70
CA PRO F 26 -0.36 -5.46 115.79
C PRO F 26 -0.59 -4.57 117.01
N ALA F 27 -0.32 -3.27 116.90
CA ALA F 27 -0.51 -2.32 118.01
C ALA F 27 0.26 -2.75 119.25
N GLY F 28 1.49 -3.22 119.05
CA GLY F 28 2.33 -3.65 120.15
C GLY F 28 3.19 -2.52 120.71
N ILE F 29 2.60 -1.33 120.83
CA ILE F 29 3.32 -0.16 121.34
C ILE F 29 3.54 -0.31 122.84
N ILE F 30 4.40 0.54 123.39
CA ILE F 30 4.68 0.51 124.83
C ILE F 30 3.41 0.89 125.60
N PRO F 31 3.03 0.14 126.64
CA PRO F 31 1.81 0.48 127.38
C PRO F 31 1.93 1.74 128.23
N THR F 32 3.08 2.41 128.25
CA THR F 32 3.25 3.63 129.02
C THR F 32 2.45 4.80 128.45
N GLY F 33 1.95 4.68 127.22
CA GLY F 33 1.17 5.74 126.61
C GLY F 33 -0.05 5.23 125.88
N ASN F 34 -1.22 5.75 126.24
CA ASN F 34 -2.48 5.34 125.65
C ASN F 34 -3.14 6.54 124.96
N VAL F 35 -4.35 6.33 124.47
CA VAL F 35 -5.10 7.37 123.78
C VAL F 35 -5.86 8.20 124.81
N LEU F 36 -6.18 9.44 124.44
CA LEU F 36 -6.91 10.34 125.32
C LEU F 36 -8.41 10.17 125.16
N SER F 37 -9.15 10.70 126.14
CA SER F 37 -10.61 10.74 126.15
C SER F 37 -11.20 9.35 126.41
N THR F 38 -12.24 9.28 127.23
CA THR F 38 -12.91 8.03 127.55
C THR F 38 -14.42 8.23 127.48
N ILE F 39 -15.11 7.21 126.98
CA ILE F 39 -16.57 7.25 126.85
C ILE F 39 -17.14 5.96 127.43
N GLU F 40 -18.40 6.03 127.87
CA GLU F 40 -19.06 4.86 128.43
C GLU F 40 -19.24 3.77 127.37
N VAL F 41 -19.64 4.16 126.16
CA VAL F 41 -19.84 3.20 125.09
C VAL F 41 -18.49 2.78 124.52
N CYS F 42 -18.31 1.49 124.33
CA CYS F 42 -17.07 0.94 123.80
C CYS F 42 -17.39 -0.10 122.73
N ALA F 43 -16.46 -0.26 121.79
CA ALA F 43 -16.62 -1.21 120.69
C ALA F 43 -16.07 -2.57 121.11
N HIS F 44 -16.07 -3.52 120.17
CA HIS F 44 -15.56 -4.85 120.42
C HIS F 44 -14.04 -4.88 120.27
N ARG F 45 -13.46 -6.06 120.48
CA ARG F 45 -12.02 -6.23 120.38
C ARG F 45 -11.66 -7.37 119.42
N CYS F 46 -12.54 -8.36 119.33
CA CYS F 46 -12.29 -9.50 118.45
C CYS F 46 -12.28 -9.05 116.98
N ILE F 47 -13.20 -8.18 116.60
CA ILE F 47 -13.30 -7.72 115.21
C ILE F 47 -12.41 -6.48 115.09
N PHE F 48 -11.13 -6.71 114.80
CA PHE F 48 -10.15 -5.66 114.62
C PHE F 48 -9.48 -5.84 113.27
N ASP F 49 -8.58 -4.90 112.93
CA ASP F 49 -7.86 -4.98 111.67
C ASP F 49 -6.81 -6.08 111.71
N PHE F 50 -5.86 -5.97 112.65
CA PHE F 50 -4.82 -6.99 112.81
C PHE F 50 -4.45 -7.05 114.28
N PHE F 51 -5.07 -7.99 115.01
CA PHE F 51 -4.84 -8.16 116.44
C PHE F 51 -4.53 -9.62 116.73
N LYS F 52 -3.55 -9.83 117.61
CA LYS F 52 -3.16 -11.18 118.03
C LYS F 52 -3.28 -11.30 119.54
N GLN F 53 -3.76 -12.45 120.00
CA GLN F 53 -3.94 -12.70 121.42
C GLN F 53 -2.68 -13.33 122.00
N ILE F 54 -2.22 -12.80 123.13
CA ILE F 54 -1.04 -13.29 123.81
C ILE F 54 -1.40 -13.57 125.27
N ARG F 55 -0.95 -14.72 125.78
CA ARG F 55 -1.23 -15.13 127.15
C ARG F 55 0.00 -15.08 128.05
N SER F 56 1.08 -15.74 127.65
CA SER F 56 2.31 -15.74 128.45
C SER F 56 3.48 -16.00 127.53
N ASP F 57 4.65 -15.52 127.94
CA ASP F 57 5.89 -15.72 127.18
C ASP F 57 6.64 -16.92 127.72
N ASP F 58 6.09 -18.10 127.42
CA ASP F 58 6.66 -19.36 127.87
C ASP F 58 6.96 -20.34 126.74
N ASN F 59 6.44 -20.11 125.54
CA ASN F 59 6.69 -21.00 124.40
C ASN F 59 7.98 -20.59 123.70
N SER F 60 9.10 -20.93 124.36
CA SER F 60 10.45 -20.66 123.86
C SER F 60 10.67 -19.18 123.58
N LEU F 61 11.75 -18.86 122.87
CA LEU F 61 12.07 -17.47 122.54
C LEU F 61 12.16 -17.22 121.04
N TYR F 62 12.15 -18.26 120.21
CA TYR F 62 12.23 -18.12 118.76
C TYR F 62 10.91 -18.59 118.17
N SER F 63 10.08 -17.63 117.75
CA SER F 63 8.77 -17.91 117.17
C SER F 63 8.56 -17.08 115.92
N ALA F 64 9.57 -17.01 115.06
CA ALA F 64 9.50 -16.26 113.82
C ALA F 64 10.11 -17.07 112.70
N GLN F 65 9.63 -16.82 111.47
CA GLN F 65 10.12 -17.51 110.29
C GLN F 65 10.35 -16.48 109.19
N PHE F 66 11.50 -16.59 108.52
CA PHE F 66 11.84 -15.67 107.44
C PHE F 66 12.78 -16.37 106.47
N ASP F 67 12.86 -15.84 105.26
CA ASP F 67 13.73 -16.36 104.21
C ASP F 67 14.79 -15.33 103.87
N ILE F 68 16.05 -15.76 103.87
CA ILE F 68 17.17 -14.88 103.57
C ILE F 68 17.62 -15.13 102.14
N LEU F 69 18.35 -14.17 101.59
CA LEU F 69 18.86 -14.26 100.22
C LEU F 69 20.24 -13.64 100.18
N LEU F 70 21.25 -14.45 99.86
CA LEU F 70 22.62 -14.00 99.76
C LEU F 70 23.17 -14.35 98.38
N GLY F 71 23.83 -13.39 97.74
CA GLY F 71 24.40 -13.61 96.42
C GLY F 71 23.91 -12.64 95.38
N THR F 72 24.84 -11.94 94.73
CA THR F 72 24.50 -10.98 93.68
C THR F 72 25.60 -11.01 92.64
N TYR F 73 25.30 -11.55 91.46
CA TYR F 73 26.27 -11.65 90.38
C TYR F 73 25.61 -11.23 89.09
N CYS F 74 26.44 -10.97 88.08
CA CYS F 74 25.99 -10.53 86.77
C CYS F 74 26.71 -11.33 85.69
N ASN F 75 26.08 -11.41 84.53
CA ASN F 75 26.65 -12.16 83.41
C ASN F 75 27.88 -11.43 82.85
N THR F 76 28.76 -12.22 82.23
CA THR F 76 29.98 -11.70 81.65
C THR F 76 29.80 -11.40 80.17
N LEU F 77 30.48 -10.37 79.70
CA LEU F 77 30.41 -9.97 78.30
C LEU F 77 31.69 -9.26 77.92
N ASN F 78 31.93 -9.16 76.61
CA ASN F 78 33.10 -8.51 76.07
C ASN F 78 32.75 -7.08 75.63
N PHE F 79 33.75 -6.37 75.14
CA PHE F 79 33.61 -4.99 74.68
C PHE F 79 34.08 -4.88 73.25
N VAL F 80 33.26 -4.27 72.40
CA VAL F 80 33.59 -4.06 70.99
C VAL F 80 33.07 -2.69 70.57
N ARG F 81 33.96 -1.83 70.09
CA ARG F 81 33.56 -0.48 69.70
C ARG F 81 34.56 0.05 68.67
N PHE F 82 34.17 0.00 67.40
CA PHE F 82 34.90 0.65 66.31
C PHE F 82 36.34 0.15 66.17
N LEU F 83 37.28 0.89 66.76
CA LEU F 83 38.71 0.65 66.55
C LEU F 83 39.19 -0.69 67.08
N GLU F 84 38.39 -1.37 67.91
CA GLU F 84 38.81 -2.66 68.45
C GLU F 84 38.90 -3.75 67.38
N LEU F 85 38.34 -3.52 66.19
CA LEU F 85 38.40 -4.50 65.11
C LEU F 85 39.74 -4.37 64.40
N GLY F 86 40.75 -5.02 64.98
CA GLY F 86 42.09 -5.01 64.44
C GLY F 86 42.37 -6.04 63.37
N LEU F 87 41.36 -6.83 62.98
CA LEU F 87 41.54 -7.86 61.97
C LEU F 87 41.11 -7.41 60.58
N SER F 88 40.21 -6.43 60.49
CA SER F 88 39.73 -5.92 59.21
C SER F 88 40.57 -4.72 58.75
N VAL F 89 41.88 -4.97 58.62
CA VAL F 89 42.81 -3.93 58.19
C VAL F 89 42.87 -3.80 56.68
N ALA F 90 42.34 -4.79 55.95
CA ALA F 90 42.38 -4.73 54.49
C ALA F 90 41.46 -3.64 53.93
N CYS F 91 40.37 -3.35 54.64
CA CYS F 91 39.41 -2.34 54.21
C CYS F 91 39.72 -1.02 54.91
N ILE F 92 40.19 -0.03 54.14
CA ILE F 92 40.53 1.26 54.69
C ILE F 92 39.24 2.03 54.98
N CYS F 93 39.15 2.62 56.17
CA CYS F 93 37.98 3.38 56.60
C CYS F 93 38.37 4.84 56.77
N THR F 94 37.57 5.74 56.19
CA THR F 94 37.80 7.17 56.29
C THR F 94 36.51 7.87 56.68
N LYS F 95 36.65 9.03 57.30
CA LYS F 95 35.51 9.82 57.77
C LYS F 95 35.35 11.02 56.85
N PHE F 96 34.41 10.91 55.91
CA PHE F 96 34.09 11.98 54.96
C PHE F 96 32.57 12.18 54.96
N PRO F 97 32.03 12.82 55.98
CA PRO F 97 30.58 13.01 56.06
C PRO F 97 30.06 14.21 55.28
N GLU F 98 30.92 14.94 54.58
CA GLU F 98 30.51 16.15 53.86
C GLU F 98 30.18 15.82 52.40
N LEU F 99 29.14 15.00 52.23
CA LEU F 99 28.63 14.67 50.90
C LEU F 99 27.11 14.65 50.95
N ALA F 100 26.50 15.22 49.93
CA ALA F 100 25.04 15.24 49.81
C ALA F 100 24.54 14.68 48.48
N TYR F 101 25.25 14.95 47.38
CA TYR F 101 24.86 14.45 46.07
C TYR F 101 26.13 14.31 45.24
N VAL F 102 26.64 13.09 45.13
CA VAL F 102 27.89 12.84 44.41
C VAL F 102 27.66 12.19 43.04
N ARG F 103 26.45 11.69 42.77
CA ARG F 103 26.13 11.07 41.49
C ARG F 103 27.04 9.88 41.18
N ASP F 104 27.39 9.13 42.22
CA ASP F 104 28.25 7.95 42.11
C ASP F 104 29.58 8.31 41.45
N GLY F 105 30.33 9.18 42.11
CA GLY F 105 31.61 9.60 41.58
C GLY F 105 32.62 8.46 41.56
N VAL F 106 33.52 8.52 40.58
CA VAL F 106 34.55 7.51 40.39
C VAL F 106 35.89 8.21 40.25
N ILE F 107 36.91 7.68 40.94
CA ILE F 107 38.24 8.28 40.86
C ILE F 107 38.85 8.02 39.49
N GLN F 108 39.86 8.83 39.15
CA GLN F 108 40.55 8.75 37.87
C GLN F 108 41.95 8.21 38.09
N PHE F 109 42.35 7.26 37.24
CA PHE F 109 43.68 6.67 37.32
C PHE F 109 44.11 6.23 35.93
N GLU F 110 45.43 6.08 35.76
CA GLU F 110 46.02 5.68 34.50
C GLU F 110 46.66 4.31 34.68
N VAL F 111 45.98 3.26 34.20
CA VAL F 111 46.46 1.89 34.29
C VAL F 111 46.39 1.28 32.90
N GLN F 112 47.52 0.74 32.44
CA GLN F 112 47.61 0.11 31.12
C GLN F 112 47.86 -1.38 31.29
N GLN F 113 47.01 -2.20 30.68
CA GLN F 113 47.16 -3.64 30.77
C GLN F 113 48.37 -4.08 29.94
N PRO F 114 49.14 -5.05 30.43
CA PRO F 114 50.28 -5.55 29.65
C PRO F 114 49.83 -6.27 28.39
N MET F 115 50.67 -6.21 27.36
CA MET F 115 50.40 -6.84 26.09
C MET F 115 51.62 -7.62 25.63
N ILE F 116 51.38 -8.73 24.94
CA ILE F 116 52.46 -9.57 24.45
C ILE F 116 53.06 -8.94 23.19
N ALA F 117 54.29 -9.33 22.88
CA ALA F 117 55.02 -8.84 21.72
C ALA F 117 55.45 -10.02 20.86
N ARG F 118 55.18 -9.94 19.56
CA ARG F 118 55.54 -10.98 18.62
C ARG F 118 56.53 -10.52 17.57
N ASP F 119 56.29 -9.37 16.94
CA ASP F 119 57.16 -8.82 15.91
C ASP F 119 57.41 -9.81 14.79
N GLY F 120 56.35 -10.51 14.37
CA GLY F 120 56.45 -11.49 13.33
C GLY F 120 55.90 -10.99 12.01
N PRO F 121 55.00 -11.76 11.40
CA PRO F 121 54.41 -11.36 10.10
C PRO F 121 53.25 -10.39 10.27
N HIS F 122 53.55 -9.19 10.74
CA HIS F 122 52.54 -8.16 10.94
C HIS F 122 53.19 -6.80 10.86
N PRO F 123 52.57 -5.82 10.22
CA PRO F 123 53.17 -4.49 10.10
C PRO F 123 53.07 -3.72 11.42
N VAL F 124 53.63 -2.51 11.41
CA VAL F 124 53.61 -1.67 12.60
C VAL F 124 52.19 -1.16 12.84
N ASP F 125 51.74 -1.26 14.08
CA ASP F 125 50.40 -0.83 14.48
C ASP F 125 50.52 0.27 15.53
N GLN F 126 49.38 0.66 16.08
CA GLN F 126 49.30 1.70 17.09
C GLN F 126 48.53 1.18 18.30
N PRO F 127 48.87 1.66 19.49
CA PRO F 127 48.14 1.19 20.69
C PRO F 127 46.68 1.63 20.66
N VAL F 128 45.83 0.78 21.24
CA VAL F 128 44.40 1.03 21.32
C VAL F 128 43.97 0.84 22.77
N HIS F 129 43.22 1.81 23.30
CA HIS F 129 42.74 1.77 24.68
C HIS F 129 41.26 2.12 24.72
N ASN F 130 40.57 1.60 25.73
CA ASN F 130 39.15 1.85 25.93
C ASN F 130 38.91 2.26 27.38
N TYR F 131 37.91 3.12 27.57
CA TYR F 131 37.55 3.63 28.89
C TYR F 131 36.14 3.18 29.23
N MET F 132 35.97 2.66 30.44
CA MET F 132 34.67 2.19 30.93
C MET F 132 34.33 2.89 32.23
N VAL F 133 33.07 2.78 32.64
CA VAL F 133 32.58 3.38 33.85
C VAL F 133 31.89 2.33 34.70
N LYS F 134 31.87 2.55 36.01
CA LYS F 134 31.26 1.64 36.97
C LYS F 134 30.16 2.37 37.74
N ARG F 135 29.61 1.70 38.74
CA ARG F 135 28.56 2.25 39.58
C ARG F 135 28.88 2.01 41.05
N ILE F 136 28.38 2.89 41.90
CA ILE F 136 28.61 2.83 43.34
C ILE F 136 27.28 2.58 44.03
N HIS F 137 27.24 1.54 44.86
CA HIS F 137 26.04 1.19 45.60
C HIS F 137 25.98 1.96 46.92
N LYS F 138 24.80 1.96 47.53
CA LYS F 138 24.57 2.65 48.78
C LYS F 138 23.88 1.71 49.77
N ARG F 139 24.18 1.91 51.05
CA ARG F 139 23.59 1.10 52.12
C ARG F 139 23.33 2.00 53.33
N SER F 140 22.39 1.55 54.17
CA SER F 140 22.04 2.29 55.36
C SER F 140 21.55 1.32 56.42
N LEU F 141 21.61 1.76 57.68
CA LEU F 141 21.17 0.96 58.81
C LEU F 141 20.58 1.88 59.87
N SER F 142 19.39 1.52 60.36
CA SER F 142 18.68 2.30 61.36
C SER F 142 18.51 1.50 62.63
N ALA F 143 18.48 2.19 63.77
CA ALA F 143 18.30 1.57 65.07
C ALA F 143 17.33 2.40 65.89
N ALA F 144 16.64 1.74 66.82
CA ALA F 144 15.67 2.40 67.67
C ALA F 144 15.69 1.76 69.05
N PHE F 145 15.23 2.52 70.05
CA PHE F 145 15.18 2.03 71.42
C PHE F 145 13.96 2.67 72.08
N ALA F 146 12.86 1.93 72.12
CA ALA F 146 11.63 2.45 72.73
C ALA F 146 11.76 2.49 74.25
N ILE F 147 10.98 3.39 74.86
CA ILE F 147 10.98 3.56 76.31
C ILE F 147 9.62 4.11 76.72
N ALA F 148 9.28 3.91 77.99
CA ALA F 148 8.01 4.36 78.54
C ALA F 148 8.12 5.82 78.98
N SER F 149 7.03 6.34 79.54
CA SER F 149 6.99 7.72 80.02
C SER F 149 7.45 7.86 81.46
N GLU F 150 7.73 6.75 82.14
CA GLU F 150 8.17 6.84 83.53
C GLU F 150 9.51 7.56 83.65
N ALA F 151 10.42 7.29 82.72
CA ALA F 151 11.74 7.93 82.77
C ALA F 151 11.62 9.45 82.63
N LEU F 152 10.82 9.91 81.66
CA LEU F 152 10.67 11.35 81.48
C LEU F 152 9.88 11.99 82.61
N SER F 153 8.91 11.27 83.17
CA SER F 153 8.19 11.79 84.33
C SER F 153 9.12 11.95 85.53
N LEU F 154 10.02 10.99 85.73
CA LEU F 154 10.98 11.09 86.82
C LEU F 154 11.99 12.22 86.56
N LEU F 155 12.43 12.37 85.31
CA LEU F 155 13.42 13.39 84.98
C LEU F 155 12.82 14.79 84.87
N SER F 156 11.50 14.92 84.84
CA SER F 156 10.83 16.21 84.74
C SER F 156 10.28 16.68 86.08
N ASN F 157 10.99 16.40 87.18
CA ASN F 157 10.57 16.83 88.50
C ASN F 157 11.32 18.04 89.01
N THR F 158 12.58 18.21 88.61
CA THR F 158 13.41 19.35 89.01
C THR F 158 13.47 19.46 90.54
N TYR F 159 13.65 18.32 91.21
CA TYR F 159 13.72 18.23 92.66
C TYR F 159 12.48 18.85 93.31
N VAL F 160 11.33 18.27 92.98
CA VAL F 160 10.07 18.78 93.51
C VAL F 160 9.84 18.36 94.96
N ASP F 161 10.59 17.38 95.46
CA ASP F 161 10.42 16.91 96.83
C ASP F 161 11.61 17.19 97.73
N GLY F 162 12.80 17.37 97.16
CA GLY F 162 13.98 17.62 97.96
C GLY F 162 14.38 16.44 98.83
N THR F 163 14.75 15.33 98.20
CA THR F 163 15.11 14.12 98.92
C THR F 163 16.18 13.38 98.13
N GLU F 164 16.64 12.25 98.67
CA GLU F 164 17.64 11.43 98.01
C GLU F 164 17.04 10.27 97.22
N ILE F 165 15.78 9.92 97.48
CA ILE F 165 15.15 8.80 96.76
C ILE F 165 15.02 9.13 95.28
N ASP F 166 14.56 10.34 94.97
CA ASP F 166 14.42 10.73 93.57
C ASP F 166 15.79 10.86 92.89
N SER F 167 16.80 11.31 93.64
CA SER F 167 18.14 11.37 93.08
C SER F 167 18.67 9.97 92.75
N SER F 168 18.43 9.01 93.65
CA SER F 168 18.85 7.63 93.38
C SER F 168 18.09 7.06 92.19
N LEU F 169 16.79 7.35 92.09
CA LEU F 169 16.02 6.88 90.93
C LEU F 169 16.55 7.48 89.64
N ARG F 170 16.88 8.77 89.65
CA ARG F 170 17.43 9.41 88.45
C ARG F 170 18.78 8.81 88.09
N ILE F 171 19.63 8.54 89.08
CA ILE F 171 20.95 7.99 88.79
C ILE F 171 20.83 6.56 88.25
N ARG F 172 19.89 5.77 88.78
CA ARG F 172 19.70 4.43 88.25
C ARG F 172 19.12 4.47 86.84
N ALA F 173 18.23 5.44 86.57
CA ALA F 173 17.69 5.58 85.23
C ALA F 173 18.76 5.96 84.22
N ILE F 174 19.63 6.91 84.59
CA ILE F 174 20.69 7.31 83.66
C ILE F 174 21.71 6.20 83.47
N GLN F 175 22.00 5.44 84.54
CA GLN F 175 22.88 4.28 84.39
C GLN F 175 22.27 3.24 83.46
N GLN F 176 20.97 2.97 83.61
CA GLN F 176 20.31 2.01 82.74
C GLN F 176 20.30 2.47 81.29
N MET F 177 20.03 3.75 81.06
CA MET F 177 20.01 4.24 79.68
C MET F 177 21.41 4.25 79.07
N ALA F 178 22.44 4.54 79.87
CA ALA F 178 23.81 4.45 79.36
C ALA F 178 24.17 3.01 79.02
N ARG F 179 23.77 2.06 79.86
CA ARG F 179 24.02 0.66 79.56
C ARG F 179 23.30 0.22 78.30
N ASN F 180 22.05 0.66 78.12
CA ASN F 180 21.31 0.33 76.91
C ASN F 180 21.95 0.94 75.67
N LEU F 181 22.43 2.18 75.78
CA LEU F 181 23.12 2.82 74.66
C LEU F 181 24.40 2.06 74.31
N ARG F 182 25.16 1.64 75.32
CA ARG F 182 26.36 0.86 75.05
C ARG F 182 26.02 -0.47 74.39
N THR F 183 24.96 -1.13 74.86
CA THR F 183 24.57 -2.41 74.28
C THR F 183 24.13 -2.26 72.83
N VAL F 184 23.34 -1.24 72.53
CA VAL F 184 22.89 -1.06 71.15
C VAL F 184 24.04 -0.63 70.26
N LEU F 185 24.99 0.15 70.78
CA LEU F 185 26.18 0.50 70.00
C LEU F 185 27.01 -0.73 69.69
N ASP F 186 27.18 -1.62 70.67
CA ASP F 186 27.92 -2.86 70.43
C ASP F 186 27.19 -3.73 69.41
N SER F 187 25.87 -3.81 69.50
CA SER F 187 25.10 -4.59 68.54
C SER F 187 25.23 -4.02 67.13
N PHE F 188 25.18 -2.69 67.00
CA PHE F 188 25.35 -2.06 65.69
C PHE F 188 26.75 -2.31 65.14
N GLU F 189 27.76 -2.23 66.00
CA GLU F 189 29.13 -2.51 65.54
C GLU F 189 29.27 -3.95 65.07
N ARG F 190 28.69 -4.90 65.81
CA ARG F 190 28.74 -6.30 65.39
C ARG F 190 27.99 -6.50 64.08
N GLY F 191 26.85 -5.84 63.91
CA GLY F 191 26.10 -5.96 62.67
C GLY F 191 26.87 -5.43 61.48
N THR F 192 27.49 -4.26 61.63
CA THR F 192 28.31 -3.71 60.55
C THR F 192 29.51 -4.60 60.26
N ALA F 193 30.12 -5.18 61.31
CA ALA F 193 31.24 -6.06 61.11
C ALA F 193 30.86 -7.30 60.31
N ASP F 194 29.72 -7.91 60.64
CA ASP F 194 29.31 -9.10 59.90
C ASP F 194 28.77 -8.75 58.51
N GLN F 195 28.25 -7.54 58.32
CA GLN F 195 27.80 -7.12 57.00
C GLN F 195 28.95 -6.76 56.08
N LEU F 196 30.08 -6.31 56.64
CA LEU F 196 31.23 -5.93 55.83
C LEU F 196 31.85 -7.11 55.10
N LEU F 197 31.60 -8.34 55.56
CA LEU F 197 32.17 -9.53 54.94
C LEU F 197 31.25 -10.00 53.81
N GLY F 198 31.76 -9.97 52.58
CA GLY F 198 31.01 -10.43 51.44
C GLY F 198 30.33 -9.31 50.67
N VAL F 199 30.89 -8.96 49.51
CA VAL F 199 30.32 -7.92 48.66
C VAL F 199 30.25 -8.41 47.22
N LEU F 200 30.96 -9.51 46.94
CA LEU F 200 31.03 -10.08 45.59
C LEU F 200 30.86 -11.60 45.66
N LEU F 201 29.88 -12.05 46.44
CA LEU F 201 29.65 -13.48 46.58
C LEU F 201 29.21 -14.13 45.28
N GLU F 202 28.66 -13.36 44.34
CA GLU F 202 28.25 -13.93 43.06
C GLU F 202 29.45 -14.47 42.28
N LYS F 203 30.55 -13.71 42.27
CA LYS F 203 31.76 -14.11 41.56
C LYS F 203 32.89 -14.48 42.52
N ALA F 204 32.56 -14.79 43.78
CA ALA F 204 33.59 -15.16 44.76
C ALA F 204 34.42 -16.36 44.32
N PRO F 205 33.86 -17.48 43.85
CA PRO F 205 34.72 -18.61 43.44
C PRO F 205 35.37 -18.34 42.10
N PRO F 206 36.70 -18.19 42.06
CA PRO F 206 37.37 -17.89 40.81
C PRO F 206 37.83 -19.11 40.04
N LEU F 207 37.94 -20.25 40.73
CA LEU F 207 38.53 -21.45 40.13
C LEU F 207 37.70 -21.94 38.95
N SER F 208 36.45 -22.34 39.21
CA SER F 208 35.62 -22.96 38.18
C SER F 208 35.29 -22.01 37.04
N LEU F 209 35.46 -20.70 37.24
CA LEU F 209 35.14 -19.72 36.21
C LEU F 209 36.37 -19.07 35.59
N LEU F 210 37.58 -19.44 36.01
CA LEU F 210 38.79 -18.85 35.49
C LEU F 210 39.88 -19.84 35.10
N SER F 211 39.90 -21.04 35.66
CA SER F 211 40.96 -22.00 35.33
C SER F 211 40.97 -22.38 33.85
N PRO F 212 39.85 -22.74 33.21
CA PRO F 212 39.91 -23.03 31.77
C PRO F 212 40.36 -21.85 30.92
N ILE F 213 40.06 -20.62 31.36
CA ILE F 213 40.41 -19.44 30.56
C ILE F 213 41.93 -19.33 30.41
N ASN F 214 42.66 -19.50 31.50
CA ASN F 214 44.11 -19.46 31.46
C ASN F 214 44.74 -20.82 31.20
N LYS F 215 43.93 -21.88 31.07
CA LYS F 215 44.44 -23.22 30.80
C LYS F 215 44.39 -23.58 29.32
N PHE F 216 43.36 -23.13 28.60
CA PHE F 216 43.21 -23.49 27.19
C PHE F 216 43.14 -22.28 26.27
N GLN F 217 42.47 -21.21 26.68
CA GLN F 217 42.33 -20.03 25.83
C GLN F 217 43.60 -19.21 25.86
N PRO F 218 44.28 -19.00 24.72
CA PRO F 218 45.49 -18.17 24.75
C PRO F 218 45.21 -16.70 24.91
N GLU F 219 44.20 -16.17 24.20
CA GLU F 219 43.87 -14.75 24.30
C GLU F 219 42.36 -14.51 24.32
N GLY F 220 41.54 -15.54 24.51
CA GLY F 220 40.11 -15.39 24.52
C GLY F 220 39.43 -15.57 23.18
N HIS F 221 40.18 -15.66 22.10
CA HIS F 221 39.61 -15.87 20.77
C HIS F 221 39.56 -17.37 20.49
N LEU F 222 38.34 -17.90 20.37
CA LEU F 222 38.14 -19.33 20.15
C LEU F 222 37.22 -19.53 18.94
N ASN F 223 37.58 -20.49 18.10
CA ASN F 223 36.76 -20.87 16.96
C ASN F 223 35.79 -21.98 17.39
N ARG F 224 35.12 -22.60 16.41
CA ARG F 224 34.11 -23.60 16.73
C ARG F 224 34.72 -24.81 17.42
N VAL F 225 35.85 -25.31 16.91
CA VAL F 225 36.46 -26.50 17.50
C VAL F 225 37.00 -26.20 18.90
N ALA F 226 37.60 -25.02 19.08
CA ALA F 226 38.09 -24.64 20.41
C ALA F 226 36.94 -24.50 21.39
N ARG F 227 35.83 -23.91 20.95
CA ARG F 227 34.66 -23.77 21.82
C ARG F 227 34.09 -25.13 22.20
N ALA F 228 34.02 -26.06 21.24
CA ALA F 228 33.54 -27.40 21.54
C ALA F 228 34.47 -28.11 22.52
N ALA F 229 35.78 -27.97 22.33
CA ALA F 229 36.73 -28.59 23.26
C ALA F 229 36.59 -27.99 24.66
N LEU F 230 36.42 -26.67 24.75
CA LEU F 230 36.25 -26.03 26.04
C LEU F 230 34.96 -26.49 26.72
N LEU F 231 33.87 -26.62 25.95
CA LEU F 231 32.62 -27.10 26.52
C LEU F 231 32.76 -28.54 27.02
N SER F 232 33.44 -29.39 26.25
CA SER F 232 33.65 -30.77 26.68
C SER F 232 34.50 -30.82 27.94
N ASP F 233 35.55 -29.99 28.01
CA ASP F 233 36.38 -29.95 29.21
C ASP F 233 35.59 -29.49 30.43
N LEU F 234 34.75 -28.47 30.25
CA LEU F 234 33.93 -27.98 31.36
C LEU F 234 32.95 -29.05 31.83
N LYS F 235 32.31 -29.76 30.88
CA LYS F 235 31.37 -30.79 31.27
C LYS F 235 32.08 -31.94 31.97
N ARG F 236 33.28 -32.31 31.51
CA ARG F 236 34.05 -33.36 32.19
C ARG F 236 34.44 -32.93 33.59
N ARG F 237 34.85 -31.66 33.76
CA ARG F 237 35.23 -31.17 35.07
C ARG F 237 34.05 -31.17 36.02
N VAL F 238 32.89 -30.68 35.57
CA VAL F 238 31.72 -30.62 36.45
C VAL F 238 31.12 -32.00 36.69
N CYS F 239 31.43 -32.98 35.83
CA CYS F 239 30.95 -34.33 36.06
C CYS F 239 31.87 -35.15 36.95
N ALA F 240 33.18 -34.89 36.91
CA ALA F 240 34.14 -35.69 37.66
C ALA F 240 34.57 -35.05 38.97
N ASP F 241 34.37 -33.74 39.15
CA ASP F 241 34.80 -33.05 40.36
C ASP F 241 34.08 -33.59 41.58
N MET F 242 32.76 -33.38 41.63
CA MET F 242 31.92 -33.82 42.74
C MET F 242 32.51 -33.42 44.10
N PHE F 243 32.78 -34.40 44.94
CA PHE F 243 33.39 -34.19 46.25
C PHE F 243 34.70 -34.96 46.37
N PHE F 244 35.51 -34.93 45.30
CA PHE F 244 36.78 -35.64 45.32
C PHE F 244 37.74 -35.05 46.35
N MET F 245 37.76 -33.73 46.47
CA MET F 245 38.64 -33.08 47.46
C MET F 245 38.24 -33.46 48.87
N THR F 246 36.93 -33.53 49.15
CA THR F 246 36.47 -33.94 50.48
C THR F 246 36.76 -35.41 50.73
N ARG F 247 36.60 -36.26 49.71
CA ARG F 247 36.88 -37.69 49.87
C ARG F 247 38.36 -37.94 50.14
N HIS F 248 39.24 -37.21 49.46
CA HIS F 248 40.68 -37.36 49.60
C HIS F 248 41.29 -36.31 50.52
N ALA F 249 40.55 -35.88 51.55
CA ALA F 249 41.05 -34.88 52.49
C ALA F 249 42.09 -35.46 53.44
N ARG F 250 42.21 -36.79 53.54
CA ARG F 250 43.17 -37.41 54.43
C ARG F 250 44.60 -37.36 53.91
N GLU F 251 44.80 -36.95 52.65
CA GLU F 251 46.13 -36.89 52.07
C GLU F 251 46.57 -35.43 52.01
N PRO F 252 47.53 -35.00 52.83
CA PRO F 252 47.96 -33.59 52.83
C PRO F 252 49.05 -33.31 51.80
N ARG F 253 48.70 -33.50 50.53
CA ARG F 253 49.64 -33.21 49.44
C ARG F 253 49.01 -32.46 48.28
N LEU F 254 47.72 -32.11 48.35
CA LEU F 254 47.07 -31.38 47.27
C LEU F 254 47.30 -29.87 47.37
N ILE F 255 47.90 -29.39 48.45
CA ILE F 255 48.16 -27.96 48.58
C ILE F 255 49.14 -27.49 47.52
N SER F 256 50.15 -28.31 47.22
CA SER F 256 51.11 -27.94 46.17
C SER F 256 50.43 -27.80 44.82
N ALA F 257 49.56 -28.76 44.48
CA ALA F 257 48.83 -28.67 43.22
C ALA F 257 47.90 -27.45 43.21
N TYR F 258 47.24 -27.17 44.34
CA TYR F 258 46.35 -26.03 44.41
C TYR F 258 47.11 -24.72 44.20
N LEU F 259 48.26 -24.56 44.84
CA LEU F 259 49.03 -23.34 44.68
C LEU F 259 49.62 -23.24 43.27
N SER F 260 50.03 -24.36 42.69
CA SER F 260 50.52 -24.35 41.32
C SER F 260 49.43 -23.92 40.35
N ASP F 261 48.20 -24.39 40.56
CA ASP F 261 47.09 -23.98 39.70
C ASP F 261 46.74 -22.52 39.92
N MET F 262 46.81 -22.05 41.17
CA MET F 262 46.42 -20.68 41.47
C MET F 262 47.47 -19.66 41.02
N VAL F 263 48.75 -20.06 40.94
CA VAL F 263 49.78 -19.11 40.57
C VAL F 263 49.66 -18.67 39.11
N SER F 264 48.90 -19.40 38.29
CA SER F 264 48.70 -19.05 36.89
C SER F 264 47.50 -18.15 36.67
N CYS F 265 46.80 -17.76 37.73
CA CYS F 265 45.63 -16.90 37.61
C CYS F 265 45.71 -15.62 38.45
N THR F 266 46.71 -15.49 39.31
CA THR F 266 46.85 -14.31 40.16
C THR F 266 47.63 -13.23 39.41
N GLN F 267 47.16 -11.99 39.53
CA GLN F 267 47.79 -10.85 38.90
C GLN F 267 48.04 -9.76 39.93
N PRO F 268 49.08 -8.96 39.74
CA PRO F 268 49.37 -7.88 40.69
C PRO F 268 48.28 -6.82 40.68
N SER F 269 48.10 -6.18 41.83
CA SER F 269 47.10 -5.14 41.98
C SER F 269 47.68 -3.80 41.52
N VAL F 270 46.96 -2.71 41.78
CA VAL F 270 47.44 -1.39 41.38
C VAL F 270 48.62 -0.98 42.24
N MET F 271 49.45 -0.08 41.68
CA MET F 271 50.64 0.39 42.37
C MET F 271 50.49 1.79 42.95
N VAL F 272 49.56 2.59 42.43
CA VAL F 272 49.40 3.96 42.93
C VAL F 272 48.78 3.95 44.32
N SER F 273 47.57 3.40 44.44
CA SER F 273 46.88 3.31 45.73
C SER F 273 47.16 1.99 46.42
N ARG F 274 48.45 1.68 46.61
CA ARG F 274 48.88 0.44 47.25
C ARG F 274 49.42 0.68 48.65
N ILE F 275 48.86 1.66 49.36
CA ILE F 275 49.32 1.97 50.71
C ILE F 275 48.75 0.93 51.67
N THR F 276 49.63 0.35 52.50
CA THR F 276 49.23 -0.67 53.45
C THR F 276 50.25 -0.70 54.59
N HIS F 277 49.86 -1.34 55.67
CA HIS F 277 50.70 -1.49 56.85
C HIS F 277 51.42 -2.82 56.81
N THR F 278 52.72 -2.80 56.97
CA THR F 278 53.56 -4.00 56.94
C THR F 278 54.04 -4.35 58.34
N ASN F 279 54.53 -5.59 58.47
CA ASN F 279 55.05 -6.06 59.74
C ASN F 279 56.49 -5.58 59.94
N THR F 280 57.10 -6.02 61.04
CA THR F 280 58.48 -5.63 61.32
C THR F 280 59.46 -6.32 60.36
N ARG F 281 59.10 -7.50 59.85
CA ARG F 281 59.97 -8.19 58.91
C ARG F 281 60.10 -7.43 57.60
N GLY F 282 59.02 -6.84 57.12
CA GLY F 282 59.04 -6.10 55.88
C GLY F 282 58.33 -6.79 54.74
N ARG F 283 57.36 -7.64 55.08
CA ARG F 283 56.59 -8.39 54.10
C ARG F 283 55.14 -7.90 54.12
N GLN F 284 54.63 -7.52 52.96
CA GLN F 284 53.26 -7.04 52.85
C GLN F 284 52.26 -8.19 53.01
N VAL F 285 51.13 -7.89 53.64
CA VAL F 285 50.09 -8.89 53.83
C VAL F 285 49.26 -9.03 52.56
N ASP F 286 48.50 -10.13 52.50
CA ASP F 286 47.66 -10.43 51.35
C ASP F 286 46.21 -10.05 51.60
N GLY F 287 45.61 -10.57 52.66
CA GLY F 287 44.22 -10.28 52.96
C GLY F 287 43.78 -10.97 54.22
N VAL F 288 42.48 -10.85 54.50
CA VAL F 288 41.87 -11.43 55.69
C VAL F 288 41.02 -12.63 55.26
N LEU F 289 41.24 -13.76 55.91
CA LEU F 289 40.52 -15.00 55.62
C LEU F 289 39.66 -15.37 56.82
N VAL F 290 38.41 -15.76 56.55
CA VAL F 290 37.46 -16.15 57.59
C VAL F 290 37.07 -17.61 57.35
N THR F 291 37.14 -18.41 58.40
CA THR F 291 36.82 -19.84 58.31
C THR F 291 36.29 -20.31 59.65
N THR F 292 35.72 -21.52 59.65
CA THR F 292 35.16 -22.08 60.86
C THR F 292 36.27 -22.42 61.85
N ALA F 293 35.87 -22.56 63.12
CA ALA F 293 36.83 -22.84 64.18
C ALA F 293 37.51 -24.18 63.97
N THR F 294 36.75 -25.20 63.60
CA THR F 294 37.34 -26.52 63.38
C THR F 294 38.31 -26.51 62.20
N LEU F 295 37.95 -25.82 61.12
CA LEU F 295 38.85 -25.71 59.98
C LEU F 295 40.12 -24.96 60.34
N LYS F 296 40.00 -23.88 61.11
CA LYS F 296 41.17 -23.13 61.54
C LYS F 296 42.07 -23.99 62.43
N ARG F 297 41.48 -24.75 63.35
CA ARG F 297 42.28 -25.62 64.21
C ARG F 297 42.98 -26.71 63.40
N GLN F 298 42.28 -27.29 62.42
CA GLN F 298 42.90 -28.31 61.58
C GLN F 298 44.05 -27.72 60.77
N LEU F 299 43.86 -26.52 60.21
CA LEU F 299 44.94 -25.89 59.46
C LEU F 299 46.14 -25.58 60.36
N LEU F 300 45.88 -25.10 61.58
CA LEU F 300 46.96 -24.79 62.50
C LEU F 300 47.73 -26.06 62.89
N GLN F 301 47.01 -27.15 63.13
CA GLN F 301 47.67 -28.40 63.51
C GLN F 301 48.36 -29.07 62.34
N GLY F 302 47.95 -28.78 61.11
CA GLY F 302 48.54 -29.43 59.95
C GLY F 302 49.68 -28.68 59.30
N ILE F 303 49.47 -27.42 58.93
CA ILE F 303 50.41 -26.65 58.13
C ILE F 303 50.81 -25.35 58.81
N LEU F 304 49.83 -24.56 59.24
CA LEU F 304 50.10 -23.22 59.77
C LEU F 304 50.88 -23.31 61.08
N GLN F 305 52.09 -22.78 61.09
CA GLN F 305 52.93 -22.71 62.28
C GLN F 305 53.14 -21.25 62.65
N ILE F 306 52.97 -20.93 63.93
CA ILE F 306 53.10 -19.56 64.41
C ILE F 306 54.58 -19.20 64.51
N ASP F 307 54.98 -18.12 63.84
CA ASP F 307 56.37 -17.69 63.85
C ASP F 307 56.54 -16.18 63.97
N ASP F 308 55.48 -15.40 64.01
CA ASP F 308 55.57 -13.95 64.07
C ASP F 308 54.67 -13.41 65.17
N THR F 309 55.06 -12.29 65.74
CA THR F 309 54.30 -11.64 66.82
C THR F 309 54.42 -10.13 66.65
N ALA F 310 53.42 -9.53 66.03
CA ALA F 310 53.41 -8.08 65.81
C ALA F 310 51.98 -7.63 65.62
N ALA F 311 51.47 -6.84 66.57
CA ALA F 311 50.10 -6.35 66.53
C ALA F 311 50.11 -4.84 66.81
N ASP F 312 49.36 -4.10 66.01
CA ASP F 312 49.26 -2.66 66.19
C ASP F 312 47.95 -2.17 65.58
N VAL F 313 47.47 -1.04 66.09
CA VAL F 313 46.23 -0.43 65.60
C VAL F 313 46.48 1.05 65.32
N PRO F 314 47.21 1.40 64.26
CA PRO F 314 47.47 2.81 63.98
C PRO F 314 46.19 3.55 63.59
N VAL F 315 46.15 4.83 63.96
CA VAL F 315 45.03 5.72 63.65
C VAL F 315 45.59 6.85 62.81
N THR F 316 45.48 6.72 61.48
CA THR F 316 45.99 7.72 60.56
C THR F 316 44.94 8.30 59.62
N TYR F 317 43.72 7.77 59.61
CA TYR F 317 42.69 8.31 58.73
C TYR F 317 42.34 9.74 59.10
N GLY F 318 42.23 10.03 60.39
CA GLY F 318 41.91 11.37 60.83
C GLY F 318 40.52 11.80 60.41
N GLU F 319 40.38 13.10 60.17
CA GLU F 319 39.10 13.67 59.73
C GLU F 319 39.41 14.81 58.78
N MET F 320 39.38 14.54 57.47
CA MET F 320 39.67 15.55 56.48
C MET F 320 38.58 16.61 56.44
N VAL F 321 38.99 17.85 56.16
CA VAL F 321 38.08 18.98 56.09
C VAL F 321 38.33 19.72 54.78
N LEU F 322 37.32 20.48 54.35
CA LEU F 322 37.39 21.25 53.12
C LEU F 322 37.32 22.74 53.44
N GLN F 323 38.10 23.53 52.72
CA GLN F 323 38.11 24.97 52.93
C GLN F 323 36.83 25.60 52.40
N GLY F 324 36.53 26.79 52.91
CA GLY F 324 35.32 27.48 52.48
C GLY F 324 35.35 27.88 51.02
N THR F 325 36.51 28.35 50.55
CA THR F 325 36.64 28.74 49.14
C THR F 325 36.42 27.55 48.22
N ASN F 326 37.02 26.41 48.54
CA ASN F 326 36.80 25.20 47.74
C ASN F 326 35.34 24.78 47.78
N LEU F 327 34.72 24.85 48.96
CA LEU F 327 33.32 24.45 49.08
C LEU F 327 32.41 25.33 48.22
N VAL F 328 32.62 26.64 48.25
CA VAL F 328 31.76 27.53 47.47
C VAL F 328 32.04 27.38 45.98
N THR F 329 33.32 27.23 45.60
CA THR F 329 33.64 27.06 44.20
C THR F 329 33.20 25.71 43.66
N ALA F 330 32.92 24.74 44.54
CA ALA F 330 32.34 23.48 44.12
C ALA F 330 30.82 23.53 44.07
N LEU F 331 30.19 24.26 45.00
CA LEU F 331 28.73 24.31 45.04
C LEU F 331 28.14 25.34 44.08
N VAL F 332 28.94 26.26 43.54
CA VAL F 332 28.40 27.20 42.56
C VAL F 332 28.00 26.46 41.29
N MET F 333 28.78 25.44 40.89
CA MET F 333 28.47 24.67 39.69
C MET F 333 27.78 23.35 40.00
N GLY F 334 27.91 22.82 41.20
CA GLY F 334 27.26 21.57 41.57
C GLY F 334 28.23 20.42 41.70
N LYS F 335 29.22 20.35 40.82
CA LYS F 335 30.20 19.28 40.86
C LYS F 335 31.18 19.49 42.02
N ALA F 336 31.41 18.44 42.79
CA ALA F 336 32.33 18.48 43.93
C ALA F 336 33.66 17.87 43.51
N VAL F 337 34.74 18.59 43.81
CA VAL F 337 36.09 18.14 43.47
C VAL F 337 36.83 17.76 44.75
N ARG F 338 37.80 16.86 44.61
CA ARG F 338 38.59 16.41 45.74
C ARG F 338 39.96 15.97 45.24
N GLY F 339 40.94 16.00 46.14
CA GLY F 339 42.28 15.60 45.79
C GLY F 339 43.20 16.77 45.49
N MET F 340 43.45 16.99 44.19
CA MET F 340 44.32 18.07 43.73
C MET F 340 45.72 17.97 44.35
N ASP F 341 46.23 16.73 44.45
CA ASP F 341 47.55 16.48 45.00
C ASP F 341 48.49 15.78 44.03
N ASP F 342 48.00 15.33 42.87
CA ASP F 342 48.84 14.65 41.88
C ASP F 342 49.30 15.68 40.86
N VAL F 343 50.37 16.41 41.24
CA VAL F 343 50.93 17.42 40.34
C VAL F 343 51.50 16.77 39.09
N ALA F 344 52.24 15.68 39.26
CA ALA F 344 52.84 14.97 38.14
C ALA F 344 52.31 13.54 38.04
N ASN F 377 44.89 3.44 72.86
CA ASN F 377 43.50 3.28 73.26
C ASN F 377 43.16 1.82 73.50
N ALA F 378 42.79 1.12 72.44
CA ALA F 378 42.43 -0.28 72.51
C ALA F 378 43.58 -1.15 72.01
N ARG F 379 43.58 -2.41 72.47
CA ARG F 379 44.61 -3.37 72.10
C ARG F 379 43.95 -4.68 71.71
N VAL F 380 44.36 -5.23 70.58
CA VAL F 380 43.82 -6.50 70.08
C VAL F 380 44.96 -7.37 69.58
N PRO F 381 45.07 -8.63 70.02
CA PRO F 381 46.14 -9.49 69.54
C PRO F 381 46.02 -9.76 68.04
N ALA F 382 47.18 -9.88 67.39
CA ALA F 382 47.22 -10.16 65.96
C ALA F 382 48.56 -10.79 65.63
N ASP F 383 48.53 -11.90 64.91
CA ASP F 383 49.74 -12.62 64.52
C ASP F 383 49.72 -12.88 63.02
N LEU F 384 50.86 -13.32 62.51
CA LEU F 384 51.03 -13.60 61.09
C LEU F 384 51.78 -14.91 60.92
N VAL F 385 51.56 -15.57 59.78
CA VAL F 385 52.19 -16.83 59.46
C VAL F 385 52.77 -16.75 58.05
N ILE F 386 53.75 -17.61 57.79
CA ILE F 386 54.43 -17.68 56.50
C ILE F 386 54.22 -19.06 55.92
N VAL F 387 53.73 -19.13 54.69
CA VAL F 387 53.49 -20.40 54.02
C VAL F 387 54.29 -20.43 52.73
N GLY F 388 55.43 -19.75 52.71
CA GLY F 388 56.28 -19.71 51.53
C GLY F 388 56.28 -18.36 50.83
N ASP F 389 55.64 -18.30 49.66
CA ASP F 389 55.58 -17.09 48.86
C ASP F 389 54.33 -16.26 49.13
N LYS F 390 53.51 -16.66 50.11
CA LYS F 390 52.28 -15.95 50.43
C LYS F 390 52.26 -15.64 51.92
N LEU F 391 51.68 -14.48 52.26
CA LEU F 391 51.54 -14.02 53.64
C LEU F 391 50.07 -13.75 53.89
N VAL F 392 49.33 -14.77 54.33
CA VAL F 392 47.90 -14.68 54.60
C VAL F 392 47.67 -15.10 56.05
N PHE F 393 46.89 -14.29 56.78
CA PHE F 393 46.58 -14.55 58.17
C PHE F 393 45.11 -14.91 58.31
N LEU F 394 44.81 -15.85 59.20
CA LEU F 394 43.46 -16.32 59.44
C LEU F 394 42.94 -15.76 60.76
N GLU F 395 41.78 -15.14 60.73
CA GLU F 395 41.16 -14.55 61.92
C GLU F 395 39.73 -15.11 62.02
N ALA F 396 39.55 -16.05 62.94
CA ALA F 396 38.26 -16.70 63.17
C ALA F 396 37.79 -16.42 64.59
N LEU F 397 36.56 -15.93 64.72
CA LEU F 397 35.95 -15.62 66.02
C LEU F 397 34.59 -16.29 66.06
N GLU F 398 34.55 -17.55 66.52
CA GLU F 398 33.31 -18.30 66.61
C GLU F 398 32.62 -18.12 67.96
N ARG F 399 33.39 -18.01 69.04
CA ARG F 399 32.83 -17.84 70.37
C ARG F 399 32.91 -16.41 70.89
N ARG F 400 33.89 -15.63 70.42
CA ARG F 400 34.01 -14.25 70.85
C ARG F 400 32.81 -13.43 70.43
N VAL F 401 32.34 -13.61 69.19
CA VAL F 401 31.20 -12.87 68.68
C VAL F 401 30.13 -13.85 68.21
N TYR F 402 29.02 -13.34 67.70
CA TYR F 402 27.91 -14.15 67.21
C TYR F 402 27.38 -15.09 68.31
N GLN F 403 27.32 -14.58 69.53
CA GLN F 403 26.83 -15.34 70.68
C GLN F 403 25.51 -14.74 71.15
N ALA F 404 24.49 -15.59 71.27
CA ALA F 404 23.16 -15.17 71.69
C ALA F 404 22.62 -14.04 70.79
N THR F 405 22.83 -14.19 69.49
CA THR F 405 22.41 -13.20 68.51
C THR F 405 21.31 -13.78 67.63
N ARG F 406 20.34 -12.94 67.28
CA ARG F 406 19.23 -13.36 66.43
C ARG F 406 19.61 -13.53 64.97
N VAL F 407 20.80 -13.10 64.58
CA VAL F 407 21.25 -13.20 63.19
C VAL F 407 21.91 -14.56 62.98
N ALA F 408 21.52 -15.24 61.91
CA ALA F 408 22.08 -16.55 61.61
C ALA F 408 23.51 -16.42 61.10
N TYR F 409 24.23 -17.54 61.15
CA TYR F 409 25.61 -17.55 60.69
C TYR F 409 25.66 -17.34 59.18
N PRO F 410 26.52 -16.44 58.69
CA PRO F 410 26.59 -16.22 57.23
C PRO F 410 27.33 -17.33 56.50
N LEU F 411 27.55 -17.14 55.20
CA LEU F 411 28.28 -18.10 54.37
C LEU F 411 27.63 -19.48 54.40
N ILE F 412 26.32 -19.50 54.23
CA ILE F 412 25.55 -20.74 54.16
C ILE F 412 24.88 -20.77 52.79
N GLY F 413 25.53 -21.42 51.82
CA GLY F 413 25.01 -21.51 50.48
C GLY F 413 24.14 -22.74 50.27
N ASN F 414 23.57 -22.82 49.07
CA ASN F 414 22.72 -23.95 48.68
C ASN F 414 22.99 -24.29 47.23
N ILE F 415 22.77 -25.56 46.89
CA ILE F 415 22.96 -26.05 45.52
C ILE F 415 21.72 -26.83 45.11
N ASP F 416 21.55 -26.97 43.79
CA ASP F 416 20.43 -27.68 43.21
C ASP F 416 20.93 -28.66 42.17
N ILE F 417 20.20 -29.77 42.03
CA ILE F 417 20.53 -30.81 41.06
C ILE F 417 19.25 -31.54 40.67
N THR F 418 19.30 -32.21 39.53
CA THR F 418 18.16 -32.96 39.01
C THR F 418 18.60 -34.34 38.55
N PHE F 419 17.67 -35.28 38.57
CA PHE F 419 17.93 -36.65 38.16
C PHE F 419 16.84 -37.12 37.21
N ILE F 420 17.21 -38.03 36.31
CA ILE F 420 16.29 -38.60 35.33
C ILE F 420 16.40 -40.11 35.39
N MET F 421 15.26 -40.79 35.46
CA MET F 421 15.20 -42.24 35.53
C MET F 421 14.24 -42.77 34.49
N PRO F 422 14.50 -43.96 33.94
CA PRO F 422 13.61 -44.55 32.94
C PRO F 422 12.46 -45.29 33.61
N MET F 423 11.49 -45.68 32.77
CA MET F 423 10.32 -46.41 33.24
C MET F 423 9.81 -47.25 32.07
N GLY F 424 10.09 -48.55 32.10
CA GLY F 424 9.64 -49.44 31.05
C GLY F 424 10.37 -49.23 29.73
N VAL F 425 11.67 -49.51 29.71
CA VAL F 425 12.48 -49.37 28.51
C VAL F 425 12.95 -50.74 28.07
N PHE F 426 13.19 -50.88 26.76
CA PHE F 426 13.62 -52.15 26.19
C PHE F 426 14.50 -51.88 24.99
N GLN F 427 15.33 -52.86 24.65
CA GLN F 427 16.23 -52.75 23.51
C GLN F 427 15.46 -52.97 22.20
N ALA F 428 16.00 -52.38 21.13
CA ALA F 428 15.30 -52.41 19.85
C ALA F 428 15.56 -53.71 19.09
N ASN F 429 16.77 -54.24 19.19
CA ASN F 429 17.14 -55.45 18.46
C ASN F 429 16.59 -56.68 19.18
N SER F 430 17.00 -57.87 18.74
CA SER F 430 16.57 -59.12 19.34
C SER F 430 17.68 -60.11 19.61
N MET F 431 18.82 -60.02 18.93
CA MET F 431 19.93 -60.95 19.12
C MET F 431 20.91 -60.40 20.16
N ASP F 432 20.43 -60.26 21.38
CA ASP F 432 21.23 -59.76 22.49
C ASP F 432 21.12 -60.58 23.76
N ARG F 433 20.17 -61.51 23.85
CA ARG F 433 20.00 -62.33 25.05
C ARG F 433 20.75 -63.65 24.90
N TYR F 434 22.07 -63.54 24.81
CA TYR F 434 22.93 -64.71 24.67
C TYR F 434 24.16 -64.53 25.56
N THR F 435 24.74 -65.65 25.97
CA THR F 435 25.93 -65.65 26.82
C THR F 435 26.96 -66.60 26.24
N ARG F 436 28.24 -66.29 26.50
CA ARG F 436 29.32 -67.13 26.02
C ARG F 436 29.28 -68.51 26.67
N HIS F 437 29.02 -68.56 27.97
CA HIS F 437 28.96 -69.82 28.69
C HIS F 437 27.90 -69.73 29.78
N ALA F 438 27.42 -70.88 30.21
CA ALA F 438 26.40 -70.96 31.25
C ALA F 438 26.98 -71.00 32.66
N GLY F 439 28.30 -71.02 32.80
CA GLY F 439 28.93 -71.04 34.10
C GLY F 439 29.09 -69.71 34.78
N ASP F 440 28.72 -68.61 34.11
CA ASP F 440 28.86 -67.29 34.70
C ASP F 440 27.67 -66.98 35.62
N PHE F 441 26.46 -66.99 35.08
CA PHE F 441 25.27 -66.71 35.86
C PHE F 441 24.09 -67.42 35.19
N SER F 442 23.71 -68.57 35.75
CA SER F 442 22.59 -69.35 35.24
C SER F 442 21.62 -69.64 36.37
N THR F 443 20.33 -69.39 36.13
CA THR F 443 19.28 -69.64 37.10
C THR F 443 18.36 -70.73 36.56
N VAL F 444 18.18 -71.78 37.34
CA VAL F 444 17.30 -72.90 36.94
C VAL F 444 15.92 -72.56 37.48
N SER F 445 15.17 -71.79 36.70
CA SER F 445 13.82 -71.39 37.07
C SER F 445 12.94 -71.37 35.83
N GLU F 446 11.80 -72.07 35.91
CA GLU F 446 10.88 -72.08 34.77
C GLU F 446 10.29 -70.70 34.51
N GLN F 447 9.94 -69.97 35.57
CA GLN F 447 9.39 -68.63 35.46
C GLN F 447 10.52 -67.60 35.49
N ASP F 448 11.28 -67.58 34.39
CA ASP F 448 12.42 -66.67 34.29
C ASP F 448 11.92 -65.23 34.13
N PRO F 449 12.37 -64.30 34.99
CA PRO F 449 11.94 -62.90 34.82
C PRO F 449 12.42 -62.26 33.54
N ARG F 450 13.43 -62.83 32.87
CA ARG F 450 13.94 -62.24 31.64
C ARG F 450 12.89 -62.24 30.54
N GLN F 451 12.11 -63.32 30.44
CA GLN F 451 11.09 -63.42 29.40
C GLN F 451 9.92 -62.47 29.63
N PHE F 452 9.79 -61.90 30.83
CA PHE F 452 8.70 -60.97 31.08
C PHE F 452 9.16 -59.53 30.86
N PRO F 453 8.31 -58.68 30.27
CA PRO F 453 8.71 -57.29 30.05
C PRO F 453 8.87 -56.57 31.38
N PRO F 454 9.78 -55.61 31.46
CA PRO F 454 9.98 -54.87 32.72
C PRO F 454 8.83 -53.90 32.97
N GLN F 455 8.10 -54.12 34.06
CA GLN F 455 6.98 -53.29 34.44
C GLN F 455 7.36 -52.19 35.42
N GLY F 456 8.63 -52.09 35.79
CA GLY F 456 9.06 -51.07 36.73
C GLY F 456 10.57 -51.08 36.86
N ILE F 457 11.07 -50.09 37.59
CA ILE F 457 12.50 -49.94 37.84
C ILE F 457 12.79 -50.22 39.30
N PHE F 458 14.04 -50.57 39.58
CA PHE F 458 14.51 -50.87 40.92
C PHE F 458 15.53 -49.83 41.35
N PHE F 459 15.39 -49.34 42.58
CA PHE F 459 16.29 -48.32 43.10
C PHE F 459 16.31 -48.41 44.62
N TYR F 460 17.34 -47.81 45.20
CA TYR F 460 17.53 -47.80 46.65
C TYR F 460 17.31 -46.39 47.17
N ASN F 461 16.40 -46.27 48.15
CA ASN F 461 16.07 -44.97 48.74
C ASN F 461 16.93 -44.73 49.97
N LYS F 462 17.78 -43.70 49.92
CA LYS F 462 18.64 -43.31 51.03
C LYS F 462 19.53 -44.45 51.48
N ASP F 463 19.21 -45.05 52.64
CA ASP F 463 20.02 -46.12 53.19
C ASP F 463 19.91 -47.43 52.41
N GLY F 464 18.95 -47.54 51.49
CA GLY F 464 18.80 -48.76 50.72
C GLY F 464 17.47 -49.45 50.94
N ILE F 465 16.44 -48.67 51.27
CA ILE F 465 15.11 -49.22 51.50
C ILE F 465 14.55 -49.71 50.17
N LEU F 466 14.45 -51.02 50.01
CA LEU F 466 13.96 -51.63 48.78
C LEU F 466 12.44 -51.59 48.78
N THR F 467 11.87 -50.59 48.10
CA THR F 467 10.43 -50.45 47.97
C THR F 467 10.07 -50.22 46.52
N GLN F 468 9.05 -50.94 46.04
CA GLN F 468 8.58 -50.81 44.67
C GLN F 468 7.55 -49.68 44.59
N LEU F 469 8.06 -48.46 44.75
CA LEU F 469 7.22 -47.26 44.74
C LEU F 469 7.16 -46.71 43.32
N THR F 470 6.25 -47.27 42.54
CA THR F 470 6.05 -46.82 41.16
C THR F 470 4.60 -46.49 40.85
N LEU F 471 3.64 -47.23 41.43
CA LEU F 471 2.23 -46.97 41.15
C LEU F 471 1.79 -45.62 41.67
N ARG F 472 2.27 -45.23 42.86
CA ARG F 472 1.85 -43.97 43.47
C ARG F 472 2.24 -42.78 42.61
N ASP F 473 3.46 -42.78 42.09
CA ASP F 473 3.95 -41.68 41.27
C ASP F 473 3.67 -41.87 39.78
N ALA F 474 3.13 -43.01 39.37
CA ALA F 474 2.83 -43.28 37.98
C ALA F 474 1.33 -43.36 37.69
N MET F 475 0.48 -43.22 38.71
CA MET F 475 -0.96 -43.28 38.50
C MET F 475 -1.43 -42.15 37.59
N GLY F 476 -1.29 -40.90 38.05
CA GLY F 476 -1.65 -39.73 37.28
C GLY F 476 -3.06 -39.75 36.71
N THR F 477 -3.31 -38.89 35.73
CA THR F 477 -4.58 -38.88 35.01
C THR F 477 -4.39 -39.13 33.52
N ILE F 478 -3.47 -38.37 32.88
CA ILE F 478 -3.14 -38.43 31.46
C ILE F 478 -4.32 -38.81 30.58
N CYS F 479 -5.47 -38.17 30.81
CA CYS F 479 -6.66 -38.46 30.01
C CYS F 479 -7.45 -37.22 29.61
N HIS F 480 -7.05 -36.02 30.06
CA HIS F 480 -7.77 -34.80 29.73
C HIS F 480 -6.93 -33.82 28.95
N SER F 481 -5.74 -33.47 29.43
CA SER F 481 -4.91 -32.49 28.75
C SER F 481 -4.47 -32.99 27.38
N SER F 482 -4.06 -34.26 27.29
CA SER F 482 -3.59 -34.81 26.02
C SER F 482 -4.68 -34.78 24.96
N LEU F 483 -5.91 -35.13 25.35
CA LEU F 483 -7.03 -35.08 24.41
C LEU F 483 -7.59 -33.67 24.24
N LEU F 484 -7.15 -32.72 25.05
CA LEU F 484 -7.65 -31.35 24.95
C LEU F 484 -6.77 -30.46 24.08
N ASP F 485 -5.44 -30.59 24.19
CA ASP F 485 -4.53 -29.74 23.43
C ASP F 485 -4.21 -30.31 22.05
N VAL F 486 -5.24 -30.61 21.27
CA VAL F 486 -5.05 -31.14 19.93
C VAL F 486 -5.75 -30.25 18.92
N GLU F 487 -6.80 -29.56 19.35
CA GLU F 487 -7.53 -28.67 18.45
C GLU F 487 -6.67 -27.47 18.04
N ALA F 488 -5.92 -26.90 18.99
CA ALA F 488 -5.04 -25.78 18.67
C ALA F 488 -3.96 -26.19 17.68
N THR F 489 -3.34 -27.36 17.90
CA THR F 489 -2.32 -27.84 16.96
C THR F 489 -2.93 -28.12 15.60
N LEU F 490 -4.14 -28.69 15.57
CA LEU F 490 -4.80 -28.99 14.30
C LEU F 490 -5.07 -27.72 13.51
N VAL F 491 -5.64 -26.70 14.16
CA VAL F 491 -5.95 -25.47 13.44
C VAL F 491 -4.67 -24.74 13.04
N ALA F 492 -3.63 -24.81 13.89
CA ALA F 492 -2.36 -24.17 13.55
C ALA F 492 -1.74 -24.81 12.32
N LEU F 493 -1.76 -26.14 12.24
CA LEU F 493 -1.18 -26.81 11.08
C LEU F 493 -2.05 -26.65 9.84
N ARG F 494 -3.38 -26.51 10.02
CA ARG F 494 -4.25 -26.30 8.88
C ARG F 494 -4.18 -24.88 8.34
N GLN F 495 -3.81 -23.90 9.18
CA GLN F 495 -3.74 -22.52 8.74
C GLN F 495 -2.33 -22.06 8.39
N GLN F 496 -1.29 -22.76 8.86
CA GLN F 496 0.08 -22.35 8.57
C GLN F 496 0.38 -22.43 7.09
N HIS F 497 0.35 -23.63 6.52
CA HIS F 497 0.64 -23.84 5.12
C HIS F 497 0.17 -25.23 4.72
N LEU F 498 0.17 -25.50 3.42
CA LEU F 498 -0.21 -26.79 2.87
C LEU F 498 0.92 -27.31 2.00
N ASP F 499 1.05 -28.64 1.98
CA ASP F 499 2.12 -29.31 1.23
C ASP F 499 1.60 -30.11 0.04
N ARG F 500 0.61 -30.97 0.25
CA ARG F 500 0.05 -31.82 -0.79
C ARG F 500 -1.45 -31.57 -0.90
N GLN F 501 -2.06 -32.23 -1.88
CA GLN F 501 -3.50 -32.09 -2.12
C GLN F 501 -3.98 -33.39 -2.78
N CYS F 502 -4.63 -34.24 -1.98
CA CYS F 502 -5.14 -35.51 -2.49
C CYS F 502 -6.22 -36.02 -1.54
N TYR F 503 -7.38 -36.37 -2.08
CA TYR F 503 -8.50 -36.87 -1.30
C TYR F 503 -8.85 -38.31 -1.64
N PHE F 504 -7.90 -39.06 -2.20
CA PHE F 504 -8.18 -40.44 -2.58
C PHE F 504 -8.51 -41.30 -1.37
N GLY F 505 -7.77 -41.12 -0.27
CA GLY F 505 -7.97 -41.92 0.92
C GLY F 505 -9.05 -41.42 1.87
N VAL F 506 -9.73 -40.33 1.54
CA VAL F 506 -10.76 -39.76 2.39
C VAL F 506 -12.05 -39.46 1.65
N TYR F 507 -12.10 -39.69 0.34
CA TYR F 507 -13.32 -39.41 -0.42
C TYR F 507 -14.46 -40.32 0.02
N VAL F 508 -14.16 -41.61 0.23
CA VAL F 508 -15.16 -42.61 0.62
C VAL F 508 -16.32 -42.60 -0.38
N ALA F 509 -16.06 -43.11 -1.59
CA ALA F 509 -17.09 -43.12 -2.62
C ALA F 509 -18.16 -44.16 -2.31
N GLU F 510 -19.31 -43.99 -2.93
CA GLU F 510 -20.47 -44.86 -2.73
C GLU F 510 -20.88 -45.48 -4.06
N GLY F 511 -21.53 -46.64 -3.97
CA GLY F 511 -21.97 -47.32 -5.16
C GLY F 511 -23.16 -46.64 -5.82
N THR F 512 -23.39 -47.01 -7.07
CA THR F 512 -24.48 -46.46 -7.88
C THR F 512 -25.70 -47.37 -7.92
N GLU F 513 -25.73 -48.42 -7.09
CA GLU F 513 -26.84 -49.37 -7.05
C GLU F 513 -27.06 -50.01 -8.43
N ASP F 514 -26.04 -50.72 -8.90
CA ASP F 514 -26.07 -51.36 -10.21
C ASP F 514 -25.24 -52.64 -10.12
N THR F 515 -24.88 -53.20 -11.28
CA THR F 515 -24.09 -54.42 -11.29
C THR F 515 -22.72 -54.19 -10.67
N LEU F 516 -22.25 -55.18 -9.90
CA LEU F 516 -21.00 -55.03 -9.18
C LEU F 516 -19.80 -54.92 -10.12
N ASP F 517 -19.81 -55.71 -11.20
CA ASP F 517 -18.66 -55.71 -12.11
C ASP F 517 -18.48 -54.36 -12.79
N VAL F 518 -19.58 -53.74 -13.23
CA VAL F 518 -19.47 -52.44 -13.88
C VAL F 518 -18.97 -51.39 -12.90
N GLN F 519 -19.50 -51.41 -11.67
CA GLN F 519 -19.07 -50.44 -10.66
C GLN F 519 -17.59 -50.61 -10.33
N MET F 520 -17.13 -51.85 -10.16
CA MET F 520 -15.74 -52.07 -9.82
C MET F 520 -14.82 -51.73 -10.98
N GLY F 521 -15.26 -51.98 -12.22
CA GLY F 521 -14.47 -51.55 -13.36
C GLY F 521 -14.36 -50.05 -13.48
N ARG F 522 -15.46 -49.34 -13.23
CA ARG F 522 -15.43 -47.88 -13.24
C ARG F 522 -14.52 -47.35 -12.13
N PHE F 523 -14.59 -47.95 -10.95
CA PHE F 523 -13.71 -47.54 -9.86
C PHE F 523 -12.25 -47.77 -10.21
N MET F 524 -11.94 -48.92 -10.81
CA MET F 524 -10.57 -49.21 -11.20
C MET F 524 -10.08 -48.21 -12.25
N GLU F 525 -10.92 -47.90 -13.25
CA GLU F 525 -10.49 -46.98 -14.30
C GLU F 525 -10.32 -45.56 -13.75
N THR F 526 -11.18 -45.15 -12.81
CA THR F 526 -11.01 -43.83 -12.22
C THR F 526 -9.75 -43.76 -11.36
N TRP F 527 -9.48 -44.82 -10.57
CA TRP F 527 -8.25 -44.85 -9.80
C TRP F 527 -7.02 -44.90 -10.70
N ALA F 528 -7.16 -45.45 -11.91
CA ALA F 528 -6.03 -45.53 -12.83
C ALA F 528 -5.75 -44.19 -13.50
N ASP F 529 -6.75 -43.60 -14.14
CA ASP F 529 -6.56 -42.38 -14.91
C ASP F 529 -7.20 -41.16 -14.26
N MET F 530 -7.21 -41.11 -12.93
CA MET F 530 -7.71 -39.95 -12.20
C MET F 530 -6.80 -39.64 -11.01
N MET F 531 -5.49 -39.70 -11.23
CA MET F 531 -4.52 -39.46 -10.17
C MET F 531 -3.89 -38.09 -10.35
N PRO F 532 -4.22 -37.09 -9.53
CA PRO F 532 -3.59 -35.77 -9.66
C PRO F 532 -2.11 -35.79 -9.32
N HIS F 533 -1.78 -36.38 -8.17
CA HIS F 533 -0.40 -36.47 -7.71
C HIS F 533 -0.13 -37.86 -7.18
N HIS F 534 1.13 -38.27 -7.23
CA HIS F 534 1.52 -39.59 -6.76
C HIS F 534 1.43 -39.65 -5.24
N PRO F 535 0.67 -40.60 -4.68
CA PRO F 535 0.58 -40.69 -3.21
C PRO F 535 1.89 -41.15 -2.60
N HIS F 536 2.37 -40.40 -1.62
CA HIS F 536 3.61 -40.72 -0.93
C HIS F 536 3.40 -41.61 0.29
N TRP F 537 2.16 -41.94 0.62
CA TRP F 537 1.85 -42.78 1.77
C TRP F 537 1.55 -44.22 1.38
N VAL F 538 2.23 -44.74 0.35
CA VAL F 538 2.03 -46.10 -0.12
C VAL F 538 3.17 -47.03 0.27
N ASN F 539 4.25 -46.51 0.84
CA ASN F 539 5.39 -47.32 1.24
C ASN F 539 5.39 -47.49 2.75
N GLU F 540 5.45 -48.74 3.21
CA GLU F 540 5.46 -49.06 4.64
C GLU F 540 6.79 -49.65 5.09
N HIS F 541 7.89 -49.22 4.47
CA HIS F 541 9.22 -49.70 4.81
C HIS F 541 9.90 -48.85 5.88
N LEU F 542 9.21 -47.83 6.41
CA LEU F 542 9.78 -46.95 7.43
C LEU F 542 9.62 -47.62 8.79
N THR F 543 10.51 -48.57 9.07
CA THR F 543 10.48 -49.32 10.33
C THR F 543 11.70 -49.06 11.21
N ILE F 544 12.90 -49.29 10.70
CA ILE F 544 14.12 -49.10 11.50
C ILE F 544 15.08 -48.16 10.79
N LEU F 545 15.41 -48.46 9.53
CA LEU F 545 16.42 -47.68 8.82
C LEU F 545 15.93 -46.25 8.57
N GLN F 546 14.66 -46.08 8.21
CA GLN F 546 14.13 -44.75 7.95
C GLN F 546 14.04 -43.93 9.23
N PHE F 547 13.74 -44.58 10.36
CA PHE F 547 13.73 -43.86 11.63
C PHE F 547 15.14 -43.49 12.07
N ILE F 548 16.12 -44.36 11.81
CA ILE F 548 17.50 -44.07 12.20
C ILE F 548 18.06 -42.93 11.36
N ALA F 549 17.86 -42.99 10.04
CA ALA F 549 18.39 -41.97 9.15
C ALA F 549 17.28 -41.05 8.70
N PRO F 550 17.25 -39.79 9.13
CA PRO F 550 16.17 -38.85 8.74
C PRO F 550 16.37 -38.29 7.33
N SER F 551 15.96 -39.08 6.34
CA SER F 551 16.05 -38.71 4.94
C SER F 551 14.76 -39.03 4.21
N ASN F 552 13.63 -38.87 4.88
CA ASN F 552 12.33 -39.17 4.30
C ASN F 552 11.25 -38.28 4.92
N PRO F 553 10.59 -37.44 4.14
CA PRO F 553 9.55 -36.56 4.68
C PRO F 553 8.20 -37.22 4.87
N ARG F 554 8.12 -38.55 4.79
CA ARG F 554 6.83 -39.23 4.97
C ARG F 554 6.36 -39.21 6.42
N LEU F 555 7.24 -38.89 7.36
CA LEU F 555 6.87 -38.85 8.77
C LEU F 555 6.22 -37.54 9.19
N ARG F 556 6.12 -36.57 8.28
CA ARG F 556 5.47 -35.30 8.62
C ARG F 556 3.97 -35.43 8.82
N PHE F 557 3.36 -36.50 8.28
CA PHE F 557 1.92 -36.68 8.43
C PHE F 557 1.55 -36.95 9.89
N GLU F 558 2.37 -37.74 10.59
CA GLU F 558 2.12 -38.09 11.98
C GLU F 558 2.99 -37.24 12.89
N LEU F 559 2.34 -36.56 13.84
CA LEU F 559 3.05 -35.70 14.78
C LEU F 559 2.79 -36.04 16.24
N ASN F 560 1.70 -36.75 16.56
CA ASN F 560 1.39 -37.12 17.93
C ASN F 560 0.62 -38.43 17.91
N PRO F 561 0.93 -39.36 18.81
CA PRO F 561 0.20 -40.64 18.82
C PRO F 561 -1.21 -40.54 19.36
N ALA F 562 -1.60 -39.41 19.95
CA ALA F 562 -2.94 -39.29 20.51
C ALA F 562 -4.01 -39.37 19.43
N PHE F 563 -3.79 -38.70 18.30
CA PHE F 563 -4.75 -38.69 17.20
C PHE F 563 -3.98 -38.77 15.89
N ASP F 564 -4.69 -38.54 14.78
CA ASP F 564 -4.09 -38.55 13.45
C ASP F 564 -4.44 -37.27 12.73
N PHE F 565 -3.51 -36.80 11.90
CA PHE F 565 -3.67 -35.58 11.11
C PHE F 565 -3.58 -35.92 9.64
N PHE F 566 -4.64 -35.61 8.90
CA PHE F 566 -4.67 -35.87 7.46
C PHE F 566 -5.69 -34.94 6.82
N VAL F 567 -5.57 -34.80 5.50
CA VAL F 567 -6.48 -33.94 4.75
C VAL F 567 -7.86 -34.61 4.67
N ALA F 568 -8.90 -33.80 4.73
CA ALA F 568 -10.28 -34.28 4.67
C ALA F 568 -11.07 -33.47 3.67
N PRO F 569 -12.06 -34.07 3.03
CA PRO F 569 -12.89 -33.34 2.06
C PRO F 569 -14.00 -32.56 2.77
N GLY F 570 -14.84 -31.92 1.97
CA GLY F 570 -15.94 -31.13 2.51
C GLY F 570 -16.78 -30.49 1.43
N ASP F 571 -17.16 -29.23 1.64
CA ASP F 571 -17.96 -28.45 0.69
C ASP F 571 -19.29 -29.14 0.41
N VAL F 572 -19.38 -29.87 -0.69
CA VAL F 572 -20.61 -30.56 -1.08
C VAL F 572 -20.85 -31.73 -0.13
N ASP F 573 -22.06 -32.29 -0.16
CA ASP F 573 -22.41 -33.40 0.72
C ASP F 573 -21.58 -34.63 0.37
N LEU F 574 -21.16 -35.35 1.40
CA LEU F 574 -20.35 -36.55 1.23
C LEU F 574 -21.17 -37.77 1.60
N PRO F 575 -21.39 -38.73 0.69
CA PRO F 575 -20.91 -38.78 -0.70
C PRO F 575 -21.76 -37.90 -1.63
N GLY F 576 -21.19 -37.45 -2.75
CA GLY F 576 -21.90 -36.62 -3.69
C GLY F 576 -21.65 -37.03 -5.13
N PRO F 577 -21.29 -36.06 -5.95
CA PRO F 577 -21.03 -36.33 -7.36
C PRO F 577 -19.67 -37.02 -7.54
N GLN F 578 -19.29 -37.22 -8.80
CA GLN F 578 -18.03 -37.85 -9.15
C GLN F 578 -16.91 -36.82 -9.40
N ARG F 579 -17.18 -35.54 -9.20
CA ARG F 579 -16.19 -34.48 -9.41
C ARG F 579 -16.09 -33.66 -8.13
N PRO F 580 -15.26 -34.08 -7.18
CA PRO F 580 -15.14 -33.33 -5.93
C PRO F 580 -14.49 -31.98 -6.18
N PRO F 581 -14.84 -30.95 -5.40
CA PRO F 581 -14.23 -29.62 -5.57
C PRO F 581 -12.84 -29.53 -4.94
N GLU F 582 -11.84 -29.99 -5.68
CA GLU F 582 -10.46 -30.00 -5.20
C GLU F 582 -9.80 -28.65 -5.50
N ALA F 583 -10.29 -27.63 -4.82
CA ALA F 583 -9.79 -26.26 -4.98
C ALA F 583 -9.23 -25.70 -3.68
N MET F 584 -9.97 -25.82 -2.57
CA MET F 584 -9.51 -25.31 -1.28
C MET F 584 -9.15 -26.48 -0.37
N PRO F 585 -7.87 -26.71 -0.08
CA PRO F 585 -7.51 -27.81 0.81
C PRO F 585 -7.91 -27.51 2.25
N THR F 586 -8.42 -28.54 2.92
CA THR F 586 -8.81 -28.44 4.32
C THR F 586 -8.27 -29.64 5.08
N VAL F 587 -7.79 -29.40 6.30
CA VAL F 587 -7.21 -30.43 7.15
C VAL F 587 -8.09 -30.59 8.38
N ASN F 588 -8.47 -31.83 8.67
CA ASN F 588 -9.30 -32.15 9.83
C ASN F 588 -8.70 -33.34 10.56
N ALA F 589 -9.35 -33.75 11.65
CA ALA F 589 -8.89 -34.88 12.45
C ALA F 589 -10.10 -35.66 12.93
N THR F 590 -9.86 -36.94 13.22
CA THR F 590 -10.89 -37.85 13.71
C THR F 590 -10.38 -38.59 14.93
N LEU F 591 -11.30 -38.95 15.82
CA LEU F 591 -10.94 -39.68 17.02
C LEU F 591 -10.48 -41.09 16.68
N ARG F 592 -9.47 -41.57 17.41
CA ARG F 592 -8.92 -42.90 17.21
C ARG F 592 -9.53 -43.84 18.26
N ILE F 593 -10.60 -44.52 17.88
CA ILE F 593 -11.26 -45.43 18.80
C ILE F 593 -10.51 -46.75 18.95
N ILE F 594 -9.58 -47.05 18.03
CA ILE F 594 -8.80 -48.29 18.08
C ILE F 594 -7.33 -47.91 17.99
N ASN F 595 -6.56 -48.26 19.01
CA ASN F 595 -5.13 -47.99 19.08
C ASN F 595 -4.30 -49.27 19.05
N GLY F 596 -4.76 -50.27 18.29
CA GLY F 596 -4.05 -51.53 18.22
C GLY F 596 -2.84 -51.55 17.30
N ASN F 597 -2.61 -50.46 16.57
CA ASN F 597 -1.48 -50.36 15.66
C ASN F 597 -0.44 -49.34 16.10
N ILE F 598 -0.66 -48.68 17.23
CA ILE F 598 0.28 -47.68 17.74
C ILE F 598 1.58 -48.34 18.21
N PRO F 599 1.56 -49.17 19.29
CA PRO F 599 2.79 -49.51 20.03
C PRO F 599 4.07 -48.77 19.65
N VAL F 600 5.09 -49.52 19.26
CA VAL F 600 6.37 -48.94 18.87
C VAL F 600 6.75 -49.42 17.48
N PRO F 601 6.75 -48.54 16.47
CA PRO F 601 7.16 -48.97 15.12
C PRO F 601 8.62 -49.39 15.03
N LEU F 602 9.47 -48.98 15.98
CA LEU F 602 10.88 -49.32 15.91
C LEU F 602 11.10 -50.82 16.09
N CYS F 603 10.51 -51.40 17.13
CA CYS F 603 10.63 -52.83 17.42
C CYS F 603 9.26 -53.40 17.72
N PRO F 604 8.38 -53.50 16.70
CA PRO F 604 7.04 -54.04 16.97
C PRO F 604 7.04 -55.54 17.15
N ILE F 605 7.81 -56.27 16.34
CA ILE F 605 7.77 -57.73 16.39
C ILE F 605 8.29 -58.25 17.73
N SER F 606 9.40 -57.68 18.21
CA SER F 606 9.97 -58.15 19.47
C SER F 606 9.03 -57.88 20.64
N PHE F 607 8.44 -56.68 20.70
CA PHE F 607 7.50 -56.36 21.76
C PHE F 607 6.27 -57.25 21.69
N ARG F 608 5.75 -57.49 20.48
CA ARG F 608 4.60 -58.36 20.33
C ARG F 608 4.91 -59.78 20.80
N ASP F 609 6.07 -60.30 20.44
CA ASP F 609 6.45 -61.64 20.89
C ASP F 609 6.61 -61.68 22.40
N CYS F 610 7.22 -60.64 22.98
CA CYS F 610 7.41 -60.62 24.44
C CYS F 610 6.07 -60.60 25.16
N ARG F 611 5.14 -59.75 24.72
CA ARG F 611 3.84 -59.69 25.39
C ARG F 611 3.04 -60.96 25.15
N GLY F 612 3.15 -61.57 23.97
CA GLY F 612 2.46 -62.83 23.73
C GLY F 612 2.97 -63.95 24.61
N THR F 613 4.29 -64.07 24.75
CA THR F 613 4.85 -65.11 25.62
C THR F 613 4.63 -64.79 27.09
N GLN F 614 4.45 -63.52 27.45
CA GLN F 614 4.10 -63.19 28.82
C GLN F 614 2.66 -63.55 29.14
N LEU F 615 1.73 -63.26 28.23
CA LEU F 615 0.32 -63.51 28.45
C LEU F 615 -0.10 -64.93 28.11
N GLY F 616 0.77 -65.73 27.49
CA GLY F 616 0.43 -67.09 27.14
C GLY F 616 0.65 -68.09 28.25
N LEU F 617 -0.10 -67.95 29.35
CA LEU F 617 0.02 -68.85 30.48
C LEU F 617 -1.33 -69.41 30.94
N GLY F 618 -2.44 -68.98 30.35
CA GLY F 618 -3.74 -69.47 30.75
C GLY F 618 -4.68 -69.75 29.59
N ARG F 619 -4.11 -70.13 28.44
CA ARG F 619 -4.89 -70.41 27.25
C ARG F 619 -4.46 -71.75 26.66
N HIS F 620 -5.43 -72.46 26.09
CA HIS F 620 -5.16 -73.76 25.49
C HIS F 620 -4.44 -73.60 24.15
N THR F 621 -3.68 -74.63 23.80
CA THR F 621 -2.93 -74.66 22.55
C THR F 621 -3.53 -75.68 21.59
N MET F 622 -3.12 -75.57 20.33
CA MET F 622 -3.61 -76.48 19.30
C MET F 622 -2.83 -77.79 19.34
N THR F 623 -3.12 -78.66 18.37
CA THR F 623 -2.47 -79.97 18.29
C THR F 623 -1.85 -80.15 16.92
N PRO F 624 -0.77 -80.94 16.81
CA PRO F 624 -0.16 -81.17 15.50
C PRO F 624 -1.10 -81.81 14.50
N ALA F 625 -2.01 -82.68 14.94
CA ALA F 625 -2.94 -83.31 14.01
C ALA F 625 -3.86 -82.27 13.38
N THR F 626 -4.43 -81.39 14.20
CA THR F 626 -5.30 -80.35 13.66
C THR F 626 -4.52 -79.36 12.81
N ILE F 627 -3.28 -79.05 13.21
CA ILE F 627 -2.45 -78.15 12.40
C ILE F 627 -2.20 -78.74 11.02
N LYS F 628 -1.86 -80.03 10.98
CA LYS F 628 -1.62 -80.71 9.70
C LYS F 628 -2.89 -80.77 8.87
N ALA F 629 -4.03 -81.03 9.51
CA ALA F 629 -5.30 -81.06 8.77
C ALA F 629 -5.62 -79.70 8.17
N VAL F 630 -5.41 -78.63 8.94
CA VAL F 630 -5.66 -77.28 8.43
C VAL F 630 -4.72 -76.97 7.27
N LYS F 631 -3.45 -77.34 7.41
CA LYS F 631 -2.49 -77.10 6.34
C LYS F 631 -2.87 -77.86 5.07
N ASP F 632 -3.30 -79.12 5.22
CA ASP F 632 -3.72 -79.90 4.06
C ASP F 632 -4.96 -79.30 3.41
N THR F 633 -5.92 -78.84 4.21
CA THR F 633 -7.10 -78.19 3.65
C THR F 633 -6.74 -76.92 2.90
N PHE F 634 -5.80 -76.13 3.45
CA PHE F 634 -5.38 -74.90 2.79
C PHE F 634 -4.64 -75.21 1.49
N GLU F 635 -3.81 -76.25 1.48
CA GLU F 635 -3.01 -76.59 0.31
C GLU F 635 -3.75 -77.49 -0.67
N ASP F 636 -5.01 -77.86 -0.38
CA ASP F 636 -5.77 -78.68 -1.33
C ASP F 636 -5.97 -77.97 -2.65
N ARG F 637 -5.97 -76.63 -2.65
CA ARG F 637 -6.02 -75.79 -3.84
C ARG F 637 -7.35 -75.87 -4.57
N ALA F 638 -7.59 -76.95 -5.31
CA ALA F 638 -8.80 -77.06 -6.12
C ALA F 638 -10.05 -77.06 -5.22
N TYR F 639 -10.19 -78.10 -4.39
CA TYR F 639 -11.29 -78.29 -3.44
C TYR F 639 -12.60 -78.54 -4.17
N PRO F 640 -13.48 -79.39 -3.63
CA PRO F 640 -14.79 -79.60 -4.27
C PRO F 640 -15.69 -78.39 -4.07
N THR F 641 -16.25 -77.89 -5.17
CA THR F 641 -17.15 -76.75 -5.10
C THR F 641 -18.53 -77.11 -4.58
N ILE F 642 -18.87 -78.41 -4.52
CA ILE F 642 -20.17 -78.83 -4.03
C ILE F 642 -20.31 -78.48 -2.55
N PHE F 643 -19.25 -78.69 -1.77
CA PHE F 643 -19.30 -78.35 -0.36
C PHE F 643 -19.48 -76.85 -0.14
N TYR F 644 -18.77 -76.04 -0.93
CA TYR F 644 -18.91 -74.59 -0.82
C TYR F 644 -20.32 -74.15 -1.20
N MET F 645 -20.88 -74.74 -2.26
CA MET F 645 -22.24 -74.40 -2.66
C MET F 645 -23.24 -74.78 -1.58
N LEU F 646 -23.05 -75.96 -0.97
CA LEU F 646 -23.94 -76.38 0.11
C LEU F 646 -23.84 -75.46 1.31
N GLU F 647 -22.61 -75.04 1.65
CA GLU F 647 -22.42 -74.11 2.76
C GLU F 647 -23.10 -72.78 2.48
N ALA F 648 -22.99 -72.28 1.23
CA ALA F 648 -23.62 -71.02 0.88
C ALA F 648 -25.13 -71.11 0.86
N VAL F 649 -25.68 -72.27 0.46
CA VAL F 649 -27.13 -72.42 0.34
C VAL F 649 -27.79 -72.93 1.62
N ILE F 650 -27.01 -73.34 2.63
CA ILE F 650 -27.58 -73.85 3.87
C ILE F 650 -28.34 -72.80 4.67
N HIS F 651 -28.29 -71.54 4.26
CA HIS F 651 -28.95 -70.48 5.03
C HIS F 651 -30.46 -70.66 5.06
N GLY F 652 -31.06 -71.09 3.94
CA GLY F 652 -32.50 -71.14 3.85
C GLY F 652 -33.08 -72.46 3.37
N ASN F 653 -32.49 -73.58 3.77
CA ASN F 653 -32.95 -74.91 3.38
C ASN F 653 -33.07 -75.82 4.60
N GLU F 654 -33.70 -75.33 5.66
CA GLU F 654 -33.84 -76.12 6.87
C GLU F 654 -34.68 -77.37 6.63
N ARG F 655 -35.77 -77.24 5.86
CA ARG F 655 -36.60 -78.39 5.55
C ARG F 655 -35.84 -79.43 4.73
N ASN F 656 -35.05 -78.97 3.75
CA ASN F 656 -34.25 -79.90 2.95
C ASN F 656 -33.19 -80.58 3.81
N PHE F 657 -32.54 -79.85 4.71
CA PHE F 657 -31.53 -80.44 5.57
C PHE F 657 -32.14 -81.40 6.58
N CYS F 658 -33.42 -81.21 6.93
CA CYS F 658 -34.07 -82.11 7.88
C CYS F 658 -34.15 -83.52 7.32
N ALA F 659 -34.46 -83.66 6.04
CA ALA F 659 -34.59 -84.97 5.41
C ALA F 659 -33.31 -85.43 4.72
N LEU F 660 -32.23 -84.65 4.78
CA LEU F 660 -30.98 -85.01 4.13
C LEU F 660 -29.79 -85.01 5.06
N LEU F 661 -29.97 -84.77 6.36
CA LEU F 661 -28.84 -84.74 7.28
C LEU F 661 -28.17 -86.11 7.37
N ARG F 662 -28.97 -87.18 7.39
CA ARG F 662 -28.41 -88.53 7.44
C ARG F 662 -27.57 -88.83 6.20
N LEU F 663 -28.09 -88.47 5.02
CA LEU F 663 -27.33 -88.70 3.79
C LEU F 663 -26.05 -87.87 3.78
N LEU F 664 -26.13 -86.62 4.23
CA LEU F 664 -24.93 -85.77 4.26
C LEU F 664 -23.89 -86.34 5.20
N THR F 665 -24.29 -86.79 6.40
CA THR F 665 -23.35 -87.35 7.34
C THR F 665 -22.76 -88.65 6.80
N GLN F 666 -23.57 -89.48 6.14
CA GLN F 666 -23.07 -90.73 5.58
C GLN F 666 -22.04 -90.47 4.48
N CYS F 667 -22.32 -89.50 3.59
CA CYS F 667 -21.38 -89.21 2.52
C CYS F 667 -20.11 -88.56 3.07
N ILE F 668 -20.23 -87.74 4.12
CA ILE F 668 -19.06 -87.15 4.74
C ILE F 668 -18.19 -88.25 5.36
N ARG F 669 -18.82 -89.19 6.07
CA ARG F 669 -18.06 -90.30 6.66
C ARG F 669 -17.38 -91.14 5.58
N GLY F 670 -18.09 -91.41 4.49
CA GLY F 670 -17.49 -92.18 3.40
C GLY F 670 -16.31 -91.47 2.77
N TYR F 671 -16.45 -90.15 2.53
CA TYR F 671 -15.35 -89.39 1.97
C TYR F 671 -14.15 -89.36 2.92
N TRP F 672 -14.41 -89.20 4.22
CA TRP F 672 -13.32 -89.23 5.20
C TRP F 672 -12.62 -90.58 5.20
N GLU F 673 -13.39 -91.67 5.17
CA GLU F 673 -12.80 -93.00 5.20
C GLU F 673 -12.04 -93.31 3.92
N GLN F 674 -12.43 -92.72 2.80
CA GLN F 674 -11.79 -93.04 1.52
C GLN F 674 -10.66 -92.09 1.17
N SER F 675 -10.56 -90.93 1.81
CA SER F 675 -9.52 -89.96 1.46
C SER F 675 -8.65 -89.52 2.62
N HIS F 676 -8.91 -89.97 3.84
CA HIS F 676 -8.14 -89.58 5.02
C HIS F 676 -8.10 -88.06 5.17
N ARG F 677 -9.22 -87.40 4.85
CA ARG F 677 -9.32 -85.95 4.91
C ARG F 677 -10.69 -85.58 5.48
N VAL F 678 -10.75 -84.37 6.04
CA VAL F 678 -11.98 -83.87 6.64
C VAL F 678 -12.39 -82.60 5.90
N ALA F 679 -13.69 -82.31 5.98
CA ALA F 679 -14.25 -81.13 5.30
C ALA F 679 -15.17 -80.36 6.24
N PHE F 680 -15.88 -79.37 5.68
CA PHE F 680 -16.82 -78.53 6.44
C PHE F 680 -16.11 -77.82 7.59
N VAL F 681 -15.07 -77.06 7.22
CA VAL F 681 -14.28 -76.29 8.17
C VAL F 681 -14.38 -74.79 7.90
N ASN F 682 -15.33 -74.36 7.08
CA ASN F 682 -15.50 -72.94 6.75
C ASN F 682 -16.94 -72.50 6.99
N ASN F 683 -17.61 -73.11 7.95
CA ASN F 683 -18.99 -72.77 8.27
C ASN F 683 -19.21 -72.94 9.77
N PHE F 684 -19.91 -71.97 10.37
CA PHE F 684 -20.20 -72.00 11.80
C PHE F 684 -21.66 -72.24 12.12
N HIS F 685 -22.58 -71.82 11.24
CA HIS F 685 -24.00 -72.02 11.52
C HIS F 685 -24.36 -73.50 11.55
N MET F 686 -23.81 -74.28 10.62
CA MET F 686 -24.11 -75.71 10.57
C MET F 686 -23.43 -76.49 11.68
N LEU F 687 -22.36 -75.94 12.27
CA LEU F 687 -21.66 -76.65 13.33
C LEU F 687 -22.56 -76.87 14.55
N MET F 688 -23.29 -75.84 14.96
CA MET F 688 -24.21 -75.98 16.08
C MET F 688 -25.28 -77.01 15.77
N TYR F 689 -25.84 -76.97 14.57
CA TYR F 689 -26.90 -77.90 14.20
C TYR F 689 -26.39 -79.34 14.22
N ILE F 690 -25.20 -79.59 13.66
CA ILE F 690 -24.69 -80.96 13.62
C ILE F 690 -24.32 -81.43 15.03
N THR F 691 -23.78 -80.53 15.87
CA THR F 691 -23.45 -80.94 17.23
C THR F 691 -24.70 -81.21 18.06
N THR F 692 -25.80 -80.52 17.77
CA THR F 692 -27.04 -80.74 18.52
C THR F 692 -27.86 -81.90 18.00
N TYR F 693 -27.73 -82.28 16.73
CA TYR F 693 -28.55 -83.33 16.14
C TYR F 693 -27.77 -84.60 15.87
N LEU F 694 -26.67 -84.51 15.11
CA LEU F 694 -25.93 -85.71 14.74
C LEU F 694 -25.30 -86.38 15.95
N GLY F 695 -24.77 -85.59 16.88
CA GLY F 695 -24.09 -86.13 18.05
C GLY F 695 -24.97 -86.99 18.92
N ASN F 696 -24.74 -88.31 18.89
CA ASN F 696 -25.48 -89.25 19.71
C ASN F 696 -24.52 -90.17 20.45
N GLY F 697 -23.36 -90.42 19.86
CA GLY F 697 -22.38 -91.30 20.46
C GLY F 697 -21.75 -92.26 19.47
N GLU F 698 -22.52 -92.65 18.46
CA GLU F 698 -22.03 -93.58 17.43
C GLU F 698 -21.35 -92.82 16.30
N LEU F 699 -20.30 -92.11 16.68
CA LEU F 699 -19.51 -91.31 15.75
C LEU F 699 -18.03 -91.60 15.94
N PRO F 700 -17.23 -91.48 14.88
CA PRO F 700 -15.78 -91.68 15.02
C PRO F 700 -15.11 -90.56 15.81
N GLU F 701 -14.59 -90.88 16.99
CA GLU F 701 -13.96 -89.89 17.84
C GLU F 701 -12.62 -89.42 17.30
N VAL F 702 -12.06 -90.09 16.29
CA VAL F 702 -10.77 -89.69 15.73
C VAL F 702 -10.89 -88.53 14.75
N CYS F 703 -12.10 -88.12 14.39
CA CYS F 703 -12.30 -87.03 13.46
C CYS F 703 -13.26 -85.95 13.96
N ILE F 704 -14.13 -86.26 14.94
CA ILE F 704 -15.07 -85.27 15.45
C ILE F 704 -14.49 -84.44 16.58
N ASN F 705 -13.25 -84.72 17.01
CA ASN F 705 -12.61 -83.99 18.09
C ASN F 705 -11.82 -82.78 17.60
N ILE F 706 -11.83 -82.50 16.30
CA ILE F 706 -11.11 -81.34 15.78
C ILE F 706 -11.72 -80.05 16.33
N TYR F 707 -13.04 -79.96 16.35
CA TYR F 707 -13.72 -78.77 16.86
C TYR F 707 -13.69 -78.69 18.38
N ARG F 708 -13.36 -79.79 19.06
CA ARG F 708 -13.30 -79.76 20.53
C ARG F 708 -12.22 -78.80 21.01
N ASP F 709 -11.04 -78.85 20.40
CA ASP F 709 -9.97 -77.93 20.78
C ASP F 709 -10.35 -76.50 20.48
N LEU F 710 -10.99 -76.26 19.34
CA LEU F 710 -11.39 -74.90 18.97
C LEU F 710 -12.40 -74.35 19.98
N LEU F 711 -13.40 -75.14 20.36
CA LEU F 711 -14.39 -74.67 21.32
C LEU F 711 -13.78 -74.50 22.71
N GLN F 712 -12.84 -75.37 23.09
CA GLN F 712 -12.16 -75.19 24.36
C GLN F 712 -11.35 -73.90 24.39
N HIS F 713 -10.65 -73.59 23.29
CA HIS F 713 -9.91 -72.34 23.20
C HIS F 713 -10.85 -71.14 23.23
N VAL F 714 -11.99 -71.25 22.55
CA VAL F 714 -12.96 -70.15 22.56
C VAL F 714 -13.47 -69.91 23.98
N ARG F 715 -13.81 -70.99 24.70
CA ARG F 715 -14.27 -70.85 26.07
C ARG F 715 -13.19 -70.26 26.96
N ALA F 716 -11.94 -70.70 26.78
CA ALA F 716 -10.85 -70.17 27.59
C ALA F 716 -10.64 -68.68 27.35
N LEU F 717 -10.67 -68.26 26.08
CA LEU F 717 -10.47 -66.84 25.79
C LEU F 717 -11.65 -66.01 26.29
N ARG F 718 -12.87 -66.54 26.19
CA ARG F 718 -14.02 -65.83 26.75
C ARG F 718 -13.90 -65.68 28.26
N GLN F 719 -13.46 -66.75 28.95
CA GLN F 719 -13.29 -66.68 30.40
C GLN F 719 -12.22 -65.67 30.78
N THR F 720 -11.09 -65.67 30.06
CA THR F 720 -10.03 -64.71 30.37
C THR F 720 -10.49 -63.28 30.10
N ILE F 721 -11.25 -63.06 29.02
CA ILE F 721 -11.76 -61.73 28.73
C ILE F 721 -12.72 -61.26 29.81
N THR F 722 -13.64 -62.14 30.23
CA THR F 722 -14.62 -61.74 31.23
C THR F 722 -14.02 -61.64 32.63
N ASP F 723 -12.86 -62.27 32.87
CA ASP F 723 -12.19 -62.15 34.15
C ASP F 723 -11.26 -60.95 34.22
N PHE F 724 -10.66 -60.56 33.08
CA PHE F 724 -9.78 -59.39 33.08
C PHE F 724 -10.55 -58.11 33.40
N THR F 725 -11.74 -57.97 32.84
CA THR F 725 -12.55 -56.79 33.10
C THR F 725 -13.16 -56.85 34.49
N ILE F 726 -13.49 -55.67 35.03
CA ILE F 726 -14.08 -55.59 36.35
C ILE F 726 -15.57 -55.94 36.28
N GLN F 727 -16.12 -56.32 37.43
CA GLN F 727 -17.52 -56.70 37.53
C GLN F 727 -18.14 -56.05 38.76
N GLY F 728 -19.45 -55.84 38.70
CA GLY F 728 -20.20 -55.25 39.78
C GLY F 728 -20.49 -53.78 39.62
N GLU F 729 -19.78 -53.08 38.73
CA GLU F 729 -20.02 -51.67 38.50
C GLU F 729 -21.22 -51.47 37.59
N GLY F 730 -21.73 -50.23 37.58
CA GLY F 730 -22.89 -49.91 36.79
C GLY F 730 -22.65 -48.67 35.94
N HIS F 731 -23.40 -48.59 34.85
CA HIS F 731 -23.32 -47.45 33.94
C HIS F 731 -24.67 -47.24 33.30
N ASN F 732 -24.89 -46.02 32.79
CA ASN F 732 -26.18 -45.69 32.18
C ASN F 732 -26.43 -46.50 30.92
N GLY F 733 -25.42 -46.68 30.08
CA GLY F 733 -25.58 -47.45 28.86
C GLY F 733 -25.51 -48.95 29.08
N GLU F 734 -24.34 -49.42 29.51
CA GLU F 734 -24.15 -50.85 29.78
C GLU F 734 -22.91 -51.01 30.65
N THR F 735 -22.79 -52.19 31.26
CA THR F 735 -21.65 -52.46 32.13
C THR F 735 -20.36 -52.56 31.32
N SER F 736 -20.29 -53.53 30.41
CA SER F 736 -19.11 -53.68 29.56
C SER F 736 -19.59 -54.24 28.21
N GLU F 737 -19.85 -53.34 27.26
CA GLU F 737 -20.25 -53.72 25.91
C GLU F 737 -19.26 -53.24 24.86
N ALA F 738 -18.94 -51.94 24.84
CA ALA F 738 -18.00 -51.41 23.87
C ALA F 738 -16.98 -50.44 24.45
N LEU F 739 -17.13 -50.00 25.69
CA LEU F 739 -16.24 -49.03 26.30
C LEU F 739 -15.19 -49.67 27.21
N ASN F 740 -15.10 -51.00 27.20
CA ASN F 740 -14.16 -51.71 28.04
C ASN F 740 -13.03 -52.39 27.27
N ASN F 741 -13.33 -53.04 26.15
CA ASN F 741 -12.32 -53.71 25.36
C ASN F 741 -12.76 -53.77 23.90
N ILE F 742 -11.78 -53.89 23.01
CA ILE F 742 -12.07 -53.99 21.58
C ILE F 742 -12.54 -55.38 21.20
N LEU F 743 -12.13 -56.41 21.95
CA LEU F 743 -12.54 -57.78 21.62
C LEU F 743 -14.05 -57.97 21.73
N THR F 744 -14.66 -57.33 22.73
CA THR F 744 -16.11 -57.43 22.94
C THR F 744 -16.88 -56.35 22.19
N ASP F 745 -16.20 -55.51 21.41
CA ASP F 745 -16.86 -54.44 20.66
C ASP F 745 -17.66 -55.05 19.52
N ASP F 746 -18.99 -55.04 19.65
CA ASP F 746 -19.88 -55.58 18.62
C ASP F 746 -20.30 -54.51 17.63
N THR F 747 -19.32 -53.84 17.03
CA THR F 747 -19.58 -52.78 16.06
C THR F 747 -18.78 -52.92 14.77
N PHE F 748 -17.69 -53.69 14.75
CA PHE F 748 -16.88 -53.83 13.56
C PHE F 748 -17.64 -54.60 12.47
N ILE F 749 -17.22 -54.38 11.23
CA ILE F 749 -17.85 -55.02 10.07
C ILE F 749 -17.53 -56.50 10.07
N ALA F 750 -18.23 -57.27 9.24
CA ALA F 750 -18.02 -58.70 9.12
C ALA F 750 -17.86 -59.07 7.65
N PRO F 751 -17.03 -60.08 7.35
CA PRO F 751 -16.85 -60.48 5.95
C PRO F 751 -18.10 -61.08 5.33
N ILE F 752 -18.71 -62.05 6.01
CA ILE F 752 -19.91 -62.72 5.53
C ILE F 752 -20.95 -62.69 6.63
N LEU F 753 -22.14 -62.22 6.29
CA LEU F 753 -23.26 -62.16 7.23
C LEU F 753 -24.47 -62.86 6.64
N TRP F 754 -25.14 -63.66 7.47
CA TRP F 754 -26.32 -64.42 7.05
C TRP F 754 -27.59 -63.91 7.70
N ASP F 755 -27.63 -63.83 9.03
CA ASP F 755 -28.81 -63.38 9.76
C ASP F 755 -28.67 -61.91 10.14
N CYS F 756 -29.82 -61.26 10.34
CA CYS F 756 -29.88 -59.84 10.64
C CYS F 756 -30.28 -59.57 12.10
N ASP F 757 -30.35 -60.60 12.93
CA ASP F 757 -30.71 -60.39 14.33
C ASP F 757 -29.65 -59.57 15.06
N ALA F 758 -28.38 -59.81 14.75
CA ALA F 758 -27.31 -59.02 15.36
C ALA F 758 -27.42 -57.55 14.98
N LEU F 759 -27.70 -57.27 13.71
CA LEU F 759 -27.88 -55.88 13.28
C LEU F 759 -29.10 -55.25 13.95
N ILE F 760 -30.19 -56.00 14.07
CA ILE F 760 -31.39 -55.49 14.72
C ILE F 760 -31.10 -55.14 16.17
N TYR F 761 -30.39 -56.03 16.88
CA TYR F 761 -30.03 -55.75 18.26
C TYR F 761 -29.11 -54.55 18.38
N ARG F 762 -28.12 -54.45 17.49
CA ARG F 762 -27.20 -53.33 17.52
C ARG F 762 -27.90 -52.01 17.21
N ASP F 763 -29.00 -52.06 16.45
CA ASP F 763 -29.74 -50.84 16.12
C ASP F 763 -30.24 -50.15 17.38
N GLU F 764 -30.78 -50.92 18.32
CA GLU F 764 -31.21 -50.34 19.59
C GLU F 764 -30.09 -50.26 20.62
N ALA F 765 -29.05 -51.08 20.47
CA ALA F 765 -27.90 -50.97 21.38
C ALA F 765 -27.16 -49.66 21.19
N ALA F 766 -27.03 -49.20 19.94
CA ALA F 766 -26.33 -47.97 19.62
C ALA F 766 -27.28 -46.79 19.45
N ARG F 767 -28.56 -46.95 19.79
CA ARG F 767 -29.52 -45.86 19.64
C ARG F 767 -29.19 -44.69 20.55
N ASP F 768 -28.52 -44.95 21.68
CA ASP F 768 -28.15 -43.89 22.61
C ASP F 768 -27.03 -43.00 22.07
N ARG F 769 -26.34 -43.43 21.00
CA ARG F 769 -25.26 -42.65 20.40
C ARG F 769 -25.73 -41.87 19.17
N LEU F 770 -27.04 -41.84 18.91
CA LEU F 770 -27.67 -41.17 17.77
C LEU F 770 -26.90 -41.42 16.47
N PRO F 771 -26.92 -42.64 15.95
CA PRO F 771 -26.19 -42.92 14.71
C PRO F 771 -26.94 -42.40 13.49
N ALA F 772 -26.25 -42.43 12.36
CA ALA F 772 -26.80 -41.99 11.07
C ALA F 772 -26.63 -43.13 10.07
N ILE F 773 -27.60 -44.03 10.02
CA ILE F 773 -27.56 -45.17 9.12
C ILE F 773 -28.17 -44.77 7.78
N ARG F 774 -27.80 -45.51 6.73
CA ARG F 774 -28.31 -45.26 5.37
C ARG F 774 -28.51 -46.63 4.71
N VAL F 775 -29.75 -47.12 4.79
CA VAL F 775 -30.10 -48.42 4.21
C VAL F 775 -30.44 -48.18 2.73
N SER F 776 -29.51 -48.50 1.85
CA SER F 776 -29.67 -48.35 0.40
C SER F 776 -30.03 -46.91 0.02
N GLY F 777 -29.52 -45.95 0.78
CA GLY F 777 -29.77 -44.54 0.55
C GLY F 777 -30.95 -43.99 1.32
N ARG F 778 -31.99 -44.79 1.54
CA ARG F 778 -33.17 -44.34 2.26
C ARG F 778 -33.05 -44.67 3.74
N ASN F 779 -33.97 -44.13 4.53
CA ASN F 779 -34.01 -44.34 5.97
C ASN F 779 -35.09 -45.36 6.30
N GLY F 780 -34.70 -46.41 7.02
CA GLY F 780 -35.61 -47.48 7.39
C GLY F 780 -35.49 -48.68 6.47
N TYR F 781 -36.22 -49.73 6.84
CA TYR F 781 -36.21 -50.97 6.07
C TYR F 781 -37.56 -51.66 6.22
N GLN F 782 -37.86 -52.52 5.26
CA GLN F 782 -39.10 -53.29 5.23
C GLN F 782 -38.78 -54.78 5.15
N ALA F 783 -39.82 -55.59 5.02
CA ALA F 783 -39.67 -57.03 4.94
C ALA F 783 -40.80 -57.61 4.12
N LEU F 784 -40.58 -58.82 3.59
CA LEU F 784 -41.57 -59.53 2.80
C LEU F 784 -41.68 -60.96 3.29
N HIS F 785 -42.89 -61.52 3.17
CA HIS F 785 -43.13 -62.88 3.61
C HIS F 785 -42.32 -63.88 2.79
N PHE F 786 -42.58 -63.95 1.49
CA PHE F 786 -41.87 -64.87 0.61
C PHE F 786 -41.98 -64.37 -0.82
N VAL F 787 -41.06 -64.84 -1.66
CA VAL F 787 -41.02 -64.50 -3.08
C VAL F 787 -41.04 -65.79 -3.88
N ASP F 788 -41.92 -65.87 -4.88
CA ASP F 788 -42.04 -67.05 -5.70
C ASP F 788 -40.88 -67.13 -6.70
N MET F 789 -40.92 -68.16 -7.55
CA MET F 789 -39.85 -68.35 -8.52
C MET F 789 -39.85 -67.26 -9.58
N ALA F 790 -41.02 -66.78 -9.98
CA ALA F 790 -41.11 -65.75 -11.01
C ALA F 790 -40.61 -64.39 -10.55
N GLY F 791 -40.39 -64.20 -9.25
CA GLY F 791 -39.91 -62.93 -8.75
C GLY F 791 -38.42 -62.93 -8.46
N HIS F 792 -37.64 -63.57 -9.33
CA HIS F 792 -36.20 -63.67 -9.17
C HIS F 792 -35.45 -62.49 -9.79
N ASN F 793 -36.12 -61.37 -10.00
CA ASN F 793 -35.46 -60.20 -10.56
C ASN F 793 -34.48 -59.61 -9.55
N PHE F 794 -33.37 -59.09 -10.07
CA PHE F 794 -32.33 -58.50 -9.23
C PHE F 794 -32.49 -57.00 -9.04
N GLN F 795 -33.55 -56.41 -9.59
CA GLN F 795 -33.79 -54.97 -9.46
C GLN F 795 -34.62 -54.64 -8.22
N ARG F 796 -34.13 -55.10 -7.07
CA ARG F 796 -34.80 -54.86 -5.79
C ARG F 796 -33.81 -54.25 -4.81
N ARG F 797 -34.25 -53.23 -4.08
CA ARG F 797 -33.44 -52.55 -3.09
C ARG F 797 -34.19 -52.46 -1.78
N ASP F 798 -33.46 -52.66 -0.67
CA ASP F 798 -34.01 -52.59 0.69
C ASP F 798 -35.17 -53.57 0.85
N ASN F 799 -34.85 -54.86 0.69
CA ASN F 799 -35.84 -55.92 0.82
C ASN F 799 -35.17 -57.16 1.40
N VAL F 800 -35.87 -57.80 2.34
CA VAL F 800 -35.39 -59.02 2.98
C VAL F 800 -36.51 -60.06 2.95
N LEU F 801 -36.12 -61.32 3.07
CA LEU F 801 -37.06 -62.43 3.04
C LEU F 801 -37.08 -63.15 4.38
N ILE F 802 -38.25 -63.66 4.74
CA ILE F 802 -38.43 -64.39 5.99
C ILE F 802 -38.82 -65.84 5.78
N HIS F 803 -39.08 -66.26 4.54
CA HIS F 803 -39.43 -67.65 4.21
C HIS F 803 -40.73 -68.08 4.90
N GLY F 804 -41.63 -67.13 5.16
CA GLY F 804 -42.91 -67.45 5.76
C GLY F 804 -42.82 -68.03 7.14
N ARG F 805 -41.90 -67.53 7.98
CA ARG F 805 -41.71 -67.97 9.35
C ARG F 805 -41.54 -69.49 9.43
N PRO F 806 -40.40 -70.02 8.97
CA PRO F 806 -40.21 -71.49 9.04
C PRO F 806 -40.20 -72.04 10.44
N VAL F 807 -39.87 -71.23 11.45
CA VAL F 807 -39.84 -71.70 12.83
C VAL F 807 -41.22 -71.56 13.47
N ILE F 815 -45.88 -57.20 13.10
CA ILE F 815 -45.70 -58.60 13.44
C ILE F 815 -44.28 -58.85 13.93
N PRO F 816 -44.15 -59.47 15.10
CA PRO F 816 -42.81 -59.77 15.63
C PRO F 816 -42.10 -60.79 14.78
N ILE F 817 -40.76 -60.70 14.77
CA ILE F 817 -39.95 -61.61 13.98
C ILE F 817 -39.98 -63.00 14.61
N THR F 818 -39.79 -64.02 13.77
CA THR F 818 -39.86 -65.41 14.24
C THR F 818 -38.59 -65.90 14.95
N PRO F 819 -37.35 -65.59 14.47
CA PRO F 819 -36.18 -66.12 15.18
C PRO F 819 -36.02 -65.54 16.58
N HIS F 820 -36.04 -64.22 16.69
CA HIS F 820 -35.89 -63.51 17.97
C HIS F 820 -34.60 -63.94 18.67
N HIS F 821 -33.53 -64.09 17.89
CA HIS F 821 -32.25 -64.52 18.43
C HIS F 821 -31.52 -63.34 19.07
N ASP F 822 -30.77 -63.65 20.14
CA ASP F 822 -30.02 -62.64 20.85
C ASP F 822 -28.71 -62.33 20.12
N ARG F 823 -28.01 -61.32 20.61
CA ARG F 823 -26.73 -60.91 20.04
C ARG F 823 -25.59 -61.87 20.37
N GLU F 824 -25.84 -62.85 21.25
CA GLU F 824 -24.79 -63.80 21.60
C GLU F 824 -24.36 -64.62 20.39
N TRP F 825 -25.32 -65.02 19.54
CA TRP F 825 -24.98 -65.76 18.34
C TRP F 825 -24.08 -64.94 17.42
N GLY F 826 -24.41 -63.66 17.23
CA GLY F 826 -23.58 -62.82 16.40
C GLY F 826 -22.20 -62.59 16.99
N ILE F 827 -22.12 -62.42 18.30
CA ILE F 827 -20.83 -62.24 18.95
C ILE F 827 -19.96 -63.50 18.78
N LEU F 828 -20.56 -64.67 18.97
CA LEU F 828 -19.82 -65.92 18.81
C LEU F 828 -19.37 -66.10 17.37
N SER F 829 -20.24 -65.78 16.41
CA SER F 829 -19.86 -65.90 15.00
C SER F 829 -18.72 -64.95 14.66
N LYS F 830 -18.77 -63.71 15.15
CA LYS F 830 -17.70 -62.76 14.89
C LYS F 830 -16.38 -63.22 15.53
N ILE F 831 -16.45 -63.76 16.75
CA ILE F 831 -15.25 -64.27 17.41
C ILE F 831 -14.65 -65.42 16.62
N TYR F 832 -15.49 -66.34 16.16
CA TYR F 832 -15.01 -67.48 15.39
C TYR F 832 -14.41 -67.04 14.06
N TYR F 833 -15.03 -66.07 13.40
CA TYR F 833 -14.58 -65.63 12.08
C TYR F 833 -13.46 -64.59 12.14
N TYR F 834 -13.10 -64.08 13.32
CA TYR F 834 -12.11 -63.01 13.42
C TYR F 834 -10.95 -63.35 14.34
N ILE F 835 -10.86 -64.56 14.86
CA ILE F 835 -9.70 -64.92 15.68
C ILE F 835 -8.99 -66.15 15.12
N VAL F 836 -9.67 -67.30 15.14
CA VAL F 836 -9.02 -68.54 14.73
C VAL F 836 -8.81 -68.58 13.23
N ILE F 837 -9.79 -68.14 12.46
CA ILE F 837 -9.65 -68.13 11.00
C ILE F 837 -8.50 -67.24 10.54
N PRO F 838 -8.38 -65.98 10.97
CA PRO F 838 -7.20 -65.20 10.57
C PRO F 838 -5.91 -65.73 11.17
N ALA F 839 -5.94 -66.23 12.42
CA ALA F 839 -4.73 -66.76 13.03
C ALA F 839 -4.21 -67.97 12.27
N PHE F 840 -5.09 -68.72 11.61
CA PHE F 840 -4.67 -69.90 10.87
C PHE F 840 -4.40 -69.62 9.40
N SER F 841 -5.08 -68.65 8.80
CA SER F 841 -4.94 -68.40 7.36
C SER F 841 -4.78 -66.90 7.11
N ARG F 842 -3.87 -66.26 7.85
CA ARG F 842 -3.58 -64.85 7.58
C ARG F 842 -3.07 -64.65 6.15
N GLY F 843 -2.12 -65.47 5.73
CA GLY F 843 -1.64 -65.42 4.36
C GLY F 843 -2.39 -66.39 3.46
N SER F 844 -3.66 -66.11 3.21
CA SER F 844 -4.52 -66.99 2.43
C SER F 844 -5.05 -66.24 1.20
N CYS F 845 -5.97 -66.89 0.48
CA CYS F 845 -6.54 -66.33 -0.72
C CYS F 845 -7.67 -65.36 -0.35
N CYS F 846 -8.44 -64.95 -1.35
CA CYS F 846 -9.56 -64.03 -1.18
C CYS F 846 -10.87 -64.73 -1.52
N THR F 847 -11.96 -63.97 -1.49
CA THR F 847 -13.29 -64.50 -1.74
C THR F 847 -13.64 -64.38 -3.22
N MET F 848 -14.72 -65.07 -3.61
CA MET F 848 -15.20 -65.05 -4.99
C MET F 848 -16.66 -64.66 -5.05
N GLY F 849 -17.26 -64.78 -6.22
CA GLY F 849 -18.66 -64.42 -6.39
C GLY F 849 -19.36 -65.41 -7.29
N VAL F 850 -20.67 -65.54 -7.08
CA VAL F 850 -21.51 -66.45 -7.85
C VAL F 850 -22.60 -65.64 -8.55
N ARG F 851 -22.75 -65.86 -9.85
CA ARG F 851 -23.76 -65.16 -10.64
C ARG F 851 -25.10 -65.85 -10.43
N TYR F 852 -25.86 -65.37 -9.45
CA TYR F 852 -27.16 -65.97 -9.16
C TYR F 852 -28.21 -65.59 -10.19
N ASP F 853 -27.97 -64.56 -10.99
CA ASP F 853 -28.93 -64.13 -11.99
C ASP F 853 -28.90 -64.97 -13.26
N ARG F 854 -27.91 -65.85 -13.41
CA ARG F 854 -27.79 -66.70 -14.58
C ARG F 854 -27.63 -68.18 -14.27
N LEU F 855 -27.26 -68.56 -13.05
CA LEU F 855 -27.07 -69.95 -12.68
C LEU F 855 -28.29 -70.57 -12.00
N TYR F 856 -29.15 -69.74 -11.40
CA TYR F 856 -30.34 -70.27 -10.74
C TYR F 856 -31.27 -71.03 -11.68
N PRO F 857 -31.64 -70.51 -12.86
CA PRO F 857 -32.52 -71.27 -13.75
C PRO F 857 -31.80 -72.23 -14.70
N ALA F 858 -30.51 -72.51 -14.47
CA ALA F 858 -29.75 -73.40 -15.33
C ALA F 858 -29.38 -74.71 -14.67
N LEU F 859 -29.61 -74.86 -13.36
CA LEU F 859 -29.30 -76.09 -12.65
C LEU F 859 -30.41 -77.14 -12.74
N GLN F 860 -31.54 -76.80 -13.35
CA GLN F 860 -32.66 -77.73 -13.48
C GLN F 860 -32.47 -78.57 -14.74
N ALA F 861 -31.51 -79.50 -14.65
CA ALA F 861 -31.20 -80.39 -15.76
C ALA F 861 -30.97 -81.82 -15.28
N VAL F 862 -31.64 -82.22 -14.21
CA VAL F 862 -31.51 -83.56 -13.66
C VAL F 862 -32.77 -84.35 -13.96
N ILE F 863 -32.63 -85.67 -14.06
CA ILE F 863 -33.72 -86.58 -14.35
C ILE F 863 -33.84 -87.57 -13.19
N VAL F 864 -35.03 -87.65 -12.61
CA VAL F 864 -35.29 -88.57 -11.50
C VAL F 864 -35.62 -89.95 -12.05
N PRO F 865 -34.89 -90.99 -11.66
CA PRO F 865 -35.17 -92.33 -12.16
C PRO F 865 -36.34 -92.97 -11.43
N GLU F 866 -36.64 -94.21 -11.80
CA GLU F 866 -37.74 -94.98 -11.20
C GLU F 866 -37.19 -96.35 -10.83
N ILE F 867 -36.69 -96.47 -9.60
CA ILE F 867 -36.14 -97.76 -9.14
C ILE F 867 -37.29 -98.71 -8.85
N PRO F 868 -37.29 -99.93 -9.40
CA PRO F 868 -38.36 -100.88 -9.11
C PRO F 868 -38.38 -101.28 -7.65
N ALA F 869 -39.57 -101.56 -7.14
CA ALA F 869 -39.72 -101.95 -5.75
C ALA F 869 -39.21 -103.38 -5.53
N ASP F 870 -38.85 -103.65 -4.28
CA ASP F 870 -38.33 -104.97 -3.87
C ASP F 870 -37.12 -105.36 -4.71
N GLU F 871 -36.20 -104.41 -4.91
CA GLU F 871 -34.99 -104.64 -5.69
C GLU F 871 -33.78 -104.26 -4.85
N GLU F 872 -32.60 -104.58 -5.38
CA GLU F 872 -31.35 -104.29 -4.69
C GLU F 872 -31.08 -102.79 -4.67
N ALA F 873 -30.37 -102.34 -3.64
CA ALA F 873 -30.03 -100.93 -3.49
C ALA F 873 -28.67 -100.66 -4.13
N PRO F 874 -28.60 -99.83 -5.17
CA PRO F 874 -27.30 -99.56 -5.79
C PRO F 874 -26.39 -98.68 -4.92
N THR F 875 -25.34 -99.28 -4.37
CA THR F 875 -24.39 -98.56 -3.52
C THR F 875 -23.08 -98.26 -4.22
N THR F 876 -22.85 -98.80 -5.42
CA THR F 876 -21.63 -98.58 -6.17
C THR F 876 -21.97 -98.14 -7.59
N PRO F 877 -21.11 -97.32 -8.22
CA PRO F 877 -21.34 -96.87 -9.60
C PRO F 877 -20.88 -97.86 -10.66
N GLU F 878 -21.26 -99.12 -10.50
CA GLU F 878 -20.93 -100.16 -11.46
C GLU F 878 -22.15 -100.92 -11.97
N ASP F 879 -23.13 -101.15 -11.11
CA ASP F 879 -24.35 -101.83 -11.54
C ASP F 879 -25.17 -100.92 -12.44
N PRO F 880 -25.93 -101.50 -13.39
CA PRO F 880 -26.75 -100.70 -14.32
C PRO F 880 -28.08 -100.25 -13.73
N ARG F 881 -28.04 -99.71 -12.51
CA ARG F 881 -29.23 -99.18 -11.85
C ARG F 881 -29.01 -97.83 -11.19
N HIS F 882 -27.77 -97.40 -10.99
CA HIS F 882 -27.52 -96.11 -10.37
C HIS F 882 -27.86 -94.98 -11.33
N PRO F 883 -28.37 -93.86 -10.82
CA PRO F 883 -28.65 -92.71 -11.70
C PRO F 883 -27.43 -92.14 -12.37
N LEU F 884 -26.23 -92.34 -11.81
CA LEU F 884 -24.99 -91.84 -12.38
C LEU F 884 -24.33 -92.84 -13.31
N HIS F 885 -25.09 -93.77 -13.88
CA HIS F 885 -24.53 -94.77 -14.78
C HIS F 885 -24.13 -94.12 -16.10
N ALA F 886 -23.20 -94.77 -16.80
CA ALA F 886 -22.74 -94.26 -18.09
C ALA F 886 -23.87 -94.24 -19.12
N HIS F 887 -24.69 -95.30 -19.14
CA HIS F 887 -25.80 -95.35 -20.08
C HIS F 887 -26.82 -94.26 -19.81
N GLN F 888 -27.12 -94.01 -18.53
CA GLN F 888 -28.10 -93.00 -18.16
C GLN F 888 -27.52 -91.58 -18.18
N LEU F 889 -26.21 -91.44 -18.34
CA LEU F 889 -25.60 -90.12 -18.38
C LEU F 889 -26.00 -89.37 -19.64
N VAL F 890 -26.22 -88.07 -19.51
CA VAL F 890 -26.62 -87.23 -20.63
C VAL F 890 -25.72 -86.00 -20.68
N PRO F 891 -25.39 -85.49 -21.86
CA PRO F 891 -24.56 -84.29 -21.94
C PRO F 891 -25.34 -83.03 -21.62
N ASN F 892 -24.59 -81.97 -21.32
CA ASN F 892 -25.16 -80.65 -20.98
C ASN F 892 -26.13 -80.75 -19.81
N SER F 893 -25.69 -81.46 -18.77
CA SER F 893 -26.50 -81.64 -17.57
C SER F 893 -25.55 -81.74 -16.37
N LEU F 894 -26.11 -82.04 -15.20
CA LEU F 894 -25.32 -82.18 -13.99
C LEU F 894 -24.69 -83.57 -13.84
N ASN F 895 -25.07 -84.53 -14.67
CA ASN F 895 -24.51 -85.87 -14.57
C ASN F 895 -23.01 -85.88 -14.87
N VAL F 896 -22.61 -85.15 -15.92
CA VAL F 896 -21.19 -85.09 -16.26
C VAL F 896 -20.40 -84.39 -15.17
N TYR F 897 -20.95 -83.33 -14.60
CA TYR F 897 -20.28 -82.63 -13.50
C TYR F 897 -20.13 -83.55 -12.29
N PHE F 898 -21.18 -84.30 -11.96
CA PHE F 898 -21.10 -85.23 -10.83
C PHE F 898 -20.08 -86.33 -11.10
N HIS F 899 -20.03 -86.84 -12.32
CA HIS F 899 -19.04 -87.87 -12.66
C HIS F 899 -17.62 -87.31 -12.55
N ASN F 900 -17.41 -86.09 -13.03
CA ASN F 900 -16.08 -85.48 -12.94
C ASN F 900 -15.71 -85.10 -11.51
N ALA F 901 -16.69 -84.88 -10.65
CA ALA F 901 -16.43 -84.53 -9.26
C ALA F 901 -16.23 -85.74 -8.36
N HIS F 902 -16.28 -86.96 -8.92
CA HIS F 902 -16.06 -88.19 -8.17
C HIS F 902 -17.05 -88.33 -7.01
N LEU F 903 -18.32 -88.04 -7.29
CA LEU F 903 -19.38 -88.21 -6.30
C LEU F 903 -20.68 -88.55 -7.02
N THR F 904 -21.57 -89.21 -6.28
CA THR F 904 -22.85 -89.65 -6.81
C THR F 904 -23.98 -89.20 -5.90
N VAL F 905 -25.17 -89.06 -6.48
CA VAL F 905 -26.36 -88.67 -5.73
C VAL F 905 -27.41 -89.78 -5.83
N ASP F 906 -28.53 -89.59 -5.14
CA ASP F 906 -29.61 -90.57 -5.13
C ASP F 906 -30.94 -89.87 -5.37
N GLY F 907 -32.01 -90.65 -5.36
CA GLY F 907 -33.34 -90.10 -5.61
C GLY F 907 -33.77 -89.11 -4.53
N ASP F 908 -33.38 -89.37 -3.28
CA ASP F 908 -33.74 -88.47 -2.20
C ASP F 908 -33.11 -87.10 -2.39
N ALA F 909 -31.85 -87.05 -2.82
CA ALA F 909 -31.19 -85.78 -3.08
C ALA F 909 -31.68 -85.15 -4.38
N LEU F 910 -32.09 -85.97 -5.35
CA LEU F 910 -32.58 -85.42 -6.62
C LEU F 910 -33.96 -84.81 -6.48
N LEU F 911 -34.80 -85.37 -5.62
CA LEU F 911 -36.17 -84.88 -5.46
C LEU F 911 -36.27 -83.65 -4.57
N THR F 912 -35.22 -83.31 -3.83
CA THR F 912 -35.21 -82.16 -2.96
C THR F 912 -34.80 -80.87 -3.66
N LEU F 913 -34.45 -80.94 -4.94
CA LEU F 913 -34.04 -79.74 -5.67
C LEU F 913 -35.18 -78.75 -5.79
N GLN F 914 -36.41 -79.24 -6.02
CA GLN F 914 -37.55 -78.35 -6.16
C GLN F 914 -37.82 -77.59 -4.86
N GLU F 915 -37.71 -78.28 -3.71
CA GLU F 915 -37.91 -77.61 -2.44
C GLU F 915 -36.75 -76.67 -2.11
N LEU F 916 -35.53 -77.05 -2.50
CA LEU F 916 -34.37 -76.18 -2.27
C LEU F 916 -34.48 -74.88 -3.07
N MET F 917 -34.94 -74.97 -4.31
CA MET F 917 -35.07 -73.79 -5.15
C MET F 917 -36.34 -72.99 -4.86
N GLY F 918 -37.26 -73.53 -4.06
CA GLY F 918 -38.47 -72.81 -3.73
C GLY F 918 -38.38 -72.09 -2.40
N ASP F 919 -37.28 -72.30 -1.67
CA ASP F 919 -37.05 -71.67 -0.37
C ASP F 919 -35.92 -70.66 -0.44
N MET F 920 -35.86 -69.89 -1.54
CA MET F 920 -34.81 -68.89 -1.70
C MET F 920 -35.01 -67.74 -0.73
N ALA F 921 -33.91 -67.05 -0.44
CA ALA F 921 -33.94 -65.93 0.50
C ALA F 921 -33.36 -64.68 -0.13
N GLU F 922 -33.16 -63.63 0.67
CA GLU F 922 -32.62 -62.38 0.15
C GLU F 922 -31.18 -62.58 -0.33
N ARG F 923 -30.82 -61.86 -1.39
CA ARG F 923 -29.49 -61.96 -1.97
C ARG F 923 -28.55 -60.98 -1.28
N THR F 924 -27.35 -60.82 -1.84
CA THR F 924 -26.36 -59.93 -1.25
C THR F 924 -26.80 -58.47 -1.42
N THR F 925 -26.45 -57.65 -0.43
CA THR F 925 -26.78 -56.23 -0.45
C THR F 925 -25.67 -55.46 0.23
N ALA F 926 -25.61 -54.16 -0.06
CA ALA F 926 -24.59 -53.26 0.48
C ALA F 926 -25.25 -52.34 1.49
N ILE F 927 -25.05 -52.63 2.77
CA ILE F 927 -25.59 -51.82 3.86
C ILE F 927 -24.44 -51.43 4.78
N LEU F 928 -24.32 -50.13 5.05
CA LEU F 928 -23.26 -49.61 5.90
C LEU F 928 -23.84 -49.14 7.23
N VAL F 929 -22.97 -49.09 8.23
CA VAL F 929 -23.34 -48.66 9.57
C VAL F 929 -22.31 -47.65 10.06
N SER F 930 -22.74 -46.81 11.01
CA SER F 930 -21.89 -45.78 11.57
C SER F 930 -22.04 -45.77 13.09
N SER F 931 -20.93 -45.50 13.78
CA SER F 931 -20.91 -45.41 15.24
C SER F 931 -20.29 -44.09 15.66
N ALA F 932 -20.88 -43.47 16.67
CA ALA F 932 -20.40 -42.18 17.15
C ALA F 932 -19.41 -42.40 18.30
N PRO F 933 -18.16 -42.01 18.14
CA PRO F 933 -17.18 -42.20 19.22
C PRO F 933 -17.35 -41.13 20.30
N ASP F 934 -16.67 -41.36 21.43
CA ASP F 934 -16.68 -40.46 22.57
C ASP F 934 -18.11 -40.22 23.07
N ALA F 935 -18.73 -41.31 23.54
CA ALA F 935 -20.09 -41.27 24.04
C ALA F 935 -20.16 -40.91 25.53
N GLY F 936 -19.12 -40.28 26.06
CA GLY F 936 -19.11 -39.88 27.45
C GLY F 936 -18.76 -38.42 27.65
N ALA F 937 -19.09 -37.60 26.66
CA ALA F 937 -18.80 -36.17 26.71
C ALA F 937 -19.85 -35.42 25.92
N ALA F 938 -19.95 -34.12 26.21
CA ALA F 938 -20.93 -33.26 25.56
C ALA F 938 -20.39 -32.59 24.29
N THR F 939 -19.16 -32.90 23.90
CA THR F 939 -18.59 -32.32 22.69
C THR F 939 -19.31 -32.85 21.44
N ALA F 940 -19.45 -31.98 20.45
CA ALA F 940 -20.13 -32.32 19.21
C ALA F 940 -19.18 -32.57 18.05
N THR F 941 -17.88 -32.25 18.21
CA THR F 941 -16.93 -32.49 17.13
C THR F 941 -16.78 -33.98 16.84
N THR F 942 -16.73 -34.81 17.89
CA THR F 942 -16.60 -36.26 17.69
C THR F 942 -17.80 -36.83 16.97
N ARG F 943 -19.00 -36.39 17.34
CA ARG F 943 -20.21 -36.85 16.66
C ARG F 943 -20.23 -36.39 15.20
N ASN F 944 -19.81 -35.16 14.94
CA ASN F 944 -19.79 -34.65 13.56
C ASN F 944 -18.79 -35.40 12.70
N MET F 945 -17.62 -35.73 13.26
CA MET F 945 -16.60 -36.44 12.50
C MET F 945 -17.02 -37.89 12.25
N ARG F 946 -17.21 -38.65 13.33
CA ARG F 946 -17.65 -40.04 13.26
C ARG F 946 -16.69 -40.91 12.45
N ILE F 947 -17.09 -42.15 12.18
CA ILE F 947 -16.31 -43.09 11.39
C ILE F 947 -17.21 -43.77 10.38
N TYR F 948 -16.72 -43.93 9.16
CA TYR F 948 -17.48 -44.56 8.09
C TYR F 948 -16.95 -45.97 7.84
N ASP F 949 -17.86 -46.93 7.79
CA ASP F 949 -17.50 -48.32 7.56
C ASP F 949 -18.71 -49.06 6.98
N GLY F 950 -18.44 -50.21 6.39
CA GLY F 950 -19.49 -51.02 5.79
C GLY F 950 -19.06 -52.46 5.66
N ALA F 951 -20.04 -53.35 5.70
CA ALA F 951 -19.80 -54.79 5.62
C ALA F 951 -20.37 -55.35 4.33
N LEU F 952 -19.98 -56.58 4.02
CA LEU F 952 -20.42 -57.29 2.83
C LEU F 952 -21.38 -58.40 3.23
N TYR F 953 -22.53 -58.47 2.56
CA TYR F 953 -23.54 -59.47 2.86
C TYR F 953 -23.37 -60.69 1.96
N HIS F 954 -23.60 -61.86 2.53
CA HIS F 954 -23.54 -63.15 1.83
C HIS F 954 -22.12 -63.34 1.28
N GLY F 955 -21.98 -64.08 0.19
CA GLY F 955 -20.69 -64.35 -0.42
C GLY F 955 -20.38 -65.83 -0.45
N LEU F 956 -19.29 -66.14 -1.13
CA LEU F 956 -18.82 -67.52 -1.29
C LEU F 956 -17.30 -67.52 -1.28
N ILE F 957 -16.71 -68.28 -0.37
CA ILE F 957 -15.26 -68.37 -0.24
C ILE F 957 -14.75 -69.50 -1.12
N MET F 958 -13.72 -69.20 -1.92
CA MET F 958 -13.11 -70.19 -2.80
C MET F 958 -11.63 -70.34 -2.45
N MET F 959 -11.12 -71.56 -2.65
CA MET F 959 -9.73 -71.83 -2.33
C MET F 959 -8.79 -71.39 -3.45
N ALA F 960 -9.03 -71.87 -4.67
CA ALA F 960 -8.20 -71.50 -5.80
C ALA F 960 -9.00 -71.69 -7.08
N TYR F 961 -8.51 -71.08 -8.16
CA TYR F 961 -9.13 -71.16 -9.47
C TYR F 961 -8.28 -72.05 -10.37
N GLN F 962 -8.93 -73.00 -11.03
CA GLN F 962 -8.21 -73.93 -11.90
C GLN F 962 -7.80 -73.21 -13.18
N ALA F 963 -6.48 -73.09 -13.39
CA ALA F 963 -5.94 -72.43 -14.57
C ALA F 963 -5.14 -73.35 -15.48
N TYR F 964 -4.68 -74.50 -14.99
CA TYR F 964 -3.88 -75.42 -15.80
C TYR F 964 -4.61 -76.69 -16.17
N ASP F 965 -5.65 -77.09 -15.43
CA ASP F 965 -6.40 -78.30 -15.74
C ASP F 965 -7.83 -78.09 -15.26
N GLU F 966 -8.71 -77.71 -16.19
CA GLU F 966 -10.12 -77.50 -15.87
C GLU F 966 -11.02 -78.24 -16.86
N THR F 967 -10.52 -78.44 -18.08
CA THR F 967 -11.24 -79.13 -19.14
C THR F 967 -12.59 -78.48 -19.43
N ILE F 968 -12.69 -77.18 -19.19
CA ILE F 968 -13.94 -76.44 -19.42
C ILE F 968 -13.60 -74.96 -19.48
N ALA F 969 -14.49 -74.17 -20.09
CA ALA F 969 -14.29 -72.73 -20.20
C ALA F 969 -14.82 -72.07 -18.93
N THR F 970 -13.93 -71.53 -18.12
CA THR F 970 -14.26 -70.87 -16.87
C THR F 970 -14.13 -69.37 -17.02
N GLY F 971 -14.35 -68.66 -15.91
CA GLY F 971 -14.25 -67.21 -15.91
C GLY F 971 -15.46 -66.48 -16.43
N THR F 972 -16.57 -67.18 -16.67
CA THR F 972 -17.79 -66.58 -17.19
C THR F 972 -18.90 -66.49 -16.15
N PHE F 973 -19.20 -67.60 -15.47
CA PHE F 973 -20.27 -67.63 -14.49
C PHE F 973 -19.82 -67.20 -13.09
N PHE F 974 -18.53 -66.95 -12.90
CA PHE F 974 -18.01 -66.55 -11.60
C PHE F 974 -17.00 -65.42 -11.79
N TYR F 975 -16.94 -64.53 -10.78
CA TYR F 975 -16.00 -63.42 -10.81
C TYR F 975 -15.75 -62.97 -9.39
N PRO F 976 -14.50 -62.68 -9.01
CA PRO F 976 -14.22 -62.26 -7.64
C PRO F 976 -14.79 -60.88 -7.35
N VAL F 977 -15.10 -60.66 -6.07
CA VAL F 977 -15.60 -59.37 -5.60
C VAL F 977 -14.82 -58.95 -4.35
N PRO F 978 -14.60 -57.66 -4.14
CA PRO F 978 -13.89 -57.23 -2.92
C PRO F 978 -14.70 -57.52 -1.67
N VAL F 979 -13.97 -57.83 -0.59
CA VAL F 979 -14.61 -58.11 0.70
C VAL F 979 -14.01 -57.20 1.76
N ASN F 980 -12.69 -57.17 1.87
CA ASN F 980 -12.00 -56.36 2.87
C ASN F 980 -10.58 -56.14 2.40
N PRO F 981 -9.93 -55.05 2.83
CA PRO F 981 -8.55 -54.79 2.38
C PRO F 981 -7.55 -55.85 2.82
N LEU F 982 -7.84 -56.59 3.89
CA LEU F 982 -6.90 -57.60 4.36
C LEU F 982 -6.72 -58.72 3.33
N PHE F 983 -7.81 -59.15 2.71
CA PHE F 983 -7.76 -60.23 1.72
C PHE F 983 -7.48 -59.63 0.34
N ALA F 984 -6.20 -59.44 0.06
CA ALA F 984 -5.74 -58.93 -1.22
C ALA F 984 -4.91 -60.00 -1.92
N CYS F 985 -5.25 -60.27 -3.18
CA CYS F 985 -4.55 -61.28 -3.95
C CYS F 985 -4.63 -60.97 -5.44
N PRO F 986 -3.48 -60.84 -6.12
CA PRO F 986 -3.52 -60.57 -7.57
C PRO F 986 -3.61 -61.84 -8.40
N GLU F 987 -3.25 -62.98 -7.81
CA GLU F 987 -3.29 -64.24 -8.53
C GLU F 987 -4.69 -64.80 -8.69
N HIS F 988 -5.65 -64.35 -7.87
CA HIS F 988 -7.03 -64.82 -7.94
C HIS F 988 -7.98 -63.79 -8.53
N LEU F 989 -7.48 -62.61 -8.90
CA LEU F 989 -8.30 -61.55 -9.47
C LEU F 989 -8.27 -61.54 -10.99
N ALA F 990 -7.62 -62.52 -11.61
CA ALA F 990 -7.53 -62.58 -13.07
C ALA F 990 -8.79 -63.11 -13.73
N SER F 991 -9.75 -63.62 -12.96
CA SER F 991 -10.98 -64.15 -13.53
C SER F 991 -11.92 -63.06 -14.03
N LEU F 992 -11.69 -61.80 -13.64
CA LEU F 992 -12.55 -60.70 -14.08
C LEU F 992 -12.21 -60.19 -15.47
N ARG F 993 -11.05 -60.59 -16.02
CA ARG F 993 -10.60 -60.21 -17.36
C ARG F 993 -10.34 -58.71 -17.48
N GLY F 994 -9.62 -58.29 -18.51
CA GLY F 994 -9.32 -56.89 -18.70
C GLY F 994 -8.15 -56.36 -17.89
N MET F 995 -7.33 -57.24 -17.33
CA MET F 995 -6.17 -56.83 -16.55
C MET F 995 -4.93 -56.80 -17.44
N THR F 996 -4.20 -55.69 -17.37
CA THR F 996 -3.02 -55.48 -18.20
C THR F 996 -1.79 -55.33 -17.29
N ASN F 997 -0.66 -55.00 -17.91
CA ASN F 997 0.58 -54.82 -17.15
C ASN F 997 0.46 -53.65 -16.17
N ALA F 998 -0.14 -52.55 -16.59
CA ALA F 998 -0.32 -51.41 -15.70
C ALA F 998 -1.22 -51.78 -14.52
N ARG F 999 -2.31 -52.51 -14.79
CA ARG F 999 -3.18 -52.94 -13.70
C ARG F 999 -2.46 -53.86 -12.73
N ARG F 1000 -1.65 -54.78 -13.26
CA ARG F 1000 -0.90 -55.68 -12.40
C ARG F 1000 0.11 -54.92 -11.55
N VAL F 1001 0.79 -53.93 -12.14
CA VAL F 1001 1.75 -53.12 -11.39
C VAL F 1001 1.04 -52.34 -10.30
N LEU F 1002 -0.12 -51.75 -10.61
CA LEU F 1002 -0.87 -51.01 -9.61
C LEU F 1002 -1.33 -51.91 -8.48
N ALA F 1003 -1.80 -53.12 -8.81
CA ALA F 1003 -2.24 -54.06 -7.78
C ALA F 1003 -1.07 -54.49 -6.90
N LYS F 1004 0.10 -54.75 -7.50
CA LYS F 1004 1.25 -55.18 -6.72
C LYS F 1004 1.87 -54.04 -5.92
N MET F 1005 1.62 -52.79 -6.30
CA MET F 1005 2.14 -51.65 -5.54
C MET F 1005 1.18 -51.27 -4.41
N VAL F 1006 -0.05 -50.93 -4.74
CA VAL F 1006 -1.08 -50.57 -3.77
C VAL F 1006 -2.17 -51.64 -3.82
N PRO F 1007 -2.44 -52.35 -2.73
CA PRO F 1007 -3.48 -53.37 -2.73
C PRO F 1007 -4.84 -52.77 -3.06
N PRO F 1008 -5.67 -53.47 -3.81
CA PRO F 1008 -6.99 -52.93 -4.15
C PRO F 1008 -7.91 -52.90 -2.93
N ILE F 1009 -8.61 -51.79 -2.75
CA ILE F 1009 -9.54 -51.62 -1.64
C ILE F 1009 -10.87 -51.14 -2.17
N PRO F 1010 -11.99 -51.48 -1.55
CA PRO F 1010 -13.29 -50.97 -1.99
C PRO F 1010 -13.52 -49.56 -1.47
N PRO F 1011 -13.90 -48.62 -2.33
CA PRO F 1011 -14.09 -47.23 -1.88
C PRO F 1011 -15.19 -47.07 -0.85
N PHE F 1012 -16.14 -48.01 -0.78
CA PHE F 1012 -17.24 -47.91 0.16
C PHE F 1012 -17.08 -48.79 1.39
N LEU F 1013 -16.26 -49.85 1.31
CA LEU F 1013 -16.11 -50.79 2.42
C LEU F 1013 -14.65 -50.98 2.82
N GLY F 1014 -13.78 -50.01 2.52
CA GLY F 1014 -12.39 -50.14 2.90
C GLY F 1014 -12.01 -49.37 4.14
N ALA F 1015 -12.49 -48.14 4.24
CA ALA F 1015 -12.20 -47.26 5.38
C ALA F 1015 -10.70 -47.13 5.61
N ASN F 1016 -10.02 -46.58 4.60
CA ASN F 1016 -8.58 -46.43 4.67
C ASN F 1016 -8.17 -45.48 5.81
N HIS F 1017 -8.60 -44.22 5.73
CA HIS F 1017 -8.29 -43.24 6.76
C HIS F 1017 -9.29 -43.25 7.91
N HIS F 1018 -10.43 -43.92 7.75
CA HIS F 1018 -11.44 -43.97 8.80
C HIS F 1018 -11.15 -45.05 9.84
N ALA F 1019 -10.21 -45.95 9.57
CA ALA F 1019 -9.86 -47.01 10.51
C ALA F 1019 -8.34 -47.11 10.63
N THR F 1020 -7.89 -47.59 11.79
CA THR F 1020 -6.46 -47.75 12.04
C THR F 1020 -5.92 -49.08 11.55
N ILE F 1021 -6.72 -50.14 11.62
CA ILE F 1021 -6.28 -51.48 11.18
C ILE F 1021 -6.62 -51.57 9.70
N ARG F 1022 -5.71 -51.04 8.88
CA ARG F 1022 -5.90 -51.06 7.43
C ARG F 1022 -4.67 -51.43 6.63
N GLN F 1023 -3.47 -51.41 7.21
CA GLN F 1023 -2.26 -51.68 6.46
C GLN F 1023 -1.09 -52.12 7.34
N PRO F 1024 -0.79 -51.42 8.45
CA PRO F 1024 0.33 -51.90 9.30
C PRO F 1024 0.12 -53.30 9.85
N VAL F 1025 -1.11 -53.65 10.21
CA VAL F 1025 -1.38 -54.99 10.73
C VAL F 1025 -1.13 -56.04 9.64
N ALA F 1026 -1.61 -55.77 8.42
CA ALA F 1026 -1.36 -56.70 7.31
C ALA F 1026 0.12 -56.84 7.03
N TYR F 1027 0.85 -55.71 7.05
CA TYR F 1027 2.29 -55.76 6.82
C TYR F 1027 2.99 -56.59 7.89
N HIS F 1028 2.59 -56.40 9.15
CA HIS F 1028 3.20 -57.16 10.25
C HIS F 1028 2.91 -58.64 10.12
N VAL F 1029 1.67 -59.02 9.80
CA VAL F 1029 1.33 -60.43 9.72
C VAL F 1029 1.90 -61.08 8.45
N THR F 1030 2.24 -60.28 7.44
CA THR F 1030 2.90 -60.86 6.27
C THR F 1030 4.41 -60.94 6.42
N HIS F 1031 5.02 -60.04 7.17
CA HIS F 1031 6.47 -60.04 7.37
C HIS F 1031 6.89 -60.71 8.67
N SER F 1032 5.94 -61.25 9.44
CA SER F 1032 6.30 -61.91 10.70
C SER F 1032 6.93 -63.26 10.44
N LYS F 1033 6.19 -64.16 9.80
CA LYS F 1033 6.67 -65.52 9.49
C LYS F 1033 7.14 -66.23 10.76
N SER F 1034 6.24 -66.30 11.74
CA SER F 1034 6.54 -66.92 13.03
C SER F 1034 5.32 -67.73 13.47
N ASP F 1035 5.33 -68.14 14.72
CA ASP F 1035 4.23 -68.94 15.25
C ASP F 1035 2.96 -68.11 15.36
N PHE F 1036 1.82 -68.72 15.03
CA PHE F 1036 0.55 -68.02 15.10
C PHE F 1036 0.07 -67.85 16.53
N ASN F 1037 0.50 -68.74 17.44
CA ASN F 1037 0.06 -68.65 18.83
C ASN F 1037 0.56 -67.36 19.47
N THR F 1038 1.81 -67.00 19.22
CA THR F 1038 2.35 -65.76 19.78
C THR F 1038 1.60 -64.54 19.23
N LEU F 1039 1.30 -64.54 17.93
CA LEU F 1039 0.58 -63.43 17.34
C LEU F 1039 -0.82 -63.30 17.92
N THR F 1040 -1.53 -64.44 18.07
CA THR F 1040 -2.88 -64.38 18.60
C THR F 1040 -2.91 -64.08 20.09
N TYR F 1041 -1.81 -64.37 20.81
CA TYR F 1041 -1.73 -63.95 22.21
C TYR F 1041 -1.41 -62.47 22.34
N SER F 1042 -0.59 -61.94 21.42
CA SER F 1042 -0.26 -60.52 21.47
C SER F 1042 -1.41 -59.65 20.98
N LEU F 1043 -2.24 -60.17 20.08
CA LEU F 1043 -3.38 -59.39 19.59
C LEU F 1043 -4.36 -59.09 20.71
N LEU F 1044 -4.63 -60.07 21.58
CA LEU F 1044 -5.54 -59.84 22.69
C LEU F 1044 -4.98 -58.79 23.66
N GLY F 1045 -3.68 -58.84 23.93
CA GLY F 1045 -3.08 -57.85 24.80
C GLY F 1045 -3.08 -56.46 24.19
N GLY F 1046 -2.82 -56.36 22.89
CA GLY F 1046 -2.81 -55.07 22.22
C GLY F 1046 -4.17 -54.50 21.88
N TYR F 1047 -5.22 -55.31 21.95
CA TYR F 1047 -6.58 -54.85 21.66
C TYR F 1047 -7.16 -54.22 22.93
N PHE F 1048 -6.69 -53.02 23.23
CA PHE F 1048 -7.14 -52.25 24.38
C PHE F 1048 -7.77 -50.95 23.93
N LYS F 1049 -8.90 -50.60 24.53
CA LYS F 1049 -9.61 -49.38 24.17
C LYS F 1049 -8.84 -48.15 24.68
N PHE F 1050 -9.01 -47.04 23.97
CA PHE F 1050 -8.35 -45.79 24.31
C PHE F 1050 -9.20 -44.89 25.20
N THR F 1051 -10.41 -45.32 25.57
CA THR F 1051 -11.26 -44.50 26.41
C THR F 1051 -10.66 -44.38 27.82
N PRO F 1052 -10.84 -43.23 28.46
CA PRO F 1052 -10.21 -43.02 29.79
C PRO F 1052 -10.61 -44.04 30.84
N ILE F 1053 -11.88 -44.47 30.85
CA ILE F 1053 -12.32 -45.43 31.86
C ILE F 1053 -11.60 -46.77 31.67
N SER F 1054 -11.53 -47.24 30.43
CA SER F 1054 -10.82 -48.48 30.17
C SER F 1054 -9.32 -48.35 30.46
N LEU F 1055 -8.74 -47.20 30.14
CA LEU F 1055 -7.32 -46.99 30.43
C LEU F 1055 -7.05 -47.03 31.93
N THR F 1056 -7.89 -46.35 32.71
CA THR F 1056 -7.72 -46.34 34.16
C THR F 1056 -7.93 -47.74 34.74
N HIS F 1057 -8.92 -48.47 34.24
CA HIS F 1057 -9.15 -49.83 34.71
C HIS F 1057 -7.95 -50.72 34.40
N GLN F 1058 -7.41 -50.61 33.19
CA GLN F 1058 -6.25 -51.42 32.82
C GLN F 1058 -5.03 -51.09 33.67
N LEU F 1059 -4.77 -49.80 33.88
CA LEU F 1059 -3.59 -49.42 34.68
C LEU F 1059 -3.78 -49.77 36.16
N ARG F 1060 -5.03 -49.83 36.63
CA ARG F 1060 -5.27 -50.27 37.99
C ARG F 1060 -5.16 -51.79 38.14
N THR F 1061 -5.53 -52.54 37.11
CA THR F 1061 -5.46 -54.00 37.21
C THR F 1061 -4.05 -54.51 36.95
N GLY F 1062 -3.50 -54.23 35.76
CA GLY F 1062 -2.21 -54.79 35.40
C GLY F 1062 -1.11 -53.77 35.23
N PHE F 1063 -1.47 -52.56 34.80
CA PHE F 1063 -0.52 -51.47 34.54
C PHE F 1063 0.57 -51.92 33.56
N HIS F 1064 0.12 -52.32 32.38
CA HIS F 1064 1.05 -52.76 31.34
C HIS F 1064 1.67 -51.55 30.66
N PRO F 1065 2.98 -51.38 30.70
CA PRO F 1065 3.61 -50.21 30.06
C PRO F 1065 3.73 -50.41 28.55
N GLY F 1066 2.90 -49.68 27.80
CA GLY F 1066 2.94 -49.75 26.35
C GLY F 1066 3.85 -48.71 25.74
N ILE F 1067 4.21 -47.69 26.53
CA ILE F 1067 5.10 -46.63 26.09
C ILE F 1067 6.09 -46.32 27.20
N ALA F 1068 7.21 -45.72 26.83
CA ALA F 1068 8.23 -45.33 27.79
C ALA F 1068 7.78 -44.10 28.57
N PHE F 1069 8.36 -43.93 29.76
CA PHE F 1069 8.04 -42.81 30.63
C PHE F 1069 9.26 -42.42 31.43
N THR F 1070 9.25 -41.19 31.93
CA THR F 1070 10.35 -40.67 32.73
C THR F 1070 9.80 -39.88 33.91
N VAL F 1071 10.64 -39.69 34.92
CA VAL F 1071 10.27 -38.95 36.11
C VAL F 1071 11.32 -37.88 36.37
N VAL F 1072 10.91 -36.85 37.12
CA VAL F 1072 11.77 -35.72 37.45
C VAL F 1072 11.93 -35.67 38.96
N ARG F 1073 13.18 -35.67 39.43
CA ARG F 1073 13.50 -35.61 40.85
C ARG F 1073 14.42 -34.42 41.10
N GLN F 1074 14.09 -33.62 42.11
CA GLN F 1074 14.86 -32.44 42.46
C GLN F 1074 15.44 -32.61 43.86
N ASP F 1075 16.70 -32.20 44.02
CA ASP F 1075 17.40 -32.28 45.30
C ASP F 1075 17.98 -30.92 45.65
N ARG F 1076 18.06 -30.66 46.96
CA ARG F 1076 18.58 -29.39 47.46
C ARG F 1076 19.30 -29.68 48.78
N PHE F 1077 20.61 -29.82 48.72
CA PHE F 1077 21.43 -30.10 49.89
C PHE F 1077 22.21 -28.85 50.27
N ALA F 1078 22.15 -28.50 51.56
CA ALA F 1078 22.86 -27.33 52.05
C ALA F 1078 24.37 -27.55 52.00
N THR F 1079 25.11 -26.49 51.69
CA THR F 1079 26.56 -26.56 51.61
C THR F 1079 27.15 -25.34 52.31
N GLU F 1080 28.39 -25.49 52.77
CA GLU F 1080 29.10 -24.41 53.44
C GLU F 1080 29.73 -23.48 52.40
N GLN F 1081 30.30 -22.38 52.88
CA GLN F 1081 30.92 -21.39 52.01
C GLN F 1081 32.16 -20.82 52.68
N LEU F 1082 33.19 -20.55 51.89
CA LEU F 1082 34.44 -19.97 52.37
C LEU F 1082 34.63 -18.60 51.73
N LEU F 1083 34.96 -17.61 52.55
CA LEU F 1083 35.12 -16.23 52.10
C LEU F 1083 36.56 -15.79 52.31
N TYR F 1084 37.15 -15.18 51.28
CA TYR F 1084 38.50 -14.65 51.35
C TYR F 1084 38.63 -13.50 50.37
N ALA F 1085 39.11 -12.36 50.85
CA ALA F 1085 39.24 -11.16 50.04
C ALA F 1085 40.63 -10.56 50.25
N GLU F 1086 41.11 -9.87 49.21
CA GLU F 1086 42.41 -9.23 49.25
C GLU F 1086 42.28 -7.81 49.81
N ARG F 1087 43.41 -7.11 49.90
CA ARG F 1087 43.39 -5.74 50.42
C ARG F 1087 42.61 -4.81 49.51
N ALA F 1088 42.80 -4.93 48.20
CA ALA F 1088 42.14 -4.05 47.23
C ALA F 1088 40.81 -4.67 46.76
N SER F 1089 39.96 -4.98 47.74
CA SER F 1089 38.65 -5.56 47.47
C SER F 1089 37.54 -4.52 47.53
N GLU F 1090 37.41 -3.83 48.65
CA GLU F 1090 36.38 -2.81 48.81
C GLU F 1090 36.83 -1.82 49.87
N SER F 1091 36.22 -0.63 49.83
CA SER F 1091 36.49 0.43 50.78
C SER F 1091 35.21 0.78 51.54
N TYR F 1092 35.37 1.59 52.59
CA TYR F 1092 34.26 2.02 53.42
C TYR F 1092 34.36 3.52 53.67
N PHE F 1093 33.21 4.20 53.64
CA PHE F 1093 33.14 5.63 53.88
C PHE F 1093 32.14 5.89 55.00
N VAL F 1094 32.55 6.69 55.99
CA VAL F 1094 31.71 7.02 57.11
C VAL F 1094 30.88 8.26 56.78
N GLY F 1095 29.57 8.16 56.94
CA GLY F 1095 28.67 9.25 56.65
C GLY F 1095 28.48 10.17 57.85
N GLN F 1096 27.36 10.89 57.83
CA GLN F 1096 27.02 11.83 58.89
C GLN F 1096 25.89 11.24 59.73
N ILE F 1097 26.08 11.25 61.05
CA ILE F 1097 25.12 10.71 62.00
C ILE F 1097 24.61 11.85 62.86
N GLN F 1098 23.28 11.94 62.99
CA GLN F 1098 22.65 12.99 63.77
C GLN F 1098 21.58 12.38 64.67
N VAL F 1099 21.29 13.06 65.78
CA VAL F 1099 20.30 12.62 66.74
C VAL F 1099 18.94 13.19 66.36
N HIS F 1100 17.95 12.31 66.25
CA HIS F 1100 16.60 12.71 65.89
C HIS F 1100 15.61 12.21 66.94
N HIS F 1101 14.49 12.90 67.04
CA HIS F 1101 13.44 12.59 68.01
C HIS F 1101 12.20 12.10 67.27
N HIS F 1102 11.66 10.96 67.72
CA HIS F 1102 10.47 10.39 67.10
C HIS F 1102 9.43 10.05 68.15
N ASP F 1103 8.35 9.38 67.74
CA ASP F 1103 7.26 9.01 68.64
C ASP F 1103 7.11 7.49 68.62
N ALA F 1104 6.98 6.90 69.80
CA ALA F 1104 6.81 5.46 69.95
C ALA F 1104 5.35 5.12 70.24
N ILE F 1105 5.08 3.83 70.41
CA ILE F 1105 3.71 3.38 70.70
C ILE F 1105 3.36 3.49 72.17
N GLY F 1106 4.34 3.71 73.04
CA GLY F 1106 4.07 3.83 74.46
C GLY F 1106 4.84 4.97 75.12
N GLY F 1107 5.69 5.64 74.35
CA GLY F 1107 6.47 6.74 74.86
C GLY F 1107 7.27 7.46 73.80
N VAL F 1108 8.51 7.81 74.11
CA VAL F 1108 9.40 8.49 73.19
C VAL F 1108 10.40 7.49 72.63
N ASN F 1109 10.78 7.69 71.37
CA ASN F 1109 11.73 6.83 70.68
C ASN F 1109 12.81 7.67 70.02
N PHE F 1110 14.03 7.14 70.01
CA PHE F 1110 15.18 7.81 69.40
C PHE F 1110 15.64 6.98 68.21
N THR F 1111 15.49 7.53 67.01
CA THR F 1111 15.89 6.87 65.78
C THR F 1111 17.06 7.62 65.15
N LEU F 1112 18.16 6.90 64.89
CA LEU F 1112 19.35 7.47 64.29
C LEU F 1112 19.65 6.74 62.99
N THR F 1113 19.84 7.50 61.91
CA THR F 1113 20.14 6.96 60.60
C THR F 1113 21.32 7.69 60.00
N GLN F 1114 22.26 6.93 59.43
CA GLN F 1114 23.45 7.52 58.81
C GLN F 1114 23.73 6.82 57.48
N PRO F 1115 23.63 7.53 56.37
CA PRO F 1115 23.94 6.91 55.06
C PRO F 1115 25.40 6.53 54.97
N ARG F 1116 25.65 5.43 54.26
CA ARG F 1116 27.01 4.93 54.07
C ARG F 1116 27.19 4.54 52.61
N ALA F 1117 28.39 4.78 52.08
CA ALA F 1117 28.73 4.45 50.71
C ALA F 1117 30.02 3.64 50.69
N HIS F 1118 30.12 2.74 49.71
CA HIS F 1118 31.30 1.89 49.55
C HIS F 1118 31.68 1.85 48.08
N VAL F 1119 32.96 2.11 47.80
CA VAL F 1119 33.48 2.10 46.45
C VAL F 1119 34.40 0.90 46.28
N ASP F 1120 34.75 0.62 45.03
CA ASP F 1120 35.62 -0.50 44.69
C ASP F 1120 36.71 -0.04 43.74
N LEU F 1121 37.89 -0.64 43.87
CA LEU F 1121 39.03 -0.32 43.03
C LEU F 1121 39.57 -1.52 42.26
N GLY F 1122 39.11 -2.73 42.56
CA GLY F 1122 39.59 -3.91 41.86
C GLY F 1122 38.62 -4.41 40.80
N VAL F 1123 38.96 -4.19 39.53
CA VAL F 1123 38.10 -4.64 38.45
C VAL F 1123 38.40 -6.09 38.08
N GLY F 1124 39.64 -6.52 38.27
CA GLY F 1124 40.06 -7.88 37.92
C GLY F 1124 39.79 -8.87 39.04
N TYR F 1125 40.54 -9.97 38.98
CA TYR F 1125 40.39 -11.05 39.96
C TYR F 1125 40.91 -10.60 41.32
N THR F 1126 40.01 -10.52 42.29
CA THR F 1126 40.37 -10.17 43.66
C THR F 1126 39.81 -11.13 44.69
N ALA F 1127 38.61 -11.66 44.49
CA ALA F 1127 37.96 -12.52 45.46
C ALA F 1127 38.35 -13.98 45.24
N VAL F 1128 38.66 -14.68 46.33
CA VAL F 1128 39.03 -16.08 46.31
C VAL F 1128 38.05 -16.84 47.19
N CYS F 1129 37.49 -17.93 46.65
CA CYS F 1129 36.56 -18.77 47.38
C CYS F 1129 36.81 -20.22 47.04
N ALA F 1130 36.90 -21.07 48.07
CA ALA F 1130 37.12 -22.50 47.87
C ALA F 1130 36.53 -23.23 49.09
N THR F 1131 35.36 -23.82 48.90
CA THR F 1131 34.66 -24.53 49.97
C THR F 1131 34.26 -25.92 49.49
N ALA F 1132 34.27 -26.87 50.42
CA ALA F 1132 33.87 -28.25 50.12
C ALA F 1132 33.36 -28.88 51.42
N ALA F 1133 32.04 -28.93 51.56
CA ALA F 1133 31.43 -29.49 52.75
C ALA F 1133 30.03 -29.99 52.41
N LEU F 1134 29.51 -30.83 53.29
CA LEU F 1134 28.17 -31.40 53.14
C LEU F 1134 27.40 -31.22 54.44
N ARG F 1135 26.11 -30.92 54.31
CA ARG F 1135 25.22 -30.71 55.45
C ARG F 1135 24.10 -31.73 55.42
N CYS F 1136 23.17 -31.58 56.35
CA CYS F 1136 22.03 -32.50 56.44
C CYS F 1136 21.12 -32.32 55.25
N PRO F 1137 20.66 -33.40 54.61
CA PRO F 1137 19.73 -33.26 53.48
C PRO F 1137 18.41 -32.66 53.91
N LEU F 1138 17.78 -31.93 52.99
CA LEU F 1138 16.51 -31.26 53.24
C LEU F 1138 15.35 -31.84 52.46
N THR F 1139 15.57 -32.21 51.20
CA THR F 1139 14.51 -32.76 50.36
C THR F 1139 15.03 -33.96 49.60
N ASP F 1140 14.11 -34.87 49.26
CA ASP F 1140 14.44 -36.08 48.52
C ASP F 1140 13.36 -36.29 47.45
N MET F 1141 13.40 -37.46 46.83
CA MET F 1141 12.40 -37.79 45.80
C MET F 1141 11.01 -37.89 46.43
N GLY F 1142 10.00 -37.45 45.67
CA GLY F 1142 8.64 -37.45 46.13
C GLY F 1142 7.76 -38.36 45.29
N ASN F 1143 6.54 -38.58 45.78
CA ASN F 1143 5.57 -39.43 45.12
C ASN F 1143 4.20 -38.76 45.04
N THR F 1144 4.18 -37.43 45.00
CA THR F 1144 2.93 -36.70 44.95
C THR F 1144 2.34 -36.71 43.54
N ALA F 1145 1.06 -36.39 43.46
CA ALA F 1145 0.35 -36.36 42.18
C ALA F 1145 0.41 -34.95 41.60
N GLN F 1146 -0.36 -34.70 40.55
CA GLN F 1146 -0.41 -33.40 39.90
C GLN F 1146 -1.85 -32.95 39.74
N ASN F 1147 -2.05 -31.63 39.80
CA ASN F 1147 -3.38 -31.05 39.69
C ASN F 1147 -3.71 -30.81 38.22
N LEU F 1148 -3.91 -31.91 37.50
CA LEU F 1148 -4.26 -31.83 36.08
C LEU F 1148 -5.71 -31.40 35.87
N PHE F 1149 -6.59 -31.65 36.84
CA PHE F 1149 -7.99 -31.29 36.71
C PHE F 1149 -8.20 -29.77 36.74
N PHE F 1150 -7.20 -29.01 37.19
CA PHE F 1150 -7.31 -27.55 37.27
C PHE F 1150 -6.92 -26.95 35.92
N SER F 1151 -7.78 -27.16 34.93
CA SER F 1151 -7.57 -26.65 33.59
C SER F 1151 -8.30 -25.34 33.33
N ARG F 1152 -9.42 -25.09 34.00
CA ARG F 1152 -10.21 -23.87 33.86
C ARG F 1152 -10.63 -23.66 32.39
N GLY F 1153 -11.39 -24.64 31.89
CA GLY F 1153 -11.88 -24.57 30.53
C GLY F 1153 -11.47 -25.77 29.70
N GLY F 1154 -12.35 -26.22 28.81
CA GLY F 1154 -12.05 -27.36 27.96
C GLY F 1154 -13.29 -28.06 27.45
N VAL F 1155 -13.22 -29.38 27.33
CA VAL F 1155 -14.36 -30.16 26.85
C VAL F 1155 -15.47 -30.12 27.89
N PRO F 1156 -16.72 -29.85 27.50
CA PRO F 1156 -17.82 -29.85 28.49
C PRO F 1156 -18.04 -31.24 29.06
N MET F 1157 -18.49 -31.28 30.31
CA MET F 1157 -18.73 -32.52 31.03
C MET F 1157 -20.16 -32.54 31.53
N LEU F 1158 -20.86 -33.66 31.28
CA LEU F 1158 -22.24 -33.82 31.71
C LEU F 1158 -22.50 -35.14 32.43
N HIS F 1159 -21.57 -36.08 32.41
CA HIS F 1159 -21.77 -37.38 33.08
C HIS F 1159 -21.33 -37.26 34.54
N ASP F 1160 -22.18 -36.58 35.32
CA ASP F 1160 -21.87 -36.33 36.72
C ASP F 1160 -21.77 -37.64 37.51
N ASN F 1161 -22.64 -38.60 37.20
CA ASN F 1161 -22.67 -39.85 37.95
C ASN F 1161 -21.40 -40.66 37.81
N VAL F 1162 -20.62 -40.45 36.74
CA VAL F 1162 -19.39 -41.19 36.54
C VAL F 1162 -18.21 -40.32 36.94
N THR F 1163 -18.35 -38.99 36.79
CA THR F 1163 -17.27 -38.11 37.22
C THR F 1163 -17.11 -38.12 38.73
N GLU F 1164 -18.22 -38.22 39.47
CA GLU F 1164 -18.12 -38.32 40.92
C GLU F 1164 -17.41 -39.60 41.33
N SER F 1165 -17.70 -40.72 40.66
CA SER F 1165 -17.03 -41.97 40.96
C SER F 1165 -15.54 -41.88 40.62
N LEU F 1166 -15.20 -41.25 39.49
CA LEU F 1166 -13.79 -41.08 39.13
C LEU F 1166 -13.07 -40.22 40.16
N ARG F 1167 -13.71 -39.14 40.62
CA ARG F 1167 -13.12 -38.29 41.64
C ARG F 1167 -12.91 -39.05 42.94
N ARG F 1168 -13.89 -39.86 43.34
CA ARG F 1168 -13.75 -40.66 44.56
C ARG F 1168 -12.61 -41.66 44.42
N ILE F 1169 -12.49 -42.29 43.25
CA ILE F 1169 -11.42 -43.26 43.03
C ILE F 1169 -10.06 -42.59 43.09
N THR F 1170 -9.92 -41.44 42.43
CA THR F 1170 -8.64 -40.74 42.42
C THR F 1170 -8.32 -40.09 43.76
N ALA F 1171 -9.33 -39.85 44.60
CA ALA F 1171 -9.08 -39.33 45.94
C ALA F 1171 -8.79 -40.43 46.96
N SER F 1172 -9.25 -41.65 46.70
CA SER F 1172 -8.97 -42.76 47.59
C SER F 1172 -7.52 -43.20 47.56
N GLY F 1173 -6.74 -42.74 46.58
CA GLY F 1173 -5.33 -43.11 46.53
C GLY F 1173 -4.53 -42.57 47.70
N GLY F 1174 -4.88 -41.37 48.16
CA GLY F 1174 -4.18 -40.74 49.27
C GLY F 1174 -3.40 -39.49 48.94
N ARG F 1175 -3.51 -38.99 47.71
CA ARG F 1175 -2.79 -37.79 47.32
C ARG F 1175 -3.62 -36.55 47.64
N LEU F 1176 -3.11 -35.38 47.27
CA LEU F 1176 -3.82 -34.12 47.53
C LEU F 1176 -5.07 -34.04 46.67
N ASN F 1177 -6.13 -33.46 47.23
CA ASN F 1177 -7.40 -33.33 46.54
C ASN F 1177 -8.18 -32.20 47.20
N PRO F 1178 -9.13 -31.58 46.47
CA PRO F 1178 -9.93 -30.51 47.07
C PRO F 1178 -10.91 -31.04 48.11
N THR F 1179 -11.71 -30.13 48.69
CA THR F 1179 -12.66 -30.51 49.72
C THR F 1179 -13.91 -31.12 49.10
N GLU F 1180 -14.85 -31.51 49.97
CA GLU F 1180 -16.09 -32.14 49.51
C GLU F 1180 -16.92 -31.25 48.59
N PRO F 1181 -17.15 -29.96 48.88
CA PRO F 1181 -17.98 -29.15 47.98
C PRO F 1181 -17.32 -28.81 46.65
N LEU F 1182 -16.12 -29.35 46.36
CA LEU F 1182 -15.41 -29.14 45.10
C LEU F 1182 -15.20 -27.66 44.83
N PRO F 1183 -14.31 -27.00 45.59
CA PRO F 1183 -14.07 -25.56 45.39
C PRO F 1183 -13.19 -25.26 44.17
N ILE F 1184 -13.83 -25.23 43.00
CA ILE F 1184 -13.11 -24.95 41.77
C ILE F 1184 -12.67 -23.48 41.69
N PHE F 1185 -13.24 -22.62 42.53
CA PHE F 1185 -12.88 -21.21 42.57
C PHE F 1185 -12.05 -20.91 43.81
N GLY F 1186 -11.29 -19.82 43.74
CA GLY F 1186 -10.44 -19.42 44.84
C GLY F 1186 -9.17 -20.25 44.91
N GLY F 1187 -8.46 -20.07 46.02
CA GLY F 1187 -7.20 -20.77 46.23
C GLY F 1187 -7.23 -21.72 47.41
N LEU F 1188 -8.34 -22.42 47.58
CA LEU F 1188 -8.45 -23.38 48.67
C LEU F 1188 -7.51 -24.55 48.46
N ARG F 1189 -6.81 -24.95 49.51
CA ARG F 1189 -5.85 -26.04 49.46
C ARG F 1189 -6.12 -27.01 50.59
N PRO F 1190 -5.82 -28.30 50.40
CA PRO F 1190 -6.01 -29.28 51.46
C PRO F 1190 -5.07 -29.03 52.62
N ALA F 1191 -5.54 -29.41 53.82
CA ALA F 1191 -4.73 -29.23 55.02
C ALA F 1191 -3.50 -30.13 54.99
N THR F 1192 -2.40 -29.63 55.52
CA THR F 1192 -1.16 -30.40 55.54
C THR F 1192 -1.23 -31.49 56.61
N SER F 1193 -0.91 -32.72 56.21
CA SER F 1193 -0.91 -33.87 57.11
C SER F 1193 0.49 -34.15 57.64
N ALA F 1194 0.56 -35.06 58.59
CA ALA F 1194 1.84 -35.44 59.18
C ALA F 1194 2.65 -36.27 58.20
N GLY F 1195 3.98 -36.22 58.37
CA GLY F 1195 4.87 -36.96 57.51
C GLY F 1195 6.01 -37.63 58.27
N ILE F 1196 6.44 -38.80 57.80
CA ILE F 1196 7.53 -39.54 58.41
C ILE F 1196 8.85 -38.87 58.08
N ALA F 1197 9.92 -39.24 58.79
CA ALA F 1197 11.25 -38.67 58.58
C ALA F 1197 11.85 -39.29 57.32
N ARG F 1198 11.47 -38.73 56.16
CA ARG F 1198 11.98 -39.19 54.88
C ARG F 1198 12.40 -38.06 53.96
N GLY F 1199 12.03 -36.81 54.23
CA GLY F 1199 12.38 -35.70 53.38
C GLY F 1199 11.19 -34.86 52.97
N GLN F 1200 11.25 -34.30 51.77
CA GLN F 1200 10.18 -33.45 51.26
C GLN F 1200 9.71 -34.01 49.91
N ALA F 1201 8.40 -34.14 49.75
CA ALA F 1201 7.84 -34.65 48.52
C ALA F 1201 7.96 -33.61 47.40
N SER F 1202 7.95 -34.10 46.16
CA SER F 1202 8.08 -33.24 45.00
C SER F 1202 7.33 -33.86 43.84
N VAL F 1203 7.01 -33.02 42.84
CA VAL F 1203 6.28 -33.50 41.67
C VAL F 1203 7.22 -34.32 40.77
N CYS F 1204 6.60 -35.07 39.85
CA CYS F 1204 7.34 -35.90 38.91
C CYS F 1204 6.66 -35.78 37.54
N GLU F 1205 7.22 -34.95 36.68
CA GLU F 1205 6.67 -34.77 35.35
C GLU F 1205 6.85 -36.03 34.51
N PHE F 1206 5.88 -36.28 33.64
CA PHE F 1206 5.88 -37.46 32.78
C PHE F 1206 5.99 -37.03 31.32
N VAL F 1207 6.90 -37.67 30.59
CA VAL F 1207 7.14 -37.37 29.18
C VAL F 1207 6.92 -38.65 28.39
N ALA F 1208 6.11 -38.57 27.34
CA ALA F 1208 5.81 -39.71 26.48
C ALA F 1208 6.85 -39.77 25.37
N MET F 1209 7.66 -40.82 25.37
CA MET F 1209 8.71 -41.01 24.40
C MET F 1209 8.69 -42.47 23.95
N PRO F 1210 9.22 -42.76 22.75
CA PRO F 1210 9.28 -44.15 22.29
C PRO F 1210 10.14 -45.00 23.22
N VAL F 1211 9.77 -46.28 23.33
CA VAL F 1211 10.49 -47.20 24.21
C VAL F 1211 11.92 -47.42 23.71
N SER F 1212 12.11 -47.44 22.39
CA SER F 1212 13.43 -47.66 21.81
C SER F 1212 14.32 -46.46 22.11
N THR F 1213 15.26 -46.64 23.04
CA THR F 1213 16.19 -45.59 23.42
C THR F 1213 17.60 -46.18 23.48
N ASP F 1214 18.57 -45.40 23.01
CA ASP F 1214 19.96 -45.85 23.01
C ASP F 1214 20.49 -45.93 24.44
N LEU F 1215 21.16 -47.04 24.76
CA LEU F 1215 21.71 -47.21 26.10
C LEU F 1215 22.90 -46.28 26.33
N GLN F 1216 23.68 -46.00 25.29
CA GLN F 1216 24.82 -45.11 25.44
C GLN F 1216 24.38 -43.69 25.80
N TYR F 1217 23.29 -43.21 25.19
CA TYR F 1217 22.78 -41.88 25.51
C TYR F 1217 22.32 -41.81 26.96
N PHE F 1218 21.65 -42.85 27.44
CA PHE F 1218 21.22 -42.88 28.84
C PHE F 1218 22.42 -42.93 29.78
N ARG F 1219 23.45 -43.69 29.41
CA ARG F 1219 24.65 -43.76 30.24
C ARG F 1219 25.36 -42.42 30.30
N THR F 1220 25.41 -41.69 29.18
CA THR F 1220 26.07 -40.40 29.11
C THR F 1220 25.12 -39.24 29.37
N ALA F 1221 24.07 -39.46 30.16
CA ALA F 1221 23.08 -38.44 30.55
C ALA F 1221 22.25 -37.97 29.38
N CYS F 1222 21.02 -37.52 29.66
CA CYS F 1222 20.09 -37.07 28.63
C CYS F 1222 19.69 -35.62 28.90
N ASN F 1223 19.30 -34.93 27.83
CA ASN F 1223 18.90 -33.54 27.93
C ASN F 1223 17.38 -33.46 27.98
N PRO F 1224 16.79 -32.99 29.08
CA PRO F 1224 15.32 -32.87 29.13
C PRO F 1224 14.76 -31.93 28.08
N ARG F 1225 15.50 -30.89 27.70
CA ARG F 1225 15.02 -29.97 26.68
C ARG F 1225 14.88 -30.67 25.33
N GLY F 1226 15.83 -31.53 24.98
CA GLY F 1226 15.78 -32.25 23.73
C GLY F 1226 17.00 -32.03 22.87
N ARG F 1227 17.53 -30.82 22.86
CA ARG F 1227 18.71 -30.49 22.08
C ARG F 1227 19.46 -29.36 22.75
N ALA F 1228 20.78 -29.45 22.75
CA ALA F 1228 21.61 -28.40 23.34
C ALA F 1228 21.57 -27.14 22.50
N SER F 1229 21.57 -25.99 23.18
CA SER F 1229 21.53 -24.70 22.52
C SER F 1229 22.64 -23.81 23.05
N GLY F 1230 23.12 -22.91 22.20
CA GLY F 1230 24.18 -22.00 22.57
C GLY F 1230 24.05 -20.62 21.95
N MET F 1231 24.09 -19.59 22.78
CA MET F 1231 23.96 -18.21 22.34
C MET F 1231 25.31 -17.50 22.27
N LEU F 1232 26.37 -18.22 21.92
CA LEU F 1232 27.72 -17.67 21.84
C LEU F 1232 28.12 -17.33 20.40
N TYR F 1233 27.15 -16.91 19.58
CA TYR F 1233 27.42 -16.56 18.19
C TYR F 1233 27.56 -15.06 18.00
N MET F 1234 27.62 -14.28 19.08
CA MET F 1234 27.77 -12.83 19.03
C MET F 1234 26.65 -12.17 18.24
N GLY F 1235 25.45 -12.76 18.29
CA GLY F 1235 24.30 -12.18 17.59
C GLY F 1235 24.46 -12.14 16.08
N ASP F 1236 25.00 -13.21 15.49
CA ASP F 1236 25.18 -13.24 14.03
C ASP F 1236 23.84 -13.37 13.31
N ARG F 1237 22.84 -13.95 13.96
CA ARG F 1237 21.52 -14.10 13.37
C ARG F 1237 20.49 -14.23 14.47
N ASP F 1238 19.34 -13.57 14.28
CA ASP F 1238 18.29 -13.62 15.30
C ASP F 1238 17.60 -14.98 15.33
N ALA F 1239 17.49 -15.64 14.18
CA ALA F 1239 16.83 -16.94 14.09
C ALA F 1239 17.78 -18.11 14.26
N ASP F 1240 19.07 -17.85 14.44
CA ASP F 1240 20.03 -18.95 14.60
C ASP F 1240 19.79 -19.71 15.89
N ILE F 1241 19.45 -19.00 16.97
CA ILE F 1241 19.22 -19.65 18.25
C ILE F 1241 18.00 -20.57 18.19
N GLU F 1242 16.94 -20.12 17.51
CA GLU F 1242 15.74 -20.94 17.41
C GLU F 1242 15.92 -22.10 16.42
N ALA F 1243 16.76 -21.91 15.40
CA ALA F 1243 16.96 -22.95 14.41
C ALA F 1243 17.63 -24.19 15.01
N ILE F 1244 18.68 -23.98 15.81
CA ILE F 1244 19.43 -25.10 16.35
C ILE F 1244 18.61 -25.90 17.37
N MET F 1245 17.51 -25.34 17.87
CA MET F 1245 16.67 -26.03 18.84
C MET F 1245 15.33 -26.49 18.27
N PHE F 1246 14.93 -25.98 17.10
CA PHE F 1246 13.65 -26.37 16.51
C PHE F 1246 13.78 -26.67 15.02
N ASP F 1247 14.95 -27.14 14.58
CA ASP F 1247 15.15 -27.50 13.18
C ASP F 1247 14.86 -28.98 12.94
N HIS F 1248 15.56 -29.86 13.66
CA HIS F 1248 15.38 -31.30 13.53
C HIS F 1248 15.61 -31.77 12.10
N THR F 1249 16.58 -31.15 11.42
CA THR F 1249 16.90 -31.52 10.05
C THR F 1249 18.39 -31.60 9.77
N GLN F 1250 19.25 -31.39 10.77
CA GLN F 1250 20.69 -31.44 10.59
C GLN F 1250 21.29 -32.39 11.63
N SER F 1251 22.45 -32.94 11.28
CA SER F 1251 23.14 -33.86 12.18
C SER F 1251 23.61 -33.15 13.43
N ASP F 1252 23.53 -33.84 14.57
CA ASP F 1252 23.94 -33.29 15.85
C ASP F 1252 25.38 -33.66 16.17
N VAL F 1253 25.95 -32.95 17.14
CA VAL F 1253 27.33 -33.22 17.54
C VAL F 1253 27.44 -34.49 18.37
N ALA F 1254 26.32 -35.00 18.90
CA ALA F 1254 26.33 -36.19 19.73
C ALA F 1254 26.01 -37.46 18.95
N TYR F 1255 25.23 -37.38 17.88
CA TYR F 1255 24.86 -38.52 17.07
C TYR F 1255 25.52 -38.41 15.70
N THR F 1256 26.25 -39.45 15.32
CA THR F 1256 26.93 -39.43 14.02
C THR F 1256 25.96 -39.66 12.87
N ASP F 1257 24.87 -40.39 13.11
CA ASP F 1257 23.89 -40.69 12.08
C ASP F 1257 22.52 -40.11 12.35
N ARG F 1258 22.12 -39.97 13.60
CA ARG F 1258 20.82 -39.42 13.95
C ARG F 1258 20.91 -37.91 14.17
N ALA F 1259 19.74 -37.28 14.28
CA ALA F 1259 19.65 -35.84 14.49
C ALA F 1259 19.09 -35.50 15.87
N THR F 1260 17.91 -36.00 16.20
CA THR F 1260 17.28 -35.75 17.50
C THR F 1260 16.64 -37.03 18.00
N LEU F 1261 16.64 -37.20 19.32
CA LEU F 1261 16.01 -38.35 19.96
C LEU F 1261 14.55 -38.03 20.27
N ASN F 1262 13.86 -39.01 20.87
CA ASN F 1262 12.45 -38.98 21.27
C ASN F 1262 11.60 -38.24 20.23
N PRO F 1263 11.39 -38.83 19.05
CA PRO F 1263 10.59 -38.15 18.01
C PRO F 1263 9.14 -37.90 18.42
N TRP F 1264 8.62 -38.67 19.38
CA TRP F 1264 7.26 -38.49 19.85
C TRP F 1264 7.16 -37.53 21.03
N ALA F 1265 8.28 -36.95 21.47
CA ALA F 1265 8.29 -36.02 22.59
C ALA F 1265 8.82 -34.64 22.23
N SER F 1266 9.74 -34.54 21.28
CA SER F 1266 10.32 -33.26 20.88
C SER F 1266 9.59 -32.75 19.63
N GLN F 1267 9.01 -31.56 19.74
CA GLN F 1267 8.28 -30.93 18.64
C GLN F 1267 8.59 -29.45 18.65
N LYS F 1268 7.84 -28.69 17.85
CA LYS F 1268 8.05 -27.25 17.74
C LYS F 1268 6.90 -26.44 18.34
N HIS F 1269 5.67 -26.66 17.87
CA HIS F 1269 4.52 -25.92 18.37
C HIS F 1269 3.28 -26.79 18.50
N SER F 1270 3.47 -28.09 18.78
CA SER F 1270 2.35 -29.01 18.92
C SER F 1270 2.27 -29.60 20.31
N TYR F 1271 3.36 -30.18 20.82
CA TYR F 1271 3.37 -30.78 22.15
C TYR F 1271 4.33 -30.10 23.10
N GLY F 1272 5.60 -29.92 22.70
CA GLY F 1272 6.60 -29.33 23.56
C GLY F 1272 6.26 -27.94 24.04
N ASP F 1273 6.18 -26.98 23.10
CA ASP F 1273 5.82 -25.62 23.47
C ASP F 1273 4.41 -25.51 24.02
N ARG F 1274 3.54 -26.46 23.67
CA ARG F 1274 2.15 -26.40 24.14
C ARG F 1274 2.04 -26.76 25.61
N LEU F 1275 2.77 -27.79 26.06
CA LEU F 1275 2.63 -28.30 27.42
C LEU F 1275 3.87 -28.06 28.27
N TYR F 1276 5.04 -28.51 27.83
CA TYR F 1276 6.24 -28.40 28.66
C TYR F 1276 6.62 -26.94 28.90
N ASN F 1277 6.54 -26.10 27.88
CA ASN F 1277 6.91 -24.69 28.03
C ASN F 1277 5.79 -23.90 28.69
N GLY F 1278 4.63 -23.83 28.04
CA GLY F 1278 3.51 -23.07 28.58
C GLY F 1278 3.44 -21.67 28.03
N THR F 1279 2.42 -21.39 27.23
CA THR F 1279 2.24 -20.08 26.61
C THR F 1279 0.79 -19.64 26.79
N TYR F 1280 0.49 -18.44 26.28
CA TYR F 1280 -0.84 -17.84 26.37
C TYR F 1280 -1.32 -17.76 27.82
N ASN F 1281 -0.40 -17.39 28.72
CA ASN F 1281 -0.69 -17.22 30.15
C ASN F 1281 -1.28 -18.50 30.75
N LEU F 1282 -0.49 -19.57 30.69
CA LEU F 1282 -0.89 -20.86 31.23
C LEU F 1282 0.05 -21.39 32.28
N THR F 1283 1.14 -20.68 32.61
CA THR F 1283 2.08 -21.14 33.62
C THR F 1283 1.58 -20.84 35.02
N GLY F 1284 1.39 -19.55 35.33
CA GLY F 1284 0.90 -19.17 36.64
C GLY F 1284 1.91 -19.43 37.74
N ALA F 1285 1.40 -19.58 38.95
CA ALA F 1285 2.20 -19.86 40.13
C ALA F 1285 1.59 -21.01 40.93
N SER F 1286 1.13 -22.04 40.22
CA SER F 1286 0.53 -23.19 40.88
C SER F 1286 1.61 -24.00 41.61
N PRO F 1287 1.22 -24.73 42.67
CA PRO F 1287 2.21 -25.57 43.37
C PRO F 1287 2.84 -26.62 42.48
N ILE F 1288 2.13 -27.08 41.44
CA ILE F 1288 2.68 -28.05 40.51
C ILE F 1288 3.41 -27.25 39.43
N TYR F 1289 4.67 -26.93 39.71
CA TYR F 1289 5.50 -26.14 38.82
C TYR F 1289 6.60 -27.01 38.21
N SER F 1290 6.83 -26.83 36.92
CA SER F 1290 7.85 -27.60 36.22
C SER F 1290 9.22 -26.98 36.47
N PRO F 1291 10.18 -27.72 37.05
CA PRO F 1291 11.51 -27.15 37.28
C PRO F 1291 12.27 -26.84 35.99
N CYS F 1292 11.87 -27.42 34.87
CA CYS F 1292 12.57 -27.22 33.60
C CYS F 1292 12.15 -25.94 32.88
N PHE F 1293 11.18 -25.20 33.42
CA PHE F 1293 10.73 -23.97 32.77
C PHE F 1293 11.75 -22.85 32.91
N LYS F 1294 12.69 -22.95 33.85
CA LYS F 1294 13.65 -21.88 34.06
C LYS F 1294 14.63 -21.73 32.91
N PHE F 1295 14.84 -22.79 32.11
CA PHE F 1295 15.76 -22.74 30.99
C PHE F 1295 15.08 -23.06 29.66
N PHE F 1296 13.75 -22.90 29.59
CA PHE F 1296 13.02 -23.14 28.36
C PHE F 1296 12.93 -21.89 27.48
N THR F 1297 12.68 -20.74 28.10
CA THR F 1297 12.53 -19.50 27.34
C THR F 1297 13.86 -18.75 27.34
N PRO F 1298 14.50 -18.55 26.19
CA PRO F 1298 15.75 -17.78 26.17
C PRO F 1298 15.59 -16.35 26.65
N ALA F 1299 14.42 -15.75 26.41
CA ALA F 1299 14.11 -14.36 26.82
C ALA F 1299 15.12 -13.45 26.12
N GLU F 1300 15.57 -12.38 26.77
CA GLU F 1300 16.52 -11.44 26.19
C GLU F 1300 17.73 -11.30 27.09
N VAL F 1301 18.90 -11.24 26.49
CA VAL F 1301 20.15 -11.10 27.23
C VAL F 1301 20.75 -9.73 26.93
N ASN F 1302 21.56 -9.25 27.86
CA ASN F 1302 22.21 -7.95 27.73
C ASN F 1302 23.58 -8.09 27.08
N THR F 1303 24.06 -6.98 26.52
CA THR F 1303 25.35 -6.93 25.87
C THR F 1303 26.37 -6.23 26.75
N ASN F 1304 27.64 -6.47 26.44
CA ASN F 1304 28.75 -5.89 27.19
C ASN F 1304 29.97 -5.82 26.28
N CYS F 1305 31.12 -5.52 26.87
CA CYS F 1305 32.35 -5.39 26.09
C CYS F 1305 32.97 -6.75 25.79
N ASN F 1306 33.31 -7.50 26.83
CA ASN F 1306 33.94 -8.81 26.69
C ASN F 1306 32.93 -9.90 27.05
N THR F 1307 33.26 -11.12 26.62
CA THR F 1307 32.40 -12.28 26.89
C THR F 1307 32.63 -12.90 28.25
N LEU F 1308 33.75 -12.58 28.90
CA LEU F 1308 34.01 -13.13 30.23
C LEU F 1308 32.97 -12.67 31.24
N ASP F 1309 32.66 -11.37 31.24
CA ASP F 1309 31.63 -10.84 32.13
C ASP F 1309 30.27 -11.42 31.78
N ARG F 1310 29.97 -11.58 30.49
CA ARG F 1310 28.70 -12.14 30.07
C ARG F 1310 28.53 -13.56 30.58
N LEU F 1311 29.55 -14.39 30.43
CA LEU F 1311 29.45 -15.77 30.91
C LEU F 1311 29.44 -15.82 32.43
N LEU F 1312 30.15 -14.91 33.10
CA LEU F 1312 30.12 -14.87 34.56
C LEU F 1312 28.72 -14.53 35.07
N MET F 1313 28.06 -13.54 34.44
CA MET F 1313 26.72 -13.18 34.90
C MET F 1313 25.68 -14.19 34.46
N GLU F 1314 25.94 -14.94 33.37
CA GLU F 1314 25.01 -15.97 32.96
C GLU F 1314 25.09 -17.19 33.88
N ALA F 1315 26.30 -17.57 34.28
CA ALA F 1315 26.48 -18.73 35.15
C ALA F 1315 26.17 -18.42 36.61
N LYS F 1316 26.04 -17.15 36.98
CA LYS F 1316 25.76 -16.77 38.36
C LYS F 1316 24.53 -15.87 38.44
N ALA F 1317 24.29 -15.31 39.63
CA ALA F 1317 23.16 -14.40 39.87
C ALA F 1317 21.83 -15.07 39.51
N VAL F 1318 21.53 -16.15 40.23
CA VAL F 1318 20.30 -16.91 40.04
C VAL F 1318 19.53 -16.91 41.35
N ALA F 1319 18.24 -16.58 41.28
CA ALA F 1319 17.38 -16.51 42.45
C ALA F 1319 16.55 -17.79 42.57
N SER F 1320 16.06 -18.02 43.78
CA SER F 1320 15.25 -19.21 44.05
C SER F 1320 13.87 -19.07 43.41
N GLN F 1321 13.25 -20.23 43.16
CA GLN F 1321 11.93 -20.28 42.54
C GLN F 1321 10.90 -21.02 43.39
N SER F 1322 11.30 -21.70 44.45
CA SER F 1322 10.38 -22.43 45.30
C SER F 1322 10.92 -22.41 46.73
N SER F 1323 10.16 -23.01 47.64
CA SER F 1323 10.52 -23.08 49.05
C SER F 1323 10.47 -24.53 49.52
N THR F 1324 11.40 -24.89 50.41
CA THR F 1324 11.49 -26.22 50.95
C THR F 1324 10.87 -26.34 52.35
N ASP F 1325 10.18 -25.30 52.81
CA ASP F 1325 9.58 -25.33 54.15
C ASP F 1325 8.35 -26.22 54.18
N THR F 1326 7.65 -26.36 53.06
CA THR F 1326 6.45 -27.17 52.97
C THR F 1326 6.62 -28.27 51.94
N GLU F 1327 5.98 -29.42 52.21
CA GLU F 1327 6.04 -30.56 51.31
C GLU F 1327 5.19 -30.39 50.06
N TYR F 1328 4.35 -29.36 50.00
CA TYR F 1328 3.49 -29.13 48.85
C TYR F 1328 4.19 -28.38 47.72
N GLN F 1329 5.45 -27.98 47.93
CA GLN F 1329 6.24 -27.25 46.93
C GLN F 1329 5.53 -25.96 46.51
N PHE F 1330 5.32 -25.10 47.50
CA PHE F 1330 4.68 -23.81 47.26
C PHE F 1330 5.67 -22.81 46.69
N LYS F 1331 5.14 -21.70 46.18
CA LYS F 1331 5.98 -20.66 45.62
C LYS F 1331 6.72 -19.91 46.72
N ARG F 1332 7.75 -19.19 46.32
CA ARG F 1332 8.57 -18.43 47.27
C ARG F 1332 7.76 -17.24 47.80
N PRO F 1333 7.58 -17.11 49.11
CA PRO F 1333 6.85 -15.96 49.64
C PRO F 1333 7.60 -14.67 49.37
N PRO F 1334 6.89 -13.57 49.14
CA PRO F 1334 7.57 -12.29 48.94
C PRO F 1334 8.26 -11.82 50.22
N GLY F 1335 9.45 -11.25 50.04
CA GLY F 1335 10.21 -10.72 51.16
C GLY F 1335 11.22 -11.68 51.78
N SER F 1336 11.27 -12.93 51.31
CA SER F 1336 12.22 -13.89 51.85
C SER F 1336 13.64 -13.55 51.40
N THR F 1337 14.61 -13.99 52.20
CA THR F 1337 16.02 -13.73 51.95
C THR F 1337 16.77 -15.06 51.99
N GLU F 1338 17.18 -15.56 50.83
CA GLU F 1338 17.92 -16.80 50.73
C GLU F 1338 18.80 -16.76 49.49
N MET F 1339 19.83 -17.60 49.50
CA MET F 1339 20.77 -17.70 48.38
C MET F 1339 20.90 -19.16 47.95
N THR F 1340 20.91 -19.38 46.65
CA THR F 1340 21.03 -20.72 46.10
C THR F 1340 21.65 -20.63 44.70
N GLN F 1341 22.19 -21.76 44.25
CA GLN F 1341 22.82 -21.85 42.93
C GLN F 1341 22.28 -23.07 42.21
N ASP F 1342 22.21 -22.97 40.88
CA ASP F 1342 21.74 -24.04 40.01
C ASP F 1342 22.76 -24.25 38.91
N PRO F 1343 23.88 -24.93 39.21
CA PRO F 1343 24.88 -25.19 38.17
C PRO F 1343 24.36 -26.02 37.01
N CYS F 1344 23.43 -26.94 37.26
CA CYS F 1344 22.88 -27.79 36.22
C CYS F 1344 21.77 -27.12 35.43
N GLY F 1345 21.32 -25.94 35.83
CA GLY F 1345 20.26 -25.26 35.12
C GLY F 1345 20.68 -24.63 33.81
N LEU F 1346 21.99 -24.46 33.60
CA LEU F 1346 22.52 -23.87 32.39
C LEU F 1346 23.27 -24.86 31.51
N PHE F 1347 23.86 -25.90 32.09
CA PHE F 1347 24.60 -26.88 31.32
C PHE F 1347 23.69 -27.76 30.47
N GLN F 1348 22.39 -27.77 30.76
CA GLN F 1348 21.41 -28.58 30.02
C GLN F 1348 21.80 -30.06 30.03
N GLU F 1349 22.27 -30.54 31.18
CA GLU F 1349 22.66 -31.93 31.33
C GLU F 1349 22.48 -32.36 32.78
N ALA F 1350 22.00 -33.58 32.97
CA ALA F 1350 21.79 -34.13 34.31
C ALA F 1350 22.19 -35.61 34.28
N TYR F 1351 23.20 -35.96 35.06
CA TYR F 1351 23.67 -37.35 35.10
C TYR F 1351 22.63 -38.22 35.80
N PRO F 1352 22.30 -39.39 35.25
CA PRO F 1352 21.32 -40.26 35.91
C PRO F 1352 21.88 -40.80 37.21
N PRO F 1353 21.03 -41.08 38.19
CA PRO F 1353 21.48 -41.63 39.46
C PRO F 1353 21.78 -43.12 39.34
N LEU F 1354 22.16 -43.72 40.46
CA LEU F 1354 22.48 -45.14 40.52
C LEU F 1354 21.18 -45.94 40.47
N CYS F 1355 20.82 -46.42 39.30
CA CYS F 1355 19.60 -47.20 39.11
C CYS F 1355 19.92 -48.41 38.24
N SER F 1356 19.12 -49.46 38.40
CA SER F 1356 19.29 -50.69 37.65
C SER F 1356 17.93 -51.33 37.41
N SER F 1357 17.86 -52.16 36.36
CA SER F 1357 16.61 -52.86 36.07
C SER F 1357 16.23 -53.83 37.17
N ASP F 1358 17.22 -54.55 37.71
CA ASP F 1358 17.00 -55.52 38.78
C ASP F 1358 17.89 -55.17 39.96
N ALA F 1359 17.32 -55.25 41.16
CA ALA F 1359 18.04 -54.93 42.38
C ALA F 1359 18.93 -56.08 42.87
N ALA F 1360 18.81 -57.27 42.27
CA ALA F 1360 19.62 -58.40 42.71
C ALA F 1360 21.11 -58.14 42.48
N MET F 1361 21.46 -57.57 41.33
CA MET F 1361 22.86 -57.25 41.05
C MET F 1361 23.34 -56.06 41.87
N LEU F 1362 22.46 -55.09 42.12
CA LEU F 1362 22.85 -53.91 42.89
C LEU F 1362 22.97 -54.21 44.38
N ARG F 1363 22.34 -55.29 44.87
CA ARG F 1363 22.43 -55.63 46.28
C ARG F 1363 23.84 -56.05 46.69
N THR F 1364 24.66 -56.50 45.75
CA THR F 1364 26.04 -56.92 46.00
C THR F 1364 26.07 -58.03 47.05
N ALA F 1365 25.49 -59.18 46.68
CA ALA F 1365 25.45 -60.31 47.60
C ALA F 1365 26.84 -60.84 47.89
N HIS F 1366 27.71 -60.89 46.87
CA HIS F 1366 29.06 -61.40 47.07
C HIS F 1366 29.87 -60.49 47.99
N ALA F 1367 29.64 -59.18 47.89
CA ALA F 1367 30.34 -58.18 48.70
C ALA F 1367 31.85 -58.26 48.52
N GLY F 1368 32.60 -57.75 49.50
CA GLY F 1368 34.05 -57.76 49.42
C GLY F 1368 34.58 -56.87 48.32
N GLU F 1369 35.15 -57.48 47.28
CA GLU F 1369 35.67 -56.74 46.14
C GLU F 1369 34.56 -56.48 45.13
N THR F 1370 34.91 -55.97 43.95
CA THR F 1370 33.95 -55.69 42.90
C THR F 1370 34.49 -56.19 41.57
N GLY F 1371 33.57 -56.49 40.66
CA GLY F 1371 33.95 -56.97 39.34
C GLY F 1371 33.36 -56.16 38.21
N ALA F 1372 33.44 -56.67 36.99
CA ALA F 1372 32.91 -55.98 35.82
C ALA F 1372 32.55 -57.00 34.77
N ASP F 1373 31.28 -57.01 34.36
CA ASP F 1373 30.78 -57.92 33.35
C ASP F 1373 30.57 -57.17 32.04
N GLU F 1374 31.16 -57.69 30.96
CA GLU F 1374 31.05 -57.04 29.66
C GLU F 1374 29.74 -57.40 28.97
N VAL F 1375 29.53 -58.68 28.70
CA VAL F 1375 28.34 -59.15 28.01
C VAL F 1375 27.59 -60.11 28.93
N HIS F 1376 26.30 -59.86 29.12
CA HIS F 1376 25.44 -60.70 29.93
C HIS F 1376 24.15 -60.99 29.17
N LEU F 1377 23.27 -61.78 29.79
CA LEU F 1377 22.02 -62.14 29.13
C LEU F 1377 20.99 -61.02 29.25
N ALA F 1378 20.60 -60.68 30.48
CA ALA F 1378 19.62 -59.62 30.70
C ALA F 1378 19.96 -58.75 31.89
N GLN F 1379 21.19 -58.80 32.39
CA GLN F 1379 21.62 -58.03 33.54
C GLN F 1379 22.68 -57.01 33.10
N TYR F 1380 22.43 -55.74 33.39
CA TYR F 1380 23.37 -54.67 33.08
C TYR F 1380 23.51 -53.75 34.26
N LEU F 1381 24.73 -53.22 34.45
CA LEU F 1381 25.03 -52.32 35.54
C LEU F 1381 25.70 -51.06 34.98
N ILE F 1382 25.29 -49.90 35.49
CA ILE F 1382 25.83 -48.61 35.07
C ILE F 1382 26.44 -47.94 36.30
N ARG F 1383 27.71 -47.57 36.18
CA ARG F 1383 28.39 -46.90 37.28
C ARG F 1383 27.87 -45.48 37.44
N ASP F 1384 27.72 -45.05 38.70
CA ASP F 1384 27.24 -43.70 38.97
C ASP F 1384 28.29 -42.67 38.57
N ALA F 1385 27.82 -41.57 37.97
CA ALA F 1385 28.73 -40.51 37.54
C ALA F 1385 29.33 -39.76 38.73
N SER F 1386 28.70 -39.82 39.90
CA SER F 1386 29.20 -39.13 41.07
C SER F 1386 29.84 -40.13 42.01
N PRO F 1387 31.16 -40.09 42.21
CA PRO F 1387 31.82 -41.03 43.14
C PRO F 1387 31.63 -40.65 44.60
N LEU F 1388 30.47 -41.01 45.14
CA LEU F 1388 30.12 -40.74 46.53
C LEU F 1388 29.79 -42.02 47.29
N ARG F 1389 30.42 -43.13 46.92
CA ARG F 1389 30.15 -44.40 47.57
C ARG F 1389 30.74 -44.45 48.98
N GLY F 1390 31.89 -43.81 49.20
CA GLY F 1390 32.53 -43.83 50.50
C GLY F 1390 31.92 -42.90 51.52
N CYS F 1391 31.09 -41.96 51.11
CA CYS F 1391 30.45 -41.02 52.02
C CYS F 1391 29.07 -41.57 52.40
N LEU F 1392 28.92 -41.92 53.69
CA LEU F 1392 27.69 -42.46 54.28
C LEU F 1392 27.39 -43.86 53.75
N PRO F 1393 27.08 -44.82 54.62
CA PRO F 1393 26.77 -46.17 54.14
C PRO F 1393 25.40 -46.25 53.46
N LEU F 1394 25.41 -46.43 52.15
CA LEU F 1394 24.17 -46.51 51.39
C LEU F 1394 23.75 -47.97 51.19
N SER G 7 -47.73 -81.57 -28.59
CA SER G 7 -47.24 -80.34 -29.19
C SER G 7 -46.08 -79.76 -28.38
N ARG G 8 -44.87 -80.27 -28.65
CA ARG G 8 -43.66 -79.82 -27.98
C ARG G 8 -42.67 -79.33 -29.04
N VAL G 9 -42.44 -78.02 -29.07
CA VAL G 9 -41.53 -77.40 -30.03
C VAL G 9 -40.61 -76.46 -29.27
N VAL G 10 -39.45 -76.19 -29.88
CA VAL G 10 -38.47 -75.30 -29.28
C VAL G 10 -38.58 -73.87 -29.79
N PHE G 11 -39.16 -73.66 -30.98
CA PHE G 11 -39.31 -72.30 -31.51
C PHE G 11 -40.39 -71.53 -30.78
N ASP G 12 -41.42 -72.22 -30.29
CA ASP G 12 -42.53 -71.60 -29.56
C ASP G 12 -42.70 -72.32 -28.23
N PRO G 13 -41.87 -71.99 -27.24
CA PRO G 13 -41.98 -72.68 -25.94
C PRO G 13 -43.21 -72.28 -25.13
N SER G 14 -44.00 -71.30 -25.59
CA SER G 14 -45.16 -70.87 -24.84
C SER G 14 -46.20 -71.98 -24.73
N ASN G 15 -46.46 -72.68 -25.83
CA ASN G 15 -47.46 -73.74 -25.82
C ASN G 15 -47.10 -74.89 -24.88
N PRO G 16 -45.88 -75.49 -24.94
CA PRO G 16 -45.58 -76.58 -24.00
C PRO G 16 -45.14 -76.06 -22.63
N THR G 17 -46.11 -75.72 -21.79
CA THR G 17 -45.81 -75.18 -20.47
C THR G 17 -45.35 -76.27 -19.50
N THR G 18 -46.22 -77.24 -19.22
CA THR G 18 -45.86 -78.32 -18.29
C THR G 18 -46.27 -79.70 -18.75
N PHE G 19 -47.15 -79.84 -19.74
CA PHE G 19 -47.58 -81.19 -20.15
C PHE G 19 -46.51 -81.90 -20.95
N SER G 20 -45.68 -81.15 -21.68
CA SER G 20 -44.59 -81.76 -22.43
C SER G 20 -43.37 -82.07 -21.57
N VAL G 21 -43.36 -81.65 -20.32
CA VAL G 21 -42.24 -81.90 -19.41
C VAL G 21 -42.61 -82.92 -18.34
N GLU G 22 -43.81 -82.80 -17.76
CA GLU G 22 -44.22 -83.73 -16.71
C GLU G 22 -44.57 -85.10 -17.25
N ALA G 23 -44.86 -85.21 -18.54
CA ALA G 23 -45.21 -86.48 -19.17
C ALA G 23 -44.09 -87.05 -20.03
N ILE G 24 -43.57 -86.26 -20.97
CA ILE G 24 -42.49 -86.71 -21.84
C ILE G 24 -41.17 -86.63 -21.09
N ALA G 25 -40.29 -87.60 -21.33
CA ALA G 25 -39.00 -87.63 -20.67
C ALA G 25 -38.13 -86.47 -21.15
N ALA G 26 -37.24 -86.02 -20.26
CA ALA G 26 -36.36 -84.90 -20.57
C ALA G 26 -35.13 -85.32 -21.37
N TYR G 27 -34.95 -86.62 -21.62
CA TYR G 27 -33.77 -87.08 -22.35
C TYR G 27 -33.74 -86.54 -23.77
N THR G 28 -34.88 -86.58 -24.47
CA THR G 28 -34.90 -86.08 -25.85
C THR G 28 -34.65 -84.57 -25.93
N PRO G 29 -35.32 -83.71 -25.15
CA PRO G 29 -34.96 -82.28 -25.20
C PRO G 29 -33.54 -82.01 -24.74
N VAL G 30 -33.02 -82.78 -23.77
CA VAL G 30 -31.64 -82.59 -23.35
C VAL G 30 -30.68 -82.90 -24.50
N ALA G 31 -30.93 -84.01 -25.21
CA ALA G 31 -30.09 -84.35 -26.35
C ALA G 31 -30.21 -83.31 -27.46
N LEU G 32 -31.43 -82.80 -27.69
CA LEU G 32 -31.62 -81.77 -28.71
C LEU G 32 -30.85 -80.51 -28.37
N ILE G 33 -30.88 -80.09 -27.10
CA ILE G 33 -30.13 -78.91 -26.67
C ILE G 33 -28.63 -79.16 -26.80
N ARG G 34 -28.18 -80.36 -26.43
CA ARG G 34 -26.75 -80.66 -26.51
C ARG G 34 -26.27 -80.64 -27.95
N LEU G 35 -27.04 -81.21 -28.88
CA LEU G 35 -26.62 -81.22 -30.28
C LEU G 35 -26.78 -79.86 -30.93
N LEU G 36 -27.70 -79.04 -30.43
CA LEU G 36 -27.87 -77.69 -30.99
C LEU G 36 -26.74 -76.77 -30.58
N ASN G 37 -26.22 -76.94 -29.36
CA ASN G 37 -25.15 -76.13 -28.77
C ASN G 37 -25.31 -74.64 -29.06
N ALA G 38 -26.54 -74.14 -28.98
CA ALA G 38 -26.82 -72.73 -29.24
C ALA G 38 -28.13 -72.37 -28.55
N SER G 39 -28.53 -71.11 -28.70
CA SER G 39 -29.77 -70.61 -28.12
C SER G 39 -30.83 -70.45 -29.19
N GLY G 40 -32.07 -70.27 -28.73
CA GLY G 40 -33.19 -70.10 -29.63
C GLY G 40 -33.14 -68.79 -30.38
N PRO G 41 -33.77 -68.76 -31.56
CA PRO G 41 -33.78 -67.52 -32.34
C PRO G 41 -34.58 -66.42 -31.65
N LEU G 42 -34.18 -65.18 -31.91
CA LEU G 42 -34.80 -64.03 -31.27
C LEU G 42 -35.94 -63.44 -32.09
N GLN G 43 -35.81 -63.44 -33.42
CA GLN G 43 -36.85 -62.87 -34.26
C GLN G 43 -38.19 -63.58 -34.13
N PRO G 44 -38.28 -64.91 -34.21
CA PRO G 44 -39.58 -65.57 -33.99
C PRO G 44 -39.83 -66.04 -32.57
N GLY G 45 -38.86 -65.87 -31.66
CA GLY G 45 -39.00 -66.32 -30.29
C GLY G 45 -39.62 -65.26 -29.40
N HIS G 46 -39.39 -65.42 -28.10
CA HIS G 46 -39.94 -64.50 -27.10
C HIS G 46 -39.23 -63.15 -27.18
N ARG G 47 -39.94 -62.11 -26.76
CA ARG G 47 -39.40 -60.75 -26.72
C ARG G 47 -38.74 -60.43 -25.39
N VAL G 48 -38.68 -61.40 -24.46
CA VAL G 48 -38.07 -61.19 -23.15
C VAL G 48 -36.85 -62.09 -23.02
N ASP G 49 -36.18 -62.34 -24.13
CA ASP G 49 -34.98 -63.18 -24.20
C ASP G 49 -35.38 -64.61 -23.80
N ILE G 50 -34.47 -65.35 -23.18
CA ILE G 50 -34.71 -66.74 -22.81
C ILE G 50 -35.15 -66.87 -21.36
N ALA G 51 -35.49 -65.76 -20.70
CA ALA G 51 -35.96 -65.82 -19.32
C ALA G 51 -37.26 -66.60 -19.20
N ASP G 52 -38.20 -66.36 -20.12
CA ASP G 52 -39.46 -67.09 -20.10
C ASP G 52 -39.25 -68.58 -20.35
N ALA G 53 -38.36 -68.92 -21.29
CA ALA G 53 -38.07 -70.32 -21.55
C ALA G 53 -37.43 -70.98 -20.34
N ARG G 54 -36.50 -70.28 -19.67
CA ARG G 54 -35.87 -70.84 -18.49
C ARG G 54 -36.89 -71.04 -17.37
N SER G 55 -37.81 -70.08 -17.19
CA SER G 55 -38.84 -70.22 -16.17
C SER G 55 -39.76 -71.40 -16.48
N ILE G 56 -40.12 -71.57 -17.77
CA ILE G 56 -40.96 -72.70 -18.16
C ILE G 56 -40.25 -74.01 -17.88
N TYR G 57 -38.97 -74.09 -18.24
CA TYR G 57 -38.20 -75.31 -18.00
C TYR G 57 -38.11 -75.61 -16.51
N THR G 58 -37.85 -74.60 -15.68
CA THR G 58 -37.73 -74.83 -14.24
C THR G 58 -39.05 -75.27 -13.62
N VAL G 59 -40.16 -74.64 -14.01
CA VAL G 59 -41.45 -75.04 -13.44
C VAL G 59 -41.84 -76.43 -13.92
N GLY G 60 -41.50 -76.77 -15.17
CA GLY G 60 -41.76 -78.12 -15.64
C GLY G 60 -40.94 -79.16 -14.91
N ALA G 61 -39.67 -78.86 -14.65
CA ALA G 61 -38.83 -79.78 -13.87
C ALA G 61 -39.37 -79.93 -12.45
N ALA G 62 -39.81 -78.83 -11.85
CA ALA G 62 -40.39 -78.91 -10.50
C ALA G 62 -41.65 -79.75 -10.49
N ALA G 63 -42.51 -79.59 -11.50
CA ALA G 63 -43.72 -80.38 -11.59
C ALA G 63 -43.40 -81.86 -11.78
N SER G 64 -42.41 -82.17 -12.63
CA SER G 64 -42.02 -83.55 -12.83
C SER G 64 -41.46 -84.16 -11.55
N ALA G 65 -40.65 -83.40 -10.81
CA ALA G 65 -40.12 -83.89 -9.54
C ALA G 65 -41.23 -84.13 -8.53
N ALA G 66 -42.21 -83.23 -8.47
CA ALA G 66 -43.33 -83.41 -7.56
C ALA G 66 -44.15 -84.64 -7.93
N ARG G 67 -44.37 -84.86 -9.23
CA ARG G 67 -45.11 -86.04 -9.67
C ARG G 67 -44.34 -87.32 -9.33
N ALA G 68 -43.02 -87.31 -9.52
CA ALA G 68 -42.22 -88.48 -9.18
C ALA G 68 -42.25 -88.75 -7.67
N ARG G 69 -42.18 -87.69 -6.86
CA ARG G 69 -42.27 -87.87 -5.42
C ARG G 69 -43.63 -88.42 -5.00
N ALA G 70 -44.70 -87.92 -5.62
CA ALA G 70 -46.03 -88.43 -5.32
C ALA G 70 -46.17 -89.89 -5.71
N ASN G 71 -45.61 -90.27 -6.87
CA ASN G 71 -45.65 -91.67 -7.28
C ASN G 71 -44.86 -92.55 -6.34
N HIS G 72 -43.69 -92.09 -5.89
CA HIS G 72 -42.86 -92.85 -4.97
C HIS G 72 -43.40 -92.85 -3.55
N ASN G 73 -44.35 -91.97 -3.23
CA ASN G 73 -44.91 -91.91 -1.88
C ASN G 73 -45.76 -93.13 -1.53
N ALA G 74 -46.09 -93.97 -2.51
CA ALA G 74 -46.88 -95.17 -2.22
C ALA G 74 -46.10 -96.18 -1.40
N ASN G 75 -44.77 -96.13 -1.41
CA ASN G 75 -43.95 -97.07 -0.65
C ASN G 75 -43.60 -96.53 0.73
N THR G 76 -43.23 -95.25 0.83
CA THR G 76 -42.87 -94.64 2.10
C THR G 76 -43.54 -93.27 2.21
N ILE G 77 -43.78 -92.85 3.44
CA ILE G 77 -44.44 -91.58 3.74
C ILE G 77 -43.43 -90.65 4.37
N ARG G 78 -43.33 -89.44 3.84
CA ARG G 78 -42.40 -88.46 4.37
C ARG G 78 -42.88 -87.94 5.72
N ARG G 79 -41.93 -87.47 6.52
CA ARG G 79 -42.20 -86.96 7.85
C ARG G 79 -42.20 -85.43 7.84
N THR G 80 -42.38 -84.85 9.02
CA THR G 80 -42.42 -83.40 9.17
C THR G 80 -41.12 -82.91 9.81
N ALA G 81 -41.07 -81.60 10.08
CA ALA G 81 -39.89 -81.00 10.67
C ALA G 81 -39.67 -81.51 12.10
N MET G 82 -38.41 -81.55 12.51
CA MET G 82 -38.05 -82.04 13.83
C MET G 82 -38.30 -81.02 14.94
N PHE G 83 -38.65 -79.78 14.59
CA PHE G 83 -38.90 -78.77 15.60
C PHE G 83 -40.18 -79.09 16.37
N ALA G 84 -40.12 -78.99 17.69
CA ALA G 84 -41.26 -79.29 18.55
C ALA G 84 -41.89 -78.03 19.12
N GLU G 85 -41.09 -77.16 19.76
CA GLU G 85 -41.58 -75.92 20.37
C GLU G 85 -42.69 -76.19 21.37
N THR G 86 -43.92 -75.79 21.04
CA THR G 86 -45.06 -76.01 21.91
C THR G 86 -46.30 -76.28 21.06
N ASP G 87 -47.29 -76.89 21.69
CA ASP G 87 -48.54 -77.22 21.02
C ASP G 87 -49.72 -76.76 21.88
N PRO G 88 -50.83 -76.39 21.23
CA PRO G 88 -52.00 -75.94 22.01
C PRO G 88 -52.62 -77.04 22.86
N MET G 89 -52.36 -78.31 22.56
CA MET G 89 -52.98 -79.41 23.30
C MET G 89 -52.08 -79.79 24.50
N THR G 90 -51.98 -78.85 25.43
CA THR G 90 -51.24 -79.05 26.66
C THR G 90 -52.14 -79.42 27.83
N TRP G 91 -53.44 -79.58 27.60
CA TRP G 91 -54.35 -79.91 28.70
C TRP G 91 -54.05 -81.30 29.27
N LEU G 92 -53.74 -82.26 28.40
CA LEU G 92 -53.44 -83.62 28.83
C LEU G 92 -51.94 -83.86 28.98
N ARG G 93 -51.18 -83.64 27.90
CA ARG G 93 -49.73 -83.83 27.93
C ARG G 93 -49.13 -83.09 26.73
N PRO G 94 -47.89 -82.63 26.84
CA PRO G 94 -47.25 -81.97 25.70
C PRO G 94 -46.99 -82.95 24.56
N THR G 95 -46.98 -82.41 23.35
CA THR G 95 -46.75 -83.19 22.14
C THR G 95 -45.34 -82.91 21.63
N VAL G 96 -44.55 -83.97 21.48
CA VAL G 96 -43.19 -83.85 20.99
C VAL G 96 -43.20 -83.81 19.47
N GLY G 97 -42.06 -83.41 18.88
CA GLY G 97 -41.96 -83.33 17.44
C GLY G 97 -41.72 -84.67 16.79
N LEU G 98 -41.68 -84.65 15.45
CA LEU G 98 -41.48 -85.84 14.64
C LEU G 98 -40.21 -85.68 13.83
N LYS G 99 -39.33 -86.68 13.88
CA LYS G 99 -38.06 -86.66 13.18
C LYS G 99 -38.12 -87.54 11.94
N ARG G 100 -37.14 -87.36 11.05
CA ARG G 100 -37.04 -88.12 9.82
C ARG G 100 -35.85 -89.08 9.82
N THR G 101 -35.40 -89.49 11.01
CA THR G 101 -34.25 -90.38 11.13
C THR G 101 -34.67 -91.85 11.12
N PHE G 102 -35.40 -92.25 10.09
CA PHE G 102 -35.83 -93.64 9.95
C PHE G 102 -36.09 -93.93 8.49
N ASN G 103 -35.93 -95.21 8.12
CA ASN G 103 -36.14 -95.69 6.76
C ASN G 103 -37.06 -96.90 6.81
N PRO G 104 -38.37 -96.67 6.92
CA PRO G 104 -39.30 -97.80 6.97
C PRO G 104 -39.31 -98.59 5.67
N ARG G 105 -39.53 -99.89 5.80
CA ARG G 105 -39.58 -100.78 4.65
C ARG G 105 -40.40 -102.02 5.01
N ILE G 106 -41.24 -102.45 4.08
CA ILE G 106 -42.06 -103.64 4.32
C ILE G 106 -41.18 -104.87 4.44
N ILE G 107 -40.20 -105.02 3.56
CA ILE G 107 -39.29 -106.15 3.59
C ILE G 107 -38.02 -105.80 4.36
N GLN H 65 33.80 20.94 22.42
CA GLN H 65 33.10 22.19 22.69
C GLN H 65 33.00 22.43 24.20
N PHE H 66 32.96 23.71 24.58
CA PHE H 66 32.87 24.08 25.99
C PHE H 66 32.15 25.42 26.10
N ASP H 67 31.64 25.70 27.30
CA ASP H 67 30.93 26.93 27.59
C ASP H 67 31.67 27.70 28.69
N ILE H 68 31.75 29.01 28.51
CA ILE H 68 32.43 29.90 29.46
C ILE H 68 31.41 30.90 29.98
N LEU H 69 31.31 31.01 31.29
CA LEU H 69 30.39 31.94 31.95
C LEU H 69 31.14 33.19 32.38
N LEU H 70 30.54 34.35 32.14
CA LEU H 70 31.16 35.61 32.52
C LEU H 70 31.13 35.82 34.04
N GLY H 71 29.95 35.83 34.61
CA GLY H 71 29.79 36.00 36.04
C GLY H 71 28.45 36.64 36.35
N THR H 72 28.29 36.97 37.63
CA THR H 72 27.08 37.60 38.13
C THR H 72 27.45 38.87 38.88
N TYR H 73 26.76 39.97 38.56
CA TYR H 73 27.01 41.27 39.18
C TYR H 73 25.74 41.75 39.86
N CYS H 74 25.90 42.32 41.05
CA CYS H 74 24.79 42.82 41.84
C CYS H 74 24.68 44.34 41.67
N ASN H 75 23.45 44.83 41.66
CA ASN H 75 23.20 46.26 41.49
C ASN H 75 23.41 46.98 42.81
N THR H 76 24.10 48.12 42.76
CA THR H 76 24.38 48.95 43.92
C THR H 76 23.80 50.33 43.68
N LEU H 77 22.53 50.51 44.06
CA LEU H 77 21.85 51.77 43.88
C LEU H 77 22.28 52.78 44.95
N ASN H 78 22.01 54.05 44.68
CA ASN H 78 22.35 55.13 45.59
C ASN H 78 21.11 55.59 46.35
N PHE H 79 21.29 56.58 47.21
CA PHE H 79 20.21 57.13 48.01
C PHE H 79 20.29 58.64 48.03
N VAL H 80 19.29 59.28 48.62
CA VAL H 80 19.21 60.73 48.72
C VAL H 80 18.85 61.09 50.16
N ARG H 81 19.18 62.33 50.53
CA ARG H 81 18.93 62.82 51.88
C ARG H 81 17.42 63.00 52.07
N PHE H 82 16.83 62.22 52.96
CA PHE H 82 15.40 62.28 53.22
C PHE H 82 15.12 62.40 54.71
N LEU H 83 16.04 61.89 55.54
CA LEU H 83 15.84 61.94 56.98
C LEU H 83 15.89 63.36 57.52
N GLU H 84 16.71 64.22 56.92
CA GLU H 84 16.88 65.60 57.38
C GLU H 84 16.05 66.60 56.58
N LEU H 85 15.36 66.15 55.53
CA LEU H 85 14.54 67.03 54.70
C LEU H 85 13.07 66.68 54.74
N GLY H 86 12.72 65.42 54.46
CA GLY H 86 11.32 65.04 54.46
C GLY H 86 10.68 65.11 55.83
N LEU H 87 11.44 64.77 56.87
CA LEU H 87 10.96 64.80 58.24
C LEU H 87 11.23 66.14 58.92
N SER H 88 11.61 67.17 58.17
CA SER H 88 11.90 68.47 58.74
C SER H 88 11.10 69.58 58.05
N VAL H 89 10.80 69.39 56.77
CA VAL H 89 10.06 70.40 56.02
C VAL H 89 8.60 70.03 55.79
N ALA H 90 8.23 68.76 55.99
CA ALA H 90 6.86 68.30 55.76
C ALA H 90 6.16 67.89 57.05
N CYS H 91 6.77 67.01 57.82
CA CYS H 91 6.18 66.51 59.06
C CYS H 91 7.12 66.75 60.23
N ILE H 92 6.55 66.74 61.44
CA ILE H 92 7.30 66.94 62.67
C ILE H 92 7.12 65.70 63.54
N CYS H 93 8.23 65.17 64.04
CA CYS H 93 8.22 63.96 64.86
C CYS H 93 8.09 64.35 66.32
N THR H 94 7.13 63.74 67.02
CA THR H 94 6.91 64.00 68.43
C THR H 94 6.44 62.72 69.10
N LYS H 95 7.17 62.26 70.11
CA LYS H 95 6.83 61.03 70.80
C LYS H 95 5.68 61.26 71.77
N PHE H 96 4.75 60.32 71.82
CA PHE H 96 3.59 60.38 72.72
C PHE H 96 3.26 58.97 73.17
N PRO H 97 3.97 58.46 74.17
CA PRO H 97 3.69 57.09 74.65
C PRO H 97 2.27 56.92 75.19
N GLU H 98 1.71 57.95 75.82
CA GLU H 98 0.36 57.88 76.39
C GLU H 98 -0.66 58.33 75.33
N LEU H 99 -0.80 57.50 74.29
CA LEU H 99 -1.72 57.76 73.20
C LEU H 99 -2.86 56.77 73.10
N ALA H 100 -2.71 55.58 73.70
CA ALA H 100 -3.76 54.56 73.63
C ALA H 100 -4.84 54.75 74.68
N TYR H 101 -4.63 55.62 75.66
CA TYR H 101 -5.62 55.85 76.72
C TYR H 101 -6.26 57.21 76.67
N VAL H 102 -5.66 58.19 76.02
CA VAL H 102 -6.21 59.54 75.94
C VAL H 102 -7.36 59.55 74.92
N ARG H 103 -8.46 60.19 75.29
CA ARG H 103 -9.62 60.29 74.42
C ARG H 103 -10.16 61.71 74.32
N ASP H 104 -9.48 62.68 74.91
CA ASP H 104 -9.90 64.08 74.86
C ASP H 104 -8.72 64.95 74.47
N GLY H 105 -9.01 66.01 73.71
CA GLY H 105 -7.99 66.92 73.25
C GLY H 105 -8.32 68.36 73.65
N VAL H 106 -7.35 69.24 73.43
CA VAL H 106 -7.46 70.65 73.75
C VAL H 106 -7.26 71.45 72.47
N ILE H 107 -8.22 72.32 72.17
CA ILE H 107 -8.17 73.17 70.98
C ILE H 107 -8.23 74.62 71.43
N GLN H 108 -7.30 75.43 70.91
CA GLN H 108 -7.23 76.85 71.25
C GLN H 108 -7.88 77.66 70.14
N PHE H 109 -8.90 78.44 70.51
CA PHE H 109 -9.62 79.28 69.55
C PHE H 109 -10.07 80.54 70.28
N GLU H 110 -9.35 81.64 70.06
CA GLU H 110 -9.65 82.91 70.68
C GLU H 110 -9.79 83.98 69.61
N VAL H 111 -10.79 84.85 69.77
CA VAL H 111 -11.07 85.93 68.83
C VAL H 111 -11.12 87.24 69.61
N GLN H 112 -10.43 88.25 69.12
CA GLN H 112 -10.38 89.57 69.75
C GLN H 112 -11.15 90.56 68.88
N GLN H 113 -12.00 91.36 69.53
CA GLN H 113 -12.81 92.36 68.84
C GLN H 113 -12.37 93.75 69.26
N PRO H 114 -11.58 94.46 68.46
CA PRO H 114 -11.17 95.82 68.83
C PRO H 114 -12.35 96.79 68.82
N MET H 115 -12.25 97.82 69.65
CA MET H 115 -13.27 98.84 69.77
C MET H 115 -12.73 100.17 69.25
N ILE H 116 -13.48 100.79 68.35
CA ILE H 116 -13.10 102.06 67.75
C ILE H 116 -14.15 103.10 68.12
N ALA H 117 -13.70 104.23 68.66
CA ALA H 117 -14.62 105.29 69.04
C ALA H 117 -15.21 105.96 67.80
N ARG H 118 -16.53 106.16 67.82
CA ARG H 118 -17.22 106.78 66.70
C ARG H 118 -18.45 107.53 67.22
N ASP H 119 -18.92 108.48 66.42
CA ASP H 119 -20.08 109.28 66.77
C ASP H 119 -20.93 109.50 65.54
N GLY H 120 -22.22 109.77 65.76
CA GLY H 120 -23.15 110.01 64.69
C GLY H 120 -24.45 109.25 64.88
N PRO H 121 -25.21 109.09 63.79
CA PRO H 121 -26.49 108.37 63.90
C PRO H 121 -26.34 106.91 64.27
N HIS H 122 -25.17 106.31 64.04
CA HIS H 122 -24.97 104.90 64.36
C HIS H 122 -24.83 104.72 65.86
N PRO H 123 -25.68 103.92 66.50
CA PRO H 123 -25.55 103.71 67.94
C PRO H 123 -24.29 102.91 68.28
N VAL H 124 -23.80 103.12 69.50
CA VAL H 124 -22.62 102.43 69.99
C VAL H 124 -23.05 101.18 70.74
N ASP H 125 -22.49 100.04 70.35
CA ASP H 125 -22.81 98.75 70.94
C ASP H 125 -21.60 98.21 71.71
N GLN H 126 -21.78 97.04 72.31
CA GLN H 126 -20.73 96.40 73.09
C GLN H 126 -20.17 95.19 72.34
N PRO H 127 -18.88 94.92 72.47
CA PRO H 127 -18.29 93.77 71.78
C PRO H 127 -18.83 92.46 72.33
N VAL H 128 -18.86 91.45 71.46
CA VAL H 128 -19.36 90.12 71.81
C VAL H 128 -18.31 89.09 71.43
N HIS H 129 -18.39 87.92 72.06
CA HIS H 129 -17.45 86.83 71.83
C HIS H 129 -18.21 85.56 71.48
N ASN H 130 -17.64 84.77 70.57
CA ASN H 130 -18.25 83.52 70.14
C ASN H 130 -17.20 82.42 70.18
N TYR H 131 -17.68 81.19 70.37
CA TYR H 131 -16.81 80.02 70.44
C TYR H 131 -17.33 78.93 69.52
N MET H 132 -16.41 78.13 68.99
CA MET H 132 -16.74 77.05 68.09
C MET H 132 -16.08 75.76 68.57
N VAL H 133 -16.82 74.66 68.48
CA VAL H 133 -16.34 73.34 68.91
C VAL H 133 -16.16 72.47 67.67
N LYS H 134 -15.00 71.83 67.56
CA LYS H 134 -14.67 70.96 66.44
C LYS H 134 -14.37 69.56 66.95
N ARG H 135 -13.99 68.68 66.02
CA ARG H 135 -13.66 67.30 66.34
C ARG H 135 -12.39 66.91 65.61
N ILE H 136 -11.72 65.89 66.16
CA ILE H 136 -10.46 65.38 65.62
C ILE H 136 -10.73 63.99 65.06
N HIS H 137 -10.37 63.78 63.79
CA HIS H 137 -10.58 62.49 63.16
C HIS H 137 -9.58 61.46 63.69
N LYS H 138 -9.99 60.20 63.65
CA LYS H 138 -9.17 59.09 64.10
C LYS H 138 -9.10 58.02 63.01
N ARG H 139 -7.91 57.46 62.82
CA ARG H 139 -7.71 56.43 61.81
C ARG H 139 -6.53 55.57 62.22
N SER H 140 -6.45 54.38 61.61
CA SER H 140 -5.37 53.44 61.87
C SER H 140 -4.85 52.89 60.55
N LEU H 141 -3.53 52.72 60.47
CA LEU H 141 -2.90 52.19 59.27
C LEU H 141 -1.71 51.34 59.68
N SER H 142 -1.48 50.27 58.92
CA SER H 142 -0.37 49.35 59.17
C SER H 142 0.01 48.69 57.86
N ALA H 143 0.90 47.69 57.95
CA ALA H 143 1.36 46.96 56.78
C ALA H 143 1.43 45.48 57.12
N ALA H 144 1.32 44.66 56.07
CA ALA H 144 1.36 43.21 56.21
C ALA H 144 2.51 42.65 55.39
N PHE H 145 3.22 41.68 55.95
CA PHE H 145 4.36 41.05 55.28
C PHE H 145 4.48 39.62 55.74
N ALA H 146 4.68 38.70 54.79
CA ALA H 146 4.81 37.29 55.12
C ALA H 146 6.20 37.03 55.67
N ILE H 147 6.26 36.47 56.89
CA ILE H 147 7.53 36.18 57.56
C ILE H 147 7.58 34.77 58.11
N ALA H 148 6.48 34.03 58.06
CA ALA H 148 6.44 32.71 58.70
C ALA H 148 7.26 31.69 57.92
N SER H 149 7.24 31.76 56.59
CA SER H 149 7.91 30.73 55.79
C SER H 149 9.42 30.75 55.99
N GLU H 150 10.03 31.92 55.87
CA GLU H 150 11.49 32.01 56.03
C GLU H 150 11.91 31.68 57.46
N ALA H 151 11.14 32.15 58.45
CA ALA H 151 11.47 31.83 59.84
C ALA H 151 11.38 30.34 60.10
N LEU H 152 10.35 29.68 59.57
CA LEU H 152 10.22 28.23 59.75
C LEU H 152 11.35 27.49 59.04
N SER H 153 11.73 27.94 57.84
CA SER H 153 12.82 27.30 57.11
C SER H 153 14.14 27.46 57.86
N LEU H 154 14.35 28.63 58.49
CA LEU H 154 15.59 28.85 59.23
C LEU H 154 15.60 28.06 60.53
N LEU H 155 14.45 27.92 61.18
CA LEU H 155 14.42 27.24 62.47
C LEU H 155 14.45 25.71 62.31
N SER H 156 13.49 25.16 61.58
CA SER H 156 13.36 23.72 61.43
C SER H 156 14.33 23.15 60.40
N ASN H 157 15.07 24.00 59.68
CA ASN H 157 16.02 23.56 58.66
C ASN H 157 15.35 22.71 57.58
N THR H 163 31.85 20.91 59.26
CA THR H 163 30.82 21.83 59.75
C THR H 163 31.03 23.23 59.18
N GLU H 164 31.12 23.33 57.86
CA GLU H 164 31.32 24.60 57.17
C GLU H 164 30.21 24.94 56.20
N ILE H 165 29.66 23.94 55.50
CA ILE H 165 28.58 24.19 54.55
C ILE H 165 27.35 24.72 55.28
N ASP H 166 27.01 24.12 56.41
CA ASP H 166 25.85 24.58 57.19
C ASP H 166 26.08 25.99 57.71
N SER H 167 27.30 26.30 58.16
CA SER H 167 27.60 27.64 58.63
C SER H 167 27.49 28.66 57.51
N SER H 168 27.99 28.32 56.33
CA SER H 168 27.88 29.22 55.18
C SER H 168 26.42 29.43 54.79
N LEU H 169 25.63 28.36 54.81
CA LEU H 169 24.20 28.50 54.49
C LEU H 169 23.49 29.38 55.51
N ARG H 170 23.82 29.21 56.79
CA ARG H 170 23.21 30.04 57.82
C ARG H 170 23.61 31.51 57.65
N ILE H 171 24.88 31.77 57.33
CA ILE H 171 25.33 33.14 57.11
C ILE H 171 24.61 33.76 55.92
N ARG H 172 24.47 33.00 54.83
CA ARG H 172 23.76 33.51 53.66
C ARG H 172 22.30 33.79 53.98
N ALA H 173 21.65 32.90 54.74
CA ALA H 173 20.26 33.11 55.12
C ALA H 173 20.12 34.35 55.99
N ILE H 174 21.05 34.55 56.93
CA ILE H 174 21.00 35.73 57.79
C ILE H 174 21.17 36.99 56.97
N GLN H 175 22.11 36.98 56.03
CA GLN H 175 22.33 38.15 55.18
C GLN H 175 21.10 38.44 54.32
N GLN H 176 20.48 37.40 53.76
CA GLN H 176 19.27 37.59 52.96
C GLN H 176 18.13 38.14 53.82
N MET H 177 17.98 37.63 55.04
CA MET H 177 16.93 38.14 55.93
C MET H 177 17.17 39.59 56.29
N ALA H 178 18.43 39.96 56.56
CA ALA H 178 18.73 41.36 56.86
C ALA H 178 18.45 42.26 55.67
N ARG H 179 18.82 41.82 54.47
CA ARG H 179 18.56 42.61 53.28
C ARG H 179 17.05 42.78 53.06
N ASN H 180 16.29 41.70 53.25
CA ASN H 180 14.83 41.79 53.10
C ASN H 180 14.22 42.72 54.13
N LEU H 181 14.71 42.66 55.37
CA LEU H 181 14.21 43.56 56.41
C LEU H 181 14.53 45.01 56.08
N ARG H 182 15.74 45.28 55.60
CA ARG H 182 16.09 46.65 55.21
C ARG H 182 15.22 47.13 54.06
N THR H 183 14.99 46.27 53.06
CA THR H 183 14.15 46.66 51.93
C THR H 183 12.71 46.94 52.36
N VAL H 184 12.16 46.10 53.24
CA VAL H 184 10.79 46.31 53.69
C VAL H 184 10.71 47.57 54.56
N LEU H 185 11.73 47.85 55.36
CA LEU H 185 11.74 49.08 56.14
C LEU H 185 11.79 50.31 55.23
N ASP H 186 12.61 50.26 54.20
CA ASP H 186 12.67 51.37 53.25
C ASP H 186 11.33 51.55 52.53
N SER H 187 10.71 50.44 52.14
CA SER H 187 9.40 50.53 51.48
C SER H 187 8.35 51.12 52.42
N PHE H 188 8.35 50.71 53.69
CA PHE H 188 7.40 51.26 54.64
C PHE H 188 7.64 52.75 54.87
N GLU H 189 8.90 53.16 54.95
CA GLU H 189 9.21 54.57 55.11
C GLU H 189 8.74 55.38 53.91
N ARG H 190 8.98 54.86 52.70
CA ARG H 190 8.53 55.54 51.49
C ARG H 190 7.02 55.64 51.45
N GLY H 191 6.32 54.57 51.83
CA GLY H 191 4.86 54.62 51.87
C GLY H 191 4.34 55.62 52.87
N THR H 192 4.95 55.67 54.06
CA THR H 192 4.55 56.65 55.07
C THR H 192 4.79 58.07 54.58
N ALA H 193 5.93 58.30 53.92
CA ALA H 193 6.21 59.63 53.38
C ALA H 193 5.20 60.01 52.30
N ASP H 194 4.84 59.06 51.44
CA ASP H 194 3.88 59.35 50.37
C ASP H 194 2.48 59.57 50.91
N GLN H 195 2.13 58.89 52.00
CA GLN H 195 0.79 59.02 52.57
C GLN H 195 0.57 60.35 53.26
N LEU H 196 1.61 61.16 53.45
CA LEU H 196 1.45 62.46 54.09
C LEU H 196 0.56 63.38 53.26
N LEU H 197 0.75 63.38 51.94
CA LEU H 197 -0.06 64.19 51.04
C LEU H 197 -1.32 63.42 50.65
N GLY H 198 -2.23 63.30 51.62
CA GLY H 198 -3.47 62.60 51.41
C GLY H 198 -4.68 63.37 51.91
N VAL H 199 -4.44 64.46 52.63
CA VAL H 199 -5.51 65.28 53.18
C VAL H 199 -5.67 66.59 52.42
N LEU H 200 -4.56 67.17 51.94
CA LEU H 200 -4.62 68.43 51.21
C LEU H 200 -5.29 68.31 49.85
N LEU H 201 -5.51 67.08 49.36
CA LEU H 201 -6.15 66.91 48.07
C LEU H 201 -7.58 67.44 48.09
N GLU H 202 -8.31 67.19 49.18
CA GLU H 202 -9.68 67.65 49.32
C GLU H 202 -9.85 68.80 50.30
N LYS H 203 -8.89 69.02 51.19
CA LYS H 203 -8.96 70.12 52.15
C LYS H 203 -8.23 71.35 51.61
N ALA H 204 -8.70 71.83 50.47
CA ALA H 204 -8.11 73.01 49.82
C ALA H 204 -9.16 73.66 48.95
N PRO H 205 -9.97 74.56 49.53
CA PRO H 205 -10.96 75.27 48.71
C PRO H 205 -10.29 76.20 47.73
N PRO H 206 -10.92 76.45 46.57
CA PRO H 206 -10.35 77.34 45.55
C PRO H 206 -10.60 78.82 45.82
N LEU H 207 -10.22 79.27 47.03
CA LEU H 207 -10.42 80.66 47.40
C LEU H 207 -9.54 81.59 46.57
N SER H 208 -8.34 81.12 46.17
CA SER H 208 -7.45 81.95 45.37
C SER H 208 -8.08 82.34 44.03
N LEU H 209 -8.98 81.51 43.52
CA LEU H 209 -9.69 81.81 42.28
C LEU H 209 -11.10 82.35 42.53
N LEU H 210 -11.68 82.11 43.69
CA LEU H 210 -13.02 82.59 44.01
C LEU H 210 -13.02 83.95 44.70
N SER H 211 -11.84 84.49 45.03
CA SER H 211 -11.80 85.81 45.65
C SER H 211 -12.45 86.92 44.83
N PRO H 212 -12.26 87.02 43.52
CA PRO H 212 -12.98 88.08 42.78
C PRO H 212 -14.49 87.93 42.83
N ILE H 213 -15.00 86.71 43.01
CA ILE H 213 -16.44 86.51 43.07
C ILE H 213 -17.03 87.13 44.33
N ASN H 214 -16.39 86.90 45.47
CA ASN H 214 -16.86 87.43 46.74
C ASN H 214 -16.31 88.82 47.06
N LYS H 215 -15.43 89.36 46.21
CA LYS H 215 -14.91 90.70 46.46
C LYS H 215 -16.00 91.77 46.30
N PHE H 216 -16.92 91.57 45.36
CA PHE H 216 -18.00 92.54 45.16
C PHE H 216 -19.05 92.47 46.26
N GLN H 217 -19.09 91.39 47.01
CA GLN H 217 -20.07 91.26 48.08
C GLN H 217 -19.67 92.13 49.26
N PRO H 218 -20.52 93.03 49.72
CA PRO H 218 -20.19 93.90 50.85
C PRO H 218 -20.37 93.16 52.17
N GLU H 219 -20.17 93.89 53.27
CA GLU H 219 -20.29 93.34 54.61
C GLU H 219 -21.74 93.31 55.11
N GLY H 220 -22.71 93.48 54.22
CA GLY H 220 -24.10 93.47 54.62
C GLY H 220 -24.88 92.32 54.00
N HIS H 221 -25.93 92.65 53.24
CA HIS H 221 -26.77 91.67 52.58
C HIS H 221 -26.79 91.94 51.09
N LEU H 222 -26.60 90.89 50.30
CA LEU H 222 -26.63 91.03 48.85
C LEU H 222 -28.04 91.35 48.36
N ASN H 223 -28.12 92.16 47.32
CA ASN H 223 -29.39 92.58 46.75
C ASN H 223 -29.71 91.76 45.49
N ARG H 224 -30.84 92.09 44.87
CA ARG H 224 -31.30 91.32 43.71
C ARG H 224 -30.35 91.43 42.54
N VAL H 225 -29.81 92.63 42.30
CA VAL H 225 -28.89 92.81 41.17
C VAL H 225 -27.61 92.00 41.39
N ALA H 226 -27.08 92.02 42.61
CA ALA H 226 -25.89 91.23 42.92
C ALA H 226 -26.16 89.74 42.78
N ARG H 227 -27.33 89.28 43.26
CA ARG H 227 -27.68 87.88 43.13
C ARG H 227 -27.80 87.47 41.66
N ALA H 228 -28.40 88.32 40.84
CA ALA H 228 -28.53 88.02 39.42
C ALA H 228 -27.16 88.00 38.72
N ALA H 229 -26.28 88.93 39.09
CA ALA H 229 -24.96 89.01 38.46
C ALA H 229 -24.01 87.93 38.94
N LEU H 230 -24.25 87.35 40.12
CA LEU H 230 -23.33 86.34 40.65
C LEU H 230 -23.29 85.11 39.75
N LEU H 231 -24.44 84.64 39.30
CA LEU H 231 -24.47 83.46 38.43
C LEU H 231 -23.80 83.74 37.09
N SER H 232 -24.02 84.93 36.54
CA SER H 232 -23.37 85.29 35.28
C SER H 232 -21.86 85.36 35.45
N ASP H 233 -21.39 85.95 36.55
CA ASP H 233 -19.96 86.01 36.80
C ASP H 233 -19.36 84.62 36.97
N LEU H 234 -20.07 83.74 37.69
CA LEU H 234 -19.58 82.38 37.86
C LEU H 234 -19.52 81.64 36.53
N LYS H 235 -20.53 81.81 35.68
CA LYS H 235 -20.52 81.18 34.37
C LYS H 235 -19.37 81.71 33.52
N ARG H 236 -19.14 83.02 33.54
CA ARG H 236 -18.03 83.59 32.78
C ARG H 236 -16.69 83.06 33.28
N ARG H 237 -16.55 82.94 34.61
CA ARG H 237 -15.30 82.43 35.17
C ARG H 237 -15.07 80.98 34.76
N VAL H 238 -16.09 80.13 34.92
CA VAL H 238 -15.93 78.73 34.57
C VAL H 238 -15.87 78.48 33.07
N CYS H 239 -16.21 79.48 32.26
CA CYS H 239 -16.10 79.34 30.81
C CYS H 239 -14.80 79.90 30.24
N ALA H 240 -14.22 80.94 30.86
CA ALA H 240 -13.01 81.55 30.33
C ALA H 240 -12.02 81.88 31.44
N ASP H 241 -11.84 80.96 32.38
CA ASP H 241 -10.86 81.22 33.44
C ASP H 241 -9.84 80.09 33.59
N MET H 242 -10.26 78.84 33.43
CA MET H 242 -9.37 77.70 33.65
C MET H 242 -8.63 77.27 32.39
N PHE H 243 -8.92 77.87 31.24
CA PHE H 243 -8.29 77.51 29.98
C PHE H 243 -7.44 78.70 29.53
N PHE H 244 -6.16 78.67 29.90
CA PHE H 244 -5.21 79.71 29.51
C PHE H 244 -3.88 79.18 29.01
N MET H 245 -3.59 77.89 29.19
CA MET H 245 -2.30 77.35 28.73
C MET H 245 -2.23 77.32 27.21
N THR H 246 -3.36 77.09 26.53
CA THR H 246 -3.35 77.07 25.07
C THR H 246 -3.11 78.44 24.46
N ARG H 247 -3.37 79.51 25.21
CA ARG H 247 -3.15 80.86 24.73
C ARG H 247 -1.92 81.53 25.32
N HIS H 248 -1.34 80.96 26.38
CA HIS H 248 -0.15 81.52 27.01
C HIS H 248 1.10 81.04 26.27
N ALA H 249 1.27 81.56 25.06
CA ALA H 249 2.41 81.23 24.22
C ALA H 249 3.26 82.42 23.83
N ARG H 250 2.72 83.64 23.87
CA ARG H 250 3.49 84.83 23.53
C ARG H 250 3.25 85.99 24.47
N GLU H 251 2.58 85.78 25.60
CA GLU H 251 2.28 86.83 26.57
C GLU H 251 2.71 86.35 27.95
N PRO H 252 4.02 86.40 28.25
CA PRO H 252 4.49 85.95 29.55
C PRO H 252 4.36 86.99 30.67
N ARG H 253 3.75 88.14 30.39
CA ARG H 253 3.61 89.18 31.41
C ARG H 253 2.49 88.90 32.39
N LEU H 254 1.60 87.96 32.09
CA LEU H 254 0.50 87.62 32.99
C LEU H 254 0.91 86.65 34.09
N ILE H 255 2.10 86.08 34.02
CA ILE H 255 2.55 85.14 35.06
C ILE H 255 2.68 85.86 36.39
N SER H 256 3.25 87.07 36.39
CA SER H 256 3.39 87.82 37.62
C SER H 256 2.03 88.18 38.21
N ALA H 257 1.08 88.57 37.36
CA ALA H 257 -0.26 88.89 37.84
C ALA H 257 -0.94 87.65 38.42
N TYR H 258 -0.80 86.51 37.77
CA TYR H 258 -1.37 85.28 38.29
C TYR H 258 -0.76 84.90 39.63
N LEU H 259 0.56 85.04 39.75
CA LEU H 259 1.22 84.73 41.02
C LEU H 259 0.76 85.67 42.12
N SER H 260 0.62 86.96 41.81
CA SER H 260 0.15 87.92 42.80
C SER H 260 -1.28 87.61 43.23
N ASP H 261 -2.14 87.23 42.28
CA ASP H 261 -3.50 86.86 42.62
C ASP H 261 -3.53 85.61 43.50
N MET H 262 -2.68 84.63 43.18
CA MET H 262 -2.62 83.40 43.97
C MET H 262 -2.14 83.68 45.40
N VAL H 263 -1.13 84.54 45.55
CA VAL H 263 -0.59 84.82 46.88
C VAL H 263 -1.37 85.90 47.63
N SER H 264 -2.33 86.54 46.97
CA SER H 264 -3.12 87.57 47.64
C SER H 264 -4.00 86.99 48.75
N CYS H 265 -4.33 85.71 48.68
CA CYS H 265 -5.16 85.07 49.70
C CYS H 265 -4.27 84.57 50.85
N THR H 266 -3.73 85.54 51.59
CA THR H 266 -2.86 85.28 52.72
C THR H 266 -3.46 85.85 53.99
N GLN H 267 -3.19 85.18 55.11
CA GLN H 267 -3.70 85.59 56.40
C GLN H 267 -2.57 85.64 57.42
N PRO H 268 -2.65 86.53 58.40
CA PRO H 268 -1.60 86.59 59.42
C PRO H 268 -1.54 85.32 60.25
N SER H 269 -0.34 85.00 60.72
CA SER H 269 -0.13 83.81 61.53
C SER H 269 -0.73 84.01 62.92
N VAL H 270 -1.04 82.88 63.57
CA VAL H 270 -1.63 82.94 64.90
C VAL H 270 -0.59 83.37 65.91
N MET H 271 -1.07 83.94 67.02
CA MET H 271 -0.17 84.47 68.04
C MET H 271 0.55 83.34 68.79
N VAL H 272 -0.14 82.24 69.05
CA VAL H 272 0.43 81.14 69.82
C VAL H 272 1.37 80.35 68.91
N SER H 273 2.68 80.46 69.17
CA SER H 273 3.67 79.75 68.38
C SER H 273 4.88 79.47 69.26
N ARG H 274 5.66 78.47 68.85
CA ARG H 274 6.87 78.08 69.58
C ARG H 274 8.14 78.32 68.78
N ILE H 275 8.21 77.82 67.55
CA ILE H 275 9.40 77.98 66.70
C ILE H 275 8.95 78.41 65.32
N THR H 276 9.88 79.00 64.57
CA THR H 276 9.64 79.46 63.21
C THR H 276 10.68 78.88 62.27
N HIS H 277 10.28 78.68 61.02
CA HIS H 277 11.18 78.13 60.03
C HIS H 277 12.26 79.13 59.65
N THR H 278 13.43 78.62 59.29
CA THR H 278 14.55 79.45 58.89
C THR H 278 15.33 78.76 57.77
N ASN H 279 15.95 79.56 56.92
CA ASN H 279 16.74 79.05 55.80
C ASN H 279 17.96 79.94 55.65
N THR H 280 18.69 79.75 54.54
CA THR H 280 19.88 80.54 54.29
C THR H 280 19.55 82.02 54.11
N ARG H 281 18.48 82.32 53.38
CA ARG H 281 18.09 83.70 53.14
C ARG H 281 17.31 84.31 54.29
N GLY H 282 16.83 83.51 55.24
CA GLY H 282 16.08 84.02 56.36
C GLY H 282 14.68 84.50 56.03
N ARG H 283 14.12 84.05 54.91
CA ARG H 283 12.79 84.45 54.48
C ARG H 283 11.85 83.25 54.52
N GLN H 284 10.64 83.47 55.04
CA GLN H 284 9.66 82.40 55.12
C GLN H 284 9.15 82.03 53.73
N VAL H 285 8.81 80.76 53.56
CA VAL H 285 8.30 80.25 52.29
C VAL H 285 6.84 80.66 52.16
N ASP H 286 6.48 81.23 51.02
CA ASP H 286 5.12 81.69 50.79
C ASP H 286 4.25 80.69 50.04
N GLY H 287 4.84 79.70 49.38
CA GLY H 287 4.07 78.72 48.65
C GLY H 287 4.90 77.61 48.04
N VAL H 288 4.38 76.38 48.08
CA VAL H 288 5.04 75.22 47.49
C VAL H 288 4.06 74.59 46.49
N LEU H 289 4.53 74.42 45.26
CA LEU H 289 3.72 73.85 44.19
C LEU H 289 4.34 72.57 43.69
N VAL H 290 3.55 71.51 43.61
CA VAL H 290 3.99 70.21 43.11
C VAL H 290 3.11 69.83 41.94
N THR H 291 3.73 69.52 40.80
CA THR H 291 3.03 69.16 39.57
C THR H 291 3.84 68.07 38.88
N THR H 292 3.52 67.82 37.61
CA THR H 292 4.28 66.88 36.81
C THR H 292 5.71 67.38 36.63
N ALA H 293 6.66 66.43 36.58
CA ALA H 293 8.07 66.79 36.49
C ALA H 293 8.37 67.56 35.21
N THR H 294 7.87 67.07 34.07
CA THR H 294 8.12 67.75 32.81
C THR H 294 7.48 69.13 32.79
N LEU H 295 6.25 69.25 33.27
CA LEU H 295 5.56 70.53 33.28
C LEU H 295 6.28 71.54 34.17
N LYS H 296 6.72 71.09 35.36
CA LYS H 296 7.41 72.01 36.27
C LYS H 296 8.77 72.40 35.73
N ARG H 297 9.46 71.46 35.05
CA ARG H 297 10.74 71.81 34.43
C ARG H 297 10.55 72.83 33.31
N GLN H 298 9.51 72.65 32.49
CA GLN H 298 9.23 73.63 31.43
C GLN H 298 8.88 74.99 32.02
N LEU H 299 8.07 75.01 33.08
CA LEU H 299 7.72 76.27 33.72
C LEU H 299 8.96 76.96 34.29
N LEU H 300 9.83 76.20 34.96
CA LEU H 300 11.04 76.78 35.52
C LEU H 300 11.97 77.30 34.44
N GLN H 301 12.07 76.60 33.31
CA GLN H 301 12.97 77.03 32.24
C GLN H 301 12.37 78.13 31.37
N GLY H 302 11.07 78.36 31.44
CA GLY H 302 10.47 79.37 30.60
C GLY H 302 9.84 80.55 31.34
N ILE H 303 9.90 80.55 32.66
CA ILE H 303 9.30 81.61 33.48
C ILE H 303 10.37 82.44 34.18
N LEU H 304 11.26 81.80 34.94
CA LEU H 304 12.25 82.51 35.73
C LEU H 304 13.56 81.74 35.67
N GLN H 305 14.48 82.07 36.57
CA GLN H 305 15.78 81.42 36.66
C GLN H 305 15.84 80.59 37.95
N ILE H 306 16.95 79.87 38.11
CA ILE H 306 17.16 79.03 39.27
C ILE H 306 18.14 79.72 40.21
N ASP H 307 18.11 79.32 41.48
CA ASP H 307 18.97 79.87 42.52
C ASP H 307 20.08 78.88 42.86
N ASP H 308 20.90 79.27 43.83
CA ASP H 308 22.00 78.42 44.26
C ASP H 308 21.48 77.24 45.09
N THR H 309 22.27 76.16 45.09
CA THR H 309 21.90 74.94 45.80
C THR H 309 22.44 74.99 47.23
N ALA H 310 21.79 75.83 48.05
CA ALA H 310 22.16 75.98 49.45
C ALA H 310 20.90 76.28 50.25
N ALA H 311 20.63 75.46 51.26
CA ALA H 311 19.46 75.65 52.10
C ALA H 311 19.75 75.12 53.49
N ASP H 312 19.00 75.62 54.47
CA ASP H 312 19.15 75.23 55.86
C ASP H 312 17.79 74.82 56.42
N VAL H 313 17.80 73.81 57.29
CA VAL H 313 16.57 73.32 57.91
C VAL H 313 16.78 73.25 59.41
N PRO H 314 15.75 73.50 60.22
CA PRO H 314 15.92 73.42 61.68
C PRO H 314 16.15 71.98 62.14
N VAL H 315 16.88 71.85 63.23
CA VAL H 315 17.18 70.55 63.84
C VAL H 315 16.58 70.59 65.25
N THR H 316 15.36 70.08 65.38
CA THR H 316 14.68 70.07 66.68
C THR H 316 13.69 68.91 66.70
N TYR H 317 13.28 68.54 67.91
CA TYR H 317 12.32 67.47 68.13
C TYR H 317 11.02 67.96 68.73
N GLY H 318 11.08 68.76 69.78
CA GLY H 318 9.89 69.28 70.43
C GLY H 318 9.03 68.22 71.09
N GLU H 319 9.65 67.24 71.74
CA GLU H 319 8.89 66.21 72.42
C GLU H 319 8.18 66.77 73.65
N MET H 320 6.94 66.33 73.85
CA MET H 320 6.12 66.76 74.98
C MET H 320 5.86 65.57 75.89
N VAL H 321 6.09 65.76 77.18
CA VAL H 321 5.87 64.72 78.19
C VAL H 321 4.96 65.29 79.27
N LEU H 322 3.91 64.54 79.61
CA LEU H 322 2.99 64.97 80.65
C LEU H 322 3.62 64.85 82.03
N GLN H 323 3.24 65.75 82.91
CA GLN H 323 3.81 65.82 84.25
C GLN H 323 3.26 64.69 85.13
N GLY H 324 3.84 64.57 86.32
CA GLY H 324 3.42 63.53 87.25
C GLY H 324 2.08 63.80 87.91
N THR H 325 1.62 65.06 87.89
CA THR H 325 0.31 65.37 88.44
C THR H 325 -0.79 64.64 87.68
N ASN H 326 -0.71 64.62 86.35
CA ASN H 326 -1.68 63.88 85.56
C ASN H 326 -1.61 62.38 85.86
N LEU H 327 -0.40 61.86 86.06
CA LEU H 327 -0.24 60.44 86.39
C LEU H 327 -0.92 60.12 87.72
N VAL H 328 -0.70 60.96 88.73
CA VAL H 328 -1.30 60.71 90.03
C VAL H 328 -2.80 60.96 90.02
N THR H 329 -3.29 61.80 89.12
CA THR H 329 -4.73 62.00 89.00
C THR H 329 -5.40 60.81 88.31
N ALA H 330 -4.78 60.27 87.27
CA ALA H 330 -5.34 59.17 86.50
C ALA H 330 -4.93 57.80 87.03
N LEU H 331 -4.17 57.74 88.12
CA LEU H 331 -3.78 56.45 88.69
C LEU H 331 -4.99 55.68 89.18
N VAL H 332 -5.95 56.37 89.78
CA VAL H 332 -7.16 55.73 90.30
C VAL H 332 -8.43 56.24 89.63
N MET H 333 -8.39 57.38 88.95
CA MET H 333 -9.56 57.93 88.28
C MET H 333 -9.57 57.63 86.78
N GLY H 334 -8.49 57.99 86.08
CA GLY H 334 -8.39 57.75 84.66
C GLY H 334 -8.72 58.93 83.77
N LYS H 335 -8.41 60.15 84.20
CA LYS H 335 -8.67 61.36 83.42
C LYS H 335 -7.34 61.96 82.98
N ALA H 336 -7.19 62.18 81.68
CA ALA H 336 -5.99 62.77 81.10
C ALA H 336 -6.38 64.03 80.35
N VAL H 337 -5.81 65.16 80.76
CA VAL H 337 -6.07 66.46 80.14
C VAL H 337 -4.74 67.03 79.66
N ARG H 338 -4.71 67.42 78.39
CA ARG H 338 -3.49 68.01 77.83
C ARG H 338 -3.28 69.41 78.39
N GLY H 339 -2.06 69.68 78.84
CA GLY H 339 -1.74 70.98 79.41
C GLY H 339 -1.82 71.00 80.92
N MET H 340 -0.76 71.46 81.57
CA MET H 340 -0.69 71.55 83.03
C MET H 340 -0.37 73.00 83.40
N ASP H 341 -1.42 73.79 83.63
CA ASP H 341 -1.26 75.20 84.00
C ASP H 341 -1.83 75.50 85.37
N ASP H 342 -3.04 75.03 85.68
CA ASP H 342 -3.68 75.26 86.96
C ASP H 342 -4.26 73.93 87.46
N VAL H 343 -4.82 73.97 88.67
CA VAL H 343 -5.42 72.80 89.31
C VAL H 343 -6.90 73.06 89.47
N ALA H 344 -7.72 72.14 88.96
CA ALA H 344 -9.17 72.27 89.05
C ALA H 344 -9.71 71.47 90.23
N ASN H 377 22.28 72.99 64.00
CA ASN H 377 22.02 73.46 62.65
C ASN H 377 22.26 72.35 61.63
N ALA H 378 22.00 72.65 60.36
CA ALA H 378 22.18 71.68 59.29
C ALA H 378 22.44 72.42 57.99
N ARG H 379 22.98 71.70 57.01
CA ARG H 379 23.30 72.27 55.71
C ARG H 379 23.11 71.18 54.66
N VAL H 380 22.14 71.35 53.78
CA VAL H 380 21.85 70.39 52.71
C VAL H 380 21.46 71.15 51.45
N PRO H 381 22.09 70.84 50.31
CA PRO H 381 21.71 71.54 49.07
C PRO H 381 20.28 71.21 48.65
N ALA H 382 19.65 72.21 48.03
CA ALA H 382 18.27 72.05 47.57
C ALA H 382 18.02 73.04 46.44
N ASP H 383 16.97 72.78 45.67
CA ASP H 383 16.59 73.61 44.54
C ASP H 383 15.44 74.53 44.97
N LEU H 384 15.67 75.84 44.87
CA LEU H 384 14.67 76.84 45.24
C LEU H 384 14.75 78.00 44.25
N VAL H 385 13.81 78.93 44.39
CA VAL H 385 13.76 80.11 43.54
C VAL H 385 13.10 81.24 44.32
N ILE H 386 13.74 82.41 44.34
CA ILE H 386 13.23 83.58 45.05
C ILE H 386 13.26 84.77 44.10
N VAL H 387 12.14 85.48 44.03
CA VAL H 387 12.01 86.68 43.21
C VAL H 387 11.43 87.79 44.08
N GLY H 388 12.07 88.96 44.04
CA GLY H 388 11.61 90.09 44.83
C GLY H 388 11.75 89.87 46.32
N ASP H 389 10.61 89.73 47.01
CA ASP H 389 10.60 89.50 48.45
C ASP H 389 9.78 88.27 48.82
N LYS H 390 9.57 87.36 47.88
CA LYS H 390 8.81 86.14 48.10
C LYS H 390 9.66 84.93 47.76
N LEU H 391 9.68 83.94 48.65
CA LEU H 391 10.46 82.73 48.47
C LEU H 391 9.53 81.57 48.13
N VAL H 392 9.86 80.85 47.07
CA VAL H 392 9.08 79.69 46.62
C VAL H 392 9.97 78.45 46.69
N PHE H 393 9.49 77.42 47.36
CA PHE H 393 10.22 76.18 47.54
C PHE H 393 9.63 75.11 46.62
N LEU H 394 10.50 74.44 45.88
CA LEU H 394 10.09 73.37 44.96
C LEU H 394 10.89 72.12 45.26
N GLU H 395 10.21 70.99 45.38
CA GLU H 395 10.83 69.70 45.68
C GLU H 395 10.64 68.79 44.47
N ALA H 396 11.73 68.48 43.79
CA ALA H 396 11.69 67.60 42.62
C ALA H 396 12.20 66.22 43.05
N LEU H 397 11.28 65.42 43.59
CA LEU H 397 11.57 64.08 44.07
C LEU H 397 11.02 63.01 43.12
N GLU H 398 10.96 63.31 41.83
CA GLU H 398 10.45 62.36 40.84
C GLU H 398 11.48 61.31 40.43
N ARG H 399 12.73 61.45 40.86
CA ARG H 399 13.75 60.47 40.50
C ARG H 399 13.44 59.10 41.10
N ARG H 400 12.98 59.08 42.36
CA ARG H 400 12.66 57.83 43.04
C ARG H 400 11.15 57.57 43.12
N VAL H 401 10.35 58.61 43.38
CA VAL H 401 8.91 58.46 43.46
C VAL H 401 8.32 58.51 42.07
N TYR H 402 7.29 57.69 41.82
CA TYR H 402 6.62 57.61 40.51
C TYR H 402 7.61 57.28 39.40
N GLN H 403 8.57 56.41 39.70
CA GLN H 403 9.56 55.98 38.72
C GLN H 403 10.07 54.61 39.11
N ALA H 404 9.85 53.61 38.26
CA ALA H 404 10.26 52.23 38.52
C ALA H 404 9.73 51.72 39.85
N THR H 405 8.49 52.07 40.15
CA THR H 405 7.83 51.65 41.39
C THR H 405 6.44 51.14 41.05
N ARG H 406 5.63 50.90 42.08
CA ARG H 406 4.27 50.40 41.92
C ARG H 406 3.23 51.51 42.01
N VAL H 407 3.64 52.77 42.02
CA VAL H 407 2.73 53.90 42.11
C VAL H 407 3.03 54.88 41.00
N ALA H 408 2.02 55.67 40.65
CA ALA H 408 2.13 56.68 39.60
C ALA H 408 1.21 57.84 39.94
N TYR H 409 0.95 58.69 38.96
CA TYR H 409 0.04 59.81 39.16
C TYR H 409 -1.39 59.31 39.36
N PRO H 410 -2.17 59.98 40.21
CA PRO H 410 -3.54 59.51 40.46
C PRO H 410 -4.42 59.56 39.22
N LEU H 411 -4.53 60.72 38.58
CA LEU H 411 -5.37 60.90 37.40
C LEU H 411 -6.82 60.50 37.68
N ILE H 412 -7.31 60.86 38.86
CA ILE H 412 -8.68 60.54 39.23
C ILE H 412 -9.65 61.65 38.85
N GLY H 413 -9.17 62.90 38.76
CA GLY H 413 -10.02 64.02 38.41
C GLY H 413 -10.66 63.89 37.04
N ASN H 414 -11.95 64.17 36.95
CA ASN H 414 -12.69 64.06 35.70
C ASN H 414 -13.66 65.23 35.60
N ILE H 415 -14.15 65.47 34.39
CA ILE H 415 -15.09 66.54 34.11
C ILE H 415 -16.29 65.96 33.35
N ASP H 416 -17.41 66.67 33.42
CA ASP H 416 -18.64 66.27 32.77
C ASP H 416 -19.13 67.43 31.90
N ILE H 417 -19.32 67.16 30.61
CA ILE H 417 -19.81 68.15 29.66
C ILE H 417 -21.09 67.64 29.03
N THR H 418 -22.13 68.46 29.05
CA THR H 418 -23.43 68.12 28.49
C THR H 418 -23.80 69.09 27.39
N PHE H 419 -24.35 68.56 26.30
CA PHE H 419 -24.76 69.36 25.15
C PHE H 419 -26.08 68.84 24.63
N ILE H 420 -26.63 69.54 23.63
CA ILE H 420 -27.88 69.17 23.00
C ILE H 420 -27.68 69.12 21.49
N MET H 421 -28.50 68.33 20.81
CA MET H 421 -28.43 68.15 19.36
C MET H 421 -29.81 68.35 18.77
N PRO H 422 -30.22 69.60 18.55
CA PRO H 422 -31.53 69.85 17.94
C PRO H 422 -31.58 69.35 16.51
N MET H 423 -32.78 68.92 16.10
CA MET H 423 -32.96 68.40 14.74
C MET H 423 -33.09 69.53 13.73
N GLY H 424 -34.04 70.43 13.94
CA GLY H 424 -34.25 71.54 13.03
C GLY H 424 -35.09 72.61 13.66
N VAL H 425 -35.14 73.76 12.99
CA VAL H 425 -35.89 74.91 13.46
C VAL H 425 -36.29 75.75 12.24
N PHE H 426 -37.35 76.54 12.40
CA PHE H 426 -37.84 77.40 11.33
C PHE H 426 -38.23 78.74 11.90
N GLN H 427 -38.19 79.76 11.05
CA GLN H 427 -38.53 81.12 11.45
C GLN H 427 -40.02 81.35 11.34
N ALA H 428 -40.51 82.32 12.12
CA ALA H 428 -41.93 82.67 12.15
C ALA H 428 -42.19 84.00 11.46
N ASN H 429 -41.29 84.41 10.56
CA ASN H 429 -41.44 85.66 9.84
C ASN H 429 -41.05 85.46 8.38
N SER H 430 -41.59 86.32 7.51
CA SER H 430 -41.32 86.24 6.08
C SER H 430 -40.44 87.38 5.57
N MET H 431 -40.34 88.48 6.32
CA MET H 431 -39.51 89.60 5.88
C MET H 431 -38.02 89.32 6.03
N ASP H 432 -37.65 88.34 6.86
CA ASP H 432 -36.25 88.00 7.07
C ASP H 432 -35.77 86.88 6.15
N ARG H 433 -36.63 86.38 5.27
CA ARG H 433 -36.25 85.31 4.33
C ARG H 433 -35.81 85.92 3.01
N TYR H 434 -34.70 86.65 3.08
CA TYR H 434 -34.14 87.31 1.91
C TYR H 434 -32.62 87.37 2.04
N THR H 435 -31.96 87.54 0.91
CA THR H 435 -30.51 87.60 0.86
C THR H 435 -30.04 89.05 0.77
N ARG H 436 -28.88 89.31 1.38
CA ARG H 436 -28.28 90.64 1.39
C ARG H 436 -27.16 90.79 0.37
N HIS H 437 -27.02 89.83 -0.53
CA HIS H 437 -25.96 89.87 -1.53
C HIS H 437 -26.49 89.21 -2.80
N ALA H 438 -25.59 88.86 -3.72
CA ALA H 438 -25.99 88.22 -4.96
C ALA H 438 -26.50 86.81 -4.71
N GLY H 439 -27.16 86.25 -5.72
CA GLY H 439 -27.76 84.93 -5.59
C GLY H 439 -26.74 83.80 -5.61
N ASP H 440 -26.57 83.16 -4.45
CA ASP H 440 -25.64 82.04 -4.34
C ASP H 440 -26.21 80.90 -3.50
N PHE H 441 -27.52 80.87 -3.28
CA PHE H 441 -28.18 79.84 -2.49
C PHE H 441 -29.37 79.27 -3.24
N SER H 442 -29.21 79.07 -4.55
CA SER H 442 -30.26 78.52 -5.40
C SER H 442 -29.73 77.34 -6.19
N THR H 443 -30.54 76.30 -6.32
CA THR H 443 -30.19 75.09 -7.05
C THR H 443 -30.95 75.05 -8.37
N VAL H 444 -30.76 73.95 -9.10
CA VAL H 444 -31.44 73.78 -10.39
C VAL H 444 -32.91 73.40 -10.23
N SER H 445 -33.33 72.99 -9.04
CA SER H 445 -34.72 72.62 -8.78
C SER H 445 -35.34 73.60 -7.80
N GLU H 446 -36.62 73.93 -8.03
CA GLU H 446 -37.32 74.86 -7.15
C GLU H 446 -37.59 74.27 -5.78
N GLN H 447 -37.56 72.95 -5.64
CA GLN H 447 -37.80 72.29 -4.35
C GLN H 447 -36.46 72.11 -3.62
N ASP H 448 -35.94 73.23 -3.14
CA ASP H 448 -34.67 73.25 -2.43
C ASP H 448 -34.90 72.91 -0.96
N PRO H 449 -34.34 71.80 -0.45
CA PRO H 449 -34.52 71.48 0.98
C PRO H 449 -33.70 72.35 1.92
N ARG H 450 -32.76 73.15 1.40
CA ARG H 450 -31.93 73.99 2.26
C ARG H 450 -32.78 75.04 2.97
N GLN H 451 -33.71 75.67 2.26
CA GLN H 451 -34.57 76.65 2.90
C GLN H 451 -35.61 75.98 3.81
N PHE H 452 -35.99 74.74 3.50
CA PHE H 452 -36.92 74.02 4.35
C PHE H 452 -36.24 73.63 5.66
N PRO H 453 -37.01 73.44 6.73
CA PRO H 453 -36.41 73.01 8.01
C PRO H 453 -35.71 71.67 7.86
N PRO H 454 -34.42 71.61 8.13
CA PRO H 454 -33.69 70.36 7.99
C PRO H 454 -33.98 69.39 9.13
N GLN H 455 -33.58 68.15 8.92
CA GLN H 455 -33.75 67.08 9.90
C GLN H 455 -32.45 66.46 10.35
N GLY H 456 -31.47 66.32 9.45
CA GLY H 456 -30.19 65.75 9.84
C GLY H 456 -29.41 66.67 10.76
N ILE H 457 -28.58 66.04 11.60
CA ILE H 457 -27.74 66.75 12.55
C ILE H 457 -26.29 66.42 12.25
N PHE H 458 -25.45 67.45 12.12
CA PHE H 458 -24.04 67.29 11.84
C PHE H 458 -23.23 67.81 13.02
N PHE H 459 -22.28 67.02 13.49
CA PHE H 459 -21.44 67.40 14.61
C PHE H 459 -20.10 66.67 14.50
N TYR H 460 -19.10 67.21 15.21
CA TYR H 460 -17.76 66.64 15.20
C TYR H 460 -17.63 65.63 16.33
N ASN H 461 -17.38 64.37 15.97
CA ASN H 461 -17.23 63.32 16.96
C ASN H 461 -15.81 63.33 17.54
N LYS H 462 -15.62 62.53 18.59
CA LYS H 462 -14.30 62.42 19.20
C LYS H 462 -13.31 61.71 18.28
N ASP H 463 -13.80 60.82 17.43
CA ASP H 463 -12.95 60.07 16.50
C ASP H 463 -12.77 60.79 15.16
N GLY H 464 -13.30 61.99 15.03
CA GLY H 464 -13.19 62.72 13.76
C GLY H 464 -13.95 62.08 12.61
N ILE H 465 -15.18 61.63 12.87
CA ILE H 465 -16.02 61.00 11.85
C ILE H 465 -17.35 61.74 11.79
N LEU H 466 -18.01 61.61 10.65
CA LEU H 466 -19.31 62.24 10.40
C LEU H 466 -20.38 61.18 10.35
N THR H 467 -21.45 61.38 11.12
CA THR H 467 -22.56 60.43 11.16
C THR H 467 -23.84 61.18 11.48
N GLN H 468 -24.97 60.56 11.13
CA GLN H 468 -26.29 61.11 11.36
C GLN H 468 -27.05 60.25 12.34
N LEU H 469 -27.78 60.90 13.25
CA LEU H 469 -28.56 60.16 14.25
C LEU H 469 -29.66 59.36 13.58
N THR H 470 -29.83 58.12 14.01
CA THR H 470 -30.82 57.21 13.45
C THR H 470 -32.14 57.34 14.22
N LEU H 471 -33.08 56.45 13.93
CA LEU H 471 -34.39 56.45 14.58
C LEU H 471 -34.68 55.14 15.30
N ARG H 472 -33.78 54.16 15.23
CA ARG H 472 -34.00 52.89 15.91
C ARG H 472 -34.10 53.06 17.41
N ASP H 473 -33.27 53.95 17.97
CA ASP H 473 -33.31 54.18 19.42
C ASP H 473 -34.62 54.80 19.86
N ALA H 474 -35.22 55.65 19.02
CA ALA H 474 -36.51 56.26 19.33
C ALA H 474 -37.69 55.41 18.89
N MET H 475 -37.45 54.31 18.17
CA MET H 475 -38.54 53.45 17.74
C MET H 475 -39.26 52.82 18.93
N GLY H 476 -38.50 52.38 19.93
CA GLY H 476 -39.09 51.71 21.08
C GLY H 476 -39.33 52.61 22.26
N THR H 477 -39.75 53.85 22.00
CA THR H 477 -40.07 54.81 23.06
C THR H 477 -41.53 55.23 23.02
N ILE H 478 -42.41 54.32 22.62
CA ILE H 478 -43.84 54.58 22.49
C ILE H 478 -44.65 53.65 23.38
N CYS H 479 -44.42 52.35 23.27
CA CYS H 479 -45.18 51.34 24.02
C CYS H 479 -44.59 51.12 25.42
N HIS H 480 -44.45 52.20 26.19
CA HIS H 480 -43.95 52.11 27.55
C HIS H 480 -44.68 52.99 28.54
N SER H 481 -45.73 53.70 28.12
CA SER H 481 -46.46 54.57 29.03
C SER H 481 -47.97 54.52 28.81
N SER H 482 -48.46 53.62 27.96
CA SER H 482 -49.90 53.58 27.67
C SER H 482 -50.70 53.23 28.93
N LEU H 483 -50.21 52.28 29.72
CA LEU H 483 -50.89 51.87 30.94
C LEU H 483 -50.43 52.64 32.16
N LEU H 484 -49.51 53.59 32.01
CA LEU H 484 -49.00 54.36 33.13
C LEU H 484 -49.37 55.85 33.05
N ASP H 485 -49.81 56.34 31.91
CA ASP H 485 -50.17 57.74 31.75
C ASP H 485 -51.64 58.03 32.04
N VAL H 486 -52.40 57.02 32.44
CA VAL H 486 -53.83 57.18 32.71
C VAL H 486 -54.10 57.33 34.20
N GLU H 487 -53.46 56.50 35.03
CA GLU H 487 -53.70 56.56 36.47
C GLU H 487 -53.22 57.89 37.06
N ALA H 488 -52.04 58.34 36.63
CA ALA H 488 -51.51 59.60 37.15
C ALA H 488 -52.39 60.78 36.75
N THR H 489 -52.83 60.82 35.49
CA THR H 489 -53.73 61.89 35.05
C THR H 489 -55.05 61.84 35.79
N LEU H 490 -55.60 60.64 35.99
CA LEU H 490 -56.86 60.51 36.70
C LEU H 490 -56.75 60.99 38.14
N VAL H 491 -55.68 60.59 38.84
CA VAL H 491 -55.53 60.99 40.23
C VAL H 491 -55.25 62.49 40.33
N ALA H 492 -54.51 63.05 39.38
CA ALA H 492 -54.27 64.49 39.37
C ALA H 492 -55.57 65.26 39.16
N LEU H 493 -56.40 64.80 38.22
CA LEU H 493 -57.70 65.45 38.00
C LEU H 493 -58.60 65.33 39.22
N ARG H 494 -58.58 64.16 39.87
CA ARG H 494 -59.40 63.97 41.07
C ARG H 494 -58.94 64.90 42.20
N GLN H 495 -57.64 65.03 42.40
CA GLN H 495 -57.12 65.87 43.47
C GLN H 495 -57.18 67.35 43.13
N GLN H 496 -57.32 67.71 41.85
CA GLN H 496 -57.39 69.11 41.46
C GLN H 496 -58.82 69.64 41.48
N HIS H 497 -59.75 68.88 40.89
CA HIS H 497 -61.18 69.18 40.82
C HIS H 497 -61.46 70.40 39.95
N LEU H 498 -62.62 70.43 39.31
CA LEU H 498 -63.00 71.53 38.44
C LEU H 498 -64.46 71.90 38.70
N ASP H 499 -64.77 73.17 38.44
CA ASP H 499 -66.13 73.68 38.60
C ASP H 499 -66.34 74.80 37.58
N ARG H 500 -66.96 74.47 36.46
CA ARG H 500 -67.16 75.45 35.39
C ARG H 500 -68.63 75.53 34.98
N GLN H 501 -68.90 76.26 33.91
CA GLN H 501 -70.27 76.43 33.41
C GLN H 501 -70.35 76.06 31.94
N CYS H 502 -71.48 76.38 31.30
CA CYS H 502 -71.72 76.09 29.89
C CYS H 502 -71.59 74.60 29.60
N TYR H 503 -72.51 73.85 30.20
CA TYR H 503 -72.56 72.39 30.06
C TYR H 503 -73.16 71.93 28.74
N PHE H 504 -73.30 72.83 27.76
CA PHE H 504 -73.85 72.44 26.46
C PHE H 504 -72.97 71.41 25.78
N GLY H 505 -71.66 71.60 25.82
CA GLY H 505 -70.74 70.68 25.16
C GLY H 505 -70.49 69.39 25.89
N VAL H 506 -70.99 69.25 27.12
CA VAL H 506 -70.76 68.04 27.91
C VAL H 506 -72.04 67.32 28.27
N TYR H 507 -73.22 67.92 28.05
CA TYR H 507 -74.47 67.24 28.40
C TYR H 507 -74.71 66.03 27.50
N VAL H 508 -74.44 66.18 26.19
CA VAL H 508 -74.66 65.12 25.21
C VAL H 508 -76.11 64.68 25.23
N ALA H 509 -76.98 65.43 24.56
CA ALA H 509 -78.41 65.13 24.52
C ALA H 509 -78.74 64.32 23.28
N GLU H 510 -80.03 64.04 23.10
CA GLU H 510 -80.50 63.26 21.96
C GLU H 510 -81.95 63.65 21.67
N GLY H 511 -82.44 63.21 20.51
CA GLY H 511 -83.79 63.51 20.11
C GLY H 511 -84.82 62.70 20.89
N THR H 512 -86.07 63.12 20.76
CA THR H 512 -87.19 62.49 21.46
C THR H 512 -88.19 61.85 20.50
N GLU H 513 -87.82 61.67 19.23
CA GLU H 513 -88.68 61.04 18.23
C GLU H 513 -90.01 61.79 18.09
N ASP H 514 -89.90 63.04 17.65
CA ASP H 514 -91.07 63.90 17.46
C ASP H 514 -90.79 64.85 16.31
N THR H 515 -91.63 65.86 16.16
CA THR H 515 -91.47 66.82 15.08
C THR H 515 -90.20 67.64 15.25
N LEU H 516 -89.63 68.06 14.12
CA LEU H 516 -88.35 68.75 14.16
C LEU H 516 -88.49 70.20 14.64
N ASP H 517 -89.66 70.81 14.44
CA ASP H 517 -89.83 72.21 14.79
C ASP H 517 -89.74 72.42 16.30
N VAL H 518 -90.50 71.63 17.07
CA VAL H 518 -90.47 71.76 18.52
C VAL H 518 -89.10 71.35 19.06
N GLN H 519 -88.48 70.34 18.44
CA GLN H 519 -87.14 69.92 18.87
C GLN H 519 -86.14 71.06 18.69
N MET H 520 -86.15 71.72 17.54
CA MET H 520 -85.21 72.81 17.30
C MET H 520 -85.53 74.01 18.17
N GLY H 521 -86.81 74.27 18.45
CA GLY H 521 -87.15 75.36 19.36
C GLY H 521 -86.65 75.11 20.78
N ARG H 522 -86.85 73.88 21.28
CA ARG H 522 -86.35 73.53 22.60
C ARG H 522 -84.82 73.59 22.65
N PHE H 523 -84.16 73.12 21.60
CA PHE H 523 -82.70 73.19 21.56
C PHE H 523 -82.22 74.63 21.56
N MET H 524 -82.86 75.50 20.79
CA MET H 524 -82.47 76.90 20.77
C MET H 524 -82.69 77.56 22.13
N GLU H 525 -83.83 77.29 22.77
CA GLU H 525 -84.11 77.90 24.07
C GLU H 525 -83.15 77.39 25.13
N THR H 526 -82.80 76.10 25.10
CA THR H 526 -81.85 75.58 26.07
C THR H 526 -80.46 76.16 25.85
N TRP H 527 -80.03 76.26 24.59
CA TRP H 527 -78.73 76.86 24.31
C TRP H 527 -78.70 78.34 24.70
N ALA H 528 -79.84 79.03 24.59
CA ALA H 528 -79.88 80.44 24.94
C ALA H 528 -79.85 80.64 26.46
N ASP H 529 -80.61 79.83 27.20
CA ASP H 529 -80.75 80.04 28.64
C ASP H 529 -79.78 79.20 29.47
N MET H 530 -78.90 78.42 28.84
CA MET H 530 -77.97 77.58 29.57
C MET H 530 -76.53 78.09 29.55
N MET H 531 -76.22 79.09 28.73
CA MET H 531 -74.86 79.61 28.64
C MET H 531 -74.79 80.97 29.31
N PRO H 532 -74.20 81.07 30.51
CA PRO H 532 -74.10 82.37 31.19
C PRO H 532 -72.83 83.12 30.81
N HIS H 533 -71.85 82.41 30.26
CA HIS H 533 -70.56 83.02 29.92
C HIS H 533 -70.10 82.43 28.58
N HIS H 534 -68.84 82.68 28.24
CA HIS H 534 -68.24 82.21 27.00
C HIS H 534 -67.29 81.07 27.27
N PRO H 535 -67.37 79.97 26.53
CA PRO H 535 -66.44 78.85 26.76
C PRO H 535 -64.99 79.27 26.53
N HIS H 536 -64.10 78.71 27.35
CA HIS H 536 -62.67 79.03 27.28
C HIS H 536 -61.90 78.06 26.40
N TRP H 537 -62.55 77.04 25.85
CA TRP H 537 -61.89 76.05 25.00
C TRP H 537 -62.04 76.35 23.52
N VAL H 538 -62.64 77.48 23.16
CA VAL H 538 -62.87 77.84 21.77
C VAL H 538 -62.12 79.09 21.34
N ASN H 539 -61.54 79.85 22.27
CA ASN H 539 -60.83 81.08 21.94
C ASN H 539 -59.39 80.75 21.53
N GLU H 540 -59.26 80.18 20.33
CA GLU H 540 -57.96 79.83 19.77
C GLU H 540 -57.74 80.45 18.39
N HIS H 541 -58.57 81.41 17.99
CA HIS H 541 -58.40 82.04 16.68
C HIS H 541 -57.11 82.85 16.61
N LEU H 542 -56.76 83.55 17.69
CA LEU H 542 -55.57 84.37 17.73
C LEU H 542 -54.49 83.67 18.56
N THR H 543 -53.29 83.58 18.01
CA THR H 543 -52.18 82.94 18.69
C THR H 543 -51.44 83.88 19.63
N ILE H 544 -51.42 85.18 19.33
CA ILE H 544 -50.75 86.14 20.20
C ILE H 544 -51.43 86.21 21.56
N LEU H 545 -52.77 86.21 21.58
CA LEU H 545 -53.49 86.25 22.85
C LEU H 545 -53.20 85.01 23.68
N GLN H 546 -53.17 83.84 23.05
CA GLN H 546 -52.85 82.61 23.78
C GLN H 546 -51.41 82.60 24.26
N PHE H 547 -50.49 83.19 23.49
CA PHE H 547 -49.09 83.24 23.91
C PHE H 547 -48.90 84.19 25.09
N ILE H 548 -49.63 85.31 25.11
CA ILE H 548 -49.52 86.27 26.22
C ILE H 548 -50.43 85.94 27.38
N ALA H 549 -51.31 84.95 27.24
CA ALA H 549 -52.22 84.54 28.31
C ALA H 549 -51.49 83.95 29.50
N PRO H 550 -50.83 82.76 29.35
CA PRO H 550 -50.49 81.92 30.50
C PRO H 550 -51.11 82.29 31.85
N SER H 551 -52.40 82.00 31.99
CA SER H 551 -53.13 82.21 33.23
C SER H 551 -53.45 80.87 33.88
N ASN H 552 -54.03 80.94 35.08
CA ASN H 552 -54.40 79.71 35.79
C ASN H 552 -55.45 78.89 35.04
N PRO H 553 -56.57 79.43 34.59
CA PRO H 553 -57.53 78.60 33.85
C PRO H 553 -56.97 78.05 32.54
N ARG H 554 -56.12 78.81 31.85
CA ARG H 554 -55.55 78.32 30.60
C ARG H 554 -54.55 77.20 30.84
N LEU H 555 -53.70 77.34 31.86
CA LEU H 555 -52.70 76.31 32.14
C LEU H 555 -53.31 75.08 32.79
N ARG H 556 -54.44 75.24 33.49
CA ARG H 556 -55.08 74.09 34.13
C ARG H 556 -55.77 73.17 33.14
N PHE H 557 -55.93 73.58 31.89
CA PHE H 557 -56.56 72.77 30.87
C PHE H 557 -55.57 71.91 30.07
N GLU H 558 -54.28 71.98 30.40
CA GLU H 558 -53.26 71.21 29.71
C GLU H 558 -52.39 70.52 30.75
N LEU H 559 -52.52 69.20 30.87
CA LEU H 559 -51.73 68.41 31.81
C LEU H 559 -51.01 67.26 31.13
N ASN H 560 -51.63 66.63 30.13
CA ASN H 560 -51.01 65.52 29.41
C ASN H 560 -51.38 65.59 27.93
N PRO H 561 -50.39 65.70 27.03
CA PRO H 561 -50.70 65.78 25.60
C PRO H 561 -51.36 64.52 25.05
N ALA H 562 -51.23 63.38 25.71
CA ALA H 562 -51.78 62.13 25.22
C ALA H 562 -53.14 61.79 25.81
N PHE H 563 -53.69 62.66 26.65
CA PHE H 563 -54.99 62.41 27.27
C PHE H 563 -55.80 63.70 27.28
N ASP H 564 -57.08 63.58 26.91
CA ASP H 564 -57.99 64.71 26.89
C ASP H 564 -58.62 64.91 28.27
N PHE H 565 -59.22 66.08 28.47
CA PHE H 565 -59.87 66.43 29.72
C PHE H 565 -61.27 66.93 29.44
N PHE H 566 -62.26 66.36 30.13
CA PHE H 566 -63.65 66.75 29.96
C PHE H 566 -64.37 66.61 31.29
N VAL H 567 -65.40 67.42 31.48
CA VAL H 567 -66.20 67.40 32.70
C VAL H 567 -67.53 66.73 32.40
N ALA H 568 -68.21 66.32 33.47
CA ALA H 568 -69.50 65.65 33.35
C ALA H 568 -70.33 65.89 34.60
N PRO H 569 -71.45 66.62 34.49
CA PRO H 569 -72.31 66.85 35.66
C PRO H 569 -73.05 65.58 36.05
N GLY H 570 -73.60 65.61 37.26
CA GLY H 570 -74.34 64.47 37.76
C GLY H 570 -75.69 64.29 37.07
N ASP H 571 -76.20 63.07 37.16
CA ASP H 571 -77.49 62.70 36.59
C ASP H 571 -77.53 62.98 35.08
N VAL H 572 -76.63 62.32 34.36
CA VAL H 572 -76.56 62.44 32.90
C VAL H 572 -76.50 61.04 32.30
N ASP H 573 -76.90 60.95 31.04
CA ASP H 573 -76.89 59.69 30.30
C ASP H 573 -76.42 59.96 28.87
N LEU H 574 -75.78 58.95 28.28
CA LEU H 574 -75.25 59.03 26.92
C LEU H 574 -75.81 57.88 26.10
N PRO H 575 -76.92 58.09 25.39
CA PRO H 575 -77.71 59.32 25.29
C PRO H 575 -78.69 59.46 26.45
N GLY H 576 -79.23 60.67 26.66
CA GLY H 576 -80.16 60.90 27.74
C GLY H 576 -81.22 61.93 27.39
N PRO H 577 -81.82 62.54 28.39
CA PRO H 577 -82.86 63.54 28.17
C PRO H 577 -82.26 64.86 27.70
N GLN H 578 -83.14 65.86 27.54
CA GLN H 578 -82.75 67.19 27.10
C GLN H 578 -82.92 68.24 28.20
N ARG H 579 -82.77 67.83 29.46
CA ARG H 579 -82.89 68.72 30.61
C ARG H 579 -81.59 68.64 31.42
N PRO H 580 -80.60 69.47 31.11
CA PRO H 580 -79.33 69.41 31.81
C PRO H 580 -79.45 69.94 33.22
N PRO H 581 -79.12 69.13 34.22
CA PRO H 581 -79.17 69.60 35.61
C PRO H 581 -77.87 70.31 35.99
N GLU H 582 -77.78 70.69 37.26
CA GLU H 582 -76.61 71.37 37.80
C GLU H 582 -76.15 70.64 39.04
N ALA H 583 -75.03 69.92 38.93
CA ALA H 583 -74.46 69.17 40.04
C ALA H 583 -72.96 69.36 40.04
N MET H 584 -72.27 68.61 40.88
CA MET H 584 -70.82 68.70 40.97
C MET H 584 -70.19 68.02 39.75
N PRO H 585 -69.38 68.73 38.96
CA PRO H 585 -68.77 68.10 37.78
C PRO H 585 -67.73 67.05 38.19
N THR H 586 -67.58 66.05 37.34
CA THR H 586 -66.59 65.00 37.51
C THR H 586 -65.72 64.93 36.26
N VAL H 587 -64.40 64.97 36.45
CA VAL H 587 -63.44 64.99 35.36
C VAL H 587 -62.86 63.60 35.21
N ASN H 588 -62.98 63.03 34.01
CA ASN H 588 -62.44 61.71 33.69
C ASN H 588 -61.28 61.86 32.71
N ALA H 589 -60.75 60.71 32.28
CA ALA H 589 -59.64 60.67 31.34
C ALA H 589 -60.00 59.80 30.15
N THR H 590 -59.65 60.27 28.95
CA THR H 590 -59.91 59.53 27.73
C THR H 590 -58.70 59.67 26.81
N LEU H 591 -58.56 58.71 25.89
CA LEU H 591 -57.44 58.72 24.97
C LEU H 591 -57.57 59.87 23.98
N ARG H 592 -56.44 60.55 23.74
CA ARG H 592 -56.43 61.67 22.80
C ARG H 592 -56.66 61.19 21.37
N ILE H 593 -56.09 60.05 21.01
CA ILE H 593 -56.18 59.47 19.67
C ILE H 593 -55.69 60.47 18.63
N ILE H 594 -56.62 61.14 17.96
CA ILE H 594 -56.24 62.10 16.92
C ILE H 594 -55.46 63.24 17.54
N ASN H 595 -54.37 63.64 16.87
CA ASN H 595 -53.44 64.67 17.33
C ASN H 595 -54.00 66.08 17.26
N GLY H 596 -55.29 66.28 17.02
CA GLY H 596 -55.84 67.63 16.97
C GLY H 596 -55.78 68.35 18.31
N ASN H 597 -55.71 67.61 19.42
CA ASN H 597 -55.59 68.23 20.73
C ASN H 597 -54.23 68.89 20.93
N ILE H 598 -53.22 68.48 20.17
CA ILE H 598 -51.90 69.12 20.27
C ILE H 598 -52.03 70.58 19.82
N PRO H 599 -51.39 71.54 20.51
CA PRO H 599 -51.47 72.94 20.10
C PRO H 599 -51.06 73.16 18.65
N VAL H 600 -52.02 73.58 17.83
CA VAL H 600 -51.81 73.82 16.40
C VAL H 600 -51.13 75.15 16.10
N PRO H 601 -51.47 76.28 16.73
CA PRO H 601 -51.05 77.58 16.19
C PRO H 601 -49.61 77.96 16.47
N LEU H 602 -48.76 77.03 16.92
CA LEU H 602 -47.36 77.36 17.14
C LEU H 602 -46.68 77.77 15.84
N CYS H 603 -46.79 76.93 14.80
CA CYS H 603 -46.32 77.27 13.47
C CYS H 603 -47.02 76.40 12.43
N PRO H 604 -48.36 76.45 12.35
CA PRO H 604 -49.07 75.53 11.46
C PRO H 604 -48.92 75.84 9.99
N ILE H 605 -49.06 77.11 9.61
CA ILE H 605 -49.20 77.47 8.20
C ILE H 605 -47.92 77.18 7.44
N SER H 606 -46.77 77.61 7.97
CA SER H 606 -45.53 77.46 7.23
C SER H 606 -45.15 75.98 7.09
N PHE H 607 -45.26 75.21 8.17
CA PHE H 607 -44.94 73.79 8.10
C PHE H 607 -45.88 73.04 7.18
N ARG H 608 -47.18 73.37 7.24
CA ARG H 608 -48.14 72.72 6.36
C ARG H 608 -47.86 73.03 4.90
N ASP H 609 -47.54 74.30 4.59
CA ASP H 609 -47.22 74.66 3.22
C ASP H 609 -45.95 73.95 2.75
N CYS H 610 -44.93 73.89 3.61
CA CYS H 610 -43.68 73.24 3.23
C CYS H 610 -43.89 71.75 2.96
N ARG H 611 -44.64 71.07 3.84
CA ARG H 611 -44.86 69.64 3.63
C ARG H 611 -45.74 69.39 2.42
N GLY H 612 -46.73 70.27 2.17
CA GLY H 612 -47.54 70.11 0.98
C GLY H 612 -46.76 70.30 -0.30
N THR H 613 -45.88 71.30 -0.34
CA THR H 613 -45.06 71.51 -1.53
C THR H 613 -44.06 70.37 -1.70
N GLN H 614 -43.53 69.84 -0.60
CA GLN H 614 -42.62 68.70 -0.70
C GLN H 614 -43.34 67.46 -1.23
N LEU H 615 -44.56 67.21 -0.76
CA LEU H 615 -45.29 66.03 -1.19
C LEU H 615 -45.78 66.15 -2.63
N GLY H 616 -46.21 67.35 -3.03
CA GLY H 616 -46.75 67.55 -4.36
C GLY H 616 -45.78 68.25 -5.29
N LEU H 617 -45.26 67.51 -6.26
CA LEU H 617 -44.35 68.06 -7.25
C LEU H 617 -44.80 67.78 -8.69
N GLY H 618 -45.39 66.62 -8.94
CA GLY H 618 -45.84 66.28 -10.28
C GLY H 618 -47.34 66.11 -10.39
N ARG H 619 -48.09 66.98 -9.71
CA ARG H 619 -49.54 66.93 -9.70
C ARG H 619 -50.10 68.15 -10.44
N HIS H 620 -51.18 67.94 -11.17
CA HIS H 620 -51.80 69.02 -11.92
C HIS H 620 -52.48 70.00 -10.96
N THR H 621 -52.20 71.29 -11.15
CA THR H 621 -52.75 72.32 -10.27
C THR H 621 -52.97 73.58 -11.11
N MET H 622 -53.90 74.43 -10.64
CA MET H 622 -54.20 75.71 -11.27
C MET H 622 -54.68 75.51 -12.71
N THR H 623 -55.81 74.82 -12.85
CA THR H 623 -56.41 74.57 -14.15
C THR H 623 -57.41 75.67 -14.47
N PRO H 624 -57.17 76.46 -15.53
CA PRO H 624 -58.09 77.57 -15.84
C PRO H 624 -59.51 77.13 -16.14
N ALA H 625 -59.69 75.93 -16.72
CA ALA H 625 -61.02 75.49 -17.11
C ALA H 625 -61.95 75.39 -15.91
N THR H 626 -61.46 74.86 -14.79
CA THR H 626 -62.24 74.82 -13.57
C THR H 626 -62.11 76.11 -12.76
N ILE H 627 -61.01 76.84 -12.90
CA ILE H 627 -60.84 78.09 -12.17
C ILE H 627 -61.90 79.10 -12.60
N LYS H 628 -62.14 79.23 -13.90
CA LYS H 628 -63.15 80.16 -14.38
C LYS H 628 -64.55 79.73 -13.91
N ALA H 629 -64.81 78.42 -13.92
CA ALA H 629 -66.13 77.93 -13.48
C ALA H 629 -66.36 78.23 -12.01
N VAL H 630 -65.37 77.96 -11.16
CA VAL H 630 -65.56 78.20 -9.73
C VAL H 630 -65.63 79.70 -9.46
N LYS H 631 -64.86 80.51 -10.18
CA LYS H 631 -64.97 81.95 -10.02
C LYS H 631 -66.35 82.46 -10.39
N ASP H 632 -66.90 81.96 -11.50
CA ASP H 632 -68.25 82.38 -11.91
C ASP H 632 -69.30 81.92 -10.91
N THR H 633 -69.19 80.68 -10.41
CA THR H 633 -70.18 80.19 -9.47
C THR H 633 -70.04 80.83 -8.09
N PHE H 634 -68.88 81.40 -7.79
CA PHE H 634 -68.74 82.14 -6.54
C PHE H 634 -69.21 83.59 -6.68
N GLU H 635 -68.99 84.19 -7.85
CA GLU H 635 -69.45 85.56 -8.07
C GLU H 635 -70.97 85.63 -8.20
N ASP H 636 -71.56 84.69 -8.94
CA ASP H 636 -73.02 84.70 -9.10
C ASP H 636 -73.71 84.30 -7.81
N ARG H 637 -73.24 83.22 -7.18
CA ARG H 637 -73.79 82.71 -5.92
C ARG H 637 -75.29 82.44 -6.04
N ALA H 638 -75.64 81.65 -7.06
CA ALA H 638 -77.03 81.30 -7.30
C ALA H 638 -77.09 79.95 -7.98
N TYR H 639 -77.77 79.00 -7.35
CA TYR H 639 -77.91 77.65 -7.90
C TYR H 639 -79.34 77.46 -8.39
N PRO H 640 -79.56 77.35 -9.70
CA PRO H 640 -80.93 77.11 -10.19
C PRO H 640 -81.48 75.78 -9.70
N THR H 641 -82.79 75.77 -9.46
CA THR H 641 -83.48 74.57 -9.01
C THR H 641 -84.07 73.76 -10.16
N ILE H 642 -83.90 74.21 -11.40
CA ILE H 642 -84.43 73.48 -12.55
C ILE H 642 -83.75 72.12 -12.69
N PHE H 643 -82.50 72.02 -12.23
CA PHE H 643 -81.81 70.74 -12.22
C PHE H 643 -82.06 69.94 -10.96
N TYR H 644 -82.25 70.62 -9.82
CA TYR H 644 -82.56 69.91 -8.58
C TYR H 644 -83.92 69.21 -8.67
N MET H 645 -84.90 69.87 -9.27
CA MET H 645 -86.22 69.24 -9.41
C MET H 645 -86.15 68.01 -10.31
N LEU H 646 -85.34 68.07 -11.37
CA LEU H 646 -85.16 66.90 -12.23
C LEU H 646 -84.44 65.79 -11.49
N GLU H 647 -83.41 66.14 -10.69
CA GLU H 647 -82.67 65.13 -9.95
C GLU H 647 -83.55 64.45 -8.91
N ALA H 648 -84.48 65.20 -8.31
CA ALA H 648 -85.34 64.64 -7.28
C ALA H 648 -86.15 63.45 -7.77
N VAL H 649 -86.44 63.38 -9.07
CA VAL H 649 -87.12 62.24 -9.64
C VAL H 649 -86.19 61.33 -10.43
N ILE H 650 -85.03 61.83 -10.87
CA ILE H 650 -84.06 60.98 -11.55
C ILE H 650 -83.43 59.99 -10.58
N HIS H 651 -83.06 60.46 -9.38
CA HIS H 651 -82.40 59.59 -8.42
C HIS H 651 -83.27 58.44 -7.95
N GLY H 652 -84.59 58.57 -8.04
CA GLY H 652 -85.52 57.54 -7.61
C GLY H 652 -86.14 56.70 -8.70
N ASN H 653 -85.69 56.83 -9.95
CA ASN H 653 -86.28 56.06 -11.05
C ASN H 653 -85.24 55.91 -12.15
N GLU H 654 -84.66 54.71 -12.26
CA GLU H 654 -83.72 54.44 -13.33
C GLU H 654 -84.39 54.50 -14.70
N ARG H 655 -85.64 54.06 -14.80
CA ARG H 655 -86.36 54.17 -16.06
C ARG H 655 -86.55 55.62 -16.47
N ASN H 656 -86.90 56.48 -15.50
CA ASN H 656 -87.04 57.91 -15.79
C ASN H 656 -85.70 58.52 -16.19
N PHE H 657 -84.61 58.10 -15.51
CA PHE H 657 -83.30 58.60 -15.89
C PHE H 657 -82.93 58.18 -17.32
N CYS H 658 -83.22 56.93 -17.68
CA CYS H 658 -82.94 56.48 -19.04
C CYS H 658 -83.79 57.24 -20.06
N ALA H 659 -85.05 57.52 -19.72
CA ALA H 659 -85.90 58.29 -20.61
C ALA H 659 -85.39 59.71 -20.79
N LEU H 660 -84.93 60.34 -19.72
CA LEU H 660 -84.45 61.72 -19.77
C LEU H 660 -83.00 61.83 -20.22
N LEU H 661 -82.30 60.71 -20.41
CA LEU H 661 -80.92 60.76 -20.86
C LEU H 661 -80.80 61.44 -22.22
N ARG H 662 -81.69 61.13 -23.15
CA ARG H 662 -81.63 61.74 -24.47
C ARG H 662 -81.85 63.25 -24.39
N LEU H 663 -82.82 63.69 -23.58
CA LEU H 663 -83.07 65.11 -23.41
C LEU H 663 -81.87 65.80 -22.78
N LEU H 664 -81.26 65.16 -21.77
CA LEU H 664 -80.08 65.74 -21.14
C LEU H 664 -78.92 65.87 -22.12
N THR H 665 -78.69 64.83 -22.93
CA THR H 665 -77.59 64.87 -23.89
C THR H 665 -77.85 65.87 -25.01
N GLN H 666 -79.12 66.11 -25.34
CA GLN H 666 -79.44 67.10 -26.37
C GLN H 666 -79.48 68.52 -25.81
N CYS H 667 -79.59 68.68 -24.49
CA CYS H 667 -79.70 70.01 -23.89
C CYS H 667 -78.46 70.46 -23.14
N ILE H 668 -77.46 69.58 -22.96
CA ILE H 668 -76.26 69.99 -22.24
C ILE H 668 -75.52 71.09 -22.99
N ARG H 669 -75.43 70.97 -24.32
CA ARG H 669 -74.75 71.99 -25.11
C ARG H 669 -75.46 73.34 -25.00
N GLY H 670 -76.80 73.34 -25.09
CA GLY H 670 -77.54 74.58 -24.95
C GLY H 670 -77.41 75.19 -23.58
N TYR H 671 -77.45 74.35 -22.53
CA TYR H 671 -77.28 74.86 -21.18
C TYR H 671 -75.89 75.46 -20.98
N TRP H 672 -74.86 74.80 -21.51
CA TRP H 672 -73.51 75.35 -21.41
C TRP H 672 -73.39 76.67 -22.16
N GLU H 673 -73.99 76.75 -23.35
CA GLU H 673 -73.94 77.99 -24.13
C GLU H 673 -74.64 79.12 -23.39
N GLN H 674 -75.81 78.86 -22.80
CA GLN H 674 -76.52 79.91 -22.08
C GLN H 674 -75.81 80.25 -20.77
N SER H 675 -75.08 79.30 -20.18
CA SER H 675 -74.28 79.56 -19.00
C SER H 675 -73.23 78.46 -18.91
N HIS H 676 -71.96 78.82 -19.13
CA HIS H 676 -70.85 77.87 -19.08
C HIS H 676 -70.82 77.06 -17.80
N ARG H 677 -71.47 77.50 -16.73
CA ARG H 677 -71.55 76.71 -15.51
C ARG H 677 -72.24 75.39 -15.78
N VAL H 678 -71.76 74.34 -15.12
CA VAL H 678 -72.24 72.98 -15.32
C VAL H 678 -72.97 72.52 -14.06
N ALA H 679 -74.20 72.06 -14.21
CA ALA H 679 -74.99 71.57 -13.09
C ALA H 679 -74.78 70.06 -12.95
N PHE H 680 -75.60 69.42 -12.12
CA PHE H 680 -75.52 67.98 -11.86
C PHE H 680 -74.12 67.58 -11.38
N VAL H 681 -73.51 68.43 -10.56
CA VAL H 681 -72.18 68.12 -10.03
C VAL H 681 -72.28 67.16 -8.85
N ASN H 682 -73.28 67.33 -7.99
CA ASN H 682 -73.43 66.48 -6.81
C ASN H 682 -73.89 65.07 -7.16
N ASN H 683 -74.33 64.83 -8.39
CA ASN H 683 -74.80 63.50 -8.80
C ASN H 683 -73.64 62.64 -9.31
N PHE H 684 -72.60 62.50 -8.49
CA PHE H 684 -71.45 61.70 -8.87
C PHE H 684 -71.81 60.22 -9.00
N HIS H 685 -72.77 59.75 -8.21
CA HIS H 685 -73.15 58.34 -8.25
C HIS H 685 -73.68 57.95 -9.62
N MET H 686 -74.50 58.82 -10.23
CA MET H 686 -74.98 58.55 -11.58
C MET H 686 -73.99 59.00 -12.64
N LEU H 687 -73.14 59.99 -12.32
CA LEU H 687 -72.16 60.46 -13.30
C LEU H 687 -71.10 59.40 -13.58
N MET H 688 -70.69 58.66 -12.55
CA MET H 688 -69.66 57.63 -12.75
C MET H 688 -70.17 56.50 -13.65
N TYR H 689 -71.48 56.30 -13.73
CA TYR H 689 -72.05 55.33 -14.64
C TYR H 689 -72.37 55.92 -16.01
N ILE H 690 -72.74 57.21 -16.05
CA ILE H 690 -73.00 57.86 -17.33
C ILE H 690 -71.71 58.00 -18.14
N THR H 691 -70.59 58.26 -17.46
CA THR H 691 -69.32 58.46 -18.15
C THR H 691 -68.89 57.23 -18.96
N THR H 692 -69.36 56.04 -18.59
CA THR H 692 -69.02 54.85 -19.35
C THR H 692 -69.60 54.91 -20.77
N TYR H 693 -70.84 55.39 -20.89
CA TYR H 693 -71.47 55.55 -22.19
C TYR H 693 -71.22 56.92 -22.81
N LEU H 694 -70.62 57.85 -22.05
CA LEU H 694 -70.37 59.19 -22.55
C LEU H 694 -69.28 59.23 -23.61
N GLY H 695 -68.52 58.15 -23.80
CA GLY H 695 -67.45 58.14 -24.77
C GLY H 695 -67.90 57.77 -26.17
N ASN H 696 -69.01 58.34 -26.61
CA ASN H 696 -69.51 58.07 -27.96
C ASN H 696 -68.78 58.91 -29.00
N GLY H 697 -68.76 60.22 -28.81
CA GLY H 697 -68.06 61.11 -29.74
C GLY H 697 -68.87 62.33 -30.10
N GLU H 698 -70.20 62.18 -30.19
CA GLU H 698 -71.04 63.32 -30.52
C GLU H 698 -71.12 64.31 -29.36
N LEU H 699 -71.10 63.81 -28.13
CA LEU H 699 -71.17 64.67 -26.97
C LEU H 699 -69.88 65.46 -26.80
N PRO H 700 -69.95 66.63 -26.16
CA PRO H 700 -68.73 67.42 -25.94
C PRO H 700 -67.70 66.65 -25.12
N GLU H 701 -66.43 66.87 -25.43
CA GLU H 701 -65.33 66.17 -24.80
C GLU H 701 -64.84 66.85 -23.53
N VAL H 702 -65.45 67.97 -23.12
CA VAL H 702 -65.03 68.63 -21.88
C VAL H 702 -65.33 67.74 -20.68
N CYS H 703 -66.51 67.12 -20.64
CA CYS H 703 -66.84 66.22 -19.55
C CYS H 703 -65.94 64.99 -19.54
N ILE H 704 -65.62 64.47 -20.73
CA ILE H 704 -64.70 63.32 -20.82
C ILE H 704 -63.32 63.71 -20.29
N ASN H 705 -62.84 64.90 -20.65
CA ASN H 705 -61.54 65.35 -20.15
C ASN H 705 -61.56 65.53 -18.64
N ILE H 706 -62.66 66.08 -18.11
CA ILE H 706 -62.76 66.26 -16.66
C ILE H 706 -62.76 64.90 -15.96
N TYR H 707 -63.49 63.94 -16.50
CA TYR H 707 -63.52 62.60 -15.91
C TYR H 707 -62.13 61.94 -15.98
N ARG H 708 -61.44 62.11 -17.10
CA ARG H 708 -60.09 61.55 -17.21
C ARG H 708 -59.13 62.18 -16.21
N ASP H 709 -59.22 63.50 -16.03
CA ASP H 709 -58.38 64.17 -15.06
C ASP H 709 -58.69 63.70 -13.63
N LEU H 710 -59.98 63.53 -13.31
CA LEU H 710 -60.36 63.03 -12.00
C LEU H 710 -59.83 61.61 -11.78
N LEU H 711 -59.93 60.76 -12.80
CA LEU H 711 -59.42 59.40 -12.69
C LEU H 711 -57.91 59.40 -12.50
N GLN H 712 -57.20 60.27 -13.23
CA GLN H 712 -55.75 60.35 -13.06
C GLN H 712 -55.38 60.83 -11.67
N HIS H 713 -56.11 61.81 -11.13
CA HIS H 713 -55.85 62.28 -9.77
C HIS H 713 -56.12 61.19 -8.75
N VAL H 714 -57.19 60.42 -8.95
CA VAL H 714 -57.51 59.32 -8.03
C VAL H 714 -56.42 58.26 -8.09
N ARG H 715 -55.93 57.93 -9.29
CA ARG H 715 -54.87 56.95 -9.43
C ARG H 715 -53.58 57.43 -8.77
N ALA H 716 -53.25 58.71 -8.94
CA ALA H 716 -52.06 59.26 -8.30
C ALA H 716 -52.19 59.23 -6.78
N LEU H 717 -53.36 59.58 -6.25
CA LEU H 717 -53.57 59.52 -4.81
C LEU H 717 -53.46 58.10 -4.29
N ARG H 718 -54.02 57.13 -5.02
CA ARG H 718 -53.89 55.73 -4.61
C ARG H 718 -52.45 55.27 -4.63
N GLN H 719 -51.70 55.67 -5.66
CA GLN H 719 -50.29 55.28 -5.74
C GLN H 719 -49.49 55.89 -4.60
N THR H 720 -49.73 57.16 -4.28
CA THR H 720 -49.00 57.78 -3.17
C THR H 720 -49.38 57.15 -1.84
N ILE H 721 -50.66 56.84 -1.63
CA ILE H 721 -51.09 56.24 -0.37
C ILE H 721 -50.65 54.79 -0.23
N THR H 722 -50.39 54.10 -1.34
CA THR H 722 -49.88 52.74 -1.27
C THR H 722 -48.35 52.69 -1.24
N ASP H 723 -47.68 53.76 -1.66
CA ASP H 723 -46.24 53.84 -1.50
C ASP H 723 -45.85 54.32 -0.10
N PHE H 724 -46.64 55.22 0.47
CA PHE H 724 -46.35 55.70 1.82
C PHE H 724 -46.59 54.61 2.85
N THR H 725 -47.62 53.79 2.65
CA THR H 725 -47.94 52.73 3.60
C THR H 725 -46.93 51.60 3.50
N ILE H 726 -46.87 50.80 4.57
CA ILE H 726 -45.98 49.64 4.64
C ILE H 726 -46.84 48.41 4.86
N GLN H 727 -46.69 47.42 3.99
CA GLN H 727 -47.47 46.19 4.08
C GLN H 727 -46.91 45.30 5.19
N GLY H 728 -47.78 44.83 6.07
CA GLY H 728 -47.38 43.96 7.15
C GLY H 728 -48.39 43.97 8.27
N GLU H 729 -48.16 43.07 9.23
CA GLU H 729 -49.00 42.91 10.40
C GLU H 729 -50.45 42.64 10.03
N GLY H 730 -51.37 42.83 10.98
CA GLY H 730 -52.78 42.61 10.72
C GLY H 730 -53.21 41.18 10.94
N HIS H 731 -54.26 40.99 11.75
CA HIS H 731 -54.80 39.66 12.03
C HIS H 731 -56.22 39.47 11.52
N ASN H 732 -57.01 40.54 11.43
CA ASN H 732 -58.37 40.44 10.92
C ASN H 732 -58.44 40.57 9.40
N GLY H 733 -57.56 41.36 8.81
CA GLY H 733 -57.57 41.55 7.37
C GLY H 733 -56.54 42.55 6.90
N GLU H 734 -56.87 43.33 5.87
CA GLU H 734 -55.97 44.36 5.35
C GLU H 734 -56.13 45.64 6.16
N THR H 735 -55.59 45.60 7.37
CA THR H 735 -55.66 46.73 8.30
C THR H 735 -54.50 47.69 8.16
N SER H 736 -53.54 47.42 7.28
CA SER H 736 -52.40 48.32 7.10
C SER H 736 -52.86 49.68 6.55
N GLU H 737 -53.79 49.67 5.60
CA GLU H 737 -54.30 50.92 5.05
C GLU H 737 -55.01 51.74 6.11
N ALA H 738 -55.83 51.08 6.95
CA ALA H 738 -56.53 51.79 8.01
C ALA H 738 -55.56 52.32 9.06
N LEU H 739 -54.48 51.57 9.32
CA LEU H 739 -53.51 52.01 10.32
C LEU H 739 -52.64 53.15 9.81
N ASN H 740 -52.41 53.21 8.49
CA ASN H 740 -51.53 54.24 7.93
C ASN H 740 -52.31 55.50 7.54
N ASN H 741 -53.30 55.37 6.66
CA ASN H 741 -54.03 56.53 6.18
C ASN H 741 -55.02 57.05 7.22
N ILE H 742 -55.63 56.15 7.99
CA ILE H 742 -56.65 56.45 9.00
C ILE H 742 -57.98 56.81 8.33
N LEU H 743 -57.93 57.71 7.35
CA LEU H 743 -59.15 58.13 6.66
C LEU H 743 -59.76 57.00 5.83
N THR H 744 -59.01 55.93 5.57
CA THR H 744 -59.53 54.82 4.78
C THR H 744 -60.59 54.00 5.51
N ASP H 745 -60.79 54.25 6.81
CA ASP H 745 -61.78 53.50 7.57
C ASP H 745 -63.18 53.77 7.03
N ASP H 746 -64.05 52.77 7.18
CA ASP H 746 -65.41 52.84 6.66
C ASP H 746 -66.40 53.47 7.64
N THR H 747 -65.93 53.90 8.81
CA THR H 747 -66.83 54.54 9.78
C THR H 747 -67.41 55.83 9.22
N PHE H 748 -66.60 56.63 8.53
CA PHE H 748 -67.06 57.86 7.93
C PHE H 748 -67.87 57.54 6.68
N ILE H 749 -69.16 57.87 6.71
CA ILE H 749 -70.06 57.59 5.59
C ILE H 749 -70.44 58.90 4.92
N ALA H 750 -71.08 58.79 3.76
CA ALA H 750 -71.52 59.97 3.02
C ALA H 750 -72.61 60.70 3.80
N PRO H 751 -72.68 62.03 3.65
CA PRO H 751 -73.74 62.78 4.34
C PRO H 751 -75.14 62.35 3.94
N ILE H 752 -75.34 61.92 2.70
CA ILE H 752 -76.63 61.45 2.21
C ILE H 752 -76.54 59.94 2.01
N LEU H 753 -77.43 59.21 2.68
CA LEU H 753 -77.41 57.75 2.61
C LEU H 753 -77.98 57.29 1.27
N TRP H 754 -77.26 56.39 0.60
CA TRP H 754 -77.69 55.83 -0.67
C TRP H 754 -77.82 54.31 -0.67
N ASP H 755 -77.05 53.62 0.16
CA ASP H 755 -77.11 52.16 0.21
C ASP H 755 -76.61 51.69 1.58
N CYS H 756 -76.93 50.44 1.90
CA CYS H 756 -76.54 49.84 3.16
C CYS H 756 -75.73 48.56 3.00
N ASP H 757 -75.50 48.11 1.76
CA ASP H 757 -74.72 46.88 1.55
C ASP H 757 -73.29 47.05 2.04
N ALA H 758 -72.68 48.21 1.77
CA ALA H 758 -71.33 48.47 2.26
C ALA H 758 -71.30 48.52 3.78
N LEU H 759 -72.34 49.11 4.39
CA LEU H 759 -72.43 49.16 5.84
C LEU H 759 -72.50 47.76 6.44
N ILE H 760 -73.32 46.88 5.84
CA ILE H 760 -73.42 45.51 6.33
C ILE H 760 -72.09 44.78 6.13
N TYR H 761 -71.44 45.00 4.98
CA TYR H 761 -70.16 44.37 4.70
C TYR H 761 -69.12 44.74 5.76
N ARG H 762 -69.00 46.05 6.05
CA ARG H 762 -68.01 46.46 7.04
C ARG H 762 -68.43 46.03 8.44
N ASP H 763 -69.73 45.93 8.71
CA ASP H 763 -70.20 45.47 10.02
C ASP H 763 -69.77 44.02 10.26
N GLU H 764 -69.93 43.15 9.26
CA GLU H 764 -69.51 41.78 9.46
C GLU H 764 -68.03 41.56 9.18
N ALA H 765 -67.33 42.55 8.63
CA ALA H 765 -65.88 42.42 8.41
C ALA H 765 -65.09 42.87 9.62
N ALA H 766 -65.44 44.01 10.23
CA ALA H 766 -64.72 44.49 11.40
C ALA H 766 -64.86 43.52 12.57
N ARG H 767 -66.09 43.33 13.04
CA ARG H 767 -66.42 42.40 14.13
C ARG H 767 -65.68 42.73 15.42
N ASP H 768 -65.15 43.94 15.55
CA ASP H 768 -64.45 44.35 16.76
C ASP H 768 -64.81 45.74 17.24
N ARG H 769 -65.64 46.48 16.51
CA ARG H 769 -66.04 47.83 16.89
C ARG H 769 -67.46 47.89 17.46
N LEU H 770 -68.07 46.73 17.73
CA LEU H 770 -69.43 46.63 18.24
C LEU H 770 -70.39 47.42 17.36
N PRO H 771 -70.68 46.95 16.14
CA PRO H 771 -71.55 47.72 15.25
C PRO H 771 -72.99 47.70 15.73
N ALA H 772 -73.56 48.90 15.88
CA ALA H 772 -74.93 49.04 16.31
C ALA H 772 -75.47 50.38 15.82
N ILE H 773 -76.78 50.42 15.58
CA ILE H 773 -77.47 51.62 15.12
C ILE H 773 -78.57 51.95 16.12
N ARG H 774 -78.56 53.18 16.62
CA ARG H 774 -79.54 53.65 17.60
C ARG H 774 -80.42 54.69 16.92
N VAL H 775 -81.49 54.23 16.30
CA VAL H 775 -82.45 55.10 15.62
C VAL H 775 -83.84 54.78 16.15
N SER H 776 -84.57 55.83 16.55
CA SER H 776 -85.93 55.70 17.07
C SER H 776 -85.98 54.76 18.27
N GLY H 777 -84.96 54.80 19.11
CA GLY H 777 -84.90 53.95 20.30
C GLY H 777 -84.47 52.52 20.08
N ARG H 778 -85.11 51.80 19.17
CA ARG H 778 -84.77 50.42 18.91
C ARG H 778 -83.43 50.31 18.18
N ASN H 779 -82.80 49.16 18.34
CA ASN H 779 -81.49 48.90 17.72
C ASN H 779 -81.67 48.21 16.38
N GLY H 780 -80.86 48.60 15.41
CA GLY H 780 -80.90 48.01 14.09
C GLY H 780 -82.03 48.57 13.24
N TYR H 781 -82.18 47.96 12.06
CA TYR H 781 -83.22 48.34 11.12
C TYR H 781 -83.73 47.11 10.40
N GLN H 782 -85.03 47.13 10.08
CA GLN H 782 -85.66 46.00 9.41
C GLN H 782 -85.46 46.10 7.90
N ALA H 783 -85.33 44.94 7.26
CA ALA H 783 -85.17 44.90 5.81
C ALA H 783 -86.50 45.19 5.12
N LEU H 784 -86.41 45.46 3.82
CA LEU H 784 -87.59 45.79 3.03
C LEU H 784 -87.38 45.33 1.60
N HIS H 785 -88.46 45.34 0.82
CA HIS H 785 -88.46 44.92 -0.56
C HIS H 785 -89.31 45.91 -1.35
N PHE H 786 -89.68 45.52 -2.57
CA PHE H 786 -90.49 46.38 -3.43
C PHE H 786 -91.83 46.68 -2.76
N VAL H 787 -92.19 47.97 -2.77
CA VAL H 787 -93.42 48.44 -2.14
C VAL H 787 -94.22 49.22 -3.18
N ASP H 788 -95.51 48.90 -3.29
CA ASP H 788 -96.37 49.59 -4.25
C ASP H 788 -96.55 51.05 -3.85
N MET H 789 -96.78 51.89 -4.87
CA MET H 789 -96.92 53.33 -4.62
C MET H 789 -98.12 53.64 -3.75
N ALA H 790 -99.24 52.93 -3.97
CA ALA H 790 -100.44 53.17 -3.19
C ALA H 790 -100.26 52.81 -1.73
N GLY H 791 -99.38 51.85 -1.43
CA GLY H 791 -99.14 51.45 -0.06
C GLY H 791 -98.00 52.22 0.60
N HIS H 792 -98.13 53.54 0.66
CA HIS H 792 -97.12 54.40 1.27
C HIS H 792 -97.62 54.91 2.62
N ASN H 793 -96.66 55.31 3.45
CA ASN H 793 -96.96 55.82 4.79
C ASN H 793 -95.93 56.85 5.17
N PHE H 794 -96.36 57.84 5.96
CA PHE H 794 -95.49 58.91 6.43
C PHE H 794 -95.19 58.85 7.91
N GLN H 795 -96.12 58.35 8.73
CA GLN H 795 -95.92 58.26 10.18
C GLN H 795 -95.31 56.91 10.54
N ARG H 796 -94.09 56.69 10.06
CA ARG H 796 -93.35 55.46 10.31
C ARG H 796 -91.95 55.80 10.81
N ARG H 797 -91.40 54.93 11.65
CA ARG H 797 -90.09 55.13 12.22
C ARG H 797 -89.36 53.80 12.28
N ASP H 798 -88.03 53.88 12.38
CA ASP H 798 -87.16 52.70 12.45
C ASP H 798 -87.36 51.79 11.22
N ASN H 799 -87.53 52.41 10.05
CA ASN H 799 -87.73 51.67 8.82
C ASN H 799 -87.08 52.45 7.67
N VAL H 800 -86.39 51.71 6.79
CA VAL H 800 -85.74 52.31 5.64
C VAL H 800 -86.18 51.55 4.39
N LEU H 801 -86.07 52.23 3.25
CA LEU H 801 -86.48 51.67 1.96
C LEU H 801 -85.33 51.77 0.97
N ILE H 802 -85.12 50.69 0.22
CA ILE H 802 -84.07 50.66 -0.80
C ILE H 802 -84.68 50.18 -2.11
N HIS H 803 -85.94 49.71 -2.04
CA HIS H 803 -86.66 49.22 -3.21
C HIS H 803 -85.91 48.09 -3.92
N GLY H 804 -85.28 47.22 -3.12
CA GLY H 804 -84.53 46.12 -3.69
C GLY H 804 -83.38 46.60 -4.55
N ARG H 805 -83.30 46.06 -5.77
CA ARG H 805 -82.29 46.44 -6.73
C ARG H 805 -82.96 47.01 -7.98
N PRO H 806 -82.72 48.26 -8.33
CA PRO H 806 -83.35 48.82 -9.55
C PRO H 806 -82.97 48.09 -10.81
N VAL H 807 -81.75 47.57 -10.90
CA VAL H 807 -81.30 46.85 -12.08
C VAL H 807 -81.79 45.40 -12.04
N ILE H 815 -83.90 39.39 5.19
CA ILE H 815 -83.16 39.13 3.97
C ILE H 815 -82.11 40.23 3.75
N PRO H 816 -80.86 39.83 3.54
CA PRO H 816 -79.80 40.80 3.31
C PRO H 816 -79.99 41.55 2.00
N ILE H 817 -79.52 42.80 1.98
CA ILE H 817 -79.60 43.61 0.77
C ILE H 817 -78.62 43.09 -0.26
N THR H 818 -79.05 43.06 -1.53
CA THR H 818 -78.18 42.58 -2.59
C THR H 818 -76.98 43.51 -2.76
N PRO H 819 -75.79 42.96 -2.96
CA PRO H 819 -74.60 43.81 -3.11
C PRO H 819 -74.66 44.66 -4.37
N HIS H 820 -74.07 45.85 -4.29
CA HIS H 820 -74.00 46.77 -5.42
C HIS H 820 -72.63 46.72 -6.10
N HIS H 821 -71.57 46.96 -5.33
CA HIS H 821 -70.21 46.93 -5.87
C HIS H 821 -69.25 46.61 -4.72
N ASP H 822 -67.95 46.79 -4.98
CA ASP H 822 -66.93 46.53 -3.98
C ASP H 822 -66.80 47.73 -3.04
N ARG H 823 -65.92 47.61 -2.05
CA ARG H 823 -65.70 48.70 -1.11
C ARG H 823 -64.97 49.87 -1.74
N GLU H 824 -64.33 49.66 -2.89
CA GLU H 824 -63.63 50.76 -3.56
C GLU H 824 -64.59 51.86 -3.98
N TRP H 825 -65.78 51.48 -4.46
CA TRP H 825 -66.77 52.48 -4.84
C TRP H 825 -67.20 53.30 -3.64
N GLY H 826 -67.42 52.66 -2.49
CA GLY H 826 -67.78 53.39 -1.28
C GLY H 826 -66.67 54.30 -0.81
N ILE H 827 -65.42 53.83 -0.88
CA ILE H 827 -64.29 54.67 -0.49
C ILE H 827 -64.20 55.90 -1.39
N LEU H 828 -64.35 55.70 -2.71
CA LEU H 828 -64.30 56.83 -3.63
C LEU H 828 -65.45 57.81 -3.37
N SER H 829 -66.65 57.28 -3.12
CA SER H 829 -67.80 58.15 -2.88
C SER H 829 -67.61 58.96 -1.60
N LYS H 830 -67.10 58.34 -0.54
CA LYS H 830 -66.90 59.08 0.71
C LYS H 830 -65.75 60.07 0.59
N ILE H 831 -64.72 59.74 -0.20
CA ILE H 831 -63.64 60.70 -0.44
C ILE H 831 -64.17 61.91 -1.20
N TYR H 832 -65.00 61.68 -2.22
CA TYR H 832 -65.59 62.78 -2.96
C TYR H 832 -66.50 63.62 -2.09
N TYR H 833 -67.27 62.98 -1.22
CA TYR H 833 -68.23 63.70 -0.39
C TYR H 833 -67.61 64.33 0.85
N TYR H 834 -66.37 64.01 1.18
CA TYR H 834 -65.74 64.51 2.39
C TYR H 834 -64.48 65.33 2.17
N ILE H 835 -63.98 65.44 0.93
CA ILE H 835 -62.77 66.22 0.70
C ILE H 835 -63.00 67.32 -0.32
N VAL H 836 -63.29 66.93 -1.57
CA VAL H 836 -63.35 67.91 -2.64
C VAL H 836 -64.59 68.80 -2.51
N ILE H 837 -65.74 68.20 -2.17
CA ILE H 837 -66.96 69.00 -2.01
C ILE H 837 -66.83 70.02 -0.90
N PRO H 838 -66.39 69.67 0.32
CA PRO H 838 -66.19 70.72 1.33
C PRO H 838 -65.07 71.69 0.97
N ALA H 839 -63.99 71.21 0.36
CA ALA H 839 -62.92 72.11 -0.02
C ALA H 839 -63.37 73.14 -1.04
N PHE H 840 -64.35 72.78 -1.88
CA PHE H 840 -64.85 73.69 -2.90
C PHE H 840 -65.95 74.60 -2.39
N SER H 841 -66.90 74.07 -1.60
CA SER H 841 -68.06 74.83 -1.17
C SER H 841 -68.16 74.88 0.35
N ARG H 842 -67.03 75.13 1.03
CA ARG H 842 -67.05 75.24 2.48
C ARG H 842 -67.78 76.49 2.97
N GLY H 843 -67.97 77.48 2.10
CA GLY H 843 -68.62 78.72 2.49
C GLY H 843 -70.11 78.76 2.20
N SER H 844 -70.63 77.73 1.53
CA SER H 844 -72.03 77.71 1.16
C SER H 844 -72.71 76.35 1.35
N CYS H 845 -72.02 75.36 1.92
CA CYS H 845 -72.63 74.05 2.13
C CYS H 845 -73.59 74.09 3.31
N CYS H 846 -74.81 73.62 3.09
CA CYS H 846 -75.82 73.57 4.14
C CYS H 846 -76.83 72.50 3.80
N THR H 847 -77.26 71.76 4.83
CA THR H 847 -78.21 70.67 4.68
C THR H 847 -79.55 71.08 5.27
N MET H 848 -80.62 70.88 4.50
CA MET H 848 -81.96 71.22 4.94
C MET H 848 -82.94 70.14 4.45
N GLY H 849 -84.09 70.07 5.12
CA GLY H 849 -85.09 69.11 4.76
C GLY H 849 -85.87 69.51 3.51
N VAL H 850 -86.66 68.56 3.01
CA VAL H 850 -87.46 68.74 1.81
C VAL H 850 -88.89 68.31 2.12
N ARG H 851 -89.86 69.14 1.72
CA ARG H 851 -91.27 68.84 1.92
C ARG H 851 -91.77 68.05 0.72
N TYR H 852 -91.66 66.72 0.80
CA TYR H 852 -92.09 65.87 -0.30
C TYR H 852 -93.59 65.96 -0.51
N ASP H 853 -94.37 65.97 0.58
CA ASP H 853 -95.82 66.03 0.47
C ASP H 853 -96.31 67.33 -0.14
N ARG H 854 -95.50 68.40 -0.09
CA ARG H 854 -95.88 69.68 -0.67
C ARG H 854 -95.26 69.91 -2.04
N LEU H 855 -94.15 69.22 -2.36
CA LEU H 855 -93.49 69.41 -3.65
C LEU H 855 -93.96 68.41 -4.70
N TYR H 856 -94.33 67.20 -4.29
CA TYR H 856 -94.77 66.18 -5.27
C TYR H 856 -95.99 66.60 -6.06
N PRO H 857 -97.09 67.09 -5.45
CA PRO H 857 -98.24 67.52 -6.26
C PRO H 857 -97.95 68.73 -7.14
N ALA H 858 -96.92 69.52 -6.82
CA ALA H 858 -96.61 70.69 -7.62
C ALA H 858 -95.98 70.31 -8.96
N LEU H 859 -95.05 69.36 -8.95
CA LEU H 859 -94.36 68.94 -10.17
C LEU H 859 -95.15 67.91 -10.97
N GLN H 860 -96.27 67.41 -10.45
CA GLN H 860 -97.08 66.41 -11.13
C GLN H 860 -98.25 67.03 -11.89
N ALA H 861 -98.11 68.28 -12.32
CA ALA H 861 -99.15 68.96 -13.09
C ALA H 861 -99.08 68.48 -14.52
N VAL H 862 -99.91 67.50 -14.86
CA VAL H 862 -99.92 66.93 -16.21
C VAL H 862 -100.79 67.79 -17.11
N ILE H 863 -100.21 68.27 -18.22
CA ILE H 863 -100.92 69.07 -19.20
C ILE H 863 -100.83 68.37 -20.55
N VAL H 864 -101.98 68.12 -21.17
CA VAL H 864 -102.05 67.44 -22.45
C VAL H 864 -102.04 68.50 -23.56
N PRO H 865 -101.04 68.50 -24.45
CA PRO H 865 -101.04 69.49 -25.53
C PRO H 865 -101.82 69.02 -26.76
N GLU H 866 -101.83 69.85 -27.80
CA GLU H 866 -102.50 69.50 -29.05
C GLU H 866 -101.42 69.04 -30.03
N ILE H 867 -101.14 67.75 -30.01
CA ILE H 867 -100.09 67.19 -30.88
C ILE H 867 -100.60 67.18 -32.32
N PRO H 868 -99.84 67.73 -33.27
CA PRO H 868 -100.26 67.70 -34.67
C PRO H 868 -100.22 66.29 -35.22
N ALA H 869 -101.08 66.04 -36.21
CA ALA H 869 -101.19 64.74 -36.86
C ALA H 869 -100.17 64.67 -37.99
N ASP H 870 -98.97 64.17 -37.67
CA ASP H 870 -97.88 64.00 -38.63
C ASP H 870 -97.53 65.33 -39.31
N GLU H 871 -97.10 66.28 -38.49
CA GLU H 871 -96.71 67.60 -38.96
C GLU H 871 -95.43 68.01 -38.25
N GLU H 872 -95.03 69.27 -38.43
CA GLU H 872 -93.81 69.76 -37.81
C GLU H 872 -93.97 69.84 -36.30
N ALA H 873 -92.90 69.48 -35.59
CA ALA H 873 -92.91 69.54 -34.14
C ALA H 873 -92.85 70.98 -33.66
N PRO H 874 -93.48 71.29 -32.51
CA PRO H 874 -93.42 72.67 -31.97
C PRO H 874 -92.09 72.98 -31.28
N THR H 875 -91.10 73.32 -32.10
CA THR H 875 -89.77 73.65 -31.60
C THR H 875 -89.61 75.12 -31.23
N THR H 876 -90.65 75.93 -31.38
CA THR H 876 -90.58 77.34 -31.07
C THR H 876 -91.62 77.72 -30.02
N PRO H 877 -91.30 78.65 -29.12
CA PRO H 877 -92.29 79.05 -28.11
C PRO H 877 -93.54 79.70 -28.68
N GLU H 878 -93.48 80.22 -29.90
CA GLU H 878 -94.64 80.87 -30.51
C GLU H 878 -95.56 79.87 -31.20
N ASP H 879 -95.20 78.59 -31.23
CA ASP H 879 -96.06 77.59 -31.86
C ASP H 879 -97.33 77.41 -31.04
N PRO H 880 -98.52 77.46 -31.66
CA PRO H 880 -99.75 77.27 -30.89
C PRO H 880 -99.88 75.90 -30.25
N ARG H 881 -99.19 74.89 -30.78
CA ARG H 881 -99.26 73.55 -30.21
C ARG H 881 -98.39 73.38 -28.98
N HIS H 882 -97.49 74.33 -28.70
CA HIS H 882 -96.64 74.23 -27.53
C HIS H 882 -97.46 74.43 -26.26
N PRO H 883 -97.22 73.64 -25.21
CA PRO H 883 -97.97 73.82 -23.96
C PRO H 883 -97.73 75.18 -23.30
N LEU H 884 -96.62 75.84 -23.60
CA LEU H 884 -96.30 77.13 -23.02
C LEU H 884 -96.87 78.30 -23.83
N HIS H 885 -97.91 78.06 -24.62
CA HIS H 885 -98.50 79.12 -25.43
C HIS H 885 -99.23 80.12 -24.54
N ALA H 886 -99.45 81.32 -25.09
CA ALA H 886 -100.10 82.39 -24.33
C ALA H 886 -101.55 82.02 -24.00
N HIS H 887 -102.24 81.35 -24.92
CA HIS H 887 -103.63 80.99 -24.69
C HIS H 887 -103.77 80.05 -23.50
N GLN H 888 -102.88 79.07 -23.38
CA GLN H 888 -102.88 78.11 -22.29
C GLN H 888 -101.77 78.41 -21.28
N LEU H 889 -101.50 79.69 -21.05
CA LEU H 889 -100.42 80.12 -20.15
C LEU H 889 -100.96 80.20 -18.73
N VAL H 890 -101.02 79.04 -18.08
CA VAL H 890 -101.39 78.97 -16.66
C VAL H 890 -100.17 79.35 -15.83
N PRO H 891 -100.28 80.34 -14.93
CA PRO H 891 -99.11 80.78 -14.17
C PRO H 891 -98.49 79.68 -13.32
N ASN H 892 -99.28 79.13 -12.38
CA ASN H 892 -98.83 78.08 -11.46
C ASN H 892 -97.46 78.42 -10.87
N SER H 893 -96.63 77.41 -10.66
CA SER H 893 -95.25 77.60 -10.28
C SER H 893 -94.26 76.96 -11.23
N LEU H 894 -94.52 75.72 -11.66
CA LEU H 894 -93.63 75.05 -12.60
C LEU H 894 -93.65 75.73 -13.97
N ASN H 895 -94.84 76.10 -14.45
CA ASN H 895 -94.94 76.74 -15.75
C ASN H 895 -94.24 78.09 -15.77
N VAL H 896 -94.46 78.90 -14.73
CA VAL H 896 -93.81 80.21 -14.68
C VAL H 896 -92.31 80.06 -14.48
N TYR H 897 -91.88 79.06 -13.72
CA TYR H 897 -90.44 78.81 -13.57
C TYR H 897 -89.81 78.43 -14.90
N PHE H 898 -90.48 77.56 -15.67
CA PHE H 898 -89.96 77.17 -16.98
C PHE H 898 -89.95 78.37 -17.94
N HIS H 899 -90.98 79.20 -17.89
CA HIS H 899 -91.00 80.39 -18.74
C HIS H 899 -89.87 81.34 -18.39
N ASN H 900 -89.60 81.54 -17.10
CA ASN H 900 -88.49 82.38 -16.69
C ASN H 900 -87.16 81.79 -17.11
N ALA H 901 -87.01 80.46 -17.01
CA ALA H 901 -85.77 79.82 -17.41
C ALA H 901 -85.57 79.83 -18.92
N HIS H 902 -86.64 80.07 -19.69
CA HIS H 902 -86.58 80.13 -21.16
C HIS H 902 -86.02 78.83 -21.74
N LEU H 903 -86.72 77.74 -21.47
CA LEU H 903 -86.35 76.42 -21.96
C LEU H 903 -87.42 75.93 -22.94
N THR H 904 -87.00 75.56 -24.14
CA THR H 904 -87.90 75.06 -25.17
C THR H 904 -87.61 73.59 -25.43
N VAL H 905 -88.66 72.78 -25.39
CA VAL H 905 -88.56 71.34 -25.60
C VAL H 905 -89.45 70.96 -26.77
N ASP H 906 -88.92 70.13 -27.68
CA ASP H 906 -89.65 69.70 -28.86
C ASP H 906 -90.58 68.53 -28.59
N GLY H 907 -90.58 67.97 -27.38
CA GLY H 907 -91.45 66.86 -27.05
C GLY H 907 -90.79 65.82 -26.16
N ASP H 908 -89.49 65.97 -25.93
CA ASP H 908 -88.78 65.01 -25.08
C ASP H 908 -89.30 65.06 -23.65
N ALA H 909 -89.57 66.27 -23.13
CA ALA H 909 -90.11 66.39 -21.77
C ALA H 909 -91.48 65.75 -21.68
N LEU H 910 -92.34 65.97 -22.68
CA LEU H 910 -93.66 65.34 -22.67
C LEU H 910 -93.54 63.81 -22.73
N LEU H 911 -92.64 63.30 -23.57
CA LEU H 911 -92.46 61.86 -23.67
C LEU H 911 -91.97 61.27 -22.35
N THR H 912 -91.01 61.93 -21.70
CA THR H 912 -90.51 61.43 -20.42
C THR H 912 -91.58 61.50 -19.34
N LEU H 913 -92.39 62.57 -19.34
CA LEU H 913 -93.48 62.67 -18.37
C LEU H 913 -94.50 61.56 -18.59
N GLN H 914 -94.83 61.27 -19.84
CA GLN H 914 -95.76 60.18 -20.13
C GLN H 914 -95.18 58.83 -19.71
N GLU H 915 -93.88 58.62 -19.96
CA GLU H 915 -93.25 57.36 -19.57
C GLU H 915 -93.22 57.20 -18.06
N LEU H 916 -92.95 58.27 -17.33
CA LEU H 916 -92.89 58.19 -15.87
C LEU H 916 -94.29 58.00 -15.30
N MET H 917 -94.50 56.90 -14.58
CA MET H 917 -95.79 56.57 -14.00
C MET H 917 -95.77 56.59 -12.48
N GLY H 918 -94.86 55.85 -11.86
CA GLY H 918 -94.80 55.78 -10.41
C GLY H 918 -93.50 56.29 -9.83
N ASP H 919 -93.56 57.39 -9.08
CA ASP H 919 -92.38 57.94 -8.43
C ASP H 919 -92.84 58.75 -7.22
N MET H 920 -92.59 58.23 -6.02
CA MET H 920 -93.00 58.91 -4.80
C MET H 920 -92.10 58.45 -3.66
N ALA H 921 -91.70 59.39 -2.81
CA ALA H 921 -90.88 59.07 -1.65
C ALA H 921 -91.76 58.61 -0.50
N GLU H 922 -91.15 57.81 0.39
CA GLU H 922 -91.89 57.27 1.54
C GLU H 922 -91.98 58.30 2.66
N ARG H 923 -90.83 58.69 3.20
CA ARG H 923 -90.78 59.65 4.30
C ARG H 923 -89.34 60.10 4.47
N THR H 924 -89.14 61.10 5.34
CA THR H 924 -87.82 61.62 5.67
C THR H 924 -87.55 61.28 7.13
N THR H 925 -86.60 60.38 7.37
CA THR H 925 -86.25 59.93 8.71
C THR H 925 -84.75 60.07 8.90
N ALA H 926 -84.36 60.62 10.05
CA ALA H 926 -82.96 60.79 10.40
C ALA H 926 -82.47 59.56 11.17
N ILE H 927 -81.34 59.01 10.75
CA ILE H 927 -80.76 57.82 11.35
C ILE H 927 -79.41 58.18 11.95
N LEU H 928 -79.22 57.82 13.22
CA LEU H 928 -77.99 58.10 13.94
C LEU H 928 -77.20 56.80 14.08
N VAL H 929 -75.93 56.83 13.68
CA VAL H 929 -75.06 55.67 13.75
C VAL H 929 -74.06 55.86 14.88
N SER H 930 -73.54 54.74 15.37
CA SER H 930 -72.58 54.76 16.46
C SER H 930 -71.59 53.61 16.26
N SER H 931 -70.34 53.85 16.65
CA SER H 931 -69.29 52.84 16.53
C SER H 931 -68.24 53.10 17.59
N ALA H 932 -67.71 52.01 18.15
CA ALA H 932 -66.67 52.13 19.16
C ALA H 932 -65.37 52.63 18.52
N PRO H 933 -64.54 53.35 19.29
CA PRO H 933 -63.26 53.83 18.73
C PRO H 933 -62.24 52.71 18.57
N ASP H 934 -61.03 53.07 18.16
CA ASP H 934 -59.98 52.08 17.95
C ASP H 934 -59.62 51.38 19.26
N ALA H 935 -59.45 50.06 19.20
CA ALA H 935 -59.13 49.25 20.36
C ALA H 935 -57.64 48.89 20.42
N GLY H 936 -56.77 49.80 19.99
CA GLY H 936 -55.34 49.52 20.04
C GLY H 936 -54.83 49.36 21.46
N ALA H 937 -55.29 50.22 22.37
CA ALA H 937 -54.92 50.17 23.79
C ALA H 937 -56.19 49.92 24.59
N ALA H 938 -56.49 48.65 24.83
CA ALA H 938 -57.69 48.29 25.57
C ALA H 938 -57.53 48.62 27.05
N THR H 939 -58.53 49.30 27.60
CA THR H 939 -58.53 49.68 29.00
C THR H 939 -59.96 49.96 29.44
N ALA H 940 -60.15 50.05 30.75
CA ALA H 940 -61.47 50.26 31.34
C ALA H 940 -61.79 51.73 31.55
N THR H 941 -60.92 52.63 31.11
CA THR H 941 -61.12 54.07 31.31
C THR H 941 -61.35 54.84 30.02
N THR H 942 -60.70 54.45 28.92
CA THR H 942 -60.83 55.18 27.66
C THR H 942 -61.54 54.38 26.58
N ARG H 943 -61.61 53.06 26.69
CA ARG H 943 -62.27 52.23 25.69
C ARG H 943 -63.74 51.97 26.00
N ASN H 944 -64.19 52.26 27.23
CA ASN H 944 -65.59 52.04 27.56
C ASN H 944 -66.49 53.01 26.80
N MET H 945 -66.07 54.26 26.64
CA MET H 945 -66.88 55.24 25.94
C MET H 945 -66.97 54.91 24.45
N ARG H 946 -68.13 55.19 23.86
CA ARG H 946 -68.38 54.94 22.45
C ARG H 946 -68.72 56.24 21.75
N ILE H 947 -68.10 56.49 20.60
CA ILE H 947 -68.34 57.71 19.86
C ILE H 947 -69.59 57.57 19.00
N TYR H 948 -70.12 58.71 18.55
CA TYR H 948 -71.31 58.74 17.73
C TYR H 948 -71.05 59.56 16.48
N ASP H 949 -71.73 59.21 15.40
CA ASP H 949 -71.60 59.90 14.12
C ASP H 949 -72.98 60.27 13.60
N GLY H 950 -73.06 61.43 12.94
CA GLY H 950 -74.31 61.90 12.39
C GLY H 950 -74.50 61.49 10.94
N ALA H 951 -75.76 61.43 10.52
CA ALA H 951 -76.10 61.06 9.16
C ALA H 951 -77.40 61.73 8.76
N LEU H 952 -77.62 61.85 7.45
CA LEU H 952 -78.81 62.46 6.90
C LEU H 952 -79.39 61.56 5.81
N TYR H 953 -80.71 61.43 5.79
CA TYR H 953 -81.40 60.61 4.81
C TYR H 953 -82.58 61.40 4.24
N HIS H 954 -82.80 61.26 2.93
CA HIS H 954 -83.89 61.91 2.22
C HIS H 954 -83.85 63.43 2.41
N GLY H 955 -82.75 64.02 1.93
CA GLY H 955 -82.56 65.46 2.03
C GLY H 955 -81.88 66.01 0.80
N LEU H 956 -81.91 67.34 0.69
CA LEU H 956 -81.32 68.05 -0.43
C LEU H 956 -80.45 69.19 0.09
N ILE H 957 -79.43 69.53 -0.69
CA ILE H 957 -78.49 70.58 -0.35
C ILE H 957 -78.59 71.68 -1.40
N MET H 958 -78.76 72.91 -0.95
CA MET H 958 -78.88 74.08 -1.82
C MET H 958 -77.66 74.98 -1.65
N MET H 959 -77.69 76.12 -2.35
CA MET H 959 -76.61 77.11 -2.31
C MET H 959 -77.23 78.47 -2.05
N ALA H 960 -77.31 78.83 -0.77
CA ALA H 960 -77.85 80.12 -0.33
C ALA H 960 -79.29 80.32 -0.80
N TYR H 961 -79.80 81.55 -0.68
CA TYR H 961 -81.16 81.86 -1.06
C TYR H 961 -81.17 83.19 -1.81
N GLN H 962 -82.22 83.38 -2.62
CA GLN H 962 -82.42 84.61 -3.40
C GLN H 962 -83.72 85.25 -2.92
N ALA H 963 -83.62 86.08 -1.89
CA ALA H 963 -84.76 86.77 -1.31
C ALA H 963 -84.93 88.18 -1.84
N TYR H 964 -84.12 88.59 -2.81
CA TYR H 964 -84.16 89.93 -3.36
C TYR H 964 -85.07 90.03 -4.59
N ASP H 965 -85.78 88.98 -4.93
CA ASP H 965 -86.68 88.98 -6.08
C ASP H 965 -88.00 88.35 -5.67
N GLU H 966 -89.09 89.10 -5.85
CA GLU H 966 -90.41 88.60 -5.49
C GLU H 966 -91.05 87.74 -6.58
N THR H 967 -90.44 87.67 -7.77
CA THR H 967 -90.99 86.85 -8.84
C THR H 967 -90.97 85.38 -8.47
N ILE H 968 -89.88 84.92 -7.86
CA ILE H 968 -89.72 83.53 -7.46
C ILE H 968 -89.60 83.48 -5.94
N ALA H 969 -90.41 82.63 -5.31
CA ALA H 969 -90.42 82.47 -3.86
C ALA H 969 -89.58 81.25 -3.50
N THR H 970 -88.45 81.47 -2.87
CA THR H 970 -87.54 80.40 -2.47
C THR H 970 -87.66 80.13 -0.97
N GLY H 971 -87.45 78.88 -0.59
CA GLY H 971 -87.51 78.48 0.79
C GLY H 971 -88.90 78.19 1.32
N THR H 972 -89.93 78.23 0.47
CA THR H 972 -91.28 77.94 0.93
C THR H 972 -91.43 76.48 1.35
N PHE H 973 -90.83 75.56 0.59
CA PHE H 973 -90.93 74.14 0.86
C PHE H 973 -89.72 73.59 1.60
N PHE H 974 -88.79 74.44 2.02
CA PHE H 974 -87.59 74.01 2.71
C PHE H 974 -87.46 74.76 4.02
N TYR H 975 -86.88 74.08 5.02
CA TYR H 975 -86.67 74.65 6.34
C TYR H 975 -85.25 74.33 6.79
N PRO H 976 -84.51 75.31 7.31
CA PRO H 976 -83.16 75.04 7.78
C PRO H 976 -83.15 74.14 9.00
N VAL H 977 -82.07 73.36 9.12
CA VAL H 977 -81.89 72.44 10.25
C VAL H 977 -80.42 72.13 10.42
N PRO H 978 -79.86 72.26 11.62
CA PRO H 978 -78.44 71.92 11.82
C PRO H 978 -78.25 70.41 11.83
N VAL H 979 -77.29 69.94 11.03
CA VAL H 979 -77.01 68.51 10.91
C VAL H 979 -75.55 68.24 11.24
N ASN H 980 -74.64 68.91 10.54
CA ASN H 980 -73.22 68.71 10.72
C ASN H 980 -72.52 70.06 10.87
N PRO H 981 -71.44 70.12 11.66
CA PRO H 981 -70.68 71.38 11.75
C PRO H 981 -70.08 71.81 10.43
N LEU H 982 -69.70 70.86 9.57
CA LEU H 982 -69.13 71.22 8.27
C LEU H 982 -70.15 71.94 7.40
N PHE H 983 -71.40 71.47 7.41
CA PHE H 983 -72.46 72.08 6.61
C PHE H 983 -73.07 73.26 7.38
N ALA H 984 -72.28 74.32 7.48
CA ALA H 984 -72.70 75.54 8.16
C ALA H 984 -72.59 76.72 7.21
N CYS H 985 -73.60 77.60 7.25
CA CYS H 985 -73.63 78.77 6.37
C CYS H 985 -74.49 79.86 6.99
N PRO H 986 -74.00 81.11 7.05
CA PRO H 986 -74.75 82.21 7.66
C PRO H 986 -75.70 82.91 6.68
N GLU H 987 -76.47 82.12 5.94
CA GLU H 987 -77.45 82.67 5.01
C GLU H 987 -78.81 82.00 5.07
N HIS H 988 -78.91 80.79 5.63
CA HIS H 988 -80.19 80.07 5.73
C HIS H 988 -80.90 80.32 7.05
N LEU H 989 -80.35 81.14 7.93
CA LEU H 989 -80.94 81.42 9.23
C LEU H 989 -81.75 82.71 9.24
N ALA H 990 -81.96 83.32 8.08
CA ALA H 990 -82.72 84.57 8.00
C ALA H 990 -84.23 84.35 8.03
N SER H 991 -84.69 83.10 7.97
CA SER H 991 -86.13 82.82 8.00
C SER H 991 -86.69 82.82 9.42
N LEU H 992 -85.84 82.89 10.45
CA LEU H 992 -86.34 82.89 11.82
C LEU H 992 -87.02 84.21 12.16
N ARG H 993 -86.59 85.31 11.53
CA ARG H 993 -87.15 86.65 11.73
C ARG H 993 -86.85 87.18 13.14
N GLY H 994 -86.73 88.50 13.25
CA GLY H 994 -86.42 89.13 14.54
C GLY H 994 -84.91 89.15 14.79
N MET H 995 -84.46 88.34 15.75
CA MET H 995 -83.03 88.23 16.08
C MET H 995 -82.41 87.18 15.17
N THR H 996 -81.70 87.64 14.14
CA THR H 996 -81.08 86.75 13.17
C THR H 996 -79.57 86.89 13.12
N ASN H 997 -79.04 88.12 13.13
CA ASN H 997 -77.60 88.32 13.04
C ASN H 997 -76.89 87.74 14.26
N ALA H 998 -77.46 87.93 15.46
CA ALA H 998 -76.85 87.39 16.67
C ALA H 998 -76.80 85.86 16.62
N ARG H 999 -77.91 85.24 16.22
CA ARG H 999 -77.93 83.78 16.11
C ARG H 999 -76.93 83.30 15.06
N ARG H 1000 -76.84 84.01 13.93
CA ARG H 1000 -75.91 83.61 12.88
C ARG H 1000 -74.47 83.68 13.35
N VAL H 1001 -74.10 84.78 14.02
CA VAL H 1001 -72.72 84.91 14.48
C VAL H 1001 -72.43 83.91 15.60
N LEU H 1002 -73.40 83.64 16.46
CA LEU H 1002 -73.21 82.63 17.49
C LEU H 1002 -72.99 81.25 16.89
N ALA H 1003 -73.77 80.90 15.86
CA ALA H 1003 -73.58 79.62 15.19
C ALA H 1003 -72.24 79.56 14.48
N LYS H 1004 -71.81 80.66 13.86
CA LYS H 1004 -70.51 80.69 13.19
C LYS H 1004 -69.38 80.51 14.18
N MET H 1005 -69.48 81.15 15.35
CA MET H 1005 -68.45 81.00 16.37
C MET H 1005 -68.43 79.57 16.92
N VAL H 1006 -69.59 79.07 17.32
CA VAL H 1006 -69.73 77.70 17.81
C VAL H 1006 -70.99 77.09 17.22
N PRO H 1007 -70.89 76.11 16.32
CA PRO H 1007 -72.09 75.49 15.76
C PRO H 1007 -72.65 74.45 16.71
N PRO H 1008 -73.81 74.72 17.32
CA PRO H 1008 -74.38 73.78 18.29
C PRO H 1008 -75.17 72.68 17.60
N ILE H 1009 -74.62 71.46 17.60
CA ILE H 1009 -75.31 70.29 17.10
C ILE H 1009 -75.19 69.17 18.14
N PRO H 1010 -75.95 69.21 19.22
CA PRO H 1010 -75.84 68.15 20.25
C PRO H 1010 -76.21 66.78 19.72
N PRO H 1011 -77.41 66.57 19.15
CA PRO H 1011 -77.86 65.19 18.92
C PRO H 1011 -77.02 64.42 17.90
N PHE H 1012 -76.26 65.10 17.06
CA PHE H 1012 -75.47 64.42 16.02
C PHE H 1012 -74.00 64.26 16.37
N LEU H 1013 -73.45 65.17 17.19
CA LEU H 1013 -72.03 65.11 17.55
C LEU H 1013 -71.84 65.31 19.04
N GLY H 1014 -72.72 64.71 19.85
CA GLY H 1014 -72.53 64.77 21.28
C GLY H 1014 -71.28 64.06 21.75
N ALA H 1015 -70.98 62.90 21.16
CA ALA H 1015 -69.79 62.14 21.50
C ALA H 1015 -68.62 62.39 20.56
N ASN H 1016 -68.89 62.73 19.29
CA ASN H 1016 -67.81 63.01 18.36
C ASN H 1016 -66.99 64.22 18.78
N HIS H 1017 -67.67 65.27 19.26
CA HIS H 1017 -66.95 66.46 19.73
C HIS H 1017 -66.06 66.14 20.92
N HIS H 1018 -66.55 65.32 21.85
CA HIS H 1018 -65.72 64.91 22.99
C HIS H 1018 -64.54 64.07 22.54
N ALA H 1019 -64.76 63.14 21.62
CA ALA H 1019 -63.78 62.10 21.33
C ALA H 1019 -62.46 62.66 20.79
N THR H 1020 -62.48 63.23 19.59
CA THR H 1020 -61.20 63.62 19.00
C THR H 1020 -61.19 65.03 18.44
N ILE H 1021 -62.26 65.48 17.80
CA ILE H 1021 -62.24 66.70 16.99
C ILE H 1021 -63.21 67.71 17.59
N ARG H 1022 -62.67 68.75 18.22
CA ARG H 1022 -63.46 69.91 18.62
C ARG H 1022 -62.98 71.18 17.91
N GLN H 1023 -61.69 71.47 17.98
CA GLN H 1023 -61.06 72.62 17.34
C GLN H 1023 -60.73 72.41 15.86
N PRO H 1024 -60.13 71.29 15.46
CA PRO H 1024 -59.57 71.21 14.10
C PRO H 1024 -60.56 71.47 12.97
N VAL H 1025 -61.83 71.10 13.13
CA VAL H 1025 -62.81 71.35 12.06
C VAL H 1025 -62.95 72.86 11.83
N ALA H 1026 -63.16 73.61 12.91
CA ALA H 1026 -63.28 75.06 12.79
C ALA H 1026 -61.97 75.68 12.32
N TYR H 1027 -60.84 75.18 12.82
CA TYR H 1027 -59.55 75.72 12.40
C TYR H 1027 -59.34 75.54 10.90
N HIS H 1028 -59.66 74.36 10.36
CA HIS H 1028 -59.52 74.12 8.94
C HIS H 1028 -60.51 74.96 8.13
N VAL H 1029 -61.76 75.05 8.58
CA VAL H 1029 -62.75 75.80 7.82
C VAL H 1029 -62.45 77.31 7.85
N THR H 1030 -61.68 77.78 8.83
CA THR H 1030 -61.28 79.18 8.86
C THR H 1030 -59.98 79.45 8.13
N HIS H 1031 -59.04 78.51 8.15
CA HIS H 1031 -57.74 78.71 7.52
C HIS H 1031 -57.66 78.15 6.10
N SER H 1032 -58.75 77.57 5.58
CA SER H 1032 -58.73 77.05 4.22
C SER H 1032 -58.60 78.16 3.19
N LYS H 1033 -59.18 79.32 3.47
CA LYS H 1033 -59.20 80.51 2.60
C LYS H 1033 -59.35 80.15 1.12
N SER H 1034 -58.58 80.80 0.25
CA SER H 1034 -58.65 80.56 -1.18
C SER H 1034 -57.55 79.61 -1.64
N ASP H 1035 -57.62 78.37 -1.14
CA ASP H 1035 -56.67 77.35 -1.53
C ASP H 1035 -57.28 75.98 -1.27
N PHE H 1036 -56.88 75.00 -2.08
CA PHE H 1036 -57.37 73.64 -1.95
C PHE H 1036 -56.25 72.62 -1.80
N ASN H 1037 -55.14 72.79 -2.54
CA ASN H 1037 -54.05 71.82 -2.50
C ASN H 1037 -53.42 71.77 -1.12
N THR H 1038 -53.18 72.93 -0.51
CA THR H 1038 -52.58 72.96 0.82
C THR H 1038 -53.49 72.28 1.84
N LEU H 1039 -54.79 72.56 1.78
CA LEU H 1039 -55.73 71.94 2.71
C LEU H 1039 -55.78 70.43 2.53
N THR H 1040 -55.83 69.96 1.27
CA THR H 1040 -55.88 68.53 1.03
C THR H 1040 -54.60 67.84 1.49
N TYR H 1041 -53.44 68.48 1.26
CA TYR H 1041 -52.18 67.90 1.72
C TYR H 1041 -52.10 67.88 3.24
N SER H 1042 -52.61 68.93 3.91
CA SER H 1042 -52.52 68.99 5.36
C SER H 1042 -53.52 68.03 6.02
N LEU H 1043 -54.63 67.73 5.35
CA LEU H 1043 -55.61 66.81 5.92
C LEU H 1043 -55.02 65.43 6.12
N LEU H 1044 -54.23 64.95 5.15
CA LEU H 1044 -53.62 63.63 5.27
C LEU H 1044 -52.66 63.59 6.45
N GLY H 1045 -51.84 64.63 6.63
CA GLY H 1045 -50.92 64.68 7.74
C GLY H 1045 -51.57 64.91 9.09
N GLY H 1046 -52.76 65.51 9.10
CA GLY H 1046 -53.46 65.75 10.35
C GLY H 1046 -54.37 64.60 10.75
N TYR H 1047 -54.68 63.72 9.80
CA TYR H 1047 -55.55 62.57 10.08
C TYR H 1047 -54.71 61.40 10.57
N PHE H 1048 -54.26 61.52 11.81
CA PHE H 1048 -53.45 60.51 12.47
C PHE H 1048 -54.11 60.11 13.80
N LYS H 1049 -53.44 59.22 14.52
CA LYS H 1049 -53.94 58.78 15.83
C LYS H 1049 -52.75 58.44 16.72
N PHE H 1050 -53.05 58.19 17.99
CA PHE H 1050 -52.04 57.94 19.00
C PHE H 1050 -51.75 56.45 19.21
N THR H 1051 -52.30 55.58 18.37
CA THR H 1051 -52.03 54.16 18.50
C THR H 1051 -50.56 53.88 18.23
N PRO H 1052 -49.96 52.91 18.94
CA PRO H 1052 -48.53 52.65 18.76
C PRO H 1052 -48.14 52.28 17.34
N ILE H 1053 -48.98 51.52 16.64
CA ILE H 1053 -48.65 51.13 15.27
C ILE H 1053 -48.62 52.35 14.36
N SER H 1054 -49.62 53.22 14.47
CA SER H 1054 -49.64 54.44 13.67
C SER H 1054 -48.47 55.35 14.03
N LEU H 1055 -48.13 55.44 15.31
CA LEU H 1055 -47.02 56.28 15.73
C LEU H 1055 -45.70 55.77 15.16
N THR H 1056 -45.48 54.45 15.21
CA THR H 1056 -44.26 53.89 14.64
C THR H 1056 -44.21 54.06 13.12
N HIS H 1057 -45.35 53.89 12.45
CA HIS H 1057 -45.39 54.11 11.01
C HIS H 1057 -45.07 55.56 10.65
N GLN H 1058 -45.61 56.51 11.43
CA GLN H 1058 -45.33 57.92 11.19
C GLN H 1058 -43.86 58.22 11.44
N LEU H 1059 -43.28 57.65 12.50
CA LEU H 1059 -41.87 57.85 12.77
C LEU H 1059 -40.99 57.28 11.65
N ARG H 1060 -41.41 56.13 11.09
CA ARG H 1060 -40.62 55.51 10.03
C ARG H 1060 -40.72 56.28 8.72
N THR H 1061 -41.92 56.72 8.34
CA THR H 1061 -42.11 57.34 7.03
C THR H 1061 -42.72 58.72 7.14
N GLY H 1062 -42.22 59.55 8.06
CA GLY H 1062 -42.73 60.90 8.20
C GLY H 1062 -41.94 61.94 7.43
N PHE H 1063 -40.62 61.70 7.27
CA PHE H 1063 -39.73 62.61 6.56
C PHE H 1063 -39.77 64.02 7.18
N HIS H 1064 -39.33 64.08 8.44
CA HIS H 1064 -39.32 65.31 9.23
C HIS H 1064 -40.73 65.89 9.35
N PRO H 1065 -41.62 65.25 10.11
CA PRO H 1065 -42.99 65.74 10.21
C PRO H 1065 -43.10 67.00 11.06
N GLY H 1066 -44.33 67.46 11.30
CA GLY H 1066 -44.54 68.69 12.05
C GLY H 1066 -44.17 68.59 13.52
N ILE H 1067 -44.01 67.38 14.05
CA ILE H 1067 -43.64 67.16 15.44
C ILE H 1067 -42.26 66.52 15.46
N ALA H 1068 -41.32 67.18 16.12
CA ALA H 1068 -39.94 66.69 16.22
C ALA H 1068 -39.45 66.85 17.66
N PHE H 1069 -38.60 65.92 18.07
CA PHE H 1069 -38.01 65.93 19.41
C PHE H 1069 -36.50 66.09 19.30
N THR H 1070 -35.86 66.27 20.45
CA THR H 1070 -34.41 66.44 20.52
C THR H 1070 -33.82 65.39 21.44
N VAL H 1071 -32.48 65.33 21.44
CA VAL H 1071 -31.73 64.37 22.24
C VAL H 1071 -30.71 65.11 23.08
N VAL H 1072 -30.34 64.48 24.20
CA VAL H 1072 -29.38 65.05 25.14
C VAL H 1072 -28.17 64.12 25.23
N ARG H 1073 -26.99 64.67 25.02
CA ARG H 1073 -25.75 63.92 25.07
C ARG H 1073 -25.06 64.12 26.42
N GLN H 1074 -24.26 63.13 26.81
CA GLN H 1074 -23.53 63.18 28.07
C GLN H 1074 -22.22 62.45 27.90
N ASP H 1075 -21.11 63.18 28.01
CA ASP H 1075 -19.77 62.60 27.87
C ASP H 1075 -18.87 63.13 28.98
N ARG H 1076 -17.84 62.35 29.30
CA ARG H 1076 -16.89 62.69 30.34
C ARG H 1076 -15.48 62.66 29.78
N PHE H 1077 -14.59 63.40 30.43
CA PHE H 1077 -13.20 63.51 30.01
C PHE H 1077 -12.32 63.39 31.25
N ALA H 1078 -11.03 63.68 31.07
CA ALA H 1078 -10.04 63.61 32.15
C ALA H 1078 -9.48 64.99 32.42
N THR H 1079 -9.11 65.22 33.69
CA THR H 1079 -8.57 66.50 34.13
C THR H 1079 -7.27 66.28 34.87
N GLU H 1080 -6.32 67.20 34.68
CA GLU H 1080 -5.04 67.11 35.35
C GLU H 1080 -5.18 67.43 36.83
N GLN H 1081 -4.12 67.15 37.58
CA GLN H 1081 -4.08 67.39 39.02
C GLN H 1081 -3.09 68.50 39.33
N LEU H 1082 -3.53 69.47 40.12
CA LEU H 1082 -2.69 70.60 40.50
C LEU H 1082 -3.05 70.99 41.93
N LEU H 1083 -2.14 70.74 42.88
CA LEU H 1083 -2.36 71.01 44.28
C LEU H 1083 -1.35 72.05 44.77
N TYR H 1084 -1.78 72.90 45.69
CA TYR H 1084 -0.94 73.94 46.26
C TYR H 1084 -0.95 73.82 47.78
N ALA H 1085 0.16 74.22 48.40
CA ALA H 1085 0.30 74.15 49.84
C ALA H 1085 1.17 75.30 50.31
N GLU H 1086 1.07 75.61 51.59
CA GLU H 1086 1.84 76.68 52.22
C GLU H 1086 2.64 76.13 53.39
N ARG H 1087 3.93 76.46 53.42
CA ARG H 1087 4.90 76.02 54.41
C ARG H 1087 4.65 74.58 54.88
N ALA H 1088 4.66 74.36 56.18
CA ALA H 1088 4.44 73.04 56.77
C ALA H 1088 3.15 73.06 57.58
N SER H 1089 2.28 72.08 57.34
CA SER H 1089 1.00 72.01 58.04
C SER H 1089 0.66 70.58 58.47
N GLU H 1090 1.58 69.63 58.36
CA GLU H 1090 1.33 68.24 58.73
C GLU H 1090 2.07 67.92 60.02
N SER H 1091 1.35 67.37 60.99
CA SER H 1091 1.92 66.98 62.27
C SER H 1091 1.42 65.59 62.64
N TYR H 1092 2.36 64.70 62.96
CA TYR H 1092 2.03 63.33 63.32
C TYR H 1092 2.72 62.96 64.62
N PHE H 1093 2.04 62.15 65.43
CA PHE H 1093 2.56 61.69 66.71
C PHE H 1093 2.89 60.21 66.61
N VAL H 1094 4.10 59.85 67.03
CA VAL H 1094 4.56 58.47 66.99
C VAL H 1094 4.43 57.87 68.38
N GLY H 1095 4.37 56.53 68.43
CA GLY H 1095 4.26 55.83 69.69
C GLY H 1095 5.39 54.85 69.92
N GLN H 1096 5.05 53.58 70.08
CA GLN H 1096 6.02 52.52 70.32
C GLN H 1096 5.96 51.52 69.16
N ILE H 1097 6.76 50.46 69.28
CA ILE H 1097 6.84 49.41 68.28
C ILE H 1097 6.25 48.13 68.89
N GLN H 1098 5.27 47.54 68.19
CA GLN H 1098 4.61 46.33 68.63
C GLN H 1098 4.93 45.20 67.67
N VAL H 1099 5.39 44.08 68.20
CA VAL H 1099 5.74 42.89 67.40
C VAL H 1099 4.80 41.78 67.86
N HIS H 1100 3.70 41.62 67.15
CA HIS H 1100 2.72 40.58 67.46
C HIS H 1100 3.06 39.29 66.73
N HIS H 1101 2.90 38.17 67.42
CA HIS H 1101 3.18 36.85 66.88
C HIS H 1101 1.92 36.00 66.91
N HIS H 1102 1.76 35.17 65.89
CA HIS H 1102 0.59 34.28 65.79
C HIS H 1102 0.91 33.03 65.00
N VAL H 1108 1.70 30.18 59.51
CA VAL H 1108 0.83 31.16 60.16
C VAL H 1108 0.88 32.48 59.43
N ASN H 1109 0.39 33.54 60.07
CA ASN H 1109 0.37 34.87 59.50
C ASN H 1109 0.89 35.88 60.51
N PHE H 1110 1.44 36.98 60.00
CA PHE H 1110 2.00 38.04 60.82
C PHE H 1110 1.12 39.28 60.71
N THR H 1111 0.67 39.80 61.85
CA THR H 1111 -0.17 40.98 61.91
C THR H 1111 0.50 42.04 62.79
N LEU H 1112 0.39 43.29 62.37
CA LEU H 1112 0.97 44.41 63.09
C LEU H 1112 -0.06 45.51 63.26
N THR H 1113 0.02 46.21 64.38
CA THR H 1113 -0.88 47.31 64.70
C THR H 1113 -0.08 48.58 64.95
N GLN H 1114 -0.58 49.70 64.44
CA GLN H 1114 0.09 50.99 64.59
C GLN H 1114 -0.97 52.08 64.52
N PRO H 1115 -1.46 52.57 65.66
CA PRO H 1115 -2.45 53.64 65.64
C PRO H 1115 -1.87 54.93 65.09
N ARG H 1116 -2.73 55.72 64.45
CA ARG H 1116 -2.35 56.99 63.86
C ARG H 1116 -3.13 58.12 64.53
N ALA H 1117 -2.42 59.15 64.96
CA ALA H 1117 -3.01 60.31 65.63
C ALA H 1117 -2.49 61.56 64.92
N HIS H 1118 -3.21 61.99 63.88
CA HIS H 1118 -2.83 63.17 63.11
C HIS H 1118 -3.60 64.38 63.62
N VAL H 1119 -2.88 65.38 64.09
CA VAL H 1119 -3.46 66.62 64.61
C VAL H 1119 -3.00 67.76 63.71
N ASP H 1120 -3.93 68.34 62.97
CA ASP H 1120 -3.60 69.45 62.08
C ASP H 1120 -3.36 70.73 62.89
N LEU H 1121 -2.59 71.64 62.29
CA LEU H 1121 -2.27 72.92 62.91
C LEU H 1121 -2.91 74.04 62.10
N GLY H 1122 -3.43 75.04 62.80
CA GLY H 1122 -4.08 76.16 62.15
C GLY H 1122 -3.37 77.47 62.35
N VAL H 1123 -2.03 77.44 62.34
CA VAL H 1123 -1.26 78.67 62.48
C VAL H 1123 -1.48 79.59 61.29
N GLY H 1124 -1.46 79.04 60.08
CA GLY H 1124 -1.67 79.81 58.89
C GLY H 1124 -2.67 79.14 57.96
N TYR H 1125 -2.92 79.79 56.83
CA TYR H 1125 -3.84 79.30 55.82
C TYR H 1125 -3.05 78.51 54.78
N THR H 1126 -3.11 77.18 54.87
CA THR H 1126 -2.39 76.30 53.95
C THR H 1126 -3.33 75.52 53.05
N ALA H 1127 -4.58 75.96 52.94
CA ALA H 1127 -5.59 75.28 52.11
C ALA H 1127 -5.85 76.16 50.89
N VAL H 1128 -5.06 75.95 49.84
CA VAL H 1128 -5.18 76.69 48.59
C VAL H 1128 -5.10 75.70 47.43
N CYS H 1129 -5.93 75.92 46.41
CA CYS H 1129 -5.97 75.04 45.26
C CYS H 1129 -6.27 75.87 44.01
N ALA H 1130 -5.90 75.31 42.86
CA ALA H 1130 -6.11 75.98 41.58
C ALA H 1130 -6.78 75.05 40.58
N THR H 1131 -6.89 75.48 39.33
CA THR H 1131 -7.51 74.69 38.28
C THR H 1131 -6.44 73.92 37.52
N ALA H 1132 -6.84 73.28 36.43
CA ALA H 1132 -5.92 72.49 35.62
C ALA H 1132 -6.37 72.57 34.16
N ALA H 1133 -5.82 71.69 33.33
CA ALA H 1133 -6.12 71.65 31.90
C ALA H 1133 -6.92 70.39 31.58
N LEU H 1134 -7.18 70.19 30.29
CA LEU H 1134 -7.95 69.05 29.80
C LEU H 1134 -7.01 68.01 29.23
N ARG H 1135 -7.18 66.77 29.68
CA ARG H 1135 -6.34 65.67 29.22
C ARG H 1135 -7.00 65.00 28.02
N CYS H 1136 -6.47 63.84 27.61
CA CYS H 1136 -7.03 63.13 26.48
C CYS H 1136 -8.41 62.58 26.81
N PRO H 1137 -9.32 62.54 25.84
CA PRO H 1137 -10.66 62.01 26.10
C PRO H 1137 -10.61 60.53 26.46
N LEU H 1138 -11.55 60.11 27.31
CA LEU H 1138 -11.64 58.73 27.75
C LEU H 1138 -13.00 58.10 27.50
N THR H 1139 -13.94 58.83 26.90
CA THR H 1139 -15.27 58.30 26.63
C THR H 1139 -15.70 58.76 25.24
N ASP H 1140 -16.02 57.80 24.37
CA ASP H 1140 -16.47 58.12 23.02
C ASP H 1140 -17.94 58.50 23.02
N MET H 1141 -18.37 59.12 21.93
CA MET H 1141 -19.75 59.54 21.77
C MET H 1141 -20.59 58.42 21.15
N GLY H 1142 -21.78 58.22 21.70
CA GLY H 1142 -22.67 57.18 21.21
C GLY H 1142 -24.13 57.50 21.45
N ASN H 1143 -24.99 56.49 21.38
CA ASN H 1143 -26.41 56.68 21.59
C ASN H 1143 -27.02 55.41 22.17
N THR H 1144 -28.07 55.58 22.97
CA THR H 1144 -28.77 54.47 23.58
C THR H 1144 -30.28 54.71 23.43
N ALA H 1145 -31.08 53.87 24.08
CA ALA H 1145 -32.53 53.98 24.02
C ALA H 1145 -33.10 53.82 25.42
N GLN H 1146 -34.27 54.43 25.64
CA GLN H 1146 -34.97 54.36 26.92
C GLN H 1146 -36.03 53.28 26.83
N ASN H 1147 -35.57 52.03 26.94
CA ASN H 1147 -36.47 50.88 26.86
C ASN H 1147 -37.04 50.57 28.24
N LEU H 1148 -37.98 51.43 28.65
CA LEU H 1148 -38.63 51.25 29.96
C LEU H 1148 -39.44 49.96 30.00
N PHE H 1149 -40.17 49.67 28.92
CA PHE H 1149 -40.99 48.46 28.89
C PHE H 1149 -40.16 47.19 28.76
N PHE H 1150 -38.89 47.32 28.32
CA PHE H 1150 -38.02 46.16 28.17
C PHE H 1150 -37.18 45.91 29.43
N SER H 1151 -36.78 46.98 30.11
CA SER H 1151 -35.96 46.81 31.32
C SER H 1151 -36.73 46.08 32.41
N ARG H 1152 -37.83 46.68 32.89
CA ARG H 1152 -38.64 46.07 33.93
C ARG H 1152 -40.02 46.68 33.88
N GLY H 1153 -40.97 45.98 34.50
CA GLY H 1153 -42.35 46.45 34.57
C GLY H 1153 -43.12 46.27 33.29
N GLY H 1154 -43.11 45.04 32.76
CA GLY H 1154 -43.84 44.74 31.54
C GLY H 1154 -45.34 44.65 31.77
N VAL H 1155 -46.08 45.62 31.25
CA VAL H 1155 -47.54 45.63 31.43
C VAL H 1155 -48.15 44.54 30.55
N PRO H 1156 -49.01 43.68 31.08
CA PRO H 1156 -49.65 42.66 30.25
C PRO H 1156 -50.61 43.28 29.25
N MET H 1157 -50.77 42.60 28.11
CA MET H 1157 -51.66 43.04 27.06
C MET H 1157 -52.38 41.84 26.47
N LEU H 1158 -53.64 42.04 26.08
CA LEU H 1158 -54.42 40.96 25.50
C LEU H 1158 -54.02 40.66 24.06
N HIS H 1159 -53.34 41.59 23.39
CA HIS H 1159 -52.89 41.40 22.01
C HIS H 1159 -51.48 40.80 22.02
N ASP H 1160 -51.42 39.53 22.44
CA ASP H 1160 -50.14 38.84 22.53
C ASP H 1160 -49.51 38.68 21.15
N ASN H 1161 -50.31 38.34 20.14
CA ASN H 1161 -49.78 38.19 18.79
C ASN H 1161 -49.26 39.52 18.25
N VAL H 1162 -50.00 40.61 18.50
CA VAL H 1162 -49.56 41.92 18.05
C VAL H 1162 -48.26 42.31 18.75
N THR H 1163 -48.16 42.06 20.05
CA THR H 1163 -46.93 42.37 20.77
C THR H 1163 -45.76 41.55 20.25
N GLU H 1164 -45.97 40.27 19.97
CA GLU H 1164 -44.90 39.44 19.44
C GLU H 1164 -44.46 39.91 18.06
N SER H 1165 -45.42 40.28 17.21
CA SER H 1165 -45.07 40.79 15.89
C SER H 1165 -44.29 42.10 15.98
N LEU H 1166 -44.71 42.99 16.88
CA LEU H 1166 -43.99 44.25 17.05
C LEU H 1166 -42.58 44.01 17.58
N ARG H 1167 -42.43 43.07 18.51
CA ARG H 1167 -41.10 42.75 19.02
C ARG H 1167 -40.21 42.17 17.92
N ARG H 1168 -40.77 41.28 17.09
CA ARG H 1168 -40.00 40.72 15.99
C ARG H 1168 -39.59 41.80 14.99
N ILE H 1169 -40.51 42.73 14.70
CA ILE H 1169 -40.19 43.82 13.77
C ILE H 1169 -39.09 44.70 14.33
N THR H 1170 -39.18 45.05 15.61
CA THR H 1170 -38.18 45.93 16.21
C THR H 1170 -36.86 45.21 16.47
N ALA H 1171 -36.86 43.87 16.48
CA ALA H 1171 -35.62 43.12 16.64
C ALA H 1171 -34.95 42.80 15.32
N SER H 1172 -35.72 42.74 14.22
CA SER H 1172 -35.12 42.47 12.91
C SER H 1172 -34.30 43.65 12.40
N GLY H 1173 -34.49 44.85 12.97
CA GLY H 1173 -33.75 46.01 12.55
C GLY H 1173 -33.20 46.81 13.71
N GLY H 1174 -32.87 46.15 14.81
CA GLY H 1174 -32.35 46.83 15.98
C GLY H 1174 -31.19 46.06 16.59
N ARG H 1175 -30.40 46.78 17.38
CA ARG H 1175 -29.23 46.19 18.04
C ARG H 1175 -29.56 45.69 19.44
N LEU H 1176 -30.05 46.59 20.31
CA LEU H 1176 -30.38 46.24 21.68
C LEU H 1176 -31.81 45.72 21.72
N ASN H 1177 -31.95 44.40 21.85
CA ASN H 1177 -33.25 43.75 21.88
C ASN H 1177 -33.22 42.61 22.88
N PRO H 1178 -34.36 42.24 23.44
CA PRO H 1178 -34.40 41.10 24.36
C PRO H 1178 -34.05 39.80 23.63
N THR H 1179 -33.47 38.87 24.38
CA THR H 1179 -33.07 37.59 23.81
C THR H 1179 -34.28 36.80 23.33
N GLU H 1180 -34.18 36.28 22.11
CA GLU H 1180 -35.27 35.48 21.54
C GLU H 1180 -35.55 34.20 22.32
N PRO H 1181 -34.56 33.38 22.70
CA PRO H 1181 -34.89 32.12 23.38
C PRO H 1181 -35.58 32.28 24.72
N LEU H 1182 -35.49 33.46 25.35
CA LEU H 1182 -36.06 33.71 26.68
C LEU H 1182 -35.56 32.68 27.68
N PRO H 1183 -34.30 32.75 28.09
CA PRO H 1183 -33.77 31.74 29.02
C PRO H 1183 -34.53 31.74 30.34
N ILE H 1184 -34.66 30.54 30.91
CA ILE H 1184 -35.37 30.34 32.18
C ILE H 1184 -34.56 30.95 33.31
N PHE H 1185 -35.20 31.09 34.48
CA PHE H 1185 -34.56 31.67 35.66
C PHE H 1185 -34.05 33.09 35.38
N GLY H 1186 -34.93 33.90 34.79
CA GLY H 1186 -34.58 35.27 34.46
C GLY H 1186 -35.55 35.90 33.48
N GLY H 1187 -35.01 36.56 32.46
CA GLY H 1187 -35.85 37.20 31.45
C GLY H 1187 -35.46 38.64 31.19
N LEU H 1188 -35.53 39.06 29.93
CA LEU H 1188 -35.19 40.42 29.51
C LEU H 1188 -33.77 40.79 29.94
N ARG H 1189 -32.87 39.82 29.85
CA ARG H 1189 -31.47 40.03 30.22
C ARG H 1189 -30.61 40.06 28.97
N PRO H 1190 -30.01 41.19 28.61
CA PRO H 1190 -29.14 41.23 27.43
C PRO H 1190 -27.93 40.34 27.60
N ALA H 1191 -27.49 39.75 26.49
CA ALA H 1191 -26.33 38.86 26.47
C ALA H 1191 -25.54 39.13 25.19
N THR H 1192 -24.53 39.99 25.29
CA THR H 1192 -23.69 40.37 24.17
C THR H 1192 -22.23 40.23 24.55
N SER H 1193 -21.41 39.80 23.60
CA SER H 1193 -19.98 39.66 23.84
C SER H 1193 -19.31 41.02 23.91
N ALA H 1194 -18.08 41.03 24.43
CA ALA H 1194 -17.33 42.26 24.54
C ALA H 1194 -17.00 42.82 23.16
N GLY H 1195 -17.22 44.12 22.99
CA GLY H 1195 -16.98 44.77 21.71
C GLY H 1195 -16.26 46.10 21.84
N ILE H 1196 -15.40 46.22 22.85
CA ILE H 1196 -14.67 47.46 23.09
C ILE H 1196 -13.54 47.54 22.07
N ALA H 1197 -13.77 48.26 20.98
CA ALA H 1197 -12.77 48.43 19.94
C ALA H 1197 -12.49 49.89 19.61
N ARG H 1198 -13.52 50.75 19.65
CA ARG H 1198 -13.39 52.17 19.33
C ARG H 1198 -14.06 52.97 20.44
N GLY H 1199 -13.31 53.28 21.49
CA GLY H 1199 -13.84 54.06 22.59
C GLY H 1199 -14.89 53.29 23.39
N GLN H 1200 -15.76 54.05 24.05
CA GLN H 1200 -16.82 53.50 24.87
C GLN H 1200 -18.14 54.17 24.53
N ALA H 1201 -19.22 53.40 24.56
CA ALA H 1201 -20.54 53.94 24.25
C ALA H 1201 -21.00 54.89 25.34
N SER H 1202 -21.83 55.85 24.93
CA SER H 1202 -22.36 56.87 25.83
C SER H 1202 -23.88 56.73 25.90
N VAL H 1203 -24.51 57.67 26.60
CA VAL H 1203 -25.96 57.67 26.78
C VAL H 1203 -26.57 58.74 25.88
N CYS H 1204 -27.87 58.59 25.63
CA CYS H 1204 -28.61 59.53 24.78
C CYS H 1204 -30.03 59.62 25.31
N GLU H 1205 -30.39 60.77 25.88
CA GLU H 1205 -31.72 60.97 26.43
C GLU H 1205 -32.70 61.37 25.34
N PHE H 1206 -33.96 61.56 25.73
CA PHE H 1206 -35.01 61.93 24.78
C PHE H 1206 -35.98 62.86 25.51
N VAL H 1207 -35.80 64.16 25.33
CA VAL H 1207 -36.63 65.18 25.98
C VAL H 1207 -37.38 65.94 24.90
N ALA H 1208 -38.70 66.04 25.06
CA ALA H 1208 -39.52 66.75 24.09
C ALA H 1208 -39.28 68.25 24.19
N MET H 1209 -39.31 68.92 23.04
CA MET H 1209 -39.14 70.37 22.97
C MET H 1209 -40.19 70.94 22.02
N PRO H 1210 -40.59 72.19 22.24
CA PRO H 1210 -41.56 72.81 21.33
C PRO H 1210 -40.97 73.03 19.95
N VAL H 1211 -41.84 72.91 18.94
CA VAL H 1211 -41.39 73.07 17.56
C VAL H 1211 -41.07 74.53 17.28
N SER H 1212 -41.95 75.43 17.70
CA SER H 1212 -41.79 76.87 17.44
C SER H 1212 -40.98 77.47 18.59
N THR H 1213 -39.65 77.51 18.41
CA THR H 1213 -38.74 78.09 19.37
C THR H 1213 -37.76 79.01 18.68
N ASP H 1214 -37.55 80.18 19.27
CA ASP H 1214 -36.63 81.16 18.69
C ASP H 1214 -35.18 80.72 18.92
N LEU H 1215 -34.30 81.24 18.06
CA LEU H 1215 -32.88 80.93 18.19
C LEU H 1215 -32.29 81.54 19.47
N GLN H 1216 -32.87 82.63 19.96
CA GLN H 1216 -32.39 83.22 21.20
C GLN H 1216 -32.57 82.28 22.38
N TYR H 1217 -33.70 81.56 22.41
CA TYR H 1217 -33.93 80.59 23.47
C TYR H 1217 -32.89 79.48 23.44
N PHE H 1218 -32.53 79.01 22.25
CA PHE H 1218 -31.47 78.01 22.13
C PHE H 1218 -30.14 78.58 22.57
N ARG H 1219 -29.86 79.84 22.24
CA ARG H 1219 -28.61 80.47 22.64
C ARG H 1219 -28.50 80.58 24.16
N THR H 1220 -29.61 80.93 24.82
CA THR H 1220 -29.60 81.03 26.28
C THR H 1220 -29.45 79.66 26.94
N ALA H 1221 -29.74 78.58 26.23
CA ALA H 1221 -29.63 77.21 26.74
C ALA H 1221 -30.50 77.04 27.99
N CYS H 1222 -31.81 77.17 27.78
CA CYS H 1222 -32.76 77.05 28.87
C CYS H 1222 -32.77 75.62 29.43
N ASN H 1223 -33.08 75.51 30.70
CA ASN H 1223 -33.13 74.20 31.36
C ASN H 1223 -34.29 73.39 30.78
N PRO H 1224 -34.07 72.11 30.44
CA PRO H 1224 -35.16 71.27 29.92
C PRO H 1224 -36.13 70.76 30.97
N ARG H 1225 -35.98 71.18 32.23
CA ARG H 1225 -36.90 70.74 33.28
C ARG H 1225 -38.32 71.25 33.07
N GLY H 1226 -38.49 72.35 32.33
CA GLY H 1226 -39.80 72.92 32.09
C GLY H 1226 -40.18 74.05 33.03
N ARG H 1227 -39.41 74.27 34.09
CA ARG H 1227 -39.68 75.36 35.03
C ARG H 1227 -38.38 75.78 35.69
N ALA H 1228 -38.14 77.08 35.73
CA ALA H 1228 -36.93 77.63 36.34
C ALA H 1228 -37.05 77.53 37.85
N SER H 1229 -36.42 76.52 38.44
CA SER H 1229 -36.47 76.34 39.88
C SER H 1229 -35.69 77.43 40.60
N GLY H 1230 -36.25 77.93 41.69
CA GLY H 1230 -35.59 78.95 42.48
C GLY H 1230 -34.92 78.40 43.71
N MET H 1231 -34.73 77.09 43.76
CA MET H 1231 -34.09 76.46 44.92
C MET H 1231 -32.65 76.95 45.08
N LEU H 1232 -31.91 77.05 43.97
CA LEU H 1232 -30.53 77.51 44.04
C LEU H 1232 -30.43 79.01 44.29
N TYR H 1233 -31.50 79.76 44.04
CA TYR H 1233 -31.49 81.19 44.28
C TYR H 1233 -31.46 81.50 45.77
N MET H 1234 -30.75 82.57 46.13
CA MET H 1234 -30.64 82.98 47.52
C MET H 1234 -31.91 83.68 47.96
N GLY H 1235 -32.62 83.08 48.92
CA GLY H 1235 -33.85 83.64 49.42
C GLY H 1235 -33.83 83.89 50.91
N ASP H 1236 -35.01 84.03 51.52
CA ASP H 1236 -35.10 84.27 52.95
C ASP H 1236 -36.20 83.45 53.62
N ARG H 1237 -36.82 82.52 52.91
CA ARG H 1237 -37.88 81.68 53.47
C ARG H 1237 -37.53 80.22 53.24
N ASP H 1238 -37.61 79.41 54.29
CA ASP H 1238 -37.32 77.99 54.19
C ASP H 1238 -38.48 77.18 53.64
N ALA H 1239 -39.69 77.74 53.60
CA ALA H 1239 -40.85 77.05 53.08
C ALA H 1239 -41.16 77.40 51.62
N ASP H 1240 -40.31 78.20 50.99
CA ASP H 1240 -40.52 78.61 49.59
C ASP H 1240 -39.90 77.59 48.64
N ILE H 1241 -40.41 76.38 48.69
CA ILE H 1241 -39.93 75.30 47.83
C ILE H 1241 -41.07 74.81 46.95
N GLU H 1242 -42.19 74.41 47.57
CA GLU H 1242 -43.33 73.94 46.80
C GLU H 1242 -44.05 75.09 46.10
N ALA H 1243 -44.07 76.28 46.71
CA ALA H 1243 -44.77 77.41 46.12
C ALA H 1243 -44.12 77.84 44.81
N ILE H 1244 -42.78 77.97 44.81
CA ILE H 1244 -42.09 78.41 43.60
C ILE H 1244 -42.12 77.34 42.50
N MET H 1245 -42.46 76.10 42.85
CA MET H 1245 -42.52 75.02 41.88
C MET H 1245 -43.93 74.75 41.36
N PHE H 1246 -44.96 75.08 42.14
CA PHE H 1246 -46.34 74.83 41.74
C PHE H 1246 -47.17 76.11 41.68
N ASP H 1247 -46.52 77.27 41.61
CA ASP H 1247 -47.26 78.53 41.47
C ASP H 1247 -48.03 78.57 40.15
N HIS H 1248 -47.30 78.53 39.03
CA HIS H 1248 -47.90 78.54 37.70
C HIS H 1248 -48.82 79.75 37.50
N THR H 1249 -48.39 80.90 38.03
CA THR H 1249 -49.19 82.13 37.96
C THR H 1249 -48.48 83.27 37.24
N GLN H 1250 -47.15 83.37 37.34
CA GLN H 1250 -46.41 84.45 36.71
C GLN H 1250 -45.17 83.87 36.04
N SER H 1251 -44.67 84.61 35.06
CA SER H 1251 -43.47 84.21 34.33
C SER H 1251 -42.24 84.28 35.23
N ASP H 1252 -41.26 83.45 34.92
CA ASP H 1252 -40.03 83.43 35.70
C ASP H 1252 -39.21 84.69 35.46
N VAL H 1253 -38.35 85.01 36.44
CA VAL H 1253 -37.51 86.19 36.32
C VAL H 1253 -36.52 86.06 35.17
N ALA H 1254 -35.91 84.88 35.04
CA ALA H 1254 -34.94 84.67 33.96
C ALA H 1254 -35.60 84.75 32.59
N TYR H 1255 -36.78 84.17 32.44
CA TYR H 1255 -37.52 84.17 31.19
C TYR H 1255 -38.90 84.76 31.46
N THR H 1256 -39.02 86.08 31.29
CA THR H 1256 -40.28 86.78 31.53
C THR H 1256 -41.11 86.85 30.25
N ASP H 1257 -41.37 85.68 29.67
CA ASP H 1257 -42.17 85.58 28.46
C ASP H 1257 -43.23 84.49 28.51
N ARG H 1258 -43.16 83.56 29.47
CA ARG H 1258 -44.15 82.50 29.58
C ARG H 1258 -44.10 81.93 30.99
N ALA H 1259 -45.27 81.57 31.52
CA ALA H 1259 -45.32 80.98 32.85
C ALA H 1259 -44.61 79.63 32.89
N THR H 1260 -44.78 78.81 31.86
CA THR H 1260 -44.18 77.49 31.78
C THR H 1260 -43.26 77.42 30.56
N LEU H 1261 -42.17 76.69 30.71
CA LEU H 1261 -41.19 76.53 29.63
C LEU H 1261 -41.57 75.37 28.71
N ASN H 1262 -41.71 74.17 29.26
CA ASN H 1262 -42.07 73.00 28.48
C ASN H 1262 -43.53 72.66 28.73
N PRO H 1263 -44.40 72.76 27.73
CA PRO H 1263 -45.83 72.46 27.95
C PRO H 1263 -46.13 70.96 28.07
N TRP H 1264 -45.13 70.10 27.99
CA TRP H 1264 -45.34 68.66 28.08
C TRP H 1264 -44.51 68.00 29.17
N ALA H 1265 -43.69 68.75 29.90
CA ALA H 1265 -42.87 68.20 30.96
C ALA H 1265 -42.91 68.98 32.26
N SER H 1266 -43.47 70.19 32.27
CA SER H 1266 -43.53 70.98 33.49
C SER H 1266 -44.56 70.44 34.48
N GLN H 1267 -45.57 69.73 33.99
CA GLN H 1267 -46.60 69.19 34.87
C GLN H 1267 -46.02 68.11 35.78
N LYS H 1268 -46.49 68.09 37.04
CA LYS H 1268 -46.02 67.11 38.00
C LYS H 1268 -46.41 65.69 37.59
N HIS H 1269 -47.62 65.52 37.05
CA HIS H 1269 -48.14 64.22 36.68
C HIS H 1269 -47.92 63.89 35.21
N SER H 1270 -47.10 64.67 34.50
CA SER H 1270 -46.82 64.40 33.10
C SER H 1270 -46.00 63.12 32.96
N TYR H 1271 -46.03 62.55 31.75
CA TYR H 1271 -45.30 61.31 31.51
C TYR H 1271 -43.80 61.51 31.66
N GLY H 1272 -43.27 62.62 31.15
CA GLY H 1272 -41.85 62.89 31.29
C GLY H 1272 -41.43 63.06 32.73
N ASP H 1273 -42.23 63.79 33.52
CA ASP H 1273 -41.93 63.97 34.93
C ASP H 1273 -42.00 62.63 35.68
N ARG H 1274 -42.99 61.81 35.35
CA ARG H 1274 -43.10 60.50 36.00
C ARG H 1274 -41.91 59.61 35.66
N LEU H 1275 -41.48 59.63 34.40
CA LEU H 1275 -40.34 58.79 34.00
C LEU H 1275 -39.03 59.29 34.57
N TYR H 1276 -38.87 60.62 34.70
CA TYR H 1276 -37.60 61.17 35.15
C TYR H 1276 -37.46 61.18 36.67
N ASN H 1277 -38.56 61.40 37.39
CA ASN H 1277 -38.50 61.48 38.84
C ASN H 1277 -38.14 60.14 39.47
N GLY H 1278 -37.27 60.18 40.47
CA GLY H 1278 -36.82 58.99 41.17
C GLY H 1278 -37.71 58.52 42.30
N THR H 1279 -38.80 59.22 42.59
CA THR H 1279 -39.69 58.83 43.67
C THR H 1279 -40.57 57.65 43.32
N TYR H 1280 -40.73 57.33 42.03
CA TYR H 1280 -41.55 56.21 41.61
C TYR H 1280 -40.83 54.87 41.75
N ASN H 1281 -39.50 54.87 41.77
CA ASN H 1281 -38.70 53.65 41.90
C ASN H 1281 -39.05 52.64 40.79
N LEU H 1282 -39.02 53.12 39.55
CA LEU H 1282 -39.31 52.28 38.40
C LEU H 1282 -38.10 51.54 37.87
N THR H 1283 -36.91 51.77 38.46
CA THR H 1283 -35.72 51.07 38.00
C THR H 1283 -35.82 49.56 38.22
N GLY H 1284 -36.34 49.15 39.37
CA GLY H 1284 -36.43 47.73 39.66
C GLY H 1284 -35.04 47.13 39.83
N ALA H 1285 -34.77 46.05 39.09
CA ALA H 1285 -33.49 45.37 39.11
C ALA H 1285 -32.90 45.27 37.71
N SER H 1286 -32.99 46.37 36.95
CA SER H 1286 -32.48 46.40 35.59
C SER H 1286 -31.15 47.15 35.53
N PRO H 1287 -30.25 46.74 34.63
CA PRO H 1287 -28.94 47.44 34.51
C PRO H 1287 -29.04 48.70 33.67
N ILE H 1288 -29.60 49.75 34.27
CA ILE H 1288 -29.73 51.04 33.62
C ILE H 1288 -28.83 52.05 34.32
N TYR H 1289 -28.65 53.21 33.70
CA TYR H 1289 -27.76 54.23 34.22
C TYR H 1289 -28.41 55.00 35.36
N SER H 1290 -27.64 55.25 36.41
CA SER H 1290 -28.11 55.98 37.59
C SER H 1290 -28.15 57.49 37.40
N PRO H 1291 -27.11 58.13 36.82
CA PRO H 1291 -27.18 59.59 36.67
C PRO H 1291 -28.34 60.06 35.81
N CYS H 1292 -28.72 59.31 34.79
CA CYS H 1292 -29.84 59.71 33.94
C CYS H 1292 -31.18 59.64 34.68
N PHE H 1293 -31.23 58.94 35.80
CA PHE H 1293 -32.44 58.83 36.60
C PHE H 1293 -32.42 59.73 37.84
N LYS H 1294 -31.24 60.05 38.36
CA LYS H 1294 -31.11 60.85 39.57
C LYS H 1294 -30.98 62.34 39.30
N PHE H 1295 -30.90 62.75 38.02
CA PHE H 1295 -30.78 64.17 37.73
C PHE H 1295 -32.06 64.94 38.07
N PHE H 1296 -33.22 64.32 37.86
CA PHE H 1296 -34.49 64.97 38.11
C PHE H 1296 -34.83 65.08 39.59
N THR H 1297 -34.07 64.42 40.46
CA THR H 1297 -34.36 64.47 41.89
C THR H 1297 -34.01 65.85 42.44
N PRO H 1298 -34.96 66.56 43.07
CA PRO H 1298 -34.63 67.89 43.62
C PRO H 1298 -33.61 67.86 44.74
N ALA H 1299 -33.44 66.72 45.40
CA ALA H 1299 -32.51 66.56 46.54
C ALA H 1299 -32.92 67.56 47.62
N GLU H 1300 -31.98 68.20 48.30
CA GLU H 1300 -32.27 69.15 49.35
C GLU H 1300 -31.43 70.41 49.16
N VAL H 1301 -31.97 71.54 49.59
CA VAL H 1301 -31.29 72.83 49.49
C VAL H 1301 -31.40 73.55 50.82
N ASN H 1302 -30.50 74.49 51.04
CA ASN H 1302 -30.45 75.29 52.25
C ASN H 1302 -30.26 76.76 51.88
N THR H 1303 -30.82 77.64 52.72
CA THR H 1303 -30.76 79.07 52.46
C THR H 1303 -30.17 79.84 53.62
N ASN H 1304 -30.26 79.30 54.84
CA ASN H 1304 -29.74 79.98 56.01
C ASN H 1304 -28.22 79.97 56.07
N CYS H 1305 -27.57 79.06 55.34
CA CYS H 1305 -26.11 78.98 55.33
C CYS H 1305 -25.70 78.35 54.00
N ASN H 1306 -25.22 79.19 53.07
CA ASN H 1306 -24.84 78.76 51.74
C ASN H 1306 -23.35 78.46 51.62
N THR H 1307 -22.49 79.24 52.29
CA THR H 1307 -21.06 79.04 52.14
C THR H 1307 -20.61 77.68 52.67
N LEU H 1308 -21.11 77.29 53.85
CA LEU H 1308 -20.65 76.05 54.46
C LEU H 1308 -21.08 74.82 53.65
N ASP H 1309 -22.37 74.73 53.32
CA ASP H 1309 -22.84 73.59 52.56
C ASP H 1309 -22.47 73.67 51.09
N ARG H 1310 -21.94 74.81 50.64
CA ARG H 1310 -21.35 74.88 49.31
C ARG H 1310 -19.93 74.30 49.32
N LEU H 1311 -19.07 74.84 50.18
CA LEU H 1311 -17.71 74.34 50.30
C LEU H 1311 -17.70 72.85 50.63
N LEU H 1312 -18.65 72.40 51.44
CA LEU H 1312 -18.92 70.97 51.53
C LEU H 1312 -19.51 70.50 50.21
N MET H 1313 -18.83 69.57 49.55
CA MET H 1313 -19.08 69.05 48.20
C MET H 1313 -18.58 69.99 47.11
N GLU H 1314 -18.04 71.17 47.46
CA GLU H 1314 -17.28 71.94 46.48
C GLU H 1314 -15.78 71.71 46.57
N ALA H 1315 -15.25 71.51 47.78
CA ALA H 1315 -13.84 71.25 47.97
C ALA H 1315 -13.51 69.78 48.20
N LYS H 1316 -14.45 69.01 48.76
CA LYS H 1316 -14.22 67.59 49.02
C LYS H 1316 -14.42 66.79 47.74
N ALA H 1317 -14.45 65.46 47.87
CA ALA H 1317 -14.62 64.57 46.75
C ALA H 1317 -15.87 63.73 46.92
N VAL H 1318 -16.61 63.56 45.84
CA VAL H 1318 -17.85 62.79 45.84
C VAL H 1318 -17.57 61.35 45.48
N ALA H 1319 -18.14 60.42 46.23
CA ALA H 1319 -17.98 59.01 45.94
C ALA H 1319 -18.60 58.66 44.59
N SER H 1320 -17.95 57.76 43.86
CA SER H 1320 -18.43 57.38 42.54
C SER H 1320 -19.74 56.61 42.65
N GLN H 1321 -20.73 57.02 41.86
CA GLN H 1321 -22.04 56.37 41.84
C GLN H 1321 -22.18 55.36 40.70
N SER H 1322 -21.12 55.13 39.93
CA SER H 1322 -21.19 54.22 38.80
C SER H 1322 -19.80 53.68 38.52
N SER H 1323 -19.75 52.59 37.76
CA SER H 1323 -18.47 52.03 37.33
C SER H 1323 -17.77 52.97 36.38
N THR H 1324 -16.44 52.93 36.40
CA THR H 1324 -15.62 53.86 35.62
C THR H 1324 -14.90 53.10 34.51
N ASP H 1325 -15.61 52.92 33.40
CA ASP H 1325 -15.04 52.45 32.14
C ASP H 1325 -14.25 51.14 32.32
N THR H 1326 -14.98 50.09 32.69
CA THR H 1326 -14.38 48.77 32.83
C THR H 1326 -14.84 47.83 31.73
N GLU H 1327 -16.15 47.57 31.61
CA GLU H 1327 -16.69 46.89 30.45
C GLU H 1327 -17.74 47.73 29.74
N TYR H 1328 -18.79 48.15 30.45
CA TYR H 1328 -19.80 49.04 29.89
C TYR H 1328 -20.29 50.10 30.86
N GLN H 1329 -19.83 50.07 32.12
CA GLN H 1329 -20.28 50.91 33.24
C GLN H 1329 -21.70 50.54 33.63
N PHE H 1330 -22.00 50.62 34.92
CA PHE H 1330 -23.28 50.16 35.45
C PHE H 1330 -23.62 51.02 36.67
N LYS H 1331 -24.54 50.53 37.50
CA LYS H 1331 -24.96 51.25 38.69
C LYS H 1331 -23.84 51.18 39.74
N ARG H 1332 -24.12 51.71 40.93
CA ARG H 1332 -23.13 51.77 41.99
C ARG H 1332 -22.71 50.36 42.42
N PRO H 1333 -21.43 50.02 42.34
CA PRO H 1333 -20.98 48.69 42.77
C PRO H 1333 -20.62 48.70 44.24
N PRO H 1334 -21.09 47.71 45.01
CA PRO H 1334 -20.73 47.64 46.43
C PRO H 1334 -19.26 47.31 46.65
N GLY H 1335 -18.50 48.27 47.16
CA GLY H 1335 -17.09 48.04 47.43
C GLY H 1335 -16.16 48.94 46.64
N SER H 1336 -16.50 49.18 45.37
CA SER H 1336 -15.70 50.01 44.49
C SER H 1336 -16.08 51.47 44.69
N THR H 1337 -15.18 52.24 45.29
CA THR H 1337 -15.40 53.65 45.57
C THR H 1337 -14.27 54.47 44.95
N GLU H 1338 -14.64 55.55 44.25
CA GLU H 1338 -13.67 56.44 43.61
C GLU H 1338 -13.97 57.87 44.00
N MET H 1339 -12.92 58.70 43.98
CA MET H 1339 -13.05 60.11 44.35
C MET H 1339 -13.12 60.94 43.07
N THR H 1340 -14.34 61.04 42.53
CA THR H 1340 -14.59 61.79 41.30
C THR H 1340 -15.57 62.93 41.61
N GLN H 1341 -15.20 64.14 41.22
CA GLN H 1341 -16.03 65.31 41.44
C GLN H 1341 -16.76 65.69 40.15
N ASP H 1342 -17.98 66.21 40.31
CA ASP H 1342 -18.79 66.61 39.17
C ASP H 1342 -18.78 68.13 39.06
N PRO H 1343 -18.12 68.71 38.05
CA PRO H 1343 -18.11 70.17 37.92
C PRO H 1343 -19.43 70.68 37.35
N CYS H 1344 -19.98 71.71 38.00
CA CYS H 1344 -21.21 72.37 37.63
C CYS H 1344 -22.31 71.39 37.21
N GLY H 1345 -22.45 70.29 37.94
CA GLY H 1345 -23.45 69.30 37.63
C GLY H 1345 -24.71 69.44 38.47
N LEU H 1346 -24.54 69.81 39.74
CA LEU H 1346 -25.66 70.00 40.64
C LEU H 1346 -26.32 71.37 40.49
N PHE H 1347 -25.72 72.28 39.72
CA PHE H 1347 -26.27 73.61 39.51
C PHE H 1347 -27.16 73.70 38.29
N GLN H 1348 -27.36 72.60 37.56
CA GLN H 1348 -28.21 72.56 36.37
C GLN H 1348 -27.78 73.62 35.34
N GLU H 1349 -26.47 73.68 35.11
CA GLU H 1349 -25.89 74.63 34.17
C GLU H 1349 -25.19 73.87 33.05
N ALA H 1350 -25.39 74.35 31.82
CA ALA H 1350 -24.79 73.73 30.64
C ALA H 1350 -24.28 74.83 29.73
N TYR H 1351 -23.87 74.45 28.52
CA TYR H 1351 -23.35 75.39 27.54
C TYR H 1351 -24.08 75.21 26.21
N PRO H 1352 -24.20 76.29 25.43
CA PRO H 1352 -24.86 76.15 24.13
C PRO H 1352 -24.04 75.27 23.20
N PRO H 1353 -24.70 74.54 22.31
CA PRO H 1353 -23.99 73.66 21.39
C PRO H 1353 -23.44 74.44 20.19
N LEU H 1354 -22.84 73.71 19.26
CA LEU H 1354 -22.28 74.30 18.04
C LEU H 1354 -22.54 73.33 16.89
N CYS H 1355 -23.60 73.60 16.13
CA CYS H 1355 -23.95 72.76 14.98
C CYS H 1355 -24.73 73.60 13.98
N SER H 1356 -24.71 73.14 12.72
CA SER H 1356 -25.42 73.83 11.65
C SER H 1356 -25.74 72.82 10.55
N SER H 1357 -26.84 73.06 9.86
CA SER H 1357 -27.23 72.18 8.76
C SER H 1357 -26.21 72.23 7.62
N ASP H 1358 -25.72 73.43 7.29
CA ASP H 1358 -24.73 73.60 6.24
C ASP H 1358 -23.35 73.49 6.87
N ALA H 1359 -22.79 72.27 6.86
CA ALA H 1359 -21.49 72.00 7.43
C ALA H 1359 -20.36 72.14 6.43
N ALA H 1360 -20.66 72.50 5.17
CA ALA H 1360 -19.62 72.66 4.17
C ALA H 1360 -18.74 73.88 4.43
N MET H 1361 -19.23 74.85 5.20
CA MET H 1361 -18.47 76.05 5.50
C MET H 1361 -17.66 75.93 6.79
N LEU H 1362 -17.74 74.80 7.49
CA LEU H 1362 -17.01 74.63 8.74
C LEU H 1362 -16.16 73.37 8.72
N ARG H 1363 -16.56 72.38 7.92
CA ARG H 1363 -15.79 71.13 7.84
C ARG H 1363 -14.45 71.36 7.16
N THR H 1364 -14.42 72.20 6.13
CA THR H 1364 -13.18 72.46 5.41
C THR H 1364 -12.35 73.49 6.18
N ALA H 1365 -11.09 73.16 6.42
CA ALA H 1365 -10.17 74.04 7.14
C ALA H 1365 -9.52 74.98 6.14
N HIS H 1366 -9.93 76.26 6.17
CA HIS H 1366 -9.36 77.24 5.26
C HIS H 1366 -7.96 77.67 5.68
N ALA H 1367 -7.65 77.58 6.97
CA ALA H 1367 -6.35 77.98 7.51
C ALA H 1367 -6.02 79.42 7.12
N GLY H 1368 -6.91 80.33 7.49
CA GLY H 1368 -6.74 81.74 7.18
C GLY H 1368 -7.98 82.55 7.45
N GLU H 1369 -8.38 83.38 6.49
CA GLU H 1369 -9.56 84.21 6.66
C GLU H 1369 -10.83 83.36 6.64
N THR H 1370 -11.89 83.90 7.25
CA THR H 1370 -13.16 83.20 7.33
C THR H 1370 -14.27 84.23 7.49
N GLY H 1371 -15.51 83.78 7.26
CA GLY H 1371 -16.66 84.64 7.37
C GLY H 1371 -16.92 85.12 8.78
N ALA H 1372 -16.74 86.42 9.02
CA ALA H 1372 -16.95 87.00 10.34
C ALA H 1372 -18.38 87.50 10.46
N ASP H 1373 -19.31 86.53 10.51
CA ASP H 1373 -20.73 86.80 10.63
C ASP H 1373 -21.24 86.23 11.94
N GLU H 1374 -21.97 87.04 12.70
CA GLU H 1374 -22.51 86.61 13.99
C GLU H 1374 -23.75 85.74 13.86
N VAL H 1375 -24.37 85.68 12.68
CA VAL H 1375 -25.56 84.88 12.47
C VAL H 1375 -25.52 84.33 11.04
N HIS H 1376 -26.08 83.14 10.87
CA HIS H 1376 -26.13 82.51 9.56
C HIS H 1376 -27.20 83.16 8.69
N LEU H 1377 -27.16 82.84 7.40
CA LEU H 1377 -28.12 83.42 6.46
C LEU H 1377 -29.52 82.85 6.68
N ALA H 1378 -29.65 81.53 6.55
CA ALA H 1378 -30.94 80.87 6.74
C ALA H 1378 -30.89 79.64 7.63
N GLN H 1379 -29.73 79.01 7.80
CA GLN H 1379 -29.64 77.82 8.63
C GLN H 1379 -29.45 78.21 10.10
N TYR H 1380 -29.75 77.25 10.98
CA TYR H 1380 -29.59 77.49 12.41
C TYR H 1380 -28.12 77.51 12.79
N LEU H 1381 -27.76 78.40 13.70
CA LEU H 1381 -26.38 78.53 14.16
C LEU H 1381 -26.38 79.06 15.58
N ILE H 1382 -25.73 78.33 16.48
CA ILE H 1382 -25.62 78.70 17.89
C ILE H 1382 -24.15 78.88 18.24
N ARG H 1383 -23.83 80.02 18.84
CA ARG H 1383 -22.45 80.29 19.24
C ARG H 1383 -22.01 79.34 20.33
N ASP H 1384 -20.77 78.86 20.21
CA ASP H 1384 -20.19 77.92 21.16
C ASP H 1384 -19.53 78.67 22.31
N ALA H 1385 -19.91 78.33 23.54
CA ALA H 1385 -19.34 78.93 24.73
C ALA H 1385 -18.29 78.03 25.38
N SER H 1386 -17.90 76.95 24.71
CA SER H 1386 -16.90 76.05 25.27
C SER H 1386 -15.54 76.76 25.36
N PRO H 1387 -14.76 76.49 26.41
CA PRO H 1387 -13.44 77.13 26.52
C PRO H 1387 -12.51 76.78 25.38
N LEU H 1388 -12.61 75.57 24.83
CA LEU H 1388 -11.75 75.12 23.74
C LEU H 1388 -12.58 74.96 22.47
N ARG H 1389 -12.07 75.52 21.37
CA ARG H 1389 -12.74 75.44 20.08
C ARG H 1389 -11.77 74.90 19.04
N GLY H 1390 -12.32 74.22 18.03
CA GLY H 1390 -11.50 73.64 16.99
C GLY H 1390 -10.60 72.52 17.47
N CYS H 1391 -11.10 71.62 18.31
CA CYS H 1391 -10.31 70.52 18.82
C CYS H 1391 -10.00 69.53 17.70
N LEU H 1392 -8.86 68.83 17.86
CA LEU H 1392 -8.35 67.81 16.95
C LEU H 1392 -7.91 68.42 15.62
N PRO H 1393 -6.85 67.88 14.99
CA PRO H 1393 -6.39 68.43 13.71
C PRO H 1393 -7.37 68.13 12.58
N LEU H 1394 -8.02 69.16 12.06
CA LEU H 1394 -8.98 69.00 10.98
C LEU H 1394 -8.26 68.77 9.65
N SER I 7 -118.06 65.67 -13.63
CA SER I 7 -118.01 66.50 -12.43
C SER I 7 -116.56 66.77 -12.03
N ARG I 8 -116.28 68.02 -11.65
CA ARG I 8 -114.96 68.45 -11.23
C ARG I 8 -115.03 69.28 -9.97
N VAL I 9 -115.85 68.85 -9.02
CA VAL I 9 -116.05 69.55 -7.74
C VAL I 9 -115.46 68.70 -6.63
N VAL I 10 -114.57 69.29 -5.83
CA VAL I 10 -113.94 68.56 -4.73
C VAL I 10 -114.87 68.36 -3.54
N PHE I 11 -116.04 69.01 -3.54
CA PHE I 11 -116.97 68.84 -2.43
C PHE I 11 -117.49 67.41 -2.35
N ASP I 12 -117.80 66.81 -3.50
CA ASP I 12 -118.31 65.43 -3.57
C ASP I 12 -117.52 64.65 -4.62
N PRO I 13 -116.27 64.31 -4.32
CA PRO I 13 -115.43 63.58 -5.28
C PRO I 13 -115.52 62.07 -5.20
N SER I 14 -116.49 61.53 -4.45
CA SER I 14 -116.60 60.07 -4.33
C SER I 14 -116.93 59.42 -5.66
N ASN I 15 -117.87 60.00 -6.41
CA ASN I 15 -118.27 59.45 -7.70
C ASN I 15 -117.27 59.82 -8.79
N PRO I 16 -116.88 61.11 -8.95
CA PRO I 16 -115.90 61.41 -10.01
C PRO I 16 -114.44 61.23 -9.57
N THR I 17 -114.02 59.97 -9.54
CA THR I 17 -112.68 59.62 -9.07
C THR I 17 -111.79 59.01 -10.14
N THR I 18 -112.31 58.05 -10.92
CA THR I 18 -111.50 57.38 -11.93
C THR I 18 -112.01 57.62 -13.35
N PHE I 19 -113.28 57.33 -13.62
CA PHE I 19 -113.79 57.46 -14.98
C PHE I 19 -113.90 58.91 -15.41
N SER I 20 -114.25 59.80 -14.48
CA SER I 20 -114.32 61.22 -14.81
C SER I 20 -112.95 61.78 -15.14
N VAL I 21 -111.93 61.36 -14.39
CA VAL I 21 -110.58 61.84 -14.65
C VAL I 21 -110.04 61.26 -15.96
N GLU I 22 -110.32 59.97 -16.20
CA GLU I 22 -109.82 59.33 -17.41
C GLU I 22 -110.47 59.91 -18.66
N ALA I 23 -111.75 60.25 -18.59
CA ALA I 23 -112.46 60.75 -19.77
C ALA I 23 -112.06 62.20 -20.08
N ILE I 24 -112.29 63.10 -19.14
CA ILE I 24 -111.99 64.52 -19.39
C ILE I 24 -110.48 64.75 -19.27
N ALA I 25 -110.05 65.91 -19.77
CA ALA I 25 -108.65 66.27 -19.74
C ALA I 25 -108.27 66.80 -18.35
N ALA I 26 -106.97 66.94 -18.13
CA ALA I 26 -106.45 67.43 -16.86
C ALA I 26 -106.41 68.95 -16.78
N TYR I 27 -106.79 69.65 -17.86
CA TYR I 27 -106.73 71.11 -17.85
C TYR I 27 -107.69 71.70 -16.81
N THR I 28 -108.92 71.18 -16.73
CA THR I 28 -109.86 71.71 -15.75
C THR I 28 -109.43 71.45 -14.31
N PRO I 29 -109.03 70.24 -13.90
CA PRO I 29 -108.51 70.09 -12.54
C PRO I 29 -107.25 70.88 -12.28
N VAL I 30 -106.38 71.05 -13.28
CA VAL I 30 -105.18 71.87 -13.09
C VAL I 30 -105.57 73.31 -12.82
N ALA I 31 -106.52 73.84 -13.58
CA ALA I 31 -106.99 75.21 -13.35
C ALA I 31 -107.66 75.34 -11.99
N LEU I 32 -108.44 74.33 -11.59
CA LEU I 32 -109.08 74.37 -10.28
C LEU I 32 -108.05 74.39 -9.16
N ILE I 33 -107.00 73.57 -9.29
CA ILE I 33 -105.94 73.56 -8.28
C ILE I 33 -105.21 74.89 -8.25
N ARG I 34 -104.93 75.46 -9.42
CA ARG I 34 -104.24 76.76 -9.47
C ARG I 34 -105.07 77.85 -8.83
N LEU I 35 -106.39 77.85 -9.09
CA LEU I 35 -107.26 78.86 -8.49
C LEU I 35 -107.52 78.61 -7.01
N LEU I 36 -107.33 77.37 -6.54
CA LEU I 36 -107.53 77.03 -5.14
C LEU I 36 -106.21 76.94 -4.38
N ASN I 37 -105.23 77.77 -4.75
CA ASN I 37 -103.89 77.83 -4.16
C ASN I 37 -103.34 76.44 -3.84
N ALA I 38 -102.71 76.31 -2.68
CA ALA I 38 -102.10 75.04 -2.25
C ALA I 38 -102.78 74.52 -0.99
N SER I 39 -104.10 74.64 -0.92
CA SER I 39 -104.86 74.15 0.22
C SER I 39 -106.26 73.78 -0.24
N GLY I 40 -106.80 72.71 0.34
CA GLY I 40 -108.12 72.25 0.01
C GLY I 40 -108.89 71.79 1.23
N PRO I 41 -110.22 71.98 1.20
CA PRO I 41 -111.05 71.56 2.33
C PRO I 41 -111.16 70.03 2.39
N LEU I 42 -110.64 69.45 3.47
CA LEU I 42 -110.66 68.01 3.67
C LEU I 42 -111.88 67.53 4.44
N GLN I 43 -112.74 68.44 4.91
CA GLN I 43 -113.93 68.06 5.65
C GLN I 43 -115.02 67.52 4.73
N PRO I 44 -115.44 68.22 3.67
CA PRO I 44 -116.50 67.68 2.81
C PRO I 44 -116.02 66.48 2.02
N GLY I 45 -116.96 65.61 1.69
CA GLY I 45 -116.67 64.44 0.89
C GLY I 45 -115.96 63.35 1.68
N HIS I 46 -115.56 62.31 0.96
CA HIS I 46 -114.86 61.18 1.54
C HIS I 46 -113.35 61.37 1.37
N ARG I 47 -112.82 62.35 2.09
CA ARG I 47 -111.40 62.70 2.04
C ARG I 47 -110.87 62.70 3.48
N VAL I 48 -110.41 61.54 3.94
CA VAL I 48 -109.87 61.41 5.29
C VAL I 48 -108.42 61.85 5.30
N ASP I 49 -108.09 62.79 6.19
CA ASP I 49 -106.74 63.34 6.33
C ASP I 49 -106.32 63.95 4.98
N ILE I 50 -105.03 63.89 4.66
CA ILE I 50 -104.53 64.40 3.39
C ILE I 50 -103.73 63.37 2.60
N ALA I 51 -103.19 62.32 3.23
CA ALA I 51 -102.43 61.33 2.49
C ALA I 51 -103.31 60.58 1.49
N ASP I 52 -104.54 60.23 1.91
CA ASP I 52 -105.45 59.55 1.00
C ASP I 52 -105.81 60.42 -0.19
N ALA I 53 -106.07 61.70 0.06
CA ALA I 53 -106.39 62.62 -1.04
C ALA I 53 -105.20 62.77 -1.99
N ARG I 54 -103.99 62.88 -1.43
CA ARG I 54 -102.80 62.98 -2.28
C ARG I 54 -102.61 61.72 -3.11
N SER I 55 -102.82 60.55 -2.52
CA SER I 55 -102.69 59.31 -3.27
C SER I 55 -103.74 59.22 -4.37
N ILE I 56 -104.98 59.63 -4.07
CA ILE I 56 -106.02 59.62 -5.10
C ILE I 56 -105.66 60.55 -6.24
N TYR I 57 -105.18 61.76 -5.92
CA TYR I 57 -104.79 62.70 -6.96
C TYR I 57 -103.65 62.15 -7.81
N THR I 58 -102.64 61.54 -7.17
CA THR I 58 -101.51 61.02 -7.92
C THR I 58 -101.91 59.86 -8.82
N VAL I 59 -102.74 58.94 -8.32
CA VAL I 59 -103.16 57.82 -9.16
C VAL I 59 -104.05 58.29 -10.30
N GLY I 60 -104.90 59.30 -10.04
CA GLY I 60 -105.70 59.87 -11.11
C GLY I 60 -104.86 60.53 -12.18
N ALA I 61 -103.84 61.29 -11.78
CA ALA I 61 -102.94 61.91 -12.74
C ALA I 61 -102.18 60.85 -13.54
N ALA I 62 -101.73 59.79 -12.87
CA ALA I 62 -101.04 58.71 -13.57
C ALA I 62 -101.95 58.03 -14.58
N ALA I 63 -103.21 57.78 -14.20
CA ALA I 63 -104.15 57.16 -15.13
C ALA I 63 -104.43 58.08 -16.32
N SER I 64 -104.58 59.38 -16.07
CA SER I 64 -104.80 60.32 -17.17
C SER I 64 -103.61 60.37 -18.10
N ALA I 65 -102.39 60.37 -17.55
CA ALA I 65 -101.19 60.37 -18.38
C ALA I 65 -101.09 59.09 -19.20
N ALA I 66 -101.41 57.95 -18.59
CA ALA I 66 -101.38 56.69 -19.32
C ALA I 66 -102.40 56.67 -20.45
N ARG I 67 -103.60 57.19 -20.19
CA ARG I 67 -104.62 57.26 -21.23
C ARG I 67 -104.19 58.18 -22.36
N ALA I 68 -103.59 59.33 -22.03
CA ALA I 68 -103.12 60.23 -23.06
C ALA I 68 -102.01 59.59 -23.89
N ARG I 69 -101.09 58.88 -23.24
CA ARG I 69 -100.02 58.20 -23.97
C ARG I 69 -100.59 57.12 -24.89
N ALA I 70 -101.57 56.36 -24.40
CA ALA I 70 -102.20 55.34 -25.24
C ALA I 70 -102.91 55.97 -26.44
N ASN I 71 -103.59 57.09 -26.22
CA ASN I 71 -104.27 57.76 -27.32
C ASN I 71 -103.27 58.31 -28.34
N HIS I 72 -102.15 58.85 -27.87
CA HIS I 72 -101.15 59.42 -28.78
C HIS I 72 -100.21 58.38 -29.36
N ASN I 73 -100.29 57.13 -28.91
CA ASN I 73 -99.43 56.07 -29.42
C ASN I 73 -99.74 55.68 -30.86
N ALA I 74 -100.89 56.14 -31.40
CA ALA I 74 -101.23 55.80 -32.78
C ALA I 74 -100.22 56.37 -33.77
N ASN I 75 -99.79 57.62 -33.54
CA ASN I 75 -98.84 58.28 -34.42
C ASN I 75 -97.39 58.07 -34.01
N THR I 76 -97.14 57.35 -32.92
CA THR I 76 -95.79 57.08 -32.44
C THR I 76 -95.54 55.57 -32.47
N ILE I 77 -94.36 55.17 -31.97
CA ILE I 77 -93.96 53.77 -31.92
C ILE I 77 -94.09 53.27 -30.50
N ARG I 78 -94.33 51.98 -30.36
CA ARG I 78 -94.50 51.38 -29.05
C ARG I 78 -93.20 51.45 -28.26
N ARG I 79 -93.32 51.72 -26.96
CA ARG I 79 -92.14 51.83 -26.11
C ARG I 79 -91.52 50.47 -25.86
N THR I 80 -90.23 50.48 -25.54
CA THR I 80 -89.47 49.27 -25.27
C THR I 80 -88.61 49.47 -24.03
N ALA I 81 -88.31 48.36 -23.37
CA ALA I 81 -87.49 48.41 -22.16
C ALA I 81 -86.03 48.68 -22.50
N MET I 82 -85.29 49.16 -21.50
CA MET I 82 -83.87 49.44 -21.70
C MET I 82 -83.10 48.16 -22.00
N PHE I 83 -83.40 47.09 -21.29
CA PHE I 83 -82.78 45.79 -21.49
C PHE I 83 -83.78 44.81 -22.08
N ALA I 84 -83.25 43.75 -22.69
CA ALA I 84 -84.11 42.75 -23.32
C ALA I 84 -84.66 41.77 -22.29
N GLU I 85 -83.78 41.03 -21.61
CA GLU I 85 -84.16 40.02 -20.63
C GLU I 85 -85.12 38.99 -21.22
N THR I 86 -84.89 38.64 -22.48
CA THR I 86 -85.72 37.69 -23.21
C THR I 86 -84.83 36.69 -23.95
N ASP I 87 -83.84 36.14 -23.25
CA ASP I 87 -82.88 35.20 -23.82
C ASP I 87 -82.83 33.95 -22.96
N PRO I 88 -83.85 33.07 -23.08
CA PRO I 88 -83.81 31.82 -22.32
C PRO I 88 -82.69 30.89 -22.74
N MET I 89 -82.13 31.06 -23.94
CA MET I 89 -81.04 30.21 -24.43
C MET I 89 -79.68 30.80 -24.04
N THR I 90 -79.44 30.83 -22.74
CA THR I 90 -78.18 31.37 -22.22
C THR I 90 -76.99 30.52 -22.66
N TRP I 91 -77.16 29.20 -22.72
CA TRP I 91 -76.06 28.34 -23.14
C TRP I 91 -75.77 28.46 -24.62
N LEU I 92 -76.77 28.82 -25.42
CA LEU I 92 -76.57 28.93 -26.87
C LEU I 92 -75.84 30.21 -27.23
N ARG I 93 -76.44 31.36 -26.92
CA ARG I 93 -75.82 32.65 -27.21
C ARG I 93 -76.51 33.72 -26.37
N PRO I 94 -75.81 34.78 -25.99
CA PRO I 94 -76.44 35.86 -25.24
C PRO I 94 -77.16 36.84 -26.15
N THR I 95 -77.90 37.76 -25.53
CA THR I 95 -78.64 38.79 -26.23
C THR I 95 -78.25 40.15 -25.67
N VAL I 96 -77.90 41.08 -26.56
CA VAL I 96 -77.51 42.43 -26.17
C VAL I 96 -78.76 43.26 -25.90
N GLY I 97 -78.58 44.42 -25.28
CA GLY I 97 -79.67 45.31 -24.98
C GLY I 97 -80.10 46.14 -26.17
N LEU I 98 -80.95 47.12 -25.89
CA LEU I 98 -81.48 48.01 -26.92
C LEU I 98 -81.21 49.46 -26.51
N LYS I 99 -80.67 50.24 -27.43
CA LYS I 99 -80.40 51.67 -27.23
C LYS I 99 -81.10 52.42 -28.36
N ARG I 100 -82.33 52.86 -28.09
CA ARG I 100 -83.14 53.54 -29.11
C ARG I 100 -82.57 54.92 -29.39
N THR I 101 -82.04 55.12 -30.60
CA THR I 101 -81.49 56.40 -31.01
C THR I 101 -82.21 56.99 -32.22
N PHE I 102 -83.21 56.30 -32.76
CA PHE I 102 -83.93 56.79 -33.92
C PHE I 102 -84.99 57.82 -33.51
N ASN I 103 -85.63 58.40 -34.50
CA ASN I 103 -86.66 59.40 -34.25
C ASN I 103 -87.92 58.70 -33.71
N PRO I 104 -88.43 59.12 -32.56
CA PRO I 104 -89.65 58.48 -32.03
C PRO I 104 -90.87 58.66 -32.91
N ARG I 105 -90.91 59.69 -33.76
CA ARG I 105 -92.03 59.91 -34.64
C ARG I 105 -91.86 59.13 -35.94
N ILE I 106 -92.97 58.94 -36.64
CA ILE I 106 -92.94 58.21 -37.91
C ILE I 106 -92.12 58.98 -38.95
N ILE I 107 -92.34 60.29 -39.03
CA ILE I 107 -91.62 61.12 -39.99
C ILE I 107 -90.89 62.24 -39.27
N GLY J 71 58.38 73.07 0.10
CA GLY J 71 57.06 73.24 -0.45
C GLY J 71 56.40 71.94 -0.87
N THR J 72 57.20 71.03 -1.43
CA THR J 72 56.73 69.73 -1.89
C THR J 72 57.56 68.64 -1.22
N TYR J 73 56.87 67.64 -0.67
CA TYR J 73 57.52 66.53 0.01
C TYR J 73 57.05 65.22 -0.62
N CYS J 74 57.47 64.11 -0.03
CA CYS J 74 57.14 62.76 -0.51
C CYS J 74 56.34 62.07 0.59
N ASN J 75 55.01 62.24 0.55
CA ASN J 75 54.13 61.63 1.54
C ASN J 75 52.76 61.48 0.91
N THR J 76 52.37 60.24 0.63
CA THR J 76 51.08 59.94 0.01
C THR J 76 50.09 59.42 1.04
N LEU J 77 48.82 59.44 0.65
CA LEU J 77 47.66 59.00 1.45
C LEU J 77 47.77 59.58 2.87
N ASN J 78 47.21 58.89 3.86
CA ASN J 78 47.25 59.32 5.24
C ASN J 78 47.57 58.15 6.15
N PHE J 79 48.43 58.38 7.13
CA PHE J 79 48.83 57.36 8.08
C PHE J 79 48.12 57.62 9.41
N VAL J 80 47.25 56.70 9.81
CA VAL J 80 46.50 56.81 11.04
C VAL J 80 46.54 55.48 11.78
N ARG J 81 46.29 55.54 13.08
CA ARG J 81 46.27 54.37 13.94
C ARG J 81 44.98 54.35 14.75
N PHE J 82 44.83 53.33 15.58
CA PHE J 82 43.65 53.17 16.43
C PHE J 82 43.94 53.17 17.92
N LEU J 83 45.14 52.76 18.33
CA LEU J 83 45.47 52.76 19.75
C LEU J 83 45.71 54.15 20.30
N GLU J 84 45.90 55.15 19.43
CA GLU J 84 46.11 56.52 19.85
C GLU J 84 45.04 57.48 19.36
N LEU J 85 44.09 57.01 18.54
CA LEU J 85 43.04 57.88 18.03
C LEU J 85 42.16 58.38 19.16
N GLY J 86 41.81 57.51 20.11
CA GLY J 86 40.97 57.89 21.22
C GLY J 86 39.48 57.83 20.94
N LEU J 87 39.07 57.07 19.92
CA LEU J 87 37.65 56.97 19.60
C LEU J 87 36.88 56.30 20.74
N SER J 88 37.45 55.28 21.35
CA SER J 88 36.81 54.56 22.44
C SER J 88 37.00 55.36 23.73
N VAL J 89 36.01 56.20 24.04
CA VAL J 89 36.06 57.03 25.22
C VAL J 89 35.07 56.59 26.30
N ALA J 90 34.08 55.76 25.97
CA ALA J 90 33.08 55.29 26.91
C ALA J 90 33.04 53.77 26.94
N CYS J 91 34.21 53.13 26.91
CA CYS J 91 34.30 51.68 26.95
C CYS J 91 35.60 51.28 27.61
N ILE J 92 35.57 50.17 28.35
CA ILE J 92 36.73 49.65 29.05
C ILE J 92 37.35 48.55 28.21
N CYS J 93 38.65 48.66 27.93
CA CYS J 93 39.35 47.68 27.13
C CYS J 93 39.76 46.48 27.99
N THR J 94 39.53 45.28 27.45
CA THR J 94 39.86 44.05 28.14
C THR J 94 40.56 43.10 27.17
N LYS J 95 41.40 42.23 27.72
CA LYS J 95 42.14 41.26 26.94
C LYS J 95 41.85 39.85 27.44
N PHE J 96 41.82 38.89 26.52
CA PHE J 96 41.55 37.50 26.85
C PHE J 96 42.26 36.62 25.83
N PRO J 97 43.51 36.22 26.11
CA PRO J 97 44.23 35.35 25.17
C PRO J 97 43.55 34.01 24.95
N GLU J 98 42.89 33.47 25.96
CA GLU J 98 42.22 32.17 25.85
C GLU J 98 40.78 32.35 25.37
N LEU J 99 40.65 32.90 24.17
CA LEU J 99 39.35 33.16 23.56
C LEU J 99 39.02 32.03 22.60
N ALA J 100 37.83 31.46 22.74
CA ALA J 100 37.37 30.37 21.90
C ALA J 100 35.85 30.45 21.77
N TYR J 101 35.25 29.36 21.31
CA TYR J 101 33.80 29.32 21.17
C TYR J 101 33.12 29.37 22.52
N VAL J 102 32.05 30.16 22.62
CA VAL J 102 31.33 30.34 23.87
C VAL J 102 30.02 29.55 23.81
N ARG J 103 29.50 29.36 22.61
CA ARG J 103 28.23 28.66 22.39
C ARG J 103 27.11 29.30 23.19
N ASP J 104 27.06 30.62 23.18
CA ASP J 104 26.05 31.42 23.89
C ASP J 104 26.17 31.11 25.38
N GLY J 105 25.06 31.20 26.11
CA GLY J 105 25.07 30.94 27.54
C GLY J 105 23.82 31.51 28.19
N VAL J 106 23.91 31.70 29.50
CA VAL J 106 22.83 32.25 30.30
C VAL J 106 23.37 33.41 31.13
N ILE J 107 22.46 34.32 31.49
CA ILE J 107 22.80 35.50 32.28
C ILE J 107 21.77 35.65 33.39
N GLN J 108 22.15 36.40 34.42
CA GLN J 108 21.27 36.66 35.55
C GLN J 108 21.54 38.06 36.08
N PHE J 109 20.46 38.78 36.38
CA PHE J 109 20.54 40.13 36.90
C PHE J 109 19.63 40.26 38.13
N GLU J 110 20.02 41.15 39.04
CA GLU J 110 19.27 41.38 40.27
C GLU J 110 19.28 42.87 40.55
N VAL J 111 18.12 43.52 40.47
CA VAL J 111 17.96 44.94 40.74
C VAL J 111 16.95 45.10 41.86
N GLN J 112 17.33 45.84 42.91
CA GLN J 112 16.45 46.06 44.05
C GLN J 112 15.42 47.11 43.70
N GLN J 113 14.14 46.74 43.78
CA GLN J 113 13.04 47.65 43.49
C GLN J 113 12.28 47.95 44.77
N PRO J 114 12.25 49.19 45.24
CA PRO J 114 11.51 49.50 46.46
C PRO J 114 10.01 49.27 46.27
N MET J 115 9.37 48.79 47.34
CA MET J 115 7.95 48.50 47.33
C MET J 115 7.18 49.68 47.94
N ILE J 116 5.88 49.49 48.14
CA ILE J 116 5.02 50.51 48.72
C ILE J 116 4.23 49.89 49.86
N ALA J 117 3.79 50.75 50.78
CA ALA J 117 3.03 50.34 51.95
C ALA J 117 1.73 51.12 52.00
N ARG J 118 0.61 50.41 52.08
CA ARG J 118 -0.70 51.04 52.17
C ARG J 118 -1.67 50.06 52.81
N ASP J 119 -2.78 50.60 53.30
CA ASP J 119 -3.79 49.79 53.96
C ASP J 119 -5.15 50.44 53.77
N GLY J 120 -6.21 49.65 53.94
CA GLY J 120 -7.56 50.12 53.78
C GLY J 120 -8.43 49.14 53.03
N PRO J 121 -9.42 49.67 52.30
CA PRO J 121 -10.29 48.77 51.50
C PRO J 121 -9.54 47.99 50.44
N HIS J 122 -8.48 48.57 49.87
CA HIS J 122 -7.71 47.87 48.84
C HIS J 122 -6.92 46.73 49.47
N PRO J 123 -6.73 45.64 48.74
CA PRO J 123 -5.94 44.52 49.29
C PRO J 123 -4.48 44.91 49.51
N VAL J 124 -3.87 44.26 50.50
CA VAL J 124 -2.47 44.55 50.82
C VAL J 124 -1.57 44.01 49.72
N ASP J 125 -0.40 44.62 49.60
CA ASP J 125 0.59 44.26 48.59
C ASP J 125 1.82 43.64 49.25
N GLN J 126 2.37 42.61 48.61
CA GLN J 126 3.55 41.92 49.11
C GLN J 126 4.63 41.92 48.04
N PRO J 127 5.90 42.00 48.45
CA PRO J 127 6.99 41.97 47.46
C PRO J 127 7.06 40.64 46.73
N VAL J 128 7.47 40.70 45.47
CA VAL J 128 7.61 39.53 44.62
C VAL J 128 8.96 39.61 43.91
N HIS J 129 9.47 38.45 43.51
CA HIS J 129 10.74 38.35 42.80
C HIS J 129 10.52 37.55 41.52
N ASN J 130 10.93 38.13 40.39
CA ASN J 130 10.80 37.50 39.08
C ASN J 130 12.16 37.45 38.41
N TYR J 131 12.52 36.27 37.90
CA TYR J 131 13.79 36.07 37.21
C TYR J 131 13.51 35.68 35.77
N MET J 132 14.18 36.36 34.83
CA MET J 132 14.02 36.09 33.41
C MET J 132 15.38 35.81 32.80
N VAL J 133 15.47 34.74 32.03
CA VAL J 133 16.71 34.35 31.38
C VAL J 133 16.68 34.85 29.93
N LYS J 134 17.86 35.03 29.35
CA LYS J 134 18.00 35.51 27.99
C LYS J 134 19.12 34.73 27.31
N ARG J 135 19.43 35.11 26.07
CA ARG J 135 20.47 34.49 25.28
C ARG J 135 21.33 35.57 24.65
N ILE J 136 22.39 35.14 23.96
CA ILE J 136 23.31 36.04 23.28
C ILE J 136 23.55 35.54 21.87
N HIS J 137 24.03 36.44 21.01
CA HIS J 137 24.32 36.14 19.62
C HIS J 137 25.80 36.36 19.33
N LYS J 138 26.39 35.44 18.61
CA LYS J 138 27.81 35.49 18.25
C LYS J 138 27.94 35.84 16.77
N ARG J 139 28.75 36.84 16.47
CA ARG J 139 28.97 37.27 15.10
C ARG J 139 30.08 36.44 14.44
N SER J 140 30.25 36.65 13.14
CA SER J 140 31.25 35.96 12.35
C SER J 140 32.15 36.97 11.65
N LEU J 141 33.45 36.69 11.61
CA LEU J 141 34.43 37.55 10.98
C LEU J 141 35.09 36.82 9.82
N SER J 142 35.11 37.46 8.66
CA SER J 142 35.71 36.89 7.45
C SER J 142 36.60 37.93 6.79
N ALA J 143 37.78 37.49 6.37
CA ALA J 143 38.74 38.37 5.71
C ALA J 143 39.70 37.52 4.89
N ALA J 144 39.78 37.79 3.59
CA ALA J 144 40.65 37.04 2.70
C ALA J 144 41.02 37.90 1.50
N PHE J 145 42.09 37.51 0.82
CA PHE J 145 42.55 38.21 -0.36
C PHE J 145 42.75 37.26 -1.52
N ALA J 146 43.31 37.75 -2.63
CA ALA J 146 43.54 36.92 -3.81
C ALA J 146 44.80 37.41 -4.50
N ILE J 147 45.89 36.66 -4.34
CA ILE J 147 47.16 36.98 -4.97
C ILE J 147 47.96 35.68 -5.12
N ALA J 148 48.67 35.56 -6.23
CA ALA J 148 49.45 34.37 -6.51
C ALA J 148 50.90 34.65 -6.84
N SER J 149 51.18 35.74 -7.55
CA SER J 149 52.56 36.05 -7.94
C SER J 149 53.43 36.32 -6.72
N GLU J 150 52.93 37.11 -5.78
CA GLU J 150 53.71 37.42 -4.58
C GLU J 150 53.96 36.17 -3.76
N ALA J 151 52.94 35.32 -3.59
CA ALA J 151 53.12 34.08 -2.84
C ALA J 151 54.13 33.16 -3.53
N LEU J 152 54.05 33.05 -4.85
CA LEU J 152 54.99 32.21 -5.59
C LEU J 152 56.42 32.74 -5.44
N SER J 153 56.59 34.06 -5.53
CA SER J 153 57.92 34.65 -5.37
C SER J 153 58.45 34.41 -3.96
N LEU J 154 57.58 34.52 -2.95
CA LEU J 154 58.03 34.35 -1.57
C LEU J 154 58.38 32.89 -1.28
N LEU J 155 57.63 31.95 -1.84
CA LEU J 155 57.82 30.54 -1.54
C LEU J 155 58.67 29.81 -2.58
N SER J 156 59.21 30.52 -3.57
CA SER J 156 60.00 29.86 -4.61
C SER J 156 61.44 29.62 -4.20
N ASN J 157 61.93 30.27 -3.14
CA ASN J 157 63.33 30.12 -2.77
C ASN J 157 63.56 28.87 -1.92
N THR J 158 62.94 28.82 -0.74
CA THR J 158 63.09 27.71 0.22
C THR J 158 64.56 27.35 0.46
N TYR J 159 65.45 28.34 0.34
CA TYR J 159 66.89 28.16 0.50
C TYR J 159 67.44 27.12 -0.47
N VAL J 160 68.72 26.80 -0.35
CA VAL J 160 69.32 25.75 -1.17
C VAL J 160 69.94 24.68 -0.27
N ASP J 161 70.92 25.06 0.54
CA ASP J 161 71.57 24.13 1.44
C ASP J 161 71.98 24.74 2.78
N GLY J 162 71.66 26.00 3.04
CA GLY J 162 72.10 26.66 4.25
C GLY J 162 73.03 27.82 3.98
N THR J 163 72.82 28.51 2.87
CA THR J 163 73.68 29.61 2.45
C THR J 163 73.36 30.86 3.27
N GLU J 164 73.88 32.01 2.84
CA GLU J 164 73.71 33.25 3.56
C GLU J 164 72.26 33.70 3.53
N ILE J 165 71.97 34.79 4.25
CA ILE J 165 70.60 35.28 4.39
C ILE J 165 70.11 36.08 3.20
N ASP J 166 71.00 36.42 2.26
CA ASP J 166 70.65 37.23 1.09
C ASP J 166 70.07 38.58 1.54
N SER J 167 70.95 39.37 2.16
CA SER J 167 70.53 40.59 2.86
C SER J 167 69.75 41.53 1.96
N SER J 168 70.12 41.62 0.68
CA SER J 168 69.42 42.53 -0.23
C SER J 168 67.98 42.07 -0.46
N LEU J 169 67.80 40.79 -0.81
CA LEU J 169 66.46 40.26 -1.03
C LEU J 169 65.64 40.28 0.26
N ARG J 170 66.28 39.97 1.39
CA ARG J 170 65.58 40.00 2.67
C ARG J 170 65.11 41.41 3.01
N ILE J 171 65.95 42.41 2.77
CA ILE J 171 65.56 43.79 3.03
C ILE J 171 64.43 44.22 2.10
N ARG J 172 64.51 43.86 0.82
CA ARG J 172 63.45 44.21 -0.11
C ARG J 172 62.13 43.57 0.29
N ALA J 173 62.15 42.29 0.68
CA ALA J 173 60.94 41.61 1.11
C ALA J 173 60.39 42.23 2.38
N ILE J 174 61.27 42.54 3.35
CA ILE J 174 60.81 43.14 4.60
C ILE J 174 60.15 44.49 4.34
N GLN J 175 60.71 45.27 3.42
CA GLN J 175 60.11 46.56 3.08
C GLN J 175 58.75 46.37 2.42
N GLN J 176 58.68 45.53 1.37
CA GLN J 176 57.47 45.43 0.57
C GLN J 176 56.34 44.78 1.36
N MET J 177 56.62 43.66 2.03
CA MET J 177 55.58 42.96 2.78
C MET J 177 55.06 43.82 3.92
N ALA J 178 55.96 44.53 4.63
CA ALA J 178 55.51 45.41 5.70
C ALA J 178 54.68 46.56 5.17
N ARG J 179 55.07 47.14 4.04
CA ARG J 179 54.31 48.24 3.46
C ARG J 179 52.91 47.78 3.06
N ASN J 180 52.80 46.58 2.47
CA ASN J 180 51.49 46.05 2.12
C ASN J 180 50.67 45.73 3.36
N LEU J 181 51.30 45.10 4.36
CA LEU J 181 50.59 44.67 5.55
C LEU J 181 50.08 45.83 6.37
N ARG J 182 50.82 46.95 6.39
CA ARG J 182 50.37 48.11 7.15
C ARG J 182 49.01 48.61 6.65
N THR J 183 48.90 48.84 5.34
CA THR J 183 47.63 49.31 4.79
C THR J 183 46.57 48.20 4.83
N VAL J 184 46.98 46.94 4.69
CA VAL J 184 46.00 45.85 4.78
C VAL J 184 45.36 45.81 6.16
N LEU J 185 46.18 45.90 7.21
CA LEU J 185 45.66 45.88 8.56
C LEU J 185 44.89 47.16 8.89
N ASP J 186 45.31 48.30 8.33
CA ASP J 186 44.54 49.53 8.53
C ASP J 186 43.15 49.40 7.93
N SER J 187 43.06 48.87 6.70
CA SER J 187 41.76 48.68 6.07
C SER J 187 40.92 47.66 6.85
N PHE J 188 41.54 46.58 7.32
CA PHE J 188 40.80 45.58 8.10
C PHE J 188 40.26 46.19 9.40
N GLU J 189 41.08 46.98 10.09
CA GLU J 189 40.63 47.61 11.32
C GLU J 189 39.51 48.60 11.05
N ARG J 190 39.63 49.38 9.98
CA ARG J 190 38.56 50.33 9.63
C ARG J 190 37.26 49.59 9.32
N GLY J 191 37.35 48.49 8.57
CA GLY J 191 36.15 47.72 8.26
C GLY J 191 35.52 47.10 9.49
N THR J 192 36.33 46.54 10.38
CA THR J 192 35.79 45.95 11.61
C THR J 192 35.16 47.02 12.50
N ALA J 193 35.77 48.20 12.59
CA ALA J 193 35.19 49.28 13.37
C ALA J 193 33.87 49.76 12.76
N ASP J 194 33.81 49.83 11.42
CA ASP J 194 32.58 50.27 10.77
C ASP J 194 31.47 49.24 10.90
N GLN J 195 31.81 47.96 10.89
CA GLN J 195 30.82 46.89 10.95
C GLN J 195 30.20 46.72 12.34
N LEU J 196 30.72 47.43 13.36
CA LEU J 196 30.20 47.28 14.71
C LEU J 196 28.81 47.86 14.89
N LEU J 197 28.29 48.61 13.90
CA LEU J 197 26.97 49.20 14.02
C LEU J 197 25.85 48.16 13.91
N GLY J 198 26.16 46.94 13.49
CA GLY J 198 25.12 45.94 13.30
C GLY J 198 24.42 45.55 14.59
N VAL J 199 25.14 45.60 15.72
CA VAL J 199 24.54 45.21 17.00
C VAL J 199 23.40 46.15 17.35
N LEU J 200 23.59 47.45 17.17
CA LEU J 200 22.57 48.44 17.48
C LEU J 200 21.74 48.83 16.27
N LEU J 201 21.96 48.20 15.11
CA LEU J 201 21.21 48.55 13.92
C LEU J 201 19.75 48.15 14.04
N GLU J 202 19.48 46.98 14.64
CA GLU J 202 18.11 46.48 14.77
C GLU J 202 17.48 46.97 16.07
N LYS J 203 17.41 48.30 16.20
CA LYS J 203 16.79 48.95 17.35
C LYS J 203 15.55 49.73 16.95
N ALA J 204 15.67 50.66 16.00
CA ALA J 204 14.58 51.50 15.52
C ALA J 204 13.84 52.16 16.67
N PRO J 205 14.45 53.11 17.37
CA PRO J 205 13.79 53.74 18.51
C PRO J 205 12.90 54.89 18.05
N PRO J 206 11.59 54.79 18.27
CA PRO J 206 10.67 55.89 17.92
C PRO J 206 10.53 56.90 19.06
N LEU J 207 11.53 57.78 19.17
CA LEU J 207 11.53 58.77 20.25
C LEU J 207 10.38 59.76 20.10
N SER J 208 10.12 60.22 18.87
CA SER J 208 9.06 61.20 18.66
C SER J 208 7.67 60.64 18.97
N LEU J 209 7.53 59.31 18.96
CA LEU J 209 6.26 58.68 19.29
C LEU J 209 6.20 58.14 20.71
N LEU J 210 7.35 57.95 21.36
CA LEU J 210 7.40 57.38 22.70
C LEU J 210 7.72 58.41 23.77
N SER J 211 7.98 59.66 23.40
CA SER J 211 8.22 60.69 24.40
C SER J 211 7.04 60.88 25.37
N PRO J 212 5.78 60.96 24.93
CA PRO J 212 4.69 61.07 25.91
C PRO J 212 4.34 59.75 26.58
N ILE J 213 4.63 58.61 25.95
CA ILE J 213 4.31 57.32 26.54
C ILE J 213 5.19 57.07 27.76
N ASN J 214 6.45 57.48 27.71
CA ASN J 214 7.36 57.28 28.83
C ASN J 214 6.97 58.09 30.05
N LYS J 215 6.11 59.10 29.89
CA LYS J 215 5.68 59.93 31.00
C LYS J 215 4.22 59.71 31.40
N PHE J 216 3.40 59.16 30.50
CA PHE J 216 1.98 58.93 30.77
C PHE J 216 1.60 57.50 30.38
N GLN J 217 2.41 56.54 30.81
CA GLN J 217 2.14 55.14 30.50
C GLN J 217 0.89 54.66 31.25
N PRO J 218 0.12 53.76 30.65
CA PRO J 218 -1.08 53.24 31.30
C PRO J 218 -0.73 52.11 32.26
N GLU J 219 -1.77 51.52 32.85
CA GLU J 219 -1.58 50.42 33.81
C GLU J 219 -1.66 49.07 33.12
N GLY J 220 -2.77 48.77 32.45
CA GLY J 220 -2.93 47.52 31.75
C GLY J 220 -4.26 46.84 31.97
N HIS J 221 -4.96 47.21 33.05
CA HIS J 221 -6.24 46.58 33.36
C HIS J 221 -7.37 47.20 32.54
N LEU J 222 -7.60 48.51 32.72
CA LEU J 222 -8.63 49.24 32.00
C LEU J 222 -8.05 50.17 30.95
N ASN J 223 -6.91 49.79 30.36
CA ASN J 223 -6.20 50.63 29.40
C ASN J 223 -6.70 50.46 27.98
N ARG J 224 -7.92 49.96 27.79
CA ARG J 224 -8.45 49.80 26.43
C ARG J 224 -8.62 51.15 25.75
N VAL J 225 -9.28 52.10 26.42
CA VAL J 225 -9.45 53.44 25.86
C VAL J 225 -8.10 54.14 25.74
N ALA J 226 -7.21 53.89 26.71
CA ALA J 226 -5.88 54.48 26.63
C ALA J 226 -5.13 54.03 25.38
N ARG J 227 -5.19 52.73 25.07
CA ARG J 227 -4.54 52.22 23.86
C ARG J 227 -5.24 52.71 22.61
N ALA J 228 -6.58 52.84 22.66
CA ALA J 228 -7.32 53.34 21.51
C ALA J 228 -6.91 54.78 21.18
N ALA J 229 -6.72 55.61 22.21
CA ALA J 229 -6.23 56.97 21.98
C ALA J 229 -4.76 56.97 21.58
N LEU J 230 -3.98 56.05 22.14
CA LEU J 230 -2.54 56.03 21.87
C LEU J 230 -2.25 55.67 20.43
N LEU J 231 -3.00 54.71 19.86
CA LEU J 231 -2.76 54.33 18.48
C LEU J 231 -3.07 55.49 17.53
N SER J 232 -4.16 56.22 17.78
CA SER J 232 -4.49 57.37 16.97
C SER J 232 -3.44 58.47 17.12
N ASP J 233 -2.95 58.68 18.35
CA ASP J 233 -1.91 59.68 18.56
C ASP J 233 -0.63 59.31 17.82
N LEU J 234 -0.26 58.02 17.85
CA LEU J 234 0.92 57.57 17.14
C LEU J 234 0.76 57.73 15.63
N LYS J 235 -0.43 57.41 15.11
CA LYS J 235 -0.68 57.59 13.69
C LYS J 235 -0.57 59.07 13.30
N ARG J 236 -1.14 59.95 14.10
CA ARG J 236 -1.05 61.38 13.81
C ARG J 236 0.40 61.86 13.86
N ARG J 237 1.16 61.40 14.85
CA ARG J 237 2.56 61.80 14.96
C ARG J 237 3.36 61.30 13.76
N VAL J 238 3.16 60.05 13.36
CA VAL J 238 3.92 59.51 12.24
C VAL J 238 3.47 60.09 10.91
N CYS J 239 2.25 60.64 10.85
CA CYS J 239 1.79 61.27 9.62
C CYS J 239 2.14 62.75 9.54
N ALA J 240 2.41 63.40 10.68
CA ALA J 240 2.74 64.82 10.68
C ALA J 240 4.00 65.09 11.50
N ASP J 241 4.99 64.19 11.41
CA ASP J 241 6.26 64.39 12.07
C ASP J 241 7.41 64.68 11.11
N MET J 242 7.22 64.49 9.81
CA MET J 242 8.28 64.69 8.83
C MET J 242 8.24 66.07 8.18
N PHE J 243 7.30 66.94 8.58
CA PHE J 243 7.18 68.26 8.00
C PHE J 243 7.02 69.36 9.04
N PHE J 244 7.11 69.03 10.33
CA PHE J 244 6.97 70.06 11.36
C PHE J 244 8.13 71.05 11.33
N MET J 245 9.34 70.57 11.03
CA MET J 245 10.50 71.45 10.97
C MET J 245 10.39 72.48 9.85
N THR J 246 9.58 72.21 8.83
CA THR J 246 9.36 73.16 7.74
C THR J 246 8.10 73.98 7.93
N ARG J 247 7.06 73.41 8.55
CA ARG J 247 5.81 74.13 8.77
C ARG J 247 5.84 75.00 10.02
N HIS J 248 6.85 74.85 10.88
CA HIS J 248 6.95 75.65 12.09
C HIS J 248 7.87 76.86 11.94
N ALA J 249 8.87 76.78 11.06
CA ALA J 249 9.83 77.84 10.81
C ALA J 249 10.60 78.25 12.07
N ARG J 250 10.71 77.35 13.04
CA ARG J 250 11.47 77.63 14.26
C ARG J 250 12.06 76.30 14.73
N GLU J 251 13.30 76.04 14.33
CA GLU J 251 13.97 74.78 14.64
C GLU J 251 14.49 74.74 16.08
N PRO J 252 15.32 75.70 16.54
CA PRO J 252 15.93 75.55 17.87
C PRO J 252 14.93 75.49 19.01
N ARG J 253 13.79 76.19 18.90
CA ARG J 253 12.83 76.21 19.99
C ARG J 253 12.28 74.81 20.28
N LEU J 254 11.95 74.05 19.24
CA LEU J 254 11.49 72.68 19.43
C LEU J 254 12.66 71.72 19.65
N ILE J 255 13.84 72.04 19.09
CA ILE J 255 14.99 71.16 19.24
C ILE J 255 15.42 71.10 20.70
N SER J 256 15.44 72.25 21.38
CA SER J 256 15.82 72.27 22.79
C SER J 256 14.85 71.46 23.63
N ALA J 257 13.55 71.60 23.38
CA ALA J 257 12.56 70.84 24.13
C ALA J 257 12.69 69.35 23.87
N TYR J 258 12.92 68.96 22.61
CA TYR J 258 13.10 67.55 22.28
C TYR J 258 14.34 66.98 22.97
N LEU J 259 15.44 67.74 22.98
CA LEU J 259 16.64 67.29 23.67
C LEU J 259 16.38 67.14 25.17
N SER J 260 15.66 68.09 25.76
CA SER J 260 15.36 68.03 27.18
C SER J 260 14.52 66.80 27.52
N ASP J 261 13.49 66.52 26.71
CA ASP J 261 12.63 65.38 27.01
C ASP J 261 13.27 64.04 26.65
N MET J 262 14.26 64.03 25.76
CA MET J 262 14.97 62.79 25.48
C MET J 262 16.12 62.54 26.45
N VAL J 263 16.62 63.59 27.11
CA VAL J 263 17.67 63.39 28.10
C VAL J 263 17.11 63.25 29.51
N SER J 264 15.88 63.70 29.77
CA SER J 264 15.25 63.54 31.07
C SER J 264 14.56 62.20 31.23
N CYS J 265 14.38 61.44 30.15
CA CYS J 265 13.76 60.13 30.20
C CYS J 265 14.76 58.98 30.21
N THR J 266 16.06 59.28 30.25
CA THR J 266 17.08 58.24 30.24
C THR J 266 17.05 57.44 31.54
N GLN J 267 17.34 56.14 31.42
CA GLN J 267 17.36 55.25 32.56
C GLN J 267 18.79 55.08 33.05
N PRO J 268 19.11 55.50 34.27
CA PRO J 268 20.48 55.33 34.77
C PRO J 268 20.85 53.86 34.89
N SER J 269 22.12 53.57 34.64
CA SER J 269 22.66 52.22 34.70
C SER J 269 23.79 52.15 35.71
N VAL J 270 23.95 50.97 36.32
CA VAL J 270 24.99 50.78 37.31
C VAL J 270 26.35 50.72 36.63
N MET J 271 27.31 51.47 37.17
CA MET J 271 28.66 51.51 36.61
C MET J 271 29.50 50.40 37.19
N VAL J 272 30.34 49.78 36.36
CA VAL J 272 31.20 48.69 36.78
C VAL J 272 32.67 49.08 36.83
N SER J 273 33.04 50.24 36.27
CA SER J 273 34.42 50.71 36.27
C SER J 273 34.57 51.85 37.27
N ARG J 274 35.56 51.73 38.15
CA ARG J 274 35.81 52.76 39.16
C ARG J 274 36.47 54.00 38.57
N ILE J 275 37.07 53.88 37.39
CA ILE J 275 37.76 55.00 36.73
C ILE J 275 37.13 55.20 35.36
N THR J 276 36.77 56.45 35.05
CA THR J 276 36.15 56.80 33.78
C THR J 276 36.99 57.86 33.08
N HIS J 277 36.80 57.95 31.76
CA HIS J 277 37.55 58.91 30.96
C HIS J 277 37.14 60.34 31.31
N THR J 278 38.12 61.22 31.41
CA THR J 278 37.89 62.62 31.74
C THR J 278 38.73 63.50 30.82
N ASN J 279 38.31 64.76 30.69
CA ASN J 279 39.00 65.72 29.84
C ASN J 279 40.11 66.41 30.63
N THR J 280 40.71 67.45 30.04
CA THR J 280 41.80 68.14 30.69
C THR J 280 41.36 68.84 31.97
N ARG J 281 40.18 69.46 31.95
CA ARG J 281 39.69 70.21 33.10
C ARG J 281 39.08 69.32 34.18
N GLY J 282 38.90 68.03 33.91
CA GLY J 282 38.36 67.12 34.89
C GLY J 282 36.85 67.10 34.99
N ARG J 283 36.14 67.80 34.10
CA ARG J 283 34.69 67.80 34.13
C ARG J 283 34.14 66.43 33.75
N GLN J 284 33.04 66.06 34.40
CA GLN J 284 32.40 64.77 34.17
C GLN J 284 31.38 64.88 33.04
N VAL J 285 31.50 63.99 32.06
CA VAL J 285 30.60 63.94 30.91
C VAL J 285 29.66 62.76 31.10
N ASP J 286 28.36 63.05 31.22
CA ASP J 286 27.34 62.04 31.44
C ASP J 286 26.59 61.65 30.18
N GLY J 287 27.01 62.15 29.03
CA GLY J 287 26.33 61.84 27.77
C GLY J 287 27.28 61.94 26.61
N VAL J 288 27.02 61.11 25.59
CA VAL J 288 27.81 61.09 24.37
C VAL J 288 26.86 61.21 23.18
N LEU J 289 27.15 62.15 22.29
CA LEU J 289 26.33 62.39 21.11
C LEU J 289 27.17 62.21 19.85
N VAL J 290 26.57 61.61 18.83
CA VAL J 290 27.23 61.39 17.54
C VAL J 290 26.39 62.05 16.47
N THR J 291 26.99 63.01 15.76
CA THR J 291 26.31 63.73 14.70
C THR J 291 27.25 63.89 13.52
N THR J 292 26.67 63.97 12.33
CA THR J 292 27.43 64.03 11.08
C THR J 292 26.55 64.67 10.01
N ALA J 293 26.97 64.55 8.75
CA ALA J 293 26.20 64.95 7.57
C ALA J 293 25.84 66.43 7.67
N THR J 294 24.76 66.84 7.03
CA THR J 294 24.30 68.22 7.11
C THR J 294 23.61 68.52 8.43
N LEU J 295 23.20 67.49 9.17
CA LEU J 295 22.60 67.71 10.48
C LEU J 295 23.58 68.37 11.43
N LYS J 296 24.84 67.90 11.43
CA LYS J 296 25.87 68.53 12.27
C LYS J 296 26.10 69.97 11.85
N ARG J 297 26.14 70.24 10.54
CA ARG J 297 26.36 71.60 10.06
C ARG J 297 25.22 72.52 10.50
N GLN J 298 23.98 72.06 10.35
CA GLN J 298 22.84 72.90 10.75
C GLN J 298 22.81 73.09 12.25
N LEU J 299 23.20 72.06 13.03
CA LEU J 299 23.23 72.20 14.47
C LEU J 299 24.27 73.22 14.90
N LEU J 300 25.47 73.16 14.32
CA LEU J 300 26.52 74.11 14.69
C LEU J 300 26.20 75.51 14.18
N GLN J 301 25.41 75.62 13.10
CA GLN J 301 24.99 76.94 12.65
C GLN J 301 23.89 77.52 13.53
N GLY J 302 23.02 76.67 14.09
CA GLY J 302 21.89 77.15 14.85
C GLY J 302 22.08 77.31 16.34
N ILE J 303 22.49 76.25 17.03
CA ILE J 303 22.45 76.26 18.49
C ILE J 303 23.77 75.77 19.11
N LEU J 304 24.62 75.15 18.30
CA LEU J 304 25.86 74.56 18.81
C LEU J 304 27.03 75.51 18.54
N GLN J 305 27.83 75.73 19.57
CA GLN J 305 29.00 76.59 19.49
C GLN J 305 30.20 75.87 20.08
N ILE J 306 31.37 76.15 19.51
CA ILE J 306 32.61 75.51 19.94
C ILE J 306 33.07 76.14 21.25
N ASP J 307 33.39 75.28 22.23
CA ASP J 307 33.88 75.72 23.52
C ASP J 307 35.28 75.23 23.83
N ASP J 308 35.57 73.97 23.57
CA ASP J 308 36.89 73.39 23.80
C ASP J 308 37.61 73.14 22.48
N THR J 309 38.93 73.04 22.56
CA THR J 309 39.74 72.81 21.38
C THR J 309 40.64 71.59 21.53
N ALA J 310 41.11 71.35 22.75
CA ALA J 310 41.99 70.22 23.04
C ALA J 310 41.41 69.38 24.16
N ALA J 311 41.68 68.08 24.11
CA ALA J 311 41.21 67.16 25.13
C ALA J 311 42.16 65.97 25.20
N ASP J 312 42.11 65.26 26.33
CA ASP J 312 42.94 64.09 26.56
C ASP J 312 42.07 62.92 26.97
N VAL J 313 42.52 61.71 26.60
CA VAL J 313 41.81 60.48 26.91
C VAL J 313 42.74 59.57 27.70
N PRO J 314 42.42 59.21 28.94
CA PRO J 314 43.28 58.31 29.70
C PRO J 314 43.22 56.89 29.16
N VAL J 315 44.27 56.14 29.44
CA VAL J 315 44.40 54.75 29.01
C VAL J 315 44.37 53.87 30.24
N THR J 316 43.43 52.92 30.28
CA THR J 316 43.28 52.00 31.40
C THR J 316 43.14 50.59 30.85
N TYR J 317 44.05 49.71 31.26
CA TYR J 317 44.05 48.32 30.83
C TYR J 317 43.89 47.40 32.02
N GLY J 318 43.09 46.36 31.87
CA GLY J 318 42.86 45.41 32.94
C GLY J 318 42.95 43.96 32.48
N GLU J 319 43.83 43.19 33.11
CA GLU J 319 44.04 41.78 32.77
C GLU J 319 43.56 40.91 33.93
N MET J 320 42.70 39.95 33.63
CA MET J 320 42.19 39.05 34.65
C MET J 320 43.25 38.04 35.05
N VAL J 321 43.15 37.55 36.30
CA VAL J 321 44.09 36.56 36.79
C VAL J 321 43.81 35.21 36.15
N LEU J 322 44.88 34.51 35.75
CA LEU J 322 44.77 33.21 35.10
C LEU J 322 45.47 32.11 35.89
N GLN J 323 45.84 32.36 37.14
CA GLN J 323 46.51 31.38 37.98
C GLN J 323 45.54 30.84 39.02
N GLY J 324 45.47 29.52 39.14
CA GLY J 324 44.59 28.89 40.10
C GLY J 324 44.22 27.47 39.74
N THR J 325 42.94 27.13 39.87
CA THR J 325 42.44 25.80 39.57
C THR J 325 41.75 25.73 38.21
N ASN J 326 41.92 26.75 37.37
CA ASN J 326 41.25 26.76 36.07
C ASN J 326 41.71 25.61 35.19
N LEU J 327 43.02 25.37 35.12
CA LEU J 327 43.54 24.32 34.25
C LEU J 327 43.06 22.94 34.69
N VAL J 328 43.15 22.64 35.98
CA VAL J 328 42.74 21.32 36.46
C VAL J 328 41.23 21.15 36.31
N THR J 329 40.45 22.19 36.63
CA THR J 329 39.00 22.06 36.49
C THR J 329 38.60 21.93 35.03
N ALA J 330 39.36 22.53 34.11
CA ALA J 330 39.06 22.38 32.69
C ALA J 330 39.43 21.00 32.18
N LEU J 331 40.53 20.43 32.68
CA LEU J 331 40.92 19.10 32.24
C LEU J 331 40.11 17.99 32.90
N VAL J 332 39.44 18.25 34.02
CA VAL J 332 38.63 17.22 34.66
C VAL J 332 37.16 17.38 34.27
N MET J 333 36.74 18.59 33.90
CA MET J 333 35.35 18.86 33.56
C MET J 333 35.16 19.23 32.10
N GLY J 334 35.87 20.25 31.63
CA GLY J 334 35.72 20.70 30.25
C GLY J 334 35.33 22.15 30.14
N LYS J 335 34.48 22.61 31.06
CA LYS J 335 34.03 24.00 31.08
C LYS J 335 34.68 24.74 32.24
N ALA J 336 34.65 26.08 32.15
CA ALA J 336 35.23 26.93 33.16
C ALA J 336 34.26 28.04 33.52
N VAL J 337 34.32 28.46 34.79
CA VAL J 337 33.47 29.53 35.31
C VAL J 337 34.37 30.63 35.84
N ARG J 338 34.13 31.86 35.38
CA ARG J 338 34.92 33.02 35.79
C ARG J 338 34.34 33.56 37.08
N GLY J 339 35.01 33.28 38.20
CA GLY J 339 34.60 33.72 39.51
C GLY J 339 35.30 34.99 39.94
N MET J 340 35.50 35.13 41.25
CA MET J 340 36.16 36.28 41.86
C MET J 340 35.46 37.58 41.47
N ASP J 341 34.16 37.64 41.79
CA ASP J 341 33.35 38.80 41.51
C ASP J 341 32.51 39.27 42.69
N ASP J 342 32.58 38.58 43.83
CA ASP J 342 31.80 38.96 45.01
C ASP J 342 32.58 38.55 46.25
N VAL J 343 33.15 39.54 46.94
CA VAL J 343 33.93 39.26 48.15
C VAL J 343 33.06 39.28 49.38
N ALA J 344 32.26 40.34 49.56
CA ALA J 344 31.39 40.46 50.71
C ALA J 344 29.98 40.88 50.30
N ASN J 377 49.53 61.23 27.97
CA ASN J 377 49.19 60.07 27.15
C ASN J 377 49.10 60.47 25.68
N ALA J 378 47.88 60.72 25.22
CA ALA J 378 47.64 61.11 23.83
C ALA J 378 46.72 62.32 23.80
N ARG J 379 46.94 63.18 22.81
CA ARG J 379 46.17 64.41 22.63
C ARG J 379 45.47 64.35 21.28
N VAL J 380 44.16 64.56 21.29
CA VAL J 380 43.36 64.55 20.06
C VAL J 380 42.41 65.74 20.07
N PRO J 381 42.38 66.56 19.01
CA PRO J 381 41.45 67.69 18.98
C PRO J 381 40.00 67.23 18.97
N ALA J 382 39.15 68.03 19.60
CA ALA J 382 37.73 67.74 19.69
C ALA J 382 36.97 69.03 19.94
N ASP J 383 35.65 68.95 19.90
CA ASP J 383 34.77 70.09 20.14
C ASP J 383 33.68 69.70 21.11
N LEU J 384 33.42 70.58 22.08
CA LEU J 384 32.43 70.34 23.12
C LEU J 384 31.43 71.48 23.15
N VAL J 385 30.16 71.14 23.37
CA VAL J 385 29.08 72.13 23.46
C VAL J 385 28.41 72.00 24.81
N ILE J 386 27.70 73.05 25.19
CA ILE J 386 26.98 73.11 26.46
C ILE J 386 25.52 73.43 26.18
N VAL J 387 24.61 72.69 26.82
CA VAL J 387 23.19 72.88 26.61
C VAL J 387 22.49 73.14 27.95
N GLY J 388 23.21 73.73 28.90
CA GLY J 388 22.64 74.04 30.20
C GLY J 388 23.38 73.39 31.35
N ASP J 389 22.72 72.47 32.05
CA ASP J 389 23.31 71.78 33.19
C ASP J 389 23.99 70.47 32.81
N LYS J 390 24.01 70.11 31.53
CA LYS J 390 24.63 68.88 31.07
C LYS J 390 25.50 69.16 29.86
N LEU J 391 26.59 68.41 29.74
CA LEU J 391 27.53 68.54 28.64
C LEU J 391 27.66 67.20 27.93
N VAL J 392 27.67 67.24 26.60
CA VAL J 392 27.74 66.04 25.79
C VAL J 392 29.13 65.94 25.15
N PHE J 393 29.41 64.78 24.58
CA PHE J 393 30.70 64.49 23.95
C PHE J 393 30.45 64.19 22.48
N LEU J 394 30.68 65.18 21.63
CA LEU J 394 30.45 65.06 20.19
C LEU J 394 31.76 65.24 19.43
N GLU J 395 31.84 64.56 18.27
CA GLU J 395 33.02 64.65 17.43
C GLU J 395 32.59 64.54 15.97
N ALA J 396 33.46 65.03 15.08
CA ALA J 396 33.21 65.02 13.64
C ALA J 396 34.40 64.32 12.97
N LEU J 397 34.30 63.00 12.83
CA LEU J 397 35.33 62.19 12.20
C LEU J 397 34.81 61.73 10.84
N GLU J 398 35.12 62.51 9.80
CA GLU J 398 34.69 62.20 8.45
C GLU J 398 35.79 62.27 7.40
N ARG J 399 36.92 62.94 7.68
CA ARG J 399 38.00 63.03 6.72
C ARG J 399 38.87 61.78 6.68
N ARG J 400 38.69 60.86 7.64
CA ARG J 400 39.47 59.63 7.68
C ARG J 400 38.69 58.39 7.27
N VAL J 401 37.37 58.49 7.12
CA VAL J 401 36.54 57.36 6.75
C VAL J 401 35.63 57.77 5.59
N TYR J 402 35.18 56.77 4.84
CA TYR J 402 34.29 56.96 3.68
C TYR J 402 34.92 57.93 2.67
N GLN J 403 36.23 57.79 2.45
CA GLN J 403 36.96 58.63 1.52
C GLN J 403 37.51 57.75 0.41
N ALA J 404 37.16 58.07 -0.84
CA ALA J 404 37.62 57.34 -2.02
C ALA J 404 37.31 55.85 -1.90
N THR J 405 36.11 55.55 -1.41
CA THR J 405 35.66 54.17 -1.23
C THR J 405 34.35 53.97 -1.96
N ARG J 406 34.29 52.93 -2.80
CA ARG J 406 33.07 52.62 -3.56
C ARG J 406 32.30 51.52 -2.84
N VAL J 407 31.76 51.90 -1.68
CA VAL J 407 30.99 50.99 -0.83
C VAL J 407 29.68 51.65 -0.47
N ALA J 408 28.70 50.80 -0.11
CA ALA J 408 27.39 51.29 0.27
C ALA J 408 27.46 52.04 1.60
N TYR J 409 26.69 53.13 1.69
CA TYR J 409 26.66 53.91 2.93
C TYR J 409 25.98 53.11 4.03
N PRO J 410 26.57 53.02 5.21
CA PRO J 410 25.97 52.26 6.31
C PRO J 410 24.87 53.07 6.99
N LEU J 411 24.32 52.48 8.05
CA LEU J 411 23.24 53.07 8.86
C LEU J 411 22.14 53.68 7.99
N ILE J 412 21.74 52.91 6.97
CA ILE J 412 20.68 53.31 6.04
C ILE J 412 19.49 52.39 6.28
N GLY J 413 18.35 52.98 6.62
CA GLY J 413 17.15 52.20 6.87
C GLY J 413 16.00 52.54 5.94
N ASN J 414 15.55 51.53 5.18
CA ASN J 414 14.45 51.73 4.25
C ASN J 414 13.12 51.58 4.97
N ILE J 415 12.20 52.50 4.70
CA ILE J 415 10.88 52.48 5.32
C ILE J 415 9.89 51.87 4.34
N ASP J 416 8.76 51.39 4.88
CA ASP J 416 7.71 50.77 4.08
C ASP J 416 6.37 51.25 4.61
N ILE J 417 5.72 52.15 3.87
CA ILE J 417 4.43 52.70 4.24
C ILE J 417 3.42 52.31 3.17
N THR J 418 2.29 51.73 3.59
CA THR J 418 1.24 51.29 2.69
C THR J 418 0.13 52.33 2.67
N PHE J 419 -0.19 52.83 1.47
CA PHE J 419 -1.22 53.84 1.30
C PHE J 419 -2.13 53.44 0.15
N ILE J 420 -3.39 53.86 0.22
CA ILE J 420 -4.39 53.58 -0.80
C ILE J 420 -4.84 54.89 -1.42
N MET J 421 -5.45 54.77 -2.60
CA MET J 421 -5.96 55.92 -3.35
C MET J 421 -7.40 55.67 -3.75
N PRO J 422 -8.33 55.76 -2.79
CA PRO J 422 -9.75 55.55 -3.13
C PRO J 422 -10.28 56.67 -4.03
N MET J 423 -11.24 56.31 -4.87
CA MET J 423 -11.87 57.25 -5.78
C MET J 423 -13.37 56.99 -5.79
N GLY J 424 -14.10 57.80 -6.56
CA GLY J 424 -15.54 57.65 -6.65
C GLY J 424 -16.30 58.67 -5.83
N VAL J 425 -15.85 59.93 -5.88
CA VAL J 425 -16.49 61.01 -5.14
C VAL J 425 -17.79 61.39 -5.80
N PHE J 426 -18.91 60.90 -5.25
CA PHE J 426 -20.23 61.19 -5.80
C PHE J 426 -21.26 60.98 -4.71
N GLN J 427 -21.97 62.04 -4.35
CA GLN J 427 -22.98 61.95 -3.31
C GLN J 427 -24.21 61.19 -3.82
N ALA J 428 -24.95 60.60 -2.88
CA ALA J 428 -26.15 59.86 -3.25
C ALA J 428 -27.21 60.78 -3.85
N ASN J 429 -27.37 61.96 -3.28
CA ASN J 429 -28.35 62.94 -3.74
C ASN J 429 -27.62 64.16 -4.28
N SER J 430 -27.97 64.57 -5.50
CA SER J 430 -27.35 65.73 -6.14
C SER J 430 -28.20 66.97 -5.88
N MET J 431 -28.24 67.38 -4.62
CA MET J 431 -29.01 68.54 -4.20
C MET J 431 -28.23 69.53 -3.35
N ASP J 432 -27.13 69.12 -2.71
CA ASP J 432 -26.33 70.03 -1.89
C ASP J 432 -25.28 70.72 -2.75
N ARG J 433 -25.76 71.64 -3.58
CA ARG J 433 -24.90 72.39 -4.50
C ARG J 433 -25.43 73.81 -4.63
N TYR J 434 -24.54 74.71 -5.04
CA TYR J 434 -24.88 76.11 -5.23
C TYR J 434 -24.01 76.67 -6.36
N THR J 435 -23.98 77.99 -6.46
CA THR J 435 -23.21 78.67 -7.49
C THR J 435 -22.37 79.78 -6.86
N ARG J 436 -21.27 80.12 -7.53
CA ARG J 436 -20.36 81.15 -7.05
C ARG J 436 -20.81 82.52 -7.53
N HIS J 437 -20.38 83.54 -6.79
CA HIS J 437 -20.73 84.92 -7.15
C HIS J 437 -20.10 85.31 -8.49
N ALA J 438 -18.84 84.94 -8.71
CA ALA J 438 -18.16 85.30 -9.95
C ALA J 438 -18.71 84.48 -11.11
N GLY J 439 -18.70 85.10 -12.30
CA GLY J 439 -19.17 84.45 -13.50
C GLY J 439 -18.25 84.64 -14.68
N ASP J 440 -16.97 84.89 -14.40
CA ASP J 440 -15.98 85.09 -15.46
C ASP J 440 -15.52 83.79 -16.10
N SER J 442 -17.46 80.25 -16.84
CA SER J 442 -18.64 79.41 -16.75
C SER J 442 -18.24 77.94 -16.76
N THR J 443 -18.79 77.17 -15.81
CA THR J 443 -18.52 75.74 -15.73
C THR J 443 -19.79 74.96 -15.40
N VAL J 444 -20.96 75.50 -15.77
CA VAL J 444 -22.24 74.86 -15.48
C VAL J 444 -22.91 74.36 -16.76
N SER J 445 -22.14 74.13 -17.82
CA SER J 445 -22.69 73.62 -19.06
C SER J 445 -23.18 72.19 -18.89
N GLU J 446 -24.25 71.85 -19.61
CA GLU J 446 -24.82 70.52 -19.51
C GLU J 446 -23.91 69.44 -20.09
N GLN J 447 -22.97 69.82 -20.97
CA GLN J 447 -22.05 68.88 -21.60
C GLN J 447 -20.65 68.97 -21.00
N ASP J 448 -20.56 69.24 -19.70
CA ASP J 448 -19.27 69.35 -19.03
C ASP J 448 -18.96 68.05 -18.31
N PRO J 449 -17.95 67.29 -18.72
CA PRO J 449 -17.64 66.03 -18.02
C PRO J 449 -16.77 66.21 -16.79
N ARG J 450 -16.45 67.45 -16.40
CA ARG J 450 -15.62 67.66 -15.23
C ARG J 450 -16.35 67.29 -13.94
N GLN J 451 -17.65 67.58 -13.88
CA GLN J 451 -18.44 67.29 -12.68
C GLN J 451 -18.67 65.79 -12.49
N PHE J 452 -18.44 64.99 -13.53
CA PHE J 452 -18.64 63.56 -13.47
C PHE J 452 -17.31 62.81 -13.52
N PRO J 453 -17.22 61.63 -12.94
CA PRO J 453 -15.97 60.85 -13.00
C PRO J 453 -15.60 60.53 -14.44
N PRO J 454 -14.32 60.57 -14.77
CA PRO J 454 -13.90 60.30 -16.15
C PRO J 454 -13.84 58.80 -16.44
N GLN J 455 -13.67 58.48 -17.72
CA GLN J 455 -13.54 57.08 -18.12
C GLN J 455 -12.30 56.44 -17.54
N GLY J 456 -11.19 57.17 -17.53
CA GLY J 456 -9.93 56.67 -16.99
C GLY J 456 -9.78 56.99 -15.51
N ILE J 457 -8.55 56.87 -15.03
CA ILE J 457 -8.20 57.14 -13.65
C ILE J 457 -7.25 58.33 -13.62
N PHE J 458 -7.57 59.31 -12.77
CA PHE J 458 -6.77 60.53 -12.63
C PHE J 458 -6.00 60.46 -11.32
N PHE J 459 -4.69 60.28 -11.40
CA PHE J 459 -3.83 60.20 -10.24
C PHE J 459 -2.61 61.11 -10.44
N TYR J 460 -2.13 61.67 -9.34
CA TYR J 460 -0.99 62.56 -9.38
C TYR J 460 0.32 61.78 -9.31
N ASN J 461 1.41 62.43 -9.73
CA ASN J 461 2.72 61.82 -9.73
C ASN J 461 3.74 62.71 -9.04
N LYS J 462 5.03 62.34 -9.12
CA LYS J 462 6.07 63.14 -8.48
C LYS J 462 6.19 64.51 -9.11
N ASP J 463 6.05 64.59 -10.45
CA ASP J 463 6.16 65.87 -11.12
C ASP J 463 5.02 66.82 -10.80
N GLY J 464 3.93 66.32 -10.23
CA GLY J 464 2.81 67.16 -9.89
C GLY J 464 1.80 67.38 -10.99
N ILE J 465 1.80 66.54 -12.02
CA ILE J 465 0.87 66.67 -13.13
C ILE J 465 -0.09 65.49 -13.11
N LEU J 466 -1.22 65.67 -13.80
CA LEU J 466 -2.26 64.65 -13.87
C LEU J 466 -2.13 63.88 -15.17
N THR J 467 -1.95 62.57 -15.07
CA THR J 467 -1.83 61.70 -16.23
C THR J 467 -3.16 61.01 -16.52
N GLN J 468 -3.24 60.46 -17.73
CA GLN J 468 -4.44 59.77 -18.20
C GLN J 468 -4.12 58.32 -18.47
N LEU J 469 -4.95 57.42 -17.95
CA LEU J 469 -4.78 55.98 -18.12
C LEU J 469 -6.12 55.38 -18.54
N THR J 470 -6.22 54.96 -19.79
CA THR J 470 -7.44 54.39 -20.31
C THR J 470 -7.64 52.96 -19.80
N LEU J 471 -8.86 52.46 -19.94
CA LEU J 471 -9.21 51.11 -19.53
C LEU J 471 -9.08 50.10 -20.67
N ARG J 472 -8.63 50.53 -21.85
CA ARG J 472 -8.49 49.62 -22.99
C ARG J 472 -7.48 48.51 -22.72
N ASP J 473 -6.55 48.72 -21.79
CA ASP J 473 -5.60 47.68 -21.39
C ASP J 473 -5.96 47.03 -20.07
N ALA J 474 -6.71 47.71 -19.21
CA ALA J 474 -7.11 47.16 -17.92
C ALA J 474 -8.46 46.45 -17.96
N MET J 475 -9.07 46.33 -19.15
CA MET J 475 -10.34 45.64 -19.28
C MET J 475 -10.23 44.15 -19.00
N GLY J 476 -9.03 43.59 -18.95
CA GLY J 476 -8.85 42.17 -18.72
C GLY J 476 -8.94 41.77 -17.26
N THR J 477 -9.56 42.61 -16.44
CA THR J 477 -9.74 42.34 -15.02
C THR J 477 -11.10 41.74 -14.71
N ILE J 478 -11.68 41.01 -15.67
CA ILE J 478 -12.98 40.39 -15.46
C ILE J 478 -12.85 39.25 -14.45
N CYS J 479 -13.81 39.17 -13.53
CA CYS J 479 -13.82 38.13 -12.50
C CYS J 479 -14.45 36.85 -13.06
N HIS J 480 -13.69 36.22 -13.96
CA HIS J 480 -14.12 34.99 -14.61
C HIS J 480 -13.83 33.74 -13.79
N SER J 481 -13.19 33.88 -12.63
CA SER J 481 -12.85 32.74 -11.77
C SER J 481 -14.02 32.40 -10.85
N SER J 482 -15.15 32.07 -11.47
CA SER J 482 -16.36 31.70 -10.75
C SER J 482 -17.00 30.45 -11.32
N LEU J 483 -16.22 29.60 -12.00
CA LEU J 483 -16.73 28.38 -12.60
C LEU J 483 -16.14 27.12 -11.99
N LEU J 484 -15.19 27.24 -11.06
CA LEU J 484 -14.57 26.08 -10.43
C LEU J 484 -14.58 26.14 -8.91
N ASP J 485 -14.61 27.32 -8.30
CA ASP J 485 -14.60 27.47 -6.85
C ASP J 485 -16.00 27.47 -6.25
N VAL J 486 -17.04 27.30 -7.06
CA VAL J 486 -18.40 27.31 -6.54
C VAL J 486 -18.70 26.07 -5.70
N GLU J 487 -17.87 25.03 -5.79
CA GLU J 487 -18.09 23.83 -4.99
C GLU J 487 -17.96 24.12 -3.50
N ALA J 488 -16.97 24.93 -3.11
CA ALA J 488 -16.80 25.28 -1.71
C ALA J 488 -18.00 26.06 -1.18
N THR J 489 -18.51 27.02 -1.97
CA THR J 489 -19.68 27.78 -1.55
C THR J 489 -20.91 26.88 -1.46
N LEU J 490 -21.05 25.95 -2.41
CA LEU J 490 -22.18 25.02 -2.35
C LEU J 490 -22.12 24.15 -1.11
N VAL J 491 -20.93 23.65 -0.76
CA VAL J 491 -20.76 22.85 0.44
C VAL J 491 -21.09 23.69 1.68
N ALA J 492 -20.62 24.95 1.70
CA ALA J 492 -20.88 25.81 2.84
C ALA J 492 -22.37 26.06 3.03
N LEU J 493 -23.08 26.35 1.94
CA LEU J 493 -24.52 26.60 2.07
C LEU J 493 -25.29 25.33 2.39
N ARG J 494 -24.82 24.18 1.91
CA ARG J 494 -25.46 22.92 2.27
C ARG J 494 -25.28 22.61 3.76
N GLN J 495 -24.10 22.87 4.29
CA GLN J 495 -23.84 22.61 5.70
C GLN J 495 -24.34 23.71 6.62
N GLN J 496 -24.74 24.87 6.07
CA GLN J 496 -25.26 25.94 6.90
C GLN J 496 -26.63 25.63 7.49
N HIS J 497 -27.38 24.72 6.86
CA HIS J 497 -28.71 24.32 7.32
C HIS J 497 -29.64 25.53 7.42
N LEU J 498 -29.88 26.15 6.26
CA LEU J 498 -30.74 27.31 6.19
C LEU J 498 -32.21 26.88 6.10
N ASP J 499 -33.10 27.87 6.14
CA ASP J 499 -34.53 27.65 6.08
C ASP J 499 -35.08 28.13 4.74
N ARG J 500 -36.25 27.61 4.38
CA ARG J 500 -36.90 27.96 3.13
C ARG J 500 -38.40 28.09 3.35
N GLN J 501 -39.04 28.83 2.47
CA GLN J 501 -40.48 29.06 2.55
C GLN J 501 -41.03 29.27 1.14
N CYS J 502 -42.36 29.13 1.03
CA CYS J 502 -43.08 29.33 -0.22
C CYS J 502 -42.58 28.38 -1.31
N TYR J 503 -42.73 27.08 -1.04
CA TYR J 503 -42.31 26.08 -2.01
C TYR J 503 -43.27 25.99 -3.19
N PHE J 504 -44.55 26.30 -2.96
CA PHE J 504 -45.54 26.21 -4.04
C PHE J 504 -45.26 27.23 -5.14
N GLY J 505 -44.78 28.42 -4.77
CA GLY J 505 -44.49 29.43 -5.77
C GLY J 505 -43.34 29.05 -6.68
N VAL J 506 -42.31 28.38 -6.13
CA VAL J 506 -41.16 28.00 -6.93
C VAL J 506 -41.31 26.63 -7.58
N TYR J 507 -42.29 25.83 -7.14
CA TYR J 507 -42.48 24.51 -7.75
C TYR J 507 -42.92 24.63 -9.20
N VAL J 508 -43.83 25.58 -9.49
CA VAL J 508 -44.34 25.82 -10.83
C VAL J 508 -45.00 24.56 -11.38
N ALA J 509 -46.28 24.37 -11.08
CA ALA J 509 -46.99 23.20 -11.55
C ALA J 509 -47.14 23.24 -13.07
N GLU J 510 -46.92 22.09 -13.71
CA GLU J 510 -47.02 21.95 -15.15
C GLU J 510 -48.38 21.40 -15.55
N GLY J 511 -48.73 21.58 -16.82
CA GLY J 511 -49.98 21.10 -17.34
C GLY J 511 -49.92 20.74 -18.82
N THR J 512 -50.37 19.53 -19.16
CA THR J 512 -50.39 19.07 -20.54
C THR J 512 -51.80 18.67 -20.92
N GLU J 513 -52.25 19.13 -22.09
CA GLU J 513 -53.59 18.85 -22.60
C GLU J 513 -54.65 19.27 -21.58
N ASP J 514 -54.44 20.42 -20.96
CA ASP J 514 -55.34 20.94 -19.94
C ASP J 514 -56.04 22.19 -20.47
N THR J 515 -57.35 22.25 -20.28
CA THR J 515 -58.13 23.38 -20.74
C THR J 515 -57.95 24.58 -19.80
N LEU J 516 -58.46 25.73 -20.25
CA LEU J 516 -58.35 26.95 -19.45
C LEU J 516 -59.22 26.88 -18.20
N ASP J 517 -60.36 26.19 -18.26
CA ASP J 517 -61.22 26.07 -17.09
C ASP J 517 -60.51 25.33 -15.95
N VAL J 518 -59.82 24.24 -16.28
CA VAL J 518 -59.08 23.50 -15.25
C VAL J 518 -57.96 24.36 -14.68
N GLN J 519 -57.27 25.12 -15.53
CA GLN J 519 -56.20 25.98 -15.06
C GLN J 519 -56.73 27.05 -14.11
N MET J 520 -57.84 27.69 -14.45
CA MET J 520 -58.40 28.71 -13.57
C MET J 520 -58.96 28.11 -12.29
N GLY J 521 -59.52 26.90 -12.36
CA GLY J 521 -59.95 26.23 -11.14
C GLY J 521 -58.79 25.91 -10.21
N ARG J 522 -57.68 25.42 -10.78
CA ARG J 522 -56.49 25.16 -9.97
C ARG J 522 -55.94 26.46 -9.38
N PHE J 523 -55.95 27.54 -10.16
CA PHE J 523 -55.48 28.82 -9.65
C PHE J 523 -56.35 29.31 -8.50
N MET J 524 -57.68 29.17 -8.62
CA MET J 524 -58.57 29.55 -7.54
C MET J 524 -58.34 28.69 -6.30
N GLU J 525 -58.15 27.38 -6.50
CA GLU J 525 -57.91 26.49 -5.37
C GLU J 525 -56.61 26.85 -4.65
N THR J 526 -55.55 27.14 -5.39
CA THR J 526 -54.29 27.53 -4.77
C THR J 526 -54.41 28.87 -4.06
N TRP J 527 -55.10 29.84 -4.68
CA TRP J 527 -55.28 31.14 -4.05
C TRP J 527 -56.13 31.05 -2.79
N ALA J 528 -57.03 30.05 -2.72
CA ALA J 528 -57.82 29.86 -1.51
C ALA J 528 -56.92 29.60 -0.30
N ASP J 529 -56.18 28.49 -0.33
CA ASP J 529 -55.20 28.20 0.73
C ASP J 529 -54.06 27.41 0.10
N MET J 530 -53.02 28.12 -0.33
CA MET J 530 -51.80 27.48 -0.79
C MET J 530 -50.57 28.10 -0.12
N MET J 531 -50.66 29.37 0.25
CA MET J 531 -49.53 30.08 0.82
C MET J 531 -49.45 29.82 2.32
N PRO J 532 -48.39 29.17 2.81
CA PRO J 532 -48.29 28.92 4.26
C PRO J 532 -48.05 30.20 5.05
N HIS J 533 -47.06 30.98 4.64
CA HIS J 533 -46.69 32.21 5.33
C HIS J 533 -46.48 33.32 4.31
N HIS J 534 -46.69 34.56 4.75
CA HIS J 534 -46.54 35.70 3.87
C HIS J 534 -45.09 35.86 3.44
N PRO J 535 -44.81 35.98 2.14
CA PRO J 535 -43.42 36.14 1.70
C PRO J 535 -42.83 37.46 2.17
N HIS J 536 -41.51 37.44 2.39
CA HIS J 536 -40.78 38.61 2.85
C HIS J 536 -40.19 39.42 1.70
N TRP J 537 -40.47 39.05 0.45
CA TRP J 537 -39.93 39.73 -0.72
C TRP J 537 -40.96 40.65 -1.37
N VAL J 538 -41.80 41.30 -0.57
CA VAL J 538 -42.83 42.18 -1.09
C VAL J 538 -42.66 43.63 -0.64
N ASN J 539 -41.87 43.90 0.40
CA ASN J 539 -41.66 45.26 0.89
C ASN J 539 -40.49 45.90 0.15
N GLU J 540 -40.71 46.16 -1.14
CA GLU J 540 -39.71 46.76 -2.00
C GLU J 540 -40.05 48.18 -2.41
N HIS J 541 -41.05 48.79 -1.78
CA HIS J 541 -41.41 50.17 -2.12
C HIS J 541 -40.36 51.15 -1.60
N LEU J 542 -40.18 51.19 -0.29
CA LEU J 542 -39.16 52.02 0.36
C LEU J 542 -38.08 51.08 0.87
N THR J 543 -37.11 50.80 0.00
CA THR J 543 -36.06 49.84 0.30
C THR J 543 -34.64 50.41 0.26
N ILE J 544 -34.42 51.50 -0.48
CA ILE J 544 -33.07 52.01 -0.71
C ILE J 544 -32.37 52.32 0.61
N LEU J 545 -33.08 52.95 1.55
CA LEU J 545 -32.54 53.25 2.86
C LEU J 545 -32.96 52.23 3.91
N GLN J 546 -34.21 51.76 3.86
CA GLN J 546 -34.73 50.84 4.86
C GLN J 546 -34.13 49.44 4.77
N PHE J 547 -33.39 49.13 3.70
CA PHE J 547 -32.73 47.85 3.56
C PHE J 547 -31.23 47.90 3.78
N ILE J 548 -30.63 49.09 3.78
CA ILE J 548 -29.20 49.25 3.97
C ILE J 548 -28.89 49.79 5.37
N ALA J 549 -29.72 50.69 5.89
CA ALA J 549 -29.48 51.25 7.23
C ALA J 549 -29.51 50.17 8.32
N PRO J 550 -30.50 49.27 8.38
CA PRO J 550 -30.45 48.22 9.43
C PRO J 550 -29.62 47.03 8.98
N SER J 551 -29.57 45.99 9.83
CA SER J 551 -28.84 44.78 9.49
C SER J 551 -29.47 44.07 8.30
N ASN J 552 -28.62 43.45 7.49
CA ASN J 552 -29.04 42.73 6.28
C ASN J 552 -28.46 41.34 6.29
N PRO J 553 -28.96 40.46 7.16
CA PRO J 553 -28.44 39.07 7.17
C PRO J 553 -28.70 38.33 5.88
N ARG J 554 -29.81 38.60 5.20
CA ARG J 554 -30.12 37.90 3.96
C ARG J 554 -29.23 38.37 2.81
N LEU J 555 -28.90 39.66 2.76
CA LEU J 555 -28.08 40.19 1.69
C LEU J 555 -26.58 40.03 1.95
N ARG J 556 -26.17 39.91 3.22
CA ARG J 556 -24.75 39.74 3.52
C ARG J 556 -24.22 38.37 3.14
N PHE J 557 -25.10 37.41 2.83
CA PHE J 557 -24.70 36.09 2.38
C PHE J 557 -24.61 35.99 0.86
N GLU J 558 -24.46 37.13 0.18
CA GLU J 558 -24.44 37.12 -1.28
C GLU J 558 -23.12 36.54 -1.78
N LEU J 559 -23.22 35.61 -2.74
CA LEU J 559 -22.07 34.92 -3.29
C LEU J 559 -21.49 35.71 -4.46
N ASN J 560 -20.61 35.07 -5.23
CA ASN J 560 -20.03 35.71 -6.40
C ASN J 560 -21.14 36.05 -7.40
N PRO J 561 -20.98 37.14 -8.17
CA PRO J 561 -22.02 37.56 -9.12
C PRO J 561 -22.01 36.74 -10.41
N ALA J 562 -22.25 35.44 -10.27
CA ALA J 562 -22.37 34.54 -11.41
C ALA J 562 -23.56 33.59 -11.31
N PHE J 563 -24.18 33.45 -10.13
CA PHE J 563 -25.32 32.57 -9.95
C PHE J 563 -26.33 33.25 -9.03
N ASP J 564 -27.58 32.82 -9.14
CA ASP J 564 -28.63 33.37 -8.30
C ASP J 564 -28.50 32.88 -6.86
N PHE J 565 -29.07 33.66 -5.95
CA PHE J 565 -29.03 33.36 -4.51
C PHE J 565 -30.46 33.29 -4.00
N PHE J 566 -31.02 32.08 -3.94
CA PHE J 566 -32.36 31.89 -3.39
C PHE J 566 -32.47 30.45 -2.90
N VAL J 567 -33.12 30.28 -1.75
CA VAL J 567 -33.31 28.97 -1.14
C VAL J 567 -34.80 28.67 -1.09
N ALA J 568 -35.20 27.54 -1.67
CA ALA J 568 -36.59 27.12 -1.71
C ALA J 568 -36.67 25.66 -2.09
N PRO J 569 -37.63 24.90 -1.54
CA PRO J 569 -37.73 23.47 -1.88
C PRO J 569 -38.09 23.24 -3.34
N GLY J 570 -37.15 22.68 -4.10
CA GLY J 570 -37.38 22.41 -5.50
C GLY J 570 -37.38 20.93 -5.83
N ASP J 571 -36.29 20.44 -6.43
CA ASP J 571 -36.14 19.03 -6.80
C ASP J 571 -37.26 18.58 -7.73
N VAL J 572 -37.33 19.23 -8.89
CA VAL J 572 -38.34 18.94 -9.90
C VAL J 572 -37.65 18.49 -11.17
N ASP J 573 -38.37 17.68 -11.95
CA ASP J 573 -37.86 17.17 -13.21
C ASP J 573 -38.30 18.10 -14.35
N LEU J 574 -38.07 17.67 -15.59
CA LEU J 574 -38.46 18.43 -16.78
C LEU J 574 -39.34 17.55 -17.64
N PRO J 575 -40.67 17.66 -17.52
CA PRO J 575 -41.43 18.52 -16.59
C PRO J 575 -41.47 17.95 -15.18
N GLY J 576 -41.76 18.79 -14.18
CA GLY J 576 -41.82 18.36 -12.81
C GLY J 576 -43.16 17.76 -12.44
N PRO J 577 -43.36 17.49 -11.15
CA PRO J 577 -44.64 16.93 -10.71
C PRO J 577 -45.77 17.95 -10.84
N GLN J 578 -46.99 17.42 -10.90
CA GLN J 578 -48.16 18.28 -11.04
C GLN J 578 -48.59 18.86 -9.69
N ARG J 579 -48.80 18.02 -8.69
CA ARG J 579 -49.19 18.48 -7.38
C ARG J 579 -47.94 18.72 -6.53
N PRO J 580 -47.69 19.95 -6.07
CA PRO J 580 -46.49 20.20 -5.27
C PRO J 580 -46.63 19.66 -3.87
N PRO J 581 -45.78 18.71 -3.48
CA PRO J 581 -45.84 18.16 -2.12
C PRO J 581 -45.02 19.03 -1.16
N GLU J 582 -44.96 18.57 0.09
CA GLU J 582 -44.19 19.25 1.14
C GLU J 582 -42.88 18.48 1.30
N ALA J 583 -41.87 18.89 0.52
CA ALA J 583 -40.57 18.24 0.54
C ALA J 583 -39.61 19.01 1.45
N MET J 584 -38.43 18.44 1.64
CA MET J 584 -37.41 19.07 2.47
C MET J 584 -36.87 20.33 1.79
N PRO J 585 -36.50 21.35 2.55
CA PRO J 585 -35.94 22.56 1.95
C PRO J 585 -34.64 22.27 1.21
N THR J 586 -34.45 22.95 0.08
CA THR J 586 -33.25 22.80 -0.72
C THR J 586 -32.83 24.18 -1.24
N VAL J 587 -31.58 24.26 -1.71
CA VAL J 587 -31.02 25.49 -2.27
C VAL J 587 -30.73 25.24 -3.74
N ASN J 588 -31.29 26.11 -4.59
CA ASN J 588 -31.11 26.01 -6.03
C ASN J 588 -30.58 27.33 -6.57
N ALA J 589 -29.77 27.24 -7.63
CA ALA J 589 -29.18 28.42 -8.25
C ALA J 589 -29.28 28.29 -9.76
N THR J 590 -29.32 29.44 -10.44
CA THR J 590 -29.40 29.51 -11.88
C THR J 590 -28.14 30.21 -12.42
N LEU J 591 -28.13 30.47 -13.72
CA LEU J 591 -27.02 31.14 -14.36
C LEU J 591 -27.17 32.65 -14.21
N ARG J 592 -26.30 33.41 -14.89
CA ARG J 592 -26.31 34.87 -14.81
C ARG J 592 -27.28 35.43 -15.86
N ILE J 593 -28.56 35.26 -15.57
CA ILE J 593 -29.62 35.77 -16.43
C ILE J 593 -30.20 37.04 -15.81
N ILE J 594 -30.13 37.13 -14.48
CA ILE J 594 -30.67 38.28 -13.78
C ILE J 594 -29.75 39.47 -13.95
N ASN J 595 -30.32 40.61 -14.36
CA ASN J 595 -29.56 41.84 -14.53
C ASN J 595 -30.22 43.03 -13.84
N GLY J 596 -31.26 42.80 -13.05
CA GLY J 596 -31.97 43.86 -12.34
C GLY J 596 -31.37 44.27 -11.02
N ASN J 597 -30.29 43.62 -10.58
CA ASN J 597 -29.64 43.97 -9.32
C ASN J 597 -28.60 45.07 -9.51
N ILE J 598 -29.03 46.17 -10.11
CA ILE J 598 -28.16 47.33 -10.31
C ILE J 598 -28.10 48.24 -9.08
N PRO J 599 -29.24 48.62 -8.44
CA PRO J 599 -29.15 49.67 -7.40
C PRO J 599 -28.23 49.35 -6.23
N VAL J 600 -28.47 48.24 -5.55
CA VAL J 600 -27.74 47.93 -4.31
C VAL J 600 -26.33 47.44 -4.60
N PRO J 601 -26.12 46.38 -5.39
CA PRO J 601 -24.76 45.88 -5.58
C PRO J 601 -23.93 46.64 -6.61
N LEU J 602 -24.49 47.66 -7.25
CA LEU J 602 -23.79 48.41 -8.28
C LEU J 602 -24.14 49.89 -8.11
N CYS J 603 -23.88 50.68 -9.15
CA CYS J 603 -24.12 52.11 -9.07
C CYS J 603 -25.59 52.40 -8.79
N PRO J 604 -25.91 53.41 -7.98
CA PRO J 604 -27.31 53.66 -7.59
C PRO J 604 -28.17 54.21 -8.71
N ILE J 605 -29.43 54.51 -8.40
CA ILE J 605 -30.36 55.02 -9.39
C ILE J 605 -29.93 56.41 -9.86
N SER J 606 -29.38 57.23 -8.97
CA SER J 606 -28.89 58.54 -9.37
C SER J 606 -27.74 58.41 -10.37
N PHE J 607 -26.81 57.49 -10.11
CA PHE J 607 -25.71 57.27 -11.05
C PHE J 607 -26.22 56.72 -12.37
N ARG J 608 -27.22 55.83 -12.33
CA ARG J 608 -27.81 55.32 -13.56
C ARG J 608 -28.42 56.44 -14.38
N ASP J 609 -29.18 57.34 -13.73
CA ASP J 609 -29.78 58.46 -14.43
C ASP J 609 -28.71 59.38 -15.01
N CYS J 610 -27.66 59.64 -14.23
CA CYS J 610 -26.59 60.52 -14.71
C CYS J 610 -25.89 59.93 -15.94
N ARG J 611 -25.57 58.63 -15.90
CA ARG J 611 -24.91 58.03 -17.04
C ARG J 611 -25.84 57.91 -18.24
N GLY J 612 -27.14 57.68 -18.01
CA GLY J 612 -28.08 57.67 -19.11
C GLY J 612 -28.22 59.02 -19.79
N THR J 613 -28.30 60.09 -19.00
CA THR J 613 -28.39 61.42 -19.58
C THR J 613 -27.07 61.87 -20.19
N GLN J 614 -25.94 61.30 -19.74
CA GLN J 614 -24.68 61.58 -20.40
C GLN J 614 -24.60 60.88 -21.75
N LEU J 615 -24.99 59.61 -21.80
CA LEU J 615 -24.97 58.87 -23.07
C LEU J 615 -25.95 59.46 -24.07
N GLY J 616 -27.16 59.78 -23.63
CA GLY J 616 -28.16 60.34 -24.51
C GLY J 616 -28.59 61.75 -24.14
N LEU J 617 -28.24 62.72 -24.99
CA LEU J 617 -28.63 64.10 -24.74
C LEU J 617 -30.05 64.36 -25.24
N GLY J 618 -30.29 64.15 -26.52
CA GLY J 618 -31.61 64.35 -27.10
C GLY J 618 -31.80 63.58 -28.40
N ARG J 619 -32.89 62.84 -28.50
CA ARG J 619 -33.19 62.02 -29.69
C ARG J 619 -34.62 62.33 -30.12
N HIS J 620 -34.78 63.36 -30.95
CA HIS J 620 -36.07 63.75 -31.51
C HIS J 620 -37.09 64.03 -30.41
N THR J 621 -36.79 65.04 -29.60
CA THR J 621 -37.68 65.43 -28.52
C THR J 621 -39.01 65.94 -29.07
N MET J 622 -40.09 65.67 -28.34
CA MET J 622 -41.43 66.05 -28.74
C MET J 622 -41.92 67.24 -27.94
N THR J 623 -42.89 67.95 -28.51
CA THR J 623 -43.46 69.11 -27.84
C THR J 623 -44.31 68.66 -26.65
N PRO J 624 -44.44 69.51 -25.63
CA PRO J 624 -45.29 69.14 -24.48
C PRO J 624 -46.74 68.89 -24.87
N ALA J 625 -47.27 69.63 -25.84
CA ALA J 625 -48.65 69.43 -26.26
C ALA J 625 -48.83 68.05 -26.89
N THR J 626 -47.92 67.66 -27.78
CA THR J 626 -48.01 66.34 -28.40
C THR J 626 -47.78 65.24 -27.37
N ILE J 627 -46.87 65.48 -26.41
CA ILE J 627 -46.64 64.49 -25.36
C ILE J 627 -47.91 64.28 -24.53
N LYS J 628 -48.57 65.38 -24.16
CA LYS J 628 -49.82 65.26 -23.41
C LYS J 628 -50.89 64.57 -24.22
N ALA J 629 -50.98 64.88 -25.52
CA ALA J 629 -51.99 64.26 -26.37
C ALA J 629 -51.77 62.75 -26.48
N VAL J 630 -50.51 62.34 -26.70
CA VAL J 630 -50.23 60.91 -26.84
C VAL J 630 -50.42 60.20 -25.51
N LYS J 631 -50.09 60.87 -24.39
CA LYS J 631 -50.34 60.27 -23.09
C LYS J 631 -51.84 60.07 -22.85
N ASP J 632 -52.66 61.07 -23.22
CA ASP J 632 -54.10 60.94 -23.05
C ASP J 632 -54.66 59.83 -23.93
N THR J 633 -54.20 59.74 -25.18
CA THR J 633 -54.69 58.69 -26.07
C THR J 633 -54.28 57.31 -25.58
N PHE J 634 -53.07 57.18 -25.03
CA PHE J 634 -52.64 55.89 -24.48
C PHE J 634 -53.39 55.53 -23.22
N GLU J 635 -53.73 56.52 -22.39
CA GLU J 635 -54.44 56.27 -21.15
C GLU J 635 -55.95 56.20 -21.33
N ASP J 636 -56.45 56.47 -22.54
CA ASP J 636 -57.88 56.35 -22.81
C ASP J 636 -58.36 54.92 -22.61
N ARG J 637 -59.19 54.70 -21.58
CA ARG J 637 -59.65 53.35 -21.27
C ARG J 637 -60.68 52.83 -22.26
N ALA J 638 -61.30 53.71 -23.04
CA ALA J 638 -62.32 53.29 -24.00
C ALA J 638 -61.64 52.72 -25.24
N TYR J 639 -61.72 51.41 -25.40
CA TYR J 639 -61.15 50.73 -26.56
C TYR J 639 -62.19 49.78 -27.15
N PRO J 640 -62.21 49.62 -28.48
CA PRO J 640 -63.27 48.82 -29.09
C PRO J 640 -63.04 47.31 -28.97
N THR J 641 -63.81 46.67 -28.09
CA THR J 641 -63.77 45.21 -27.99
C THR J 641 -64.27 44.56 -29.27
N ILE J 642 -65.21 45.20 -29.95
CA ILE J 642 -65.66 44.68 -31.25
C ILE J 642 -64.52 44.71 -32.26
N PHE J 643 -63.73 45.78 -32.27
CA PHE J 643 -62.58 45.84 -33.16
C PHE J 643 -61.53 44.80 -32.78
N TYR J 644 -61.31 44.59 -31.49
CA TYR J 644 -60.38 43.55 -31.07
C TYR J 644 -60.85 42.17 -31.53
N MET J 645 -62.14 41.88 -31.40
CA MET J 645 -62.67 40.60 -31.85
C MET J 645 -62.56 40.46 -33.36
N LEU J 646 -62.82 41.55 -34.10
CA LEU J 646 -62.67 41.51 -35.55
C LEU J 646 -61.23 41.24 -35.95
N GLU J 647 -60.28 41.87 -35.26
CA GLU J 647 -58.87 41.62 -35.55
C GLU J 647 -58.49 40.17 -35.23
N ALA J 648 -59.00 39.64 -34.12
CA ALA J 648 -58.72 38.25 -33.77
C ALA J 648 -59.28 37.30 -34.82
N VAL J 649 -60.49 37.58 -35.32
CA VAL J 649 -61.07 36.75 -36.37
C VAL J 649 -60.26 36.86 -37.67
N ILE J 650 -59.85 38.08 -38.03
CA ILE J 650 -59.13 38.32 -39.27
C ILE J 650 -57.65 37.94 -39.19
N HIS J 651 -57.19 37.50 -38.02
CA HIS J 651 -55.80 37.06 -37.89
C HIS J 651 -55.46 35.96 -38.88
N GLY J 652 -56.43 35.14 -39.26
CA GLY J 652 -56.21 34.10 -40.25
C GLY J 652 -57.20 34.16 -41.40
N ASN J 653 -57.63 35.37 -41.74
CA ASN J 653 -58.61 35.62 -42.79
C ASN J 653 -58.16 36.76 -43.69
N GLU J 654 -56.90 36.68 -44.15
CA GLU J 654 -56.36 37.73 -44.99
C GLU J 654 -57.11 37.84 -46.32
N ARG J 655 -57.67 36.74 -46.81
CA ARG J 655 -58.45 36.79 -48.05
C ARG J 655 -59.67 37.69 -47.90
N ASN J 656 -60.37 37.59 -46.78
CA ASN J 656 -61.48 38.50 -46.51
C ASN J 656 -60.99 39.88 -46.10
N PHE J 657 -59.79 39.96 -45.53
CA PHE J 657 -59.22 41.26 -45.17
C PHE J 657 -58.96 42.11 -46.41
N CYS J 658 -58.50 41.47 -47.50
CA CYS J 658 -58.25 42.19 -48.73
C CYS J 658 -59.53 42.82 -49.30
N ALA J 659 -60.68 42.19 -49.04
CA ALA J 659 -61.97 42.70 -49.49
C ALA J 659 -62.68 43.51 -48.43
N LEU J 660 -62.06 43.73 -47.27
CA LEU J 660 -62.67 44.49 -46.18
C LEU J 660 -62.17 45.94 -46.14
N LEU J 661 -61.55 46.41 -47.23
CA LEU J 661 -61.00 47.76 -47.24
C LEU J 661 -62.08 48.81 -47.08
N ARG J 662 -63.22 48.62 -47.74
CA ARG J 662 -64.31 49.60 -47.65
C ARG J 662 -64.84 49.69 -46.22
N LEU J 663 -65.09 48.54 -45.59
CA LEU J 663 -65.57 48.56 -44.21
C LEU J 663 -64.54 49.16 -43.28
N LEU J 664 -63.27 48.83 -43.48
CA LEU J 664 -62.21 49.36 -42.61
C LEU J 664 -62.11 50.87 -42.73
N THR J 665 -62.14 51.41 -43.95
CA THR J 665 -62.04 52.86 -44.11
C THR J 665 -63.31 53.54 -43.63
N GLN J 666 -64.48 52.90 -43.78
CA GLN J 666 -65.71 53.49 -43.27
C GLN J 666 -65.69 53.60 -41.75
N CYS J 667 -65.25 52.52 -41.08
CA CYS J 667 -65.18 52.57 -39.62
C CYS J 667 -64.09 53.53 -39.15
N ILE J 668 -62.99 53.64 -39.89
CA ILE J 668 -61.95 54.60 -39.56
C ILE J 668 -62.48 56.02 -39.64
N ARG J 669 -63.20 56.33 -40.72
CA ARG J 669 -63.79 57.65 -40.86
C ARG J 669 -64.82 57.93 -39.77
N GLY J 670 -65.64 56.92 -39.44
CA GLY J 670 -66.61 57.10 -38.38
C GLY J 670 -65.96 57.40 -37.04
N TYR J 671 -64.93 56.63 -36.69
CA TYR J 671 -64.21 56.89 -35.45
C TYR J 671 -63.51 58.24 -35.48
N TRP J 672 -63.03 58.66 -36.65
CA TRP J 672 -62.40 59.97 -36.76
C TRP J 672 -63.39 61.09 -36.48
N GLU J 673 -64.55 61.06 -37.14
CA GLU J 673 -65.54 62.11 -36.90
C GLU J 673 -66.15 62.01 -35.51
N GLN J 674 -66.10 60.83 -34.87
CA GLN J 674 -66.53 60.72 -33.48
C GLN J 674 -65.52 61.38 -32.55
N SER J 675 -64.27 60.90 -32.57
CA SER J 675 -63.19 61.49 -31.78
C SER J 675 -61.95 61.48 -32.67
N HIS J 676 -61.62 62.63 -33.26
CA HIS J 676 -60.44 62.78 -34.11
C HIS J 676 -59.14 62.39 -33.41
N ARG J 677 -59.14 62.23 -32.10
CA ARG J 677 -57.93 61.77 -31.40
C ARG J 677 -57.50 60.41 -31.94
N VAL J 678 -56.18 60.25 -32.10
CA VAL J 678 -55.65 59.04 -32.71
C VAL J 678 -55.87 57.84 -31.79
N ALA J 679 -56.06 56.68 -32.39
CA ALA J 679 -56.27 55.43 -31.66
C ALA J 679 -55.93 54.28 -32.59
N PHE J 680 -56.16 53.05 -32.11
CA PHE J 680 -55.89 51.83 -32.88
C PHE J 680 -54.45 51.78 -33.37
N VAL J 681 -53.51 52.16 -32.48
CA VAL J 681 -52.09 52.18 -32.84
C VAL J 681 -51.46 50.79 -32.83
N ASN J 682 -52.14 49.79 -32.26
CA ASN J 682 -51.57 48.45 -32.22
C ASN J 682 -51.48 47.83 -33.61
N ASN J 683 -52.43 48.13 -34.48
CA ASN J 683 -52.43 47.59 -35.85
C ASN J 683 -51.70 48.53 -36.80
N PHE J 684 -50.42 48.78 -36.48
CA PHE J 684 -49.61 49.67 -37.31
C PHE J 684 -49.43 49.11 -38.71
N HIS J 685 -49.16 47.80 -38.82
CA HIS J 685 -49.01 47.19 -40.13
C HIS J 685 -50.32 47.22 -40.90
N MET J 686 -51.44 46.98 -40.22
CA MET J 686 -52.73 47.02 -40.89
C MET J 686 -53.05 48.41 -41.42
N LEU J 687 -52.81 49.44 -40.61
CA LEU J 687 -53.10 50.80 -41.06
C LEU J 687 -52.14 51.22 -42.18
N MET J 688 -50.88 50.79 -42.11
CA MET J 688 -49.95 51.07 -43.20
C MET J 688 -50.40 50.42 -44.49
N TYR J 689 -50.85 49.17 -44.42
CA TYR J 689 -51.36 48.48 -45.60
C TYR J 689 -52.60 49.19 -46.15
N ILE J 690 -53.49 49.62 -45.26
CA ILE J 690 -54.70 50.32 -45.69
C ILE J 690 -54.33 51.61 -46.43
N THR J 691 -53.41 52.39 -45.85
CA THR J 691 -53.02 53.66 -46.46
C THR J 691 -52.29 53.44 -47.78
N THR J 692 -51.49 52.37 -47.90
CA THR J 692 -50.76 52.15 -49.14
C THR J 692 -51.69 51.65 -50.24
N TYR J 693 -52.62 50.76 -49.92
CA TYR J 693 -53.47 50.13 -50.93
C TYR J 693 -54.79 50.86 -51.16
N LEU J 694 -55.08 51.91 -50.38
CA LEU J 694 -56.33 52.63 -50.56
C LEU J 694 -56.09 54.13 -50.72
N GLY J 695 -55.09 54.65 -50.03
CA GLY J 695 -54.79 56.07 -50.07
C GLY J 695 -54.40 56.58 -51.45
N ASN J 696 -55.11 57.61 -51.93
CA ASN J 696 -54.80 58.20 -53.23
C ASN J 696 -54.89 59.73 -53.21
N GLY J 697 -55.03 60.35 -52.04
CA GLY J 697 -55.14 61.78 -51.95
C GLY J 697 -56.12 62.25 -50.90
N GLU J 698 -56.92 61.31 -50.39
CA GLU J 698 -57.92 61.61 -49.37
C GLU J 698 -57.42 61.34 -47.96
N LEU J 699 -56.15 60.96 -47.81
CA LEU J 699 -55.61 60.68 -46.49
C LEU J 699 -55.46 61.98 -45.69
N PRO J 700 -55.59 61.93 -44.37
CA PRO J 700 -55.41 63.13 -43.56
C PRO J 700 -53.99 63.64 -43.65
N GLU J 701 -53.85 64.96 -43.55
CA GLU J 701 -52.55 65.62 -43.67
C GLU J 701 -51.84 65.79 -42.34
N VAL J 702 -52.48 65.42 -41.23
CA VAL J 702 -51.92 65.58 -39.88
C VAL J 702 -51.64 64.23 -39.23
N CYS J 703 -52.61 63.32 -39.28
CA CYS J 703 -52.40 62.00 -38.67
C CYS J 703 -51.30 61.23 -39.37
N ILE J 704 -51.30 61.24 -40.71
CA ILE J 704 -50.25 60.55 -41.45
C ILE J 704 -48.90 61.22 -41.23
N ASN J 705 -48.88 62.55 -41.07
CA ASN J 705 -47.62 63.24 -40.78
C ASN J 705 -47.08 62.83 -39.41
N ILE J 706 -47.96 62.75 -38.41
CA ILE J 706 -47.53 62.33 -37.08
C ILE J 706 -47.02 60.89 -37.11
N TYR J 707 -47.73 60.01 -37.82
CA TYR J 707 -47.29 58.62 -37.93
C TYR J 707 -45.93 58.52 -38.62
N ARG J 708 -45.73 59.29 -39.69
CA ARG J 708 -44.46 59.27 -40.40
C ARG J 708 -43.33 59.80 -39.51
N ASP J 709 -43.61 60.87 -38.75
CA ASP J 709 -42.59 61.40 -37.83
C ASP J 709 -42.23 60.38 -36.76
N LEU J 710 -43.24 59.70 -36.21
CA LEU J 710 -42.96 58.68 -35.19
C LEU J 710 -42.14 57.54 -35.78
N LEU J 711 -42.50 57.08 -36.98
CA LEU J 711 -41.73 56.02 -37.62
C LEU J 711 -40.30 56.46 -37.89
N GLN J 712 -40.11 57.70 -38.34
CA GLN J 712 -38.77 58.20 -38.62
C GLN J 712 -37.94 58.30 -37.36
N HIS J 713 -38.53 58.77 -36.25
CA HIS J 713 -37.75 58.88 -35.03
C HIS J 713 -37.42 57.51 -34.44
N VAL J 714 -38.34 56.55 -34.57
CA VAL J 714 -38.06 55.19 -34.14
C VAL J 714 -36.93 54.59 -34.97
N ARG J 715 -36.96 54.80 -36.29
CA ARG J 715 -35.91 54.30 -37.15
C ARG J 715 -34.57 54.94 -36.82
N ALA J 716 -34.57 56.25 -36.55
CA ALA J 716 -33.33 56.93 -36.18
C ALA J 716 -32.78 56.40 -34.86
N LEU J 717 -33.66 56.17 -33.88
CA LEU J 717 -33.20 55.61 -32.60
C LEU J 717 -32.62 54.22 -32.79
N ARG J 718 -33.27 53.38 -33.60
CA ARG J 718 -32.76 52.04 -33.83
C ARG J 718 -31.43 52.07 -34.59
N GLN J 719 -31.29 53.00 -35.54
CA GLN J 719 -30.03 53.14 -36.25
C GLN J 719 -28.91 53.58 -35.30
N THR J 720 -29.22 54.51 -34.41
CA THR J 720 -28.23 54.96 -33.43
C THR J 720 -27.82 53.81 -32.50
N ILE J 721 -28.79 53.04 -32.03
CA ILE J 721 -28.47 51.96 -31.09
C ILE J 721 -27.72 50.83 -31.79
N THR J 722 -27.96 50.62 -33.09
CA THR J 722 -27.20 49.61 -33.82
C THR J 722 -25.80 50.09 -34.17
N ASP J 723 -25.63 51.38 -34.46
CA ASP J 723 -24.32 51.93 -34.77
C ASP J 723 -23.49 52.18 -33.51
N PHE J 724 -24.10 52.18 -32.33
CA PHE J 724 -23.34 52.35 -31.10
C PHE J 724 -22.37 51.20 -30.90
N THR J 725 -22.81 49.97 -31.18
CA THR J 725 -21.95 48.80 -31.05
C THR J 725 -21.11 48.63 -32.32
N ILE J 726 -20.08 47.79 -32.21
CA ILE J 726 -19.18 47.52 -33.33
C ILE J 726 -19.78 46.42 -34.19
N GLN J 727 -19.87 46.68 -35.49
CA GLN J 727 -20.45 45.74 -36.45
C GLN J 727 -19.43 45.44 -37.55
N GLY J 728 -19.38 44.18 -37.97
CA GLY J 728 -18.47 43.74 -39.02
C GLY J 728 -17.43 42.73 -38.59
N GLU J 729 -17.35 42.37 -37.31
CA GLU J 729 -16.38 41.38 -36.83
C GLU J 729 -17.10 40.39 -35.92
N GLY J 730 -16.60 39.16 -35.92
CA GLY J 730 -17.18 38.12 -35.10
C GLY J 730 -16.61 36.77 -35.46
N HIS J 731 -17.25 35.73 -34.91
CA HIS J 731 -16.83 34.36 -35.14
C HIS J 731 -17.46 33.81 -36.41
N ASN J 732 -17.35 32.51 -36.64
CA ASN J 732 -17.90 31.88 -37.83
C ASN J 732 -19.42 31.81 -37.82
N GLY J 733 -20.06 32.00 -36.66
CA GLY J 733 -21.51 31.96 -36.58
C GLY J 733 -22.13 33.34 -36.57
N GLU J 734 -22.65 33.75 -35.41
CA GLU J 734 -23.24 35.07 -35.27
C GLU J 734 -22.15 36.11 -35.01
N THR J 735 -22.46 37.36 -35.36
CA THR J 735 -21.50 38.45 -35.24
C THR J 735 -21.86 39.44 -34.13
N SER J 736 -23.09 39.97 -34.15
CA SER J 736 -23.49 40.96 -33.16
C SER J 736 -24.86 40.65 -32.56
N GLU J 737 -25.72 39.99 -33.34
CA GLU J 737 -27.10 39.77 -32.90
C GLU J 737 -27.15 38.93 -31.63
N ALA J 738 -26.68 37.69 -31.70
CA ALA J 738 -26.71 36.81 -30.53
C ALA J 738 -25.73 37.25 -29.45
N LEU J 739 -24.82 38.17 -29.74
CA LEU J 739 -23.83 38.61 -28.76
C LEU J 739 -24.33 39.79 -27.92
N ASN J 740 -25.07 40.72 -28.52
CA ASN J 740 -25.50 41.91 -27.79
C ASN J 740 -26.94 42.29 -28.12
N ASN J 741 -27.79 41.30 -28.38
CA ASN J 741 -29.21 41.58 -28.63
C ASN J 741 -30.07 41.44 -27.38
N ILE J 742 -29.63 40.64 -26.41
CA ILE J 742 -30.29 40.41 -25.13
C ILE J 742 -31.61 39.66 -25.33
N LEU J 743 -32.62 40.35 -25.87
CA LEU J 743 -33.95 39.77 -26.06
C LEU J 743 -34.10 39.06 -27.40
N THR J 744 -33.01 38.56 -27.98
CA THR J 744 -33.09 37.85 -29.26
C THR J 744 -33.89 36.57 -29.14
N ASP J 745 -33.89 35.94 -27.96
CA ASP J 745 -34.65 34.71 -27.76
C ASP J 745 -36.14 35.03 -27.76
N ASP J 746 -36.92 34.20 -28.45
CA ASP J 746 -38.36 34.38 -28.56
C ASP J 746 -39.08 33.62 -27.45
N THR J 747 -38.72 33.94 -26.21
CA THR J 747 -39.34 33.33 -25.05
C THR J 747 -39.88 34.39 -24.09
N PHE J 748 -39.18 35.52 -24.01
CA PHE J 748 -39.59 36.63 -23.17
C PHE J 748 -40.48 37.63 -23.91
N ILE J 749 -40.83 37.36 -25.16
CA ILE J 749 -41.66 38.25 -25.95
C ILE J 749 -43.09 38.25 -25.41
N ALA J 750 -43.89 39.23 -25.81
CA ALA J 750 -45.26 39.31 -25.37
C ALA J 750 -46.06 38.13 -25.91
N PRO J 751 -47.11 37.68 -25.18
CA PRO J 751 -47.93 36.54 -25.61
C PRO J 751 -48.94 36.90 -26.70
N ILE J 752 -48.49 37.59 -27.74
CA ILE J 752 -49.30 37.93 -28.89
C ILE J 752 -48.54 37.49 -30.14
N LEU J 753 -49.18 36.64 -30.96
CA LEU J 753 -48.56 36.09 -32.15
C LEU J 753 -49.51 36.20 -33.32
N TRP J 754 -48.95 36.25 -34.52
CA TRP J 754 -49.73 36.31 -35.76
C TRP J 754 -49.23 35.35 -36.83
N ASP J 755 -48.16 34.60 -36.57
CA ASP J 755 -47.61 33.65 -37.53
C ASP J 755 -47.37 32.32 -36.82
N CYS J 756 -46.90 31.34 -37.59
CA CYS J 756 -46.63 30.00 -37.07
C CYS J 756 -45.18 29.59 -37.27
N ASP J 757 -44.29 30.54 -37.57
CA ASP J 757 -42.88 30.26 -37.80
C ASP J 757 -42.00 30.57 -36.59
N ALA J 758 -42.61 30.81 -35.42
CA ALA J 758 -41.83 31.09 -34.23
C ALA J 758 -40.97 29.88 -33.84
N LEU J 759 -41.52 28.68 -33.92
CA LEU J 759 -40.75 27.49 -33.61
C LEU J 759 -39.61 27.29 -34.59
N ILE J 760 -39.86 27.54 -35.88
CA ILE J 760 -38.80 27.43 -36.88
C ILE J 760 -37.69 28.43 -36.61
N TYR J 761 -38.06 29.67 -36.28
CA TYR J 761 -37.07 30.68 -35.93
C TYR J 761 -36.25 30.25 -34.71
N ARG J 762 -36.92 29.71 -33.70
CA ARG J 762 -36.22 29.28 -32.49
C ARG J 762 -35.25 28.15 -32.78
N ASP J 763 -35.66 27.16 -33.56
CA ASP J 763 -34.77 26.04 -33.84
C ASP J 763 -33.69 26.38 -34.85
N GLU J 764 -33.87 27.45 -35.65
CA GLU J 764 -32.82 27.89 -36.54
C GLU J 764 -31.86 28.88 -35.89
N ALA J 765 -32.27 29.51 -34.79
CA ALA J 765 -31.39 30.43 -34.06
C ALA J 765 -30.62 29.70 -32.96
N ALA J 766 -31.33 29.05 -32.04
CA ALA J 766 -30.70 28.35 -30.93
C ALA J 766 -30.50 26.87 -31.29
N ARG J 767 -29.76 26.65 -32.38
CA ARG J 767 -29.48 25.29 -32.83
C ARG J 767 -28.61 24.54 -31.83
N ASP J 768 -27.61 25.21 -31.26
CA ASP J 768 -26.67 24.61 -30.33
C ASP J 768 -26.96 25.03 -28.88
N ARG J 769 -28.20 25.39 -28.59
CA ARG J 769 -28.61 25.82 -27.26
C ARG J 769 -29.79 25.00 -26.77
N LEU J 770 -29.69 23.68 -26.94
CA LEU J 770 -30.71 22.71 -26.54
C LEU J 770 -32.07 23.08 -27.15
N PRO J 771 -32.25 22.88 -28.45
CA PRO J 771 -33.52 23.25 -29.11
C PRO J 771 -34.61 22.19 -28.92
N ALA J 772 -35.07 22.06 -27.68
CA ALA J 772 -36.14 21.14 -27.33
C ALA J 772 -37.35 21.95 -26.88
N ILE J 773 -38.40 21.96 -27.71
CA ILE J 773 -39.61 22.72 -27.44
C ILE J 773 -40.80 21.77 -27.56
N ARG J 774 -41.65 21.77 -26.55
CA ARG J 774 -42.85 20.94 -26.58
C ARG J 774 -43.81 21.42 -27.66
N VAL J 775 -44.39 20.47 -28.39
CA VAL J 775 -45.30 20.80 -29.49
C VAL J 775 -46.72 20.43 -29.10
N SER J 776 -47.46 21.43 -28.58
CA SER J 776 -48.87 21.28 -28.20
C SER J 776 -49.09 20.05 -27.32
N GLY J 777 -48.24 19.92 -26.30
CA GLY J 777 -48.36 18.81 -25.37
C GLY J 777 -47.65 17.55 -25.83
N ARG J 778 -48.42 16.59 -26.32
CA ARG J 778 -47.85 15.33 -26.78
C ARG J 778 -47.01 15.55 -28.03
N ASN J 779 -45.99 14.70 -28.19
CA ASN J 779 -45.08 14.79 -29.32
C ASN J 779 -45.81 14.42 -30.60
N GLY J 780 -46.10 15.41 -31.44
CA GLY J 780 -46.79 15.15 -32.69
C GLY J 780 -46.98 16.44 -33.45
N TYR J 781 -47.62 16.32 -34.61
CA TYR J 781 -47.89 17.46 -35.47
C TYR J 781 -49.15 17.19 -36.28
N GLN J 782 -49.91 18.25 -36.53
CA GLN J 782 -51.15 18.18 -37.30
C GLN J 782 -51.08 19.19 -38.44
N ALA J 783 -51.41 18.74 -39.65
CA ALA J 783 -51.39 19.59 -40.83
C ALA J 783 -52.72 19.47 -41.55
N LEU J 784 -53.22 20.61 -42.04
CA LEU J 784 -54.48 20.66 -42.76
C LEU J 784 -54.47 21.84 -43.72
N HIS J 785 -55.35 21.78 -44.71
CA HIS J 785 -55.44 22.83 -45.72
C HIS J 785 -56.26 24.00 -45.16
N PHE J 786 -56.60 24.93 -46.03
CA PHE J 786 -57.37 26.10 -45.63
C PHE J 786 -58.81 25.70 -45.29
N VAL J 787 -59.48 26.57 -44.53
CA VAL J 787 -60.84 26.31 -44.11
C VAL J 787 -61.79 26.45 -45.29
N ASP J 788 -62.64 25.46 -45.49
CA ASP J 788 -63.60 25.47 -46.59
C ASP J 788 -64.81 26.30 -46.20
N MET J 789 -65.88 26.21 -46.98
CA MET J 789 -67.07 27.01 -46.74
C MET J 789 -67.76 26.60 -45.44
N ALA J 790 -68.19 25.33 -45.36
CA ALA J 790 -68.90 24.81 -44.19
C ALA J 790 -68.23 23.49 -43.78
N GLY J 791 -67.20 23.59 -42.95
CA GLY J 791 -66.52 22.42 -42.44
C GLY J 791 -66.06 22.56 -41.02
N HIS J 792 -66.48 23.64 -40.35
CA HIS J 792 -66.07 23.89 -38.99
C HIS J 792 -66.72 22.90 -38.03
N ASN J 793 -65.99 22.55 -36.98
CA ASN J 793 -66.49 21.62 -35.97
C ASN J 793 -65.88 21.99 -34.62
N PHE J 794 -66.72 22.05 -33.59
CA PHE J 794 -66.26 22.41 -32.26
C PHE J 794 -65.60 21.25 -31.53
N GLN J 795 -65.77 20.02 -32.01
CA GLN J 795 -65.17 18.84 -31.38
C GLN J 795 -63.82 18.50 -32.00
N ARG J 796 -62.92 19.49 -32.05
CA ARG J 796 -61.59 19.31 -32.61
C ARG J 796 -60.55 19.89 -31.66
N ARG J 797 -59.38 19.26 -31.65
CA ARG J 797 -58.28 19.70 -30.80
C ARG J 797 -56.98 19.64 -31.59
N ASP J 798 -56.04 20.52 -31.21
CA ASP J 798 -54.71 20.58 -31.82
C ASP J 798 -54.81 20.80 -33.33
N ASN J 799 -55.42 21.93 -33.70
CA ASN J 799 -55.57 22.32 -35.09
C ASN J 799 -55.12 23.76 -35.26
N VAL J 800 -54.10 23.98 -36.08
CA VAL J 800 -53.57 25.31 -36.35
C VAL J 800 -53.77 25.61 -37.83
N LEU J 801 -54.46 26.71 -38.12
CA LEU J 801 -54.74 27.11 -39.49
C LEU J 801 -53.62 28.00 -40.02
N ILE J 802 -53.47 27.99 -41.35
CA ILE J 802 -52.44 28.79 -42.00
C ILE J 802 -53.01 29.74 -43.04
N HIS J 803 -54.25 29.55 -43.49
CA HIS J 803 -54.90 30.43 -44.47
C HIS J 803 -54.07 30.54 -45.75
N GLY J 804 -53.50 29.41 -46.17
CA GLY J 804 -52.69 29.41 -47.38
C GLY J 804 -51.41 30.21 -47.21
N ARG J 805 -50.93 30.75 -48.33
CA ARG J 805 -49.71 31.56 -48.35
C ARG J 805 -49.96 32.85 -49.09
N PRO J 806 -49.27 33.93 -48.72
CA PRO J 806 -49.44 35.20 -49.44
C PRO J 806 -49.08 35.11 -50.91
N VAL J 807 -48.09 34.30 -51.26
CA VAL J 807 -47.67 34.16 -52.66
C VAL J 807 -47.92 32.74 -53.15
N ILE J 815 -49.70 22.13 -46.64
CA ILE J 815 -48.82 23.15 -47.19
C ILE J 815 -47.68 23.45 -46.21
N PRO J 816 -46.44 23.33 -46.67
CA PRO J 816 -45.30 23.62 -45.80
C PRO J 816 -45.26 25.09 -45.40
N ILE J 817 -44.73 25.34 -44.20
CA ILE J 817 -44.59 26.68 -43.65
C ILE J 817 -43.11 27.04 -43.64
N THR J 818 -42.78 28.19 -44.22
CA THR J 818 -41.41 28.66 -44.31
C THR J 818 -41.38 30.16 -44.08
N PRO J 819 -40.30 30.68 -43.51
CA PRO J 819 -40.16 32.14 -43.37
C PRO J 819 -39.92 32.80 -44.73
N HIS J 820 -39.93 34.13 -44.72
CA HIS J 820 -39.76 34.91 -45.94
C HIS J 820 -38.42 35.64 -45.98
N HIS J 821 -38.14 36.51 -45.01
CA HIS J 821 -36.85 37.18 -44.94
C HIS J 821 -36.11 36.90 -43.64
N ASP J 822 -36.72 37.20 -42.49
CA ASP J 822 -36.06 37.08 -41.19
C ASP J 822 -37.08 37.27 -40.06
N ARG J 823 -36.60 37.28 -38.81
CA ARG J 823 -37.42 37.59 -37.65
C ARG J 823 -37.55 39.09 -37.41
N GLU J 824 -37.29 39.90 -38.43
CA GLU J 824 -37.36 41.35 -38.27
C GLU J 824 -38.77 41.82 -37.94
N TRP J 825 -39.79 41.14 -38.48
CA TRP J 825 -41.17 41.49 -38.14
C TRP J 825 -41.43 41.29 -36.65
N GLY J 826 -40.99 40.15 -36.10
CA GLY J 826 -41.15 39.92 -34.68
C GLY J 826 -40.35 40.88 -33.84
N ILE J 827 -39.15 41.22 -34.27
CA ILE J 827 -38.33 42.19 -33.53
C ILE J 827 -39.02 43.54 -33.50
N LEU J 828 -39.55 43.99 -34.65
CA LEU J 828 -40.25 45.26 -34.70
C LEU J 828 -41.51 45.24 -33.83
N SER J 829 -42.25 44.13 -33.86
CA SER J 829 -43.45 44.02 -33.04
C SER J 829 -43.11 44.10 -31.56
N LYS J 830 -42.04 43.40 -31.14
CA LYS J 830 -41.65 43.45 -29.73
C LYS J 830 -41.13 44.83 -29.34
N ILE J 831 -40.44 45.51 -30.26
CA ILE J 831 -39.99 46.87 -29.97
C ILE J 831 -41.18 47.81 -29.80
N TYR J 832 -42.18 47.69 -30.68
CA TYR J 832 -43.36 48.54 -30.58
C TYR J 832 -44.19 48.22 -29.34
N TYR J 833 -44.21 46.97 -28.91
CA TYR J 833 -44.99 46.58 -27.74
C TYR J 833 -44.21 46.69 -26.44
N TYR J 834 -42.92 47.01 -26.48
CA TYR J 834 -42.10 47.09 -25.28
C TYR J 834 -41.37 48.43 -25.21
N ILE J 835 -42.11 49.53 -25.43
CA ILE J 835 -41.54 50.86 -25.31
C ILE J 835 -42.31 51.68 -24.29
N VAL J 836 -43.59 51.93 -24.56
CA VAL J 836 -44.41 52.75 -23.68
C VAL J 836 -45.72 52.04 -23.39
N ILE J 837 -46.01 50.98 -24.14
CA ILE J 837 -47.26 50.23 -23.94
C ILE J 837 -47.33 49.60 -22.55
N PRO J 838 -46.31 48.86 -22.07
CA PRO J 838 -46.41 48.35 -20.68
C PRO J 838 -46.51 49.45 -19.65
N ALA J 839 -45.80 50.57 -19.85
CA ALA J 839 -45.86 51.67 -18.89
C ALA J 839 -47.26 52.26 -18.83
N PHE J 840 -47.91 52.42 -19.98
CA PHE J 840 -49.25 53.00 -20.00
C PHE J 840 -50.34 51.99 -19.64
N SER J 841 -50.03 50.69 -19.67
CA SER J 841 -51.01 49.66 -19.34
C SER J 841 -50.53 48.77 -18.19
N ARG J 842 -49.77 49.34 -17.26
CA ARG J 842 -49.36 48.58 -16.08
C ARG J 842 -50.56 48.11 -15.27
N GLY J 843 -51.54 48.98 -15.08
CA GLY J 843 -52.73 48.66 -14.31
C GLY J 843 -53.91 48.18 -15.11
N SER J 844 -53.74 47.89 -16.41
CA SER J 844 -54.86 47.45 -17.23
C SER J 844 -54.51 46.30 -18.16
N CYS J 845 -53.38 45.63 -17.95
CA CYS J 845 -52.98 44.51 -18.80
C CYS J 845 -53.44 43.21 -18.15
N CYS J 846 -54.30 42.48 -18.87
CA CYS J 846 -54.79 41.20 -18.38
C CYS J 846 -55.23 40.36 -19.57
N THR J 847 -55.17 39.04 -19.41
CA THR J 847 -55.57 38.13 -20.47
C THR J 847 -57.08 38.19 -20.68
N MET J 848 -57.49 38.06 -21.94
CA MET J 848 -58.89 38.08 -22.32
C MET J 848 -59.31 36.73 -22.87
N GLY J 849 -60.50 36.28 -22.48
CA GLY J 849 -61.02 35.02 -22.95
C GLY J 849 -61.63 35.10 -24.33
N VAL J 850 -61.96 33.92 -24.87
CA VAL J 850 -62.54 33.80 -26.20
C VAL J 850 -63.76 32.87 -26.10
N ARG J 851 -64.94 33.46 -26.04
CA ARG J 851 -66.19 32.69 -26.11
C ARG J 851 -66.68 32.57 -27.55
N TYR J 852 -65.84 32.00 -28.43
CA TYR J 852 -66.25 31.83 -29.82
C TYR J 852 -67.41 30.85 -29.93
N ASP J 853 -67.37 29.76 -29.16
CA ASP J 853 -68.43 28.77 -29.21
C ASP J 853 -69.77 29.32 -28.77
N ARG J 854 -69.78 30.40 -27.99
CA ARG J 854 -71.02 31.02 -27.55
C ARG J 854 -71.40 32.25 -28.36
N LEU J 855 -70.45 32.92 -29.00
CA LEU J 855 -70.71 34.13 -29.77
C LEU J 855 -70.86 33.86 -31.26
N TYR J 856 -70.55 32.66 -31.73
CA TYR J 856 -70.71 32.35 -33.16
C TYR J 856 -72.15 32.44 -33.63
N PRO J 857 -73.14 31.81 -32.97
CA PRO J 857 -74.52 31.89 -33.49
C PRO J 857 -75.13 33.28 -33.42
N ALA J 858 -74.60 34.17 -32.57
CA ALA J 858 -75.17 35.52 -32.48
C ALA J 858 -74.97 36.29 -33.77
N LEU J 859 -73.81 36.16 -34.39
CA LEU J 859 -73.50 36.85 -35.63
C LEU J 859 -73.58 35.94 -36.86
N GLN J 860 -73.82 34.65 -36.67
CA GLN J 860 -73.91 33.74 -37.80
C GLN J 860 -75.13 34.04 -38.67
N ALA J 861 -76.26 34.33 -38.04
CA ALA J 861 -77.51 34.61 -38.76
C ALA J 861 -77.54 36.09 -39.14
N VAL J 862 -77.26 36.38 -40.40
CA VAL J 862 -77.28 37.73 -40.93
C VAL J 862 -78.15 37.74 -42.19
N ILE J 863 -79.12 38.66 -42.22
CA ILE J 863 -80.02 38.78 -43.36
C ILE J 863 -80.11 40.25 -43.75
N VAL J 864 -80.53 40.49 -44.99
CA VAL J 864 -80.67 41.85 -45.51
C VAL J 864 -81.64 41.83 -46.69
N PRO J 865 -82.62 42.72 -46.73
CA PRO J 865 -83.53 42.78 -47.89
C PRO J 865 -82.80 43.22 -49.15
N GLU J 866 -83.31 42.77 -50.29
CA GLU J 866 -82.71 43.11 -51.57
C GLU J 866 -82.86 44.60 -51.86
N ILE J 867 -81.80 45.19 -52.37
CA ILE J 867 -81.75 46.61 -52.71
C ILE J 867 -81.78 46.75 -54.22
N PRO J 868 -82.78 47.39 -54.81
CA PRO J 868 -82.81 47.53 -56.27
C PRO J 868 -81.66 48.39 -56.76
N ALA J 869 -81.20 48.09 -57.98
CA ALA J 869 -80.09 48.79 -58.59
C ALA J 869 -80.58 50.10 -59.19
N ASP J 870 -79.68 50.82 -59.88
CA ASP J 870 -79.99 52.10 -60.50
C ASP J 870 -80.53 53.11 -59.49
N GLU J 871 -79.95 53.10 -58.28
CA GLU J 871 -80.36 54.00 -57.22
C GLU J 871 -79.10 54.48 -56.50
N GLU J 872 -79.29 55.21 -55.41
CA GLU J 872 -78.19 55.74 -54.61
C GLU J 872 -78.27 55.17 -53.20
N ALA J 873 -77.15 54.63 -52.73
CA ALA J 873 -77.12 54.07 -51.39
C ALA J 873 -77.21 55.18 -50.35
N PRO J 874 -78.00 54.98 -49.29
CA PRO J 874 -78.10 56.02 -48.25
C PRO J 874 -76.77 56.23 -47.53
N THR J 875 -76.53 57.46 -47.12
CA THR J 875 -75.31 57.82 -46.41
C THR J 875 -75.46 57.63 -44.89
N THR J 876 -76.44 58.30 -44.30
CA THR J 876 -76.66 58.18 -42.87
C THR J 876 -77.83 57.25 -42.58
N PRO J 877 -77.75 56.47 -41.48
CA PRO J 877 -78.83 55.53 -41.12
C PRO J 877 -79.96 56.20 -40.34
N GLU J 878 -80.47 57.31 -40.86
CA GLU J 878 -81.56 58.04 -40.21
C GLU J 878 -82.66 58.47 -41.17
N ASP J 879 -82.48 58.30 -42.48
CA ASP J 879 -83.51 58.70 -43.43
C ASP J 879 -84.74 57.80 -43.32
N PRO J 880 -85.94 58.34 -43.58
CA PRO J 880 -87.14 57.51 -43.51
C PRO J 880 -87.20 56.42 -44.58
N ARG J 881 -86.40 56.51 -45.63
CA ARG J 881 -86.43 55.54 -46.71
C ARG J 881 -85.61 54.29 -46.41
N HIS J 882 -84.95 54.23 -45.26
CA HIS J 882 -84.16 53.04 -44.92
C HIS J 882 -85.09 51.84 -44.74
N PRO J 883 -84.81 50.72 -45.41
CA PRO J 883 -85.70 49.55 -45.27
C PRO J 883 -85.73 48.95 -43.88
N LEU J 884 -84.72 49.21 -43.05
CA LEU J 884 -84.63 48.63 -41.72
C LEU J 884 -85.07 49.61 -40.63
N HIS J 885 -85.67 50.74 -41.00
CA HIS J 885 -86.08 51.74 -40.02
C HIS J 885 -87.54 52.13 -40.19
N ALA J 886 -88.05 52.08 -41.41
CA ALA J 886 -89.40 52.51 -41.70
C ALA J 886 -90.45 51.67 -40.97
N HIS J 887 -90.54 50.39 -41.31
CA HIS J 887 -91.51 49.50 -40.68
C HIS J 887 -91.01 48.10 -40.41
N GLN J 888 -89.74 47.81 -40.68
CA GLN J 888 -89.23 46.45 -40.53
C GLN J 888 -88.02 46.42 -39.59
N LEU J 889 -88.13 47.08 -38.44
CA LEU J 889 -87.02 47.11 -37.50
C LEU J 889 -86.98 45.84 -36.66
N VAL J 890 -88.01 45.63 -35.82
CA VAL J 890 -88.21 44.51 -34.90
C VAL J 890 -87.04 44.35 -33.93
N PRO J 891 -87.31 44.00 -32.66
CA PRO J 891 -86.20 43.88 -31.70
C PRO J 891 -85.19 42.78 -32.04
N ASN J 892 -85.65 41.53 -32.07
CA ASN J 892 -84.82 40.35 -32.31
C ASN J 892 -83.52 40.44 -31.49
N SER J 893 -82.44 39.86 -32.00
CA SER J 893 -81.11 40.01 -31.43
C SER J 893 -80.15 40.65 -32.42
N LEU J 894 -80.12 40.17 -33.66
CA LEU J 894 -79.27 40.78 -34.68
C LEU J 894 -79.71 42.21 -34.97
N ASN J 895 -81.01 42.46 -34.96
CA ASN J 895 -81.50 43.80 -35.25
C ASN J 895 -81.07 44.81 -34.19
N VAL J 896 -81.21 44.45 -32.90
CA VAL J 896 -80.80 45.36 -31.84
C VAL J 896 -79.29 45.49 -31.82
N TYR J 897 -78.56 44.41 -32.12
CA TYR J 897 -77.11 44.50 -32.22
C TYR J 897 -76.69 45.48 -33.31
N PHE J 898 -77.35 45.42 -34.47
CA PHE J 898 -77.05 46.35 -35.55
C PHE J 898 -77.43 47.78 -35.17
N HIS J 899 -78.55 47.94 -34.45
CA HIS J 899 -78.93 49.28 -33.99
C HIS J 899 -77.90 49.85 -33.03
N ASN J 900 -77.31 48.99 -32.19
CA ASN J 900 -76.30 49.45 -31.24
C ASN J 900 -74.97 49.75 -31.92
N ALA J 901 -74.57 48.94 -32.89
CA ALA J 901 -73.24 49.04 -33.50
C ALA J 901 -73.35 49.17 -35.02
N HIS J 902 -74.21 50.08 -35.48
CA HIS J 902 -74.46 50.29 -36.89
C HIS J 902 -73.62 51.42 -37.48
N LEU J 903 -72.40 51.60 -37.01
CA LEU J 903 -71.52 52.64 -37.54
C LEU J 903 -71.00 52.24 -38.91
N THR J 904 -71.69 52.68 -39.96
CA THR J 904 -71.33 52.39 -41.36
C THR J 904 -71.09 50.90 -41.58
N VAL J 905 -72.05 50.08 -41.15
CA VAL J 905 -71.97 48.64 -41.29
C VAL J 905 -72.96 48.08 -42.30
N ASP J 906 -73.91 48.88 -42.78
CA ASP J 906 -74.92 48.41 -43.72
C ASP J 906 -74.32 48.39 -45.13
N GLY J 907 -75.19 48.24 -46.14
CA GLY J 907 -74.80 48.44 -47.52
C GLY J 907 -73.64 47.57 -47.97
N ASP J 908 -72.63 48.22 -48.58
CA ASP J 908 -71.47 47.49 -49.06
C ASP J 908 -70.64 46.93 -47.92
N ALA J 909 -70.62 47.60 -46.76
CA ALA J 909 -69.96 47.03 -45.60
C ALA J 909 -70.65 45.75 -45.16
N LEU J 910 -71.98 45.74 -45.17
CA LEU J 910 -72.73 44.52 -44.86
C LEU J 910 -72.44 43.43 -45.88
N LEU J 911 -72.36 43.79 -47.16
CA LEU J 911 -72.05 42.81 -48.19
C LEU J 911 -70.67 42.21 -47.99
N THR J 912 -69.68 43.03 -47.68
CA THR J 912 -68.34 42.52 -47.44
C THR J 912 -68.29 41.66 -46.19
N LEU J 913 -69.04 42.03 -45.15
CA LEU J 913 -69.12 41.19 -43.96
C LEU J 913 -69.74 39.84 -44.27
N GLN J 914 -70.80 39.83 -45.09
CA GLN J 914 -71.42 38.58 -45.49
C GLN J 914 -70.46 37.71 -46.30
N GLU J 915 -69.68 38.34 -47.19
CA GLU J 915 -68.65 37.60 -47.92
C GLU J 915 -67.60 37.04 -46.97
N LEU J 916 -67.24 37.82 -45.95
CA LEU J 916 -66.28 37.35 -44.95
C LEU J 916 -66.80 36.17 -44.16
N MET J 917 -68.11 36.13 -43.91
CA MET J 917 -68.69 35.07 -43.08
C MET J 917 -68.54 33.69 -43.71
N GLY J 918 -68.24 33.62 -45.01
CA GLY J 918 -68.05 32.32 -45.64
C GLY J 918 -66.86 31.56 -45.08
N ASP J 919 -65.76 32.25 -44.83
CA ASP J 919 -64.55 31.65 -44.30
C ASP J 919 -64.29 32.19 -42.89
N MET J 920 -64.11 31.27 -41.94
CA MET J 920 -63.92 31.66 -40.55
C MET J 920 -63.08 30.62 -39.84
N ALA J 921 -62.50 31.03 -38.71
CA ALA J 921 -61.68 30.15 -37.89
C ALA J 921 -62.57 29.41 -36.89
N GLU J 922 -61.94 28.58 -36.04
CA GLU J 922 -62.66 27.81 -35.04
C GLU J 922 -62.34 28.27 -33.63
N ARG J 923 -61.06 28.27 -33.25
CA ARG J 923 -60.64 28.68 -31.91
C ARG J 923 -59.12 28.84 -31.91
N THR J 924 -58.60 29.32 -30.79
CA THR J 924 -57.17 29.50 -30.61
C THR J 924 -56.60 28.39 -29.73
N THR J 925 -55.36 28.00 -30.03
CA THR J 925 -54.68 26.94 -29.31
C THR J 925 -53.52 27.52 -28.50
N ALA J 926 -53.27 26.91 -27.34
CA ALA J 926 -52.21 27.34 -26.44
C ALA J 926 -51.08 26.32 -26.46
N ILE J 927 -49.86 26.81 -26.66
CA ILE J 927 -48.67 25.97 -26.68
C ILE J 927 -47.67 26.55 -25.69
N LEU J 928 -47.14 25.70 -24.80
CA LEU J 928 -46.18 26.11 -23.79
C LEU J 928 -44.78 25.75 -24.23
N VAL J 929 -43.89 26.74 -24.22
CA VAL J 929 -42.50 26.56 -24.64
C VAL J 929 -41.60 26.77 -23.43
N SER J 930 -40.31 26.52 -23.64
CA SER J 930 -39.32 26.68 -22.58
C SER J 930 -38.15 27.54 -23.05
N SER J 931 -37.12 27.66 -22.23
CA SER J 931 -35.95 28.46 -22.57
C SER J 931 -34.70 27.78 -22.01
N ALA J 932 -33.57 28.04 -22.66
CA ALA J 932 -32.29 27.50 -22.24
C ALA J 932 -31.24 28.60 -22.20
N PRO J 933 -30.28 28.51 -21.29
CA PRO J 933 -29.23 29.53 -21.21
C PRO J 933 -28.23 29.38 -22.35
N ASP J 934 -27.37 30.39 -22.48
CA ASP J 934 -26.35 30.38 -23.51
C ASP J 934 -25.31 29.30 -23.22
N ALA J 935 -24.67 28.82 -24.29
CA ALA J 935 -23.67 27.77 -24.19
C ALA J 935 -22.26 28.32 -23.97
N GLY J 936 -22.15 29.56 -23.48
CA GLY J 936 -20.84 30.15 -23.23
C GLY J 936 -20.14 29.59 -22.01
N ALA J 937 -20.88 28.99 -21.09
CA ALA J 937 -20.33 28.42 -19.87
C ALA J 937 -20.14 26.92 -20.05
N ALA J 938 -18.96 26.42 -19.68
CA ALA J 938 -18.63 25.01 -19.81
C ALA J 938 -18.98 24.20 -18.56
N THR J 939 -19.56 24.83 -17.55
CA THR J 939 -19.92 24.11 -16.34
C THR J 939 -21.06 23.13 -16.60
N ALA J 940 -20.98 21.95 -15.99
CA ALA J 940 -22.02 20.94 -16.17
C ALA J 940 -23.34 21.33 -15.51
N THR J 941 -23.30 22.25 -14.54
CA THR J 941 -24.53 22.65 -13.87
C THR J 941 -25.40 23.56 -14.73
N THR J 942 -24.83 24.15 -15.79
CA THR J 942 -25.61 25.03 -16.66
C THR J 942 -26.60 24.26 -17.53
N ARG J 943 -26.32 22.99 -17.80
CA ARG J 943 -27.20 22.16 -18.62
C ARG J 943 -28.27 21.45 -17.80
N ASN J 944 -28.26 21.60 -16.48
CA ASN J 944 -29.23 20.95 -15.61
C ASN J 944 -30.39 21.86 -15.23
N MET J 945 -30.12 23.12 -14.90
CA MET J 945 -31.17 24.04 -14.52
C MET J 945 -31.99 24.45 -15.74
N ARG J 946 -33.24 24.84 -15.49
CA ARG J 946 -34.13 25.27 -16.56
C ARG J 946 -35.17 26.21 -15.96
N ILE J 947 -35.12 27.48 -16.35
CA ILE J 947 -36.08 28.46 -15.84
C ILE J 947 -37.44 28.22 -16.46
N TYR J 948 -38.47 28.15 -15.62
CA TYR J 948 -39.82 27.89 -16.08
C TYR J 948 -40.47 29.21 -16.51
N ASP J 949 -40.61 29.40 -17.82
CA ASP J 949 -41.22 30.61 -18.36
C ASP J 949 -41.78 30.31 -19.74
N GLY J 950 -42.70 31.17 -20.18
CA GLY J 950 -43.31 30.99 -21.48
C GLY J 950 -44.34 32.07 -21.73
N ALA J 951 -44.96 31.98 -22.90
CA ALA J 951 -45.98 32.94 -23.31
C ALA J 951 -47.09 32.20 -24.04
N LEU J 952 -48.30 32.77 -23.97
CA LEU J 952 -49.44 32.18 -24.64
C LEU J 952 -49.30 32.28 -26.16
N TYR J 953 -49.92 31.35 -26.86
CA TYR J 953 -49.87 31.30 -28.32
C TYR J 953 -51.13 31.94 -28.88
N HIS J 954 -50.95 32.98 -29.70
CA HIS J 954 -52.06 33.71 -30.32
C HIS J 954 -53.06 34.21 -29.28
N GLY J 955 -52.53 34.75 -28.17
CA GLY J 955 -53.39 35.28 -27.13
C GLY J 955 -53.93 36.65 -27.45
N LEU J 956 -54.97 37.04 -26.72
CA LEU J 956 -55.62 38.34 -26.89
C LEU J 956 -55.49 39.10 -25.58
N ILE J 957 -54.74 40.19 -25.60
CA ILE J 957 -54.52 41.04 -24.42
C ILE J 957 -54.89 42.47 -24.80
N MET J 958 -55.74 43.08 -24.00
CA MET J 958 -56.17 44.46 -24.21
C MET J 958 -55.36 45.40 -23.32
N MET J 959 -55.02 46.57 -23.87
CA MET J 959 -54.23 47.57 -23.16
C MET J 959 -55.10 48.58 -22.42
N ALA J 960 -56.38 48.29 -22.22
CA ALA J 960 -57.29 49.19 -21.52
C ALA J 960 -58.30 48.35 -20.75
N TYR J 961 -59.31 49.02 -20.20
CA TYR J 961 -60.35 48.34 -19.42
C TYR J 961 -61.63 49.15 -19.51
N GLN J 962 -62.74 48.48 -19.23
CA GLN J 962 -64.07 49.08 -19.25
C GLN J 962 -64.58 49.22 -17.83
N ALA J 963 -64.99 50.43 -17.45
CA ALA J 963 -65.51 50.67 -16.12
C ALA J 963 -66.80 49.89 -15.88
N TYR J 964 -67.84 50.20 -16.66
CA TYR J 964 -69.13 49.52 -16.53
C TYR J 964 -69.76 49.38 -17.90
N ASP J 965 -70.63 48.38 -18.03
CA ASP J 965 -71.34 48.15 -19.28
C ASP J 965 -72.61 47.39 -18.97
N GLU J 966 -73.76 48.06 -19.07
CA GLU J 966 -75.04 47.43 -18.80
C GLU J 966 -75.58 46.65 -19.99
N THR J 967 -75.03 46.88 -21.20
CA THR J 967 -75.50 46.15 -22.37
C THR J 967 -75.15 44.67 -22.27
N ILE J 968 -73.96 44.35 -21.80
CA ILE J 968 -73.48 42.98 -21.67
C ILE J 968 -73.21 42.69 -20.20
N ALA J 969 -73.70 41.55 -19.73
CA ALA J 969 -73.49 41.15 -18.34
C ALA J 969 -72.01 40.91 -18.07
N THR J 970 -71.60 41.23 -16.85
CA THR J 970 -70.20 41.08 -16.47
C THR J 970 -69.80 39.61 -16.44
N GLY J 971 -68.57 39.34 -16.86
CA GLY J 971 -68.05 37.98 -16.88
C GLY J 971 -68.78 37.06 -17.85
N THR J 972 -69.09 37.55 -19.05
CA THR J 972 -69.78 36.77 -20.06
C THR J 972 -68.91 36.43 -21.26
N PHE J 973 -68.20 37.42 -21.80
CA PHE J 973 -67.35 37.22 -22.97
C PHE J 973 -65.89 36.95 -22.62
N PHE J 974 -65.40 37.48 -21.51
CA PHE J 974 -64.01 37.31 -21.12
C PHE J 974 -63.92 36.92 -19.66
N TYR J 975 -62.85 36.21 -19.31
CA TYR J 975 -62.59 35.75 -17.95
C TYR J 975 -61.18 36.16 -17.58
N PRO J 976 -60.96 37.45 -17.27
CA PRO J 976 -59.59 37.91 -16.97
C PRO J 976 -59.07 37.30 -15.67
N VAL J 977 -57.85 36.78 -15.73
CA VAL J 977 -57.22 36.18 -14.55
C VAL J 977 -55.76 36.60 -14.50
N PRO J 978 -55.20 36.69 -13.29
CA PRO J 978 -53.79 37.03 -13.16
C PRO J 978 -52.89 35.88 -13.59
N VAL J 979 -52.23 36.04 -14.75
CA VAL J 979 -51.36 35.00 -15.27
C VAL J 979 -49.93 35.48 -15.47
N ASN J 980 -49.68 36.79 -15.55
CA ASN J 980 -48.35 37.33 -15.74
C ASN J 980 -47.97 38.23 -14.57
N PRO J 981 -46.80 38.03 -13.96
CA PRO J 981 -46.41 38.90 -12.84
C PRO J 981 -46.30 40.37 -13.21
N LEU J 982 -45.86 40.67 -14.43
CA LEU J 982 -45.74 42.07 -14.84
C LEU J 982 -47.10 42.69 -15.11
N PHE J 983 -48.01 41.93 -15.71
CA PHE J 983 -49.33 42.45 -16.05
C PHE J 983 -50.24 42.40 -14.82
N ALA J 984 -50.67 43.57 -14.37
CA ALA J 984 -51.53 43.69 -13.20
C ALA J 984 -52.92 44.16 -13.63
N CYS J 985 -53.94 43.42 -13.24
CA CYS J 985 -55.34 43.73 -13.55
C CYS J 985 -56.15 43.68 -12.27
N PRO J 986 -56.05 44.72 -11.43
CA PRO J 986 -56.81 44.68 -10.16
C PRO J 986 -58.31 44.84 -10.34
N GLU J 987 -58.74 45.74 -11.22
CA GLU J 987 -60.17 45.96 -11.41
C GLU J 987 -60.82 44.84 -12.22
N HIS J 988 -60.04 44.06 -12.96
CA HIS J 988 -60.60 42.96 -13.74
C HIS J 988 -61.19 41.89 -12.84
N LEU J 989 -60.52 41.59 -11.72
CA LEU J 989 -61.05 40.61 -10.78
C LEU J 989 -62.37 41.07 -10.19
N ALA J 990 -62.47 42.36 -9.84
CA ALA J 990 -63.71 42.89 -9.32
C ALA J 990 -64.81 42.85 -10.37
N SER J 991 -64.48 43.19 -11.62
CA SER J 991 -65.47 43.16 -12.68
C SER J 991 -65.88 41.75 -13.08
N LEU J 992 -65.06 40.75 -12.76
CA LEU J 992 -65.39 39.37 -13.10
C LEU J 992 -66.61 38.87 -12.34
N ARG J 993 -66.83 39.39 -11.12
CA ARG J 993 -67.97 39.06 -10.27
C ARG J 993 -67.93 37.61 -9.78
N GLY J 994 -68.57 37.35 -8.64
CA GLY J 994 -68.59 36.03 -8.05
C GLY J 994 -67.71 35.87 -6.83
N MET J 995 -66.83 36.82 -6.56
CA MET J 995 -65.97 36.78 -5.38
C MET J 995 -66.51 37.68 -4.29
N THR J 996 -65.91 37.58 -3.11
CA THR J 996 -66.29 38.38 -1.96
C THR J 996 -65.39 39.61 -1.85
N ASN J 997 -65.92 40.64 -1.18
CA ASN J 997 -65.19 41.90 -1.05
C ASN J 997 -63.88 41.71 -0.29
N ALA J 998 -63.93 40.98 0.82
CA ALA J 998 -62.73 40.76 1.62
C ALA J 998 -61.68 40.00 0.84
N ARG J 999 -62.09 38.95 0.13
CA ARG J 999 -61.14 38.18 -0.68
C ARG J 999 -60.54 39.06 -1.78
N ARG J 1000 -61.37 39.87 -2.44
CA ARG J 1000 -60.86 40.73 -3.50
C ARG J 1000 -59.86 41.74 -2.97
N VAL J 1001 -60.18 42.39 -1.84
CA VAL J 1001 -59.28 43.42 -1.33
C VAL J 1001 -57.98 42.81 -0.82
N LEU J 1002 -58.06 41.63 -0.17
CA LEU J 1002 -56.82 41.00 0.28
C LEU J 1002 -55.97 40.55 -0.89
N ALA J 1003 -56.58 39.96 -1.92
CA ALA J 1003 -55.83 39.54 -3.09
C ALA J 1003 -55.21 40.72 -3.81
N LYS J 1004 -55.87 41.88 -3.80
CA LYS J 1004 -55.27 43.08 -4.36
C LYS J 1004 -54.13 43.60 -3.49
N MET J 1005 -54.26 43.45 -2.17
CA MET J 1005 -53.28 44.08 -1.26
C MET J 1005 -52.01 43.24 -1.10
N VAL J 1006 -52.12 42.06 -0.52
CA VAL J 1006 -50.91 41.32 -0.13
C VAL J 1006 -50.22 40.63 -1.31
N PRO J 1007 -50.86 39.72 -2.05
CA PRO J 1007 -50.13 38.97 -3.08
C PRO J 1007 -50.12 39.72 -4.40
N PRO J 1008 -48.93 40.09 -4.89
CA PRO J 1008 -48.85 40.73 -6.22
C PRO J 1008 -48.55 39.77 -7.35
N ILE J 1009 -48.26 38.50 -7.06
CA ILE J 1009 -47.88 37.52 -8.07
C ILE J 1009 -48.84 36.34 -8.03
N PRO J 1010 -49.21 35.77 -9.17
CA PRO J 1010 -50.03 34.56 -9.15
C PRO J 1010 -49.27 33.40 -8.53
N PRO J 1011 -49.97 32.41 -7.96
CA PRO J 1011 -49.24 31.30 -7.32
C PRO J 1011 -48.34 30.52 -8.26
N PHE J 1012 -48.73 30.34 -9.52
CA PHE J 1012 -47.92 29.56 -10.45
C PHE J 1012 -46.69 30.34 -10.94
N LEU J 1013 -46.79 31.66 -11.03
CA LEU J 1013 -45.67 32.49 -11.46
C LEU J 1013 -44.99 33.21 -10.31
N GLY J 1014 -45.25 32.78 -9.07
CA GLY J 1014 -44.66 33.41 -7.91
C GLY J 1014 -43.15 33.28 -7.80
N ALA J 1015 -42.54 32.42 -8.62
CA ALA J 1015 -41.08 32.27 -8.64
C ALA J 1015 -40.48 33.45 -9.41
N ASN J 1016 -40.34 34.57 -8.70
CA ASN J 1016 -39.82 35.79 -9.30
C ASN J 1016 -38.31 35.72 -9.53
N HIS J 1017 -37.62 34.73 -8.99
CA HIS J 1017 -36.18 34.59 -9.18
C HIS J 1017 -35.81 34.22 -10.61
N HIS J 1018 -36.77 33.78 -11.43
CA HIS J 1018 -36.47 33.44 -12.82
C HIS J 1018 -36.02 34.67 -13.60
N ALA J 1019 -36.69 35.80 -13.41
CA ALA J 1019 -36.33 37.03 -14.11
C ALA J 1019 -36.68 38.21 -13.18
N THR J 1020 -35.69 38.65 -12.41
CA THR J 1020 -35.86 39.80 -11.52
C THR J 1020 -35.34 41.07 -12.18
N ILE J 1021 -35.96 41.41 -13.31
CA ILE J 1021 -35.57 42.57 -14.11
C ILE J 1021 -36.67 43.62 -14.17
N ARG J 1022 -37.92 43.20 -14.28
CA ARG J 1022 -39.02 44.16 -14.42
C ARG J 1022 -39.32 44.88 -13.11
N GLN J 1023 -39.00 44.27 -11.97
CA GLN J 1023 -39.35 44.87 -10.68
C GLN J 1023 -38.64 46.20 -10.44
N PRO J 1024 -37.32 46.34 -10.61
CA PRO J 1024 -36.70 47.64 -10.32
C PRO J 1024 -37.15 48.75 -11.27
N VAL J 1025 -37.26 48.45 -12.56
CA VAL J 1025 -37.70 49.48 -13.51
C VAL J 1025 -39.15 49.86 -13.25
N ALA J 1026 -39.99 48.88 -12.90
CA ALA J 1026 -41.37 49.20 -12.56
C ALA J 1026 -41.44 50.08 -11.32
N TYR J 1027 -40.64 49.77 -10.30
CA TYR J 1027 -40.61 50.59 -9.09
C TYR J 1027 -40.15 52.01 -9.40
N HIS J 1028 -39.11 52.14 -10.24
CA HIS J 1028 -38.61 53.47 -10.60
C HIS J 1028 -39.66 54.26 -11.38
N VAL J 1029 -40.35 53.60 -12.33
CA VAL J 1029 -41.33 54.32 -13.13
C VAL J 1029 -42.56 54.68 -12.31
N THR J 1030 -42.91 53.87 -11.30
CA THR J 1030 -44.05 54.21 -10.45
C THR J 1030 -43.71 55.34 -9.49
N HIS J 1031 -42.49 55.35 -8.94
CA HIS J 1031 -42.12 56.41 -8.01
C HIS J 1031 -41.86 57.73 -8.75
N SER J 1032 -41.26 57.67 -9.93
CA SER J 1032 -40.98 58.89 -10.69
C SER J 1032 -42.26 59.54 -11.18
N LYS J 1033 -43.17 58.74 -11.74
CA LYS J 1033 -44.50 59.13 -12.23
C LYS J 1033 -44.44 60.04 -13.46
N SER J 1034 -43.26 60.48 -13.88
CA SER J 1034 -43.11 61.36 -15.03
C SER J 1034 -41.67 61.27 -15.52
N ASP J 1035 -41.30 62.18 -16.42
CA ASP J 1035 -39.95 62.25 -16.98
C ASP J 1035 -39.57 60.93 -17.66
N PHE J 1036 -40.30 60.63 -18.74
CA PHE J 1036 -40.04 59.39 -19.48
C PHE J 1036 -38.72 59.41 -20.22
N ASN J 1037 -38.18 60.60 -20.52
CA ASN J 1037 -36.93 60.68 -21.27
C ASN J 1037 -35.76 60.09 -20.49
N THR J 1038 -35.62 60.48 -19.23
CA THR J 1038 -34.54 59.92 -18.42
C THR J 1038 -34.77 58.44 -18.12
N LEU J 1039 -36.03 58.02 -18.02
CA LEU J 1039 -36.32 56.60 -17.83
C LEU J 1039 -35.86 55.78 -19.04
N THR J 1040 -36.18 56.25 -20.25
CA THR J 1040 -35.75 55.55 -21.44
C THR J 1040 -34.23 55.58 -21.60
N TYR J 1041 -33.61 56.71 -21.24
CA TYR J 1041 -32.14 56.77 -21.29
C TYR J 1041 -31.51 55.79 -20.33
N SER J 1042 -32.05 55.69 -19.11
CA SER J 1042 -31.52 54.72 -18.14
C SER J 1042 -31.72 53.29 -18.62
N LEU J 1043 -32.89 53.00 -19.20
CA LEU J 1043 -33.14 51.66 -19.72
C LEU J 1043 -32.17 51.32 -20.84
N LEU J 1044 -31.93 52.27 -21.75
CA LEU J 1044 -30.99 52.02 -22.84
C LEU J 1044 -29.57 51.83 -22.32
N GLY J 1045 -29.18 52.60 -21.30
CA GLY J 1045 -27.86 52.43 -20.72
C GLY J 1045 -27.70 51.09 -20.01
N GLY J 1046 -28.75 50.65 -19.31
CA GLY J 1046 -28.70 49.38 -18.61
C GLY J 1046 -28.97 48.16 -19.45
N TYR J 1047 -29.40 48.34 -20.69
CA TYR J 1047 -29.65 47.21 -21.60
C TYR J 1047 -28.33 46.78 -22.21
N PHE J 1048 -27.63 45.87 -21.52
CA PHE J 1048 -26.38 45.32 -22.00
C PHE J 1048 -26.30 43.85 -21.59
N LYS J 1049 -25.16 43.23 -21.89
CA LYS J 1049 -24.91 41.83 -21.58
C LYS J 1049 -23.82 41.71 -20.51
N PHE J 1050 -23.56 40.48 -20.09
CA PHE J 1050 -22.57 40.20 -19.05
C PHE J 1050 -21.36 39.44 -19.56
N THR J 1051 -21.34 39.06 -20.84
CA THR J 1051 -20.21 38.34 -21.38
C THR J 1051 -18.97 39.24 -21.44
N PRO J 1052 -17.78 38.68 -21.26
CA PRO J 1052 -16.56 39.51 -21.32
C PRO J 1052 -16.39 40.24 -22.64
N ILE J 1053 -16.77 39.62 -23.75
CA ILE J 1053 -16.63 40.27 -25.05
C ILE J 1053 -17.58 41.46 -25.15
N SER J 1054 -18.78 41.35 -24.58
CA SER J 1054 -19.71 42.46 -24.60
C SER J 1054 -19.17 43.64 -23.80
N LEU J 1055 -18.51 43.37 -22.67
CA LEU J 1055 -17.95 44.46 -21.87
C LEU J 1055 -16.85 45.19 -22.64
N THR J 1056 -15.97 44.44 -23.31
CA THR J 1056 -14.91 45.07 -24.08
C THR J 1056 -15.48 45.86 -25.26
N HIS J 1057 -16.50 45.32 -25.92
CA HIS J 1057 -17.14 46.04 -27.01
C HIS J 1057 -17.77 47.33 -26.52
N GLN J 1058 -18.45 47.29 -25.37
CA GLN J 1058 -19.03 48.49 -24.81
C GLN J 1058 -17.96 49.51 -24.45
N LEU J 1059 -16.86 49.06 -23.84
CA LEU J 1059 -15.78 49.97 -23.50
C LEU J 1059 -15.19 50.62 -24.74
N ARG J 1060 -15.01 49.85 -25.82
CA ARG J 1060 -14.34 50.39 -27.00
C ARG J 1060 -15.25 51.31 -27.81
N THR J 1061 -16.54 50.97 -27.94
CA THR J 1061 -17.39 51.77 -28.84
C THR J 1061 -18.77 52.11 -28.30
N GLY J 1062 -19.27 51.45 -27.26
CA GLY J 1062 -20.64 51.68 -26.82
C GLY J 1062 -20.77 52.25 -25.43
N PHE J 1063 -21.32 51.44 -24.52
CA PHE J 1063 -21.59 51.92 -23.16
C PHE J 1063 -20.29 52.15 -22.40
N HIS J 1064 -20.19 53.30 -21.75
CA HIS J 1064 -18.99 53.65 -21.00
C HIS J 1064 -19.02 52.96 -19.64
N PRO J 1065 -18.05 52.11 -19.33
CA PRO J 1065 -18.05 51.44 -18.02
C PRO J 1065 -17.78 52.41 -16.90
N GLY J 1066 -18.36 52.13 -15.74
CA GLY J 1066 -18.18 52.95 -14.56
C GLY J 1066 -17.04 52.58 -13.65
N ILE J 1067 -16.45 51.40 -13.84
CA ILE J 1067 -15.36 50.95 -12.98
C ILE J 1067 -14.09 51.72 -13.32
N ALA J 1068 -13.15 51.71 -12.36
CA ALA J 1068 -11.87 52.37 -12.50
C ALA J 1068 -10.77 51.41 -12.09
N PHE J 1069 -9.51 51.86 -12.24
CA PHE J 1069 -8.36 51.01 -11.93
C PHE J 1069 -7.31 51.91 -11.26
N THR J 1070 -7.33 51.95 -9.93
CA THR J 1070 -6.47 52.83 -9.16
C THR J 1070 -5.07 52.23 -9.02
N VAL J 1071 -4.18 53.02 -8.41
CA VAL J 1071 -2.78 52.64 -8.21
C VAL J 1071 -2.46 52.76 -6.72
N VAL J 1072 -1.82 51.74 -6.17
CA VAL J 1072 -1.39 51.75 -4.78
C VAL J 1072 -0.14 52.63 -4.66
N ARG J 1073 -0.10 53.42 -3.58
CA ARG J 1073 1.00 54.35 -3.34
C ARG J 1073 1.84 53.84 -2.17
N GLN J 1074 3.14 53.69 -2.38
CA GLN J 1074 4.07 53.28 -1.35
C GLN J 1074 5.32 54.14 -1.41
N ASP J 1075 5.86 54.48 -0.24
CA ASP J 1075 7.03 55.33 -0.13
C ASP J 1075 8.14 54.59 0.61
N ARG J 1076 9.36 54.69 0.09
CA ARG J 1076 10.54 54.08 0.70
C ARG J 1076 11.59 55.18 0.87
N PHE J 1077 11.60 55.81 2.03
CA PHE J 1077 12.48 56.93 2.32
C PHE J 1077 13.49 56.54 3.39
N ALA J 1078 14.73 57.01 3.23
CA ALA J 1078 15.80 56.77 4.18
C ALA J 1078 16.40 58.10 4.62
N THR J 1079 16.70 58.21 5.91
CA THR J 1079 17.24 59.44 6.48
C THR J 1079 18.41 59.10 7.40
N GLU J 1080 19.30 60.07 7.57
CA GLU J 1080 20.46 59.90 8.43
C GLU J 1080 20.03 59.75 9.89
N GLN J 1081 20.74 58.89 10.61
CA GLN J 1081 20.46 58.63 12.01
C GLN J 1081 21.44 59.37 12.90
N LEU J 1082 21.05 59.53 14.17
CA LEU J 1082 21.86 60.21 15.18
C LEU J 1082 21.96 59.28 16.39
N LEU J 1083 22.99 58.45 16.40
CA LEU J 1083 23.17 57.50 17.49
C LEU J 1083 23.51 58.22 18.79
N TYR J 1084 22.91 57.75 19.89
CA TYR J 1084 23.14 58.31 21.21
C TYR J 1084 23.81 57.25 22.10
N ALA J 1085 24.78 57.69 22.89
CA ALA J 1085 25.52 56.82 23.79
C ALA J 1085 25.51 57.39 25.19
N GLU J 1086 25.99 56.59 26.14
CA GLU J 1086 26.05 56.99 27.54
C GLU J 1086 27.36 56.48 28.13
N ARG J 1087 27.46 56.51 29.46
CA ARG J 1087 28.69 56.06 30.13
C ARG J 1087 28.95 54.58 29.87
N ALA J 1088 27.90 53.76 29.94
CA ALA J 1088 28.03 52.32 29.73
C ALA J 1088 26.92 51.80 28.82
N SER J 1089 26.54 52.60 27.83
CA SER J 1089 25.49 52.20 26.90
C SER J 1089 26.00 51.28 25.79
N GLU J 1090 27.32 51.19 25.60
CA GLU J 1090 27.88 50.34 24.57
C GLU J 1090 29.21 49.78 25.05
N SER J 1091 29.44 48.50 24.79
CA SER J 1091 30.67 47.84 25.19
C SER J 1091 30.96 46.69 24.22
N TYR J 1092 32.23 46.30 24.15
CA TYR J 1092 32.65 45.21 23.29
C TYR J 1092 33.78 44.45 23.96
N PHE J 1093 33.99 43.22 23.50
CA PHE J 1093 35.03 42.35 24.03
C PHE J 1093 36.12 42.16 22.99
N VAL J 1094 37.38 42.27 23.42
CA VAL J 1094 38.54 42.13 22.54
C VAL J 1094 39.36 40.94 23.03
N GLY J 1095 39.66 40.02 22.11
CA GLY J 1095 40.42 38.83 22.42
C GLY J 1095 41.59 38.66 21.47
N GLN J 1096 42.01 37.42 21.31
CA GLN J 1096 43.12 37.06 20.44
C GLN J 1096 42.59 36.60 19.08
N ILE J 1097 43.16 37.15 18.02
CA ILE J 1097 42.74 36.81 16.66
C ILE J 1097 43.37 35.49 16.26
N GLN J 1098 42.55 34.56 15.79
CA GLN J 1098 43.03 33.27 15.35
C GLN J 1098 43.55 33.35 13.92
N VAL J 1099 44.51 32.49 13.60
CA VAL J 1099 45.12 32.41 12.28
C VAL J 1099 44.82 31.05 11.69
N HIS J 1100 44.26 31.04 10.48
CA HIS J 1100 43.92 29.80 9.78
C HIS J 1100 44.60 29.77 8.43
N HIS J 1101 45.06 28.59 8.03
CA HIS J 1101 45.74 28.43 6.75
C HIS J 1101 44.72 28.27 5.63
N HIS J 1102 44.93 29.01 4.55
CA HIS J 1102 44.04 28.97 3.38
C HIS J 1102 44.83 28.57 2.15
N ASP J 1103 44.15 27.87 1.24
CA ASP J 1103 44.75 27.40 0.00
C ASP J 1103 44.11 28.13 -1.18
N ALA J 1104 44.95 28.58 -2.11
CA ALA J 1104 44.50 29.29 -3.30
C ALA J 1104 44.76 28.45 -4.54
N ILE J 1105 44.25 28.95 -5.67
CA ILE J 1105 44.41 28.24 -6.94
C ILE J 1105 45.75 28.50 -7.60
N GLY J 1106 46.49 29.52 -7.15
CA GLY J 1106 47.78 29.83 -7.73
C GLY J 1106 48.85 30.11 -6.69
N GLY J 1107 48.47 30.12 -5.42
CA GLY J 1107 49.41 30.38 -4.35
C GLY J 1107 48.87 30.00 -2.98
N VAL J 1108 49.28 30.74 -1.96
CA VAL J 1108 48.86 30.51 -0.58
C VAL J 1108 48.26 31.81 -0.04
N ASN J 1109 47.09 31.71 0.58
CA ASN J 1109 46.38 32.85 1.15
C ASN J 1109 46.18 32.63 2.63
N PHE J 1110 45.73 33.69 3.30
CA PHE J 1110 45.47 33.67 4.73
C PHE J 1110 44.05 34.16 5.01
N THR J 1111 43.36 33.48 5.92
CA THR J 1111 41.99 33.82 6.30
C THR J 1111 41.94 34.10 7.79
N LEU J 1112 41.13 35.09 8.17
CA LEU J 1112 40.95 35.49 9.55
C LEU J 1112 39.52 35.20 9.99
N THR J 1113 39.38 34.46 11.08
CA THR J 1113 38.07 34.12 11.62
C THR J 1113 38.13 34.21 13.14
N GLN J 1114 37.23 35.00 13.73
CA GLN J 1114 37.17 35.14 15.18
C GLN J 1114 35.77 35.55 15.61
N PRO J 1115 35.09 34.73 16.41
CA PRO J 1115 33.75 35.10 16.88
C PRO J 1115 33.80 36.34 17.77
N ARG J 1116 32.73 37.13 17.70
CA ARG J 1116 32.59 38.36 18.47
C ARG J 1116 31.36 38.27 19.34
N ALA J 1117 31.50 38.62 20.61
CA ALA J 1117 30.40 38.61 21.57
C ALA J 1117 30.09 40.03 22.00
N HIS J 1118 28.83 40.43 21.86
CA HIS J 1118 28.37 41.75 22.24
C HIS J 1118 27.34 41.62 23.36
N VAL J 1119 27.53 42.39 24.43
CA VAL J 1119 26.65 42.37 25.59
C VAL J 1119 26.11 43.79 25.81
N ASP J 1120 24.80 43.89 25.97
CA ASP J 1120 24.12 45.16 26.19
C ASP J 1120 23.39 45.12 27.53
N LEU J 1121 23.08 46.33 28.04
CA LEU J 1121 22.37 46.42 29.31
C LEU J 1121 20.98 45.80 29.22
N GLY J 1122 20.27 46.04 28.13
CA GLY J 1122 18.97 45.42 27.93
C GLY J 1122 17.93 45.76 28.98
N VAL J 1123 17.88 47.03 29.40
CA VAL J 1123 16.90 47.48 30.38
C VAL J 1123 15.89 48.47 29.82
N GLY J 1124 16.17 49.06 28.66
CA GLY J 1124 15.25 50.01 28.07
C GLY J 1124 15.73 50.53 26.73
N TYR J 1125 15.48 51.81 26.46
CA TYR J 1125 15.88 52.45 25.20
C TYR J 1125 16.92 53.52 25.54
N THR J 1126 18.19 53.11 25.55
CA THR J 1126 19.29 54.01 25.85
C THR J 1126 19.89 54.62 24.60
N ALA J 1127 19.99 53.85 23.52
CA ALA J 1127 20.54 54.33 22.25
C ALA J 1127 19.39 54.89 21.42
N VAL J 1128 19.18 56.20 21.52
CA VAL J 1128 18.10 56.87 20.81
C VAL J 1128 18.64 57.37 19.48
N CYS J 1129 17.97 57.00 18.38
CA CYS J 1129 18.36 57.42 17.05
C CYS J 1129 17.58 58.66 16.64
N ALA J 1130 17.71 59.07 15.39
CA ALA J 1130 17.04 60.25 14.87
C ALA J 1130 15.82 59.85 14.05
N THR J 1131 14.82 60.73 14.02
CA THR J 1131 13.60 60.50 13.28
C THR J 1131 13.82 60.89 11.81
N ALA J 1132 12.74 60.95 11.04
CA ALA J 1132 12.82 61.31 9.63
C ALA J 1132 13.24 62.76 9.49
N ALA J 1133 14.44 63.00 8.97
CA ALA J 1133 14.98 64.34 8.79
C ALA J 1133 14.61 64.84 7.39
N LEU J 1134 15.21 65.97 7.00
CA LEU J 1134 14.95 66.55 5.69
C LEU J 1134 16.01 66.09 4.69
N ARG J 1135 15.55 65.59 3.55
CA ARG J 1135 16.44 65.09 2.51
C ARG J 1135 15.74 65.19 1.16
N CYS J 1136 16.54 65.06 0.11
CA CYS J 1136 15.99 65.13 -1.24
C CYS J 1136 15.06 63.94 -1.49
N PRO J 1137 13.98 64.14 -2.25
CA PRO J 1137 13.06 63.03 -2.53
C PRO J 1137 13.71 61.97 -3.39
N LEU J 1138 13.88 60.77 -2.83
CA LEU J 1138 14.48 59.65 -3.53
C LEU J 1138 13.45 58.66 -4.06
N THR J 1139 12.17 59.01 -4.00
CA THR J 1139 11.09 58.15 -4.45
C THR J 1139 10.43 58.76 -5.68
N ASP J 1140 10.31 57.97 -6.75
CA ASP J 1140 9.69 58.40 -7.98
C ASP J 1140 8.50 57.49 -8.29
N MET J 1141 7.42 58.09 -8.76
CA MET J 1141 6.19 57.35 -9.07
C MET J 1141 6.36 56.68 -10.43
N GLY J 1142 6.46 55.35 -10.43
CA GLY J 1142 6.59 54.61 -11.66
C GLY J 1142 5.56 53.51 -11.79
N ASN J 1143 4.69 53.61 -12.78
CA ASN J 1143 3.64 52.62 -12.99
C ASN J 1143 4.19 51.40 -13.71
N THR J 1144 3.87 50.22 -13.19
CA THR J 1144 4.30 48.94 -13.75
C THR J 1144 3.12 47.97 -13.80
N ALA J 1145 1.98 48.45 -14.30
CA ALA J 1145 0.77 47.65 -14.35
C ALA J 1145 0.84 46.70 -15.54
N GLN J 1146 -0.31 46.08 -15.87
CA GLN J 1146 -0.42 45.13 -16.98
C GLN J 1146 0.51 43.94 -16.78
N ASN J 1147 0.49 43.38 -15.57
CA ASN J 1147 1.26 42.20 -15.23
C ASN J 1147 0.44 40.92 -15.28
N LEU J 1148 -0.81 41.00 -15.73
CA LEU J 1148 -1.66 39.81 -15.77
C LEU J 1148 -1.28 38.86 -16.90
N PHE J 1149 -0.54 39.34 -17.90
CA PHE J 1149 -0.15 38.49 -19.02
C PHE J 1149 0.78 37.36 -18.59
N PHE J 1150 1.50 37.53 -17.48
CA PHE J 1150 2.41 36.50 -17.02
C PHE J 1150 1.69 35.30 -16.42
N SER J 1151 0.42 35.46 -16.05
CA SER J 1151 -0.35 34.35 -15.48
C SER J 1151 -1.14 33.58 -16.53
N ARG J 1152 -1.34 34.15 -17.72
CA ARG J 1152 -2.06 33.50 -18.82
C ARG J 1152 -3.49 33.12 -18.41
N GLY J 1153 -4.10 33.91 -17.53
CA GLY J 1153 -5.45 33.65 -17.11
C GLY J 1153 -5.56 32.38 -16.27
N GLY J 1154 -6.73 31.77 -16.31
CA GLY J 1154 -6.96 30.55 -15.56
C GLY J 1154 -8.22 29.86 -16.03
N VAL J 1155 -8.67 28.91 -15.20
CA VAL J 1155 -9.86 28.11 -15.47
C VAL J 1155 -9.75 27.47 -16.86
N PRO J 1156 -8.90 26.45 -17.03
CA PRO J 1156 -8.74 25.85 -18.36
C PRO J 1156 -10.01 25.18 -18.86
N MET J 1157 -10.57 25.73 -19.94
CA MET J 1157 -11.80 25.20 -20.52
C MET J 1157 -11.66 25.30 -22.05
N LEU J 1158 -12.79 25.16 -22.75
CA LEU J 1158 -12.81 25.30 -24.21
C LEU J 1158 -12.85 26.78 -24.61
N HIS J 1159 -11.77 27.48 -24.26
CA HIS J 1159 -11.66 28.90 -24.53
C HIS J 1159 -10.25 29.28 -25.01
N ASP J 1160 -9.46 28.30 -25.47
CA ASP J 1160 -8.08 28.57 -25.82
C ASP J 1160 -7.96 29.52 -27.00
N ASN J 1161 -8.70 29.26 -28.08
CA ASN J 1161 -8.63 30.12 -29.25
C ASN J 1161 -9.14 31.52 -28.93
N VAL J 1162 -10.24 31.61 -28.17
CA VAL J 1162 -10.80 32.92 -27.84
C VAL J 1162 -9.83 33.73 -26.99
N THR J 1163 -9.22 33.10 -25.98
CA THR J 1163 -8.28 33.82 -25.14
C THR J 1163 -7.00 34.17 -25.89
N GLU J 1164 -6.57 33.33 -26.84
CA GLU J 1164 -5.43 33.66 -27.67
C GLU J 1164 -5.72 34.88 -28.54
N SER J 1165 -6.91 34.92 -29.15
CA SER J 1165 -7.29 36.08 -29.94
C SER J 1165 -7.38 37.33 -29.09
N LEU J 1166 -7.93 37.21 -27.88
CA LEU J 1166 -8.03 38.35 -26.98
C LEU J 1166 -6.65 38.86 -26.59
N ARG J 1167 -5.72 37.95 -26.27
CA ARG J 1167 -4.36 38.37 -25.91
C ARG J 1167 -3.65 38.99 -27.10
N ARG J 1168 -3.87 38.47 -28.30
CA ARG J 1168 -3.28 39.08 -29.49
C ARG J 1168 -3.80 40.49 -29.71
N ILE J 1169 -5.12 40.68 -29.53
CA ILE J 1169 -5.71 42.01 -29.70
C ILE J 1169 -5.16 42.97 -28.65
N THR J 1170 -5.05 42.51 -27.40
CA THR J 1170 -4.62 43.40 -26.33
C THR J 1170 -3.11 43.63 -26.31
N ALA J 1171 -2.33 42.81 -27.02
CA ALA J 1171 -0.88 42.97 -27.07
C ALA J 1171 -0.37 43.33 -28.45
N SER J 1172 -1.26 43.61 -29.40
CA SER J 1172 -0.86 44.00 -30.75
C SER J 1172 -0.57 45.51 -30.82
N GLY J 1173 0.36 45.95 -29.96
CA GLY J 1173 0.75 47.33 -29.92
C GLY J 1173 1.82 47.65 -30.96
N GLY J 1174 2.25 48.92 -30.95
CA GLY J 1174 3.22 49.38 -31.92
C GLY J 1174 4.30 50.27 -31.35
N ARG J 1175 4.71 50.03 -30.10
CA ARG J 1175 5.72 50.86 -29.44
C ARG J 1175 7.01 50.11 -29.19
N LEU J 1176 6.96 48.99 -28.47
CA LEU J 1176 8.16 48.23 -28.12
C LEU J 1176 7.73 46.89 -27.55
N ASN J 1177 8.49 45.84 -27.88
CA ASN J 1177 8.19 44.47 -27.46
C ASN J 1177 9.40 43.85 -26.79
N PRO J 1178 9.66 44.20 -25.52
CA PRO J 1178 10.72 43.50 -24.78
C PRO J 1178 10.38 42.03 -24.56
N THR J 1179 9.22 41.79 -23.94
CA THR J 1179 8.73 40.43 -23.70
C THR J 1179 7.22 40.44 -23.81
N GLU J 1180 6.66 39.36 -24.36
CA GLU J 1180 5.21 39.28 -24.52
C GLU J 1180 4.71 37.84 -24.64
N PRO J 1181 5.24 37.00 -25.57
CA PRO J 1181 4.64 35.67 -25.77
C PRO J 1181 4.64 34.80 -24.52
N LEU J 1182 5.81 34.56 -23.93
CA LEU J 1182 5.97 33.71 -22.77
C LEU J 1182 5.33 32.34 -23.01
N PRO J 1183 5.92 31.49 -23.85
CA PRO J 1183 5.31 30.19 -24.13
C PRO J 1183 5.40 29.26 -22.94
N ILE J 1184 4.75 28.11 -23.08
CA ILE J 1184 4.75 27.12 -22.01
C ILE J 1184 6.15 26.52 -21.85
N PHE J 1185 6.49 26.17 -20.60
CA PHE J 1185 7.79 25.63 -20.26
C PHE J 1185 8.92 26.57 -20.71
N GLY J 1186 8.72 27.87 -20.51
CA GLY J 1186 9.69 28.87 -20.89
C GLY J 1186 10.25 29.56 -19.65
N GLY J 1187 11.49 30.04 -19.77
CA GLY J 1187 12.14 30.69 -18.64
C GLY J 1187 12.01 32.20 -18.67
N LEU J 1188 12.27 32.81 -19.82
CA LEU J 1188 12.22 34.26 -20.00
C LEU J 1188 13.13 34.97 -19.00
N ARG J 1189 14.42 34.67 -19.14
CA ARG J 1189 15.42 35.27 -18.26
C ARG J 1189 15.51 36.77 -18.52
N PRO J 1190 15.71 37.58 -17.49
CA PRO J 1190 15.83 39.02 -17.69
C PRO J 1190 17.08 39.38 -18.48
N ALA J 1191 16.99 40.48 -19.22
CA ALA J 1191 18.11 40.95 -20.02
C ALA J 1191 19.18 41.58 -19.13
N THR J 1192 20.37 41.75 -19.70
CA THR J 1192 21.48 42.34 -18.97
C THR J 1192 21.31 43.85 -18.89
N SER J 1193 21.39 44.39 -17.68
CA SER J 1193 21.24 45.81 -17.44
C SER J 1193 22.59 46.51 -17.59
N ALA J 1194 22.65 47.78 -17.20
CA ALA J 1194 23.88 48.56 -17.28
C ALA J 1194 24.77 48.24 -16.08
N GLY J 1195 25.82 49.04 -15.89
CA GLY J 1195 26.76 48.79 -14.82
C GLY J 1195 26.29 49.32 -13.47
N ILE J 1196 27.17 50.04 -12.77
CA ILE J 1196 26.85 50.56 -11.45
C ILE J 1196 26.74 52.08 -11.49
N ALA J 1197 26.37 52.61 -12.66
CA ALA J 1197 26.20 54.05 -12.86
C ALA J 1197 24.74 54.28 -13.26
N ARG J 1198 23.88 54.45 -12.26
CA ARG J 1198 22.45 54.65 -12.49
C ARG J 1198 21.90 55.54 -11.39
N GLY J 1199 20.58 55.69 -11.36
CA GLY J 1199 19.93 56.48 -10.34
C GLY J 1199 19.21 55.63 -9.30
N GLN J 1200 18.14 56.18 -8.72
CA GLN J 1200 17.36 55.47 -7.71
C GLN J 1200 15.92 55.93 -7.80
N ALA J 1201 15.00 54.98 -7.88
CA ALA J 1201 13.57 55.28 -7.98
C ALA J 1201 12.79 54.14 -7.32
N SER J 1202 11.48 54.11 -7.58
CA SER J 1202 10.62 53.09 -7.01
C SER J 1202 9.48 52.82 -7.98
N VAL J 1203 8.76 51.72 -7.73
CA VAL J 1203 7.64 51.29 -8.55
C VAL J 1203 6.44 51.05 -7.64
N CYS J 1204 5.30 50.76 -8.27
CA CYS J 1204 4.06 50.54 -7.55
C CYS J 1204 3.16 49.63 -8.35
N GLU J 1205 2.15 49.08 -7.67
CA GLU J 1205 1.20 48.16 -8.26
C GLU J 1205 -0.14 48.86 -8.47
N PHE J 1206 -1.07 48.16 -9.12
CA PHE J 1206 -2.39 48.69 -9.43
C PHE J 1206 -3.45 47.74 -8.92
N VAL J 1207 -4.53 48.30 -8.36
CA VAL J 1207 -5.66 47.55 -7.84
C VAL J 1207 -6.95 48.17 -8.36
N ALA J 1208 -8.07 47.55 -8.01
CA ALA J 1208 -9.39 48.04 -8.39
C ALA J 1208 -10.32 47.97 -7.19
N MET J 1209 -11.32 48.85 -7.19
CA MET J 1209 -12.30 48.90 -6.10
C MET J 1209 -13.61 49.40 -6.68
N PRO J 1210 -14.74 49.09 -6.04
CA PRO J 1210 -16.02 49.60 -6.51
C PRO J 1210 -16.10 51.11 -6.40
N VAL J 1211 -16.90 51.71 -7.28
CA VAL J 1211 -17.06 53.16 -7.34
C VAL J 1211 -18.43 53.54 -6.80
N SER J 1212 -18.99 52.71 -5.93
CA SER J 1212 -20.30 52.99 -5.35
C SER J 1212 -20.21 54.13 -4.34
N THR J 1213 -21.37 54.53 -3.81
CA THR J 1213 -21.45 55.66 -2.90
C THR J 1213 -20.90 55.28 -1.52
N ASP J 1214 -19.62 55.59 -1.29
CA ASP J 1214 -18.97 55.34 0.00
C ASP J 1214 -18.09 56.52 0.38
N LEU J 1215 -18.62 57.73 0.18
CA LEU J 1215 -17.84 58.94 0.44
C LEU J 1215 -17.45 59.06 1.91
N GLN J 1216 -18.40 58.77 2.81
CA GLN J 1216 -18.11 58.88 4.25
C GLN J 1216 -17.03 57.88 4.66
N TYR J 1217 -17.12 56.64 4.20
CA TYR J 1217 -16.12 55.65 4.55
C TYR J 1217 -14.76 55.99 3.93
N PHE J 1218 -14.75 56.52 2.72
CA PHE J 1218 -13.50 56.92 2.09
C PHE J 1218 -12.85 58.08 2.82
N ARG J 1219 -13.65 59.03 3.31
CA ARG J 1219 -13.10 60.19 3.99
C ARG J 1219 -12.62 59.83 5.40
N THR J 1220 -13.40 59.04 6.14
CA THR J 1220 -13.11 58.72 7.53
C THR J 1220 -13.15 57.22 7.75
N ALA J 1221 -12.18 56.73 8.53
CA ALA J 1221 -12.11 55.32 8.95
C ALA J 1221 -12.05 54.39 7.74
N CYS J 1222 -10.97 54.52 6.98
CA CYS J 1222 -10.74 53.63 5.84
C CYS J 1222 -10.36 52.24 6.34
N ASN J 1223 -11.05 51.23 5.82
CA ASN J 1223 -10.79 49.84 6.18
C ASN J 1223 -11.22 48.95 5.03
N PRO J 1224 -10.28 48.46 4.23
CA PRO J 1224 -10.64 47.54 3.14
C PRO J 1224 -11.29 46.25 3.63
N ARG J 1225 -10.89 45.76 4.80
CA ARG J 1225 -11.45 44.53 5.34
C ARG J 1225 -12.79 44.76 6.05
N GLY J 1226 -13.15 46.01 6.32
CA GLY J 1226 -14.41 46.30 7.00
C GLY J 1226 -14.26 46.37 8.50
N ARG J 1227 -13.87 45.27 9.12
CA ARG J 1227 -13.69 45.19 10.57
C ARG J 1227 -12.23 44.87 10.86
N ALA J 1228 -11.65 45.63 11.80
CA ALA J 1228 -10.25 45.44 12.18
C ALA J 1228 -10.17 44.35 13.25
N SER J 1229 -9.59 43.21 12.90
CA SER J 1229 -9.44 42.08 13.83
C SER J 1229 -8.12 42.21 14.57
N GLY J 1230 -8.06 43.20 15.44
CA GLY J 1230 -6.85 43.42 16.22
C GLY J 1230 -6.62 42.32 17.23
N MET J 1231 -5.34 42.05 17.50
CA MET J 1231 -4.98 41.02 18.47
C MET J 1231 -5.40 41.41 19.88
N LEU J 1232 -5.23 42.69 20.23
CA LEU J 1232 -5.59 43.17 21.56
C LEU J 1232 -7.08 43.40 21.74
N TYR J 1233 -7.86 43.36 20.66
CA TYR J 1233 -9.30 43.57 20.74
C TYR J 1233 -9.96 42.27 21.18
N MET J 1234 -10.36 42.21 22.45
CA MET J 1234 -11.00 41.02 23.00
C MET J 1234 -12.49 41.01 22.70
N ASP J 1240 -12.43 33.19 16.85
CA ASP J 1240 -13.14 33.97 17.87
C ASP J 1240 -13.83 35.18 17.24
N ILE J 1241 -13.03 36.18 16.86
CA ILE J 1241 -13.59 37.38 16.26
C ILE J 1241 -14.12 37.12 14.85
N GLU J 1242 -13.64 36.05 14.20
CA GLU J 1242 -14.12 35.73 12.85
C GLU J 1242 -15.59 35.35 12.87
N ALA J 1243 -16.02 34.56 13.85
CA ALA J 1243 -17.40 34.12 13.93
C ALA J 1243 -18.36 35.27 14.18
N ILE J 1244 -17.90 36.36 14.79
CA ILE J 1244 -18.78 37.48 15.10
C ILE J 1244 -19.35 38.07 13.82
N MET J 1245 -18.48 38.31 12.83
CA MET J 1245 -18.94 38.80 11.53
C MET J 1245 -19.29 37.69 10.56
N PHE J 1246 -18.97 36.43 10.90
CA PHE J 1246 -19.35 35.32 10.04
C PHE J 1246 -20.79 34.86 10.29
N ASP J 1247 -21.30 35.07 11.50
CA ASP J 1247 -22.68 34.69 11.80
C ASP J 1247 -23.67 35.65 11.15
N HIS J 1248 -23.29 36.92 10.99
CA HIS J 1248 -24.15 37.95 10.39
C HIS J 1248 -25.47 38.07 11.15
N THR J 1249 -25.40 37.99 12.48
CA THR J 1249 -26.59 38.10 13.32
C THR J 1249 -26.60 39.36 14.17
N GLN J 1250 -25.47 40.04 14.34
CA GLN J 1250 -25.37 41.26 15.14
C GLN J 1250 -24.89 42.40 14.25
N SER J 1251 -25.55 43.54 14.36
CA SER J 1251 -25.17 44.70 13.56
C SER J 1251 -23.80 45.21 13.97
N ASP J 1252 -23.02 45.65 12.99
CA ASP J 1252 -21.69 46.17 13.26
C ASP J 1252 -21.78 47.49 14.01
N VAL J 1253 -20.82 47.70 14.92
CA VAL J 1253 -20.79 48.93 15.70
C VAL J 1253 -20.45 50.12 14.82
N ALA J 1254 -19.56 49.92 13.84
CA ALA J 1254 -19.20 51.02 12.95
C ALA J 1254 -20.31 51.33 11.96
N TYR J 1255 -21.05 50.32 11.52
CA TYR J 1255 -22.11 50.51 10.52
C TYR J 1255 -23.46 50.65 11.24
N THR J 1256 -23.58 51.74 11.99
CA THR J 1256 -24.83 52.03 12.68
C THR J 1256 -25.95 52.37 11.70
N ASP J 1257 -25.65 53.22 10.71
CA ASP J 1257 -26.63 53.63 9.72
C ASP J 1257 -26.34 53.06 8.33
N ARG J 1258 -25.39 52.14 8.22
CA ARG J 1258 -25.03 51.57 6.94
C ARG J 1258 -24.80 50.07 7.12
N ALA J 1259 -24.29 49.43 6.08
CA ALA J 1259 -24.02 47.99 6.10
C ALA J 1259 -22.80 47.74 5.20
N THR J 1260 -22.59 46.48 4.83
CA THR J 1260 -21.48 46.13 3.96
C THR J 1260 -21.69 46.73 2.57
N LEU J 1261 -20.68 47.44 2.07
CA LEU J 1261 -20.79 48.10 0.77
C LEU J 1261 -20.50 47.13 -0.37
N ASN J 1262 -19.28 46.60 -0.41
CA ASN J 1262 -18.88 45.68 -1.47
C ASN J 1262 -18.97 44.25 -0.99
N PRO J 1263 -19.77 43.40 -1.64
CA PRO J 1263 -19.89 41.98 -1.25
C PRO J 1263 -18.78 41.10 -1.82
N TRP J 1264 -17.55 41.58 -1.71
CA TRP J 1264 -16.38 40.84 -2.18
C TRP J 1264 -15.31 40.69 -1.10
N ALA J 1265 -15.13 41.70 -0.25
CA ALA J 1265 -14.14 41.66 0.82
C ALA J 1265 -14.75 41.78 2.21
N SER J 1266 -16.06 41.96 2.31
CA SER J 1266 -16.77 42.08 3.59
C SER J 1266 -17.89 41.05 3.67
N GLN J 1267 -17.58 39.81 3.31
CA GLN J 1267 -18.55 38.73 3.29
C GLN J 1267 -17.83 37.44 3.62
N LYS J 1268 -18.46 36.31 3.32
CA LYS J 1268 -17.87 35.01 3.60
C LYS J 1268 -16.69 34.74 2.67
N HIS J 1269 -16.09 33.56 2.80
CA HIS J 1269 -14.92 33.18 2.02
C HIS J 1269 -15.39 32.73 0.63
N SER J 1270 -15.59 33.72 -0.25
CA SER J 1270 -16.01 33.48 -1.61
C SER J 1270 -15.06 34.06 -2.65
N TYR J 1271 -14.55 35.26 -2.43
CA TYR J 1271 -13.63 35.91 -3.36
C TYR J 1271 -12.27 36.21 -2.75
N GLY J 1272 -12.24 36.84 -1.58
CA GLY J 1272 -10.97 37.22 -0.98
C GLY J 1272 -10.12 36.02 -0.59
N ASP J 1273 -10.75 35.01 0.03
CA ASP J 1273 -10.01 33.82 0.41
C ASP J 1273 -9.51 33.06 -0.82
N ARG J 1274 -10.33 32.99 -1.86
CA ARG J 1274 -9.90 32.32 -3.09
C ARG J 1274 -8.74 33.04 -3.75
N LEU J 1275 -8.78 34.38 -3.77
CA LEU J 1275 -7.72 35.14 -4.41
C LEU J 1275 -6.43 35.09 -3.61
N TYR J 1276 -6.53 35.20 -2.28
CA TYR J 1276 -5.36 35.19 -1.41
C TYR J 1276 -5.61 34.24 -0.25
N ASN J 1277 -4.92 33.10 -0.25
CA ASN J 1277 -5.07 32.13 0.82
C ASN J 1277 -3.71 31.72 1.36
N GLY J 1278 -2.67 31.86 0.55
CA GLY J 1278 -1.32 31.48 0.95
C GLY J 1278 -0.95 30.05 0.61
N THR J 1279 -1.77 29.09 1.03
CA THR J 1279 -1.55 27.69 0.74
C THR J 1279 -2.16 27.24 -0.57
N TYR J 1280 -2.91 28.11 -1.25
CA TYR J 1280 -3.54 27.76 -2.51
C TYR J 1280 -2.54 27.94 -3.65
N ASN J 1281 -2.27 26.86 -4.37
CA ASN J 1281 -1.33 26.89 -5.49
C ASN J 1281 -1.95 27.36 -6.80
N LEU J 1282 -3.28 27.46 -6.86
CA LEU J 1282 -3.94 27.91 -8.09
C LEU J 1282 -3.63 29.37 -8.38
N THR J 1283 -3.66 30.22 -7.34
CA THR J 1283 -3.39 31.64 -7.51
C THR J 1283 -1.96 32.04 -7.13
N GLY J 1284 -1.31 31.28 -6.27
CA GLY J 1284 0.05 31.61 -5.86
C GLY J 1284 1.13 31.20 -6.83
N ALA J 1285 0.79 30.46 -7.89
CA ALA J 1285 1.78 30.06 -8.87
C ALA J 1285 2.18 31.22 -9.77
N SER J 1286 1.28 32.18 -9.98
CA SER J 1286 1.59 33.30 -10.84
C SER J 1286 2.64 34.20 -10.18
N PRO J 1287 3.60 34.72 -10.95
CA PRO J 1287 4.63 35.60 -10.38
C PRO J 1287 4.21 37.06 -10.23
N ILE J 1288 2.92 37.37 -10.35
CA ILE J 1288 2.49 38.75 -10.25
C ILE J 1288 2.58 39.23 -8.79
N TYR J 1289 2.62 40.55 -8.63
CA TYR J 1289 2.70 41.14 -7.31
C TYR J 1289 1.33 41.16 -6.64
N SER J 1290 1.31 40.86 -5.33
CA SER J 1290 0.09 40.85 -4.54
C SER J 1290 0.32 41.69 -3.29
N PRO J 1291 0.30 43.02 -3.41
CA PRO J 1291 0.53 43.88 -2.24
C PRO J 1291 -0.55 43.75 -1.18
N CYS J 1292 -1.75 43.28 -1.54
CA CYS J 1292 -2.85 43.12 -0.59
C CYS J 1292 -2.98 41.69 -0.09
N PHE J 1293 -1.86 40.96 -0.02
CA PHE J 1293 -1.88 39.59 0.46
C PHE J 1293 -1.92 39.47 1.97
N LYS J 1294 -1.66 40.56 2.69
CA LYS J 1294 -1.67 40.55 4.15
C LYS J 1294 -2.95 41.12 4.74
N PHE J 1295 -3.80 41.77 3.93
CA PHE J 1295 -5.03 42.33 4.46
C PHE J 1295 -6.07 41.24 4.74
N PHE J 1296 -6.04 40.14 3.99
CA PHE J 1296 -6.99 39.06 4.17
C PHE J 1296 -6.41 37.82 4.83
N THR J 1297 -5.13 37.54 4.61
CA THR J 1297 -4.46 36.36 5.19
C THR J 1297 -3.17 36.82 5.88
N PRO J 1298 -3.29 37.34 7.09
CA PRO J 1298 -2.10 37.78 7.83
C PRO J 1298 -1.39 36.68 8.61
N ALA J 1299 -1.71 35.40 8.34
CA ALA J 1299 -1.11 34.26 9.03
C ALA J 1299 -1.31 34.33 10.54
N GLU J 1300 -2.47 34.86 10.96
CA GLU J 1300 -2.86 34.96 12.36
C GLU J 1300 -1.88 35.82 13.18
N VAL J 1301 -2.17 35.97 14.46
CA VAL J 1301 -1.30 36.74 15.36
C VAL J 1301 -1.59 36.29 16.78
N ASN J 1302 -0.50 36.07 17.54
CA ASN J 1302 -0.63 35.63 18.92
C ASN J 1302 0.63 36.01 19.68
N THR J 1303 0.46 36.40 20.94
CA THR J 1303 1.57 36.77 21.80
C THR J 1303 2.11 35.55 22.53
N ASN J 1304 3.40 35.61 22.87
CA ASN J 1304 4.05 34.51 23.57
C ASN J 1304 4.93 34.95 24.73
N CYS J 1305 5.03 36.25 25.00
CA CYS J 1305 5.86 36.76 26.08
C CYS J 1305 5.15 37.94 26.73
N ASN J 1306 5.88 38.68 27.55
CA ASN J 1306 5.32 39.81 28.27
C ASN J 1306 5.16 41.01 27.34
N THR J 1307 4.62 42.10 27.88
CA THR J 1307 4.37 43.30 27.07
C THR J 1307 5.67 43.92 26.58
N LEU J 1308 6.71 43.93 27.42
CA LEU J 1308 7.98 44.51 27.02
C LEU J 1308 8.58 43.74 25.84
N ASP J 1309 8.59 42.40 25.93
CA ASP J 1309 9.12 41.60 24.82
C ASP J 1309 8.25 41.74 23.59
N ARG J 1310 6.92 41.83 23.77
CA ARG J 1310 6.03 41.99 22.63
C ARG J 1310 6.31 43.29 21.89
N LEU J 1311 6.46 44.39 22.63
CA LEU J 1311 6.75 45.67 21.97
C LEU J 1311 8.15 45.69 21.38
N LEU J 1312 9.11 45.02 22.02
CA LEU J 1312 10.46 44.94 21.46
C LEU J 1312 10.47 44.19 20.14
N MET J 1313 9.72 43.07 20.06
CA MET J 1313 9.69 42.31 18.83
C MET J 1313 8.83 42.97 17.76
N GLU J 1314 7.83 43.76 18.17
CA GLU J 1314 7.01 44.48 17.20
C GLU J 1314 7.67 45.78 16.73
N ALA J 1315 8.70 46.25 17.43
CA ALA J 1315 9.41 47.46 17.02
C ALA J 1315 10.34 47.21 15.83
N LYS J 1316 10.57 45.96 15.46
CA LYS J 1316 11.42 45.60 14.34
C LYS J 1316 10.58 45.09 13.18
N ALA J 1317 11.25 44.66 12.11
CA ALA J 1317 10.58 44.15 10.93
C ALA J 1317 11.51 43.20 10.20
N VAL J 1318 10.93 42.43 9.29
CA VAL J 1318 11.68 41.45 8.50
C VAL J 1318 11.68 41.89 7.04
N ALA J 1319 12.39 41.15 6.20
CA ALA J 1319 12.46 41.48 4.79
C ALA J 1319 11.10 41.34 4.12
N SER J 1320 10.79 42.27 3.22
CA SER J 1320 9.52 42.26 2.52
C SER J 1320 9.54 41.22 1.39
N GLN J 1321 8.39 41.06 0.73
CA GLN J 1321 8.24 40.11 -0.36
C GLN J 1321 8.33 40.78 -1.73
N SER J 1322 9.14 41.84 -1.84
CA SER J 1322 9.32 42.56 -3.09
C SER J 1322 10.64 42.17 -3.75
N SER J 1323 10.70 42.36 -5.06
CA SER J 1323 11.90 42.03 -5.83
C SER J 1323 12.89 43.18 -5.71
N THR J 1324 13.60 43.19 -4.57
CA THR J 1324 14.57 44.21 -4.21
C THR J 1324 14.08 45.63 -4.53
N ASP J 1325 14.65 46.25 -5.56
CA ASP J 1325 14.24 47.57 -5.99
C ASP J 1325 14.10 47.66 -7.50
N THR J 1326 14.01 46.52 -8.18
CA THR J 1326 13.87 46.51 -9.64
C THR J 1326 12.46 46.90 -10.04
N GLU J 1327 12.30 47.21 -11.34
CA GLU J 1327 11.01 47.61 -11.87
C GLU J 1327 10.10 46.44 -12.17
N TYR J 1328 10.60 45.20 -12.09
CA TYR J 1328 9.76 44.03 -12.35
C TYR J 1328 8.65 43.91 -11.32
N GLN J 1329 8.96 44.18 -10.05
CA GLN J 1329 8.01 44.11 -8.95
C GLN J 1329 7.40 42.70 -8.83
N PHE J 1330 8.28 41.74 -8.59
CA PHE J 1330 7.91 40.34 -8.43
C PHE J 1330 8.08 39.92 -6.98
N LYS J 1331 7.88 38.62 -6.73
CA LYS J 1331 8.01 38.08 -5.39
C LYS J 1331 9.48 38.02 -4.97
N ARG J 1332 9.69 37.84 -3.68
CA ARG J 1332 11.04 37.81 -3.13
C ARG J 1332 11.79 36.58 -3.63
N PRO J 1333 12.94 36.75 -4.27
CA PRO J 1333 13.70 35.58 -4.76
C PRO J 1333 14.61 35.04 -3.68
N PRO J 1334 14.79 33.72 -3.62
CA PRO J 1334 15.71 33.14 -2.63
C PRO J 1334 17.17 33.45 -2.94
N GLY J 1335 17.80 34.24 -2.07
CA GLY J 1335 19.20 34.59 -2.27
C GLY J 1335 19.46 36.08 -2.13
N SER J 1336 18.45 36.82 -1.67
CA SER J 1336 18.57 38.27 -1.49
C SER J 1336 17.85 38.64 -0.20
N THR J 1337 18.59 39.16 0.76
CA THR J 1337 18.05 39.58 2.05
C THR J 1337 18.45 41.02 2.33
N GLU J 1338 17.50 41.82 2.81
CA GLU J 1338 17.75 43.22 3.13
C GLU J 1338 17.01 43.59 4.40
N MET J 1339 17.56 44.56 5.12
CA MET J 1339 16.99 45.04 6.37
C MET J 1339 16.06 46.22 6.09
N THR J 1340 14.78 46.05 6.38
CA THR J 1340 13.79 47.09 6.16
C THR J 1340 12.88 47.19 7.38
N GLN J 1341 12.24 48.34 7.54
CA GLN J 1341 11.35 48.62 8.65
C GLN J 1341 9.95 48.89 8.11
N ASP J 1342 8.94 48.25 8.71
CA ASP J 1342 7.55 48.39 8.32
C ASP J 1342 6.73 48.73 9.57
N PRO J 1343 6.78 49.98 10.01
CA PRO J 1343 6.02 50.36 11.21
C PRO J 1343 4.52 50.28 10.99
N CYS J 1344 3.80 49.99 12.08
CA CYS J 1344 2.35 49.90 12.13
C CYS J 1344 1.75 49.19 10.92
N GLY J 1345 2.37 48.10 10.48
CA GLY J 1345 1.86 47.36 9.35
C GLY J 1345 0.60 46.57 9.66
N LEU J 1346 0.40 46.21 10.93
CA LEU J 1346 -0.77 45.45 11.34
C LEU J 1346 -1.94 46.34 11.76
N PHE J 1347 -1.75 47.65 11.81
CA PHE J 1347 -2.82 48.55 12.22
C PHE J 1347 -3.80 48.87 11.10
N GLN J 1348 -3.45 48.55 9.84
CA GLN J 1348 -4.30 48.82 8.69
C GLN J 1348 -4.69 50.29 8.60
N GLU J 1349 -3.73 51.16 8.91
CA GLU J 1349 -3.98 52.60 8.89
C GLU J 1349 -4.00 53.12 7.45
N ALA J 1350 -4.89 54.08 7.20
CA ALA J 1350 -4.99 54.69 5.88
C ALA J 1350 -5.48 56.12 6.05
N TYR J 1351 -5.19 56.94 5.04
CA TYR J 1351 -5.57 58.34 5.05
C TYR J 1351 -6.23 58.72 3.73
N PRO J 1352 -7.16 59.67 3.75
CA PRO J 1352 -7.81 60.10 2.51
C PRO J 1352 -6.89 60.99 1.70
N PRO J 1353 -6.57 60.59 0.47
CA PRO J 1353 -5.69 61.39 -0.39
C PRO J 1353 -6.48 62.46 -1.12
N LEU J 1354 -5.79 63.18 -1.99
CA LEU J 1354 -6.38 64.24 -2.78
C LEU J 1354 -6.69 63.72 -4.18
N CYS J 1355 -7.94 63.84 -4.60
CA CYS J 1355 -8.39 63.41 -5.91
C CYS J 1355 -8.86 64.63 -6.70
N SER J 1356 -8.29 64.83 -7.89
CA SER J 1356 -8.62 65.96 -8.73
C SER J 1356 -8.79 65.48 -10.16
N SER J 1357 -9.69 66.16 -10.89
CA SER J 1357 -9.93 65.85 -12.30
C SER J 1357 -9.25 66.84 -13.24
N ASP J 1358 -9.03 68.07 -12.80
CA ASP J 1358 -8.36 69.07 -13.62
C ASP J 1358 -7.74 70.12 -12.70
N ALA J 1359 -6.81 70.90 -13.27
CA ALA J 1359 -6.15 71.95 -12.50
C ALA J 1359 -7.04 73.16 -12.27
N ALA J 1360 -8.15 73.27 -13.02
CA ALA J 1360 -9.04 74.41 -12.84
C ALA J 1360 -9.69 74.40 -11.46
N MET J 1361 -10.13 73.23 -11.00
CA MET J 1361 -10.80 73.14 -9.71
C MET J 1361 -9.86 73.42 -8.55
N LEU J 1362 -8.54 73.40 -8.78
CA LEU J 1362 -7.57 73.68 -7.75
C LEU J 1362 -6.85 75.00 -7.93
N ARG J 1363 -7.02 75.67 -9.07
CA ARG J 1363 -6.33 76.93 -9.34
C ARG J 1363 -7.27 78.11 -9.54
N THR J 1364 -8.59 77.91 -9.44
CA THR J 1364 -9.62 78.95 -9.46
C THR J 1364 -9.46 79.93 -10.62
N ALA J 1365 -10.05 81.12 -10.51
CA ALA J 1365 -10.00 82.14 -11.56
C ALA J 1365 -9.33 83.38 -10.99
N HIS J 1366 -8.10 83.64 -11.43
CA HIS J 1366 -7.34 84.83 -11.03
C HIS J 1366 -6.27 85.08 -12.07
N ALA J 1367 -5.33 85.97 -11.75
CA ALA J 1367 -4.24 86.30 -12.67
C ALA J 1367 -3.06 86.78 -11.83
N GLY J 1368 -2.06 85.91 -11.67
CA GLY J 1368 -0.89 86.25 -10.90
C GLY J 1368 0.01 85.06 -10.61
N GLU J 1369 0.48 84.95 -9.37
CA GLU J 1369 1.39 83.87 -8.98
C GLU J 1369 0.58 82.61 -8.67
N THR J 1370 1.24 81.61 -8.09
CA THR J 1370 0.57 80.37 -7.74
C THR J 1370 -0.29 80.54 -6.50
N GLY J 1371 -1.19 79.59 -6.29
CA GLY J 1371 -2.08 79.63 -5.16
C GLY J 1371 -2.75 78.29 -4.92
N ALA J 1372 -3.81 78.32 -4.12
CA ALA J 1372 -4.56 77.13 -3.78
C ALA J 1372 -6.04 77.43 -3.81
N ASP J 1373 -6.84 76.39 -4.00
CA ASP J 1373 -8.29 76.52 -4.10
C ASP J 1373 -8.95 75.27 -3.55
N GLU J 1374 -10.23 75.40 -3.19
CA GLU J 1374 -11.04 74.32 -2.67
C GLU J 1374 -12.32 74.19 -3.50
N VAL J 1375 -13.24 73.36 -3.02
CA VAL J 1375 -14.51 73.16 -3.72
C VAL J 1375 -15.28 74.46 -3.77
N HIS J 1376 -15.64 74.89 -4.98
CA HIS J 1376 -16.37 76.14 -5.17
C HIS J 1376 -17.86 75.92 -5.39
N LEU J 1377 -18.23 75.22 -6.46
CA LEU J 1377 -19.66 74.98 -6.69
C LEU J 1377 -19.99 73.52 -6.96
N ALA J 1378 -19.15 72.80 -7.69
CA ALA J 1378 -19.46 71.41 -8.02
C ALA J 1378 -18.30 70.45 -7.76
N GLN J 1379 -17.06 70.87 -7.99
CA GLN J 1379 -15.91 69.98 -7.88
C GLN J 1379 -15.50 69.86 -6.43
N TYR J 1380 -15.97 68.81 -5.76
CA TYR J 1380 -15.65 68.60 -4.36
C TYR J 1380 -14.18 68.22 -4.20
N LEU J 1381 -13.53 68.83 -3.22
CA LEU J 1381 -12.12 68.59 -2.96
C LEU J 1381 -11.84 68.85 -1.49
N ILE J 1382 -10.87 68.10 -0.94
CA ILE J 1382 -10.48 68.21 0.45
C ILE J 1382 -8.96 68.32 0.52
N ARG J 1383 -8.48 68.80 1.66
CA ARG J 1383 -7.04 68.93 1.88
C ARG J 1383 -6.36 67.57 1.87
N ASP J 1384 -5.18 67.52 1.26
CA ASP J 1384 -4.44 66.26 1.19
C ASP J 1384 -3.82 65.93 2.54
N ALA J 1385 -4.06 64.71 3.02
CA ALA J 1385 -3.51 64.26 4.28
C ALA J 1385 -2.14 63.61 4.14
N SER J 1386 -1.68 63.38 2.90
CA SER J 1386 -0.38 62.77 2.70
C SER J 1386 0.73 63.72 3.15
N PRO J 1387 1.77 63.22 3.83
CA PRO J 1387 2.86 64.10 4.25
C PRO J 1387 3.62 64.74 3.09
N LEU J 1388 3.59 64.13 1.91
CA LEU J 1388 4.29 64.67 0.73
C LEU J 1388 3.38 65.68 0.05
N ARG J 1389 3.31 66.87 0.65
CA ARG J 1389 2.51 67.97 0.12
C ARG J 1389 3.32 69.20 -0.24
N GLY J 1390 4.32 69.56 0.57
CA GLY J 1390 5.14 70.72 0.26
C GLY J 1390 6.15 70.51 -0.84
N CYS J 1391 6.46 69.25 -1.15
CA CYS J 1391 7.42 68.96 -2.20
C CYS J 1391 6.87 69.35 -3.56
N LEU J 1392 7.77 69.80 -4.45
CA LEU J 1392 7.44 70.26 -5.79
C LEU J 1392 6.35 71.32 -5.76
N PRO J 1393 6.64 72.52 -5.28
CA PRO J 1393 5.61 73.57 -5.24
C PRO J 1393 5.15 73.98 -6.62
N LEU J 1394 3.88 74.37 -6.70
CA LEU J 1394 3.29 74.79 -7.97
C LEU J 1394 3.77 76.19 -8.36
N SER K 7 -90.85 19.60 -38.28
CA SER K 7 -89.41 19.84 -38.17
C SER K 7 -89.13 21.23 -37.61
N ARG K 8 -90.04 21.71 -36.76
CA ARG K 8 -89.91 23.02 -36.13
C ARG K 8 -90.23 22.96 -34.64
N VAL K 9 -90.01 21.80 -34.03
CA VAL K 9 -90.28 21.63 -32.60
C VAL K 9 -89.10 22.17 -31.81
N VAL K 10 -89.38 23.10 -30.88
CA VAL K 10 -88.33 23.69 -30.06
C VAL K 10 -87.86 22.78 -28.93
N PHE K 11 -88.61 21.72 -28.63
CA PHE K 11 -88.20 20.80 -27.58
C PHE K 11 -86.90 20.10 -27.94
N ASP K 12 -86.76 19.68 -29.19
CA ASP K 12 -85.54 19.02 -29.66
C ASP K 12 -84.78 19.99 -30.55
N PRO K 13 -83.59 20.48 -30.14
CA PRO K 13 -82.81 21.42 -30.94
C PRO K 13 -81.95 20.76 -32.01
N SER K 14 -82.55 19.84 -32.77
CA SER K 14 -81.85 19.14 -33.84
C SER K 14 -82.61 19.10 -35.16
N ASN K 15 -83.93 19.23 -35.15
CA ASN K 15 -84.71 19.20 -36.39
C ASN K 15 -84.66 20.55 -37.11
N PRO K 16 -84.92 21.70 -36.42
CA PRO K 16 -84.82 22.98 -37.15
C PRO K 16 -83.41 23.56 -37.11
N THR K 17 -82.49 22.89 -37.81
CA THR K 17 -81.09 23.30 -37.85
C THR K 17 -80.68 23.81 -39.22
N THR K 18 -80.88 23.01 -40.27
CA THR K 18 -80.53 23.44 -41.62
C THR K 18 -81.68 23.22 -42.59
N PHE K 19 -82.51 22.21 -42.32
CA PHE K 19 -83.61 21.89 -43.22
C PHE K 19 -84.64 23.03 -43.28
N SER K 20 -84.94 23.63 -42.14
CA SER K 20 -85.89 24.73 -42.06
C SER K 20 -85.21 26.10 -42.17
N VAL K 21 -83.91 26.14 -42.41
CA VAL K 21 -83.17 27.39 -42.50
C VAL K 21 -82.71 27.67 -43.92
N GLU K 22 -82.20 26.65 -44.62
CA GLU K 22 -81.70 26.84 -45.98
C GLU K 22 -82.81 26.85 -47.03
N ALA K 23 -84.02 26.40 -46.69
CA ALA K 23 -85.10 26.36 -47.67
C ALA K 23 -85.59 27.76 -48.02
N ILE K 24 -85.82 28.60 -47.00
CA ILE K 24 -86.34 29.94 -47.18
C ILE K 24 -85.47 30.90 -46.36
N ALA K 25 -85.88 32.17 -46.34
CA ALA K 25 -85.18 33.16 -45.54
C ALA K 25 -85.22 32.79 -44.07
N ALA K 26 -84.09 32.98 -43.39
CA ALA K 26 -83.95 32.55 -42.00
C ALA K 26 -84.58 33.52 -41.00
N TYR K 27 -85.06 34.68 -41.46
CA TYR K 27 -85.62 35.66 -40.55
C TYR K 27 -86.86 35.11 -39.86
N THR K 28 -87.75 34.47 -40.61
CA THR K 28 -88.95 33.88 -39.99
C THR K 28 -88.63 32.75 -39.03
N PRO K 29 -87.77 31.77 -39.36
CA PRO K 29 -87.39 30.78 -38.33
C PRO K 29 -86.73 31.39 -37.12
N VAL K 30 -85.89 32.43 -37.31
CA VAL K 30 -85.25 33.07 -36.18
C VAL K 30 -86.28 33.73 -35.28
N ALA K 31 -87.25 34.43 -35.87
CA ALA K 31 -88.31 35.05 -35.08
C ALA K 31 -89.15 34.00 -34.35
N LEU K 32 -89.45 32.89 -35.03
CA LEU K 32 -90.23 31.82 -34.40
C LEU K 32 -89.47 31.22 -33.22
N ILE K 33 -88.16 30.99 -33.38
CA ILE K 33 -87.36 30.45 -32.29
C ILE K 33 -87.31 31.44 -31.13
N ARG K 34 -87.14 32.72 -31.43
CA ARG K 34 -87.09 33.73 -30.37
C ARG K 34 -88.41 33.80 -29.61
N LEU K 35 -89.54 33.73 -30.33
CA LEU K 35 -90.85 33.82 -29.70
C LEU K 35 -91.30 32.51 -29.05
N LEU K 36 -90.65 31.40 -29.36
CA LEU K 36 -91.03 30.09 -28.81
C LEU K 36 -90.08 29.62 -27.72
N ASN K 37 -89.60 30.55 -26.89
CA ASN K 37 -88.70 30.26 -25.76
C ASN K 37 -87.43 29.60 -26.31
N ALA K 38 -86.78 28.75 -25.52
CA ALA K 38 -85.57 28.07 -25.93
C ALA K 38 -85.76 26.57 -26.06
N SER K 39 -86.22 25.90 -25.00
CA SER K 39 -86.41 24.46 -25.02
C SER K 39 -87.33 24.07 -23.87
N GLY K 40 -87.86 22.86 -23.96
CA GLY K 40 -88.72 22.32 -22.93
C GLY K 40 -88.11 21.12 -22.25
N PRO K 41 -88.75 19.97 -22.36
CA PRO K 41 -88.19 18.75 -21.76
C PRO K 41 -86.98 18.23 -22.53
N LEU K 42 -85.80 18.36 -21.94
CA LEU K 42 -84.56 17.93 -22.58
C LEU K 42 -84.26 16.46 -22.36
N GLN K 43 -85.03 15.76 -21.52
CA GLN K 43 -84.77 14.34 -21.29
C GLN K 43 -85.19 13.48 -22.48
N PRO K 44 -86.43 13.58 -23.00
CA PRO K 44 -86.78 12.72 -24.16
C PRO K 44 -86.37 13.36 -25.49
N GLY K 45 -85.07 13.33 -25.76
CA GLY K 45 -84.56 13.90 -26.99
C GLY K 45 -83.05 13.80 -27.04
N HIS K 46 -82.49 14.31 -28.14
CA HIS K 46 -81.03 14.29 -28.35
C HIS K 46 -80.42 15.59 -27.86
N ARG K 47 -80.59 15.85 -26.55
CA ARG K 47 -80.04 17.05 -25.94
C ARG K 47 -78.56 16.94 -25.64
N VAL K 48 -77.99 15.74 -25.70
CA VAL K 48 -76.56 15.56 -25.45
C VAL K 48 -75.77 16.03 -26.67
N ASP K 49 -74.52 16.44 -26.43
CA ASP K 49 -73.61 16.92 -27.47
C ASP K 49 -74.22 18.10 -28.23
N ILE K 50 -74.45 19.19 -27.48
CA ILE K 50 -75.03 20.39 -28.08
C ILE K 50 -74.06 21.07 -29.03
N ALA K 51 -72.78 20.73 -28.98
CA ALA K 51 -71.80 21.34 -29.88
C ALA K 51 -72.11 21.00 -31.33
N ASP K 52 -72.45 19.74 -31.61
CA ASP K 52 -72.79 19.34 -32.97
C ASP K 52 -74.04 20.04 -33.46
N ALA K 53 -75.05 20.17 -32.59
CA ALA K 53 -76.27 20.89 -32.97
C ALA K 53 -75.98 22.35 -33.28
N ARG K 54 -75.15 22.99 -32.44
CA ARG K 54 -74.80 24.38 -32.70
C ARG K 54 -74.02 24.52 -34.00
N SER K 55 -73.10 23.60 -34.27
CA SER K 55 -72.31 23.66 -35.50
C SER K 55 -73.19 23.48 -36.74
N ILE K 56 -74.12 22.52 -36.70
CA ILE K 56 -74.98 22.30 -37.86
C ILE K 56 -75.95 23.48 -38.03
N TYR K 57 -76.43 24.06 -36.93
CA TYR K 57 -77.30 25.22 -37.04
C TYR K 57 -76.55 26.41 -37.65
N THR K 58 -75.31 26.64 -37.22
CA THR K 58 -74.53 27.74 -37.78
C THR K 58 -74.19 27.48 -39.24
N VAL K 59 -73.93 26.23 -39.61
CA VAL K 59 -73.68 25.89 -41.00
C VAL K 59 -74.91 26.17 -41.86
N GLY K 60 -76.09 25.77 -41.37
CA GLY K 60 -77.32 26.07 -42.09
C GLY K 60 -77.58 27.56 -42.21
N ALA K 61 -77.32 28.31 -41.14
CA ALA K 61 -77.49 29.76 -41.20
C ALA K 61 -76.55 30.40 -42.21
N ALA K 62 -75.28 29.93 -42.23
CA ALA K 62 -74.33 30.45 -43.20
C ALA K 62 -74.75 30.12 -44.63
N ALA K 63 -75.26 28.90 -44.85
CA ALA K 63 -75.73 28.53 -46.18
C ALA K 63 -76.91 29.40 -46.60
N SER K 64 -77.85 29.64 -45.69
CA SER K 64 -78.99 30.49 -46.01
C SER K 64 -78.55 31.91 -46.31
N ALA K 65 -77.60 32.44 -45.53
CA ALA K 65 -77.10 33.79 -45.78
C ALA K 65 -76.39 33.88 -47.12
N ALA K 66 -75.59 32.87 -47.47
CA ALA K 66 -74.92 32.85 -48.76
C ALA K 66 -75.92 32.78 -49.90
N ARG K 67 -76.97 31.96 -49.76
CA ARG K 67 -78.00 31.87 -50.79
C ARG K 67 -78.72 33.20 -50.95
N ALA K 68 -79.06 33.86 -49.84
CA ALA K 68 -79.71 35.16 -49.92
C ALA K 68 -78.83 36.21 -50.57
N ARG K 69 -77.53 36.21 -50.23
CA ARG K 69 -76.60 37.15 -50.83
C ARG K 69 -76.46 36.91 -52.33
N ALA K 70 -76.40 35.64 -52.74
CA ALA K 70 -76.32 35.33 -54.16
C ALA K 70 -77.59 35.74 -54.89
N ASN K 71 -78.75 35.54 -54.27
CA ASN K 71 -80.01 35.93 -54.89
C ASN K 71 -80.11 37.46 -55.03
N HIS K 72 -79.66 38.20 -54.02
CA HIS K 72 -79.77 39.65 -54.02
C HIS K 72 -78.61 40.34 -54.72
N ASN K 73 -77.57 39.60 -55.12
CA ASN K 73 -76.41 40.19 -55.78
C ASN K 73 -76.64 40.25 -57.29
N ALA K 74 -77.69 40.96 -57.69
CA ALA K 74 -78.00 41.14 -59.10
C ALA K 74 -77.20 42.25 -59.75
N ASN K 75 -76.53 43.10 -58.96
CA ASN K 75 -75.74 44.21 -59.49
C ASN K 75 -74.25 43.94 -59.44
N THR K 76 -73.82 42.77 -58.97
CA THR K 76 -72.39 42.43 -58.86
C THR K 76 -72.25 40.94 -59.17
N ILE K 77 -71.85 40.62 -60.39
CA ILE K 77 -71.67 39.24 -60.80
C ILE K 77 -70.27 38.94 -61.32
N ARG K 78 -69.53 39.94 -61.78
CA ARG K 78 -68.18 39.73 -62.32
C ARG K 78 -67.14 40.03 -61.25
N ARG K 79 -66.20 39.11 -61.07
CA ARG K 79 -65.14 39.27 -60.10
C ARG K 79 -63.82 38.80 -60.70
N THR K 80 -62.73 39.36 -60.20
CA THR K 80 -61.38 39.02 -60.67
C THR K 80 -60.47 38.90 -59.45
N ALA K 81 -59.18 38.77 -59.71
CA ALA K 81 -58.17 38.66 -58.67
C ALA K 81 -57.44 39.98 -58.48
N MET K 82 -56.73 40.08 -57.36
CA MET K 82 -55.97 41.28 -57.03
C MET K 82 -54.48 41.16 -57.29
N PHE K 83 -53.93 39.96 -57.21
CA PHE K 83 -52.51 39.76 -57.46
C PHE K 83 -52.19 39.91 -58.94
N ALA K 84 -51.07 40.55 -59.24
CA ALA K 84 -50.62 40.78 -60.60
C ALA K 84 -49.42 39.89 -60.91
N GLU K 85 -48.96 39.96 -62.16
CA GLU K 85 -47.81 39.18 -62.64
C GLU K 85 -48.02 37.69 -62.41
N THR K 86 -49.24 37.21 -62.66
CA THR K 86 -49.58 35.80 -62.50
C THR K 86 -49.32 35.00 -63.76
N ASP K 87 -48.94 35.63 -64.86
CA ASP K 87 -48.66 34.96 -66.12
C ASP K 87 -47.35 35.48 -66.69
N PRO K 88 -46.63 34.64 -67.46
CA PRO K 88 -45.39 35.12 -68.09
C PRO K 88 -45.62 36.23 -69.10
N MET K 89 -46.81 36.35 -69.67
CA MET K 89 -47.10 37.37 -70.67
C MET K 89 -47.74 38.59 -70.00
N THR K 90 -46.91 39.32 -69.27
CA THR K 90 -47.31 40.54 -68.59
C THR K 90 -46.47 41.73 -69.05
N TRP K 91 -46.25 41.82 -70.37
CA TRP K 91 -45.48 42.92 -70.93
C TRP K 91 -46.30 44.19 -71.11
N LEU K 92 -47.61 44.14 -70.87
CA LEU K 92 -48.48 45.29 -71.02
C LEU K 92 -49.19 45.56 -69.69
N ARG K 93 -49.85 46.72 -69.62
CA ARG K 93 -50.58 47.12 -68.44
C ARG K 93 -52.08 46.99 -68.67
N PRO K 94 -52.76 46.07 -68.00
CA PRO K 94 -54.21 45.93 -68.21
C PRO K 94 -55.00 47.06 -67.57
N THR K 95 -56.33 46.97 -67.65
CA THR K 95 -57.18 48.00 -67.06
C THR K 95 -57.06 47.97 -65.54
N VAL K 96 -57.01 49.16 -64.95
CA VAL K 96 -56.86 49.28 -63.50
C VAL K 96 -58.23 49.25 -62.84
N GLY K 97 -59.08 50.22 -63.16
CA GLY K 97 -60.42 50.27 -62.63
C GLY K 97 -60.43 50.44 -61.12
N LEU K 98 -61.45 49.85 -60.49
CA LEU K 98 -61.58 49.87 -59.03
C LEU K 98 -62.42 48.68 -58.61
N LYS K 99 -62.24 48.28 -57.35
CA LYS K 99 -62.96 47.15 -56.78
C LYS K 99 -64.37 47.59 -56.37
N ARG K 100 -65.06 46.75 -55.60
CA ARG K 100 -66.41 47.06 -55.14
C ARG K 100 -66.31 47.98 -53.93
N THR K 101 -66.04 49.26 -54.21
CA THR K 101 -65.91 50.28 -53.18
C THR K 101 -66.67 51.53 -53.59
N PHE K 102 -67.88 51.35 -54.11
CA PHE K 102 -68.70 52.47 -54.53
C PHE K 102 -70.16 52.03 -54.54
N ASN K 103 -71.06 53.01 -54.52
CA ASN K 103 -72.48 52.73 -54.57
C ASN K 103 -72.85 52.15 -55.93
N PRO K 104 -73.77 51.19 -55.99
CA PRO K 104 -74.15 50.60 -57.28
C PRO K 104 -74.97 51.56 -58.13
N ARG K 105 -74.36 52.11 -59.18
CA ARG K 105 -75.03 53.03 -60.08
C ARG K 105 -75.05 52.53 -61.52
N ILE K 106 -73.92 52.05 -62.03
CA ILE K 106 -73.87 51.56 -63.41
C ILE K 106 -74.38 50.13 -63.50
N ILE K 107 -73.86 49.25 -62.64
CA ILE K 107 -74.27 47.85 -62.64
C ILE K 107 -75.13 47.56 -61.41
N ILE L 19 60.01 134.52 -52.58
CA ILE L 19 60.04 133.08 -52.33
C ILE L 19 59.93 132.81 -50.83
N ALA L 20 61.08 132.66 -50.18
CA ALA L 20 61.14 132.40 -48.75
C ALA L 20 62.23 133.26 -48.13
N GLY L 21 61.90 133.93 -47.03
CA GLY L 21 62.85 134.78 -46.35
C GLY L 21 62.64 134.83 -44.84
N LEU L 22 63.71 134.61 -44.09
CA LEU L 22 63.63 134.64 -42.63
C LEU L 22 64.78 135.38 -41.97
N PHE L 23 65.68 135.99 -42.73
CA PHE L 23 66.80 136.72 -42.15
C PHE L 23 66.31 138.00 -41.49
N ASN L 24 66.97 138.38 -40.40
CA ASN L 24 66.65 139.57 -39.63
C ASN L 24 67.86 140.49 -39.56
N ILE L 25 67.61 141.78 -39.71
CA ILE L 25 68.68 142.79 -39.66
C ILE L 25 69.12 143.04 -38.22
N PRO L 26 68.21 143.26 -37.27
CA PRO L 26 68.67 143.41 -35.87
C PRO L 26 69.39 142.19 -35.33
N ALA L 27 69.00 140.99 -35.75
CA ALA L 27 69.67 139.77 -35.30
C ALA L 27 70.99 139.61 -36.03
N GLY L 28 72.06 139.36 -35.29
CA GLY L 28 73.35 139.20 -35.89
C GLY L 28 74.39 138.80 -34.87
N ILE L 29 75.66 138.90 -35.29
CA ILE L 29 76.78 138.55 -34.43
C ILE L 29 77.65 139.78 -34.22
N ILE L 30 78.73 139.63 -33.46
CA ILE L 30 79.65 140.73 -33.17
C ILE L 30 80.30 141.19 -34.48
N PRO L 31 80.57 142.49 -34.65
CA PRO L 31 81.18 142.95 -35.89
C PRO L 31 82.55 142.34 -36.11
N THR L 32 82.87 142.07 -37.37
CA THR L 32 84.14 141.49 -37.75
C THR L 32 85.15 142.60 -38.03
N GLY L 33 86.34 142.24 -38.50
CA GLY L 33 87.35 143.22 -38.80
C GLY L 33 86.99 144.08 -40.01
N ASN L 34 87.76 145.15 -40.17
CA ASN L 34 87.53 146.08 -41.27
C ASN L 34 87.82 145.42 -42.61
N VAL L 35 86.99 145.73 -43.61
CA VAL L 35 87.13 145.17 -44.94
C VAL L 35 87.72 146.22 -45.85
N LEU L 36 88.75 145.84 -46.60
CA LEU L 36 89.40 146.77 -47.52
C LEU L 36 88.51 147.04 -48.74
N SER L 37 88.86 148.11 -49.46
CA SER L 37 88.14 148.52 -50.67
C SER L 37 86.64 148.71 -50.40
N THR L 38 86.34 149.29 -49.24
CA THR L 38 84.97 149.56 -48.84
C THR L 38 84.72 151.06 -48.84
N ILE L 39 83.65 151.49 -49.50
CA ILE L 39 83.28 152.89 -49.62
C ILE L 39 81.84 153.05 -49.17
N GLU L 40 81.35 154.29 -49.28
CA GLU L 40 79.99 154.62 -48.86
C GLU L 40 78.92 153.96 -49.74
N VAL L 41 79.28 153.45 -50.91
CA VAL L 41 78.34 152.80 -51.81
C VAL L 41 78.86 151.42 -52.18
N CYS L 42 77.94 150.55 -52.57
CA CYS L 42 78.29 149.18 -52.96
C CYS L 42 77.26 148.68 -53.95
N ALA L 43 77.74 148.10 -55.06
CA ALA L 43 76.87 147.57 -56.10
C ALA L 43 76.57 146.09 -55.92
N HIS L 44 77.06 145.46 -54.84
CA HIS L 44 76.81 144.04 -54.59
C HIS L 44 75.51 143.87 -53.80
N ARG L 45 74.41 144.18 -54.49
CA ARG L 45 73.08 144.07 -53.89
C ARG L 45 72.37 142.77 -54.26
N CYS L 46 72.82 142.07 -55.29
CA CYS L 46 72.20 140.83 -55.72
C CYS L 46 72.77 139.61 -55.03
N ILE L 47 73.74 139.78 -54.13
CA ILE L 47 74.34 138.65 -53.42
C ILE L 47 73.51 138.18 -52.24
N PHE L 48 72.49 138.94 -51.86
CA PHE L 48 71.62 138.58 -50.73
C PHE L 48 70.16 138.65 -51.16
N ASP L 49 69.34 137.85 -50.49
CA ASP L 49 67.91 137.82 -50.81
C ASP L 49 67.26 139.17 -50.51
N PHE L 50 67.60 139.79 -49.39
CA PHE L 50 67.06 141.07 -48.98
C PHE L 50 68.16 142.12 -48.98
N PHE L 51 67.94 143.23 -49.68
CA PHE L 51 68.90 144.32 -49.75
C PHE L 51 68.42 145.56 -49.02
N LYS L 52 67.43 145.43 -48.15
CA LYS L 52 66.89 146.55 -47.40
C LYS L 52 67.67 146.74 -46.09
N GLN L 53 68.01 148.00 -45.80
CA GLN L 53 68.76 148.35 -44.61
C GLN L 53 68.04 149.47 -43.86
N ILE L 54 68.25 149.52 -42.56
CA ILE L 54 67.65 150.53 -41.69
C ILE L 54 68.71 151.57 -41.38
N ARG L 55 68.40 152.84 -41.67
CA ARG L 55 69.35 153.92 -41.43
C ARG L 55 69.34 154.37 -39.97
N SER L 56 68.19 154.87 -39.51
CA SER L 56 68.05 155.36 -38.15
C SER L 56 67.05 154.57 -37.32
N ASP L 57 65.83 154.39 -37.83
CA ASP L 57 64.80 153.68 -37.09
C ASP L 57 63.95 152.88 -38.07
N ASP L 58 63.28 151.85 -37.54
CA ASP L 58 62.42 150.98 -38.33
C ASP L 58 61.07 150.85 -37.63
N ASN L 59 60.04 150.60 -38.44
CA ASN L 59 58.68 150.47 -37.94
C ASN L 59 58.27 148.99 -37.94
N SER L 60 57.03 148.74 -37.51
CA SER L 60 56.46 147.40 -37.43
C SER L 60 57.33 146.49 -36.54
N LEU L 61 57.47 146.89 -35.28
CA LEU L 61 58.25 146.14 -34.31
C LEU L 61 57.41 145.52 -33.20
N TYR L 62 56.26 146.11 -32.88
CA TYR L 62 55.39 145.59 -31.82
C TYR L 62 54.46 144.49 -32.30
N SER L 63 54.45 144.19 -33.59
CA SER L 63 53.58 143.14 -34.14
C SER L 63 54.30 141.78 -34.14
N ALA L 64 54.74 141.39 -32.95
CA ALA L 64 55.43 140.12 -32.74
C ALA L 64 54.57 139.19 -31.90
N GLN L 65 54.32 138.00 -32.41
CA GLN L 65 53.51 136.99 -31.72
C GLN L 65 54.39 135.80 -31.38
N PHE L 66 54.38 135.40 -30.11
CA PHE L 66 55.15 134.27 -29.63
C PHE L 66 54.24 133.32 -28.85
N ASP L 67 54.44 132.02 -29.07
CA ASP L 67 53.65 130.99 -28.41
C ASP L 67 54.44 130.17 -27.41
N ILE L 68 55.77 130.03 -27.61
CA ILE L 68 56.70 129.32 -26.74
C ILE L 68 56.38 127.83 -26.71
N LEU L 69 57.40 127.02 -26.40
CA LEU L 69 57.21 125.57 -26.33
C LEU L 69 56.62 125.18 -24.98
N LEU L 70 55.66 124.27 -25.01
CA LEU L 70 54.99 123.82 -23.80
C LEU L 70 54.78 122.31 -23.88
N GLY L 71 54.57 121.70 -22.71
CA GLY L 71 54.34 120.27 -22.62
C GLY L 71 55.59 119.45 -22.92
N THR L 72 56.58 119.55 -22.04
CA THR L 72 57.84 118.80 -22.17
C THR L 72 57.85 117.74 -21.09
N TYR L 73 57.35 116.56 -21.41
CA TYR L 73 57.29 115.44 -20.48
C TYR L 73 57.31 114.13 -21.27
N CYS L 74 57.11 113.03 -20.57
CA CYS L 74 57.11 111.71 -21.17
C CYS L 74 55.92 110.91 -20.68
N ASN L 75 55.47 109.96 -21.50
CA ASN L 75 54.33 109.14 -21.15
C ASN L 75 54.71 108.14 -20.05
N THR L 76 53.69 107.64 -19.37
CA THR L 76 53.86 106.68 -18.28
C THR L 76 53.13 105.39 -18.60
N LEU L 77 53.68 104.27 -18.10
CA LEU L 77 53.12 102.95 -18.32
C LEU L 77 52.75 102.33 -16.98
N ASN L 78 51.81 101.38 -17.04
CA ASN L 78 51.35 100.67 -15.84
C ASN L 78 52.29 99.52 -15.52
N PHE L 79 53.48 99.87 -15.07
CA PHE L 79 54.48 98.89 -14.71
C PHE L 79 54.17 98.28 -13.35
N VAL L 80 54.58 97.01 -13.18
CA VAL L 80 54.37 96.28 -11.94
C VAL L 80 55.68 95.61 -11.55
N ARG L 81 55.79 95.31 -10.26
CA ARG L 81 56.99 94.66 -9.74
C ARG L 81 57.10 93.24 -10.26
N PHE L 82 58.33 92.81 -10.56
CA PHE L 82 58.54 91.46 -11.07
C PHE L 82 58.34 90.42 -9.99
N LEU L 83 58.52 90.79 -8.72
CA LEU L 83 58.35 89.88 -7.59
C LEU L 83 56.95 90.07 -7.03
N GLU L 84 56.01 89.23 -7.47
CA GLU L 84 54.63 89.29 -7.00
C GLU L 84 54.46 88.38 -5.78
N LEU L 85 53.21 88.21 -5.35
CA LEU L 85 52.91 87.37 -4.19
C LEU L 85 52.44 85.98 -4.58
N GLY L 86 51.55 85.86 -5.55
CA GLY L 86 51.07 84.54 -5.95
C GLY L 86 52.16 83.68 -6.58
N LEU L 87 53.05 84.31 -7.36
CA LEU L 87 54.15 83.58 -7.97
C LEU L 87 55.24 83.22 -6.97
N SER L 88 55.28 83.89 -5.82
CA SER L 88 56.34 83.67 -4.83
C SER L 88 55.91 82.76 -3.69
N VAL L 89 54.63 82.74 -3.34
CA VAL L 89 54.15 81.91 -2.23
C VAL L 89 53.26 80.76 -2.70
N ALA L 90 52.70 80.82 -3.91
CA ALA L 90 51.83 79.77 -4.42
C ALA L 90 52.37 79.15 -5.70
N CYS L 91 53.65 79.32 -5.98
CA CYS L 91 54.26 78.77 -7.18
C CYS L 91 55.73 78.50 -6.92
N ILE L 92 56.22 77.37 -7.42
CA ILE L 92 57.61 76.96 -7.29
C ILE L 92 58.26 77.00 -8.66
N CYS L 93 59.37 77.74 -8.76
CA CYS L 93 60.08 77.92 -10.02
C CYS L 93 61.37 77.11 -9.99
N THR L 94 61.59 76.30 -11.02
CA THR L 94 62.80 75.49 -11.15
C THR L 94 63.37 75.68 -12.54
N LYS L 95 64.67 75.95 -12.62
CA LYS L 95 65.35 76.18 -13.87
C LYS L 95 66.03 74.89 -14.33
N PHE L 96 65.69 74.42 -15.53
CA PHE L 96 66.29 73.22 -16.10
C PHE L 96 66.91 73.57 -17.45
N PRO L 97 68.25 73.58 -17.56
CA PRO L 97 68.85 73.90 -18.86
C PRO L 97 68.50 72.92 -19.96
N GLU L 98 68.52 71.62 -19.67
CA GLU L 98 68.20 70.60 -20.67
C GLU L 98 66.73 70.20 -20.59
N LEU L 99 65.83 71.18 -20.62
CA LEU L 99 64.40 70.91 -20.56
C LEU L 99 63.82 70.49 -21.91
N ALA L 100 64.53 70.73 -23.01
CA ALA L 100 64.01 70.37 -24.33
C ALA L 100 63.80 68.87 -24.45
N TYR L 101 64.75 68.07 -23.97
CA TYR L 101 64.64 66.61 -24.05
C TYR L 101 65.32 66.03 -22.82
N VAL L 102 64.53 65.74 -21.79
CA VAL L 102 65.05 65.14 -20.56
C VAL L 102 64.31 63.88 -20.15
N ARG L 103 63.08 63.66 -20.63
CA ARG L 103 62.22 62.51 -20.32
C ARG L 103 62.31 62.08 -18.86
N ASP L 104 62.33 63.05 -17.94
CA ASP L 104 62.41 62.80 -16.51
C ASP L 104 63.59 61.91 -16.16
N GLY L 105 63.31 60.68 -15.77
CA GLY L 105 64.35 59.73 -15.42
C GLY L 105 64.07 58.99 -14.14
N VAL L 106 63.42 59.65 -13.18
CA VAL L 106 63.06 59.05 -11.91
C VAL L 106 61.90 59.82 -11.30
N ILE L 107 60.88 59.10 -10.84
CA ILE L 107 59.71 59.72 -10.22
C ILE L 107 59.05 58.70 -9.32
N GLN L 108 58.39 59.18 -8.27
CA GLN L 108 57.69 58.31 -7.32
C GLN L 108 56.21 58.23 -7.68
N PHE L 109 55.94 57.68 -8.86
CA PHE L 109 54.57 57.53 -9.37
C PHE L 109 54.08 56.13 -9.01
N GLU L 110 53.59 56.00 -7.78
CA GLU L 110 53.05 54.73 -7.27
C GLU L 110 51.81 55.06 -6.45
N VAL L 111 50.65 55.01 -7.10
CA VAL L 111 49.37 55.29 -6.45
C VAL L 111 48.46 54.08 -6.63
N GLN L 112 47.92 53.59 -5.52
CA GLN L 112 47.03 52.45 -5.54
C GLN L 112 45.58 52.90 -5.36
N GLN L 113 44.66 51.94 -5.43
CA GLN L 113 43.24 52.23 -5.28
C GLN L 113 42.79 51.79 -3.90
N PRO L 114 42.39 52.70 -3.01
CA PRO L 114 41.95 52.29 -1.68
C PRO L 114 40.56 51.67 -1.74
N MET L 115 40.41 50.51 -1.10
CA MET L 115 39.14 49.80 -1.06
C MET L 115 38.93 49.22 0.32
N ILE L 116 37.66 48.99 0.66
CA ILE L 116 37.30 48.44 1.96
C ILE L 116 37.44 46.93 1.90
N ALA L 117 38.24 46.37 2.82
CA ALA L 117 38.46 44.92 2.87
C ALA L 117 37.38 44.27 3.74
N ARG L 118 36.17 44.23 3.18
CA ARG L 118 35.01 43.65 3.84
C ARG L 118 34.53 42.44 3.05
N ASP L 119 34.41 41.30 3.72
CA ASP L 119 33.95 40.08 3.09
C ASP L 119 32.45 39.93 3.28
N GLY L 120 31.91 38.78 2.88
CA GLY L 120 30.50 38.52 3.02
C GLY L 120 29.75 38.70 1.71
N PRO L 121 28.68 39.50 1.74
CA PRO L 121 27.89 39.76 0.52
C PRO L 121 28.53 40.83 -0.37
N HIS L 122 29.64 40.47 -1.00
CA HIS L 122 30.37 41.35 -1.88
C HIS L 122 30.72 40.65 -3.17
N PRO L 123 30.79 41.37 -4.28
CA PRO L 123 31.15 40.76 -5.57
C PRO L 123 32.65 40.52 -5.66
N VAL L 124 33.07 40.02 -6.82
CA VAL L 124 34.47 39.73 -7.09
C VAL L 124 35.06 40.87 -7.90
N ASP L 125 36.20 41.38 -7.47
CA ASP L 125 36.87 42.48 -8.14
C ASP L 125 38.38 42.33 -7.98
N GLN L 126 39.12 43.13 -8.74
CA GLN L 126 40.57 43.11 -8.71
C GLN L 126 41.08 44.55 -8.76
N PRO L 127 41.95 44.94 -7.83
CA PRO L 127 42.47 46.32 -7.85
C PRO L 127 43.35 46.56 -9.07
N VAL L 128 43.37 47.82 -9.51
CA VAL L 128 44.14 48.23 -10.67
C VAL L 128 44.99 49.44 -10.28
N HIS L 129 46.08 49.64 -11.01
CA HIS L 129 47.00 50.73 -10.77
C HIS L 129 46.79 51.83 -11.80
N ASN L 130 46.86 53.08 -11.35
CA ASN L 130 46.68 54.24 -12.21
C ASN L 130 48.04 54.84 -12.55
N TYR L 131 48.30 55.00 -13.84
CA TYR L 131 49.56 55.54 -14.34
C TYR L 131 49.28 56.94 -14.88
N MET L 132 49.39 57.94 -14.01
CA MET L 132 49.15 59.32 -14.40
C MET L 132 50.35 59.87 -15.18
N VAL L 133 50.10 60.96 -15.91
CA VAL L 133 51.11 61.61 -16.72
C VAL L 133 51.11 63.10 -16.41
N LYS L 134 52.23 63.75 -16.73
CA LYS L 134 52.42 65.18 -16.49
C LYS L 134 52.81 65.88 -17.78
N ARG L 135 52.14 65.54 -18.88
CA ARG L 135 52.39 66.14 -20.18
C ARG L 135 51.24 67.09 -20.51
N ILE L 136 51.53 68.38 -20.53
CA ILE L 136 50.55 69.43 -20.82
C ILE L 136 51.00 70.18 -22.06
N HIS L 137 50.08 70.33 -23.02
CA HIS L 137 50.40 71.05 -24.25
C HIS L 137 50.63 72.53 -23.96
N LYS L 138 51.53 73.13 -24.74
CA LYS L 138 51.89 74.53 -24.59
C LYS L 138 51.26 75.34 -25.71
N ARG L 139 50.54 76.39 -25.34
CA ARG L 139 49.88 77.27 -26.31
C ARG L 139 50.09 78.71 -25.89
N SER L 140 50.74 79.49 -26.75
CA SER L 140 51.01 80.89 -26.46
C SER L 140 51.03 81.67 -27.77
N LEU L 141 50.80 82.98 -27.64
CA LEU L 141 50.80 83.87 -28.79
C LEU L 141 52.17 84.50 -28.97
N SER L 142 52.30 85.44 -29.89
CA SER L 142 53.55 86.13 -30.15
C SER L 142 53.27 87.53 -30.65
N ALA L 143 54.26 88.41 -30.48
CA ALA L 143 54.14 89.79 -30.91
C ALA L 143 55.53 90.35 -31.17
N ALA L 144 55.57 91.46 -31.92
CA ALA L 144 56.83 92.11 -32.25
C ALA L 144 56.59 93.60 -32.40
N PHE L 145 57.66 94.37 -32.24
CA PHE L 145 57.59 95.83 -32.38
C PHE L 145 58.97 96.35 -32.74
N ALA L 146 59.08 96.99 -33.90
CA ALA L 146 60.36 97.52 -34.35
C ALA L 146 60.09 98.69 -35.30
N ILE L 147 60.98 99.68 -35.25
CA ILE L 147 60.91 100.86 -36.11
C ILE L 147 62.15 100.88 -36.98
N ALA L 148 61.94 100.91 -38.30
CA ALA L 148 63.03 100.91 -39.26
C ALA L 148 63.19 102.22 -40.02
N SER L 149 62.11 102.95 -40.25
CA SER L 149 62.20 104.20 -41.01
C SER L 149 63.02 105.25 -40.28
N GLU L 150 62.97 105.26 -38.95
CA GLU L 150 63.70 106.23 -38.15
C GLU L 150 64.98 105.65 -37.56
N ALA L 151 65.36 104.44 -37.95
CA ALA L 151 66.57 103.81 -37.41
C ALA L 151 67.42 103.10 -38.44
N LEU L 152 67.07 103.16 -39.73
CA LEU L 152 67.89 102.48 -40.74
C LEU L 152 69.26 103.11 -40.86
N SER L 153 69.35 104.43 -40.70
CA SER L 153 70.65 105.09 -40.75
C SER L 153 71.55 104.64 -39.62
N LEU L 154 71.00 104.51 -38.42
CA LEU L 154 71.79 104.01 -37.29
C LEU L 154 72.15 102.54 -37.47
N LEU L 155 71.22 101.74 -38.03
CA LEU L 155 71.51 100.33 -38.26
C LEU L 155 72.64 100.13 -39.27
N SER L 156 72.63 100.92 -40.34
CA SER L 156 73.67 100.82 -41.37
C SER L 156 74.84 101.74 -41.02
N ASN L 157 75.59 101.31 -40.01
CA ASN L 157 76.74 102.07 -39.52
C ASN L 157 78.04 101.28 -39.52
N THR L 158 78.00 99.98 -39.26
CA THR L 158 79.19 99.12 -39.24
C THR L 158 80.24 99.63 -38.25
N TYR L 159 79.78 100.23 -37.16
CA TYR L 159 80.65 100.69 -36.07
C TYR L 159 81.74 101.64 -36.57
N VAL L 160 81.34 102.61 -37.39
CA VAL L 160 82.24 103.66 -37.86
C VAL L 160 81.81 105.05 -37.39
N ASP L 161 80.70 105.16 -36.67
CA ASP L 161 80.17 106.44 -36.22
C ASP L 161 80.16 106.46 -34.69
N GLY L 162 79.55 107.51 -34.14
CA GLY L 162 79.50 107.68 -32.70
C GLY L 162 80.08 109.00 -32.24
N THR L 163 80.11 109.99 -33.14
CA THR L 163 80.61 111.32 -32.83
C THR L 163 79.53 112.11 -32.09
N GLU L 164 79.88 113.35 -31.72
CA GLU L 164 78.94 114.19 -30.98
C GLU L 164 77.73 114.59 -31.81
N ILE L 165 77.89 114.60 -33.15
CA ILE L 165 76.77 114.98 -34.02
C ILE L 165 75.62 114.00 -33.87
N ASP L 166 75.93 112.70 -33.88
CA ASP L 166 74.92 111.66 -33.76
C ASP L 166 74.84 111.08 -32.35
N SER L 167 75.46 111.74 -31.37
CA SER L 167 75.37 111.26 -29.99
C SER L 167 73.93 111.29 -29.49
N SER L 168 73.19 112.35 -29.81
CA SER L 168 71.79 112.43 -29.42
C SER L 168 70.98 111.32 -30.08
N LEU L 169 71.26 111.03 -31.36
CA LEU L 169 70.56 109.95 -32.04
C LEU L 169 70.88 108.60 -31.40
N ARG L 170 72.14 108.37 -31.02
CA ARG L 170 72.50 107.13 -30.36
C ARG L 170 71.81 107.01 -29.00
N ILE L 171 71.75 108.11 -28.25
CA ILE L 171 71.06 108.10 -26.95
C ILE L 171 69.59 107.78 -27.14
N ARG L 172 68.95 108.40 -28.14
CA ARG L 172 67.55 108.11 -28.41
C ARG L 172 67.35 106.65 -28.80
N ALA L 173 68.26 106.11 -29.62
CA ALA L 173 68.14 104.72 -30.04
C ALA L 173 68.29 103.75 -28.86
N ILE L 174 69.26 104.00 -27.98
CA ILE L 174 69.45 103.11 -26.85
C ILE L 174 68.28 103.23 -25.87
N GLN L 175 67.75 104.43 -25.68
CA GLN L 175 66.56 104.58 -24.84
C GLN L 175 65.37 103.84 -25.44
N GLN L 176 65.21 103.92 -26.77
CA GLN L 176 64.11 103.22 -27.43
C GLN L 176 64.25 101.71 -27.28
N MET L 177 65.46 101.18 -27.46
CA MET L 177 65.64 99.74 -27.33
C MET L 177 65.47 99.28 -25.89
N ALA L 178 65.88 100.12 -24.92
CA ALA L 178 65.64 99.78 -23.51
C ALA L 178 64.14 99.74 -23.21
N ARG L 179 63.40 100.72 -23.72
CA ARG L 179 61.95 100.71 -23.54
C ARG L 179 61.32 99.51 -24.20
N ASN L 180 61.81 99.15 -25.40
CA ASN L 180 61.27 97.99 -26.10
C ASN L 180 61.51 96.69 -25.33
N LEU L 181 62.73 96.51 -24.79
CA LEU L 181 62.99 95.30 -24.03
C LEU L 181 62.21 95.28 -22.72
N ARG L 182 62.03 96.45 -22.09
CA ARG L 182 61.23 96.50 -20.87
C ARG L 182 59.77 96.12 -21.16
N THR L 183 59.21 96.65 -22.25
CA THR L 183 57.84 96.31 -22.60
C THR L 183 57.71 94.84 -23.00
N VAL L 184 58.73 94.29 -23.66
CA VAL L 184 58.70 92.87 -24.00
C VAL L 184 58.71 92.02 -22.74
N LEU L 185 59.55 92.39 -21.77
CA LEU L 185 59.59 91.66 -20.51
C LEU L 185 58.26 91.76 -19.76
N ASP L 186 57.66 92.94 -19.76
CA ASP L 186 56.35 93.10 -19.11
C ASP L 186 55.29 92.26 -19.80
N SER L 187 55.29 92.24 -21.14
CA SER L 187 54.32 91.42 -21.87
C SER L 187 54.52 89.94 -21.58
N PHE L 188 55.78 89.49 -21.50
CA PHE L 188 56.05 88.09 -21.19
C PHE L 188 55.59 87.74 -19.77
N GLU L 189 55.85 88.63 -18.81
CA GLU L 189 55.46 88.35 -17.43
C GLU L 189 53.95 88.40 -17.25
N ARG L 190 53.26 89.18 -18.09
CA ARG L 190 51.80 89.14 -18.08
C ARG L 190 51.27 87.88 -18.74
N GLY L 191 51.91 87.45 -19.85
CA GLY L 191 51.45 86.27 -20.55
C GLY L 191 51.62 85.00 -19.75
N THR L 192 52.76 84.87 -19.05
CA THR L 192 52.95 83.67 -18.22
C THR L 192 51.96 83.62 -17.07
N ALA L 193 51.64 84.77 -16.48
CA ALA L 193 50.62 84.82 -15.43
C ALA L 193 49.25 84.47 -15.98
N ASP L 194 48.92 84.96 -17.17
CA ASP L 194 47.64 84.61 -17.79
C ASP L 194 47.56 83.12 -18.08
N GLN L 195 48.66 82.54 -18.58
CA GLN L 195 48.68 81.10 -18.84
C GLN L 195 48.53 80.29 -17.55
N LEU L 196 49.17 80.75 -16.47
CA LEU L 196 49.02 80.07 -15.19
C LEU L 196 47.60 80.16 -14.66
N LEU L 197 46.83 81.16 -15.07
CA LEU L 197 45.45 81.32 -14.65
C LEU L 197 44.47 80.51 -15.48
N GLY L 198 44.93 79.88 -16.57
CA GLY L 198 44.09 79.12 -17.46
C GLY L 198 43.81 77.69 -17.05
N VAL L 199 44.14 77.32 -15.82
CA VAL L 199 43.89 75.96 -15.34
C VAL L 199 42.42 75.69 -15.08
N LEU L 200 41.58 76.73 -15.11
CA LEU L 200 40.15 76.55 -14.81
C LEU L 200 39.47 75.68 -15.85
N LEU L 201 39.81 75.86 -17.13
CA LEU L 201 39.11 75.12 -18.19
C LEU L 201 39.33 73.62 -18.09
N GLU L 202 40.42 73.21 -17.43
CA GLU L 202 40.66 71.76 -17.21
C GLU L 202 40.36 71.41 -15.74
N LYS L 203 40.19 72.43 -14.88
CA LYS L 203 39.87 72.19 -13.45
C LYS L 203 38.38 72.46 -13.20
N ALA L 204 37.58 72.56 -14.26
CA ALA L 204 36.12 72.74 -14.08
C ALA L 204 35.37 71.64 -14.84
N PRO L 205 35.32 70.39 -14.33
CA PRO L 205 34.35 69.35 -14.77
C PRO L 205 33.03 69.57 -14.04
N PRO L 206 31.99 68.72 -14.22
CA PRO L 206 30.72 68.84 -13.44
C PRO L 206 30.95 68.47 -11.99
N LEU L 207 31.88 69.16 -11.31
CA LEU L 207 32.18 68.86 -9.89
C LEU L 207 30.90 69.01 -9.06
N SER L 208 30.20 70.15 -9.21
CA SER L 208 28.93 70.38 -8.48
C SER L 208 28.01 69.17 -8.68
N LEU L 209 27.91 68.69 -9.92
CA LEU L 209 27.04 67.56 -10.21
C LEU L 209 27.62 66.25 -9.70
N LEU L 210 28.94 66.12 -9.67
CA LEU L 210 29.57 64.88 -9.22
C LEU L 210 29.67 64.79 -7.70
N SER L 211 29.51 65.91 -6.99
CA SER L 211 29.57 65.87 -5.53
C SER L 211 28.51 64.97 -4.90
N PRO L 212 27.23 65.06 -5.24
CA PRO L 212 26.24 64.15 -4.63
C PRO L 212 26.49 62.68 -4.96
N ILE L 213 27.00 62.38 -6.15
CA ILE L 213 27.22 60.99 -6.54
C ILE L 213 28.37 60.37 -5.76
N ASN L 214 29.22 61.18 -5.14
CA ASN L 214 30.31 60.64 -4.33
C ASN L 214 29.80 59.96 -3.06
N LYS L 215 28.59 60.29 -2.62
CA LYS L 215 28.01 59.67 -1.43
C LYS L 215 26.66 59.00 -1.69
N PHE L 216 26.05 59.20 -2.85
CA PHE L 216 24.77 58.61 -3.19
C PHE L 216 24.90 57.68 -4.39
N GLN L 217 25.97 56.87 -4.40
CA GLN L 217 26.18 55.94 -5.50
C GLN L 217 25.11 54.85 -5.47
N PRO L 218 24.60 54.43 -6.62
CA PRO L 218 23.59 53.37 -6.65
C PRO L 218 24.17 52.03 -6.20
N GLU L 219 23.31 51.22 -5.60
CA GLU L 219 23.71 49.89 -5.13
C GLU L 219 22.71 48.80 -5.48
N GLY L 220 21.67 49.12 -6.27
CA GLY L 220 20.67 48.15 -6.65
C GLY L 220 20.85 47.66 -8.07
N HIS L 221 19.76 47.17 -8.64
CA HIS L 221 19.73 46.65 -10.01
C HIS L 221 18.46 47.17 -10.69
N LEU L 222 18.60 48.31 -11.37
CA LEU L 222 17.47 48.93 -12.05
C LEU L 222 18.00 49.83 -13.16
N ASN L 223 17.35 49.77 -14.31
CA ASN L 223 17.78 50.59 -15.45
C ASN L 223 16.65 51.43 -16.04
N ARG L 224 15.43 50.90 -16.11
CA ARG L 224 14.33 51.66 -16.71
C ARG L 224 13.94 52.85 -15.84
N VAL L 225 13.75 52.62 -14.55
CA VAL L 225 13.39 53.71 -13.64
C VAL L 225 14.54 54.70 -13.53
N ALA L 226 15.78 54.20 -13.52
CA ALA L 226 16.93 55.10 -13.47
C ALA L 226 16.97 55.99 -14.70
N ARG L 227 16.73 55.42 -15.88
CA ARG L 227 16.71 56.21 -17.11
C ARG L 227 15.57 57.23 -17.09
N ALA L 228 14.41 56.83 -16.58
CA ALA L 228 13.27 57.74 -16.55
C ALA L 228 13.45 58.85 -15.51
N ALA L 229 14.25 58.61 -14.47
CA ALA L 229 14.38 59.57 -13.38
C ALA L 229 15.63 60.42 -13.45
N LEU L 230 16.67 60.00 -14.20
CA LEU L 230 17.90 60.79 -14.23
C LEU L 230 17.68 62.12 -14.94
N LEU L 231 16.81 62.15 -15.97
CA LEU L 231 16.51 63.41 -16.64
C LEU L 231 15.84 64.38 -15.68
N SER L 232 14.86 63.91 -14.90
CA SER L 232 14.20 64.78 -13.94
C SER L 232 15.18 65.25 -12.86
N ASP L 233 16.05 64.34 -12.39
CA ASP L 233 17.03 64.74 -11.39
C ASP L 233 17.97 65.80 -11.93
N LEU L 234 18.44 65.64 -13.17
CA LEU L 234 19.33 66.62 -13.77
C LEU L 234 18.65 67.97 -13.97
N LYS L 235 17.40 67.95 -14.45
CA LYS L 235 16.69 69.21 -14.66
C LYS L 235 16.42 69.92 -13.34
N ARG L 236 16.07 69.17 -12.28
CA ARG L 236 15.86 69.81 -10.99
C ARG L 236 17.17 70.34 -10.42
N ARG L 237 18.28 69.63 -10.66
CA ARG L 237 19.58 70.09 -10.19
C ARG L 237 20.00 71.39 -10.89
N VAL L 238 19.81 71.45 -12.21
CA VAL L 238 20.19 72.66 -12.93
C VAL L 238 19.21 73.79 -12.67
N CYS L 239 17.97 73.49 -12.28
CA CYS L 239 17.04 74.54 -11.90
C CYS L 239 17.38 75.12 -10.53
N ALA L 240 17.75 74.26 -9.57
CA ALA L 240 18.07 74.73 -8.23
C ALA L 240 19.50 75.25 -8.10
N ASP L 241 20.37 74.97 -9.07
CA ASP L 241 21.75 75.41 -9.02
C ASP L 241 22.02 76.62 -9.90
N MET L 242 20.98 77.23 -10.45
CA MET L 242 21.16 78.38 -11.32
C MET L 242 21.57 79.61 -10.52
N PHE L 243 22.08 80.62 -11.23
CA PHE L 243 22.56 81.84 -10.61
C PHE L 243 21.46 82.86 -10.37
N PHE L 244 20.22 82.57 -10.76
CA PHE L 244 19.12 83.50 -10.53
C PHE L 244 18.85 83.70 -9.04
N MET L 245 19.09 82.65 -8.23
CA MET L 245 18.85 82.76 -6.80
C MET L 245 19.73 83.84 -6.17
N THR L 246 21.02 83.86 -6.54
CA THR L 246 21.91 84.90 -6.05
C THR L 246 21.79 86.19 -6.84
N ARG L 247 21.18 86.15 -8.03
CA ARG L 247 20.96 87.37 -8.79
C ARG L 247 19.82 88.20 -8.20
N HIS L 248 18.74 87.54 -7.77
CA HIS L 248 17.59 88.23 -7.20
C HIS L 248 17.66 88.33 -5.69
N ALA L 249 18.70 87.78 -5.06
CA ALA L 249 18.82 87.84 -3.61
C ALA L 249 19.07 89.28 -3.14
N ARG L 250 18.43 89.65 -2.05
CA ARG L 250 18.60 90.98 -1.45
C ARG L 250 19.51 90.96 -0.23
N GLU L 251 19.35 89.98 0.65
CA GLU L 251 20.22 89.85 1.83
C GLU L 251 21.17 88.67 1.62
N PRO L 252 22.46 88.92 1.40
CA PRO L 252 23.39 87.80 1.15
C PRO L 252 23.47 86.82 2.31
N ARG L 253 23.80 87.32 3.50
CA ARG L 253 23.97 86.45 4.67
C ARG L 253 22.68 85.81 5.11
N LEU L 254 21.52 86.32 4.67
CA LEU L 254 20.24 85.75 5.04
C LEU L 254 19.62 84.90 3.94
N ILE L 255 20.23 84.86 2.75
CA ILE L 255 19.67 84.08 1.65
C ILE L 255 20.67 83.05 1.16
N SER L 256 21.83 83.50 0.69
CA SER L 256 22.79 82.64 0.02
C SER L 256 23.89 82.12 0.95
N ALA L 257 23.88 82.51 2.23
CA ALA L 257 24.93 82.07 3.14
C ALA L 257 24.88 80.56 3.36
N TYR L 258 23.68 80.01 3.52
CA TYR L 258 23.55 78.57 3.71
C TYR L 258 24.05 77.79 2.50
N LEU L 259 23.68 78.25 1.29
CA LEU L 259 24.14 77.58 0.08
C LEU L 259 25.65 77.69 -0.08
N SER L 260 26.22 78.87 0.24
CA SER L 260 27.66 79.03 0.14
C SER L 260 28.39 78.11 1.13
N ASP L 261 27.86 77.99 2.35
CA ASP L 261 28.45 77.09 3.32
C ASP L 261 28.34 75.64 2.87
N MET L 262 27.20 75.27 2.28
CA MET L 262 27.02 73.90 1.81
C MET L 262 27.98 73.57 0.67
N VAL L 263 28.17 74.50 -0.26
CA VAL L 263 29.05 74.24 -1.41
C VAL L 263 30.51 74.50 -1.10
N SER L 264 30.83 75.10 0.05
CA SER L 264 32.21 75.37 0.41
C SER L 264 32.92 74.15 1.01
N CYS L 265 32.20 73.05 1.23
CA CYS L 265 32.81 71.85 1.81
C CYS L 265 33.65 71.15 0.74
N THR L 266 34.91 70.89 1.06
CA THR L 266 35.82 70.22 0.16
C THR L 266 36.72 69.28 0.95
N GLN L 267 37.30 68.31 0.24
CA GLN L 267 38.18 67.37 0.92
C GLN L 267 39.63 67.72 0.70
N PRO L 268 40.49 67.50 1.70
CA PRO L 268 41.91 67.82 1.53
C PRO L 268 42.59 66.85 0.56
N SER L 269 43.68 67.32 -0.02
CA SER L 269 44.43 66.51 -0.96
C SER L 269 45.16 65.38 -0.24
N VAL L 270 45.47 64.31 -0.99
CA VAL L 270 46.14 63.15 -0.42
C VAL L 270 47.64 63.32 -0.32
N MET L 271 48.18 64.43 -0.81
CA MET L 271 49.61 64.70 -0.75
C MET L 271 49.90 65.71 0.35
N VAL L 272 50.80 65.36 1.26
CA VAL L 272 51.17 66.22 2.38
C VAL L 272 52.25 67.18 1.91
N SER L 273 52.00 68.47 2.07
CA SER L 273 52.95 69.50 1.67
C SER L 273 53.96 69.74 2.80
N ARG L 274 54.78 70.78 2.67
CA ARG L 274 55.77 71.12 3.68
C ARG L 274 55.11 71.91 4.80
N ILE L 275 55.92 72.47 5.69
CA ILE L 275 55.42 73.25 6.81
C ILE L 275 55.00 74.63 6.30
N THR L 276 53.70 74.91 6.35
CA THR L 276 53.18 76.17 5.89
C THR L 276 53.41 77.26 6.93
N HIS L 277 53.19 78.51 6.52
CA HIS L 277 53.37 79.67 7.39
C HIS L 277 52.23 79.70 8.41
N THR L 278 52.52 79.24 9.63
CA THR L 278 51.52 79.21 10.69
C THR L 278 51.56 80.50 11.50
N ASN L 279 50.38 80.98 11.86
CA ASN L 279 50.28 82.21 12.64
C ASN L 279 50.77 81.98 14.07
N THR L 280 51.22 83.06 14.71
CA THR L 280 51.70 82.97 16.08
C THR L 280 50.59 82.64 17.07
N ARG L 281 49.34 82.92 16.73
CA ARG L 281 48.22 82.62 17.60
C ARG L 281 47.62 81.23 17.37
N GLY L 282 48.15 80.49 16.40
CA GLY L 282 47.66 79.16 16.12
C GLY L 282 46.66 79.05 14.99
N ARG L 283 46.69 79.97 14.02
CA ARG L 283 45.77 79.97 12.91
C ARG L 283 46.44 79.34 11.68
N GLN L 284 45.76 78.39 11.05
CA GLN L 284 46.27 77.70 9.89
C GLN L 284 45.71 78.32 8.60
N VAL L 285 46.33 77.97 7.49
CA VAL L 285 45.95 78.46 6.16
C VAL L 285 45.25 77.33 5.43
N ASP L 286 44.06 77.62 4.89
CA ASP L 286 43.28 76.62 4.17
C ASP L 286 43.53 76.65 2.68
N GLY L 287 43.36 77.81 2.05
CA GLY L 287 43.55 77.91 0.62
C GLY L 287 43.45 79.34 0.16
N VAL L 288 43.35 79.51 -1.16
CA VAL L 288 43.23 80.81 -1.79
C VAL L 288 42.02 80.81 -2.71
N LEU L 289 41.50 82.00 -2.97
CA LEU L 289 40.33 82.18 -3.83
C LEU L 289 40.40 83.55 -4.47
N VAL L 290 39.96 83.63 -5.73
CA VAL L 290 40.01 84.86 -6.50
C VAL L 290 38.59 85.24 -6.89
N THR L 291 38.22 86.50 -6.64
CA THR L 291 36.92 87.03 -6.99
C THR L 291 37.10 88.32 -7.80
N THR L 292 35.99 88.97 -8.12
CA THR L 292 36.02 90.23 -8.82
C THR L 292 36.17 91.39 -7.83
N ALA L 293 36.49 92.57 -8.37
CA ALA L 293 36.69 93.74 -7.51
C ALA L 293 35.41 94.14 -6.80
N THR L 294 34.30 94.19 -7.55
CA THR L 294 33.02 94.57 -6.95
C THR L 294 32.57 93.54 -5.91
N LEU L 295 32.72 92.25 -6.23
CA LEU L 295 32.34 91.21 -5.29
C LEU L 295 33.18 91.28 -4.02
N LYS L 296 34.49 91.49 -4.17
CA LYS L 296 35.37 91.60 -3.00
C LYS L 296 35.01 92.80 -2.16
N ARG L 297 34.72 93.94 -2.80
CA ARG L 297 34.33 95.13 -2.06
C ARG L 297 33.02 94.91 -1.30
N GLN L 298 32.03 94.31 -1.96
CA GLN L 298 30.76 94.06 -1.30
C GLN L 298 30.93 93.07 -0.14
N LEU L 299 31.82 92.08 -0.30
CA LEU L 299 32.07 91.14 0.78
C LEU L 299 32.72 91.84 1.98
N LEU L 300 33.79 92.59 1.73
CA LEU L 300 34.48 93.27 2.82
C LEU L 300 33.65 94.40 3.42
N GLN L 301 32.59 94.84 2.74
CA GLN L 301 31.71 95.86 3.29
C GLN L 301 30.47 95.29 3.98
N GLY L 302 30.08 94.05 3.68
CA GLY L 302 28.85 93.53 4.24
C GLY L 302 28.96 92.29 5.10
N ILE L 303 29.93 91.41 4.85
CA ILE L 303 29.99 90.12 5.52
C ILE L 303 31.02 90.10 6.64
N LEU L 304 32.14 90.79 6.47
CA LEU L 304 33.21 90.81 7.46
C LEU L 304 34.23 91.85 7.03
N GLN L 305 35.32 91.93 7.80
CA GLN L 305 36.44 92.82 7.50
C GLN L 305 37.74 92.03 7.65
N ILE L 306 38.86 92.72 7.46
CA ILE L 306 40.16 92.07 7.59
C ILE L 306 40.45 91.78 9.06
N ASP L 307 41.17 90.69 9.30
CA ASP L 307 41.52 90.26 10.65
C ASP L 307 43.02 90.33 10.91
N ASP L 308 43.83 89.66 10.09
CA ASP L 308 45.26 89.66 10.27
C ASP L 308 45.94 89.29 8.96
N THR L 309 47.24 89.55 8.89
CA THR L 309 48.06 89.23 7.74
C THR L 309 49.20 88.32 8.16
N ALA L 310 49.46 87.27 7.36
CA ALA L 310 50.52 86.32 7.68
C ALA L 310 50.98 85.68 6.38
N ALA L 311 52.21 86.00 5.96
CA ALA L 311 52.79 85.41 4.76
C ALA L 311 54.31 85.48 4.87
N ASP L 312 54.96 84.64 4.07
CA ASP L 312 56.42 84.58 4.07
C ASP L 312 56.90 84.10 2.71
N VAL L 313 58.16 84.39 2.42
CA VAL L 313 58.80 83.99 1.16
C VAL L 313 60.11 83.29 1.46
N PRO L 314 60.10 82.03 1.88
CA PRO L 314 61.36 81.34 2.20
C PRO L 314 62.26 81.16 0.99
N VAL L 315 61.74 80.60 -0.10
CA VAL L 315 62.51 80.38 -1.32
C VAL L 315 61.70 80.84 -2.51
N THR L 316 62.40 81.17 -3.59
CA THR L 316 61.77 81.61 -4.83
C THR L 316 62.32 80.91 -6.08
N TYR L 317 63.52 80.36 -6.03
CA TYR L 317 64.13 79.66 -7.17
C TYR L 317 64.70 78.32 -6.71
N GLY L 318 63.93 77.59 -5.92
CA GLY L 318 64.40 76.32 -5.42
C GLY L 318 64.52 75.27 -6.51
N GLU L 319 65.44 74.33 -6.30
CA GLU L 319 65.71 73.25 -7.24
C GLU L 319 65.43 71.93 -6.54
N MET L 320 64.17 71.47 -6.65
CA MET L 320 63.74 70.22 -6.03
C MET L 320 63.60 69.16 -7.11
N VAL L 321 64.23 68.01 -6.90
CA VAL L 321 64.17 66.91 -7.85
C VAL L 321 63.48 65.70 -7.22
N ASN L 377 64.49 86.28 0.98
CA ASN L 377 63.98 86.24 2.33
C ASN L 377 63.45 87.61 2.76
N ALA L 378 62.14 87.77 2.73
CA ALA L 378 61.49 89.02 3.11
C ALA L 378 60.20 88.69 3.83
N ARG L 379 59.37 89.72 4.06
CA ARG L 379 58.09 89.56 4.75
C ARG L 379 57.09 90.50 4.09
N VAL L 380 56.28 89.96 3.18
CA VAL L 380 55.25 90.72 2.48
C VAL L 380 53.90 90.31 3.05
N PRO L 381 53.21 91.19 3.76
CA PRO L 381 51.89 90.83 4.31
C PRO L 381 50.88 90.59 3.22
N ALA L 382 49.95 89.67 3.48
CA ALA L 382 48.89 89.32 2.56
C ALA L 382 47.55 89.46 3.26
N ASP L 383 46.60 90.14 2.60
CA ASP L 383 45.28 90.33 3.19
C ASP L 383 44.52 89.02 3.26
N LEU L 384 43.83 88.80 4.37
CA LEU L 384 43.05 87.59 4.59
C LEU L 384 41.65 87.98 5.05
N VAL L 385 40.63 87.40 4.42
CA VAL L 385 39.24 87.66 4.74
C VAL L 385 38.59 86.34 5.13
N ILE L 386 37.96 86.31 6.30
CA ILE L 386 37.31 85.10 6.78
C ILE L 386 35.91 85.01 6.18
N VAL L 387 35.62 83.88 5.52
CA VAL L 387 34.32 83.64 4.91
C VAL L 387 33.84 82.26 5.36
N GLY L 388 32.58 82.19 5.79
CA GLY L 388 32.03 80.92 6.26
C GLY L 388 32.76 80.45 7.50
N ASP L 389 33.13 79.16 7.50
CA ASP L 389 33.84 78.56 8.62
C ASP L 389 35.32 78.32 8.33
N LYS L 390 35.82 78.74 7.17
CA LYS L 390 37.21 78.57 6.79
C LYS L 390 37.86 79.93 6.60
N LEU L 391 39.16 79.91 6.28
CA LEU L 391 39.94 81.12 6.07
C LEU L 391 40.69 80.98 4.75
N VAL L 392 40.25 81.72 3.73
CA VAL L 392 40.87 81.68 2.42
C VAL L 392 41.10 83.12 1.94
N PHE L 393 42.01 83.26 0.98
CA PHE L 393 42.32 84.57 0.43
C PHE L 393 41.12 85.13 -0.33
N LEU L 394 41.00 86.45 -0.33
CA LEU L 394 39.90 87.14 -1.00
C LEU L 394 40.44 88.46 -1.56
N GLU L 395 40.79 88.44 -2.84
CA GLU L 395 41.31 89.62 -3.51
C GLU L 395 41.05 89.50 -5.00
N ALA L 396 41.13 90.63 -5.69
CA ALA L 396 40.91 90.70 -7.13
C ALA L 396 42.19 91.18 -7.81
N LEU L 397 42.68 90.41 -8.77
CA LEU L 397 43.87 90.75 -9.53
C LEU L 397 43.55 91.40 -10.87
N GLU L 398 42.28 91.63 -11.17
CA GLU L 398 41.91 92.21 -12.46
C GLU L 398 42.28 93.68 -12.58
N ARG L 399 42.57 94.35 -11.47
CA ARG L 399 42.93 95.76 -11.47
C ARG L 399 44.43 96.00 -11.55
N ARG L 400 45.23 94.94 -11.68
CA ARG L 400 46.68 95.08 -11.74
C ARG L 400 47.30 94.58 -13.03
N VAL L 401 46.58 93.79 -13.82
CA VAL L 401 47.08 93.26 -15.08
C VAL L 401 46.04 93.47 -16.17
N TYR L 402 46.51 93.81 -17.37
CA TYR L 402 45.65 94.01 -18.54
C TYR L 402 44.62 95.11 -18.29
N GLN L 403 45.12 96.32 -18.05
CA GLN L 403 44.29 97.49 -17.83
C GLN L 403 44.80 98.64 -18.69
N ALA L 404 43.87 99.50 -19.12
CA ALA L 404 44.19 100.64 -19.97
C ALA L 404 44.93 100.21 -21.23
N THR L 405 44.51 99.09 -21.81
CA THR L 405 45.13 98.53 -23.00
C THR L 405 44.06 98.12 -24.00
N ARG L 406 44.49 97.98 -25.25
CA ARG L 406 43.56 97.57 -26.30
C ARG L 406 43.03 96.16 -26.06
N VAL L 407 43.90 95.25 -25.61
CA VAL L 407 43.48 93.88 -25.34
C VAL L 407 42.58 93.85 -24.11
N ALA L 408 41.45 93.17 -24.22
CA ALA L 408 40.50 93.07 -23.13
C ALA L 408 40.84 91.90 -22.21
N TYR L 409 40.00 91.66 -21.22
CA TYR L 409 40.23 90.56 -20.29
C TYR L 409 40.08 89.22 -21.03
N PRO L 410 40.97 88.27 -20.78
CA PRO L 410 40.88 86.97 -21.43
C PRO L 410 39.82 86.09 -20.77
N LEU L 411 39.75 84.84 -21.24
CA LEU L 411 38.82 83.84 -20.71
C LEU L 411 37.37 84.30 -20.86
N ILE L 412 37.02 84.74 -22.06
CA ILE L 412 35.65 85.15 -22.35
C ILE L 412 35.03 84.18 -23.35
N GLY L 413 34.30 83.19 -22.86
CA GLY L 413 33.66 82.21 -23.70
C GLY L 413 32.29 82.66 -24.18
N ASN L 414 31.66 81.80 -24.97
CA ASN L 414 30.34 82.05 -25.52
C ASN L 414 29.34 81.11 -24.84
N ILE L 415 28.33 81.68 -24.20
CA ILE L 415 27.29 80.92 -23.51
C ILE L 415 25.96 81.24 -24.18
N ASP L 416 25.27 80.20 -24.65
CA ASP L 416 24.00 80.36 -25.33
C ASP L 416 22.95 79.47 -24.67
N ILE L 417 21.73 79.99 -24.57
CA ILE L 417 20.60 79.27 -24.00
C ILE L 417 19.48 79.24 -25.04
N THR L 418 18.95 78.06 -25.30
CA THR L 418 17.89 77.88 -26.28
C THR L 418 16.52 78.09 -25.62
N PHE L 419 15.58 78.60 -26.42
CA PHE L 419 14.22 78.86 -25.95
C PHE L 419 13.23 78.37 -27.00
N ILE L 420 12.04 78.01 -26.54
CA ILE L 420 10.96 77.54 -27.40
C ILE L 420 9.73 78.40 -27.16
N MET L 421 9.16 78.92 -28.24
CA MET L 421 7.96 79.78 -28.18
C MET L 421 6.93 79.24 -29.16
N PRO L 422 6.21 78.18 -28.78
CA PRO L 422 5.18 77.64 -29.67
C PRO L 422 4.04 78.62 -29.86
N MET L 423 3.43 78.57 -31.05
CA MET L 423 2.32 79.44 -31.40
C MET L 423 1.06 78.68 -31.78
N GLY L 424 1.10 77.34 -31.79
CA GLY L 424 -0.06 76.54 -32.14
C GLY L 424 -0.70 75.95 -30.91
N VAL L 425 -2.02 76.11 -30.81
CA VAL L 425 -2.81 75.60 -29.70
C VAL L 425 -3.79 74.57 -30.24
N PHE L 426 -3.74 73.37 -29.67
CA PHE L 426 -4.60 72.26 -30.09
C PHE L 426 -5.23 71.65 -28.85
N GLN L 427 -6.54 71.87 -28.68
CA GLN L 427 -7.27 71.32 -27.54
C GLN L 427 -7.75 69.91 -27.85
N ALA L 428 -8.15 69.20 -26.79
CA ALA L 428 -8.67 67.85 -26.89
C ALA L 428 -10.13 67.74 -26.50
N ASN L 429 -10.49 68.25 -25.33
CA ASN L 429 -11.88 68.22 -24.89
C ASN L 429 -12.70 69.29 -25.59
N SER L 430 -14.02 69.15 -25.51
CA SER L 430 -14.96 70.08 -26.11
C SER L 430 -15.44 71.16 -25.15
N MET L 431 -14.63 71.49 -24.14
CA MET L 431 -14.97 72.48 -23.13
C MET L 431 -14.04 73.69 -23.21
N ASP L 432 -13.69 74.10 -24.42
CA ASP L 432 -12.80 75.23 -24.63
C ASP L 432 -13.33 76.21 -25.68
N ARG L 433 -14.54 76.01 -26.17
CA ARG L 433 -15.14 76.89 -27.18
C ARG L 433 -16.51 77.36 -26.73
N TYR L 434 -16.63 77.77 -25.47
CA TYR L 434 -17.89 78.25 -24.93
C TYR L 434 -17.62 79.28 -23.85
N THR L 435 -18.52 80.25 -23.73
CA THR L 435 -18.40 81.30 -22.73
C THR L 435 -19.78 81.79 -22.35
N ARG L 436 -19.89 82.32 -21.13
CA ARG L 436 -21.18 82.84 -20.66
C ARG L 436 -21.40 84.26 -21.15
N HIS L 437 -20.51 85.18 -20.79
CA HIS L 437 -20.61 86.57 -21.20
C HIS L 437 -19.25 87.07 -21.62
N ALA L 438 -19.25 88.08 -22.50
CA ALA L 438 -18.03 88.69 -23.03
C ALA L 438 -18.09 90.21 -22.83
N GLY L 439 -18.49 90.63 -21.65
CA GLY L 439 -18.60 92.06 -21.36
C GLY L 439 -17.85 92.46 -20.11
N ASP L 440 -16.74 91.78 -19.82
CA ASP L 440 -15.95 92.13 -18.65
C ASP L 440 -15.36 93.53 -18.77
N PHE L 441 -14.87 93.88 -19.95
CA PHE L 441 -14.28 95.19 -20.22
C PHE L 441 -15.04 95.87 -21.35
N SER L 442 -15.12 97.21 -21.26
CA SER L 442 -15.83 98.01 -22.25
C SER L 442 -14.90 98.55 -23.33
N THR L 443 -13.76 97.90 -23.57
CA THR L 443 -12.81 98.31 -24.58
C THR L 443 -13.01 97.59 -25.92
N VAL L 444 -14.03 96.73 -26.02
CA VAL L 444 -14.31 95.98 -27.23
C VAL L 444 -15.80 96.06 -27.52
N SER L 445 -16.19 95.60 -28.70
CA SER L 445 -17.58 95.61 -29.11
C SER L 445 -18.32 94.42 -28.52
N GLU L 446 -19.64 94.40 -28.74
CA GLU L 446 -20.46 93.31 -28.22
C GLU L 446 -20.10 91.98 -28.87
N GLN L 447 -19.81 92.00 -30.18
CA GLN L 447 -19.44 90.78 -30.90
C GLN L 447 -17.93 90.59 -30.81
N ASP L 448 -17.49 90.23 -29.61
CA ASP L 448 -16.07 90.01 -29.36
C ASP L 448 -15.65 88.66 -29.94
N PRO L 449 -14.66 88.63 -30.85
CA PRO L 449 -14.20 87.35 -31.44
C PRO L 449 -13.12 86.67 -30.59
N ARG L 450 -13.40 86.50 -29.29
CA ARG L 450 -12.43 85.86 -28.41
C ARG L 450 -12.36 84.35 -28.62
N GLN L 451 -13.40 83.74 -29.18
CA GLN L 451 -13.39 82.30 -29.41
C GLN L 451 -12.51 81.89 -30.58
N PHE L 452 -12.12 82.82 -31.43
CA PHE L 452 -11.28 82.48 -32.57
C PHE L 452 -9.86 82.15 -32.09
N PRO L 453 -9.20 81.20 -32.76
CA PRO L 453 -7.82 80.88 -32.38
C PRO L 453 -6.90 82.06 -32.63
N PRO L 454 -5.88 82.24 -31.80
CA PRO L 454 -4.94 83.36 -32.01
C PRO L 454 -4.16 83.20 -33.30
N GLN L 455 -3.85 84.34 -33.93
CA GLN L 455 -3.06 84.34 -35.15
C GLN L 455 -1.59 84.08 -34.88
N GLY L 456 -1.09 84.50 -33.72
CA GLY L 456 0.31 84.29 -33.41
C GLY L 456 0.60 84.66 -31.97
N ILE L 457 1.89 84.69 -31.65
CA ILE L 457 2.38 85.02 -30.31
C ILE L 457 3.20 86.30 -30.40
N PHE L 458 2.83 87.30 -29.59
CA PHE L 458 3.54 88.57 -29.57
C PHE L 458 4.75 88.45 -28.65
N PHE L 459 5.94 88.55 -29.23
CA PHE L 459 7.18 88.44 -28.47
C PHE L 459 7.57 89.79 -27.88
N TYR L 460 8.18 89.75 -26.71
CA TYR L 460 8.62 90.96 -26.03
C TYR L 460 9.83 91.56 -26.74
N ASN L 461 9.99 92.87 -26.60
CA ASN L 461 11.11 93.60 -27.20
C ASN L 461 11.55 94.68 -26.21
N LYS L 462 12.63 94.40 -25.49
CA LYS L 462 13.18 95.30 -24.48
C LYS L 462 12.13 95.63 -23.43
N ASP L 463 11.58 96.85 -23.49
CA ASP L 463 10.55 97.25 -22.53
C ASP L 463 9.26 96.48 -22.71
N GLY L 464 9.04 95.87 -23.88
CA GLY L 464 7.83 95.10 -24.13
C GLY L 464 6.94 95.75 -25.16
N ILE L 465 6.98 95.25 -26.40
CA ILE L 465 6.17 95.75 -27.49
C ILE L 465 5.39 94.59 -28.09
N LEU L 466 4.09 94.77 -28.25
CA LEU L 466 3.22 93.73 -28.81
C LEU L 466 3.26 93.84 -30.33
N THR L 467 4.18 93.09 -30.93
CA THR L 467 4.35 93.09 -32.39
C THR L 467 4.50 91.65 -32.87
N GLN L 468 4.14 91.44 -34.14
CA GLN L 468 4.24 90.12 -34.75
C GLN L 468 4.48 90.30 -36.24
N LEU L 469 5.67 89.91 -36.70
CA LEU L 469 6.04 90.02 -38.11
C LEU L 469 6.77 88.73 -38.50
N THR L 470 6.01 87.76 -39.00
CA THR L 470 6.56 86.47 -39.42
C THR L 470 6.28 86.14 -40.88
N LEU L 471 5.11 86.53 -41.40
CA LEU L 471 4.80 86.25 -42.79
C LEU L 471 5.73 87.00 -43.73
N ARG L 472 6.02 88.27 -43.43
CA ARG L 472 6.87 89.07 -44.29
C ARG L 472 8.30 88.54 -44.35
N ASP L 473 8.70 87.72 -43.38
CA ASP L 473 10.04 87.15 -43.35
C ASP L 473 10.11 85.70 -43.81
N ALA L 474 9.03 84.95 -43.66
CA ALA L 474 8.99 83.53 -44.02
C ALA L 474 7.72 83.21 -44.81
N MET L 475 7.41 84.03 -45.81
CA MET L 475 6.23 83.79 -46.64
C MET L 475 6.35 82.47 -47.38
N GLY L 476 7.45 82.27 -48.10
CA GLY L 476 7.65 81.03 -48.82
C GLY L 476 8.94 80.33 -48.49
N THR L 477 8.85 79.19 -47.78
CA THR L 477 10.03 78.41 -47.46
C THR L 477 9.80 76.90 -47.56
N ILE L 478 8.62 76.46 -47.99
CA ILE L 478 8.28 75.04 -48.02
C ILE L 478 7.69 74.60 -49.35
N CYS L 479 7.52 75.52 -50.31
CA CYS L 479 6.92 75.15 -51.59
C CYS L 479 7.78 74.14 -52.33
N HIS L 480 9.08 74.41 -52.43
CA HIS L 480 9.99 73.47 -53.10
C HIS L 480 10.31 72.26 -52.24
N SER L 481 10.35 72.44 -50.92
CA SER L 481 10.66 71.33 -50.03
C SER L 481 9.56 70.26 -50.07
N SER L 482 8.30 70.68 -50.11
CA SER L 482 7.20 69.73 -50.13
C SER L 482 7.18 68.88 -51.39
N LEU L 483 7.82 69.33 -52.46
CA LEU L 483 7.94 68.55 -53.69
C LEU L 483 9.26 67.81 -53.80
N LEU L 484 10.32 68.30 -53.15
CA LEU L 484 11.62 67.68 -53.21
C LEU L 484 11.87 66.70 -52.07
N ASP L 485 10.94 66.57 -51.12
CA ASP L 485 11.11 65.67 -49.99
C ASP L 485 10.49 64.28 -50.25
N VAL L 486 10.21 63.94 -51.50
CA VAL L 486 9.60 62.67 -51.84
C VAL L 486 10.56 61.74 -52.59
N GLU L 487 11.56 62.27 -53.28
CA GLU L 487 12.50 61.41 -54.00
C GLU L 487 13.30 60.56 -53.03
N ALA L 488 13.74 61.14 -51.91
CA ALA L 488 14.50 60.38 -50.92
C ALA L 488 13.67 59.24 -50.32
N THR L 489 12.42 59.53 -49.97
CA THR L 489 11.55 58.47 -49.44
C THR L 489 11.28 57.40 -50.48
N LEU L 490 11.07 57.81 -51.74
CA LEU L 490 10.82 56.85 -52.81
C LEU L 490 12.02 55.93 -53.01
N VAL L 491 13.23 56.49 -53.05
CA VAL L 491 14.40 55.65 -53.25
C VAL L 491 14.65 54.78 -52.02
N ALA L 492 14.35 55.29 -50.82
CA ALA L 492 14.50 54.48 -49.61
C ALA L 492 13.57 53.28 -49.61
N LEU L 493 12.30 53.50 -49.99
CA LEU L 493 11.36 52.38 -50.04
C LEU L 493 11.67 51.43 -51.18
N ARG L 494 12.21 51.94 -52.29
CA ARG L 494 12.64 51.07 -53.37
C ARG L 494 13.81 50.18 -52.93
N GLN L 495 14.76 50.75 -52.19
CA GLN L 495 15.89 49.96 -51.70
C GLN L 495 15.44 48.97 -50.64
N GLN L 496 14.47 49.34 -49.81
CA GLN L 496 13.97 48.42 -48.79
C GLN L 496 13.32 47.19 -49.43
N HIS L 497 12.54 47.40 -50.48
CA HIS L 497 11.87 46.32 -51.22
C HIS L 497 10.99 45.48 -50.30
N LEU L 498 10.00 46.16 -49.70
CA LEU L 498 9.05 45.49 -48.83
C LEU L 498 7.99 44.76 -49.65
N ASP L 499 7.24 43.88 -48.99
CA ASP L 499 6.20 43.11 -49.65
C ASP L 499 5.04 42.92 -48.69
N ARG L 500 3.83 42.89 -49.26
CA ARG L 500 2.61 42.69 -48.48
C ARG L 500 1.50 42.26 -49.43
N GLN L 501 0.62 41.39 -48.94
CA GLN L 501 -0.49 40.87 -49.73
C GLN L 501 -1.73 41.70 -49.46
N CYS L 502 -2.18 42.45 -50.47
CA CYS L 502 -3.39 43.26 -50.34
C CYS L 502 -3.93 43.52 -51.74
N TYR L 503 -5.08 42.92 -52.06
CA TYR L 503 -5.67 43.08 -53.39
C TYR L 503 -7.17 43.34 -53.36
N PHE L 504 -7.86 43.17 -52.23
CA PHE L 504 -9.30 43.35 -52.19
C PHE L 504 -9.73 44.77 -52.50
N GLY L 505 -8.87 45.75 -52.26
CA GLY L 505 -9.21 47.14 -52.51
C GLY L 505 -8.56 47.71 -53.76
N VAL L 506 -7.67 46.95 -54.37
CA VAL L 506 -6.95 47.42 -55.55
C VAL L 506 -7.04 46.40 -56.68
N TYR L 507 -8.07 45.53 -56.62
CA TYR L 507 -8.26 44.54 -57.68
C TYR L 507 -8.49 45.21 -59.03
N VAL L 508 -9.35 46.23 -59.06
CA VAL L 508 -9.65 47.01 -60.25
C VAL L 508 -10.17 46.10 -61.37
N ALA L 509 -11.48 45.87 -61.39
CA ALA L 509 -12.08 45.01 -62.40
C ALA L 509 -12.26 45.79 -63.70
N GLU L 510 -12.94 45.19 -64.67
CA GLU L 510 -13.17 45.82 -65.97
C GLU L 510 -14.50 45.35 -66.51
N GLY L 511 -14.75 45.60 -67.79
CA GLY L 511 -15.98 45.20 -68.45
C GLY L 511 -15.73 44.10 -69.46
N THR L 512 -16.68 43.17 -69.56
CA THR L 512 -16.58 42.04 -70.47
C THR L 512 -17.64 42.08 -71.57
N GLU L 513 -18.24 43.26 -71.80
CA GLU L 513 -19.27 43.45 -72.83
C GLU L 513 -20.44 42.49 -72.62
N ASP L 514 -21.09 42.65 -71.47
CA ASP L 514 -22.23 41.82 -71.10
C ASP L 514 -23.20 42.66 -70.29
N THR L 515 -24.22 42.00 -69.73
CA THR L 515 -25.20 42.70 -68.90
C THR L 515 -24.54 43.25 -67.64
N LEU L 516 -24.97 44.44 -67.23
CA LEU L 516 -24.35 45.09 -66.08
C LEU L 516 -24.72 44.38 -64.78
N ASP L 517 -25.95 43.87 -64.67
CA ASP L 517 -26.36 43.20 -63.43
C ASP L 517 -25.59 41.90 -63.20
N VAL L 518 -25.40 41.12 -64.26
CA VAL L 518 -24.67 39.86 -64.13
C VAL L 518 -23.21 40.14 -63.76
N GLN L 519 -22.59 41.13 -64.42
CA GLN L 519 -21.21 41.47 -64.10
C GLN L 519 -21.09 41.97 -62.66
N MET L 520 -22.04 42.79 -62.21
CA MET L 520 -21.99 43.29 -60.84
C MET L 520 -22.15 42.15 -59.84
N GLY L 521 -23.06 41.22 -60.10
CA GLY L 521 -23.22 40.07 -59.21
C GLY L 521 -21.99 39.19 -59.17
N ARG L 522 -21.37 38.96 -60.33
CA ARG L 522 -20.15 38.16 -60.38
C ARG L 522 -19.02 38.85 -59.62
N PHE L 523 -18.88 40.16 -59.78
CA PHE L 523 -17.85 40.89 -59.06
C PHE L 523 -18.09 40.84 -57.56
N MET L 524 -19.36 40.99 -57.14
CA MET L 524 -19.68 40.92 -55.72
C MET L 524 -19.36 39.55 -55.15
N GLU L 525 -19.72 38.48 -55.87
CA GLU L 525 -19.46 37.13 -55.35
C GLU L 525 -17.97 36.83 -55.33
N THR L 526 -17.22 37.29 -56.33
CA THR L 526 -15.77 37.07 -56.31
C THR L 526 -15.11 37.85 -55.19
N TRP L 527 -15.57 39.08 -54.92
CA TRP L 527 -15.05 39.83 -53.79
C TRP L 527 -15.39 39.13 -52.47
N ALA L 528 -16.58 38.55 -52.38
CA ALA L 528 -16.97 37.84 -51.16
C ALA L 528 -16.09 36.61 -50.95
N ASP L 529 -15.80 35.85 -52.01
CA ASP L 529 -15.05 34.62 -51.86
C ASP L 529 -13.54 34.80 -51.93
N MET L 530 -13.05 36.01 -52.22
CA MET L 530 -11.61 36.24 -52.32
C MET L 530 -11.00 36.75 -51.03
N MET L 531 -11.79 36.91 -49.97
CA MET L 531 -11.31 37.45 -48.70
C MET L 531 -10.21 36.56 -48.13
N PRO L 532 -8.96 37.05 -48.06
CA PRO L 532 -7.87 36.21 -47.56
C PRO L 532 -7.82 36.14 -46.04
N HIS L 533 -8.18 37.23 -45.37
CA HIS L 533 -8.10 37.31 -43.92
C HIS L 533 -9.19 38.26 -43.44
N HIS L 534 -9.08 38.70 -42.18
CA HIS L 534 -10.03 39.63 -41.61
C HIS L 534 -9.88 41.01 -42.25
N PRO L 535 -10.93 41.83 -42.22
CA PRO L 535 -10.81 43.19 -42.76
C PRO L 535 -9.73 43.99 -42.04
N HIS L 536 -9.06 44.85 -42.81
CA HIS L 536 -7.87 45.54 -42.29
C HIS L 536 -8.24 46.72 -41.41
N TRP L 537 -8.88 47.74 -41.98
CA TRP L 537 -9.17 48.97 -41.25
C TRP L 537 -10.59 49.46 -41.55
N VAL L 538 -11.55 48.54 -41.56
CA VAL L 538 -12.95 48.94 -41.78
C VAL L 538 -13.58 49.55 -40.56
N ASN L 539 -12.95 49.47 -39.39
CA ASN L 539 -13.50 50.04 -38.17
C ASN L 539 -13.46 51.57 -38.24
N GLU L 540 -14.49 52.21 -37.70
CA GLU L 540 -14.61 53.67 -37.67
C GLU L 540 -14.97 54.13 -36.27
N HIS L 541 -14.29 53.59 -35.27
CA HIS L 541 -14.51 53.95 -33.87
C HIS L 541 -13.19 54.16 -33.16
N LEU L 542 -12.21 54.72 -33.85
CA LEU L 542 -10.87 54.96 -33.32
C LEU L 542 -10.61 56.46 -33.32
N THR L 543 -10.20 57.00 -32.17
CA THR L 543 -9.97 58.44 -32.05
C THR L 543 -8.49 58.78 -31.84
N ILE L 544 -7.88 58.33 -30.75
CA ILE L 544 -6.45 58.56 -30.55
C ILE L 544 -5.74 57.25 -30.22
N LEU L 545 -6.08 56.65 -29.08
CA LEU L 545 -5.37 55.45 -28.66
C LEU L 545 -5.90 54.21 -29.39
N GLN L 546 -7.20 54.18 -29.66
CA GLN L 546 -7.77 53.10 -30.45
C GLN L 546 -7.24 53.06 -31.88
N PHE L 547 -6.61 54.16 -32.34
CA PHE L 547 -6.01 54.23 -33.66
C PHE L 547 -4.50 54.08 -33.62
N ILE L 548 -3.83 54.57 -32.58
CA ILE L 548 -2.38 54.49 -32.54
C ILE L 548 -1.86 53.22 -31.89
N ALA L 549 -2.65 52.55 -31.05
CA ALA L 549 -2.18 51.35 -30.38
C ALA L 549 -2.21 50.12 -31.29
N PRO L 550 -3.35 49.74 -31.90
CA PRO L 550 -3.38 48.47 -32.64
C PRO L 550 -2.90 48.60 -34.08
N SER L 551 -3.03 49.78 -34.68
CA SER L 551 -2.69 49.95 -36.08
C SER L 551 -1.19 50.16 -36.25
N ASN L 552 -0.60 49.41 -37.17
CA ASN L 552 0.82 49.54 -37.49
C ASN L 552 1.04 49.48 -39.00
N PRO L 553 0.50 48.49 -39.73
CA PRO L 553 0.61 48.53 -41.19
C PRO L 553 -0.06 49.74 -41.81
N ARG L 554 -1.16 50.22 -41.23
CA ARG L 554 -1.86 51.40 -41.74
C ARG L 554 -1.21 52.70 -41.31
N LEU L 555 -0.31 52.66 -40.30
CA LEU L 555 0.40 53.86 -39.86
C LEU L 555 1.79 53.97 -40.45
N ARG L 556 2.41 52.85 -40.86
CA ARG L 556 3.73 52.91 -41.47
C ARG L 556 3.67 53.54 -42.85
N PHE L 557 2.55 53.39 -43.56
CA PHE L 557 2.41 53.99 -44.88
C PHE L 557 2.20 55.50 -44.83
N GLU L 558 1.89 56.05 -43.66
CA GLU L 558 1.72 57.49 -43.48
C GLU L 558 3.02 58.04 -42.90
N LEU L 559 3.83 58.67 -43.76
CA LEU L 559 5.13 59.20 -43.38
C LEU L 559 5.18 60.71 -43.42
N ASN L 560 4.85 61.31 -44.55
CA ASN L 560 4.81 62.76 -44.72
C ASN L 560 3.52 63.18 -45.40
N PRO L 561 3.02 64.38 -45.10
CA PRO L 561 1.77 64.87 -45.72
C PRO L 561 1.98 65.51 -47.08
N ALA L 562 2.78 64.86 -47.92
CA ALA L 562 3.02 65.33 -49.29
C ALA L 562 2.78 64.25 -50.33
N PHE L 563 3.12 63.00 -50.03
CA PHE L 563 2.92 61.91 -50.98
C PHE L 563 2.82 60.61 -50.19
N ASP L 564 1.60 60.07 -50.08
CA ASP L 564 1.40 58.83 -49.35
C ASP L 564 1.87 57.64 -50.20
N PHE L 565 1.96 56.48 -49.55
CA PHE L 565 2.41 55.26 -50.19
C PHE L 565 1.47 54.12 -49.83
N PHE L 566 1.42 53.12 -50.72
CA PHE L 566 0.59 51.95 -50.52
C PHE L 566 1.23 50.75 -51.18
N VAL L 567 0.84 49.56 -50.73
CA VAL L 567 1.39 48.31 -51.26
C VAL L 567 0.41 47.73 -52.27
N ALA L 568 0.96 46.97 -53.22
CA ALA L 568 0.17 46.34 -54.26
C ALA L 568 0.97 45.21 -54.87
N PRO L 569 0.33 44.12 -55.28
CA PRO L 569 1.08 43.03 -55.92
C PRO L 569 1.67 43.45 -57.25
N GLY L 570 2.79 42.83 -57.60
CA GLY L 570 3.47 43.15 -58.83
C GLY L 570 2.75 42.59 -60.05
N ASP L 571 3.18 43.10 -61.22
CA ASP L 571 2.62 42.70 -62.51
C ASP L 571 1.10 42.92 -62.55
N VAL L 572 0.66 44.04 -61.97
CA VAL L 572 -0.75 44.41 -61.92
C VAL L 572 -0.94 45.66 -62.77
N ASP L 573 -1.84 45.58 -63.75
CA ASP L 573 -2.15 46.70 -64.61
C ASP L 573 -3.40 47.42 -64.12
N LEU L 574 -3.61 48.61 -64.66
CA LEU L 574 -4.77 49.44 -64.31
C LEU L 574 -5.51 49.83 -65.59
N PRO L 575 -6.61 49.14 -65.92
CA PRO L 575 -7.22 48.01 -65.21
C PRO L 575 -6.46 46.71 -65.44
N GLY L 576 -6.54 45.77 -64.50
CA GLY L 576 -5.87 44.50 -64.63
C GLY L 576 -6.71 43.44 -65.30
N PRO L 577 -6.15 42.25 -65.47
CA PRO L 577 -6.90 41.15 -66.09
C PRO L 577 -7.88 40.53 -65.09
N GLN L 578 -8.55 39.48 -65.54
CA GLN L 578 -9.52 38.79 -64.69
C GLN L 578 -8.83 38.00 -63.60
N ARG L 579 -7.96 37.07 -63.98
CA ARG L 579 -7.23 36.26 -63.01
C ARG L 579 -6.10 37.09 -62.39
N PRO L 580 -6.07 37.24 -61.06
CA PRO L 580 -4.99 38.00 -60.46
C PRO L 580 -3.66 37.32 -60.70
N PRO L 581 -2.58 38.10 -60.86
CA PRO L 581 -1.26 37.51 -61.06
C PRO L 581 -0.67 37.01 -59.75
N GLU L 582 0.45 36.30 -59.88
CA GLU L 582 1.15 35.71 -58.75
C GLU L 582 2.62 36.14 -58.76
N ALA L 583 2.85 37.43 -58.99
CA ALA L 583 4.20 37.98 -59.03
C ALA L 583 4.59 38.55 -57.66
N MET L 584 5.85 38.94 -57.55
CA MET L 584 6.35 39.50 -56.31
C MET L 584 5.75 40.88 -56.08
N PRO L 585 5.14 41.14 -54.92
CA PRO L 585 4.57 42.46 -54.67
C PRO L 585 5.62 43.55 -54.66
N THR L 586 5.25 44.72 -55.16
CA THR L 586 6.12 45.88 -55.21
C THR L 586 5.43 47.05 -54.52
N VAL L 587 6.17 47.76 -53.66
CA VAL L 587 5.62 48.89 -52.93
C VAL L 587 5.45 50.05 -53.92
N ASN L 588 4.21 50.43 -54.19
CA ASN L 588 3.89 51.51 -55.11
C ASN L 588 3.66 52.80 -54.33
N ALA L 589 3.20 53.84 -55.03
CA ALA L 589 2.92 55.13 -54.43
C ALA L 589 1.58 55.64 -54.94
N THR L 590 0.94 56.49 -54.12
CA THR L 590 -0.34 57.09 -54.47
C THR L 590 -0.23 58.61 -54.43
N LEU L 591 -0.88 59.27 -55.38
CA LEU L 591 -0.84 60.71 -55.46
C LEU L 591 -1.65 61.34 -54.34
N ARG L 592 -1.28 62.57 -53.97
CA ARG L 592 -1.95 63.33 -52.92
C ARG L 592 -2.48 64.65 -53.47
N ILE L 593 -3.10 64.61 -54.65
CA ILE L 593 -3.64 65.82 -55.25
C ILE L 593 -4.88 66.31 -54.51
N ILE L 594 -5.50 65.46 -53.70
CA ILE L 594 -6.69 65.81 -52.95
C ILE L 594 -6.51 65.39 -51.49
N ASN L 595 -7.30 66.00 -50.62
CA ASN L 595 -7.23 65.72 -49.18
C ASN L 595 -8.17 64.57 -48.83
N GLY L 596 -7.93 63.42 -49.47
CA GLY L 596 -8.71 62.24 -49.21
C GLY L 596 -7.95 61.19 -48.42
N ASN L 597 -6.65 61.07 -48.68
CA ASN L 597 -5.81 60.09 -48.00
C ASN L 597 -5.48 60.51 -46.57
N ILE L 598 -5.81 61.73 -46.16
CA ILE L 598 -5.55 62.17 -44.80
C ILE L 598 -6.40 61.37 -43.82
N PRO L 599 -5.83 60.79 -42.77
CA PRO L 599 -6.64 60.01 -41.83
C PRO L 599 -7.62 60.88 -41.07
N VAL L 600 -8.70 60.26 -40.62
CA VAL L 600 -9.74 60.92 -39.83
C VAL L 600 -9.35 61.05 -38.35
N PRO L 601 -8.88 59.99 -37.68
CA PRO L 601 -8.71 60.08 -36.21
C PRO L 601 -7.77 61.18 -35.75
N LEU L 602 -6.68 61.44 -36.48
CA LEU L 602 -5.74 62.45 -36.01
C LEU L 602 -6.24 63.87 -36.18
N CYS L 603 -7.34 64.07 -36.90
CA CYS L 603 -7.94 65.39 -37.06
C CYS L 603 -9.30 65.42 -36.38
N PRO L 604 -9.40 65.96 -35.17
CA PRO L 604 -10.69 65.97 -34.46
C PRO L 604 -11.70 66.88 -35.13
N ILE L 605 -12.98 66.61 -34.84
CA ILE L 605 -14.08 67.41 -35.38
C ILE L 605 -14.14 68.79 -34.75
N SER L 606 -13.41 69.02 -33.66
CA SER L 606 -13.43 70.32 -33.00
C SER L 606 -12.87 71.41 -33.92
N PHE L 607 -11.79 71.11 -34.63
CA PHE L 607 -11.21 72.09 -35.55
C PHE L 607 -12.17 72.41 -36.69
N ARG L 608 -12.84 71.40 -37.23
CA ARG L 608 -13.80 71.62 -38.30
C ARG L 608 -14.98 72.46 -37.80
N ASP L 609 -15.46 72.17 -36.59
CA ASP L 609 -16.56 72.95 -36.02
C ASP L 609 -16.15 74.40 -35.79
N CYS L 610 -14.93 74.62 -35.30
CA CYS L 610 -14.43 75.98 -35.10
C CYS L 610 -14.32 76.72 -36.43
N ARG L 611 -13.81 76.05 -37.47
CA ARG L 611 -13.72 76.68 -38.78
C ARG L 611 -15.11 77.02 -39.32
N GLY L 612 -16.06 76.11 -39.16
CA GLY L 612 -17.42 76.38 -39.62
C GLY L 612 -18.07 77.54 -38.90
N THR L 613 -17.89 77.61 -37.57
CA THR L 613 -18.45 78.73 -36.81
C THR L 613 -17.77 80.04 -37.18
N GLN L 614 -16.46 80.01 -37.42
CA GLN L 614 -15.76 81.22 -37.84
C GLN L 614 -16.25 81.70 -39.21
N LEU L 615 -16.46 80.76 -40.14
CA LEU L 615 -16.92 81.13 -41.48
C LEU L 615 -18.40 81.43 -41.55
N GLY L 616 -19.17 81.07 -40.52
CA GLY L 616 -20.60 81.32 -40.52
C GLY L 616 -21.00 82.59 -39.83
N LEU L 617 -20.03 83.48 -39.59
CA LEU L 617 -20.27 84.75 -38.92
C LEU L 617 -20.11 85.95 -39.85
N GLY L 618 -19.81 85.72 -41.12
CA GLY L 618 -19.65 86.80 -42.07
C GLY L 618 -20.60 86.74 -43.24
N ARG L 619 -21.41 85.69 -43.29
CA ARG L 619 -22.37 85.48 -44.37
C ARG L 619 -23.77 85.33 -43.79
N HIS L 620 -24.75 85.19 -44.67
CA HIS L 620 -26.13 85.02 -44.24
C HIS L 620 -26.35 83.62 -43.67
N THR L 621 -27.12 83.55 -42.59
CA THR L 621 -27.42 82.28 -41.92
C THR L 621 -28.94 82.13 -41.86
N MET L 622 -29.46 81.16 -42.61
CA MET L 622 -30.89 80.83 -42.62
C MET L 622 -31.03 79.34 -42.31
N THR L 623 -30.96 79.02 -41.02
CA THR L 623 -31.04 77.63 -40.56
C THR L 623 -32.46 77.06 -40.51
N PRO L 624 -33.48 77.77 -39.96
CA PRO L 624 -34.75 77.09 -39.69
C PRO L 624 -35.50 76.63 -40.94
N ALA L 625 -35.64 77.52 -41.92
CA ALA L 625 -36.39 77.18 -43.13
C ALA L 625 -35.71 76.05 -43.90
N THR L 626 -34.38 76.13 -44.07
CA THR L 626 -33.66 75.08 -44.79
C THR L 626 -33.73 73.76 -44.04
N ILE L 627 -33.60 73.79 -42.71
CA ILE L 627 -33.68 72.56 -41.92
C ILE L 627 -35.05 71.94 -42.05
N LYS L 628 -36.11 72.75 -41.96
CA LYS L 628 -37.46 72.23 -42.10
C LYS L 628 -37.68 71.63 -43.49
N ALA L 629 -37.21 72.32 -44.54
CA ALA L 629 -37.39 71.82 -45.90
C ALA L 629 -36.65 70.50 -46.09
N VAL L 630 -35.41 70.41 -45.63
CA VAL L 630 -34.63 69.20 -45.84
C VAL L 630 -35.20 68.04 -45.03
N LYS L 631 -35.69 68.33 -43.80
CA LYS L 631 -36.28 67.25 -43.01
C LYS L 631 -37.60 66.78 -43.62
N ASP L 632 -38.39 67.70 -44.19
CA ASP L 632 -39.62 67.31 -44.86
C ASP L 632 -39.33 66.45 -46.09
N THR L 633 -38.34 66.85 -46.88
CA THR L 633 -37.99 66.06 -48.06
C THR L 633 -37.41 64.71 -47.68
N PHE L 634 -36.70 64.63 -46.56
CA PHE L 634 -36.13 63.35 -46.14
C PHE L 634 -37.20 62.42 -45.58
N GLU L 635 -38.15 62.97 -44.83
CA GLU L 635 -39.19 62.16 -44.18
C GLU L 635 -40.42 61.96 -45.05
N ASP L 636 -40.48 62.58 -46.23
CA ASP L 636 -41.64 62.38 -47.10
C ASP L 636 -41.72 60.94 -47.59
N ARG L 637 -40.60 60.40 -48.09
CA ARG L 637 -40.52 59.02 -48.56
C ARG L 637 -41.61 58.72 -49.59
N ALA L 638 -41.85 59.66 -50.49
CA ALA L 638 -42.89 59.54 -51.52
C ALA L 638 -42.30 59.94 -52.86
N TYR L 639 -41.98 58.95 -53.69
CA TYR L 639 -41.45 59.17 -55.02
C TYR L 639 -41.70 57.94 -55.89
N PRO L 640 -42.96 57.60 -56.20
CA PRO L 640 -43.23 56.33 -56.88
C PRO L 640 -43.56 56.47 -58.35
N THR L 641 -44.76 56.01 -58.73
CA THR L 641 -45.11 55.88 -60.14
C THR L 641 -45.26 57.24 -60.81
N ILE L 642 -45.93 58.19 -60.16
CA ILE L 642 -46.17 59.49 -60.77
C ILE L 642 -44.86 60.22 -61.01
N PHE L 643 -43.99 60.24 -59.99
CA PHE L 643 -42.70 60.91 -60.13
C PHE L 643 -41.81 60.21 -61.16
N TYR L 644 -41.84 58.87 -61.18
CA TYR L 644 -41.06 58.14 -62.17
C TYR L 644 -41.52 58.44 -63.58
N MET L 645 -42.85 58.49 -63.79
CA MET L 645 -43.39 58.81 -65.11
C MET L 645 -43.05 60.23 -65.52
N LEU L 646 -43.13 61.18 -64.57
CA LEU L 646 -42.77 62.56 -64.88
C LEU L 646 -41.30 62.67 -65.26
N GLU L 647 -40.42 61.99 -64.53
CA GLU L 647 -39.01 62.00 -64.88
C GLU L 647 -38.76 61.37 -66.25
N ALA L 648 -39.46 60.27 -66.54
CA ALA L 648 -39.28 59.61 -67.83
C ALA L 648 -39.74 60.49 -68.98
N VAL L 649 -40.86 61.21 -68.80
CA VAL L 649 -41.37 62.05 -69.87
C VAL L 649 -40.70 63.41 -69.94
N ILE L 650 -39.93 63.80 -68.92
CA ILE L 650 -39.23 65.09 -68.95
C ILE L 650 -37.73 64.94 -69.23
N HIS L 651 -37.18 63.73 -69.13
CA HIS L 651 -35.73 63.57 -69.31
C HIS L 651 -35.32 63.68 -70.77
N GLY L 652 -36.21 63.34 -71.69
CA GLY L 652 -35.86 63.31 -73.10
C GLY L 652 -36.88 63.96 -74.02
N ASN L 653 -37.56 64.99 -73.53
CA ASN L 653 -38.58 65.70 -74.29
C ASN L 653 -38.31 67.19 -74.30
N GLU L 654 -37.06 67.57 -74.59
CA GLU L 654 -36.71 68.98 -74.66
C GLU L 654 -37.48 69.69 -75.76
N ARG L 655 -37.63 69.04 -76.92
CA ARG L 655 -38.38 69.65 -78.02
C ARG L 655 -39.87 69.71 -77.71
N ASN L 656 -40.41 68.70 -77.01
CA ASN L 656 -41.83 68.65 -76.69
C ASN L 656 -42.17 69.41 -75.41
N PHE L 657 -41.17 69.99 -74.73
CA PHE L 657 -41.46 70.74 -73.51
C PHE L 657 -42.33 71.96 -73.79
N CYS L 658 -42.31 72.49 -75.02
CA CYS L 658 -43.16 73.62 -75.35
C CYS L 658 -44.63 73.25 -75.25
N ALA L 659 -45.01 72.05 -75.73
CA ALA L 659 -46.39 71.60 -75.63
C ALA L 659 -46.75 71.11 -74.23
N LEU L 660 -45.76 70.84 -73.39
CA LEU L 660 -46.00 70.36 -72.04
C LEU L 660 -46.11 71.49 -71.02
N LEU L 661 -45.94 72.74 -71.45
CA LEU L 661 -46.04 73.86 -70.52
C LEU L 661 -47.45 73.96 -69.92
N ARG L 662 -48.47 73.80 -70.76
CA ARG L 662 -49.85 73.86 -70.26
C ARG L 662 -50.12 72.72 -69.29
N LEU L 663 -49.65 71.51 -69.60
CA LEU L 663 -49.85 70.38 -68.72
C LEU L 663 -49.15 70.60 -67.38
N LEU L 664 -47.92 71.13 -67.41
CA LEU L 664 -47.20 71.40 -66.17
C LEU L 664 -47.90 72.46 -65.33
N THR L 665 -48.36 73.54 -65.99
CA THR L 665 -49.04 74.60 -65.25
C THR L 665 -50.38 74.14 -64.68
N GLN L 666 -51.04 73.19 -65.36
CA GLN L 666 -52.27 72.63 -64.80
C GLN L 666 -51.96 71.68 -63.64
N CYS L 667 -50.90 70.89 -63.76
CA CYS L 667 -50.59 69.91 -62.73
C CYS L 667 -50.08 70.56 -61.46
N ILE L 668 -49.31 71.64 -61.58
CA ILE L 668 -48.79 72.30 -60.37
C ILE L 668 -49.93 72.90 -59.56
N ARG L 669 -51.02 73.28 -60.21
CA ARG L 669 -52.20 73.79 -59.51
C ARG L 669 -53.12 72.68 -59.04
N GLY L 670 -53.21 71.57 -59.77
CA GLY L 670 -54.08 70.49 -59.38
C GLY L 670 -53.49 69.55 -58.35
N TYR L 671 -52.17 69.59 -58.13
CA TYR L 671 -51.53 68.73 -57.14
C TYR L 671 -51.21 69.44 -55.84
N TRP L 672 -51.14 70.77 -55.84
CA TRP L 672 -50.80 71.51 -54.62
C TRP L 672 -51.89 71.35 -53.56
N GLU L 673 -53.16 71.30 -53.99
CA GLU L 673 -54.27 71.20 -53.05
C GLU L 673 -54.19 69.92 -52.22
N GLN L 674 -53.68 68.83 -52.79
CA GLN L 674 -53.51 67.60 -52.04
C GLN L 674 -52.13 67.48 -51.40
N SER L 675 -51.10 68.09 -51.99
CA SER L 675 -49.76 68.11 -51.41
C SER L 675 -49.21 69.52 -51.54
N HIS L 676 -49.50 70.36 -50.56
CA HIS L 676 -48.95 71.71 -50.50
C HIS L 676 -47.44 71.72 -50.28
N ARG L 677 -46.84 70.59 -49.91
CA ARG L 677 -45.40 70.53 -49.69
C ARG L 677 -44.66 70.68 -51.02
N VAL L 678 -43.37 70.98 -50.92
CA VAL L 678 -42.55 71.18 -52.10
C VAL L 678 -42.41 69.86 -52.86
N ALA L 679 -42.59 69.93 -54.18
CA ALA L 679 -42.52 68.74 -55.02
C ALA L 679 -41.91 69.11 -56.36
N PHE L 680 -41.46 68.09 -57.09
CA PHE L 680 -40.82 68.25 -58.40
C PHE L 680 -39.60 69.17 -58.30
N VAL L 681 -38.64 68.74 -57.51
CA VAL L 681 -37.41 69.49 -57.30
C VAL L 681 -36.16 68.78 -57.80
N ASN L 682 -36.27 67.49 -58.17
CA ASN L 682 -35.11 66.78 -58.68
C ASN L 682 -34.61 67.38 -59.99
N ASN L 683 -35.52 67.75 -60.88
CA ASN L 683 -35.14 68.35 -62.15
C ASN L 683 -34.59 69.76 -61.92
N PHE L 684 -33.48 70.07 -62.58
CA PHE L 684 -32.83 71.37 -62.44
C PHE L 684 -32.69 72.12 -63.75
N HIS L 685 -32.48 71.43 -64.88
CA HIS L 685 -32.31 72.13 -66.15
C HIS L 685 -33.59 72.85 -66.55
N MET L 686 -34.75 72.21 -66.38
CA MET L 686 -36.01 72.83 -66.73
C MET L 686 -36.51 73.80 -65.66
N LEU L 687 -36.01 73.68 -64.42
CA LEU L 687 -36.49 74.55 -63.35
C LEU L 687 -36.13 76.01 -63.60
N MET L 688 -34.89 76.27 -64.03
CA MET L 688 -34.48 77.64 -64.31
C MET L 688 -35.25 78.22 -65.48
N TYR L 689 -35.48 77.41 -66.53
CA TYR L 689 -36.26 77.88 -67.67
C TYR L 689 -37.69 78.21 -67.26
N ILE L 690 -38.30 77.36 -66.43
CA ILE L 690 -39.66 77.62 -65.96
C ILE L 690 -39.69 78.90 -65.13
N THR L 691 -38.70 79.08 -64.25
CA THR L 691 -38.67 80.28 -63.42
C THR L 691 -38.51 81.54 -64.27
N THR L 692 -37.65 81.49 -65.29
CA THR L 692 -37.39 82.67 -66.10
C THR L 692 -38.47 82.91 -67.15
N TYR L 693 -39.31 81.91 -67.44
CA TYR L 693 -40.40 82.09 -68.40
C TYR L 693 -41.76 82.27 -67.76
N LEU L 694 -41.89 82.05 -66.45
CA LEU L 694 -43.15 82.19 -65.76
C LEU L 694 -43.33 83.57 -65.14
N GLY L 695 -42.39 84.48 -65.36
CA GLY L 695 -42.49 85.82 -64.79
C GLY L 695 -42.70 86.90 -65.85
N ASN L 696 -43.47 86.57 -66.88
CA ASN L 696 -43.74 87.52 -67.96
C ASN L 696 -45.03 88.30 -67.72
N GLY L 697 -46.15 87.58 -67.57
CA GLY L 697 -47.43 88.23 -67.35
C GLY L 697 -48.32 87.51 -66.37
N GLU L 698 -47.77 86.48 -65.70
CA GLU L 698 -48.49 85.71 -64.70
C GLU L 698 -47.97 86.05 -63.31
N LEU L 699 -48.77 85.73 -62.31
CA LEU L 699 -48.43 85.99 -60.90
C LEU L 699 -48.66 84.73 -60.08
N PRO L 700 -47.81 83.71 -60.25
CA PRO L 700 -47.87 82.51 -59.38
C PRO L 700 -46.99 82.70 -58.13
N GLU L 701 -47.49 83.50 -57.20
CA GLU L 701 -46.67 83.99 -56.09
C GLU L 701 -46.10 82.85 -55.26
N VAL L 702 -46.92 81.83 -54.97
CA VAL L 702 -46.50 80.75 -54.09
C VAL L 702 -45.27 80.03 -54.65
N CYS L 703 -45.24 79.84 -55.98
CA CYS L 703 -44.11 79.15 -56.58
C CYS L 703 -42.93 80.09 -56.84
N ILE L 704 -43.21 81.31 -57.27
CA ILE L 704 -42.12 82.22 -57.62
C ILE L 704 -41.36 82.67 -56.38
N ASN L 705 -42.03 82.75 -55.22
CA ASN L 705 -41.31 83.08 -54.00
C ASN L 705 -40.26 82.03 -53.66
N ILE L 706 -40.65 80.75 -53.72
CA ILE L 706 -39.72 79.67 -53.45
C ILE L 706 -38.61 79.64 -54.50
N TYR L 707 -38.97 79.87 -55.77
CA TYR L 707 -37.97 79.86 -56.83
C TYR L 707 -36.95 80.97 -56.63
N ARG L 708 -37.42 82.17 -56.27
CA ARG L 708 -36.51 83.29 -56.03
C ARG L 708 -35.64 83.03 -54.80
N ASP L 709 -36.21 82.45 -53.75
CA ASP L 709 -35.42 82.13 -52.57
C ASP L 709 -34.32 81.13 -52.89
N LEU L 710 -34.65 80.08 -53.66
CA LEU L 710 -33.64 79.10 -54.06
C LEU L 710 -32.58 79.72 -54.95
N LEU L 711 -32.99 80.58 -55.89
CA LEU L 711 -32.02 81.24 -56.76
C LEU L 711 -31.09 82.14 -55.97
N GLN L 712 -31.63 82.88 -55.00
CA GLN L 712 -30.81 83.75 -54.17
C GLN L 712 -29.84 82.93 -53.32
N HIS L 713 -30.30 81.81 -52.76
CA HIS L 713 -29.41 80.96 -51.98
C HIS L 713 -28.28 80.40 -52.85
N VAL L 714 -28.61 79.95 -54.07
CA VAL L 714 -27.59 79.42 -54.97
C VAL L 714 -26.59 80.51 -55.35
N ARG L 715 -27.10 81.71 -55.64
CA ARG L 715 -26.22 82.82 -56.01
C ARG L 715 -25.29 83.20 -54.85
N ALA L 716 -25.81 83.22 -53.63
CA ALA L 716 -24.98 83.52 -52.47
C ALA L 716 -23.93 82.45 -52.26
N LEU L 717 -24.31 81.18 -52.41
CA LEU L 717 -23.34 80.10 -52.26
C LEU L 717 -22.24 80.20 -53.31
N ARG L 718 -22.61 80.51 -54.55
CA ARG L 718 -21.61 80.67 -55.60
C ARG L 718 -20.71 81.87 -55.34
N GLN L 719 -21.28 82.99 -54.89
CA GLN L 719 -20.51 84.21 -54.70
C GLN L 719 -19.65 84.17 -53.45
N THR L 720 -19.94 83.27 -52.50
CA THR L 720 -19.08 83.15 -51.33
C THR L 720 -17.66 82.78 -51.71
N ILE L 721 -17.52 81.82 -52.64
CA ILE L 721 -16.19 81.41 -53.09
C ILE L 721 -15.48 82.55 -53.81
N THR L 722 -16.19 83.24 -54.70
CA THR L 722 -15.59 84.31 -55.46
C THR L 722 -15.30 85.55 -54.61
N ASP L 723 -15.91 85.65 -53.43
CA ASP L 723 -15.61 86.73 -52.51
C ASP L 723 -14.49 86.39 -51.54
N PHE L 724 -14.37 85.11 -51.15
CA PHE L 724 -13.29 84.70 -50.26
C PHE L 724 -11.93 84.86 -50.95
N THR L 725 -11.84 84.51 -52.23
CA THR L 725 -10.63 84.63 -53.01
C THR L 725 -10.80 85.71 -54.07
N ILE L 726 -9.70 86.02 -54.75
CA ILE L 726 -9.69 87.03 -55.80
C ILE L 726 -9.08 86.42 -57.06
N GLN L 727 -9.47 86.98 -58.21
CA GLN L 727 -8.98 86.52 -59.51
C GLN L 727 -8.67 87.75 -60.36
N GLY L 728 -8.43 87.52 -61.65
CA GLY L 728 -8.21 88.60 -62.60
C GLY L 728 -6.77 88.83 -62.99
N GLU L 729 -5.81 88.23 -62.27
CA GLU L 729 -4.41 88.44 -62.60
C GLU L 729 -4.00 87.67 -63.86
N GLY L 730 -4.13 86.34 -63.83
CA GLY L 730 -3.86 85.53 -64.99
C GLY L 730 -2.41 85.13 -65.13
N HIS L 731 -2.15 83.82 -65.18
CA HIS L 731 -0.81 83.29 -65.40
C HIS L 731 -0.71 82.52 -66.71
N ASN L 732 -1.54 81.50 -66.88
CA ASN L 732 -1.59 80.72 -68.12
C ASN L 732 -3.04 80.45 -68.50
N GLY L 733 -3.89 81.47 -68.38
CA GLY L 733 -5.30 81.31 -68.61
C GLY L 733 -6.04 80.91 -67.36
N GLU L 734 -5.69 79.75 -66.80
CA GLU L 734 -6.25 79.29 -65.54
C GLU L 734 -5.10 78.96 -64.60
N THR L 735 -5.10 79.57 -63.42
CA THR L 735 -4.02 79.35 -62.46
C THR L 735 -4.56 79.05 -61.07
N SER L 736 -5.78 79.48 -60.77
CA SER L 736 -6.38 79.29 -59.47
C SER L 736 -7.66 78.46 -59.52
N GLU L 737 -8.59 78.80 -60.40
CA GLU L 737 -9.88 78.12 -60.44
C GLU L 737 -9.72 76.64 -60.79
N ALA L 738 -8.75 76.31 -61.63
CA ALA L 738 -8.51 74.93 -62.04
C ALA L 738 -7.37 74.27 -61.27
N LEU L 739 -6.89 74.91 -60.21
CA LEU L 739 -5.75 74.36 -59.47
C LEU L 739 -6.06 74.20 -57.98
N ASN L 740 -6.89 75.08 -57.42
CA ASN L 740 -7.23 75.03 -56.01
C ASN L 740 -8.72 75.15 -55.71
N ASN L 741 -9.52 75.72 -56.61
CA ASN L 741 -10.95 75.88 -56.33
C ASN L 741 -11.66 74.53 -56.32
N ILE L 742 -11.34 73.66 -57.28
CA ILE L 742 -11.90 72.31 -57.44
C ILE L 742 -13.33 72.38 -57.94
N LEU L 743 -14.15 73.29 -57.38
CA LEU L 743 -15.53 73.42 -57.81
C LEU L 743 -15.63 73.84 -59.27
N THR L 744 -14.79 74.78 -59.68
CA THR L 744 -14.78 75.24 -61.08
C THR L 744 -13.83 74.37 -61.90
N ASP L 745 -14.27 73.13 -62.11
CA ASP L 745 -13.50 72.17 -62.87
C ASP L 745 -14.45 71.26 -63.64
N ASP L 746 -14.09 70.95 -64.89
CA ASP L 746 -14.92 70.09 -65.72
C ASP L 746 -14.67 68.61 -65.50
N THR L 747 -13.62 68.26 -64.74
CA THR L 747 -13.33 66.85 -64.47
C THR L 747 -14.45 66.22 -63.64
N PHE L 748 -14.97 66.96 -62.65
CA PHE L 748 -16.03 66.46 -61.79
C PHE L 748 -17.36 66.65 -62.52
N ILE L 749 -17.86 65.58 -63.12
CA ILE L 749 -19.08 65.63 -63.91
C ILE L 749 -20.25 65.14 -63.07
N ALA L 750 -21.45 65.45 -63.52
CA ALA L 750 -22.66 65.02 -62.82
C ALA L 750 -22.84 63.51 -62.95
N PRO L 751 -23.42 62.87 -61.93
CA PRO L 751 -23.66 61.42 -62.01
C PRO L 751 -24.56 61.03 -63.17
N ILE L 752 -25.53 61.86 -63.53
CA ILE L 752 -26.46 61.59 -64.62
C ILE L 752 -26.30 62.70 -65.66
N LEU L 753 -26.07 62.30 -66.91
CA LEU L 753 -25.90 63.24 -68.01
C LEU L 753 -26.88 62.91 -69.12
N TRP L 754 -27.48 63.94 -69.71
CA TRP L 754 -28.44 63.76 -70.78
C TRP L 754 -27.87 64.05 -72.16
N ASP L 755 -26.87 64.94 -72.26
CA ASP L 755 -26.27 65.26 -73.54
C ASP L 755 -24.75 65.14 -73.47
N CYS L 756 -24.06 65.53 -74.54
CA CYS L 756 -22.60 65.47 -74.61
C CYS L 756 -21.96 66.84 -74.51
N ASP L 757 -22.71 67.85 -74.06
CA ASP L 757 -22.16 69.20 -73.96
C ASP L 757 -21.04 69.25 -72.92
N ALA L 758 -21.21 68.55 -71.80
CA ALA L 758 -20.17 68.53 -70.78
C ALA L 758 -18.89 67.89 -71.31
N LEU L 759 -19.02 66.77 -72.03
CA LEU L 759 -17.85 66.13 -72.60
C LEU L 759 -17.18 67.02 -73.64
N ILE L 760 -17.98 67.71 -74.46
CA ILE L 760 -17.43 68.61 -75.47
C ILE L 760 -16.64 69.74 -74.80
N TYR L 761 -17.22 70.33 -73.74
CA TYR L 761 -16.52 71.37 -73.02
C TYR L 761 -15.23 70.84 -72.38
N ARG L 762 -15.28 69.62 -71.84
CA ARG L 762 -14.10 69.04 -71.21
C ARG L 762 -12.99 68.84 -72.23
N ASP L 763 -13.31 68.30 -73.40
CA ASP L 763 -12.27 68.07 -74.41
C ASP L 763 -11.83 69.35 -75.10
N GLU L 764 -12.64 70.41 -75.07
CA GLU L 764 -12.23 71.68 -75.62
C GLU L 764 -11.41 72.51 -74.64
N ALA L 765 -11.57 72.26 -73.34
CA ALA L 765 -10.78 72.97 -72.33
C ALA L 765 -9.54 72.21 -71.91
N ALA L 766 -9.48 70.90 -72.16
CA ALA L 766 -8.30 70.10 -71.82
C ALA L 766 -7.30 70.15 -72.97
N ARG L 767 -6.74 71.34 -73.16
CA ARG L 767 -5.74 71.53 -74.22
C ARG L 767 -4.42 70.88 -73.84
N ASP L 768 -3.83 71.29 -72.72
CA ASP L 768 -2.57 70.72 -72.24
C ASP L 768 -2.75 69.37 -71.58
N ARG L 769 -3.99 68.95 -71.30
CA ARG L 769 -4.27 67.68 -70.65
C ARG L 769 -4.81 66.72 -71.71
N LEU L 770 -4.02 65.70 -72.02
CA LEU L 770 -4.42 64.72 -73.04
C LEU L 770 -5.47 63.78 -72.47
N PRO L 771 -6.64 63.67 -73.08
CA PRO L 771 -7.66 62.74 -72.58
C PRO L 771 -7.37 61.31 -72.99
N ALA L 772 -8.04 60.38 -72.29
CA ALA L 772 -7.88 58.96 -72.58
C ALA L 772 -9.17 58.27 -72.16
N ILE L 773 -10.03 57.95 -73.13
CA ILE L 773 -11.30 57.29 -72.89
C ILE L 773 -11.30 55.97 -73.63
N ARG L 774 -11.55 54.88 -72.92
CA ARG L 774 -11.60 53.55 -73.52
C ARG L 774 -12.43 52.65 -72.62
N VAL L 775 -13.61 52.25 -73.08
CA VAL L 775 -14.50 51.39 -72.32
C VAL L 775 -15.44 50.70 -73.30
N SER L 776 -16.01 49.58 -72.87
CA SER L 776 -16.97 48.81 -73.69
C SER L 776 -16.40 48.44 -75.05
N GLY L 777 -15.11 48.12 -75.06
CA GLY L 777 -14.46 47.70 -76.30
C GLY L 777 -13.84 48.88 -77.02
N ARG L 778 -14.16 49.01 -78.30
CA ARG L 778 -13.59 50.09 -79.11
C ARG L 778 -14.17 51.44 -78.69
N ASN L 779 -13.33 52.47 -78.79
CA ASN L 779 -13.73 53.83 -78.46
C ASN L 779 -14.27 54.52 -79.70
N GLY L 780 -14.47 55.84 -79.61
CA GLY L 780 -14.97 56.61 -80.73
C GLY L 780 -16.46 56.40 -80.98
N TYR L 781 -17.28 56.77 -80.00
CA TYR L 781 -18.73 56.61 -80.11
C TYR L 781 -19.29 57.80 -80.88
N GLN L 782 -19.32 57.68 -82.20
CA GLN L 782 -19.83 58.75 -83.05
C GLN L 782 -21.34 58.89 -82.90
N ALA L 783 -21.82 60.11 -83.12
CA ALA L 783 -23.24 60.42 -83.02
C ALA L 783 -23.85 60.55 -84.41
N LEU L 784 -25.15 60.78 -84.44
CA LEU L 784 -25.89 60.92 -85.70
C LEU L 784 -27.05 61.89 -85.47
N HIS L 785 -27.99 61.89 -86.41
CA HIS L 785 -29.12 62.82 -86.36
C HIS L 785 -30.16 62.31 -85.38
N PHE L 786 -31.35 62.94 -85.39
CA PHE L 786 -32.41 62.53 -84.49
C PHE L 786 -32.91 61.12 -84.83
N VAL L 787 -33.30 60.39 -83.79
CA VAL L 787 -33.76 59.03 -83.93
C VAL L 787 -35.29 59.02 -83.93
N ASP L 788 -35.86 57.95 -84.49
CA ASP L 788 -37.30 57.77 -84.56
C ASP L 788 -37.65 56.37 -84.08
N MET L 789 -38.95 56.08 -84.05
CA MET L 789 -39.43 54.78 -83.56
C MET L 789 -39.08 53.63 -84.50
N ALA L 790 -38.67 53.92 -85.74
CA ALA L 790 -38.32 52.84 -86.66
C ALA L 790 -37.07 52.10 -86.21
N GLY L 791 -36.18 52.78 -85.47
CA GLY L 791 -34.97 52.14 -84.98
C GLY L 791 -35.17 51.48 -83.64
N HIS L 792 -35.93 50.38 -83.61
CA HIS L 792 -36.22 49.66 -82.38
C HIS L 792 -35.21 48.57 -82.08
N ASN L 793 -34.17 48.43 -82.90
CA ASN L 793 -33.15 47.41 -82.68
C ASN L 793 -32.28 47.81 -81.49
N PHE L 794 -32.42 47.10 -80.39
CA PHE L 794 -31.67 47.38 -79.16
C PHE L 794 -30.30 46.72 -79.14
N GLN L 795 -29.96 45.93 -80.17
CA GLN L 795 -28.67 45.25 -80.24
C GLN L 795 -27.62 46.15 -80.90
N ARG L 796 -27.39 47.30 -80.27
CA ARG L 796 -26.42 48.27 -80.75
C ARG L 796 -25.37 48.52 -79.68
N ARG L 797 -24.11 48.60 -80.10
CA ARG L 797 -22.99 48.84 -79.20
C ARG L 797 -22.09 49.93 -79.76
N ASP L 798 -21.38 50.60 -78.85
CA ASP L 798 -20.48 51.70 -79.20
C ASP L 798 -21.21 52.80 -79.95
N ASN L 799 -22.43 53.11 -79.51
CA ASN L 799 -23.24 54.14 -80.12
C ASN L 799 -24.04 54.85 -79.05
N VAL L 800 -24.46 56.08 -79.36
CA VAL L 800 -25.23 56.91 -78.45
C VAL L 800 -26.51 57.35 -79.15
N LEU L 801 -27.50 57.71 -78.33
CA LEU L 801 -28.80 58.14 -78.83
C LEU L 801 -29.12 59.52 -78.24
N ILE L 802 -29.38 60.48 -79.11
CA ILE L 802 -29.68 61.84 -78.66
C ILE L 802 -31.16 62.06 -78.36
N HIS L 803 -32.03 61.16 -78.81
CA HIS L 803 -33.47 61.27 -78.57
C HIS L 803 -34.02 62.61 -79.06
N GLY L 804 -33.56 63.04 -80.24
CA GLY L 804 -34.00 64.30 -80.81
C GLY L 804 -33.19 65.48 -80.28
N ARG L 805 -33.48 66.65 -80.84
CA ARG L 805 -32.82 67.88 -80.48
C ARG L 805 -33.85 68.95 -80.15
N PRO L 806 -33.51 69.87 -79.24
CA PRO L 806 -34.46 70.97 -78.93
C PRO L 806 -34.77 71.85 -80.13
N VAL L 807 -33.81 72.04 -81.03
CA VAL L 807 -34.03 72.88 -82.21
C VAL L 807 -34.86 72.12 -83.24
N ILE L 815 -22.36 62.49 -88.73
CA ILE L 815 -22.29 63.88 -88.29
C ILE L 815 -21.86 63.97 -86.84
N PRO L 816 -20.83 64.76 -86.55
CA PRO L 816 -20.36 64.91 -85.17
C PRO L 816 -21.41 65.60 -84.31
N ILE L 817 -21.39 65.26 -83.02
CA ILE L 817 -22.33 65.86 -82.08
C ILE L 817 -21.99 67.33 -81.87
N THR L 818 -23.02 68.12 -81.55
CA THR L 818 -22.87 69.55 -81.35
C THR L 818 -23.29 69.94 -79.93
N PRO L 819 -22.65 70.95 -79.35
CA PRO L 819 -23.04 71.38 -78.00
C PRO L 819 -24.46 71.91 -77.96
N HIS L 820 -25.13 71.68 -76.83
CA HIS L 820 -26.50 72.14 -76.62
C HIS L 820 -26.61 73.12 -75.46
N HIS L 821 -26.01 72.81 -74.32
CA HIS L 821 -26.07 73.68 -73.15
C HIS L 821 -24.74 74.41 -72.98
N ASP L 822 -24.75 75.40 -72.09
CA ASP L 822 -23.57 76.20 -71.80
C ASP L 822 -22.77 75.59 -70.66
N ARG L 823 -21.53 76.08 -70.50
CA ARG L 823 -20.67 75.59 -69.43
C ARG L 823 -21.22 75.97 -68.07
N GLU L 824 -21.79 77.16 -67.94
CA GLU L 824 -22.33 77.60 -66.65
C GLU L 824 -23.48 76.70 -66.22
N TRP L 825 -24.39 76.36 -67.13
CA TRP L 825 -25.50 75.47 -66.78
C TRP L 825 -24.99 74.10 -66.37
N GLY L 826 -23.99 73.57 -67.10
CA GLY L 826 -23.45 72.27 -66.75
C GLY L 826 -22.78 72.26 -65.39
N ILE L 827 -21.98 73.28 -65.09
CA ILE L 827 -21.31 73.33 -63.79
C ILE L 827 -22.34 73.55 -62.68
N LEU L 828 -23.40 74.32 -62.94
CA LEU L 828 -24.45 74.48 -61.93
C LEU L 828 -25.15 73.16 -61.66
N SER L 829 -25.44 72.39 -62.73
CA SER L 829 -26.06 71.09 -62.54
C SER L 829 -25.15 70.14 -61.76
N LYS L 830 -23.85 70.16 -62.07
CA LYS L 830 -22.90 69.32 -61.36
C LYS L 830 -22.83 69.70 -59.88
N ILE L 831 -22.81 71.00 -59.58
CA ILE L 831 -22.79 71.46 -58.20
C ILE L 831 -24.05 71.03 -57.48
N TYR L 832 -25.21 71.17 -58.13
CA TYR L 832 -26.46 70.75 -57.51
C TYR L 832 -26.48 69.25 -57.23
N TYR L 833 -25.96 68.46 -58.18
CA TYR L 833 -26.04 67.01 -58.04
C TYR L 833 -25.07 66.47 -57.01
N TYR L 834 -23.82 66.97 -57.00
CA TYR L 834 -22.76 66.37 -56.20
C TYR L 834 -22.34 67.21 -54.99
N ILE L 835 -23.02 68.32 -54.72
CA ILE L 835 -22.68 69.12 -53.56
C ILE L 835 -23.91 69.36 -52.69
N VAL L 836 -24.99 69.85 -53.30
CA VAL L 836 -26.16 70.27 -52.54
C VAL L 836 -26.78 69.09 -51.81
N ILE L 837 -27.05 68.00 -52.52
CA ILE L 837 -27.62 66.80 -51.91
C ILE L 837 -26.62 66.16 -50.95
N PRO L 838 -25.37 65.89 -51.36
CA PRO L 838 -24.43 65.22 -50.43
C PRO L 838 -24.11 66.04 -49.18
N ALA L 839 -24.36 67.36 -49.19
CA ALA L 839 -24.11 68.16 -48.01
C ALA L 839 -24.98 67.75 -46.83
N PHE L 840 -26.09 67.05 -47.08
CA PHE L 840 -26.97 66.61 -46.01
C PHE L 840 -27.43 65.16 -46.13
N SER L 841 -27.21 64.50 -47.27
CA SER L 841 -27.65 63.11 -47.45
C SER L 841 -26.58 62.19 -46.89
N ARG L 842 -26.63 62.00 -45.57
CA ARG L 842 -25.73 61.07 -44.89
C ARG L 842 -26.18 59.62 -45.02
N GLY L 843 -27.37 59.37 -45.55
CA GLY L 843 -27.85 58.01 -45.69
C GLY L 843 -29.24 58.01 -46.28
N SER L 844 -29.81 56.82 -46.39
CA SER L 844 -31.16 56.59 -46.91
C SER L 844 -31.36 57.27 -48.26
N CYS L 845 -30.44 57.00 -49.18
CA CYS L 845 -30.50 57.54 -50.53
C CYS L 845 -29.81 56.58 -51.48
N CYS L 846 -30.37 56.44 -52.67
CA CYS L 846 -29.81 55.55 -53.68
C CYS L 846 -30.31 55.98 -55.05
N THR L 847 -29.62 55.50 -56.09
CA THR L 847 -29.97 55.76 -57.47
C THR L 847 -30.50 54.49 -58.12
N MET L 848 -31.54 54.63 -58.92
CA MET L 848 -32.21 53.51 -59.57
C MET L 848 -32.07 53.60 -61.07
N GLY L 849 -31.91 52.43 -61.71
CA GLY L 849 -31.86 52.36 -63.16
C GLY L 849 -33.24 52.31 -63.79
N VAL L 850 -33.26 52.52 -65.10
CA VAL L 850 -34.50 52.53 -65.87
C VAL L 850 -34.43 51.42 -66.91
N ARG L 851 -35.44 50.54 -66.90
CA ARG L 851 -35.56 49.48 -67.90
C ARG L 851 -36.53 49.95 -68.99
N TYR L 852 -36.06 50.90 -69.79
CA TYR L 852 -36.90 51.50 -70.82
C TYR L 852 -37.33 50.47 -71.85
N ASP L 853 -36.42 49.58 -72.26
CA ASP L 853 -36.76 48.58 -73.27
C ASP L 853 -37.84 47.62 -72.79
N ARG L 854 -38.09 47.55 -71.48
CA ARG L 854 -39.13 46.70 -70.94
C ARG L 854 -40.40 47.47 -70.57
N LEU L 855 -40.28 48.73 -70.15
CA LEU L 855 -41.44 49.51 -69.76
C LEU L 855 -42.05 50.28 -70.92
N TYR L 856 -41.40 50.33 -72.09
CA TYR L 856 -41.97 51.04 -73.22
C TYR L 856 -43.29 50.43 -73.68
N PRO L 857 -43.44 49.11 -73.85
CA PRO L 857 -44.78 48.58 -74.19
C PRO L 857 -45.84 48.87 -73.14
N ALA L 858 -45.46 48.97 -71.87
CA ALA L 858 -46.44 49.23 -70.83
C ALA L 858 -47.00 50.64 -70.91
N LEU L 859 -46.23 51.58 -71.45
CA LEU L 859 -46.68 52.96 -71.56
C LEU L 859 -47.72 53.15 -72.66
N GLN L 860 -47.93 52.16 -73.53
CA GLN L 860 -48.91 52.24 -74.60
C GLN L 860 -50.24 51.61 -74.20
N ALA L 861 -50.56 51.60 -72.92
CA ALA L 861 -51.79 51.03 -72.42
C ALA L 861 -52.95 52.02 -72.42
N VAL L 862 -52.71 53.28 -72.83
CA VAL L 862 -53.78 54.25 -72.87
C VAL L 862 -54.73 53.93 -74.02
N ILE L 863 -55.95 54.46 -73.91
CA ILE L 863 -57.00 54.25 -74.91
C ILE L 863 -57.27 55.58 -75.59
N VAL L 864 -57.14 55.60 -76.91
CA VAL L 864 -57.36 56.82 -77.69
C VAL L 864 -58.85 57.04 -77.85
N PRO L 865 -59.39 58.19 -77.43
CA PRO L 865 -60.83 58.44 -77.58
C PRO L 865 -61.17 59.04 -78.93
N GLU L 866 -62.45 59.33 -79.15
CA GLU L 866 -62.92 59.94 -80.39
C GLU L 866 -63.60 61.26 -80.05
N ILE L 867 -63.22 62.31 -80.76
CA ILE L 867 -63.77 63.65 -80.52
C ILE L 867 -65.21 63.71 -81.03
N PRO L 868 -66.17 64.07 -80.19
CA PRO L 868 -67.56 64.17 -80.64
C PRO L 868 -67.75 65.34 -81.60
N ALA L 869 -68.76 65.20 -82.46
CA ALA L 869 -69.12 66.23 -83.42
C ALA L 869 -70.36 66.96 -82.92
N ASP L 870 -70.20 68.23 -82.56
CA ASP L 870 -71.29 69.05 -82.04
C ASP L 870 -71.95 68.40 -80.82
N GLU L 871 -71.12 67.82 -79.96
CA GLU L 871 -71.61 67.15 -78.77
C GLU L 871 -70.59 67.31 -77.64
N GLU L 872 -71.07 67.13 -76.41
CA GLU L 872 -70.23 67.24 -75.23
C GLU L 872 -70.42 66.02 -74.36
N ALA L 873 -69.36 65.67 -73.62
CA ALA L 873 -69.37 64.52 -72.74
C ALA L 873 -69.37 64.96 -71.28
N PRO L 874 -70.04 64.21 -70.39
CA PRO L 874 -70.03 64.57 -68.97
C PRO L 874 -68.64 64.45 -68.37
N THR L 875 -68.37 65.31 -67.38
CA THR L 875 -67.08 65.32 -66.73
C THR L 875 -66.93 64.13 -65.78
N THR L 876 -67.80 64.05 -64.78
CA THR L 876 -67.72 62.98 -63.80
C THR L 876 -68.18 61.67 -64.44
N PRO L 877 -67.36 60.61 -64.42
CA PRO L 877 -67.73 59.32 -65.01
C PRO L 877 -68.56 58.43 -64.09
N GLU L 878 -69.59 59.03 -63.48
CA GLU L 878 -70.49 58.31 -62.59
C GLU L 878 -71.75 57.82 -63.31
N ASP L 879 -71.86 58.05 -64.61
CA ASP L 879 -73.03 57.65 -65.39
C ASP L 879 -72.73 56.39 -66.20
N PRO L 880 -73.74 55.53 -66.40
CA PRO L 880 -73.50 54.29 -67.17
C PRO L 880 -73.23 54.53 -68.64
N ARG L 881 -73.52 55.72 -69.16
CA ARG L 881 -73.33 55.99 -70.58
C ARG L 881 -71.85 56.07 -70.99
N HIS L 882 -70.94 56.15 -70.02
CA HIS L 882 -69.52 56.24 -70.34
C HIS L 882 -68.99 54.88 -70.76
N PRO L 883 -68.48 54.72 -71.99
CA PRO L 883 -67.95 53.41 -72.40
C PRO L 883 -66.72 52.97 -71.63
N LEU L 884 -65.99 53.90 -71.00
CA LEU L 884 -64.75 53.59 -70.32
C LEU L 884 -64.91 53.47 -68.81
N HIS L 885 -66.15 53.33 -68.32
CA HIS L 885 -66.39 53.21 -66.89
C HIS L 885 -67.35 52.08 -66.52
N ALA L 886 -68.06 51.49 -67.49
CA ALA L 886 -69.02 50.44 -67.16
C ALA L 886 -68.30 49.13 -66.82
N HIS L 887 -67.21 48.84 -67.52
CA HIS L 887 -66.47 47.59 -67.34
C HIS L 887 -65.14 47.83 -66.64
N GLN L 888 -65.11 48.74 -65.67
CA GLN L 888 -63.90 49.07 -64.93
C GLN L 888 -63.81 48.17 -63.71
N LEU L 889 -63.35 46.95 -63.96
CA LEU L 889 -63.13 45.96 -62.90
C LEU L 889 -61.69 46.07 -62.42
N VAL L 890 -61.23 45.08 -61.65
CA VAL L 890 -59.85 44.94 -61.18
C VAL L 890 -59.60 45.93 -60.05
N PRO L 891 -58.83 45.56 -59.02
CA PRO L 891 -58.59 46.48 -57.90
C PRO L 891 -57.67 47.64 -58.25
N ASN L 892 -57.27 48.39 -57.22
CA ASN L 892 -56.46 49.61 -57.29
C ASN L 892 -57.32 50.79 -57.73
N SER L 893 -56.71 51.97 -57.88
CA SER L 893 -57.48 53.19 -58.09
C SER L 893 -56.86 54.12 -59.13
N LEU L 894 -55.89 53.64 -59.91
CA LEU L 894 -55.20 54.53 -60.85
C LEU L 894 -56.14 55.02 -61.95
N ASN L 895 -56.90 54.11 -62.56
CA ASN L 895 -57.76 54.50 -63.67
C ASN L 895 -58.87 55.44 -63.23
N VAL L 896 -59.52 55.15 -62.10
CA VAL L 896 -60.58 56.01 -61.62
C VAL L 896 -60.03 57.35 -61.17
N TYR L 897 -58.83 57.35 -60.57
CA TYR L 897 -58.20 58.61 -60.19
C TYR L 897 -57.90 59.47 -61.41
N PHE L 898 -57.39 58.85 -62.48
CA PHE L 898 -57.15 59.59 -63.71
C PHE L 898 -58.45 60.11 -64.32
N HIS L 899 -59.50 59.29 -64.29
CA HIS L 899 -60.78 59.73 -64.83
C HIS L 899 -61.38 60.87 -64.02
N ASN L 900 -61.13 60.89 -62.71
CA ASN L 900 -61.61 61.98 -61.87
C ASN L 900 -60.78 63.25 -62.04
N ALA L 901 -59.48 63.12 -62.28
CA ALA L 901 -58.58 64.26 -62.31
C ALA L 901 -58.25 64.74 -63.71
N HIS L 902 -58.81 64.13 -64.76
CA HIS L 902 -58.51 64.57 -66.12
C HIS L 902 -59.46 65.65 -66.62
N LEU L 903 -60.40 66.11 -65.80
CA LEU L 903 -61.38 67.09 -66.24
C LEU L 903 -60.70 68.41 -66.60
N THR L 904 -61.02 68.91 -67.80
CA THR L 904 -60.54 70.19 -68.34
C THR L 904 -59.03 70.22 -68.52
N VAL L 905 -58.33 69.12 -68.27
CA VAL L 905 -56.88 69.08 -68.41
C VAL L 905 -56.48 67.88 -69.27
N ASP L 906 -57.41 67.40 -70.09
CA ASP L 906 -57.17 66.23 -70.92
C ASP L 906 -56.97 66.53 -72.39
N GLY L 907 -57.41 67.71 -72.86
CA GLY L 907 -57.26 68.02 -74.28
C GLY L 907 -55.81 68.04 -74.72
N ASP L 908 -54.95 68.69 -73.95
CA ASP L 908 -53.53 68.68 -74.25
C ASP L 908 -52.85 67.43 -73.71
N ALA L 909 -53.42 66.81 -72.67
CA ALA L 909 -52.82 65.60 -72.11
C ALA L 909 -52.85 64.46 -73.11
N LEU L 910 -53.97 64.30 -73.83
CA LEU L 910 -54.04 63.24 -74.83
C LEU L 910 -53.01 63.46 -75.94
N LEU L 911 -52.87 64.70 -76.40
CA LEU L 911 -51.89 64.99 -77.45
C LEU L 911 -50.46 64.73 -76.96
N THR L 912 -50.15 65.15 -75.73
CA THR L 912 -48.80 64.93 -75.21
C THR L 912 -48.52 63.44 -75.03
N LEU L 913 -49.51 62.67 -74.55
CA LEU L 913 -49.32 61.23 -74.42
C LEU L 913 -49.13 60.57 -75.78
N GLN L 914 -49.91 60.99 -76.78
CA GLN L 914 -49.75 60.44 -78.12
C GLN L 914 -48.37 60.75 -78.69
N GLU L 915 -47.88 61.98 -78.47
CA GLU L 915 -46.55 62.34 -78.93
C GLU L 915 -45.47 61.52 -78.21
N LEU L 916 -45.64 61.33 -76.90
CA LEU L 916 -44.65 60.59 -76.13
C LEU L 916 -44.60 59.12 -76.54
N MET L 917 -45.76 58.50 -76.75
CA MET L 917 -45.77 57.09 -77.11
C MET L 917 -45.30 56.84 -78.53
N GLY L 918 -45.23 57.87 -79.36
CA GLY L 918 -44.76 57.75 -80.72
C GLY L 918 -43.26 57.81 -80.91
N ASP L 919 -42.50 57.96 -79.84
CA ASP L 919 -41.05 58.01 -79.89
C ASP L 919 -40.47 57.08 -78.84
N MET L 920 -39.43 56.33 -79.23
CA MET L 920 -38.77 55.38 -78.35
C MET L 920 -37.28 55.71 -78.24
N ALA L 921 -36.58 54.91 -77.46
CA ALA L 921 -35.15 55.09 -77.24
C ALA L 921 -34.53 53.73 -77.00
N GLU L 922 -33.30 53.72 -76.47
CA GLU L 922 -32.57 52.49 -76.18
C GLU L 922 -32.32 52.39 -74.68
N ARG L 923 -31.56 51.35 -74.31
CA ARG L 923 -31.25 51.12 -72.90
C ARG L 923 -30.08 52.00 -72.46
N THR L 924 -29.74 51.89 -71.18
CA THR L 924 -28.64 52.67 -70.63
C THR L 924 -27.30 52.15 -71.15
N THR L 925 -26.34 53.06 -71.29
CA THR L 925 -25.00 52.74 -71.75
C THR L 925 -23.98 53.21 -70.73
N ALA L 926 -23.05 52.34 -70.37
CA ALA L 926 -22.02 52.65 -69.39
C ALA L 926 -20.81 53.23 -70.09
N ILE L 927 -20.49 54.49 -69.80
CA ILE L 927 -19.36 55.18 -70.40
C ILE L 927 -18.43 55.63 -69.28
N LEU L 928 -17.15 55.28 -69.40
CA LEU L 928 -16.14 55.63 -68.42
C LEU L 928 -15.27 56.75 -68.97
N VAL L 929 -15.07 57.80 -68.17
CA VAL L 929 -14.29 58.97 -68.56
C VAL L 929 -13.02 58.99 -67.73
N SER L 930 -11.88 59.19 -68.40
CA SER L 930 -10.59 59.26 -67.74
C SER L 930 -9.71 60.25 -68.47
N SER L 931 -8.69 60.76 -67.76
CA SER L 931 -7.78 61.73 -68.33
C SER L 931 -6.40 61.54 -67.73
N ALA L 932 -5.38 61.86 -68.51
CA ALA L 932 -3.99 61.75 -68.06
C ALA L 932 -3.64 62.90 -67.12
N PRO L 933 -2.69 62.70 -66.21
CA PRO L 933 -2.27 63.80 -65.34
C PRO L 933 -1.57 64.90 -66.12
N ASP L 934 -1.63 66.11 -65.56
CA ASP L 934 -1.04 67.26 -66.22
C ASP L 934 0.48 67.14 -66.28
N ALA L 935 1.08 67.82 -67.27
CA ALA L 935 2.52 67.77 -67.46
C ALA L 935 3.28 68.43 -66.33
N GLY L 936 2.64 69.33 -65.58
CA GLY L 936 3.31 69.97 -64.45
C GLY L 936 3.58 69.04 -63.29
N ALA L 937 2.80 67.97 -63.16
CA ALA L 937 2.98 66.96 -62.12
C ALA L 937 2.95 65.56 -62.75
N ALA L 938 3.68 65.39 -63.84
CA ALA L 938 3.69 64.12 -64.58
C ALA L 938 4.70 63.17 -63.95
N THR L 939 4.38 62.74 -62.73
CA THR L 939 5.21 61.76 -62.02
C THR L 939 5.03 60.38 -62.66
N ALA L 940 6.04 59.53 -62.46
CA ALA L 940 5.99 58.18 -63.00
C ALA L 940 4.82 57.39 -62.41
N THR L 941 4.58 57.53 -61.10
CA THR L 941 3.48 56.80 -60.49
C THR L 941 2.13 57.36 -60.89
N THR L 942 2.03 58.68 -61.06
CA THR L 942 0.75 59.28 -61.44
C THR L 942 0.35 58.89 -62.86
N ARG L 943 1.34 58.75 -63.75
CA ARG L 943 1.03 58.30 -65.11
C ARG L 943 0.45 56.90 -65.12
N ASN L 944 1.01 56.00 -64.29
CA ASN L 944 0.50 54.64 -64.20
C ASN L 944 -0.78 54.54 -63.38
N MET L 945 -1.08 55.57 -62.57
CA MET L 945 -2.30 55.54 -61.76
C MET L 945 -3.54 55.54 -62.64
N ARG L 946 -3.70 56.59 -63.46
CA ARG L 946 -4.82 56.73 -64.39
C ARG L 946 -6.17 56.63 -63.66
N ILE L 947 -6.40 57.63 -62.79
CA ILE L 947 -7.64 57.66 -62.03
C ILE L 947 -8.83 57.83 -62.98
N TYR L 948 -9.95 57.22 -62.60
CA TYR L 948 -11.17 57.24 -63.39
C TYR L 948 -12.29 57.92 -62.61
N ASP L 949 -13.22 58.50 -63.35
CA ASP L 949 -14.38 59.18 -62.79
C ASP L 949 -15.64 58.44 -63.21
N GLY L 950 -16.51 58.15 -62.25
CA GLY L 950 -17.73 57.44 -62.54
C GLY L 950 -18.71 58.28 -63.34
N ALA L 951 -19.51 57.60 -64.16
CA ALA L 951 -20.51 58.26 -64.97
C ALA L 951 -21.64 57.28 -65.26
N LEU L 952 -22.88 57.79 -65.22
CA LEU L 952 -24.05 56.97 -65.47
C LEU L 952 -24.99 57.72 -66.40
N TYR L 953 -25.79 56.95 -67.15
CA TYR L 953 -26.76 57.49 -68.09
C TYR L 953 -28.16 56.98 -67.75
N HIS L 954 -29.14 57.88 -67.83
CA HIS L 954 -30.54 57.56 -67.56
C HIS L 954 -30.71 56.98 -66.16
N GLY L 955 -30.38 57.80 -65.17
CA GLY L 955 -30.48 57.40 -63.77
C GLY L 955 -31.50 58.25 -63.03
N LEU L 956 -32.18 57.62 -62.08
CA LEU L 956 -33.19 58.28 -61.26
C LEU L 956 -32.73 58.35 -59.81
N ILE L 957 -33.50 59.06 -59.00
CA ILE L 957 -33.22 59.23 -57.58
C ILE L 957 -34.38 58.64 -56.79
N MET L 958 -34.07 57.69 -55.91
CA MET L 958 -35.05 57.05 -55.05
C MET L 958 -34.60 57.19 -53.60
N MET L 959 -35.51 57.63 -52.73
CA MET L 959 -35.17 57.82 -51.32
C MET L 959 -34.79 56.50 -50.67
N ALA L 960 -35.73 55.57 -50.58
CA ALA L 960 -35.49 54.29 -49.94
C ALA L 960 -36.56 53.30 -50.35
N TYR L 961 -36.19 52.02 -50.38
CA TYR L 961 -37.13 50.96 -50.72
C TYR L 961 -37.81 50.44 -49.46
N GLN L 962 -39.14 50.37 -49.50
CA GLN L 962 -39.92 49.88 -48.36
C GLN L 962 -39.97 48.37 -48.41
N ALA L 963 -38.90 47.75 -47.91
CA ALA L 963 -38.82 46.29 -47.90
C ALA L 963 -39.87 45.67 -46.99
N TYR L 964 -40.21 46.34 -45.88
CA TYR L 964 -41.22 45.83 -44.96
C TYR L 964 -42.64 46.19 -45.39
N ASP L 965 -42.80 46.93 -46.48
CA ASP L 965 -44.10 47.32 -47.00
C ASP L 965 -44.29 46.75 -48.39
N GLU L 966 -45.50 46.93 -48.94
CA GLU L 966 -45.86 46.48 -50.28
C GLU L 966 -46.47 47.66 -51.03
N THR L 967 -45.61 48.48 -51.63
CA THR L 967 -46.05 49.63 -52.43
C THR L 967 -45.58 49.54 -53.87
N ILE L 968 -44.32 49.20 -54.09
CA ILE L 968 -43.76 49.09 -55.42
C ILE L 968 -43.64 47.61 -55.77
N ALA L 969 -43.43 47.33 -57.05
CA ALA L 969 -43.30 45.96 -57.53
C ALA L 969 -41.98 45.35 -57.02
N THR L 970 -41.79 44.08 -57.35
CA THR L 970 -40.60 43.36 -56.90
C THR L 970 -39.32 43.86 -57.57
N GLY L 971 -39.42 44.63 -58.65
CA GLY L 971 -38.26 45.13 -59.33
C GLY L 971 -38.11 44.60 -60.74
N THR L 972 -39.23 44.32 -61.39
CA THR L 972 -39.18 43.82 -62.77
C THR L 972 -38.60 44.86 -63.72
N PHE L 973 -38.99 46.13 -63.55
CA PHE L 973 -38.52 47.21 -64.40
C PHE L 973 -37.51 48.12 -63.73
N PHE L 974 -37.08 47.79 -62.51
CA PHE L 974 -36.12 48.60 -61.79
C PHE L 974 -35.14 47.70 -61.05
N TYR L 975 -33.86 48.05 -61.12
CA TYR L 975 -32.80 47.31 -60.47
C TYR L 975 -31.86 48.27 -59.76
N PRO L 976 -31.26 47.83 -58.65
CA PRO L 976 -30.30 48.71 -57.95
C PRO L 976 -29.05 48.95 -58.78
N VAL L 977 -28.49 50.14 -58.64
CA VAL L 977 -27.27 50.54 -59.35
C VAL L 977 -26.25 51.04 -58.34
N PRO L 978 -25.52 50.16 -57.66
CA PRO L 978 -24.51 50.63 -56.70
C PRO L 978 -23.33 51.29 -57.40
N VAL L 979 -23.20 52.61 -57.25
CA VAL L 979 -22.15 53.37 -57.91
C VAL L 979 -21.43 54.23 -56.88
N ASN L 980 -21.96 54.30 -55.67
CA ASN L 980 -21.36 55.10 -54.61
C ASN L 980 -21.78 54.59 -53.23
N PRO L 981 -20.84 54.27 -52.34
CA PRO L 981 -21.22 53.86 -50.99
C PRO L 981 -21.99 54.92 -50.23
N LEU L 982 -21.73 56.20 -50.50
CA LEU L 982 -22.48 57.28 -49.85
C LEU L 982 -23.94 57.28 -50.27
N PHE L 983 -24.26 56.72 -51.44
CA PHE L 983 -25.62 56.62 -51.93
C PHE L 983 -26.01 55.16 -52.13
N ALA L 984 -25.66 54.31 -51.17
CA ALA L 984 -25.97 52.89 -51.24
C ALA L 984 -27.35 52.62 -50.67
N CYS L 985 -27.98 51.56 -51.18
CA CYS L 985 -29.32 51.16 -50.75
C CYS L 985 -29.28 49.69 -50.34
N PRO L 986 -28.97 49.40 -49.08
CA PRO L 986 -28.93 48.00 -48.64
C PRO L 986 -30.26 47.28 -48.79
N GLU L 987 -31.38 47.97 -48.64
CA GLU L 987 -32.68 47.32 -48.79
C GLU L 987 -32.90 46.86 -50.23
N HIS L 988 -32.44 47.64 -51.20
CA HIS L 988 -32.58 47.24 -52.60
C HIS L 988 -31.78 45.99 -52.90
N LEU L 989 -30.58 45.88 -52.33
CA LEU L 989 -29.76 44.69 -52.54
C LEU L 989 -30.44 43.45 -51.95
N ALA L 990 -31.04 43.59 -50.77
CA ALA L 990 -31.76 42.47 -50.18
C ALA L 990 -32.99 42.10 -51.00
N SER L 991 -33.70 43.09 -51.53
CA SER L 991 -34.88 42.82 -52.35
C SER L 991 -34.53 42.23 -53.69
N LEU L 992 -33.31 42.48 -54.20
CA LEU L 992 -32.92 41.93 -55.49
C LEU L 992 -32.82 40.42 -55.46
N ARG L 993 -32.49 39.83 -54.31
CA ARG L 993 -32.40 38.39 -54.08
C ARG L 993 -31.20 37.80 -54.82
N GLY L 994 -30.60 36.75 -54.23
CA GLY L 994 -29.44 36.10 -54.79
C GLY L 994 -28.12 36.49 -54.15
N MET L 995 -28.14 37.38 -53.16
CA MET L 995 -26.93 37.80 -52.47
C MET L 995 -27.18 37.86 -50.96
N THR L 996 -27.88 36.85 -50.44
CA THR L 996 -28.22 36.79 -49.02
C THR L 996 -27.03 36.25 -48.23
N ASN L 997 -27.29 35.85 -46.99
CA ASN L 997 -26.38 35.03 -46.17
C ASN L 997 -25.01 35.68 -46.07
N ALA L 998 -23.92 34.99 -46.44
CA ALA L 998 -22.58 35.55 -46.27
C ALA L 998 -22.36 36.76 -47.15
N ARG L 999 -22.83 36.71 -48.39
CA ARG L 999 -22.70 37.87 -49.27
C ARG L 999 -23.43 39.08 -48.70
N ARG L 1000 -24.63 38.87 -48.15
CA ARG L 1000 -25.37 39.97 -47.57
C ARG L 1000 -24.65 40.54 -46.36
N VAL L 1001 -24.17 39.67 -45.47
CA VAL L 1001 -23.51 40.17 -44.26
C VAL L 1001 -22.14 40.78 -44.57
N LEU L 1002 -21.56 40.46 -45.72
CA LEU L 1002 -20.30 41.07 -46.12
C LEU L 1002 -20.51 42.40 -46.83
N ALA L 1003 -21.59 42.53 -47.62
CA ALA L 1003 -21.88 43.76 -48.33
C ALA L 1003 -22.74 44.73 -47.55
N LYS L 1004 -23.20 44.34 -46.35
CA LYS L 1004 -24.02 45.23 -45.55
C LYS L 1004 -23.22 46.39 -44.94
N MET L 1005 -21.90 46.26 -44.88
CA MET L 1005 -21.06 47.31 -44.32
C MET L 1005 -20.61 48.30 -45.39
N VAL L 1006 -19.92 47.81 -46.41
CA VAL L 1006 -19.44 48.66 -47.50
C VAL L 1006 -19.66 47.95 -48.83
N PRO L 1007 -20.27 48.60 -49.81
CA PRO L 1007 -20.47 47.97 -51.11
C PRO L 1007 -19.22 48.08 -51.97
N PRO L 1008 -18.67 46.95 -52.41
CA PRO L 1008 -17.45 47.01 -53.23
C PRO L 1008 -17.74 47.23 -54.71
N ILE L 1009 -17.16 48.28 -55.28
CA ILE L 1009 -17.32 48.58 -56.70
C ILE L 1009 -15.96 48.85 -57.32
N PRO L 1010 -15.15 47.81 -57.56
CA PRO L 1010 -13.81 48.03 -58.16
C PRO L 1010 -13.89 48.73 -59.51
N PRO L 1011 -14.58 48.18 -60.51
CA PRO L 1011 -14.36 48.68 -61.88
C PRO L 1011 -14.90 50.08 -62.12
N PHE L 1012 -16.06 50.41 -61.53
CA PHE L 1012 -16.68 51.70 -61.81
C PHE L 1012 -15.93 52.84 -61.13
N LEU L 1013 -15.59 52.68 -59.85
CA LEU L 1013 -15.03 53.77 -59.06
C LEU L 1013 -13.87 53.27 -58.20
N GLY L 1014 -12.92 52.57 -58.84
CA GLY L 1014 -11.78 52.05 -58.10
C GLY L 1014 -10.91 53.14 -57.51
N ALA L 1015 -10.81 54.29 -58.19
CA ALA L 1015 -9.95 55.37 -57.71
C ALA L 1015 -10.41 55.91 -56.37
N ASN L 1016 -11.73 56.05 -56.18
CA ASN L 1016 -12.25 56.57 -54.92
C ASN L 1016 -11.94 55.63 -53.76
N HIS L 1017 -12.05 54.32 -53.99
CA HIS L 1017 -11.69 53.36 -52.95
C HIS L 1017 -10.19 53.33 -52.71
N HIS L 1018 -9.39 53.54 -53.76
CA HIS L 1018 -7.94 53.50 -53.62
C HIS L 1018 -7.43 54.70 -52.81
N ALA L 1019 -7.93 55.89 -53.10
CA ALA L 1019 -7.49 57.10 -52.43
C ALA L 1019 -8.34 57.46 -51.21
N THR L 1020 -9.42 56.72 -50.97
CA THR L 1020 -10.27 56.88 -49.78
C THR L 1020 -10.72 58.32 -49.58
N ILE L 1021 -11.16 58.96 -50.66
CA ILE L 1021 -11.65 60.33 -50.57
C ILE L 1021 -12.95 60.38 -49.78
N ARG L 1022 -13.83 59.39 -49.99
CA ARG L 1022 -15.17 59.43 -49.40
C ARG L 1022 -15.16 59.12 -47.90
N GLN L 1023 -14.14 58.45 -47.39
CA GLN L 1023 -14.15 58.03 -45.98
C GLN L 1023 -14.19 59.20 -45.02
N PRO L 1024 -13.31 60.21 -45.10
CA PRO L 1024 -13.37 61.29 -44.10
C PRO L 1024 -14.62 62.13 -44.18
N VAL L 1025 -15.08 62.46 -45.39
CA VAL L 1025 -16.29 63.28 -45.53
C VAL L 1025 -17.50 62.50 -45.04
N ALA L 1026 -17.57 61.20 -45.35
CA ALA L 1026 -18.66 60.37 -44.85
C ALA L 1026 -18.65 60.29 -43.33
N TYR L 1027 -17.46 60.11 -42.74
CA TYR L 1027 -17.36 60.07 -41.28
C TYR L 1027 -17.82 61.38 -40.67
N HIS L 1028 -17.40 62.51 -41.25
CA HIS L 1028 -17.81 63.80 -40.73
C HIS L 1028 -19.32 63.99 -40.83
N VAL L 1029 -19.91 63.63 -41.97
CA VAL L 1029 -21.34 63.84 -42.17
C VAL L 1029 -22.17 62.87 -41.34
N THR L 1030 -21.61 61.72 -40.94
CA THR L 1030 -22.33 60.80 -40.08
C THR L 1030 -22.10 61.03 -38.60
N HIS L 1031 -21.05 61.76 -38.23
CA HIS L 1031 -20.74 62.01 -36.83
C HIS L 1031 -21.20 63.38 -36.35
N SER L 1032 -20.85 64.44 -37.09
CA SER L 1032 -21.19 65.80 -36.65
C SER L 1032 -22.70 66.00 -36.59
N LYS L 1033 -23.35 65.97 -37.75
CA LYS L 1033 -24.81 66.08 -37.85
C LYS L 1033 -25.35 67.31 -37.11
N SER L 1034 -24.54 68.37 -37.03
CA SER L 1034 -24.97 69.57 -36.29
C SER L 1034 -25.84 70.47 -37.16
N ASP L 1035 -25.29 70.97 -38.27
CA ASP L 1035 -26.04 71.82 -39.17
C ASP L 1035 -25.37 71.80 -40.54
N PHE L 1036 -26.11 72.26 -41.54
CA PHE L 1036 -25.61 72.22 -42.92
C PHE L 1036 -24.51 73.25 -43.17
N ASN L 1037 -24.54 74.38 -42.46
CA ASN L 1037 -23.58 75.44 -42.73
C ASN L 1037 -22.15 74.99 -42.42
N THR L 1038 -21.94 74.44 -41.22
CA THR L 1038 -20.61 73.97 -40.86
C THR L 1038 -20.17 72.80 -41.71
N LEU L 1039 -21.12 71.93 -42.10
CA LEU L 1039 -20.77 70.80 -42.97
C LEU L 1039 -20.28 71.29 -44.33
N THR L 1040 -20.99 72.25 -44.92
CA THR L 1040 -20.57 72.79 -46.21
C THR L 1040 -19.24 73.54 -46.08
N TYR L 1041 -19.05 74.27 -44.99
CA TYR L 1041 -17.79 74.97 -44.79
C TYR L 1041 -16.63 73.98 -44.67
N SER L 1042 -16.82 72.89 -43.92
CA SER L 1042 -15.78 71.88 -43.78
C SER L 1042 -15.50 71.20 -45.12
N LEU L 1043 -16.56 70.93 -45.90
CA LEU L 1043 -16.36 70.34 -47.22
C LEU L 1043 -15.56 71.26 -48.12
N LEU L 1044 -15.88 72.56 -48.12
CA LEU L 1044 -15.12 73.51 -48.92
C LEU L 1044 -13.68 73.59 -48.47
N GLY L 1045 -13.44 73.59 -47.15
CA GLY L 1045 -12.08 73.65 -46.65
C GLY L 1045 -11.27 72.41 -47.01
N GLY L 1046 -11.87 71.23 -46.90
CA GLY L 1046 -11.18 70.00 -47.21
C GLY L 1046 -11.05 69.69 -48.69
N TYR L 1047 -11.87 70.33 -49.52
CA TYR L 1047 -11.80 70.10 -50.97
C TYR L 1047 -10.65 70.84 -51.64
N PHE L 1048 -9.96 71.72 -50.92
CA PHE L 1048 -8.85 72.46 -51.51
C PHE L 1048 -7.69 71.52 -51.83
N LYS L 1049 -7.06 71.76 -52.98
CA LYS L 1049 -5.93 70.94 -53.41
C LYS L 1049 -4.64 71.41 -52.75
N PHE L 1050 -3.78 70.45 -52.42
CA PHE L 1050 -2.49 70.75 -51.81
C PHE L 1050 -1.47 71.07 -52.90
N THR L 1051 -1.65 72.24 -53.51
CA THR L 1051 -0.81 72.74 -54.58
C THR L 1051 0.07 73.88 -54.10
N PRO L 1052 1.22 74.12 -54.74
CA PRO L 1052 2.04 75.28 -54.35
C PRO L 1052 1.31 76.61 -54.50
N ILE L 1053 0.39 76.72 -55.46
CA ILE L 1053 -0.38 77.96 -55.60
C ILE L 1053 -1.29 78.18 -54.41
N SER L 1054 -1.72 77.11 -53.74
CA SER L 1054 -2.55 77.26 -52.55
C SER L 1054 -1.81 78.00 -51.44
N LEU L 1055 -0.48 77.85 -51.37
CA LEU L 1055 0.30 78.62 -50.41
C LEU L 1055 0.21 80.10 -50.69
N THR L 1056 0.31 80.50 -51.96
CA THR L 1056 0.15 81.91 -52.32
C THR L 1056 -1.27 82.40 -52.05
N HIS L 1057 -2.26 81.55 -52.29
CA HIS L 1057 -3.64 81.92 -51.98
C HIS L 1057 -3.82 82.16 -50.48
N GLN L 1058 -3.24 81.28 -49.65
CA GLN L 1058 -3.30 81.47 -48.21
C GLN L 1058 -2.55 82.73 -47.78
N LEU L 1059 -1.42 83.02 -48.42
CA LEU L 1059 -0.68 84.24 -48.13
C LEU L 1059 -1.53 85.47 -48.44
N ARG L 1060 -2.23 85.46 -49.58
CA ARG L 1060 -3.12 86.57 -49.92
C ARG L 1060 -4.28 86.67 -48.93
N THR L 1061 -4.82 85.53 -48.51
CA THR L 1061 -5.94 85.55 -47.57
C THR L 1061 -5.52 86.11 -46.22
N GLY L 1062 -4.36 85.70 -45.71
CA GLY L 1062 -3.88 86.21 -44.44
C GLY L 1062 -3.20 85.18 -43.56
N PHE L 1063 -3.25 83.91 -43.95
CA PHE L 1063 -2.67 82.81 -43.19
C PHE L 1063 -3.23 82.74 -41.77
N HIS L 1064 -4.50 82.34 -41.69
CA HIS L 1064 -5.17 82.06 -40.42
C HIS L 1064 -5.79 80.67 -40.48
N PRO L 1065 -4.96 79.62 -40.51
CA PRO L 1065 -5.50 78.26 -40.62
C PRO L 1065 -5.75 77.63 -39.26
N GLY L 1066 -6.21 76.38 -39.27
CA GLY L 1066 -6.39 75.63 -38.04
C GLY L 1066 -5.27 74.66 -37.77
N ILE L 1067 -4.04 75.06 -38.08
CA ILE L 1067 -2.87 74.21 -37.92
C ILE L 1067 -2.00 74.77 -36.81
N ALA L 1068 -1.13 73.91 -36.27
CA ALA L 1068 -0.23 74.27 -35.20
C ALA L 1068 1.17 74.52 -35.74
N PHE L 1069 1.91 75.39 -35.04
CA PHE L 1069 3.26 75.75 -35.43
C PHE L 1069 4.06 76.13 -34.20
N THR L 1070 5.38 76.08 -34.32
CA THR L 1070 6.28 76.46 -33.24
C THR L 1070 7.44 77.27 -33.81
N VAL L 1071 7.97 78.16 -32.99
CA VAL L 1071 9.12 78.99 -33.34
C VAL L 1071 10.16 78.86 -32.25
N VAL L 1072 11.40 78.53 -32.63
CA VAL L 1072 12.50 78.34 -31.69
C VAL L 1072 13.53 79.45 -31.94
N ARG L 1073 13.89 80.16 -30.88
CA ARG L 1073 14.87 81.23 -30.95
C ARG L 1073 15.90 81.05 -29.86
N GLN L 1074 17.17 81.25 -30.20
CA GLN L 1074 18.28 81.10 -29.27
C GLN L 1074 19.04 82.42 -29.15
N ASP L 1075 19.39 82.77 -27.91
CA ASP L 1075 20.15 83.98 -27.61
C ASP L 1075 21.46 83.59 -26.94
N ARG L 1076 22.21 84.60 -26.51
CA ARG L 1076 23.48 84.37 -25.84
C ARG L 1076 23.70 85.45 -24.80
N PHE L 1077 24.53 85.14 -23.80
CA PHE L 1077 24.85 86.06 -22.72
C PHE L 1077 26.34 85.89 -22.39
N ALA L 1078 26.75 86.50 -21.27
CA ALA L 1078 28.13 86.41 -20.82
C ALA L 1078 28.14 86.15 -19.32
N THR L 1079 29.21 85.49 -18.86
CA THR L 1079 29.36 85.17 -17.45
C THR L 1079 30.84 85.12 -17.10
N GLU L 1080 31.13 85.22 -15.81
CA GLU L 1080 32.49 85.17 -15.30
C GLU L 1080 32.78 83.79 -14.73
N GLN L 1081 33.98 83.63 -14.16
CA GLN L 1081 34.42 82.37 -13.59
C GLN L 1081 35.09 82.62 -12.25
N LEU L 1082 35.03 81.62 -11.38
CA LEU L 1082 35.63 81.68 -10.05
C LEU L 1082 36.59 80.52 -9.87
N LEU L 1083 37.79 80.82 -9.38
CA LEU L 1083 38.83 79.81 -9.18
C LEU L 1083 39.12 79.69 -7.70
N TYR L 1084 39.05 78.46 -7.18
CA TYR L 1084 39.37 78.17 -5.79
C TYR L 1084 40.38 77.03 -5.75
N ALA L 1085 41.46 77.22 -5.00
CA ALA L 1085 42.52 76.22 -4.89
C ALA L 1085 43.02 76.21 -3.44
N GLU L 1086 44.08 75.45 -3.21
CA GLU L 1086 44.67 75.34 -1.89
C GLU L 1086 45.76 76.40 -1.72
N ARG L 1087 46.55 76.29 -0.66
CA ARG L 1087 47.63 77.25 -0.42
C ARG L 1087 48.67 77.20 -1.52
N ALA L 1088 49.03 76.01 -1.98
CA ALA L 1088 50.02 75.85 -3.04
C ALA L 1088 49.72 74.55 -3.79
N SER L 1089 49.26 74.68 -5.04
CA SER L 1089 48.94 73.50 -5.84
C SER L 1089 49.43 73.63 -7.27
N GLU L 1090 50.44 74.46 -7.52
CA GLU L 1090 50.96 74.64 -8.87
C GLU L 1090 52.44 74.98 -8.78
N SER L 1091 53.22 74.47 -9.74
CA SER L 1091 54.67 74.73 -9.79
C SER L 1091 55.06 74.89 -11.26
N TYR L 1092 55.10 76.15 -11.72
CA TYR L 1092 55.47 76.44 -13.09
C TYR L 1092 56.97 76.29 -13.28
N PHE L 1093 57.38 75.60 -14.34
CA PHE L 1093 58.77 75.36 -14.65
C PHE L 1093 59.15 76.09 -15.94
N VAL L 1094 60.34 76.67 -15.95
CA VAL L 1094 60.86 77.40 -17.10
C VAL L 1094 62.26 76.86 -17.43
N GLY L 1095 62.87 77.46 -18.44
CA GLY L 1095 64.20 77.04 -18.87
C GLY L 1095 65.09 78.21 -19.24
N GLN L 1096 65.89 78.03 -20.30
CA GLN L 1096 66.81 79.06 -20.76
C GLN L 1096 66.25 79.73 -22.01
N ILE L 1097 66.40 81.06 -22.08
CA ILE L 1097 65.90 81.81 -23.22
C ILE L 1097 66.78 81.54 -24.44
N GLN L 1098 66.21 81.79 -25.62
CA GLN L 1098 66.91 81.59 -26.88
C GLN L 1098 66.38 82.57 -27.90
N VAL L 1099 67.25 83.43 -28.42
CA VAL L 1099 66.89 84.44 -29.39
C VAL L 1099 67.65 84.16 -30.69
N HIS L 1100 66.92 84.11 -31.80
CA HIS L 1100 67.50 83.86 -33.11
C HIS L 1100 67.58 85.17 -33.89
N HIS L 1101 68.77 85.50 -34.37
CA HIS L 1101 68.98 86.72 -35.12
C HIS L 1101 68.60 86.51 -36.58
N HIS L 1102 67.82 87.45 -37.13
CA HIS L 1102 67.38 87.37 -38.51
C HIS L 1102 67.12 88.77 -39.02
N ASP L 1103 67.33 88.97 -40.33
CA ASP L 1103 67.12 90.26 -40.98
C ASP L 1103 65.79 90.22 -41.71
N ALA L 1104 64.83 91.00 -41.24
CA ALA L 1104 63.52 91.09 -41.84
C ALA L 1104 63.45 92.30 -42.79
N ILE L 1105 62.26 92.50 -43.37
CA ILE L 1105 62.07 93.64 -44.26
C ILE L 1105 62.13 94.95 -43.49
N GLY L 1106 61.43 95.01 -42.35
CA GLY L 1106 61.43 96.20 -41.53
C GLY L 1106 62.49 96.21 -40.45
N GLY L 1107 63.74 96.04 -40.85
CA GLY L 1107 64.85 96.03 -39.91
C GLY L 1107 65.26 94.61 -39.56
N VAL L 1108 65.33 94.32 -38.26
CA VAL L 1108 65.71 93.00 -37.77
C VAL L 1108 64.69 92.56 -36.71
N ASN L 1109 64.26 91.31 -36.80
CA ASN L 1109 63.30 90.73 -35.87
C ASN L 1109 63.99 89.76 -34.93
N PHE L 1110 63.36 89.52 -33.79
CA PHE L 1110 63.86 88.61 -32.78
C PHE L 1110 62.80 87.58 -32.44
N THR L 1111 63.19 86.31 -32.43
CA THR L 1111 62.29 85.21 -32.11
C THR L 1111 62.55 84.77 -30.68
N LEU L 1112 61.51 84.78 -29.85
CA LEU L 1112 61.61 84.40 -28.44
C LEU L 1112 61.10 82.98 -28.27
N THR L 1113 62.00 82.06 -27.96
CA THR L 1113 61.66 80.66 -27.73
C THR L 1113 62.21 80.23 -26.38
N GLN L 1114 61.34 79.67 -25.54
CA GLN L 1114 61.74 79.23 -24.21
C GLN L 1114 61.09 77.91 -23.86
N PRO L 1115 61.87 76.86 -23.59
CA PRO L 1115 61.26 75.57 -23.21
C PRO L 1115 60.67 75.61 -21.81
N ARG L 1116 59.34 75.58 -21.71
CA ARG L 1116 58.64 75.62 -20.45
C ARG L 1116 57.80 74.36 -20.27
N ALA L 1117 57.71 73.89 -19.03
CA ALA L 1117 56.93 72.71 -18.69
C ALA L 1117 55.88 73.07 -17.66
N HIS L 1118 54.71 72.45 -17.76
CA HIS L 1118 53.59 72.69 -16.85
C HIS L 1118 53.34 71.43 -16.04
N VAL L 1119 53.58 71.51 -14.74
CA VAL L 1119 53.36 70.39 -13.82
C VAL L 1119 52.36 70.85 -12.76
N ASP L 1120 51.30 70.09 -12.59
CA ASP L 1120 50.25 70.39 -11.62
C ASP L 1120 50.38 69.42 -10.45
N LEU L 1121 50.60 69.96 -9.26
CA LEU L 1121 50.72 69.16 -8.04
C LEU L 1121 49.39 68.99 -7.32
N GLY L 1122 48.32 69.63 -7.78
CA GLY L 1122 47.03 69.53 -7.14
C GLY L 1122 46.24 68.33 -7.64
N VAL L 1123 45.50 67.72 -6.71
CA VAL L 1123 44.67 66.57 -7.06
C VAL L 1123 43.40 67.04 -7.78
N GLY L 1124 42.73 66.10 -8.43
CA GLY L 1124 41.53 66.40 -9.18
C GLY L 1124 40.26 66.56 -8.39
N TYR L 1125 40.32 66.39 -7.07
CA TYR L 1125 39.17 66.52 -6.20
C TYR L 1125 39.43 67.51 -5.08
N THR L 1126 40.04 68.65 -5.41
CA THR L 1126 40.34 69.67 -4.42
C THR L 1126 39.99 71.08 -4.87
N ALA L 1127 39.50 71.27 -6.09
CA ALA L 1127 39.16 72.58 -6.61
C ALA L 1127 37.65 72.69 -6.83
N VAL L 1128 37.08 73.82 -6.43
CA VAL L 1128 35.65 74.09 -6.58
C VAL L 1128 35.49 75.33 -7.44
N CYS L 1129 34.68 75.21 -8.49
CA CYS L 1129 34.43 76.31 -9.42
C CYS L 1129 32.94 76.61 -9.42
N ALA L 1130 32.56 77.72 -8.79
CA ALA L 1130 31.16 78.15 -8.74
C ALA L 1130 31.11 79.66 -8.95
N THR L 1131 30.51 80.08 -10.05
CA THR L 1131 30.40 81.49 -10.38
C THR L 1131 29.08 82.06 -9.87
N ALA L 1132 29.13 83.32 -9.43
CA ALA L 1132 27.96 84.01 -8.91
C ALA L 1132 27.85 85.42 -9.50
N ALA L 1133 28.11 85.54 -10.80
CA ALA L 1133 28.03 86.82 -11.47
C ALA L 1133 27.66 86.59 -12.93
N LEU L 1134 27.11 87.64 -13.55
CA LEU L 1134 26.69 87.58 -14.94
C LEU L 1134 27.09 88.90 -15.61
N ARG L 1135 26.54 89.14 -16.81
CA ARG L 1135 26.83 90.34 -17.55
C ARG L 1135 25.59 90.74 -18.35
N CYS L 1136 25.57 91.98 -18.79
CA CYS L 1136 24.43 92.48 -19.55
C CYS L 1136 24.35 91.76 -20.90
N PRO L 1137 23.15 91.50 -21.40
CA PRO L 1137 23.01 90.82 -22.70
C PRO L 1137 23.58 91.65 -23.83
N LEU L 1138 24.17 90.96 -24.81
CA LEU L 1138 24.75 91.61 -25.98
C LEU L 1138 23.98 91.38 -27.26
N THR L 1139 22.95 90.53 -27.23
CA THR L 1139 22.15 90.23 -28.41
C THR L 1139 20.68 90.47 -28.11
N ASP L 1140 19.98 91.07 -29.06
CA ASP L 1140 18.55 91.35 -28.91
C ASP L 1140 17.74 90.14 -29.38
N MET L 1141 16.42 90.32 -29.50
CA MET L 1141 15.52 89.27 -29.92
C MET L 1141 14.86 89.59 -31.26
N GLY L 1142 15.52 90.41 -32.08
CA GLY L 1142 14.96 90.76 -33.38
C GLY L 1142 14.94 89.58 -34.33
N ASN L 1143 14.03 89.64 -35.29
CA ASN L 1143 13.85 88.59 -36.27
C ASN L 1143 14.49 88.99 -37.61
N THR L 1144 14.82 87.97 -38.41
CA THR L 1144 15.41 88.18 -39.71
C THR L 1144 14.81 87.20 -40.70
N ALA L 1145 14.98 87.51 -41.99
CA ALA L 1145 14.45 86.67 -43.07
C ALA L 1145 15.57 85.81 -43.63
N GLN L 1146 15.34 84.50 -43.66
CA GLN L 1146 16.30 83.54 -44.16
C GLN L 1146 15.78 82.89 -45.43
N ASN L 1147 16.68 82.65 -46.38
CA ASN L 1147 16.34 82.06 -47.67
C ASN L 1147 16.72 80.58 -47.65
N LEU L 1148 15.74 79.72 -47.94
CA LEU L 1148 15.97 78.28 -47.97
C LEU L 1148 16.11 77.72 -49.38
N PHE L 1149 15.88 78.53 -50.41
CA PHE L 1149 15.98 78.10 -51.78
C PHE L 1149 17.42 78.02 -52.28
N PHE L 1150 18.40 78.46 -51.49
CA PHE L 1150 19.79 78.42 -51.91
C PHE L 1150 20.30 77.01 -52.13
N SER L 1151 19.68 76.01 -51.50
CA SER L 1151 20.10 74.63 -51.70
C SER L 1151 19.91 74.19 -53.14
N ARG L 1152 18.77 74.53 -53.73
CA ARG L 1152 18.43 74.19 -55.12
C ARG L 1152 18.47 72.67 -55.25
N GLY L 1153 18.94 72.14 -56.38
CA GLY L 1153 19.02 70.70 -56.57
C GLY L 1153 17.66 70.04 -56.70
N GLY L 1154 16.93 70.38 -57.77
CA GLY L 1154 15.61 69.83 -58.02
C GLY L 1154 15.60 68.99 -59.29
N VAL L 1155 14.73 67.99 -59.31
CA VAL L 1155 14.61 67.12 -60.49
C VAL L 1155 13.96 67.92 -61.63
N PRO L 1156 14.53 67.89 -62.84
CA PRO L 1156 13.93 68.65 -63.94
C PRO L 1156 12.62 68.05 -64.42
N MET L 1157 11.51 68.72 -64.12
CA MET L 1157 10.18 68.26 -64.52
C MET L 1157 9.36 69.44 -65.05
N LEU L 1158 9.98 70.27 -65.89
CA LEU L 1158 9.33 71.46 -66.45
C LEU L 1158 8.82 72.38 -65.34
N HIS L 1159 9.66 72.60 -64.32
CA HIS L 1159 9.33 73.43 -63.18
C HIS L 1159 9.89 74.84 -63.31
N ASP L 1160 10.39 75.21 -64.49
CA ASP L 1160 10.96 76.55 -64.66
C ASP L 1160 9.93 77.63 -64.42
N ASN L 1161 8.71 77.44 -64.94
CA ASN L 1161 7.67 78.46 -64.79
C ASN L 1161 7.30 78.67 -63.33
N VAL L 1162 7.10 77.58 -62.58
CA VAL L 1162 6.70 77.72 -61.18
C VAL L 1162 7.85 78.27 -60.35
N THR L 1163 9.08 77.86 -60.64
CA THR L 1163 10.22 78.40 -59.90
C THR L 1163 10.38 79.90 -60.14
N GLU L 1164 10.23 80.34 -61.40
CA GLU L 1164 10.35 81.76 -61.68
C GLU L 1164 9.19 82.55 -61.09
N SER L 1165 7.99 81.97 -61.06
CA SER L 1165 6.87 82.65 -60.42
C SER L 1165 7.10 82.79 -58.92
N LEU L 1166 7.63 81.74 -58.28
CA LEU L 1166 7.94 81.83 -56.85
C LEU L 1166 9.03 82.86 -56.60
N ARG L 1167 10.05 82.90 -57.46
CA ARG L 1167 11.12 83.89 -57.29
C ARG L 1167 10.58 85.31 -57.44
N ARG L 1168 9.72 85.54 -58.42
CA ARG L 1168 9.17 86.88 -58.62
C ARG L 1168 8.22 87.27 -57.50
N ILE L 1169 7.46 86.32 -56.95
CA ILE L 1169 6.55 86.65 -55.85
C ILE L 1169 7.33 86.86 -54.56
N THR L 1170 8.49 86.23 -54.42
CA THR L 1170 9.34 86.50 -53.26
C THR L 1170 10.03 87.86 -53.40
N ALA L 1171 10.48 88.20 -54.60
CA ALA L 1171 11.15 89.49 -54.81
C ALA L 1171 10.16 90.64 -54.67
N SER L 1172 8.94 90.48 -55.17
CA SER L 1172 7.95 91.56 -55.10
C SER L 1172 7.57 91.87 -53.66
N GLY L 1173 7.38 90.84 -52.83
CA GLY L 1173 6.96 91.03 -51.46
C GLY L 1173 8.07 90.91 -50.44
N GLY L 1174 9.31 90.97 -50.90
CA GLY L 1174 10.46 90.84 -50.01
C GLY L 1174 11.53 91.85 -50.36
N ARG L 1175 12.26 92.28 -49.33
CA ARG L 1175 13.34 93.24 -49.52
C ARG L 1175 14.58 92.56 -50.09
N LEU L 1176 15.12 91.59 -49.35
CA LEU L 1176 16.29 90.85 -49.81
C LEU L 1176 15.91 89.88 -50.91
N ASN L 1177 16.78 89.74 -51.89
CA ASN L 1177 16.56 88.86 -53.03
C ASN L 1177 17.77 87.98 -53.25
N PRO L 1178 17.57 86.76 -53.76
CA PRO L 1178 18.71 85.88 -54.04
C PRO L 1178 19.57 86.44 -55.18
N THR L 1179 20.86 86.12 -55.13
CA THR L 1179 21.81 86.59 -56.13
C THR L 1179 21.67 85.72 -57.38
N GLU L 1180 20.95 86.23 -58.37
CA GLU L 1180 20.74 85.53 -59.63
C GLU L 1180 21.96 85.55 -60.56
N PRO L 1181 22.75 86.63 -60.66
CA PRO L 1181 23.92 86.57 -61.55
C PRO L 1181 24.98 85.59 -61.09
N LEU L 1182 24.95 85.18 -59.82
CA LEU L 1182 25.91 84.26 -59.19
C LEU L 1182 27.35 84.60 -59.59
N PRO L 1183 27.89 85.71 -59.11
CA PRO L 1183 29.26 86.08 -59.48
C PRO L 1183 30.28 85.10 -58.92
N ILE L 1184 31.39 84.97 -59.65
CA ILE L 1184 32.51 84.11 -59.25
C ILE L 1184 33.72 85.00 -59.06
N PHE L 1185 34.85 84.41 -58.66
CA PHE L 1185 36.09 85.15 -58.44
C PHE L 1185 35.92 86.22 -57.36
N GLY L 1186 35.76 85.74 -56.13
CA GLY L 1186 35.47 86.60 -55.01
C GLY L 1186 34.46 86.02 -54.03
N GLY L 1187 34.06 84.76 -54.28
CA GLY L 1187 33.18 84.07 -53.35
C GLY L 1187 31.79 84.64 -53.27
N LEU L 1188 31.18 84.95 -54.41
CA LEU L 1188 29.81 85.42 -54.57
C LEU L 1188 29.63 86.85 -54.06
N ARG L 1189 30.66 87.48 -53.49
CA ARG L 1189 30.60 88.83 -52.94
C ARG L 1189 29.44 88.97 -51.96
N PRO L 1190 29.53 88.37 -50.77
CA PRO L 1190 28.43 88.50 -49.81
C PRO L 1190 28.22 89.95 -49.41
N ALA L 1191 26.94 90.30 -49.20
CA ALA L 1191 26.57 91.66 -48.81
C ALA L 1191 26.46 91.73 -47.30
N THR L 1192 27.24 92.64 -46.69
CA THR L 1192 27.26 92.82 -45.25
C THR L 1192 26.73 94.21 -44.93
N SER L 1193 25.77 94.28 -44.01
CA SER L 1193 25.19 95.55 -43.61
C SER L 1193 26.16 96.33 -42.74
N ALA L 1194 25.96 97.65 -42.69
CA ALA L 1194 26.81 98.53 -41.91
C ALA L 1194 26.25 98.64 -40.49
N GLY L 1195 26.80 99.56 -39.69
CA GLY L 1195 26.32 99.72 -38.33
C GLY L 1195 24.96 100.37 -38.29
N ILE L 1196 24.14 99.94 -37.33
CA ILE L 1196 22.79 100.45 -37.14
C ILE L 1196 22.59 100.74 -35.66
N ALA L 1197 21.48 101.41 -35.36
CA ALA L 1197 21.15 101.73 -33.97
C ALA L 1197 20.89 100.45 -33.16
N ARG L 1198 20.19 99.49 -33.75
CA ARG L 1198 19.92 98.24 -33.08
C ARG L 1198 21.16 97.35 -33.08
N GLY L 1199 21.15 96.37 -32.17
CA GLY L 1199 22.25 95.44 -32.04
C GLY L 1199 22.16 94.29 -33.03
N GLN L 1200 22.97 93.27 -32.77
CA GLN L 1200 22.99 92.09 -33.64
C GLN L 1200 21.68 91.33 -33.52
N ALA L 1201 21.11 90.95 -34.66
CA ALA L 1201 19.87 90.20 -34.67
C ALA L 1201 20.12 88.71 -34.43
N SER L 1202 19.04 87.99 -34.19
CA SER L 1202 19.09 86.55 -33.95
C SER L 1202 18.50 85.80 -35.12
N VAL L 1203 18.68 84.48 -35.11
CA VAL L 1203 18.19 83.60 -36.16
C VAL L 1203 17.27 82.56 -35.53
N CYS L 1204 16.10 82.37 -36.12
CA CYS L 1204 15.10 81.44 -35.63
C CYS L 1204 14.81 80.40 -36.70
N GLU L 1205 14.75 79.13 -36.30
CA GLU L 1205 14.44 78.06 -37.24
C GLU L 1205 12.94 78.01 -37.52
N PHE L 1206 12.62 77.65 -38.75
CA PHE L 1206 11.23 77.58 -39.22
C PHE L 1206 10.94 76.12 -39.56
N VAL L 1207 10.34 75.39 -38.62
CA VAL L 1207 10.07 73.97 -38.77
C VAL L 1207 8.58 73.74 -38.60
N ALA L 1208 7.99 72.96 -39.51
CA ALA L 1208 6.57 72.64 -39.45
C ALA L 1208 6.31 71.58 -38.38
N MET L 1209 5.06 71.54 -37.92
CA MET L 1209 4.62 70.60 -36.92
C MET L 1209 3.32 69.93 -37.35
N PRO L 1210 3.11 68.69 -36.93
CA PRO L 1210 1.86 67.99 -37.29
C PRO L 1210 0.67 68.58 -36.55
N VAL L 1211 -0.52 68.31 -37.11
CA VAL L 1211 -1.75 68.81 -36.51
C VAL L 1211 -2.02 68.17 -35.15
N SER L 1212 -1.43 67.01 -34.87
CA SER L 1212 -1.59 66.34 -33.59
C SER L 1212 -0.46 66.77 -32.67
N THR L 1213 -0.80 67.54 -31.63
CA THR L 1213 0.18 68.04 -30.68
C THR L 1213 -0.01 67.35 -29.32
N ASP L 1214 1.11 67.18 -28.61
CA ASP L 1214 1.13 66.55 -27.30
C ASP L 1214 1.50 67.62 -26.28
N LEU L 1215 0.48 68.28 -25.73
CA LEU L 1215 0.72 69.35 -24.75
C LEU L 1215 1.38 68.80 -23.50
N GLN L 1216 0.94 67.63 -23.02
CA GLN L 1216 1.54 67.04 -21.84
C GLN L 1216 3.01 66.69 -22.08
N TYR L 1217 3.31 66.10 -23.24
CA TYR L 1217 4.69 65.76 -23.55
C TYR L 1217 5.55 67.02 -23.68
N PHE L 1218 5.00 68.08 -24.27
CA PHE L 1218 5.76 69.33 -24.38
C PHE L 1218 6.01 69.93 -23.00
N ARG L 1219 5.03 69.84 -22.10
CA ARG L 1219 5.19 70.42 -20.77
C ARG L 1219 6.12 69.59 -19.90
N THR L 1220 6.21 68.28 -20.14
CA THR L 1220 7.03 67.39 -19.32
C THR L 1220 8.49 67.51 -19.77
N ALA L 1221 9.20 68.46 -19.17
CA ALA L 1221 10.64 68.64 -19.35
C ALA L 1221 11.02 68.95 -20.79
N CYS L 1222 10.05 69.35 -21.62
CA CYS L 1222 10.24 69.69 -23.03
C CYS L 1222 11.22 68.74 -23.71
N ASN L 1223 10.89 67.46 -23.67
CA ASN L 1223 11.75 66.45 -24.26
C ASN L 1223 11.82 66.62 -25.78
N PRO L 1224 13.02 66.58 -26.36
CA PRO L 1224 13.18 66.82 -27.81
C PRO L 1224 12.93 65.59 -28.68
N ARG L 1225 11.64 65.33 -28.92
CA ARG L 1225 11.15 64.28 -29.82
C ARG L 1225 11.46 62.87 -29.31
N GLY L 1226 10.61 61.92 -29.66
CA GLY L 1226 10.86 60.53 -29.30
C GLY L 1226 10.83 60.34 -27.79
N ARG L 1227 11.95 59.87 -27.25
CA ARG L 1227 12.13 59.64 -25.83
C ARG L 1227 13.29 60.49 -25.32
N ALA L 1228 13.69 60.25 -24.07
CA ALA L 1228 14.79 60.98 -23.47
C ALA L 1228 16.12 60.52 -24.06
N SER L 1229 16.56 61.16 -25.13
CA SER L 1229 17.77 60.79 -25.84
C SER L 1229 18.92 61.73 -25.45
N GLY L 1230 20.04 61.60 -26.12
CA GLY L 1230 21.21 62.40 -25.84
C GLY L 1230 22.49 61.60 -25.78
N MET L 1231 23.17 61.64 -24.62
CA MET L 1231 24.42 60.91 -24.43
C MET L 1231 24.32 59.74 -23.47
N LEU L 1232 23.26 59.69 -22.65
CA LEU L 1232 23.10 58.63 -21.66
C LEU L 1232 22.36 57.44 -22.27
N TYR L 1233 23.02 56.83 -23.27
CA TYR L 1233 22.51 55.64 -23.95
C TYR L 1233 23.59 54.57 -23.88
N MET L 1234 23.51 53.71 -22.87
CA MET L 1234 24.45 52.61 -22.68
C MET L 1234 23.67 51.30 -22.81
N GLY L 1235 23.56 50.81 -24.04
CA GLY L 1235 22.83 49.58 -24.30
C GLY L 1235 23.68 48.51 -24.95
N ASP L 1236 23.12 47.82 -25.94
CA ASP L 1236 23.82 46.75 -26.64
C ASP L 1236 24.25 47.14 -28.05
N ARG L 1237 23.72 48.23 -28.60
CA ARG L 1237 24.09 48.65 -29.95
C ARG L 1237 23.83 50.14 -30.08
N ASP L 1238 24.42 50.74 -31.10
CA ASP L 1238 24.28 52.16 -31.38
C ASP L 1238 23.07 52.49 -32.23
N ALA L 1239 22.30 51.48 -32.65
CA ALA L 1239 21.11 51.68 -33.47
C ALA L 1239 19.83 51.66 -32.64
N ASP L 1240 19.90 52.10 -31.38
CA ASP L 1240 18.75 52.12 -30.49
C ASP L 1240 17.91 53.38 -30.63
N ILE L 1241 18.32 54.32 -31.50
CA ILE L 1241 17.55 55.55 -31.66
C ILE L 1241 16.25 55.31 -32.42
N GLU L 1242 16.12 54.17 -33.09
CA GLU L 1242 14.91 53.83 -33.83
C GLU L 1242 14.34 52.46 -33.50
N ALA L 1243 15.12 51.55 -32.92
CA ALA L 1243 14.59 50.24 -32.59
C ALA L 1243 13.55 50.33 -31.47
N ILE L 1244 13.78 51.21 -30.49
CA ILE L 1244 12.88 51.34 -29.35
C ILE L 1244 11.50 51.83 -29.77
N MET L 1245 11.38 52.44 -30.95
CA MET L 1245 10.10 52.89 -31.47
C MET L 1245 9.62 52.09 -32.67
N PHE L 1246 10.47 51.26 -33.27
CA PHE L 1246 10.10 50.45 -34.42
C PHE L 1246 9.99 48.96 -34.09
N ASP L 1247 10.18 48.58 -32.83
CA ASP L 1247 10.03 47.17 -32.46
C ASP L 1247 8.60 46.67 -32.71
N HIS L 1248 7.61 47.49 -32.35
CA HIS L 1248 6.20 47.19 -32.57
C HIS L 1248 5.78 45.88 -31.91
N THR L 1249 4.65 45.33 -32.36
CA THR L 1249 4.05 44.08 -31.87
C THR L 1249 3.77 44.08 -30.38
N GLN L 1250 3.84 45.24 -29.72
CA GLN L 1250 3.50 45.38 -28.31
C GLN L 1250 3.50 46.88 -27.98
N SER L 1251 2.61 47.27 -27.07
CA SER L 1251 2.40 48.68 -26.73
C SER L 1251 3.06 49.05 -25.42
N ASP L 1252 4.23 48.48 -25.12
CA ASP L 1252 5.00 48.78 -23.91
C ASP L 1252 4.20 48.47 -22.64
N VAL L 1253 4.72 48.89 -21.49
CA VAL L 1253 4.10 48.59 -20.22
C VAL L 1253 3.90 49.88 -19.42
N ALA L 1254 4.96 50.67 -19.29
CA ALA L 1254 4.96 51.80 -18.35
C ALA L 1254 3.90 52.84 -18.72
N TYR L 1255 4.05 53.47 -19.88
CA TYR L 1255 3.22 54.61 -20.25
C TYR L 1255 2.03 54.21 -21.11
N THR L 1256 2.28 53.63 -22.28
CA THR L 1256 1.24 53.19 -23.21
C THR L 1256 0.31 54.34 -23.58
N ASP L 1257 0.84 55.57 -23.59
CA ASP L 1257 0.01 56.73 -23.90
C ASP L 1257 0.71 57.76 -24.79
N ARG L 1258 1.90 57.45 -25.31
CA ARG L 1258 2.61 58.40 -26.18
C ARG L 1258 3.52 57.58 -27.10
N ALA L 1259 3.09 57.42 -28.36
CA ALA L 1259 3.92 56.72 -29.34
C ALA L 1259 4.97 57.65 -29.95
N THR L 1260 4.51 58.70 -30.63
CA THR L 1260 5.39 59.68 -31.24
C THR L 1260 4.80 61.07 -31.07
N LEU L 1261 5.64 62.02 -30.67
CA LEU L 1261 5.19 63.40 -30.52
C LEU L 1261 4.86 64.03 -31.86
N ASN L 1262 5.75 63.88 -32.84
CA ASN L 1262 5.56 64.43 -34.18
C ASN L 1262 5.82 63.32 -35.19
N PRO L 1263 4.79 62.50 -35.48
CA PRO L 1263 5.00 61.37 -36.41
C PRO L 1263 5.39 61.79 -37.81
N TRP L 1264 5.14 63.04 -38.20
CA TRP L 1264 5.48 63.48 -39.55
C TRP L 1264 6.99 63.47 -39.79
N ALA L 1265 7.79 63.62 -38.73
CA ALA L 1265 9.24 63.66 -38.87
C ALA L 1265 9.99 62.71 -37.94
N SER L 1266 9.32 62.09 -36.97
CA SER L 1266 9.97 61.19 -36.03
C SER L 1266 9.95 59.74 -36.47
N GLN L 1267 9.39 59.44 -37.64
CA GLN L 1267 9.31 58.08 -38.15
C GLN L 1267 10.47 57.84 -39.12
N LYS L 1268 11.31 56.86 -38.79
CA LYS L 1268 12.48 56.45 -39.57
C LYS L 1268 13.25 57.65 -40.12
N HIS L 1269 13.78 57.53 -41.35
CA HIS L 1269 14.52 58.59 -42.01
C HIS L 1269 13.58 59.28 -42.99
N SER L 1270 12.82 60.25 -42.48
CA SER L 1270 11.84 60.97 -43.28
C SER L 1270 12.20 62.43 -43.51
N TYR L 1271 12.44 63.18 -42.43
CA TYR L 1271 12.74 64.60 -42.55
C TYR L 1271 14.11 64.96 -41.99
N GLY L 1272 14.44 64.49 -40.78
CA GLY L 1272 15.70 64.88 -40.16
C GLY L 1272 16.90 64.41 -40.95
N ASP L 1273 16.84 63.22 -41.53
CA ASP L 1273 17.93 62.65 -42.31
C ASP L 1273 17.81 62.93 -43.80
N ARG L 1274 16.80 63.68 -44.23
CA ARG L 1274 16.58 63.95 -45.65
C ARG L 1274 16.51 65.43 -46.01
N LEU L 1275 16.38 66.33 -45.03
CA LEU L 1275 16.27 67.75 -45.35
C LEU L 1275 17.63 68.33 -45.75
N TYR L 1276 18.60 68.27 -44.85
CA TYR L 1276 19.93 68.80 -45.13
C TYR L 1276 21.01 67.78 -44.86
N ASN L 1277 20.75 66.85 -43.93
CA ASN L 1277 21.68 65.79 -43.55
C ASN L 1277 23.00 66.38 -43.05
N GLY L 1278 24.00 66.47 -43.92
CA GLY L 1278 25.29 67.00 -43.55
C GLY L 1278 26.45 66.14 -44.04
N THR L 1279 26.13 65.17 -44.89
CA THR L 1279 27.15 64.30 -45.47
C THR L 1279 27.11 64.23 -46.99
N TYR L 1280 26.13 64.89 -47.62
CA TYR L 1280 26.01 64.89 -49.07
C TYR L 1280 26.73 66.05 -49.74
N ASN L 1281 27.44 66.87 -48.96
CA ASN L 1281 28.23 68.00 -49.44
C ASN L 1281 27.35 69.12 -50.00
N LEU L 1282 26.79 68.92 -51.18
CA LEU L 1282 25.98 69.96 -51.82
C LEU L 1282 24.75 70.29 -50.99
N THR L 1283 24.09 69.27 -50.45
CA THR L 1283 22.89 69.51 -49.63
C THR L 1283 23.24 70.14 -48.30
N GLY L 1284 24.43 69.87 -47.77
CA GLY L 1284 24.87 70.40 -46.50
C GLY L 1284 25.57 71.75 -46.58
N ALA L 1285 25.62 72.36 -47.76
CA ALA L 1285 26.28 73.65 -47.94
C ALA L 1285 25.35 74.83 -47.72
N SER L 1286 24.09 74.58 -47.37
CA SER L 1286 23.16 75.67 -47.15
C SER L 1286 23.56 76.47 -45.91
N PRO L 1287 23.38 77.79 -45.92
CA PRO L 1287 23.73 78.62 -44.75
C PRO L 1287 22.69 78.54 -43.64
N ILE L 1288 22.81 77.49 -42.83
CA ILE L 1288 21.90 77.24 -41.72
C ILE L 1288 22.67 77.37 -40.41
N TYR L 1289 21.95 77.23 -39.30
CA TYR L 1289 22.56 77.32 -37.99
C TYR L 1289 23.46 76.12 -37.74
N SER L 1290 24.72 76.40 -37.38
CA SER L 1290 25.70 75.33 -37.21
C SER L 1290 25.34 74.35 -36.09
N PRO L 1291 24.98 74.78 -34.86
CA PRO L 1291 24.65 73.81 -33.81
C PRO L 1291 23.17 73.40 -33.84
N CYS L 1292 22.75 72.79 -34.95
CA CYS L 1292 21.38 72.32 -35.09
C CYS L 1292 21.27 70.89 -35.61
N PHE L 1293 22.30 70.35 -36.26
CA PHE L 1293 22.27 69.00 -36.78
C PHE L 1293 22.86 67.98 -35.81
N LYS L 1294 23.28 68.42 -34.62
CA LYS L 1294 23.87 67.48 -33.66
C LYS L 1294 22.84 66.49 -33.14
N PHE L 1295 21.56 66.86 -33.13
CA PHE L 1295 20.52 65.95 -32.65
C PHE L 1295 20.05 64.97 -33.71
N PHE L 1296 20.54 65.08 -34.94
CA PHE L 1296 20.14 64.18 -36.01
C PHE L 1296 21.24 63.26 -36.50
N THR L 1297 22.51 63.61 -36.27
CA THR L 1297 23.62 62.79 -36.71
C THR L 1297 24.21 62.06 -35.51
N PRO L 1298 24.11 60.74 -35.44
CA PRO L 1298 24.69 60.02 -34.29
C PRO L 1298 26.20 60.15 -34.20
N ALA L 1299 26.88 60.40 -35.32
CA ALA L 1299 28.35 60.56 -35.38
C ALA L 1299 28.98 59.26 -34.85
N GLU L 1300 30.09 59.33 -34.14
CA GLU L 1300 30.77 58.16 -33.60
C GLU L 1300 30.63 58.14 -32.09
N VAL L 1301 30.20 57.00 -31.55
CA VAL L 1301 30.01 56.83 -30.11
C VAL L 1301 31.10 55.88 -29.59
N ASN L 1302 31.82 56.33 -28.56
CA ASN L 1302 32.89 55.54 -27.98
C ASN L 1302 33.14 56.02 -26.56
N THR L 1303 33.82 55.18 -25.78
CA THR L 1303 34.17 55.49 -24.41
C THR L 1303 35.65 55.22 -24.18
N ASN L 1304 36.27 56.03 -23.32
CA ASN L 1304 37.69 55.90 -23.03
C ASN L 1304 37.94 55.03 -21.81
N CYS L 1305 37.44 55.45 -20.66
CA CYS L 1305 37.61 54.70 -19.42
C CYS L 1305 36.28 54.25 -18.81
N ASN L 1306 35.35 55.16 -18.60
CA ASN L 1306 34.07 54.83 -17.98
C ASN L 1306 33.09 55.97 -18.27
N THR L 1307 31.88 55.84 -17.71
CA THR L 1307 30.84 56.83 -17.93
C THR L 1307 31.22 58.18 -17.31
N LEU L 1308 31.83 58.16 -16.13
CA LEU L 1308 32.24 59.40 -15.48
C LEU L 1308 33.27 60.15 -16.31
N ASP L 1309 34.28 59.43 -16.82
CA ASP L 1309 35.28 60.07 -17.66
C ASP L 1309 34.70 60.54 -18.98
N ARG L 1310 33.75 59.77 -19.54
CA ARG L 1310 33.08 60.20 -20.76
C ARG L 1310 32.32 61.52 -20.53
N LEU L 1311 31.60 61.61 -19.41
CA LEU L 1311 30.87 62.84 -19.09
C LEU L 1311 31.84 64.00 -18.85
N LEU L 1312 32.97 63.73 -18.18
CA LEU L 1312 33.95 64.78 -17.94
C LEU L 1312 34.53 65.29 -19.26
N MET L 1313 34.83 64.38 -20.20
CA MET L 1313 35.38 64.81 -21.48
C MET L 1313 34.32 65.49 -22.34
N GLU L 1314 33.04 65.14 -22.16
CA GLU L 1314 31.96 65.80 -22.89
C GLU L 1314 31.69 67.20 -22.35
N ALA L 1315 31.89 67.41 -21.05
CA ALA L 1315 31.66 68.72 -20.44
C ALA L 1315 32.71 69.75 -20.83
N LYS L 1316 33.81 69.33 -21.47
CA LYS L 1316 34.85 70.26 -21.85
C LYS L 1316 34.40 71.15 -23.00
N ALA L 1317 35.14 72.24 -23.22
CA ALA L 1317 34.81 73.19 -24.26
C ALA L 1317 35.15 72.62 -25.64
N VAL L 1318 34.32 72.96 -26.62
CA VAL L 1318 34.53 72.51 -28.00
C VAL L 1318 34.83 73.70 -28.89
N ALA L 1319 35.13 73.43 -30.15
CA ALA L 1319 35.44 74.49 -31.10
C ALA L 1319 34.20 75.35 -31.38
N SER L 1320 34.43 76.62 -31.67
CA SER L 1320 33.36 77.56 -31.96
C SER L 1320 33.00 77.50 -33.44
N GLN L 1321 31.71 77.29 -33.73
CA GLN L 1321 31.22 77.22 -35.09
C GLN L 1321 30.40 78.43 -35.49
N SER L 1322 30.40 79.49 -34.67
CA SER L 1322 29.64 80.69 -34.96
C SER L 1322 30.48 81.92 -34.67
N SER L 1323 30.17 83.02 -35.35
CA SER L 1323 30.90 84.27 -35.16
C SER L 1323 30.37 85.01 -33.93
N THR L 1324 31.16 85.98 -33.48
CA THR L 1324 30.80 86.80 -32.33
C THR L 1324 30.59 88.27 -32.66
N ASP L 1325 31.21 88.79 -33.71
CA ASP L 1325 31.06 90.19 -34.08
C ASP L 1325 29.97 90.39 -35.13
N THR L 1326 29.96 89.56 -36.16
CA THR L 1326 28.95 89.67 -37.21
C THR L 1326 27.58 89.26 -36.68
N GLU L 1327 26.55 89.97 -37.14
CA GLU L 1327 25.19 89.66 -36.70
C GLU L 1327 24.64 88.39 -37.34
N TYR L 1328 25.17 87.99 -38.49
CA TYR L 1328 24.70 86.76 -39.13
C TYR L 1328 25.09 85.53 -38.33
N GLN L 1329 26.33 85.48 -37.86
CA GLN L 1329 26.91 84.37 -37.08
C GLN L 1329 26.42 83.01 -37.60
N PHE L 1330 26.54 82.82 -38.92
CA PHE L 1330 26.14 81.59 -39.55
C PHE L 1330 27.27 80.56 -39.60
N LYS L 1331 28.48 81.00 -39.92
CA LYS L 1331 29.65 80.12 -40.00
C LYS L 1331 30.77 80.70 -39.16
N ARG L 1332 31.67 79.81 -38.73
CA ARG L 1332 32.80 80.24 -37.92
C ARG L 1332 33.74 81.12 -38.73
N PRO L 1333 34.29 82.18 -38.13
CA PRO L 1333 35.21 83.04 -38.87
C PRO L 1333 36.48 82.28 -39.21
N PRO L 1334 37.13 82.61 -40.33
CA PRO L 1334 38.39 81.94 -40.68
C PRO L 1334 39.46 82.19 -39.64
N GLY L 1335 40.28 81.17 -39.41
CA GLY L 1335 41.34 81.28 -38.41
C GLY L 1335 40.85 81.48 -37.00
N SER L 1336 39.79 80.78 -36.62
CA SER L 1336 39.19 80.87 -35.28
C SER L 1336 38.96 79.47 -34.77
N THR L 1337 39.92 78.94 -34.02
CA THR L 1337 39.84 77.59 -33.46
C THR L 1337 39.92 77.64 -31.94
N GLU L 1338 39.21 78.58 -31.34
CA GLU L 1338 39.20 78.72 -29.89
C GLU L 1338 38.23 77.71 -29.26
N MET L 1339 38.27 77.64 -27.94
CA MET L 1339 37.42 76.74 -27.17
C MET L 1339 36.36 77.54 -26.43
N THR L 1340 35.10 77.12 -26.57
CA THR L 1340 33.98 77.79 -25.93
C THR L 1340 33.07 76.76 -25.28
N GLN L 1341 32.43 77.16 -24.19
CA GLN L 1341 31.52 76.28 -23.48
C GLN L 1341 30.24 76.06 -24.27
N ASP L 1342 29.58 74.94 -24.01
CA ASP L 1342 28.33 74.56 -24.67
C ASP L 1342 27.29 74.21 -23.61
N PRO L 1343 26.76 75.21 -22.91
CA PRO L 1343 25.77 74.92 -21.86
C PRO L 1343 24.45 74.43 -22.46
N CYS L 1344 23.72 73.67 -21.64
CA CYS L 1344 22.39 73.14 -21.98
C CYS L 1344 22.39 72.41 -23.33
N GLY L 1345 23.54 71.83 -23.70
CA GLY L 1345 23.63 71.10 -24.94
C GLY L 1345 23.55 69.60 -24.73
N LEU L 1346 24.25 69.09 -23.72
CA LEU L 1346 24.19 67.68 -23.41
C LEU L 1346 22.93 67.29 -22.65
N PHE L 1347 22.24 68.26 -22.05
CA PHE L 1347 21.01 67.98 -21.32
C PHE L 1347 19.77 67.99 -22.21
N GLN L 1348 19.85 68.63 -23.38
CA GLN L 1348 18.72 68.72 -24.31
C GLN L 1348 17.49 69.33 -23.64
N GLU L 1349 17.71 70.37 -22.84
CA GLU L 1349 16.65 71.05 -22.13
C GLU L 1349 16.56 72.51 -22.57
N ALA L 1350 15.34 73.04 -22.59
CA ALA L 1350 15.08 74.40 -22.99
C ALA L 1350 14.16 75.08 -21.98
N TYR L 1351 14.17 76.40 -21.99
CA TYR L 1351 13.34 77.20 -21.08
C TYR L 1351 12.24 77.89 -21.87
N PRO L 1352 11.00 77.40 -21.81
CA PRO L 1352 9.92 78.05 -22.55
C PRO L 1352 9.33 79.20 -21.77
N PRO L 1353 9.35 80.41 -22.32
CA PRO L 1353 8.78 81.56 -21.64
C PRO L 1353 7.26 81.59 -21.80
N LEU L 1354 6.65 82.65 -21.27
CA LEU L 1354 5.20 82.81 -21.33
C LEU L 1354 4.79 83.38 -22.67
N CYS L 1355 3.83 82.74 -23.33
CA CYS L 1355 3.35 83.18 -24.62
C CYS L 1355 2.15 84.12 -24.45
N SER L 1356 1.98 85.01 -25.43
CA SER L 1356 0.90 85.99 -25.43
C SER L 1356 0.02 85.72 -26.65
N SER L 1357 -1.01 84.89 -26.46
CA SER L 1357 -1.93 84.60 -27.55
C SER L 1357 -2.72 85.83 -27.96
N ASP L 1358 -3.15 86.64 -26.99
CA ASP L 1358 -3.91 87.85 -27.25
C ASP L 1358 -3.17 89.07 -26.72
N ALA L 1359 -3.32 90.18 -27.42
CA ALA L 1359 -2.66 91.43 -27.06
C ALA L 1359 -3.49 92.30 -26.14
N ALA L 1360 -4.68 91.85 -25.73
CA ALA L 1360 -5.55 92.61 -24.85
C ALA L 1360 -5.64 92.06 -23.44
N MET L 1361 -5.35 90.77 -23.24
CA MET L 1361 -5.41 90.17 -21.91
C MET L 1361 -4.14 90.34 -21.11
N LEU L 1362 -3.09 90.89 -21.71
CA LEU L 1362 -1.80 91.11 -21.03
C LEU L 1362 -1.60 92.58 -20.71
N ARG L 1363 -2.67 93.29 -20.38
CA ARG L 1363 -2.56 94.71 -20.05
C ARG L 1363 -1.73 94.92 -18.79
N THR L 1364 -2.01 94.12 -17.75
CA THR L 1364 -1.29 94.17 -16.47
C THR L 1364 -1.23 95.60 -15.92
N ALA L 1365 -2.34 96.32 -16.03
CA ALA L 1365 -2.39 97.70 -15.56
C ALA L 1365 -2.40 97.82 -14.04
N HIS L 1366 -2.71 96.73 -13.33
CA HIS L 1366 -2.76 96.76 -11.87
C HIS L 1366 -1.41 96.35 -11.28
N ALA L 1367 -0.39 97.16 -11.58
CA ALA L 1367 0.97 96.96 -11.09
C ALA L 1367 1.53 95.59 -11.47
N GLY L 1368 1.12 95.08 -12.63
CA GLY L 1368 1.60 93.80 -13.15
C GLY L 1368 0.79 92.58 -12.73
N GLU L 1369 0.49 92.47 -11.45
CA GLU L 1369 -0.25 91.34 -10.91
C GLU L 1369 -1.45 91.82 -10.12
N THR L 1370 -2.58 91.14 -10.31
CA THR L 1370 -3.82 91.47 -9.61
C THR L 1370 -4.26 90.40 -8.63
N GLY L 1371 -4.36 89.15 -9.07
CA GLY L 1371 -4.74 88.05 -8.23
C GLY L 1371 -3.56 87.22 -7.77
N ALA L 1372 -3.84 85.97 -7.39
CA ALA L 1372 -2.82 85.06 -6.91
C ALA L 1372 -3.02 83.66 -7.44
N ASP L 1373 -3.60 83.52 -8.63
CA ASP L 1373 -3.84 82.22 -9.24
C ASP L 1373 -3.85 82.38 -10.75
N GLU L 1374 -4.30 81.34 -11.45
CA GLU L 1374 -4.30 81.31 -12.91
C GLU L 1374 -5.74 81.37 -13.43
N VAL L 1375 -5.86 81.38 -14.76
CA VAL L 1375 -7.14 81.50 -15.44
C VAL L 1375 -7.98 80.25 -15.22
N HIS L 1376 -9.26 80.29 -15.66
CA HIS L 1376 -10.25 79.22 -15.31
C HIS L 1376 -10.94 78.63 -16.55
N LEU L 1377 -11.04 79.40 -17.63
CA LEU L 1377 -11.94 79.22 -18.81
C LEU L 1377 -11.25 79.52 -20.18
N ALA L 1378 -11.32 80.75 -20.78
CA ALA L 1378 -10.76 80.81 -22.13
C ALA L 1378 -9.47 81.64 -22.08
N GLN L 1379 -8.33 80.94 -22.08
CA GLN L 1379 -7.03 81.61 -22.14
C GLN L 1379 -6.00 80.61 -22.63
N TYR L 1380 -5.41 80.88 -23.80
CA TYR L 1380 -4.36 80.02 -24.36
C TYR L 1380 -3.01 80.58 -23.93
N LEU L 1381 -2.47 80.04 -22.84
CA LEU L 1381 -1.19 80.51 -22.32
C LEU L 1381 -0.45 79.33 -21.70
N ILE L 1382 0.87 79.48 -21.60
CA ILE L 1382 1.74 78.46 -21.03
C ILE L 1382 2.46 79.06 -19.83
N ARG L 1383 2.38 78.38 -18.69
CA ARG L 1383 3.03 78.87 -17.48
C ARG L 1383 4.54 78.83 -17.64
N ASP L 1384 5.20 79.92 -17.25
CA ASP L 1384 6.65 80.04 -17.34
C ASP L 1384 7.28 79.36 -16.13
N ALA L 1385 7.70 78.10 -16.31
CA ALA L 1385 8.32 77.34 -15.25
C ALA L 1385 9.83 77.57 -15.14
N SER L 1386 10.41 78.33 -16.07
CA SER L 1386 11.83 78.61 -16.01
C SER L 1386 12.13 79.54 -14.84
N PRO L 1387 13.16 79.26 -14.03
CA PRO L 1387 13.48 80.15 -12.90
C PRO L 1387 13.92 81.53 -13.33
N LEU L 1388 14.39 81.71 -14.57
CA LEU L 1388 14.85 83.01 -15.06
C LEU L 1388 13.63 83.79 -15.56
N ARG L 1389 12.91 84.37 -14.62
CA ARG L 1389 11.74 85.18 -14.93
C ARG L 1389 12.06 86.64 -15.17
N GLY L 1390 13.30 87.06 -14.92
CA GLY L 1390 13.68 88.45 -15.12
C GLY L 1390 14.28 88.72 -16.48
N CYS L 1391 13.49 89.28 -17.39
CA CYS L 1391 13.92 89.61 -18.75
C CYS L 1391 13.55 91.07 -19.02
N LEU L 1392 14.45 91.98 -18.66
CA LEU L 1392 14.33 93.43 -18.83
C LEU L 1392 13.24 94.00 -17.92
N PRO L 1393 13.41 95.22 -17.41
CA PRO L 1393 12.38 95.81 -16.56
C PRO L 1393 11.13 96.19 -17.33
N LEU L 1394 10.04 95.47 -17.09
CA LEU L 1394 8.77 95.74 -17.77
C LEU L 1394 7.96 96.80 -17.03
N SER M 7 -54.56 32.14 -89.23
CA SER M 7 -55.69 32.95 -88.80
C SER M 7 -55.61 33.26 -87.31
N ARG M 8 -55.99 32.28 -86.50
CA ARG M 8 -55.98 32.41 -85.04
C ARG M 8 -55.08 31.35 -84.41
N VAL M 9 -53.91 31.13 -84.99
CA VAL M 9 -52.96 30.14 -84.51
C VAL M 9 -52.09 30.77 -83.43
N VAL M 10 -52.00 30.10 -82.28
CA VAL M 10 -51.20 30.61 -81.18
C VAL M 10 -49.70 30.53 -81.45
N PHE M 11 -49.29 29.76 -82.46
CA PHE M 11 -47.86 29.65 -82.77
C PHE M 11 -47.29 30.96 -83.28
N ASP M 12 -48.13 31.82 -83.87
CA ASP M 12 -47.72 33.12 -84.39
C ASP M 12 -48.65 34.19 -83.84
N PRO M 13 -48.49 34.56 -82.57
CA PRO M 13 -49.38 35.59 -81.99
C PRO M 13 -49.23 36.95 -82.64
N SER M 14 -48.13 37.22 -83.33
CA SER M 14 -47.89 38.53 -83.92
C SER M 14 -48.67 38.75 -85.20
N ASN M 15 -49.26 37.72 -85.79
CA ASN M 15 -50.01 37.88 -87.03
C ASN M 15 -51.39 38.49 -86.79
N PRO M 16 -52.27 37.90 -85.93
CA PRO M 16 -53.64 38.42 -85.77
C PRO M 16 -53.75 39.50 -84.69
N THR M 17 -52.85 40.47 -84.71
CA THR M 17 -52.92 41.59 -83.78
C THR M 17 -52.78 42.92 -84.49
N THR M 18 -52.06 42.94 -85.61
CA THR M 18 -51.80 44.19 -86.31
C THR M 18 -53.09 44.79 -86.86
N PHE M 19 -53.89 43.99 -87.56
CA PHE M 19 -55.13 44.50 -88.14
C PHE M 19 -56.13 44.88 -87.04
N SER M 20 -56.18 44.10 -85.96
CA SER M 20 -57.08 44.42 -84.86
C SER M 20 -56.71 45.76 -84.22
N VAL M 21 -55.41 45.98 -83.98
CA VAL M 21 -54.95 47.24 -83.42
C VAL M 21 -55.24 48.39 -84.38
N GLU M 22 -55.01 48.16 -85.68
CA GLU M 22 -55.22 49.22 -86.66
C GLU M 22 -56.68 49.63 -86.76
N ALA M 23 -57.60 48.65 -86.73
CA ALA M 23 -59.01 48.95 -87.00
C ALA M 23 -59.85 49.06 -85.73
N ILE M 24 -59.92 47.99 -84.94
CA ILE M 24 -60.83 47.96 -83.78
C ILE M 24 -60.02 48.43 -82.57
N ALA M 25 -59.91 49.75 -82.44
CA ALA M 25 -59.29 50.41 -81.30
C ALA M 25 -57.99 49.75 -80.85
N ALA M 26 -57.73 49.76 -79.55
CA ALA M 26 -56.59 49.04 -78.97
C ALA M 26 -56.95 48.23 -77.73
N TYR M 27 -58.00 48.60 -77.00
CA TYR M 27 -58.35 47.88 -75.78
C TYR M 27 -58.75 46.45 -76.06
N THR M 28 -59.56 46.23 -77.10
CA THR M 28 -59.97 44.87 -77.43
C THR M 28 -58.81 43.99 -77.87
N PRO M 29 -57.93 44.40 -78.80
CA PRO M 29 -56.75 43.56 -79.10
C PRO M 29 -55.82 43.39 -77.90
N VAL M 30 -55.68 44.41 -77.04
CA VAL M 30 -54.84 44.27 -75.86
C VAL M 30 -55.41 43.19 -74.94
N ALA M 31 -56.72 43.22 -74.71
CA ALA M 31 -57.36 42.21 -73.88
C ALA M 31 -57.25 40.82 -74.50
N LEU M 32 -57.41 40.74 -75.83
CA LEU M 32 -57.28 39.46 -76.50
C LEU M 32 -55.88 38.89 -76.36
N ILE M 33 -54.86 39.73 -76.50
CA ILE M 33 -53.47 39.28 -76.34
C ILE M 33 -53.23 38.85 -74.90
N ARG M 34 -53.74 39.61 -73.92
CA ARG M 34 -53.54 39.25 -72.53
C ARG M 34 -54.21 37.93 -72.19
N LEU M 35 -55.42 37.70 -72.72
CA LEU M 35 -56.13 36.46 -72.42
C LEU M 35 -55.54 35.27 -73.16
N LEU M 36 -54.97 35.49 -74.34
CA LEU M 36 -54.40 34.39 -75.11
C LEU M 36 -53.11 33.88 -74.48
N ASN M 37 -52.29 34.80 -73.95
CA ASN M 37 -50.99 34.52 -73.34
C ASN M 37 -50.18 33.49 -74.13
N ALA M 38 -49.46 32.62 -73.44
CA ALA M 38 -48.67 31.57 -74.07
C ALA M 38 -49.17 30.22 -73.55
N SER M 39 -50.18 29.68 -74.24
CA SER M 39 -50.73 28.38 -73.84
C SER M 39 -49.80 27.24 -74.20
N GLY M 40 -49.09 27.35 -75.31
CA GLY M 40 -48.19 26.31 -75.75
C GLY M 40 -46.76 26.57 -75.33
N PRO M 41 -45.95 25.51 -75.26
CA PRO M 41 -44.55 25.68 -74.87
C PRO M 41 -43.69 26.30 -75.98
N LEU M 42 -42.40 26.49 -75.71
CA LEU M 42 -41.51 27.09 -76.69
C LEU M 42 -41.11 26.13 -77.81
N GLN M 43 -41.22 24.82 -77.59
CA GLN M 43 -40.81 23.86 -78.60
C GLN M 43 -41.58 23.99 -79.90
N PRO M 44 -42.92 24.06 -79.92
CA PRO M 44 -43.63 24.23 -81.18
C PRO M 44 -43.54 25.67 -81.68
N GLY M 45 -43.98 25.86 -82.92
CA GLY M 45 -43.95 27.18 -83.52
C GLY M 45 -42.55 27.57 -83.99
N HIS M 46 -42.27 28.87 -83.93
CA HIS M 46 -41.00 29.42 -84.35
C HIS M 46 -40.17 29.82 -83.14
N ARG M 47 -38.89 30.14 -83.41
CA ARG M 47 -37.95 30.54 -82.38
C ARG M 47 -37.78 32.06 -82.31
N VAL M 48 -38.81 32.81 -82.71
CA VAL M 48 -38.74 34.27 -82.67
C VAL M 48 -39.00 34.84 -81.29
N ASP M 49 -39.40 34.00 -80.33
CA ASP M 49 -39.67 34.39 -78.94
C ASP M 49 -40.78 35.44 -78.95
N ILE M 50 -40.58 36.63 -78.37
CA ILE M 50 -41.62 37.64 -78.30
C ILE M 50 -41.14 39.02 -78.74
N ALA M 51 -39.85 39.17 -79.08
CA ALA M 51 -39.35 40.48 -79.49
C ALA M 51 -40.02 40.97 -80.76
N ASP M 52 -40.18 40.08 -81.75
CA ASP M 52 -40.84 40.48 -82.99
C ASP M 52 -42.30 40.84 -82.76
N ALA M 53 -42.99 40.09 -81.91
CA ALA M 53 -44.38 40.42 -81.60
C ALA M 53 -44.48 41.77 -80.90
N ARG M 54 -43.58 42.04 -79.95
CA ARG M 54 -43.59 43.33 -79.28
C ARG M 54 -43.31 44.46 -80.25
N SER M 55 -42.35 44.26 -81.17
CA SER M 55 -42.04 45.30 -82.14
C SER M 55 -43.22 45.56 -83.08
N ILE M 56 -43.89 44.50 -83.54
CA ILE M 56 -45.02 44.70 -84.43
C ILE M 56 -46.18 45.37 -83.69
N TYR M 57 -46.38 45.02 -82.42
CA TYR M 57 -47.42 45.67 -81.63
C TYR M 57 -47.12 47.15 -81.44
N THR M 58 -45.86 47.48 -81.13
CA THR M 58 -45.50 48.88 -80.92
C THR M 58 -45.65 49.70 -82.20
N VAL M 59 -45.20 49.14 -83.33
CA VAL M 59 -45.32 49.90 -84.58
C VAL M 59 -46.78 50.05 -85.00
N GLY M 60 -47.60 49.01 -84.77
CA GLY M 60 -49.02 49.14 -85.05
C GLY M 60 -49.70 50.18 -84.18
N ALA M 61 -49.36 50.20 -82.89
CA ALA M 61 -49.92 51.20 -81.99
C ALA M 61 -49.49 52.60 -82.40
N ALA M 62 -48.22 52.76 -82.79
CA ALA M 62 -47.74 54.06 -83.24
C ALA M 62 -48.47 54.51 -84.50
N ALA M 63 -48.67 53.59 -85.46
CA ALA M 63 -49.40 53.94 -86.67
C ALA M 63 -50.84 54.33 -86.36
N SER M 64 -51.49 53.58 -85.48
CA SER M 64 -52.87 53.90 -85.11
C SER M 64 -52.95 55.26 -84.43
N ALA M 65 -52.00 55.54 -83.53
CA ALA M 65 -51.98 56.83 -82.84
C ALA M 65 -51.75 57.98 -83.83
N ALA M 66 -50.85 57.78 -84.78
CA ALA M 66 -50.60 58.81 -85.80
C ALA M 66 -51.84 59.04 -86.64
N ARG M 67 -52.53 57.97 -87.04
CA ARG M 67 -53.74 58.10 -87.83
C ARG M 67 -54.83 58.84 -87.05
N ALA M 68 -54.98 58.53 -85.76
CA ALA M 68 -55.96 59.22 -84.94
C ALA M 68 -55.60 60.69 -84.77
N ARG M 69 -54.32 61.00 -84.55
CA ARG M 69 -53.90 62.38 -84.36
C ARG M 69 -54.05 63.19 -85.64
N ALA M 70 -53.89 62.55 -86.80
CA ALA M 70 -54.07 63.26 -88.07
C ALA M 70 -55.49 63.80 -88.19
N ASN M 71 -56.49 63.00 -87.81
CA ASN M 71 -57.87 63.46 -87.83
C ASN M 71 -58.18 64.39 -86.66
N HIS M 72 -57.55 64.19 -85.51
CA HIS M 72 -57.82 65.02 -84.34
C HIS M 72 -57.28 66.43 -84.52
N ASN M 73 -56.15 66.59 -85.21
CA ASN M 73 -55.52 67.89 -85.38
C ASN M 73 -56.09 68.69 -86.54
N ALA M 74 -57.05 68.12 -87.29
CA ALA M 74 -57.64 68.83 -88.41
C ALA M 74 -58.60 69.94 -87.98
N ASN M 75 -58.98 69.98 -86.69
CA ASN M 75 -59.89 71.00 -86.19
C ASN M 75 -59.16 72.25 -85.69
N THR M 76 -57.84 72.27 -85.73
CA THR M 76 -57.09 73.43 -85.26
C THR M 76 -57.12 74.54 -86.30
N ILE M 77 -56.77 75.75 -85.86
CA ILE M 77 -56.74 76.93 -86.71
C ILE M 77 -55.32 77.46 -86.87
N ARG M 78 -54.66 77.81 -85.77
CA ARG M 78 -53.30 78.32 -85.81
C ARG M 78 -52.60 77.99 -84.51
N ARG M 79 -51.27 78.00 -84.55
CA ARG M 79 -50.46 77.70 -83.38
C ARG M 79 -49.17 78.51 -83.46
N THR M 80 -48.70 78.96 -82.31
CA THR M 80 -47.47 79.75 -82.22
C THR M 80 -46.34 78.89 -81.67
N ALA M 81 -45.11 79.32 -81.96
CA ALA M 81 -43.90 78.64 -81.52
C ALA M 81 -43.21 79.46 -80.45
N MET M 82 -42.84 78.79 -79.36
CA MET M 82 -42.16 79.45 -78.24
C MET M 82 -40.66 79.54 -78.44
N PHE M 83 -40.12 78.98 -79.51
CA PHE M 83 -38.69 79.04 -79.76
C PHE M 83 -38.28 80.42 -80.25
N ALA M 84 -36.98 80.68 -80.21
CA ALA M 84 -36.44 81.97 -80.64
C ALA M 84 -36.35 82.00 -82.17
N GLU M 85 -35.86 83.15 -82.68
CA GLU M 85 -35.70 83.36 -84.13
C GLU M 85 -37.03 83.17 -84.85
N THR M 86 -38.11 83.65 -84.25
CA THR M 86 -39.45 83.56 -84.82
C THR M 86 -40.08 84.93 -84.97
N ASP M 87 -39.30 85.90 -85.45
CA ASP M 87 -39.77 87.26 -85.64
C ASP M 87 -39.77 87.60 -87.12
N PRO M 88 -40.93 87.59 -87.79
CA PRO M 88 -40.95 87.93 -89.22
C PRO M 88 -40.46 89.34 -89.52
N MET M 89 -40.70 90.30 -88.61
CA MET M 89 -40.29 91.69 -88.78
C MET M 89 -39.51 92.10 -87.55
N THR M 90 -38.19 91.87 -87.57
CA THR M 90 -37.35 92.22 -86.43
C THR M 90 -37.15 93.73 -86.34
N TRP M 91 -37.18 94.44 -87.47
CA TRP M 91 -36.98 95.88 -87.47
C TRP M 91 -38.22 96.66 -87.05
N LEU M 92 -39.39 96.01 -86.98
CA LEU M 92 -40.62 96.69 -86.61
C LEU M 92 -40.81 96.73 -85.09
N ARG M 93 -40.83 95.56 -84.46
CA ARG M 93 -41.00 95.45 -83.01
C ARG M 93 -40.07 94.38 -82.49
N PRO M 94 -39.64 94.48 -81.23
CA PRO M 94 -38.79 93.43 -80.66
C PRO M 94 -39.57 92.14 -80.45
N THR M 95 -38.84 91.03 -80.50
CA THR M 95 -39.46 89.72 -80.31
C THR M 95 -39.97 89.57 -78.88
N VAL M 96 -41.18 89.05 -78.74
CA VAL M 96 -41.81 88.84 -77.46
C VAL M 96 -42.40 87.44 -77.40
N GLY M 97 -42.61 86.95 -76.18
CA GLY M 97 -43.18 85.63 -75.99
C GLY M 97 -44.68 85.62 -76.13
N LEU M 98 -45.23 84.41 -76.07
CA LEU M 98 -46.68 84.21 -76.19
C LEU M 98 -47.34 84.45 -74.85
N LYS M 99 -48.33 85.33 -74.83
CA LYS M 99 -49.07 85.65 -73.62
C LYS M 99 -50.44 84.97 -73.66
N ARG M 100 -50.75 84.19 -72.64
CA ARG M 100 -52.01 83.47 -72.55
C ARG M 100 -53.01 84.35 -71.81
N THR M 101 -53.91 84.99 -72.57
CA THR M 101 -54.93 85.85 -71.98
C THR M 101 -56.31 85.46 -72.47
N PHE M 102 -56.40 84.92 -73.68
CA PHE M 102 -57.66 84.50 -74.25
C PHE M 102 -58.06 83.12 -73.72
N ASN M 103 -59.16 82.60 -74.24
CA ASN M 103 -59.64 81.28 -73.83
C ASN M 103 -58.66 80.21 -74.31
N PRO M 104 -58.27 79.27 -73.46
CA PRO M 104 -57.36 78.20 -73.91
C PRO M 104 -57.94 77.34 -75.03
N ARG M 105 -59.26 77.13 -75.05
CA ARG M 105 -59.89 76.33 -76.08
C ARG M 105 -61.34 76.76 -76.22
N ILE M 106 -61.93 76.39 -77.36
CA ILE M 106 -63.32 76.73 -77.64
C ILE M 106 -64.28 75.68 -77.09
N ILE M 107 -64.02 74.41 -77.39
CA ILE M 107 -64.87 73.32 -76.93
C ILE M 107 -64.21 72.60 -75.76
N THR N 118 44.35 17.49 -4.76
CA THR N 118 43.28 16.65 -5.28
C THR N 118 41.95 16.97 -4.60
N THR N 119 42.01 17.82 -3.57
CA THR N 119 40.84 18.22 -2.81
C THR N 119 40.49 19.67 -3.16
N GLN N 120 39.23 19.91 -3.49
CA GLN N 120 38.76 21.24 -3.84
C GLN N 120 37.53 21.58 -3.01
N LEU N 121 37.35 22.87 -2.74
CA LEU N 121 36.23 23.38 -1.95
C LEU N 121 35.26 24.08 -2.91
N ILE N 122 34.15 23.40 -3.20
CA ILE N 122 33.13 23.91 -4.11
C ILE N 122 31.81 24.00 -3.35
N GLN N 123 31.18 25.17 -3.41
CA GLN N 123 29.92 25.42 -2.74
C GLN N 123 28.84 25.77 -3.75
N GLN N 124 27.61 25.43 -3.43
CA GLN N 124 26.46 25.70 -4.29
C GLN N 124 25.55 26.73 -3.64
N VAL N 125 25.08 27.68 -4.44
CA VAL N 125 24.24 28.77 -3.94
C VAL N 125 22.80 28.25 -3.94
N SER N 126 22.41 27.60 -2.85
CA SER N 126 21.06 27.09 -2.67
C SER N 126 20.60 27.39 -1.25
N LEU N 127 19.38 27.90 -1.12
CA LEU N 127 18.86 28.25 0.20
C LEU N 127 18.06 27.10 0.81
N THR N 128 16.93 26.75 0.18
CA THR N 128 16.08 25.65 0.64
C THR N 128 15.46 25.00 -0.60
N ASP N 129 16.12 23.95 -1.11
CA ASP N 129 15.62 23.22 -2.26
C ASP N 129 14.83 21.98 -1.84
N PHE N 130 15.47 21.05 -1.14
CA PHE N 130 14.81 19.84 -0.65
C PHE N 130 15.29 19.50 0.75
N PHE N 131 15.49 20.53 1.58
CA PHE N 131 16.01 20.32 2.92
C PHE N 131 15.52 21.44 3.82
N ARG N 132 15.58 21.19 5.14
CA ARG N 132 15.19 22.10 6.21
C ARG N 132 16.43 22.70 6.87
N PRO N 133 16.31 23.90 7.44
CA PRO N 133 17.47 24.53 8.12
C PRO N 133 17.69 23.98 9.53
N ASP N 134 17.87 22.68 9.63
CA ASP N 134 18.13 22.02 10.90
C ASP N 134 19.65 21.93 11.13
N ILE N 135 20.06 21.16 12.14
CA ILE N 135 21.48 21.01 12.43
C ILE N 135 22.12 20.14 11.36
N GLU N 136 23.19 20.64 10.76
CA GLU N 136 23.89 19.91 9.71
C GLU N 136 24.57 18.68 10.28
N HIS N 137 24.55 17.59 9.51
CA HIS N 137 25.16 16.33 9.91
C HIS N 137 25.98 15.77 8.76
N ALA N 138 27.01 15.01 9.11
CA ALA N 138 27.90 14.42 8.11
C ALA N 138 27.28 13.14 7.56
N GLY N 139 28.02 12.50 6.64
CA GLY N 139 27.54 11.26 6.03
C GLY N 139 26.30 11.44 5.19
N SER N 140 26.22 12.51 4.41
CA SER N 140 25.08 12.80 3.56
C SER N 140 25.50 12.75 2.09
N ILE N 141 24.62 12.18 1.26
CA ILE N 141 24.85 12.06 -0.18
C ILE N 141 23.79 12.87 -0.90
N VAL N 142 24.21 13.76 -1.79
CA VAL N 142 23.32 14.63 -2.54
C VAL N 142 23.54 14.38 -4.02
N LEU N 143 22.45 14.20 -4.77
CA LEU N 143 22.48 13.93 -6.19
C LEU N 143 21.93 15.13 -6.95
N ILE N 144 22.01 15.05 -8.28
CA ILE N 144 21.54 16.11 -9.16
C ILE N 144 20.40 15.55 -10.02
N LEU N 145 19.27 16.25 -10.01
CA LEU N 145 18.10 15.83 -10.77
C LEU N 145 18.16 16.45 -12.17
N ARG N 146 17.09 16.30 -12.94
CA ARG N 146 16.99 16.83 -14.29
C ARG N 146 15.67 17.55 -14.47
N HIS N 147 15.66 18.50 -15.40
CA HIS N 147 14.44 19.26 -15.68
C HIS N 147 13.38 18.33 -16.29
N PRO N 148 12.14 18.37 -15.79
CA PRO N 148 11.10 17.49 -16.37
C PRO N 148 10.82 17.78 -17.83
N SER N 149 10.95 19.02 -18.28
CA SER N 149 10.69 19.34 -19.68
C SER N 149 11.65 18.59 -20.60
N ASP N 150 12.93 18.57 -20.27
CA ASP N 150 13.90 17.86 -21.10
C ASP N 150 13.59 16.37 -21.14
N MET N 151 13.26 15.77 -19.99
CA MET N 151 13.01 14.33 -19.96
C MET N 151 11.75 13.96 -20.72
N ILE N 152 10.69 14.77 -20.62
CA ILE N 152 9.48 14.47 -21.38
C ILE N 152 9.71 14.69 -22.87
N GLY N 153 10.48 15.73 -23.23
CA GLY N 153 10.80 15.93 -24.63
C GLY N 153 11.63 14.81 -25.21
N GLU N 154 12.51 14.22 -24.41
CA GLU N 154 13.29 13.08 -24.87
C GLU N 154 12.48 11.80 -24.93
N ALA N 155 11.54 11.62 -23.99
CA ALA N 155 10.78 10.37 -23.89
C ALA N 155 9.49 10.36 -24.70
N ASN N 156 9.10 11.49 -25.29
CA ASN N 156 7.87 11.50 -26.09
C ASN N 156 7.97 10.55 -27.29
N THR N 157 9.19 10.24 -27.74
CA THR N 157 9.39 9.29 -28.82
C THR N 157 9.73 7.89 -28.33
N LEU N 158 10.27 7.76 -27.11
CA LEU N 158 10.58 6.47 -26.54
C LEU N 158 9.39 5.83 -25.85
N THR N 159 8.31 6.58 -25.61
CA THR N 159 7.11 6.00 -25.01
C THR N 159 6.50 4.92 -25.90
N GLN N 160 6.45 5.18 -27.20
CA GLN N 160 5.88 4.24 -28.18
C GLN N 160 4.44 3.86 -27.82
N ALA N 161 3.66 4.85 -27.40
CA ALA N 161 2.25 4.68 -27.04
C ALA N 161 2.16 3.67 -25.89
N GLY N 162 1.05 2.95 -25.80
CA GLY N 162 0.84 1.96 -24.77
C GLY N 162 0.17 2.50 -23.51
N ARG N 163 0.42 3.77 -23.18
CA ARG N 163 -0.16 4.38 -21.99
C ARG N 163 -0.68 5.76 -22.36
N ASP N 164 -1.68 6.22 -21.61
CA ASP N 164 -2.24 7.54 -21.85
C ASP N 164 -1.27 8.61 -21.36
N PRO N 165 -0.91 9.59 -22.19
CA PRO N 165 0.04 10.62 -21.78
C PRO N 165 -0.54 11.66 -20.83
N ASP N 166 -1.84 11.61 -20.54
CA ASP N 166 -2.45 12.62 -19.68
C ASP N 166 -2.03 12.46 -18.22
N VAL N 167 -1.71 11.24 -17.79
CA VAL N 167 -1.31 11.03 -16.40
C VAL N 167 0.02 11.69 -16.13
N LEU N 168 0.94 11.65 -17.10
CA LEU N 168 2.23 12.32 -16.93
C LEU N 168 2.05 13.83 -16.80
N LEU N 169 1.18 14.41 -17.64
CA LEU N 169 0.93 15.85 -17.55
C LEU N 169 0.29 16.21 -16.22
N GLU N 170 -0.66 15.40 -15.76
CA GLU N 170 -1.29 15.66 -14.47
C GLU N 170 -0.28 15.59 -13.33
N GLY N 171 0.61 14.59 -13.37
CA GLY N 171 1.64 14.48 -12.35
C GLY N 171 2.59 15.65 -12.37
N LEU N 172 2.98 16.09 -13.58
CA LEU N 172 3.86 17.25 -13.68
C LEU N 172 3.18 18.51 -13.14
N ARG N 173 1.90 18.69 -13.45
CA ARG N 173 1.17 19.86 -12.93
C ARG N 173 1.06 19.80 -11.41
N ASN N 174 0.80 18.61 -10.86
CA ASN N 174 0.71 18.46 -9.41
C ASN N 174 2.06 18.76 -8.76
N LEU N 175 3.15 18.28 -9.35
CA LEU N 175 4.47 18.54 -8.81
C LEU N 175 4.81 20.03 -8.86
N PHE N 176 4.45 20.70 -9.96
CA PHE N 176 4.69 22.13 -10.07
C PHE N 176 3.89 22.91 -9.04
N ASN N 177 2.62 22.52 -8.84
CA ASN N 177 1.79 23.21 -7.86
C ASN N 177 2.29 23.00 -6.45
N ALA N 178 2.72 21.77 -6.13
CA ALA N 178 3.16 21.47 -4.77
C ALA N 178 4.51 22.09 -4.46
N CYS N 179 5.35 22.26 -5.48
CA CYS N 179 6.68 22.84 -5.27
C CYS N 179 6.57 24.29 -4.83
N THR N 180 7.35 24.65 -3.81
CA THR N 180 7.33 26.02 -3.32
C THR N 180 8.00 26.97 -4.31
N ALA N 181 7.49 28.20 -4.36
CA ALA N 181 7.98 29.25 -5.24
C ALA N 181 8.02 28.79 -6.69
N PRO N 182 6.86 28.62 -7.34
CA PRO N 182 6.88 28.19 -8.75
C PRO N 182 7.53 29.17 -9.69
N TRP N 183 7.66 30.44 -9.29
CA TRP N 183 8.27 31.45 -10.14
C TRP N 183 9.79 31.37 -10.18
N THR N 184 10.40 30.52 -9.35
CA THR N 184 11.85 30.37 -9.34
C THR N 184 12.33 29.16 -10.13
N VAL N 185 11.53 28.10 -10.21
CA VAL N 185 11.92 26.90 -10.93
C VAL N 185 11.71 27.11 -12.43
N GLY N 186 12.67 26.65 -13.22
CA GLY N 186 12.60 26.80 -14.67
C GLY N 186 13.06 28.13 -15.20
N GLU N 187 13.52 29.04 -14.34
CA GLU N 187 13.98 30.36 -14.77
C GLU N 187 14.97 30.88 -13.73
N GLY N 188 15.30 32.16 -13.83
CA GLY N 188 16.23 32.76 -12.89
C GLY N 188 17.67 32.37 -13.20
N GLY N 189 18.50 32.42 -12.17
CA GLY N 189 19.91 32.08 -12.31
C GLY N 189 20.22 30.65 -11.93
N GLY N 190 20.99 30.48 -10.85
CA GLY N 190 21.36 29.15 -10.39
C GLY N 190 20.55 28.68 -9.21
N LEU N 191 19.41 29.32 -8.96
CA LEU N 191 18.53 28.99 -7.84
C LEU N 191 17.33 28.23 -8.40
N ARG N 192 17.32 26.91 -8.22
CA ARG N 192 16.23 26.06 -8.68
C ARG N 192 16.25 24.78 -7.87
N ALA N 193 15.32 23.88 -8.19
CA ALA N 193 15.21 22.60 -7.50
C ALA N 193 16.02 21.56 -8.28
N TYR N 194 17.27 21.36 -7.86
CA TYR N 194 18.15 20.41 -8.53
C TYR N 194 18.92 19.50 -7.58
N VAL N 195 18.69 19.59 -6.28
CA VAL N 195 19.38 18.75 -5.29
C VAL N 195 18.33 18.13 -4.37
N THR N 196 18.68 16.99 -3.79
CA THR N 196 17.82 16.26 -2.88
C THR N 196 18.63 15.83 -1.66
N SER N 197 18.09 16.07 -0.48
CA SER N 197 18.77 15.68 0.75
C SER N 197 18.68 14.17 0.94
N LEU N 198 19.64 13.65 1.72
CA LEU N 198 19.67 12.21 1.98
C LEU N 198 18.53 11.76 2.87
N SER N 199 18.01 12.67 3.72
CA SER N 199 16.91 12.31 4.61
C SER N 199 15.66 11.93 3.83
N PHE N 200 15.35 12.70 2.78
CA PHE N 200 14.19 12.40 1.95
C PHE N 200 14.34 11.04 1.27
N ILE N 201 15.53 10.76 0.73
CA ILE N 201 15.75 9.49 0.07
C ILE N 201 15.63 8.33 1.06
N ALA N 202 16.19 8.51 2.25
CA ALA N 202 16.10 7.46 3.27
C ALA N 202 14.65 7.23 3.70
N ALA N 203 13.87 8.30 3.83
CA ALA N 203 12.48 8.16 4.24
C ALA N 203 11.62 7.54 3.13
N CYS N 204 11.94 7.82 1.87
CA CYS N 204 11.13 7.33 0.76
C CYS N 204 11.51 5.93 0.30
N ARG N 205 12.75 5.52 0.51
CA ARG N 205 13.23 4.23 0.02
C ARG N 205 13.65 3.28 1.13
N ALA N 206 14.44 3.76 2.09
CA ALA N 206 14.97 2.93 3.17
C ALA N 206 13.91 2.81 4.27
N GLU N 207 12.89 2.00 4.00
CA GLU N 207 11.82 1.74 4.96
C GLU N 207 11.44 0.28 5.09
N GLU N 208 11.84 -0.58 4.15
CA GLU N 208 11.51 -2.00 4.19
C GLU N 208 12.73 -2.82 3.79
N TYR N 209 13.90 -2.47 4.35
CA TYR N 209 15.16 -3.09 3.99
C TYR N 209 15.72 -3.99 5.09
N THR N 210 15.88 -3.46 6.30
CA THR N 210 16.47 -4.21 7.41
C THR N 210 15.49 -4.50 8.53
N ASP N 211 14.84 -3.47 9.07
CA ASP N 211 13.92 -3.63 10.19
C ASP N 211 12.76 -2.66 9.99
N LYS N 212 11.61 -3.19 9.57
CA LYS N 212 10.46 -2.34 9.28
C LYS N 212 9.91 -1.69 10.55
N GLN N 213 9.87 -2.42 11.65
CA GLN N 213 9.27 -1.90 12.88
C GLN N 213 10.06 -0.73 13.46
N ALA N 214 11.34 -0.58 13.08
CA ALA N 214 12.11 0.61 13.43
C ALA N 214 12.15 1.64 12.33
N ALA N 215 12.13 1.20 11.06
CA ALA N 215 12.16 2.13 9.93
C ALA N 215 10.90 2.99 9.90
N ASP N 216 9.73 2.39 10.15
CA ASP N 216 8.50 3.17 10.13
C ASP N 216 8.47 4.16 11.29
N ALA N 217 8.99 3.76 12.46
CA ALA N 217 9.06 4.68 13.59
C ALA N 217 9.99 5.84 13.29
N ASN N 218 11.14 5.56 12.67
CA ASN N 218 12.06 6.63 12.29
C ASN N 218 11.42 7.56 11.28
N ARG N 219 10.71 7.01 10.29
CA ARG N 219 10.05 7.85 9.29
C ARG N 219 8.97 8.73 9.93
N THR N 220 8.17 8.17 10.82
CA THR N 220 7.14 8.96 11.48
C THR N 220 7.75 10.04 12.35
N ALA N 221 8.82 9.73 13.08
CA ALA N 221 9.49 10.74 13.88
C ALA N 221 10.06 11.86 13.01
N ILE N 222 10.64 11.50 11.87
CA ILE N 222 11.21 12.50 10.98
C ILE N 222 10.12 13.42 10.43
N VAL N 223 9.01 12.82 9.97
CA VAL N 223 7.95 13.63 9.38
C VAL N 223 7.18 14.41 10.44
N SER N 224 7.26 14.00 11.70
CA SER N 224 6.62 14.77 12.77
C SER N 224 7.52 15.86 13.34
N ALA N 225 8.84 15.71 13.23
CA ALA N 225 9.77 16.69 13.75
C ALA N 225 10.25 17.69 12.71
N TYR N 226 10.12 17.39 11.42
CA TYR N 226 10.60 18.29 10.38
C TYR N 226 9.50 19.24 9.91
N GLY N 227 8.43 18.69 9.34
CA GLY N 227 7.33 19.50 8.89
C GLY N 227 6.34 19.84 9.98
N CYS N 228 5.72 18.81 10.55
CA CYS N 228 4.79 18.90 11.68
C CYS N 228 3.49 19.61 11.31
N SER N 229 3.37 20.07 10.08
CA SER N 229 2.13 20.71 9.65
C SER N 229 1.62 20.17 8.32
N ARG N 230 2.50 19.95 7.34
CA ARG N 230 2.09 19.44 6.03
C ARG N 230 3.10 18.44 5.48
N MET N 231 3.77 17.69 6.36
CA MET N 231 4.77 16.75 5.89
C MET N 231 4.13 15.53 5.21
N GLU N 232 2.99 15.08 5.73
CA GLU N 232 2.33 13.91 5.14
C GLU N 232 1.86 14.20 3.72
N THR N 233 1.30 15.39 3.49
CA THR N 233 0.83 15.73 2.15
C THR N 233 1.99 15.82 1.17
N ARG N 234 3.10 16.44 1.60
CA ARG N 234 4.28 16.50 0.73
C ARG N 234 4.82 15.12 0.43
N LEU N 235 4.87 14.25 1.44
CA LEU N 235 5.37 12.89 1.24
C LEU N 235 4.49 12.12 0.27
N ILE N 236 3.16 12.21 0.42
CA ILE N 236 2.28 11.47 -0.47
C ILE N 236 2.34 12.05 -1.89
N ARG N 237 2.49 13.38 -2.02
CA ARG N 237 2.65 13.97 -3.34
C ARG N 237 3.93 13.48 -4.00
N PHE N 238 5.02 13.41 -3.25
CA PHE N 238 6.27 12.91 -3.79
C PHE N 238 6.14 11.44 -4.20
N SER N 239 5.46 10.64 -3.38
CA SER N 239 5.28 9.23 -3.71
C SER N 239 4.47 9.07 -4.99
N GLU N 240 3.37 9.82 -5.13
CA GLU N 240 2.56 9.74 -6.34
C GLU N 240 3.33 10.23 -7.56
N CYS N 241 4.11 11.30 -7.42
CA CYS N 241 4.87 11.79 -8.57
C CYS N 241 5.96 10.79 -8.98
N LEU N 242 6.59 10.15 -8.00
CA LEU N 242 7.58 9.12 -8.32
C LEU N 242 6.93 7.92 -9.01
N ARG N 243 5.75 7.51 -8.53
CA ARG N 243 5.04 6.41 -9.17
C ARG N 243 4.65 6.77 -10.60
N ALA N 244 4.21 8.01 -10.83
CA ALA N 244 3.86 8.44 -12.18
C ALA N 244 5.08 8.48 -13.08
N MET N 245 6.22 8.97 -12.57
CA MET N 245 7.43 9.06 -13.37
C MET N 245 8.11 7.71 -13.57
N VAL N 246 7.75 6.70 -12.79
CA VAL N 246 8.35 5.38 -12.94
C VAL N 246 7.49 4.48 -13.81
N GLN N 247 6.16 4.54 -13.64
CA GLN N 247 5.26 3.68 -14.40
C GLN N 247 5.25 4.01 -15.89
N CYS N 248 5.70 5.20 -16.28
CA CYS N 248 5.69 5.61 -17.68
C CYS N 248 6.88 5.08 -18.47
N HIS N 249 7.60 4.08 -17.93
CA HIS N 249 8.73 3.46 -18.62
C HIS N 249 9.79 4.49 -19.01
N VAL N 250 10.09 5.40 -18.09
CA VAL N 250 11.11 6.44 -18.30
C VAL N 250 12.17 6.27 -17.23
N PHE N 251 13.43 6.16 -17.66
CA PHE N 251 14.55 5.98 -16.75
C PHE N 251 15.21 7.32 -16.48
N PRO N 252 15.16 7.84 -15.25
CA PRO N 252 15.81 9.13 -14.97
C PRO N 252 17.29 9.03 -14.67
N HIS N 253 17.84 7.81 -14.55
CA HIS N 253 19.25 7.66 -14.22
C HIS N 253 20.18 8.02 -15.36
N ARG N 254 19.67 8.22 -16.57
CA ARG N 254 20.52 8.56 -17.71
C ARG N 254 21.04 9.99 -17.65
N PHE N 255 20.52 10.83 -16.76
CA PHE N 255 20.94 12.22 -16.65
C PHE N 255 21.62 12.54 -15.33
N ILE N 256 21.62 11.63 -14.37
CA ILE N 256 22.24 11.89 -13.08
C ILE N 256 23.76 11.83 -13.22
N SER N 257 24.44 12.85 -12.69
CA SER N 257 25.89 12.95 -12.74
C SER N 257 26.46 12.87 -11.32
N PHE N 258 27.77 12.66 -11.25
CA PHE N 258 28.44 12.55 -9.96
C PHE N 258 28.45 13.89 -9.25
N PHE N 259 28.24 13.87 -7.93
CA PHE N 259 28.24 15.07 -7.11
C PHE N 259 29.02 14.80 -5.83
N GLY N 260 29.57 15.88 -5.26
CA GLY N 260 30.33 15.77 -4.03
C GLY N 260 29.43 15.69 -2.81
N SER N 261 30.08 15.51 -1.66
CA SER N 261 29.39 15.41 -0.38
C SER N 261 29.61 16.68 0.42
N LEU N 262 28.52 17.27 0.90
CA LEU N 262 28.58 18.51 1.67
C LEU N 262 29.06 18.22 3.09
N LEU N 263 30.01 19.03 3.57
CA LEU N 263 30.52 18.88 4.93
C LEU N 263 30.94 20.27 5.41
N GLU N 264 30.04 20.93 6.14
CA GLU N 264 30.30 22.26 6.70
C GLU N 264 29.23 22.57 7.73
N TYR N 265 29.60 23.36 8.73
CA TYR N 265 28.70 23.77 9.81
C TYR N 265 28.68 25.29 9.85
N THR N 266 27.53 25.87 9.50
CA THR N 266 27.38 27.32 9.52
C THR N 266 25.90 27.65 9.63
N ILE N 267 25.62 28.90 10.01
CA ILE N 267 24.25 29.39 10.15
C ILE N 267 24.25 30.90 9.96
N GLN N 268 23.14 31.42 9.47
CA GLN N 268 22.98 32.84 9.24
C GLN N 268 21.51 33.20 9.43
N ASP N 269 21.15 34.41 9.01
CA ASP N 269 19.76 34.89 9.08
C ASP N 269 19.03 34.44 7.83
N ASN N 270 18.31 33.33 7.93
CA ASN N 270 17.58 32.73 6.81
C ASN N 270 18.52 32.46 5.63
N LEU N 271 19.73 32.00 5.93
CA LEU N 271 20.72 31.71 4.91
C LEU N 271 21.63 30.61 5.41
N CYS N 272 22.10 29.77 4.48
CA CYS N 272 22.98 28.66 4.83
C CYS N 272 23.80 28.31 3.61
N ASN N 273 25.12 28.51 3.68
CA ASN N 273 26.04 28.18 2.59
C ASN N 273 26.94 27.05 3.07
N ILE N 274 26.72 25.85 2.54
CA ILE N 274 27.46 24.66 2.93
C ILE N 274 28.38 24.26 1.78
N THR N 275 29.67 24.13 2.08
CA THR N 275 30.64 23.72 1.09
C THR N 275 30.68 22.19 0.96
N ALA N 276 31.33 21.72 -0.10
CA ALA N 276 31.45 20.30 -0.37
C ALA N 276 32.92 19.92 -0.54
N VAL N 277 33.23 18.67 -0.23
CA VAL N 277 34.60 18.16 -0.32
C VAL N 277 34.64 17.02 -1.33
N ALA N 278 35.83 16.48 -1.56
CA ALA N 278 36.02 15.39 -2.51
C ALA N 278 37.03 14.41 -1.90
N LYS N 279 37.50 13.48 -2.74
CA LYS N 279 38.47 12.49 -2.28
C LYS N 279 39.82 13.16 -2.02
N GLY N 280 40.43 12.81 -0.89
CA GLY N 280 41.71 13.36 -0.50
C GLY N 280 41.97 13.22 0.99
N PRO N 281 42.91 14.03 1.50
CA PRO N 281 43.24 14.01 2.93
C PRO N 281 42.30 14.87 3.78
N GLN N 282 41.00 14.61 3.67
CA GLN N 282 40.02 15.37 4.45
C GLN N 282 40.19 15.12 5.93
N GLU N 283 40.45 13.87 6.32
CA GLU N 283 40.63 13.52 7.73
C GLU N 283 42.02 13.87 8.24
N ALA N 284 42.97 14.16 7.36
CA ALA N 284 44.32 14.52 7.77
C ALA N 284 44.62 16.00 7.66
N ALA N 285 43.74 16.79 7.05
CA ALA N 285 43.96 18.23 6.94
C ALA N 285 43.88 18.94 8.28
N ARG N 286 43.23 18.33 9.27
CA ARG N 286 43.09 18.90 10.62
C ARG N 286 42.43 20.28 10.55
N THR N 287 41.18 20.30 10.07
CA THR N 287 40.43 21.54 9.97
C THR N 287 40.08 22.12 11.33
N ASP N 288 39.99 21.28 12.37
CA ASP N 288 39.70 21.73 13.74
C ASP N 288 38.39 22.52 13.80
N LYS N 289 37.38 22.06 13.07
CA LYS N 289 36.08 22.69 13.07
C LYS N 289 34.95 21.77 13.53
N THR N 290 35.26 20.53 13.90
CA THR N 290 34.27 19.59 14.37
C THR N 290 34.35 19.47 15.89
N SER N 291 33.55 18.55 16.45
CA SER N 291 33.57 18.34 17.89
C SER N 291 34.91 17.78 18.35
N THR N 292 35.48 16.85 17.59
CA THR N 292 36.77 16.25 17.90
C THR N 292 37.85 16.82 16.97
N ARG N 293 39.10 16.39 17.20
CA ARG N 293 40.21 16.89 16.41
C ARG N 293 40.16 16.42 14.96
N ARG N 294 39.36 15.41 14.66
CA ARG N 294 39.24 14.87 13.31
C ARG N 294 37.81 15.08 12.80
N VAL N 295 37.53 14.53 11.62
CA VAL N 295 36.23 14.65 11.00
C VAL N 295 35.41 13.40 11.33
N THR N 296 34.10 13.52 11.18
CA THR N 296 33.17 12.43 11.45
C THR N 296 32.69 11.82 10.14
N ALA N 297 32.73 10.49 10.06
CA ALA N 297 32.29 9.76 8.86
C ALA N 297 31.42 8.60 9.31
N ASN N 298 30.10 8.72 9.06
CA ASN N 298 29.15 7.69 9.43
C ASN N 298 28.19 7.45 8.28
N ILE N 299 27.60 6.25 8.27
CA ILE N 299 26.67 5.85 7.23
C ILE N 299 25.40 5.32 7.89
N PRO N 300 24.24 5.39 7.22
CA PRO N 300 23.01 4.87 7.83
C PRO N 300 23.00 3.35 7.95
N ALA N 301 21.93 2.79 8.51
CA ALA N 301 21.85 1.36 8.71
C ALA N 301 21.79 0.60 7.38
N CYS N 302 21.04 1.13 6.42
CA CYS N 302 20.83 0.46 5.14
C CYS N 302 21.96 0.82 4.17
N VAL N 303 23.13 0.24 4.45
CA VAL N 303 24.30 0.43 3.58
C VAL N 303 24.93 -0.88 3.15
N PHE N 304 24.72 -1.99 3.87
CA PHE N 304 25.35 -3.26 3.54
C PHE N 304 24.28 -4.36 3.48
N TRP N 305 24.51 -5.32 2.58
CA TRP N 305 23.61 -6.44 2.40
C TRP N 305 24.40 -7.75 2.51
N ASP N 306 23.71 -8.81 2.92
CA ASP N 306 24.36 -10.09 3.12
C ASP N 306 24.85 -10.65 1.78
N VAL N 307 26.12 -11.05 1.74
CA VAL N 307 26.72 -11.62 0.54
C VAL N 307 27.49 -12.90 0.82
N ASP N 308 27.59 -13.32 2.08
CA ASP N 308 28.39 -14.50 2.42
C ASP N 308 27.82 -15.76 1.80
N LYS N 309 26.49 -15.83 1.62
CA LYS N 309 25.86 -17.03 1.10
C LYS N 309 26.40 -17.40 -0.28
N ASP N 310 26.84 -16.42 -1.07
CA ASP N 310 27.46 -16.67 -2.35
C ASP N 310 28.92 -16.29 -2.39
N LEU N 311 29.46 -15.72 -1.30
CA LEU N 311 30.86 -15.31 -1.21
C LEU N 311 31.46 -15.79 0.10
N HIS N 312 31.26 -17.06 0.43
CA HIS N 312 31.84 -17.64 1.64
C HIS N 312 33.35 -17.52 1.67
N LEU N 313 34.01 -17.43 0.51
CA LEU N 313 35.45 -17.25 0.46
C LEU N 313 35.84 -15.93 1.12
N SER N 314 37.00 -15.94 1.77
CA SER N 314 37.46 -14.76 2.50
C SER N 314 37.69 -13.59 1.55
N ALA N 315 37.32 -12.39 2.00
CA ALA N 315 37.44 -11.18 1.20
C ALA N 315 38.83 -10.57 1.41
N ASP N 316 39.84 -11.27 0.89
CA ASP N 316 41.23 -10.83 0.99
C ASP N 316 41.50 -9.86 -0.14
N GLY N 317 41.46 -8.57 0.17
CA GLY N 317 41.69 -7.53 -0.82
C GLY N 317 40.99 -6.25 -0.42
N LEU N 318 41.02 -5.29 -1.33
CA LEU N 318 40.40 -3.99 -1.12
C LEU N 318 38.97 -4.02 -1.65
N LYS N 319 38.01 -3.79 -0.76
CA LYS N 319 36.61 -3.79 -1.15
C LYS N 319 36.24 -2.49 -1.86
N HIS N 320 35.11 -2.53 -2.56
CA HIS N 320 34.61 -1.38 -3.31
C HIS N 320 33.15 -1.16 -2.98
N VAL N 321 32.73 0.10 -3.04
CA VAL N 321 31.35 0.50 -2.76
C VAL N 321 30.66 0.79 -4.10
N PHE N 322 29.53 0.14 -4.32
CA PHE N 322 28.77 0.30 -5.56
C PHE N 322 27.33 0.65 -5.24
N LEU N 323 26.73 1.49 -6.08
CA LEU N 323 25.34 1.89 -5.95
C LEU N 323 24.51 1.12 -6.96
N VAL N 324 23.49 0.42 -6.48
CA VAL N 324 22.64 -0.43 -7.30
C VAL N 324 21.23 0.14 -7.28
N PHE N 325 20.66 0.33 -8.47
CA PHE N 325 19.29 0.83 -8.63
C PHE N 325 18.59 -0.06 -9.66
N VAL N 326 17.89 -1.08 -9.16
CA VAL N 326 17.19 -2.04 -10.02
C VAL N 326 15.88 -1.45 -10.49
N TYR N 327 15.28 -2.07 -11.51
CA TYR N 327 14.00 -1.63 -12.05
C TYR N 327 13.07 -2.84 -12.16
N THR N 328 11.78 -2.59 -11.94
CA THR N 328 10.76 -3.61 -11.97
C THR N 328 9.76 -3.33 -13.08
N GLN N 329 9.21 -4.39 -13.65
CA GLN N 329 8.22 -4.30 -14.72
C GLN N 329 7.16 -5.38 -14.49
N ARG N 330 5.98 -4.96 -14.07
CA ARG N 330 4.89 -5.90 -13.78
C ARG N 330 3.60 -5.33 -14.37
N ARG N 331 2.47 -5.94 -14.01
CA ARG N 331 1.18 -5.52 -14.52
C ARG N 331 0.67 -4.33 -13.71
N GLN N 332 0.65 -3.15 -14.34
CA GLN N 332 0.21 -1.89 -13.77
C GLN N 332 0.70 -1.68 -12.33
N ARG N 333 1.93 -2.07 -12.05
CA ARG N 333 2.54 -1.83 -10.74
C ARG N 333 4.04 -1.79 -10.89
N GLU N 334 4.68 -0.81 -10.25
CA GLU N 334 6.13 -0.64 -10.34
C GLU N 334 6.63 -0.05 -9.03
N GLY N 335 7.93 -0.22 -8.80
CA GLY N 335 8.56 0.30 -7.60
C GLY N 335 10.04 0.51 -7.81
N VAL N 336 10.66 1.21 -6.87
CA VAL N 336 12.07 1.52 -6.91
C VAL N 336 12.77 0.82 -5.75
N ARG N 337 14.06 0.55 -5.93
CA ARG N 337 14.86 -0.12 -4.91
C ARG N 337 16.29 0.41 -5.01
N LEU N 338 16.61 1.40 -4.17
CA LEU N 338 17.94 2.00 -4.17
C LEU N 338 18.81 1.29 -3.13
N HIS N 339 19.38 0.17 -3.56
CA HIS N 339 20.24 -0.62 -2.69
C HIS N 339 21.66 -0.05 -2.71
N LEU N 340 22.53 -0.63 -1.88
CA LEU N 340 23.93 -0.22 -1.80
C LEU N 340 24.78 -1.48 -1.63
N ALA N 341 25.27 -2.01 -2.75
CA ALA N 341 26.09 -3.21 -2.71
C ALA N 341 27.52 -2.88 -2.29
N LEU N 342 28.15 -3.84 -1.63
CA LEU N 342 29.54 -3.69 -1.18
C LEU N 342 30.19 -5.06 -1.25
N SER N 343 30.88 -5.34 -2.36
CA SER N 343 31.53 -6.62 -2.58
C SER N 343 32.89 -6.41 -3.21
N GLN N 344 33.77 -7.39 -3.02
CA GLN N 344 35.11 -7.36 -3.58
C GLN N 344 35.18 -7.96 -4.98
N LEU N 345 34.05 -8.42 -5.53
CA LEU N 345 34.04 -9.02 -6.85
C LEU N 345 34.32 -7.98 -7.92
N ASN N 346 34.67 -8.48 -9.11
CA ASN N 346 35.00 -7.60 -10.23
C ASN N 346 33.75 -6.87 -10.72
N GLU N 347 33.99 -5.75 -11.41
CA GLU N 347 32.88 -4.96 -11.94
C GLU N 347 32.09 -5.72 -12.97
N GLN N 348 32.77 -6.47 -13.85
CA GLN N 348 32.08 -7.23 -14.88
C GLN N 348 31.26 -8.38 -14.31
N CYS N 349 31.60 -8.87 -13.13
CA CYS N 349 30.85 -9.95 -12.50
C CYS N 349 29.73 -9.45 -11.60
N PHE N 350 29.63 -8.13 -11.39
CA PHE N 350 28.57 -7.60 -10.54
C PHE N 350 27.20 -7.86 -11.13
N GLY N 351 27.05 -7.68 -12.44
CA GLY N 351 25.78 -7.97 -13.09
C GLY N 351 25.41 -9.44 -13.00
N ARG N 352 26.38 -10.33 -13.20
CA ARG N 352 26.12 -11.75 -13.09
C ARG N 352 25.71 -12.13 -11.66
N GLY N 353 26.38 -11.54 -10.67
CA GLY N 353 26.00 -11.81 -9.28
C GLY N 353 24.61 -11.30 -8.95
N ILE N 354 24.27 -10.11 -9.45
CA ILE N 354 22.93 -9.56 -9.22
C ILE N 354 21.88 -10.45 -9.87
N GLY N 355 22.14 -10.92 -11.10
CA GLY N 355 21.20 -11.79 -11.76
C GLY N 355 21.03 -13.12 -11.06
N PHE N 356 22.14 -13.69 -10.56
CA PHE N 356 22.06 -14.95 -9.83
C PHE N 356 21.30 -14.78 -8.51
N LEU N 357 21.54 -13.67 -7.80
CA LEU N 357 20.84 -13.43 -6.55
C LEU N 357 19.34 -13.24 -6.77
N LEU N 358 18.96 -12.53 -7.84
CA LEU N 358 17.57 -12.26 -8.15
C LEU N 358 17.02 -13.19 -9.24
N GLY N 359 17.49 -14.44 -9.27
CA GLY N 359 17.02 -15.38 -10.27
C GLY N 359 15.58 -15.81 -10.08
N ARG N 360 15.06 -15.74 -8.85
CA ARG N 360 13.67 -16.10 -8.60
C ARG N 360 12.70 -15.06 -9.16
N ILE N 361 13.14 -13.82 -9.35
CA ILE N 361 12.29 -12.77 -9.89
C ILE N 361 12.69 -12.37 -11.32
N ARG N 362 13.86 -12.78 -11.79
CA ARG N 362 14.27 -12.44 -13.15
C ARG N 362 13.35 -13.08 -14.18
N ALA N 363 12.96 -14.34 -13.95
CA ALA N 363 12.05 -15.01 -14.87
C ALA N 363 10.69 -14.32 -14.90
N GLU N 364 10.18 -13.93 -13.74
CA GLU N 364 8.91 -13.22 -13.68
C GLU N 364 9.00 -11.87 -14.39
N ASN N 365 10.09 -11.14 -14.19
CA ASN N 365 10.27 -9.86 -14.87
C ASN N 365 10.33 -10.04 -16.38
N ALA N 366 11.05 -11.07 -16.85
CA ALA N 366 11.13 -11.33 -18.28
C ALA N 366 9.76 -11.70 -18.84
N ALA N 367 8.99 -12.50 -18.11
CA ALA N 367 7.67 -12.88 -18.57
C ALA N 367 6.73 -11.69 -18.63
N TRP N 368 6.81 -10.79 -17.64
CA TRP N 368 5.94 -9.63 -17.60
C TRP N 368 6.41 -8.50 -18.51
N GLY N 369 7.65 -8.55 -19.00
CA GLY N 369 8.17 -7.52 -19.87
C GLY N 369 7.79 -7.63 -21.33
N THR N 370 7.07 -8.69 -21.71
CA THR N 370 6.66 -8.89 -23.10
C THR N 370 5.33 -8.17 -23.35
N GLU N 371 5.41 -6.84 -23.32
CA GLU N 371 4.24 -5.98 -23.53
C GLU N 371 4.67 -4.79 -24.38
N GLY N 372 3.80 -3.80 -24.48
CA GLY N 372 4.08 -2.61 -25.26
C GLY N 372 2.83 -1.84 -25.65
N THR N 382 4.99 -18.05 -38.46
CA THR N 382 6.12 -18.34 -37.60
C THR N 382 6.79 -19.65 -37.99
N ARG N 383 6.98 -19.84 -39.29
CA ARG N 383 7.61 -21.05 -39.82
C ARG N 383 9.08 -20.77 -40.10
N ALA N 384 9.94 -21.68 -39.65
CA ALA N 384 11.38 -21.54 -39.83
C ALA N 384 11.76 -21.97 -41.25
N LEU N 385 13.07 -21.96 -41.52
CA LEU N 385 13.62 -22.33 -42.83
C LEU N 385 14.69 -23.39 -42.61
N PRO N 386 14.29 -24.65 -42.44
CA PRO N 386 15.28 -25.72 -42.23
C PRO N 386 15.85 -26.30 -43.52
N LEU N 387 15.49 -25.75 -44.68
CA LEU N 387 15.99 -26.22 -45.96
C LEU N 387 17.24 -25.48 -46.42
N VAL N 388 17.75 -24.54 -45.61
CA VAL N 388 18.95 -23.81 -45.99
C VAL N 388 20.16 -24.74 -46.06
N GLN N 389 20.28 -25.66 -45.10
CA GLN N 389 21.40 -26.58 -45.09
C GLN N 389 21.40 -27.52 -46.30
N LEU N 390 20.25 -27.73 -46.93
CA LEU N 390 20.15 -28.56 -48.12
C LEU N 390 20.20 -27.76 -49.42
N SER N 391 19.81 -26.49 -49.39
CA SER N 391 19.81 -25.66 -50.59
C SER N 391 21.00 -24.73 -50.69
N ASN N 392 21.92 -24.77 -49.72
CA ASN N 392 23.10 -23.90 -49.79
C ASN N 392 23.95 -24.21 -51.01
N ASP N 393 24.49 -25.42 -51.10
CA ASP N 393 25.36 -25.78 -52.20
C ASP N 393 24.57 -26.06 -53.49
N PRO N 394 23.59 -26.96 -53.50
CA PRO N 394 22.86 -27.24 -54.73
C PRO N 394 21.61 -26.38 -54.88
N THR N 395 21.16 -26.29 -56.14
CA THR N 395 19.94 -25.58 -56.52
C THR N 395 19.87 -24.18 -55.87
N SER N 396 20.84 -23.35 -56.23
CA SER N 396 20.92 -21.99 -55.71
C SER N 396 20.43 -21.01 -56.76
N PRO N 397 19.26 -20.39 -56.60
CA PRO N 397 18.79 -19.40 -57.58
C PRO N 397 19.31 -17.99 -57.28
N ARG N 398 20.62 -17.83 -57.41
CA ARG N 398 21.28 -16.56 -57.13
C ARG N 398 21.06 -15.63 -58.32
N CYS N 399 19.97 -14.87 -58.27
CA CYS N 399 19.60 -13.90 -59.30
C CYS N 399 19.19 -12.58 -58.67
N SER N 400 19.99 -12.12 -57.70
CA SER N 400 19.68 -10.88 -56.99
C SER N 400 20.06 -9.64 -57.78
N ILE N 401 20.80 -9.79 -58.88
CA ILE N 401 21.21 -8.66 -59.71
C ILE N 401 20.74 -8.83 -61.15
N GLY N 402 20.96 -10.02 -61.73
CA GLY N 402 20.58 -10.24 -63.12
C GLY N 402 19.08 -10.18 -63.34
N GLU N 403 18.29 -10.64 -62.38
CA GLU N 403 16.84 -10.65 -62.50
C GLU N 403 16.19 -9.38 -61.98
N ILE N 404 16.97 -8.40 -61.53
CA ILE N 404 16.45 -7.14 -60.99
C ILE N 404 16.87 -5.97 -61.87
N THR N 405 18.16 -5.87 -62.21
CA THR N 405 18.62 -4.77 -63.04
C THR N 405 18.14 -4.89 -64.48
N GLY N 406 17.72 -6.08 -64.92
CA GLY N 406 17.28 -6.27 -66.29
C GLY N 406 15.80 -6.08 -66.48
N VAL N 407 14.99 -6.76 -65.68
CA VAL N 407 13.55 -6.68 -65.79
C VAL N 407 13.02 -5.73 -64.72
N ASN N 408 11.80 -5.21 -64.95
CA ASN N 408 11.21 -4.26 -64.02
C ASN N 408 10.80 -4.91 -62.70
N TRP N 409 10.62 -6.24 -62.69
CA TRP N 409 10.27 -7.01 -61.50
C TRP N 409 8.95 -6.62 -60.87
N ASN N 410 8.10 -5.89 -61.61
CA ASN N 410 6.79 -5.50 -61.08
C ASN N 410 5.74 -6.57 -61.27
N LEU N 411 6.02 -7.61 -62.06
CA LEU N 411 5.06 -8.68 -62.31
C LEU N 411 5.58 -10.07 -61.98
N ALA N 412 6.89 -10.26 -61.84
CA ALA N 412 7.46 -11.56 -61.53
C ALA N 412 7.50 -11.86 -60.04
N ARG N 413 7.13 -10.90 -59.19
CA ARG N 413 7.12 -11.09 -57.74
C ARG N 413 5.79 -11.71 -57.37
N GLN N 414 5.72 -13.04 -57.43
CA GLN N 414 4.48 -13.77 -57.17
C GLN N 414 4.59 -14.66 -55.94
N ARG N 415 5.53 -15.61 -55.93
CA ARG N 415 5.60 -16.56 -54.83
C ARG N 415 6.39 -16.01 -53.66
N LEU N 416 7.69 -15.79 -53.85
CA LEU N 416 8.60 -15.32 -52.81
C LEU N 416 8.39 -16.03 -51.49
N TYR N 417 8.48 -15.29 -50.38
CA TYR N 417 8.26 -15.82 -49.05
C TYR N 417 7.29 -14.91 -48.31
N GLN N 418 6.54 -15.51 -47.37
CA GLN N 418 5.54 -14.77 -46.61
C GLN N 418 5.68 -14.87 -45.11
N TRP N 419 6.37 -15.89 -44.58
CA TRP N 419 6.62 -16.13 -43.16
C TRP N 419 5.36 -16.50 -42.39
N THR N 420 4.19 -16.50 -43.03
CA THR N 420 2.92 -16.88 -42.40
C THR N 420 2.70 -16.12 -41.08
N GLY N 421 3.07 -14.84 -41.07
CA GLY N 421 2.92 -14.04 -39.87
C GLY N 421 2.94 -12.56 -40.21
N ASP N 422 2.72 -11.76 -39.16
CA ASP N 422 2.70 -10.31 -39.31
C ASP N 422 3.06 -9.69 -37.97
N PHE N 423 4.23 -9.06 -37.89
CA PHE N 423 4.71 -8.43 -36.67
C PHE N 423 5.22 -7.03 -36.98
N ARG N 424 5.12 -6.15 -35.99
CA ARG N 424 5.55 -4.76 -36.13
C ARG N 424 6.12 -4.30 -34.79
N GLY N 425 7.44 -4.36 -34.66
CA GLY N 425 8.10 -3.92 -33.44
C GLY N 425 8.36 -5.03 -32.45
N LEU N 426 9.62 -5.19 -32.05
CA LEU N 426 10.02 -6.19 -31.07
C LEU N 426 10.87 -5.51 -30.00
N PRO N 427 10.24 -4.79 -29.07
CA PRO N 427 11.00 -4.09 -28.03
C PRO N 427 11.54 -5.03 -26.98
N THR N 428 12.86 -5.25 -26.98
CA THR N 428 13.52 -6.12 -26.03
C THR N 428 14.59 -5.43 -25.19
N GLN N 429 15.19 -4.35 -25.71
CA GLN N 429 16.23 -3.66 -24.96
C GLN N 429 15.66 -2.95 -23.73
N LEU N 430 14.45 -2.41 -23.85
CA LEU N 430 13.80 -1.70 -22.75
C LEU N 430 12.93 -2.60 -21.90
N SER N 431 13.18 -3.90 -21.91
CA SER N 431 12.39 -4.84 -21.11
C SER N 431 13.29 -5.67 -20.21
N CYS N 432 14.51 -5.96 -20.67
CA CYS N 432 15.47 -6.77 -19.93
C CYS N 432 16.38 -5.95 -19.04
N MET N 433 16.22 -4.62 -19.02
CA MET N 433 17.06 -3.75 -18.21
C MET N 433 16.53 -3.75 -16.77
N TYR N 434 17.19 -4.50 -15.89
CA TYR N 434 16.79 -4.58 -14.50
C TYR N 434 17.94 -4.55 -13.52
N ALA N 435 19.18 -4.39 -13.99
CA ALA N 435 20.35 -4.36 -13.12
C ALA N 435 21.26 -3.21 -13.50
N ALA N 436 21.82 -2.54 -12.50
CA ALA N 436 22.72 -1.43 -12.71
C ALA N 436 23.66 -1.30 -11.52
N TYR N 437 24.87 -0.81 -11.78
CA TYR N 437 25.86 -0.62 -10.73
C TYR N 437 26.85 0.46 -11.18
N THR N 438 27.25 1.30 -10.23
CA THR N 438 28.20 2.38 -10.49
C THR N 438 29.23 2.43 -9.39
N LEU N 439 30.48 2.71 -9.76
CA LEU N 439 31.58 2.79 -8.81
C LEU N 439 31.55 4.16 -8.15
N ILE N 440 30.95 4.24 -6.97
CA ILE N 440 30.85 5.48 -6.21
C ILE N 440 31.35 5.20 -4.79
N GLY N 441 32.38 5.93 -4.37
CA GLY N 441 32.90 5.78 -3.03
C GLY N 441 33.92 4.65 -2.91
N THR N 442 35.04 4.94 -2.26
CA THR N 442 36.10 3.96 -2.04
C THR N 442 36.48 3.96 -0.56
N ILE N 443 37.48 3.14 -0.23
CA ILE N 443 37.96 3.03 1.15
C ILE N 443 39.48 3.11 1.14
N PRO N 444 40.09 4.00 1.93
CA PRO N 444 41.56 4.06 1.96
C PRO N 444 42.22 2.77 2.44
N SER N 445 41.57 2.04 3.34
CA SER N 445 42.12 0.80 3.87
C SER N 445 41.05 -0.28 3.89
N GLU N 446 41.50 -1.53 3.83
CA GLU N 446 40.60 -2.68 3.83
C GLU N 446 40.38 -3.14 5.27
N SER N 447 39.77 -4.32 5.42
CA SER N 447 39.49 -4.94 6.73
C SER N 447 38.72 -3.98 7.64
N VAL N 448 37.76 -3.27 7.05
CA VAL N 448 36.95 -2.33 7.83
C VAL N 448 35.96 -3.11 8.69
N ARG N 449 35.94 -2.79 9.99
CA ARG N 449 35.06 -3.44 10.94
C ARG N 449 33.95 -2.49 11.36
N TYR N 450 32.72 -2.98 11.33
CA TYR N 450 31.55 -2.17 11.69
C TYR N 450 31.10 -2.52 13.10
N THR N 451 30.70 -1.49 13.85
CA THR N 451 30.24 -1.65 15.22
C THR N 451 28.83 -1.08 15.35
N ARG N 452 27.98 -1.81 16.08
CA ARG N 452 26.59 -1.41 16.29
C ARG N 452 26.49 -0.68 17.63
N ARG N 453 26.23 0.63 17.58
CA ARG N 453 26.12 1.43 18.79
C ARG N 453 24.91 2.36 18.70
N MET N 454 24.79 3.27 19.65
CA MET N 454 23.69 4.23 19.69
C MET N 454 24.24 5.64 19.78
N GLU N 455 23.45 6.59 19.28
CA GLU N 455 23.81 7.99 19.29
C GLU N 455 22.64 8.82 19.78
N ARG N 456 22.96 9.94 20.43
CA ARG N 456 21.95 10.86 20.97
C ARG N 456 22.25 12.26 20.44
N PHE N 457 21.45 12.71 19.48
CA PHE N 457 21.61 14.03 18.89
C PHE N 457 20.26 14.54 18.43
N GLY N 458 20.15 15.87 18.33
CA GLY N 458 18.91 16.47 17.90
C GLY N 458 17.80 16.31 18.93
N GLY N 459 16.57 16.39 18.47
CA GLY N 459 15.40 16.25 19.32
C GLY N 459 14.91 14.84 19.53
N TYR N 460 15.52 13.86 18.88
CA TYR N 460 15.11 12.47 19.02
C TYR N 460 16.30 11.56 18.79
N ASN N 461 16.30 10.41 19.47
CA ASN N 461 17.37 9.44 19.36
C ASN N 461 17.00 8.41 18.29
N VAL N 462 17.86 8.24 17.30
CA VAL N 462 17.63 7.29 16.21
C VAL N 462 18.80 6.32 16.14
N PRO N 463 18.56 5.07 15.73
CA PRO N 463 19.67 4.11 15.64
C PRO N 463 20.61 4.47 14.49
N THR N 464 21.91 4.45 14.76
CA THR N 464 22.92 4.75 13.77
C THR N 464 24.09 3.78 13.92
N ILE N 465 24.83 3.61 12.83
CA ILE N 465 26.00 2.74 12.79
C ILE N 465 27.22 3.59 12.51
N TRP N 466 28.24 3.46 13.35
CA TRP N 466 29.47 4.24 13.23
C TRP N 466 30.53 3.41 12.51
N LEU N 467 31.14 4.00 11.49
CA LEU N 467 32.18 3.35 10.71
C LEU N 467 33.45 4.21 10.74
N GLU N 468 34.51 3.67 10.15
CA GLU N 468 35.79 4.37 10.08
C GLU N 468 36.51 3.97 8.81
N GLY N 469 37.42 4.84 8.37
CA GLY N 469 38.17 4.59 7.16
C GLY N 469 37.32 4.53 5.91
N VAL N 470 36.36 5.44 5.79
CA VAL N 470 35.47 5.51 4.63
C VAL N 470 35.52 6.92 4.06
N VAL N 471 35.68 7.02 2.74
CA VAL N 471 35.75 8.29 2.03
C VAL N 471 34.75 8.25 0.88
N TRP N 472 34.71 9.35 0.12
CA TRP N 472 33.80 9.45 -1.01
C TRP N 472 34.57 9.84 -2.27
N GLY N 473 33.85 10.10 -3.36
CA GLY N 473 34.48 10.49 -4.61
C GLY N 473 34.19 9.54 -5.75
N GLY N 474 34.99 9.61 -6.80
CA GLY N 474 34.82 8.76 -7.96
C GLY N 474 34.12 9.45 -9.11
N THR N 475 33.54 8.64 -9.98
CA THR N 475 32.82 9.13 -11.15
C THR N 475 31.54 8.31 -11.32
N ASN N 476 30.54 8.96 -11.93
CA ASN N 476 29.25 8.31 -12.16
C ASN N 476 29.22 7.73 -13.58
N THR N 477 30.05 6.70 -13.77
CA THR N 477 30.14 6.00 -15.04
C THR N 477 29.13 4.85 -15.04
N TRP N 478 28.04 5.02 -15.78
CA TRP N 478 26.98 4.02 -15.83
C TRP N 478 27.39 2.92 -16.79
N ASN N 479 27.70 1.74 -16.24
CA ASN N 479 28.07 0.56 -17.03
C ASN N 479 27.24 -0.61 -16.53
N GLU N 480 26.06 -0.78 -17.10
CA GLU N 480 25.13 -1.83 -16.71
C GLU N 480 25.29 -3.05 -17.60
N CYS N 481 24.82 -4.19 -17.10
CA CYS N 481 24.86 -5.46 -17.83
C CYS N 481 23.51 -6.16 -17.63
N TYR N 482 22.59 -5.91 -18.56
CA TYR N 482 21.27 -6.51 -18.47
C TYR N 482 21.32 -8.00 -18.78
N TYR N 483 20.36 -8.74 -18.24
CA TYR N 483 20.29 -10.18 -18.45
C TYR N 483 18.86 -10.62 -18.74
N PRO O 4 53.23 5.27 -2.48
CA PRO O 4 51.98 4.87 -1.82
C PRO O 4 52.08 3.52 -1.13
N PHE O 5 50.98 2.79 -1.07
CA PHE O 5 50.98 1.48 -0.43
C PHE O 5 51.79 0.48 -1.26
N GLU O 6 52.55 -0.36 -0.56
CA GLU O 6 53.38 -1.37 -1.19
C GLU O 6 53.24 -2.68 -0.44
N ILE O 7 53.17 -3.78 -1.19
CA ILE O 7 53.04 -5.11 -0.61
C ILE O 7 54.42 -5.68 -0.35
N GLU O 8 54.48 -6.66 0.55
CA GLU O 8 55.73 -7.31 0.92
C GLU O 8 55.56 -8.82 0.76
N VAL O 9 56.53 -9.46 0.12
CA VAL O 9 56.53 -10.90 -0.11
C VAL O 9 57.77 -11.49 0.53
N LEU O 10 57.58 -12.52 1.34
CA LEU O 10 58.70 -13.18 2.01
C LEU O 10 59.59 -13.88 1.00
N LEU O 11 60.90 -13.78 1.21
CA LEU O 11 61.86 -14.39 0.29
C LEU O 11 61.88 -15.90 0.50
N PRO O 12 61.64 -16.71 -0.53
CA PRO O 12 61.72 -18.16 -0.38
C PRO O 12 63.14 -18.61 -0.09
N GLY O 13 63.25 -19.74 0.62
CA GLY O 13 64.54 -20.29 0.96
C GLY O 13 65.24 -20.94 -0.21
N GLU O 14 66.51 -21.28 0.00
CA GLU O 14 67.36 -21.92 -1.01
C GLU O 14 67.44 -21.06 -2.28
N LEU O 15 67.95 -19.85 -2.11
CA LEU O 15 68.10 -18.93 -3.22
C LEU O 15 69.12 -19.44 -4.22
N SER O 16 68.80 -19.31 -5.51
CA SER O 16 69.68 -19.76 -6.58
C SER O 16 70.29 -18.56 -7.28
N PRO O 17 71.62 -18.42 -7.28
CA PRO O 17 72.23 -17.25 -7.93
C PRO O 17 71.94 -17.16 -9.41
N ALA O 18 71.67 -18.28 -10.08
CA ALA O 18 71.42 -18.26 -11.52
C ALA O 18 70.22 -17.38 -11.86
N GLU O 19 69.14 -17.50 -11.10
CA GLU O 19 68.00 -16.62 -11.29
C GLU O 19 68.09 -15.34 -10.45
N THR O 20 68.88 -15.35 -9.38
CA THR O 20 69.06 -14.13 -8.60
C THR O 20 69.73 -13.04 -9.43
N SER O 21 70.74 -13.41 -10.22
CA SER O 21 71.41 -12.44 -11.08
C SER O 21 70.45 -11.89 -12.13
N ALA O 22 69.63 -12.76 -12.73
CA ALA O 22 68.65 -12.30 -13.72
C ALA O 22 67.65 -11.35 -13.09
N LEU O 23 67.17 -11.67 -11.89
CA LEU O 23 66.22 -10.78 -11.21
C LEU O 23 66.86 -9.44 -10.87
N GLN O 24 68.11 -9.46 -10.42
CA GLN O 24 68.80 -8.21 -10.05
C GLN O 24 69.24 -7.41 -11.27
N LYS O 25 69.29 -8.02 -12.45
CA LYS O 25 69.67 -7.29 -13.66
C LYS O 25 68.45 -6.77 -14.42
N CYS O 26 67.36 -7.54 -14.48
CA CYS O 26 66.21 -7.15 -15.29
C CYS O 26 65.30 -6.18 -14.54
N GLU O 27 64.73 -6.61 -13.41
CA GLU O 27 63.76 -5.85 -12.64
C GLU O 27 62.51 -5.48 -13.45
N GLY O 28 62.27 -6.18 -14.55
CA GLY O 28 61.08 -5.92 -15.35
C GLY O 28 60.34 -7.17 -15.77
N LYS O 29 59.10 -7.30 -15.33
CA LYS O 29 58.28 -8.46 -15.65
C LYS O 29 56.83 -8.16 -15.26
N ILE O 30 55.90 -8.66 -16.08
CA ILE O 30 54.47 -8.52 -15.82
C ILE O 30 53.98 -9.78 -15.11
N ILE O 31 53.28 -9.60 -13.99
CA ILE O 31 52.78 -10.71 -13.20
C ILE O 31 51.32 -10.43 -12.83
N THR O 32 50.62 -11.50 -12.46
CA THR O 32 49.23 -11.41 -12.05
C THR O 32 49.05 -12.16 -10.73
N PHE O 33 48.10 -11.67 -9.93
CA PHE O 33 47.82 -12.25 -8.62
C PHE O 33 46.34 -12.19 -8.34
N SER O 34 45.88 -13.04 -7.43
CA SER O 34 44.48 -13.13 -7.06
C SER O 34 44.21 -12.61 -5.65
N THR O 35 44.97 -13.07 -4.66
CA THR O 35 44.79 -12.66 -3.27
C THR O 35 45.65 -11.44 -2.99
N LEU O 36 45.02 -10.36 -2.53
CA LEU O 36 45.72 -9.12 -2.19
C LEU O 36 45.94 -9.08 -0.69
N ARG O 37 47.21 -9.02 -0.28
CA ARG O 37 47.56 -8.97 1.13
C ARG O 37 48.90 -8.27 1.28
N HIS O 38 48.99 -7.40 2.29
CA HIS O 38 50.24 -6.68 2.54
C HIS O 38 51.34 -7.62 3.04
N ARG O 39 50.98 -8.62 3.83
CA ARG O 39 51.93 -9.57 4.40
C ARG O 39 51.60 -10.95 3.83
N ALA O 40 52.34 -11.38 2.80
CA ALA O 40 52.14 -12.67 2.17
C ALA O 40 53.47 -13.42 2.16
N SER O 41 53.43 -14.68 2.60
CA SER O 41 54.63 -15.52 2.66
C SER O 41 54.70 -16.54 1.52
N LEU O 42 53.56 -17.14 1.16
CA LEU O 42 53.53 -18.13 0.09
C LEU O 42 52.53 -17.79 -1.00
N VAL O 43 51.96 -16.59 -0.97
CA VAL O 43 50.92 -16.08 -1.89
C VAL O 43 49.96 -17.19 -2.33
N ASP O 44 49.50 -17.12 -3.58
CA ASP O 44 48.58 -18.14 -4.10
C ASP O 44 48.92 -18.55 -5.52
N ILE O 45 50.10 -18.22 -6.03
CA ILE O 45 50.50 -18.58 -7.39
C ILE O 45 51.17 -19.94 -7.31
N ALA O 46 50.37 -21.00 -7.37
CA ALA O 46 50.87 -22.37 -7.30
C ALA O 46 50.16 -23.19 -8.37
N LEU O 47 50.95 -23.77 -9.29
CA LEU O 47 50.37 -24.61 -10.33
C LEU O 47 49.73 -25.86 -9.74
N SER O 48 50.35 -26.45 -8.72
CA SER O 48 49.76 -27.62 -8.07
C SER O 48 48.42 -27.28 -7.43
N SER O 49 48.33 -26.12 -6.77
CA SER O 49 47.08 -25.72 -6.15
C SER O 49 46.02 -25.39 -7.20
N TYR O 50 46.44 -24.78 -8.31
CA TYR O 50 45.50 -24.43 -9.37
C TYR O 50 45.11 -25.62 -10.24
N TYR O 51 45.82 -26.75 -10.14
CA TYR O 51 45.50 -27.93 -10.94
C TYR O 51 44.26 -28.66 -10.44
N ILE O 52 43.73 -28.28 -9.27
CA ILE O 52 42.60 -28.93 -8.59
C ILE O 52 42.57 -30.43 -8.83
N ASN O 53 41.63 -30.90 -9.67
CA ASN O 53 41.47 -32.33 -9.87
C ASN O 53 42.71 -32.96 -10.50
N GLY O 54 43.30 -32.30 -11.48
CA GLY O 54 44.50 -32.80 -12.13
C GLY O 54 44.53 -32.55 -13.62
N ALA O 55 43.36 -32.31 -14.21
CA ALA O 55 43.30 -32.03 -15.63
C ALA O 55 43.92 -30.68 -15.93
N PRO O 56 44.62 -30.53 -17.06
CA PRO O 56 45.20 -29.24 -17.39
C PRO O 56 44.13 -28.19 -17.61
N PRO O 57 44.39 -26.95 -17.25
CA PRO O 57 43.39 -25.90 -17.45
C PRO O 57 43.13 -25.63 -18.93
N ASP O 58 41.89 -25.26 -19.24
CA ASP O 58 41.51 -24.95 -20.60
C ASP O 58 41.82 -23.48 -20.93
N THR O 59 41.83 -23.18 -22.22
CA THR O 59 42.10 -21.81 -22.65
C THR O 59 41.03 -20.85 -22.15
N LEU O 60 39.76 -21.24 -22.27
CA LEU O 60 38.68 -20.39 -21.77
C LEU O 60 38.74 -20.25 -20.26
N SER O 61 39.07 -21.33 -19.55
CA SER O 61 39.19 -21.25 -18.10
C SER O 61 40.29 -20.30 -17.69
N LEU O 62 41.44 -20.37 -18.37
CA LEU O 62 42.53 -19.44 -18.08
C LEU O 62 42.14 -18.01 -18.41
N LEU O 63 41.40 -17.82 -19.51
CA LEU O 63 40.97 -16.48 -19.89
C LEU O 63 40.06 -15.87 -18.83
N GLU O 64 39.07 -16.63 -18.37
CA GLU O 64 38.17 -16.09 -17.36
C GLU O 64 38.87 -15.91 -16.01
N ALA O 65 39.81 -16.80 -15.68
CA ALA O 65 40.58 -16.62 -14.45
C ALA O 65 41.41 -15.35 -14.50
N TYR O 66 42.04 -15.07 -15.64
CA TYR O 66 42.80 -13.83 -15.79
C TYR O 66 41.89 -12.62 -15.74
N ARG O 67 40.71 -12.71 -16.36
CA ARG O 67 39.77 -11.60 -16.33
C ARG O 67 39.30 -11.30 -14.91
N MET O 68 39.00 -12.36 -14.13
CA MET O 68 38.57 -12.16 -12.75
C MET O 68 39.70 -11.62 -11.88
N ARG O 69 40.91 -12.14 -12.07
CA ARG O 69 42.04 -11.70 -11.27
C ARG O 69 42.51 -10.31 -11.72
N PHE O 70 43.20 -9.63 -10.81
CA PHE O 70 43.71 -8.29 -11.06
C PHE O 70 45.09 -8.39 -11.74
N ALA O 71 45.78 -7.26 -11.86
CA ALA O 71 47.08 -7.20 -12.47
C ALA O 71 48.01 -6.35 -11.61
N ALA O 72 49.32 -6.60 -11.76
CA ALA O 72 50.32 -5.87 -11.00
C ALA O 72 51.60 -5.77 -11.82
N VAL O 73 52.43 -4.80 -11.47
CA VAL O 73 53.70 -4.56 -12.13
C VAL O 73 54.82 -4.77 -11.13
N ILE O 74 55.80 -5.58 -11.50
CA ILE O 74 56.91 -5.90 -10.61
C ILE O 74 57.88 -4.72 -10.57
N THR O 75 58.16 -4.24 -9.37
CA THR O 75 59.08 -3.12 -9.18
C THR O 75 60.49 -3.68 -8.92
N ARG O 76 61.42 -2.80 -8.55
CA ARG O 76 62.79 -3.24 -8.28
C ARG O 76 62.82 -4.17 -7.07
N VAL O 77 63.81 -5.07 -7.06
CA VAL O 77 63.97 -6.07 -6.02
C VAL O 77 65.30 -5.83 -5.31
N ILE O 78 65.26 -5.81 -3.98
CA ILE O 78 66.45 -5.62 -3.16
C ILE O 78 66.73 -6.93 -2.43
N PRO O 79 68.00 -7.25 -2.14
CA PRO O 79 68.28 -8.50 -1.41
C PRO O 79 67.65 -8.55 -0.03
N GLY O 80 67.46 -7.40 0.62
CA GLY O 80 66.88 -7.40 1.96
C GLY O 80 65.46 -7.93 2.00
N LYS O 81 64.63 -7.46 1.07
CA LYS O 81 63.24 -7.88 1.03
C LYS O 81 62.71 -7.70 -0.39
N LEU O 82 61.61 -8.41 -0.68
CA LEU O 82 60.98 -8.37 -1.99
C LEU O 82 59.82 -7.38 -1.96
N LEU O 83 59.79 -6.47 -2.92
CA LEU O 83 58.76 -5.44 -3.02
C LEU O 83 58.05 -5.56 -4.36
N ALA O 84 56.75 -5.28 -4.36
CA ALA O 84 55.95 -5.32 -5.58
C ALA O 84 54.89 -4.24 -5.51
N HIS O 85 54.46 -3.79 -6.68
CA HIS O 85 53.45 -2.74 -6.80
C HIS O 85 52.21 -3.31 -7.48
N ALA O 86 51.06 -3.10 -6.85
CA ALA O 86 49.78 -3.55 -7.38
C ALA O 86 49.05 -2.40 -8.08
N ILE O 87 47.98 -2.75 -8.78
CA ILE O 87 47.16 -1.78 -9.49
C ILE O 87 45.90 -1.54 -8.66
N GLY O 88 45.76 -0.33 -8.14
CA GLY O 88 44.60 0.03 -7.33
C GLY O 88 43.72 1.07 -7.99
N VAL O 89 43.87 2.31 -7.58
CA VAL O 89 43.09 3.41 -8.13
C VAL O 89 43.96 4.23 -9.08
N GLY O 90 43.34 5.17 -9.77
CA GLY O 90 44.04 5.99 -10.74
C GLY O 90 44.88 7.08 -10.11
N THR O 91 45.98 6.69 -9.48
CA THR O 91 46.91 7.62 -8.83
C THR O 91 48.32 7.35 -9.32
N PRO O 92 49.18 8.37 -9.36
CA PRO O 92 50.55 8.16 -9.79
C PRO O 92 51.29 7.16 -8.90
N THR O 93 52.11 6.33 -9.53
CA THR O 93 52.90 5.31 -8.84
C THR O 93 54.35 5.43 -9.29
N PRO O 94 55.10 6.39 -8.76
CA PRO O 94 56.49 6.56 -9.15
C PRO O 94 57.37 5.47 -8.56
N GLY O 95 58.56 5.34 -9.14
CA GLY O 95 59.52 4.36 -8.68
C GLY O 95 59.25 2.96 -9.20
N LEU O 96 59.08 2.82 -10.51
CA LEU O 96 58.83 1.54 -11.14
C LEU O 96 59.71 1.41 -12.39
N PHE O 97 59.59 0.28 -13.07
CA PHE O 97 60.38 0.01 -14.26
C PHE O 97 59.63 -0.99 -15.13
N ILE O 98 59.68 -0.77 -16.45
CA ILE O 98 59.04 -1.66 -17.42
C ILE O 98 60.03 -1.97 -18.53
N GLN O 99 59.74 -3.05 -19.25
CA GLN O 99 60.58 -3.49 -20.36
C GLN O 99 59.70 -4.07 -21.46
N ASN O 100 60.24 -4.08 -22.67
CA ASN O 100 59.53 -4.60 -23.84
C ASN O 100 59.66 -6.12 -23.85
N THR O 101 58.75 -6.79 -23.14
CA THR O 101 58.78 -8.24 -23.10
C THR O 101 58.37 -8.86 -24.43
N SER O 102 57.43 -8.24 -25.14
CA SER O 102 57.00 -8.76 -26.42
C SER O 102 58.11 -8.64 -27.46
N PRO O 103 58.27 -9.63 -28.34
CA PRO O 103 59.32 -9.55 -29.35
C PRO O 103 59.07 -8.50 -30.42
N VAL O 104 57.85 -8.00 -30.55
CA VAL O 104 57.52 -7.02 -31.56
C VAL O 104 57.40 -5.64 -30.92
N ASP O 105 57.38 -4.60 -31.75
CA ASP O 105 57.26 -3.25 -31.25
C ASP O 105 55.84 -2.97 -30.77
N LEU O 106 55.73 -2.01 -29.84
CA LEU O 106 54.46 -1.60 -29.27
C LEU O 106 54.23 -0.13 -29.56
N CYS O 107 53.02 0.21 -30.01
CA CYS O 107 52.69 1.59 -30.30
C CYS O 107 52.52 2.39 -29.01
N ASN O 108 52.70 3.71 -29.13
CA ASN O 108 52.55 4.60 -27.99
C ASN O 108 51.10 4.67 -27.53
N GLY O 109 50.92 4.79 -26.22
CA GLY O 109 49.58 4.85 -25.66
C GLY O 109 48.76 3.59 -25.83
N ASP O 110 49.38 2.43 -25.67
CA ASP O 110 48.71 1.13 -25.81
C ASP O 110 48.55 0.49 -24.44
N TYR O 111 47.34 0.03 -24.14
CA TYR O 111 47.06 -0.62 -22.87
C TYR O 111 47.56 -2.06 -22.91
N ILE O 112 48.54 -2.37 -22.07
CA ILE O 112 49.12 -3.71 -22.03
C ILE O 112 48.22 -4.62 -21.21
N CYS O 113 47.80 -5.73 -21.80
CA CYS O 113 46.97 -6.72 -21.15
C CYS O 113 47.80 -7.96 -20.79
N LEU O 114 47.13 -8.95 -20.21
CA LEU O 114 47.76 -10.19 -19.81
C LEU O 114 47.03 -11.36 -20.45
N LEU O 115 47.77 -12.20 -21.17
CA LEU O 115 47.22 -13.36 -21.85
C LEU O 115 48.08 -14.58 -21.58
N PRO O 116 47.49 -15.77 -21.58
CA PRO O 116 48.28 -16.99 -21.40
C PRO O 116 49.21 -17.20 -22.59
N PRO O 117 50.36 -17.83 -22.38
CA PRO O 117 51.30 -18.04 -23.49
C PRO O 117 50.79 -19.06 -24.49
N VAL O 118 50.40 -18.59 -25.67
CA VAL O 118 49.91 -19.46 -26.74
C VAL O 118 50.62 -19.12 -28.04
N PHE O 119 51.31 -17.98 -28.06
CA PHE O 119 52.03 -17.58 -29.27
C PHE O 119 53.15 -18.54 -29.60
N GLY O 120 53.90 -18.98 -28.59
CA GLY O 120 54.99 -19.90 -28.82
C GLY O 120 55.38 -20.61 -27.54
N SER O 121 56.36 -21.50 -27.65
CA SER O 121 56.86 -22.26 -26.51
C SER O 121 57.88 -21.40 -25.78
N ALA O 122 57.41 -20.65 -24.79
CA ALA O 122 58.28 -19.80 -24.00
C ALA O 122 59.18 -20.64 -23.09
N ASP O 123 60.32 -20.07 -22.71
CA ASP O 123 61.26 -20.75 -21.83
C ASP O 123 60.65 -20.93 -20.45
N SER O 124 60.88 -22.11 -19.86
CA SER O 124 60.38 -22.45 -18.54
C SER O 124 61.54 -22.44 -17.56
N ILE O 125 61.53 -21.48 -16.63
CA ILE O 125 62.57 -21.37 -15.62
C ILE O 125 62.12 -22.20 -14.41
N ARG O 126 62.69 -23.39 -14.27
CA ARG O 126 62.34 -24.29 -13.18
C ARG O 126 63.14 -23.89 -11.94
N LEU O 127 62.47 -23.25 -10.98
CA LEU O 127 63.13 -22.83 -9.75
C LEU O 127 63.45 -24.04 -8.88
N ASP O 128 64.56 -23.94 -8.16
CA ASP O 128 65.01 -25.00 -7.25
C ASP O 128 64.47 -24.82 -5.84
N SER O 129 63.65 -23.80 -5.60
CA SER O 129 63.10 -23.58 -4.27
C SER O 129 61.97 -24.57 -3.99
N VAL O 130 61.40 -24.48 -2.79
CA VAL O 130 60.33 -25.37 -2.38
C VAL O 130 58.96 -24.70 -2.40
N GLY O 131 58.90 -23.37 -2.30
CA GLY O 131 57.63 -22.67 -2.28
C GLY O 131 56.84 -22.79 -3.57
N LEU O 132 57.34 -22.21 -4.64
CA LEU O 132 56.66 -22.22 -5.94
C LEU O 132 57.65 -21.78 -7.00
N GLU O 133 57.17 -21.69 -8.24
CA GLU O 133 57.97 -21.26 -9.37
C GLU O 133 57.19 -20.24 -10.19
N ILE O 134 57.92 -19.38 -10.89
CA ILE O 134 57.35 -18.29 -11.67
C ILE O 134 57.69 -18.52 -13.14
N VAL O 135 56.67 -18.42 -14.00
CA VAL O 135 56.82 -18.57 -15.44
C VAL O 135 56.49 -17.24 -16.10
N PHE O 136 57.38 -16.77 -16.96
CA PHE O 136 57.21 -15.48 -17.60
C PHE O 136 56.47 -15.64 -18.93
N PRO O 137 55.27 -15.11 -19.08
CA PRO O 137 54.57 -15.21 -20.36
C PRO O 137 55.17 -14.28 -21.39
N LEU O 138 54.92 -14.60 -22.66
CA LEU O 138 55.40 -13.80 -23.80
C LEU O 138 54.26 -13.70 -24.80
N THR O 139 53.45 -12.65 -24.66
CA THR O 139 52.30 -12.43 -25.54
C THR O 139 52.27 -10.94 -25.90
N ILE O 140 51.18 -10.54 -26.55
CA ILE O 140 50.97 -9.14 -26.93
C ILE O 140 49.59 -8.72 -26.45
N PRO O 141 49.37 -7.44 -26.10
CA PRO O 141 48.12 -7.04 -25.44
C PRO O 141 46.85 -7.31 -26.25
N GLN O 142 46.75 -6.73 -27.45
CA GLN O 142 45.51 -6.80 -28.21
C GLN O 142 45.68 -7.13 -29.68
N THR O 143 46.84 -6.89 -30.28
CA THR O 143 47.00 -7.01 -31.73
C THR O 143 46.58 -8.38 -32.24
N LEU O 144 47.31 -9.42 -31.82
CA LEU O 144 46.93 -10.78 -32.18
C LEU O 144 45.84 -11.34 -31.27
N MET O 145 45.59 -10.70 -30.12
CA MET O 145 44.53 -11.16 -29.24
C MET O 145 43.17 -11.05 -29.90
N ARG O 146 42.91 -9.93 -30.57
CA ARG O 146 41.62 -9.70 -31.22
C ARG O 146 41.35 -10.71 -32.33
N GLU O 147 42.39 -11.37 -32.84
CA GLU O 147 42.21 -12.41 -33.85
C GLU O 147 42.14 -13.80 -33.23
N ILE O 148 42.96 -14.07 -32.20
CA ILE O 148 42.93 -15.39 -31.60
C ILE O 148 41.63 -15.62 -30.85
N ILE O 149 41.05 -14.58 -30.24
CA ILE O 149 39.76 -14.75 -29.58
C ILE O 149 38.68 -15.10 -30.59
N ALA O 150 38.68 -14.42 -31.75
CA ALA O 150 37.72 -14.73 -32.80
C ALA O 150 37.92 -16.16 -33.30
N LYS O 151 39.16 -16.57 -33.50
CA LYS O 151 39.43 -17.93 -33.98
C LYS O 151 38.95 -18.96 -32.97
N VAL O 152 39.20 -18.73 -31.68
CA VAL O 152 38.85 -19.72 -30.67
C VAL O 152 37.33 -19.79 -30.49
N VAL O 153 36.64 -18.65 -30.55
CA VAL O 153 35.18 -18.71 -30.43
C VAL O 153 34.56 -19.34 -31.67
N ALA O 154 35.13 -19.09 -32.85
CA ALA O 154 34.65 -19.75 -34.05
C ALA O 154 34.84 -21.26 -33.97
N ARG O 155 36.01 -21.70 -33.48
CA ARG O 155 36.25 -23.13 -33.31
C ARG O 155 35.28 -23.73 -32.30
N ALA O 156 35.02 -23.02 -31.20
CA ALA O 156 34.10 -23.52 -30.19
C ALA O 156 32.69 -23.65 -30.73
N VAL O 157 32.23 -22.67 -31.51
CA VAL O 157 30.87 -22.75 -32.03
C VAL O 157 30.75 -23.68 -33.24
N GLU O 158 31.87 -24.00 -33.90
CA GLU O 158 31.82 -24.94 -35.02
C GLU O 158 32.05 -26.39 -34.59
N ARG O 159 32.67 -26.62 -33.43
CA ARG O 159 32.87 -27.99 -32.96
C ARG O 159 31.54 -28.68 -32.67
N THR O 160 30.60 -27.96 -32.05
CA THR O 160 29.30 -28.52 -31.72
C THR O 160 28.17 -27.61 -32.19
N ASP O 176 45.89 -19.50 -37.13
CA ASP O 176 46.57 -20.32 -38.11
C ASP O 176 47.83 -19.65 -38.63
N VAL O 177 47.73 -19.05 -39.82
CA VAL O 177 48.85 -18.36 -40.45
C VAL O 177 48.48 -16.88 -40.56
N ILE O 178 49.33 -16.02 -40.00
CA ILE O 178 49.12 -14.58 -40.02
C ILE O 178 50.33 -13.94 -40.70
N CYS O 179 50.08 -13.12 -41.71
CA CYS O 179 51.12 -12.44 -42.46
C CYS O 179 51.01 -10.93 -42.24
N TYR O 180 52.13 -10.30 -41.89
CA TYR O 180 52.16 -8.87 -41.65
C TYR O 180 53.54 -8.36 -41.98
N ASN O 181 53.64 -7.52 -43.02
CA ASN O 181 54.92 -6.95 -43.46
C ASN O 181 55.94 -8.04 -43.78
N GLY O 182 55.48 -9.11 -44.41
CA GLY O 182 56.38 -10.20 -44.76
C GLY O 182 56.81 -11.08 -43.61
N ARG O 183 56.11 -11.03 -42.49
CA ARG O 183 56.43 -11.83 -41.32
C ARG O 183 55.32 -12.82 -41.05
N ARG O 184 55.68 -14.09 -40.85
CA ARG O 184 54.74 -15.16 -40.59
C ARG O 184 54.79 -15.55 -39.13
N TYR O 185 53.62 -15.65 -38.49
CA TYR O 185 53.51 -16.00 -37.09
C TYR O 185 52.75 -17.31 -36.96
N GLU O 186 53.28 -18.23 -36.15
CA GLU O 186 52.67 -19.54 -35.93
C GLU O 186 51.98 -19.56 -34.57
N LEU O 187 50.88 -20.32 -34.51
CA LEU O 187 50.10 -20.45 -33.29
C LEU O 187 49.75 -21.91 -33.07
N GLU O 188 49.52 -22.27 -31.81
CA GLU O 188 49.17 -23.63 -31.43
C GLU O 188 47.92 -23.58 -30.55
N THR O 189 46.79 -24.01 -31.11
CA THR O 189 45.53 -24.00 -30.38
C THR O 189 45.47 -25.19 -29.42
N ASN O 190 44.59 -25.07 -28.43
CA ASN O 190 44.40 -26.13 -27.43
C ASN O 190 42.99 -25.99 -26.88
N LEU O 191 42.14 -26.98 -27.15
CA LEU O 191 40.76 -26.97 -26.67
C LEU O 191 40.33 -28.41 -26.41
N GLN O 192 40.23 -28.78 -25.13
CA GLN O 192 39.83 -30.13 -24.78
C GLN O 192 38.79 -30.18 -23.66
N HIS O 193 38.35 -29.05 -23.14
CA HIS O 193 37.37 -29.00 -22.06
C HIS O 193 36.15 -28.20 -22.50
N ARG O 194 35.01 -28.51 -21.88
CA ARG O 194 33.75 -27.84 -22.19
C ARG O 194 33.25 -26.99 -21.02
N ASP O 195 34.16 -26.55 -20.13
CA ASP O 195 33.75 -25.73 -19.00
C ASP O 195 33.30 -24.34 -19.44
N GLY O 196 33.87 -23.82 -20.52
CA GLY O 196 33.51 -22.53 -21.05
C GLY O 196 32.54 -22.56 -22.22
N SER O 197 32.19 -23.76 -22.72
CA SER O 197 31.25 -23.85 -23.82
C SER O 197 29.87 -23.34 -23.42
N ASP O 198 29.43 -23.65 -22.19
CA ASP O 198 28.15 -23.15 -21.73
C ASP O 198 28.13 -21.64 -21.65
N ALA O 199 29.20 -21.04 -21.12
CA ALA O 199 29.28 -19.59 -21.07
C ALA O 199 29.30 -18.98 -22.46
N ALA O 200 30.03 -19.60 -23.39
CA ALA O 200 30.09 -19.09 -24.76
C ALA O 200 28.73 -19.13 -25.43
N ILE O 201 28.01 -20.25 -25.30
CA ILE O 201 26.71 -20.34 -25.94
C ILE O 201 25.71 -19.40 -25.29
N ARG O 202 25.80 -19.24 -23.95
CA ARG O 202 24.90 -18.31 -23.26
C ARG O 202 25.14 -16.88 -23.73
N THR O 203 26.41 -16.48 -23.83
CA THR O 203 26.68 -15.10 -24.21
C THR O 203 26.35 -14.86 -25.69
N LEU O 204 26.56 -15.86 -26.56
CA LEU O 204 26.22 -15.66 -27.97
C LEU O 204 24.71 -15.61 -28.16
N VAL O 205 23.96 -16.44 -27.45
CA VAL O 205 22.50 -16.38 -27.56
C VAL O 205 21.97 -15.08 -26.96
N LEU O 206 22.60 -14.59 -25.90
CA LEU O 206 22.19 -13.29 -25.34
C LEU O 206 22.46 -12.17 -26.34
N ASN O 207 23.62 -12.19 -26.99
CA ASN O 207 23.91 -11.19 -28.00
C ASN O 207 22.94 -11.25 -29.17
N LEU O 208 22.60 -12.47 -29.60
CA LEU O 208 21.64 -12.63 -30.69
C LEU O 208 20.26 -12.11 -30.30
N MET O 209 19.84 -12.39 -29.06
CA MET O 209 18.54 -11.91 -28.60
C MET O 209 18.51 -10.40 -28.43
N PHE O 210 19.64 -9.80 -28.04
CA PHE O 210 19.71 -8.35 -27.89
C PHE O 210 19.97 -7.62 -29.20
N SER O 211 20.38 -8.33 -30.26
CA SER O 211 20.68 -7.69 -31.53
C SER O 211 19.48 -7.59 -32.46
N ILE O 212 18.46 -8.44 -32.29
CA ILE O 212 17.31 -8.40 -33.17
C ILE O 212 16.44 -7.20 -32.82
N ASN O 213 16.05 -6.44 -33.85
CA ASN O 213 15.22 -5.26 -33.66
C ASN O 213 14.20 -5.22 -34.81
N GLU O 214 13.42 -4.15 -34.85
CA GLU O 214 12.39 -3.98 -35.86
C GLU O 214 12.91 -3.34 -37.15
N GLY O 215 14.14 -2.83 -37.15
CA GLY O 215 14.68 -2.22 -38.36
C GLY O 215 15.20 -3.21 -39.39
N CYS O 216 15.39 -4.47 -38.98
CA CYS O 216 15.87 -5.48 -39.92
C CYS O 216 14.86 -5.75 -41.03
N LEU O 217 13.57 -5.77 -40.69
CA LEU O 217 12.54 -5.95 -41.70
C LEU O 217 12.55 -4.82 -42.71
N LEU O 218 12.68 -3.57 -42.23
CA LEU O 218 12.73 -2.43 -43.14
C LEU O 218 13.99 -2.48 -44.01
N LEU O 219 15.12 -2.88 -43.43
CA LEU O 219 16.35 -2.99 -44.22
C LEU O 219 16.22 -4.07 -45.29
N LEU O 220 15.61 -5.21 -44.94
CA LEU O 220 15.44 -6.27 -45.92
C LEU O 220 14.40 -5.91 -46.98
N ALA O 221 13.47 -5.01 -46.65
CA ALA O 221 12.47 -4.54 -47.60
C ALA O 221 12.98 -3.38 -48.44
N LEU O 222 14.30 -3.19 -48.52
CA LEU O 222 14.87 -2.09 -49.31
C LEU O 222 16.04 -2.53 -50.17
N ILE O 223 16.19 -3.84 -50.41
CA ILE O 223 17.29 -4.32 -51.25
C ILE O 223 17.24 -3.78 -52.67
N PRO O 224 16.09 -3.71 -53.36
CA PRO O 224 16.12 -3.14 -54.72
C PRO O 224 16.56 -1.69 -54.76
N THR O 225 16.05 -0.87 -53.83
CA THR O 225 16.46 0.53 -53.78
C THR O 225 17.94 0.65 -53.43
N LEU O 226 18.42 -0.19 -52.50
CA LEU O 226 19.83 -0.15 -52.13
C LEU O 226 20.73 -0.49 -53.31
N LEU O 227 20.37 -1.54 -54.06
CA LEU O 227 21.20 -1.93 -55.21
C LEU O 227 21.09 -0.89 -56.33
N VAL O 228 19.94 -0.26 -56.50
CA VAL O 228 19.80 0.81 -57.49
C VAL O 228 20.70 1.98 -57.12
N GLN O 229 20.71 2.37 -55.84
CA GLN O 229 21.57 3.45 -55.40
C GLN O 229 23.05 3.10 -55.55
N GLY O 230 23.41 1.85 -55.22
CA GLY O 230 24.79 1.42 -55.33
C GLY O 230 25.26 1.07 -56.72
N ALA O 231 24.35 1.01 -57.69
CA ALA O 231 24.75 0.70 -59.07
C ALA O 231 25.64 1.79 -59.65
N HIS O 232 25.43 3.03 -59.24
CA HIS O 232 26.21 4.17 -59.72
C HIS O 232 26.97 4.83 -58.58
N ASP O 233 27.47 4.02 -57.64
CA ASP O 233 28.21 4.51 -56.50
C ASP O 233 29.66 4.02 -56.48
N GLY O 234 29.87 2.73 -56.72
CA GLY O 234 31.20 2.16 -56.73
C GLY O 234 31.59 1.43 -55.46
N TYR O 235 30.84 1.61 -54.37
CA TYR O 235 31.14 0.94 -53.11
C TYR O 235 30.35 -0.36 -52.98
N VAL O 236 30.60 -1.27 -53.93
CA VAL O 236 29.93 -2.55 -53.99
C VAL O 236 30.88 -3.71 -53.74
N ASN O 237 32.09 -3.65 -54.29
CA ASN O 237 33.04 -4.74 -54.13
C ASN O 237 33.46 -4.90 -52.67
N LEU O 238 33.59 -3.78 -51.94
CA LEU O 238 34.04 -3.81 -50.55
C LEU O 238 33.08 -4.56 -49.64
N LEU O 239 31.85 -4.79 -50.10
CA LEU O 239 30.91 -5.63 -49.37
C LEU O 239 30.66 -6.98 -50.03
N ILE O 240 30.69 -7.06 -51.36
CA ILE O 240 30.40 -8.33 -52.02
C ILE O 240 31.59 -9.28 -52.05
N GLN O 241 32.81 -8.81 -51.74
CA GLN O 241 33.93 -9.73 -51.66
C GLN O 241 33.81 -10.67 -50.46
N THR O 242 33.03 -10.29 -49.44
CA THR O 242 32.82 -11.13 -48.28
C THR O 242 31.36 -11.52 -48.06
N ALA O 243 30.41 -10.80 -48.65
CA ALA O 243 28.99 -11.12 -48.51
C ALA O 243 28.55 -12.16 -49.55
N ASN O 244 29.15 -13.35 -49.43
CA ASN O 244 28.82 -14.41 -50.37
C ASN O 244 27.45 -15.01 -50.10
N CYS O 245 27.01 -15.04 -48.84
CA CYS O 245 25.73 -15.61 -48.47
C CYS O 245 24.67 -14.56 -48.18
N VAL O 246 25.06 -13.32 -47.91
CA VAL O 246 24.08 -12.27 -47.61
C VAL O 246 23.18 -12.02 -48.81
N ARG O 247 23.77 -11.95 -50.01
CA ARG O 247 22.98 -11.74 -51.22
C ARG O 247 22.05 -12.93 -51.47
N GLU O 248 22.53 -14.15 -51.22
CA GLU O 248 21.69 -15.33 -51.41
C GLU O 248 20.53 -15.34 -50.45
N THR O 249 20.76 -14.96 -49.19
CA THR O 249 19.70 -14.93 -48.19
C THR O 249 18.80 -13.71 -48.31
N GLY O 250 19.21 -12.70 -49.08
CA GLY O 250 18.37 -11.52 -49.24
C GLY O 250 17.07 -11.82 -49.97
N GLN O 251 17.14 -12.66 -50.99
CA GLN O 251 15.95 -13.02 -51.76
C GLN O 251 15.11 -14.10 -51.08
N LEU O 252 15.61 -14.71 -50.01
CA LEU O 252 14.89 -15.75 -49.28
C LEU O 252 14.19 -15.21 -48.04
N ILE O 253 13.75 -13.96 -48.08
CA ILE O 253 13.08 -13.32 -46.95
C ILE O 253 11.72 -12.80 -47.43
N ASN O 254 10.92 -12.33 -46.47
CA ASN O 254 9.54 -11.95 -46.76
C ASN O 254 9.48 -10.80 -47.77
N ILE O 255 10.35 -9.80 -47.61
CA ILE O 255 10.29 -8.56 -48.39
C ILE O 255 8.88 -7.98 -48.33
N PRO O 256 8.41 -7.53 -47.18
CA PRO O 256 7.04 -7.04 -47.08
C PRO O 256 6.93 -5.64 -47.68
N PRO O 257 5.72 -5.22 -48.06
CA PRO O 257 5.54 -3.85 -48.55
C PRO O 257 5.69 -2.82 -47.44
N MET O 258 5.48 -1.55 -47.76
CA MET O 258 5.61 -0.49 -46.76
C MET O 258 4.52 -0.64 -45.69
N PRO O 259 4.88 -0.77 -44.43
CA PRO O 259 3.87 -0.92 -43.38
C PRO O 259 3.28 0.42 -42.95
N ARG O 260 2.28 0.35 -42.08
CA ARG O 260 1.61 1.51 -41.54
C ARG O 260 1.92 1.61 -40.04
N ILE O 261 2.44 2.75 -39.62
CA ILE O 261 2.78 2.97 -38.22
C ILE O 261 1.53 3.36 -37.45
N GLN O 262 1.50 2.99 -36.17
CA GLN O 262 0.35 3.32 -35.33
C GLN O 262 0.22 4.83 -35.11
N ASP O 263 1.32 5.58 -35.22
CA ASP O 263 1.28 7.02 -35.08
C ASP O 263 2.41 7.63 -35.89
N GLY O 264 2.15 8.78 -36.50
CA GLY O 264 3.14 9.46 -37.31
C GLY O 264 3.53 10.82 -36.77
N HIS O 265 3.49 10.97 -35.44
CA HIS O 265 3.83 12.22 -34.79
C HIS O 265 5.04 12.11 -33.88
N ARG O 266 5.10 11.08 -33.03
CA ARG O 266 6.20 10.91 -32.09
C ARG O 266 6.66 9.46 -32.07
N ARG O 267 6.80 8.86 -33.25
CA ARG O 267 7.25 7.48 -33.39
C ARG O 267 8.46 7.44 -34.30
N PHE O 268 9.51 6.74 -33.86
CA PHE O 268 10.73 6.61 -34.64
C PHE O 268 11.48 5.34 -34.23
N PRO O 269 11.21 4.21 -34.88
CA PRO O 269 11.93 2.98 -34.54
C PRO O 269 13.42 3.04 -34.84
N ILE O 270 13.85 3.94 -35.73
CA ILE O 270 15.27 4.06 -36.06
C ILE O 270 16.06 4.49 -34.82
N TYR O 271 15.55 5.47 -34.09
CA TYR O 271 16.22 5.91 -32.87
C TYR O 271 16.32 4.78 -31.85
N GLU O 272 15.23 4.03 -31.68
CA GLU O 272 15.23 2.93 -30.73
C GLU O 272 16.24 1.86 -31.12
N THR O 273 16.29 1.50 -32.40
CA THR O 273 17.19 0.43 -32.82
C THR O 273 18.65 0.87 -32.75
N ILE O 274 18.95 2.14 -33.09
CA ILE O 274 20.33 2.59 -33.00
C ILE O 274 20.75 2.71 -31.54
N SER O 275 19.83 3.12 -30.66
CA SER O 275 20.14 3.16 -29.23
C SER O 275 20.40 1.76 -28.69
N SER O 276 19.59 0.79 -29.11
CA SER O 276 19.81 -0.59 -28.66
C SER O 276 21.14 -1.13 -29.18
N TRP O 277 21.49 -0.82 -30.43
CA TRP O 277 22.77 -1.26 -30.97
C TRP O 277 23.93 -0.62 -30.22
N ILE O 278 23.81 0.67 -29.89
CA ILE O 278 24.86 1.34 -29.12
C ILE O 278 25.01 0.71 -27.75
N SER O 279 23.89 0.41 -27.10
CA SER O 279 23.95 -0.21 -25.77
C SER O 279 24.59 -1.59 -25.84
N THR O 280 24.21 -2.39 -26.84
CA THR O 280 24.80 -3.73 -26.96
C THR O 280 26.29 -3.65 -27.29
N SER O 281 26.68 -2.71 -28.15
CA SER O 281 28.10 -2.54 -28.47
C SER O 281 28.89 -2.12 -27.23
N SER O 282 28.35 -1.20 -26.43
CA SER O 282 29.02 -0.81 -25.20
C SER O 282 29.13 -1.98 -24.23
N ARG O 283 28.07 -2.79 -24.12
CA ARG O 283 28.10 -3.94 -23.22
C ARG O 283 29.15 -4.94 -23.65
N LEU O 284 29.22 -5.25 -24.95
CA LEU O 284 30.20 -6.22 -25.43
C LEU O 284 31.62 -5.67 -25.31
N GLY O 285 31.80 -4.38 -25.54
CA GLY O 285 33.12 -3.78 -25.35
C GLY O 285 33.56 -3.80 -23.90
N ASP O 286 32.63 -3.58 -22.97
CA ASP O 286 32.97 -3.64 -21.55
C ASP O 286 33.28 -5.06 -21.12
N THR O 287 32.52 -6.04 -21.62
CA THR O 287 32.75 -7.43 -21.23
C THR O 287 34.05 -7.97 -21.83
N LEU O 288 34.37 -7.59 -23.06
CA LEU O 288 35.56 -8.07 -23.74
C LEU O 288 36.76 -7.14 -23.58
N GLY O 289 36.63 -6.07 -22.80
CA GLY O 289 37.72 -5.13 -22.63
C GLY O 289 38.33 -5.17 -21.25
N THR O 290 39.62 -5.52 -21.18
CA THR O 290 40.33 -5.57 -19.91
C THR O 290 40.72 -4.16 -19.48
N ARG O 291 40.46 -3.85 -18.21
CA ARG O 291 40.79 -2.53 -17.67
C ARG O 291 42.27 -2.45 -17.35
N ALA O 292 42.97 -1.52 -17.99
CA ALA O 292 44.41 -1.34 -17.78
C ALA O 292 44.74 0.12 -18.04
N ILE O 293 44.89 0.90 -16.97
CA ILE O 293 45.20 2.32 -17.08
C ILE O 293 46.73 2.43 -17.12
N LEU O 294 47.28 2.33 -18.33
CA LEU O 294 48.73 2.42 -18.53
C LEU O 294 48.96 3.20 -19.83
N ARG O 295 49.21 4.50 -19.70
CA ARG O 295 49.46 5.38 -20.84
C ARG O 295 50.81 6.06 -20.63
N VAL O 296 51.83 5.56 -21.33
CA VAL O 296 53.18 6.10 -21.21
C VAL O 296 53.32 7.28 -22.16
N CYS O 297 54.24 8.19 -21.84
CA CYS O 297 54.52 9.37 -22.66
C CYS O 297 56.01 9.43 -22.90
N VAL O 298 56.41 9.31 -24.17
CA VAL O 298 57.82 9.34 -24.53
C VAL O 298 58.32 10.78 -24.60
N PHE O 299 59.62 10.96 -24.41
CA PHE O 299 60.26 12.25 -24.50
C PHE O 299 61.55 12.13 -25.30
N ASP O 300 61.82 13.14 -26.13
CA ASP O 300 63.01 13.23 -26.97
C ASP O 300 63.05 12.17 -28.06
N GLY O 301 63.33 10.92 -27.68
CA GLY O 301 63.46 9.85 -28.64
C GLY O 301 62.13 9.41 -29.23
N PRO O 302 62.18 8.54 -30.23
CA PRO O 302 60.94 8.08 -30.87
C PRO O 302 60.08 7.25 -29.92
N SER O 303 58.77 7.30 -30.15
CA SER O 303 57.84 6.56 -29.31
C SER O 303 57.91 5.05 -29.54
N THR O 304 58.35 4.62 -30.72
CA THR O 304 58.43 3.20 -31.01
C THR O 304 59.54 2.55 -30.17
N VAL O 305 59.20 1.43 -29.52
CA VAL O 305 60.16 0.72 -28.69
C VAL O 305 60.85 -0.35 -29.53
N HIS O 306 62.03 -0.76 -29.08
CA HIS O 306 62.81 -1.78 -29.77
C HIS O 306 63.24 -2.85 -28.78
N PRO O 307 63.30 -4.12 -29.20
CA PRO O 307 63.78 -5.18 -28.30
C PRO O 307 65.25 -5.00 -27.98
N GLY O 308 65.56 -4.89 -26.69
CA GLY O 308 66.91 -4.68 -26.22
C GLY O 308 67.19 -3.32 -25.63
N ASP O 309 66.17 -2.49 -25.41
CA ASP O 309 66.33 -1.16 -24.86
C ASP O 309 65.62 -1.08 -23.51
N ARG O 310 65.89 -0.01 -22.78
CA ARG O 310 65.32 0.23 -21.46
C ARG O 310 64.60 1.57 -21.45
N THR O 311 63.42 1.58 -20.84
CA THR O 311 62.61 2.79 -20.76
C THR O 311 62.22 3.09 -19.31
N ALA O 312 61.36 4.09 -19.12
CA ALA O 312 60.89 4.48 -17.80
C ALA O 312 59.39 4.28 -17.71
N VAL O 313 58.81 4.72 -16.59
CA VAL O 313 57.37 4.60 -16.34
C VAL O 313 56.78 6.01 -16.23
N ILE O 314 55.70 6.24 -16.98
CA ILE O 314 55.01 7.53 -16.98
C ILE O 314 53.54 7.27 -16.73
N GLN O 315 52.97 7.97 -15.75
CA GLN O 315 51.57 7.83 -15.40
C GLN O 315 50.78 9.02 -15.93
N VAL O 316 49.65 8.73 -16.59
CA VAL O 316 48.81 9.78 -17.14
C VAL O 316 47.39 9.66 -16.59
N PRO P 4 59.75 17.06 -16.09
CA PRO P 4 61.05 17.54 -15.61
C PRO P 4 61.82 18.32 -16.68
N PHE P 5 61.13 18.67 -17.77
CA PHE P 5 61.74 19.41 -18.87
C PHE P 5 60.79 20.52 -19.32
N GLU P 6 61.37 21.58 -19.88
CA GLU P 6 60.60 22.71 -20.34
C GLU P 6 60.19 22.54 -21.79
N ILE P 7 59.13 23.24 -22.17
CA ILE P 7 58.59 23.21 -23.53
C ILE P 7 58.56 24.64 -24.07
N GLU P 8 59.07 24.82 -25.28
CA GLU P 8 59.11 26.13 -25.91
C GLU P 8 58.47 26.07 -27.29
N VAL P 9 58.02 27.22 -27.76
CA VAL P 9 57.36 27.34 -29.05
C VAL P 9 57.99 28.50 -29.82
N LEU P 10 57.82 28.46 -31.13
CA LEU P 10 58.38 29.48 -32.02
C LEU P 10 57.29 30.48 -32.40
N LEU P 11 57.57 31.76 -32.20
CA LEU P 11 56.61 32.80 -32.53
C LEU P 11 56.64 33.09 -34.02
N PRO P 12 55.52 33.00 -34.73
CA PRO P 12 55.53 33.29 -36.16
C PRO P 12 55.84 34.76 -36.43
N GLY P 13 56.48 35.01 -37.58
CA GLY P 13 56.87 36.34 -37.97
C GLY P 13 55.87 37.00 -38.92
N GLU P 14 56.01 38.32 -39.05
CA GLU P 14 55.20 39.18 -39.92
C GLU P 14 53.70 38.92 -39.75
N LEU P 15 53.30 38.43 -38.58
CA LEU P 15 51.90 38.17 -38.28
C LEU P 15 51.58 38.62 -36.86
N SER P 16 52.07 39.82 -36.48
CA SER P 16 51.90 40.28 -35.10
C SER P 16 50.49 40.77 -34.81
N PRO P 17 49.94 41.77 -35.55
CA PRO P 17 48.69 42.40 -35.09
C PRO P 17 47.49 41.46 -35.03
N ALA P 18 47.19 40.78 -36.14
CA ALA P 18 46.00 39.93 -36.18
C ALA P 18 46.11 38.76 -35.19
N GLU P 19 47.28 38.12 -35.13
CA GLU P 19 47.46 36.99 -34.23
C GLU P 19 47.37 37.43 -32.77
N THR P 20 47.97 38.57 -32.42
CA THR P 20 47.89 39.04 -31.04
C THR P 20 46.48 39.49 -30.68
N SER P 21 45.74 40.06 -31.64
CA SER P 21 44.35 40.42 -31.37
C SER P 21 43.49 39.18 -31.16
N ALA P 22 43.73 38.12 -31.94
CA ALA P 22 43.01 36.87 -31.73
C ALA P 22 43.37 36.24 -30.38
N LEU P 23 44.65 36.29 -30.01
CA LEU P 23 45.08 35.67 -28.76
C LEU P 23 44.58 36.44 -27.55
N GLN P 24 44.44 37.76 -27.66
CA GLN P 24 43.91 38.54 -26.55
C GLN P 24 42.48 38.14 -26.22
N LYS P 25 41.66 37.92 -27.25
CA LYS P 25 40.28 37.50 -27.02
C LYS P 25 40.20 36.03 -26.62
N CYS P 26 41.01 35.18 -27.25
CA CYS P 26 40.99 33.74 -26.98
C CYS P 26 42.12 33.42 -26.00
N GLU P 27 41.79 33.42 -24.71
CA GLU P 27 42.74 33.13 -23.65
C GLU P 27 42.56 31.74 -23.05
N GLY P 28 41.60 30.96 -23.56
CA GLY P 28 41.36 29.64 -23.02
C GLY P 28 41.50 28.54 -24.05
N LYS P 29 42.46 28.69 -24.96
CA LYS P 29 42.69 27.69 -25.98
C LYS P 29 43.37 26.45 -25.39
N ILE P 30 43.29 25.35 -26.13
CA ILE P 30 43.87 24.07 -25.73
C ILE P 30 44.82 23.61 -26.82
N ILE P 31 46.03 23.25 -26.43
CA ILE P 31 47.06 22.76 -27.35
C ILE P 31 47.51 21.38 -26.89
N THR P 32 47.55 20.43 -27.81
CA THR P 32 47.95 19.07 -27.52
C THR P 32 48.96 18.60 -28.56
N PHE P 33 49.88 17.74 -28.12
CA PHE P 33 50.91 17.18 -28.98
C PHE P 33 50.96 15.67 -28.79
N SER P 34 51.11 14.94 -29.89
CA SER P 34 51.18 13.49 -29.81
C SER P 34 52.43 13.04 -29.05
N THR P 35 53.57 13.67 -29.32
CA THR P 35 54.83 13.35 -28.65
C THR P 35 55.54 14.67 -28.35
N LEU P 36 55.43 15.13 -27.10
CA LEU P 36 56.07 16.37 -26.71
C LEU P 36 57.59 16.22 -26.70
N ARG P 37 58.28 17.24 -27.20
CA ARG P 37 59.73 17.28 -27.26
C ARG P 37 60.22 18.59 -26.67
N HIS P 38 61.56 18.71 -26.55
CA HIS P 38 62.14 19.95 -26.04
C HIS P 38 61.89 21.11 -26.99
N ARG P 39 61.99 20.87 -28.30
CA ARG P 39 61.74 21.89 -29.30
C ARG P 39 60.67 21.39 -30.26
N ALA P 40 59.62 22.18 -30.44
CA ALA P 40 58.52 21.83 -31.32
C ALA P 40 58.14 23.02 -32.17
N SER P 41 57.58 22.75 -33.34
CA SER P 41 57.15 23.76 -34.28
C SER P 41 55.62 23.70 -34.45
N LEU P 42 55.09 24.61 -35.25
CA LEU P 42 53.67 24.68 -35.52
C LEU P 42 53.27 23.99 -36.81
N VAL P 43 54.20 23.34 -37.50
CA VAL P 43 53.92 22.68 -38.77
C VAL P 43 53.73 21.18 -38.61
N ASP P 44 53.62 20.68 -37.38
CA ASP P 44 53.43 19.27 -37.13
C ASP P 44 52.22 18.96 -36.25
N ILE P 45 51.43 19.96 -35.87
CA ILE P 45 50.26 19.75 -35.04
C ILE P 45 49.05 20.43 -35.66
N ALA P 46 49.16 20.77 -36.95
CA ALA P 46 48.11 21.45 -37.68
C ALA P 46 47.46 20.49 -38.68
N LEU P 47 46.53 21.02 -39.46
CA LEU P 47 45.83 20.21 -40.46
C LEU P 47 46.75 19.79 -41.61
N SER P 48 47.79 20.59 -41.88
CA SER P 48 48.69 20.26 -42.98
C SER P 48 49.50 19.00 -42.70
N SER P 49 49.71 18.67 -41.43
CA SER P 49 50.47 17.49 -41.04
C SER P 49 49.58 16.26 -40.82
N TYR P 50 48.28 16.38 -41.00
CA TYR P 50 47.36 15.27 -40.81
C TYR P 50 47.22 14.39 -42.04
N TYR P 51 47.88 14.74 -43.15
CA TYR P 51 47.82 13.95 -44.37
C TYR P 51 48.63 12.68 -44.19
N ILE P 52 47.97 11.52 -44.21
CA ILE P 52 48.62 10.24 -44.03
C ILE P 52 47.95 9.21 -44.94
N ASN P 53 48.68 8.12 -45.21
CA ASN P 53 48.19 7.00 -46.01
C ASN P 53 47.81 7.43 -47.43
N GLY P 54 48.41 8.52 -47.91
CA GLY P 54 48.14 8.99 -49.25
C GLY P 54 46.71 9.44 -49.47
N ALA P 55 46.10 10.08 -48.48
CA ALA P 55 44.73 10.55 -48.58
C ALA P 55 44.54 11.72 -47.65
N PRO P 56 43.69 12.70 -48.01
CA PRO P 56 43.45 13.81 -47.11
C PRO P 56 42.77 13.35 -45.84
N PRO P 57 43.02 14.01 -44.71
CA PRO P 57 42.38 13.60 -43.46
C PRO P 57 40.87 13.77 -43.53
N ASP P 58 40.16 12.86 -42.87
CA ASP P 58 38.70 12.85 -42.81
C ASP P 58 38.25 12.98 -41.36
N THR P 59 36.94 12.91 -41.16
CA THR P 59 36.39 13.00 -39.81
C THR P 59 36.81 11.83 -38.95
N LEU P 60 36.85 10.62 -39.53
CA LEU P 60 37.29 9.44 -38.78
C LEU P 60 38.76 9.57 -38.41
N SER P 61 39.59 10.05 -39.33
CA SER P 61 41.01 10.24 -39.03
C SER P 61 41.21 11.29 -37.95
N LEU P 62 40.45 12.38 -38.00
CA LEU P 62 40.53 13.39 -36.96
C LEU P 62 40.11 12.83 -35.60
N LEU P 63 39.03 12.05 -35.58
CA LEU P 63 38.57 11.45 -34.33
C LEU P 63 39.60 10.49 -33.76
N GLU P 64 40.20 9.65 -34.60
CA GLU P 64 41.19 8.70 -34.09
C GLU P 64 42.46 9.41 -33.63
N ALA P 65 42.85 10.49 -34.33
CA ALA P 65 44.00 11.27 -33.89
C ALA P 65 43.73 11.94 -32.54
N TYR P 66 42.52 12.47 -32.36
CA TYR P 66 42.16 13.07 -31.08
C TYR P 66 42.15 12.03 -29.97
N ARG P 67 41.62 10.84 -30.26
CA ARG P 67 41.58 9.79 -29.25
C ARG P 67 42.98 9.32 -28.87
N MET P 68 43.87 9.19 -29.84
CA MET P 68 45.23 8.74 -29.56
C MET P 68 46.11 9.84 -29.00
N ARG P 69 45.71 11.10 -29.12
CA ARG P 69 46.49 12.21 -28.58
C ARG P 69 46.23 12.37 -27.08
N PHE P 70 47.10 13.14 -26.43
CA PHE P 70 46.99 13.41 -25.01
C PHE P 70 46.10 14.63 -24.79
N ALA P 71 46.05 15.11 -23.55
CA ALA P 71 45.26 16.28 -23.18
C ALA P 71 46.11 17.23 -22.36
N ALA P 72 46.11 18.51 -22.72
CA ALA P 72 46.86 19.51 -22.00
C ALA P 72 46.22 20.87 -22.22
N VAL P 73 46.51 21.79 -21.31
CA VAL P 73 45.99 23.15 -21.37
C VAL P 73 47.12 24.12 -21.07
N ILE P 74 46.96 25.36 -21.56
CA ILE P 74 47.94 26.42 -21.35
C ILE P 74 47.20 27.69 -20.96
N THR P 75 47.92 28.60 -20.29
CA THR P 75 47.34 29.88 -19.87
C THR P 75 48.47 30.92 -19.92
N ARG P 76 48.54 31.64 -21.05
CA ARG P 76 49.54 32.69 -21.22
C ARG P 76 49.10 33.57 -22.37
N VAL P 77 48.92 34.87 -22.10
CA VAL P 77 48.52 35.84 -23.12
C VAL P 77 49.45 37.04 -22.97
N ILE P 78 50.52 37.07 -23.77
CA ILE P 78 51.46 38.19 -23.75
C ILE P 78 51.66 38.67 -25.19
N PRO P 79 51.48 39.97 -25.46
CA PRO P 79 51.65 40.46 -26.83
C PRO P 79 53.07 40.32 -27.36
N GLY P 80 54.07 40.20 -26.50
CA GLY P 80 55.45 40.13 -26.95
C GLY P 80 56.19 38.90 -26.51
N LYS P 81 55.46 37.89 -26.03
CA LYS P 81 56.08 36.64 -25.59
C LYS P 81 55.08 35.51 -25.70
N LEU P 82 55.58 34.32 -26.00
CA LEU P 82 54.73 33.14 -26.13
C LEU P 82 55.59 31.91 -25.87
N LEU P 83 55.36 31.25 -24.74
CA LEU P 83 56.10 30.05 -24.39
C LEU P 83 55.16 29.05 -23.73
N ALA P 84 55.54 27.78 -23.80
CA ALA P 84 54.75 26.69 -23.24
C ALA P 84 55.23 26.34 -21.83
N HIS P 85 54.40 25.60 -21.12
CA HIS P 85 54.72 25.16 -19.76
C HIS P 85 54.50 23.66 -19.64
N ALA P 86 55.19 23.06 -18.68
CA ALA P 86 55.08 21.63 -18.44
C ALA P 86 53.74 21.30 -17.77
N ILE P 87 53.11 20.23 -18.22
CA ILE P 87 51.83 19.78 -17.69
C ILE P 87 52.02 18.38 -17.12
N GLY P 88 51.66 18.20 -15.86
CA GLY P 88 51.78 16.90 -15.22
C GLY P 88 51.32 16.98 -13.78
N VAL P 89 51.12 15.81 -13.18
CA VAL P 89 50.70 15.74 -11.79
C VAL P 89 51.82 16.19 -10.86
N GLY P 90 53.04 15.75 -11.12
CA GLY P 90 54.16 16.13 -10.28
C GLY P 90 54.49 17.61 -10.37
N THR P 91 54.48 18.15 -11.59
CA THR P 91 54.82 19.55 -11.78
C THR P 91 53.63 20.44 -11.39
N PRO P 92 53.80 21.37 -10.47
CA PRO P 92 52.68 22.27 -10.11
C PRO P 92 52.30 23.17 -11.28
N THR P 93 51.02 23.52 -11.33
CA THR P 93 50.47 24.37 -12.38
C THR P 93 49.68 25.51 -11.73
N PRO P 94 50.38 26.52 -11.22
CA PRO P 94 49.68 27.65 -10.60
C PRO P 94 48.89 28.45 -11.63
N GLY P 95 47.81 29.05 -11.16
CA GLY P 95 46.95 29.85 -12.02
C GLY P 95 46.18 29.02 -13.03
N LEU P 96 45.27 28.17 -12.54
CA LEU P 96 44.47 27.31 -13.41
C LEU P 96 43.24 28.09 -13.85
N PHE P 97 43.46 29.00 -14.80
CA PHE P 97 42.41 29.84 -15.35
C PHE P 97 42.18 29.46 -16.80
N ILE P 98 40.92 29.16 -17.14
CA ILE P 98 40.53 28.78 -18.49
C ILE P 98 39.31 29.57 -18.89
N GLN P 99 39.08 29.66 -20.20
CA GLN P 99 37.95 30.37 -20.77
C GLN P 99 37.11 29.42 -21.63
N ASN P 100 35.80 29.54 -21.51
CA ASN P 100 34.88 28.69 -22.27
C ASN P 100 34.81 29.21 -23.70
N THR P 101 35.60 28.61 -24.60
CA THR P 101 35.59 29.02 -25.99
C THR P 101 34.26 28.71 -26.65
N SER P 102 33.67 27.57 -26.35
CA SER P 102 32.40 27.17 -26.95
C SER P 102 31.26 27.98 -26.36
N PRO P 103 30.46 28.68 -27.17
CA PRO P 103 29.34 29.46 -26.61
C PRO P 103 28.17 28.60 -26.18
N VAL P 104 28.20 27.28 -26.41
CA VAL P 104 27.09 26.42 -26.03
C VAL P 104 27.06 26.29 -24.52
N ASP P 105 25.88 26.48 -23.94
CA ASP P 105 25.72 26.38 -22.49
C ASP P 105 25.98 24.95 -22.02
N LEU P 106 26.57 24.83 -20.83
CA LEU P 106 26.91 23.52 -20.28
C LEU P 106 26.32 23.36 -18.87
N CYS P 107 26.69 22.28 -18.20
CA CYS P 107 26.18 21.99 -16.86
C CYS P 107 27.34 21.57 -15.97
N ASN P 108 27.13 21.73 -14.65
CA ASN P 108 28.15 21.35 -13.69
C ASN P 108 28.37 19.85 -13.69
N GLY P 109 29.64 19.44 -13.63
CA GLY P 109 29.98 18.03 -13.62
C GLY P 109 29.72 17.35 -14.95
N ASP P 110 30.47 17.75 -15.98
CA ASP P 110 30.31 17.20 -17.32
C ASP P 110 31.55 16.39 -17.70
N TYR P 111 31.46 15.73 -18.85
CA TYR P 111 32.54 14.90 -19.37
C TYR P 111 33.14 15.59 -20.59
N ILE P 112 34.47 15.68 -20.62
CA ILE P 112 35.19 16.34 -21.71
C ILE P 112 35.40 15.34 -22.83
N CYS P 113 34.91 15.67 -24.02
CA CYS P 113 35.09 14.85 -25.21
C CYS P 113 35.41 15.75 -26.38
N LEU P 114 36.09 15.17 -27.37
CA LEU P 114 36.52 15.90 -28.57
C LEU P 114 35.65 15.47 -29.74
N LEU P 115 34.72 16.34 -30.12
CA LEU P 115 33.80 16.07 -31.22
C LEU P 115 33.44 17.40 -31.88
N PRO P 116 34.16 17.79 -32.93
CA PRO P 116 33.83 19.03 -33.64
C PRO P 116 32.46 18.95 -34.29
N PRO P 117 31.71 20.05 -34.33
CA PRO P 117 30.38 20.05 -34.97
C PRO P 117 30.46 20.32 -36.47
N VAL P 118 31.12 19.43 -37.20
CA VAL P 118 31.28 19.61 -38.64
C VAL P 118 30.06 19.13 -39.42
N PHE P 119 29.20 18.33 -38.80
CA PHE P 119 28.01 17.86 -39.49
C PHE P 119 27.05 19.00 -39.82
N GLY P 120 26.87 19.92 -38.87
CA GLY P 120 25.98 21.05 -39.08
C GLY P 120 26.28 22.23 -38.18
N SER P 121 26.24 23.44 -38.74
CA SER P 121 26.48 24.67 -38.00
C SER P 121 27.85 24.66 -37.32
N ALA P 122 28.89 24.57 -38.15
CA ALA P 122 30.25 24.53 -37.64
C ALA P 122 30.67 25.90 -37.10
N ASP P 123 30.63 26.92 -37.95
CA ASP P 123 31.00 28.29 -37.59
C ASP P 123 32.41 28.35 -37.00
N SER P 124 33.33 27.58 -37.59
CA SER P 124 34.71 27.51 -37.14
C SER P 124 35.56 28.35 -38.10
N ILE P 125 35.66 29.64 -37.81
CA ILE P 125 36.44 30.54 -38.65
C ILE P 125 37.92 30.42 -38.30
N ARG P 126 38.74 30.20 -39.32
CA ARG P 126 40.18 30.05 -39.15
C ARG P 126 40.91 31.08 -40.03
N LEU P 127 42.23 31.03 -39.98
CA LEU P 127 43.08 31.93 -40.77
C LEU P 127 43.56 31.17 -42.00
N ASP P 128 43.04 31.56 -43.17
CA ASP P 128 43.38 30.92 -44.43
C ASP P 128 44.52 31.61 -45.15
N SER P 129 45.10 32.66 -44.57
CA SER P 129 46.21 33.36 -45.20
C SER P 129 47.54 32.66 -45.03
N VAL P 130 47.64 31.70 -44.12
CA VAL P 130 48.88 30.97 -43.91
C VAL P 130 48.73 29.46 -44.00
N GLY P 131 47.53 28.91 -43.85
CA GLY P 131 47.34 27.48 -43.92
C GLY P 131 47.63 26.72 -42.65
N LEU P 132 47.99 27.42 -41.57
CA LEU P 132 48.30 26.79 -40.29
C LEU P 132 47.14 27.10 -39.34
N GLU P 133 46.18 26.19 -39.28
CA GLU P 133 44.99 26.35 -38.46
C GLU P 133 44.88 25.20 -37.47
N ILE P 134 44.43 25.51 -36.26
CA ILE P 134 44.23 24.53 -35.19
C ILE P 134 42.76 24.62 -34.78
N VAL P 135 41.93 23.76 -35.34
CA VAL P 135 40.49 23.77 -35.05
C VAL P 135 40.26 23.02 -33.74
N PHE P 136 39.59 23.68 -32.80
CA PHE P 136 39.27 23.06 -31.52
C PHE P 136 37.86 22.50 -31.51
N PRO P 137 37.66 21.32 -30.93
CA PRO P 137 36.33 20.72 -30.89
C PRO P 137 35.53 21.21 -29.68
N LEU P 138 34.22 21.00 -29.77
CA LEU P 138 33.30 21.39 -28.71
C LEU P 138 33.19 20.29 -27.66
N THR P 139 32.97 20.70 -26.43
CA THR P 139 32.93 19.78 -25.28
C THR P 139 31.48 19.53 -24.90
N ILE P 140 31.08 18.26 -24.89
CA ILE P 140 29.72 17.86 -24.50
C ILE P 140 29.79 16.59 -23.69
N PRO P 141 28.80 16.38 -22.82
CA PRO P 141 28.77 15.15 -22.00
C PRO P 141 28.60 13.91 -22.87
N GLN P 142 28.83 12.76 -22.24
CA GLN P 142 28.72 11.49 -22.95
C GLN P 142 27.31 11.24 -23.45
N THR P 143 26.31 11.49 -22.61
CA THR P 143 24.92 11.32 -23.03
C THR P 143 24.55 12.29 -24.15
N LEU P 144 25.00 13.54 -24.04
CA LEU P 144 24.71 14.52 -25.08
C LEU P 144 25.36 14.12 -26.40
N MET P 145 26.61 13.64 -26.35
CA MET P 145 27.28 13.22 -27.57
C MET P 145 26.63 11.98 -28.17
N ARG P 146 26.15 11.06 -27.32
CA ARG P 146 25.44 9.89 -27.83
C ARG P 146 24.14 10.30 -28.52
N GLU P 147 23.40 11.22 -27.90
CA GLU P 147 22.17 11.71 -28.52
C GLU P 147 22.45 12.42 -29.84
N ILE P 148 23.51 13.22 -29.88
CA ILE P 148 23.88 13.92 -31.11
C ILE P 148 24.23 12.92 -32.21
N ILE P 149 25.03 11.90 -31.88
CA ILE P 149 25.40 10.89 -32.85
C ILE P 149 24.16 10.16 -33.36
N ALA P 150 23.26 9.79 -32.44
CA ALA P 150 22.04 9.09 -32.85
C ALA P 150 21.19 9.96 -33.77
N LYS P 151 21.04 11.24 -33.44
CA LYS P 151 20.20 12.10 -34.27
C LYS P 151 20.82 12.34 -35.64
N VAL P 152 22.15 12.50 -35.71
CA VAL P 152 22.76 12.76 -37.01
C VAL P 152 22.73 11.51 -37.87
N VAL P 153 22.95 10.33 -37.29
CA VAL P 153 22.87 9.11 -38.11
C VAL P 153 21.44 8.84 -38.54
N ALA P 154 20.46 9.15 -37.68
CA ALA P 154 19.07 9.01 -38.09
C ALA P 154 18.73 9.95 -39.24
N ARG P 155 19.19 11.20 -39.16
CA ARG P 155 18.97 12.15 -40.24
C ARG P 155 19.63 11.66 -41.53
N ALA P 156 20.84 11.14 -41.44
CA ALA P 156 21.55 10.66 -42.63
C ALA P 156 20.81 9.49 -43.27
N VAL P 157 20.37 8.52 -42.45
CA VAL P 157 19.71 7.34 -43.01
C VAL P 157 18.34 7.71 -43.58
N GLU P 158 17.63 8.63 -42.93
CA GLU P 158 16.33 9.04 -43.48
C GLU P 158 16.50 9.83 -44.76
N ARG P 159 17.55 10.65 -44.85
CA ARG P 159 17.82 11.38 -46.10
C ARG P 159 18.18 10.43 -47.22
N THR P 160 19.02 9.42 -46.94
CA THR P 160 19.37 8.46 -47.98
C THR P 160 18.16 7.64 -48.41
N ALA P 161 17.31 7.25 -47.46
CA ALA P 161 16.10 6.52 -47.80
C ALA P 161 15.17 7.36 -48.66
N ALA P 162 15.01 8.64 -48.33
CA ALA P 162 14.20 9.53 -49.15
C ALA P 162 14.78 9.69 -50.54
N GLY P 163 16.10 9.81 -50.65
CA GLY P 163 16.72 9.97 -51.94
C GLY P 163 16.59 8.73 -52.82
N ALA P 164 16.74 7.54 -52.23
CA ALA P 164 16.74 6.30 -52.98
C ALA P 164 15.39 5.60 -52.98
N GLN P 165 14.35 6.24 -52.43
CA GLN P 165 13.02 5.63 -52.36
C GLN P 165 12.05 6.19 -53.39
N ILE P 166 12.34 7.36 -53.96
CA ILE P 166 11.49 8.09 -54.92
C ILE P 166 10.07 8.26 -54.38
N LEU P 167 9.91 8.10 -53.07
CA LEU P 167 8.63 8.27 -52.38
C LEU P 167 8.89 8.55 -50.91
N PRO P 168 9.41 9.72 -50.56
CA PRO P 168 9.76 10.00 -49.16
C PRO P 168 8.54 10.10 -48.27
N HIS P 169 8.75 9.76 -47.00
CA HIS P 169 7.70 9.91 -46.01
C HIS P 169 7.58 11.37 -45.57
N GLU P 170 6.34 11.83 -45.39
CA GLU P 170 6.11 13.21 -45.02
C GLU P 170 6.66 13.54 -43.63
N VAL P 171 6.85 12.55 -42.78
CA VAL P 171 7.39 12.76 -41.44
C VAL P 171 8.90 12.61 -41.49
N LEU P 172 9.61 13.67 -41.10
CA LEU P 172 11.07 13.66 -41.05
C LEU P 172 11.65 14.23 -39.76
N ARG P 173 10.92 15.07 -39.03
CA ARG P 173 11.40 15.67 -37.79
C ARG P 173 10.55 15.29 -36.60
N GLY P 174 9.22 15.39 -36.71
CA GLY P 174 8.34 15.09 -35.61
C GLY P 174 8.40 16.14 -34.52
N ALA P 175 8.96 15.78 -33.36
CA ALA P 175 9.11 16.73 -32.26
C ALA P 175 10.40 16.36 -31.52
N ASP P 176 11.50 17.01 -31.91
CA ASP P 176 12.82 16.81 -31.30
C ASP P 176 13.40 18.17 -30.98
N VAL P 177 13.10 18.68 -29.80
CA VAL P 177 13.58 19.99 -29.34
C VAL P 177 14.36 19.78 -28.05
N ILE P 178 15.62 20.18 -28.06
CA ILE P 178 16.49 20.06 -26.90
C ILE P 178 16.51 21.40 -26.16
N CYS P 179 16.25 21.35 -24.86
CA CYS P 179 16.21 22.55 -24.02
C CYS P 179 17.07 22.32 -22.79
N TYR P 180 17.19 23.37 -21.97
CA TYR P 180 17.96 23.30 -20.73
C TYR P 180 17.31 24.25 -19.73
N ASN P 181 16.56 23.69 -18.77
CA ASN P 181 15.85 24.47 -17.76
C ASN P 181 14.93 25.50 -18.40
N GLY P 182 14.24 25.10 -19.47
CA GLY P 182 13.33 25.98 -20.17
C GLY P 182 14.02 26.98 -21.07
N ARG P 183 14.72 26.48 -22.08
CA ARG P 183 15.44 27.35 -23.02
C ARG P 183 15.20 26.91 -24.46
N ARG P 184 15.89 27.55 -25.40
CA ARG P 184 15.76 27.24 -26.82
C ARG P 184 17.14 27.05 -27.42
N TYR P 185 17.29 26.00 -28.23
CA TYR P 185 18.55 25.69 -28.88
C TYR P 185 18.64 26.23 -30.30
N GLU P 186 17.55 26.20 -31.05
CA GLU P 186 17.49 26.69 -32.43
C GLU P 186 18.53 25.97 -33.30
N LEU P 187 18.36 24.66 -33.43
CA LEU P 187 19.25 23.82 -34.20
C LEU P 187 18.51 23.19 -35.37
N GLU P 188 19.28 22.77 -36.37
CA GLU P 188 18.74 22.14 -37.59
C GLU P 188 17.73 23.06 -38.28
N THR P 189 18.17 24.29 -38.55
CA THR P 189 17.35 25.29 -39.20
C THR P 189 17.65 25.41 -40.70
N ASN P 190 18.50 24.53 -41.24
CA ASN P 190 18.85 24.55 -42.65
C ASN P 190 18.65 23.17 -43.26
N LEU P 191 18.19 23.15 -44.50
CA LEU P 191 17.95 21.91 -45.22
C LEU P 191 18.66 21.84 -46.57
N GLN P 192 18.75 22.97 -47.27
CA GLN P 192 19.38 23.00 -48.59
C GLN P 192 20.90 23.04 -48.52
N HIS P 193 21.47 23.29 -47.34
CA HIS P 193 22.92 23.34 -47.21
C HIS P 193 23.52 21.95 -47.40
N ARG P 194 24.63 21.89 -48.13
CA ARG P 194 25.32 20.63 -48.40
C ARG P 194 26.78 20.76 -48.02
N ASP P 195 27.35 19.66 -47.54
CA ASP P 195 28.76 19.61 -47.14
C ASP P 195 29.39 18.32 -47.63
N GLY P 196 30.71 18.35 -47.78
CA GLY P 196 31.45 17.20 -48.24
C GLY P 196 31.79 16.18 -47.18
N SER P 197 31.40 16.41 -45.92
CA SER P 197 31.68 15.48 -44.84
C SER P 197 30.78 14.25 -44.87
N ASP P 198 29.73 14.25 -45.70
CA ASP P 198 28.82 13.11 -45.76
C ASP P 198 29.36 11.96 -46.62
N ALA P 199 30.47 12.17 -47.32
CA ALA P 199 31.04 11.10 -48.15
C ALA P 199 31.66 9.99 -47.32
N ALA P 200 31.97 10.25 -46.05
CA ALA P 200 32.60 9.25 -45.19
C ALA P 200 31.61 8.53 -44.28
N ILE P 201 30.41 9.08 -44.09
CA ILE P 201 29.44 8.44 -43.21
C ILE P 201 28.53 7.45 -43.93
N ARG P 202 28.43 7.52 -45.26
CA ARG P 202 27.61 6.57 -46.00
C ARG P 202 28.16 5.16 -45.86
N THR P 203 29.49 5.00 -45.98
CA THR P 203 30.09 3.69 -45.79
C THR P 203 29.88 3.18 -44.37
N LEU P 204 29.98 4.09 -43.38
CA LEU P 204 29.79 3.69 -41.99
C LEU P 204 28.38 3.19 -41.74
N VAL P 205 27.37 3.93 -42.24
CA VAL P 205 25.99 3.51 -42.01
C VAL P 205 25.67 2.25 -42.80
N LEU P 206 26.25 2.10 -43.99
CA LEU P 206 26.05 0.86 -44.75
C LEU P 206 26.63 -0.34 -44.01
N ASN P 207 27.84 -0.19 -43.46
CA ASN P 207 28.44 -1.27 -42.67
C ASN P 207 27.61 -1.57 -41.44
N LEU P 208 27.10 -0.53 -40.77
CA LEU P 208 26.28 -0.73 -39.58
C LEU P 208 25.00 -1.50 -39.90
N MET P 209 24.33 -1.11 -40.98
CA MET P 209 23.09 -1.80 -41.34
C MET P 209 23.35 -3.22 -41.83
N PHE P 210 24.46 -3.44 -42.53
CA PHE P 210 24.81 -4.81 -42.94
C PHE P 210 25.09 -5.67 -41.71
N SER P 211 25.81 -5.13 -40.73
CA SER P 211 26.08 -5.86 -39.50
C SER P 211 24.79 -6.18 -38.76
N ILE P 212 23.87 -5.21 -38.68
CA ILE P 212 22.59 -5.46 -38.02
C ILE P 212 21.81 -6.55 -38.74
N ASN P 213 21.78 -6.49 -40.08
CA ASN P 213 21.04 -7.48 -40.85
C ASN P 213 21.62 -8.87 -40.66
N GLU P 214 22.95 -9.00 -40.72
CA GLU P 214 23.55 -10.33 -40.56
C GLU P 214 23.38 -10.85 -39.15
N GLY P 215 23.47 -9.96 -38.14
CA GLY P 215 23.28 -10.39 -36.78
C GLY P 215 21.86 -10.86 -36.50
N CYS P 216 20.87 -10.17 -37.07
CA CYS P 216 19.49 -10.59 -36.87
C CYS P 216 19.09 -11.74 -37.78
N LEU P 217 19.86 -12.02 -38.83
CA LEU P 217 19.59 -13.17 -39.68
C LEU P 217 20.27 -14.44 -39.17
N LEU P 218 21.40 -14.31 -38.48
CA LEU P 218 22.06 -15.49 -37.92
C LEU P 218 21.25 -16.16 -36.84
N LEU P 219 20.35 -15.43 -36.18
CA LEU P 219 19.52 -16.03 -35.14
C LEU P 219 18.59 -17.09 -35.71
N LEU P 220 17.99 -16.82 -36.87
CA LEU P 220 17.07 -17.74 -37.51
C LEU P 220 17.76 -18.78 -38.38
N ALA P 221 19.07 -18.65 -38.59
CA ALA P 221 19.80 -19.60 -39.41
C ALA P 221 20.45 -20.72 -38.61
N LEU P 222 20.80 -20.45 -37.36
CA LEU P 222 21.44 -21.47 -36.54
C LEU P 222 20.42 -22.48 -36.01
N ILE P 223 19.45 -22.01 -35.22
CA ILE P 223 18.43 -22.88 -34.65
C ILE P 223 17.22 -22.03 -34.27
N PRO P 224 16.01 -22.41 -34.67
CA PRO P 224 14.80 -21.65 -34.29
C PRO P 224 14.29 -22.03 -32.92
N THR P 225 15.06 -21.69 -31.89
CA THR P 225 14.67 -22.01 -30.52
C THR P 225 13.41 -21.27 -30.11
N LEU P 226 13.29 -19.99 -30.48
CA LEU P 226 12.12 -19.20 -30.13
C LEU P 226 10.93 -19.45 -31.03
N LEU P 227 11.13 -20.12 -32.17
CA LEU P 227 10.04 -20.40 -33.10
C LEU P 227 9.40 -21.73 -32.73
N VAL P 228 8.12 -21.67 -32.34
CA VAL P 228 7.39 -22.88 -31.96
C VAL P 228 6.62 -23.43 -33.15
N ARG P 267 30.09 -26.59 -51.58
CA ARG P 267 31.33 -25.83 -51.74
C ARG P 267 31.30 -24.54 -50.93
N PHE P 268 30.19 -24.34 -50.21
CA PHE P 268 30.02 -23.15 -49.39
C PHE P 268 30.00 -23.53 -47.91
N PRO P 269 31.09 -23.32 -47.18
CA PRO P 269 31.10 -23.68 -45.75
C PRO P 269 30.20 -22.80 -44.89
N ILE P 270 29.76 -21.65 -45.40
CA ILE P 270 28.92 -20.70 -44.65
C ILE P 270 29.63 -20.29 -43.38
N TYR P 271 30.90 -19.91 -43.50
CA TYR P 271 31.70 -19.48 -42.35
C TYR P 271 32.47 -18.19 -42.59
N GLU P 272 32.77 -17.83 -43.84
CA GLU P 272 33.54 -16.62 -44.11
C GLU P 272 32.77 -15.36 -43.67
N THR P 273 31.46 -15.33 -43.94
CA THR P 273 30.66 -14.17 -43.55
C THR P 273 30.63 -14.02 -42.03
N ILE P 274 30.45 -15.14 -41.31
CA ILE P 274 30.42 -15.09 -39.85
C ILE P 274 31.77 -14.64 -39.30
N SER P 275 32.86 -15.17 -39.86
CA SER P 275 34.19 -14.77 -39.40
C SER P 275 34.45 -13.29 -39.65
N SER P 276 34.04 -12.80 -40.83
CA SER P 276 34.22 -11.38 -41.13
C SER P 276 33.38 -10.51 -40.20
N TRP P 277 32.15 -10.93 -39.90
CA TRP P 277 31.31 -10.17 -38.97
C TRP P 277 31.93 -10.13 -37.58
N ILE P 278 32.47 -11.26 -37.11
CA ILE P 278 33.11 -11.30 -35.81
C ILE P 278 34.34 -10.40 -35.79
N SER P 279 35.14 -10.45 -36.85
CA SER P 279 36.34 -9.61 -36.93
C SER P 279 35.98 -8.13 -36.93
N THR P 280 34.95 -7.75 -37.70
CA THR P 280 34.55 -6.34 -37.73
C THR P 280 34.00 -5.90 -36.40
N SER P 281 33.23 -6.76 -35.72
CA SER P 281 32.72 -6.41 -34.39
C SER P 281 33.87 -6.23 -33.40
N SER P 282 34.86 -7.12 -33.44
CA SER P 282 36.02 -6.99 -32.56
C SER P 282 36.79 -5.71 -32.85
N ARG P 283 36.96 -5.37 -34.13
CA ARG P 283 37.65 -4.14 -34.49
C ARG P 283 36.89 -2.91 -34.01
N LEU P 284 35.57 -2.91 -34.17
CA LEU P 284 34.77 -1.76 -33.75
C LEU P 284 34.62 -1.68 -32.24
N GLY P 285 34.87 -2.78 -31.52
CA GLY P 285 34.80 -2.74 -30.07
C GLY P 285 35.78 -1.74 -29.48
N ASP P 286 37.01 -1.71 -30.00
CA ASP P 286 37.98 -0.73 -29.56
C ASP P 286 37.68 0.66 -30.11
N THR P 287 37.06 0.73 -31.29
CA THR P 287 36.77 2.03 -31.90
C THR P 287 35.68 2.77 -31.13
N LEU P 288 34.69 2.06 -30.61
CA LEU P 288 33.59 2.70 -29.91
C LEU P 288 33.97 3.20 -28.52
N GLY P 289 35.17 2.85 -28.03
CA GLY P 289 35.59 3.30 -26.72
C GLY P 289 36.04 4.75 -26.71
N THR P 290 35.23 5.62 -26.12
CA THR P 290 35.51 7.05 -26.05
C THR P 290 35.28 7.57 -24.63
N ARG P 291 35.80 6.84 -23.65
CA ARG P 291 35.64 7.24 -22.26
C ARG P 291 36.37 8.55 -21.99
N ALA P 292 35.72 9.44 -21.25
CA ALA P 292 36.30 10.73 -20.92
C ALA P 292 37.45 10.57 -19.94
N ILE P 293 38.44 11.45 -20.06
CA ILE P 293 39.61 11.47 -19.19
C ILE P 293 39.60 12.69 -18.27
N LEU P 294 39.37 13.87 -18.84
CA LEU P 294 39.34 15.09 -18.03
C LEU P 294 38.05 15.17 -17.23
N ARG P 295 38.11 15.89 -16.12
CA ARG P 295 36.98 16.09 -15.23
C ARG P 295 36.71 17.57 -15.05
N VAL P 296 35.43 17.94 -15.01
CA VAL P 296 35.01 19.33 -14.88
C VAL P 296 34.45 19.53 -13.48
N CYS P 297 34.99 20.52 -12.76
CA CYS P 297 34.54 20.88 -11.42
C CYS P 297 34.23 22.37 -11.44
N VAL P 298 32.99 22.70 -11.74
CA VAL P 298 32.57 24.10 -11.92
C VAL P 298 32.21 24.68 -10.55
N PHE P 299 32.84 25.80 -10.20
CA PHE P 299 32.51 26.52 -8.99
C PHE P 299 31.31 27.42 -9.26
N ASP P 300 30.23 27.23 -8.50
CA ASP P 300 28.98 27.94 -8.71
C ASP P 300 28.50 27.77 -10.14
N GLY P 301 28.55 28.84 -10.93
CA GLY P 301 28.23 28.76 -12.33
C GLY P 301 28.60 30.03 -13.08
N PRO P 302 29.34 29.87 -14.19
CA PRO P 302 29.71 31.04 -14.99
C PRO P 302 28.65 31.41 -16.01
N SER P 303 27.86 30.42 -16.43
CA SER P 303 26.86 30.60 -17.48
C SER P 303 25.45 30.74 -16.91
N THR P 304 25.32 31.06 -15.62
CA THR P 304 24.01 31.20 -15.01
C THR P 304 23.20 32.33 -15.64
N VAL P 305 23.87 33.43 -15.98
CA VAL P 305 23.19 34.59 -16.55
C VAL P 305 23.81 34.93 -17.91
N HIS P 306 25.08 34.56 -18.11
CA HIS P 306 25.75 34.85 -19.36
C HIS P 306 26.88 33.85 -19.60
N PRO P 307 26.78 33.02 -20.64
CA PRO P 307 27.86 32.07 -20.93
C PRO P 307 29.13 32.78 -21.36
N GLY P 308 30.26 32.14 -21.08
CA GLY P 308 31.55 32.69 -21.44
C GLY P 308 32.20 33.49 -20.31
N ASP P 309 32.26 32.91 -19.12
CA ASP P 309 32.86 33.58 -17.98
C ASP P 309 33.94 32.71 -17.34
N ARG P 310 34.44 33.13 -16.18
CA ARG P 310 35.47 32.37 -15.49
C ARG P 310 34.92 31.03 -15.02
N THR P 311 35.52 29.95 -15.50
CA THR P 311 35.10 28.59 -15.18
C THR P 311 36.25 27.81 -14.57
N ALA P 312 35.95 27.06 -13.51
CA ALA P 312 36.94 26.23 -12.85
C ALA P 312 36.96 24.83 -13.46
N VAL P 313 38.10 24.16 -13.34
CA VAL P 313 38.29 22.82 -13.88
C VAL P 313 39.37 22.12 -13.07
N ILE P 314 39.33 20.79 -13.08
CA ILE P 314 40.30 19.97 -12.36
C ILE P 314 40.95 18.99 -13.34
N GLN P 315 41.87 18.17 -12.84
CA GLN P 315 42.58 17.18 -13.64
C GLN P 315 42.44 15.80 -13.01
N VAL P 316 41.23 15.46 -12.60
CA VAL P 316 40.96 14.17 -11.99
C VAL P 316 40.52 13.16 -13.04
N THR Q 118 2.33 13.76 66.87
CA THR Q 118 1.32 14.22 65.93
C THR Q 118 1.53 13.62 64.55
N THR Q 119 2.65 12.92 64.38
CA THR Q 119 3.00 12.28 63.12
C THR Q 119 2.73 10.78 63.20
N GLN Q 120 1.94 10.28 62.27
CA GLN Q 120 1.60 8.86 62.21
C GLN Q 120 1.97 8.30 60.85
N LEU Q 121 2.53 7.09 60.84
CA LEU Q 121 2.97 6.44 59.62
C LEU Q 121 2.43 5.02 59.57
N ILE Q 122 2.11 4.57 58.36
CA ILE Q 122 1.60 3.21 58.13
C ILE Q 122 2.47 2.56 57.07
N GLN Q 123 2.95 1.35 57.36
CA GLN Q 123 3.81 0.61 56.45
C GLN Q 123 3.00 -0.49 55.78
N GLN Q 124 3.14 -0.59 54.45
CA GLN Q 124 2.44 -1.59 53.66
C GLN Q 124 3.41 -2.23 52.67
N VAL Q 125 3.09 -3.45 52.26
CA VAL Q 125 3.92 -4.20 51.34
C VAL Q 125 3.33 -4.07 49.94
N SER Q 126 4.17 -4.31 48.93
CA SER Q 126 3.74 -4.21 47.55
C SER Q 126 4.55 -5.20 46.71
N LEU Q 127 4.02 -5.52 45.53
CA LEU Q 127 4.65 -6.44 44.61
C LEU Q 127 5.23 -5.68 43.42
N THR Q 128 5.94 -6.40 42.57
CA THR Q 128 6.57 -5.83 41.39
C THR Q 128 5.83 -6.15 40.09
N ASP Q 129 5.12 -7.27 40.04
CA ASP Q 129 4.41 -7.65 38.82
C ASP Q 129 3.16 -6.80 38.59
N PHE Q 130 2.63 -6.16 39.63
CA PHE Q 130 1.43 -5.35 39.51
C PHE Q 130 1.67 -3.88 39.77
N PHE Q 131 2.85 -3.49 40.27
CA PHE Q 131 3.15 -2.11 40.55
C PHE Q 131 4.66 -1.90 40.45
N ARG Q 132 5.06 -0.80 39.81
CA ARG Q 132 6.47 -0.45 39.64
C ARG Q 132 6.73 0.89 40.31
N PRO Q 133 7.24 0.92 41.54
CA PRO Q 133 7.49 2.21 42.21
C PRO Q 133 8.57 3.05 41.56
N ASP Q 134 9.43 2.46 40.73
CA ASP Q 134 10.53 3.23 40.13
C ASP Q 134 10.01 4.30 39.18
N ILE Q 135 8.98 3.98 38.40
CA ILE Q 135 8.41 4.97 37.49
C ILE Q 135 7.75 6.11 38.27
N GLU Q 136 6.97 5.77 39.29
CA GLU Q 136 6.29 6.78 40.08
C GLU Q 136 7.28 7.60 40.89
N HIS Q 137 7.06 8.91 40.91
CA HIS Q 137 7.91 9.84 41.64
C HIS Q 137 7.31 10.11 43.02
N ALA Q 138 7.91 11.04 43.75
CA ALA Q 138 7.43 11.40 45.07
C ALA Q 138 6.26 12.38 44.99
N GLY Q 139 5.54 12.50 46.10
CA GLY Q 139 4.41 13.39 46.17
C GLY Q 139 3.13 12.85 45.56
N SER Q 140 3.09 11.58 45.18
CA SER Q 140 1.90 11.00 44.58
C SER Q 140 0.88 10.65 45.66
N ILE Q 141 -0.38 10.54 45.23
CA ILE Q 141 -1.49 10.21 46.11
C ILE Q 141 -2.00 8.82 45.73
N VAL Q 142 -2.08 7.93 46.72
CA VAL Q 142 -2.52 6.56 46.49
C VAL Q 142 -3.70 6.27 47.41
N LEU Q 143 -4.51 5.29 47.00
CA LEU Q 143 -5.68 4.88 47.75
C LEU Q 143 -5.56 3.40 48.11
N ILE Q 144 -5.90 3.07 49.35
CA ILE Q 144 -5.81 1.70 49.84
C ILE Q 144 -7.11 0.97 49.51
N LEU Q 145 -6.98 -0.21 48.91
CA LEU Q 145 -8.12 -1.04 48.55
C LEU Q 145 -8.33 -2.11 49.60
N ARG Q 146 -9.31 -3.00 49.34
CA ARG Q 146 -9.62 -4.09 50.24
C ARG Q 146 -9.99 -5.32 49.43
N HIS Q 147 -9.69 -6.49 50.00
CA HIS Q 147 -10.02 -7.74 49.32
C HIS Q 147 -11.54 -7.95 49.32
N PRO Q 148 -12.11 -8.43 48.20
CA PRO Q 148 -13.56 -8.65 48.10
C PRO Q 148 -14.00 -9.98 48.69
N SER Q 149 -13.50 -10.31 49.90
CA SER Q 149 -13.86 -11.57 50.53
C SER Q 149 -15.34 -11.63 50.84
N ASP Q 150 -15.92 -10.53 51.32
CA ASP Q 150 -17.35 -10.49 51.55
C ASP Q 150 -18.12 -10.17 50.27
N MET Q 151 -17.48 -9.49 49.31
CA MET Q 151 -18.16 -9.13 48.08
C MET Q 151 -18.45 -10.36 47.23
N ILE Q 152 -17.51 -11.31 47.17
CA ILE Q 152 -17.71 -12.51 46.37
C ILE Q 152 -18.85 -13.36 46.92
N GLY Q 153 -19.20 -13.18 48.20
CA GLY Q 153 -20.31 -13.92 48.78
C GLY Q 153 -21.62 -13.15 48.73
N GLU Q 154 -21.53 -11.81 48.80
CA GLU Q 154 -22.72 -10.97 48.74
C GLU Q 154 -23.16 -10.64 47.32
N ALA Q 155 -22.35 -10.98 46.32
CA ALA Q 155 -22.75 -10.72 44.94
C ALA Q 155 -24.00 -11.48 44.55
N ASN Q 156 -24.23 -12.65 45.16
CA ASN Q 156 -25.44 -13.41 44.85
C ASN Q 156 -26.69 -12.63 45.23
N THR Q 157 -26.69 -11.98 46.39
CA THR Q 157 -27.81 -11.15 46.79
C THR Q 157 -27.83 -9.82 46.04
N LEU Q 158 -26.65 -9.27 45.73
CA LEU Q 158 -26.60 -7.98 45.05
C LEU Q 158 -27.15 -8.06 43.63
N THR Q 159 -26.87 -9.17 42.93
CA THR Q 159 -27.34 -9.32 41.56
C THR Q 159 -28.86 -9.46 41.50
N GLN Q 160 -29.44 -10.14 42.48
CA GLN Q 160 -30.89 -10.37 42.63
C GLN Q 160 -31.46 -11.08 41.41
N ALA Q 161 -32.78 -11.30 41.41
CA ALA Q 161 -33.44 -12.02 40.32
C ALA Q 161 -33.49 -11.23 39.02
N GLY Q 162 -33.14 -9.94 39.04
CA GLY Q 162 -33.15 -9.16 37.82
C GLY Q 162 -32.17 -9.65 36.78
N ARG Q 163 -30.96 -10.04 37.24
CA ARG Q 163 -29.92 -10.55 36.36
C ARG Q 163 -29.48 -11.92 36.86
N ASP Q 164 -28.50 -12.50 36.16
CA ASP Q 164 -27.98 -13.81 36.51
C ASP Q 164 -26.58 -13.69 37.10
N PRO Q 165 -26.21 -14.59 38.03
CA PRO Q 165 -24.87 -14.54 38.61
C PRO Q 165 -23.81 -15.33 37.84
N ASP Q 166 -24.18 -15.99 36.74
CA ASP Q 166 -23.20 -16.76 35.97
C ASP Q 166 -22.15 -15.84 35.34
N VAL Q 167 -22.57 -14.68 34.85
CA VAL Q 167 -21.63 -13.75 34.23
C VAL Q 167 -20.62 -13.25 35.26
N LEU Q 168 -21.08 -12.91 36.46
CA LEU Q 168 -20.17 -12.47 37.51
C LEU Q 168 -19.22 -13.59 37.93
N LEU Q 169 -19.73 -14.82 38.00
CA LEU Q 169 -18.88 -15.96 38.35
C LEU Q 169 -17.79 -16.16 37.31
N GLU Q 170 -18.15 -16.10 36.03
CA GLU Q 170 -17.14 -16.24 34.96
C GLU Q 170 -16.15 -15.10 35.00
N GLY Q 171 -16.62 -13.87 35.27
CA GLY Q 171 -15.72 -12.73 35.34
C GLY Q 171 -14.70 -12.87 36.46
N LEU Q 172 -15.17 -13.25 37.65
CA LEU Q 172 -14.24 -13.43 38.76
C LEU Q 172 -13.32 -14.62 38.51
N ARG Q 173 -13.81 -15.67 37.84
CA ARG Q 173 -12.95 -16.81 37.52
C ARG Q 173 -11.81 -16.39 36.59
N ASN Q 174 -12.12 -15.64 35.54
CA ASN Q 174 -11.06 -15.23 34.62
C ASN Q 174 -10.16 -14.17 35.26
N LEU Q 175 -10.69 -13.36 36.17
CA LEU Q 175 -9.85 -12.40 36.89
C LEU Q 175 -8.86 -13.13 37.79
N PHE Q 176 -9.31 -14.19 38.48
CA PHE Q 176 -8.40 -14.99 39.30
C PHE Q 176 -7.38 -15.72 38.43
N ASN Q 177 -7.81 -16.24 37.28
CA ASN Q 177 -6.89 -16.93 36.39
C ASN Q 177 -5.82 -16.00 35.86
N ALA Q 178 -6.20 -14.77 35.49
CA ALA Q 178 -5.22 -13.81 34.99
C ALA Q 178 -4.29 -13.33 36.09
N CYS Q 179 -4.81 -13.19 37.31
CA CYS Q 179 -4.00 -12.71 38.42
C CYS Q 179 -2.94 -13.75 38.80
N THR Q 180 -1.74 -13.27 39.09
CA THR Q 180 -0.63 -14.13 39.46
C THR Q 180 -0.75 -14.56 40.92
N ALA Q 181 0.05 -15.57 41.28
CA ALA Q 181 0.10 -16.13 42.62
C ALA Q 181 -1.29 -16.54 43.12
N PRO Q 182 -1.88 -17.59 42.54
CA PRO Q 182 -3.21 -18.02 43.01
C PRO Q 182 -3.21 -18.56 44.44
N TRP Q 183 -2.05 -18.95 44.97
CA TRP Q 183 -1.98 -19.53 46.30
C TRP Q 183 -2.11 -18.49 47.41
N THR Q 184 -2.05 -17.21 47.09
CA THR Q 184 -2.15 -16.14 48.09
C THR Q 184 -3.44 -15.36 47.96
N VAL Q 185 -3.75 -14.84 46.79
CA VAL Q 185 -4.97 -14.07 46.57
C VAL Q 185 -6.14 -15.02 46.35
N GLY Q 186 -7.36 -14.49 46.44
CA GLY Q 186 -8.55 -15.29 46.23
C GLY Q 186 -9.49 -15.30 47.41
N GLU Q 187 -8.94 -15.34 48.62
CA GLU Q 187 -9.77 -15.33 49.83
C GLU Q 187 -9.22 -14.44 50.93
N GLY Q 188 -8.17 -13.65 50.66
CA GLY Q 188 -7.61 -12.77 51.65
C GLY Q 188 -6.51 -11.89 51.13
N GLY Q 189 -6.54 -10.60 51.49
CA GLY Q 189 -5.53 -9.66 51.05
C GLY Q 189 -4.36 -9.56 52.00
N GLY Q 190 -3.73 -10.68 52.31
CA GLY Q 190 -2.61 -10.70 53.22
C GLY Q 190 -1.28 -10.54 52.54
N LEU Q 191 -1.08 -11.25 51.44
CA LEU Q 191 0.17 -11.20 50.67
C LEU Q 191 -0.03 -10.59 49.28
N ARG Q 192 -0.99 -9.69 49.15
CA ARG Q 192 -1.28 -9.03 47.88
C ARG Q 192 -0.74 -7.61 47.88
N ALA Q 193 -0.77 -6.99 46.70
CA ALA Q 193 -0.29 -5.61 46.54
C ALA Q 193 -1.36 -4.66 47.04
N TYR Q 194 -1.06 -3.95 48.14
CA TYR Q 194 -2.02 -3.03 48.71
C TYR Q 194 -2.14 -1.76 47.87
N VAL Q 195 -1.02 -1.09 47.62
CA VAL Q 195 -1.02 0.15 46.88
C VAL Q 195 -1.16 -0.14 45.38
N THR Q 196 -2.09 0.55 44.74
CA THR Q 196 -2.34 0.41 43.31
C THR Q 196 -2.30 1.79 42.66
N SER Q 197 -1.65 1.87 41.50
CA SER Q 197 -1.54 3.13 40.80
C SER Q 197 -2.89 3.54 40.23
N LEU Q 198 -3.28 4.80 40.48
CA LEU Q 198 -4.55 5.33 40.00
C LEU Q 198 -4.45 5.93 38.61
N SER Q 199 -3.24 6.07 38.06
CA SER Q 199 -3.08 6.65 36.73
C SER Q 199 -3.74 5.79 35.65
N PHE Q 200 -3.59 4.47 35.76
CA PHE Q 200 -4.15 3.57 34.76
C PHE Q 200 -5.67 3.65 34.72
N ILE Q 201 -6.31 3.58 35.89
CA ILE Q 201 -7.77 3.65 35.94
C ILE Q 201 -8.25 5.04 35.56
N ALA Q 202 -7.51 6.09 35.93
CA ALA Q 202 -7.89 7.45 35.55
C ALA Q 202 -7.86 7.62 34.04
N ALA Q 203 -6.84 7.07 33.38
CA ALA Q 203 -6.76 7.15 31.93
C ALA Q 203 -7.83 6.29 31.26
N CYS Q 204 -8.12 5.12 31.84
CA CYS Q 204 -9.13 4.24 31.27
C CYS Q 204 -10.52 4.84 31.36
N ARG Q 205 -10.82 5.52 32.47
CA ARG Q 205 -12.15 6.11 32.68
C ARG Q 205 -12.28 7.50 32.10
N ALA Q 206 -11.23 8.03 31.46
CA ALA Q 206 -11.27 9.35 30.87
C ALA Q 206 -11.77 9.34 29.43
N GLU Q 207 -12.10 8.17 28.88
CA GLU Q 207 -12.59 8.10 27.51
C GLU Q 207 -13.91 8.83 27.35
N GLU Q 208 -14.82 8.67 28.32
CA GLU Q 208 -16.14 9.32 28.26
C GLU Q 208 -16.08 10.68 28.95
N TYR Q 209 -15.27 11.57 28.36
CA TYR Q 209 -15.12 12.93 28.90
C TYR Q 209 -15.08 13.98 27.80
N THR Q 210 -15.38 13.63 26.55
CA THR Q 210 -15.37 14.55 25.41
C THR Q 210 -14.04 15.30 25.30
N ASP Q 211 -12.95 14.67 25.76
CA ASP Q 211 -11.62 15.26 25.68
C ASP Q 211 -10.62 14.12 25.60
N LYS Q 212 -10.18 13.80 24.38
CA LYS Q 212 -9.28 12.68 24.17
C LYS Q 212 -8.02 13.03 23.39
N GLN Q 213 -7.90 14.25 22.85
CA GLN Q 213 -6.72 14.61 22.07
C GLN Q 213 -5.46 14.53 22.92
N ALA Q 214 -5.50 15.09 24.13
CA ALA Q 214 -4.37 14.99 25.03
C ALA Q 214 -4.25 13.61 25.66
N ALA Q 215 -5.37 12.96 25.93
CA ALA Q 215 -5.35 11.63 26.56
C ALA Q 215 -4.65 10.61 25.68
N ASP Q 216 -4.94 10.62 24.38
CA ASP Q 216 -4.29 9.69 23.46
C ASP Q 216 -2.78 9.93 23.40
N ALA Q 217 -2.38 11.19 23.33
CA ALA Q 217 -0.96 11.51 23.29
C ALA Q 217 -0.25 11.09 24.56
N ASN Q 218 -0.92 11.25 25.72
CA ASN Q 218 -0.33 10.84 26.98
C ASN Q 218 -0.26 9.32 27.09
N ARG Q 219 -1.25 8.61 26.54
CA ARG Q 219 -1.32 7.16 26.69
C ARG Q 219 -0.47 6.41 25.68
N THR Q 220 -0.15 7.02 24.54
CA THR Q 220 0.66 6.32 23.55
C THR Q 220 2.04 5.95 24.11
N ALA Q 221 2.66 6.88 24.84
CA ALA Q 221 3.94 6.58 25.47
C ALA Q 221 3.78 5.71 26.71
N ILE Q 222 2.68 5.87 27.44
CA ILE Q 222 2.46 5.09 28.66
C ILE Q 222 2.33 3.61 28.31
N VAL Q 223 1.56 3.29 27.27
CA VAL Q 223 1.40 1.90 26.85
C VAL Q 223 2.72 1.34 26.34
N SER Q 224 3.48 2.16 25.61
CA SER Q 224 4.75 1.68 25.04
C SER Q 224 5.79 1.41 26.13
N ALA Q 225 5.82 2.24 27.17
CA ALA Q 225 6.86 2.10 28.19
C ALA Q 225 6.42 1.22 29.35
N TYR Q 226 5.35 1.61 30.06
CA TYR Q 226 4.92 0.86 31.23
C TYR Q 226 4.22 -0.44 30.85
N GLY Q 227 3.59 -0.48 29.67
CA GLY Q 227 2.85 -1.65 29.26
C GLY Q 227 3.68 -2.64 28.46
N CYS Q 228 3.29 -2.86 27.20
CA CYS Q 228 3.96 -3.81 26.31
C CYS Q 228 3.95 -5.22 26.89
N SER Q 229 4.85 -6.08 26.40
CA SER Q 229 4.95 -7.47 26.83
C SER Q 229 3.60 -8.17 26.69
N ARG Q 230 3.05 -8.65 27.81
CA ARG Q 230 1.74 -9.31 27.83
C ARG Q 230 0.88 -8.57 28.86
N MET Q 231 0.22 -7.50 28.43
CA MET Q 231 -0.63 -6.71 29.30
C MET Q 231 -1.99 -6.36 28.70
N GLU Q 232 -2.15 -6.41 27.38
CA GLU Q 232 -3.42 -6.04 26.78
C GLU Q 232 -4.53 -7.00 27.20
N THR Q 233 -4.22 -8.31 27.27
CA THR Q 233 -5.23 -9.28 27.70
C THR Q 233 -5.67 -9.00 29.12
N ARG Q 234 -4.73 -8.70 30.01
CA ARG Q 234 -5.08 -8.39 31.39
C ARG Q 234 -5.91 -7.11 31.48
N LEU Q 235 -5.54 -6.10 30.68
CA LEU Q 235 -6.30 -4.85 30.69
C LEU Q 235 -7.73 -5.06 30.21
N ILE Q 236 -7.92 -5.84 29.14
CA ILE Q 236 -9.26 -6.12 28.65
C ILE Q 236 -10.05 -6.94 29.67
N ARG Q 237 -9.38 -7.91 30.32
CA ARG Q 237 -10.06 -8.70 31.34
C ARG Q 237 -10.52 -7.83 32.50
N PHE Q 238 -9.67 -6.91 32.95
CA PHE Q 238 -10.05 -6.00 34.04
C PHE Q 238 -11.20 -5.08 33.60
N SER Q 239 -11.14 -4.58 32.37
CA SER Q 239 -12.19 -3.70 31.88
C SER Q 239 -13.53 -4.43 31.83
N GLU Q 240 -13.54 -5.65 31.30
CA GLU Q 240 -14.79 -6.40 31.23
C GLU Q 240 -15.27 -6.81 32.63
N CYS Q 241 -14.35 -7.11 33.54
CA CYS Q 241 -14.76 -7.42 34.91
C CYS Q 241 -15.43 -6.23 35.58
N LEU Q 242 -14.85 -5.04 35.42
CA LEU Q 242 -15.47 -3.85 36.02
C LEU Q 242 -16.79 -3.51 35.33
N ARG Q 243 -16.87 -3.72 34.01
CA ARG Q 243 -18.13 -3.48 33.31
C ARG Q 243 -19.22 -4.43 33.81
N ALA Q 244 -18.88 -5.70 34.03
CA ALA Q 244 -19.85 -6.65 34.57
C ALA Q 244 -20.23 -6.29 35.99
N MET Q 245 -19.26 -5.84 36.80
CA MET Q 245 -19.57 -5.46 38.17
C MET Q 245 -20.51 -4.26 38.23
N VAL Q 246 -20.28 -3.26 37.37
CA VAL Q 246 -21.15 -2.09 37.33
C VAL Q 246 -22.53 -2.47 36.82
N GLN Q 247 -22.59 -3.33 35.78
CA GLN Q 247 -23.86 -3.71 35.21
C GLN Q 247 -24.71 -4.49 36.21
N CYS Q 248 -24.09 -5.36 37.00
CA CYS Q 248 -24.82 -6.15 37.98
C CYS Q 248 -25.17 -5.37 39.24
N HIS Q 249 -24.68 -4.14 39.38
CA HIS Q 249 -24.96 -3.29 40.54
C HIS Q 249 -24.50 -3.96 41.84
N VAL Q 250 -23.19 -4.22 41.90
CA VAL Q 250 -22.60 -4.84 43.09
C VAL Q 250 -22.10 -3.79 44.09
N PHE Q 251 -22.04 -2.52 43.69
CA PHE Q 251 -21.57 -1.41 44.52
C PHE Q 251 -20.15 -1.67 45.02
N PRO Q 252 -19.15 -1.64 44.16
CA PRO Q 252 -17.76 -1.88 44.58
C PRO Q 252 -17.03 -0.64 45.09
N HIS Q 253 -17.73 0.46 45.37
CA HIS Q 253 -17.12 1.69 45.81
C HIS Q 253 -16.95 1.78 47.32
N ARG Q 254 -17.30 0.72 48.05
CA ARG Q 254 -17.19 0.70 49.50
C ARG Q 254 -15.81 0.27 49.98
N PHE Q 255 -14.80 0.34 49.11
CA PHE Q 255 -13.43 -0.03 49.47
C PHE Q 255 -12.43 1.04 49.06
N ILE Q 256 -12.89 2.26 48.81
CA ILE Q 256 -12.03 3.37 48.40
C ILE Q 256 -11.82 4.29 49.59
N SER Q 257 -10.55 4.57 49.90
CA SER Q 257 -10.22 5.46 51.01
C SER Q 257 -9.29 6.58 50.54
N PHE Q 258 -8.76 7.36 51.48
CA PHE Q 258 -7.88 8.46 51.16
C PHE Q 258 -6.65 8.41 52.05
N PHE Q 259 -5.51 8.86 51.50
CA PHE Q 259 -4.25 8.87 52.22
C PHE Q 259 -3.47 10.12 51.82
N GLY Q 260 -2.34 10.33 52.50
CA GLY Q 260 -1.50 11.48 52.25
C GLY Q 260 -0.51 11.25 51.13
N SER Q 261 0.39 12.20 50.97
CA SER Q 261 1.41 12.12 49.94
C SER Q 261 2.45 11.05 50.28
N LEU Q 262 3.08 10.52 49.23
CA LEU Q 262 4.12 9.48 49.36
C LEU Q 262 5.44 10.09 48.89
N LEU Q 263 6.16 10.71 49.82
CA LEU Q 263 7.43 11.35 49.52
C LEU Q 263 8.63 10.42 49.76
N GLU Q 264 8.40 9.20 50.23
CA GLU Q 264 9.47 8.25 50.49
C GLU Q 264 9.10 6.90 49.89
N TYR Q 265 10.06 6.28 49.22
CA TYR Q 265 9.86 4.96 48.62
C TYR Q 265 11.20 4.24 48.53
N THR Q 266 11.18 2.94 48.78
CA THR Q 266 12.39 2.13 48.70
C THR Q 266 11.99 0.68 48.47
N ILE Q 267 12.81 -0.03 47.69
CA ILE Q 267 12.56 -1.43 47.38
C ILE Q 267 13.88 -2.11 47.02
N GLN Q 268 14.13 -3.27 47.62
CA GLN Q 268 15.35 -4.04 47.35
C GLN Q 268 15.09 -5.29 46.54
N ASP Q 269 14.11 -6.11 46.93
CA ASP Q 269 13.76 -7.29 46.15
C ASP Q 269 12.30 -7.65 46.44
N ASN Q 270 11.43 -7.43 45.46
CA ASN Q 270 9.99 -7.69 45.53
C ASN Q 270 9.39 -7.30 46.87
N LEU Q 271 9.83 -6.17 47.43
CA LEU Q 271 9.31 -5.69 48.70
C LEU Q 271 9.48 -4.17 48.74
N CYS Q 272 8.38 -3.45 48.69
CA CYS Q 272 8.38 -1.99 48.73
C CYS Q 272 7.91 -1.51 50.09
N ASN Q 273 8.72 -0.68 50.74
CA ASN Q 273 8.38 -0.12 52.05
C ASN Q 273 7.57 1.17 51.85
N ILE Q 274 6.31 0.97 51.47
CA ILE Q 274 5.42 2.09 51.22
C ILE Q 274 4.99 2.69 52.56
N THR Q 275 5.18 4.01 52.69
CA THR Q 275 4.82 4.74 53.90
C THR Q 275 3.99 5.96 53.53
N ALA Q 276 3.11 6.35 54.43
CA ALA Q 276 2.24 7.50 54.19
C ALA Q 276 1.90 8.14 55.53
N VAL Q 277 1.26 9.31 55.46
CA VAL Q 277 0.88 10.08 56.64
C VAL Q 277 -0.58 10.50 56.49
N ALA Q 278 -1.19 10.85 57.63
CA ALA Q 278 -2.58 11.28 57.63
C ALA Q 278 -2.72 12.68 57.04
N LYS Q 279 -2.07 13.66 57.64
CA LYS Q 279 -2.08 15.02 57.14
C LYS Q 279 -0.95 15.20 56.12
N GLY Q 280 -0.77 16.43 55.65
CA GLY Q 280 0.27 16.74 54.70
C GLY Q 280 1.23 17.78 55.22
N PRO Q 281 2.48 17.37 55.49
CA PRO Q 281 3.52 18.30 55.94
C PRO Q 281 4.30 18.93 54.78
N GLN Q 282 3.57 19.47 53.80
CA GLN Q 282 4.22 20.05 52.63
C GLN Q 282 5.02 21.30 52.99
N GLU Q 283 4.59 22.03 54.01
CA GLU Q 283 5.27 23.27 54.41
C GLU Q 283 6.31 23.05 55.49
N ALA Q 284 6.49 21.82 55.98
CA ALA Q 284 7.42 21.57 57.07
C ALA Q 284 8.30 20.35 56.89
N ALA Q 285 8.15 19.60 55.80
CA ALA Q 285 8.97 18.40 55.58
C ALA Q 285 10.44 18.77 55.45
N ARG Q 286 10.78 19.52 54.39
CA ARG Q 286 12.15 19.97 54.13
C ARG Q 286 13.15 18.82 54.19
N THR Q 287 12.92 17.82 53.32
CA THR Q 287 13.80 16.66 53.28
C THR Q 287 15.19 17.04 52.78
N ASP Q 288 15.27 17.97 51.82
CA ASP Q 288 16.53 18.42 51.25
C ASP Q 288 17.34 17.25 50.69
N LYS Q 289 16.65 16.30 50.05
CA LYS Q 289 17.29 15.14 49.47
C LYS Q 289 17.55 15.28 47.97
N THR Q 290 17.22 16.43 47.39
CA THR Q 290 17.43 16.67 45.97
C THR Q 290 17.86 18.13 45.79
N SER Q 291 17.93 18.57 44.53
CA SER Q 291 18.33 19.94 44.24
C SER Q 291 17.28 20.95 44.67
N THR Q 292 16.03 20.52 44.86
CA THR Q 292 14.98 21.45 45.28
C THR Q 292 15.14 21.80 46.76
N ARG Q 293 14.47 22.88 47.15
CA ARG Q 293 14.51 23.35 48.53
C ARG Q 293 13.25 23.01 49.32
N ARG Q 294 12.10 22.88 48.65
CA ARG Q 294 10.85 22.55 49.31
C ARG Q 294 10.19 21.39 48.60
N VAL Q 295 9.43 20.60 49.36
CA VAL Q 295 8.73 19.44 48.82
C VAL Q 295 7.48 19.89 48.10
N THR Q 296 6.90 19.00 47.29
CA THR Q 296 5.69 19.30 46.56
C THR Q 296 4.93 18.01 46.27
N ALA Q 297 3.66 18.15 45.94
CA ALA Q 297 2.79 17.02 45.61
C ALA Q 297 2.00 17.36 44.36
N ASN Q 298 2.29 16.66 43.27
CA ASN Q 298 1.64 16.91 41.99
C ASN Q 298 0.79 15.70 41.62
N ILE Q 299 -0.49 15.95 41.35
CA ILE Q 299 -1.42 14.90 40.96
C ILE Q 299 -2.31 15.42 39.84
N PRO Q 300 -2.43 14.71 38.72
CA PRO Q 300 -3.29 15.18 37.63
C PRO Q 300 -4.75 15.24 38.05
N ALA Q 301 -5.46 16.23 37.52
CA ALA Q 301 -6.88 16.44 37.79
C ALA Q 301 -7.63 16.71 36.50
N CYS Q 302 -7.36 15.89 35.47
CA CYS Q 302 -8.02 16.05 34.19
C CYS Q 302 -9.48 15.60 34.22
N VAL Q 303 -9.90 14.91 35.27
CA VAL Q 303 -11.28 14.44 35.39
C VAL Q 303 -12.10 15.36 36.32
N PHE Q 304 -11.64 16.58 36.54
CA PHE Q 304 -12.35 17.51 37.41
C PHE Q 304 -13.60 18.03 36.71
N TRP Q 305 -14.76 17.73 37.27
CA TRP Q 305 -16.03 18.17 36.69
C TRP Q 305 -16.20 19.67 36.88
N ASP Q 306 -16.63 20.35 35.82
CA ASP Q 306 -16.85 21.80 35.86
C ASP Q 306 -18.21 22.06 36.49
N VAL Q 307 -18.20 22.49 37.75
CA VAL Q 307 -19.42 22.80 38.49
C VAL Q 307 -19.50 24.29 38.81
N ASP Q 308 -18.79 25.13 38.05
CA ASP Q 308 -18.76 26.56 38.29
C ASP Q 308 -19.87 27.31 37.53
N LYS Q 309 -20.72 26.60 36.79
CA LYS Q 309 -21.77 27.26 36.03
C LYS Q 309 -22.75 27.99 36.95
N ASP Q 310 -22.87 27.56 38.20
CA ASP Q 310 -23.73 28.21 39.18
C ASP Q 310 -22.97 29.00 40.22
N LEU Q 311 -21.64 28.83 40.31
CA LEU Q 311 -20.83 29.53 41.30
C LEU Q 311 -19.74 30.37 40.63
N HIS Q 312 -20.00 30.83 39.40
CA HIS Q 312 -19.03 31.67 38.69
C HIS Q 312 -18.84 33.04 39.34
N LEU Q 313 -19.70 33.43 40.28
CA LEU Q 313 -19.57 34.71 40.95
C LEU Q 313 -18.46 34.63 42.00
N SER Q 314 -18.29 35.70 42.78
CA SER Q 314 -17.25 35.75 43.79
C SER Q 314 -17.59 34.79 44.93
N ALA Q 315 -16.85 33.69 45.02
CA ALA Q 315 -17.07 32.69 46.07
C ALA Q 315 -15.71 32.26 46.60
N ASP Q 316 -15.42 32.62 47.84
CA ASP Q 316 -14.16 32.28 48.49
C ASP Q 316 -14.42 31.77 49.90
N GLY Q 317 -13.49 30.96 50.40
CA GLY Q 317 -13.62 30.40 51.72
C GLY Q 317 -13.09 28.98 51.83
N LEU Q 318 -13.60 28.23 52.80
CA LEU Q 318 -13.19 26.84 53.02
C LEU Q 318 -13.93 25.97 52.02
N LYS Q 319 -13.34 25.83 50.83
CA LYS Q 319 -13.96 25.01 49.79
C LYS Q 319 -13.85 23.52 50.14
N HIS Q 320 -14.88 22.77 49.75
CA HIS Q 320 -14.96 21.34 50.01
C HIS Q 320 -14.84 20.56 48.71
N VAL Q 321 -14.13 19.44 48.76
CA VAL Q 321 -13.92 18.58 47.61
C VAL Q 321 -14.83 17.37 47.74
N PHE Q 322 -15.63 17.11 46.71
CA PHE Q 322 -16.57 16.00 46.69
C PHE Q 322 -16.12 14.97 45.67
N LEU Q 323 -15.97 13.73 46.11
CA LEU Q 323 -15.56 12.62 45.26
C LEU Q 323 -16.82 11.89 44.77
N VAL Q 324 -17.41 12.41 43.71
CA VAL Q 324 -18.66 11.89 43.18
C VAL Q 324 -18.35 10.79 42.17
N PHE Q 325 -19.03 9.66 42.30
CA PHE Q 325 -18.93 8.56 41.36
C PHE Q 325 -20.22 8.44 40.56
N VAL Q 326 -20.10 8.43 39.24
CA VAL Q 326 -21.26 8.33 38.36
C VAL Q 326 -21.64 6.87 38.22
N TYR Q 327 -22.93 6.57 38.39
CA TYR Q 327 -23.47 5.21 38.27
C TYR Q 327 -24.58 5.24 37.21
N THR Q 328 -24.20 4.99 35.96
CA THR Q 328 -25.16 5.00 34.87
C THR Q 328 -25.85 3.66 34.75
N GLN Q 329 -27.09 3.68 34.26
CA GLN Q 329 -27.91 2.49 34.07
C GLN Q 329 -28.40 2.42 32.62
N ARG Q 330 -27.51 2.68 31.68
CA ARG Q 330 -27.85 2.66 30.26
C ARG Q 330 -27.70 1.24 29.72
N ARG Q 331 -27.77 1.09 28.40
CA ARG Q 331 -27.71 -0.21 27.74
C ARG Q 331 -26.28 -0.46 27.27
N GLN Q 332 -25.57 -1.34 27.97
CA GLN Q 332 -24.22 -1.77 27.62
C GLN Q 332 -23.21 -0.62 27.63
N ARG Q 333 -23.50 0.45 28.37
CA ARG Q 333 -22.55 1.56 28.53
C ARG Q 333 -22.54 2.02 29.98
N GLU Q 334 -22.50 1.08 30.91
CA GLU Q 334 -22.50 1.37 32.34
C GLU Q 334 -21.08 1.31 32.87
N GLY Q 335 -20.69 2.33 33.62
CA GLY Q 335 -19.36 2.38 34.19
C GLY Q 335 -19.25 3.50 35.20
N VAL Q 336 -18.19 3.44 36.00
CA VAL Q 336 -17.91 4.42 37.03
C VAL Q 336 -16.67 5.21 36.62
N ARG Q 337 -16.81 6.53 36.53
CA ARG Q 337 -15.73 7.42 36.13
C ARG Q 337 -15.38 8.34 37.29
N LEU Q 338 -14.09 8.58 37.48
CA LEU Q 338 -13.64 9.47 38.54
C LEU Q 338 -14.05 10.91 38.26
N HIS Q 339 -14.49 11.60 39.31
CA HIS Q 339 -14.89 12.99 39.19
C HIS Q 339 -14.41 13.76 40.41
N LEU Q 340 -14.17 15.05 40.23
CA LEU Q 340 -13.70 15.92 41.30
C LEU Q 340 -14.49 17.21 41.28
N ALA Q 341 -14.57 17.86 42.45
CA ALA Q 341 -15.27 19.12 42.59
C ALA Q 341 -14.51 20.01 43.57
N LEU Q 342 -14.72 21.33 43.42
CA LEU Q 342 -14.07 22.30 44.29
C LEU Q 342 -15.04 23.47 44.48
N SER Q 343 -15.81 23.43 45.56
CA SER Q 343 -16.78 24.48 45.86
C SER Q 343 -17.13 24.41 47.33
N GLN Q 344 -17.34 25.57 47.95
CA GLN Q 344 -17.71 25.65 49.36
C GLN Q 344 -19.20 25.38 49.47
N LEU Q 345 -19.55 24.15 49.87
CA LEU Q 345 -20.94 23.75 50.00
C LEU Q 345 -21.06 22.69 51.09
N ASN Q 346 -22.26 22.57 51.63
CA ASN Q 346 -22.55 21.60 52.68
C ASN Q 346 -23.15 20.33 52.05
N GLU Q 347 -23.61 19.41 52.89
CA GLU Q 347 -24.15 18.14 52.41
C GLU Q 347 -25.58 18.26 51.92
N GLN Q 348 -26.28 19.35 52.23
CA GLN Q 348 -27.66 19.51 51.81
C GLN Q 348 -27.78 20.21 50.46
N CYS Q 349 -27.10 21.36 50.30
CA CYS Q 349 -27.15 22.07 49.03
C CYS Q 349 -26.52 21.25 47.91
N PHE Q 350 -25.40 20.59 48.18
CA PHE Q 350 -24.78 19.73 47.18
C PHE Q 350 -25.70 18.57 46.80
N GLY Q 351 -26.36 17.98 47.80
CA GLY Q 351 -27.30 16.90 47.50
C GLY Q 351 -28.47 17.37 46.65
N ARG Q 352 -29.01 18.55 46.97
CA ARG Q 352 -30.10 19.10 46.16
C ARG Q 352 -29.64 19.40 44.74
N GLY Q 353 -28.42 19.91 44.60
CA GLY Q 353 -27.89 20.17 43.27
C GLY Q 353 -27.73 18.90 42.45
N ILE Q 354 -27.15 17.87 43.06
CA ILE Q 354 -27.00 16.58 42.38
C ILE Q 354 -28.36 15.93 42.13
N GLY Q 355 -29.38 16.31 42.90
CA GLY Q 355 -30.72 15.79 42.69
C GLY Q 355 -31.44 16.42 41.51
N PHE Q 356 -31.53 17.75 41.48
CA PHE Q 356 -32.25 18.43 40.42
C PHE Q 356 -31.34 18.96 39.32
N LEU Q 357 -30.11 18.45 39.22
CA LEU Q 357 -29.23 18.76 38.10
C LEU Q 357 -29.00 17.59 37.16
N LEU Q 358 -29.17 16.35 37.63
CA LEU Q 358 -29.03 15.15 36.82
C LEU Q 358 -30.39 14.54 36.50
N GLY Q 359 -31.38 15.41 36.26
CA GLY Q 359 -32.75 14.93 36.07
C GLY Q 359 -32.91 14.09 34.83
N ARG Q 360 -32.28 14.50 33.72
CA ARG Q 360 -32.42 13.77 32.47
C ARG Q 360 -31.87 12.35 32.59
N ILE Q 361 -30.64 12.22 33.08
CA ILE Q 361 -30.03 10.90 33.20
C ILE Q 361 -30.76 10.07 34.25
N ARG Q 362 -31.24 10.72 35.33
CA ARG Q 362 -32.00 10.00 36.33
C ARG Q 362 -33.29 9.42 35.74
N ALA Q 363 -34.01 10.23 34.95
CA ALA Q 363 -35.23 9.74 34.31
C ALA Q 363 -34.93 8.63 33.31
N GLU Q 364 -33.84 8.77 32.56
CA GLU Q 364 -33.46 7.72 31.62
C GLU Q 364 -33.15 6.42 32.34
N ASN Q 365 -32.42 6.49 33.45
CA ASN Q 365 -32.11 5.29 34.23
C ASN Q 365 -33.39 4.68 34.81
N ALA Q 366 -34.30 5.51 35.30
CA ALA Q 366 -35.55 5.01 35.85
C ALA Q 366 -36.37 4.31 34.77
N ALA Q 367 -36.42 4.89 33.57
CA ALA Q 367 -37.17 4.27 32.48
C ALA Q 367 -36.51 2.97 32.04
N TRP Q 368 -35.19 2.91 32.03
CA TRP Q 368 -34.50 1.68 31.62
C TRP Q 368 -34.65 0.59 32.66
N GLY Q 369 -34.69 0.95 33.95
CA GLY Q 369 -34.77 -0.05 35.00
C GLY Q 369 -36.14 -0.61 35.28
N THR Q 370 -37.19 -0.06 34.67
CA THR Q 370 -38.56 -0.54 34.87
C THR Q 370 -38.84 -1.68 33.88
N GLU Q 371 -38.17 -2.80 34.10
CA GLU Q 371 -38.32 -3.98 33.26
C GLU Q 371 -39.44 -4.85 33.83
N GLY Q 372 -40.67 -4.40 33.61
CA GLY Q 372 -41.84 -5.11 34.10
C GLY Q 372 -42.14 -6.37 33.32
N THR Q 382 -52.97 -1.69 41.93
CA THR Q 382 -52.32 -0.84 40.94
C THR Q 382 -53.09 0.46 40.75
N ARG Q 383 -54.26 0.56 41.40
CA ARG Q 383 -55.10 1.74 41.29
C ARG Q 383 -55.46 2.26 42.68
N ALA Q 384 -56.35 3.24 42.75
CA ALA Q 384 -56.77 3.81 44.01
C ALA Q 384 -57.77 2.88 44.72
N LEU Q 385 -58.15 3.24 45.94
CA LEU Q 385 -59.07 2.45 46.72
C LEU Q 385 -59.90 3.36 47.62
N PRO Q 386 -61.20 3.09 47.76
CA PRO Q 386 -62.05 3.93 48.63
C PRO Q 386 -62.11 3.51 50.08
N LEU Q 387 -61.19 2.65 50.54
CA LEU Q 387 -61.23 2.20 51.93
C LEU Q 387 -60.91 3.33 52.90
N VAL Q 388 -60.18 4.35 52.44
CA VAL Q 388 -59.82 5.46 53.33
C VAL Q 388 -61.07 6.22 53.78
N GLN Q 389 -62.03 6.41 52.89
CA GLN Q 389 -63.25 7.13 53.24
C GLN Q 389 -64.05 6.37 54.29
N LEU Q 390 -64.24 5.06 54.09
CA LEU Q 390 -65.01 4.28 55.03
C LEU Q 390 -64.26 4.04 56.34
N SER Q 391 -62.93 4.15 56.33
CA SER Q 391 -62.20 4.15 57.59
C SER Q 391 -62.32 5.48 58.32
N ASN Q 392 -62.40 6.58 57.57
CA ASN Q 392 -62.49 7.89 58.20
C ASN Q 392 -63.88 8.14 58.79
N ASP Q 393 -64.94 7.78 58.06
CA ASP Q 393 -66.27 8.05 58.56
C ASP Q 393 -66.60 7.12 59.74
N PRO Q 394 -67.51 7.53 60.62
CA PRO Q 394 -67.85 6.70 61.78
C PRO Q 394 -68.63 5.45 61.40
N THR Q 395 -69.03 4.68 62.42
CA THR Q 395 -69.79 3.43 62.23
C THR Q 395 -69.07 2.48 61.28
N SER Q 396 -67.75 2.44 61.37
CA SER Q 396 -66.95 1.56 60.53
C SER Q 396 -67.14 0.10 60.98
N PRO Q 397 -67.08 -0.84 60.04
CA PRO Q 397 -67.20 -2.26 60.43
C PRO Q 397 -65.96 -2.76 61.17
N ARG Q 398 -66.11 -3.00 62.47
CA ARG Q 398 -65.02 -3.46 63.31
C ARG Q 398 -65.22 -4.93 63.66
N CYS Q 399 -64.17 -5.73 63.49
CA CYS Q 399 -64.19 -7.16 63.79
C CYS Q 399 -63.01 -7.46 64.70
N SER Q 400 -63.23 -7.37 66.01
CA SER Q 400 -62.20 -7.62 67.01
C SER Q 400 -62.52 -8.81 67.89
N ILE Q 401 -63.75 -8.89 68.41
CA ILE Q 401 -64.13 -10.03 69.24
C ILE Q 401 -64.14 -11.31 68.43
N GLY Q 402 -64.62 -11.26 67.18
CA GLY Q 402 -64.60 -12.43 66.34
C GLY Q 402 -63.20 -12.89 66.01
N GLU Q 403 -62.28 -11.95 65.78
CA GLU Q 403 -60.88 -12.31 65.54
C GLU Q 403 -60.25 -12.91 66.79
N ILE Q 404 -60.57 -12.36 67.96
CA ILE Q 404 -60.02 -12.88 69.21
C ILE Q 404 -60.51 -14.30 69.46
N THR Q 405 -61.82 -14.54 69.27
CA THR Q 405 -62.36 -15.87 69.48
C THR Q 405 -61.81 -16.87 68.47
N GLY Q 406 -61.64 -16.44 67.22
CA GLY Q 406 -61.12 -17.30 66.18
C GLY Q 406 -62.13 -18.14 65.45
N VAL Q 407 -63.42 -18.01 65.79
CA VAL Q 407 -64.45 -18.80 65.10
C VAL Q 407 -64.64 -18.32 63.67
N ASN Q 408 -64.22 -17.11 63.34
CA ASN Q 408 -64.32 -16.56 61.99
C ASN Q 408 -62.98 -16.02 61.54
N TRP Q 409 -61.92 -16.81 61.78
CA TRP Q 409 -60.58 -16.39 61.38
C TRP Q 409 -60.46 -16.23 59.87
N ASN Q 410 -61.02 -17.19 59.12
CA ASN Q 410 -60.98 -17.15 57.66
C ASN Q 410 -62.32 -16.96 57.00
N LEU Q 411 -63.43 -17.15 57.74
CA LEU Q 411 -64.75 -16.97 57.17
C LEU Q 411 -65.19 -15.51 57.11
N ALA Q 412 -64.49 -14.61 57.79
CA ALA Q 412 -64.84 -13.19 57.80
C ALA Q 412 -64.01 -12.37 56.83
N ARG Q 413 -62.83 -12.83 56.45
CA ARG Q 413 -61.96 -12.10 55.52
C ARG Q 413 -62.23 -12.43 54.07
N GLN Q 414 -63.13 -13.38 53.78
CA GLN Q 414 -63.44 -13.72 52.40
C GLN Q 414 -64.27 -12.65 51.70
N ARG Q 415 -64.93 -11.77 52.45
CA ARG Q 415 -65.75 -10.71 51.90
C ARG Q 415 -65.03 -9.37 51.86
N LEU Q 416 -63.73 -9.35 52.16
CA LEU Q 416 -62.97 -8.11 52.17
C LEU Q 416 -62.57 -7.73 50.74
N TYR Q 417 -61.80 -6.65 50.63
CA TYR Q 417 -61.35 -6.14 49.34
C TYR Q 417 -60.00 -6.74 49.01
N GLN Q 418 -59.95 -7.58 47.98
CA GLN Q 418 -58.68 -8.18 47.57
C GLN Q 418 -57.76 -7.15 46.92
N TRP Q 419 -58.34 -6.20 46.18
CA TRP Q 419 -57.63 -5.09 45.54
C TRP Q 419 -56.78 -5.56 44.36
N THR Q 420 -56.72 -6.88 44.15
CA THR Q 420 -55.99 -7.48 43.02
C THR Q 420 -54.57 -6.93 42.91
N GLY Q 421 -53.90 -6.79 44.05
CA GLY Q 421 -52.57 -6.22 44.07
C GLY Q 421 -51.55 -7.15 43.45
N ASP Q 422 -50.57 -6.56 42.75
CA ASP Q 422 -49.50 -7.31 42.12
C ASP Q 422 -48.18 -6.60 42.39
N PHE Q 423 -47.14 -7.38 42.69
CA PHE Q 423 -45.83 -6.84 42.97
C PHE Q 423 -44.88 -6.93 41.77
N ARG Q 424 -45.40 -7.30 40.61
CA ARG Q 424 -44.57 -7.40 39.41
C ARG Q 424 -44.30 -6.05 38.76
N GLY Q 425 -45.02 -5.00 39.16
CA GLY Q 425 -44.80 -3.69 38.56
C GLY Q 425 -43.43 -3.11 38.85
N LEU Q 426 -42.97 -3.26 40.10
CA LEU Q 426 -41.67 -2.73 40.51
C LEU Q 426 -41.16 -3.54 41.68
N PRO Q 427 -40.41 -4.61 41.41
CA PRO Q 427 -39.88 -5.42 42.54
C PRO Q 427 -38.85 -4.67 43.37
N THR Q 428 -37.99 -3.88 42.74
CA THR Q 428 -36.96 -3.15 43.43
C THR Q 428 -36.97 -1.69 42.97
N GLN Q 429 -36.50 -0.80 43.85
CA GLN Q 429 -36.44 0.62 43.56
C GLN Q 429 -35.05 1.22 43.72
N LEU Q 430 -34.10 0.50 44.30
CA LEU Q 430 -32.74 1.00 44.52
C LEU Q 430 -31.83 0.76 43.32
N SER Q 431 -32.39 0.44 42.16
CA SER Q 431 -31.60 0.18 40.96
C SER Q 431 -31.34 1.43 40.14
N CYS Q 432 -31.77 2.60 40.61
CA CYS Q 432 -31.58 3.86 39.89
C CYS Q 432 -30.62 4.79 40.62
N MET Q 433 -29.72 4.25 41.44
CA MET Q 433 -28.76 5.08 42.16
C MET Q 433 -27.74 5.66 41.19
N TYR Q 434 -27.48 6.96 41.33
CA TYR Q 434 -26.52 7.63 40.46
C TYR Q 434 -25.63 8.62 41.20
N ALA Q 435 -25.73 8.71 42.52
CA ALA Q 435 -24.94 9.64 43.31
C ALA Q 435 -24.17 8.88 44.38
N ALA Q 436 -22.85 9.01 44.38
CA ALA Q 436 -21.98 8.37 45.36
C ALA Q 436 -20.91 9.34 45.84
N TYR Q 437 -21.30 10.59 46.10
CA TYR Q 437 -20.34 11.60 46.51
C TYR Q 437 -19.83 11.33 47.93
N THR Q 438 -18.56 11.66 48.15
CA THR Q 438 -17.92 11.50 49.44
C THR Q 438 -17.22 12.80 49.81
N LEU Q 439 -17.44 13.27 51.04
CA LEU Q 439 -16.85 14.51 51.51
C LEU Q 439 -15.43 14.23 52.00
N ILE Q 440 -14.49 14.22 51.07
CA ILE Q 440 -13.08 13.97 51.37
C ILE Q 440 -12.25 15.07 50.70
N GLY Q 441 -11.44 15.77 51.49
CA GLY Q 441 -10.59 16.81 50.96
C GLY Q 441 -11.09 18.21 51.27
N THR Q 442 -10.25 19.00 51.93
CA THR Q 442 -10.58 20.38 52.29
C THR Q 442 -9.40 21.28 51.97
N ILE Q 443 -9.70 22.55 51.73
CA ILE Q 443 -8.66 23.54 51.44
C ILE Q 443 -9.12 24.91 51.92
N PRO Q 444 -8.34 25.58 52.78
CA PRO Q 444 -8.73 26.92 53.27
C PRO Q 444 -8.13 28.07 52.48
N SER Q 445 -7.30 27.81 51.47
CA SER Q 445 -6.69 28.88 50.71
C SER Q 445 -7.73 29.62 49.87
N GLU Q 446 -7.59 30.93 49.80
CA GLU Q 446 -8.49 31.77 49.02
C GLU Q 446 -8.01 31.88 47.58
N SER Q 447 -8.95 32.24 46.70
CA SER Q 447 -8.70 32.40 45.26
C SER Q 447 -7.96 31.21 44.69
N VAL Q 448 -8.60 30.04 44.80
CA VAL Q 448 -8.01 28.81 44.29
C VAL Q 448 -7.96 28.83 42.77
N ARG Q 449 -6.81 28.48 42.20
CA ARG Q 449 -6.66 28.46 40.75
C ARG Q 449 -5.55 27.47 40.42
N TYR Q 450 -5.91 26.37 39.75
CA TYR Q 450 -4.93 25.37 39.38
C TYR Q 450 -3.99 25.90 38.30
N THR Q 451 -2.73 25.48 38.37
CA THR Q 451 -1.71 25.88 37.40
C THR Q 451 -1.07 24.63 36.82
N ARG Q 452 -0.98 24.58 35.49
CA ARG Q 452 -0.40 23.44 34.79
C ARG Q 452 0.83 23.91 34.00
N ARG Q 453 1.94 23.20 34.17
CA ARG Q 453 3.19 23.50 33.50
C ARG Q 453 3.62 22.29 32.67
N MET Q 454 4.81 22.39 32.08
CA MET Q 454 5.38 21.34 31.25
C MET Q 454 6.74 20.95 31.79
N GLU Q 455 6.98 19.64 31.84
CA GLU Q 455 8.25 19.10 32.33
C GLU Q 455 8.61 17.90 31.46
N ARG Q 456 9.68 17.19 31.84
CA ARG Q 456 10.13 16.02 31.10
C ARG Q 456 10.70 15.01 32.08
N PHE Q 457 10.44 13.72 31.81
CA PHE Q 457 10.95 12.62 32.62
C PHE Q 457 11.87 11.72 31.83
N GLY Q 458 12.62 12.29 30.89
CA GLY Q 458 13.51 11.54 30.04
C GLY Q 458 13.10 11.43 28.58
N GLY Q 459 12.06 12.16 28.16
CA GLY Q 459 11.62 12.12 26.79
C GLY Q 459 10.11 12.10 26.64
N TYR Q 460 9.41 12.06 27.77
CA TYR Q 460 7.94 12.03 27.78
C TYR Q 460 7.45 13.06 28.79
N ASN Q 461 6.68 14.04 28.32
CA ASN Q 461 6.14 15.06 29.20
C ASN Q 461 5.03 14.48 30.06
N VAL Q 462 4.87 15.04 31.26
CA VAL Q 462 3.85 14.59 32.20
C VAL Q 462 3.03 15.79 32.68
N PRO Q 463 1.71 15.70 32.71
CA PRO Q 463 0.89 16.82 33.22
C PRO Q 463 0.88 16.83 34.74
N THR Q 464 1.50 17.86 35.32
CA THR Q 464 1.61 18.00 36.75
C THR Q 464 0.98 19.31 37.20
N ILE Q 465 0.31 19.29 38.34
CA ILE Q 465 -0.33 20.46 38.94
C ILE Q 465 0.34 20.76 40.26
N TRP Q 466 0.76 22.01 40.45
CA TRP Q 466 1.49 22.41 41.64
C TRP Q 466 0.50 22.63 42.77
N LEU Q 467 0.40 21.65 43.68
CA LEU Q 467 -0.46 21.71 44.85
C LEU Q 467 0.41 21.45 46.07
N GLU Q 468 0.96 22.52 46.64
CA GLU Q 468 1.85 22.42 47.78
C GLU Q 468 1.42 23.42 48.85
N GLY Q 469 1.86 23.17 50.07
CA GLY Q 469 1.52 24.02 51.20
C GLY Q 469 0.05 24.02 51.56
N VAL Q 470 -0.58 22.85 51.53
CA VAL Q 470 -1.98 22.70 51.86
C VAL Q 470 -2.16 21.50 52.78
N VAL Q 471 -3.26 21.50 53.53
CA VAL Q 471 -3.58 20.43 54.46
C VAL Q 471 -4.94 19.86 54.08
N TRP Q 472 -5.16 18.60 54.47
CA TRP Q 472 -6.40 17.91 54.17
C TRP Q 472 -6.77 17.01 55.35
N GLY Q 473 -8.06 16.68 55.42
CA GLY Q 473 -8.55 15.84 56.48
C GLY Q 473 -10.06 15.75 56.44
N GLY Q 474 -10.58 14.85 57.26
CA GLY Q 474 -12.01 14.62 57.37
C GLY Q 474 -12.35 13.15 57.26
N THR Q 475 -13.61 12.86 57.58
CA THR Q 475 -14.14 11.51 57.54
C THR Q 475 -14.87 11.25 56.23
N ASN Q 476 -14.95 9.98 55.87
CA ASN Q 476 -15.63 9.56 54.65
C ASN Q 476 -17.12 9.37 54.90
N THR Q 477 -17.93 9.80 53.94
CA THR Q 477 -19.39 9.71 54.02
C THR Q 477 -19.88 9.09 52.70
N TRP Q 478 -20.01 7.77 52.69
CA TRP Q 478 -20.49 7.05 51.52
C TRP Q 478 -22.02 7.02 51.56
N ASN Q 479 -22.65 7.82 50.71
CA ASN Q 479 -24.10 7.92 50.65
C ASN Q 479 -24.58 7.58 49.24
N GLU Q 480 -25.65 6.81 49.16
CA GLU Q 480 -26.25 6.40 47.89
C GLU Q 480 -27.57 7.14 47.74
N CYS Q 481 -27.56 8.20 46.93
CA CYS Q 481 -28.73 9.04 46.69
C CYS Q 481 -29.29 8.76 45.31
N TYR Q 482 -30.60 8.54 45.23
CA TYR Q 482 -31.28 8.26 43.98
C TYR Q 482 -32.55 9.08 43.87
N TYR Q 483 -32.49 10.35 44.27
CA TYR Q 483 -33.64 11.24 44.22
C TYR Q 483 -33.99 11.61 42.79
N PRO R 4 -2.90 28.91 63.02
CA PRO R 4 -4.35 28.84 62.84
C PRO R 4 -4.88 29.95 61.93
N PHE R 5 -6.19 29.96 61.70
CA PHE R 5 -6.83 30.96 60.85
C PHE R 5 -8.05 31.52 61.57
N GLU R 6 -8.21 32.84 61.48
CA GLU R 6 -9.33 33.53 62.12
C GLU R 6 -9.86 34.59 61.18
N ILE R 7 -11.12 34.96 61.38
CA ILE R 7 -11.80 35.97 60.58
C ILE R 7 -11.70 37.30 61.30
N GLU R 8 -11.10 38.29 60.63
CA GLU R 8 -10.93 39.62 61.21
C GLU R 8 -12.16 40.47 60.94
N VAL R 9 -12.59 41.21 61.95
CA VAL R 9 -13.75 42.09 61.87
C VAL R 9 -13.26 43.53 61.92
N LEU R 10 -13.67 44.32 60.94
CA LEU R 10 -13.27 45.72 60.85
C LEU R 10 -14.20 46.61 61.68
N LEU R 11 -13.71 47.80 62.00
CA LEU R 11 -14.47 48.77 62.79
C LEU R 11 -14.79 49.99 61.93
N PRO R 12 -16.02 50.16 61.46
CA PRO R 12 -16.35 51.34 60.66
C PRO R 12 -16.22 52.63 61.47
N GLY R 13 -15.86 53.70 60.79
CA GLY R 13 -15.71 55.00 61.42
C GLY R 13 -17.02 55.74 61.54
N GLU R 14 -16.91 56.95 62.12
CA GLU R 14 -18.03 57.88 62.33
C GLU R 14 -19.23 57.20 63.00
N LEU R 15 -18.97 56.14 63.77
CA LEU R 15 -20.01 55.46 64.52
C LEU R 15 -19.36 54.72 65.68
N SER R 16 -19.99 54.82 66.86
CA SER R 16 -19.38 54.23 68.06
C SER R 16 -20.37 53.97 69.20
N PRO R 17 -21.09 54.99 69.70
CA PRO R 17 -21.69 54.84 71.05
C PRO R 17 -22.77 53.76 71.14
N ALA R 18 -23.77 53.78 70.26
CA ALA R 18 -24.90 52.87 70.39
C ALA R 18 -24.47 51.42 70.22
N GLU R 19 -23.67 51.14 69.17
CA GLU R 19 -23.21 49.78 68.94
C GLU R 19 -22.25 49.32 70.02
N THR R 20 -21.41 50.22 70.53
CA THR R 20 -20.52 49.87 71.63
C THR R 20 -21.32 49.48 72.88
N SER R 21 -22.35 50.27 73.19
CA SER R 21 -23.19 49.94 74.35
C SER R 21 -23.93 48.62 74.14
N ALA R 22 -24.42 48.39 72.92
CA ALA R 22 -25.10 47.13 72.63
C ALA R 22 -24.16 45.94 72.79
N LEU R 23 -22.92 46.07 72.30
CA LEU R 23 -21.94 45.00 72.45
C LEU R 23 -21.58 44.77 73.91
N GLN R 24 -21.44 45.86 74.68
CA GLN R 24 -21.14 45.72 76.11
C GLN R 24 -22.28 45.01 76.84
N LYS R 25 -23.53 45.35 76.51
CA LYS R 25 -24.66 44.69 77.15
C LYS R 25 -24.79 43.24 76.71
N CYS R 26 -24.43 42.94 75.46
CA CYS R 26 -24.53 41.56 74.96
C CYS R 26 -23.56 40.64 75.69
N GLU R 27 -22.35 41.12 75.98
CA GLU R 27 -21.33 40.36 76.68
C GLU R 27 -20.97 39.07 75.93
N GLY R 28 -21.52 37.95 76.37
CA GLY R 28 -21.22 36.65 75.79
C GLY R 28 -22.02 36.28 74.56
N LYS R 29 -22.85 37.19 74.06
CA LYS R 29 -23.64 36.89 72.86
C LYS R 29 -22.72 36.73 71.64
N ILE R 30 -23.06 35.78 70.79
CA ILE R 30 -22.28 35.48 69.59
C ILE R 30 -23.15 35.71 68.36
N ILE R 31 -22.47 35.81 67.21
CA ILE R 31 -23.12 36.02 65.93
C ILE R 31 -22.63 34.94 64.96
N THR R 32 -23.13 35.00 63.72
CA THR R 32 -22.78 34.05 62.69
C THR R 32 -22.44 34.78 61.41
N PHE R 33 -21.54 34.19 60.62
CA PHE R 33 -21.09 34.75 59.36
C PHE R 33 -21.31 33.74 58.24
N SER R 34 -21.61 34.26 57.04
CA SER R 34 -21.88 33.43 55.87
C SER R 34 -20.62 33.24 55.02
N THR R 35 -20.01 34.34 54.59
CA THR R 35 -18.80 34.30 53.77
C THR R 35 -17.61 34.74 54.61
N LEU R 36 -16.55 33.94 54.59
CA LEU R 36 -15.33 34.21 55.34
C LEU R 36 -14.24 34.65 54.38
N ARG R 37 -13.58 35.76 54.71
CA ARG R 37 -12.51 36.31 53.88
C ARG R 37 -11.50 36.98 54.81
N HIS R 38 -10.61 37.78 54.22
CA HIS R 38 -9.63 38.53 55.02
C HIS R 38 -10.29 39.60 55.87
N ARG R 39 -11.48 40.06 55.49
CA ARG R 39 -12.21 41.08 56.26
C ARG R 39 -13.67 40.68 56.34
N ALA R 40 -14.34 41.14 57.39
CA ALA R 40 -15.74 40.83 57.63
C ALA R 40 -16.54 42.13 57.70
N SER R 41 -17.75 42.09 57.15
CA SER R 41 -18.65 43.23 57.13
C SER R 41 -19.87 42.94 58.00
N LEU R 42 -20.81 43.89 58.02
CA LEU R 42 -22.02 43.77 58.81
C LEU R 42 -23.30 43.79 57.99
N VAL R 43 -23.25 44.23 56.74
CA VAL R 43 -24.46 44.31 55.92
C VAL R 43 -24.96 42.92 55.54
N ASP R 44 -24.04 42.00 55.23
CA ASP R 44 -24.40 40.68 54.72
C ASP R 44 -24.69 39.69 55.86
N ILE R 45 -25.59 40.08 56.77
CA ILE R 45 -26.04 39.18 57.83
C ILE R 45 -27.56 39.11 57.81
N ALA R 46 -28.22 40.26 57.85
CA ALA R 46 -29.67 40.34 57.87
C ALA R 46 -30.26 40.99 56.63
N LEU R 47 -29.69 42.11 56.19
CA LEU R 47 -30.22 42.80 55.01
C LEU R 47 -30.11 41.92 53.76
N SER R 48 -28.97 41.26 53.58
CA SER R 48 -28.79 40.38 52.43
C SER R 48 -29.76 39.20 52.48
N SER R 49 -29.97 38.63 53.67
CA SER R 49 -30.89 37.51 53.80
C SER R 49 -32.33 37.93 53.53
N TYR R 50 -32.72 39.13 53.98
CA TYR R 50 -34.08 39.61 53.80
C TYR R 50 -34.33 40.26 52.45
N TYR R 51 -33.27 40.52 51.68
CA TYR R 51 -33.41 41.13 50.36
C TYR R 51 -33.51 40.04 49.29
N ILE R 52 -33.44 40.46 48.03
CA ILE R 52 -33.40 39.62 46.83
C ILE R 52 -34.57 38.63 46.78
N ASN R 53 -35.63 38.91 47.55
CA ASN R 53 -36.81 38.06 47.55
C ASN R 53 -38.12 38.83 47.42
N GLY R 54 -38.13 40.15 47.61
CA GLY R 54 -39.35 40.91 47.54
C GLY R 54 -40.14 40.87 48.84
N ALA R 55 -40.79 39.74 49.09
CA ALA R 55 -41.52 39.55 50.34
C ALA R 55 -40.61 38.91 51.36
N PRO R 56 -40.33 39.55 52.49
CA PRO R 56 -39.41 38.97 53.48
C PRO R 56 -40.05 37.83 54.23
N PRO R 57 -39.49 36.62 54.11
CA PRO R 57 -40.04 35.48 54.87
C PRO R 57 -39.43 35.38 56.25
N ASP R 58 -39.81 34.36 57.01
CA ASP R 58 -39.32 34.19 58.38
C ASP R 58 -38.80 32.79 58.69
N THR R 59 -39.13 31.77 57.90
CA THR R 59 -38.70 30.41 58.18
C THR R 59 -37.75 29.86 57.11
N LEU R 60 -38.17 29.88 55.85
CA LEU R 60 -37.34 29.26 54.80
C LEU R 60 -36.05 30.03 54.60
N SER R 61 -36.12 31.36 54.54
CA SER R 61 -34.91 32.15 54.34
C SER R 61 -33.96 32.01 55.53
N LEU R 62 -34.50 32.00 56.74
CA LEU R 62 -33.66 31.84 57.93
C LEU R 62 -33.00 30.47 57.94
N LEU R 63 -33.75 29.41 57.58
CA LEU R 63 -33.17 28.07 57.53
C LEU R 63 -32.07 27.98 56.47
N GLU R 64 -32.30 28.58 55.29
CA GLU R 64 -31.29 28.58 54.25
C GLU R 64 -30.04 29.34 54.69
N ALA R 65 -30.22 30.48 55.35
CA ALA R 65 -29.08 31.25 55.84
C ALA R 65 -28.29 30.47 56.89
N TYR R 66 -29.00 29.79 57.79
CA TYR R 66 -28.34 28.99 58.81
C TYR R 66 -27.57 27.83 58.18
N ARG R 67 -28.16 27.18 57.18
CA ARG R 67 -27.48 26.09 56.49
C ARG R 67 -26.23 26.57 55.76
N MET R 68 -26.32 27.73 55.11
CA MET R 68 -25.19 28.27 54.36
C MET R 68 -24.16 28.95 55.25
N ARG R 69 -24.48 29.23 56.51
CA ARG R 69 -23.58 29.91 57.41
C ARG R 69 -22.65 28.90 58.09
N PHE R 70 -21.91 29.35 59.10
CA PHE R 70 -20.98 28.50 59.83
C PHE R 70 -21.10 28.84 61.31
N ALA R 71 -20.14 28.36 62.10
CA ALA R 71 -20.13 28.57 63.54
C ALA R 71 -19.09 29.62 63.89
N ALA R 72 -19.53 30.67 64.58
CA ALA R 72 -18.65 31.75 65.01
C ALA R 72 -18.92 32.07 66.47
N VAL R 73 -17.85 32.27 67.24
CA VAL R 73 -17.95 32.58 68.66
C VAL R 73 -17.34 33.96 68.90
N ILE R 74 -17.79 34.61 69.96
CA ILE R 74 -17.32 35.94 70.33
C ILE R 74 -16.79 35.88 71.76
N THR R 75 -15.55 36.35 71.94
CA THR R 75 -14.93 36.40 73.26
C THR R 75 -15.21 37.76 73.89
N ARG R 76 -14.57 38.04 75.02
CA ARG R 76 -14.76 39.32 75.69
C ARG R 76 -14.22 40.45 74.82
N VAL R 77 -15.05 41.47 74.61
CA VAL R 77 -14.66 42.59 73.75
C VAL R 77 -13.74 43.53 74.53
N ILE R 78 -12.63 43.90 73.91
CA ILE R 78 -11.67 44.83 74.51
C ILE R 78 -11.79 46.18 73.80
N PRO R 79 -11.48 47.28 74.47
CA PRO R 79 -11.58 48.60 73.80
C PRO R 79 -10.63 48.74 72.62
N GLY R 80 -9.57 47.95 72.55
CA GLY R 80 -8.61 48.06 71.46
C GLY R 80 -9.18 47.71 70.11
N LYS R 81 -9.65 46.48 69.95
CA LYS R 81 -10.20 46.02 68.69
C LYS R 81 -11.14 44.85 68.98
N LEU R 82 -11.75 44.33 67.92
CA LEU R 82 -12.67 43.20 68.02
C LEU R 82 -11.90 41.89 67.89
N LEU R 83 -12.23 40.94 68.75
CA LEU R 83 -11.59 39.62 68.76
C LEU R 83 -12.65 38.54 68.57
N ALA R 84 -12.33 37.55 67.74
CA ALA R 84 -13.23 36.45 67.47
C ALA R 84 -12.42 35.19 67.16
N HIS R 85 -13.07 34.05 67.32
CA HIS R 85 -12.44 32.76 67.07
C HIS R 85 -13.34 31.91 66.18
N ALA R 86 -12.72 31.06 65.38
CA ALA R 86 -13.42 30.16 64.48
C ALA R 86 -13.52 28.77 65.07
N ILE R 87 -14.49 28.00 64.57
CA ILE R 87 -14.70 26.63 65.04
C ILE R 87 -13.83 25.61 64.31
N GLY R 88 -13.21 25.99 63.20
CA GLY R 88 -12.37 25.06 62.46
C GLY R 88 -11.05 24.74 63.13
N VAL R 89 -10.57 25.63 64.01
CA VAL R 89 -9.31 25.39 64.69
C VAL R 89 -9.52 24.45 65.87
N GLY R 90 -8.42 23.86 66.34
CA GLY R 90 -8.47 22.94 67.45
C GLY R 90 -7.69 23.41 68.66
N THR R 91 -7.73 24.71 68.93
CA THR R 91 -7.03 25.31 70.06
C THR R 91 -8.02 26.18 70.84
N PRO R 92 -8.90 25.56 71.62
CA PRO R 92 -9.87 26.34 72.39
C PRO R 92 -9.19 27.18 73.46
N THR R 93 -9.80 28.33 73.76
CA THR R 93 -9.31 29.24 74.78
C THR R 93 -10.46 29.61 75.70
N PRO R 94 -10.28 29.52 77.02
CA PRO R 94 -11.37 29.88 77.95
C PRO R 94 -11.72 31.35 77.82
N GLY R 95 -13.02 31.64 77.82
CA GLY R 95 -13.48 33.01 77.73
C GLY R 95 -14.56 33.21 76.68
N LEU R 96 -14.88 32.15 75.94
CA LEU R 96 -15.89 32.19 74.89
C LEU R 96 -17.25 31.68 75.36
N PHE R 97 -17.52 31.76 76.65
CA PHE R 97 -18.79 31.30 77.19
C PHE R 97 -19.94 32.17 76.67
N ILE R 98 -21.05 31.54 76.34
CA ILE R 98 -22.22 32.22 75.81
C ILE R 98 -23.32 32.24 76.88
N GLN R 99 -24.30 33.09 76.67
CA GLN R 99 -25.43 33.22 77.57
C GLN R 99 -26.54 32.24 77.19
N ASN R 100 -27.49 32.06 78.12
CA ASN R 100 -28.62 31.18 77.92
C ASN R 100 -29.83 31.98 77.47
N THR R 101 -30.47 31.55 76.40
CA THR R 101 -31.64 32.22 75.83
C THR R 101 -32.78 31.23 75.66
N SER R 102 -33.01 30.39 76.67
CA SER R 102 -34.08 29.40 76.62
C SER R 102 -34.80 29.41 77.97
N PRO R 103 -36.13 29.43 77.98
CA PRO R 103 -36.86 29.41 79.27
C PRO R 103 -36.66 28.13 80.06
N VAL R 104 -36.27 27.04 79.41
CA VAL R 104 -36.06 25.75 80.08
C VAL R 104 -34.56 25.54 80.29
N ASP R 105 -34.19 25.16 81.51
CA ASP R 105 -32.79 24.93 81.82
C ASP R 105 -32.26 23.71 81.07
N LEU R 106 -30.97 23.73 80.78
CA LEU R 106 -30.30 22.68 80.04
C LEU R 106 -29.29 21.97 80.94
N CYS R 107 -28.82 20.82 80.46
CA CYS R 107 -27.84 20.02 81.21
C CYS R 107 -26.92 19.33 80.21
N ASN R 108 -25.74 18.94 80.70
CA ASN R 108 -24.76 18.26 79.87
C ASN R 108 -25.28 16.88 79.47
N GLY R 109 -25.01 16.51 78.22
CA GLY R 109 -25.43 15.23 77.70
C GLY R 109 -26.46 15.28 76.58
N ASP R 110 -26.75 16.46 76.04
CA ASP R 110 -27.73 16.63 74.97
C ASP R 110 -27.07 17.29 73.78
N TYR R 111 -27.27 16.72 72.58
CA TYR R 111 -26.71 17.26 71.35
C TYR R 111 -27.69 18.29 70.79
N ILE R 112 -27.61 19.50 71.32
CA ILE R 112 -28.53 20.57 70.95
C ILE R 112 -28.07 21.19 69.64
N CYS R 113 -28.99 21.27 68.67
CA CYS R 113 -28.71 21.88 67.39
C CYS R 113 -29.11 23.36 67.42
N LEU R 114 -29.11 24.01 66.27
CA LEU R 114 -29.48 25.41 66.15
C LEU R 114 -30.73 25.55 65.28
N LEU R 115 -31.54 26.55 65.60
CA LEU R 115 -32.77 26.80 64.86
C LEU R 115 -33.21 28.24 65.11
N PRO R 116 -33.83 28.90 64.15
CA PRO R 116 -34.29 30.27 64.37
C PRO R 116 -35.40 30.30 65.41
N PRO R 117 -35.52 31.39 66.17
CA PRO R 117 -36.59 31.49 67.17
C PRO R 117 -37.95 31.64 66.50
N VAL R 118 -38.85 30.70 66.77
CA VAL R 118 -40.19 30.72 66.18
C VAL R 118 -41.30 30.63 67.21
N PHE R 119 -41.05 30.14 68.43
CA PHE R 119 -42.12 30.03 69.42
C PHE R 119 -42.49 31.39 70.00
N GLY R 120 -41.52 32.31 70.10
CA GLY R 120 -41.81 33.63 70.63
C GLY R 120 -41.02 34.72 69.94
N SER R 121 -40.47 34.41 68.77
CA SER R 121 -39.68 35.35 67.96
C SER R 121 -38.48 35.81 68.80
N ALA R 122 -37.99 37.01 68.53
CA ALA R 122 -36.86 37.55 69.28
C ALA R 122 -36.93 39.07 69.26
N ASP R 123 -36.23 39.69 70.21
CA ASP R 123 -36.19 41.14 70.29
C ASP R 123 -35.38 41.72 69.13
N SER R 124 -35.77 42.91 68.70
CA SER R 124 -35.12 43.60 67.59
C SER R 124 -34.55 44.92 68.09
N ILE R 125 -33.31 45.20 67.69
CA ILE R 125 -32.61 46.43 68.07
C ILE R 125 -32.44 47.28 66.82
N ARG R 126 -32.91 48.52 66.90
CA ARG R 126 -32.82 49.44 65.77
C ARG R 126 -31.44 50.08 65.71
N LEU R 127 -30.82 50.03 64.54
CA LEU R 127 -29.50 50.60 64.32
C LEU R 127 -29.63 51.85 63.45
N ASP R 128 -29.01 52.95 63.89
CA ASP R 128 -29.06 54.20 63.15
C ASP R 128 -27.85 54.43 62.25
N SER R 129 -26.76 53.71 62.47
CA SER R 129 -25.56 53.89 61.64
C SER R 129 -25.71 53.19 60.30
N VAL R 130 -26.12 51.91 60.31
CA VAL R 130 -26.29 51.13 59.10
C VAL R 130 -27.73 50.73 58.87
N GLY R 131 -28.43 50.30 59.92
CA GLY R 131 -29.82 49.90 59.79
C GLY R 131 -30.01 48.42 59.61
N LEU R 132 -29.36 47.62 60.45
CA LEU R 132 -29.45 46.16 60.40
C LEU R 132 -29.81 45.62 61.77
N GLU R 133 -30.43 44.45 61.79
CA GLU R 133 -30.84 43.79 63.01
C GLU R 133 -29.90 42.63 63.34
N ILE R 134 -30.00 42.15 64.57
CA ILE R 134 -29.18 41.04 65.06
C ILE R 134 -30.10 39.91 65.49
N VAL R 135 -29.82 38.71 65.00
CA VAL R 135 -30.61 37.52 65.32
C VAL R 135 -29.89 36.74 66.42
N PHE R 136 -30.61 36.41 67.48
CA PHE R 136 -30.04 35.68 68.61
C PHE R 136 -30.36 34.20 68.48
N PRO R 137 -29.35 33.33 68.44
CA PRO R 137 -29.64 31.89 68.34
C PRO R 137 -30.30 31.37 69.61
N LEU R 138 -31.04 30.28 69.43
CA LEU R 138 -31.79 29.65 70.51
C LEU R 138 -31.37 28.20 70.67
N THR R 139 -31.66 27.64 71.84
CA THR R 139 -31.30 26.27 72.20
C THR R 139 -32.55 25.42 72.40
N ILE R 140 -33.53 25.57 71.51
CA ILE R 140 -34.77 24.78 71.59
C ILE R 140 -34.45 23.31 71.40
N PRO R 141 -35.05 22.40 72.16
CA PRO R 141 -34.74 20.97 72.00
C PRO R 141 -35.12 20.46 70.62
N GLN R 142 -34.44 19.39 70.20
CA GLN R 142 -34.66 18.84 68.87
C GLN R 142 -36.10 18.33 68.70
N THR R 143 -36.63 17.67 69.72
CA THR R 143 -37.99 17.14 69.62
C THR R 143 -39.03 18.24 69.45
N LEU R 144 -38.81 19.40 70.08
CA LEU R 144 -39.75 20.50 69.95
C LEU R 144 -39.84 20.99 68.51
N MET R 145 -38.69 21.24 67.87
CA MET R 145 -38.71 21.67 66.48
C MET R 145 -39.18 20.55 65.56
N ARG R 146 -38.91 19.29 65.91
CA ARG R 146 -39.40 18.18 65.11
C ARG R 146 -40.92 18.14 65.09
N GLU R 147 -41.54 18.25 66.28
CA GLU R 147 -43.01 18.24 66.33
C GLU R 147 -43.58 19.52 65.71
N ILE R 148 -42.88 20.64 65.82
CA ILE R 148 -43.34 21.88 65.19
C ILE R 148 -43.37 21.72 63.67
N ILE R 149 -42.30 21.17 63.10
CA ILE R 149 -42.27 20.98 61.65
C ILE R 149 -43.27 19.90 61.22
N ALA R 150 -43.51 18.90 62.08
CA ALA R 150 -44.53 17.90 61.76
C ALA R 150 -45.92 18.55 61.71
N LYS R 151 -46.23 19.41 62.67
CA LYS R 151 -47.50 20.11 62.66
C LYS R 151 -47.60 21.03 61.43
N VAL R 152 -46.50 21.69 61.08
CA VAL R 152 -46.50 22.59 59.93
C VAL R 152 -46.78 21.81 58.65
N VAL R 153 -46.11 20.67 58.47
CA VAL R 153 -46.31 19.89 57.26
C VAL R 153 -47.70 19.27 57.23
N ALA R 154 -48.24 18.88 58.40
CA ALA R 154 -49.60 18.38 58.45
C ALA R 154 -50.61 19.46 58.05
N ARG R 155 -50.41 20.68 58.54
CA ARG R 155 -51.29 21.78 58.17
C ARG R 155 -51.17 22.09 56.68
N ALA R 156 -49.96 22.03 56.13
CA ALA R 156 -49.78 22.26 54.70
C ALA R 156 -50.48 21.19 53.87
N VAL R 157 -50.38 19.93 54.30
CA VAL R 157 -51.06 18.84 53.60
C VAL R 157 -52.57 19.03 53.67
N GLU R 158 -53.09 19.41 54.83
CA GLU R 158 -54.53 19.64 54.97
C GLU R 158 -54.98 20.78 54.07
N ARG R 159 -54.20 21.86 54.01
CA ARG R 159 -54.55 22.98 53.14
C ARG R 159 -54.54 22.55 51.67
N THR R 160 -53.53 21.78 51.26
CA THR R 160 -53.36 21.28 49.90
C THR R 160 -53.54 22.37 48.84
N ASP R 176 -52.61 23.45 67.10
CA ASP R 176 -52.09 24.78 67.41
C ASP R 176 -51.71 24.87 68.89
N VAL R 177 -51.83 23.75 69.60
CA VAL R 177 -51.51 23.68 71.02
C VAL R 177 -50.58 22.50 71.24
N ILE R 178 -49.49 22.72 71.98
CA ILE R 178 -48.51 21.69 72.27
C ILE R 178 -48.49 21.44 73.78
N CYS R 179 -47.97 20.28 74.15
CA CYS R 179 -47.89 19.87 75.54
C CYS R 179 -46.43 19.53 75.87
N TYR R 180 -45.94 20.05 76.99
CA TYR R 180 -44.58 19.78 77.44
C TYR R 180 -44.57 19.77 78.96
N ASN R 181 -44.67 18.57 79.55
CA ASN R 181 -44.68 18.39 81.00
C ASN R 181 -45.80 19.21 81.65
N GLY R 182 -46.97 19.21 81.01
CA GLY R 182 -48.11 19.93 81.53
C GLY R 182 -48.18 21.40 81.16
N ARG R 183 -47.20 21.91 80.41
CA ARG R 183 -47.17 23.31 80.02
C ARG R 183 -47.69 23.43 78.59
N ARG R 184 -48.71 24.25 78.41
CA ARG R 184 -49.32 24.47 77.10
C ARG R 184 -49.53 25.96 76.87
N TYR R 185 -49.38 26.37 75.61
CA TYR R 185 -49.56 27.77 75.23
C TYR R 185 -49.96 27.83 73.77
N GLU R 186 -50.64 28.92 73.42
CA GLU R 186 -51.08 29.13 72.04
C GLU R 186 -49.90 29.52 71.15
N LEU R 187 -49.94 29.06 69.91
CA LEU R 187 -48.90 29.35 68.93
C LEU R 187 -49.52 30.07 67.73
N GLU R 188 -48.70 30.32 66.72
CA GLU R 188 -49.12 30.99 65.50
C GLU R 188 -49.05 30.03 64.32
N THR R 189 -49.69 30.45 63.22
CA THR R 189 -49.71 29.65 62.00
C THR R 189 -48.47 29.92 61.16
N ASN R 190 -48.17 28.98 60.27
CA ASN R 190 -47.03 29.06 59.37
C ASN R 190 -47.43 28.72 57.95
N LEU R 191 -48.56 29.26 57.50
CA LEU R 191 -49.07 29.02 56.15
C LEU R 191 -49.02 30.27 55.28
N GLN R 192 -48.34 31.32 55.73
CA GLN R 192 -48.27 32.54 54.94
C GLN R 192 -47.33 32.40 53.75
N HIS R 193 -46.31 31.55 53.86
CA HIS R 193 -45.33 31.35 52.80
C HIS R 193 -45.41 29.92 52.30
N ARG R 194 -45.47 29.77 50.97
CA ARG R 194 -45.54 28.46 50.33
C ARG R 194 -44.26 28.12 49.57
N ASP R 195 -43.16 28.82 49.86
CA ASP R 195 -41.92 28.58 49.14
C ASP R 195 -41.31 27.23 49.51
N GLY R 196 -41.58 26.74 50.71
CA GLY R 196 -41.04 25.45 51.14
C GLY R 196 -42.07 24.34 51.15
N SER R 197 -43.34 24.70 50.99
CA SER R 197 -44.40 23.69 50.97
C SER R 197 -44.24 22.75 49.77
N ASP R 198 -43.95 23.30 48.60
CA ASP R 198 -43.75 22.46 47.42
C ASP R 198 -42.54 21.55 47.58
N ALA R 199 -41.46 22.07 48.16
CA ALA R 199 -40.28 21.25 48.39
C ALA R 199 -40.57 20.12 49.37
N ALA R 200 -41.31 20.42 50.45
CA ALA R 200 -41.68 19.38 51.40
C ALA R 200 -42.58 18.34 50.74
N ILE R 201 -43.52 18.77 49.90
CA ILE R 201 -44.40 17.84 49.21
C ILE R 201 -43.59 16.93 48.30
N ARG R 202 -42.65 17.51 47.54
CA ARG R 202 -41.82 16.71 46.64
C ARG R 202 -40.96 15.72 47.41
N THR R 203 -40.36 16.15 48.52
CA THR R 203 -39.51 15.25 49.30
C THR R 203 -40.31 14.11 49.90
N LEU R 204 -41.50 14.41 50.44
CA LEU R 204 -42.32 13.33 51.02
C LEU R 204 -42.83 12.39 49.93
N VAL R 205 -43.15 12.93 48.74
CA VAL R 205 -43.57 12.07 47.64
C VAL R 205 -42.43 11.14 47.22
N LEU R 206 -41.22 11.68 47.12
CA LEU R 206 -40.07 10.84 46.78
C LEU R 206 -39.83 9.78 47.84
N ASN R 207 -39.93 10.15 49.12
CA ASN R 207 -39.72 9.18 50.20
C ASN R 207 -40.75 8.07 50.15
N LEU R 208 -42.01 8.43 49.89
CA LEU R 208 -43.06 7.41 49.76
C LEU R 208 -42.82 6.52 48.55
N MET R 209 -42.38 7.11 47.43
CA MET R 209 -42.08 6.34 46.23
C MET R 209 -40.83 5.50 46.38
N PHE R 210 -40.01 5.73 47.40
CA PHE R 210 -38.84 4.92 47.67
C PHE R 210 -39.14 3.73 48.57
N SER R 211 -40.41 3.50 48.89
CA SER R 211 -40.82 2.42 49.80
C SER R 211 -41.89 1.57 49.16
N ILE R 212 -41.65 1.14 47.92
CA ILE R 212 -42.59 0.28 47.20
C ILE R 212 -42.16 -1.19 47.28
N ASN R 213 -41.37 -1.54 48.29
CA ASN R 213 -40.90 -2.92 48.43
C ASN R 213 -42.04 -3.82 48.90
N GLU R 214 -41.80 -5.13 48.77
CA GLU R 214 -42.80 -6.13 49.12
C GLU R 214 -42.67 -6.59 50.57
N GLY R 215 -41.76 -6.02 51.35
CA GLY R 215 -41.61 -6.44 52.73
C GLY R 215 -42.78 -6.04 53.61
N CYS R 216 -43.51 -5.00 53.23
CA CYS R 216 -44.65 -4.57 54.03
C CYS R 216 -45.76 -5.61 54.02
N LEU R 217 -45.92 -6.33 52.91
CA LEU R 217 -46.89 -7.41 52.88
C LEU R 217 -46.52 -8.51 53.87
N LEU R 218 -45.24 -8.88 53.93
CA LEU R 218 -44.80 -9.88 54.89
C LEU R 218 -44.98 -9.39 56.32
N LEU R 219 -44.70 -8.11 56.57
CA LEU R 219 -44.90 -7.55 57.90
C LEU R 219 -46.37 -7.57 58.30
N LEU R 220 -47.27 -7.24 57.37
CA LEU R 220 -48.70 -7.25 57.64
C LEU R 220 -49.26 -8.66 57.73
N ALA R 221 -48.57 -9.66 57.19
CA ALA R 221 -49.04 -11.04 57.28
C ALA R 221 -49.05 -11.55 58.72
N LEU R 222 -48.30 -10.91 59.62
CA LEU R 222 -48.23 -11.32 61.02
C LEU R 222 -49.09 -10.44 61.92
N ILE R 223 -49.96 -9.60 61.34
CA ILE R 223 -50.81 -8.74 62.16
C ILE R 223 -51.75 -9.54 63.07
N PRO R 224 -52.49 -10.55 62.58
CA PRO R 224 -53.33 -11.32 63.51
C PRO R 224 -52.53 -12.04 64.58
N THR R 225 -51.36 -12.57 64.24
CA THR R 225 -50.53 -13.24 65.24
C THR R 225 -50.05 -12.26 66.30
N LEU R 226 -49.64 -11.06 65.89
CA LEU R 226 -49.23 -10.05 66.86
C LEU R 226 -50.40 -9.63 67.75
N LEU R 227 -51.60 -9.48 67.15
CA LEU R 227 -52.78 -9.13 67.94
C LEU R 227 -53.10 -10.21 68.96
N VAL R 228 -52.99 -11.48 68.56
CA VAL R 228 -53.24 -12.57 69.50
C VAL R 228 -52.20 -12.58 70.61
N GLN R 229 -50.92 -12.38 70.26
CA GLN R 229 -49.87 -12.39 71.26
C GLN R 229 -49.98 -11.20 72.22
N GLY R 230 -50.52 -10.08 71.75
CA GLY R 230 -50.65 -8.91 72.59
C GLY R 230 -51.83 -8.89 73.54
N ALA R 231 -52.64 -9.95 73.56
CA ALA R 231 -53.78 -10.01 74.47
C ALA R 231 -53.34 -9.99 75.93
N HIS R 232 -52.14 -10.50 76.22
CA HIS R 232 -51.61 -10.52 77.57
C HIS R 232 -50.26 -9.83 77.68
N ASP R 233 -49.79 -9.19 76.60
CA ASP R 233 -48.50 -8.50 76.64
C ASP R 233 -48.53 -7.33 77.61
N GLY R 234 -49.63 -6.57 77.63
CA GLY R 234 -49.76 -5.42 78.49
C GLY R 234 -49.30 -4.11 77.90
N TYR R 235 -48.74 -4.12 76.69
CA TYR R 235 -48.27 -2.91 76.03
C TYR R 235 -49.34 -2.26 75.16
N VAL R 236 -50.55 -2.82 75.12
CA VAL R 236 -51.61 -2.25 74.30
C VAL R 236 -52.02 -0.88 74.82
N ASN R 237 -52.05 -0.73 76.16
CA ASN R 237 -52.45 0.55 76.75
C ASN R 237 -51.53 1.68 76.35
N LEU R 238 -50.28 1.40 75.97
CA LEU R 238 -49.36 2.41 75.50
C LEU R 238 -49.26 2.46 73.97
N LEU R 239 -49.51 1.34 73.29
CA LEU R 239 -49.45 1.31 71.84
C LEU R 239 -50.73 1.82 71.17
N ILE R 240 -51.83 1.94 71.92
CA ILE R 240 -53.07 2.44 71.33
C ILE R 240 -52.91 3.88 70.86
N GLN R 241 -52.26 4.71 71.68
CA GLN R 241 -52.08 6.11 71.32
C GLN R 241 -51.23 6.27 70.06
N THR R 242 -50.17 5.47 69.94
CA THR R 242 -49.28 5.58 68.79
C THR R 242 -49.80 4.80 67.57
N ALA R 243 -50.80 3.95 67.74
CA ALA R 243 -51.38 3.17 66.65
C ALA R 243 -52.90 3.26 66.76
N ASN R 244 -53.48 4.26 66.07
CA ASN R 244 -54.92 4.47 66.09
C ASN R 244 -55.61 4.26 64.76
N CYS R 245 -54.87 4.22 63.66
CA CYS R 245 -55.48 4.03 62.34
C CYS R 245 -54.85 2.86 61.61
N VAL R 246 -53.58 2.57 61.90
CA VAL R 246 -52.90 1.46 61.24
C VAL R 246 -53.51 0.12 61.66
N ARG R 247 -53.84 -0.03 62.95
CA ARG R 247 -54.43 -1.27 63.43
C ARG R 247 -55.83 -1.48 62.89
N GLU R 248 -56.50 -0.42 62.42
CA GLU R 248 -57.81 -0.55 61.81
C GLU R 248 -57.73 -0.77 60.30
N THR R 249 -56.76 -0.14 59.64
CA THR R 249 -56.60 -0.33 58.20
C THR R 249 -55.98 -1.67 57.88
N GLY R 250 -55.18 -2.23 58.79
CA GLY R 250 -54.56 -3.52 58.53
C GLY R 250 -55.54 -4.67 58.59
N GLN R 251 -56.62 -4.53 59.35
CA GLN R 251 -57.63 -5.56 59.46
C GLN R 251 -58.77 -5.40 58.44
N LEU R 252 -58.81 -4.29 57.71
CA LEU R 252 -59.83 -4.06 56.71
C LEU R 252 -59.42 -4.49 55.31
N ILE R 253 -58.21 -5.01 55.15
CA ILE R 253 -57.69 -5.46 53.86
C ILE R 253 -57.38 -6.94 53.96
N ASN R 254 -57.93 -7.74 53.05
CA ASN R 254 -57.68 -9.18 53.05
C ASN R 254 -56.22 -9.48 52.80
N ILE R 255 -55.70 -9.05 51.64
CA ILE R 255 -54.30 -9.18 51.21
C ILE R 255 -53.97 -10.65 50.96
N PRO R 256 -53.10 -10.96 50.02
CA PRO R 256 -52.69 -12.35 49.80
C PRO R 256 -51.95 -12.90 51.00
N PRO R 257 -52.45 -13.98 51.60
CA PRO R 257 -51.77 -14.55 52.78
C PRO R 257 -50.40 -15.12 52.45
N MET R 258 -50.32 -15.94 51.41
CA MET R 258 -49.07 -16.57 50.99
C MET R 258 -48.72 -16.12 49.59
N PRO R 259 -47.85 -15.12 49.42
CA PRO R 259 -47.46 -14.70 48.07
C PRO R 259 -46.64 -15.77 47.37
N ARG R 260 -46.71 -15.77 46.04
CA ARG R 260 -45.97 -16.73 45.24
C ARG R 260 -44.47 -16.49 45.38
N ILE R 261 -43.72 -17.58 45.52
CA ILE R 261 -42.27 -17.51 45.69
C ILE R 261 -41.63 -17.46 44.30
N GLN R 262 -40.86 -16.40 44.05
CA GLN R 262 -40.16 -16.22 42.79
C GLN R 262 -38.64 -16.15 42.95
N ASP R 263 -38.15 -15.53 44.02
CA ASP R 263 -36.71 -15.43 44.25
C ASP R 263 -36.33 -15.69 45.69
N GLY R 264 -37.23 -16.22 46.52
CA GLY R 264 -36.92 -16.47 47.91
C GLY R 264 -36.02 -17.68 48.13
N HIS R 265 -35.91 -18.56 47.14
CA HIS R 265 -35.07 -19.74 47.27
C HIS R 265 -33.59 -19.45 47.02
N ARG R 266 -33.25 -18.25 46.58
CA ARG R 266 -31.87 -17.87 46.30
C ARG R 266 -31.35 -16.77 47.22
N ARG R 267 -32.15 -15.74 47.47
CA ARG R 267 -31.74 -14.65 48.33
C ARG R 267 -32.90 -14.29 49.27
N PHE R 268 -32.54 -13.69 50.40
CA PHE R 268 -33.54 -13.26 51.37
C PHE R 268 -33.97 -11.83 51.05
N PRO R 269 -35.24 -11.59 50.73
CA PRO R 269 -35.65 -10.24 50.31
C PRO R 269 -35.89 -9.27 51.46
N ILE R 270 -36.19 -9.76 52.66
CA ILE R 270 -36.50 -8.85 53.76
C ILE R 270 -35.28 -8.06 54.19
N TYR R 271 -34.08 -8.61 54.01
CA TYR R 271 -32.86 -7.89 54.38
C TYR R 271 -32.68 -6.64 53.53
N GLU R 272 -32.92 -6.77 52.22
CA GLU R 272 -32.78 -5.61 51.32
C GLU R 272 -33.79 -4.54 51.66
N THR R 273 -35.04 -4.93 51.92
CA THR R 273 -36.07 -3.95 52.28
C THR R 273 -35.74 -3.26 53.60
N ILE R 274 -35.25 -4.02 54.59
CA ILE R 274 -34.88 -3.43 55.87
C ILE R 274 -33.74 -2.45 55.69
N SER R 275 -32.72 -2.83 54.89
CA SER R 275 -31.59 -1.93 54.65
C SER R 275 -32.04 -0.65 53.94
N SER R 276 -32.91 -0.79 52.94
CA SER R 276 -33.40 0.38 52.22
C SER R 276 -34.20 1.29 53.13
N TRP R 277 -35.05 0.71 53.98
CA TRP R 277 -35.84 1.51 54.92
C TRP R 277 -34.93 2.24 55.89
N ILE R 278 -33.91 1.57 56.41
CA ILE R 278 -32.98 2.22 57.34
C ILE R 278 -32.25 3.36 56.63
N SER R 279 -31.80 3.12 55.40
CA SER R 279 -31.07 4.15 54.66
C SER R 279 -31.95 5.36 54.39
N THR R 280 -33.19 5.14 53.96
CA THR R 280 -34.07 6.28 53.67
C THR R 280 -34.49 7.01 54.94
N SER R 281 -34.67 6.28 56.05
CA SER R 281 -34.99 6.96 57.31
C SER R 281 -33.82 7.80 57.78
N SER R 282 -32.59 7.29 57.67
CA SER R 282 -31.42 8.08 58.05
C SER R 282 -31.26 9.29 57.15
N ARG R 283 -31.51 9.13 55.85
CA ARG R 283 -31.42 10.26 54.93
C ARG R 283 -32.46 11.32 55.27
N LEU R 284 -33.69 10.90 55.56
CA LEU R 284 -34.73 11.86 55.93
C LEU R 284 -34.38 12.58 57.22
N GLY R 285 -33.86 11.85 58.20
CA GLY R 285 -33.46 12.47 59.45
C GLY R 285 -32.33 13.48 59.26
N ASP R 286 -31.34 13.13 58.44
CA ASP R 286 -30.25 14.06 58.16
C ASP R 286 -30.75 15.30 57.43
N THR R 287 -31.66 15.12 56.47
CA THR R 287 -32.20 16.26 55.73
C THR R 287 -33.02 17.18 56.64
N LEU R 288 -33.82 16.60 57.53
CA LEU R 288 -34.71 17.40 58.37
C LEU R 288 -33.96 18.05 59.52
N GLY R 289 -33.31 17.25 60.37
CA GLY R 289 -32.64 17.79 61.54
C GLY R 289 -31.32 18.46 61.29
N THR R 290 -30.80 18.37 60.06
CA THR R 290 -29.53 18.98 59.64
C THR R 290 -28.42 18.55 60.62
N ARG R 291 -27.41 19.39 60.80
CA ARG R 291 -26.30 19.10 61.69
C ARG R 291 -26.19 20.17 62.76
N ALA R 292 -25.78 19.77 63.95
CA ALA R 292 -25.64 20.68 65.07
C ALA R 292 -24.32 21.44 64.96
N ILE R 293 -23.97 22.19 66.01
CA ILE R 293 -22.75 23.00 66.03
C ILE R 293 -21.71 22.41 66.99
N LEU R 294 -22.06 22.31 68.27
CA LEU R 294 -21.13 21.79 69.27
C LEU R 294 -21.93 21.33 70.48
N ARG R 295 -21.27 20.56 71.34
CA ARG R 295 -21.86 20.06 72.57
C ARG R 295 -21.47 20.97 73.73
N VAL R 296 -22.46 21.39 74.50
CA VAL R 296 -22.25 22.30 75.63
C VAL R 296 -21.86 21.49 76.86
N CYS R 297 -20.76 21.86 77.48
CA CYS R 297 -20.28 21.19 78.69
C CYS R 297 -19.77 22.24 79.66
N VAL R 298 -20.10 22.07 80.94
CA VAL R 298 -19.70 23.00 81.99
C VAL R 298 -18.80 22.27 82.98
N PHE R 299 -18.07 23.06 83.77
CA PHE R 299 -17.17 22.52 84.78
C PHE R 299 -17.44 23.15 86.14
N ASP R 300 -16.56 22.88 87.10
CA ASP R 300 -16.64 23.43 88.45
C ASP R 300 -17.94 23.06 89.15
N GLY R 301 -18.94 23.93 89.11
CA GLY R 301 -20.18 23.70 89.79
C GLY R 301 -21.07 22.73 89.06
N PRO R 302 -22.27 22.53 89.61
CA PRO R 302 -23.21 21.59 89.00
C PRO R 302 -23.67 22.06 87.63
N SER R 303 -24.07 21.09 86.80
CA SER R 303 -24.53 21.39 85.45
C SER R 303 -25.84 22.16 85.44
N THR R 304 -26.60 22.14 86.54
CA THR R 304 -27.86 22.86 86.62
C THR R 304 -27.58 24.36 86.64
N VAL R 305 -27.91 25.04 85.56
CA VAL R 305 -27.68 26.48 85.42
C VAL R 305 -29.03 27.17 85.23
N HIS R 306 -29.25 28.23 86.00
CA HIS R 306 -30.50 28.97 85.89
C HIS R 306 -30.61 29.63 84.52
N PRO R 307 -31.78 29.57 83.90
CA PRO R 307 -31.96 30.21 82.59
C PRO R 307 -31.73 31.71 82.66
N GLY R 308 -31.16 32.25 81.59
CA GLY R 308 -30.86 33.67 81.51
C GLY R 308 -29.58 34.10 82.18
N ASP R 309 -28.74 33.16 82.59
CA ASP R 309 -27.47 33.45 83.24
C ASP R 309 -26.31 32.97 82.37
N ARG R 310 -25.10 33.14 82.89
CA ARG R 310 -23.91 32.72 82.16
C ARG R 310 -23.79 31.20 82.16
N THR R 311 -23.51 30.63 80.99
CA THR R 311 -23.35 29.20 80.81
C THR R 311 -21.98 28.90 80.23
N ALA R 312 -21.26 27.97 80.84
CA ALA R 312 -19.93 27.62 80.37
C ALA R 312 -20.01 26.78 79.10
N VAL R 313 -19.26 27.19 78.09
CA VAL R 313 -19.21 26.49 76.80
C VAL R 313 -17.76 26.17 76.48
N ILE R 314 -17.48 24.89 76.22
CA ILE R 314 -16.15 24.43 75.89
C ILE R 314 -16.20 23.71 74.55
N GLN R 315 -15.01 23.45 73.99
CA GLN R 315 -14.88 22.76 72.72
C GLN R 315 -14.47 21.31 72.95
N VAL R 316 -15.24 20.39 72.40
CA VAL R 316 -14.97 18.96 72.55
C VAL R 316 -14.41 18.39 71.25
N PRO S 4 -4.29 22.90 86.83
CA PRO S 4 -3.58 22.17 85.79
C PRO S 4 -3.11 20.78 86.25
N PHE S 5 -4.01 20.04 86.88
CA PHE S 5 -3.71 18.69 87.38
C PHE S 5 -4.56 17.68 86.63
N GLU S 6 -4.43 16.41 87.03
CA GLU S 6 -5.16 15.30 86.43
C GLU S 6 -5.91 14.55 87.52
N ILE S 7 -6.67 13.54 87.09
CA ILE S 7 -7.46 12.70 87.99
C ILE S 7 -6.91 11.28 87.93
N GLU S 8 -6.57 10.72 89.08
CA GLU S 8 -6.03 9.38 89.18
C GLU S 8 -7.01 8.46 89.90
N VAL S 9 -7.12 7.23 89.42
CA VAL S 9 -8.02 6.27 90.04
C VAL S 9 -7.46 5.79 91.37
N LEU S 10 -8.33 5.22 92.19
CA LEU S 10 -7.93 4.73 93.50
C LEU S 10 -7.13 3.44 93.37
N LEU S 11 -6.28 3.19 94.37
CA LEU S 11 -5.45 1.99 94.41
C LEU S 11 -5.75 1.21 95.69
N PRO S 12 -6.38 0.04 95.61
CA PRO S 12 -6.67 -0.73 96.83
C PRO S 12 -5.43 -1.38 97.40
N GLY S 13 -4.94 -0.87 98.53
CA GLY S 13 -3.76 -1.41 99.18
C GLY S 13 -4.11 -2.55 100.12
N GLU S 14 -3.22 -3.55 100.15
CA GLU S 14 -3.37 -4.73 101.00
C GLU S 14 -4.69 -5.44 100.72
N LEU S 15 -4.83 -5.90 99.47
CA LEU S 15 -6.02 -6.59 99.03
C LEU S 15 -5.76 -8.10 99.00
N SER S 16 -6.78 -8.85 98.59
CA SER S 16 -6.65 -10.29 98.49
C SER S 16 -5.67 -10.66 97.38
N PRO S 17 -4.87 -11.73 97.56
CA PRO S 17 -3.98 -12.15 96.46
C PRO S 17 -4.73 -12.52 95.20
N ALA S 18 -5.90 -13.16 95.33
CA ALA S 18 -6.70 -13.48 94.15
C ALA S 18 -7.17 -12.20 93.45
N GLU S 19 -7.61 -11.22 94.23
CA GLU S 19 -8.05 -9.96 93.64
C GLU S 19 -6.91 -9.24 92.92
N THR S 20 -5.72 -9.23 93.54
CA THR S 20 -4.58 -8.58 92.90
C THR S 20 -4.16 -9.32 91.63
N SER S 21 -4.19 -10.65 91.66
CA SER S 21 -3.88 -11.42 90.46
C SER S 21 -4.88 -11.15 89.34
N ALA S 22 -6.17 -11.08 89.69
CA ALA S 22 -7.18 -10.77 88.68
C ALA S 22 -6.99 -9.36 88.11
N LEU S 23 -6.67 -8.40 88.98
CA LEU S 23 -6.42 -7.04 88.51
C LEU S 23 -5.21 -6.98 87.58
N GLN S 24 -4.14 -7.71 87.92
CA GLN S 24 -2.97 -7.75 87.05
C GLN S 24 -3.30 -8.41 85.71
N LYS S 25 -4.09 -9.49 85.74
CA LYS S 25 -4.47 -10.16 84.50
C LYS S 25 -5.33 -9.27 83.62
N CYS S 26 -6.24 -8.51 84.22
CA CYS S 26 -7.14 -7.63 83.49
C CYS S 26 -6.58 -6.22 83.30
N GLU S 27 -5.32 -6.00 83.68
CA GLU S 27 -4.72 -4.67 83.53
C GLU S 27 -4.65 -4.25 82.08
N GLY S 28 -4.28 -5.18 81.18
CA GLY S 28 -4.19 -4.85 79.77
C GLY S 28 -5.52 -4.60 79.11
N LYS S 29 -6.61 -5.11 79.69
CA LYS S 29 -7.93 -4.89 79.13
C LYS S 29 -8.35 -3.42 79.27
N ILE S 30 -9.20 -2.98 78.34
CA ILE S 30 -9.67 -1.61 78.36
C ILE S 30 -10.59 -1.38 79.55
N ILE S 31 -10.40 -0.27 80.24
CA ILE S 31 -11.17 0.08 81.43
C ILE S 31 -11.97 1.33 81.13
N THR S 32 -13.28 1.28 81.39
CA THR S 32 -14.14 2.43 81.14
C THR S 32 -13.80 3.58 82.08
N PHE S 33 -13.92 4.80 81.58
CA PHE S 33 -13.64 5.99 82.36
C PHE S 33 -14.73 6.22 83.40
N SER S 34 -14.36 6.92 84.47
CA SER S 34 -15.28 7.23 85.54
C SER S 34 -16.15 8.43 85.14
N THR S 35 -16.92 8.95 86.09
CA THR S 35 -17.78 10.08 85.80
C THR S 35 -16.97 11.36 85.65
N LEU S 36 -17.60 12.40 85.11
CA LEU S 36 -16.90 13.65 84.86
C LEU S 36 -16.53 14.36 86.15
N ARG S 37 -17.46 14.43 87.11
CA ARG S 37 -17.27 15.34 88.24
C ARG S 37 -16.37 14.75 89.33
N HIS S 38 -16.84 13.71 90.01
CA HIS S 38 -16.08 13.15 91.14
C HIS S 38 -15.73 11.68 90.95
N ARG S 39 -16.72 10.81 90.77
CA ARG S 39 -16.51 9.37 90.79
C ARG S 39 -17.78 8.68 90.28
N ALA S 40 -17.60 7.46 89.75
CA ALA S 40 -18.70 6.65 89.25
C ALA S 40 -18.54 5.24 89.82
N SER S 41 -19.19 4.98 90.95
CA SER S 41 -19.15 3.68 91.60
C SER S 41 -20.51 3.05 91.78
N LEU S 42 -21.52 3.83 92.14
CA LEU S 42 -22.88 3.31 92.34
C LEU S 42 -23.75 3.46 91.10
N VAL S 43 -23.20 3.98 90.00
CA VAL S 43 -24.00 4.18 88.79
C VAL S 43 -24.45 2.84 88.21
N ASP S 44 -23.56 1.85 88.21
CA ASP S 44 -23.92 0.53 87.70
C ASP S 44 -24.99 -0.13 88.57
N ILE S 45 -24.86 0.00 89.89
CA ILE S 45 -25.85 -0.59 90.79
C ILE S 45 -27.20 0.07 90.62
N ALA S 46 -27.21 1.41 90.56
CA ALA S 46 -28.46 2.14 90.41
C ALA S 46 -29.04 2.07 89.01
N LEU S 47 -28.28 1.55 88.04
CA LEU S 47 -28.77 1.49 86.66
C LEU S 47 -29.92 0.50 86.53
N SER S 48 -29.87 -0.61 87.26
CA SER S 48 -30.88 -1.65 87.21
C SER S 48 -31.71 -1.69 88.49
N SER S 49 -32.01 -0.53 89.06
CA SER S 49 -32.78 -0.46 90.30
C SER S 49 -34.27 -0.33 90.07
N TYR S 50 -34.68 0.27 88.95
CA TYR S 50 -36.11 0.47 88.65
C TYR S 50 -36.64 -0.73 87.86
N TYR S 51 -36.69 -1.88 88.54
CA TYR S 51 -37.21 -3.08 87.91
C TYR S 51 -38.73 -3.05 87.78
N ILE S 52 -39.40 -2.28 88.66
CA ILE S 52 -40.85 -2.13 88.74
C ILE S 52 -41.56 -3.45 88.42
N ASN S 53 -41.21 -4.50 89.15
CA ASN S 53 -41.81 -5.83 89.01
C ASN S 53 -41.72 -6.33 87.57
N GLY S 54 -40.50 -6.45 87.09
CA GLY S 54 -40.26 -6.93 85.74
C GLY S 54 -38.82 -6.74 85.34
N ALA S 55 -38.55 -7.02 84.07
CA ALA S 55 -37.20 -6.87 83.53
C ALA S 55 -36.87 -5.39 83.36
N PRO S 56 -35.81 -4.88 83.98
CA PRO S 56 -35.47 -3.47 83.84
C PRO S 56 -34.83 -3.20 82.49
N PRO S 57 -35.38 -2.24 81.73
CA PRO S 57 -34.76 -1.89 80.43
C PRO S 57 -33.42 -1.20 80.63
N ASP S 58 -32.34 -1.88 80.27
CA ASP S 58 -31.00 -1.36 80.50
C ASP S 58 -30.14 -1.28 79.24
N THR S 59 -30.56 -1.91 78.14
CA THR S 59 -29.75 -1.89 76.92
C THR S 59 -29.59 -0.47 76.39
N LEU S 60 -30.70 0.26 76.26
CA LEU S 60 -30.63 1.63 75.74
C LEU S 60 -29.85 2.52 76.69
N SER S 61 -30.06 2.37 78.00
CA SER S 61 -29.34 3.20 78.97
C SER S 61 -27.85 2.95 78.90
N LEU S 62 -27.43 1.69 78.82
CA LEU S 62 -26.01 1.39 78.75
C LEU S 62 -25.41 1.86 77.43
N LEU S 63 -26.16 1.74 76.33
CA LEU S 63 -25.68 2.25 75.05
C LEU S 63 -25.48 3.76 75.11
N GLU S 64 -26.44 4.48 75.68
CA GLU S 64 -26.32 5.93 75.80
C GLU S 64 -25.14 6.32 76.70
N ALA S 65 -24.96 5.59 77.81
CA ALA S 65 -23.85 5.88 78.70
C ALA S 65 -22.51 5.65 78.02
N TYR S 66 -22.39 4.54 77.27
CA TYR S 66 -21.14 4.27 76.56
C TYR S 66 -20.89 5.29 75.45
N ARG S 67 -21.94 5.76 74.79
CA ARG S 67 -21.77 6.75 73.73
C ARG S 67 -21.38 8.12 74.31
N MET S 68 -21.94 8.47 75.47
CA MET S 68 -21.68 9.77 76.07
C MET S 68 -20.46 9.78 76.98
N ARG S 69 -19.87 8.63 77.28
CA ARG S 69 -18.70 8.54 78.14
C ARG S 69 -17.48 8.14 77.33
N PHE S 70 -16.33 8.66 77.74
CA PHE S 70 -15.06 8.38 77.06
C PHE S 70 -14.41 7.16 77.68
N ALA S 71 -13.17 6.89 77.33
CA ALA S 71 -12.40 5.76 77.82
C ALA S 71 -11.13 6.25 78.50
N ALA S 72 -10.37 5.30 79.06
CA ALA S 72 -9.14 5.62 79.75
C ALA S 72 -8.17 4.45 79.63
N VAL S 73 -6.89 4.73 79.83
CA VAL S 73 -5.83 3.74 79.75
C VAL S 73 -5.15 3.65 81.10
N ILE S 74 -5.03 2.44 81.63
CA ILE S 74 -4.43 2.21 82.92
C ILE S 74 -2.95 1.84 82.73
N THR S 75 -2.18 1.98 83.80
CA THR S 75 -0.75 1.69 83.78
C THR S 75 -0.47 0.58 84.80
N ARG S 76 0.81 0.28 85.01
CA ARG S 76 1.20 -0.76 85.95
C ARG S 76 0.87 -0.35 87.38
N VAL S 77 0.73 -1.35 88.24
CA VAL S 77 0.37 -1.15 89.64
C VAL S 77 1.63 -1.22 90.48
N ILE S 78 1.90 -0.17 91.24
CA ILE S 78 3.06 -0.08 92.11
C ILE S 78 2.56 0.09 93.54
N PRO S 79 3.02 -0.71 94.50
CA PRO S 79 2.54 -0.55 95.88
C PRO S 79 2.97 0.77 96.49
N GLY S 80 1.99 1.63 96.79
CA GLY S 80 2.27 2.92 97.40
C GLY S 80 1.88 4.09 96.55
N LYS S 81 2.15 4.01 95.24
CA LYS S 81 1.81 5.08 94.31
C LYS S 81 1.28 4.48 93.02
N LEU S 82 0.23 5.09 92.47
CA LEU S 82 -0.40 4.64 91.25
C LEU S 82 -0.37 5.76 90.21
N LEU S 83 -0.15 5.40 88.96
CA LEU S 83 -0.10 6.34 87.86
C LEU S 83 -1.15 5.98 86.81
N ALA S 84 -1.83 7.00 86.31
CA ALA S 84 -2.87 6.82 85.29
C ALA S 84 -2.69 7.85 84.19
N HIS S 85 -3.14 7.49 82.99
CA HIS S 85 -3.05 8.36 81.82
C HIS S 85 -4.44 8.59 81.25
N ALA S 86 -4.72 9.84 80.89
CA ALA S 86 -6.00 10.22 80.31
C ALA S 86 -5.78 11.23 79.20
N ILE S 87 -6.47 11.03 78.07
CA ILE S 87 -6.36 11.92 76.92
C ILE S 87 -7.73 12.45 76.50
N GLY S 88 -8.72 12.34 77.39
CA GLY S 88 -10.05 12.82 77.08
C GLY S 88 -10.20 14.32 77.25
N VAL S 89 -9.94 14.81 78.45
CA VAL S 89 -10.05 16.25 78.75
C VAL S 89 -8.76 16.74 79.38
N GLY S 90 -7.85 15.82 79.67
CA GLY S 90 -6.59 16.18 80.29
C GLY S 90 -5.52 16.56 79.29
N THR S 91 -4.35 15.93 79.39
CA THR S 91 -3.24 16.23 78.50
C THR S 91 -2.94 15.06 77.58
N PRO S 92 -2.57 15.31 76.33
CA PRO S 92 -2.26 14.22 75.42
C PRO S 92 -0.99 13.48 75.85
N THR S 93 -0.95 12.19 75.51
CA THR S 93 0.17 11.34 75.84
C THR S 93 0.86 10.84 74.57
N PRO S 94 2.18 10.66 74.60
CA PRO S 94 2.91 10.17 73.41
C PRO S 94 2.75 8.67 73.17
N GLY S 95 1.62 8.30 72.59
CA GLY S 95 1.34 6.90 72.29
C GLY S 95 0.77 6.14 73.46
N LEU S 96 -0.17 5.23 73.19
CA LEU S 96 -0.79 4.41 74.21
C LEU S 96 -0.84 2.96 73.72
N PHE S 97 -0.62 2.03 74.65
CA PHE S 97 -0.62 0.61 74.35
C PHE S 97 -1.89 -0.03 74.91
N ILE S 98 -2.68 -0.63 74.04
CA ILE S 98 -3.91 -1.31 74.42
C ILE S 98 -3.96 -2.65 73.68
N GLN S 99 -4.19 -3.73 74.42
CA GLN S 99 -4.27 -5.05 73.81
C GLN S 99 -5.53 -5.17 72.96
N ASN S 100 -5.45 -6.01 71.94
CA ASN S 100 -6.59 -6.22 71.04
C ASN S 100 -7.72 -6.94 71.78
N THR S 101 -8.94 -6.49 71.55
CA THR S 101 -10.12 -7.05 72.19
C THR S 101 -11.11 -7.65 71.20
N SER S 102 -11.41 -6.94 70.12
CA SER S 102 -12.39 -7.43 69.15
C SER S 102 -11.80 -8.56 68.32
N PRO S 103 -12.39 -9.75 68.30
CA PRO S 103 -11.86 -10.83 67.47
C PRO S 103 -11.96 -10.56 65.98
N VAL S 104 -12.80 -9.62 65.55
CA VAL S 104 -12.97 -9.34 64.13
C VAL S 104 -11.70 -8.67 63.59
N ASP S 105 -11.38 -8.99 62.34
CA ASP S 105 -10.20 -8.41 61.70
C ASP S 105 -10.40 -6.93 61.44
N LEU S 106 -9.33 -6.15 61.65
CA LEU S 106 -9.36 -4.72 61.44
C LEU S 106 -8.21 -4.32 60.52
N CYS S 107 -8.42 -3.24 59.77
CA CYS S 107 -7.44 -2.72 58.83
C CYS S 107 -7.08 -1.29 59.21
N ASN S 108 -5.79 -0.97 59.12
CA ASN S 108 -5.32 0.36 59.44
C ASN S 108 -5.67 1.36 58.34
N GLY S 109 -5.63 2.64 58.68
CA GLY S 109 -5.95 3.68 57.72
C GLY S 109 -7.43 3.85 57.44
N ASP S 110 -8.30 3.31 58.28
CA ASP S 110 -9.74 3.42 58.09
C ASP S 110 -10.39 3.85 59.41
N TYR S 111 -11.46 4.63 59.30
CA TYR S 111 -12.18 5.10 60.47
C TYR S 111 -12.97 3.95 61.08
N ILE S 112 -12.88 3.81 62.41
CA ILE S 112 -13.55 2.75 63.14
C ILE S 112 -14.50 3.37 64.16
N CYS S 113 -15.57 2.66 64.45
CA CYS S 113 -16.57 3.09 65.41
C CYS S 113 -16.59 2.15 66.60
N LEU S 114 -17.39 2.50 67.61
CA LEU S 114 -17.53 1.71 68.82
C LEU S 114 -19.00 1.42 69.08
N LEU S 115 -19.31 0.16 69.34
CA LEU S 115 -20.69 -0.25 69.63
C LEU S 115 -20.70 -1.52 70.47
N PRO S 116 -21.17 -1.45 71.71
CA PRO S 116 -21.19 -2.65 72.57
C PRO S 116 -22.24 -3.64 72.08
N PRO S 117 -21.84 -4.89 71.82
CA PRO S 117 -22.81 -5.89 71.36
C PRO S 117 -23.81 -6.24 72.45
N VAL S 118 -25.02 -6.61 72.01
CA VAL S 118 -26.09 -7.00 72.91
C VAL S 118 -26.68 -8.36 72.57
N PHE S 119 -26.17 -9.04 71.55
CA PHE S 119 -26.66 -10.35 71.14
C PHE S 119 -25.65 -11.42 71.54
N GLY S 120 -26.12 -12.46 72.20
CA GLY S 120 -25.26 -13.56 72.62
C GLY S 120 -24.59 -13.24 73.96
N SER S 121 -23.26 -13.20 73.97
CA SER S 121 -22.50 -12.92 75.17
C SER S 121 -21.30 -12.06 74.82
N ALA S 122 -20.80 -11.35 75.82
CA ALA S 122 -19.64 -10.47 75.65
C ALA S 122 -18.70 -10.65 76.82
N ASP S 123 -17.43 -10.36 76.58
CA ASP S 123 -16.41 -10.50 77.62
C ASP S 123 -16.63 -9.46 78.72
N SER S 124 -16.50 -9.90 79.97
CA SER S 124 -16.68 -9.02 81.11
C SER S 124 -15.90 -9.58 82.29
N ILE S 125 -15.65 -8.71 83.27
CA ILE S 125 -14.94 -9.08 84.48
C ILE S 125 -15.83 -8.77 85.67
N ARG S 126 -16.01 -9.76 86.55
CA ARG S 126 -16.84 -9.61 87.74
C ARG S 126 -16.15 -10.27 88.91
N LEU S 127 -16.17 -9.59 90.06
CA LEU S 127 -15.57 -10.09 91.29
C LEU S 127 -16.66 -10.31 92.33
N ASP S 128 -16.57 -11.45 93.04
CA ASP S 128 -17.58 -11.77 94.05
C ASP S 128 -17.54 -10.77 95.20
N SER S 129 -16.35 -10.36 95.62
CA SER S 129 -16.21 -9.43 96.75
C SER S 129 -16.42 -7.98 96.36
N VAL S 130 -16.53 -7.66 95.08
CA VAL S 130 -16.72 -6.30 94.61
C VAL S 130 -18.16 -6.05 94.20
N GLY S 131 -18.72 -6.92 93.38
CA GLY S 131 -20.09 -6.77 92.91
C GLY S 131 -20.27 -5.83 91.74
N LEU S 132 -19.17 -5.37 91.14
CA LEU S 132 -19.24 -4.44 90.01
C LEU S 132 -18.68 -5.13 88.77
N GLU S 133 -19.42 -5.05 87.67
CA GLU S 133 -19.04 -5.67 86.41
C GLU S 133 -18.83 -4.59 85.34
N ILE S 134 -17.87 -4.84 84.46
CA ILE S 134 -17.54 -3.91 83.38
C ILE S 134 -17.68 -4.65 82.05
N VAL S 135 -18.44 -4.07 81.13
CA VAL S 135 -18.66 -4.65 79.80
C VAL S 135 -17.78 -3.93 78.81
N PHE S 136 -16.99 -4.70 78.05
CA PHE S 136 -16.07 -4.11 77.08
C PHE S 136 -16.77 -3.98 75.74
N PRO S 137 -16.97 -2.77 75.22
CA PRO S 137 -17.60 -2.61 73.91
C PRO S 137 -16.72 -3.15 72.80
N LEU S 138 -17.36 -3.59 71.72
CA LEU S 138 -16.67 -4.10 70.54
C LEU S 138 -16.53 -2.98 69.51
N THR S 139 -15.32 -2.82 68.99
CA THR S 139 -15.03 -1.78 68.02
C THR S 139 -15.08 -2.36 66.61
N ILE S 140 -15.94 -1.78 65.76
CA ILE S 140 -16.08 -2.24 64.38
C ILE S 140 -16.27 -1.04 63.47
N PRO S 141 -15.85 -1.17 62.22
CA PRO S 141 -16.09 -0.08 61.25
C PRO S 141 -17.58 0.13 61.03
N GLN S 142 -17.94 1.38 60.73
CA GLN S 142 -19.35 1.73 60.55
C GLN S 142 -19.96 1.01 59.36
N THR S 143 -19.20 0.89 58.26
CA THR S 143 -19.72 0.24 57.07
C THR S 143 -20.08 -1.22 57.33
N LEU S 144 -19.20 -1.93 58.05
CA LEU S 144 -19.51 -3.31 58.38
C LEU S 144 -20.56 -3.40 59.49
N MET S 145 -20.57 -2.44 60.42
CA MET S 145 -21.54 -2.46 61.51
C MET S 145 -22.96 -2.30 60.97
N ARG S 146 -23.15 -1.44 59.98
CA ARG S 146 -24.47 -1.27 59.39
C ARG S 146 -24.98 -2.57 58.78
N GLU S 147 -24.12 -3.26 58.03
CA GLU S 147 -24.52 -4.54 57.46
C GLU S 147 -24.80 -5.57 58.53
N ILE S 148 -23.98 -5.58 59.59
CA ILE S 148 -24.16 -6.56 60.67
C ILE S 148 -25.51 -6.34 61.36
N ILE S 149 -25.83 -5.09 61.69
CA ILE S 149 -27.08 -4.81 62.39
C ILE S 149 -28.27 -5.07 61.46
N ALA S 150 -28.13 -4.76 60.16
CA ALA S 150 -29.21 -5.06 59.22
C ALA S 150 -29.46 -6.56 59.14
N LYS S 151 -28.38 -7.36 59.07
CA LYS S 151 -28.54 -8.81 59.03
C LYS S 151 -29.15 -9.34 60.32
N VAL S 152 -28.75 -8.77 61.47
CA VAL S 152 -29.32 -9.20 62.75
C VAL S 152 -30.81 -8.89 62.80
N VAL S 153 -31.20 -7.70 62.34
CA VAL S 153 -32.61 -7.32 62.32
C VAL S 153 -33.40 -8.24 61.39
N ALA S 154 -32.84 -8.55 60.22
CA ALA S 154 -33.54 -9.44 59.29
C ALA S 154 -33.69 -10.84 59.88
N ARG S 155 -32.65 -11.35 60.54
CA ARG S 155 -32.73 -12.67 61.15
C ARG S 155 -33.76 -12.69 62.28
N ALA S 156 -33.79 -11.64 63.10
CA ALA S 156 -34.78 -11.57 64.16
C ALA S 156 -36.20 -11.51 63.60
N VAL S 157 -36.39 -10.74 62.53
CA VAL S 157 -37.71 -10.63 61.91
C VAL S 157 -38.14 -11.99 61.36
N GLU S 158 -37.23 -12.69 60.68
CA GLU S 158 -37.59 -13.99 60.11
C GLU S 158 -37.85 -15.01 61.21
N ARG S 159 -37.10 -14.94 62.32
CA ARG S 159 -37.36 -15.83 63.45
C ARG S 159 -38.72 -15.57 64.06
N THR S 160 -39.08 -14.30 64.24
CA THR S 160 -40.39 -13.96 64.77
C THR S 160 -41.50 -14.42 63.83
N ALA S 161 -41.30 -14.25 62.53
CA ALA S 161 -42.30 -14.71 61.55
C ALA S 161 -42.46 -16.22 61.61
N ALA S 162 -41.35 -16.95 61.70
CA ALA S 162 -41.43 -18.41 61.80
C ALA S 162 -42.13 -18.86 63.07
N GLY S 163 -41.83 -18.19 64.19
CA GLY S 163 -42.45 -18.54 65.45
C GLY S 163 -43.91 -18.15 65.56
N ALA S 164 -44.33 -17.14 64.82
CA ALA S 164 -45.72 -16.69 64.86
C ALA S 164 -46.61 -17.40 63.84
N GLN S 165 -46.06 -17.76 62.67
CA GLN S 165 -46.84 -18.41 61.64
C GLN S 165 -47.14 -19.87 61.93
N ILE S 166 -46.50 -20.44 62.96
CA ILE S 166 -46.65 -21.83 63.38
C ILE S 166 -45.98 -22.77 62.38
N LEU S 167 -46.48 -22.79 61.15
CA LEU S 167 -45.88 -23.63 60.11
C LEU S 167 -44.49 -23.09 59.75
N PRO S 168 -43.57 -23.98 59.36
CA PRO S 168 -42.23 -23.52 58.98
C PRO S 168 -42.28 -22.60 57.77
N HIS S 169 -41.38 -21.61 57.77
CA HIS S 169 -41.31 -20.67 56.66
C HIS S 169 -39.86 -20.34 56.27
N GLU S 170 -38.87 -21.05 56.81
CA GLU S 170 -37.48 -20.79 56.48
C GLU S 170 -37.12 -21.52 55.19
N VAL S 171 -36.62 -20.78 54.21
CA VAL S 171 -36.21 -21.32 52.93
C VAL S 171 -34.70 -21.24 52.83
N LEU S 172 -34.06 -22.36 52.54
CA LEU S 172 -32.60 -22.42 52.43
C LEU S 172 -32.18 -21.72 51.15
N ARG S 173 -31.66 -20.51 51.28
CA ARG S 173 -31.21 -19.71 50.14
C ARG S 173 -29.77 -19.98 49.75
N GLY S 174 -29.04 -20.80 50.51
CA GLY S 174 -27.67 -21.12 50.24
C GLY S 174 -26.83 -21.01 51.49
N ALA S 175 -25.52 -21.01 51.30
CA ALA S 175 -24.59 -20.88 52.42
C ALA S 175 -24.68 -19.50 53.04
N ASP S 176 -24.57 -19.45 54.36
CA ASP S 176 -24.62 -18.20 55.13
C ASP S 176 -23.39 -18.07 56.01
N VAL S 177 -22.22 -18.36 55.45
CA VAL S 177 -20.96 -18.29 56.16
C VAL S 177 -20.14 -17.14 55.58
N ILE S 178 -19.71 -16.23 56.44
CA ILE S 178 -18.91 -15.07 56.03
C ILE S 178 -17.45 -15.39 56.27
N CYS S 179 -16.66 -15.34 55.20
CA CYS S 179 -15.23 -15.62 55.27
C CYS S 179 -14.45 -14.35 54.92
N TYR S 180 -13.46 -14.02 55.74
CA TYR S 180 -12.64 -12.84 55.53
C TYR S 180 -11.25 -13.09 56.10
N ASN S 181 -10.25 -13.07 55.23
CA ASN S 181 -8.85 -13.29 55.63
C ASN S 181 -8.68 -14.62 56.37
N GLY S 182 -9.37 -15.65 55.88
CA GLY S 182 -9.27 -16.97 56.47
C GLY S 182 -10.02 -17.15 57.77
N ARG S 183 -10.89 -16.22 58.14
CA ARG S 183 -11.65 -16.29 59.38
C ARG S 183 -13.11 -16.59 59.06
N ARG S 184 -13.66 -17.58 59.73
CA ARG S 184 -15.05 -18.00 59.52
C ARG S 184 -15.94 -17.38 60.59
N TYR S 185 -17.11 -16.90 60.18
CA TYR S 185 -18.07 -16.28 61.07
C TYR S 185 -19.47 -16.77 60.70
N GLU S 186 -20.04 -17.63 61.55
CA GLU S 186 -21.37 -18.18 61.32
C GLU S 186 -22.36 -17.52 62.28
N LEU S 187 -23.45 -17.01 61.72
CA LEU S 187 -24.48 -16.34 62.51
C LEU S 187 -25.75 -17.18 62.53
N GLU S 188 -26.52 -17.02 63.60
CA GLU S 188 -27.78 -17.75 63.80
C GLU S 188 -27.56 -19.26 63.70
N THR S 189 -26.48 -19.74 64.32
CA THR S 189 -26.17 -21.16 64.31
C THR S 189 -27.05 -21.96 65.26
N ASN S 190 -27.82 -21.30 66.12
CA ASN S 190 -28.68 -21.98 67.06
C ASN S 190 -29.93 -21.15 67.29
N LEU S 191 -30.98 -21.80 67.79
CA LEU S 191 -32.27 -21.17 68.05
C LEU S 191 -32.68 -21.42 69.49
N GLN S 192 -31.75 -21.23 70.42
CA GLN S 192 -31.99 -21.43 71.84
C GLN S 192 -31.22 -20.39 72.64
N HIS S 193 -31.53 -20.33 73.94
CA HIS S 193 -30.95 -19.40 74.91
C HIS S 193 -30.82 -17.98 74.33
N ARG S 194 -31.85 -17.52 73.63
CA ARG S 194 -31.86 -16.17 73.04
C ARG S 194 -32.37 -15.22 74.11
N ASP S 195 -31.44 -14.69 74.91
CA ASP S 195 -31.79 -13.78 76.00
C ASP S 195 -31.83 -12.32 75.57
N GLY S 196 -31.50 -12.02 74.32
CA GLY S 196 -31.53 -10.65 73.84
C GLY S 196 -32.17 -10.48 72.48
N SER S 197 -32.64 -11.60 71.90
CA SER S 197 -33.27 -11.53 70.59
C SER S 197 -34.60 -10.79 70.65
N ASP S 198 -35.42 -11.09 71.65
CA ASP S 198 -36.73 -10.47 71.80
C ASP S 198 -36.98 -10.06 73.25
N ALA S 199 -35.96 -9.46 73.88
CA ALA S 199 -36.06 -9.01 75.26
C ALA S 199 -36.03 -7.50 75.39
N ALA S 200 -35.00 -6.84 74.84
CA ALA S 200 -34.87 -5.39 74.89
C ALA S 200 -35.13 -4.72 73.56
N ILE S 201 -34.68 -5.32 72.45
CA ILE S 201 -34.88 -4.75 71.13
C ILE S 201 -36.25 -5.12 70.54
N ARG S 202 -37.04 -5.93 71.24
CA ARG S 202 -38.33 -6.34 70.71
C ARG S 202 -39.26 -5.13 70.54
N THR S 203 -39.29 -4.23 71.52
CA THR S 203 -40.14 -3.05 71.40
C THR S 203 -39.68 -2.16 70.25
N LEU S 204 -38.36 -2.01 70.08
CA LEU S 204 -37.85 -1.18 69.00
C LEU S 204 -38.19 -1.75 67.64
N VAL S 205 -38.02 -3.07 67.46
CA VAL S 205 -38.31 -3.67 66.17
C VAL S 205 -39.81 -3.66 65.90
N LEU S 206 -40.63 -3.82 66.94
CA LEU S 206 -42.08 -3.73 66.76
C LEU S 206 -42.49 -2.33 66.35
N ASN S 207 -41.90 -1.31 66.97
CA ASN S 207 -42.20 0.07 66.60
C ASN S 207 -41.77 0.35 65.16
N LEU S 208 -40.58 -0.12 64.77
CA LEU S 208 -40.14 0.06 63.39
C LEU S 208 -41.07 -0.64 62.42
N MET S 209 -41.51 -1.86 62.76
CA MET S 209 -42.40 -2.61 61.87
C MET S 209 -43.74 -1.91 61.72
N PHE S 210 -44.32 -1.42 62.81
CA PHE S 210 -45.63 -0.78 62.69
C PHE S 210 -45.52 0.57 62.00
N SER S 211 -44.43 1.30 62.21
CA SER S 211 -44.21 2.54 61.47
C SER S 211 -44.07 2.27 59.98
N ILE S 212 -43.33 1.23 59.61
CA ILE S 212 -43.19 0.87 58.20
C ILE S 212 -44.55 0.48 57.62
N ASN S 213 -45.34 -0.29 58.39
CA ASN S 213 -46.65 -0.71 57.90
C ASN S 213 -47.57 0.48 57.67
N GLU S 214 -47.63 1.41 58.63
CA GLU S 214 -48.51 2.56 58.47
C GLU S 214 -48.03 3.46 57.33
N GLY S 215 -46.71 3.63 57.18
CA GLY S 215 -46.20 4.43 56.08
C GLY S 215 -46.50 3.83 54.72
N CYS S 216 -46.30 2.51 54.59
CA CYS S 216 -46.57 1.87 53.30
C CYS S 216 -48.06 1.88 52.99
N LEU S 217 -48.91 1.71 54.00
CA LEU S 217 -50.35 1.82 53.77
C LEU S 217 -50.73 3.24 53.34
N LEU S 218 -50.17 4.25 54.00
CA LEU S 218 -50.49 5.63 53.65
C LEU S 218 -50.05 5.95 52.22
N LEU S 219 -48.87 5.49 51.82
CA LEU S 219 -48.42 5.77 50.46
C LEU S 219 -49.22 4.97 49.44
N LEU S 220 -49.53 3.71 49.74
CA LEU S 220 -50.31 2.89 48.80
C LEU S 220 -51.75 3.35 48.68
N ALA S 221 -52.24 4.12 49.66
CA ALA S 221 -53.62 4.60 49.59
C ALA S 221 -53.87 5.42 48.32
N LEU S 222 -53.04 6.42 48.05
CA LEU S 222 -53.27 7.29 46.90
C LEU S 222 -52.04 7.65 46.09
N ILE S 223 -50.82 7.41 46.57
CA ILE S 223 -49.63 7.85 45.85
C ILE S 223 -49.49 7.21 44.48
N PRO S 224 -49.56 5.88 44.33
CA PRO S 224 -49.33 5.30 43.00
C PRO S 224 -50.47 5.60 42.04
N THR S 225 -50.11 6.05 40.84
CA THR S 225 -51.10 6.31 39.79
C THR S 225 -50.69 5.79 38.42
N LEU S 226 -49.42 5.44 38.20
CA LEU S 226 -48.96 4.91 36.93
C LEU S 226 -48.84 3.39 36.92
N LEU S 227 -49.18 2.73 38.02
CA LEU S 227 -49.08 1.28 38.08
C LEU S 227 -50.13 0.63 37.18
N VAL S 228 -49.73 -0.44 36.51
CA VAL S 228 -50.62 -1.16 35.61
C VAL S 228 -50.70 -2.64 36.00
N ARG S 267 -65.99 12.54 63.22
CA ARG S 267 -64.95 13.55 63.32
C ARG S 267 -63.58 12.90 63.53
N PHE S 268 -62.78 12.87 62.48
CA PHE S 268 -61.44 12.29 62.53
C PHE S 268 -60.56 13.00 61.52
N PRO S 269 -59.68 13.89 61.97
CA PRO S 269 -58.79 14.60 61.03
C PRO S 269 -57.81 13.68 60.32
N ILE S 270 -57.56 12.48 60.86
CA ILE S 270 -56.66 11.50 60.26
C ILE S 270 -55.27 12.09 60.11
N TYR S 271 -54.82 12.82 61.13
CA TYR S 271 -53.48 13.42 61.13
C TYR S 271 -52.68 13.15 62.39
N GLU S 272 -53.32 12.79 63.51
CA GLU S 272 -52.58 12.52 64.74
C GLU S 272 -51.67 11.31 64.56
N THR S 273 -52.14 10.27 63.87
CA THR S 273 -51.30 9.10 63.65
C THR S 273 -50.09 9.44 62.80
N ILE S 274 -50.28 10.25 61.76
CA ILE S 274 -49.15 10.65 60.91
C ILE S 274 -48.16 11.49 61.71
N SER S 275 -48.67 12.42 62.53
CA SER S 275 -47.78 13.24 63.35
C SER S 275 -46.99 12.40 64.34
N SER S 276 -47.65 11.41 64.97
CA SER S 276 -46.95 10.53 65.90
C SER S 276 -45.91 9.69 65.18
N TRP S 277 -46.23 9.20 63.98
CA TRP S 277 -45.25 8.43 63.21
C TRP S 277 -44.04 9.29 62.85
N ILE S 278 -44.28 10.53 62.44
CA ILE S 278 -43.18 11.44 62.11
C ILE S 278 -42.33 11.71 63.35
N SER S 279 -42.98 11.93 64.50
CA SER S 279 -42.24 12.19 65.73
C SER S 279 -41.39 10.99 66.13
N THR S 280 -41.95 9.78 66.04
CA THR S 280 -41.19 8.58 66.40
C THR S 280 -40.04 8.35 65.43
N SER S 281 -40.27 8.59 64.13
CA SER S 281 -39.18 8.45 63.16
C SER S 281 -38.06 9.44 63.45
N SER S 282 -38.40 10.70 63.76
CA SER S 282 -37.38 11.68 64.10
C SER S 282 -36.64 11.30 65.36
N ARG S 283 -37.36 10.78 66.37
CA ARG S 283 -36.73 10.37 67.61
C ARG S 283 -35.75 9.23 67.39
N LEU S 284 -36.15 8.22 66.61
CA LEU S 284 -35.25 7.10 66.36
C LEU S 284 -34.06 7.52 65.51
N GLY S 285 -34.27 8.43 64.56
CA GLY S 285 -33.16 8.94 63.78
C GLY S 285 -32.17 9.71 64.63
N ASP S 286 -32.68 10.51 65.57
CA ASP S 286 -31.79 11.25 66.47
C ASP S 286 -31.05 10.31 67.41
N THR S 287 -31.73 9.28 67.91
CA THR S 287 -31.09 8.35 68.84
C THR S 287 -30.23 7.31 68.16
N LEU S 288 -30.27 7.22 66.83
CA LEU S 288 -29.39 6.28 66.13
C LEU S 288 -27.92 6.62 66.38
N GLY S 289 -27.57 7.89 66.28
CA GLY S 289 -26.23 8.34 66.59
C GLY S 289 -25.17 7.95 65.57
N THR S 290 -24.05 8.67 65.58
CA THR S 290 -22.90 8.37 64.71
C THR S 290 -21.64 8.64 65.54
N ARG S 291 -21.13 7.59 66.18
CA ARG S 291 -19.96 7.69 67.05
C ARG S 291 -18.73 7.24 66.26
N ALA S 292 -18.25 8.13 65.40
CA ALA S 292 -17.05 7.89 64.59
C ALA S 292 -15.96 8.84 65.09
N ILE S 293 -15.23 8.40 66.11
CA ILE S 293 -14.16 9.21 66.69
C ILE S 293 -12.91 8.34 66.85
N LEU S 294 -13.07 7.03 66.73
CA LEU S 294 -11.98 6.10 66.92
C LEU S 294 -11.22 5.87 65.60
N ARG S 295 -9.94 5.54 65.73
CA ARG S 295 -9.10 5.27 64.58
C ARG S 295 -8.00 4.31 64.99
N VAL S 296 -7.52 3.54 64.01
CA VAL S 296 -6.46 2.56 64.22
C VAL S 296 -5.28 2.92 63.36
N CYS S 297 -4.08 2.93 63.95
CA CYS S 297 -2.85 3.25 63.22
C CYS S 297 -1.70 2.55 63.93
N VAL S 298 -1.24 1.44 63.34
CA VAL S 298 -0.15 0.65 63.89
C VAL S 298 1.07 0.86 63.01
N PHE S 299 2.19 1.23 63.64
CA PHE S 299 3.43 1.49 62.92
C PHE S 299 4.13 0.16 62.65
N ASP S 300 4.19 -0.24 61.38
CA ASP S 300 4.83 -1.49 60.96
C ASP S 300 4.27 -2.69 61.72
N GLY S 301 2.96 -2.71 61.90
CA GLY S 301 2.31 -3.79 62.61
C GLY S 301 2.13 -5.01 61.73
N PRO S 302 1.76 -6.12 62.38
CA PRO S 302 1.54 -7.37 61.62
C PRO S 302 0.29 -7.27 60.76
N SER S 303 0.29 -8.08 59.69
CA SER S 303 -0.85 -8.11 58.78
C SER S 303 -2.08 -8.69 59.47
N THR S 304 -1.97 -9.92 59.95
CA THR S 304 -3.07 -10.54 60.67
C THR S 304 -3.19 -9.94 62.07
N VAL S 305 -4.43 -9.83 62.55
CA VAL S 305 -4.73 -9.27 63.86
C VAL S 305 -5.53 -10.29 64.66
N HIS S 306 -5.09 -10.54 65.89
CA HIS S 306 -5.75 -11.47 66.79
C HIS S 306 -5.77 -10.86 68.19
N PRO S 307 -6.75 -11.23 69.02
CA PRO S 307 -6.78 -10.70 70.40
C PRO S 307 -5.54 -11.10 71.18
N GLY S 308 -4.79 -10.11 71.65
CA GLY S 308 -3.56 -10.35 72.37
C GLY S 308 -2.34 -9.85 71.62
N ASP S 309 -2.52 -8.80 70.83
CA ASP S 309 -1.45 -8.23 70.02
C ASP S 309 -1.14 -6.82 70.52
N ARG S 310 -0.23 -6.15 69.81
CA ARG S 310 0.20 -4.80 70.16
C ARG S 310 -0.42 -3.83 69.17
N THR S 311 -1.45 -3.11 69.61
CA THR S 311 -2.15 -2.13 68.80
C THR S 311 -1.94 -0.74 69.38
N ALA S 312 -2.56 0.26 68.73
CA ALA S 312 -2.48 1.65 69.16
C ALA S 312 -3.88 2.25 69.17
N VAL S 313 -4.06 3.24 70.04
CA VAL S 313 -5.34 3.95 70.19
C VAL S 313 -5.10 5.42 69.87
N ILE S 314 -5.90 5.95 68.95
CA ILE S 314 -5.80 7.36 68.55
C ILE S 314 -7.17 7.84 68.13
N GLN S 315 -7.35 9.15 68.14
CA GLN S 315 -8.61 9.79 67.76
C GLN S 315 -8.39 10.70 66.57
N VAL S 316 -9.45 11.39 66.16
CA VAL S 316 -9.39 12.30 65.03
C VAL S 316 -10.04 13.64 65.38
N MET T 1 -8.33 9.48 -33.76
CA MET T 1 -7.75 8.77 -34.88
C MET T 1 -6.41 8.14 -34.49
N GLU T 2 -5.87 8.56 -33.34
CA GLU T 2 -4.60 8.04 -32.86
C GLU T 2 -4.77 6.83 -31.96
N ALA T 3 -5.73 6.88 -31.03
CA ALA T 3 -5.96 5.74 -30.14
C ALA T 3 -6.44 4.52 -30.92
N HIS T 4 -7.35 4.72 -31.87
CA HIS T 4 -7.83 3.61 -32.69
C HIS T 4 -6.69 3.02 -33.52
N LEU T 5 -5.85 3.87 -34.10
CA LEU T 5 -4.71 3.39 -34.88
C LEU T 5 -3.75 2.60 -34.00
N ALA T 6 -3.51 3.07 -32.78
CA ALA T 6 -2.66 2.33 -31.85
C ALA T 6 -3.26 0.98 -31.49
N ASN T 7 -4.58 0.94 -31.26
CA ASN T 7 -5.24 -0.29 -30.89
C ASN T 7 -5.45 -1.25 -32.07
N GLU T 8 -5.26 -0.77 -33.31
CA GLU T 8 -5.42 -1.64 -34.46
C GLU T 8 -4.41 -2.79 -34.50
N THR T 9 -3.32 -2.71 -33.73
CA THR T 9 -2.32 -3.78 -33.76
C THR T 9 -2.88 -5.09 -33.21
N LYS T 10 -3.80 -5.02 -32.26
CA LYS T 10 -4.42 -6.24 -31.74
C LYS T 10 -5.21 -6.97 -32.82
N HIS T 11 -5.98 -6.23 -33.61
CA HIS T 11 -6.72 -6.83 -34.72
C HIS T 11 -5.76 -7.30 -35.82
N ALA T 12 -4.69 -6.54 -36.07
CA ALA T 12 -3.73 -6.92 -37.10
C ALA T 12 -3.02 -8.23 -36.75
N LEU T 13 -2.67 -8.41 -35.48
CA LEU T 13 -1.98 -9.63 -35.05
C LEU T 13 -2.88 -10.85 -35.07
N TRP T 14 -4.20 -10.67 -35.19
CA TRP T 14 -5.11 -11.81 -35.21
C TRP T 14 -4.97 -12.59 -36.50
N HIS T 15 -4.89 -13.91 -36.39
CA HIS T 15 -4.78 -14.80 -37.54
C HIS T 15 -5.96 -15.74 -37.66
N ASN T 16 -6.36 -16.38 -36.57
CA ASN T 16 -7.50 -17.27 -36.54
C ASN T 16 -8.73 -16.53 -36.05
N ASP T 17 -9.85 -17.26 -35.95
CA ASP T 17 -11.13 -16.72 -35.50
C ASP T 17 -11.56 -15.53 -36.37
N HIS T 18 -11.81 -15.82 -37.64
CA HIS T 18 -12.18 -14.82 -38.63
C HIS T 18 -13.62 -14.34 -38.48
N THR T 19 -14.33 -14.70 -37.40
CA THR T 19 -15.71 -14.26 -37.22
C THR T 19 -15.81 -12.86 -36.63
N LYS T 20 -14.69 -12.22 -36.28
CA LYS T 20 -14.67 -10.88 -35.71
C LYS T 20 -13.72 -10.03 -36.55
N GLY T 21 -14.27 -9.34 -37.55
CA GLY T 21 -13.48 -8.48 -38.39
C GLY T 21 -13.66 -7.01 -38.06
N LEU T 22 -12.66 -6.40 -37.43
CA LEU T 22 -12.75 -5.00 -37.05
C LEU T 22 -12.61 -4.10 -38.28
N LEU T 23 -13.35 -2.99 -38.28
CA LEU T 23 -13.30 -2.03 -39.38
C LEU T 23 -13.56 -0.65 -38.81
N HIS T 24 -13.18 0.36 -39.59
CA HIS T 24 -13.32 1.75 -39.18
C HIS T 24 -14.72 2.25 -39.56
N VAL T 25 -15.50 2.64 -38.55
CA VAL T 25 -16.83 3.20 -38.74
C VAL T 25 -16.89 4.55 -38.06
N VAL T 26 -17.31 5.58 -38.80
CA VAL T 26 -17.41 6.94 -38.27
C VAL T 26 -18.86 7.23 -37.96
N ILE T 27 -19.14 7.62 -36.73
CA ILE T 27 -20.47 7.94 -36.25
C ILE T 27 -20.55 9.45 -36.05
N PRO T 28 -21.38 10.17 -36.79
CA PRO T 28 -21.49 11.61 -36.58
C PRO T 28 -22.09 11.95 -35.23
N ASN T 29 -21.70 13.10 -34.69
CA ASN T 29 -22.16 13.58 -33.40
C ASN T 29 -23.36 14.51 -33.51
N ALA T 30 -24.13 14.42 -34.60
CA ALA T 30 -25.29 15.29 -34.75
C ALA T 30 -26.36 14.99 -33.72
N GLY T 31 -26.45 13.75 -33.24
CA GLY T 31 -27.43 13.37 -32.24
C GLY T 31 -27.08 13.73 -30.82
N LEU T 32 -25.90 14.29 -30.58
CA LEU T 32 -25.51 14.67 -29.22
C LEU T 32 -26.22 15.90 -28.71
N ILE T 33 -26.90 16.64 -29.57
CA ILE T 33 -27.63 17.83 -29.13
C ILE T 33 -28.79 17.44 -28.22
N ALA T 34 -29.43 16.31 -28.49
CA ALA T 34 -30.55 15.83 -27.69
C ALA T 34 -30.11 15.04 -26.46
N ALA T 35 -28.81 14.82 -26.29
CA ALA T 35 -28.33 14.08 -25.12
C ALA T 35 -28.61 14.85 -23.83
N GLY T 36 -28.43 16.16 -23.86
CA GLY T 36 -28.65 16.97 -22.67
C GLY T 36 -27.57 16.87 -21.62
N ILE T 37 -26.36 16.48 -22.00
CA ILE T 37 -25.24 16.36 -21.08
C ILE T 37 -24.17 17.37 -21.47
N ASP T 38 -23.13 17.45 -20.65
CA ASP T 38 -22.04 18.39 -20.87
C ASP T 38 -20.98 17.75 -21.76
N PRO T 39 -20.72 18.29 -22.96
CA PRO T 39 -19.66 17.71 -23.80
C PRO T 39 -18.26 17.83 -23.21
N ALA T 40 -18.07 18.75 -22.24
CA ALA T 40 -16.74 18.91 -21.64
C ALA T 40 -16.33 17.66 -20.88
N LEU T 41 -17.28 17.03 -20.17
CA LEU T 41 -17.01 15.84 -19.39
C LEU T 41 -17.03 14.56 -20.22
N LEU T 42 -16.90 14.66 -21.54
CA LEU T 42 -16.96 13.50 -22.42
C LEU T 42 -15.62 13.20 -23.10
N ILE T 43 -14.63 14.07 -23.00
CA ILE T 43 -13.34 13.85 -23.66
C ILE T 43 -12.24 13.77 -22.61
N LEU T 44 -12.03 14.87 -21.89
CA LEU T 44 -10.99 14.90 -20.85
C LEU T 44 -11.38 15.98 -19.84
N LYS T 45 -11.95 15.56 -18.71
CA LYS T 45 -12.33 16.48 -17.65
C LYS T 45 -12.55 15.67 -16.38
N LYS T 46 -11.82 16.01 -15.31
CA LYS T 46 -11.89 15.33 -14.04
C LYS T 46 -11.69 13.82 -14.22
N PRO T 47 -10.47 13.38 -14.52
CA PRO T 47 -10.24 11.95 -14.75
C PRO T 47 -10.54 11.13 -13.51
N GLY T 48 -11.04 9.90 -13.75
CA GLY T 48 -11.40 9.01 -12.66
C GLY T 48 -12.68 8.25 -12.95
N GLN T 49 -13.54 8.82 -13.81
CA GLN T 49 -14.78 8.13 -14.17
C GLN T 49 -14.50 6.88 -14.99
N ARG T 50 -13.50 6.95 -15.88
CA ARG T 50 -13.11 5.83 -16.74
C ARG T 50 -14.29 5.36 -17.60
N PHE T 51 -14.77 6.27 -18.45
CA PHE T 51 -15.87 5.95 -19.34
C PHE T 51 -15.42 4.93 -20.38
N LYS T 52 -16.25 3.91 -20.59
CA LYS T 52 -15.95 2.85 -21.54
C LYS T 52 -17.19 2.51 -22.35
N VAL T 53 -16.99 1.99 -23.55
CA VAL T 53 -18.06 1.58 -24.44
C VAL T 53 -17.89 0.10 -24.77
N GLU T 54 -18.98 -0.64 -24.65
CA GLU T 54 -18.98 -2.08 -24.90
C GLU T 54 -19.94 -2.41 -26.04
N VAL T 55 -19.59 -3.42 -26.82
CA VAL T 55 -20.40 -3.89 -27.94
C VAL T 55 -20.75 -5.35 -27.70
N GLN T 56 -22.04 -5.67 -27.75
CA GLN T 56 -22.52 -7.02 -27.52
C GLN T 56 -23.58 -7.37 -28.56
N THR T 57 -23.74 -8.66 -28.80
CA THR T 57 -24.72 -9.16 -29.75
C THR T 57 -26.00 -9.61 -29.03
N ARG T 58 -27.05 -9.82 -29.81
CA ARG T 58 -28.35 -10.22 -29.29
C ARG T 58 -28.92 -11.28 -30.22
N TYR T 59 -28.88 -12.54 -29.78
CA TYR T 59 -29.41 -13.64 -30.58
C TYR T 59 -30.92 -13.77 -30.38
N HIS T 60 -31.50 -14.78 -31.01
CA HIS T 60 -32.95 -15.01 -30.95
C HIS T 60 -33.20 -16.51 -30.92
N ALA T 61 -33.63 -17.02 -29.77
CA ALA T 61 -34.02 -18.43 -29.60
C ALA T 61 -32.90 -19.39 -30.00
N THR T 62 -31.65 -19.01 -29.77
CA THR T 62 -30.52 -19.87 -30.07
C THR T 62 -29.62 -20.03 -28.85
N GLY T 63 -29.57 -19.01 -28.00
CA GLY T 63 -28.77 -19.04 -26.81
C GLY T 63 -27.39 -18.44 -27.01
N GLN T 64 -26.66 -18.33 -25.89
CA GLN T 64 -25.31 -17.79 -25.85
C GLN T 64 -25.24 -16.32 -26.26
N CYS T 65 -24.10 -15.69 -26.05
CA CYS T 65 -23.93 -14.28 -26.42
C CYS T 65 -22.45 -13.99 -26.55
N GLU T 66 -22.15 -12.89 -27.24
CA GLU T 66 -20.76 -12.48 -27.39
C GLU T 66 -20.21 -12.00 -26.05
N PRO T 67 -18.94 -12.29 -25.75
CA PRO T 67 -18.32 -11.86 -24.49
C PRO T 67 -17.84 -10.42 -24.51
N TRP T 68 -18.69 -9.51 -25.00
CA TRP T 68 -18.41 -8.07 -25.03
C TRP T 68 -17.16 -7.76 -25.83
N CYS T 69 -16.70 -6.51 -25.76
CA CYS T 69 -15.50 -6.08 -26.47
C CYS T 69 -14.95 -4.84 -25.79
N GLN T 70 -13.71 -4.90 -25.32
CA GLN T 70 -13.09 -3.78 -24.63
C GLN T 70 -12.55 -2.78 -25.65
N VAL T 71 -13.35 -1.74 -25.91
CA VAL T 71 -12.96 -0.68 -26.84
C VAL T 71 -13.27 0.67 -26.20
N PHE T 72 -12.61 1.70 -26.71
CA PHE T 72 -12.82 3.06 -26.23
C PHE T 72 -12.49 4.05 -27.34
N ALA T 73 -13.01 5.26 -27.19
CA ALA T 73 -12.80 6.31 -28.18
C ALA T 73 -12.97 7.66 -27.50
N ALA T 74 -12.62 8.71 -28.24
CA ALA T 74 -12.74 10.07 -27.75
C ALA T 74 -13.26 10.97 -28.86
N TYR T 75 -13.95 12.04 -28.46
CA TYR T 75 -14.51 12.99 -29.41
C TYR T 75 -13.50 14.08 -29.73
N ILE T 76 -13.88 14.95 -30.66
CA ILE T 76 -13.02 16.06 -31.08
C ILE T 76 -13.91 17.23 -31.53
N PRO T 77 -13.99 18.30 -30.75
CA PRO T 77 -14.84 19.44 -31.13
C PRO T 77 -14.13 20.46 -32.00
N ASP T 78 -14.80 21.57 -32.29
CA ASP T 78 -14.23 22.70 -33.02
C ASP T 78 -13.79 22.30 -34.43
N ASN T 79 -14.78 21.94 -35.25
CA ASN T 79 -14.60 21.66 -36.67
C ASN T 79 -13.61 20.51 -36.87
N ALA T 80 -14.03 19.33 -36.40
CA ALA T 80 -13.22 18.13 -36.55
C ALA T 80 -12.96 17.80 -38.03
N LEU T 81 -13.89 18.16 -38.91
CA LEU T 81 -13.70 17.91 -40.34
C LEU T 81 -12.49 18.67 -40.87
N THR T 82 -12.30 19.90 -40.42
CA THR T 82 -11.17 20.69 -40.89
C THR T 82 -9.84 20.06 -40.51
N ASN T 83 -9.73 19.56 -39.28
CA ASN T 83 -8.47 18.97 -38.83
C ASN T 83 -8.30 17.52 -39.23
N LEU T 84 -9.36 16.86 -39.69
CA LEU T 84 -9.22 15.48 -40.19
C LEU T 84 -9.05 15.41 -41.70
N LEU T 85 -9.51 16.43 -42.45
CA LEU T 85 -9.32 16.45 -43.89
C LEU T 85 -8.04 17.20 -44.26
N ILE T 86 -7.93 18.46 -43.85
CA ILE T 86 -6.71 19.23 -44.11
C ILE T 86 -5.59 18.69 -43.24
N PRO T 87 -4.38 18.49 -43.77
CA PRO T 87 -3.27 18.00 -42.94
C PRO T 87 -2.96 18.96 -41.81
N LYS T 88 -2.55 18.38 -40.68
CA LYS T 88 -2.26 19.16 -39.48
C LYS T 88 -1.08 20.09 -39.72
N THR T 89 -1.32 21.39 -39.54
CA THR T 89 -0.30 22.43 -39.71
C THR T 89 -0.37 23.42 -38.56
N GLU T 90 -0.41 22.90 -37.34
CA GLU T 90 -0.50 23.76 -36.16
C GLU T 90 0.64 24.77 -36.01
N PRO T 91 1.92 24.42 -36.25
CA PRO T 91 2.96 25.46 -36.12
C PRO T 91 2.78 26.63 -37.07
N PHE T 92 2.25 26.39 -38.26
CA PHE T 92 2.06 27.45 -39.24
C PHE T 92 0.60 27.59 -39.63
N VAL T 93 -0.29 27.59 -38.63
CA VAL T 93 -1.72 27.68 -38.89
C VAL T 93 -2.04 29.08 -39.40
N SER T 94 -2.81 29.13 -40.49
CA SER T 94 -3.22 30.39 -41.09
C SER T 94 -4.60 30.19 -41.74
N HIS T 95 -5.00 31.15 -42.56
CA HIS T 95 -6.29 31.09 -43.25
C HIS T 95 -6.12 30.23 -44.51
N VAL T 96 -6.24 28.93 -44.31
CA VAL T 96 -6.09 27.94 -45.38
C VAL T 96 -7.45 27.34 -45.68
N PHE T 97 -7.75 27.19 -46.97
CA PHE T 97 -9.00 26.61 -47.45
C PHE T 97 -10.22 27.41 -46.97
N SER T 98 -11.41 26.83 -47.11
CA SER T 98 -12.63 27.50 -46.69
C SER T 98 -13.70 26.44 -46.46
N ALA T 99 -14.38 26.51 -45.32
CA ALA T 99 -15.42 25.55 -44.99
C ALA T 99 -16.44 26.21 -44.06
N THR T 100 -17.62 25.62 -44.00
CA THR T 100 -18.69 26.10 -43.15
C THR T 100 -18.55 25.52 -41.75
N HIS T 101 -19.56 25.70 -40.91
CA HIS T 101 -19.54 25.17 -39.55
C HIS T 101 -19.63 23.65 -39.58
N ASN T 102 -18.53 22.99 -39.27
CA ASN T 102 -18.47 21.53 -39.28
C ASN T 102 -18.91 21.00 -37.91
N SER T 103 -18.73 19.69 -37.70
CA SER T 103 -19.10 19.04 -36.45
C SER T 103 -18.00 18.07 -36.05
N GLY T 104 -18.24 17.33 -34.98
CA GLY T 104 -17.29 16.37 -34.47
C GLY T 104 -17.45 15.00 -35.12
N GLY T 105 -16.77 14.02 -34.53
CA GLY T 105 -16.83 12.66 -35.04
C GLY T 105 -16.34 11.68 -34.00
N LEU T 106 -16.66 10.40 -34.25
CA LEU T 106 -16.27 9.33 -33.35
C LEU T 106 -16.04 8.06 -34.17
N ILE T 107 -15.23 7.16 -33.60
CA ILE T 107 -14.91 5.88 -34.23
C ILE T 107 -15.37 4.77 -33.30
N LEU T 108 -16.18 3.87 -33.82
CA LEU T 108 -16.72 2.75 -33.05
C LEU T 108 -16.37 1.44 -33.73
N SER T 109 -15.98 0.45 -32.92
CA SER T 109 -15.61 -0.87 -33.43
C SER T 109 -16.84 -1.76 -33.50
N LEU T 110 -17.05 -2.37 -34.66
CA LEU T 110 -18.17 -3.28 -34.88
C LEU T 110 -17.68 -4.53 -35.58
N PRO T 111 -17.61 -5.68 -34.89
CA PRO T 111 -17.13 -6.90 -35.54
C PRO T 111 -18.06 -7.35 -36.65
N VAL T 112 -17.48 -7.98 -37.67
CA VAL T 112 -18.22 -8.50 -38.82
C VAL T 112 -17.81 -9.95 -39.03
N TYR T 113 -18.70 -10.70 -39.68
CA TYR T 113 -18.48 -12.12 -39.93
C TYR T 113 -18.10 -12.32 -41.39
N LEU T 114 -16.93 -12.90 -41.63
CA LEU T 114 -16.47 -13.22 -42.97
C LEU T 114 -16.11 -14.70 -43.03
N SER T 115 -16.62 -15.39 -44.05
CA SER T 115 -16.45 -16.82 -44.21
C SER T 115 -16.94 -17.22 -45.60
N PRO T 116 -16.63 -18.43 -46.09
CA PRO T 116 -17.24 -18.88 -47.35
C PRO T 116 -18.76 -18.87 -47.31
N GLY T 117 -19.35 -19.25 -46.18
CA GLY T 117 -20.78 -19.12 -45.99
C GLY T 117 -21.14 -17.78 -45.39
N LEU T 118 -21.08 -16.73 -46.21
CA LEU T 118 -21.28 -15.36 -45.74
C LEU T 118 -22.68 -15.17 -45.14
N PHE T 119 -23.70 -15.28 -45.99
CA PHE T 119 -25.10 -15.10 -45.61
C PHE T 119 -25.38 -13.66 -45.16
N PHE T 120 -26.65 -13.25 -45.22
CA PHE T 120 -27.03 -11.92 -44.77
C PHE T 120 -28.52 -11.92 -44.45
N ASP T 121 -28.88 -11.20 -43.39
CA ASP T 121 -30.27 -11.09 -42.95
C ASP T 121 -30.34 -9.94 -41.94
N ALA T 122 -31.54 -9.66 -41.45
CA ALA T 122 -31.78 -8.63 -40.45
C ALA T 122 -32.53 -9.28 -39.29
N PHE T 123 -31.78 -9.89 -38.37
CA PHE T 123 -32.38 -10.51 -37.19
C PHE T 123 -31.56 -10.30 -35.93
N ASN T 124 -30.48 -9.50 -35.99
CA ASN T 124 -29.60 -9.29 -34.86
C ASN T 124 -29.49 -7.79 -34.58
N VAL T 125 -29.65 -7.41 -33.32
CA VAL T 125 -29.57 -6.03 -32.87
C VAL T 125 -28.31 -5.87 -32.03
N VAL T 126 -27.50 -4.87 -32.36
CA VAL T 126 -26.25 -4.62 -31.66
C VAL T 126 -26.54 -3.69 -30.49
N ALA T 127 -26.18 -4.12 -29.28
CA ALA T 127 -26.38 -3.35 -28.07
C ALA T 127 -25.09 -2.63 -27.71
N ILE T 128 -25.19 -1.33 -27.48
CA ILE T 128 -24.06 -0.48 -27.13
C ILE T 128 -24.24 0.02 -25.70
N ARG T 129 -23.23 -0.23 -24.87
CA ARG T 129 -23.26 0.19 -23.47
C ARG T 129 -22.49 1.50 -23.32
N ILE T 130 -23.13 2.48 -22.68
CA ILE T 130 -22.53 3.79 -22.44
C ILE T 130 -22.52 4.04 -20.95
N ASN T 131 -21.37 4.45 -20.43
CA ASN T 131 -21.20 4.70 -18.99
C ASN T 131 -21.67 6.10 -18.62
N THR T 132 -22.98 6.32 -18.76
CA THR T 132 -23.60 7.58 -18.40
C THR T 132 -24.85 7.34 -17.56
N GLY T 133 -25.62 8.39 -17.30
CA GLY T 133 -26.85 8.27 -16.55
C GLY T 133 -27.86 7.36 -17.22
N ASN T 134 -28.43 6.44 -16.45
CA ASN T 134 -29.40 5.50 -16.99
C ASN T 134 -30.72 6.16 -17.36
N ARG T 135 -30.98 7.37 -16.85
CA ARG T 135 -32.21 8.09 -17.15
C ARG T 135 -32.05 8.81 -18.49
N LYS T 136 -32.75 8.34 -19.52
CA LYS T 136 -32.72 8.92 -20.86
C LYS T 136 -31.29 8.96 -21.39
N HIS T 137 -30.71 7.78 -21.55
CA HIS T 137 -29.35 7.66 -22.07
C HIS T 137 -29.25 8.05 -23.55
N ARG T 138 -30.37 8.07 -24.26
CA ARG T 138 -30.42 8.45 -25.67
C ARG T 138 -29.51 7.55 -26.51
N ASP T 139 -29.83 6.26 -26.50
CA ASP T 139 -29.08 5.26 -27.24
C ASP T 139 -29.80 4.96 -28.56
N ILE T 140 -29.18 4.10 -29.37
CA ILE T 140 -29.72 3.72 -30.66
C ILE T 140 -29.68 2.20 -30.78
N CYS T 141 -30.58 1.65 -31.61
CA CYS T 141 -30.66 0.22 -31.83
C CYS T 141 -31.01 -0.03 -33.29
N ILE T 142 -30.10 -0.66 -34.03
CA ILE T 142 -30.30 -0.95 -35.44
C ILE T 142 -30.05 -2.43 -35.68
N MET T 143 -30.63 -2.94 -36.75
CA MET T 143 -30.49 -4.34 -37.12
C MET T 143 -29.23 -4.52 -37.98
N TYR T 144 -29.03 -5.73 -38.51
CA TYR T 144 -27.87 -6.02 -39.33
C TYR T 144 -28.04 -5.55 -40.78
N ALA T 145 -29.25 -5.15 -41.17
CA ALA T 145 -29.45 -4.67 -42.54
C ALA T 145 -28.68 -3.40 -42.81
N GLU T 146 -28.67 -2.46 -41.84
CA GLU T 146 -27.95 -1.21 -42.03
C GLU T 146 -26.45 -1.41 -41.89
N LEU T 147 -26.02 -2.43 -41.13
CA LEU T 147 -24.59 -2.67 -40.97
C LEU T 147 -23.94 -3.08 -42.28
N ILE T 148 -24.61 -3.91 -43.06
CA ILE T 148 -24.08 -4.38 -44.34
C ILE T 148 -25.06 -4.02 -45.45
N PRO T 149 -24.92 -2.86 -46.09
CA PRO T 149 -25.82 -2.49 -47.19
C PRO T 149 -25.35 -2.95 -48.57
N ASN T 150 -24.17 -3.55 -48.66
CA ASN T 150 -23.61 -4.04 -49.93
C ASN T 150 -23.50 -2.91 -50.95
N GLY T 151 -22.67 -1.92 -50.62
CA GLY T 151 -22.44 -0.80 -51.49
C GLY T 151 -21.22 -0.02 -51.08
N THR T 152 -20.69 0.75 -52.03
CA THR T 152 -19.50 1.56 -51.80
C THR T 152 -19.50 2.74 -52.75
N ARG T 153 -18.77 3.79 -52.38
CA ARG T 153 -18.65 5.00 -53.17
C ARG T 153 -17.19 5.13 -53.61
N TYR T 154 -16.91 4.69 -54.84
CA TYR T 154 -15.56 4.75 -55.40
C TYR T 154 -15.38 5.84 -56.44
N PHE T 155 -16.45 6.23 -57.15
CA PHE T 155 -16.34 7.24 -58.19
C PHE T 155 -16.49 8.66 -57.64
N ALA T 156 -17.31 8.85 -56.60
CA ALA T 156 -17.50 10.18 -56.04
C ALA T 156 -16.28 10.70 -55.31
N ASP T 157 -15.40 9.81 -54.86
CA ASP T 157 -14.20 10.25 -54.13
C ASP T 157 -13.16 10.87 -55.04
N GLY T 158 -13.23 10.62 -56.35
CA GLY T 158 -12.24 11.17 -57.26
C GLY T 158 -12.29 12.68 -57.35
N GLN T 159 -13.50 13.25 -57.41
CA GLN T 159 -13.63 14.70 -57.53
C GLN T 159 -13.31 15.43 -56.24
N ARG T 160 -13.46 14.78 -55.09
CA ARG T 160 -13.15 15.43 -53.81
C ARG T 160 -11.66 15.75 -53.71
N VAL T 161 -10.81 14.80 -54.13
CA VAL T 161 -9.37 15.03 -54.05
C VAL T 161 -8.93 16.09 -55.06
N LEU T 162 -9.62 16.20 -56.20
CA LEU T 162 -9.25 17.17 -57.21
C LEU T 162 -9.40 18.59 -56.69
N LEU T 163 -10.49 18.88 -55.98
CA LEU T 163 -10.68 20.22 -55.42
C LEU T 163 -9.59 20.55 -54.41
N LEU T 164 -9.25 19.60 -53.54
CA LEU T 164 -8.22 19.85 -52.54
C LEU T 164 -6.86 20.07 -53.19
N CYS T 165 -6.53 19.27 -54.21
CA CYS T 165 -5.23 19.43 -54.86
C CYS T 165 -5.16 20.75 -55.62
N LYS T 166 -6.25 21.16 -56.27
CA LYS T 166 -6.28 22.45 -56.94
C LYS T 166 -6.13 23.59 -55.93
N GLN T 167 -6.81 23.49 -54.79
CA GLN T 167 -6.69 24.52 -53.76
C GLN T 167 -5.27 24.61 -53.23
N LEU T 168 -4.62 23.47 -52.98
CA LEU T 168 -3.26 23.51 -52.45
C LEU T 168 -2.29 24.05 -53.50
N ILE T 169 -2.49 23.69 -54.78
CA ILE T 169 -1.64 24.23 -55.83
C ILE T 169 -1.80 25.74 -55.93
N ALA T 170 -3.04 26.22 -55.85
CA ALA T 170 -3.28 27.67 -55.89
C ALA T 170 -2.64 28.36 -54.70
N TYR T 171 -2.73 27.76 -53.51
CA TYR T 171 -2.11 28.34 -52.32
C TYR T 171 -0.60 28.39 -52.45
N ILE T 172 0.01 27.34 -52.99
CA ILE T 172 1.46 27.32 -53.19
C ILE T 172 1.86 28.38 -54.21
N ARG T 173 1.12 28.49 -55.31
CA ARG T 173 1.49 29.43 -56.36
C ARG T 173 1.19 30.88 -56.00
N CYS T 174 0.30 31.13 -55.03
CA CYS T 174 -0.07 32.51 -54.72
C CYS T 174 1.06 33.24 -53.99
N THR T 175 1.90 32.53 -53.25
CA THR T 175 3.00 33.15 -52.53
C THR T 175 4.25 33.16 -53.40
N PRO T 176 4.84 34.32 -53.71
CA PRO T 176 6.05 34.37 -54.54
C PRO T 176 7.33 34.16 -53.74
N ARG T 177 7.63 32.89 -53.47
CA ARG T 177 8.81 32.53 -52.70
C ARG T 177 9.48 31.35 -53.40
N LEU T 178 10.46 30.75 -52.71
CA LEU T 178 11.23 29.60 -53.22
C LEU T 178 11.94 30.05 -54.51
N ALA T 179 11.97 29.21 -55.54
CA ALA T 179 12.64 29.53 -56.79
C ALA T 179 11.69 29.23 -57.96
N SER T 180 12.15 29.54 -59.17
CA SER T 180 11.36 29.31 -60.37
C SER T 180 11.30 27.85 -60.77
N SER T 181 12.15 27.00 -60.19
CA SER T 181 12.12 25.57 -60.52
C SER T 181 10.79 24.94 -60.11
N ILE T 182 10.30 25.30 -58.93
CA ILE T 182 9.01 24.77 -58.48
C ILE T 182 7.89 25.19 -59.42
N LYS T 183 7.88 26.48 -59.79
CA LYS T 183 6.84 26.97 -60.69
C LYS T 183 6.91 26.27 -62.05
N ILE T 184 8.11 26.11 -62.59
CA ILE T 184 8.23 25.53 -63.92
C ILE T 184 7.86 24.04 -63.90
N TYR T 185 8.24 23.32 -62.84
CA TYR T 185 7.88 21.90 -62.79
C TYR T 185 6.40 21.72 -62.54
N ALA T 186 5.78 22.60 -61.74
CA ALA T 186 4.33 22.55 -61.57
C ALA T 186 3.62 22.83 -62.89
N GLU T 187 4.10 23.81 -63.66
CA GLU T 187 3.52 24.10 -64.96
C GLU T 187 3.67 22.91 -65.90
N HIS T 188 4.84 22.27 -65.90
CA HIS T 188 5.05 21.09 -66.74
C HIS T 188 4.12 19.95 -66.35
N MET T 189 3.95 19.73 -65.04
CA MET T 189 3.05 18.68 -64.58
C MET T 189 1.60 18.99 -64.97
N VAL T 190 1.19 20.25 -64.87
CA VAL T 190 -0.16 20.63 -65.25
C VAL T 190 -0.36 20.41 -66.75
N ALA T 191 0.62 20.82 -67.56
CA ALA T 191 0.50 20.64 -69.00
C ALA T 191 0.54 19.17 -69.40
N ALA T 192 1.19 18.33 -68.60
CA ALA T 192 1.28 16.90 -68.90
C ALA T 192 -0.05 16.18 -68.71
N MET T 193 -1.03 16.80 -68.05
CA MET T 193 -2.33 16.18 -67.82
C MET T 193 -3.25 16.28 -69.04
N GLY T 194 -2.85 17.02 -70.07
CA GLY T 194 -3.68 17.16 -71.25
C GLY T 194 -3.14 18.20 -72.22
N GLU T 195 -3.26 17.91 -73.51
CA GLU T 195 -2.76 18.84 -74.52
C GLU T 195 -3.71 20.01 -74.73
N SER T 196 -4.97 19.71 -75.09
CA SER T 196 -5.98 20.75 -75.30
C SER T 196 -6.74 21.10 -74.02
N HIS T 197 -6.51 20.37 -72.93
CA HIS T 197 -7.23 20.67 -71.69
C HIS T 197 -6.67 21.91 -71.01
N THR T 198 -5.39 22.22 -71.23
CA THR T 198 -4.75 23.37 -70.60
C THR T 198 -4.33 24.44 -71.59
N SER T 199 -3.72 24.05 -72.72
CA SER T 199 -3.30 25.05 -73.71
C SER T 199 -4.50 25.76 -74.32
N ASN T 200 -5.57 25.03 -74.60
CA ASN T 200 -6.77 25.60 -75.18
C ASN T 200 -7.91 25.75 -74.18
N GLY T 201 -7.76 25.23 -72.96
CA GLY T 201 -8.79 25.34 -71.95
C GLY T 201 -8.40 26.23 -70.80
N ASP T 202 -8.10 25.62 -69.65
CA ASP T 202 -7.71 26.37 -68.46
C ASP T 202 -6.68 25.56 -67.69
N ASN T 203 -5.84 26.29 -66.93
CA ASN T 203 -4.82 25.63 -66.13
C ASN T 203 -5.39 25.11 -64.82
N ILE T 204 -5.96 25.99 -64.00
CA ILE T 204 -6.57 25.63 -62.73
C ILE T 204 -8.09 25.77 -62.78
N GLY T 205 -8.58 26.96 -63.11
CA GLY T 205 -10.00 27.19 -63.20
C GLY T 205 -10.70 27.15 -61.86
N PRO T 206 -10.42 28.13 -61.00
CA PRO T 206 -11.07 28.15 -59.68
C PRO T 206 -12.59 28.24 -59.75
N VAL T 207 -13.11 28.97 -60.75
CA VAL T 207 -14.53 29.25 -60.98
C VAL T 207 -15.33 29.35 -59.68
N SER T 208 -15.91 28.26 -59.21
CA SER T 208 -16.75 28.25 -58.02
C SER T 208 -16.42 27.04 -57.14
N SER T 209 -15.13 26.79 -56.95
CA SER T 209 -14.67 25.66 -56.15
C SER T 209 -14.91 25.95 -54.67
N ILE T 210 -16.01 25.43 -54.14
CA ILE T 210 -16.39 25.62 -52.75
C ILE T 210 -16.46 24.25 -52.09
N ILE T 211 -15.78 24.09 -50.96
CA ILE T 211 -15.75 22.81 -50.24
C ILE T 211 -17.13 22.58 -49.63
N ASP T 212 -17.88 21.64 -50.21
CA ASP T 212 -19.21 21.32 -49.72
C ASP T 212 -19.54 19.88 -50.06
N LEU T 213 -20.52 19.33 -49.36
CA LEU T 213 -20.97 17.95 -49.57
C LEU T 213 -22.37 18.00 -50.17
N ASP T 214 -22.44 18.05 -51.50
CA ASP T 214 -23.70 18.10 -52.22
C ASP T 214 -23.91 16.87 -53.09
N ARG T 215 -22.94 16.53 -53.95
CA ARG T 215 -23.04 15.35 -54.81
C ARG T 215 -22.22 14.18 -54.29
N GLN T 216 -21.64 14.29 -53.10
CA GLN T 216 -20.81 13.24 -52.53
C GLN T 216 -21.63 12.25 -51.70
N LEU T 217 -22.64 12.73 -50.98
CA LEU T 217 -23.44 11.89 -50.09
C LEU T 217 -24.86 11.69 -50.60
N THR T 218 -25.07 11.84 -51.91
CA THR T 218 -26.40 11.69 -52.50
C THR T 218 -26.48 10.53 -53.48
N SER T 219 -25.51 10.42 -54.40
CA SER T 219 -25.51 9.37 -55.41
C SER T 219 -24.16 8.68 -55.42
N GLY T 220 -24.16 7.42 -55.85
CA GLY T 220 -22.94 6.64 -55.93
C GLY T 220 -22.96 5.40 -55.07
N GLY T 221 -24.15 5.02 -54.59
CA GLY T 221 -24.29 3.85 -53.74
C GLY T 221 -23.89 2.56 -54.42
N ILE T 222 -24.65 2.18 -55.46
CA ILE T 222 -24.34 0.98 -56.23
C ILE T 222 -23.85 1.38 -57.61
N ASP T 223 -22.53 1.47 -57.77
CA ASP T 223 -21.94 1.89 -59.04
C ASP T 223 -20.79 1.00 -59.51
N ASP T 224 -20.13 0.26 -58.62
CA ASP T 224 -18.99 -0.58 -58.99
C ASP T 224 -19.29 -2.06 -58.79
N SER T 225 -20.57 -2.44 -58.80
CA SER T 225 -20.93 -3.85 -58.70
C SER T 225 -20.51 -4.59 -59.96
N PRO T 226 -20.30 -5.91 -59.86
CA PRO T 226 -19.90 -6.67 -61.06
C PRO T 226 -20.85 -6.54 -62.22
N ALA T 227 -22.16 -6.50 -61.95
CA ALA T 227 -23.14 -6.29 -63.02
C ALA T 227 -22.97 -4.90 -63.65
N GLU T 228 -22.76 -3.88 -62.81
CA GLU T 228 -22.53 -2.54 -63.33
C GLU T 228 -21.25 -2.47 -64.15
N THR T 229 -20.20 -3.15 -63.70
CA THR T 229 -18.95 -3.19 -64.46
C THR T 229 -19.14 -3.89 -65.80
N ARG T 230 -19.90 -4.99 -65.82
CA ARG T 230 -20.18 -5.68 -67.07
C ARG T 230 -20.96 -4.79 -68.02
N ILE T 231 -21.97 -4.08 -67.51
CA ILE T 231 -22.75 -3.18 -68.35
C ILE T 231 -21.86 -2.06 -68.90
N GLN T 232 -20.99 -1.51 -68.05
CA GLN T 232 -20.10 -0.43 -68.50
C GLN T 232 -19.13 -0.91 -69.57
N GLU T 233 -18.56 -2.11 -69.39
CA GLU T 233 -17.63 -2.61 -70.39
C GLU T 233 -18.33 -2.97 -71.68
N ASN T 234 -19.57 -3.47 -71.60
CA ASN T 234 -20.34 -3.71 -72.82
C ASN T 234 -20.64 -2.42 -73.55
N ASN T 235 -21.00 -1.36 -72.81
CA ASN T 235 -21.25 -0.07 -73.42
C ASN T 235 -20.00 0.51 -74.05
N ARG T 236 -18.85 0.35 -73.39
CA ARG T 236 -17.60 0.86 -73.94
C ARG T 236 -17.19 0.08 -75.19
N ASP T 237 -17.44 -1.23 -75.21
CA ASP T 237 -17.17 -2.02 -76.41
C ASP T 237 -18.09 -1.60 -77.56
N VAL T 238 -19.36 -1.33 -77.25
CA VAL T 238 -20.30 -0.86 -78.28
C VAL T 238 -19.83 0.48 -78.84
N LEU T 239 -19.42 1.40 -77.96
CA LEU T 239 -18.93 2.69 -78.42
C LEU T 239 -17.67 2.56 -79.26
N GLU T 240 -16.77 1.66 -78.85
CA GLU T 240 -15.55 1.45 -79.62
C GLU T 240 -15.85 0.90 -81.01
N LEU T 241 -16.78 -0.07 -81.10
CA LEU T 241 -17.11 -0.63 -82.41
C LEU T 241 -17.83 0.40 -83.28
N ILE T 242 -18.67 1.25 -82.66
CA ILE T 242 -19.33 2.31 -83.41
C ILE T 242 -18.29 3.30 -83.96
N LYS T 243 -17.31 3.67 -83.13
CA LYS T 243 -16.26 4.58 -83.58
C LYS T 243 -15.44 3.94 -84.71
N ARG T 244 -15.13 2.65 -84.58
CA ARG T 244 -14.38 1.97 -85.63
C ARG T 244 -15.17 1.93 -86.94
N ALA T 245 -16.48 1.66 -86.86
CA ALA T 245 -17.30 1.65 -88.06
C ALA T 245 -17.38 3.04 -88.68
N VAL T 246 -17.49 4.08 -87.85
CA VAL T 246 -17.52 5.44 -88.37
C VAL T 246 -16.20 5.77 -89.07
N ASN T 247 -15.08 5.38 -88.48
CA ASN T 247 -13.78 5.63 -89.10
C ASN T 247 -13.63 4.89 -90.42
N ILE T 248 -14.10 3.63 -90.46
CA ILE T 248 -13.96 2.85 -91.69
C ILE T 248 -14.85 3.41 -92.79
N VAL T 249 -16.11 3.69 -92.48
CA VAL T 249 -17.08 4.18 -93.46
C VAL T 249 -17.61 5.51 -92.96
N ASN T 250 -17.41 6.57 -93.75
CA ASN T 250 -17.88 7.90 -93.42
C ASN T 250 -19.07 8.35 -94.27
N SER T 251 -19.09 7.99 -95.54
CA SER T 251 -20.17 8.39 -96.44
C SER T 251 -20.53 7.25 -97.39
N LEU T 330 4.39 9.37 -60.81
CA LEU T 330 4.53 10.65 -61.52
C LEU T 330 4.35 11.81 -60.56
N MET T 331 4.27 11.51 -59.26
CA MET T 331 4.11 12.53 -58.23
C MET T 331 5.26 12.52 -57.23
N GLU T 332 6.41 11.97 -57.62
CA GLU T 332 7.56 11.93 -56.71
C GLU T 332 8.04 13.33 -56.36
N TRP T 333 8.14 14.22 -57.36
CA TRP T 333 8.56 15.59 -57.10
C TRP T 333 7.55 16.32 -56.22
N PHE T 334 6.26 16.10 -56.47
CA PHE T 334 5.24 16.72 -55.63
C PHE T 334 5.34 16.24 -54.18
N ASP T 335 5.55 14.94 -53.99
CA ASP T 335 5.71 14.42 -52.64
C ASP T 335 6.94 14.99 -51.96
N ILE T 336 8.05 15.10 -52.70
CA ILE T 336 9.27 15.65 -52.13
C ILE T 336 9.05 17.11 -51.71
N CYS T 337 8.41 17.90 -52.57
CA CYS T 337 8.17 19.30 -52.24
C CYS T 337 7.21 19.44 -51.07
N TYR T 338 6.19 18.58 -51.00
CA TYR T 338 5.27 18.62 -49.87
C TYR T 338 5.97 18.27 -48.57
N ALA T 339 6.85 17.26 -48.60
CA ALA T 339 7.60 16.91 -47.40
C ALA T 339 8.55 18.04 -46.99
N GLN T 340 9.18 18.69 -47.97
CA GLN T 340 10.09 19.78 -47.66
C GLN T 340 9.35 20.98 -47.07
N LEU T 341 8.15 21.28 -47.59
CA LEU T 341 7.43 22.46 -47.16
C LEU T 341 6.69 22.23 -45.84
N VAL T 342 5.77 21.26 -45.83
CA VAL T 342 4.95 21.01 -44.64
C VAL T 342 5.82 20.52 -43.48
N SER T 343 6.75 19.60 -43.76
CA SER T 343 7.61 19.01 -42.73
C SER T 343 6.79 18.40 -41.59
N GLY T 344 5.69 17.74 -41.96
CA GLY T 344 4.82 17.11 -40.99
C GLY T 344 3.83 16.16 -41.62
N ASP T 345 3.61 15.01 -40.98
CA ASP T 345 2.73 13.98 -41.51
C ASP T 345 1.56 13.72 -40.58
N THR T 346 0.42 13.37 -41.17
CA THR T 346 -0.79 12.98 -40.47
C THR T 346 -1.29 11.67 -41.05
N PRO T 347 -1.98 10.86 -40.24
CA PRO T 347 -2.51 9.59 -40.77
C PRO T 347 -3.50 9.75 -41.91
N ALA T 348 -4.11 10.93 -42.07
CA ALA T 348 -5.09 11.16 -43.11
C ALA T 348 -4.47 11.64 -44.42
N ASP T 349 -3.19 11.38 -44.64
CA ASP T 349 -2.53 11.73 -45.89
C ASP T 349 -2.02 10.54 -46.68
N PHE T 350 -1.63 9.45 -46.02
CA PHE T 350 -1.13 8.29 -46.75
C PHE T 350 -2.22 7.61 -47.56
N TRP T 351 -3.46 7.60 -47.04
CA TRP T 351 -4.58 7.00 -47.76
C TRP T 351 -5.15 7.90 -48.84
N LYS T 352 -4.71 9.16 -48.91
CA LYS T 352 -5.23 10.06 -49.94
C LYS T 352 -4.71 9.71 -51.33
N ARG T 353 -3.54 9.06 -51.40
CA ARG T 353 -2.98 8.68 -52.70
C ARG T 353 -3.76 7.56 -53.36
N ARG T 354 -4.50 6.76 -52.59
CA ARG T 354 -5.29 5.67 -53.12
C ARG T 354 -6.79 5.99 -53.00
N PRO T 355 -7.62 5.49 -53.91
CA PRO T 355 -9.06 5.73 -53.80
C PRO T 355 -9.62 5.17 -52.51
N LEU T 356 -10.58 5.89 -51.94
CA LEU T 356 -11.21 5.50 -50.68
C LEU T 356 -12.60 4.92 -50.95
N SER T 357 -13.26 4.50 -49.88
CA SER T 357 -14.60 3.93 -49.95
C SER T 357 -15.48 4.62 -48.92
N ILE T 358 -16.69 4.99 -49.34
CA ILE T 358 -17.67 5.63 -48.48
C ILE T 358 -18.93 4.79 -48.46
N VAL T 359 -19.39 4.43 -47.27
CA VAL T 359 -20.59 3.60 -47.11
C VAL T 359 -21.56 4.31 -46.18
N PRO T 360 -22.28 5.32 -46.66
CA PRO T 360 -23.21 6.04 -45.78
C PRO T 360 -24.50 5.28 -45.56
N ARG T 361 -25.03 5.43 -44.34
CA ARG T 361 -26.30 4.81 -43.94
C ARG T 361 -27.05 5.83 -43.08
N HIS T 362 -27.91 6.61 -43.72
CA HIS T 362 -28.65 7.65 -43.03
C HIS T 362 -29.99 7.11 -42.51
N TYR T 363 -30.67 7.94 -41.72
CA TYR T 363 -31.97 7.58 -41.16
C TYR T 363 -32.77 8.84 -40.92
N ALA T 364 -34.08 8.66 -40.75
CA ALA T 364 -34.99 9.78 -40.52
C ALA T 364 -34.94 10.30 -39.09
N GLU T 365 -34.30 9.58 -38.17
CA GLU T 365 -34.20 10.05 -36.79
C GLU T 365 -33.39 11.33 -36.70
N SER T 366 -32.28 11.39 -37.46
CA SER T 366 -31.41 12.55 -37.46
C SER T 366 -30.78 12.69 -38.84
N PRO T 367 -30.72 13.90 -39.39
CA PRO T 367 -30.12 14.10 -40.73
C PRO T 367 -28.60 14.11 -40.70
N SER T 368 -28.01 12.91 -40.63
CA SER T 368 -26.56 12.76 -40.60
C SER T 368 -26.17 11.39 -41.16
N PRO T 369 -25.50 11.35 -42.31
CA PRO T 369 -25.09 10.07 -42.87
C PRO T 369 -24.04 9.38 -42.01
N LEU T 370 -24.06 8.04 -42.04
CA LEU T 370 -23.12 7.22 -41.28
C LEU T 370 -21.97 6.85 -42.23
N ILE T 371 -21.04 7.78 -42.39
CA ILE T 371 -19.91 7.57 -43.28
C ILE T 371 -19.01 6.47 -42.73
N VAL T 372 -18.60 5.56 -43.60
CA VAL T 372 -17.73 4.44 -43.24
C VAL T 372 -16.52 4.45 -44.16
N VAL T 373 -15.33 4.43 -43.57
CA VAL T 373 -14.08 4.43 -44.32
C VAL T 373 -13.40 3.07 -44.15
N SER T 374 -12.98 2.48 -45.27
CA SER T 374 -12.33 1.18 -45.27
C SER T 374 -10.96 1.31 -45.92
N TYR T 375 -10.00 0.54 -45.39
CA TYR T 375 -8.64 0.57 -45.92
C TYR T 375 -8.59 -0.03 -47.32
N ASN T 376 -7.82 0.60 -48.19
CA ASN T 376 -7.67 0.14 -49.56
C ASN T 376 -6.48 -0.81 -49.75
N GLY T 377 -5.47 -0.72 -48.89
CA GLY T 377 -4.30 -1.56 -48.98
C GLY T 377 -4.44 -2.94 -48.39
N SER T 378 -5.60 -3.27 -47.82
CA SER T 378 -5.83 -4.57 -47.21
C SER T 378 -7.09 -5.20 -47.81
N SER T 379 -7.16 -6.53 -47.73
CA SER T 379 -8.29 -7.27 -48.27
C SER T 379 -9.42 -7.37 -47.23
N ALA T 380 -9.88 -6.20 -46.80
CA ALA T 380 -10.95 -6.10 -45.83
C ALA T 380 -12.28 -5.92 -46.55
N TRP T 381 -13.34 -5.62 -45.79
CA TRP T 381 -14.65 -5.42 -46.37
C TRP T 381 -14.70 -4.07 -47.08
N GLY T 382 -15.01 -4.10 -48.38
CA GLY T 382 -15.09 -2.90 -49.18
C GLY T 382 -13.80 -2.53 -49.89
N GLY T 383 -12.68 -3.16 -49.55
CA GLY T 383 -11.43 -2.85 -50.23
C GLY T 383 -11.36 -3.51 -51.60
N ARG T 384 -10.73 -2.80 -52.54
CA ARG T 384 -10.56 -3.27 -53.92
C ARG T 384 -9.08 -3.17 -54.27
N ILE T 385 -8.33 -4.22 -53.96
CA ILE T 385 -6.90 -4.24 -54.25
C ILE T 385 -6.48 -5.44 -55.09
N THR T 386 -7.23 -6.54 -55.08
CA THR T 386 -6.87 -7.72 -55.85
C THR T 386 -7.95 -8.20 -56.80
N GLY T 387 -9.21 -7.83 -56.58
CA GLY T 387 -10.28 -8.26 -57.45
C GLY T 387 -11.66 -7.94 -56.90
N SER T 388 -12.59 -8.89 -57.05
CA SER T 388 -13.95 -8.68 -56.57
C SER T 388 -13.98 -8.77 -55.05
N PRO T 389 -14.49 -7.77 -54.35
CA PRO T 389 -14.56 -7.82 -52.89
C PRO T 389 -15.73 -8.69 -52.44
N ILE T 390 -15.96 -8.71 -51.13
CA ILE T 390 -17.06 -9.47 -50.56
C ILE T 390 -18.38 -8.84 -50.96
N LEU T 391 -19.29 -9.65 -51.51
CA LEU T 391 -20.57 -9.15 -51.98
C LEU T 391 -21.76 -9.60 -51.13
N TYR T 392 -21.60 -10.61 -50.29
CA TYR T 392 -22.68 -11.15 -49.47
C TYR T 392 -23.86 -11.59 -50.33
N HIS T 393 -23.59 -12.54 -51.21
CA HIS T 393 -24.57 -13.05 -52.16
C HIS T 393 -24.82 -14.54 -51.89
N SER T 394 -25.58 -15.16 -52.79
CA SER T 394 -25.93 -16.59 -52.74
C SER T 394 -26.69 -16.95 -51.47
N ALA T 395 -27.37 -15.99 -50.86
CA ALA T 395 -28.14 -16.23 -49.65
C ALA T 395 -29.54 -15.62 -49.71
N GLN T 396 -29.93 -15.07 -50.85
CA GLN T 396 -31.25 -14.46 -51.01
C GLN T 396 -32.07 -15.06 -52.14
N ALA T 397 -31.43 -15.47 -53.24
CA ALA T 397 -32.16 -16.05 -54.35
C ALA T 397 -32.84 -17.35 -53.95
N ILE T 398 -32.15 -18.20 -53.19
CA ILE T 398 -32.75 -19.47 -52.77
C ILE T 398 -33.94 -19.23 -51.85
N ILE T 399 -33.81 -18.29 -50.92
CA ILE T 399 -34.92 -17.99 -50.02
C ILE T 399 -36.11 -17.43 -50.79
N ASP T 400 -35.84 -16.52 -51.74
CA ASP T 400 -36.92 -15.96 -52.55
C ASP T 400 -37.61 -17.04 -53.37
N ALA T 401 -36.84 -17.94 -53.96
CA ALA T 401 -37.43 -19.03 -54.75
C ALA T 401 -38.27 -19.94 -53.87
N ALA T 402 -37.78 -20.26 -52.67
CA ALA T 402 -38.56 -21.09 -51.76
C ALA T 402 -39.85 -20.41 -51.34
N CYS T 403 -39.80 -19.10 -51.09
CA CYS T 403 -41.01 -18.37 -50.70
C CYS T 403 -42.00 -18.29 -51.84
N ILE T 404 -41.51 -18.11 -53.08
CA ILE T 404 -42.41 -17.95 -54.22
C ILE T 404 -42.86 -19.28 -54.80
N ASN T 405 -42.25 -20.40 -54.39
CA ASN T 405 -42.65 -21.70 -54.91
C ASN T 405 -44.10 -22.03 -54.55
N ALA T 406 -44.49 -21.76 -53.30
CA ALA T 406 -45.85 -22.01 -52.84
C ALA T 406 -46.63 -20.73 -52.59
N ARG T 407 -46.09 -19.58 -53.00
CA ARG T 407 -46.73 -18.28 -52.82
C ARG T 407 -47.04 -18.00 -51.35
N VAL T 408 -46.21 -18.51 -50.45
CA VAL T 408 -46.37 -18.30 -49.02
C VAL T 408 -45.08 -17.66 -48.50
N ASP T 409 -45.23 -16.51 -47.83
CA ASP T 409 -44.06 -15.81 -47.31
C ASP T 409 -43.47 -16.53 -46.11
N ASN T 410 -44.31 -17.09 -45.26
CA ASN T 410 -43.84 -17.76 -44.04
C ASN T 410 -43.23 -19.10 -44.38
N PRO T 411 -41.96 -19.36 -44.02
CA PRO T 411 -41.35 -20.66 -44.32
C PRO T 411 -41.83 -21.79 -43.41
N GLN T 412 -42.53 -21.47 -42.31
CA GLN T 412 -43.00 -22.51 -41.40
C GLN T 412 -44.08 -23.36 -42.03
N SER T 413 -44.90 -22.78 -42.91
CA SER T 413 -45.99 -23.48 -43.57
C SER T 413 -45.62 -23.91 -44.99
N LEU T 414 -44.35 -24.26 -45.22
CA LEU T 414 -43.87 -24.68 -46.52
C LEU T 414 -43.84 -26.21 -46.59
N HIS T 415 -43.43 -26.72 -47.74
CA HIS T 415 -43.34 -28.16 -47.95
C HIS T 415 -42.12 -28.73 -47.25
N VAL T 416 -42.09 -30.06 -47.14
CA VAL T 416 -40.96 -30.73 -46.48
C VAL T 416 -39.70 -30.57 -47.31
N THR T 417 -39.83 -30.62 -48.64
CA THR T 417 -38.66 -30.45 -49.50
C THR T 417 -38.06 -29.06 -49.36
N ALA T 418 -38.92 -28.03 -49.28
CA ALA T 418 -38.43 -26.67 -49.08
C ALA T 418 -37.71 -26.53 -47.75
N ARG T 419 -38.28 -27.13 -46.69
CA ARG T 419 -37.63 -27.08 -45.38
C ARG T 419 -36.27 -27.78 -45.41
N GLN T 420 -36.20 -28.94 -46.06
CA GLN T 420 -34.93 -29.66 -46.17
C GLN T 420 -33.90 -28.84 -46.95
N GLU T 421 -34.32 -28.21 -48.04
CA GLU T 421 -33.42 -27.38 -48.82
C GLU T 421 -32.92 -26.18 -48.01
N LEU T 422 -33.82 -25.56 -47.25
CA LEU T 422 -33.41 -24.43 -46.41
C LEU T 422 -32.44 -24.87 -45.33
N VAL T 423 -32.66 -26.04 -44.74
CA VAL T 423 -31.76 -26.54 -43.72
C VAL T 423 -30.39 -26.84 -44.32
N ALA T 424 -30.37 -27.50 -45.48
CA ALA T 424 -29.10 -27.85 -46.11
C ALA T 424 -28.32 -26.61 -46.54
N ARG T 425 -29.00 -25.62 -47.12
CA ARG T 425 -28.32 -24.43 -47.60
C ARG T 425 -27.90 -23.52 -46.45
N LEU T 426 -28.71 -23.45 -45.40
CA LEU T 426 -28.42 -22.60 -44.25
C LEU T 426 -28.28 -23.45 -42.99
N PRO T 427 -27.05 -23.80 -42.59
CA PRO T 427 -26.88 -24.58 -41.36
C PRO T 427 -27.39 -23.87 -40.11
N PHE T 428 -27.31 -22.53 -40.07
CA PHE T 428 -27.75 -21.79 -38.90
C PHE T 428 -29.26 -21.74 -38.76
N LEU T 429 -30.00 -22.07 -39.83
CA LEU T 429 -31.46 -22.05 -39.80
C LEU T 429 -32.06 -23.37 -39.32
N ALA T 430 -31.22 -24.39 -39.07
CA ALA T 430 -31.74 -25.67 -38.60
C ALA T 430 -32.16 -25.63 -37.14
N ASN T 431 -31.74 -24.61 -36.39
CA ASN T 431 -32.07 -24.49 -34.98
C ASN T 431 -33.41 -23.81 -34.74
N VAL T 432 -34.11 -23.40 -35.79
CA VAL T 432 -35.41 -22.75 -35.64
C VAL T 432 -36.51 -23.74 -35.99
N LEU T 433 -36.23 -24.65 -36.92
CA LEU T 433 -37.24 -25.61 -37.35
C LEU T 433 -37.53 -26.65 -36.27
N ASN T 434 -36.53 -27.01 -35.46
CA ASN T 434 -36.74 -28.00 -34.41
C ASN T 434 -37.56 -27.45 -33.25
N ASN T 435 -37.83 -26.15 -33.21
CA ASN T 435 -38.63 -25.52 -32.17
C ASN T 435 -37.99 -25.72 -30.79
N GLN T 436 -36.73 -25.29 -30.69
CA GLN T 436 -35.99 -25.33 -29.44
C GLN T 436 -36.01 -23.95 -28.78
N THR T 437 -35.86 -23.95 -27.45
CA THR T 437 -35.91 -22.76 -26.60
C THR T 437 -37.09 -21.87 -26.98
N PRO T 438 -38.32 -22.28 -26.68
CA PRO T 438 -39.48 -21.51 -27.10
C PRO T 438 -39.48 -20.10 -26.52
N LEU T 439 -39.95 -19.15 -27.34
CA LEU T 439 -40.03 -17.74 -26.95
C LEU T 439 -41.17 -17.12 -27.73
N PRO T 440 -41.98 -16.26 -27.09
CA PRO T 440 -43.10 -15.64 -27.81
C PRO T 440 -42.64 -14.71 -28.92
N ALA T 441 -42.94 -15.10 -30.16
CA ALA T 441 -42.59 -14.32 -31.37
C ALA T 441 -41.07 -14.10 -31.39
N PHE T 442 -40.63 -13.01 -32.00
CA PHE T 442 -39.22 -12.65 -32.08
C PHE T 442 -39.09 -11.18 -31.72
N LYS T 443 -38.87 -10.89 -30.44
CA LYS T 443 -38.77 -9.53 -29.91
C LYS T 443 -37.42 -9.37 -29.24
N PRO T 444 -36.38 -8.95 -29.97
CA PRO T 444 -35.07 -8.73 -29.33
C PRO T 444 -35.11 -7.69 -28.23
N GLY T 445 -35.92 -6.65 -28.36
CA GLY T 445 -36.02 -5.63 -27.34
C GLY T 445 -37.05 -5.94 -26.28
N ALA T 446 -36.84 -7.02 -25.53
CA ALA T 446 -37.76 -7.43 -24.48
C ALA T 446 -37.30 -7.03 -23.09
N GLU T 447 -36.05 -6.57 -22.94
CA GLU T 447 -35.51 -6.27 -21.62
C GLU T 447 -36.29 -5.14 -20.95
N MET T 448 -36.69 -4.13 -21.70
CA MET T 448 -37.36 -2.97 -21.12
C MET T 448 -38.65 -3.38 -20.41
N PHE T 449 -39.62 -3.90 -21.16
CA PHE T 449 -40.88 -4.26 -20.54
C PHE T 449 -40.77 -5.49 -19.64
N LEU T 450 -39.78 -6.36 -19.87
CA LEU T 450 -39.54 -7.46 -18.95
C LEU T 450 -39.15 -6.94 -17.57
N ASN T 451 -38.21 -6.00 -17.53
CA ASN T 451 -37.81 -5.40 -16.25
C ASN T 451 -38.96 -4.58 -15.65
N GLN T 452 -39.75 -3.91 -16.49
CA GLN T 452 -40.90 -3.17 -15.99
C GLN T 452 -41.90 -4.10 -15.30
N VAL T 453 -42.19 -5.24 -15.94
CA VAL T 453 -43.12 -6.20 -15.36
C VAL T 453 -42.55 -6.80 -14.08
N PHE T 454 -41.25 -7.10 -14.08
CA PHE T 454 -40.62 -7.64 -12.87
C PHE T 454 -40.69 -6.64 -11.71
N LYS T 455 -40.41 -5.37 -12.00
CA LYS T 455 -40.49 -4.34 -10.96
C LYS T 455 -41.92 -4.17 -10.45
N GLN T 456 -42.89 -4.20 -11.36
CA GLN T 456 -44.29 -4.09 -10.93
C GLN T 456 -44.69 -5.26 -10.05
N ALA T 457 -44.28 -6.47 -10.43
CA ALA T 457 -44.60 -7.65 -9.61
C ALA T 457 -43.93 -7.57 -8.25
N CYS T 458 -42.67 -7.12 -8.20
CA CYS T 458 -41.98 -7.02 -6.92
C CYS T 458 -42.62 -5.96 -6.04
N VAL T 459 -43.04 -4.83 -6.62
CA VAL T 459 -43.65 -3.78 -5.82
C VAL T 459 -45.02 -4.20 -5.32
N THR T 460 -45.78 -4.94 -6.14
CA THR T 460 -47.08 -5.43 -5.68
C THR T 460 -46.91 -6.47 -4.58
N SER T 461 -45.92 -7.36 -4.71
CA SER T 461 -45.67 -8.32 -3.64
C SER T 461 -45.24 -7.62 -2.36
N LEU T 462 -44.40 -6.59 -2.48
CA LEU T 462 -43.96 -5.85 -1.29
C LEU T 462 -45.11 -5.14 -0.62
N THR T 463 -45.98 -4.49 -1.40
CA THR T 463 -47.11 -3.79 -0.79
C THR T 463 -48.12 -4.77 -0.19
N GLN T 464 -48.32 -5.93 -0.82
CA GLN T 464 -49.19 -6.93 -0.22
C GLN T 464 -48.62 -7.44 1.09
N GLY T 465 -47.31 -7.69 1.14
CA GLY T 465 -46.69 -8.13 2.38
C GLY T 465 -46.79 -7.09 3.48
N LEU T 466 -46.52 -5.83 3.15
CA LEU T 466 -46.58 -4.79 4.17
C LEU T 466 -48.01 -4.60 4.67
N ILE T 467 -49.00 -4.64 3.78
CA ILE T 467 -50.38 -4.45 4.21
C ILE T 467 -50.85 -5.64 5.06
N THR T 468 -50.43 -6.85 4.70
CA THR T 468 -50.83 -8.01 5.50
C THR T 468 -50.18 -7.97 6.89
N GLU T 469 -48.90 -7.59 6.95
CA GLU T 469 -48.25 -7.46 8.26
C GLU T 469 -48.86 -6.34 9.09
N LEU T 470 -49.26 -5.25 8.44
CA LEU T 470 -49.93 -4.17 9.17
C LEU T 470 -51.29 -4.63 9.70
N GLN T 471 -52.02 -5.39 8.91
CA GLN T 471 -53.30 -5.93 9.37
C GLN T 471 -53.11 -6.90 10.52
N THR T 472 -52.06 -7.72 10.46
CA THR T 472 -51.76 -8.69 11.51
C THR T 472 -50.67 -8.18 12.46
N ASN T 473 -50.63 -6.87 12.70
CA ASN T 473 -49.61 -6.29 13.58
C ASN T 473 -50.09 -6.32 15.02
N PRO T 474 -49.37 -6.97 15.93
CA PRO T 474 -49.79 -7.00 17.34
C PRO T 474 -49.45 -5.70 18.05
N THR T 475 -49.73 -5.68 19.34
CA THR T 475 -49.47 -4.54 20.23
C THR T 475 -50.08 -3.25 19.70
N LEU T 476 -49.66 -2.11 20.27
CA LEU T 476 -50.18 -0.82 19.85
C LEU T 476 -49.19 0.26 20.23
N GLN T 477 -49.27 1.39 19.53
CA GLN T 477 -48.46 2.60 19.70
C GLN T 477 -46.98 2.22 19.84
N GLN T 478 -46.20 3.03 20.56
CA GLN T 478 -44.77 2.81 20.66
C GLN T 478 -44.45 1.73 21.69
N LEU T 479 -43.36 1.01 21.45
CA LEU T 479 -42.90 -0.04 22.34
C LEU T 479 -41.52 0.24 22.92
N MET T 480 -40.55 0.63 22.08
CA MET T 480 -39.21 0.93 22.54
C MET T 480 -39.12 2.42 22.92
N GLU T 481 -37.90 2.90 23.13
CA GLU T 481 -37.72 4.26 23.64
C GLU T 481 -37.98 5.32 22.58
N TYR T 482 -37.17 5.32 21.50
CA TYR T 482 -37.22 6.32 20.44
C TYR T 482 -36.90 7.72 20.95
N ASP T 483 -35.85 8.33 20.41
CA ASP T 483 -35.47 9.68 20.80
C ASP T 483 -36.44 10.70 20.24
N ILE T 484 -37.45 11.06 21.01
CA ILE T 484 -38.48 12.01 20.60
C ILE T 484 -38.56 13.11 21.65
N ALA T 485 -38.57 14.36 21.20
CA ALA T 485 -38.65 15.49 22.11
C ALA T 485 -40.01 15.51 22.82
N ASP T 486 -39.99 16.04 24.05
CA ASP T 486 -41.23 16.10 24.84
C ASP T 486 -42.26 17.01 24.19
N SER T 487 -41.83 18.13 23.63
CA SER T 487 -42.74 19.08 22.99
C SER T 487 -43.04 18.72 21.54
N SER T 488 -42.43 17.67 21.01
CA SER T 488 -42.66 17.25 19.62
C SER T 488 -43.38 15.92 19.50
N GLN T 489 -43.64 15.23 20.62
CA GLN T 489 -44.31 13.93 20.57
C GLN T 489 -45.81 14.05 20.33
N THR T 490 -46.38 15.25 20.39
CA THR T 490 -47.80 15.43 20.18
C THR T 490 -48.21 15.19 18.72
N VAL T 491 -47.27 15.26 17.78
CA VAL T 491 -47.57 15.05 16.37
C VAL T 491 -46.97 13.77 15.83
N ILE T 492 -46.13 13.07 16.59
CA ILE T 492 -45.54 11.82 16.10
C ILE T 492 -46.61 10.75 15.95
N ASP T 493 -47.54 10.66 16.91
CA ASP T 493 -48.57 9.64 16.85
C ASP T 493 -49.58 9.89 15.73
N GLU T 494 -49.62 11.10 15.17
CA GLU T 494 -50.55 11.38 14.08
C GLU T 494 -50.19 10.56 12.84
N ILE T 495 -48.90 10.43 12.54
CA ILE T 495 -48.48 9.64 11.37
C ILE T 495 -48.84 8.17 11.58
N VAL T 496 -48.59 7.65 12.78
CA VAL T 496 -48.87 6.24 13.05
C VAL T 496 -50.37 5.96 12.95
N ALA T 497 -51.20 6.89 13.44
CA ALA T 497 -52.64 6.70 13.39
C ALA T 497 -53.21 6.79 11.98
N ARG T 498 -52.41 7.25 11.01
CA ARG T 498 -52.86 7.37 9.63
C ARG T 498 -52.28 6.28 8.73
N THR T 499 -51.92 5.14 9.30
CA THR T 499 -51.39 4.04 8.50
C THR T 499 -52.35 3.52 7.44
N PRO T 500 -53.65 3.32 7.71
CA PRO T 500 -54.55 2.91 6.62
C PRO T 500 -54.60 3.93 5.48
N ASP T 501 -54.59 5.22 5.80
CA ASP T 501 -54.56 6.24 4.76
C ASP T 501 -53.26 6.15 3.95
N LEU T 502 -52.13 5.93 4.63
CA LEU T 502 -50.85 5.83 3.94
C LEU T 502 -50.83 4.63 2.99
N ILE T 503 -51.30 3.48 3.46
CA ILE T 503 -51.27 2.29 2.60
C ILE T 503 -52.26 2.43 1.46
N GLN T 504 -53.42 3.08 1.70
CA GLN T 504 -54.35 3.34 0.62
C GLN T 504 -53.74 4.25 -0.44
N THR T 505 -53.04 5.30 0.00
CA THR T 505 -52.37 6.19 -0.94
C THR T 505 -51.29 5.46 -1.73
N ILE T 506 -50.53 4.59 -1.06
CA ILE T 506 -49.49 3.82 -1.74
C ILE T 506 -50.11 2.91 -2.79
N VAL T 507 -51.22 2.25 -2.45
CA VAL T 507 -51.89 1.38 -3.41
C VAL T 507 -52.42 2.18 -4.58
N SER T 508 -53.03 3.34 -4.31
CA SER T 508 -53.64 4.13 -5.38
C SER T 508 -52.62 4.79 -6.29
N VAL T 509 -51.42 5.10 -5.76
CA VAL T 509 -50.42 5.79 -6.55
C VAL T 509 -49.80 4.92 -7.64
N LEU T 510 -50.05 3.61 -7.61
CA LEU T 510 -49.50 2.72 -8.63
C LEU T 510 -50.04 3.00 -10.01
N THR T 511 -51.23 3.61 -10.10
CA THR T 511 -51.84 3.94 -11.38
C THR T 511 -51.80 5.43 -11.69
N GLU T 512 -51.10 6.22 -10.87
CA GLU T 512 -51.01 7.66 -11.07
C GLU T 512 -49.59 8.16 -11.26
N MET T 513 -48.63 7.63 -10.49
CA MET T 513 -47.24 8.07 -10.62
C MET T 513 -46.65 7.62 -11.95
N SER T 514 -45.69 8.41 -12.44
CA SER T 514 -45.02 8.07 -13.69
C SER T 514 -44.16 6.83 -13.53
N MET T 515 -44.12 6.01 -14.57
CA MET T 515 -43.33 4.78 -14.57
C MET T 515 -41.92 4.97 -15.10
N ASP T 516 -41.56 6.20 -15.48
CA ASP T 516 -40.23 6.49 -16.00
C ASP T 516 -39.24 6.91 -14.92
N ALA T 517 -39.67 6.95 -13.65
CA ALA T 517 -38.81 7.36 -12.56
C ALA T 517 -38.22 6.18 -11.79
N PHE T 518 -38.86 5.00 -11.85
CA PHE T 518 -38.38 3.82 -11.14
C PHE T 518 -38.09 2.67 -12.10
N TYR T 519 -37.81 2.96 -13.36
CA TYR T 519 -37.53 1.92 -14.35
C TYR T 519 -36.04 1.66 -14.52
N ASN T 520 -35.17 2.54 -14.00
CA ASN T 520 -33.73 2.35 -14.11
C ASN T 520 -33.03 2.69 -12.81
N SER T 521 -33.69 2.48 -11.68
CA SER T 521 -33.10 2.77 -10.38
C SER T 521 -32.18 1.63 -9.94
N SER T 522 -31.65 1.74 -8.73
CA SER T 522 -30.77 0.70 -8.20
C SER T 522 -31.52 -0.52 -7.71
N LEU T 523 -32.83 -0.39 -7.46
CA LEU T 523 -33.61 -1.53 -6.95
C LEU T 523 -33.67 -2.65 -7.96
N MET T 524 -33.95 -2.32 -9.23
CA MET T 524 -34.01 -3.36 -10.27
C MET T 524 -32.65 -3.99 -10.51
N TYR T 525 -31.58 -3.18 -10.46
CA TYR T 525 -30.24 -3.74 -10.61
C TYR T 525 -29.91 -4.69 -9.47
N ALA T 526 -30.26 -4.33 -8.24
CA ALA T 526 -30.03 -5.21 -7.10
C ALA T 526 -30.83 -6.50 -7.21
N VAL T 527 -32.09 -6.38 -7.67
CA VAL T 527 -32.93 -7.57 -7.85
C VAL T 527 -32.33 -8.49 -8.90
N LEU T 528 -31.86 -7.92 -10.01
CA LEU T 528 -31.24 -8.73 -11.06
C LEU T 528 -29.96 -9.40 -10.56
N ALA T 529 -29.16 -8.67 -9.79
CA ALA T 529 -27.92 -9.24 -9.25
C ALA T 529 -28.21 -10.32 -8.23
N TYR T 530 -29.34 -10.23 -7.52
CA TYR T 530 -29.68 -11.25 -6.54
C TYR T 530 -29.96 -12.60 -7.21
N LEU T 531 -30.59 -12.58 -8.39
CA LEU T 531 -30.91 -13.80 -9.10
C LEU T 531 -29.70 -14.43 -9.79
N SER T 532 -28.55 -13.75 -9.80
CA SER T 532 -27.36 -14.31 -10.43
C SER T 532 -26.87 -15.56 -9.72
N SER T 533 -27.15 -15.68 -8.42
CA SER T 533 -26.72 -16.86 -7.67
C SER T 533 -27.41 -18.12 -8.18
N VAL T 534 -28.70 -18.03 -8.51
CA VAL T 534 -29.46 -19.17 -9.00
C VAL T 534 -29.33 -19.24 -10.52
N TYR T 535 -29.27 -20.47 -11.03
CA TYR T 535 -29.16 -20.73 -12.47
C TYR T 535 -27.91 -20.07 -13.05
N THR T 536 -26.76 -20.53 -12.59
CA THR T 536 -25.46 -20.02 -13.04
C THR T 536 -25.06 -20.70 -14.34
N ARG T 537 -25.81 -20.37 -15.40
CA ARG T 537 -25.63 -20.85 -16.77
C ARG T 537 -25.93 -22.34 -16.89
N PRO T 538 -26.49 -22.78 -18.02
CA PRO T 538 -26.76 -24.22 -18.18
C PRO T 538 -25.50 -25.07 -18.17
N GLN T 539 -24.36 -24.51 -18.56
CA GLN T 539 -23.11 -25.26 -18.61
C GLN T 539 -22.16 -24.93 -17.45
N GLY T 540 -22.50 -23.98 -16.60
CA GLY T 540 -21.68 -23.60 -15.48
C GLY T 540 -21.01 -22.26 -15.69
N GLY T 541 -20.27 -21.85 -14.67
CA GLY T 541 -19.57 -20.57 -14.70
C GLY T 541 -19.33 -20.00 -13.32
N GLY T 542 -18.14 -19.43 -13.10
CA GLY T 542 -17.80 -18.87 -11.81
C GLY T 542 -18.34 -17.49 -11.54
N TYR T 543 -18.91 -16.83 -12.55
CA TYR T 543 -19.49 -15.49 -12.42
C TYR T 543 -18.46 -14.49 -11.88
N ILE T 544 -17.38 -14.33 -12.64
CA ILE T 544 -16.28 -13.44 -12.27
C ILE T 544 -16.18 -12.36 -13.34
N PRO T 545 -16.79 -11.20 -13.11
CA PRO T 545 -16.66 -10.10 -14.08
C PRO T 545 -15.29 -9.46 -14.01
N TYR T 546 -14.92 -8.80 -15.11
CA TYR T 546 -13.62 -8.13 -15.18
C TYR T 546 -13.67 -6.76 -14.50
N LEU T 547 -14.54 -5.87 -14.98
CA LEU T 547 -14.66 -4.54 -14.43
C LEU T 547 -16.02 -3.96 -14.83
N HIS T 548 -16.41 -2.90 -14.13
CA HIS T 548 -17.67 -2.19 -14.40
C HIS T 548 -18.87 -3.14 -14.29
N ALA T 549 -19.08 -3.64 -13.08
CA ALA T 549 -20.15 -4.59 -12.80
C ALA T 549 -20.79 -4.20 -11.47
N SER T 550 -21.60 -5.11 -10.93
CA SER T 550 -22.32 -4.87 -9.67
C SER T 550 -21.33 -5.02 -8.52
N PHE T 551 -20.68 -3.91 -8.17
CA PHE T 551 -19.73 -3.89 -7.05
C PHE T 551 -20.42 -3.85 -5.70
N PRO T 552 -21.44 -3.00 -5.48
CA PRO T 552 -22.13 -3.03 -4.18
C PRO T 552 -22.77 -4.36 -3.88
N CYS T 553 -23.24 -5.09 -4.89
CA CYS T 553 -23.88 -6.40 -4.71
C CYS T 553 -22.92 -7.46 -5.20
N TRP T 554 -22.03 -7.90 -4.31
CA TRP T 554 -21.06 -8.94 -4.63
C TRP T 554 -21.25 -10.19 -3.78
N LEU T 555 -21.30 -10.03 -2.46
CA LEU T 555 -21.51 -11.15 -1.54
C LEU T 555 -22.75 -11.00 -0.67
N GLY T 556 -23.18 -9.77 -0.37
CA GLY T 556 -24.36 -9.56 0.45
C GLY T 556 -24.85 -8.12 0.40
N ASN T 557 -26.15 -7.94 0.60
CA ASN T 557 -26.77 -6.62 0.56
C ASN T 557 -27.04 -6.07 1.96
N ARG T 558 -26.52 -6.71 3.01
CA ARG T 558 -26.73 -6.26 4.37
C ARG T 558 -25.80 -5.13 4.77
N SER T 559 -24.82 -4.78 3.93
CA SER T 559 -23.89 -3.70 4.25
C SER T 559 -24.33 -2.37 3.66
N ILE T 560 -24.89 -2.38 2.45
CA ILE T 560 -25.36 -1.18 1.78
C ILE T 560 -26.87 -1.24 1.69
N TYR T 561 -27.55 -0.22 2.23
CA TYR T 561 -28.99 -0.16 2.24
C TYR T 561 -29.48 0.89 1.25
N LEU T 562 -30.76 0.79 0.91
CA LEU T 562 -31.43 1.73 0.00
C LEU T 562 -32.69 2.23 0.67
N PHE T 563 -32.70 3.51 1.04
CA PHE T 563 -33.82 4.12 1.74
C PHE T 563 -34.48 5.16 0.83
N ASP T 564 -35.80 5.11 0.75
CA ASP T 564 -36.59 6.08 -0.01
C ASP T 564 -37.45 6.89 0.96
N TYR T 565 -37.33 8.20 0.89
CA TYR T 565 -38.03 9.10 1.80
C TYR T 565 -39.32 9.59 1.17
N TYR T 566 -40.43 9.40 1.88
CA TYR T 566 -41.74 9.81 1.41
C TYR T 566 -42.45 10.61 2.51
N ASN T 567 -43.29 11.55 2.08
CA ASN T 567 -44.03 12.37 3.02
C ASN T 567 -45.26 11.62 3.53
N SER T 568 -45.87 12.15 4.58
CA SER T 568 -47.05 11.56 5.20
C SER T 568 -48.30 12.30 4.74
N GLY T 569 -49.45 11.78 5.16
CA GLY T 569 -50.73 12.35 4.81
C GLY T 569 -51.47 11.55 3.75
N GLY T 570 -52.41 12.23 3.10
CA GLY T 570 -53.21 11.63 2.06
C GLY T 570 -52.61 11.66 0.67
N GLU T 571 -51.40 12.18 0.52
CA GLU T 571 -50.73 12.24 -0.77
C GLU T 571 -49.26 11.92 -0.60
N ILE T 572 -48.77 10.96 -1.38
CA ILE T 572 -47.37 10.53 -1.32
C ILE T 572 -46.76 10.72 -2.69
N LEU T 573 -45.65 11.46 -2.75
CA LEU T 573 -44.94 11.71 -4.00
C LEU T 573 -43.45 11.62 -3.76
N LYS T 574 -42.72 11.40 -4.85
CA LYS T 574 -41.26 11.29 -4.76
C LYS T 574 -40.64 12.62 -4.36
N LEU T 575 -39.75 12.58 -3.38
CA LEU T 575 -39.07 13.77 -2.88
C LEU T 575 -37.57 13.76 -3.15
N SER T 576 -36.89 12.69 -2.76
CA SER T 576 -35.45 12.60 -2.96
C SER T 576 -35.13 12.20 -4.41
N LYS T 577 -33.84 12.20 -4.74
CA LYS T 577 -33.37 11.84 -6.06
C LYS T 577 -32.53 10.58 -6.07
N VAL T 578 -31.55 10.47 -5.19
CA VAL T 578 -30.69 9.30 -5.11
C VAL T 578 -30.69 8.76 -3.68
N PRO T 579 -30.96 7.48 -3.47
CA PRO T 579 -30.92 6.92 -2.11
C PRO T 579 -29.51 6.96 -1.53
N VAL T 580 -29.44 7.11 -0.21
CA VAL T 580 -28.19 7.16 0.52
C VAL T 580 -28.23 6.05 1.58
N PRO T 581 -27.22 5.18 1.64
CA PRO T 581 -27.22 4.14 2.67
C PRO T 581 -27.18 4.72 4.07
N VAL T 582 -27.89 4.06 4.99
CA VAL T 582 -27.95 4.47 6.39
C VAL T 582 -27.57 3.28 7.25
N ALA T 583 -26.60 3.48 8.14
CA ALA T 583 -26.17 2.43 9.04
C ALA T 583 -27.25 2.14 10.09
N LEU T 584 -27.29 0.90 10.54
CA LEU T 584 -28.27 0.47 11.54
C LEU T 584 -27.67 -0.64 12.38
N GLU T 585 -28.02 -0.65 13.66
CA GLU T 585 -27.54 -1.66 14.59
C GLU T 585 -28.61 -1.94 15.63
N LYS T 586 -28.52 -3.10 16.26
CA LYS T 586 -29.48 -3.54 17.26
C LYS T 586 -28.81 -3.55 18.64
N VAL T 587 -29.51 -3.01 19.63
CA VAL T 587 -29.02 -2.96 21.01
C VAL T 587 -30.05 -3.66 21.90
N GLY T 588 -29.58 -4.61 22.69
CA GLY T 588 -30.45 -5.33 23.60
C GLY T 588 -30.24 -6.83 23.58
N ILE T 589 -29.65 -7.33 22.49
CA ILE T 589 -29.37 -8.74 22.22
C ILE T 589 -30.46 -9.65 22.79
N GLY T 590 -31.72 -9.31 22.53
CA GLY T 590 -32.85 -10.08 23.01
C GLY T 590 -33.91 -9.18 23.62
N ASN T 591 -35.03 -9.83 23.96
CA ASN T 591 -36.20 -9.17 24.57
C ASN T 591 -36.68 -8.09 23.59
N SER T 592 -36.95 -6.87 24.05
CA SER T 592 -37.40 -5.80 23.17
C SER T 592 -36.20 -5.22 22.43
N THR T 593 -36.08 -5.51 21.15
CA THR T 593 -34.97 -5.00 20.35
C THR T 593 -35.08 -3.49 20.16
N GLN T 594 -33.93 -2.84 20.12
CA GLN T 594 -33.84 -1.40 19.94
C GLN T 594 -33.07 -1.08 18.67
N LEU T 595 -33.48 -0.01 17.99
CA LEU T 595 -32.86 0.43 16.75
C LEU T 595 -32.25 1.80 16.95
N ARG T 596 -31.00 1.96 16.54
CA ARG T 596 -30.31 3.25 16.66
C ARG T 596 -29.36 3.38 15.47
N GLY T 597 -29.72 4.24 14.52
CA GLY T 597 -28.88 4.42 13.35
C GLY T 597 -27.60 5.15 13.66
N LYS T 598 -26.55 4.80 12.93
CA LYS T 598 -25.23 5.40 13.06
C LYS T 598 -24.78 5.96 11.71
N PHE T 599 -23.54 6.45 11.68
CA PHE T 599 -22.97 7.02 10.47
C PHE T 599 -21.52 6.61 10.36
N ILE T 600 -21.01 6.58 9.13
CA ILE T 600 -19.64 6.21 8.83
C ILE T 600 -18.98 7.38 8.11
N ARG T 601 -17.82 7.80 8.60
CA ARG T 601 -17.11 8.92 7.99
C ARG T 601 -16.50 8.49 6.66
N SER T 602 -16.80 9.23 5.61
CA SER T 602 -16.30 8.95 4.27
C SER T 602 -15.38 10.08 3.82
N ALA T 603 -14.24 9.72 3.26
CA ALA T 603 -13.25 10.68 2.77
C ALA T 603 -13.00 10.48 1.28
N ASP T 604 -14.08 10.26 0.52
CA ASP T 604 -13.98 10.07 -0.92
C ASP T 604 -14.99 10.86 -1.72
N ILE T 605 -16.03 11.41 -1.10
CA ILE T 605 -17.05 12.17 -1.79
C ILE T 605 -17.64 13.19 -0.82
N VAL T 606 -18.02 14.34 -1.35
CA VAL T 606 -18.61 15.41 -0.55
C VAL T 606 -20.04 15.73 -0.94
N ASP T 607 -20.58 15.13 -2.00
CA ASP T 607 -21.94 15.39 -2.44
C ASP T 607 -22.90 14.42 -1.75
N ILE T 608 -23.02 14.58 -0.44
CA ILE T 608 -23.87 13.75 0.40
C ILE T 608 -24.95 14.64 1.00
N GLY T 609 -26.22 14.23 0.85
CA GLY T 609 -27.30 15.01 1.40
C GLY T 609 -27.38 14.92 2.92
N ILE T 610 -28.09 15.89 3.51
CA ILE T 610 -28.26 15.95 4.95
C ILE T 610 -29.59 15.35 5.39
N CYS T 611 -30.34 14.75 4.47
CA CYS T 611 -31.62 14.14 4.83
C CYS T 611 -31.43 12.95 5.75
N SER T 612 -30.40 12.13 5.51
CA SER T 612 -30.15 10.97 6.35
C SER T 612 -29.70 11.37 7.74
N LYS T 613 -28.96 12.46 7.87
CA LYS T 613 -28.47 12.92 9.17
C LYS T 613 -29.51 13.70 9.96
N TYR T 614 -30.68 13.97 9.39
CA TYR T 614 -31.70 14.72 10.09
C TYR T 614 -32.21 13.95 11.31
N LEU T 615 -32.48 14.68 12.38
CA LEU T 615 -32.93 14.08 13.61
C LEU T 615 -34.36 13.55 13.46
N PRO T 616 -34.76 12.57 14.27
CA PRO T 616 -36.14 12.07 14.20
C PRO T 616 -37.19 13.13 14.45
N GLY T 617 -36.89 14.13 15.28
CA GLY T 617 -37.81 15.22 15.54
C GLY T 617 -37.84 16.21 14.39
N GLN T 618 -38.07 17.49 14.73
CA GLN T 618 -38.12 18.58 13.77
C GLN T 618 -39.15 18.30 12.69
N CYS T 619 -40.41 18.29 13.13
CA CYS T 619 -41.58 17.97 12.29
C CYS T 619 -41.44 16.56 11.70
N TYR T 620 -41.44 15.59 12.63
CA TYR T 620 -41.38 14.15 12.37
C TYR T 620 -40.25 13.78 11.41
N ALA T 621 -40.36 12.62 10.77
CA ALA T 621 -39.31 12.12 9.89
C ALA T 621 -39.97 11.38 8.73
N TYR T 622 -39.16 10.66 7.97
CA TYR T 622 -39.62 9.94 6.78
C TYR T 622 -39.88 8.48 7.15
N ILE T 623 -40.17 7.68 6.13
CA ILE T 623 -40.42 6.25 6.29
C ILE T 623 -39.31 5.48 5.57
N CYS T 624 -38.75 4.48 6.23
CA CYS T 624 -37.66 3.68 5.68
C CYS T 624 -38.03 2.21 5.72
N LEU T 625 -37.71 1.51 4.63
CA LEU T 625 -37.97 0.08 4.49
C LEU T 625 -36.75 -0.56 3.85
N GLY T 626 -35.81 -1.01 4.69
CA GLY T 626 -34.61 -1.65 4.17
C GLY T 626 -34.84 -3.09 3.76
N PHE T 627 -33.92 -3.60 2.94
CA PHE T 627 -33.98 -4.97 2.46
C PHE T 627 -32.59 -5.57 2.46
N ASN T 628 -32.49 -6.82 2.88
CA ASN T 628 -31.22 -7.54 2.92
C ASN T 628 -31.03 -8.33 1.62
N GLN T 629 -30.01 -9.19 1.59
CA GLN T 629 -29.76 -10.02 0.42
C GLN T 629 -30.72 -11.19 0.30
N GLN T 630 -31.48 -11.50 1.35
CA GLN T 630 -32.45 -12.59 1.33
C GLN T 630 -33.86 -12.10 1.04
N LEU T 631 -34.00 -10.91 0.47
CA LEU T 631 -35.31 -10.31 0.16
C LEU T 631 -36.19 -10.22 1.41
N GLN T 632 -35.57 -9.86 2.54
CA GLN T 632 -36.26 -9.68 3.80
C GLN T 632 -36.37 -8.19 4.09
N SER T 633 -37.59 -7.71 4.28
CA SER T 633 -37.86 -6.30 4.51
C SER T 633 -38.19 -6.07 5.98
N ILE T 634 -37.51 -5.10 6.59
CA ILE T 634 -37.73 -4.74 7.99
C ILE T 634 -38.25 -3.31 8.02
N LEU T 635 -39.42 -3.12 8.63
CA LEU T 635 -40.03 -1.80 8.71
C LEU T 635 -39.30 -0.93 9.72
N VAL T 636 -38.96 0.29 9.31
CA VAL T 636 -38.27 1.23 10.18
C VAL T 636 -39.19 2.43 10.39
N LEU T 637 -40.49 2.19 10.34
CA LEU T 637 -41.45 3.28 10.54
C LEU T 637 -41.44 3.72 11.99
N PRO T 638 -41.28 5.01 12.27
CA PRO T 638 -41.30 5.47 13.66
C PRO T 638 -42.67 5.28 14.28
N GLY T 639 -42.68 5.04 15.59
CA GLY T 639 -43.92 4.82 16.31
C GLY T 639 -43.98 3.47 17.00
N GLY T 640 -42.83 2.82 17.13
CA GLY T 640 -42.79 1.53 17.78
C GLY T 640 -43.35 0.38 16.98
N PHE T 641 -43.43 0.52 15.66
CA PHE T 641 -43.96 -0.52 14.78
C PHE T 641 -42.84 -1.04 13.89
N ALA T 642 -42.69 -2.36 13.84
CA ALA T 642 -41.67 -2.98 13.00
C ALA T 642 -42.17 -4.34 12.56
N ALA T 643 -42.21 -4.56 11.24
CA ALA T 643 -42.68 -5.80 10.65
C ALA T 643 -41.59 -6.38 9.77
N CYS T 644 -41.42 -7.70 9.86
CA CYS T 644 -40.41 -8.43 9.07
C CYS T 644 -41.12 -9.47 8.23
N PHE T 645 -41.10 -9.29 6.91
CA PHE T 645 -41.71 -10.21 5.98
C PHE T 645 -40.74 -10.52 4.84
N CYS T 646 -40.82 -11.74 4.33
CA CYS T 646 -39.97 -12.21 3.24
C CYS T 646 -40.81 -12.48 2.00
N ILE T 647 -40.40 -11.91 0.88
CA ILE T 647 -41.09 -12.08 -0.39
C ILE T 647 -40.22 -12.84 -1.40
N THR T 648 -39.25 -13.61 -0.92
CA THR T 648 -38.39 -14.35 -1.83
C THR T 648 -39.12 -15.50 -2.50
N ASP T 649 -40.13 -16.07 -1.83
CA ASP T 649 -40.89 -17.17 -2.41
C ASP T 649 -42.11 -16.70 -3.20
N THR T 650 -42.55 -15.46 -2.99
CA THR T 650 -43.70 -14.96 -3.75
C THR T 650 -43.33 -14.67 -5.19
N LEU T 651 -42.11 -14.19 -5.43
CA LEU T 651 -41.68 -13.89 -6.79
C LEU T 651 -41.58 -15.17 -7.63
N GLN T 652 -41.09 -16.26 -7.04
CA GLN T 652 -40.97 -17.51 -7.78
C GLN T 652 -42.34 -18.09 -8.11
N ALA T 653 -43.31 -17.95 -7.20
CA ALA T 653 -44.64 -18.50 -7.44
C ALA T 653 -45.36 -17.76 -8.56
N ALA T 654 -45.30 -16.42 -8.53
CA ALA T 654 -46.00 -15.63 -9.55
C ALA T 654 -45.28 -15.69 -10.89
N LEU T 655 -43.94 -15.59 -10.88
CA LEU T 655 -43.15 -15.58 -12.10
C LEU T 655 -42.40 -16.89 -12.21
N PRO T 656 -42.67 -17.72 -13.23
CA PRO T 656 -41.96 -19.00 -13.36
C PRO T 656 -40.51 -18.82 -13.82
N ALA T 657 -39.81 -19.93 -14.02
CA ALA T 657 -38.41 -19.90 -14.43
C ALA T 657 -38.23 -19.75 -15.94
N SER T 658 -39.32 -19.72 -16.71
CA SER T 658 -39.24 -19.56 -18.15
C SER T 658 -39.19 -18.11 -18.60
N LEU T 659 -39.36 -17.16 -17.68
CA LEU T 659 -39.33 -15.74 -18.02
C LEU T 659 -37.95 -15.13 -17.90
N ILE T 660 -36.95 -15.88 -17.46
CA ILE T 660 -35.60 -15.37 -17.32
C ILE T 660 -34.70 -15.80 -18.48
N GLY T 661 -35.31 -16.20 -19.60
CA GLY T 661 -34.56 -16.63 -20.76
C GLY T 661 -33.62 -15.58 -21.31
N PRO T 662 -34.18 -14.45 -21.79
CA PRO T 662 -33.32 -13.36 -22.27
C PRO T 662 -32.41 -12.80 -21.20
N ILE T 663 -32.86 -12.78 -19.93
CA ILE T 663 -32.01 -12.27 -18.86
C ILE T 663 -30.76 -13.13 -18.72
N LEU T 664 -30.92 -14.45 -18.72
CA LEU T 664 -29.78 -15.34 -18.66
C LEU T 664 -28.93 -15.26 -19.93
N ASP T 665 -29.58 -15.07 -21.09
CA ASP T 665 -28.83 -14.99 -22.34
C ASP T 665 -27.93 -13.76 -22.37
N ARG T 666 -28.42 -12.63 -21.85
CA ARG T 666 -27.67 -11.38 -21.90
C ARG T 666 -26.71 -11.22 -20.73
N PHE T 667 -27.24 -11.26 -19.51
CA PHE T 667 -26.42 -10.99 -18.31
C PHE T 667 -25.78 -12.29 -17.85
N CYS T 668 -24.74 -12.70 -18.58
CA CYS T 668 -23.95 -13.87 -18.23
C CYS T 668 -22.54 -13.71 -18.78
N PHE T 669 -21.56 -14.16 -18.01
CA PHE T 669 -20.17 -14.09 -18.42
C PHE T 669 -19.39 -15.18 -17.71
N SER T 670 -18.34 -15.67 -18.37
CA SER T 670 -17.50 -16.72 -17.81
C SER T 670 -16.08 -16.55 -18.34
N ILE T 671 -15.13 -17.12 -17.62
CA ILE T 671 -13.73 -17.05 -18.00
C ILE T 671 -13.22 -18.43 -18.42
N PRO U 49 -54.08 8.04 -25.99
CA PRO U 49 -55.06 7.11 -25.45
C PRO U 49 -55.34 5.93 -26.38
N ASP U 50 -56.58 5.45 -26.39
CA ASP U 50 -56.95 4.33 -27.24
C ASP U 50 -57.00 4.71 -28.72
N LEU U 51 -57.16 6.00 -29.02
CA LEU U 51 -57.21 6.44 -30.42
C LEU U 51 -55.91 6.13 -31.14
N GLU U 52 -54.78 6.42 -30.49
CA GLU U 52 -53.48 6.09 -31.08
C GLU U 52 -53.33 4.59 -31.27
N LYS U 53 -53.79 3.81 -30.30
CA LYS U 53 -53.69 2.35 -30.41
C LYS U 53 -54.48 1.83 -31.60
N ASN U 54 -55.72 2.30 -31.77
CA ASN U 54 -56.53 1.78 -32.88
C ASN U 54 -56.04 2.31 -34.22
N THR U 55 -55.50 3.53 -34.27
CA THR U 55 -54.92 4.02 -35.53
C THR U 55 -53.68 3.21 -35.90
N LEU U 56 -52.84 2.88 -34.91
CA LEU U 56 -51.68 2.04 -35.18
C LEU U 56 -52.10 0.65 -35.64
N THR U 57 -53.14 0.08 -35.02
CA THR U 57 -53.64 -1.23 -35.45
C THR U 57 -54.16 -1.17 -36.88
N LEU U 58 -54.91 -0.13 -37.22
CA LEU U 58 -55.43 0.02 -38.57
C LEU U 58 -54.29 0.17 -39.58
N LYS U 59 -53.27 0.96 -39.24
CA LYS U 59 -52.13 1.11 -40.13
C LYS U 59 -51.40 -0.21 -40.33
N ASN U 60 -51.20 -0.97 -39.25
CA ASN U 60 -50.55 -2.28 -39.37
C ASN U 60 -51.37 -3.23 -40.23
N ALA U 61 -52.69 -3.22 -40.06
CA ALA U 61 -53.55 -4.08 -40.88
C ALA U 61 -53.51 -3.68 -42.35
N ALA U 62 -53.52 -2.37 -42.63
CA ALA U 62 -53.52 -1.90 -44.01
C ALA U 62 -52.15 -2.01 -44.67
N ALA U 63 -51.08 -2.11 -43.90
CA ALA U 63 -49.75 -2.25 -44.50
C ALA U 63 -49.64 -3.53 -45.32
N VAL U 64 -50.18 -4.64 -44.80
CA VAL U 64 -50.13 -5.90 -45.53
C VAL U 64 -50.91 -5.81 -46.83
N ALA U 65 -52.10 -5.19 -46.77
CA ALA U 65 -52.91 -5.02 -47.99
C ALA U 65 -52.20 -4.15 -49.00
N ALA U 66 -51.57 -3.06 -48.54
CA ALA U 66 -50.85 -2.19 -49.47
C ALA U 66 -49.67 -2.92 -50.11
N LEU U 67 -48.94 -3.70 -49.32
CA LEU U 67 -47.82 -4.47 -49.86
C LEU U 67 -48.31 -5.49 -50.89
N ASP U 68 -49.42 -6.17 -50.59
CA ASP U 68 -49.98 -7.14 -51.53
C ASP U 68 -50.41 -6.46 -52.82
N ASN U 69 -51.05 -5.29 -52.71
CA ASN U 69 -51.46 -4.56 -53.91
C ASN U 69 -50.27 -4.13 -54.73
N LEU U 70 -49.21 -3.65 -54.07
CA LEU U 70 -47.99 -3.25 -54.78
C LEU U 70 -47.36 -4.45 -55.48
N ARG U 71 -47.33 -5.60 -54.82
CA ARG U 71 -46.78 -6.79 -55.45
C ARG U 71 -47.60 -7.24 -56.64
N GLY U 72 -48.93 -7.19 -56.52
CA GLY U 72 -49.80 -7.69 -57.56
C GLY U 72 -50.11 -6.72 -58.69
N GLU U 73 -49.76 -5.44 -58.54
CA GLU U 73 -50.06 -4.46 -59.58
C GLU U 73 -49.10 -4.54 -60.76
N THR U 74 -48.03 -5.33 -60.66
CA THR U 74 -47.06 -5.47 -61.74
C THR U 74 -47.36 -6.65 -62.66
N ILE U 75 -48.48 -7.34 -62.47
CA ILE U 75 -48.80 -8.50 -63.29
C ILE U 75 -49.19 -8.11 -64.71
N THR U 76 -49.57 -6.85 -64.93
CA THR U 76 -49.99 -6.38 -66.24
C THR U 76 -48.83 -5.82 -67.05
N LEU U 77 -47.61 -5.86 -66.54
CA LEU U 77 -46.47 -5.31 -67.28
C LEU U 77 -46.03 -6.20 -68.44
N PRO U 78 -45.82 -7.52 -68.25
CA PRO U 78 -45.37 -8.33 -69.39
C PRO U 78 -46.33 -8.33 -70.56
N THR U 79 -47.63 -8.29 -70.31
CA THR U 79 -48.60 -8.27 -71.41
C THR U 79 -48.45 -7.00 -72.24
N GLU U 80 -48.31 -5.85 -71.57
CA GLU U 80 -48.10 -4.60 -72.29
C GLU U 80 -46.77 -4.60 -73.03
N ILE U 81 -45.74 -5.18 -72.41
CA ILE U 81 -44.43 -5.24 -73.07
C ILE U 81 -44.51 -6.06 -74.34
N ASP U 82 -45.18 -7.21 -74.28
CA ASP U 82 -45.34 -8.04 -75.48
C ASP U 82 -46.19 -7.34 -76.53
N ARG U 83 -47.26 -6.67 -76.11
CA ARG U 83 -48.14 -5.99 -77.05
C ARG U 83 -47.44 -4.81 -77.72
N ARG U 84 -46.45 -4.22 -77.05
CA ARG U 84 -45.66 -3.15 -77.65
C ARG U 84 -44.47 -3.66 -78.45
N LEU U 85 -43.98 -4.86 -78.15
CA LEU U 85 -42.84 -5.41 -78.85
C LEU U 85 -43.20 -6.16 -80.12
N LYS U 86 -44.40 -6.74 -80.19
CA LYS U 86 -44.81 -7.44 -81.41
C LYS U 86 -44.84 -6.53 -82.63
N PRO U 87 -45.44 -5.34 -82.59
CA PRO U 87 -45.34 -4.44 -83.74
C PRO U 87 -43.91 -4.08 -84.09
N LEU U 88 -43.03 -3.93 -83.09
CA LEU U 88 -41.62 -3.68 -83.37
C LEU U 88 -41.01 -4.82 -84.14
N GLU U 89 -41.30 -6.07 -83.75
CA GLU U 89 -40.76 -7.22 -84.45
C GLU U 89 -41.28 -7.29 -85.89
N GLU U 90 -42.59 -7.05 -86.08
CA GLU U 90 -43.13 -7.11 -87.43
C GLU U 90 -42.58 -5.98 -88.30
N GLN U 91 -42.36 -4.80 -87.72
CA GLN U 91 -41.76 -3.70 -88.47
C GLN U 91 -40.31 -4.00 -88.81
N LEU U 92 -39.57 -4.64 -87.91
CA LEU U 92 -38.21 -5.04 -88.22
C LEU U 92 -38.17 -6.07 -89.34
N THR U 93 -39.09 -7.02 -89.33
CA THR U 93 -39.17 -7.99 -90.42
C THR U 93 -39.50 -7.32 -91.74
N ARG U 94 -40.44 -6.37 -91.72
CA ARG U 94 -40.78 -5.63 -92.94
C ARG U 94 -39.59 -4.82 -93.44
N MET U 95 -38.83 -4.20 -92.53
CA MET U 95 -37.66 -3.44 -92.92
C MET U 95 -36.59 -4.34 -93.53
N ALA U 96 -36.40 -5.53 -92.96
CA ALA U 96 -35.45 -6.48 -93.52
C ALA U 96 -35.86 -6.92 -94.92
N LYS U 97 -37.15 -7.19 -95.11
CA LYS U 97 -37.64 -7.57 -96.43
C LYS U 97 -37.46 -6.44 -97.43
N VAL U 98 -37.73 -5.20 -97.00
CA VAL U 98 -37.56 -4.04 -97.88
C VAL U 98 -36.08 -3.88 -98.25
N LEU U 99 -35.18 -4.07 -97.29
CA LEU U 99 -33.75 -3.97 -97.57
C LEU U 99 -33.32 -5.05 -98.56
N ASP U 100 -33.83 -6.28 -98.40
CA ASP U 100 -33.49 -7.33 -99.35
C ASP U 100 -34.00 -7.00 -100.74
N SER U 101 -35.23 -6.48 -100.84
CA SER U 101 -35.76 -6.09 -102.14
C SER U 101 -34.94 -4.97 -102.76
N LEU U 102 -34.51 -4.00 -101.94
CA LEU U 102 -33.68 -2.91 -102.44
C LEU U 102 -32.35 -3.43 -102.95
N GLU U 103 -31.73 -4.36 -102.23
CA GLU U 103 -30.44 -4.89 -102.67
C GLU U 103 -30.58 -5.71 -103.95
N THR U 104 -31.67 -6.48 -104.07
CA THR U 104 -31.88 -7.23 -105.31
C THR U 104 -32.14 -6.29 -106.48
N ALA U 105 -32.92 -5.23 -106.26
CA ALA U 105 -33.15 -4.25 -107.31
C ALA U 105 -31.85 -3.55 -107.71
N ALA U 106 -31.01 -3.24 -106.73
CA ALA U 106 -29.72 -2.62 -107.03
C ALA U 106 -28.85 -3.55 -107.86
N ALA U 107 -28.81 -4.84 -107.50
CA ALA U 107 -28.03 -5.80 -108.28
C ALA U 107 -28.55 -5.94 -109.71
N GLU U 108 -29.87 -6.03 -109.87
CA GLU U 108 -30.44 -6.19 -111.20
C GLU U 108 -30.19 -4.93 -112.05
N ALA U 109 -30.30 -3.75 -111.44
CA ALA U 109 -29.97 -2.52 -112.16
C ALA U 109 -28.50 -2.48 -112.53
N GLU U 110 -27.63 -2.97 -111.64
CA GLU U 110 -26.20 -3.00 -111.93
C GLU U 110 -25.90 -3.86 -113.15
N GLU U 111 -26.44 -5.08 -113.17
CA GLU U 111 -26.17 -5.94 -114.33
C GLU U 111 -26.85 -5.41 -115.58
N ALA U 112 -28.02 -4.78 -115.44
CA ALA U 112 -28.70 -4.21 -116.61
C ALA U 112 -27.86 -3.10 -117.23
N ASP U 113 -27.32 -2.20 -116.40
CA ASP U 113 -26.51 -1.12 -116.94
C ASP U 113 -25.18 -1.63 -117.47
N ALA U 114 -24.63 -2.69 -116.86
CA ALA U 114 -23.43 -3.31 -117.40
C ALA U 114 -23.69 -3.87 -118.79
N GLN U 115 -24.82 -4.56 -118.97
CA GLN U 115 -25.17 -5.09 -120.28
C GLN U 115 -25.40 -3.98 -121.28
N SER U 116 -26.05 -2.89 -120.85
CA SER U 116 -26.26 -1.75 -121.74
C SER U 116 -24.94 -1.13 -122.17
N GLU U 117 -24.00 -0.98 -121.23
CA GLU U 117 -22.69 -0.44 -121.56
C GLU U 117 -21.95 -1.35 -122.53
N GLU U 118 -22.03 -2.67 -122.32
CA GLU U 118 -21.39 -3.59 -123.25
C GLU U 118 -22.00 -3.49 -124.64
N CYS U 119 -23.34 -3.40 -124.71
CA CYS U 119 -24.00 -3.28 -126.00
C CYS U 119 -23.62 -1.99 -126.72
N THR U 120 -23.57 -0.88 -125.99
CA THR U 120 -23.17 0.39 -126.60
C THR U 120 -21.73 0.34 -127.07
N ARG U 121 -20.84 -0.26 -126.26
CA ARG U 121 -19.44 -0.37 -126.66
C ARG U 121 -19.28 -1.21 -127.92
N THR U 122 -20.04 -2.31 -128.02
CA THR U 122 -19.95 -3.14 -129.21
C THR U 122 -20.57 -2.45 -130.43
N GLU U 123 -21.62 -1.66 -130.22
CA GLU U 123 -22.26 -0.98 -131.36
C GLU U 123 -21.45 0.22 -131.84
N ILE U 124 -20.64 0.83 -130.97
CA ILE U 124 -19.81 1.95 -131.39
C ILE U 124 -18.74 1.50 -132.38
N ILE U 125 -18.28 0.25 -132.27
CA ILE U 125 -17.19 -0.24 -133.09
C ILE U 125 -17.54 -0.18 -134.58
N ARG U 126 -18.76 -0.59 -134.92
CA ARG U 126 -19.17 -0.60 -136.32
C ARG U 126 -19.32 0.83 -136.85
N ASN U 127 -18.63 1.13 -137.95
CA ASN U 127 -18.68 2.43 -138.58
C ASN U 127 -19.30 2.39 -139.97
N GLU U 128 -18.76 1.56 -140.86
CA GLU U 128 -19.27 1.39 -142.22
C GLU U 128 -19.28 2.72 -142.98
N SER U 129 -18.08 3.28 -143.17
CA SER U 129 -17.93 4.55 -143.87
C SER U 129 -17.74 4.34 -145.37
N ILE U 130 -16.68 3.59 -145.74
CA ILE U 130 -16.34 3.21 -147.11
C ILE U 130 -16.04 4.43 -147.97
N HIS U 131 -15.41 4.22 -149.12
CA HIS U 131 -15.05 5.27 -150.05
C HIS U 131 -15.47 4.90 -151.46
N PRO U 132 -15.71 5.90 -152.32
CA PRO U 132 -16.15 5.60 -153.69
C PRO U 132 -15.04 4.99 -154.55
N GLU U 133 -15.34 4.73 -155.81
CA GLU U 133 -14.39 4.11 -156.72
C GLU U 133 -13.22 5.05 -157.01
N VAL U 134 -12.06 4.46 -157.31
CA VAL U 134 -10.87 5.22 -157.65
C VAL U 134 -10.52 4.95 -159.11
N GLN U 135 -9.49 5.63 -159.61
CA GLN U 135 -9.09 5.50 -161.01
C GLN U 135 -8.06 4.38 -161.19
N ILE U 136 -8.47 3.19 -160.75
CA ILE U 136 -7.70 1.95 -160.89
C ILE U 136 -6.39 2.02 -160.12
N ALA U 137 -6.33 1.33 -158.99
CA ALA U 137 -5.10 1.26 -158.22
C ALA U 137 -4.05 0.46 -158.97
N LYS U 138 -2.79 0.87 -158.81
CA LYS U 138 -1.63 0.25 -159.49
C LYS U 138 -1.89 0.37 -160.98
N ASN U 139 -1.81 -0.72 -161.75
CA ASN U 139 -2.10 -0.67 -163.17
C ASN U 139 -2.90 -1.86 -163.69
N ASP U 140 -3.31 -2.79 -162.83
CA ASP U 140 -4.05 -3.96 -163.27
C ASP U 140 -5.25 -4.32 -162.41
N ALA U 141 -5.43 -3.72 -161.23
CA ALA U 141 -6.54 -4.08 -160.37
C ALA U 141 -7.08 -2.85 -159.63
N PRO U 142 -8.30 -2.43 -159.92
CA PRO U 142 -8.87 -1.27 -159.22
C PRO U 142 -9.38 -1.67 -157.84
N LEU U 143 -9.90 -0.67 -157.12
CA LEU U 143 -10.47 -0.86 -155.79
C LEU U 143 -11.97 -0.65 -155.90
N GLN U 144 -12.71 -1.74 -156.07
CA GLN U 144 -14.16 -1.71 -156.23
C GLN U 144 -14.83 -2.10 -154.92
N TYR U 145 -16.15 -2.28 -154.96
CA TYR U 145 -16.89 -2.65 -153.77
C TYR U 145 -16.48 -4.04 -153.28
N ASP U 146 -16.57 -4.22 -151.96
CA ASP U 146 -16.20 -5.47 -151.30
C ASP U 146 -14.74 -5.82 -151.56
N THR U 147 -14.39 -7.10 -151.41
CA THR U 147 -13.01 -7.56 -151.58
C THR U 147 -12.90 -8.58 -152.70
N ASN U 148 -13.82 -8.53 -153.66
CA ASN U 148 -13.80 -9.49 -154.76
C ASN U 148 -12.63 -9.20 -155.72
N PHE U 149 -12.64 -8.02 -156.33
CA PHE U 149 -11.57 -7.61 -157.25
C PHE U 149 -10.54 -6.71 -156.59
N GLN U 150 -10.66 -6.44 -155.29
CA GLN U 150 -9.70 -5.57 -154.62
C GLN U 150 -8.35 -6.24 -154.41
N VAL U 151 -8.31 -7.57 -154.37
CA VAL U 151 -7.06 -8.30 -154.14
C VAL U 151 -6.69 -9.07 -155.40
N ASP U 152 -7.12 -8.59 -156.56
CA ASP U 152 -6.81 -9.27 -157.81
C ASP U 152 -5.30 -9.34 -158.05
N PHE U 153 -4.59 -8.24 -157.77
CA PHE U 153 -3.14 -8.22 -157.90
C PHE U 153 -2.42 -8.64 -156.63
N ILE U 154 -3.15 -8.80 -155.51
CA ILE U 154 -2.54 -9.15 -154.24
C ILE U 154 -3.08 -10.50 -153.80
N THR U 155 -3.45 -11.35 -154.76
CA THR U 155 -3.94 -12.68 -154.44
C THR U 155 -2.88 -13.51 -153.73
N LEU U 156 -1.61 -13.35 -154.11
CA LEU U 156 -0.55 -14.13 -153.49
C LEU U 156 -0.43 -13.87 -152.00
N VAL U 157 -0.75 -12.64 -151.57
CA VAL U 157 -0.74 -12.33 -150.15
C VAL U 157 -2.09 -12.61 -149.49
N TYR U 158 -3.19 -12.44 -150.23
CA TYR U 158 -4.51 -12.71 -149.68
C TYR U 158 -4.76 -14.20 -149.46
N LEU U 159 -4.02 -15.07 -150.16
CA LEU U 159 -4.18 -16.50 -149.93
C LEU U 159 -3.82 -16.87 -148.51
N GLY U 160 -2.73 -16.31 -147.98
CA GLY U 160 -2.36 -16.49 -146.59
C GLY U 160 -3.01 -15.52 -145.63
N ARG U 161 -3.82 -14.58 -146.13
CA ARG U 161 -4.50 -13.60 -145.30
C ARG U 161 -5.99 -13.90 -145.17
N ALA U 162 -6.39 -15.15 -145.39
CA ALA U 162 -7.80 -15.51 -145.32
C ALA U 162 -8.37 -15.42 -143.91
N ARG U 163 -7.51 -15.37 -142.89
CA ARG U 163 -8.00 -15.27 -141.52
C ARG U 163 -8.75 -13.97 -141.30
N GLY U 164 -8.22 -12.86 -141.80
CA GLY U 164 -8.89 -11.57 -141.66
C GLY U 164 -9.95 -11.28 -142.69
N ASN U 165 -10.02 -12.07 -143.76
CA ASN U 165 -10.99 -11.90 -144.84
C ASN U 165 -10.91 -10.53 -145.49
N ASN U 166 -9.74 -9.88 -145.41
CA ASN U 166 -9.47 -8.56 -146.00
C ASN U 166 -10.26 -7.46 -145.31
N SER U 167 -11.09 -7.82 -144.34
CA SER U 167 -11.83 -6.82 -143.57
C SER U 167 -10.97 -6.35 -142.40
N PRO U 168 -10.73 -5.01 -142.27
CA PRO U 168 -9.77 -4.46 -141.30
C PRO U 168 -9.11 -5.41 -140.32
N GLY U 169 -8.11 -6.15 -140.79
CA GLY U 169 -7.42 -7.12 -139.96
C GLY U 169 -5.95 -7.25 -140.30
N ILE U 170 -5.13 -7.55 -139.29
CA ILE U 170 -3.69 -7.65 -139.45
C ILE U 170 -3.28 -9.11 -139.30
N VAL U 171 -2.59 -9.64 -140.30
CA VAL U 171 -2.09 -11.00 -140.27
C VAL U 171 -0.57 -10.95 -140.45
N PHE U 172 0.15 -11.53 -139.49
CA PHE U 172 1.60 -11.52 -139.51
C PHE U 172 2.12 -12.79 -140.20
N GLY U 173 3.42 -13.05 -140.07
CA GLY U 173 4.05 -14.17 -140.73
C GLY U 173 3.87 -15.47 -139.98
N PRO U 174 4.77 -16.43 -140.24
CA PRO U 174 4.65 -17.75 -139.59
C PRO U 174 4.74 -17.70 -138.08
N TRP U 175 5.39 -16.69 -137.50
CA TRP U 175 5.45 -16.59 -136.05
C TRP U 175 4.07 -16.42 -135.44
N TYR U 176 3.21 -15.65 -136.10
CA TYR U 176 1.84 -15.50 -135.61
C TYR U 176 1.04 -16.78 -135.78
N ARG U 177 1.33 -17.56 -136.83
CA ARG U 177 0.70 -18.87 -136.97
C ARG U 177 1.11 -19.79 -135.84
N THR U 178 2.39 -19.77 -135.46
CA THR U 178 2.85 -20.57 -134.32
C THR U 178 2.20 -20.09 -133.04
N LEU U 179 2.04 -18.78 -132.88
CA LEU U 179 1.35 -18.24 -131.70
C LEU U 179 -0.09 -18.71 -131.65
N GLN U 180 -0.79 -18.70 -132.80
CA GLN U 180 -2.15 -19.19 -132.84
C GLN U 180 -2.22 -20.68 -132.50
N GLU U 181 -1.24 -21.46 -132.98
CA GLU U 181 -1.20 -22.88 -132.66
C GLU U 181 -0.98 -23.10 -131.16
N ARG U 182 -0.10 -22.31 -130.54
CA ARG U 182 0.24 -22.45 -129.14
C ARG U 182 -0.67 -21.65 -128.22
N LEU U 183 -1.72 -21.01 -128.77
CA LEU U 183 -2.69 -20.27 -127.97
C LEU U 183 -3.24 -21.05 -126.78
N VAL U 184 -3.16 -22.38 -126.81
CA VAL U 184 -3.61 -23.16 -125.66
C VAL U 184 -2.83 -22.79 -124.41
N LEU U 185 -1.52 -22.57 -124.56
CA LEU U 185 -0.64 -22.12 -123.48
C LEU U 185 0.16 -20.91 -123.93
N ASP U 186 -0.52 -19.95 -124.54
CA ASP U 186 0.15 -18.77 -125.09
C ASP U 186 0.74 -17.91 -123.99
N ARG U 187 1.94 -17.39 -124.24
CA ARG U 187 2.63 -16.48 -123.32
C ARG U 187 2.09 -15.06 -123.41
N PRO U 188 1.97 -14.45 -124.59
CA PRO U 188 1.50 -13.06 -124.66
C PRO U 188 -0.02 -12.98 -124.53
N VAL U 189 -0.53 -11.74 -124.61
CA VAL U 189 -1.96 -11.49 -124.47
C VAL U 189 -2.69 -11.54 -125.81
N ALA U 190 -1.98 -11.69 -126.92
CA ALA U 190 -2.62 -11.70 -128.23
C ALA U 190 -3.59 -12.87 -128.34
N ALA U 191 -4.81 -12.58 -128.81
CA ALA U 191 -5.87 -13.56 -128.99
C ALA U 191 -6.19 -14.29 -127.69
N ARG U 192 -6.96 -15.38 -127.79
CA ARG U 192 -7.37 -16.25 -126.69
C ARG U 192 -8.32 -15.56 -125.70
N GLY U 193 -8.66 -14.30 -125.91
CA GLY U 193 -9.55 -13.60 -125.01
C GLY U 193 -9.03 -13.47 -123.60
N VAL U 194 -7.74 -13.13 -123.46
CA VAL U 194 -7.07 -12.98 -122.17
C VAL U 194 -7.15 -14.29 -121.39
N ASP U 195 -8.13 -14.40 -120.50
CA ASP U 195 -8.31 -15.58 -119.66
C ASP U 195 -9.66 -16.23 -119.97
N CYS U 196 -10.01 -17.25 -119.18
CA CYS U 196 -11.24 -17.99 -119.41
C CYS U 196 -12.47 -17.30 -118.85
N LYS U 197 -12.31 -16.20 -118.13
CA LYS U 197 -13.47 -15.50 -117.57
C LYS U 197 -14.37 -14.95 -118.67
N ASP U 198 -13.78 -14.38 -119.71
CA ASP U 198 -14.52 -13.80 -120.83
C ASP U 198 -13.61 -13.77 -122.05
N GLY U 199 -14.07 -13.11 -123.11
CA GLY U 199 -13.27 -13.00 -124.31
C GLY U 199 -13.91 -13.66 -125.52
N ARG U 200 -13.60 -13.15 -126.72
CA ARG U 200 -14.14 -13.69 -127.95
C ARG U 200 -13.01 -13.76 -128.97
N ILE U 201 -13.36 -14.00 -130.23
CA ILE U 201 -12.40 -14.13 -131.32
C ILE U 201 -12.83 -13.19 -132.46
N SER U 202 -12.08 -13.26 -133.56
CA SER U 202 -12.36 -12.50 -134.77
C SER U 202 -12.30 -10.99 -134.54
N ARG U 203 -13.46 -10.33 -134.54
CA ARG U 203 -13.48 -8.88 -134.44
C ARG U 203 -12.92 -8.40 -133.11
N THR U 204 -13.26 -9.08 -132.02
CA THR U 204 -12.78 -8.66 -130.71
C THR U 204 -11.27 -8.77 -130.60
N PHE U 205 -10.66 -9.76 -131.28
CA PHE U 205 -9.21 -9.87 -131.29
C PHE U 205 -8.58 -8.65 -131.95
N MET U 206 -9.13 -8.22 -133.09
CA MET U 206 -8.63 -7.01 -133.74
C MET U 206 -8.84 -5.78 -132.86
N ASN U 207 -9.98 -5.70 -132.19
CA ASN U 207 -10.26 -4.56 -131.33
C ASN U 207 -9.26 -4.49 -130.17
N THR U 208 -8.98 -5.63 -129.53
CA THR U 208 -8.03 -5.62 -128.42
C THR U 208 -6.61 -5.39 -128.90
N THR U 209 -6.26 -5.87 -130.10
CA THR U 209 -4.95 -5.57 -130.66
C THR U 209 -4.79 -4.07 -130.91
N VAL U 210 -5.84 -3.43 -131.43
CA VAL U 210 -5.78 -1.99 -131.67
C VAL U 210 -5.69 -1.23 -130.35
N THR U 211 -6.50 -1.62 -129.35
CA THR U 211 -6.46 -0.94 -128.05
C THR U 211 -5.15 -1.19 -127.31
N CYS U 212 -4.44 -2.27 -127.63
CA CYS U 212 -3.11 -2.46 -127.05
C CYS U 212 -2.15 -1.37 -127.51
N LEU U 213 -2.23 -0.99 -128.78
CA LEU U 213 -1.39 0.09 -129.30
C LEU U 213 -1.89 1.46 -128.87
N GLN U 214 -3.22 1.64 -128.79
CA GLN U 214 -3.79 2.91 -128.39
C GLN U 214 -3.81 3.00 -126.87
N SER U 215 -2.92 3.82 -126.30
CA SER U 215 -2.78 3.91 -124.86
C SER U 215 -2.92 5.34 -124.36
N ALA U 216 -2.56 6.31 -125.21
CA ALA U 216 -2.56 7.71 -124.78
C ALA U 216 -3.97 8.17 -124.41
N GLY U 217 -4.95 7.86 -125.24
CA GLY U 217 -6.32 8.23 -124.96
C GLY U 217 -7.29 7.07 -125.02
N ARG U 218 -7.88 6.71 -123.87
CA ARG U 218 -8.87 5.63 -123.84
C ARG U 218 -9.85 5.95 -122.71
N MET U 219 -10.97 6.58 -123.07
CA MET U 219 -12.05 6.84 -122.11
C MET U 219 -13.36 6.81 -122.89
N TYR U 220 -14.00 5.64 -122.90
CA TYR U 220 -15.28 5.34 -123.53
C TYR U 220 -15.23 5.43 -125.05
N VAL U 221 -14.12 5.89 -125.64
CA VAL U 221 -13.97 5.99 -127.09
C VAL U 221 -12.51 5.75 -127.44
N GLY U 222 -12.25 4.74 -128.27
CA GLY U 222 -10.90 4.44 -128.69
C GLY U 222 -10.74 4.29 -130.19
N ASP U 223 -11.87 4.20 -130.90
CA ASP U 223 -11.91 3.99 -132.35
C ASP U 223 -11.21 2.70 -132.75
N ARG U 224 -11.22 2.39 -134.05
CA ARG U 224 -10.62 1.17 -134.55
C ARG U 224 -10.11 1.41 -135.96
N ALA U 225 -9.16 0.55 -136.38
CA ALA U 225 -8.56 0.61 -137.71
C ALA U 225 -7.95 1.98 -137.98
N TYR U 226 -6.95 2.33 -137.17
CA TYR U 226 -6.28 3.61 -137.26
C TYR U 226 -4.86 3.43 -137.79
N SER U 227 -4.41 4.42 -138.55
CA SER U 227 -3.08 4.43 -139.13
C SER U 227 -2.19 5.39 -138.36
N ALA U 228 -0.97 4.93 -138.03
CA ALA U 228 -0.02 5.73 -137.27
C ALA U 228 1.34 5.79 -137.96
N PHE U 229 1.34 5.80 -139.30
CA PHE U 229 2.57 5.90 -140.06
C PHE U 229 2.88 7.32 -140.51
N GLU U 230 1.86 8.11 -140.81
CA GLU U 230 2.10 9.50 -141.21
C GLU U 230 2.73 10.30 -140.07
N CYS U 231 2.26 10.09 -138.85
CA CYS U 231 2.85 10.77 -137.70
C CYS U 231 4.29 10.32 -137.48
N ALA U 232 4.57 9.03 -137.67
CA ALA U 232 5.94 8.54 -137.55
C ALA U 232 6.84 9.16 -138.60
N VAL U 233 6.35 9.28 -139.83
CA VAL U 233 7.14 9.91 -140.90
C VAL U 233 7.40 11.37 -140.58
N LEU U 234 6.38 12.08 -140.07
CA LEU U 234 6.55 13.47 -139.70
C LEU U 234 7.59 13.62 -138.60
N CYS U 235 7.52 12.76 -137.58
CA CYS U 235 8.49 12.83 -136.48
C CYS U 235 9.90 12.53 -136.99
N LEU U 236 10.03 11.55 -137.89
CA LEU U 236 11.34 11.20 -138.44
C LEU U 236 11.93 12.34 -139.26
N TYR U 237 11.10 12.99 -140.08
CA TYR U 237 11.59 14.06 -140.95
C TYR U 237 11.72 15.39 -140.23
N LEU U 238 11.17 15.51 -139.02
CA LEU U 238 11.32 16.75 -138.25
C LEU U 238 12.79 17.09 -138.02
N MET U 239 13.58 16.11 -137.61
CA MET U 239 15.00 16.32 -137.35
C MET U 239 15.89 15.86 -138.51
N TYR U 240 15.31 15.27 -139.56
CA TYR U 240 16.09 14.82 -140.70
C TYR U 240 16.29 15.90 -141.75
N ARG U 241 15.64 17.06 -141.61
CA ARG U 241 15.81 18.14 -142.57
C ARG U 241 17.16 18.83 -142.44
N THR U 242 17.78 18.76 -141.27
CA THR U 242 19.10 19.36 -141.04
C THR U 242 20.24 18.35 -141.07
N SER U 243 20.00 17.14 -140.53
CA SER U 243 21.04 16.12 -140.55
C SER U 243 21.37 15.68 -141.97
N ASN U 244 20.35 15.53 -142.81
CA ASN U 244 20.50 15.12 -144.20
C ASN U 244 21.18 13.76 -144.31
N SER U 245 22.49 13.77 -144.57
CA SER U 245 23.30 12.56 -144.69
C SER U 245 22.66 11.56 -145.66
N VAL U 246 22.46 12.02 -146.89
CA VAL U 246 21.87 11.22 -147.94
C VAL U 246 22.97 10.81 -148.92
N HIS U 247 22.62 9.89 -149.83
CA HIS U 247 23.59 9.41 -150.80
C HIS U 247 23.78 10.41 -151.94
N GLU U 248 22.71 10.69 -152.66
CA GLU U 248 22.77 11.65 -153.77
C GLU U 248 21.47 12.39 -154.03
N PRO U 249 20.26 11.84 -153.77
CA PRO U 249 19.05 12.63 -153.98
C PRO U 249 18.89 13.69 -152.90
N GLN U 250 18.48 14.88 -153.33
CA GLN U 250 18.23 16.00 -152.43
C GLN U 250 16.78 16.45 -152.53
N VAL U 251 16.18 16.77 -151.40
CA VAL U 251 14.79 17.23 -151.35
C VAL U 251 14.62 18.09 -150.10
N SER U 252 13.97 19.25 -150.28
CA SER U 252 13.70 20.15 -149.18
C SER U 252 12.28 20.68 -149.13
N SER U 253 11.49 20.54 -150.19
CA SER U 253 10.12 21.01 -150.18
C SER U 253 9.22 20.01 -149.46
N PHE U 254 8.18 20.54 -148.82
CA PHE U 254 7.25 19.71 -148.04
C PHE U 254 5.80 19.88 -148.45
N GLY U 255 5.42 21.04 -148.99
CA GLY U 255 4.03 21.22 -149.42
C GLY U 255 3.64 20.30 -150.56
N ASN U 256 4.51 20.19 -151.57
CA ASN U 256 4.23 19.29 -152.69
C ASN U 256 4.34 17.82 -152.28
N LEU U 257 5.02 17.53 -151.17
CA LEU U 257 5.09 16.16 -150.69
C LEU U 257 3.75 15.65 -150.17
N ILE U 258 2.86 16.55 -149.78
CA ILE U 258 1.53 16.18 -149.29
C ILE U 258 0.42 16.66 -150.21
N GLU U 259 0.71 17.54 -151.16
CA GLU U 259 -0.33 18.03 -152.07
C GLU U 259 -0.91 16.90 -152.91
N HIS U 260 -0.07 16.00 -153.40
CA HIS U 260 -0.51 14.89 -154.24
C HIS U 260 -0.93 13.69 -153.39
N LEU U 261 -1.88 13.95 -152.48
CA LEU U 261 -2.37 12.90 -151.59
C LEU U 261 -2.99 11.71 -152.31
N PRO U 262 -3.84 11.87 -153.34
CA PRO U 262 -4.40 10.69 -154.01
C PRO U 262 -3.34 9.77 -154.59
N GLU U 263 -2.25 10.31 -155.14
CA GLU U 263 -1.18 9.48 -155.63
C GLU U 263 -0.26 9.01 -154.51
N TYR U 264 -0.15 9.80 -153.43
CA TYR U 264 0.67 9.40 -152.29
C TYR U 264 0.10 8.16 -151.62
N THR U 265 -1.23 8.08 -151.52
CA THR U 265 -1.86 6.89 -150.95
C THR U 265 -1.59 5.66 -151.81
N GLU U 266 -1.67 5.81 -153.14
CA GLU U 266 -1.37 4.70 -154.03
C GLU U 266 0.10 4.27 -153.89
N THR U 267 1.01 5.24 -153.78
CA THR U 267 2.41 4.92 -153.59
C THR U 267 2.63 4.17 -152.28
N PHE U 268 1.94 4.60 -151.22
CA PHE U 268 2.07 3.91 -149.93
C PHE U 268 1.54 2.49 -150.01
N VAL U 269 0.40 2.28 -150.67
CA VAL U 269 -0.18 0.95 -150.70
C VAL U 269 0.51 0.03 -151.70
N ASN U 270 1.28 0.59 -152.65
CA ASN U 270 1.94 -0.24 -153.65
C ASN U 270 3.43 -0.42 -153.41
N TYR U 271 4.06 0.44 -152.61
CA TYR U 271 5.50 0.39 -152.39
C TYR U 271 5.92 -0.12 -151.02
N MET U 272 5.17 0.20 -149.97
CA MET U 272 5.52 -0.20 -148.62
C MET U 272 5.15 -1.63 -148.28
N THR U 273 4.87 -2.47 -149.30
CA THR U 273 4.62 -3.88 -149.04
C THR U 273 5.83 -4.59 -148.46
N THR U 274 7.03 -4.06 -148.69
CA THR U 274 8.27 -4.62 -148.15
C THR U 274 8.80 -3.67 -147.09
N HIS U 275 9.01 -4.19 -145.88
CA HIS U 275 9.49 -3.38 -144.76
C HIS U 275 10.94 -2.96 -144.91
N GLU U 276 11.69 -3.58 -145.82
CA GLU U 276 13.10 -3.25 -145.99
C GLU U 276 13.25 -1.87 -146.62
N ASN U 277 14.41 -1.26 -146.39
CA ASN U 277 14.71 0.07 -146.88
C ASN U 277 16.16 0.09 -147.37
N LYS U 278 16.69 1.30 -147.57
CA LYS U 278 18.03 1.47 -148.12
C LYS U 278 18.70 2.62 -147.36
N ASN U 279 19.79 3.12 -147.92
CA ASN U 279 20.62 4.22 -147.40
C ASN U 279 21.43 3.80 -146.17
N SER U 280 21.39 2.54 -145.76
CA SER U 280 22.22 2.00 -144.69
C SER U 280 22.05 2.77 -143.38
N TYR U 281 23.08 3.50 -142.99
CA TYR U 281 23.08 4.17 -141.69
C TYR U 281 22.04 5.27 -141.63
N GLN U 282 21.51 5.50 -140.43
CA GLN U 282 20.52 6.54 -140.18
C GLN U 282 20.63 6.96 -138.72
N PHE U 283 20.05 8.11 -138.41
CA PHE U 283 20.13 8.64 -137.04
C PHE U 283 19.18 7.88 -136.12
N CYS U 284 17.87 7.99 -136.38
CA CYS U 284 16.83 7.22 -135.70
C CYS U 284 16.91 7.28 -134.17
N TYR U 285 17.58 8.30 -133.61
CA TYR U 285 17.64 8.42 -132.16
C TYR U 285 17.55 9.86 -131.67
N ASP U 286 17.28 10.82 -132.55
CA ASP U 286 17.17 12.21 -132.14
C ASP U 286 15.80 12.57 -131.57
N ARG U 287 14.86 11.63 -131.57
CA ARG U 287 13.53 11.89 -131.02
C ARG U 287 13.55 11.86 -129.49
N LEU U 288 13.94 10.71 -128.92
CA LEU U 288 13.96 10.40 -127.49
C LEU U 288 12.74 10.98 -126.77
N PRO U 289 11.54 10.46 -127.02
CA PRO U 289 10.35 11.00 -126.35
C PRO U 289 10.30 10.64 -124.87
N ARG U 290 10.48 11.63 -124.01
CA ARG U 290 10.46 11.41 -122.58
C ARG U 290 9.03 11.59 -122.06
N ASP U 291 8.87 11.62 -120.74
CA ASP U 291 7.58 11.81 -120.11
C ASP U 291 7.53 13.16 -119.42
N GLN U 292 6.38 13.83 -119.51
CA GLN U 292 6.20 15.17 -118.99
C GLN U 292 5.77 15.12 -117.53
N PHE U 293 6.61 15.65 -116.64
CA PHE U 293 6.29 15.70 -115.22
C PHE U 293 7.13 16.79 -114.56
N HIS U 294 6.68 17.23 -113.40
CA HIS U 294 7.39 18.25 -112.63
C HIS U 294 7.04 18.11 -111.16
N ALA U 295 8.03 18.30 -110.30
CA ALA U 295 7.82 18.20 -108.86
C ALA U 295 8.83 19.09 -108.15
N ARG U 296 8.52 19.42 -106.89
CA ARG U 296 9.38 20.25 -106.05
C ARG U 296 9.66 21.60 -106.71
N GLY U 297 10.90 21.79 -107.16
CA GLY U 297 11.31 23.01 -107.81
C GLY U 297 12.68 23.43 -107.33
N GLY U 298 13.06 24.65 -107.70
CA GLY U 298 14.36 25.17 -107.33
C GLY U 298 15.13 25.75 -108.50
N ARG U 299 16.30 25.19 -108.77
CA ARG U 299 17.14 25.63 -109.88
C ARG U 299 17.61 24.42 -110.66
N TYR U 300 17.89 24.65 -111.95
CA TYR U 300 18.34 23.57 -112.83
C TYR U 300 19.75 23.13 -112.44
N ASP U 301 19.95 21.83 -112.34
CA ASP U 301 21.24 21.27 -111.99
C ASP U 301 22.09 21.04 -113.23
N GLN U 302 23.41 21.14 -113.06
CA GLN U 302 24.37 20.96 -114.14
C GLN U 302 24.08 21.90 -115.31
N GLY U 303 23.72 23.14 -114.99
CA GLY U 303 23.42 24.14 -115.99
C GLY U 303 24.58 25.09 -116.24
N ALA U 304 24.32 26.06 -117.11
CA ALA U 304 25.31 27.07 -117.47
C ALA U 304 25.25 28.30 -116.58
N LEU U 305 24.31 28.36 -115.63
CA LEU U 305 24.16 29.49 -114.73
C LEU U 305 24.09 29.00 -113.30
N THR U 306 24.55 29.84 -112.37
CA THR U 306 24.54 29.55 -110.94
C THR U 306 23.80 30.69 -110.24
N SER U 307 22.48 30.56 -110.14
CA SER U 307 21.59 31.53 -109.49
C SER U 307 21.71 32.92 -110.12
N HIS U 308 22.18 33.00 -111.36
CA HIS U 308 22.34 34.26 -112.10
C HIS U 308 23.26 35.19 -111.29
N SER U 309 23.06 36.50 -111.41
CA SER U 309 23.85 37.47 -110.67
C SER U 309 23.05 38.25 -109.64
N VAL U 310 21.72 38.20 -109.70
CA VAL U 310 20.90 38.92 -108.73
C VAL U 310 21.11 38.37 -107.33
N MET U 311 21.16 37.04 -107.20
CA MET U 311 21.39 36.43 -105.89
C MET U 311 22.77 36.80 -105.35
N ASP U 312 23.78 36.78 -106.21
CA ASP U 312 25.13 37.16 -105.77
C ASP U 312 25.18 38.61 -105.33
N ALA U 313 24.51 39.50 -106.08
CA ALA U 313 24.48 40.91 -105.70
C ALA U 313 23.75 41.10 -104.36
N LEU U 314 22.65 40.38 -104.16
CA LEU U 314 21.93 40.48 -102.89
C LEU U 314 22.78 39.97 -101.73
N ILE U 315 23.50 38.87 -101.93
CA ILE U 315 24.34 38.32 -100.87
C ILE U 315 25.48 39.27 -100.54
N ARG U 316 26.16 39.81 -101.57
CA ARG U 316 27.30 40.68 -101.34
C ARG U 316 26.89 42.04 -100.79
N LEU U 317 25.62 42.40 -100.87
CA LEU U 317 25.10 43.63 -100.29
C LEU U 317 24.31 43.32 -99.02
N GLN U 318 23.87 44.38 -98.35
CA GLN U 318 23.09 44.26 -97.12
C GLN U 318 21.59 44.29 -97.43
N VAL U 319 21.17 43.33 -98.27
CA VAL U 319 19.78 43.19 -98.68
C VAL U 319 19.15 41.93 -98.10
N LEU U 320 19.87 40.80 -98.17
CA LEU U 320 19.46 39.50 -97.66
C LEU U 320 18.28 38.95 -98.44
N PRO U 321 18.07 37.63 -98.44
CA PRO U 321 16.91 37.08 -99.12
C PRO U 321 15.63 37.57 -98.47
N PRO U 322 14.56 37.74 -99.26
CA PRO U 322 13.29 38.22 -98.69
C PRO U 322 12.75 37.25 -97.65
N ALA U 323 12.16 37.81 -96.60
CA ALA U 323 11.56 36.98 -95.56
C ALA U 323 10.29 36.32 -96.09
N PRO U 324 10.08 35.04 -95.78
CA PRO U 324 8.85 34.36 -96.25
C PRO U 324 7.58 35.01 -95.72
N GLY U 325 7.60 35.55 -94.51
CA GLY U 325 6.44 36.18 -93.91
C GLY U 325 6.34 37.68 -94.10
N GLN U 326 7.24 38.29 -94.87
CA GLN U 326 7.22 39.73 -95.07
C GLN U 326 7.17 40.10 -96.55
N PHE U 327 7.82 39.29 -97.38
CA PHE U 327 7.87 39.51 -98.84
C PHE U 327 8.42 40.89 -99.17
N ASN U 328 9.67 41.11 -98.79
CA ASN U 328 10.33 42.39 -99.01
C ASN U 328 11.19 42.30 -100.27
N PRO U 329 10.86 43.03 -101.33
CA PRO U 329 11.66 42.98 -102.57
C PRO U 329 12.89 43.88 -102.45
N GLY U 330 13.66 43.92 -103.53
CA GLY U 330 14.86 44.74 -103.61
C GLY U 330 14.65 45.89 -104.59
N VAL U 331 15.25 47.04 -104.27
CA VAL U 331 15.13 48.23 -105.10
C VAL U 331 16.52 48.73 -105.48
N ASN U 332 17.54 48.19 -104.83
CA ASN U 332 18.92 48.60 -105.06
C ASN U 332 19.57 47.87 -106.23
N ASP U 333 18.86 46.93 -106.86
CA ASP U 333 19.42 46.19 -107.98
C ASP U 333 19.47 47.01 -109.27
N ILE U 334 18.74 48.12 -109.33
CA ILE U 334 18.70 48.97 -110.51
C ILE U 334 19.30 50.35 -110.23
N ILE U 335 20.04 50.48 -109.13
CA ILE U 335 20.64 51.76 -108.75
C ILE U 335 22.09 51.85 -109.21
N ASP U 336 22.86 50.78 -109.05
CA ASP U 336 24.26 50.79 -109.45
C ASP U 336 24.46 50.91 -110.95
N ARG U 337 23.43 50.57 -111.74
CA ARG U 337 23.47 50.66 -113.21
C ARG U 337 24.63 49.83 -113.76
N ASN U 338 24.56 48.52 -113.51
CA ASN U 338 25.59 47.61 -113.97
C ASN U 338 25.53 47.47 -115.50
N HIS U 339 26.67 47.09 -116.08
CA HIS U 339 26.79 46.91 -117.53
C HIS U 339 26.32 45.51 -117.91
N THR U 340 25.00 45.34 -117.84
CA THR U 340 24.31 44.08 -118.18
C THR U 340 24.92 42.89 -117.43
N ALA U 341 24.64 41.69 -117.93
CA ALA U 341 25.14 40.45 -117.31
C ALA U 341 25.14 39.37 -118.37
N TYR U 342 25.35 38.12 -117.94
CA TYR U 342 25.36 36.96 -118.82
C TYR U 342 24.11 36.13 -118.52
N VAL U 343 23.06 36.34 -119.31
CA VAL U 343 21.80 35.65 -119.12
C VAL U 343 21.77 34.45 -120.06
N ASP U 344 20.90 33.48 -119.74
CA ASP U 344 20.74 32.27 -120.52
C ASP U 344 19.26 32.00 -120.72
N LYS U 345 18.95 31.28 -121.79
CA LYS U 345 17.58 30.94 -122.16
C LYS U 345 17.30 29.45 -121.92
N ILE U 346 17.89 28.88 -120.89
CA ILE U 346 17.67 27.47 -120.57
C ILE U 346 16.41 27.27 -119.75
N GLN U 347 15.92 28.31 -119.07
CA GLN U 347 14.70 28.18 -118.28
C GLN U 347 13.50 27.88 -119.16
N GLN U 348 13.42 28.52 -120.33
CA GLN U 348 12.32 28.27 -121.25
C GLN U 348 12.33 26.83 -121.74
N ALA U 349 13.52 26.30 -122.06
CA ALA U 349 13.61 24.91 -122.49
C ALA U 349 13.26 23.95 -121.35
N ALA U 350 13.68 24.28 -120.13
CA ALA U 350 13.38 23.42 -118.99
C ALA U 350 11.91 23.45 -118.62
N ALA U 351 11.21 24.55 -118.92
CA ALA U 351 9.79 24.63 -118.62
C ALA U 351 9.00 23.60 -119.41
N ALA U 352 9.33 23.41 -120.68
CA ALA U 352 8.70 22.42 -121.56
C ALA U 352 7.21 22.75 -121.68
N TYR U 353 6.36 21.74 -121.87
CA TYR U 353 4.93 21.93 -122.03
C TYR U 353 4.23 20.71 -121.45
N LEU U 354 3.75 20.83 -120.21
CA LEU U 354 3.10 19.72 -119.51
C LEU U 354 1.83 20.25 -118.84
N GLU U 355 0.71 20.16 -119.57
CA GLU U 355 -0.59 20.55 -119.01
C GLU U 355 -1.69 19.58 -119.39
N ARG U 356 -1.35 18.36 -119.79
CA ARG U 356 -2.35 17.37 -120.16
C ARG U 356 -2.97 16.73 -118.92
N ALA U 357 -4.16 16.15 -119.10
CA ALA U 357 -4.87 15.49 -118.03
C ALA U 357 -4.54 14.01 -118.01
N GLN U 358 -5.12 13.28 -117.07
CA GLN U 358 -4.91 11.85 -116.90
C GLN U 358 -6.25 11.14 -116.96
N ASN U 359 -6.33 10.10 -117.78
CA ASN U 359 -7.57 9.34 -117.97
C ASN U 359 -7.57 8.09 -117.09
N VAL U 360 -7.57 8.33 -115.77
CA VAL U 360 -7.59 7.25 -114.79
C VAL U 360 -8.06 7.84 -113.47
N PHE U 361 -8.57 6.98 -112.59
CA PHE U 361 -9.06 7.42 -111.30
C PHE U 361 -7.92 7.55 -110.29
N LEU U 362 -8.22 8.24 -109.18
CA LEU U 362 -7.28 8.45 -108.08
C LEU U 362 -5.99 9.11 -108.57
N MET U 363 -6.13 10.05 -109.50
CA MET U 363 -5.01 10.82 -110.04
C MET U 363 -3.94 9.91 -110.62
N GLU U 364 -2.71 10.44 -110.72
CA GLU U 364 -1.54 9.70 -111.21
C GLU U 364 -1.71 9.31 -112.69
N ASP U 365 -0.63 8.85 -113.32
CA ASP U 365 -0.69 8.43 -114.72
C ASP U 365 0.41 7.41 -114.95
N GLN U 366 0.04 6.13 -114.97
CA GLN U 366 0.99 5.05 -115.22
C GLN U 366 0.52 4.01 -116.23
N THR U 367 -0.79 3.86 -116.44
CA THR U 367 -1.29 2.83 -117.34
C THR U 367 -0.82 3.09 -118.77
N LEU U 368 -0.90 4.34 -119.23
CA LEU U 368 -0.39 4.66 -120.56
C LEU U 368 1.13 4.79 -120.55
N LEU U 369 1.73 5.20 -119.43
CA LEU U 369 3.18 5.36 -119.38
C LEU U 369 3.89 4.03 -119.55
N ARG U 370 3.42 2.98 -118.87
CA ARG U 370 4.06 1.67 -119.00
C ARG U 370 3.93 1.14 -120.42
N LEU U 371 2.77 1.32 -121.04
CA LEU U 371 2.59 0.86 -122.41
C LEU U 371 3.48 1.62 -123.38
N THR U 372 3.61 2.94 -123.20
CA THR U 372 4.46 3.71 -124.09
C THR U 372 5.93 3.35 -123.93
N ILE U 373 6.39 3.17 -122.69
CA ILE U 373 7.79 2.82 -122.48
C ILE U 373 8.08 1.38 -122.90
N ASP U 374 7.05 0.52 -122.92
CA ASP U 374 7.24 -0.82 -123.47
C ASP U 374 7.28 -0.80 -125.00
N THR U 375 6.47 0.06 -125.61
CA THR U 375 6.45 0.14 -127.07
C THR U 375 7.73 0.79 -127.60
N ILE U 376 8.26 1.79 -126.88
CA ILE U 376 9.45 2.49 -127.35
C ILE U 376 10.68 1.58 -127.38
N THR U 377 10.63 0.43 -126.67
CA THR U 377 11.76 -0.49 -126.67
C THR U 377 11.97 -1.15 -128.03
N ALA U 378 10.99 -1.10 -128.92
CA ALA U 378 11.08 -1.73 -130.23
C ALA U 378 11.71 -0.83 -131.29
N LEU U 379 12.20 0.35 -130.90
CA LEU U 379 12.83 1.25 -131.86
C LEU U 379 14.09 0.63 -132.44
N LEU U 380 14.87 -0.08 -131.63
CA LEU U 380 16.07 -0.73 -132.13
C LEU U 380 15.73 -1.78 -133.16
N LEU U 381 14.71 -2.61 -132.90
CA LEU U 381 14.31 -3.62 -133.87
C LEU U 381 13.77 -2.98 -135.15
N LEU U 382 13.00 -1.90 -135.00
CA LEU U 382 12.48 -1.20 -136.18
C LEU U 382 13.61 -0.65 -137.03
N ARG U 383 14.63 -0.07 -136.40
CA ARG U 383 15.79 0.42 -137.15
C ARG U 383 16.54 -0.74 -137.81
N ARG U 384 16.67 -1.87 -137.11
CA ARG U 384 17.36 -3.02 -137.67
C ARG U 384 16.62 -3.60 -138.87
N LEU U 385 15.28 -3.47 -138.89
CA LEU U 385 14.48 -4.12 -139.91
C LEU U 385 14.50 -3.40 -141.25
N LEU U 386 15.09 -2.21 -141.35
CA LEU U 386 15.03 -1.43 -142.57
C LEU U 386 16.39 -0.82 -142.91
N TRP U 387 17.46 -1.58 -142.73
CA TRP U 387 18.78 -1.12 -143.17
C TRP U 387 19.14 -1.64 -144.56
N ASN U 388 19.15 -2.96 -144.73
CA ASN U 388 19.56 -3.58 -145.99
C ASN U 388 18.37 -4.32 -146.59
N GLY U 389 18.14 -4.09 -147.89
CA GLY U 389 17.05 -4.74 -148.58
C GLY U 389 16.73 -4.09 -149.91
N ASN U 390 16.44 -4.90 -150.92
CA ASN U 390 16.12 -4.40 -152.25
C ASN U 390 15.01 -5.25 -152.85
N VAL U 391 14.31 -4.66 -153.82
CA VAL U 391 13.20 -5.32 -154.51
C VAL U 391 13.62 -5.56 -155.96
N TYR U 392 13.55 -6.81 -156.40
CA TYR U 392 13.92 -7.18 -157.76
C TYR U 392 12.90 -8.05 -158.45
N GLY U 393 11.88 -8.55 -157.75
CA GLY U 393 10.87 -9.39 -158.35
C GLY U 393 11.28 -10.86 -158.40
N ASP U 394 10.29 -11.71 -158.66
CA ASP U 394 10.52 -13.14 -158.74
C ASP U 394 9.43 -13.76 -159.61
N LYS U 395 9.71 -14.98 -160.07
CA LYS U 395 8.74 -15.69 -160.89
C LYS U 395 7.46 -16.01 -160.11
N LEU U 396 7.61 -16.41 -158.84
CA LEU U 396 6.44 -16.71 -158.02
C LEU U 396 5.60 -15.46 -157.78
N LYS U 397 6.27 -14.32 -157.51
CA LYS U 397 5.54 -13.08 -157.26
C LYS U 397 4.79 -12.62 -158.51
N ASN U 398 5.41 -12.76 -159.68
CA ASN U 398 4.80 -12.31 -160.93
C ASN U 398 3.79 -13.36 -161.39
N ASN U 399 2.51 -12.97 -161.39
CA ASN U 399 1.45 -13.89 -161.80
C ASN U 399 0.52 -13.25 -162.82
N PHE U 400 0.40 -11.92 -162.79
CA PHE U 400 -0.47 -11.21 -163.73
C PHE U 400 0.08 -9.80 -163.89
N GLN U 401 0.77 -9.55 -165.00
CA GLN U 401 1.38 -8.27 -165.28
C GLN U 401 0.97 -7.79 -166.66
N LEU U 402 0.70 -6.49 -166.77
CA LEU U 402 0.35 -5.87 -168.05
C LEU U 402 1.40 -4.91 -168.56
N GLY U 403 2.05 -4.16 -167.68
CA GLY U 403 3.08 -3.22 -168.08
C GLY U 403 4.23 -3.14 -167.09
N LEU U 404 4.29 -4.09 -166.16
CA LEU U 404 5.31 -4.12 -165.13
C LEU U 404 6.47 -5.06 -165.48
N ILE U 405 6.75 -5.23 -166.78
CA ILE U 405 7.85 -6.09 -167.19
C ILE U 405 9.19 -5.51 -166.73
N VAL U 406 9.39 -4.21 -166.92
CA VAL U 406 10.63 -3.55 -166.51
C VAL U 406 10.59 -3.06 -165.08
N SER U 407 9.42 -3.09 -164.43
CA SER U 407 9.31 -2.61 -163.05
C SER U 407 10.14 -3.46 -162.10
N GLU U 408 10.20 -4.76 -162.33
CA GLU U 408 10.98 -5.64 -161.46
C GLU U 408 12.47 -5.33 -161.55
N ALA U 409 12.93 -4.80 -162.68
CA ALA U 409 14.35 -4.49 -162.86
C ALA U 409 14.69 -3.04 -162.54
N THR U 410 13.73 -2.12 -162.59
CA THR U 410 13.99 -0.73 -162.31
C THR U 410 13.81 -0.37 -160.84
N GLY U 411 13.38 -1.31 -160.00
CA GLY U 411 13.21 -1.05 -158.59
C GLY U 411 11.77 -1.14 -158.13
N THR U 412 11.22 -0.02 -157.64
CA THR U 412 9.84 0.04 -157.16
C THR U 412 9.15 1.24 -157.81
N PRO U 413 8.84 1.15 -159.11
CA PRO U 413 8.17 2.27 -159.79
C PRO U 413 6.76 2.49 -159.30
N THR U 414 5.98 1.41 -159.36
CA THR U 414 4.55 1.30 -159.05
C THR U 414 3.69 2.01 -160.08
N ASN U 415 4.32 2.67 -161.05
CA ASN U 415 3.58 3.25 -162.20
C ASN U 415 4.40 2.93 -163.44
N ASN U 416 5.54 3.60 -163.61
CA ASN U 416 6.49 3.32 -164.70
C ASN U 416 7.95 3.54 -164.35
N VAL U 417 8.29 4.37 -163.36
CA VAL U 417 9.63 4.86 -163.01
C VAL U 417 10.22 5.74 -164.12
N ILE U 418 9.74 5.57 -165.35
CA ILE U 418 10.29 6.24 -166.53
C ILE U 418 11.78 5.94 -166.63
N LEU U 419 12.62 6.89 -166.22
CA LEU U 419 14.07 6.72 -166.25
C LEU U 419 14.74 6.83 -164.89
N ARG U 420 14.10 7.46 -163.92
CA ARG U 420 14.69 7.65 -162.60
C ARG U 420 14.52 6.37 -161.78
N GLY U 421 14.79 6.44 -160.48
CA GLY U 421 14.62 5.31 -159.60
C GLY U 421 15.86 4.45 -159.48
N ALA U 422 16.25 3.79 -160.57
CA ALA U 422 17.39 2.88 -160.58
C ALA U 422 18.69 3.56 -160.92
N THR U 423 18.82 4.86 -160.61
CA THR U 423 20.02 5.61 -160.96
C THR U 423 21.25 5.07 -160.25
N GLY U 424 21.14 4.80 -158.95
CA GLY U 424 22.31 4.42 -158.18
C GLY U 424 22.87 3.05 -158.49
N PHE U 425 22.19 1.98 -158.05
CA PHE U 425 22.57 0.63 -158.42
C PHE U 425 21.44 -0.12 -159.12
N ASP U 426 20.29 -0.26 -158.47
CA ASP U 426 19.13 -0.92 -159.08
C ASP U 426 17.80 -0.30 -158.68
N GLY U 427 17.78 0.77 -157.91
CA GLY U 427 16.55 1.37 -157.45
C GLY U 427 16.53 1.65 -155.97
N LYS U 428 16.27 2.91 -155.60
CA LYS U 428 16.23 3.31 -154.20
C LYS U 428 15.49 4.63 -154.09
N PHE U 429 14.53 4.70 -153.17
CA PHE U 429 13.77 5.92 -152.89
C PHE U 429 12.97 6.39 -154.11
N LYS U 430 12.21 7.47 -153.93
CA LYS U 430 11.40 8.05 -154.99
C LYS U 430 11.72 9.52 -155.12
N SER U 431 11.97 9.97 -156.35
CA SER U 431 12.30 11.38 -156.61
C SER U 431 11.96 11.69 -158.05
N GLY U 432 11.05 12.64 -158.25
CA GLY U 432 10.66 13.03 -159.59
C GLY U 432 9.26 12.57 -159.96
N ASN U 433 8.32 13.51 -160.09
CA ASN U 433 6.94 13.20 -160.43
C ASN U 433 6.48 14.18 -161.51
N ASN U 434 6.61 13.78 -162.77
CA ASN U 434 6.14 14.59 -163.90
C ASN U 434 5.01 13.90 -164.64
N ASN U 435 5.21 12.68 -165.12
CA ASN U 435 4.14 11.97 -165.81
C ASN U 435 2.99 11.62 -164.87
N PHE U 436 3.29 11.39 -163.59
CA PHE U 436 2.24 11.08 -162.63
C PHE U 436 1.25 12.23 -162.51
N GLN U 437 1.76 13.45 -162.27
CA GLN U 437 0.88 14.61 -162.17
C GLN U 437 0.28 14.96 -163.53
N PHE U 438 1.02 14.74 -164.62
CA PHE U 438 0.46 15.00 -165.94
C PHE U 438 -0.77 14.14 -166.21
N LEU U 439 -0.71 12.86 -165.85
CA LEU U 439 -1.86 11.99 -166.02
C LEU U 439 -2.96 12.31 -165.00
N CYS U 440 -2.56 12.68 -163.78
CA CYS U 440 -3.55 13.00 -162.75
C CYS U 440 -4.38 14.22 -163.12
N GLU U 441 -3.75 15.22 -163.73
CA GLU U 441 -4.45 16.47 -164.05
C GLU U 441 -5.64 16.27 -164.97
N ARG U 442 -5.67 15.17 -165.74
CA ARG U 442 -6.76 14.92 -166.66
C ARG U 442 -7.44 13.57 -166.44
N TYR U 443 -6.99 12.77 -165.47
CA TYR U 443 -7.58 11.46 -165.24
C TYR U 443 -8.23 11.33 -163.87
N ILE U 444 -7.53 11.69 -162.79
CA ILE U 444 -7.99 11.45 -161.44
C ILE U 444 -8.14 12.75 -160.65
N ALA U 445 -8.02 13.91 -161.30
CA ALA U 445 -8.05 15.17 -160.56
C ALA U 445 -9.41 15.46 -159.96
N PRO U 446 -10.49 15.66 -160.75
CA PRO U 446 -11.75 16.12 -160.13
C PRO U 446 -12.63 14.98 -159.61
N LEU U 447 -12.03 13.99 -158.96
CA LEU U 447 -12.83 12.97 -158.27
C LEU U 447 -12.30 12.71 -156.87
N TYR U 448 -11.00 12.84 -156.67
CA TYR U 448 -10.37 12.53 -155.38
C TYR U 448 -9.15 13.44 -155.23
N THR U 449 -9.35 14.60 -154.61
CA THR U 449 -8.26 15.51 -154.32
C THR U 449 -8.10 15.82 -152.83
N LEU U 450 -9.17 16.25 -152.17
CA LEU U 450 -9.10 16.71 -150.78
C LEU U 450 -9.58 15.58 -149.87
N ASN U 451 -8.69 14.64 -149.62
CA ASN U 451 -8.99 13.51 -148.73
C ASN U 451 -7.83 13.24 -147.78
N ARG U 452 -7.90 12.13 -147.06
CA ARG U 452 -6.86 11.74 -146.12
C ARG U 452 -6.22 10.42 -146.55
N THR U 453 -4.99 10.22 -146.12
CA THR U 453 -4.26 9.00 -146.47
C THR U 453 -4.92 7.78 -145.83
N THR U 454 -4.83 6.65 -146.55
CA THR U 454 -5.40 5.37 -146.13
C THR U 454 -6.87 5.47 -145.77
N GLU U 455 -7.39 4.46 -145.08
CA GLU U 455 -8.80 4.41 -144.72
C GLU U 455 -8.94 3.65 -143.41
N LEU U 456 -10.18 3.27 -143.08
CA LEU U 456 -10.46 2.50 -141.88
C LEU U 456 -11.43 1.34 -142.12
N THR U 457 -11.88 1.14 -143.35
CA THR U 457 -12.77 0.04 -143.68
C THR U 457 -12.20 -0.91 -144.71
N GLU U 458 -10.99 -0.67 -145.21
CA GLU U 458 -10.37 -1.51 -146.22
C GLU U 458 -8.99 -1.96 -145.78
N MET U 459 -8.24 -2.58 -146.71
CA MET U 459 -6.90 -3.06 -146.43
C MET U 459 -5.84 -1.97 -146.52
N PHE U 460 -6.25 -0.69 -146.47
CA PHE U 460 -5.29 0.40 -146.51
C PHE U 460 -4.27 0.36 -145.37
N PRO U 461 -4.63 0.11 -144.11
CA PRO U 461 -3.60 -0.01 -143.06
C PRO U 461 -2.68 -1.21 -143.20
N GLY U 462 -2.83 -2.00 -144.26
CA GLY U 462 -1.94 -3.14 -144.45
C GLY U 462 -0.49 -2.75 -144.62
N LEU U 463 -0.22 -1.61 -145.26
CA LEU U 463 1.15 -1.15 -145.40
C LEU U 463 1.77 -0.84 -144.05
N VAL U 464 1.00 -0.23 -143.15
CA VAL U 464 1.50 0.04 -141.80
C VAL U 464 1.66 -1.27 -141.04
N ALA U 465 0.74 -2.21 -141.23
CA ALA U 465 0.82 -3.49 -140.53
C ALA U 465 2.07 -4.27 -140.93
N LEU U 466 2.39 -4.28 -142.23
CA LEU U 466 3.58 -5.00 -142.69
C LEU U 466 4.86 -4.39 -142.13
N CYS U 467 4.94 -3.06 -142.09
CA CYS U 467 6.13 -2.40 -141.56
C CYS U 467 6.28 -2.64 -140.06
N LEU U 468 5.16 -2.79 -139.33
CA LEU U 468 5.19 -3.03 -137.90
C LEU U 468 5.14 -4.53 -137.57
N ASP U 469 5.66 -5.38 -138.45
CA ASP U 469 5.65 -6.82 -138.19
C ASP U 469 6.46 -7.16 -136.94
N ALA U 470 7.64 -6.55 -136.79
CA ALA U 470 8.49 -6.80 -135.64
C ALA U 470 8.37 -5.73 -134.56
N HIS U 471 7.85 -4.55 -134.89
CA HIS U 471 7.71 -3.49 -133.89
C HIS U 471 6.71 -3.88 -132.81
N THR U 472 5.59 -4.49 -133.19
CA THR U 472 4.58 -4.90 -132.23
C THR U 472 4.95 -6.18 -131.48
N GLN U 473 5.99 -6.89 -131.93
CA GLN U 473 6.38 -8.12 -131.25
C GLN U 473 6.97 -7.85 -129.88
N LEU U 474 7.70 -6.75 -129.73
CA LEU U 474 8.34 -6.41 -128.47
C LEU U 474 7.43 -5.63 -127.52
N SER U 475 6.19 -5.34 -127.93
CA SER U 475 5.27 -4.59 -127.10
C SER U 475 4.74 -5.39 -125.92
N ARG U 476 4.90 -6.71 -125.93
CA ARG U 476 4.42 -7.55 -124.84
C ARG U 476 5.49 -7.74 -123.76
N GLY U 477 6.64 -8.28 -124.15
CA GLY U 477 7.72 -8.46 -123.19
C GLY U 477 8.37 -7.14 -122.81
N SER U 478 8.95 -7.11 -121.62
CA SER U 478 9.61 -5.90 -121.14
C SER U 478 10.86 -5.58 -121.96
N LEU U 479 11.80 -6.52 -122.00
CA LEU U 479 13.01 -6.35 -122.79
C LEU U 479 12.80 -6.68 -124.26
N GLY U 480 11.69 -7.33 -124.61
CA GLY U 480 11.43 -7.71 -125.98
C GLY U 480 12.08 -9.02 -126.36
N ARG U 481 11.73 -10.10 -125.65
CA ARG U 481 12.28 -11.42 -125.88
C ARG U 481 11.16 -12.38 -126.25
N THR U 482 11.48 -13.33 -127.13
CA THR U 482 10.51 -14.32 -127.60
C THR U 482 10.54 -15.56 -126.69
N VAL U 483 10.28 -15.32 -125.41
CA VAL U 483 10.28 -16.36 -124.40
C VAL U 483 9.03 -16.20 -123.53
N ILE U 484 8.92 -17.07 -122.52
CA ILE U 484 7.79 -17.01 -121.61
C ILE U 484 7.88 -15.76 -120.73
N ASP U 485 6.75 -15.08 -120.58
CA ASP U 485 6.68 -13.88 -119.77
C ASP U 485 5.25 -13.68 -119.30
N ILE U 486 5.09 -12.84 -118.28
CA ILE U 486 3.78 -12.55 -117.70
C ILE U 486 3.40 -11.15 -118.22
N SER U 487 2.67 -11.13 -119.32
CA SER U 487 2.21 -9.87 -119.91
C SER U 487 0.78 -10.00 -120.41
N SER U 488 0.00 -10.94 -119.86
CA SER U 488 -1.37 -11.16 -120.28
C SER U 488 -2.41 -10.70 -119.29
N GLY U 489 -2.06 -10.61 -118.01
CA GLY U 489 -2.99 -10.22 -116.97
C GLY U 489 -2.98 -8.75 -116.62
N GLN U 490 -2.34 -7.91 -117.43
CA GLN U 490 -2.29 -6.47 -117.12
C GLN U 490 -3.69 -5.85 -117.17
N TYR U 491 -4.47 -6.19 -118.20
CA TYR U 491 -5.82 -5.65 -118.31
C TYR U 491 -6.71 -6.16 -117.17
N GLN U 492 -6.58 -7.44 -116.82
CA GLN U 492 -7.36 -7.99 -115.72
C GLN U 492 -7.01 -7.31 -114.41
N ASP U 493 -5.71 -7.10 -114.15
CA ASP U 493 -5.31 -6.40 -112.94
C ASP U 493 -5.82 -4.98 -112.92
N ARG U 494 -5.76 -4.29 -114.06
CA ARG U 494 -6.25 -2.91 -114.13
C ARG U 494 -7.75 -2.84 -113.84
N LEU U 495 -8.53 -3.75 -114.43
CA LEU U 495 -9.98 -3.71 -114.20
C LEU U 495 -10.32 -4.10 -112.77
N ILE U 496 -9.60 -5.06 -112.20
CA ILE U 496 -9.82 -5.42 -110.79
C ILE U 496 -9.50 -4.24 -109.89
N SER U 497 -8.39 -3.54 -110.15
CA SER U 497 -8.04 -2.38 -109.35
C SER U 497 -9.09 -1.28 -109.48
N LEU U 498 -9.59 -1.06 -110.70
CA LEU U 498 -10.63 -0.04 -110.90
C LEU U 498 -11.90 -0.40 -110.14
N ILE U 499 -12.31 -1.67 -110.19
CA ILE U 499 -13.49 -2.10 -109.47
C ILE U 499 -13.30 -1.94 -107.97
N ALA U 500 -12.12 -2.32 -107.46
CA ALA U 500 -11.84 -2.17 -106.03
C ALA U 500 -11.88 -0.70 -105.62
N LEU U 501 -11.28 0.18 -106.43
CA LEU U 501 -11.29 1.60 -106.11
C LEU U 501 -12.70 2.17 -106.12
N GLU U 502 -13.52 1.80 -107.12
CA GLU U 502 -14.86 2.34 -107.19
C GLU U 502 -15.73 1.83 -106.04
N LEU U 503 -15.58 0.56 -105.65
CA LEU U 503 -16.36 0.05 -104.53
C LEU U 503 -15.90 0.65 -103.22
N GLU U 504 -14.60 0.90 -103.07
CA GLU U 504 -14.09 1.56 -101.88
C GLU U 504 -14.61 3.00 -101.79
N HIS U 505 -14.68 3.69 -102.92
CA HIS U 505 -15.23 5.04 -102.93
C HIS U 505 -16.72 5.03 -102.61
N ARG U 506 -17.46 4.07 -103.16
CA ARG U 506 -18.90 4.00 -102.93
C ARG U 506 -19.23 3.65 -101.48
N ARG U 507 -18.49 2.71 -100.89
CA ARG U 507 -18.80 2.23 -99.55
C ARG U 507 -18.02 2.98 -98.47
N GLN U 508 -16.69 2.93 -98.54
CA GLN U 508 -15.84 3.56 -97.55
C GLN U 508 -15.49 4.98 -97.98
N ASN U 509 -14.62 5.62 -97.19
CA ASN U 509 -14.17 6.99 -97.48
C ASN U 509 -12.67 7.10 -97.25
N VAL U 510 -11.91 6.12 -97.72
CA VAL U 510 -10.46 6.05 -97.58
C VAL U 510 -10.08 6.02 -96.11
N THR U 511 -9.83 7.21 -95.53
CA THR U 511 -9.50 7.37 -94.12
C THR U 511 -8.24 6.61 -93.75
N SER U 512 -8.39 5.38 -93.22
CA SER U 512 -7.25 4.60 -92.78
C SER U 512 -6.29 4.26 -93.92
N LEU U 513 -6.78 4.21 -95.14
CA LEU U 513 -5.92 3.91 -96.28
C LEU U 513 -4.98 5.08 -96.56
N PRO U 514 -3.67 4.87 -96.58
CA PRO U 514 -2.74 5.99 -96.85
C PRO U 514 -2.86 6.45 -98.29
N ILE U 515 -3.23 7.72 -98.47
CA ILE U 515 -3.38 8.30 -99.79
C ILE U 515 -2.39 9.43 -100.06
N ALA U 516 -1.79 10.02 -99.02
CA ALA U 516 -0.82 11.10 -99.23
C ALA U 516 0.57 10.54 -99.50
N ALA U 517 0.95 9.45 -98.83
CA ALA U 517 2.27 8.88 -99.02
C ALA U 517 2.47 8.36 -100.44
N VAL U 518 1.45 7.69 -101.00
CA VAL U 518 1.57 7.16 -102.35
C VAL U 518 1.72 8.29 -103.36
N VAL U 519 0.94 9.36 -103.20
CA VAL U 519 1.06 10.50 -104.10
C VAL U 519 2.44 11.14 -103.96
N SER U 520 2.93 11.28 -102.72
CA SER U 520 4.23 11.90 -102.50
C SER U 520 5.36 11.10 -103.13
N ILE U 521 5.33 9.77 -102.99
CA ILE U 521 6.38 8.96 -103.57
C ILE U 521 6.26 8.93 -105.10
N HIS U 522 5.04 8.90 -105.62
CA HIS U 522 4.85 8.90 -107.07
C HIS U 522 5.31 10.21 -107.68
N ASP U 523 5.21 11.32 -106.94
CA ASP U 523 5.65 12.60 -107.46
C ASP U 523 7.12 12.56 -107.90
N SER U 524 7.95 11.79 -107.21
CA SER U 524 9.34 11.62 -107.62
C SER U 524 9.54 10.38 -108.48
N VAL U 525 8.72 9.35 -108.30
CA VAL U 525 8.84 8.12 -109.09
C VAL U 525 8.59 8.43 -110.57
N MET U 526 7.63 9.30 -110.86
CA MET U 526 7.30 9.61 -112.25
C MET U 526 8.49 10.21 -112.99
N LEU U 527 9.24 11.09 -112.33
CA LEU U 527 10.40 11.70 -112.97
C LEU U 527 11.68 10.91 -112.78
N GLN U 528 11.68 9.88 -111.94
CA GLN U 528 12.89 9.10 -111.71
C GLN U 528 12.93 7.79 -112.48
N TYR U 529 11.78 7.13 -112.67
CA TYR U 529 11.77 5.80 -113.29
C TYR U 529 11.68 5.84 -114.80
N GLU U 530 11.05 6.87 -115.37
CA GLU U 530 10.86 6.93 -116.82
C GLU U 530 12.08 7.47 -117.55
N ARG U 531 12.76 8.46 -116.97
CA ARG U 531 13.92 9.05 -117.63
C ARG U 531 15.04 8.02 -117.80
N GLY U 532 15.27 7.20 -116.78
CA GLY U 532 16.30 6.18 -116.88
C GLY U 532 16.02 5.17 -117.97
N LEU U 533 14.76 4.71 -118.07
CA LEU U 533 14.41 3.78 -119.13
C LEU U 533 14.49 4.42 -120.49
N GLY U 534 14.12 5.71 -120.60
CA GLY U 534 14.23 6.40 -121.87
C GLY U 534 15.67 6.57 -122.32
N MET U 535 16.58 6.83 -121.38
CA MET U 535 17.99 7.01 -121.69
C MET U 535 18.79 5.71 -121.60
N LEU U 536 18.11 4.58 -121.36
CA LEU U 536 18.81 3.31 -121.21
C LEU U 536 19.58 2.94 -122.47
N MET U 537 18.88 2.75 -123.58
CA MET U 537 19.51 2.40 -124.84
C MET U 537 18.86 3.20 -125.98
N HIS U 538 19.70 3.68 -126.89
CA HIS U 538 19.21 4.41 -128.06
C HIS U 538 19.94 4.06 -129.35
N GLN U 539 20.95 3.20 -129.32
CA GLN U 539 21.72 2.87 -130.51
C GLN U 539 22.07 1.38 -130.53
N PRO U 540 21.46 0.59 -131.42
CA PRO U 540 21.83 -0.82 -131.54
C PRO U 540 23.24 -0.97 -132.10
N ARG U 541 23.88 -2.08 -131.74
CA ARG U 541 25.24 -2.38 -132.15
C ARG U 541 25.29 -3.69 -132.95
N VAL U 542 24.37 -3.83 -133.91
CA VAL U 542 24.30 -5.04 -134.73
C VAL U 542 24.59 -4.66 -136.18
N ARG U 543 25.40 -3.63 -136.38
CA ARG U 543 25.67 -3.15 -137.73
C ARG U 543 26.43 -4.20 -138.55
N ALA U 544 27.49 -4.78 -137.97
CA ALA U 544 28.27 -5.76 -138.71
C ALA U 544 27.49 -7.05 -138.93
N ALA U 545 26.79 -7.53 -137.90
CA ALA U 545 26.03 -8.77 -138.03
C ALA U 545 24.85 -8.64 -138.97
N LEU U 546 24.38 -7.42 -139.25
CA LEU U 546 23.27 -7.25 -140.17
C LEU U 546 23.66 -7.68 -141.58
N GLU U 547 24.86 -7.32 -142.03
CA GLU U 547 25.34 -7.68 -143.35
C GLU U 547 26.32 -8.85 -143.34
N GLU U 548 26.64 -9.39 -142.16
CA GLU U 548 27.55 -10.52 -142.06
C GLU U 548 26.85 -11.83 -141.74
N SER U 549 25.89 -11.82 -140.83
CA SER U 549 25.21 -13.06 -140.46
C SER U 549 24.24 -13.52 -141.55
N ARG U 550 23.65 -12.58 -142.29
CA ARG U 550 22.66 -12.90 -143.32
C ARG U 550 21.50 -13.71 -142.76
N ARG U 551 21.10 -13.39 -141.54
CA ARG U 551 20.01 -14.09 -140.86
C ARG U 551 18.71 -13.32 -140.87
N LEU U 552 18.60 -12.29 -141.71
CA LEU U 552 17.37 -11.50 -141.77
C LEU U 552 16.19 -12.29 -142.30
N ALA U 553 16.44 -13.39 -143.01
CA ALA U 553 15.37 -14.25 -143.52
C ALA U 553 15.04 -15.37 -142.54
N GLN U 554 14.71 -14.99 -141.30
CA GLN U 554 14.37 -15.94 -140.27
C GLN U 554 12.92 -16.40 -140.32
N PHE U 555 12.10 -15.81 -141.19
CA PHE U 555 10.70 -16.17 -141.33
C PHE U 555 10.47 -17.31 -142.31
N ASN U 556 11.53 -17.82 -142.93
CA ASN U 556 11.39 -18.90 -143.92
C ASN U 556 12.71 -19.67 -143.97
N VAL U 557 12.84 -20.52 -145.00
CA VAL U 557 14.04 -21.33 -145.15
C VAL U 557 15.24 -20.44 -145.47
N ASN U 558 16.42 -20.87 -145.06
CA ASN U 558 17.65 -20.10 -145.27
C ASN U 558 18.33 -20.60 -146.54
N SER U 559 18.16 -19.85 -147.63
CA SER U 559 18.83 -20.14 -148.88
C SER U 559 18.85 -18.87 -149.72
N ASP U 560 19.56 -18.92 -150.83
CA ASP U 560 19.69 -17.74 -151.68
C ASP U 560 18.35 -17.37 -152.31
N TYR U 561 17.68 -18.34 -152.94
CA TYR U 561 16.40 -18.07 -153.57
C TYR U 561 15.33 -17.70 -152.54
N ASP U 562 15.33 -18.40 -151.40
CA ASP U 562 14.35 -18.10 -150.35
C ASP U 562 14.56 -16.69 -149.80
N LEU U 563 15.81 -16.31 -149.55
CA LEU U 563 16.09 -14.95 -149.08
C LEU U 563 15.69 -13.92 -150.12
N LEU U 564 15.98 -14.21 -151.40
CA LEU U 564 15.64 -13.28 -152.46
C LEU U 564 14.14 -13.05 -152.55
N TYR U 565 13.35 -14.13 -152.52
CA TYR U 565 11.91 -13.94 -152.64
C TYR U 565 11.31 -13.36 -151.36
N PHE U 566 11.93 -13.65 -150.20
CA PHE U 566 11.47 -13.04 -148.96
C PHE U 566 11.70 -11.52 -148.96
N VAL U 567 12.86 -11.08 -149.42
CA VAL U 567 13.11 -9.64 -149.46
C VAL U 567 12.41 -8.97 -150.64
N CYS U 568 12.00 -9.73 -151.65
CA CYS U 568 11.25 -9.14 -152.76
C CYS U 568 9.77 -8.99 -152.43
N LEU U 569 9.18 -10.00 -151.78
CA LEU U 569 7.75 -9.95 -151.49
C LEU U 569 7.46 -9.13 -150.23
N GLY U 570 8.00 -9.57 -149.08
CA GLY U 570 7.77 -8.86 -147.84
C GLY U 570 7.90 -9.74 -146.61
N VAL U 571 6.90 -9.69 -145.72
CA VAL U 571 6.95 -10.44 -144.47
C VAL U 571 6.68 -11.93 -144.67
N ILE U 572 6.23 -12.32 -145.86
CA ILE U 572 5.91 -13.72 -146.19
C ILE U 572 4.93 -14.28 -145.17
N PRO U 573 3.66 -13.86 -145.19
CA PRO U 573 2.69 -14.43 -144.25
C PRO U 573 2.48 -15.91 -144.48
N GLN U 574 2.15 -16.62 -143.39
CA GLN U 574 1.93 -18.05 -143.48
C GLN U 574 0.71 -18.36 -144.35
N PHE U 575 0.82 -19.48 -145.08
CA PHE U 575 -0.25 -19.87 -145.99
C PHE U 575 -1.45 -20.41 -145.21
N ALA U 576 -2.58 -20.51 -145.92
CA ALA U 576 -3.82 -20.99 -145.32
C ALA U 576 -3.83 -22.52 -145.29
N SER U 577 -4.99 -23.10 -145.00
CA SER U 577 -5.20 -24.55 -144.96
C SER U 577 -4.35 -25.23 -143.89
N THR U 578 -3.84 -24.47 -142.94
CA THR U 578 -3.02 -25.00 -141.84
C THR U 578 -3.58 -24.47 -140.53
N PRO U 579 -4.67 -25.09 -140.03
CA PRO U 579 -5.31 -24.66 -138.77
C PRO U 579 -4.41 -24.86 -137.56
N PRO V 49 -49.91 -7.26 -22.17
CA PRO V 49 -50.87 -6.21 -21.84
C PRO V 49 -50.50 -4.87 -22.48
N ASP V 50 -49.23 -4.48 -22.37
CA ASP V 50 -48.78 -3.22 -22.95
C ASP V 50 -47.44 -3.34 -23.68
N LEU V 51 -46.87 -4.53 -23.81
CA LEU V 51 -45.60 -4.69 -24.51
C LEU V 51 -45.74 -4.65 -26.02
N GLU V 52 -46.97 -4.80 -26.54
CA GLU V 52 -47.16 -4.76 -27.98
C GLU V 52 -46.82 -3.38 -28.55
N LYS V 53 -47.20 -2.32 -27.83
CA LYS V 53 -46.87 -0.97 -28.29
C LYS V 53 -45.36 -0.76 -28.35
N ASN V 54 -44.65 -1.20 -27.32
CA ASN V 54 -43.19 -1.06 -27.32
C ASN V 54 -42.56 -1.88 -28.44
N THR V 55 -43.07 -3.10 -28.66
CA THR V 55 -42.53 -3.95 -29.73
C THR V 55 -42.74 -3.31 -31.09
N LEU V 56 -43.94 -2.78 -31.35
CA LEU V 56 -44.20 -2.17 -32.65
C LEU V 56 -43.40 -0.88 -32.82
N THR V 57 -43.22 -0.12 -31.73
CA THR V 57 -42.38 1.08 -31.81
C THR V 57 -40.94 0.73 -32.14
N LEU V 58 -40.41 -0.31 -31.49
CA LEU V 58 -39.04 -0.74 -31.79
C LEU V 58 -38.92 -1.24 -33.22
N LYS V 59 -39.91 -1.99 -33.70
CA LYS V 59 -39.89 -2.48 -35.08
C LYS V 59 -39.92 -1.32 -36.06
N ASN V 60 -40.77 -0.31 -35.81
CA ASN V 60 -40.83 0.84 -36.69
C ASN V 60 -39.51 1.61 -36.68
N ALA V 61 -38.91 1.77 -35.50
CA ALA V 61 -37.63 2.47 -35.41
C ALA V 61 -36.54 1.73 -36.16
N ALA V 62 -36.52 0.40 -36.07
CA ALA V 62 -35.51 -0.38 -36.77
C ALA V 62 -35.78 -0.47 -38.27
N ALA V 63 -37.03 -0.30 -38.70
CA ALA V 63 -37.36 -0.42 -40.12
C ALA V 63 -37.35 0.92 -40.86
N VAL V 64 -37.42 2.04 -40.13
CA VAL V 64 -37.42 3.34 -40.80
C VAL V 64 -36.10 3.57 -41.53
N ALA V 65 -34.98 3.17 -40.90
CA ALA V 65 -33.67 3.33 -41.53
C ALA V 65 -33.60 2.53 -42.82
N ALA V 66 -34.03 1.28 -42.80
CA ALA V 66 -34.02 0.46 -44.01
C ALA V 66 -34.94 1.06 -45.07
N LEU V 67 -36.12 1.52 -44.67
CA LEU V 67 -37.10 2.04 -45.62
C LEU V 67 -36.57 3.29 -46.33
N ASP V 68 -36.08 4.26 -45.56
CA ASP V 68 -35.63 5.48 -46.21
C ASP V 68 -34.28 5.31 -46.90
N ASN V 69 -33.45 4.35 -46.46
CA ASN V 69 -32.25 4.03 -47.22
C ASN V 69 -32.61 3.44 -48.58
N LEU V 70 -33.60 2.54 -48.62
CA LEU V 70 -34.05 2.00 -49.89
C LEU V 70 -34.67 3.08 -50.76
N ARG V 71 -35.43 4.00 -50.14
CA ARG V 71 -36.03 5.09 -50.89
C ARG V 71 -34.97 6.00 -51.51
N GLY V 72 -33.92 6.33 -50.74
CA GLY V 72 -32.85 7.15 -51.27
C GLY V 72 -31.96 6.44 -52.26
N GLU V 73 -31.88 5.10 -52.19
CA GLU V 73 -31.09 4.36 -53.16
C GLU V 73 -31.73 4.38 -54.54
N THR V 74 -33.06 4.41 -54.62
CA THR V 74 -33.77 4.42 -55.88
C THR V 74 -33.94 5.81 -56.47
N ILE V 75 -33.48 6.85 -55.77
CA ILE V 75 -33.58 8.20 -56.30
C ILE V 75 -32.72 8.34 -57.55
N THR V 76 -31.51 7.80 -57.52
CA THR V 76 -30.60 7.87 -58.66
C THR V 76 -30.86 6.77 -59.69
N LEU V 77 -31.80 5.86 -59.43
CA LEU V 77 -32.10 4.80 -60.39
C LEU V 77 -32.60 5.33 -61.73
N PRO V 78 -33.55 6.27 -61.79
CA PRO V 78 -33.94 6.81 -63.11
C PRO V 78 -32.78 7.46 -63.86
N THR V 79 -31.91 8.16 -63.15
CA THR V 79 -30.75 8.77 -63.81
C THR V 79 -29.80 7.70 -64.34
N GLU V 80 -29.61 6.62 -63.58
CA GLU V 80 -28.77 5.52 -64.05
C GLU V 80 -29.38 4.87 -65.30
N ILE V 81 -30.70 4.67 -65.30
CA ILE V 81 -31.36 4.09 -66.47
C ILE V 81 -31.21 5.01 -67.68
N ASP V 82 -31.38 6.32 -67.47
CA ASP V 82 -31.25 7.27 -68.57
C ASP V 82 -29.83 7.27 -69.13
N ARG V 83 -28.83 7.25 -68.25
CA ARG V 83 -27.45 7.28 -68.72
C ARG V 83 -27.03 5.95 -69.35
N ARG V 84 -27.68 4.85 -68.96
CA ARG V 84 -27.42 3.57 -69.61
C ARG V 84 -28.09 3.48 -70.97
N LEU V 85 -29.27 4.10 -71.12
CA LEU V 85 -29.95 4.13 -72.41
C LEU V 85 -29.44 5.23 -73.33
N LYS V 86 -28.62 6.14 -72.82
CA LYS V 86 -28.05 7.19 -73.68
C LYS V 86 -27.21 6.63 -74.82
N PRO V 87 -26.33 5.64 -74.64
CA PRO V 87 -25.61 5.09 -75.80
C PRO V 87 -26.53 4.51 -76.87
N LEU V 88 -27.72 4.04 -76.50
CA LEU V 88 -28.66 3.55 -77.50
C LEU V 88 -29.08 4.67 -78.45
N GLU V 89 -29.32 5.87 -77.90
CA GLU V 89 -29.65 7.01 -78.75
C GLU V 89 -28.50 7.36 -79.70
N GLU V 90 -27.26 7.30 -79.19
CA GLU V 90 -26.12 7.55 -80.06
C GLU V 90 -26.01 6.51 -81.17
N GLN V 91 -26.26 5.24 -80.84
CA GLN V 91 -26.24 4.20 -81.86
C GLN V 91 -27.33 4.41 -82.88
N LEU V 92 -28.52 4.82 -82.45
CA LEU V 92 -29.60 5.12 -83.39
C LEU V 92 -29.24 6.28 -84.29
N THR V 93 -28.62 7.32 -83.75
CA THR V 93 -28.20 8.45 -84.55
C THR V 93 -27.13 8.03 -85.56
N ARG V 94 -26.19 7.18 -85.15
CA ARG V 94 -25.18 6.68 -86.07
C ARG V 94 -25.81 5.87 -87.18
N MET V 95 -26.80 5.02 -86.85
CA MET V 95 -27.48 4.24 -87.87
C MET V 95 -28.23 5.14 -88.84
N ALA V 96 -28.88 6.20 -88.33
CA ALA V 96 -29.57 7.14 -89.20
C ALA V 96 -28.60 7.85 -90.13
N LYS V 97 -27.44 8.25 -89.60
CA LYS V 97 -26.42 8.90 -90.44
C LYS V 97 -25.89 7.96 -91.51
N VAL V 98 -25.67 6.70 -91.14
CA VAL V 98 -25.20 5.71 -92.11
C VAL V 98 -26.26 5.50 -93.20
N LEU V 99 -27.53 5.41 -92.80
CA LEU V 99 -28.60 5.26 -93.79
C LEU V 99 -28.68 6.46 -94.72
N ASP V 100 -28.53 7.67 -94.17
CA ASP V 100 -28.55 8.86 -95.01
C ASP V 100 -27.37 8.89 -95.98
N SER V 101 -26.18 8.49 -95.52
CA SER V 101 -25.02 8.44 -96.40
C SER V 101 -25.22 7.40 -97.49
N LEU V 102 -25.78 6.24 -97.16
CA LEU V 102 -26.07 5.23 -98.17
C LEU V 102 -27.09 5.74 -99.17
N GLU V 103 -28.11 6.46 -98.69
CA GLU V 103 -29.12 7.02 -99.59
C GLU V 103 -28.51 8.03 -100.55
N THR V 104 -27.63 8.90 -100.05
CA THR V 104 -27.00 9.88 -100.91
C THR V 104 -26.06 9.21 -101.92
N ALA V 105 -25.32 8.18 -101.48
CA ALA V 105 -24.47 7.45 -102.39
C ALA V 105 -25.28 6.76 -103.49
N ALA V 106 -26.40 6.15 -103.13
CA ALA V 106 -27.27 5.52 -104.12
C ALA V 106 -27.82 6.57 -105.08
N ALA V 107 -28.23 7.73 -104.57
CA ALA V 107 -28.77 8.78 -105.42
C ALA V 107 -27.73 9.25 -106.43
N GLU V 108 -26.49 9.48 -105.97
CA GLU V 108 -25.46 9.96 -106.89
C GLU V 108 -25.06 8.86 -107.88
N ALA V 109 -25.06 7.60 -107.45
CA ALA V 109 -24.75 6.51 -108.37
C ALA V 109 -25.81 6.39 -109.46
N GLU V 110 -27.09 6.48 -109.08
CA GLU V 110 -28.16 6.44 -110.08
C GLU V 110 -28.11 7.67 -110.99
N GLU V 111 -27.77 8.84 -110.45
CA GLU V 111 -27.62 10.01 -111.30
C GLU V 111 -26.50 9.83 -112.32
N ALA V 112 -25.37 9.29 -111.89
CA ALA V 112 -24.27 9.03 -112.82
C ALA V 112 -24.66 8.00 -113.87
N ASP V 113 -25.37 6.95 -113.45
CA ASP V 113 -25.82 5.93 -114.40
C ASP V 113 -26.78 6.53 -115.42
N ALA V 114 -27.71 7.38 -114.98
CA ALA V 114 -28.64 8.02 -115.90
C ALA V 114 -27.91 8.95 -116.87
N GLN V 115 -26.91 9.69 -116.37
CA GLN V 115 -26.13 10.55 -117.24
C GLN V 115 -25.39 9.74 -118.30
N SER V 116 -24.78 8.62 -117.89
CA SER V 116 -24.10 7.76 -118.85
C SER V 116 -25.06 7.18 -119.87
N GLU V 117 -26.25 6.76 -119.41
CA GLU V 117 -27.24 6.20 -120.32
C GLU V 117 -27.73 7.23 -121.33
N GLU V 118 -28.00 8.45 -120.88
CA GLU V 118 -28.45 9.48 -121.82
C GLU V 118 -27.34 9.89 -122.78
N CYS V 119 -26.08 9.93 -122.30
CA CYS V 119 -24.97 10.22 -123.20
C CYS V 119 -24.82 9.15 -124.27
N THR V 120 -24.92 7.87 -123.88
CA THR V 120 -24.81 6.80 -124.86
C THR V 120 -25.99 6.82 -125.83
N ARG V 121 -27.19 7.13 -125.33
CA ARG V 121 -28.36 7.24 -126.21
C ARG V 121 -28.18 8.37 -127.22
N THR V 122 -27.66 9.51 -126.77
CA THR V 122 -27.39 10.61 -127.69
C THR V 122 -26.33 10.23 -128.72
N GLU V 123 -25.31 9.49 -128.29
CA GLU V 123 -24.29 9.02 -129.22
C GLU V 123 -24.87 8.08 -130.26
N ILE V 124 -25.80 7.21 -129.85
CA ILE V 124 -26.42 6.28 -130.78
C ILE V 124 -27.24 7.02 -131.83
N ILE V 125 -27.98 8.04 -131.40
CA ILE V 125 -28.82 8.81 -132.34
C ILE V 125 -27.96 9.48 -133.39
N ARG V 126 -26.83 10.07 -132.98
CA ARG V 126 -25.94 10.70 -133.93
C ARG V 126 -25.35 9.67 -134.89
N ASN V 127 -25.23 10.06 -136.17
CA ASN V 127 -24.69 9.15 -137.17
C ASN V 127 -23.25 8.77 -136.86
N GLU V 128 -22.44 9.74 -136.46
CA GLU V 128 -21.04 9.52 -136.14
C GLU V 128 -20.70 10.20 -134.82
N SER V 129 -19.66 9.70 -134.17
CA SER V 129 -19.21 10.26 -132.89
C SER V 129 -18.52 11.59 -133.14
N ILE V 130 -19.27 12.67 -132.95
CA ILE V 130 -18.72 14.02 -133.18
C ILE V 130 -17.85 14.39 -131.98
N HIS V 131 -16.59 14.73 -132.25
CA HIS V 131 -15.64 15.11 -131.22
C HIS V 131 -14.93 16.39 -131.62
N PRO V 132 -14.51 17.19 -130.64
CA PRO V 132 -13.80 18.43 -130.96
C PRO V 132 -12.49 18.16 -131.68
N GLU V 133 -12.18 19.02 -132.65
CA GLU V 133 -10.95 18.92 -133.42
C GLU V 133 -10.38 20.31 -133.63
N VAL V 134 -9.05 20.39 -133.73
CA VAL V 134 -8.36 21.64 -134.03
C VAL V 134 -6.98 21.32 -134.58
N GLN V 135 -6.65 21.89 -135.73
CA GLN V 135 -5.37 21.64 -136.39
C GLN V 135 -5.21 22.62 -137.54
N ILE V 136 -4.02 23.20 -137.67
CA ILE V 136 -3.76 24.17 -138.72
C ILE V 136 -2.77 23.60 -139.72
N ALA V 137 -3.29 22.97 -140.77
CA ALA V 137 -2.48 22.35 -141.82
C ALA V 137 -3.39 22.07 -143.00
N LYS V 138 -2.91 21.21 -143.91
CA LYS V 138 -3.72 20.72 -145.02
C LYS V 138 -4.70 19.68 -144.49
N ASN V 139 -5.31 18.90 -145.39
CA ASN V 139 -6.32 17.91 -145.02
C ASN V 139 -5.66 16.69 -144.39
N ASP V 140 -5.13 16.89 -143.19
CA ASP V 140 -4.56 15.84 -142.36
C ASP V 140 -5.58 15.44 -141.28
N ALA V 141 -5.14 14.60 -140.35
CA ALA V 141 -6.00 14.18 -139.25
C ALA V 141 -5.85 15.15 -138.08
N PRO V 142 -6.89 15.90 -137.71
CA PRO V 142 -6.78 16.80 -136.57
C PRO V 142 -6.68 16.05 -135.26
N LEU V 143 -6.05 16.68 -134.28
CA LEU V 143 -5.87 16.07 -132.97
C LEU V 143 -7.21 15.96 -132.24
N GLN V 144 -7.30 14.99 -131.34
CA GLN V 144 -8.50 14.71 -130.58
C GLN V 144 -8.35 15.24 -129.15
N TYR V 145 -9.34 15.98 -128.69
CA TYR V 145 -9.33 16.55 -127.35
C TYR V 145 -9.81 15.50 -126.34
N ASP V 146 -10.06 15.92 -125.11
CA ASP V 146 -10.51 15.05 -124.04
C ASP V 146 -12.00 15.28 -123.77
N THR V 147 -12.65 14.24 -123.26
CA THR V 147 -14.07 14.34 -122.93
C THR V 147 -14.28 15.35 -121.81
N ASN V 148 -15.30 16.20 -121.98
CA ASN V 148 -15.58 17.27 -121.02
C ASN V 148 -16.58 16.82 -119.96
N PHE V 149 -16.29 15.70 -119.28
CA PHE V 149 -17.11 15.21 -118.18
C PHE V 149 -16.18 14.91 -117.01
N GLN V 150 -15.87 15.95 -116.22
CA GLN V 150 -15.03 15.78 -115.05
C GLN V 150 -15.50 16.56 -113.83
N VAL V 151 -16.41 17.52 -113.98
CA VAL V 151 -16.82 18.35 -112.85
C VAL V 151 -17.53 17.52 -111.79
N ASP V 152 -18.47 16.67 -112.20
CA ASP V 152 -19.17 15.82 -111.25
C ASP V 152 -18.22 14.84 -110.57
N PHE V 153 -17.30 14.26 -111.34
CA PHE V 153 -16.35 13.31 -110.77
C PHE V 153 -15.45 13.97 -109.73
N ILE V 154 -14.92 15.15 -110.05
CA ILE V 154 -14.03 15.82 -109.10
C ILE V 154 -14.81 16.30 -107.88
N THR V 155 -16.05 16.75 -108.08
CA THR V 155 -16.86 17.17 -106.93
C THR V 155 -17.14 15.99 -106.00
N LEU V 156 -17.47 14.82 -106.57
CA LEU V 156 -17.71 13.64 -105.75
C LEU V 156 -16.43 13.20 -105.04
N VAL V 157 -15.29 13.20 -105.74
CA VAL V 157 -14.05 12.74 -105.15
C VAL V 157 -13.54 13.71 -104.09
N TYR V 158 -13.93 14.98 -104.15
CA TYR V 158 -13.56 15.90 -103.08
C TYR V 158 -14.56 15.90 -101.93
N LEU V 159 -15.83 15.61 -102.21
CA LEU V 159 -16.80 15.46 -101.13
C LEU V 159 -16.55 14.20 -100.32
N GLY V 160 -16.08 13.14 -100.98
CA GLY V 160 -15.73 11.92 -100.25
C GLY V 160 -14.42 11.97 -99.52
N ARG V 161 -13.60 13.00 -99.77
CA ARG V 161 -12.30 13.14 -99.09
C ARG V 161 -11.98 14.63 -99.07
N ALA V 162 -12.21 15.26 -97.92
CA ALA V 162 -11.95 16.69 -97.75
C ALA V 162 -10.88 16.99 -96.69
N ARG V 163 -10.75 16.15 -95.67
CA ARG V 163 -9.78 16.38 -94.61
C ARG V 163 -8.42 15.74 -94.91
N GLY V 164 -8.25 15.13 -96.08
CA GLY V 164 -7.00 14.49 -96.42
C GLY V 164 -6.10 15.37 -97.28
N ASN V 165 -6.00 15.05 -98.56
CA ASN V 165 -5.19 15.79 -99.52
C ASN V 165 -3.73 15.84 -99.08
N ASN V 166 -3.30 16.97 -98.52
CA ASN V 166 -1.94 17.18 -98.05
C ASN V 166 -0.93 16.97 -99.18
N SER V 167 -1.05 17.80 -100.22
CA SER V 167 -0.18 17.75 -101.38
C SER V 167 0.40 19.13 -101.65
N PRO V 168 1.60 19.19 -102.25
CA PRO V 168 2.19 20.51 -102.54
C PRO V 168 1.36 21.32 -103.53
N GLY V 169 1.05 20.76 -104.69
CA GLY V 169 0.26 21.46 -105.68
C GLY V 169 1.12 22.20 -106.69
N ILE V 170 0.90 21.95 -107.97
CA ILE V 170 1.66 22.59 -109.04
C ILE V 170 0.99 23.90 -109.39
N VAL V 171 1.76 24.99 -109.32
CA VAL V 171 1.24 26.32 -109.66
C VAL V 171 1.27 26.51 -111.17
N PHE V 172 0.59 27.53 -111.65
CA PHE V 172 0.52 27.84 -113.08
C PHE V 172 1.29 29.14 -113.31
N GLY V 173 2.60 29.01 -113.53
CA GLY V 173 3.45 30.14 -113.78
C GLY V 173 3.85 30.86 -112.50
N PRO V 174 4.84 31.76 -112.59
CA PRO V 174 5.29 32.53 -111.44
C PRO V 174 4.45 33.78 -111.20
N TRP V 175 3.13 33.63 -111.26
CA TRP V 175 2.23 34.76 -111.04
C TRP V 175 2.09 35.12 -109.57
N TYR V 176 2.17 34.12 -108.68
CA TYR V 176 1.96 34.38 -107.25
C TYR V 176 3.03 35.29 -106.68
N ARG V 177 4.29 35.06 -107.03
CA ARG V 177 5.37 35.88 -106.49
C ARG V 177 5.26 37.33 -106.96
N THR V 178 4.99 37.52 -108.26
CA THR V 178 4.85 38.88 -108.78
C THR V 178 3.63 39.57 -108.18
N LEU V 179 2.53 38.84 -108.01
CA LEU V 179 1.34 39.42 -107.39
C LEU V 179 1.62 39.85 -105.95
N GLN V 180 2.32 39.00 -105.18
CA GLN V 180 2.66 39.34 -103.82
C GLN V 180 3.59 40.55 -103.77
N GLU V 181 4.57 40.60 -104.66
CA GLU V 181 5.48 41.75 -104.71
C GLU V 181 4.74 43.04 -105.03
N ARG V 182 3.79 42.98 -105.97
CA ARG V 182 3.02 44.17 -106.32
C ARG V 182 2.11 44.58 -105.17
N LEU V 183 1.52 43.60 -104.46
CA LEU V 183 0.61 43.92 -103.36
C LEU V 183 1.36 44.52 -102.18
N VAL V 184 2.55 43.99 -101.86
CA VAL V 184 3.28 44.43 -100.67
C VAL V 184 3.81 45.84 -100.79
N LEU V 185 3.76 46.44 -101.99
CA LEU V 185 4.32 47.77 -102.19
C LEU V 185 3.47 48.83 -101.49
N ASP V 186 2.21 48.98 -101.89
CA ASP V 186 1.34 50.01 -101.35
C ASP V 186 0.45 49.47 -100.22
N ARG V 187 -0.39 48.47 -100.52
CA ARG V 187 -1.33 47.93 -99.55
C ARG V 187 -1.20 46.41 -99.52
N PRO V 188 -0.29 45.89 -98.71
CA PRO V 188 -0.13 44.43 -98.63
C PRO V 188 -1.40 43.76 -98.12
N VAL V 189 -1.72 42.61 -98.71
CA VAL V 189 -2.90 41.84 -98.34
C VAL V 189 -2.51 40.38 -98.15
N ALA V 190 -1.28 40.05 -98.53
CA ALA V 190 -0.74 38.68 -98.45
C ALA V 190 -1.63 37.78 -99.31
N ALA V 191 -1.92 36.55 -98.87
CA ALA V 191 -2.75 35.62 -99.63
C ALA V 191 -4.21 35.65 -99.18
N ARG V 192 -4.45 35.56 -97.87
CA ARG V 192 -5.79 35.63 -97.29
C ARG V 192 -6.71 34.56 -97.88
N GLY V 193 -6.35 33.31 -97.61
CA GLY V 193 -7.17 32.19 -98.05
C GLY V 193 -6.37 30.96 -98.46
N VAL V 194 -5.06 31.09 -98.55
CA VAL V 194 -4.19 29.98 -98.92
C VAL V 194 -2.85 30.18 -98.22
N ASP V 195 -2.29 29.08 -97.71
CA ASP V 195 -1.02 29.11 -97.01
C ASP V 195 0.08 28.59 -97.94
N CYS V 196 1.19 29.31 -98.01
CA CYS V 196 2.31 28.94 -98.85
C CYS V 196 3.34 28.07 -98.14
N LYS V 197 3.10 27.71 -96.88
CA LYS V 197 4.02 26.90 -96.11
C LYS V 197 3.33 25.61 -95.66
N ASP V 198 4.14 24.69 -95.15
CA ASP V 198 3.68 23.39 -94.65
C ASP V 198 2.99 22.56 -95.73
N GLY V 199 3.29 22.82 -96.99
CA GLY V 199 2.69 22.07 -98.08
C GLY V 199 1.18 22.23 -98.18
N ARG V 200 0.66 23.41 -97.88
CA ARG V 200 -0.78 23.64 -97.97
C ARG V 200 -1.18 23.91 -99.41
N ILE V 201 -2.33 23.36 -99.80
CA ILE V 201 -2.86 23.51 -101.14
C ILE V 201 -4.32 23.96 -101.05
N SER V 202 -4.71 24.87 -101.94
CA SER V 202 -6.08 25.37 -102.00
C SER V 202 -6.78 24.75 -103.20
N ARG V 203 -7.89 24.06 -102.94
CA ARG V 203 -8.63 23.39 -104.00
C ARG V 203 -9.44 24.35 -104.86
N THR V 204 -9.70 25.57 -104.37
CA THR V 204 -10.50 26.51 -105.13
C THR V 204 -9.82 26.92 -106.43
N PHE V 205 -8.51 27.17 -106.38
CA PHE V 205 -7.78 27.59 -107.57
C PHE V 205 -7.83 26.50 -108.64
N MET V 206 -7.58 25.25 -108.26
CA MET V 206 -7.65 24.15 -109.23
C MET V 206 -9.06 23.96 -109.75
N ASN V 207 -10.06 24.03 -108.86
CA ASN V 207 -11.44 23.83 -109.27
C ASN V 207 -11.95 24.97 -110.16
N THR V 208 -11.29 26.12 -110.14
CA THR V 208 -11.66 27.21 -111.04
C THR V 208 -10.81 27.24 -112.31
N THR V 209 -9.61 26.65 -112.29
CA THR V 209 -8.77 26.66 -113.49
C THR V 209 -9.02 25.47 -114.39
N VAL V 210 -9.18 24.27 -113.82
CA VAL V 210 -9.30 23.05 -114.63
C VAL V 210 -10.70 22.46 -114.60
N THR V 211 -11.60 22.94 -113.75
CA THR V 211 -12.95 22.41 -113.66
C THR V 211 -14.01 23.43 -114.07
N CYS V 212 -13.99 24.63 -113.48
CA CYS V 212 -14.98 25.63 -113.81
C CYS V 212 -14.82 26.13 -115.24
N LEU V 213 -13.57 26.27 -115.69
CA LEU V 213 -13.34 26.69 -117.07
C LEU V 213 -13.84 25.64 -118.06
N GLN V 214 -13.62 24.37 -117.76
CA GLN V 214 -14.11 23.31 -118.65
C GLN V 214 -15.64 23.24 -118.63
N SER V 215 -16.25 23.37 -117.45
CA SER V 215 -17.70 23.33 -117.32
C SER V 215 -18.12 24.47 -116.39
N ALA V 216 -18.81 25.45 -116.94
CA ALA V 216 -19.25 26.63 -116.19
C ALA V 216 -20.75 26.54 -115.95
N GLY V 217 -21.17 26.83 -114.73
CA GLY V 217 -22.58 26.76 -114.38
C GLY V 217 -23.16 25.37 -114.43
N ARG V 218 -22.37 24.35 -114.08
CA ARG V 218 -22.88 22.98 -114.08
C ARG V 218 -23.98 22.80 -113.04
N MET V 219 -23.80 23.37 -111.85
CA MET V 219 -24.75 23.24 -110.75
C MET V 219 -25.05 21.78 -110.44
N TYR V 220 -26.32 21.40 -110.52
CA TYR V 220 -26.70 20.02 -110.27
C TYR V 220 -26.51 19.15 -111.52
N VAL V 221 -27.25 19.48 -112.59
CA VAL V 221 -27.20 18.73 -113.83
C VAL V 221 -27.26 19.71 -114.98
N GLY V 222 -26.40 19.52 -115.99
CA GLY V 222 -26.41 20.35 -117.17
C GLY V 222 -25.13 21.11 -117.43
N ASP V 223 -24.46 20.78 -118.53
CA ASP V 223 -23.22 21.48 -118.93
C ASP V 223 -23.09 21.34 -120.44
N ARG V 224 -23.41 22.42 -121.16
CA ARG V 224 -23.37 22.42 -122.62
C ARG V 224 -22.48 23.56 -123.11
N ALA V 225 -22.28 23.59 -124.43
CA ALA V 225 -21.45 24.61 -125.05
C ALA V 225 -21.83 24.73 -126.52
N TYR V 226 -21.41 25.84 -127.12
CA TYR V 226 -21.66 26.12 -128.53
C TYR V 226 -20.36 26.57 -129.18
N SER V 227 -20.41 26.78 -130.49
CA SER V 227 -19.24 27.21 -131.24
C SER V 227 -19.69 27.93 -132.51
N ALA V 228 -18.75 28.64 -133.11
CA ALA V 228 -19.02 29.38 -134.35
C ALA V 228 -18.03 28.99 -135.43
N PHE V 229 -18.04 29.72 -136.55
CA PHE V 229 -17.14 29.44 -137.66
C PHE V 229 -16.94 30.71 -138.47
N GLU V 230 -15.86 30.72 -139.25
CA GLU V 230 -15.53 31.83 -140.12
C GLU V 230 -15.93 31.51 -141.55
N CYS V 231 -15.60 32.43 -142.46
CA CYS V 231 -15.93 32.29 -143.88
C CYS V 231 -14.67 32.48 -144.71
N ALA V 232 -14.43 31.55 -145.64
CA ALA V 232 -13.29 31.63 -146.53
C ALA V 232 -13.60 31.24 -147.97
N VAL V 233 -14.87 30.95 -148.30
CA VAL V 233 -15.21 30.55 -149.66
C VAL V 233 -14.96 31.70 -150.63
N LEU V 234 -15.36 32.91 -150.26
CA LEU V 234 -15.12 34.06 -151.13
C LEU V 234 -13.63 34.33 -151.30
N CYS V 235 -12.85 34.19 -150.22
CA CYS V 235 -11.41 34.38 -150.32
C CYS V 235 -10.78 33.36 -151.25
N LEU V 236 -11.19 32.09 -151.13
CA LEU V 236 -10.68 31.06 -152.02
C LEU V 236 -11.07 31.33 -153.48
N TYR V 237 -12.32 31.77 -153.69
CA TYR V 237 -12.77 32.06 -155.04
C TYR V 237 -11.97 33.20 -155.67
N LEU V 238 -11.69 34.25 -154.89
CA LEU V 238 -10.95 35.38 -155.43
C LEU V 238 -9.46 35.06 -155.58
N MET V 239 -8.91 34.15 -154.77
CA MET V 239 -7.51 33.79 -154.87
C MET V 239 -7.25 32.64 -155.84
N TYR V 240 -8.30 32.01 -156.36
CA TYR V 240 -8.11 30.91 -157.31
C TYR V 240 -7.36 31.38 -158.56
N ARG V 241 -7.74 32.53 -159.10
CA ARG V 241 -7.13 33.07 -160.30
C ARG V 241 -6.31 34.30 -159.92
N THR V 242 -5.07 34.08 -159.49
CA THR V 242 -4.16 35.15 -159.13
C THR V 242 -2.91 35.17 -159.99
N SER V 243 -2.21 34.05 -160.11
CA SER V 243 -0.96 33.97 -160.84
C SER V 243 -1.23 33.76 -162.33
N ASN V 244 -0.17 33.47 -163.08
CA ASN V 244 -0.26 33.27 -164.53
C ASN V 244 0.36 31.93 -164.90
N SER V 245 -0.16 31.34 -165.97
CA SER V 245 0.29 30.04 -166.44
C SER V 245 1.45 30.22 -167.44
N VAL V 246 1.77 29.14 -168.14
CA VAL V 246 2.82 29.11 -169.17
C VAL V 246 4.19 29.28 -168.54
N HIS V 247 4.94 28.19 -168.43
CA HIS V 247 6.28 28.20 -167.86
C HIS V 247 7.11 27.14 -168.58
N GLU V 248 8.27 26.82 -168.02
CA GLU V 248 9.13 25.80 -168.62
C GLU V 248 8.46 24.43 -168.70
N PRO V 249 7.82 23.90 -167.66
CA PRO V 249 7.12 22.62 -167.82
C PRO V 249 5.88 22.78 -168.68
N GLN V 250 5.66 21.81 -169.56
CA GLN V 250 4.50 21.80 -170.44
C GLN V 250 3.30 21.25 -169.68
N VAL V 251 2.59 22.14 -169.00
CA VAL V 251 1.43 21.76 -168.20
C VAL V 251 0.17 21.97 -169.01
N SER V 252 -0.03 23.21 -169.48
CA SER V 252 -1.21 23.58 -170.28
C SER V 252 -2.51 23.24 -169.54
N SER V 253 -2.54 23.56 -168.25
CA SER V 253 -3.73 23.29 -167.45
C SER V 253 -4.87 24.23 -167.84
N PHE V 254 -6.10 23.77 -167.59
CA PHE V 254 -7.29 24.53 -167.90
C PHE V 254 -8.05 25.02 -166.68
N GLY V 255 -7.91 24.34 -165.54
CA GLY V 255 -8.60 24.75 -164.34
C GLY V 255 -7.71 24.79 -163.12
N ASN V 256 -6.46 24.35 -163.28
CA ASN V 256 -5.48 24.34 -162.20
C ASN V 256 -4.63 25.61 -162.33
N LEU V 257 -5.03 26.67 -161.63
CA LEU V 257 -4.31 27.94 -161.68
C LEU V 257 -3.62 28.30 -160.37
N ILE V 258 -4.06 27.75 -159.25
CA ILE V 258 -3.45 28.05 -157.96
C ILE V 258 -3.00 26.81 -157.20
N GLU V 259 -3.49 25.62 -157.53
CA GLU V 259 -3.11 24.42 -156.79
C GLU V 259 -1.68 23.98 -157.11
N HIS V 260 -1.20 24.25 -158.32
CA HIS V 260 0.16 23.87 -158.69
C HIS V 260 1.14 24.84 -158.04
N LEU V 261 2.07 24.29 -157.27
CA LEU V 261 2.97 25.09 -156.45
C LEU V 261 4.09 25.76 -157.24
N PRO V 262 4.96 25.01 -157.95
CA PRO V 262 6.22 25.61 -158.43
C PRO V 262 6.06 26.80 -159.38
N GLU V 263 5.40 26.58 -160.52
CA GLU V 263 5.41 27.60 -161.57
C GLU V 263 4.51 28.78 -161.22
N TYR V 264 3.42 28.55 -160.49
CA TYR V 264 2.57 29.66 -160.08
C TYR V 264 3.19 30.44 -158.93
N THR V 265 3.86 29.74 -158.00
CA THR V 265 4.52 30.41 -156.89
C THR V 265 5.69 31.26 -157.38
N GLU V 266 6.48 30.74 -158.32
CA GLU V 266 7.64 31.49 -158.80
C GLU V 266 7.25 32.78 -159.49
N THR V 267 5.99 32.91 -159.91
CA THR V 267 5.49 34.14 -160.51
C THR V 267 4.70 35.00 -159.53
N PHE V 268 3.99 34.40 -158.58
CA PHE V 268 3.20 35.16 -157.63
C PHE V 268 4.00 35.64 -156.43
N VAL V 269 5.22 35.13 -156.21
CA VAL V 269 6.04 35.59 -155.10
C VAL V 269 6.72 36.92 -155.37
N ASN V 270 6.73 37.37 -156.62
CA ASN V 270 7.38 38.64 -156.99
C ASN V 270 6.40 39.80 -157.03
N TYR V 271 5.15 39.59 -156.62
CA TYR V 271 4.13 40.64 -156.65
C TYR V 271 3.47 40.89 -155.29
N MET V 272 3.37 39.88 -154.43
CA MET V 272 2.71 40.02 -153.14
C MET V 272 3.69 40.37 -152.02
N THR V 273 4.98 40.54 -152.33
CA THR V 273 5.95 40.87 -151.30
C THR V 273 5.78 42.30 -150.78
N THR V 274 5.14 43.18 -151.56
CA THR V 274 4.92 44.56 -151.15
C THR V 274 3.57 44.77 -150.49
N HIS V 275 2.79 43.71 -150.28
CA HIS V 275 1.47 43.81 -149.68
C HIS V 275 1.46 43.41 -148.21
N GLU V 276 2.64 43.28 -147.59
CA GLU V 276 2.71 42.92 -146.19
C GLU V 276 2.18 44.04 -145.32
N ASN V 277 1.29 43.70 -144.38
CA ASN V 277 0.71 44.68 -143.49
C ASN V 277 1.68 45.04 -142.36
N LYS V 278 1.46 46.21 -141.76
CA LYS V 278 2.29 46.68 -140.67
C LYS V 278 1.46 47.57 -139.76
N ASN V 279 1.64 47.42 -138.45
CA ASN V 279 0.93 48.20 -137.45
C ASN V 279 1.92 48.73 -136.43
N SER V 280 1.76 49.99 -136.05
CA SER V 280 2.66 50.62 -135.10
C SER V 280 1.96 51.80 -134.45
N TYR V 281 1.78 51.72 -133.13
CA TYR V 281 1.18 52.82 -132.37
C TYR V 281 1.70 52.78 -130.94
N GLN V 282 1.93 53.95 -130.37
CA GLN V 282 2.46 54.07 -129.02
C GLN V 282 1.35 53.97 -127.98
N PHE V 283 1.74 53.58 -126.77
CA PHE V 283 0.80 53.46 -125.66
C PHE V 283 1.52 53.81 -124.37
N CYS V 284 0.84 54.55 -123.50
CA CYS V 284 1.39 54.96 -122.21
C CYS V 284 0.40 54.63 -121.11
N TYR V 285 0.95 54.26 -119.94
CA TYR V 285 0.09 53.95 -118.80
C TYR V 285 -0.67 55.17 -118.32
N ASP V 286 -0.02 56.33 -118.28
CA ASP V 286 -0.61 57.60 -117.85
C ASP V 286 -1.09 57.43 -116.40
N ARG V 287 -2.35 57.68 -116.08
CA ARG V 287 -2.85 57.55 -114.72
C ARG V 287 -4.26 56.98 -114.77
N LEU V 288 -4.73 56.52 -113.61
CA LEU V 288 -6.07 55.94 -113.49
C LEU V 288 -7.04 56.99 -113.02
N PRO V 289 -8.06 57.33 -113.82
CA PRO V 289 -9.03 58.35 -113.40
C PRO V 289 -10.17 57.76 -112.56
N ARG V 290 -10.61 58.57 -111.59
CA ARG V 290 -11.72 58.23 -110.71
C ARG V 290 -11.44 56.98 -109.88
N ASP V 291 -12.41 56.59 -109.05
CA ASP V 291 -12.26 55.40 -108.23
C ASP V 291 -13.48 54.48 -108.21
N GLN V 292 -14.64 54.93 -108.69
CA GLN V 292 -15.86 54.13 -108.66
C GLN V 292 -16.61 54.37 -109.97
N PHE V 293 -16.52 53.39 -110.88
CA PHE V 293 -17.22 53.46 -112.16
C PHE V 293 -17.85 52.10 -112.49
N HIS V 294 -18.36 51.41 -111.46
CA HIS V 294 -18.95 50.10 -111.65
C HIS V 294 -20.41 50.26 -112.08
N ALA V 295 -20.72 49.79 -113.30
CA ALA V 295 -22.08 49.86 -113.82
C ALA V 295 -22.78 48.51 -113.59
N ARG V 296 -23.03 48.23 -112.31
CA ARG V 296 -23.68 46.99 -111.93
C ARG V 296 -25.17 46.98 -112.27
N GLY V 297 -25.76 48.15 -112.51
CA GLY V 297 -27.15 48.26 -112.87
C GLY V 297 -27.42 48.50 -114.35
N GLY V 298 -26.44 48.29 -115.22
CA GLY V 298 -26.62 48.53 -116.64
C GLY V 298 -25.42 49.18 -117.27
N ARG V 299 -25.62 50.33 -117.91
CA ARG V 299 -24.55 51.10 -118.55
C ARG V 299 -24.71 52.56 -118.12
N TYR V 300 -24.09 52.91 -116.99
CA TYR V 300 -24.17 54.27 -116.46
C TYR V 300 -22.99 54.50 -115.53
N ASP V 301 -22.74 55.77 -115.23
CA ASP V 301 -21.67 56.20 -114.34
C ASP V 301 -20.31 55.70 -114.83
N GLN V 302 -19.94 56.16 -116.02
CA GLN V 302 -18.68 55.79 -116.66
C GLN V 302 -17.78 57.01 -116.74
N GLY V 303 -16.52 56.84 -116.33
CA GLY V 303 -15.56 57.92 -116.34
C GLY V 303 -14.85 58.03 -117.68
N ALA V 304 -13.77 58.81 -117.67
CA ALA V 304 -12.97 59.00 -118.88
C ALA V 304 -12.28 57.71 -119.28
N LEU V 305 -12.26 57.44 -120.58
CA LEU V 305 -11.65 56.21 -121.09
C LEU V 305 -10.65 56.53 -122.20
N THR V 306 -10.83 57.67 -122.86
CA THR V 306 -9.95 58.05 -123.96
C THR V 306 -8.61 58.54 -123.41
N SER V 307 -7.52 57.94 -123.91
CA SER V 307 -6.18 58.32 -123.48
C SER V 307 -5.18 58.50 -124.62
N HIS V 308 -5.41 57.90 -125.79
CA HIS V 308 -4.49 58.00 -126.91
C HIS V 308 -5.30 58.13 -128.19
N SER V 309 -4.60 58.11 -129.33
CA SER V 309 -5.27 58.22 -130.62
C SER V 309 -6.07 56.97 -130.97
N VAL V 310 -5.70 55.81 -130.41
CA VAL V 310 -6.46 54.59 -130.68
C VAL V 310 -7.88 54.72 -130.15
N MET V 311 -8.04 55.26 -128.95
CA MET V 311 -9.37 55.46 -128.39
C MET V 311 -10.18 56.45 -129.24
N ASP V 312 -9.55 57.52 -129.71
CA ASP V 312 -10.24 58.47 -130.57
C ASP V 312 -10.69 57.82 -131.88
N ALA V 313 -9.82 57.01 -132.48
CA ALA V 313 -10.19 56.30 -133.70
C ALA V 313 -11.34 55.33 -133.45
N LEU V 314 -11.31 54.63 -132.31
CA LEU V 314 -12.39 53.71 -131.99
C LEU V 314 -13.71 54.44 -131.80
N ILE V 315 -13.70 55.57 -131.08
CA ILE V 315 -14.93 56.31 -130.83
C ILE V 315 -15.35 57.16 -132.00
N ARG V 316 -14.52 57.26 -133.05
CA ARG V 316 -14.91 58.00 -134.25
C ARG V 316 -16.14 57.39 -134.93
N LEU V 317 -16.40 56.11 -134.70
CA LEU V 317 -17.57 55.43 -135.25
C LEU V 317 -18.57 55.05 -134.16
N GLN V 318 -18.58 55.83 -133.08
CA GLN V 318 -19.51 55.59 -131.93
C GLN V 318 -19.22 54.22 -131.30
N VAL V 319 -18.16 54.15 -130.48
CA VAL V 319 -17.81 52.87 -129.78
C VAL V 319 -18.35 52.93 -128.34
N LEU V 320 -18.58 51.77 -127.72
CA LEU V 320 -19.07 51.72 -126.32
C LEU V 320 -17.90 51.38 -125.38
N PRO V 321 -17.82 51.96 -124.17
CA PRO V 321 -16.75 51.61 -123.18
C PRO V 321 -16.59 50.10 -123.06
N PRO V 322 -17.63 49.29 -122.71
CA PRO V 322 -17.53 47.81 -122.71
C PRO V 322 -18.17 47.24 -123.97
N ALA V 323 -18.63 45.99 -123.91
CA ALA V 323 -19.36 45.42 -125.07
C ALA V 323 -20.71 46.14 -125.19
N PRO V 324 -21.05 46.69 -126.37
CA PRO V 324 -22.35 47.41 -126.58
C PRO V 324 -23.52 46.47 -126.36
N GLY V 325 -24.68 47.02 -125.99
CA GLY V 325 -25.87 46.20 -125.84
C GLY V 325 -26.17 45.29 -127.00
N GLN V 326 -26.06 43.98 -126.77
CA GLN V 326 -26.34 42.95 -127.76
C GLN V 326 -27.32 41.93 -127.20
N PHE V 327 -28.40 42.42 -126.59
CA PHE V 327 -29.38 41.56 -125.95
C PHE V 327 -30.35 40.92 -126.95
N ASN V 328 -30.28 41.28 -128.22
CA ASN V 328 -31.17 40.70 -129.20
C ASN V 328 -30.87 39.21 -129.38
N PRO V 329 -31.90 38.38 -129.58
CA PRO V 329 -31.65 36.94 -129.77
C PRO V 329 -30.79 36.62 -130.98
N GLY V 330 -30.84 37.46 -132.02
CA GLY V 330 -30.06 37.18 -133.22
C GLY V 330 -28.57 37.13 -132.95
N VAL V 331 -28.05 38.11 -132.21
CA VAL V 331 -26.64 38.08 -131.85
C VAL V 331 -26.40 37.16 -130.66
N ASN V 332 -27.41 36.95 -129.81
CA ASN V 332 -27.27 36.05 -128.68
C ASN V 332 -27.04 34.61 -129.15
N ASP V 333 -27.61 34.23 -130.28
CA ASP V 333 -27.44 32.89 -130.82
C ASP V 333 -26.23 32.77 -131.74
N ILE V 334 -25.44 33.83 -131.90
CA ILE V 334 -24.31 33.80 -132.82
C ILE V 334 -23.01 34.05 -132.05
N ILE V 335 -22.91 35.19 -131.38
CA ILE V 335 -21.65 35.58 -130.74
C ILE V 335 -21.72 35.37 -129.24
N ASP V 336 -22.92 35.43 -128.67
CA ASP V 336 -23.10 35.28 -127.23
C ASP V 336 -23.46 33.83 -126.89
N ARG V 337 -22.51 32.94 -127.19
CA ARG V 337 -22.68 31.51 -126.93
C ARG V 337 -22.29 31.11 -125.52
N ASN V 338 -21.75 32.03 -124.72
CA ASN V 338 -21.32 31.69 -123.37
C ASN V 338 -22.51 31.46 -122.45
N HIS V 339 -22.48 30.35 -121.72
CA HIS V 339 -23.54 30.08 -120.75
C HIS V 339 -23.54 31.12 -119.63
N THR V 340 -22.37 31.50 -119.16
CA THR V 340 -22.26 32.50 -118.10
C THR V 340 -22.53 33.88 -118.68
N ALA V 341 -23.58 34.53 -118.20
CA ALA V 341 -24.00 35.82 -118.73
C ALA V 341 -24.65 36.61 -117.60
N TYR V 342 -25.40 37.65 -117.97
CA TYR V 342 -26.10 38.56 -117.06
C TYR V 342 -27.29 37.90 -116.33
N VAL V 343 -27.46 36.58 -116.48
CA VAL V 343 -28.53 35.78 -115.88
C VAL V 343 -29.86 36.52 -115.92
N ASP V 344 -30.13 37.23 -117.02
CA ASP V 344 -31.38 37.95 -117.20
C ASP V 344 -32.12 37.54 -118.46
N LYS V 345 -31.41 37.28 -119.55
CA LYS V 345 -32.01 36.88 -120.82
C LYS V 345 -31.61 35.49 -121.28
N ILE V 346 -30.39 35.04 -120.97
CA ILE V 346 -29.94 33.72 -121.41
C ILE V 346 -30.57 32.60 -120.59
N GLN V 347 -31.12 32.91 -119.42
CA GLN V 347 -31.70 31.86 -118.57
C GLN V 347 -32.86 31.16 -119.27
N GLN V 348 -33.74 31.93 -119.92
CA GLN V 348 -34.83 31.32 -120.67
C GLN V 348 -34.42 30.89 -122.07
N ALA V 349 -33.40 31.54 -122.64
CA ALA V 349 -32.94 31.16 -123.97
C ALA V 349 -32.32 29.76 -123.95
N ALA V 350 -31.55 29.45 -122.90
CA ALA V 350 -30.90 28.15 -122.81
C ALA V 350 -31.86 27.02 -122.48
N ALA V 351 -33.10 27.34 -122.07
CA ALA V 351 -34.07 26.32 -121.71
C ALA V 351 -35.25 26.22 -122.66
N ALA V 352 -35.49 27.24 -123.50
CA ALA V 352 -36.62 27.18 -124.43
C ALA V 352 -36.39 26.14 -125.52
N TYR V 353 -35.15 25.96 -125.96
CA TYR V 353 -34.85 25.03 -127.04
C TYR V 353 -33.83 23.96 -126.67
N LEU V 354 -33.28 23.99 -125.46
CA LEU V 354 -32.29 23.00 -125.06
C LEU V 354 -32.50 22.47 -123.65
N GLU V 355 -33.57 22.87 -122.95
CA GLU V 355 -33.89 22.47 -121.58
C GLU V 355 -32.66 22.30 -120.70
N ARG V 356 -32.35 21.06 -120.34
CA ARG V 356 -31.18 20.72 -119.52
C ARG V 356 -31.23 21.43 -118.16
N ALA V 357 -32.29 21.12 -117.43
CA ALA V 357 -32.53 21.63 -116.05
C ALA V 357 -32.57 23.16 -116.12
N GLN V 358 -31.97 23.86 -115.14
CA GLN V 358 -32.01 25.31 -115.11
C GLN V 358 -30.79 25.94 -115.78
N ASN V 359 -29.60 25.35 -115.57
CA ASN V 359 -28.37 25.82 -116.19
C ASN V 359 -28.04 27.25 -115.78
N VAL V 360 -27.08 27.87 -116.49
CA VAL V 360 -26.60 29.21 -116.22
C VAL V 360 -26.15 29.28 -114.76
N PHE V 361 -26.58 30.31 -114.03
CA PHE V 361 -26.19 30.50 -112.64
C PHE V 361 -27.19 31.45 -111.99
N LEU V 362 -26.90 31.86 -110.76
CA LEU V 362 -27.77 32.71 -109.98
C LEU V 362 -26.94 33.40 -108.90
N MET V 363 -27.62 33.98 -107.90
CA MET V 363 -27.03 34.62 -106.73
C MET V 363 -25.86 35.54 -107.11
N GLU V 364 -26.20 36.58 -107.86
CA GLU V 364 -25.28 37.68 -108.21
C GLU V 364 -24.16 37.11 -109.08
N ASP V 365 -22.89 37.17 -108.66
CA ASP V 365 -21.76 36.71 -109.47
C ASP V 365 -21.72 37.46 -110.81
N GLN V 366 -21.49 38.77 -110.71
CA GLN V 366 -21.53 39.66 -111.85
C GLN V 366 -20.20 39.75 -112.59
N THR V 367 -19.34 38.74 -112.47
CA THR V 367 -18.12 38.67 -113.26
C THR V 367 -18.32 37.90 -114.57
N LEU V 368 -19.48 37.25 -114.74
CA LEU V 368 -19.70 36.46 -115.94
C LEU V 368 -19.74 37.33 -117.19
N LEU V 369 -20.43 38.48 -117.13
CA LEU V 369 -20.50 39.36 -118.28
C LEU V 369 -19.13 39.95 -118.60
N ARG V 370 -18.35 40.29 -117.59
CA ARG V 370 -16.99 40.78 -117.82
C ARG V 370 -16.12 39.71 -118.48
N LEU V 371 -16.23 38.48 -118.02
CA LEU V 371 -15.48 37.38 -118.63
C LEU V 371 -15.90 37.17 -120.08
N THR V 372 -17.21 37.25 -120.35
CA THR V 372 -17.68 37.10 -121.72
C THR V 372 -17.17 38.22 -122.62
N ILE V 373 -17.16 39.45 -122.10
CA ILE V 373 -16.63 40.58 -122.87
C ILE V 373 -15.15 40.38 -123.17
N ASP V 374 -14.39 39.96 -122.16
CA ASP V 374 -12.96 39.73 -122.38
C ASP V 374 -12.73 38.64 -123.42
N THR V 375 -13.48 37.53 -123.32
CA THR V 375 -13.28 36.43 -124.25
C THR V 375 -13.68 36.82 -125.67
N ILE V 376 -14.78 37.57 -125.83
CA ILE V 376 -15.19 37.96 -127.17
C ILE V 376 -14.22 38.97 -127.76
N THR V 377 -13.68 39.86 -126.94
CA THR V 377 -12.66 40.80 -127.42
C THR V 377 -11.40 40.06 -127.85
N ALA V 378 -10.97 39.05 -127.08
CA ALA V 378 -9.82 38.26 -127.46
C ALA V 378 -10.07 37.49 -128.75
N LEU V 379 -11.28 36.95 -128.90
CA LEU V 379 -11.63 36.24 -130.13
C LEU V 379 -11.61 37.17 -131.33
N LEU V 380 -12.14 38.38 -131.17
CA LEU V 380 -12.11 39.36 -132.26
C LEU V 380 -10.67 39.74 -132.62
N LEU V 381 -9.83 39.93 -131.61
CA LEU V 381 -8.42 40.25 -131.87
C LEU V 381 -7.72 39.12 -132.60
N LEU V 382 -7.98 37.88 -132.18
CA LEU V 382 -7.38 36.73 -132.86
C LEU V 382 -7.86 36.62 -134.30
N ARG V 383 -9.17 36.86 -134.52
CA ARG V 383 -9.70 36.82 -135.88
C ARG V 383 -9.09 37.89 -136.76
N ARG V 384 -8.85 39.09 -136.20
CA ARG V 384 -8.24 40.17 -136.95
C ARG V 384 -6.73 40.01 -137.09
N LEU V 385 -6.11 39.13 -136.32
CA LEU V 385 -4.65 38.97 -136.32
C LEU V 385 -4.26 37.51 -136.51
N LEU V 386 -4.87 36.85 -137.51
CA LEU V 386 -4.50 35.48 -137.85
C LEU V 386 -3.93 35.38 -139.26
N TRP V 387 -3.37 36.46 -139.80
CA TRP V 387 -2.81 36.42 -141.15
C TRP V 387 -1.64 35.44 -141.22
N ASN V 388 -0.56 35.74 -140.50
CA ASN V 388 0.63 34.91 -140.47
C ASN V 388 1.13 34.59 -141.88
N GLY V 389 1.04 33.33 -142.28
CA GLY V 389 1.43 32.94 -143.62
C GLY V 389 2.90 33.14 -143.93
N ASN V 390 3.78 32.76 -143.00
CA ASN V 390 5.23 32.91 -143.19
C ASN V 390 5.82 31.72 -143.93
N VAL V 391 5.23 31.41 -145.09
CA VAL V 391 5.65 30.35 -146.03
C VAL V 391 5.61 28.98 -145.36
N TYR V 392 5.65 27.93 -146.19
CA TYR V 392 5.70 26.57 -145.69
C TYR V 392 7.14 26.18 -145.39
N GLY V 393 7.38 25.63 -144.21
CA GLY V 393 8.72 25.30 -143.79
C GLY V 393 8.79 24.12 -142.84
N ASP V 394 9.56 24.27 -141.76
CA ASP V 394 9.75 23.22 -140.77
C ASP V 394 9.68 23.86 -139.40
N LYS V 395 10.16 23.14 -138.38
CA LYS V 395 10.09 23.60 -136.99
C LYS V 395 10.85 24.91 -136.77
N LEU V 396 11.60 25.38 -137.75
CA LEU V 396 12.42 26.58 -137.62
C LEU V 396 11.70 27.86 -138.02
N LYS V 397 10.40 27.80 -138.32
CA LYS V 397 9.69 28.99 -138.77
C LYS V 397 8.71 29.52 -137.72
N ASN V 398 7.67 28.77 -137.36
CA ASN V 398 6.96 29.14 -136.14
C ASN V 398 6.87 27.99 -135.14
N ASN V 399 6.10 26.96 -135.48
CA ASN V 399 6.06 25.73 -134.69
C ASN V 399 6.31 24.50 -135.56
N PHE V 400 5.48 24.35 -136.61
CA PHE V 400 5.44 23.18 -137.48
C PHE V 400 5.56 21.87 -136.70
N GLN V 401 4.86 21.77 -135.57
CA GLN V 401 4.88 20.56 -134.76
C GLN V 401 3.46 20.24 -134.27
N LEU V 402 2.50 20.34 -135.19
CA LEU V 402 1.11 20.06 -134.84
C LEU V 402 0.90 18.57 -134.55
N GLY V 403 1.64 17.70 -135.22
CA GLY V 403 1.47 16.27 -135.05
C GLY V 403 2.31 15.68 -133.93
N LEU V 404 2.16 16.18 -132.72
CA LEU V 404 2.90 15.65 -131.59
C LEU V 404 2.22 14.39 -131.04
N ILE V 405 1.00 14.53 -130.53
CA ILE V 405 0.24 13.42 -129.97
C ILE V 405 -1.08 13.28 -130.72
N VAL V 406 -1.07 13.60 -132.00
CA VAL V 406 -2.30 13.58 -132.80
C VAL V 406 -2.84 12.16 -132.90
N SER V 407 -1.96 11.19 -133.19
CA SER V 407 -2.39 9.82 -133.48
C SER V 407 -2.49 9.03 -132.17
N GLU V 408 -3.51 9.36 -131.38
CA GLU V 408 -3.84 8.60 -130.18
C GLU V 408 -5.21 7.95 -130.29
N ALA V 409 -6.26 8.72 -130.53
CA ALA V 409 -7.61 8.18 -130.69
C ALA V 409 -8.34 8.90 -131.81
N THR V 410 -7.64 9.14 -132.92
CA THR V 410 -8.18 9.89 -134.04
C THR V 410 -8.59 9.01 -135.22
N GLY V 411 -7.69 8.17 -135.70
CA GLY V 411 -7.97 7.37 -136.88
C GLY V 411 -7.64 8.11 -138.16
N THR V 412 -8.50 7.93 -139.18
CA THR V 412 -8.31 8.58 -140.48
C THR V 412 -9.60 9.28 -140.88
N PRO V 413 -9.87 10.45 -140.30
CA PRO V 413 -11.07 11.19 -140.68
C PRO V 413 -11.00 11.69 -142.12
N THR V 414 -12.17 11.77 -142.74
CA THR V 414 -12.29 12.19 -144.13
C THR V 414 -13.36 13.27 -144.26
N ASN V 415 -13.24 14.06 -145.31
CA ASN V 415 -14.17 15.15 -145.57
C ASN V 415 -14.44 15.20 -147.07
N ASN V 416 -15.10 16.27 -147.52
CA ASN V 416 -15.44 16.43 -148.92
C ASN V 416 -14.22 16.88 -149.72
N VAL V 417 -14.40 16.95 -151.04
CA VAL V 417 -13.35 17.35 -151.97
C VAL V 417 -13.72 18.70 -152.56
N ILE V 418 -12.76 19.64 -152.54
CA ILE V 418 -12.95 20.99 -153.04
C ILE V 418 -11.94 21.33 -154.13
N LEU V 419 -10.65 21.15 -153.83
CA LEU V 419 -9.59 21.48 -154.77
C LEU V 419 -9.49 20.41 -155.86
N ARG V 420 -8.51 20.59 -156.75
CA ARG V 420 -8.31 19.66 -157.85
C ARG V 420 -6.82 19.63 -158.17
N GLY V 421 -6.41 18.60 -158.92
CA GLY V 421 -5.05 18.47 -159.38
C GLY V 421 -4.10 17.96 -158.30
N ALA V 422 -2.83 17.87 -158.69
CA ALA V 422 -1.79 17.39 -157.78
C ALA V 422 -0.45 17.93 -158.27
N THR V 423 0.53 17.92 -157.37
CA THR V 423 1.86 18.41 -157.68
C THR V 423 2.92 17.36 -157.40
N GLY V 424 4.20 17.75 -157.49
CA GLY V 424 5.28 16.85 -157.21
C GLY V 424 6.44 17.58 -156.56
N PHE V 425 7.25 16.82 -155.83
CA PHE V 425 8.41 17.36 -155.11
C PHE V 425 9.67 17.15 -155.93
N ASP V 426 10.43 18.23 -156.13
CA ASP V 426 11.68 18.18 -156.88
C ASP V 426 12.53 19.37 -156.48
N GLY V 427 13.82 19.12 -156.27
CA GLY V 427 14.73 20.19 -155.93
C GLY V 427 14.51 20.72 -154.51
N LYS V 428 15.04 21.90 -154.28
CA LYS V 428 14.93 22.58 -152.99
C LYS V 428 14.00 23.78 -153.11
N PHE V 429 13.03 23.86 -152.21
CA PHE V 429 12.07 24.96 -152.24
C PHE V 429 12.73 26.26 -151.81
N LYS V 430 12.17 27.38 -152.28
CA LYS V 430 12.68 28.71 -151.94
C LYS V 430 11.52 29.69 -152.00
N SER V 431 11.18 30.28 -150.86
CA SER V 431 10.11 31.28 -150.74
C SER V 431 8.76 30.72 -151.17
N GLY V 432 7.75 31.57 -151.18
CA GLY V 432 6.41 31.15 -151.58
C GLY V 432 5.37 32.06 -150.98
N ASN V 433 4.11 31.74 -151.27
CA ASN V 433 2.98 32.52 -150.78
C ASN V 433 1.76 31.59 -150.73
N ASN V 434 1.42 31.15 -149.53
CA ASN V 434 0.27 30.27 -149.31
C ASN V 434 -0.52 30.71 -148.10
N ASN V 435 -0.73 32.04 -147.97
CA ASN V 435 -1.37 32.60 -146.78
C ASN V 435 -2.75 31.99 -146.56
N PHE V 436 -3.68 32.24 -147.47
CA PHE V 436 -5.01 31.66 -147.36
C PHE V 436 -5.02 30.18 -147.76
N GLN V 437 -4.02 29.73 -148.52
CA GLN V 437 -3.96 28.34 -148.92
C GLN V 437 -3.73 27.41 -147.74
N PHE V 438 -2.99 27.87 -146.73
CA PHE V 438 -2.71 27.07 -145.54
C PHE V 438 -3.79 27.21 -144.47
N LEU V 439 -4.83 27.99 -144.72
CA LEU V 439 -5.89 28.21 -143.73
C LEU V 439 -7.26 27.79 -144.20
N CYS V 440 -7.62 28.08 -145.45
CA CYS V 440 -8.96 27.77 -145.95
C CYS V 440 -9.23 26.27 -146.02
N GLU V 441 -8.21 25.43 -145.92
CA GLU V 441 -8.42 23.99 -145.99
C GLU V 441 -9.06 23.47 -144.71
N ARG V 442 -8.40 23.65 -143.57
CA ARG V 442 -8.85 23.10 -142.31
C ARG V 442 -8.70 24.12 -141.18
N TYR V 443 -9.11 25.36 -141.44
CA TYR V 443 -9.08 26.39 -140.42
C TYR V 443 -10.45 26.76 -139.89
N ILE V 444 -11.54 26.34 -140.54
CA ILE V 444 -12.90 26.68 -140.14
C ILE V 444 -13.69 25.46 -139.70
N ALA V 445 -13.53 24.33 -140.42
CA ALA V 445 -14.29 23.13 -140.08
C ALA V 445 -13.96 22.58 -138.70
N PRO V 446 -12.68 22.40 -138.32
CA PRO V 446 -12.42 21.93 -136.95
C PRO V 446 -12.92 22.88 -135.88
N LEU V 447 -12.82 24.19 -136.11
CA LEU V 447 -13.31 25.15 -135.13
C LEU V 447 -14.83 25.07 -135.00
N TYR V 448 -15.53 24.87 -136.12
CA TYR V 448 -16.98 24.70 -136.07
C TYR V 448 -17.36 23.41 -135.36
N THR V 449 -16.60 22.34 -135.60
CA THR V 449 -16.91 21.04 -134.99
C THR V 449 -16.38 20.90 -133.57
N LEU V 450 -15.66 21.91 -133.06
CA LEU V 450 -15.17 21.85 -131.68
C LEU V 450 -16.31 21.71 -130.69
N ASN V 451 -17.18 22.72 -130.63
CA ASN V 451 -18.43 22.66 -129.88
C ASN V 451 -18.25 22.41 -128.38
N ARG V 452 -18.35 21.15 -127.97
CA ARG V 452 -18.48 20.78 -126.55
C ARG V 452 -17.31 21.24 -125.69
N THR V 453 -16.12 20.69 -125.94
CA THR V 453 -14.97 21.01 -125.11
C THR V 453 -14.46 22.42 -125.43
N THR V 454 -13.73 22.98 -124.46
CA THR V 454 -13.17 24.33 -124.54
C THR V 454 -14.24 25.36 -124.93
N GLU V 455 -15.20 25.53 -124.02
CA GLU V 455 -16.29 26.47 -124.22
C GLU V 455 -15.77 27.91 -124.17
N LEU V 456 -16.70 28.86 -124.31
CA LEU V 456 -16.30 30.27 -124.37
C LEU V 456 -15.61 30.73 -123.09
N THR V 457 -15.92 30.10 -121.95
CA THR V 457 -15.23 30.47 -120.71
C THR V 457 -13.74 30.15 -120.79
N GLU V 458 -13.39 29.01 -121.36
CA GLU V 458 -12.00 28.61 -121.52
C GLU V 458 -11.47 28.92 -122.92
N MET V 459 -12.21 29.69 -123.71
CA MET V 459 -11.77 30.01 -125.06
C MET V 459 -10.50 30.85 -125.05
N PHE V 460 -10.43 31.85 -124.17
CA PHE V 460 -9.26 32.72 -124.07
C PHE V 460 -9.06 33.15 -122.62
N PRO V 461 -8.59 32.23 -121.77
CA PRO V 461 -8.26 32.63 -120.40
C PRO V 461 -6.85 33.17 -120.28
N GLY V 462 -5.98 32.82 -121.23
CA GLY V 462 -4.61 33.31 -121.21
C GLY V 462 -4.51 34.80 -121.44
N LEU V 463 -5.38 35.34 -122.29
CA LEU V 463 -5.33 36.77 -122.60
C LEU V 463 -5.63 37.61 -121.36
N VAL V 464 -6.59 37.16 -120.54
CA VAL V 464 -6.91 37.90 -119.32
C VAL V 464 -5.72 37.93 -118.38
N ALA V 465 -5.05 36.78 -118.20
CA ALA V 465 -3.86 36.74 -117.35
C ALA V 465 -2.74 37.61 -117.90
N LEU V 466 -2.55 37.59 -119.22
CA LEU V 466 -1.51 38.43 -119.83
C LEU V 466 -1.81 39.90 -119.62
N CYS V 467 -3.07 40.31 -119.78
CA CYS V 467 -3.45 41.70 -119.56
C CYS V 467 -3.27 42.09 -118.09
N LEU V 468 -3.62 41.19 -117.18
CA LEU V 468 -3.45 41.49 -115.75
C LEU V 468 -1.98 41.57 -115.35
N ASP V 469 -1.12 40.81 -116.04
CA ASP V 469 0.31 40.79 -115.76
C ASP V 469 1.12 41.53 -116.81
N ALA V 470 0.53 42.55 -117.43
CA ALA V 470 1.20 43.34 -118.45
C ALA V 470 1.88 44.58 -117.89
N HIS V 471 1.81 44.81 -116.59
CA HIS V 471 2.41 45.98 -115.95
C HIS V 471 3.59 45.62 -115.06
N THR V 472 4.05 44.37 -115.09
CA THR V 472 5.16 43.97 -114.23
C THR V 472 6.49 44.52 -114.75
N GLN V 473 6.63 44.68 -116.06
CA GLN V 473 7.87 45.16 -116.65
C GLN V 473 7.67 46.23 -117.72
N LEU V 474 6.45 46.43 -118.21
CA LEU V 474 6.17 47.42 -119.24
C LEU V 474 5.37 48.61 -118.70
N SER V 475 5.62 48.98 -117.45
CA SER V 475 4.89 50.11 -116.86
C SER V 475 5.21 51.41 -117.56
N ARG V 476 6.48 51.66 -117.86
CA ARG V 476 6.88 52.90 -118.51
C ARG V 476 6.68 52.83 -120.01
N GLY V 477 7.36 51.90 -120.68
CA GLY V 477 7.25 51.77 -122.12
C GLY V 477 8.25 52.62 -122.87
N SER V 478 9.07 52.00 -123.71
CA SER V 478 10.07 52.70 -124.50
C SER V 478 10.07 52.14 -125.91
N LEU V 479 10.89 52.73 -126.77
CA LEU V 479 10.99 52.34 -128.16
C LEU V 479 12.19 51.41 -128.34
N GLY V 480 11.95 50.26 -128.99
CA GLY V 480 13.01 49.31 -129.24
C GLY V 480 13.23 48.34 -128.10
N ARG V 481 13.58 48.86 -126.92
CA ARG V 481 13.83 48.07 -125.74
C ARG V 481 12.71 48.29 -124.73
N THR V 482 12.85 47.70 -123.55
CA THR V 482 11.88 47.83 -122.48
C THR V 482 12.59 48.26 -121.20
N VAL V 483 11.90 49.09 -120.41
CA VAL V 483 12.44 49.62 -119.16
C VAL V 483 11.37 49.49 -118.08
N ILE V 484 11.82 49.53 -116.83
CA ILE V 484 10.94 49.43 -115.67
C ILE V 484 10.77 50.81 -115.07
N ASP V 485 9.52 51.24 -114.89
CA ASP V 485 9.25 52.55 -114.32
C ASP V 485 9.68 52.61 -112.87
N ILE V 486 10.27 53.74 -112.48
CA ILE V 486 10.75 53.91 -111.11
C ILE V 486 9.62 54.27 -110.16
N SER V 487 8.46 54.69 -110.68
CA SER V 487 7.32 55.09 -109.86
C SER V 487 6.21 54.03 -109.89
N SER V 488 6.58 52.76 -109.97
CA SER V 488 5.61 51.67 -109.99
C SER V 488 5.31 51.23 -108.55
N GLY V 489 4.61 52.12 -107.84
CA GLY V 489 4.26 51.86 -106.45
C GLY V 489 2.85 51.33 -106.28
N GLN V 490 1.89 51.94 -106.97
CA GLN V 490 0.49 51.55 -106.89
C GLN V 490 -0.09 51.24 -108.27
N TYR V 491 0.75 50.74 -109.18
CA TYR V 491 0.30 50.42 -110.53
C TYR V 491 -0.52 49.13 -110.53
N GLN V 492 0.07 48.03 -110.07
CA GLN V 492 -0.59 46.73 -110.00
C GLN V 492 -0.79 46.28 -108.55
N ASP V 493 -1.02 47.23 -107.64
CA ASP V 493 -1.17 46.93 -106.23
C ASP V 493 -2.59 46.54 -105.85
N ARG V 494 -3.53 46.53 -106.80
CA ARG V 494 -4.93 46.17 -106.55
C ARG V 494 -5.34 45.12 -107.57
N LEU V 495 -5.11 43.84 -107.23
CA LEU V 495 -5.48 42.75 -108.12
C LEU V 495 -6.05 41.56 -107.34
N ILE V 496 -6.48 41.77 -106.09
CA ILE V 496 -6.93 40.67 -105.23
C ILE V 496 -8.44 40.51 -105.23
N SER V 497 -9.19 41.46 -105.80
CA SER V 497 -10.65 41.42 -105.73
C SER V 497 -11.20 40.21 -106.49
N LEU V 498 -10.61 39.88 -107.62
CA LEU V 498 -11.11 38.75 -108.42
C LEU V 498 -11.04 37.45 -107.63
N ILE V 499 -9.87 37.17 -107.04
CA ILE V 499 -9.71 35.93 -106.29
C ILE V 499 -10.54 35.97 -105.02
N ALA V 500 -10.67 37.14 -104.39
CA ALA V 500 -11.50 37.24 -103.19
C ALA V 500 -12.95 36.92 -103.49
N LEU V 501 -13.48 37.50 -104.59
CA LEU V 501 -14.88 37.25 -104.93
C LEU V 501 -15.10 35.82 -105.39
N GLU V 502 -14.14 35.24 -106.11
CA GLU V 502 -14.31 33.85 -106.53
C GLU V 502 -14.27 32.91 -105.33
N LEU V 503 -13.39 33.17 -104.36
CA LEU V 503 -13.36 32.37 -103.15
C LEU V 503 -14.65 32.52 -102.35
N GLU V 504 -15.16 33.75 -102.26
CA GLU V 504 -16.42 33.97 -101.54
C GLU V 504 -17.58 33.25 -102.22
N HIS V 505 -17.61 33.24 -103.55
CA HIS V 505 -18.68 32.55 -104.26
C HIS V 505 -18.54 31.04 -104.18
N ARG V 506 -17.31 30.53 -104.12
CA ARG V 506 -17.10 29.09 -104.11
C ARG V 506 -17.31 28.49 -102.72
N ARG V 507 -16.56 28.98 -101.73
CA ARG V 507 -16.58 28.40 -100.39
C ARG V 507 -17.72 28.94 -99.52
N GLN V 508 -18.50 29.90 -100.01
CA GLN V 508 -19.57 30.49 -99.22
C GLN V 508 -20.74 30.83 -100.14
N ASN V 509 -21.91 31.00 -99.52
CA ASN V 509 -23.12 31.38 -100.24
C ASN V 509 -23.31 32.90 -100.17
N VAL V 510 -22.44 33.60 -100.90
CA VAL V 510 -22.35 35.05 -100.99
C VAL V 510 -22.61 35.73 -99.65
N THR V 511 -23.12 36.97 -99.69
CA THR V 511 -23.50 37.79 -98.55
C THR V 511 -22.31 38.11 -97.64
N SER V 512 -22.49 39.12 -96.77
CA SER V 512 -21.47 39.55 -95.81
C SER V 512 -20.20 40.03 -96.51
N LEU V 513 -19.14 40.24 -95.73
CA LEU V 513 -17.82 40.69 -96.19
C LEU V 513 -17.87 42.13 -96.70
N PRO V 514 -16.78 42.89 -96.58
CA PRO V 514 -16.78 44.25 -97.10
C PRO V 514 -16.94 44.27 -98.61
N ILE V 515 -17.61 45.30 -99.11
CA ILE V 515 -17.91 45.42 -100.54
C ILE V 515 -17.35 46.75 -101.06
N ALA V 516 -17.20 47.72 -100.16
CA ALA V 516 -16.78 49.05 -100.58
C ALA V 516 -15.38 49.02 -101.19
N ALA V 517 -14.45 48.31 -100.56
CA ALA V 517 -13.11 48.16 -101.12
C ALA V 517 -13.08 47.16 -102.27
N VAL V 518 -13.92 46.13 -102.19
CA VAL V 518 -13.93 45.09 -103.22
C VAL V 518 -14.33 45.67 -104.57
N VAL V 519 -15.37 46.51 -104.59
CA VAL V 519 -15.83 47.08 -105.85
C VAL V 519 -14.78 48.03 -106.42
N SER V 520 -14.10 48.78 -105.55
CA SER V 520 -13.05 49.68 -106.03
C SER V 520 -11.89 48.91 -106.63
N ILE V 521 -11.47 47.82 -105.97
CA ILE V 521 -10.37 47.02 -106.51
C ILE V 521 -10.79 46.34 -107.80
N HIS V 522 -12.05 45.91 -107.90
CA HIS V 522 -12.54 45.32 -109.13
C HIS V 522 -12.54 46.34 -110.27
N ASP V 523 -12.95 47.58 -109.99
CA ASP V 523 -12.90 48.62 -111.01
C ASP V 523 -11.46 48.90 -111.43
N SER V 524 -10.53 48.91 -110.48
CA SER V 524 -9.13 49.10 -110.81
C SER V 524 -8.61 47.96 -111.69
N VAL V 525 -9.02 46.72 -111.39
CA VAL V 525 -8.62 45.58 -112.20
C VAL V 525 -9.18 45.71 -113.61
N MET V 526 -10.43 46.14 -113.72
CA MET V 526 -11.05 46.33 -115.04
C MET V 526 -10.31 47.39 -115.84
N LEU V 527 -9.96 48.51 -115.19
CA LEU V 527 -9.19 49.54 -115.89
C LEU V 527 -7.82 49.02 -116.31
N GLN V 528 -7.17 48.26 -115.44
CA GLN V 528 -5.85 47.73 -115.75
C GLN V 528 -5.89 46.78 -116.94
N TYR V 529 -6.89 45.89 -116.99
CA TYR V 529 -6.95 44.94 -118.09
C TYR V 529 -7.38 45.64 -119.38
N GLU V 530 -8.25 46.66 -119.28
CA GLU V 530 -8.61 47.43 -120.46
C GLU V 530 -7.39 48.14 -121.03
N ARG V 531 -6.55 48.71 -120.17
CA ARG V 531 -5.32 49.34 -120.64
C ARG V 531 -4.37 48.31 -121.24
N GLY V 532 -4.23 47.16 -120.59
CA GLY V 532 -3.32 46.14 -121.10
C GLY V 532 -3.76 45.54 -122.42
N LEU V 533 -5.06 45.53 -122.69
CA LEU V 533 -5.56 45.03 -123.96
C LEU V 533 -4.99 45.82 -125.13
N GLY V 534 -4.93 47.15 -124.99
CA GLY V 534 -4.29 47.97 -126.01
C GLY V 534 -2.79 48.07 -125.87
N MET V 535 -2.25 47.86 -124.66
CA MET V 535 -0.81 47.98 -124.44
C MET V 535 -0.04 46.73 -124.85
N LEU V 536 -0.71 45.58 -125.03
CA LEU V 536 0.01 44.38 -125.43
C LEU V 536 0.52 44.45 -126.86
N MET V 537 -0.04 45.32 -127.68
CA MET V 537 0.38 45.49 -129.06
C MET V 537 0.96 46.89 -129.25
N HIS V 538 2.13 46.97 -129.88
CA HIS V 538 2.81 48.23 -130.09
C HIS V 538 3.58 48.15 -131.40
N GLN V 539 4.56 49.04 -131.58
CA GLN V 539 5.30 49.12 -132.84
C GLN V 539 5.96 47.80 -133.23
N PRO V 540 6.64 47.07 -132.34
CA PRO V 540 7.17 45.76 -132.74
C PRO V 540 6.06 44.80 -133.14
N ARG V 541 6.39 43.89 -134.05
CA ARG V 541 5.42 42.93 -134.56
C ARG V 541 5.07 41.92 -133.47
N VAL V 542 4.17 40.98 -133.83
CA VAL V 542 3.70 40.00 -132.86
C VAL V 542 4.80 39.02 -132.46
N ARG V 543 5.90 38.97 -133.21
CA ARG V 543 7.01 38.09 -132.87
C ARG V 543 8.08 38.82 -132.05
N ALA V 544 8.47 40.01 -132.49
CA ALA V 544 9.47 40.78 -131.76
C ALA V 544 8.96 41.19 -130.39
N ALA V 545 7.70 41.62 -130.30
CA ALA V 545 7.15 42.05 -129.03
C ALA V 545 6.99 40.90 -128.04
N LEU V 546 7.07 39.65 -128.52
CA LEU V 546 6.96 38.50 -127.64
C LEU V 546 8.30 37.83 -127.36
N GLU V 547 9.29 38.00 -128.24
CA GLU V 547 10.60 37.38 -128.07
C GLU V 547 11.67 38.36 -127.61
N GLU V 548 11.36 39.66 -127.52
CA GLU V 548 12.37 40.64 -127.13
C GLU V 548 11.88 41.52 -126.00
N SER V 549 10.57 41.76 -125.94
CA SER V 549 9.98 42.64 -124.94
C SER V 549 9.61 41.89 -123.65
N ARG V 550 10.09 40.66 -123.49
CA ARG V 550 9.85 39.86 -122.28
C ARG V 550 8.35 39.64 -122.04
N ARG V 551 7.57 39.58 -123.11
CA ARG V 551 6.13 39.32 -122.96
C ARG V 551 5.86 37.87 -122.61
N LEU V 552 6.73 36.96 -123.03
CA LEU V 552 6.58 35.53 -122.76
C LEU V 552 7.46 35.05 -121.61
N ALA V 553 8.02 35.98 -120.84
CA ALA V 553 8.86 35.58 -119.71
C ALA V 553 8.05 34.82 -118.66
N GLN V 554 6.85 35.31 -118.36
CA GLN V 554 6.00 34.63 -117.37
C GLN V 554 5.48 33.31 -117.91
N PHE V 555 5.06 33.28 -119.18
CA PHE V 555 4.54 32.08 -119.82
C PHE V 555 5.33 31.83 -121.10
N ASN V 556 6.33 30.95 -121.02
CA ASN V 556 7.18 30.66 -122.17
C ASN V 556 6.50 29.63 -123.07
N VAL V 557 6.17 30.03 -124.29
CA VAL V 557 5.51 29.18 -125.26
C VAL V 557 6.20 29.36 -126.61
N ASN V 558 5.67 28.68 -127.62
CA ASN V 558 6.24 28.70 -128.96
C ASN V 558 5.79 29.97 -129.70
N SER V 559 6.00 29.99 -131.01
CA SER V 559 5.72 31.16 -131.83
C SER V 559 4.22 31.28 -132.11
N ASP V 560 3.86 32.14 -133.07
CA ASP V 560 2.47 32.46 -133.32
C ASP V 560 1.64 31.24 -133.71
N TYR V 561 2.28 30.21 -134.27
CA TYR V 561 1.54 29.01 -134.63
C TYR V 561 0.93 28.34 -133.40
N ASP V 562 1.69 28.29 -132.30
CA ASP V 562 1.18 27.75 -131.04
C ASP V 562 0.60 28.83 -130.13
N LEU V 563 0.55 30.09 -130.59
CA LEU V 563 -0.02 31.15 -129.78
C LEU V 563 -1.50 30.93 -129.53
N LEU V 564 -2.23 30.44 -130.53
CA LEU V 564 -3.64 30.14 -130.35
C LEU V 564 -3.84 29.05 -129.29
N TYR V 565 -3.01 27.99 -129.35
CA TYR V 565 -3.10 26.94 -128.34
C TYR V 565 -2.76 27.48 -126.95
N PHE V 566 -1.75 28.34 -126.86
CA PHE V 566 -1.37 28.91 -125.57
C PHE V 566 -2.49 29.77 -124.99
N VAL V 567 -3.13 30.58 -125.83
CA VAL V 567 -4.21 31.44 -125.33
C VAL V 567 -5.51 30.69 -125.13
N CYS V 568 -5.66 29.50 -125.72
CA CYS V 568 -6.87 28.71 -125.52
C CYS V 568 -6.75 27.82 -124.29
N LEU V 569 -5.75 26.94 -124.26
CA LEU V 569 -5.57 26.05 -123.11
C LEU V 569 -5.23 26.83 -121.85
N GLY V 570 -4.33 27.81 -121.96
CA GLY V 570 -3.95 28.60 -120.81
C GLY V 570 -3.23 27.79 -119.75
N VAL V 571 -3.40 28.22 -118.50
CA VAL V 571 -2.81 27.64 -117.29
C VAL V 571 -1.44 27.03 -117.57
N ILE V 572 -0.51 27.85 -118.06
CA ILE V 572 0.84 27.40 -118.37
C ILE V 572 1.58 27.12 -117.07
N PRO V 573 2.12 25.93 -116.87
CA PRO V 573 2.83 25.62 -115.63
C PRO V 573 4.23 26.21 -115.63
N GLN V 574 4.93 26.01 -114.52
CA GLN V 574 6.30 26.50 -114.36
C GLN V 574 7.10 25.43 -113.63
N PHE V 575 8.30 25.80 -113.18
CA PHE V 575 9.19 24.89 -112.47
C PHE V 575 9.12 25.07 -110.95
N ALA V 576 7.96 25.48 -110.44
CA ALA V 576 7.76 25.68 -109.01
C ALA V 576 6.44 25.05 -108.58
N SER V 577 6.44 24.47 -107.37
CA SER V 577 5.23 23.85 -106.84
C SER V 577 5.01 24.18 -105.37
N THR V 578 5.60 25.28 -104.87
CA THR V 578 5.52 25.82 -103.52
C THR V 578 6.15 24.86 -102.51
N PRO V 579 6.71 25.37 -101.40
CA PRO V 579 7.29 24.49 -100.38
C PRO V 579 6.23 23.82 -99.51
N ALA W 2715 -20.94 -5.20 -104.93
CA ALA W 2715 -20.17 -6.33 -104.40
C ALA W 2715 -20.93 -7.01 -103.27
N LEU W 2716 -20.73 -8.33 -103.14
CA LEU W 2716 -21.39 -9.08 -102.09
C LEU W 2716 -20.80 -8.83 -100.72
N GLY W 2717 -19.59 -8.27 -100.65
CA GLY W 2717 -18.99 -8.00 -99.35
C GLY W 2717 -19.75 -6.97 -98.55
N ALA W 2718 -20.20 -5.91 -99.20
CA ALA W 2718 -20.98 -4.88 -98.50
C ALA W 2718 -22.30 -5.43 -98.01
N LEU W 2719 -22.97 -6.25 -98.82
CA LEU W 2719 -24.23 -6.86 -98.40
C LEU W 2719 -24.01 -7.81 -97.23
N ALA W 2720 -22.94 -8.60 -97.26
CA ALA W 2720 -22.64 -9.48 -96.16
C ALA W 2720 -22.35 -8.70 -94.88
N LEU W 2721 -21.60 -7.59 -95.01
CA LEU W 2721 -21.32 -6.76 -93.85
C LEU W 2721 -22.60 -6.16 -93.27
N LEU W 2722 -23.51 -5.71 -94.16
CA LEU W 2722 -24.78 -5.16 -93.69
C LEU W 2722 -25.61 -6.22 -92.98
N SER W 2723 -25.64 -7.45 -93.52
CA SER W 2723 -26.37 -8.53 -92.87
C SER W 2723 -25.77 -8.86 -91.51
N GLN W 2724 -24.43 -8.88 -91.42
CA GLN W 2724 -23.78 -9.13 -90.13
C GLN W 2724 -24.09 -8.03 -89.14
N ALA W 2725 -24.10 -6.77 -89.59
CA ALA W 2725 -24.44 -5.65 -88.71
C ALA W 2725 -25.87 -5.76 -88.21
N CYS W 2726 -26.80 -6.14 -89.10
CA CYS W 2726 -28.18 -6.32 -88.68
C CYS W 2726 -28.30 -7.45 -87.66
N ARG W 2727 -27.61 -8.57 -87.90
CA ARG W 2727 -27.66 -9.68 -86.95
C ARG W 2727 -27.08 -9.27 -85.60
N ARG W 2728 -25.96 -8.55 -85.60
CA ARG W 2728 -25.35 -8.12 -84.35
C ARG W 2728 -26.24 -7.15 -83.59
N MET W 2729 -26.90 -6.22 -84.31
CA MET W 2729 -27.77 -5.26 -83.63
C MET W 2729 -29.02 -5.95 -83.09
N ILE W 2730 -29.54 -6.96 -83.81
CA ILE W 2730 -30.66 -7.73 -83.28
C ILE W 2730 -30.24 -8.48 -82.02
N ASP W 2731 -29.05 -9.09 -82.04
CA ASP W 2731 -28.56 -9.79 -80.86
C ASP W 2731 -28.36 -8.83 -79.69
N ASN W 2732 -27.86 -7.62 -79.96
CA ASN W 2732 -27.68 -6.63 -78.90
C ASN W 2732 -29.02 -6.19 -78.33
N VAL W 2733 -30.03 -6.00 -79.18
CA VAL W 2733 -31.36 -5.63 -78.70
C VAL W 2733 -31.93 -6.75 -77.84
N ARG W 2734 -31.77 -8.00 -78.26
CA ARG W 2734 -32.26 -9.13 -77.47
C ARG W 2734 -31.54 -9.21 -76.13
N TYR W 2735 -30.23 -8.98 -76.12
CA TYR W 2735 -29.48 -9.00 -74.88
C TYR W 2735 -29.93 -7.89 -73.94
N THR W 2736 -30.17 -6.69 -74.49
CA THR W 2736 -30.66 -5.59 -73.67
C THR W 2736 -32.03 -5.90 -73.08
N ARG W 2737 -32.92 -6.51 -73.89
CA ARG W 2737 -34.23 -6.89 -73.38
C ARG W 2737 -34.11 -7.92 -72.27
N LYS W 2738 -33.23 -8.91 -72.45
CA LYS W 2738 -33.02 -9.92 -71.43
C LYS W 2738 -32.47 -9.31 -70.15
N LEU W 2739 -31.54 -8.37 -70.28
CA LEU W 2739 -30.99 -7.68 -69.11
C LEU W 2739 -32.06 -6.88 -68.39
N LEU W 2740 -32.92 -6.20 -69.14
CA LEU W 2740 -34.01 -5.45 -68.52
C LEU W 2740 -34.97 -6.39 -67.80
N MET W 2741 -35.29 -7.53 -68.40
CA MET W 2741 -36.15 -8.50 -67.75
C MET W 2741 -35.52 -9.03 -66.47
N ASP W 2742 -34.23 -9.33 -66.51
CA ASP W 2742 -33.53 -9.80 -65.31
C ASP W 2742 -33.52 -8.73 -64.22
N HIS W 2743 -33.32 -7.47 -64.61
CA HIS W 2743 -33.32 -6.39 -63.63
C HIS W 2743 -34.69 -6.22 -62.99
N THR W 2744 -35.75 -6.28 -63.80
CA THR W 2744 -37.10 -6.15 -63.25
C THR W 2744 -37.43 -7.34 -62.34
N GLU W 2745 -37.00 -8.55 -62.72
CA GLU W 2745 -37.22 -9.71 -61.86
C GLU W 2745 -36.47 -9.55 -60.54
N ASP W 2746 -35.23 -9.05 -60.60
CA ASP W 2746 -34.47 -8.83 -59.37
C ASP W 2746 -35.13 -7.79 -58.48
N ILE W 2747 -35.65 -6.72 -59.07
CA ILE W 2747 -36.35 -5.69 -58.30
C ILE W 2747 -37.60 -6.29 -57.65
N PHE W 2748 -38.35 -7.10 -58.39
CA PHE W 2748 -39.54 -7.74 -57.82
C PHE W 2748 -39.17 -8.67 -56.67
N GLN W 2749 -38.10 -9.45 -56.83
CA GLN W 2749 -37.68 -10.34 -55.76
C GLN W 2749 -37.22 -9.57 -54.54
N GLY W 2750 -36.51 -8.45 -54.74
CA GLY W 2750 -36.11 -7.62 -53.63
C GLY W 2750 -37.29 -7.01 -52.90
N LEU W 2751 -38.30 -6.55 -53.66
CA LEU W 2751 -39.51 -6.02 -53.05
C LEU W 2751 -40.24 -7.10 -52.25
N GLY W 2752 -40.31 -8.32 -52.79
CA GLY W 2752 -40.92 -9.41 -52.05
C GLY W 2752 -40.18 -9.75 -50.77
N TYR W 2753 -38.84 -9.73 -50.84
CA TYR W 2753 -38.05 -9.99 -49.63
C TYR W 2753 -38.25 -8.89 -48.60
N VAL W 2754 -38.33 -7.64 -49.04
CA VAL W 2754 -38.58 -6.54 -48.13
C VAL W 2754 -39.95 -6.69 -47.47
N LYS W 2755 -40.96 -7.06 -48.26
CA LYS W 2755 -42.29 -7.29 -47.71
C LYS W 2755 -42.29 -8.42 -46.69
N LEU W 2756 -41.55 -9.50 -46.99
CA LEU W 2756 -41.45 -10.61 -46.06
C LEU W 2756 -40.77 -10.18 -44.76
N LEU W 2757 -39.72 -9.36 -44.86
CA LEU W 2757 -39.03 -8.89 -43.67
C LEU W 2757 -39.92 -8.00 -42.81
N LEU W 2758 -40.91 -7.34 -43.42
CA LEU W 2758 -41.83 -6.46 -42.71
C LEU W 2758 -43.25 -7.05 -42.71
N ASP W 2759 -43.35 -8.36 -42.60
CA ASP W 2759 -44.65 -9.04 -42.58
C ASP W 2759 -45.13 -9.26 -41.16
N ALA X 2715 -33.51 3.36 -106.16
CA ALA X 2715 -34.74 4.16 -106.13
C ALA X 2715 -34.87 4.91 -104.80
N LEU X 2716 -35.50 6.08 -104.86
CA LEU X 2716 -35.68 6.89 -103.65
C LEU X 2716 -36.76 6.33 -102.74
N GLY X 2717 -37.61 5.44 -103.24
CA GLY X 2717 -38.66 4.86 -102.40
C GLY X 2717 -38.10 4.02 -101.27
N ALA X 2718 -37.09 3.20 -101.57
CA ALA X 2718 -36.48 2.37 -100.53
C ALA X 2718 -35.80 3.23 -99.48
N LEU X 2719 -35.11 4.29 -99.90
CA LEU X 2719 -34.45 5.18 -98.95
C LEU X 2719 -35.48 5.90 -98.08
N ALA X 2720 -36.58 6.35 -98.68
CA ALA X 2720 -37.64 6.99 -97.90
C ALA X 2720 -38.25 6.02 -96.90
N LEU X 2721 -38.46 4.77 -97.32
CA LEU X 2721 -39.00 3.76 -96.40
C LEU X 2721 -38.05 3.49 -95.26
N LEU X 2722 -36.75 3.42 -95.55
CA LEU X 2722 -35.75 3.23 -94.49
C LEU X 2722 -35.73 4.39 -93.52
N SER X 2723 -35.82 5.63 -94.04
CA SER X 2723 -35.87 6.79 -93.16
C SER X 2723 -37.11 6.78 -92.29
N GLN X 2724 -38.26 6.41 -92.87
CA GLN X 2724 -39.49 6.33 -92.09
C GLN X 2724 -39.39 5.25 -91.01
N ALA X 2725 -38.78 4.11 -91.34
CA ALA X 2725 -38.59 3.06 -90.35
C ALA X 2725 -37.67 3.52 -89.22
N CYS X 2726 -36.59 4.23 -89.55
CA CYS X 2726 -35.72 4.77 -88.52
C CYS X 2726 -36.45 5.77 -87.63
N ARG X 2727 -37.25 6.64 -88.24
CA ARG X 2727 -37.99 7.62 -87.45
C ARG X 2727 -38.99 6.93 -86.52
N ARG X 2728 -39.70 5.93 -87.02
CA ARG X 2728 -40.68 5.26 -86.17
C ARG X 2728 -40.01 4.43 -85.08
N MET X 2729 -38.85 3.83 -85.35
CA MET X 2729 -38.17 3.10 -84.29
C MET X 2729 -37.61 4.05 -83.23
N ILE X 2730 -37.14 5.23 -83.65
CA ILE X 2730 -36.70 6.24 -82.67
C ILE X 2730 -37.88 6.70 -81.82
N ASP X 2731 -39.04 6.93 -82.46
CA ASP X 2731 -40.22 7.33 -81.71
C ASP X 2731 -40.65 6.23 -80.74
N ASN X 2732 -40.57 4.97 -81.16
CA ASN X 2732 -40.93 3.87 -80.28
C ASN X 2732 -39.97 3.77 -79.10
N VAL X 2733 -38.67 3.97 -79.34
CA VAL X 2733 -37.70 3.95 -78.25
C VAL X 2733 -37.98 5.08 -77.27
N ARG X 2734 -38.28 6.27 -77.78
CA ARG X 2734 -38.60 7.40 -76.91
C ARG X 2734 -39.86 7.13 -76.10
N TYR X 2735 -40.88 6.54 -76.73
CA TYR X 2735 -42.10 6.21 -76.01
C TYR X 2735 -41.85 5.17 -74.92
N THR X 2736 -41.02 4.17 -75.22
CA THR X 2736 -40.68 3.17 -74.21
C THR X 2736 -39.93 3.79 -73.05
N ARG X 2737 -39.00 4.71 -73.34
CA ARG X 2737 -38.27 5.40 -72.28
C ARG X 2737 -39.22 6.24 -71.42
N LYS X 2738 -40.15 6.94 -72.06
CA LYS X 2738 -41.13 7.74 -71.31
C LYS X 2738 -42.02 6.85 -70.44
N LEU X 2739 -42.43 5.69 -70.97
CA LEU X 2739 -43.24 4.77 -70.20
C LEU X 2739 -42.47 4.23 -69.00
N LEU X 2740 -41.19 3.91 -69.19
CA LEU X 2740 -40.36 3.45 -68.09
C LEU X 2740 -40.20 4.53 -67.02
N MET X 2741 -39.99 5.78 -67.46
CA MET X 2741 -39.89 6.89 -66.51
C MET X 2741 -41.19 7.07 -65.74
N ASP X 2742 -42.33 6.98 -66.43
CA ASP X 2742 -43.61 7.10 -65.74
C ASP X 2742 -43.82 5.97 -64.74
N HIS X 2743 -43.43 4.75 -65.12
CA HIS X 2743 -43.57 3.61 -64.22
C HIS X 2743 -42.69 3.78 -62.98
N THR X 2744 -41.45 4.22 -63.16
CA THR X 2744 -40.57 4.44 -62.02
C THR X 2744 -41.09 5.56 -61.12
N GLU X 2745 -41.62 6.63 -61.72
CA GLU X 2745 -42.21 7.71 -60.93
C GLU X 2745 -43.42 7.21 -60.14
N ASP X 2746 -44.26 6.38 -60.76
CA ASP X 2746 -45.41 5.82 -60.06
C ASP X 2746 -44.98 4.92 -58.91
N ILE X 2747 -43.93 4.11 -59.13
CA ILE X 2747 -43.43 3.26 -58.06
C ILE X 2747 -42.89 4.10 -56.91
N PHE X 2748 -42.16 5.18 -57.22
CA PHE X 2748 -41.65 6.06 -56.18
C PHE X 2748 -42.79 6.72 -55.40
N GLN X 2749 -43.83 7.18 -56.10
CA GLN X 2749 -44.96 7.79 -55.43
C GLN X 2749 -45.69 6.78 -54.55
N GLY X 2750 -45.84 5.54 -55.02
CA GLY X 2750 -46.45 4.51 -54.20
C GLY X 2750 -45.64 4.19 -52.96
N LEU X 2751 -44.32 4.14 -53.10
CA LEU X 2751 -43.45 3.91 -51.95
C LEU X 2751 -43.56 5.06 -50.95
N GLY X 2752 -43.61 6.29 -51.45
CA GLY X 2752 -43.79 7.44 -50.56
C GLY X 2752 -45.12 7.40 -49.84
N TYR X 2753 -46.19 7.02 -50.54
CA TYR X 2753 -47.51 6.90 -49.91
C TYR X 2753 -47.51 5.81 -48.84
N VAL X 2754 -46.84 4.68 -49.13
CA VAL X 2754 -46.74 3.61 -48.15
C VAL X 2754 -45.98 4.07 -46.91
N LYS X 2755 -44.88 4.81 -47.12
CA LYS X 2755 -44.12 5.33 -46.01
C LYS X 2755 -44.95 6.31 -45.18
N LEU X 2756 -45.73 7.16 -45.86
CA LEU X 2756 -46.61 8.08 -45.14
C LEU X 2756 -47.66 7.34 -44.32
N LEU X 2757 -48.23 6.28 -44.89
CA LEU X 2757 -49.23 5.50 -44.17
C LEU X 2757 -48.63 4.81 -42.94
N LEU X 2758 -47.33 4.53 -42.95
CA LEU X 2758 -46.65 3.89 -41.84
C LEU X 2758 -45.67 4.85 -41.18
N ASP X 2759 -46.03 6.13 -41.09
CA ASP X 2759 -45.17 7.13 -40.48
C ASP X 2759 -45.53 7.33 -39.01
#